data_9P79
#
_entry.id   9P79
#
loop_
_entity.id
_entity.type
_entity.pdbx_description
1 polymer 'SERPINE1 mRNA-binding protein 1'
2 polymer 'Transcription factor BTF3'
3 polymer '28S rRNA'
4 polymer '5S rRNA'
5 polymer '5.8S rRNA'
6 polymer '60S ribosomal protein L8'
7 polymer 'Large ribosomal subunit protein uL3'
8 polymer '60S ribosomal protein L4'
9 polymer 'Large ribosomal subunit protein uL18'
10 polymer 'Large ribosomal subunit protein eL6'
11 polymer '60S ribosomal protein L7'
12 polymer '60S ribosomal protein L7a'
13 polymer '60S ribosomal protein L9'
14 polymer 'Ribosomal protein uL16-like'
15 polymer '60S ribosomal protein L11'
16 polymer 'Large ribosomal subunit protein eL13'
17 polymer '60S ribosomal protein L14'
18 polymer '60S ribosomal protein L15'
19 polymer '60S ribosomal protein L13a'
20 polymer '60S ribosomal protein L17'
21 polymer '60S ribosomal protein L18'
22 polymer '60S ribosomal protein L19'
23 polymer '60S ribosomal protein L18a'
24 polymer '60S ribosomal protein L21'
25 polymer 'Heparin-binding protein HBp15'
26 polymer '60S ribosomal protein L23'
27 polymer 'Ribosomal protein L24'
28 polymer '60S ribosomal protein L23a'
29 polymer '60S ribosomal protein L26'
30 polymer '60S ribosomal protein L27'
31 polymer '60S ribosomal protein L27a'
32 polymer 'Large ribosomal subunit protein eL29'
33 polymer '60S ribosomal protein L30'
34 polymer '60S ribosomal protein L31'
35 polymer '60S ribosomal protein L32'
36 polymer '60S ribosomal protein L35a'
37 polymer '60S ribosomal protein L34'
38 polymer '60S ribosomal protein L35'
39 polymer '60S ribosomal protein L36'
40 polymer '60S ribosomal protein L37'
41 polymer '60S ribosomal protein L38'
42 polymer '60S ribosomal protein L39'
43 polymer 'Large ribosomal subunit protein eL40'
44 polymer '60S ribosomal protein L41'
45 polymer '60S ribosomal protein L36a'
46 polymer '60S ribosomal protein L37a'
47 polymer '60S ribosomal protein L28'
48 polymer '60S acidic ribosomal protein P0'
49 polymer 'Large ribosomal subunit protein uL11'
50 polymer '40S ribosomal protein SA'
51 polymer '40S ribosomal protein S3a'
52 polymer '40S ribosomal protein S2'
53 polymer 'Small ribosomal subunit protein eS4, X isoform'
54 polymer '40S ribosomal protein S6'
55 polymer 'Small ribosomal subunit protein eS7'
56 polymer '40S ribosomal protein S8'
57 polymer '40S ribosomal protein S9'
58 polymer '40S ribosomal protein S11'
59 polymer '40S ribosomal protein S13'
60 polymer 'Small ribosomal subunit protein uS11'
61 polymer 'Small ribosomal subunit protein eS21'
62 polymer '40S ribosomal protein S15a'
63 polymer '40S ribosomal protein S23'
64 polymer '40S ribosomal protein S24'
65 polymer '40S ribosomal protein S26'
66 polymer 'Small ribosomal subunit protein eS27'
67 polymer 'Small ribosomal subunit protein eS30'
68 polymer '18S rRNA'
69 polymer 'Small ribosomal subunit protein eS17'
70 polymer 'Small ribosomal subunit protein uS3'
71 polymer '40S ribosomal protein S5'
72 polymer '40S ribosomal protein S10'
73 polymer 'Small ribosomal subunit protein eS12'
74 polymer 'Small ribosomal subunit protein uS19'
75 polymer 'Small ribosomal subunit protein uS9'
76 polymer '40S ribosomal protein S18'
77 polymer '40S ribosomal protein S19'
78 polymer '40S ribosomal protein S20'
79 polymer 'Small ribosomal subunit protein eS25'
80 polymer '40S ribosomal protein S28'
81 polymer '40S ribosomal protein S29'
82 polymer 'Ubiquitin-40S ribosomal protein S27a'
83 polymer 'Receptor of activated protein C kinase 1'
84 polymer 'Elongation factor 2'
85 polymer 'Proliferation-associated protein 2G4'
86 polymer 'Z site tRNA'
87 non-polymer 'MAGNESIUM ION'
88 non-polymer SPERMINE
89 non-polymer SPERMIDINE
90 non-polymer 'ZINC ION'
#
loop_
_entity_poly.entity_id
_entity_poly.type
_entity_poly.pdbx_seq_one_letter_code
_entity_poly.pdbx_strand_id
1 'polypeptide(L)'
;MPGHLQEGFGCVVTNRFDQLFDDESDPFEVLKAAENKKKEAGGGGVGGPGAKSAAQAAAQTNSNAAGKQLRKESQKDRKN
PLPPSVGVVDKKEETQPPVALKKEGIRRVGRRPDQQLQGEGKIIDRRPERRPPRERRFEKPLEEKGEGGEFSVDRPIIDR
PIRGRGGLGRGRGGRGRGMGRGDGFDSRGKREFDRHSGSDRSSFSHYSGLKHEDKRGGSGSHNWGTVKDELTESPKYIQK
QISYNYSDLDQSNVTEETPEGEEHHPVADTENKENEVEEVKEEGPKEMTLDEWKAIQNKDRAKVEFNIRKPNEGADGQWK
KGFVLHKSKSEEAHAEDSVMDHHFRKPANDITSQLEINFGDLGRPGRGGRGGRGGRGRGGRPNRGSRTDKSSASAPDVDD
PEAFPALA
;
CD
2 'polypeptide(L)' IMNQEKLAKLQAQVRIGGKGTARRKKKVVHR CI
3 'polyribonucleotide'
;CGCGACCUCAGAUCAGACGUGGCGACCCGCUGAAUUUAAGCAUAUUAGUCAGCGGAGGAGAAGAAACUAACCAGGAUUCC
CUCAGUAACGGCGAGUGAACAGGGAAGAGCCCAGCGCCGAAUCCCCGCCCCGCGGCGGGGCGCGGGACAUGUGGCGUACG
GAAGACCCGCUCCCCGGCGCCGCUCGUGGGGGGCCCAAGUCCUUCUGAUCGAGGCCCAGCCCGUGGACGGUGUGAGGCCG
GUAGCGGCCCCCGGCGCGCCGGGCCCGGGUCUUCCCGGAGUCGGGUUGCUUGGGAAUGCAGCCCAAAGCGGGUGGUAAAC
UCCAUCUAAGGCUAAAUACCGGCACGAGACCGAUAGUCAACAAGUACCGUAAGGGAAAGUUGAAAAGAACUUUGAAG
(A2M)G(A2M)GAGUUCAAGAGGGCGUGAAACCGUUAAGAGGUAAACGGGUGGGGUCCGCGCAGUCCGCCCGGAGGAUUC
AACCCGGCGGCGGGUCCGGCCGUGUCGGCGGCCCGGCGGAUCUUUCCCGCCCCCCGUUCCUCCCGACCCCUCCACCCGCC
CUCCCUUCCCCCGCCGCCCCUCCUCCUCCUCCCCGGAGGGGGCGGGCUCCGGCGGGUGCGGGGGUGGGCGGGCGGGGCCG
GGGGUGGGGUCGGCGGGGGACCGUCCCCCGACCGGCGACCGGCCGCCGCCGGGCGCAUUUCCACCGCGGCGGUGCGCCGC
GACCGGCUCCGGGACGGCUGGGAAGGCCCGGCGGGGAAGGUGGCUCGGGGGGCCCCGUCCGUCCGUCCGUCCGUCCUCCU
CCUCCCCCGUCUCCGCCCCCCGGCCCCGCGUCCUCCCUCGGGAGGGCGCGCGGGUCGGGGCGGCGGCGGCGGCGGCGGUG
GCGGCGGCGGCGGCGGCGGCGGGACCGAAACCCCCCCCGAGUGUUACAGCCCCCCCGGCAGCAGCACUCGCCGAAUCCCG
GGGCCGAGGGAGCGAGACCCGUCGCCGCGCUCUCCCCCCUCCCGGCGCCCACCCCCGCGGGGAAUCCCCCGCGAGGGGGG
UCUCCCCCGCGGGGGCGCGCCGGCGUCUCCUCGUGGGGGGGCCGGGCCACCCCUCCCACGGCGCGACCGCUCUCCCACCC
CUCCUCCCCGCGCCCCCGCCCCGGCGACGGGGGGGGUGCCGCGCGCGGGUCGGGGGGCGGGGCGGACUGUCCCCAGUGCG
CCCCGGGCGGGUCGCGCCGUCGGGCCCGGGGGAGGUUCUCUCGGGGCCACGCGCGCGUCCCCCGAAGAGGGGGACGGCGG
AGCGAGCGCACGGGGUCGGCGGCGACGUCGGCUACCCACCCGACCC(OMG)UCUUG(1MA)(A2M)AC(A2M)CGGACCA
AGGAGU(OMC)UAACACGUGCGCGAGUCGGGGGCUCGCACGAAAGCCGCCGUGGCGCAAUGAAGGUGAAGGCCGGCGCGC
UCGCCGGCCGAGGUGGGAUCCCGAGGCCUCUCCAGUCCGCCGAGGGCGCACCACCGGCCCGUCUCGCCCGCCGCGCCGGG
GAGGUGGAGCACGAGCGCACGUGUUAGGACCC(OMG)A(A2M)AGAUGGUGA(A2M)C(PSU)AUGCCUGGGCAGGGCGA
AGCCAGAGGAAACUCUGGUGGAGGUCCG(PSU)AGCGGUCCUGACGUGCAAAUCGGUCGUCCGACCUGGGUAUAG(OMG)
GGCGAAAGACUAAUCGAACCAUCUAGUAGCUGGUUCCCUCCGAAGUUUCCC(PSU)CAGGA(PSU)AGCUGGCGCUCUCG
CAGACCCGACGCACCCCCGCCACGCAGUUUUAUCCGGUAAAGCGAA(PSU)GAUUAGAGGUCUUGGGGCCGAAACGAUCU
CAACCUA(PSU)(PSU)CUCAAACUU(PSU)AAAUGGGUAAGAAGCCCGGCUCGCUGGCGUGGAGCCGGGCGUGGAAUGC
GAGUGCCUAGUGGGCCAC(PSU)U(PSU)UGGUAAGC(A2M)GAACUGGCGCUGCGGGAUGAACCGAACGCCGGGUUAAG
GCGCCCGAUGCCGACGCUCAUCAGACCCCAGAAAAGGUGUUGGUUGAUAUAGACAGCAGGACGGUGGCCAUGGAAGUCGG
AAUCCGCUAAGGAGUGUGUAACAACUCACCUGCCGAAUCAACUAGCCCUGAAAAUGGAUGGCGCUGGAGCGUCGGGCCCA
UACCCGGCCGUCGCCGGCAGUCGAGAGUGGACGGGAGCGGCGGGGGCGGCGCGCGCGCGCGCGCGUGUGGUGUGCGUCGG
AGGGCGGCGGCGGCGGCGGCGGCGGGGGUGUGGGGUCCUUCCCCCGCCCCCCCCCCCACGCCUCCUCCCCUCCUCCCGCC
CACGCCCCGCUCCCCGCCCCCGGAGCCCCGCGGACGCUACGCCGCGACGAGUAGGAGGGCCGCUGCGGUGAGCCUUGAAG
CCUAGGGCGCGGGCCCGGGUGGAGCCGCCGCAGGUGCAGAU(OMC)UUGGUGGUAGU(A2M)(OMG)(OMC)AAAUAUUC
AAACGAGAACUUUGAAGGCCGAAGUGG(A2M)GAAGGGUUCCAUGUGAACAG(OMC)A(OMG)UUGAACAUGGGUCAGUC
GGUCCUGAGAGAUGGGCGAGCGCCGUUCCGAAGGGACGGGCGAUGGCCUCCGUUGCCCUCGGCCGAUCGAAAGGGAGUCG
GGUUCAGAUCCCCGAAUCCGGAGUGGCGGAGAUGGGCGCCGCGAGGCGUCCAGUGCGGUAACGCGACCGAUCCCGGAGAA
GCCGGCGGGAGCCCCGGGGAGAGUUCUCUU(PSU)UCUUUGUGAAGGGCAGGGCGCCCUGGAAUGGGUUCGCCCCGAGAG
AGGGGCCCGUGCCUUGGAAAGCGUCGCGGUUCCGGCGGCGUCCGGUGAGCUCUCGCUGGCCCUUGAAAAUCCGGGGGAGA
GGGUGUAAAUCUCGCGCCGGGCCGUACCC(A2M)UAUCCGCAGCAGGUCU(OMC)CAAGGUGAAC(A2M)GCCUCUGG
(OMC)AUGUUGGAACAA(OMU)G(PSU)AGGUAAGGGAAGUCGGCAAGC(OMC)GGAUCCGUAACUUC(OMG)GGAUAAG
GAUUGGCUCUAAGGGCUGGGUCGGUCGGGCUGGGGCGCGAAGCGGGGCUGGGCGCGCGCCGCGGCUGGACGAGGCGCCGC
CGCCCCCCCCACGCCCGGGGCACCCCCCUCGCGGCCCUCCCCCGCCCCACCCCGCGCGCGCCGCUCGCUCCCUCCCCGCC
CCGCGCCCUCUCUCUCUCUCUCUCCCCCGCUCCCCGUCCUCCCCCCUCCCCGGGGGAGCGCCGCGUGGGGGCGGCGGCGG
GGGGAGAAGGGUCGGGGCGGCAGGGGCCGGCGGCGGCCCGCCGCGGGGCCCCGGCGGCGGGGGCACGGUCCCCCGCGAGG
GGGGCCCGGGCACCCGGGGGGCCGGCGGCGGCGGCGACUCUGGACGCGAGCCGGGCCCUUCCCGUGGAUCGCCCCAGCUG
CGGCGGGCGUCGCGGCCGCCCCCGGGGAGCCCGGCGGGCGCCGGCGCGCCCCCCCCCCCACCCCACGUCUCGUCGCGCGC
GCGUCCGCUGGGGGCGGGGAGCGGUCGGGCGGCGGCGGUCGGCGGGCGGCGGGGCGGGGCGGUUCGUCCCCCCGCCCUAC
CCCCCCGGCCCCGUCCGCCCCCCGUUCCCCCCUCCUCCUCGGCGCGCGGCGGCGGCGGCGGCAGGCGGCGGAGGGGCCGC
GGGCCGGUCCCCCCCGCCGGGUCCGCCCCCGGGGCCGCGGUUCCGCGCGGCGCCUCGCCUCGGCCGGCGCCUAGCAGCCG
ACUUAGAACUGGUGCGGACCAGG(OMG)GAAUCCGAC(PSU)G(PSU)UUAAUUAAAACAAAGCAUCGCGAAGGCCCGCG
GCGGGUGUUGACGCGAUGUGAUU(PSU)CUGCC(OMC)AGUGCUCUGAAUGUCA(A2M)AGUGAAGAAAUUCAAUGAAGC
GCGG(OMG)UAAACGGCGGGAGUAACUAUGACUCUCUUAAGGUAGC(5MC)AA(A2M)UGCCUC(OMG)UCAUCUAAUUA
GUGA(OMC)GCGCAUGAA(UY1)GGA(PSU)GA(A2M)CGAG(A2M)UUCCCACUGU(OMC)CC(PSU)ACCUAC(PSU)
A(PSU)CCAGCGAAACCAC(A2M)G(OMC)CAAGGGAACGGGCU(PSU)GG(OMC)GGAAUCAGCGG(OMG)GAAAGAAG
ACCCUGUUGAGC(PSU)UGAC(OMU)CUAGUCUGGCACGGUGAAGAGACAUGAGAGGUGUAGAAUAAGUGGGAGGCCCCC
GGCGCCCCCCCGGUGUCCCCGCGAGGGGCCCGGGGCGGGGUCCGCCGGCCCUGCGGGCCGCCGGUGAAAUACCACUACUC
UGAUCGUUUUUUCACUGACCCGGUGAGGCGGGGGGGCGAGCCCCGAGGGGCUCUCGCUUCUGGCGCCAAGCGCCCGGCCG
CGCGCCGGCCGGGCGCGACCCGCUCCGGGGACAGUGCCAGGUGGGGAGUUUGACUG(OMG)GGCGGUACACCUGUCAAAC
GGUA(6MZ)CGCAGG(OMU)(OMG)UCCUAAGGCGAGCUCAGGGAGGACAGAAACCUCCCGUGGAGCAGAAGGGCAAAAG
CUCGCUUGA(PSU)CU(PSU)GA(PSU)UUUCAG(OMU)ACGAA(PSU)ACAGACCGUGAAAGCGGGGCCUCACGAUCCU
UCUGACCUU(PSU)UGGGUUU(PSU)AAGCAGGA(OMG)GUGUCAGAAAAGUUACCACAG(OMG)GAUAACUGGC(PSU)
UGUGGCGGCCAAGCGUUCAUAGCGACG(PSU)CGCUUUUUGA(PSU)CCUU(5MC)GAUGUCGG(OMC)(PSU)CUUCCU
AUCAUUG(PSU)GAAGCAGAAUUCACCAAGCGU(PSU)(OMG)GAU(OMU)(OMG)(PSU)UCACCCACUAAUAGGGAAC
G(PSU)G(A2M)GCUGGG(UR3)U(PSU)AGA(OMC)CGUCGUGAGACAGGU(PSU)AGUUUUACCCUACUGAUG(A2M)
UGUG(PSU)UG(PSU)UGCCAUGGUA(A2M)UCCUGCUCAGUACGAGAGGAACCGCAG(OMG)U(OMU)CA(OMG)ACAU
(PSU)UGGUGUA(PSU)(OMG)UGCUUGGCUGAGGAGCCAAUGGGGCGAAGCUACCA(PSU)CUGUGGGAUUAUGAC
(PSU)GAACGCCUCUAAGUCAGAAUCCCGCCCAGGCGGAACGAUACGGCAGCGCCGCGGAGCCUCGGUUGGCCUCGGAUA
GCCGGUCCCCCGCCUGUCCCCGCCGGCGGGCCGCCCCCCCCCUCCACGCGCCCCGCGCGCGCGGGAGGGCGCGUGCCCCG
CCGCGCGCCGGGACCGGGGUCCGGUGCGGAGUGCCCUUCGUCCUGGGAAACGGGGCGCGGCCGGAGAGGCGGCCGCCCCC
UCGCCCGUCACGCACCGCACGUUCGUGGGGAACCUGGCGCUAAACCA(PSU)(PSU)CGUAGACGACCUGCUUCUGGGUC
GGGG(PSU)UUCGUACG(PSU)AGCAGAGCAGCUCCCUCGCUGCGAUCUAUUGAAAGUCAGCCCUCGACACAAGGGUUUG
UC
;
L5
4 'polyribonucleotide'
;GUCUACGGCCAUACCACCCUGAACGCGCCCGAUCUCGUCUGAUCUCGGAAGCUAAGCAGGGUCGGGCCUGGUUAGUACUU
GGAUGGGAGACCGCCUGGGAAUACCGGGUGCUGUAGGCUU
;
L7
5 'polyribonucleotide'
;CGACUCUUAGCGGUGGAUCACUCGGCUCGUGCGUCGAUGAAGAACGCAGCUAGC(PSU)GCGAGAAUUAAUG(PSU)GAA
UU(OMG)CAGGACACAUUGAUCAUCGACACUUCGAACGCACUUGCGGCCCCGGGUUCCUCCCGGGGCUACGCCUGUCUGA
GCGUCGCU
;
L8
6 'polypeptide(L)'
;GRVIRGQRKGAGSVFRAHVKHRKGAARLRAVDFAERHGYIKGIVKDIIHDPGRGAPLAKVVFRDPYRFKKRTELFIAAEG
IHTGQFVYCGKKAQLNIGNVLPVGTMPEGTIVCCLEEKPGDRGKLARASGNYATVISHNPETKKTRVKLPSGSKKVISSA
NRAVVGVVAGGGRIDKPILKAGRAYHKYKAKRNCWPRVRGVAMNPVEHPFGGGNHQHIGKPSTIRRDAPAGRKVGLIAAR
RTGRLRGT
;
LA
7 'polypeptide(L)'
;SHRKFSAPRHGSLGFLPRKRSSRHRGKVKSFPKDDPSKPVHLTAFLGYKAGMTHIVREVDRPGSKVNKKEVVEAVTIVET
PPMVVVGIVGYVETPRGLRTFKTVFAEHISDECKRRFYKNWHKSKKKAFTKYCKKWQDEDGKKQLEKDFSSMKKYCQVIR
VIAHTQMRLLPLRQKKAHLMEIQVNGGTVAEKLDWARERLEQQVPVNQVFGQDEMIDVIGVTKGKGYKGVTSRWHTKKLP
RKTHRGLRKVACIGAWHPARVAFSVARAGQKGYHHRTEINKKIYKIGQGYLIKDGKLIKNNASTDYDLSDKSINPLGGFV
HYGEVTNDFVMLKGCVVGTKKRVLTLRKSLLVQTKRRALEKIDLKFIDTTSKFGHGRFQTMEEKKAFMGPLKKDRIAKEE
GA
;
LB
8 'polypeptide(L)'
;MACARPLISVYSEKGESSGKNVTLPAVFKAPIRPDIVNFVHTNLRKNNRQPYAVSELAGHQTSAESWGTGRAVARIPRVR
GGGTHRSGQGAFGNMCRGGRMFAPTKTWRRWHRRVNTTQKRYAICSALAASALPALVMSKGHRIEEVPELPLVVEDKVEG
YKKTKEAVLLLKKLKAWNDIKKVYASQRMRAGKGKMRNRRRIQRRGPCIIYNEDNGIIKAFRNIPGITLLNVSKLNILKL
APGGHVGRFCIWTESAFRKLDELYGTWRKAASLKSNYNLPMHKMINTDLSRILKSPEIQRALRAPRKKIHRRVLKKNPLK
NLRIMLKLNPYAKTMRRNTILRQARNHKLRVDKAAAAAAALQAKSDEK
;
LC
9 'polypeptide(L)'
;GFVKVVKNKAYFKRYQVKFRRRREGKTDYYARKRLVIQDKNKYNTPKYRMIVRVTNRDIICQIAYARIEGDMIVCAAYAH
ELPKYGVKVGLTNYAAAYCTGLLLARRLLNRFGMDKIYEGQVEVTGDEYNVESIDGQPGAFTCYLDAGLARTTTGNKVFG
ALKGAVDGGLSIPHSTKRFPGYDSESKEFNAEVHRKHIMGQNVADYMRYLMEEDEDAYKKQFSQYIKNSVTPDMMEEMYK
KAHAAIRENPVYEKKPKKEVKKKRWNRPKMSLAQKKDRVAQKKASFLRAQERA
;
LD
10 'polypeptide(L)'
;KGKPHCSRNPVLVRGIGRYSRSAMYSRKAMYKRKYSAAKSKVEKKKKEKVLATVTKPVGGDKNGGTRVVKLRKMPRYYPT
EDVPRKLLSHGKKPFSQHVRKLRASITPGTILIILTGRHRGKRVVFLKQLASGLLLVTGPLVLNRVPLRRTHQKFVIATS
TKIDISNVKIPKHLTDAYFKKKKLRKPRHQEGEIFDTEKEKYEITEQRKIDQKAVDSQILPKIKAIPQLQGYLRSVFALT
NGIYPHKLVF
;
LE
11 'polypeptide(L)'
;NFAELKIKRLRKKFAQKMLRKARRKLIYEKAKHYHKEYRQMYRTEIRMARMARKAGNFYVPAEPKLAFVIRIRGINGVSP
KVRKVLQLLRLRQIFNGTFVKLNKASINMLRIVEPYIAWGYPNLKSVNELIYKRGYGKINKKRIALTDNALIARSLGKYG
IICMEDLIHEIYTVGKRFKEANNFLWPFKLSSPRGGMKKKTTHFVEGGDAGNREDQINRLIRRMN
;
LF
12 'polypeptide(L)'
;KVVNPLFEKRPKNFGIGQDIQPKRDLTRFVKWPRYIRLQRQRAILYKRLKVPPAINQFTQALDRQTATQLLKLAHKYRPE
TKQEKKQRLLARAEKKAAGKGDVPTKRPPVLRAGVNTVTTLVENKKAQLVVIAHDVDPIELVVFLPALCRKMGVPYCIIK
GKARLGRLVHRKTCTTVAFTQVNSEDKGALAKLVEAIRTNYNDRYDEIRRHWGGNVLGPKSVARIAKLEKAKAKELATKL
G
;
LG
13 'polypeptide(L)'
;MKTILSNQTVDIPENVDITLKGRTVIVKGPRGTLRRDFNHINVELSLLGKKKKRLRVDKWWGNRKELATVRTICSHVQNM
IKGVTLGFRYKMRSVYAHFPINVVIQENGSLVEIRNFLGEKYIRRVRMRPGVACSVSQAQKDELILEGNDIELVSNSAAL
IQQATTVKNKDIRKFLDGIYVSEKGTVQQA
;
LH
14 'polypeptide(L)'
;GRRPARCYRYCKNKPYPKSRFCRGVPDAKIRIFDLGRKKAKVDEFPLGGHMVSDEYEQLSSEALEAARICANKYMVKSCG
RDGFHMRVRLHPFHVIRINKMLSCAGADRLQTGMRGAFGKPQGTVARVHIGQVIMSIRTKLQNEEHVIEALRRAKFKFPG
RQKIHISKKWGFTKFNADEFEDMVAKKCLIPDGCGVKYVPSHGPLDKWRVLHS
;
LI
15 'polypeptide(L)'
;QDQGEKENPMRELRIRKLCLNICVGESGDRLTRAAKVLEQLTGQTPVFSKARYTVRSFGIRRNEKIAVHCTVRGAKAEEI
LEKGLKVREYELRKNNFSDTGNFGFGIQEHIDLGIKYDPSIGIYGLDFYVVLGRPGFSIADKKRRTGCIGAKHRISKEEA
MRWFQQKYDGIILPGK
;
LJ
16 'polypeptide(L)'
;APSRNGMVLKPHFHKDWQRRVATWFNQPARKIRRRKARQAKARRIAPRPASGPIRPIVRCPTVRYHTKVRAGRGFSLEEL
RVAGIHKKVARTIGISVDPRRRNKSTESLQANVQRLKEYRSKLILFPRKPSAPKKGDSSAEELKLATQLTGPVMPVRNVY
KKEKARVITEEEKNFKAFASLRMARANARLFGIRAKRAKEAAEQDVEKKK
;
LL
17 'polypeptide(L)'
;VFRRFVEVGRVAYVSFGPHAGKLVAIVDVIDQNRALVDGPCTQVRRQAMPFKCMQLTDFILKFPHSAHQKYVRQAWQKAD
INTKWAATRWAKKIEARERKAKMTDFDRFKVMKAKKMRNRIIKNEVKKLQKAALLKASP
;
LM
18 'polypeptide(L)'
;GAYKYIQELWRKKQSDVMRFLLRVRCWQYRQLSALHRAPRPTRPDKARRLGYKAKQGYVIYRIRVRRGGRKRPVPKGATY
GKPVHHGVNQLKFARSLQSVAEERAGRHCGALRVLNSYWVGEDSTYKFFEVILIDPFHKAIRRNPDTQWITKPVHKHREM
RGLTSAGRKSRGLGKGHKFHHTIGGSRRAAWRRRNTLQLHRYR
;
LN
19 'polypeptide(L)'
;EVQVLVLDGRGHLLGRLAAIVAKQVLLGRKVVVVRCEGINISGNFYRNKLKYLAFLRKRMNTNPSRGPYHFRAPSRIFWR
TVRGMLPHKTKRGQAALDRLKVFDGIPPPYDKKKRMVVPAALKVVRLKPTRKFAYLGRLAHEVGWKYQAVTATLEEKRKE
KAKIHYRKKKQLMRLRKQAEKNVEKKIDKYTEVLKTHGLLV
;
LO
20 'polypeptide(L)'
;VRYSLDPENPTKSCKSRGSNLRVHFKNTRETAQAIKGMHIRKATKYLKDVTLQKQCVPFRRYNGGVGRCAQAKQWGWTQG
RWPKKSAEFLLHMLKNAESNAELKGLDVDSLVIEHIQVNKAPKMRRRTYRAHGRINPYMSSPCHIEMILTEKE
;
LP
21 'polypeptide(L)'
;GVDIRHNKDRKVRRKEPKSQDIYLRLLVKLYRFLARRTNSTFNQVVLKRLFMSRTNRPPLSLSRMIRKMKLPGRENKTAV
VVGTITDDVRVQEVPKLKVCALRVTSRARSRILRAGGKILTFDQLALDSPKGCGTVLLSGPRKGREVYRHFGKAPGTPHS
HTKPYVRSKGRKFERARGRRASRGYKN
;
LQ
22 'polypeptide(L)'
;SMLRLQKRLASSVLRCGKKKVWLDPNETNEIANANSRQQIRKLIKDGLIIRKPVTVHSRARCRKNTLARRKGRHMGIGKR
KGTANARMPEKVTWMRRMRILRRLLRRYRESKKIDRHMYHSLYLKVKGNVFKNKRILMEHIHKLKADKARKKLLADQAEA
RRSKTKEARKRREERLQAKKEEIIKTL
;
LR
23 'polypeptide(L)'
;KASGTLREYKVVGRCLPTPKCHTPPLYRMRIFAPNHVVAKSRFWYFVSQLKKMKKSSGEIVYCGQVFEKSPLRVKNFGIW
LRYDSRSGTHNMYREYRDLTTAGAVTQCYRDMGARHRARAHSIQIMKVEEIAASKCRRPAVKQFHDSKIKFPLPHRVLRR
QHKPRFTTKRPNTFF
;
LS
24 'polypeptide(L)'
;TNTKGKRRGTRYMFSRPFRKHGVVPLATYMRIYKKGDIVDIKGMGTVQKGMPHKCYHGKTGRVYNVTQHAVGIVVNKQVK
GKILAKRINVRIEHIKHSKSRDSFLKRVKENDQKKKEAKEKGTWVQLKRQPAPPREAHFVRTNGKEPELLEPIPYEFMA
;
LT
25 'polypeptide(L)'
;QVLKFTLDCTHPVEDGIMDAANFEQFLQERIKVNGKAGNLGGGVVTIERSKSKITVTSEVPFSKRYLKYLTKKYLKKNNL
RDWLRVVANSKESYELRYFQI
;
LU
26 'polypeptide(L)'
;SGAKFRISLGLPVGAVINCADNTGAKNLYIISVKGIKGRLNRLPAAGVGDMVMATVKKGKPELRKKVHPAVVIRQRKSYR
RKDGVFLYFEDNAGVIVNNKGEMKGSAITGPVAKECADLWPRIASNAGSIA
;
LV
27 'polypeptide(L)'
;MKVELCSFSGYKIYPGHGRRYARTDGKVFQFLNAKCESAFLSKRNPRQINWTVLYRRKHKKGQSEEIQKKRTRRAVKFQR
AITGASLADIMAKRNQKPEVRKAQREQAIRAAKEAKKAKQASKK
;
LW
28 'polypeptide(L)'
;KKKIRTSPTFRRPKTLRLRRQPKYPRKSAPRRNKLDHYAIIKFPLTTESAMKKIEDNNTLVFIVDVKANKHQIKQAVKKL
YDIDVAKVNTLIRPDGEKKAYVRLAPDYDALDVANKIGII
;
LX
29 'polypeptide(L)'
;MKFNPFVTSDRSKNRKRHFNAPSHIRRKIMSSPLSKELRQKYNVRSMPIRKDDEVQVVRGHYKGQQIGKVVQVYRKKYVI
YIERVQREKANGTTVHVGIHPSKVVITRLKLDKDRKKILERKAKSRQVGKEKGK
;
LY
30 'polypeptide(L)'
;GKFMKPGKVVLVLAGRYSGRKAVIVKNIDDGTSDRPYSHALVAGIDRYPRKVTAAMGKKKIAKRSKIKSFVKVYNYNHLM
PTRYSVDIPLDKTVVNKDVFRDPALKRKARREAKVKFEERYKTGKNKWFFQKLRF
;
LZ
31 'polypeptide(L)'
;PSRLRKTRKLRGHVSHGHGRIGKHRKHPGGRGNAGGLHHHRINFDKYHPGYFGKVGMKHYHLKRNQSFCPTVNLDKLWTL
VSEQTRVNAAKNKTGAAPIIDVVRSGYYKVLGKGKLPKQPVIVKAKFFSRRAEEKIKSVGGACVLVA
;
La
32 'polypeptide(L)'
;AKSKNHTTHNQSRKWHRNGIKKPRSQRYESLKGVDPKFLRNMRFAKKHNKKGLKKMQANNAKAMSARAEAIKALVKPKEV
KPKIPKGVSRKLDRLAYIAHPKLGKRARARIAKGLRLCRPK
;
Lb
33 'polypeptide(L)'
;KSLESINSRLQLVMKSGKYVLGYKQTLKMIRQGKAKLVILANNCPALRKSEIEYYAMLAKTGVHHYSGNNIELGTACGKY
YRVCTLAIIDPGDSDIIR
;
Lc
34 'polypeptide(L)'
;NEVVTREYTINIHKRIHGVGFKKRAPRALKEIRKFAMKEMGTPDVRIDTRLNKAVWAKGIRNVPYRIRVRLSRKRNEDED
SPNKLYTLVTYVPVTTFKNLQTVNVDE
;
Ld
35 'polypeptide(L)'
;AALRPLVKPKIVKKRTKKFIRHQSDRYVKIKRNWRKPRGIDNRVRRRFKGQILMPNIGYGSNKKTKHMLPSGFRKFLVHN
VKELEVLLMCNKSYCAEIAHNVSSKNRKAIVERAAQLAIRVTNPNARL
;
Le
36 'polypeptide(L)'
;SGRLWSKAIFAGYKRGLRNQREHTALLKIEGVYARDETEFYLGKRCAYVYKAKNNTVTPGGKPNKTRVIWGKVTRAHGNS
GMVRAKFRSNLPAKAIGHRIRVMLYPSRI
;
Lf
37 'polypeptide(L)'
;VQRLTYRRRLSYNTASNKTRLSRTPGNRIVYLYTKKVGKAPKSACGVCPGRLRGVRAVRPKVLMRLSKTKKHVSRAYGGS
MCAKCVRDRIKRAFLIEEQKIVVKVLKAQAQSQK
;
Lg
38 'polypeptide(L)'
;AKIKARDLRGKKKEELLKQLDDLKVELSQLRVAKVTGGAASKLSKIRVVRKSIARVLTVINQTQKENLRKFYKGKKYKPL
DLRPKKTRAMRRRLNKHEENLKTKKQQRKERLYPLRKYAVKA
;
Lh
39 'polypeptide(L)'
;ALRYPMAVGLNKGHKVTKNVSKPRHSRRRGRLTKHTKFVRDMIREVCGFAPYERRAMELLKVSKDKRALKFIKKRVGTHI
RAKRKREELSNVLAAMRKAAAK
;
Li
40 'polypeptide(L)'
;TKGTSSFGKRRNKTHTLCRRCGSKAYHLQKSTCGKCGYPAKRKRKYNWSAKAKRRNTTGTGRMRHLKIVYRRFRHGFREG
TTPKPK
;
Lj
41 'polypeptide(L)' PRKIEEIKDFLLTARRKDAKSVKIKKNKDNVKFKVRCSRYLYTLVITDKEKAEKLKQSLPPGLAVKELK Lk
42 'polypeptide(L)' SSHKTFRIKRFLAKKQKQNRPIPQWIRMKTGNKIRYNSKRRHWRRTKLGL Ll
43 'polypeptide(L)' IIEPSLRQLAQKYNCDKMICRKCYARLHPRAVNCRKKKCGHTNNLRPKKKVK Lm
44 'polypeptide(L)' MRAKWRKKRMRRLKRKRRKMRQRS Ln
45 'polypeptide(L)'
;VNVPKTRRTFCKKCGKHQPHKVTQYKKGKDSLYAQGKRRYDRKQSGYGGQTKPIFRKKAKTTKKIVLRLECVEPNCRSKR
MLAIKRCKHFELGGDKKRKGQVIQF
;
Lo
46 'polypeptide(L)'
;AKRTKKVGIVGKYGTRYGASLRKMVKKIEISQHAKYTCSFCGKTKMKRRAVGIWHCGSCMKTVAGGAWTYNTTSAVTVKS
AIRRLKELKDQ
;
Lp
47 'polypeptide(L)'
;SAHLQWMVVRNCSSFLIKRNKQTYSTEPNNLKARNSFRYNGLIHRKTVGVEPAADGKGVVVVIKRRSGQRKPATSYVRTT
INKNARATLSSIRHMIRKNKYRPDLRMAAIRRASAILRSQKPVMV
;
Lr
48 'polypeptide(L)'
;DRATWKSNYFLKIIQLLDDYPKCFIVGADNVGSKQMQQIRMSLRGKAVVLMGKNTMMRKAIRGHLENNPALEKLLPHIRG
NVGFVFTKEDLTEIRDMLLANKVPAAARAGAIAPCEVTVPAQNTGLGPEKTSFFQALGITTKISRGTIEILSDVQLIKTG
DKVGASEATLLNMLNISPFSFGLVIQQVFDNGSIYN
;
Ls
49 'polypeptide(L)'
;PNEIKVVYLRCTGGEVGATSALAPKIGPLGLSPKKVGDDIAKATGDWKGLRITVKLTIQNRQAQIEVVPSASALIIKALK
EPPRDRKKQKNIKHSGNITFDEIVNIARQMRHRSLARELSGTIKEILGTAQSVGCNVDGRHPHDIIDDINSGAVECP
;
Lt
50 'polypeptide(L)'
;GALDVLQMKEEDVLKFLAAGTHLGGTNLDFQMEQYIYKRKSDGIYIINLKRTWEKLLLAARAIVAIENPADVSVISSRNT
GQRAVLKFAAATGATPIAGRFTPGTFTNQIQAAFREPRLLVVTDPRADHQPLTEASYVNLPTIALCNTDSPLRYVDIAIP
CNNKGAHSVGLMWWMLAREVLRMRGTISREHPWEVMPDLYFYRDPEEIEKEEQAAAEKAVT
;
SA
51 'polypeptide(L)'
;VVDPFSKKDWYDVKAPAMFNIRNIGKTLVTRTQGTKIASDGLKGRVFEVSLADLQNDEVAFRKFKLITEDVQGKNCLTNF
HGMDLTRDKMCSMVKKWQTMIEAHVDVKTTDGYLLRLFCVGFTKKRNNQIRKTSYAQHQQVRQIRKKMMEIMTREVQTND
LKEVVNKLIPDSIGKDIEKACQSIYPLHDVFVRKVKMLKKPKFELGKLMELHGE
;
SB
52 'polypeptide(L)'
;EWMPVTKLGRLVKDMKIKSLEEIYLFSLPIKESEIIDFFLGASLKDEVLKIMPVQKQTRAGQRTRFKAFVAIGDYNGHVG
LGVKCSKEVATAIRGAIILAKLSIVPVRRGYWGNKIGKPHTVPCKVTGRCGSVLVRLIPAPRGTGIVSAPVPKKLLMMAG
IDDCYTSARGCTATLGNFAKATFDAISKTYSYLTPDLWKETVFTKSPYQEFTDHLVKTHTRV
;
SC
53 'polypeptide(L)'
;ARGPKKHLKRVAAPKHWMLDKLTGVFAPRPSTGPHKLRECLPLIIFLRNRLKYALTGDEVKKICMQRFIKIDGKVRTDIT
YPAGFMDVISIDKTGENFRLIYDTKGRFAVHRITPEEAKYKLCKVRKIFVGTKGIPHLVTHDARTIRYPDPLIKVNDTIQ
IDLETGKITDFIKFDTGNLCMVTGGANLGRIGVITNRERHPGSFDVVHVKDANGNSFATRLSNIFVIGKGNKPWISLPRG
KGIRLTIAEERDKRLAAKQSSG
;
SE
54 'polypeptide(L)'
;MKLNISFPATGCQKLIEVDDERKLRTFYEKRMATEVAADALGEEWKGYVVRISGGNDKQGFPMKQGVLTHGRVRLLLSKG
HSCYRPRRTGERKRKSVRGCIVDANLSVLNLVIVKKGEKDIPGLTDTTVPRRLGPKRASRIRKLFNLSKEDDVRQYVVRK
PLNKEGKKPRTKAPKIQRLVTPRVLQHKRRRIALKKQRTKKNKEEAAEYAKLLAKRMKEAKEKRQEQIAKRRRLSSL
;
SG
55 'polypeptide(L)'
;SAKIVKPNGEKPDEFESGISQALLELEMNSDLKAQLRELNITAAKEIEVGGGRKAIIIFVPVPQLKSFQKIQVRLVRELE
KKFSGKHVVFIAQRRILPKPTRKSRTKNKQKRPRSRTLTAVHDAILEDLVFPSEIVGKRIRVKLDGSRLIKVHLDKAQQN
NVEHKVETFSGVYKKLTGKDVNFEFPEFQ
;
SH
56 'polypeptide(L)'
;GISRDNWHKRRKTGGKRKPYHKKRKYELGRPAANTKIGPRRIHTVRVRGGNKKYRALRLDVGNFSWGSECCTRKTRIIDV
VYNASNNELVRTKTLVKNCIVLIDSTPYRQWYESHYALPLGRKKGAKLTPEEEEILNKKRSKKIQKKYDERKKNAKISSL
LEEQFQQGKLLACIASRPGQCGRADGYVLEGKELEFYLRKIKARKG
;
SI
57 'polypeptide(L)'
;PVARSWVCRKTYVTPRRPFEKSRLDQELKLIGEYGLRNKREVWRVKFTLAKIRKAARELLTLDEKDPRRLFEGNALLRRL
VRIGVLDEGKMKLDYILGLKIEDFLERRLQTQVFKLGLAKSIHHARVLIRQRHIRVRKQVVNIPSFIVRLDSQKHIDFSL
RSPYGGGRPGRVKRKNAKKGQGGAG
;
SJ
58 'polypeptide(L)'
;ADIQTERAYQKQPTIFQNKKRVLLGETGKEKLPRYYKNIGLGFKTPKEAIEGTYIDKKCPFTGNVSIRGRILSGVVTKMK
MQRTIVIRRDYLHYIRKYNRFEKRHKNMSVHLSPCFRDVQIGDIVTVGECRPLSKTVRFNVLKVTKAAGTKKQ
;
SL
59 'polypeptide(L)'
;GRMHAPGKGLSQSALPYRRSVPTWLKLTSDDVKEQIYKLAKKGLTPSQIGVILRDSHGVAQVRFVTGNKILRILKSKGLA
PDLPEDLYHLIKKAVAVRKHLERNRKDKDAKFRLILIESRIHRLARYYKTKRVLPPNWKYESSTASALVA
;
SN
60 'polypeptide(L)'
;EQVISLGPQVAEGENVFGVCHIFASFNDTFVHVTDLSGKETICRVTGGMKVKADRDESSPYAAMLAAQDVAQRCKELGIT
ALHIKLRATGGNRTKTPGPGAQSALRALARSGMKIGRIEDVTPIPSDSTRRKGGRRGRRL
;
SO
61 'polypeptide(L)'
;MQNDAGEFVDLYVPRKCSASNRIIGAKDHASIQMNVAEVDKVTGRFNGQFKTYAICGAIRRMGESDDSILRLAKADGIVS
KNF
;
SV
62 'polypeptide(L)'
;VRMNVLADALKSINNAEKRGKRQVLIRPCSKVIVRFLTVMMKHGYIGEFEIIDDHRAGKIVVNLTGRLNKCGVISPRFDV
QLKDLEKWQNNLLPSRQFGFIVLTTSAGIMDHEEARRKHTGGKILGFFF
;
SW
63 'polypeptide(L)'
;GKCRGLRTARKLRSHRRDQKWHDKQYKKAHLGTALKANPFGGASHAKGIVLEKVGVEAKQPNSAIRKCVRVQLIKNGKKI
TAFVPNDGCLNFIEENDEVLVAGFGRKGHAVGDIPGVRFKVVKVANVSLLALYKGKKERPR
;
SX
64 'polypeptide(L)'
;NDTVTIRTRKFMTNRLLQRKQMVIDVLHPGKATVPKTEIREKLAKMYKTTPDVIFVFGFRTHFGGGKTTGFGMIYDSLDY
AKKNEPKHRLARHGLYEKKKTSRKQRKERKNRMKKVRGTAKANVGAGKKPK
;
SY
65 'polypeptide(L)'
;TKKRRNNGRAKKGRGHVQPIRCTNCARCVPKDKAIKKFVIRNIVEAAAVRDISEASVFDAYVLPKLYVKLHYCVSCAIHS
KVVRNRSREARKDRTPPPRFRP
;
Sa
66 'polypeptide(L)'
;PLAKDLLHPSPEEEKRKHKKKRLVQSPNSYFMDVKCPGCYKITTVFSHAQTVVLCVGCSTVLCQPTGGKARLTEGCSFRR
KQH
;
Sb
67 'polypeptide(L)' VHGSLARAGKVRGQTPKVAKQEKKKKKTGRAKRRMQYNRRFVNVVPTFGKKKGPNANS Se
68 'polyribonucleotide'
;UACCUGGUUGAUCCUGCCAGUAGCAU(A2M)UGCUUGUCUCAAAGAUUAAGCCAUGCAUGUCUAAGUACGCACGGCCGGU
ACAGUGAAACUGCGAA(PSU)GGCUC(A2M)UUAAA(PSU)CAG(PSU)UAUGGU(OMU)CCUU(OMU)GGUCGCUCGCU
CCUCUCCCACUUGGAUAACUGUGGUA(A2M)UUCUAG(A2M)GCUAA(OMU)A(OMC)AUGCCGACGGGCGCUGACCCCC
UUCGCGGGGGGGAUGCGUGCAUUUAUCAGUGGUGACUCUAGAUAACCUCGGGCCGAUCGCACGCCCCCCGUGGCGGCGAC
GACCCAUUCGAACGUC(OMU)GCCCUAUCAACUUUCGAUGGUAGUCGCCGUGCCUACCAUGGUGACCACGGG(PSU)GAC
GGGGAAUCAGGGUUCGAU(OMU)CCGGAGA(OMG)GGAGCCUGAGAAACGGCUACCACAU(OMC)CAAGG(A2M)AGGCA
GCAGGCGCGC(A2M)AAUUACCCACUCCCGACCCGGGGA(OMG)GUAGUGA(OMC)GAAAAAUAACAAUACAGGACUCUU
UCGAGGCCCUGUAAUUGGAAUGAGUCCACUUUAA(A2M)UCCUUUAACGAGGAUCCAUUGGAG(OMG)GCAAGUCUGGUG
CCAGCAGCCGCGG(OMU)AAUUCCAGCUCCAAUA(OMG)CGUA(PSU)A(PSU)UAAAGUUGCUGCAGUU(A2M)AAAAG
CUCGUAG(PSU)U(OMG)GA(PSU)CUUGGGAGCGGGCGUCCCCGCCCUCUCGGCCGGGGCCCGAAGCG(OMU)U(PSU)
ACUUUGAAAAAA(PSU)UAGAGUGUUCAAAGCAGGCCCGAGCCGCCUGGAUACCGCAGCUAGGAA(PSU)AA(PSU)
(OMG)GAAUAGGACCGCGGUUCUAUUUUGUUGGUUUUCGGAACUGAGGCCAUGAUUAAGAGGGACGGCCGGGGGCAUUCG
UAUUGCGCCGCUAGAGGUGAAAU(PSU)CUUGGACCGGCGCAAGACGGACCAGAGCGAAAGCAUU(PSU)GCCAAGAAUG
UUUUCAUUAAUCAAGA(A2M)CGAAAGUCGGAGG(PSU)(PSU)CGAAGACGA(PSU)CAGAUACCGUCGUAGUUCCGAC
CA(PSU)AAACGAUGCCGACCGGCGAUGCGGCGGCGUUAUUCCCAUGACCCGCCGGGCAGCUUCCGGGAAACCAAAGUCU
UUGGGUUCCGGGGGGAGUA(PSU)GG(PSU)UGCAAAGCUGAAACUUAAAGGAAUUGACGGAAGGGCACCACCAGGAGUG
GAGCC(PSU)GCGGCUUAAUU(PSU)GAC(B8N)CAACACGGGAAACCUCACCCGGC(OMC)CGGACACGGACAGGA
(OMU)UGACAGAUUGAUAGCUCUUUCUCGAUUCCGUGGGUGG(OMU)G(OMG)UGCAUGGC(4AC)GUUCUUAGUUGGUG
GAGCGAUUUGUCUGG(PSU)UAAUUCCGAUAACGA(A2M)CGAGACU(OMC)UGGCAUGCUAACUAGUUACGCGACCCCC
GAGCGGUCGGCGUCCCCCAACU(OMU)CUUAGAGGGACAAGUGGCGUUCAGCCACCCGAGAUUGAGCAAUAACA(OMG)G
UCUGUGAUGCCCUUAGAUGUCCGGGGCUGCACGCGCGCUACACUGACUGGCUCAGCGUGUGCCUACCCUACGCCGGCAGG
CGCGGGUAACCCGUUGAACCCCAUUCGUGAUGGGGAUCGGGGAUUGCAAUUAUUCCCCAUGAACGAG(G7M)AAUUCCCA
GUAAGUGCGGGUCAUAAGCUUGCGUUGAUUAAGUCCCUGCCCUUUGUACACACCG(OMC)CCGUCGCUACUACCGAUUGG
AUGGUUUAGUGAGGCCCUCGGAUCGGCCCCGCCGGGGUCGGCCCACGGCCCUGGCGGAGCGCUGAGAAGACGGUCGAACU
UGACUAUCUAGAGGAAGUAAAAGUCGUA(6MZ)CAAGGUUUC(4AC)GUAGGUG(MA6)(MA6)CCUGCGGAAGGAUCAU
UA
;
S2
69 'polypeptide(L)'
;MGRVRTKTVKKAARVIIEKYYTRLGNDFHTNKRVCEEIAIIPSKKLRNKIAGYVTHLMKRIQRGPVRGISIKLQEEERER
RDNYVPEVSALDQEIIEVDPDTKEMLKLLDFGSLSNLQVTQPTVGMNFKTPRGPV
;
SR
70 'polypeptide(L)'
;MAVQISKKRKFVADGIFKAELNEFLTRELAEDGYSGVEVRVTPTRTEIIILATRTQNVLGEKGRRIRELTAVVQKRFGFP
EGSVELYAEKVATRGLCAIAQAESLRYKLLGGLAVRRACYGVLRFIMESGAKGCEVVVSGKLRGQRAKSMKFVDGLMIHS
GDPVNYYVDTAVRHVLLRQGVLGIKVKIMLPWDPTGKIGPKKPLPDHVSIVEPKDEILPTTPISEQK
;
SD
71 'polypeptide(L)'
;DIKLFGKWSTDDVQINDISLQDYIAVKEKYAKYLPHSAGRYAAKRFRKAQCPIVERLTNSMMMHGRNNGKKLMTVRIVKH
AFEIIHLLTGENPLQVLVNAIINSGPREDSTRIGRAGTVRRQAVDVSPLRRVNQAIWLLCTGAREAAFRNIKTIAECLAD
ELINAAKGSSNSYAIKKKDELERVAKSNR
;
SF
72 'polypeptide(L)'
;MLMPKKNRIAIYELLFKEGVMVAKKDVHMPKHPELADKNVPNLHVMKAMQSLKSRGYVKEQFAWRHFYWYLTNEGIQYLR
DYLHLPPEIVPATLRRSR
;
SK
73 'polypeptide(L)'
;VMDVNTALQEVLKTALIHDGLARGIREAAKALDKRQAHLCVLASNCDEPMYVKLVEALCAEHQINLIKVDDNKKLGEWVG
LCKIDREGKPRKVVGCSCVVVKDYGKESQAKDVIEEYFKCKK
;
SM
74 'polypeptide(L)'
;TYRGVDLDQLLDMSYEQLMQLYSARQRRRLNRGLRRKQHSLLKRLRKAKKEAPPMEKPEVVKTHLRDMIILPEMVGSMVG
VYNGKTFNQVEIKPEMIGHYLGEFSITYKPVKHGRPGIGAT
;
SP
75 'polypeptide(L)'
;SKGPLQSVQVFGRKKTATAVAHCKRGNGLIKVNGRPLEMIEPRTLQYKLLEPVLLLGKERFAGVDIRVRVKGGGHVAQIY
AIRQSISKALVAYYQKYVDEASKKEIKDILIQYDRTLLVADPRRCESKKFGGPGARARYQKSYR
;
SQ
76 'polypeptide(L)'
;MSLVIPEKFQHILRVLNTNIDGRRKIAFAITAIKGVGRRYAHVVLRKADIDLTKRAGELTEDEVERVITIMQNPRQYKIP
DWFLNRQKDVKDGKYSQVLANGLDNKLREDLERLKKIRAHRGLRHFWGLRVRGQHTKTTGRRGRT
;
SS
77 'polypeptide(L)'
;PGVTVKDVNQQEFVRALAAFLKKSGKLKVPEWVDTVKLAKHKELAPYDENWFYTRAASTARHLYLRGGAGVGSMTKIYGG
RQRNGVMPSHFSRGSKSVARRVLQALEGLKMVEKDQDGGRKLTPQGQRDLDRIAGQVAAANKK
;
ST
78 'polypeptide(L)'
;AIHRIRITLTSRNVKSLEKVCADLIRGAKEKNLKVKGPVRMPTKTLRITTRKTPCGEGSKTWDRFQMRIHKRLIDLHSPS
EIVKQITSISIEPGVEVEVTIADA
;
SU
79 'polypeptide(L)' RDKLNNLVLFDKATYDKLCKEVPNYKLITPAVVSERLKIRGSLARAALQELLSKGLIKLVSKHRAQVIYTRNTKG SZ
80 'polypeptide(L)' RVQPIKLARVTKVLGRTGSQGQCTQVRVEFMDDTSRSIIRNVKGPVREGDVLTLLESEREARRL Sc
81 'polypeptide(L)' GHQQLYWSHPRKFGQGSRSCRVCSNRHGLIRKYGLNMCRQCFRQYAKDIGFIKLD Sd
82 'polypeptide(L)' YTTPKKNKHKRKKVKLAVLKYYKVDENGKISRLRRECPSDECGAGVFMASHFDRHYCGKCCLTYCFN Sf
83 'polypeptide(L)'
;TEQMTLRGTLKGHNGWVTQIATTPQFPDMILSASRDKTIIMWKLTRDETNYGIPQRALRGHSHFVSDVVISSDGQFALSG
SWDGTLRLWDLTTGTTTRRFVGHTKDVLSVAFSSDNRQIVSGSRDKTIKLWNTLGVCKYTVQDESHSEWVSCVRFSPNSS
NPIIVSCGWDKLVKVWNLANCKLKTNHIGHTGYLNTVTVSPDGSLCASGGKDGQAMLWDLNEGKHLYTLDGGDIINALCF
SPNRYWLCAATGPSIKIWDLEGKIIVDELKQEVISTSSKAEPPQCTSLAWSADGQTLFAGYTDNLVRVWQVTI
;
Sg
84 'polypeptide(L)'
;NFTVDQIRAIMDKKANIRNMSVIAHVDHGKSTLTDSLVCKAGIIASARAGETRFTDTRKDEQERCITIKSTAISLFYELS
ENDLNFIKQSKDGAGFLINLIDSPGHVDFSSEVTAALRVTDGALVVVDCVSGVCVQTETVLRQAIAERIKPVLMMNKMDR
ALLELQLEPEELYQTFQRIVENVNVIISTYGEGESGPMGNIMIDPVLGTVGFGSGLHGWAFTLKQFAEMYVAKFAAKGEG
QLGPAERAKKVEDMMKKLWGDRYFDPANGKFSKSATSPEGKKLPRTFCQLILDPIFKVFDAIMNFKKEETAKLIEKLDIK
LDSEDKDKEGKPLLKAVMRRWLPAGDALLQMITIHLPSPVTAQKYRCELLYEGPPDDEAAMGIKSCDPKGPLMMYISKMV
PTSDKGRFYAFGRVFSGLVSTGLKVRIMGPNYTPGKKEDLYLKPIQRTILMMGRYVEPIEDVPCGNIVGLVGVDQFLVKT
GTITTFEHAHNMRVMKFSVSPVVRVAVEAKNPADLPKLVEGLKRLAKSDPMVQCIIEESGEHIIAGAGELHLEICLKDLE
EDHACIPIKKSDPVVSYRETVSEESNVLCLSKSPNKHNRLYMKARPFPDGLAEDIDKGEVSARQELKQRARYLAEKYEWD
VAEARKIWCFGPDGTGPNILTDITKGVQYLNEIKDSVVAGFQWATKEGALCEENMRGVRFDVHDVTLHADAIHRGGGQII
PTARRCLYASVLTAQPRLMEPIYLVEIQCPEQVVGGIYGVLNRKRGHVFEESQVAGTPMFVVKAYLPVNESFGFTADLRS
NTGGQAFPQCVFDHWQILPGDPFDNSSRPSQVVAETRKRKGLKEGIPALDNFLDKL
;
CB
85 'polypeptide(L)'
;QQEQTIAEDLVVTKYKMGGDIANRVLRSLVEASSSGVSVLSLCEKGDAMIMEETGKIFKKEKEMKKGIAFPTSISVNNCV
CHFSPLKSDQDYILKEGDLVKIDLGVHVDGFIANVAHTFVVDVAQGTQVTGRKADVIKAAHLCAEAALRLVKPGNQNTQV
TEAWNKVAHSFNCTPIEGMLSHQLKQHVIDGEKTIIQNPTDQQKKDHEKAEFEVHEVYAVDVLVSSGEGKAKDAGQRTTI
YKRDPSKQYGLKMKTSRAFFSEVERRFDAMPFTLRAFEDEKKARMGVVECAKHELLQPFNVLYEKEGEFVAQFKFTVLLM
PNGPMRITSGPFEPDLYKSEMEVQDAELKALLQSSA
;
CA
86 'polyribonucleotide' GCCCGGAUAGCUCAGCUGUAGAGCAUCAGACUUUUAAUCUGAGGGUCCAGGGUUCAAGUCCCUGUUCGGGCGCCA Zt
#
loop_
_chem_comp.id
_chem_comp.type
_chem_comp.name
_chem_comp.formula
1MA RNA linking 6-HYDRO-1-METHYLADENOSINE-5'-MONOPHOSPHATE 'C11 H16 N5 O7 P'
4AC RNA linking N(4)-ACETYLCYTIDINE-5'-MONOPHOSPHATE 'C11 H16 N3 O9 P'
5MC RNA linking 5-METHYLCYTIDINE-5'-MONOPHOSPHATE 'C10 H16 N3 O8 P'
6MZ RNA linking N6-METHYLADENOSINE-5'-MONOPHOSPHATE 'C11 H16 N5 O7 P'
A RNA linking ADENOSINE-5'-MONOPHOSPHATE 'C10 H14 N5 O7 P'
A2M RNA linking '2'-O-methyladenosine 5'-(dihydrogen phosphate)' 'C11 H16 N5 O7 P'
B8N RNA linking '(2~{R})-2-azanyl-4-[5-[(2~{S},3~{R},4~{S},5~{R})-3,4-bis(oxidanyl)-5-(phosphonooxymethyl)oxolan-2-yl]-3-methyl-2,6-bis(oxidanylidene)pyrimidin-1-yl]butanoic acid' 'C14 H22 N3 O11 P'
C RNA linking CYTIDINE-5'-MONOPHOSPHATE 'C9 H14 N3 O8 P'
G RNA linking GUANOSINE-5'-MONOPHOSPHATE 'C10 H14 N5 O8 P'
G7M RNA linking N7-METHYL-GUANOSINE-5'-MONOPHOSPHATE 'C11 H17 N5 O8 P 1'
MA6 RNA linking 6N-DIMETHYLADENOSINE-5'-MONOPHOSHATE 'C12 H18 N5 O7 P'
MG non-polymer 'MAGNESIUM ION' 'Mg 2'
OMC RNA linking O2'-METHYLYCYTIDINE-5'-MONOPHOSPHATE 'C10 H16 N3 O8 P'
OMG RNA linking O2'-METHYLGUANOSINE-5'-MONOPHOSPHATE 'C11 H16 N5 O8 P'
OMU RNA linking 'O2'-METHYLURIDINE 5'-MONOPHOSPHATE' 'C10 H15 N2 O9 P'
PSU RNA linking PSEUDOURIDINE-5'-MONOPHOSPHATE 'C9 H13 N2 O9 P'
SPD non-polymer SPERMIDINE 'C7 H19 N3'
SPM non-polymer SPERMINE 'C10 H26 N4'
U RNA linking URIDINE-5'-MONOPHOSPHATE 'C9 H13 N2 O9 P'
UR3 RNA linking 3-METHYLURIDINE-5'-MONOPHOSHATE 'C10 H15 N2 O9 P'
UY1 RNA linking 2'-O-methylpseudouridine-5'-monophosphate 'C10 H15 N2 O9 P'
ZN non-polymer 'ZINC ION' 'Zn 2'
#
# COMPACT_ATOMS: atom_id res chain seq x y z
N ASP A 183 10.18 23.29 44.55
CA ASP A 183 11.41 22.69 44.07
C ASP A 183 12.57 23.67 44.17
N GLY A 184 12.26 24.89 44.61
CA GLY A 184 13.25 25.92 44.83
C GLY A 184 13.95 25.86 46.16
N PHE A 185 13.76 24.77 46.90
CA PHE A 185 14.39 24.59 48.20
C PHE A 185 15.11 23.26 48.22
N ASP A 186 15.92 23.06 49.26
CA ASP A 186 16.50 21.75 49.52
C ASP A 186 15.55 20.97 50.43
N SER A 187 16.01 19.83 50.93
CA SER A 187 15.18 19.03 51.83
C SER A 187 14.91 19.76 53.14
N ARG A 188 15.86 20.57 53.60
CA ARG A 188 15.70 21.26 54.87
C ARG A 188 14.71 22.42 54.77
N GLY A 189 14.61 23.05 53.60
CA GLY A 189 13.84 24.27 53.43
C GLY A 189 14.66 25.48 53.06
N LYS A 190 16.00 25.38 53.05
CA LYS A 190 16.84 26.49 52.62
C LYS A 190 16.77 26.65 51.10
N ARG A 191 16.60 27.90 50.65
CA ARG A 191 16.42 28.16 49.23
C ARG A 191 17.66 27.84 48.43
N GLU A 192 17.45 27.39 47.20
CA GLU A 192 18.57 27.29 46.26
C GLU A 192 18.94 28.65 45.69
N PHE A 193 17.97 29.56 45.52
CA PHE A 193 18.20 30.83 44.87
C PHE A 193 17.52 31.92 45.70
N ASP A 194 18.31 32.62 46.51
CA ASP A 194 17.78 33.78 47.24
C ASP A 194 17.53 34.96 46.33
N ARG A 195 18.16 35.00 45.16
CA ARG A 195 18.00 36.11 44.23
C ARG A 195 16.91 35.89 43.19
N HIS A 196 16.27 34.73 43.19
CA HIS A 196 15.05 34.52 42.41
C HIS A 196 13.88 34.90 43.30
N SER A 197 13.09 35.87 42.86
CA SER A 197 12.07 36.46 43.71
C SER A 197 10.95 35.45 43.99
N GLY A 198 10.69 35.21 45.27
CA GLY A 198 9.56 34.42 45.69
C GLY A 198 8.27 35.19 45.84
N SER A 199 8.29 36.49 45.54
CA SER A 199 7.14 37.36 45.70
C SER A 199 6.81 38.03 44.37
N ASP A 200 5.55 38.44 44.23
CA ASP A 200 5.08 39.07 42.99
C ASP A 200 5.08 40.59 43.05
N ARG A 201 5.07 41.17 44.24
CA ARG A 201 5.13 42.63 44.36
C ARG A 201 6.53 43.12 44.72
N SER A 208 7.23 42.39 45.58
CA SER A 208 8.56 42.77 46.02
C SER A 208 9.61 41.89 45.36
N GLY A 209 10.59 42.52 44.73
CA GLY A 209 11.71 41.80 44.16
C GLY A 209 12.94 41.90 45.04
N LEU A 210 14.12 41.74 44.44
CA LEU A 210 15.35 41.85 45.21
C LEU A 210 15.62 43.30 45.59
N LYS A 211 15.37 44.23 44.67
CA LYS A 211 15.54 45.66 44.92
C LYS A 211 14.18 46.32 45.11
N HIS A 212 14.14 47.27 46.04
CA HIS A 212 12.96 48.10 46.20
C HIS A 212 12.75 48.92 44.93
N GLU A 213 11.52 48.95 44.45
CA GLU A 213 11.14 49.75 43.30
C GLU A 213 10.18 50.84 43.77
N ASP A 214 10.53 52.09 43.49
CA ASP A 214 9.79 53.22 44.02
C ASP A 214 8.38 53.27 43.45
N LYS A 215 7.43 53.70 44.28
CA LYS A 215 6.05 53.84 43.85
C LYS A 215 5.80 55.27 43.38
N ARG A 216 5.40 55.40 42.11
CA ARG A 216 5.15 56.69 41.47
C ARG A 216 6.37 57.59 41.53
N GLY A 217 7.56 56.99 41.48
CA GLY A 217 8.79 57.76 41.60
C GLY A 217 8.93 58.44 42.94
N GLY A 218 8.48 57.79 44.00
CA GLY A 218 8.51 58.39 45.33
C GLY A 218 7.64 59.62 45.48
N SER A 219 6.44 59.59 44.94
CA SER A 219 5.54 60.74 44.96
C SER A 219 4.38 60.49 45.90
N GLY A 220 3.84 61.58 46.44
CA GLY A 220 2.69 61.50 47.31
C GLY A 220 3.04 61.58 48.78
N SER A 221 2.02 61.39 49.61
CA SER A 221 2.17 61.38 51.05
C SER A 221 2.21 59.95 51.58
N HIS A 222 2.82 59.79 52.76
CA HIS A 222 3.05 58.49 53.39
C HIS A 222 3.87 57.57 52.49
N ASN A 223 4.82 58.16 51.78
CA ASN A 223 5.64 57.46 50.81
C ASN A 223 7.07 58.01 50.91
N TRP A 224 8.01 57.31 50.28
CA TRP A 224 9.35 57.85 50.13
C TRP A 224 9.30 59.15 49.33
N GLY A 225 10.30 60.00 49.56
CA GLY A 225 10.31 61.32 48.98
C GLY A 225 10.71 61.34 47.51
N THR A 226 10.85 62.56 46.99
CA THR A 226 11.21 62.77 45.59
C THR A 226 11.86 64.14 45.47
N VAL A 227 12.29 64.48 44.24
CA VAL A 227 13.04 65.70 44.00
C VAL A 227 12.17 66.94 44.23
N LYS A 228 10.85 66.79 44.16
CA LYS A 228 9.97 67.92 44.41
C LYS A 228 9.85 68.25 45.88
N ASP A 229 9.86 67.23 46.75
CA ASP A 229 9.91 67.50 48.18
C ASP A 229 11.32 67.80 48.65
N GLU A 230 12.33 67.48 47.84
CA GLU A 230 13.69 67.92 48.15
C GLU A 230 13.77 69.44 48.18
N LEU A 231 13.22 70.10 47.16
CA LEU A 231 13.22 71.56 47.10
C LEU A 231 12.21 72.12 48.09
N THR A 289 -10.92 65.24 101.97
CA THR A 289 -9.85 64.25 101.93
C THR A 289 -10.37 62.91 102.49
N LEU A 290 -9.90 61.82 101.88
CA LEU A 290 -10.50 60.51 102.11
C LEU A 290 -10.36 60.05 103.56
N ASP A 291 -9.16 60.23 104.14
CA ASP A 291 -8.92 59.71 105.48
C ASP A 291 -9.77 60.44 106.52
N GLU A 292 -9.88 61.76 106.42
CA GLU A 292 -10.71 62.48 107.37
C GLU A 292 -12.20 62.26 107.11
N TRP A 293 -12.58 61.98 105.86
CA TRP A 293 -13.96 61.55 105.61
C TRP A 293 -14.25 60.24 106.34
N LYS A 294 -13.33 59.28 106.26
CA LYS A 294 -13.52 58.05 107.02
C LYS A 294 -13.52 58.30 108.52
N ALA A 295 -12.71 59.26 108.98
CA ALA A 295 -12.67 59.59 110.40
C ALA A 295 -14.02 60.12 110.89
N ILE A 296 -14.67 60.96 110.08
CA ILE A 296 -15.98 61.47 110.49
C ILE A 296 -17.11 60.50 110.17
N GLN A 297 -16.85 59.48 109.37
CA GLN A 297 -17.91 58.51 109.06
C GLN A 297 -17.90 57.29 109.98
N ASN A 298 -16.74 56.85 110.46
CA ASN A 298 -16.69 55.63 111.24
C ASN A 298 -17.20 55.83 112.67
N LYS A 299 -17.20 57.07 113.16
CA LYS A 299 -17.67 57.34 114.51
C LYS A 299 -19.16 57.06 114.69
N ASP A 300 -19.93 57.07 113.60
CA ASP A 300 -21.36 56.78 113.68
C ASP A 300 -21.76 55.71 112.67
N ILE B 1 -19.03 -2.07 -114.81
CA ILE B 1 -19.80 -0.90 -114.48
C ILE B 1 -20.87 -1.28 -113.45
N MET B 2 -21.30 -0.31 -112.65
CA MET B 2 -22.20 -0.57 -111.52
C MET B 2 -23.52 0.16 -111.73
N ASN B 3 -24.60 -0.60 -111.82
CA ASN B 3 -25.94 -0.04 -111.94
C ASN B 3 -26.59 -0.01 -110.55
N GLN B 4 -27.90 0.27 -110.52
CA GLN B 4 -28.57 0.60 -109.27
C GLN B 4 -28.62 -0.57 -108.30
N GLU B 5 -28.84 -1.80 -108.80
CA GLU B 5 -28.97 -2.94 -107.89
C GLU B 5 -27.62 -3.31 -107.28
N LYS B 6 -26.55 -3.26 -108.09
CA LYS B 6 -25.22 -3.43 -107.55
C LYS B 6 -24.88 -2.34 -106.54
N LEU B 7 -25.32 -1.10 -106.81
CA LEU B 7 -25.19 -0.03 -105.83
C LEU B 7 -25.93 -0.35 -104.54
N ALA B 8 -27.12 -0.95 -104.65
CA ALA B 8 -27.94 -1.24 -103.48
C ALA B 8 -27.28 -2.28 -102.59
N LYS B 9 -26.73 -3.34 -103.19
CA LYS B 9 -26.07 -4.34 -102.36
C LYS B 9 -24.68 -3.92 -101.91
N LEU B 10 -24.05 -2.95 -102.61
CA LEU B 10 -22.79 -2.41 -102.15
C LEU B 10 -22.91 -1.77 -100.77
N GLN B 11 -23.97 -0.98 -100.57
CA GLN B 11 -24.21 -0.35 -99.28
C GLN B 11 -24.46 -1.36 -98.17
N ALA B 12 -25.06 -2.51 -98.52
CA ALA B 12 -25.32 -3.53 -97.51
C ALA B 12 -24.05 -4.27 -97.10
N GLN B 13 -23.20 -4.61 -98.07
CA GLN B 13 -22.04 -5.43 -97.74
C GLN B 13 -20.80 -4.64 -97.35
N VAL B 14 -20.72 -3.34 -97.69
CA VAL B 14 -19.58 -2.55 -97.25
C VAL B 14 -19.65 -2.30 -95.75
N ARG B 15 -20.83 -1.98 -95.23
CA ARG B 15 -21.00 -1.80 -93.79
C ARG B 15 -20.79 -3.13 -93.09
N ILE B 16 -19.79 -3.18 -92.20
CA ILE B 16 -19.45 -4.40 -91.48
C ILE B 16 -19.83 -4.34 -90.02
N GLY B 17 -20.16 -3.18 -89.49
CA GLY B 17 -20.49 -3.04 -88.08
C GLY B 17 -21.35 -1.83 -87.87
N GLY B 18 -21.33 -1.31 -86.65
CA GLY B 18 -22.17 -0.20 -86.25
C GLY B 18 -21.58 1.14 -86.57
N LYS B 19 -22.19 2.18 -86.01
CA LYS B 19 -21.76 3.55 -86.24
C LYS B 19 -20.34 3.76 -85.73
N GLY B 20 -19.55 4.50 -86.50
CA GLY B 20 -18.19 4.81 -86.12
C GLY B 20 -17.15 3.79 -86.53
N THR B 21 -17.56 2.68 -87.12
CA THR B 21 -16.61 1.67 -87.57
C THR B 21 -16.20 1.94 -89.02
N ALA B 22 -15.09 1.32 -89.41
CA ALA B 22 -14.58 1.50 -90.77
C ALA B 22 -15.47 0.79 -91.78
N ARG B 23 -15.64 1.41 -92.94
CA ARG B 23 -16.32 0.77 -94.04
C ARG B 23 -15.38 -0.20 -94.73
N ARG B 24 -15.90 -1.37 -95.08
CA ARG B 24 -15.07 -2.39 -95.72
C ARG B 24 -14.64 -1.94 -97.11
N LYS B 25 -13.37 -2.15 -97.42
CA LYS B 25 -12.77 -1.58 -98.61
C LYS B 25 -12.93 -2.48 -99.84
N LYS B 26 -12.41 -3.70 -99.77
CA LYS B 26 -12.38 -4.57 -100.93
C LYS B 26 -12.73 -6.00 -100.54
N LYS B 27 -13.17 -6.76 -101.53
CA LYS B 27 -13.48 -8.18 -101.36
C LYS B 27 -13.16 -8.85 -102.70
N VAL B 28 -11.96 -9.40 -102.80
CA VAL B 28 -11.46 -9.99 -104.05
C VAL B 28 -11.17 -11.46 -103.80
N VAL B 29 -11.70 -12.31 -104.67
CA VAL B 29 -11.34 -13.73 -104.71
C VAL B 29 -10.44 -13.94 -105.92
N HIS B 30 -9.35 -14.68 -105.72
CA HIS B 30 -8.31 -14.83 -106.73
C HIS B 30 -7.96 -16.30 -106.92
N ARG B 31 -7.54 -16.64 -108.14
CA ARG B 31 -7.11 -17.99 -108.46
C ARG B 31 -6.16 -18.00 -109.66
P A2M C 398 -20.83 -50.40 -74.94
OP1 A2M C 398 -19.90 -51.30 -74.20
O5' A2M C 398 -22.60 -50.73 -74.69
C5' A2M C 398 -23.08 -50.48 -73.46
C4' A2M C 398 -24.47 -49.88 -73.58
O4' A2M C 398 -24.49 -48.94 -74.64
C3' A2M C 398 -25.48 -50.95 -73.90
O3' A2M C 398 -25.71 -51.64 -72.73
C2' A2M C 398 -26.59 -50.14 -74.55
O2' A2M C 398 -27.36 -49.39 -73.67
C1' A2M C 398 -25.67 -49.20 -75.36
CM' A2M C 398 -28.52 -48.92 -74.30
N9 A2M C 398 -25.33 -49.62 -76.68
C8 A2M C 398 -24.11 -49.94 -77.29
N7 A2M C 398 -24.24 -50.30 -78.58
C5 A2M C 398 -25.61 -50.19 -78.80
C6 A2M C 398 -26.41 -50.41 -79.89
N6 A2M C 398 -25.89 -50.83 -81.10
N1 A2M C 398 -27.76 -50.25 -79.86
C2 A2M C 398 -28.27 -49.84 -78.67
N3 A2M C 398 -27.64 -49.58 -77.52
C4 A2M C 398 -26.30 -49.78 -77.64
OP2 A2M C 398 -20.96 -50.54 -76.42
P A2M C 400 -30.93 -57.21 -75.16
OP1 A2M C 400 -31.29 -57.91 -73.88
O5' A2M C 400 -32.09 -57.46 -76.52
C5' A2M C 400 -33.27 -56.84 -76.39
C4' A2M C 400 -33.90 -56.68 -77.76
O4' A2M C 400 -33.15 -55.76 -78.50
C3' A2M C 400 -33.93 -57.99 -78.49
O3' A2M C 400 -35.03 -58.66 -78.00
C2' A2M C 400 -33.89 -57.56 -79.96
O2' A2M C 400 -35.14 -57.18 -80.46
C1' A2M C 400 -33.00 -56.30 -79.80
CM' A2M C 400 -35.71 -58.24 -81.17
N9 A2M C 400 -31.60 -56.43 -80.08
C8 A2M C 400 -30.47 -56.42 -79.27
N7 A2M C 400 -29.33 -56.55 -79.97
C5 A2M C 400 -29.76 -56.66 -81.27
C6 A2M C 400 -29.12 -56.81 -82.48
N6 A2M C 400 -27.74 -56.91 -82.56
N1 A2M C 400 -29.78 -56.89 -83.65
C2 A2M C 400 -31.13 -56.79 -83.56
N3 A2M C 400 -31.91 -56.65 -82.49
C4 A2M C 400 -31.17 -56.58 -81.37
OP2 A2M C 400 -29.77 -57.70 -75.96
P OMG C 1316 -25.74 -59.17 -21.97
OP1 OMG C 1316 -25.56 -60.67 -21.82
OP2 OMG C 1316 -26.25 -58.32 -20.81
O5' OMG C 1316 -24.36 -58.56 -22.45
C5' OMG C 1316 -23.40 -59.36 -23.10
C4' OMG C 1316 -22.11 -58.61 -23.31
O4' OMG C 1316 -22.37 -57.37 -24.01
C3' OMG C 1316 -21.38 -58.17 -22.06
O3' OMG C 1316 -20.65 -59.20 -21.44
C2' OMG C 1316 -20.52 -57.03 -22.59
O2' OMG C 1316 -19.43 -57.56 -23.33
CM2 OMG C 1316 -18.67 -56.55 -23.97
C1' OMG C 1316 -21.48 -56.38 -23.57
N9 OMG C 1316 -22.25 -55.31 -22.94
C8 OMG C 1316 -23.57 -55.33 -22.53
N7 OMG C 1316 -23.92 -54.19 -22.03
C5 OMG C 1316 -22.82 -53.40 -22.10
C6 OMG C 1316 -22.61 -52.06 -21.70
O6 OMG C 1316 -23.40 -51.29 -21.19
N1 OMG C 1316 -21.31 -51.65 -21.97
C2 OMG C 1316 -20.34 -52.41 -22.53
N2 OMG C 1316 -19.13 -51.85 -22.70
N3 OMG C 1316 -20.53 -53.65 -22.90
C4 OMG C 1316 -21.77 -54.08 -22.66
P 1MA C 1322 -27.01 -53.99 -11.41
OP1 1MA C 1322 -27.89 -55.18 -11.71
OP2 1MA C 1322 -25.51 -54.15 -11.32
O5' 1MA C 1322 -27.32 -52.87 -12.49
C5' 1MA C 1322 -28.66 -52.46 -12.73
C4' 1MA C 1322 -28.82 -51.86 -14.11
O4' 1MA C 1322 -28.05 -50.63 -14.20
C3' 1MA C 1322 -28.36 -52.73 -15.26
O3' 1MA C 1322 -29.26 -52.58 -16.36
C2' 1MA C 1322 -27.00 -52.15 -15.63
O2' 1MA C 1322 -26.60 -52.36 -16.96
C1' 1MA C 1322 -27.22 -50.67 -15.34
N9 1MA C 1322 -26.01 -49.93 -15.04
C8 1MA C 1322 -24.75 -50.41 -14.91
N7 1MA C 1322 -23.88 -49.48 -14.65
C5 1MA C 1322 -24.61 -48.34 -14.59
C6 1MA C 1322 -24.19 -46.99 -14.33
N6 1MA C 1322 -22.99 -46.67 -14.10
N1 1MA C 1322 -25.28 -46.12 -14.36
CM1 1MA C 1322 -25.02 -44.73 -14.12
C2 1MA C 1322 -26.55 -46.51 -14.62
N3 1MA C 1322 -26.94 -47.71 -14.85
C4 1MA C 1322 -25.93 -48.60 -14.84
P A2M C 1323 -30.51 -53.58 -16.53
OP1 A2M C 1323 -31.01 -54.06 -15.20
O5' A2M C 1323 -31.70 -52.67 -17.54
C5' A2M C 1323 -31.61 -52.85 -18.86
C4' A2M C 1323 -31.74 -51.51 -19.56
O4' A2M C 1323 -32.99 -50.99 -19.23
C3' A2M C 1323 -30.68 -50.54 -19.10
O3' A2M C 1323 -29.56 -50.80 -19.85
C2' A2M C 1323 -31.35 -49.21 -19.27
O2' A2M C 1323 -31.37 -48.78 -20.62
C1' A2M C 1323 -32.76 -49.64 -18.88
CM' A2M C 1323 -32.36 -47.82 -20.83
N9 A2M C 1323 -33.19 -49.44 -17.53
C8 A2M C 1323 -33.43 -50.32 -16.48
N7 A2M C 1323 -33.86 -49.70 -15.37
C5 A2M C 1323 -33.91 -48.37 -15.75
C6 A2M C 1323 -34.26 -47.20 -15.12
N6 A2M C 1323 -34.68 -47.20 -13.80
N1 A2M C 1323 -34.22 -46.00 -15.72
C2 A2M C 1323 -33.81 -46.01 -17.00
N3 A2M C 1323 -33.43 -47.03 -17.77
C4 A2M C 1323 -33.50 -48.19 -17.09
OP2 A2M C 1323 -30.24 -54.58 -17.61
P A2M C 1326 -25.76 -41.24 -16.09
OP1 A2M C 1326 -26.62 -42.27 -15.43
O5' A2M C 1326 -25.07 -42.43 -17.26
C5' A2M C 1326 -24.21 -41.95 -18.18
C4' A2M C 1326 -22.82 -42.47 -17.93
O4' A2M C 1326 -22.90 -43.47 -16.95
C3' A2M C 1326 -22.21 -43.06 -19.19
O3' A2M C 1326 -21.58 -42.00 -19.83
C2' A2M C 1326 -21.37 -44.22 -18.68
O2' A2M C 1326 -20.10 -43.81 -18.25
C1' A2M C 1326 -22.23 -44.59 -17.46
CM' A2M C 1326 -19.48 -44.82 -17.50
N9 A2M C 1326 -23.19 -45.65 -17.57
C8 A2M C 1326 -24.58 -45.65 -17.55
N7 A2M C 1326 -25.11 -46.87 -17.66
C5 A2M C 1326 -23.99 -47.70 -17.75
C6 A2M C 1326 -23.82 -49.06 -17.88
N6 A2M C 1326 -24.91 -49.92 -17.96
N1 A2M C 1326 -22.61 -49.64 -17.95
C2 A2M C 1326 -21.56 -48.79 -17.88
N3 A2M C 1326 -21.54 -47.46 -17.76
C4 A2M C 1326 -22.79 -46.96 -17.69
OP2 A2M C 1326 -24.76 -40.47 -15.30
N1 OMC C 1340 4.69 -72.78 -25.98
C2 OMC C 1340 5.62 -71.96 -25.33
N3 OMC C 1340 5.26 -71.39 -24.17
C4 OMC C 1340 4.07 -71.57 -23.65
C5 OMC C 1340 3.09 -72.38 -24.27
C6 OMC C 1340 3.47 -72.95 -25.43
O2 OMC C 1340 6.72 -71.80 -25.82
N4 OMC C 1340 3.78 -70.97 -22.50
C1' OMC C 1340 4.97 -73.44 -27.27
C2' OMC C 1340 5.95 -74.61 -27.16
O2' OMC C 1340 6.72 -74.66 -28.34
CM2 OMC C 1340 7.45 -73.49 -28.62
C3' OMC C 1340 5.01 -75.80 -27.08
C4' OMC C 1340 3.90 -75.39 -28.02
O4' OMC C 1340 3.76 -73.97 -27.78
O3' OMC C 1340 5.62 -77.02 -27.45
C5' OMC C 1340 2.57 -76.06 -27.78
O5' OMC C 1340 1.98 -75.66 -26.56
P OMC C 1340 0.41 -75.71 -26.35
OP1 OMC C 1340 -0.07 -77.05 -26.88
OP2 OMC C 1340 0.11 -75.29 -24.92
P OMG C 1522 0.40 -53.35 -28.62
OP1 OMG C 1522 1.37 -53.06 -29.74
OP2 OMG C 1522 0.70 -54.44 -27.60
O5' OMG C 1522 0.14 -52.00 -27.82
C5' OMG C 1522 -0.65 -50.96 -28.37
C4' OMG C 1522 -1.20 -50.07 -27.31
O4' OMG C 1522 -2.20 -50.75 -26.53
C3' OMG C 1522 -0.19 -49.62 -26.26
O3' OMG C 1522 0.67 -48.60 -26.72
C2' OMG C 1522 -1.10 -49.20 -25.11
O2' OMG C 1522 -1.68 -47.92 -25.37
CM2 OMG C 1522 -1.96 -47.21 -24.19
C1' OMG C 1522 -2.21 -50.25 -25.21
N9 OMG C 1522 -1.96 -51.36 -24.28
C8 OMG C 1522 -1.34 -52.55 -24.52
N7 OMG C 1522 -1.27 -53.29 -23.45
C5 OMG C 1522 -1.87 -52.54 -22.47
C6 OMG C 1522 -2.10 -52.82 -21.11
O6 OMG C 1522 -1.81 -53.81 -20.46
N1 OMG C 1522 -2.75 -51.75 -20.48
C2 OMG C 1522 -3.13 -50.60 -21.09
N2 OMG C 1522 -3.75 -49.69 -20.33
N3 OMG C 1522 -2.92 -50.34 -22.34
C4 OMG C 1522 -2.30 -51.34 -22.97
P A2M C 1524 4.34 -42.75 -25.85
OP1 A2M C 1524 4.26 -42.43 -27.31
O5' A2M C 1524 4.54 -41.34 -24.78
C5' A2M C 1524 3.41 -40.90 -24.22
C4' A2M C 1524 3.74 -40.33 -22.88
O4' A2M C 1524 3.56 -41.30 -21.91
C3' A2M C 1524 5.20 -39.97 -22.84
O3' A2M C 1524 5.35 -38.84 -23.63
C2' A2M C 1524 5.47 -39.89 -21.34
O2' A2M C 1524 5.29 -38.62 -20.80
C1' A2M C 1524 4.34 -40.85 -20.84
CM' A2M C 1524 6.49 -38.10 -20.33
N9 A2M C 1524 4.74 -41.95 -20.01
C8 A2M C 1524 4.62 -42.17 -18.65
N7 A2M C 1524 5.11 -43.34 -18.25
C5 A2M C 1524 5.59 -43.89 -19.43
C6 A2M C 1524 6.22 -45.08 -19.73
N6 A2M C 1524 6.51 -46.01 -18.75
N1 A2M C 1524 6.60 -45.39 -20.99
C2 A2M C 1524 6.32 -44.48 -21.93
N3 A2M C 1524 5.72 -43.29 -21.82
C4 A2M C 1524 5.37 -43.04 -20.53
OP2 A2M C 1524 5.55 -43.43 -25.30
P A2M C 1534 18.14 -23.79 -46.37
OP1 A2M C 1534 19.00 -24.74 -47.16
O5' A2M C 1534 16.64 -24.83 -46.56
C5' A2M C 1534 16.43 -25.38 -47.77
C4' A2M C 1534 15.35 -24.62 -48.54
O4' A2M C 1534 15.12 -25.30 -49.75
C3' A2M C 1534 14.05 -24.57 -47.79
O3' A2M C 1534 13.37 -23.44 -48.25
C2' A2M C 1534 13.48 -25.93 -48.10
O2' A2M C 1534 12.09 -26.00 -48.02
C1' A2M C 1534 13.90 -25.97 -49.58
CM' A2M C 1534 11.70 -25.91 -46.69
N9 A2M C 1534 14.02 -27.27 -50.19
C8 A2M C 1534 14.73 -28.42 -49.83
N7 A2M C 1534 14.56 -29.43 -50.69
C5 A2M C 1534 13.72 -28.89 -51.65
C6 A2M C 1534 13.16 -29.39 -52.80
N6 A2M C 1534 13.40 -30.68 -53.22
N1 A2M C 1534 12.34 -28.65 -53.60
C2 A2M C 1534 12.11 -27.39 -53.17
N3 A2M C 1534 12.56 -26.75 -52.09
C4 A2M C 1534 13.36 -27.57 -51.36
OP2 A2M C 1534 18.03 -22.38 -46.82
N1 PSU C 1536 14.70 -21.06 -42.51
C2 PSU C 1536 15.56 -21.88 -41.82
N3 PSU C 1536 15.28 -22.22 -40.51
C4 PSU C 1536 14.15 -21.74 -39.91
C5 PSU C 1536 13.29 -20.92 -40.61
C6 PSU C 1536 13.59 -20.60 -41.93
O2 PSU C 1536 16.57 -22.31 -42.36
O4 PSU C 1536 13.91 -22.06 -38.75
C1' PSU C 1536 12.03 -20.39 -39.98
C2' PSU C 1536 12.36 -19.25 -39.02
O2' PSU C 1536 11.37 -19.23 -38.00
C3' PSU C 1536 12.20 -18.04 -39.92
C4' PSU C 1536 11.01 -18.44 -40.79
O3' PSU C 1536 11.97 -16.84 -39.23
O4' PSU C 1536 11.20 -19.86 -41.00
C5' PSU C 1536 10.94 -17.74 -42.13
O5' PSU C 1536 10.40 -18.57 -43.12
P PSU C 1536 11.06 -18.64 -44.57
OP1 PSU C 1536 10.54 -17.47 -45.32
OP2 PSU C 1536 12.51 -18.84 -44.50
N1 PSU C 1582 4.56 4.17 -49.03
C2 PSU C 1582 5.66 4.38 -49.85
N3 PSU C 1582 5.49 4.64 -51.18
C4 PSU C 1582 4.22 4.69 -51.69
C5 PSU C 1582 3.13 4.49 -50.87
C6 PSU C 1582 3.31 4.24 -49.53
O2 PSU C 1582 6.79 4.32 -49.37
O4 PSU C 1582 4.05 4.93 -52.88
C1' PSU C 1582 1.76 4.56 -51.48
C2' PSU C 1582 1.41 3.25 -52.16
O2' PSU C 1582 0.63 3.52 -53.31
C3' PSU C 1582 0.56 2.57 -51.08
C4' PSU C 1582 -0.17 3.74 -50.46
O3' PSU C 1582 -0.31 1.58 -51.58
O4' PSU C 1582 0.81 4.82 -50.48
C5' PSU C 1582 -0.65 3.52 -49.04
O5' PSU C 1582 -0.88 4.75 -48.38
P PSU C 1582 -1.21 4.77 -46.82
OP1 PSU C 1582 -2.44 3.97 -46.69
OP2 PSU C 1582 0.01 4.38 -46.10
P OMG C 1625 21.06 -35.34 -28.54
OP1 OMG C 1625 22.38 -35.85 -29.12
OP2 OMG C 1625 19.91 -36.32 -28.35
O5' OMG C 1625 21.37 -34.66 -27.14
C5' OMG C 1625 22.65 -34.07 -26.89
C4' OMG C 1625 22.49 -32.68 -26.34
O4' OMG C 1625 21.09 -32.35 -26.28
C3' OMG C 1625 23.05 -32.48 -24.93
O3' OMG C 1625 23.46 -31.13 -24.78
C2' OMG C 1625 21.82 -32.73 -24.07
O2' OMG C 1625 21.86 -32.10 -22.80
CM2 OMG C 1625 22.83 -32.63 -21.92
C1' OMG C 1625 20.71 -32.14 -24.93
N9 OMG C 1625 19.41 -32.80 -24.73
C8 OMG C 1625 18.74 -33.60 -25.61
N7 OMG C 1625 17.62 -34.02 -25.12
C5 OMG C 1625 17.56 -33.48 -23.87
C6 OMG C 1625 16.56 -33.60 -22.87
O6 OMG C 1625 15.52 -34.21 -22.89
N1 OMG C 1625 16.92 -32.87 -21.73
C2 OMG C 1625 18.06 -32.13 -21.57
N2 OMG C 1625 18.23 -31.50 -20.41
N3 OMG C 1625 18.97 -32.03 -22.50
C4 OMG C 1625 18.67 -32.72 -23.61
N1 PSU C 1677 2.24 -49.02 3.34
C2 PSU C 1677 2.30 -49.29 4.69
N3 PSU C 1677 1.82 -50.48 5.20
C4 PSU C 1677 1.26 -51.39 4.34
C5 PSU C 1677 1.20 -51.13 2.99
C6 PSU C 1677 1.70 -49.93 2.50
O2 PSU C 1677 2.80 -48.46 5.45
O4 PSU C 1677 0.83 -52.46 4.78
C1' PSU C 1677 0.59 -52.17 2.09
C2' PSU C 1677 -0.34 -51.58 1.03
O2' PSU C 1677 -1.50 -52.38 0.96
C3' PSU C 1677 0.50 -51.71 -0.24
C4' PSU C 1677 1.31 -52.97 0.02
O3' PSU C 1677 -0.27 -51.82 -1.43
O4' PSU C 1677 1.59 -52.91 1.44
C5' PSU C 1677 2.59 -53.07 -0.75
O5' PSU C 1677 3.37 -51.90 -0.59
P PSU C 1677 4.64 -51.64 -1.51
OP1 PSU C 1677 5.70 -52.61 -1.18
OP2 PSU C 1677 4.09 -51.60 -2.88
N1 PSU C 1683 -2.98 -65.16 1.22
C2 PSU C 1683 -4.06 -64.50 1.74
N3 PSU C 1683 -4.22 -64.41 3.10
C4 PSU C 1683 -3.31 -65.01 3.94
C5 PSU C 1683 -2.23 -65.68 3.40
C6 PSU C 1683 -2.08 -65.74 2.02
O2 PSU C 1683 -4.87 -63.97 0.99
O4 PSU C 1683 -3.45 -64.94 5.15
C1' PSU C 1683 -1.22 -66.33 4.31
C2' PSU C 1683 -1.75 -67.67 4.82
O2' PSU C 1683 -1.22 -67.89 6.11
C3' PSU C 1683 -1.15 -68.63 3.81
C4' PSU C 1683 0.21 -68.02 3.56
O3' PSU C 1683 -1.09 -69.96 4.27
O4' PSU C 1683 -0.03 -66.59 3.59
C5' PSU C 1683 0.85 -68.39 2.24
O5' PSU C 1683 0.00 -68.05 1.17
P PSU C 1683 0.43 -68.31 -0.33
OP1 PSU C 1683 1.19 -69.58 -0.30
OP2 PSU C 1683 -0.74 -68.16 -1.20
N1 PSU C 1744 -19.88 -43.72 46.38
C2 PSU C 1744 -20.59 -43.67 45.20
N3 PSU C 1744 -19.93 -43.68 43.99
C4 PSU C 1744 -18.56 -43.78 43.96
C5 PSU C 1744 -17.85 -43.83 45.15
C6 PSU C 1744 -18.53 -43.81 46.36
O2 PSU C 1744 -21.80 -43.58 45.23
O4 PSU C 1744 -17.98 -43.79 42.89
C1' PSU C 1744 -16.35 -43.94 45.13
C2' PSU C 1744 -15.66 -42.60 44.93
O2' PSU C 1744 -14.49 -42.81 44.14
C3' PSU C 1744 -15.26 -42.22 46.35
C4' PSU C 1744 -14.97 -43.57 46.98
O3' PSU C 1744 -14.16 -41.35 46.42
O4' PSU C 1744 -15.92 -44.47 46.36
C5' PSU C 1744 -15.11 -43.61 48.48
O5' PSU C 1744 -16.42 -43.26 48.87
P PSU C 1744 -16.77 -42.95 50.40
OP1 PSU C 1744 -15.50 -42.45 50.98
OP2 PSU C 1744 -18.00 -42.15 50.45
N1 PSU C 1781 -29.90 -36.71 56.09
C2 PSU C 1781 -30.13 -35.47 55.54
N3 PSU C 1781 -31.41 -34.94 55.57
C4 PSU C 1781 -32.43 -35.65 56.11
C5 PSU C 1781 -32.19 -36.91 56.64
C6 PSU C 1781 -30.91 -37.43 56.63
O2 PSU C 1781 -29.20 -34.83 55.06
O4 PSU C 1781 -33.57 -35.18 56.13
C1' PSU C 1781 -33.30 -37.71 57.27
C2' PSU C 1781 -34.25 -38.31 56.23
O2' PSU C 1781 -35.56 -38.33 56.79
C3' PSU C 1781 -33.71 -39.73 56.08
C4' PSU C 1781 -33.24 -40.05 57.49
O3' PSU C 1781 -34.67 -40.64 55.61
O4' PSU C 1781 -32.73 -38.79 57.99
C5' PSU C 1781 -32.18 -41.11 57.61
O5' PSU C 1781 -32.37 -41.88 58.79
P PSU C 1781 -31.18 -42.72 59.42
OP1 PSU C 1781 -31.48 -44.16 59.51
OP2 PSU C 1781 -29.95 -42.28 58.73
N1 PSU C 1782 -31.38 -37.79 52.41
C2 PSU C 1782 -30.51 -36.87 51.88
N3 PSU C 1782 -30.99 -35.66 51.43
C4 PSU C 1782 -32.33 -35.39 51.50
C5 PSU C 1782 -33.20 -36.32 52.03
C6 PSU C 1782 -32.70 -37.53 52.49
O2 PSU C 1782 -29.31 -37.12 51.82
O4 PSU C 1782 -32.75 -34.31 51.09
C1' PSU C 1782 -34.67 -36.02 52.11
C2' PSU C 1782 -35.35 -36.35 50.79
O2' PSU C 1782 -36.43 -35.44 50.61
C3' PSU C 1782 -35.89 -37.75 51.08
C4' PSU C 1782 -36.28 -37.65 52.54
O3' PSU C 1782 -36.97 -38.13 50.25
O4' PSU C 1782 -35.27 -36.79 53.12
C5' PSU C 1782 -36.31 -38.96 53.29
O5' PSU C 1782 -35.02 -39.54 53.36
P PSU C 1782 -34.81 -40.96 54.04
OP1 PSU C 1782 -36.07 -41.70 53.85
OP2 PSU C 1782 -33.53 -41.53 53.54
N1 PSU C 1792 -24.76 -55.44 42.60
C2 PSU C 1792 -25.57 -55.01 41.59
N3 PSU C 1792 -26.93 -55.21 41.65
C4 PSU C 1792 -27.47 -55.84 42.74
C5 PSU C 1792 -26.64 -56.28 43.77
C6 PSU C 1792 -25.28 -56.06 43.69
O2 PSU C 1792 -25.08 -54.45 40.61
O4 PSU C 1792 -28.69 -56.01 42.79
C1' PSU C 1792 -27.20 -56.96 44.98
C2' PSU C 1792 -27.69 -58.36 44.61
O2' PSU C 1792 -28.81 -58.66 45.43
C3' PSU C 1792 -26.50 -59.21 45.01
C4' PSU C 1792 -26.01 -58.52 46.27
O3' PSU C 1792 -26.83 -60.57 45.23
O4' PSU C 1792 -26.20 -57.11 45.97
C5' PSU C 1792 -24.58 -58.78 46.66
O5' PSU C 1792 -23.65 -58.14 45.80
P PSU C 1792 -22.09 -58.33 46.02
OP1 PSU C 1792 -21.92 -59.57 46.79
OP2 PSU C 1792 -21.41 -58.17 44.72
N1 PSU C 1860 -31.64 -54.01 14.05
C2 PSU C 1860 -30.34 -54.45 14.00
N3 PSU C 1860 -29.88 -55.33 14.97
C4 PSU C 1860 -30.72 -55.76 15.96
C5 PSU C 1860 -32.03 -55.30 15.99
C6 PSU C 1860 -32.47 -54.43 15.03
O2 PSU C 1860 -29.60 -54.06 13.12
O4 PSU C 1860 -30.31 -56.54 16.80
C1' PSU C 1860 -32.95 -55.77 17.07
C2' PSU C 1860 -32.67 -54.98 18.35
O2' PSU C 1860 -32.94 -55.81 19.47
C3' PSU C 1860 -33.71 -53.87 18.24
C4' PSU C 1860 -34.90 -54.60 17.65
O3' PSU C 1860 -33.98 -53.23 19.48
O4' PSU C 1860 -34.30 -55.52 16.72
C5' PSU C 1860 -35.91 -53.74 16.94
O5' PSU C 1860 -35.32 -52.88 15.99
P PSU C 1860 -36.16 -52.29 14.78
OP1 PSU C 1860 -37.28 -51.52 15.35
OP2 PSU C 1860 -35.26 -51.65 13.79
N1 PSU C 1862 -27.92 -49.22 17.72
C2 PSU C 1862 -27.42 -48.95 16.45
N3 PSU C 1862 -26.07 -49.00 16.24
C4 PSU C 1862 -25.22 -49.33 17.27
C5 PSU C 1862 -25.73 -49.59 18.52
C6 PSU C 1862 -27.10 -49.53 18.73
O2 PSU C 1862 -28.19 -48.66 15.54
O4 PSU C 1862 -24.02 -49.38 17.06
C1' PSU C 1862 -24.80 -49.94 19.64
C2' PSU C 1862 -24.21 -48.65 20.19
O2' PSU C 1862 -22.88 -48.91 20.61
C3' PSU C 1862 -25.12 -48.41 21.39
C4' PSU C 1862 -25.33 -49.81 21.91
O3' PSU C 1862 -24.56 -47.54 22.36
O4' PSU C 1862 -25.45 -50.59 20.70
C5' PSU C 1862 -26.55 -50.00 22.77
O5' PSU C 1862 -27.70 -49.43 22.18
P PSU C 1862 -29.16 -49.93 22.58
OP1 PSU C 1862 -29.42 -49.48 23.97
OP2 PSU C 1862 -30.08 -49.55 21.50
P A2M C 1871 -22.13 -43.86 4.05
OP1 A2M C 1871 -21.53 -44.34 2.76
O5' A2M C 1871 -20.99 -43.81 5.46
C5' A2M C 1871 -19.94 -42.99 5.34
C4' A2M C 1871 -19.18 -42.92 6.65
O4' A2M C 1871 -19.89 -42.09 7.54
C3' A2M C 1871 -19.07 -44.26 7.32
O3' A2M C 1871 -18.20 -45.04 6.58
C2' A2M C 1871 -18.71 -43.82 8.72
O2' A2M C 1871 -17.44 -43.26 8.82
C1' A2M C 1871 -19.76 -42.73 8.80
CM' A2M C 1871 -17.07 -43.14 10.16
N9 A2M C 1871 -21.05 -43.18 9.21
C8 A2M C 1871 -22.24 -43.40 8.53
N7 A2M C 1871 -23.23 -43.85 9.33
C5 A2M C 1871 -22.61 -43.90 10.57
C6 A2M C 1871 -23.04 -44.27 11.82
N6 A2M C 1871 -24.33 -44.69 12.06
N1 A2M C 1871 -22.23 -44.24 12.90
C2 A2M C 1871 -20.97 -43.83 12.67
N3 A2M C 1871 -20.39 -43.44 11.54
C4 A2M C 1871 -21.27 -43.50 10.52
OP2 A2M C 1871 -23.08 -44.75 4.77
N1 OMC C 2351 -11.78 -55.13 -33.34
C2 OMC C 2351 -11.39 -56.37 -33.89
N3 OMC C 2351 -12.33 -57.11 -34.49
C4 OMC C 2351 -13.57 -56.72 -34.57
C5 OMC C 2351 -14.01 -55.49 -34.03
C6 OMC C 2351 -13.07 -54.75 -33.43
O2 OMC C 2351 -10.23 -56.74 -33.81
N4 OMC C 2351 -14.45 -57.50 -35.18
C1' OMC C 2351 -10.85 -54.21 -32.65
C2' OMC C 2351 -9.78 -53.65 -33.59
O2' OMC C 2351 -8.65 -53.30 -32.81
CM2 OMC C 2351 -8.00 -54.39 -32.23
C3' OMC C 2351 -10.47 -52.39 -34.08
C4' OMC C 2351 -11.20 -51.90 -32.84
O4' OMC C 2351 -11.60 -53.11 -32.15
O3' OMC C 2351 -9.59 -51.43 -34.62
C5' OMC C 2351 -12.42 -51.05 -33.10
O5' OMC C 2351 -12.06 -49.81 -33.68
P OMC C 2351 -13.14 -48.67 -33.90
OP1 OMC C 2351 -12.37 -47.40 -34.21
OP2 OMC C 2351 -14.17 -49.17 -34.90
P A2M C 2363 -30.33 -28.43 -49.71
OP1 A2M C 2363 -31.25 -27.27 -49.80
O5' A2M C 2363 -28.73 -28.16 -48.86
C5' A2M C 2363 -28.79 -27.87 -47.55
C4' A2M C 2363 -27.42 -28.05 -46.90
O4' A2M C 2363 -27.03 -29.39 -47.03
C3' A2M C 2363 -26.36 -27.16 -47.53
O3' A2M C 2363 -26.45 -25.94 -46.91
C2' A2M C 2363 -25.09 -27.96 -47.31
O2' A2M C 2363 -24.55 -27.79 -46.03
C1' A2M C 2363 -25.68 -29.37 -47.42
CM' A2M C 2363 -23.19 -28.10 -46.01
N9 A2M C 2363 -25.58 -30.06 -48.69
C8 A2M C 2363 -26.54 -30.55 -49.56
N7 A2M C 2363 -26.01 -31.15 -50.64
C5 A2M C 2363 -24.66 -31.02 -50.44
C6 A2M C 2363 -23.57 -31.42 -51.17
N6 A2M C 2363 -23.69 -32.08 -52.37
N1 A2M C 2363 -22.29 -31.17 -50.77
C2 A2M C 2363 -22.17 -30.51 -49.60
N3 A2M C 2363 -23.11 -30.06 -48.76
C4 A2M C 2363 -24.35 -30.34 -49.24
OP2 A2M C 2363 -29.68 -28.92 -50.97
P OMG C 2364 -26.83 -24.62 -47.77
OP1 OMG C 2364 -26.36 -23.41 -46.96
OP2 OMG C 2364 -28.28 -24.75 -48.18
O5' OMG C 2364 -25.92 -24.73 -49.07
C5' OMG C 2364 -24.59 -24.25 -49.08
C4' OMG C 2364 -23.67 -25.23 -49.78
O4' OMG C 2364 -24.36 -26.49 -49.91
C3' OMG C 2364 -23.29 -24.86 -51.21
O3' OMG C 2364 -22.16 -24.01 -51.24
C2' OMG C 2364 -23.01 -26.21 -51.85
O2' OMG C 2364 -21.66 -26.58 -51.64
CM2 OMG C 2364 -21.32 -27.90 -52.03
C1' OMG C 2364 -23.90 -27.17 -51.05
N9 OMG C 2364 -25.08 -27.65 -51.79
C8 OMG C 2364 -26.38 -27.50 -51.38
N7 OMG C 2364 -27.22 -28.06 -52.20
C5 OMG C 2364 -26.44 -28.62 -53.18
C6 OMG C 2364 -26.81 -29.36 -54.32
O6 OMG C 2364 -27.92 -29.67 -54.71
N1 OMG C 2364 -25.68 -29.74 -55.06
C2 OMG C 2364 -24.39 -29.45 -54.72
N2 OMG C 2364 -23.44 -29.90 -55.54
N3 OMG C 2364 -24.06 -28.77 -53.67
C4 OMG C 2364 -25.10 -28.39 -52.93
N1 OMC C 2365 -23.09 -25.93 -56.37
C2 OMC C 2365 -23.72 -26.77 -57.31
N3 OMC C 2365 -25.04 -26.98 -57.18
C4 OMC C 2365 -25.74 -26.43 -56.22
C5 OMC C 2365 -25.14 -25.57 -55.26
C6 OMC C 2365 -23.81 -25.36 -55.39
O2 OMC C 2365 -23.04 -27.27 -58.18
N4 OMC C 2365 -27.04 -26.69 -56.16
C1' OMC C 2365 -21.64 -25.67 -56.48
C2' OMC C 2365 -21.36 -24.46 -57.37
O2' OMC C 2365 -20.16 -24.72 -58.10
CM2 OMC C 2365 -20.38 -25.53 -59.23
C3' OMC C 2365 -21.13 -23.37 -56.34
C4' OMC C 2365 -20.44 -24.12 -55.22
O4' OMC C 2365 -21.13 -25.39 -55.20
O3' OMC C 2365 -20.38 -22.27 -56.83
C5' OMC C 2365 -20.50 -23.49 -53.86
O5' OMC C 2365 -21.82 -23.08 -53.54
P OMC C 2365 -22.21 -22.64 -52.06
OP1 OMC C 2365 -21.09 -21.75 -51.54
OP2 OMC C 2365 -23.64 -22.14 -52.07
P A2M C 2401 5.00 -11.97 -75.55
OP1 A2M C 2401 5.30 -12.36 -76.97
O5' A2M C 2401 6.63 -12.56 -74.96
C5' A2M C 2401 6.80 -12.62 -73.63
C4' A2M C 2401 8.14 -11.97 -73.28
O4' A2M C 2401 7.88 -10.85 -72.48
C3' A2M C 2401 9.04 -12.90 -72.51
O3' A2M C 2401 9.60 -13.79 -73.42
C2' A2M C 2401 9.92 -11.91 -71.76
O2' A2M C 2401 10.89 -11.30 -72.57
C1' A2M C 2401 8.82 -10.90 -71.44
CM' A2M C 2401 12.06 -11.07 -71.82
N9 A2M C 2401 8.13 -11.11 -70.21
C8 A2M C 2401 6.81 -11.44 -69.91
N7 A2M C 2401 6.59 -11.54 -68.59
C5 A2M C 2401 7.83 -11.29 -68.04
C6 A2M C 2401 8.31 -11.23 -66.75
N6 A2M C 2401 7.48 -11.48 -65.67
N1 A2M C 2401 9.60 -10.95 -66.46
C2 A2M C 2401 10.39 -10.70 -67.52
N3 A2M C 2401 10.11 -10.71 -68.82
C4 A2M C 2401 8.79 -11.01 -69.02
OP2 A2M C 2401 3.80 -12.53 -74.87
N1 OMC C 2422 -21.96 -27.25 -65.10
C2 OMC C 2422 -22.09 -26.36 -66.17
N3 OMC C 2422 -21.11 -25.46 -66.34
C4 OMC C 2422 -20.06 -25.39 -65.55
C5 OMC C 2422 -19.89 -26.29 -64.45
C6 OMC C 2422 -20.88 -27.18 -64.29
O2 OMC C 2422 -23.06 -26.40 -66.90
N4 OMC C 2422 -19.13 -24.49 -65.78
C1' OMC C 2422 -22.98 -28.28 -64.80
C2' OMC C 2422 -22.93 -29.46 -65.76
O2' OMC C 2422 -24.26 -29.89 -65.99
CM2 OMC C 2422 -25.05 -28.96 -66.69
C3' OMC C 2422 -22.18 -30.51 -64.95
C4' OMC C 2422 -22.61 -30.21 -63.53
O4' OMC C 2422 -22.74 -28.77 -63.50
O3' OMC C 2422 -22.49 -31.83 -65.34
C5' OMC C 2422 -21.65 -30.64 -62.45
O5' OMC C 2422 -20.32 -30.73 -62.95
P OMC C 2422 -19.40 -31.97 -62.55
OP1 OMC C 2422 -20.31 -33.17 -62.33
OP2 OMC C 2422 -18.29 -32.06 -63.59
P OMG C 2424 -21.48 -33.01 -72.26
OP1 OMG C 2424 -22.34 -34.07 -72.94
OP2 OMG C 2424 -20.48 -33.42 -71.19
O5' OMG C 2424 -20.70 -32.20 -73.38
C5' OMG C 2424 -21.40 -31.39 -74.31
C4' OMG C 2424 -20.49 -30.33 -74.89
O4' OMG C 2424 -20.20 -29.34 -73.88
C3' OMG C 2424 -19.14 -30.81 -75.37
O3' OMG C 2424 -19.17 -31.29 -76.70
C2' OMG C 2424 -18.25 -29.59 -75.20
O2' OMG C 2424 -18.40 -28.71 -76.29
CM2 OMG C 2424 -17.59 -27.56 -76.18
C1' OMG C 2424 -18.85 -28.94 -73.96
N9 OMG C 2424 -18.16 -29.34 -72.72
C8 OMG C 2424 -18.35 -30.49 -71.98
N7 OMG C 2424 -17.59 -30.53 -70.94
C5 OMG C 2424 -16.88 -29.36 -70.99
C6 OMG C 2424 -15.89 -28.85 -70.10
O6 OMG C 2424 -15.45 -29.36 -69.09
N1 OMG C 2424 -15.42 -27.61 -70.54
C2 OMG C 2424 -15.82 -26.96 -71.66
N2 OMG C 2424 -15.25 -25.77 -71.92
N3 OMG C 2424 -16.74 -27.43 -72.47
C4 OMG C 2424 -17.22 -28.61 -72.09
N1 PSU C 2632 -10.28 17.92 -90.84
C2 PSU C 2632 -10.77 16.66 -91.14
N3 PSU C 2632 -11.76 16.09 -90.37
C4 PSU C 2632 -12.28 16.79 -89.30
C5 PSU C 2632 -11.78 18.05 -89.00
C6 PSU C 2632 -10.78 18.61 -89.79
O2 PSU C 2632 -10.31 16.05 -92.10
O4 PSU C 2632 -13.17 16.28 -88.61
C1' PSU C 2632 -12.31 18.86 -87.86
C2' PSU C 2632 -11.89 18.30 -86.49
O2' PSU C 2632 -12.95 18.53 -85.58
C3' PSU C 2632 -10.70 19.19 -86.15
C4' PSU C 2632 -11.10 20.52 -86.74
O3' PSU C 2632 -10.44 19.27 -84.76
O4' PSU C 2632 -11.81 20.17 -87.95
C5' PSU C 2632 -9.97 21.46 -87.05
O5' PSU C 2632 -8.76 20.76 -87.33
P PSU C 2632 -7.84 21.18 -88.55
OP1 PSU C 2632 -7.37 22.56 -88.34
OP2 PSU C 2632 -6.86 20.08 -88.73
P A2M C 2787 3.98 -13.96 -64.48
OP1 A2M C 2787 3.86 -13.96 -65.98
O5' A2M C 2787 2.28 -14.50 -64.25
C5' A2M C 2787 1.94 -14.86 -63.02
C4' A2M C 2787 0.87 -15.94 -63.08
O4' A2M C 2787 1.48 -17.17 -63.35
C3' A2M C 2787 0.11 -16.02 -61.78
O3' A2M C 2787 -0.93 -15.12 -61.85
C2' A2M C 2787 -0.18 -17.52 -61.61
O2' A2M C 2787 -1.44 -17.99 -62.11
C1' A2M C 2787 1.01 -18.10 -62.40
CM' A2M C 2787 -1.48 -18.22 -63.50
N9 A2M C 2787 2.10 -18.46 -61.57
C8 A2M C 2787 2.45 -18.10 -60.28
N7 A2M C 2787 3.58 -18.67 -59.86
C5 A2M C 2787 3.97 -19.42 -60.95
C6 A2M C 2787 5.03 -20.25 -61.20
N6 A2M C 2787 6.00 -20.47 -60.24
N1 A2M C 2787 5.20 -20.91 -62.37
C2 A2M C 2787 4.23 -20.69 -63.29
N3 A2M C 2787 3.15 -19.93 -63.23
C4 A2M C 2787 3.06 -19.31 -62.03
OP2 A2M C 2787 4.34 -12.69 -63.78
N1 OMC C 2804 11.18 -6.51 -65.62
C2 OMC C 2804 10.42 -7.26 -66.53
N3 OMC C 2804 9.23 -7.75 -66.11
C4 OMC C 2804 8.80 -7.56 -64.89
C5 OMC C 2804 9.55 -6.81 -63.94
C6 OMC C 2804 10.72 -6.33 -64.36
O2 OMC C 2804 10.84 -7.43 -67.67
N4 OMC C 2804 7.62 -8.07 -64.55
C1' OMC C 2804 12.50 -5.96 -66.01
C2' OMC C 2804 12.38 -4.59 -66.67
O2' OMC C 2804 13.37 -4.49 -67.68
CM2 OMC C 2804 12.85 -4.71 -68.97
C3' OMC C 2804 12.73 -3.66 -65.52
C4' OMC C 2804 13.75 -4.45 -64.73
O4' OMC C 2804 13.27 -5.82 -64.85
O3' OMC C 2804 13.24 -2.40 -65.94
C5' OMC C 2804 13.86 -4.09 -63.28
O5' OMC C 2804 12.60 -4.15 -62.64
P OMC C 2804 12.49 -4.17 -61.06
OP1 OMC C 2804 13.18 -2.93 -60.53
OP2 OMC C 2804 11.04 -4.46 -60.70
P A2M C 2815 -0.74 6.16 -59.52
OP1 A2M C 2815 -1.67 5.00 -59.34
O5' A2M C 2815 -0.97 6.71 -57.80
C5' A2M C 2815 -0.78 5.78 -56.85
C4' A2M C 2815 -1.60 6.10 -55.62
O4' A2M C 2815 -1.46 7.46 -55.33
C3' A2M C 2815 -3.08 5.80 -55.85
O3' A2M C 2815 -3.25 4.46 -55.54
C2' A2M C 2815 -3.78 6.84 -54.99
O2' A2M C 2815 -3.90 6.46 -53.65
C1' A2M C 2815 -2.75 7.97 -55.09
CM' A2M C 2815 -5.02 7.06 -53.06
N9 A2M C 2815 -2.97 9.02 -56.04
C8 A2M C 2815 -2.17 9.58 -57.03
N7 A2M C 2815 -2.76 10.58 -57.70
C5 A2M C 2815 -4.00 10.67 -57.10
C6 A2M C 2815 -5.09 11.47 -57.30
N6 A2M C 2815 -5.11 12.45 -58.28
N1 A2M C 2815 -6.23 11.36 -56.57
C2 A2M C 2815 -6.21 10.40 -55.61
N3 A2M C 2815 -5.25 9.54 -55.28
C4 A2M C 2815 -4.16 9.71 -56.06
OP2 A2M C 2815 -1.04 7.18 -60.57
N1 OMC C 2824 -10.84 -10.26 -71.69
C2 OMC C 2824 -11.77 -9.28 -71.28
N3 OMC C 2824 -12.15 -8.34 -72.16
C4 OMC C 2824 -11.66 -8.31 -73.39
C5 OMC C 2824 -10.71 -9.27 -73.84
C6 OMC C 2824 -10.34 -10.21 -72.96
O2 OMC C 2824 -12.21 -9.31 -70.15
N4 OMC C 2824 -12.08 -7.35 -74.20
C1' OMC C 2824 -10.33 -11.31 -70.80
C2' OMC C 2824 -11.23 -12.54 -70.72
O2' OMC C 2824 -11.29 -12.97 -69.36
CM2 OMC C 2824 -11.73 -12.00 -68.46
C3' OMC C 2824 -10.47 -13.55 -71.56
C4' OMC C 2824 -9.02 -13.15 -71.33
O4' OMC C 2824 -9.08 -11.71 -71.27
O3' OMC C 2824 -10.70 -14.90 -71.20
C5' OMC C 2824 -8.06 -13.58 -72.40
O5' OMC C 2824 -8.39 -13.01 -73.66
P OMC C 2824 -7.34 -13.00 -74.85
OP1 OMC C 2824 -6.93 -14.43 -75.14
OP2 OMC C 2824 -7.90 -12.12 -75.95
N1 OMU C 2837 -32.82 -14.93 -42.14
C2 OMU C 2837 -31.68 -15.49 -42.96
N3 OMU C 2837 -31.55 -15.15 -44.41
C4 OMU C 2837 -32.53 -14.27 -45.02
C5 OMU C 2837 -33.64 -13.70 -44.20
C6 OMU C 2837 -33.76 -14.05 -42.76
O2 OMU C 2837 -30.87 -16.24 -42.44
O4 OMU C 2837 -32.45 -14.00 -46.11
C1' OMU C 2837 -32.91 -15.28 -40.71
C2' OMU C 2837 -31.87 -14.52 -39.89
O2' OMU C 2837 -31.56 -15.30 -38.75
CM2 OMU C 2837 -30.66 -16.33 -39.01
C3' OMU C 2837 -32.65 -13.29 -39.50
C4' OMU C 2837 -34.02 -13.87 -39.21
O3' OMU C 2837 -32.09 -12.56 -38.43
O4' OMU C 2837 -34.19 -14.87 -40.23
C5' OMU C 2837 -35.15 -12.89 -39.24
O5' OMU C 2837 -35.04 -11.99 -40.33
P OMU C 2837 -36.28 -11.13 -40.81
OP1 OMU C 2837 -36.70 -10.26 -39.67
OP2 OMU C 2837 -35.95 -10.52 -42.14
N1 PSU C 2839 -26.43 -10.15 -44.26
C2 PSU C 2839 -26.74 -9.63 -45.50
N3 PSU C 2839 -25.88 -9.82 -46.55
C4 PSU C 2839 -24.71 -10.53 -46.39
C5 PSU C 2839 -24.41 -11.04 -45.14
C6 PSU C 2839 -25.29 -10.84 -44.09
O2 PSU C 2839 -27.78 -9.01 -45.67
O4 PSU C 2839 -23.95 -10.69 -47.34
C1' PSU C 2839 -23.14 -11.81 -44.94
C2' PSU C 2839 -21.97 -10.84 -44.84
O2' PSU C 2839 -20.81 -11.51 -45.31
C3' PSU C 2839 -21.89 -10.62 -43.34
C4' PSU C 2839 -22.24 -11.99 -42.79
O3' PSU C 2839 -20.65 -10.14 -42.89
O4' PSU C 2839 -23.23 -12.50 -43.71
C5' PSU C 2839 -22.79 -12.02 -41.38
O5' PSU C 2839 -23.62 -10.91 -41.14
P PSU C 2839 -24.84 -11.03 -40.11
OP1 PSU C 2839 -24.28 -11.07 -38.75
OP2 PSU C 2839 -25.92 -10.07 -40.42
N1 OMC C 2861 -13.32 14.79 -39.48
C2 OMC C 2861 -12.11 14.08 -39.59
N3 OMC C 2861 -12.16 12.80 -40.02
C4 OMC C 2861 -13.29 12.22 -40.31
C5 OMC C 2861 -14.54 12.88 -40.19
C6 OMC C 2861 -14.49 14.16 -39.77
O2 OMC C 2861 -11.05 14.61 -39.33
N4 OMC C 2861 -13.25 10.96 -40.72
C1' OMC C 2861 -13.40 16.17 -38.98
C2' OMC C 2861 -12.75 17.20 -39.92
O2' OMC C 2861 -12.05 18.14 -39.11
CM2 OMC C 2861 -11.17 17.60 -38.16
C3' OMC C 2861 -13.97 17.87 -40.56
C4' OMC C 2861 -15.01 17.79 -39.46
O4' OMC C 2861 -14.76 16.52 -38.83
O3' OMC C 2861 -13.71 19.20 -40.96
C5' OMC C 2861 -16.44 17.84 -39.92
O5' OMC C 2861 -16.75 16.69 -40.70
P OMC C 2861 -18.25 16.39 -41.15
OP1 OMC C 2861 -18.83 17.71 -41.64
OP2 OMC C 2861 -18.24 15.17 -42.06
P OMG C 2876 16.04 26.08 -29.52
OP1 OMG C 2876 17.49 26.04 -29.04
OP2 OMG C 2876 15.41 27.37 -29.98
O5' OMG C 2876 15.90 25.01 -30.69
C5' OMG C 2876 14.61 24.61 -31.16
C4' OMG C 2876 14.58 23.13 -31.45
O4' OMG C 2876 14.90 22.41 -30.25
C3' OMG C 2876 13.24 22.55 -31.87
O3' OMG C 2876 12.97 22.74 -33.24
C2' OMG C 2876 13.34 21.08 -31.45
O2' OMG C 2876 13.84 20.30 -32.52
CM2 OMG C 2876 12.86 19.49 -33.13
C1' OMG C 2876 14.40 21.11 -30.34
N9 OMG C 2876 13.85 20.72 -29.03
C8 OMG C 2876 14.13 19.60 -28.30
N7 OMG C 2876 13.48 19.57 -27.18
C5 OMG C 2876 12.74 20.72 -27.18
C6 OMG C 2876 11.83 21.22 -26.21
O6 OMG C 2876 11.50 20.74 -25.14
N1 OMG C 2876 11.30 22.44 -26.62
C2 OMG C 2876 11.59 23.08 -27.78
N2 OMG C 2876 10.98 24.25 -28.00
N3 OMG C 2876 12.42 22.62 -28.66
C4 OMG C 2876 12.95 21.45 -28.32
P OMG C 3627 -7.90 13.78 -33.80
OP1 OMG C 3627 -6.50 14.07 -34.30
OP2 OMG C 3627 -8.17 12.51 -33.01
O5' OMG C 3627 -8.38 15.02 -32.90
C5' OMG C 3627 -8.16 16.35 -33.33
C4' OMG C 3627 -8.87 17.34 -32.43
O4' OMG C 3627 -10.24 16.91 -32.22
C3' OMG C 3627 -8.32 17.51 -31.03
O3' OMG C 3627 -7.16 18.30 -30.96
C2' OMG C 3627 -9.51 18.09 -30.29
O2' OMG C 3627 -9.67 19.46 -30.61
CM2 OMG C 3627 -10.77 20.05 -29.96
C1' OMG C 3627 -10.67 17.32 -30.93
N9 OMG C 3627 -10.99 16.12 -30.15
C8 OMG C 3627 -10.74 14.81 -30.45
N7 OMG C 3627 -11.16 14.00 -29.52
C5 OMG C 3627 -11.70 14.81 -28.57
C6 OMG C 3627 -12.31 14.51 -27.33
O6 OMG C 3627 -12.51 13.42 -26.81
N1 OMG C 3627 -12.73 15.67 -26.68
C2 OMG C 3627 -12.58 16.95 -27.15
N2 OMG C 3627 -13.04 17.94 -26.38
N3 OMG C 3627 -12.01 17.21 -28.29
C4 OMG C 3627 -11.60 16.13 -28.95
N1 PSU C 3637 13.49 2.94 -30.00
C2 PSU C 3637 14.58 2.17 -30.34
N3 PSU C 3637 15.12 2.24 -31.59
C4 PSU C 3637 14.58 3.09 -32.51
C5 PSU C 3637 13.49 3.87 -32.17
C6 PSU C 3637 12.95 3.78 -30.90
O2 PSU C 3637 15.07 1.41 -29.52
O4 PSU C 3637 15.09 3.14 -33.63
C1' PSU C 3637 12.89 4.77 -33.21
C2' PSU C 3637 12.13 3.81 -34.12
O2' PSU C 3637 12.18 4.30 -35.45
C3' PSU C 3637 10.72 3.91 -33.56
C4' PSU C 3637 10.63 5.38 -33.21
O3' PSU C 3637 9.72 3.49 -34.48
O4' PSU C 3637 11.95 5.68 -32.68
C5' PSU C 3637 9.56 5.76 -32.22
O5' PSU C 3637 9.43 4.82 -31.17
P PSU C 3637 8.46 5.12 -29.95
OP1 PSU C 3637 7.11 5.35 -30.50
OP2 PSU C 3637 8.64 4.09 -28.91
N1 PSU C 3639 9.42 -3.44 -31.47
C2 PSU C 3639 8.83 -3.64 -30.25
N3 PSU C 3639 9.25 -4.67 -29.44
C4 PSU C 3639 10.24 -5.51 -29.86
C5 PSU C 3639 10.83 -5.31 -31.09
C6 PSU C 3639 10.41 -4.26 -31.88
O2 PSU C 3639 7.93 -2.90 -29.86
O4 PSU C 3639 10.62 -6.43 -29.14
C1' PSU C 3639 11.95 -6.20 -31.57
C2' PSU C 3639 11.47 -7.56 -32.05
O2' PSU C 3639 12.50 -8.50 -31.77
C3' PSU C 3639 11.36 -7.32 -33.54
C4' PSU C 3639 12.50 -6.38 -33.83
O3' PSU C 3639 11.41 -8.51 -34.31
O4' PSU C 3639 12.59 -5.56 -32.65
C5' PSU C 3639 12.31 -5.50 -35.04
O5' PSU C 3639 11.19 -4.66 -34.84
P PSU C 3639 10.70 -3.67 -35.99
OP1 PSU C 3639 10.90 -4.40 -37.26
OP2 PSU C 3639 9.37 -3.15 -35.63
N1 PSU C 3695 19.09 12.70 -12.34
C2 PSU C 3695 18.54 11.51 -11.96
N3 PSU C 3695 17.81 11.42 -10.79
C4 PSU C 3695 17.66 12.54 -10.00
C5 PSU C 3695 18.23 13.74 -10.39
C6 PSU C 3695 18.95 13.80 -11.58
O2 PSU C 3695 18.67 10.51 -12.66
O4 PSU C 3695 17.02 12.46 -8.96
C1' PSU C 3695 18.04 14.96 -9.55
C2' PSU C 3695 18.99 15.08 -8.35
O2' PSU C 3695 18.27 15.64 -7.27
C3' PSU C 3695 20.01 16.07 -8.88
C4' PSU C 3695 19.19 16.99 -9.75
O3' PSU C 3695 20.70 16.77 -7.87
O4' PSU C 3695 18.19 16.11 -10.34
C5' PSU C 3695 19.96 17.68 -10.83
O5' PSU C 3695 20.77 16.75 -11.52
P PSU C 3695 21.60 17.19 -12.81
OP1 PSU C 3695 22.30 18.43 -12.42
OP2 PSU C 3695 22.35 16.02 -13.31
N1 OMC C 3701 29.93 -7.12 4.77
C2 OMC C 3701 29.55 -8.00 3.74
N3 OMC C 3701 29.48 -7.49 2.49
C4 OMC C 3701 29.75 -6.23 2.24
C5 OMC C 3701 30.15 -5.32 3.27
C6 OMC C 3701 30.22 -5.83 4.51
O2 OMC C 3701 29.29 -9.17 3.99
N4 OMC C 3701 29.66 -5.80 0.99
C1' OMC C 3701 30.03 -7.60 6.15
C2' OMC C 3701 31.06 -6.85 6.98
O2' OMC C 3701 32.36 -7.37 6.78
CM2 OMC C 3701 33.38 -6.52 7.24
C3' OMC C 3701 30.52 -7.04 8.38
C4' OMC C 3701 29.01 -7.04 8.18
O4' OMC C 3701 28.79 -7.35 6.78
O3' OMC C 3701 30.92 -8.32 8.88
C5' OMC C 3701 28.33 -5.74 8.50
O5' OMC C 3701 29.23 -4.80 9.06
P OMC C 3701 28.92 -3.24 8.98
OP1 OMC C 3701 29.72 -2.54 10.07
OP2 OMC C 3701 29.07 -2.80 7.54
P A2M C 3718 46.66 -41.95 2.85
OP1 A2M C 3718 46.49 -43.44 2.88
O5' A2M C 3718 47.49 -42.00 1.25
C5' A2M C 3718 46.88 -42.71 0.29
C4' A2M C 3718 47.49 -42.34 -1.04
O4' A2M C 3718 47.29 -40.96 -1.27
C3' A2M C 3718 48.97 -42.58 -1.04
O3' A2M C 3718 49.15 -43.96 -1.17
C2' A2M C 3718 49.42 -41.64 -2.14
O2' A2M C 3718 49.07 -42.12 -3.42
C1' A2M C 3718 48.50 -40.47 -1.77
CM' A2M C 3718 49.04 -41.08 -4.35
N9 A2M C 3718 49.03 -39.49 -0.83
C8 A2M C 3718 48.74 -39.21 0.50
N7 A2M C 3718 49.48 -38.22 1.01
C5 A2M C 3718 50.30 -37.86 -0.04
C6 A2M C 3718 51.28 -36.92 -0.20
N6 A2M C 3718 51.64 -36.09 0.84
N1 A2M C 3718 51.96 -36.75 -1.36
C2 A2M C 3718 51.59 -37.58 -2.36
N3 A2M C 3718 50.66 -38.54 -2.39
C4 A2M C 3718 50.04 -38.64 -1.20
OP2 A2M C 3718 47.42 -41.27 3.93
P OMG C 3744 37.92 -5.32 7.60
OP1 OMG C 3744 37.81 -3.95 8.25
OP2 OMG C 3744 36.98 -6.45 7.97
O5' OMG C 3744 37.83 -5.11 6.02
C5' OMG C 3744 38.82 -4.35 5.34
C4' OMG C 3744 38.72 -4.57 3.86
O4' OMG C 3744 39.07 -5.93 3.54
C3' OMG C 3744 37.32 -4.42 3.27
O3' OMG C 3744 36.97 -3.07 3.04
C2' OMG C 3744 37.40 -5.26 2.01
O2' OMG C 3744 38.09 -4.55 0.99
CM2 OMG C 3744 38.32 -5.28 -0.18
C1' OMG C 3744 38.29 -6.40 2.47
N9 OMG C 3744 37.52 -7.56 2.94
C8 OMG C 3744 37.34 -7.99 4.23
N7 OMG C 3744 36.61 -9.06 4.30
C5 OMG C 3744 36.30 -9.36 3.01
C6 OMG C 3744 35.53 -10.42 2.45
O6 OMG C 3744 34.96 -11.33 3.03
N1 OMG C 3744 35.49 -10.33 1.06
C2 OMG C 3744 36.08 -9.37 0.31
N2 OMG C 3744 35.92 -9.45 -1.01
N3 OMG C 3744 36.78 -8.39 0.81
C4 OMG C 3744 36.86 -8.44 2.14
P 5MC C 3782 2.53 10.96 -3.95
OP1 5MC C 3782 1.75 11.57 -5.10
OP2 5MC C 3782 2.82 11.77 -2.70
O5' 5MC C 3782 1.80 9.63 -3.51
C5' 5MC C 3782 1.37 8.68 -4.47
C4' 5MC C 3782 0.97 7.38 -3.82
O4' 5MC C 3782 1.94 7.03 -2.81
C3' 5MC C 3782 -0.34 7.39 -3.09
O3' 5MC C 3782 -1.46 7.24 -3.96
C2' 5MC C 3782 -0.19 6.22 -2.12
O2' 5MC C 3782 -0.55 4.99 -2.76
C1' 5MC C 3782 1.32 6.20 -1.85
N1 5MC C 3782 1.67 6.69 -0.50
C2 5MC C 3782 1.34 5.97 0.66
O2 5MC C 3782 0.75 4.90 0.58
N3 5MC C 3782 1.69 6.49 1.84
C4 5MC C 3782 2.33 7.62 1.94
N4 5MC C 3782 2.65 8.08 3.14
C5 5MC C 3782 2.69 8.40 0.79
C6 5MC C 3782 2.32 7.86 -0.40
CM5 5MC C 3782 3.42 9.69 0.91
P A2M C 3785 -3.70 2.14 -9.49
OP1 A2M C 3785 -4.49 3.19 -10.22
O5' A2M C 3785 -3.51 1.11 -10.99
C5' A2M C 3785 -2.25 0.92 -11.42
C4' A2M C 3785 -1.88 -0.56 -11.29
O4' A2M C 3785 -1.16 -0.93 -12.45
C3' A2M C 3785 -1.01 -0.79 -10.05
O3' A2M C 3785 -1.61 -1.78 -9.26
C2' A2M C 3785 0.38 -1.03 -10.63
O2' A2M C 3785 1.13 -1.96 -9.91
C1' A2M C 3785 -0.06 -1.64 -11.95
CM' A2M C 3785 2.47 -1.52 -9.82
N9 A2M C 3785 0.98 -1.76 -12.94
C8 A2M C 3785 2.12 -1.00 -13.21
N7 A2M C 3785 2.85 -1.48 -14.22
C5 A2M C 3785 2.14 -2.61 -14.60
C6 A2M C 3785 2.33 -3.57 -15.58
N6 A2M C 3785 3.42 -3.53 -16.42
N1 A2M C 3785 1.48 -4.59 -15.77
C2 A2M C 3785 0.42 -4.63 -14.94
N3 A2M C 3785 0.08 -3.80 -13.94
C4 A2M C 3785 0.98 -2.80 -13.82
OP2 A2M C 3785 -4.30 1.44 -8.31
P OMG C 3792 -13.05 2.91 -0.16
OP1 OMG C 3792 -13.26 4.43 -0.12
OP2 OMG C 3792 -12.08 2.34 -1.17
O5' OMG C 3792 -12.56 2.47 1.28
C5' OMG C 3792 -13.37 2.72 2.43
C4' OMG C 3792 -12.53 3.15 3.60
O4' OMG C 3792 -11.14 2.91 3.31
C3' OMG C 3792 -12.60 4.63 3.92
O3' OMG C 3792 -13.71 4.94 4.74
C2' OMG C 3792 -11.26 4.89 4.62
O2' OMG C 3792 -11.34 4.53 5.99
CM2 OMG C 3792 -10.18 4.86 6.71
C1' OMG C 3792 -10.34 3.90 3.91
N9 OMG C 3792 -9.50 4.51 2.86
C8 OMG C 3792 -9.38 4.01 1.59
N7 OMG C 3792 -8.57 4.70 0.85
C5 OMG C 3792 -8.15 5.71 1.66
C6 OMG C 3792 -7.27 6.77 1.38
O6 OMG C 3792 -6.68 7.02 0.34
N1 OMG C 3792 -7.11 7.60 2.50
C2 OMG C 3792 -7.71 7.42 3.70
N2 OMG C 3792 -7.43 8.31 4.66
N3 OMG C 3792 -8.53 6.43 3.96
C4 OMG C 3792 -8.71 5.61 2.92
N1 OMC C 3808 -4.00 11.51 3.46
C2 OMC C 3808 -4.64 10.27 3.65
N3 OMC C 3808 -4.86 9.50 2.57
C4 OMC C 3808 -4.53 9.91 1.37
C5 OMC C 3808 -3.90 11.15 1.14
C6 OMC C 3808 -3.67 11.91 2.22
O2 OMC C 3808 -4.95 9.91 4.76
N4 OMC C 3808 -4.77 9.11 0.34
C1' OMC C 3808 -3.73 12.47 4.55
C2' OMC C 3808 -2.49 12.14 5.38
O2' OMC C 3808 -2.84 12.28 6.76
CM2 OMC C 3808 -3.65 11.25 7.26
C3' OMC C 3808 -1.52 13.24 4.98
C4' OMC C 3808 -2.41 14.39 4.57
O4' OMC C 3808 -3.56 13.73 3.96
O3' OMC C 3808 -0.64 13.64 6.02
C5' OMC C 3808 -1.81 15.35 3.57
O5' OMC C 3808 -1.25 14.66 2.47
P OMC C 3808 -0.44 15.43 1.35
OP1 OMC C 3808 0.54 16.35 2.03
OP2 OMC C 3808 0.06 14.41 0.33
C1' UY1 C 3818 16.68 -5.97 -6.13
C2 UY1 C 3818 14.93 -4.68 -2.17
C2' UY1 C 3818 15.67 -5.76 -7.28
C3' UY1 C 3818 16.34 -4.71 -8.18
C4 UY1 C 3818 15.85 -6.54 -3.68
C4' UY1 C 3818 17.79 -4.74 -7.75
C5 UY1 C 3818 16.07 -5.53 -4.76
C5' UY1 C 3818 18.51 -3.43 -7.87
C6 UY1 C 3818 15.72 -4.10 -4.53
CM2 UY1 C 3818 14.01 -7.31 -7.82
N1 UY1 C 3818 15.16 -3.68 -3.27
N3 UY1 C 3818 15.28 -6.12 -2.39
O2 UY1 C 3818 14.48 -4.34 -1.16
O2' UY1 C 3818 15.35 -6.96 -7.91
O3' UY1 C 3818 16.24 -5.15 -9.53
O4 UY1 C 3818 16.12 -7.66 -3.86
O4' UY1 C 3818 17.78 -5.13 -6.37
O5' UY1 C 3818 19.91 -3.59 -7.74
OP1 UY1 C 3818 22.17 -4.24 -8.62
OP2 UY1 C 3818 19.99 -4.64 -9.94
P UY1 C 3818 20.81 -3.80 -9.04
N1 PSU C 3822 10.75 10.07 -12.88
C2 PSU C 3822 11.70 10.24 -13.86
N3 PSU C 3822 12.21 11.48 -14.12
C4 PSU C 3822 11.79 12.57 -13.39
C5 PSU C 3822 10.82 12.40 -12.42
C6 PSU C 3822 10.32 11.13 -12.16
O2 PSU C 3822 12.07 9.27 -14.51
O4 PSU C 3822 12.27 13.67 -13.64
C1' PSU C 3822 10.33 13.52 -11.56
C2' PSU C 3822 9.68 14.71 -12.27
O2' PSU C 3822 10.22 15.91 -11.74
C3' PSU C 3822 8.21 14.57 -11.85
C4' PSU C 3822 8.30 13.92 -10.49
O3' PSU C 3822 7.53 15.80 -11.79
O4' PSU C 3822 9.45 13.04 -10.58
C5' PSU C 3822 7.10 13.12 -10.06
O5' PSU C 3822 7.31 12.54 -8.79
P PSU C 3822 6.77 11.09 -8.46
OP1 PSU C 3822 5.38 11.29 -8.01
OP2 PSU C 3822 7.07 10.19 -9.60
P A2M C 3825 4.65 17.15 -24.82
OP1 A2M C 3825 3.52 18.03 -25.23
O5' A2M C 3825 5.47 16.27 -26.17
C5' A2M C 3825 6.28 17.00 -26.95
C4' A2M C 3825 7.13 16.07 -27.75
O4' A2M C 3825 8.23 15.67 -26.98
C3' A2M C 3825 6.35 14.81 -28.08
O3' A2M C 3825 5.48 15.14 -29.11
C2' A2M C 3825 7.47 13.82 -28.30
O2' A2M C 3825 8.15 14.00 -29.49
C1' A2M C 3825 8.34 14.29 -27.14
CM' A2M C 3825 9.06 12.96 -29.69
N9 A2M C 3825 8.11 13.64 -25.87
C8 A2M C 3825 7.45 14.05 -24.71
N7 A2M C 3825 7.47 13.10 -23.75
C5 A2M C 3825 8.17 12.06 -24.33
C6 A2M C 3825 8.56 10.80 -23.91
N6 A2M C 3825 8.25 10.33 -22.65
N1 A2M C 3825 9.26 9.95 -24.69
C2 A2M C 3825 9.56 10.42 -25.93
N3 A2M C 3825 9.27 11.58 -26.50
C4 A2M C 3825 8.58 12.37 -25.65
OP2 A2M C 3825 4.36 15.88 -24.08
P A2M C 3830 -5.06 -0.62 -24.44
OP1 A2M C 3830 -6.08 -1.54 -25.02
O5' A2M C 3830 -5.22 -0.31 -22.67
C5' A2M C 3830 -5.38 -1.39 -21.90
C4' A2M C 3830 -5.34 -1.00 -20.43
O4' A2M C 3830 -4.06 -0.51 -20.12
C3' A2M C 3830 -6.33 0.10 -20.13
O3' A2M C 3830 -7.58 -0.49 -20.10
C2' A2M C 3830 -5.74 0.67 -18.87
O2' A2M C 3830 -5.86 -0.19 -17.77
C1' A2M C 3830 -4.28 0.65 -19.36
CM' A2M C 3830 -5.02 0.23 -16.73
N9 A2M C 3830 -3.86 1.78 -20.13
C8 A2M C 3830 -3.46 1.91 -21.47
N7 A2M C 3830 -3.15 3.17 -21.80
C5 A2M C 3830 -3.36 3.87 -20.63
C6 A2M C 3830 -3.23 5.19 -20.27
N6 A2M C 3830 -2.80 6.14 -21.17
N1 A2M C 3830 -3.50 5.64 -19.03
C2 A2M C 3830 -3.92 4.70 -18.14
N3 A2M C 3830 -4.10 3.39 -18.31
C4 A2M C 3830 -3.80 3.02 -19.58
OP2 A2M C 3830 -5.12 0.83 -24.78
N1 OMC C 3841 -30.08 3.87 -28.64
C2 OMC C 3841 -30.41 5.22 -28.59
N3 OMC C 3841 -30.26 5.96 -29.70
C4 OMC C 3841 -29.79 5.43 -30.82
C5 OMC C 3841 -29.44 4.06 -30.91
C6 OMC C 3841 -29.59 3.33 -29.78
O2 OMC C 3841 -30.83 5.69 -27.55
N4 OMC C 3841 -29.67 6.21 -31.88
C1' OMC C 3841 -30.17 3.00 -27.45
C2' OMC C 3841 -31.60 2.50 -27.17
O2' OMC C 3841 -31.79 2.48 -25.77
CM2 OMC C 3841 -31.67 3.73 -25.13
C3' OMC C 3841 -31.55 1.08 -27.72
C4' OMC C 3841 -30.11 0.67 -27.47
O4' OMC C 3841 -29.35 1.88 -27.65
O3' OMC C 3841 -32.47 0.22 -27.07
C5' OMC C 3841 -29.58 -0.38 -28.42
O5' OMC C 3841 -29.42 0.13 -29.72
P OMC C 3841 -28.74 -0.74 -30.87
OP1 OMC C 3841 -29.18 -2.18 -30.66
OP2 OMC C 3841 -28.99 -0.06 -32.21
N1 PSU C 3844 -33.97 -0.40 -34.73
C2 PSU C 3844 -33.59 0.53 -35.65
N3 PSU C 3844 -34.54 1.29 -36.29
C4 PSU C 3844 -35.88 1.14 -35.98
C5 PSU C 3844 -36.25 0.19 -35.04
C6 PSU C 3844 -35.27 -0.57 -34.41
O2 PSU C 3844 -32.41 0.68 -35.93
O4 PSU C 3844 -36.71 1.83 -36.55
C1' PSU C 3844 -37.69 -0.01 -34.69
C2' PSU C 3844 -38.37 -0.72 -35.87
O2' PSU C 3844 -39.74 -0.36 -35.86
C3' PSU C 3844 -38.21 -2.17 -35.45
C4' PSU C 3844 -38.44 -2.11 -33.96
O3' PSU C 3844 -39.09 -3.04 -36.12
O4' PSU C 3844 -37.81 -0.86 -33.57
C5' PSU C 3844 -37.86 -3.24 -33.16
O5' PSU C 3844 -38.13 -3.08 -31.77
P PSU C 3844 -36.97 -2.72 -30.76
OP1 PSU C 3844 -37.47 -3.00 -29.40
OP2 PSU C 3844 -35.74 -3.38 -31.24
N1 PSU C 3851 -30.28 -13.90 -51.28
C2 PSU C 3851 -30.85 -13.79 -50.04
N3 PSU C 3851 -30.32 -14.46 -48.96
C4 PSU C 3851 -29.20 -15.24 -49.12
C5 PSU C 3851 -28.62 -15.35 -50.38
C6 PSU C 3851 -29.18 -14.66 -51.45
O2 PSU C 3851 -31.85 -13.10 -49.89
O4 PSU C 3851 -28.73 -15.82 -48.15
C1' PSU C 3851 -27.39 -16.18 -50.59
C2' PSU C 3851 -27.59 -17.67 -50.42
O2' PSU C 3851 -26.45 -18.21 -49.77
C3' PSU C 3851 -27.64 -18.15 -51.87
C4' PSU C 3851 -26.65 -17.23 -52.55
O3' PSU C 3851 -27.29 -19.51 -52.02
O4' PSU C 3851 -26.86 -15.96 -51.89
C5' PSU C 3851 -26.82 -17.07 -54.03
O5' PSU C 3851 -25.75 -16.31 -54.57
P PSU C 3851 -25.94 -15.43 -55.88
OP1 PSU C 3851 -25.49 -16.15 -57.08
OP2 PSU C 3851 -27.29 -14.86 -55.83
N1 PSU C 3853 -32.78 -19.57 -52.98
C2 PSU C 3853 -33.17 -19.22 -54.24
N3 PSU C 3853 -34.49 -19.31 -54.61
C4 PSU C 3853 -35.42 -19.75 -53.70
C5 PSU C 3853 -35.01 -20.11 -52.42
C6 PSU C 3853 -33.68 -20.00 -52.08
O2 PSU C 3853 -32.34 -18.83 -55.05
O4 PSU C 3853 -36.60 -19.82 -54.05
C1' PSU C 3853 -35.98 -20.58 -51.37
C2' PSU C 3853 -36.74 -21.86 -51.72
O2' PSU C 3853 -38.04 -21.75 -51.19
C3' PSU C 3853 -35.94 -22.91 -50.97
C4' PSU C 3853 -35.49 -22.17 -49.73
O3' PSU C 3853 -36.69 -24.06 -50.66
O4' PSU C 3853 -35.24 -20.82 -50.20
C5' PSU C 3853 -34.26 -22.71 -49.06
O5' PSU C 3853 -33.29 -23.08 -50.03
P PSU C 3853 -31.81 -23.47 -49.58
OP1 PSU C 3853 -31.88 -24.75 -48.85
OP2 PSU C 3853 -30.94 -23.32 -50.76
P A2M C 3867 -33.96 -48.37 -35.73
OP1 A2M C 3867 -33.84 -48.66 -37.20
O5' A2M C 3867 -35.62 -48.03 -35.14
C5' A2M C 3867 -36.03 -46.76 -35.22
C4' A2M C 3867 -36.49 -46.29 -33.85
O4' A2M C 3867 -35.44 -46.45 -32.95
C3' A2M C 3867 -36.87 -44.83 -33.86
O3' A2M C 3867 -38.10 -44.74 -34.47
C2' A2M C 3867 -36.74 -44.50 -32.39
O2' A2M C 3867 -37.80 -45.01 -31.64
C1' A2M C 3867 -35.49 -45.33 -32.10
CM' A2M C 3867 -37.45 -45.10 -30.30
N9 A2M C 3867 -34.22 -44.65 -32.15
C8 A2M C 3867 -33.17 -44.68 -33.08
N7 A2M C 3867 -32.14 -43.90 -32.72
C5 A2M C 3867 -32.56 -43.35 -31.52
C6 A2M C 3867 -32.01 -42.46 -30.63
N6 A2M C 3867 -30.75 -41.92 -30.83
N1 A2M C 3867 -32.65 -42.07 -29.49
C2 A2M C 3867 -33.87 -42.61 -29.29
N3 A2M C 3867 -34.56 -43.47 -30.05
C4 A2M C 3867 -33.86 -43.80 -31.15
OP2 A2M C 3867 -33.43 -47.07 -35.21
N1 OMC C 3869 -45.69 -38.37 -27.24
C2 OMC C 3869 -46.75 -38.33 -26.33
N3 OMC C 3869 -47.14 -39.48 -25.74
C4 OMC C 3869 -46.54 -40.61 -26.00
C5 OMC C 3869 -45.45 -40.70 -26.91
C6 OMC C 3869 -45.07 -39.56 -27.50
O2 OMC C 3869 -47.30 -37.27 -26.10
N4 OMC C 3869 -46.97 -41.70 -25.38
C1' OMC C 3869 -45.22 -37.15 -27.92
C2' OMC C 3869 -44.40 -36.25 -27.01
O2' OMC C 3869 -44.62 -34.91 -27.40
CM2 OMC C 3869 -45.17 -34.14 -26.37
C3' OMC C 3869 -42.99 -36.69 -27.35
C4' OMC C 3869 -43.08 -36.96 -28.84
O4' OMC C 3869 -44.39 -37.52 -29.01
O3' OMC C 3869 -41.99 -35.74 -27.02
C5' OMC C 3869 -42.06 -37.92 -29.38
O5' OMC C 3869 -42.20 -39.20 -28.78
P OMC C 3869 -42.21 -40.52 -29.65
OP1 OMC C 3869 -42.63 -41.67 -28.76
OP2 OMC C 3869 -42.97 -40.22 -30.93
N1 PSU C 3884 -47.94 -46.07 -16.87
C2 PSU C 3884 -47.57 -44.80 -17.22
N3 PSU C 3884 -47.98 -43.73 -16.46
C4 PSU C 3884 -48.78 -43.95 -15.36
C5 PSU C 3884 -49.14 -45.23 -15.01
C6 PSU C 3884 -48.71 -46.29 -15.79
O2 PSU C 3884 -46.86 -44.60 -18.20
O4 PSU C 3884 -49.15 -43.00 -14.68
C1' PSU C 3884 -50.00 -45.47 -13.81
C2' PSU C 3884 -51.46 -45.27 -14.22
O2' PSU C 3884 -52.19 -44.73 -13.12
C3' PSU C 3884 -51.90 -46.70 -14.49
C4' PSU C 3884 -51.13 -47.49 -13.45
O3' PSU C 3884 -53.29 -46.90 -14.42
O4' PSU C 3884 -49.87 -46.79 -13.34
C5' PSU C 3884 -50.88 -48.94 -13.78
O5' PSU C 3884 -50.48 -49.08 -15.15
P PSU C 3884 -49.94 -50.47 -15.70
OP1 PSU C 3884 -50.96 -51.50 -15.51
OP2 PSU C 3884 -49.43 -50.14 -17.05
N1 OMC C 3887 -54.42 -41.31 -25.79
C2 OMC C 3887 -53.77 -42.49 -26.17
N3 OMC C 3887 -54.53 -43.57 -26.48
C4 OMC C 3887 -55.83 -43.53 -26.41
C5 OMC C 3887 -56.53 -42.35 -26.02
C6 OMC C 3887 -55.77 -41.29 -25.73
O2 OMC C 3887 -52.55 -42.51 -26.23
N4 OMC C 3887 -56.52 -44.62 -26.72
C1' OMC C 3887 -53.66 -40.10 -25.46
C2' OMC C 3887 -53.17 -39.38 -26.71
O2' OMC C 3887 -51.98 -38.67 -26.39
CM2 OMC C 3887 -50.81 -39.36 -26.76
C3' OMC C 3887 -54.31 -38.40 -26.95
C4' OMC C 3887 -54.65 -37.98 -25.53
O4' OMC C 3887 -54.50 -39.20 -24.76
O3' OMC C 3887 -53.98 -37.30 -27.79
C5' OMC C 3887 -56.03 -37.42 -25.32
O5' OMC C 3887 -56.18 -36.90 -24.02
P OMC C 3887 -57.11 -37.64 -22.97
OP1 OMC C 3887 -58.47 -36.97 -23.00
OP2 OMC C 3887 -56.98 -39.14 -23.21
P OMG C 3899 -32.20 -27.28 -23.59
OP1 OMG C 3899 -31.12 -26.86 -22.62
OP2 OMG C 3899 -31.81 -27.66 -25.02
O5' OMG C 3899 -32.99 -28.52 -22.97
C5' OMG C 3899 -32.44 -29.81 -23.00
C4' OMG C 3899 -33.44 -30.82 -23.50
O4' OMG C 3899 -34.29 -30.23 -24.52
C3' OMG C 3899 -32.85 -32.02 -24.18
O3' OMG C 3899 -32.35 -32.98 -23.26
C2' OMG C 3899 -34.01 -32.52 -25.01
O2' OMG C 3899 -34.97 -33.17 -24.20
CM2 OMG C 3899 -35.46 -34.36 -24.75
C1' OMG C 3899 -34.61 -31.20 -25.50
N9 OMG C 3899 -34.01 -30.78 -26.78
C8 OMG C 3899 -33.34 -29.61 -27.01
N7 OMG C 3899 -32.93 -29.51 -28.24
C5 OMG C 3899 -33.35 -30.66 -28.84
C6 OMG C 3899 -33.19 -31.11 -30.17
O6 OMG C 3899 -32.63 -30.55 -31.10
N1 OMG C 3899 -33.79 -32.36 -30.35
C2 OMG C 3899 -34.43 -33.07 -29.40
N2 OMG C 3899 -34.93 -34.26 -29.77
N3 OMG C 3899 -34.58 -32.66 -28.17
C4 OMG C 3899 -34.02 -31.47 -27.95
N1 PSU C 3920 16.19 -29.25 -10.83
C2 PSU C 3920 16.01 -30.03 -9.72
N3 PSU C 3920 15.72 -29.45 -8.50
C4 PSU C 3920 15.61 -28.09 -8.42
C5 PSU C 3920 15.79 -27.30 -9.54
C6 PSU C 3920 16.08 -27.91 -10.75
O2 PSU C 3920 16.11 -31.24 -9.80
O4 PSU C 3920 15.35 -27.58 -7.34
C1' PSU C 3920 15.66 -25.82 -9.47
C2' PSU C 3920 16.80 -25.13 -8.71
O2' PSU C 3920 16.25 -24.09 -7.93
C3' PSU C 3920 17.64 -24.58 -9.85
C4' PSU C 3920 16.61 -24.24 -10.91
O3' PSU C 3920 18.42 -23.46 -9.48
O4' PSU C 3920 15.60 -25.26 -10.76
C5' PSU C 3920 17.13 -24.25 -12.32
O5' PSU C 3920 17.71 -25.49 -12.65
P PSU C 3920 17.98 -25.91 -14.16
OP1 PSU C 3920 19.13 -25.13 -14.66
OP2 PSU C 3920 18.01 -27.39 -14.09
N1 OMU C 3925 24.70 -39.69 -5.84
C2 OMU C 3925 24.53 -39.29 -7.29
N3 OMU C 3925 24.25 -37.87 -7.63
C4 OMU C 3925 24.14 -36.88 -6.58
C5 OMU C 3925 24.32 -37.29 -5.15
C6 OMU C 3925 24.59 -38.70 -4.81
O2 OMU C 3925 24.62 -40.12 -8.16
O4 OMU C 3925 23.93 -35.80 -6.83
C1' OMU C 3925 24.97 -41.11 -5.52
C2' OMU C 3925 26.45 -41.46 -5.65
O2' OMU C 3925 26.55 -42.79 -6.11
CM2 OMU C 3925 26.10 -42.98 -7.41
C3' OMU C 3925 26.92 -41.35 -4.21
C4' OMU C 3925 25.72 -41.87 -3.44
O3' OMU C 3925 28.11 -42.07 -3.94
O4' OMU C 3925 24.61 -41.33 -4.17
C5' OMU C 3925 25.65 -41.46 -2.00
O5' OMU C 3925 25.80 -40.06 -1.85
P OMU C 3925 25.56 -39.36 -0.44
OP1 OMU C 3925 26.37 -40.11 0.57
OP2 OMU C 3925 25.79 -37.88 -0.61
P OMG C 4196 -13.21 -35.88 2.60
OP1 OMG C 4196 -12.73 -34.73 3.46
OP2 OMG C 4196 -14.23 -35.63 1.49
O5' OMG C 4196 -11.93 -36.54 1.92
C5' OMG C 4196 -12.06 -37.65 1.04
C4' OMG C 4196 -11.49 -37.32 -0.32
O4' OMG C 4196 -12.20 -36.21 -0.90
C3' OMG C 4196 -10.04 -36.87 -0.33
O3' OMG C 4196 -9.13 -37.94 -0.23
C2' OMG C 4196 -9.95 -36.12 -1.66
O2' OMG C 4196 -9.78 -37.04 -2.72
CM2 OMG C 4196 -9.66 -36.43 -3.99
C1' OMG C 4196 -11.35 -35.50 -1.77
N9 OMG C 4196 -11.37 -34.08 -1.38
C8 OMG C 4196 -12.23 -33.53 -0.45
N7 OMG C 4196 -12.05 -32.25 -0.31
C5 OMG C 4196 -11.05 -31.94 -1.19
C6 OMG C 4196 -10.44 -30.70 -1.46
O6 OMG C 4196 -10.69 -29.60 -0.97
N1 OMG C 4196 -9.45 -30.82 -2.42
C2 OMG C 4196 -9.09 -31.98 -3.04
N2 OMG C 4196 -8.11 -31.89 -3.94
N3 OMG C 4196 -9.65 -33.12 -2.80
C4 OMG C 4196 -10.62 -33.06 -1.87
C2 6MZ C 4220 -17.54 -44.50 16.51
C4 6MZ C 4220 -15.54 -45.22 15.59
C5 6MZ C 4220 -15.25 -45.86 16.71
O1P 6MZ C 4220 -10.94 -47.75 15.11
O2P 6MZ C 4220 -9.05 -48.61 13.46
N9 6MZ C 4220 -14.51 -45.41 14.76
N3 6MZ C 4220 -16.68 -44.53 15.48
N1 6MZ C 4220 -17.27 -45.16 17.65
C6 6MZ C 4220 -16.14 -45.82 17.75
N6 6MZ C 4220 -15.89 -46.52 19.02
C9 6MZ C 4220 -16.73 -46.20 20.16
N7 6MZ C 4220 -14.07 -46.46 16.56
C8 6MZ C 4220 -13.60 -46.17 15.34
O5' 6MZ C 4220 -10.77 -46.90 12.77
C5' 6MZ C 4220 -11.86 -46.90 11.86
C4' 6MZ C 4220 -12.68 -45.64 11.98
O4' 6MZ C 4220 -13.97 -45.94 12.56
C1' 6MZ C 4220 -14.38 -44.89 13.38
C2' 6MZ C 4220 -13.35 -43.78 13.28
O2' 6MZ C 4220 -13.75 -42.91 12.22
C3' 6MZ C 4220 -12.11 -44.55 12.88
O3' 6MZ C 4220 -11.14 -43.75 12.22
P 6MZ C 4220 -10.50 -48.13 13.73
N1 OMU C 4227 4.40 -44.46 25.52
C2 OMU C 4227 4.06 -45.35 24.35
N3 OMU C 4227 3.41 -44.77 23.14
C4 OMU C 4227 3.08 -43.35 23.10
C5 OMU C 4227 3.42 -42.48 24.26
C6 OMU C 4227 4.07 -43.05 25.47
O2 OMU C 4227 4.32 -46.53 24.39
O4 OMU C 4227 2.58 -42.92 22.17
C1' OMU C 4227 5.04 -45.04 26.72
C2' OMU C 4227 6.57 -44.97 26.63
O2' OMU C 4227 7.10 -46.16 27.17
CM2 OMU C 4227 6.80 -47.29 26.41
C3' OMU C 4227 6.87 -43.79 27.56
C4' OMU C 4227 5.80 -43.94 28.62
O3' OMU C 4227 8.17 -43.82 28.11
O4' OMU C 4227 4.64 -44.33 27.87
C5' OMU C 4227 5.52 -42.70 29.42
O5' OMU C 4227 5.10 -41.63 28.59
P OMU C 4227 4.41 -40.34 29.20
OP1 OMU C 4227 5.38 -39.70 30.16
OP2 OMU C 4227 3.82 -39.53 28.08
P OMG C 4228 9.28 -42.76 27.63
OP1 OMG C 4228 9.64 -41.87 28.80
OP2 OMG C 4228 8.77 -42.12 26.33
O5' OMG C 4228 10.51 -43.68 27.28
C5' OMG C 4228 10.33 -45.06 27.01
C4' OMG C 4228 11.15 -45.52 25.84
O4' OMG C 4228 10.27 -45.79 24.71
C3' OMG C 4228 12.17 -44.51 25.33
O3' OMG C 4228 13.30 -45.21 24.84
C2' OMG C 4228 11.44 -43.84 24.18
O2' OMG C 4228 12.28 -43.24 23.23
CM2 OMG C 4228 12.02 -41.87 23.06
C1' OMG C 4228 10.69 -45.03 23.60
N9 OMG C 4228 9.51 -44.67 22.82
C8 OMG C 4228 8.69 -43.57 22.92
N7 OMG C 4228 7.74 -43.60 22.04
C5 OMG C 4228 7.94 -44.75 21.33
C6 OMG C 4228 7.23 -45.32 20.24
O6 OMG C 4228 6.24 -44.89 19.68
N1 OMG C 4228 7.82 -46.53 19.85
C2 OMG C 4228 8.92 -47.11 20.41
N2 OMG C 4228 9.35 -48.27 19.90
N3 OMG C 4228 9.57 -46.58 21.40
C4 OMG C 4228 9.04 -45.43 21.81
N1 PSU C 4293 20.76 -67.35 37.35
C2 PSU C 4293 21.12 -68.59 37.84
N3 PSU C 4293 22.44 -68.91 38.01
C4 PSU C 4293 23.40 -67.98 37.68
C5 PSU C 4293 23.03 -66.74 37.19
C6 PSU C 4293 21.68 -66.44 37.02
O2 PSU C 4293 20.25 -69.41 38.13
O4 PSU C 4293 24.58 -68.26 37.83
C1' PSU C 4293 24.08 -65.74 36.83
C2' PSU C 4293 24.67 -66.05 35.46
O2' PSU C 4293 26.04 -65.68 35.48
C3' PSU C 4293 23.89 -65.09 34.57
C4' PSU C 4293 23.74 -63.87 35.46
O3' PSU C 4293 24.54 -64.81 33.34
O4' PSU C 4293 23.53 -64.43 36.78
C5' PSU C 4293 22.62 -62.94 35.11
O5' PSU C 4293 21.35 -63.55 35.22
P PSU C 4293 20.02 -62.79 34.76
OP1 PSU C 4293 20.14 -62.49 33.32
OP2 PSU C 4293 18.86 -63.59 35.22
N1 PSU C 4296 17.22 -74.82 29.21
C2 PSU C 4296 16.07 -75.30 29.79
N3 PSU C 4296 15.64 -76.58 29.52
C4 PSU C 4296 16.36 -77.37 28.65
C5 PSU C 4296 17.51 -76.87 28.06
C6 PSU C 4296 17.94 -75.59 28.36
O2 PSU C 4296 15.44 -74.59 30.56
O4 PSU C 4296 15.97 -78.51 28.41
C1' PSU C 4296 18.30 -77.73 27.12
C2' PSU C 4296 17.61 -77.80 25.75
O2' PSU C 4296 17.87 -79.08 25.19
C3' PSU C 4296 18.37 -76.73 24.99
C4' PSU C 4296 19.77 -76.86 25.53
O3' PSU C 4296 18.30 -76.87 23.58
O4' PSU C 4296 19.58 -77.18 26.93
C5' PSU C 4296 20.64 -75.65 25.38
O5' PSU C 4296 19.99 -74.49 25.91
P PSU C 4296 20.72 -73.09 25.87
OP1 PSU C 4296 21.15 -72.81 24.48
OP2 PSU C 4296 19.85 -72.11 26.58
N1 PSU C 4299 7.05 -73.02 25.08
C2 PSU C 4299 7.35 -71.78 25.60
N3 PSU C 4299 6.57 -71.24 26.59
C4 PSU C 4299 5.49 -71.94 27.07
C5 PSU C 4299 5.19 -73.18 26.55
C6 PSU C 4299 5.99 -73.72 25.55
O2 PSU C 4299 8.31 -71.15 25.16
O4 PSU C 4299 4.79 -71.44 27.96
C1' PSU C 4299 4.02 -73.96 27.07
C2' PSU C 4299 2.71 -73.38 26.54
O2' PSU C 4299 1.71 -73.57 27.53
C3' PSU C 4299 2.44 -74.27 25.34
C4' PSU C 4299 2.96 -75.63 25.82
O3' PSU C 4299 1.08 -74.31 24.95
O4' PSU C 4299 4.11 -75.29 26.62
C5' PSU C 4299 3.36 -76.57 24.73
O5' PSU C 4299 4.21 -75.94 23.79
P PSU C 4299 5.20 -76.80 22.88
OP1 PSU C 4299 4.39 -77.54 21.90
OP2 PSU C 4299 6.27 -75.89 22.46
N1 OMU C 4306 3.96 -66.82 12.41
C2 OMU C 4306 4.51 -65.44 12.17
N3 OMU C 4306 3.72 -64.25 12.59
C4 OMU C 4306 2.43 -64.42 13.22
C5 OMU C 4306 1.90 -65.79 13.45
C6 OMU C 4306 2.68 -66.98 13.04
O2 OMU C 4306 5.59 -65.29 11.64
O4 OMU C 4306 1.83 -63.51 13.55
C1' OMU C 4306 4.73 -68.00 11.99
C2' OMU C 4306 5.94 -68.24 12.89
O2' OMU C 4306 6.94 -68.90 12.14
CM2 OMU C 4306 7.37 -68.17 11.03
C3' OMU C 4306 5.34 -69.18 13.92
C4' OMU C 4306 4.44 -70.05 13.07
O3' OMU C 4306 6.31 -69.92 14.64
O4' OMU C 4306 3.90 -69.14 12.10
C5' OMU C 4306 3.32 -70.76 13.78
O5' OMU C 4306 2.75 -71.76 12.97
P OMU C 4306 1.70 -72.80 13.55
OP1 OMU C 4306 1.19 -73.60 12.41
OP2 OMU C 4306 2.30 -73.49 14.75
N1 PSU C 4312 7.39 -68.40 31.40
C2 PSU C 4312 7.71 -69.59 30.78
N3 PSU C 4312 6.85 -70.67 30.88
C4 PSU C 4312 5.69 -70.54 31.58
C5 PSU C 4312 5.38 -69.34 32.20
C6 PSU C 4312 6.25 -68.27 32.09
O2 PSU C 4312 8.74 -69.71 30.15
O4 PSU C 4312 4.92 -71.50 31.67
C1' PSU C 4312 4.09 -69.20 32.96
C2' PSU C 4312 4.13 -69.89 34.32
O2' PSU C 4312 2.83 -70.37 34.60
C3' PSU C 4312 4.49 -68.74 35.23
C4' PSU C 4312 3.75 -67.57 34.60
O3' PSU C 4312 4.13 -68.95 36.58
O4' PSU C 4312 3.83 -67.83 33.18
C5' PSU C 4312 4.32 -66.21 34.89
O5' PSU C 4312 5.73 -66.22 34.77
P PSU C 4312 6.55 -64.87 34.77
OP1 PSU C 4312 6.57 -64.32 36.14
OP2 PSU C 4312 7.82 -65.13 34.06
N1 PSU C 4353 43.79 -73.96 9.06
C2 PSU C 4353 44.37 -72.97 9.84
N3 PSU C 4353 44.43 -71.68 9.40
C4 PSU C 4353 43.89 -71.36 8.19
C5 PSU C 4353 43.31 -72.35 7.40
C6 PSU C 4353 43.27 -73.65 7.87
O2 PSU C 4353 44.84 -73.26 10.94
O4 PSU C 4353 43.93 -70.20 7.78
C1' PSU C 4353 42.73 -72.02 6.07
C2' PSU C 4353 43.83 -71.84 5.04
O2' PSU C 4353 43.43 -70.84 4.12
C3' PSU C 4353 43.85 -73.21 4.37
C4' PSU C 4353 42.39 -73.59 4.37
O3' PSU C 4353 44.42 -73.20 3.07
O4' PSU C 4353 41.89 -73.07 5.62
C5' PSU C 4353 42.10 -75.06 4.27
O5' PSU C 4353 42.49 -75.74 5.45
P PSU C 4353 42.27 -77.31 5.60
OP1 PSU C 4353 42.37 -77.85 4.23
OP2 PSU C 4353 43.15 -77.81 6.67
N1 PSU C 4361 46.21 -67.04 11.65
C2 PSU C 4361 45.64 -68.01 10.85
N3 PSU C 4361 45.26 -67.71 9.56
C4 PSU C 4361 45.48 -66.45 9.07
C5 PSU C 4361 46.05 -65.47 9.87
C6 PSU C 4361 46.42 -65.80 11.17
O2 PSU C 4361 45.44 -69.14 11.30
O4 PSU C 4361 45.14 -66.19 7.91
C1' PSU C 4361 46.30 -64.09 9.38
C2' PSU C 4361 45.00 -63.32 9.15
O2' PSU C 4361 45.22 -62.38 8.11
C3' PSU C 4361 44.83 -62.63 10.48
C4' PSU C 4361 46.27 -62.26 10.83
O3' PSU C 4361 43.97 -61.51 10.44
O4' PSU C 4361 47.03 -63.38 10.35
C5' PSU C 4361 46.53 -62.06 12.30
O5' PSU C 4361 46.33 -63.26 13.02
P PSU C 4361 46.96 -63.45 14.46
OP1 PSU C 4361 46.63 -62.20 15.17
OP2 PSU C 4361 46.57 -64.76 14.99
P OMG C 4370 22.54 -52.79 21.10
OP1 OMG C 4370 21.85 -51.63 21.80
OP2 OMG C 4370 21.71 -53.89 20.45
O5' OMG C 4370 23.52 -52.19 20.00
C5' OMG C 4370 24.36 -51.08 20.30
C4' OMG C 4370 25.17 -50.66 19.10
O4' OMG C 4370 26.02 -51.77 18.69
C3' OMG C 4370 24.39 -50.32 17.86
O3' OMG C 4370 23.87 -49.00 17.88
C2' OMG C 4370 25.42 -50.54 16.75
O2' OMG C 4370 26.32 -49.45 16.68
CM2 OMG C 4370 26.16 -48.66 15.52
C1' OMG C 4370 26.18 -51.75 17.29
N9 OMG C 4370 25.65 -53.01 16.75
C8 OMG C 4370 24.77 -53.88 17.34
N7 OMG C 4370 24.50 -54.90 16.59
C5 OMG C 4370 25.24 -54.72 15.46
C6 OMG C 4370 25.37 -55.50 14.29
O6 OMG C 4370 24.83 -56.56 14.02
N1 OMG C 4370 26.25 -54.92 13.39
C2 OMG C 4370 26.91 -53.75 13.57
N2 OMG C 4370 27.72 -53.34 12.57
N3 OMG C 4370 26.80 -53.02 14.64
C4 OMG C 4370 25.97 -53.54 15.55
P OMG C 4392 -11.28 -45.67 -16.06
OP1 OMG C 4392 -12.27 -46.79 -16.32
OP2 OMG C 4392 -11.31 -44.41 -16.92
O5' OMG C 4392 -11.44 -45.22 -14.55
C5' OMG C 4392 -11.22 -46.14 -13.48
C4' OMG C 4392 -11.14 -45.41 -12.17
O4' OMG C 4392 -10.02 -44.50 -12.20
C3' OMG C 4392 -12.34 -44.54 -11.84
O3' OMG C 4392 -13.38 -45.26 -11.23
C2' OMG C 4392 -11.74 -43.47 -10.93
O2' OMG C 4392 -11.59 -43.96 -9.62
CM2 OMG C 4392 -11.57 -42.93 -8.66
C1' OMG C 4392 -10.35 -43.29 -11.54
N9 OMG C 4392 -10.29 -42.19 -12.51
C8 OMG C 4392 -10.34 -42.27 -13.87
N7 OMG C 4392 -10.26 -41.09 -14.43
C5 OMG C 4392 -10.15 -40.22 -13.38
C6 OMG C 4392 -10.03 -38.81 -13.37
O6 OMG C 4392 -9.99 -38.03 -14.31
N1 OMG C 4392 -9.94 -38.33 -12.07
C2 OMG C 4392 -9.98 -39.09 -10.94
N2 OMG C 4392 -9.88 -38.43 -9.78
N3 OMG C 4392 -10.08 -40.39 -10.96
C4 OMG C 4392 -10.17 -40.88 -12.19
N1 PSU C 4403 -30.46 -32.67 2.47
C2 PSU C 4403 -29.51 -31.69 2.57
N3 PSU C 4403 -28.95 -31.39 3.79
C4 PSU C 4403 -29.35 -32.08 4.91
C5 PSU C 4403 -30.33 -33.07 4.80
C6 PSU C 4403 -30.87 -33.35 3.57
O2 PSU C 4403 -29.15 -31.07 1.58
O4 PSU C 4403 -28.84 -31.82 5.99
C1' PSU C 4403 -30.75 -33.88 5.98
C2' PSU C 4403 -31.51 -33.20 7.13
O2' PSU C 4403 -30.91 -33.62 8.36
C3' PSU C 4403 -32.91 -33.81 7.00
C4' PSU C 4403 -32.63 -35.18 6.44
O3' PSU C 4403 -33.60 -33.86 8.22
O4' PSU C 4403 -31.50 -35.00 5.57
C5' PSU C 4403 -33.77 -35.79 5.65
O5' PSU C 4403 -34.22 -34.89 4.65
P PSU C 4403 -35.08 -35.39 3.42
OP1 PSU C 4403 -36.44 -35.72 3.92
OP2 PSU C 4403 -34.90 -34.39 2.35
N1 PSU C 4431 -38.74 -22.30 22.02
C2 PSU C 4431 -39.40 -21.57 21.06
N3 PSU C 4431 -40.69 -21.88 20.72
C4 PSU C 4431 -41.31 -22.94 21.35
C5 PSU C 4431 -40.65 -23.67 22.31
C6 PSU C 4431 -39.34 -23.33 22.64
O2 PSU C 4431 -38.83 -20.63 20.51
O4 PSU C 4431 -42.47 -23.22 21.05
C1' PSU C 4431 -41.35 -24.81 22.99
C2' PSU C 4431 -41.30 -26.07 22.14
O2' PSU C 4431 -42.50 -26.81 22.38
C3' PSU C 4431 -40.10 -26.79 22.73
C4' PSU C 4431 -40.23 -26.47 24.21
O3' PSU C 4431 -40.08 -28.18 22.47
O4' PSU C 4431 -40.73 -25.11 24.23
C5' PSU C 4431 -38.95 -26.55 25.00
O5' PSU C 4431 -38.00 -25.63 24.50
P PSU C 4431 -36.59 -25.47 25.21
OP1 PSU C 4431 -36.44 -26.84 25.75
OP2 PSU C 4431 -35.62 -24.89 24.27
N1 PSU C 4442 -21.85 -32.97 1.39
C2 PSU C 4442 -22.58 -33.03 0.22
N3 PSU C 4442 -23.25 -34.18 -0.12
C4 PSU C 4442 -23.18 -35.28 0.70
C5 PSU C 4442 -22.43 -35.22 1.85
C6 PSU C 4442 -21.78 -34.05 2.20
O2 PSU C 4442 -22.66 -32.05 -0.50
O4 PSU C 4442 -23.77 -36.31 0.39
C1' PSU C 4442 -22.37 -36.42 2.78
C2' PSU C 4442 -21.51 -37.59 2.31
O2' PSU C 4442 -22.24 -38.79 2.54
C3' PSU C 4442 -20.31 -37.50 3.25
C4' PSU C 4442 -20.90 -36.92 4.52
O3' PSU C 4442 -19.70 -38.76 3.47
O4' PSU C 4442 -21.93 -36.03 4.06
C5' PSU C 4442 -19.94 -36.18 5.41
O5' PSU C 4442 -19.04 -35.37 4.66
P PSU C 4442 -18.53 -33.98 5.20
OP1 PSU C 4442 -17.28 -34.15 5.97
OP2 PSU C 4442 -18.59 -33.04 4.07
P 5MC C 4447 -18.11 -40.85 -16.34
OP1 5MC C 4447 -17.95 -41.36 -17.76
OP2 5MC C 4447 -18.22 -41.85 -15.20
O5' 5MC C 4447 -16.91 -39.88 -16.03
C5' 5MC C 4447 -16.54 -38.86 -16.94
C4' 5MC C 4447 -15.19 -38.27 -16.62
O4' 5MC C 4447 -15.20 -37.71 -15.30
C3' 5MC C 4447 -14.02 -39.24 -16.58
O3' 5MC C 4447 -13.48 -39.45 -17.86
C2' 5MC C 4447 -13.02 -38.55 -15.63
O2' 5MC C 4447 -12.03 -37.86 -16.37
C1' 5MC C 4447 -13.87 -37.52 -14.90
N1 5MC C 4447 -13.79 -37.61 -13.43
C2 5MC C 4447 -13.92 -36.43 -12.69
O2 5MC C 4447 -14.11 -35.38 -13.28
N3 5MC C 4447 -13.84 -36.50 -11.36
C4 5MC C 4447 -13.64 -37.64 -10.75
N4 5MC C 4447 -13.57 -37.63 -9.43
C5 5MC C 4447 -13.49 -38.87 -11.45
C6 5MC C 4447 -13.57 -38.79 -12.79
CM5 5MC C 4447 -13.27 -40.13 -10.71
N1 OMC C 4456 -29.03 -10.58 -21.66
C2 OMC C 4456 -29.31 -11.66 -22.53
N3 OMC C 4456 -29.37 -12.90 -22.03
C4 OMC C 4456 -29.16 -13.12 -20.75
C5 OMC C 4456 -28.88 -12.08 -19.84
C6 OMC C 4456 -28.82 -10.84 -20.35
O2 OMC C 4456 -29.50 -11.46 -23.71
N4 OMC C 4456 -29.23 -14.38 -20.31
C1' OMC C 4456 -28.93 -9.18 -22.11
C2' OMC C 4456 -30.26 -8.65 -22.66
O2' OMC C 4456 -29.97 -7.76 -23.73
CM2 OMC C 4456 -29.87 -8.43 -24.96
C3' OMC C 4456 -30.80 -7.88 -21.46
C4' OMC C 4456 -29.54 -7.30 -20.86
O4' OMC C 4456 -28.57 -8.37 -21.01
O3' OMC C 4456 -31.74 -6.89 -21.81
C5' OMC C 4456 -29.64 -6.92 -19.41
O5' OMC C 4456 -30.21 -7.96 -18.64
P OMC C 4456 -30.08 -7.97 -17.07
OP1 OMC C 4456 -30.84 -6.74 -16.57
OP2 OMC C 4456 -30.45 -9.35 -16.55
N1 PSU C 4457 -32.28 -11.97 -20.92
C2 PSU C 4457 -32.35 -13.33 -20.70
N3 PSU C 4457 -32.76 -14.17 -21.71
C4 PSU C 4457 -33.08 -13.66 -22.94
C5 PSU C 4457 -33.01 -12.29 -23.16
C6 PSU C 4457 -32.59 -11.47 -22.14
O2 PSU C 4457 -32.07 -13.78 -19.61
O4 PSU C 4457 -33.44 -14.41 -23.84
C1' PSU C 4457 -33.31 -11.71 -24.51
C2' PSU C 4457 -34.78 -11.58 -24.90
O2' PSU C 4457 -34.89 -11.85 -26.29
C3' PSU C 4457 -35.05 -10.10 -24.63
C4' PSU C 4457 -33.73 -9.44 -24.92
O3' PSU C 4457 -36.08 -9.57 -25.44
O4' PSU C 4457 -32.73 -10.43 -24.54
C5' PSU C 4457 -33.47 -8.16 -24.17
O5' PSU C 4457 -33.49 -8.40 -22.78
P PSU C 4457 -33.30 -7.21 -21.74
OP1 PSU C 4457 -34.05 -6.09 -22.35
OP2 PSU C 4457 -33.64 -7.71 -20.39
N1 PSU C 4471 -61.14 -5.43 1.45
C2 PSU C 4471 -60.06 -5.68 2.26
N3 PSU C 4471 -60.14 -6.66 3.22
C4 PSU C 4471 -61.30 -7.37 3.39
C5 PSU C 4471 -62.39 -7.10 2.57
C6 PSU C 4471 -62.28 -6.12 1.60
O2 PSU C 4471 -59.01 -5.04 2.12
O4 PSU C 4471 -61.34 -8.23 4.26
C1' PSU C 4471 -63.70 -7.84 2.67
C2' PSU C 4471 -64.35 -7.78 4.05
O2' PSU C 4471 -65.04 -8.99 4.27
C3' PSU C 4471 -65.31 -6.62 3.88
C4' PSU C 4471 -65.79 -6.81 2.46
O3' PSU C 4471 -66.38 -6.63 4.81
O4' PSU C 4471 -64.61 -7.26 1.75
C5' PSU C 4471 -66.34 -5.58 1.79
O5' PSU C 4471 -66.65 -5.84 0.44
P PSU C 4471 -66.93 -4.65 -0.58
OP1 PSU C 4471 -68.35 -4.32 -0.41
OP2 PSU C 4471 -65.87 -3.62 -0.41
N1 PSU C 4493 -38.43 0.39 -10.60
C2 PSU C 4493 -38.14 1.67 -10.21
N3 PSU C 4493 -38.44 2.74 -11.03
C4 PSU C 4493 -39.05 2.50 -12.25
C5 PSU C 4493 -39.35 1.20 -12.62
C6 PSU C 4493 -39.03 0.15 -11.78
O2 PSU C 4493 -37.60 1.88 -9.13
O4 PSU C 4493 -39.33 3.45 -12.97
C1' PSU C 4493 -40.00 0.94 -13.94
C2' PSU C 4493 -38.91 1.06 -15.00
O2' PSU C 4493 -39.50 1.53 -16.20
C3' PSU C 4493 -38.49 -0.40 -15.15
C4' PSU C 4493 -39.82 -1.12 -15.04
O3' PSU C 4493 -37.80 -0.67 -16.36
O4' PSU C 4493 -40.52 -0.37 -14.02
C5' PSU C 4493 -39.76 -2.57 -14.65
O5' PSU C 4493 -39.07 -2.78 -13.42
P PSU C 4493 -39.66 -3.78 -12.32
OP1 PSU C 4493 -40.00 -5.06 -12.98
OP2 PSU C 4493 -38.73 -3.77 -11.18
P OMG C 4494 -36.21 -0.45 -16.42
OP1 OMG C 4494 -35.69 -1.00 -17.74
OP2 OMG C 4494 -35.60 -0.93 -15.11
O5' OMG C 4494 -36.03 1.12 -16.46
C5' OMG C 4494 -36.56 1.89 -17.52
C4' OMG C 4494 -36.02 3.30 -17.49
O4' OMG C 4494 -36.56 3.99 -16.34
C3' OMG C 4494 -34.51 3.40 -17.32
O3' OMG C 4494 -33.83 3.27 -18.55
C2' OMG C 4494 -34.35 4.76 -16.66
O2' OMG C 4494 -34.49 5.79 -17.62
CM2 OMG C 4494 -34.27 7.07 -17.07
C1' OMG C 4494 -35.56 4.79 -15.74
N9 OMG C 4494 -35.26 4.23 -14.41
C8 OMG C 4494 -35.57 2.98 -13.94
N7 OMG C 4494 -35.16 2.80 -12.72
C5 OMG C 4494 -34.57 3.98 -12.36
C6 OMG C 4494 -33.95 4.37 -11.15
O6 OMG C 4494 -33.81 3.74 -10.13
N1 OMG C 4494 -33.48 5.68 -11.24
C2 OMG C 4494 -33.58 6.50 -12.32
N2 OMG C 4494 -33.07 7.72 -12.21
N3 OMG C 4494 -34.15 6.13 -13.44
C4 OMG C 4494 -34.62 4.88 -13.41
N1 OMU C 4498 -20.57 -1.55 -10.33
C2 OMU C 4498 -21.81 -2.17 -9.75
N3 OMU C 4498 -23.11 -2.04 -10.46
C4 OMU C 4498 -23.18 -1.30 -11.71
C5 OMU C 4498 -21.94 -0.69 -12.28
C6 OMU C 4498 -20.65 -0.83 -11.57
O2 OMU C 4498 -21.74 -2.77 -8.69
O4 OMU C 4498 -24.16 -1.20 -12.26
C1' OMU C 4498 -19.30 -1.70 -9.61
C2' OMU C 4498 -18.46 -2.85 -10.18
O2' OMU C 4498 -17.82 -3.51 -9.09
CM2 OMU C 4498 -18.18 -4.83 -8.98
C3' OMU C 4498 -17.43 -2.11 -11.02
C4' OMU C 4498 -17.23 -0.82 -10.24
O3' OMU C 4498 -16.23 -2.83 -11.20
O4' OMU C 4498 -18.56 -0.52 -9.74
C5' OMU C 4498 -16.71 0.35 -11.03
O5' OMU C 4498 -17.46 0.54 -12.21
P OMU C 4498 -17.51 1.96 -12.92
OP1 OMU C 4498 -16.11 2.29 -13.35
OP2 OMU C 4498 -18.62 1.95 -13.94
P OMG C 4499 -15.84 -3.37 -12.67
OP1 OMG C 4499 -14.86 -4.51 -12.49
OP2 OMG C 4499 -15.46 -2.17 -13.54
O5' OMG C 4499 -17.19 -3.98 -13.23
C5' OMG C 4499 -17.31 -4.36 -14.59
C4' OMG C 4499 -17.90 -5.74 -14.74
O4' OMG C 4499 -16.99 -6.73 -14.25
C3' OMG C 4499 -19.18 -6.01 -13.97
O3' OMG C 4499 -20.34 -5.44 -14.54
C2' OMG C 4499 -19.20 -7.53 -13.91
O2' OMG C 4499 -19.62 -8.06 -15.15
CM2 OMG C 4499 -20.71 -8.95 -15.05
C1' OMG C 4499 -17.71 -7.84 -13.75
N9 OMG C 4499 -17.34 -8.04 -12.34
C8 OMG C 4499 -17.11 -7.08 -11.40
N7 OMG C 4499 -16.80 -7.58 -10.24
C5 OMG C 4499 -16.81 -8.93 -10.44
C6 OMG C 4499 -16.53 -9.99 -9.54
O6 OMG C 4499 -16.22 -9.93 -8.36
N1 OMG C 4499 -16.67 -11.22 -10.17
C2 OMG C 4499 -17.01 -11.41 -11.47
N2 OMG C 4499 -17.08 -12.69 -11.89
N3 OMG C 4499 -17.26 -10.44 -12.30
C4 OMG C 4499 -17.14 -9.24 -11.74
N1 PSU C 4500 -19.95 -7.32 -6.68
C2 PSU C 4500 -19.39 -8.45 -6.13
N3 PSU C 4500 -19.24 -9.60 -6.87
C4 PSU C 4500 -19.66 -9.61 -8.19
C5 PSU C 4500 -20.22 -8.47 -8.73
C6 PSU C 4500 -20.35 -7.32 -7.97
O2 PSU C 4500 -19.02 -8.44 -4.95
O4 PSU C 4500 -19.54 -10.62 -8.87
C1' PSU C 4500 -20.66 -8.49 -10.16
C2' PSU C 4500 -22.16 -8.79 -10.26
O2' PSU C 4500 -22.36 -9.69 -11.34
C3' PSU C 4500 -22.73 -7.41 -10.60
C4' PSU C 4500 -21.63 -6.79 -11.42
O3' PSU C 4500 -23.96 -7.46 -11.30
O4' PSU C 4500 -20.41 -7.27 -10.80
C5' PSU C 4500 -21.62 -5.28 -11.51
O5' PSU C 4500 -22.06 -4.85 -12.78
P PSU C 4500 -21.06 -4.19 -13.83
OP1 PSU C 4500 -21.87 -3.50 -14.84
OP2 PSU C 4500 -20.03 -3.45 -13.07
N1 PSU C 4521 -30.47 -18.24 -17.36
C2 PSU C 4521 -30.91 -16.94 -17.49
N3 PSU C 4521 -31.56 -16.54 -18.62
C4 PSU C 4521 -31.77 -17.43 -19.64
C5 PSU C 4521 -31.32 -18.74 -19.51
C6 PSU C 4521 -30.67 -19.12 -18.35
O2 PSU C 4521 -30.72 -16.15 -16.57
O4 PSU C 4521 -32.35 -17.09 -20.67
C1' PSU C 4521 -31.56 -19.72 -20.61
C2' PSU C 4521 -30.49 -19.71 -21.70
O2' PSU C 4521 -31.13 -19.95 -22.95
C3' PSU C 4521 -29.64 -20.93 -21.31
C4' PSU C 4521 -30.67 -21.88 -20.73
O3' PSU C 4521 -28.94 -21.48 -22.41
O4' PSU C 4521 -31.64 -21.02 -20.09
C5' PSU C 4521 -30.15 -22.85 -19.71
O5' PSU C 4521 -29.72 -22.16 -18.54
P PSU C 4521 -29.31 -22.95 -17.23
OP1 PSU C 4521 -28.74 -24.22 -17.73
OP2 PSU C 4521 -28.51 -22.05 -16.36
P A2M C 4523 -25.75 -23.78 -26.44
OP1 A2M C 4523 -27.04 -24.14 -25.78
O5' A2M C 4523 -25.66 -24.09 -28.21
C5' A2M C 4523 -25.26 -23.04 -28.95
C4' A2M C 4523 -24.84 -23.45 -30.35
O4' A2M C 4523 -24.31 -24.74 -30.36
C3' A2M C 4523 -26.00 -23.42 -31.32
O3' A2M C 4523 -26.26 -22.09 -31.59
C2' A2M C 4523 -25.48 -24.32 -32.42
O2' A2M C 4523 -24.48 -23.71 -33.19
C1' A2M C 4523 -24.85 -25.36 -31.50
CM' A2M C 4523 -24.51 -24.20 -34.50
N9 A2M C 4523 -25.71 -26.40 -31.08
C8 A2M C 4523 -26.49 -26.58 -29.94
N7 A2M C 4523 -27.16 -27.74 -29.95
C5 A2M C 4523 -26.78 -28.32 -31.15
C6 A2M C 4523 -27.09 -29.50 -31.78
N6 A2M C 4523 -27.96 -30.40 -31.20
N1 A2M C 4523 -26.58 -29.84 -32.99
C2 A2M C 4523 -25.73 -28.94 -33.54
N3 A2M C 4523 -25.32 -27.76 -33.07
C4 A2M C 4523 -25.88 -27.50 -31.87
OP2 A2M C 4523 -24.52 -24.59 -26.16
P UR3 C 4530 -10.11 -12.02 -12.69
OP1 UR3 C 4530 -9.20 -11.62 -11.59
OP2 UR3 C 4530 -9.63 -11.99 -14.12
O5' UR3 C 4530 -10.60 -13.50 -12.39
C5' UR3 C 4530 -10.99 -13.88 -11.08
C4' UR3 C 4530 -11.57 -15.27 -11.08
O4' UR3 C 4530 -12.72 -15.30 -11.96
C1' UR3 C 4530 -12.80 -16.56 -12.60
N1 UR3 C 4530 -12.75 -16.34 -14.06
C6 UR3 C 4530 -12.16 -15.16 -14.61
C2 UR3 C 4530 -13.34 -17.34 -14.96
O2 UR3 C 4530 -13.83 -18.30 -14.51
N3 UR3 C 4530 -13.31 -17.14 -16.44
C3U UR3 C 4530 -13.91 -18.17 -17.34
C4 UR3 C 4530 -12.71 -15.97 -16.99
O4 UR3 C 4530 -12.68 -15.80 -18.18
C5 UR3 C 4530 -12.11 -14.94 -16.08
C2' UR3 C 4530 -11.65 -17.42 -12.08
O2' UR3 C 4530 -12.13 -18.19 -10.99
C3' UR3 C 4530 -10.67 -16.37 -11.62
O3' UR3 C 4530 -9.75 -16.85 -10.65
N1 PSU C 4532 -5.90 -19.16 -21.41
C2 PSU C 4532 -5.43 -19.31 -22.69
N3 PSU C 4532 -4.46 -20.26 -22.97
C4 PSU C 4532 -3.98 -21.05 -21.96
C5 PSU C 4532 -4.45 -20.89 -20.66
C6 PSU C 4532 -5.43 -19.94 -20.42
O2 PSU C 4532 -5.86 -18.60 -23.59
O4 PSU C 4532 -3.13 -21.90 -22.21
C1' PSU C 4532 -3.95 -21.75 -19.53
C2' PSU C 4532 -2.56 -21.29 -19.10
O2' PSU C 4532 -1.86 -22.41 -18.62
C3' PSU C 4532 -2.90 -20.34 -17.97
C4' PSU C 4532 -4.08 -21.02 -17.31
O3' PSU C 4532 -1.82 -20.13 -17.08
O4' PSU C 4532 -4.80 -21.60 -18.42
C5' PSU C 4532 -4.99 -20.11 -16.54
O5' PSU C 4532 -5.73 -19.27 -17.40
P PSU C 4532 -6.61 -18.08 -16.82
OP1 PSU C 4532 -5.79 -17.60 -15.68
OP2 PSU C 4532 -6.99 -17.18 -17.92
N1 OMC C 4536 3.94 -7.37 -13.52
C2 OMC C 4536 2.83 -7.29 -12.68
N3 OMC C 4536 2.22 -8.44 -12.31
C4 OMC C 4536 2.67 -9.60 -12.72
C5 OMC C 4536 3.80 -9.71 -13.57
C6 OMC C 4536 4.39 -8.57 -13.93
O2 OMC C 4536 2.42 -6.21 -12.30
N4 OMC C 4536 2.03 -10.69 -12.31
C1' OMC C 4536 4.66 -6.15 -13.96
C2' OMC C 4536 5.55 -5.58 -12.85
O2' OMC C 4536 5.63 -4.18 -13.04
CM2 OMC C 4536 4.61 -3.48 -12.39
C3' OMC C 4536 6.87 -6.23 -13.19
C4' OMC C 4536 6.87 -6.19 -14.71
O4' OMC C 4536 5.49 -6.47 -15.05
O3' OMC C 4536 7.99 -5.59 -12.63
C5' OMC C 4536 7.78 -7.16 -15.39
O5' OMC C 4536 7.50 -8.49 -14.98
P OMC C 4536 8.20 -9.71 -15.70
OP1 OMC C 4536 9.70 -9.51 -15.61
OP2 OMC C 4536 7.57 -11.00 -15.17
N1 PSU C 4552 -4.35 -8.47 -16.04
C2 PSU C 4552 -3.59 -9.56 -16.38
N3 PSU C 4552 -2.55 -9.45 -17.26
C4 PSU C 4552 -2.26 -8.22 -17.79
C5 PSU C 4552 -3.02 -7.11 -17.45
C6 PSU C 4552 -4.07 -7.26 -16.56
O2 PSU C 4552 -3.85 -10.66 -15.89
O4 PSU C 4552 -1.33 -8.08 -18.58
C1' PSU C 4552 -2.68 -5.79 -18.07
C2' PSU C 4552 -3.35 -5.72 -19.44
O2' PSU C 4552 -2.55 -4.91 -20.29
C3' PSU C 4552 -4.65 -5.00 -19.09
C4' PSU C 4552 -4.17 -3.99 -18.06
O3' PSU C 4552 -5.30 -4.41 -20.19
O4' PSU C 4552 -3.18 -4.72 -17.30
C5' PSU C 4552 -5.23 -3.46 -17.13
O5' PSU C 4552 -5.85 -4.52 -16.42
P PSU C 4552 -6.86 -4.21 -15.24
OP1 PSU C 4552 -7.60 -3.05 -15.78
OP2 PSU C 4552 -7.53 -5.46 -14.84
P A2M C 4571 -55.96 -34.93 -49.88
OP1 A2M C 4571 -56.64 -35.15 -51.19
O5' A2M C 4571 -55.71 -36.39 -48.86
C5' A2M C 4571 -54.59 -37.09 -49.11
C4' A2M C 4571 -54.27 -37.89 -47.88
O4' A2M C 4571 -53.74 -37.03 -46.93
C3' A2M C 4571 -55.52 -38.50 -47.30
O3' A2M C 4571 -55.81 -39.59 -48.10
C2' A2M C 4571 -55.15 -38.66 -45.84
O2' A2M C 4571 -54.30 -39.74 -45.59
C1' A2M C 4571 -54.36 -37.34 -45.71
CM' A2M C 4571 -54.45 -40.18 -44.26
N9 A2M C 4571 -55.12 -36.20 -45.28
C8 A2M C 4571 -55.76 -35.18 -45.98
N7 A2M C 4571 -56.35 -34.28 -45.17
C5 A2M C 4571 -56.08 -34.77 -43.90
C6 A2M C 4571 -56.39 -34.35 -42.62
N6 A2M C 4571 -57.13 -33.21 -42.41
N1 A2M C 4571 -55.99 -35.03 -41.52
C2 A2M C 4571 -55.26 -36.15 -41.75
N3 A2M C 4571 -54.87 -36.70 -42.91
C4 A2M C 4571 -55.30 -35.97 -43.95
OP2 A2M C 4571 -56.69 -34.21 -48.79
N1 PSU C 4576 -70.05 -37.64 -55.12
C2 PSU C 4576 -70.82 -36.63 -55.63
N3 PSU C 4576 -70.38 -35.93 -56.74
C4 PSU C 4576 -69.18 -36.25 -57.33
C5 PSU C 4576 -68.42 -37.28 -56.80
C6 PSU C 4576 -68.86 -37.96 -55.69
O2 PSU C 4576 -71.88 -36.35 -55.10
O4 PSU C 4576 -68.81 -35.63 -58.31
C1' PSU C 4576 -67.11 -37.67 -57.43
C2' PSU C 4576 -66.02 -36.64 -57.19
O2' PSU C 4576 -65.13 -36.67 -58.30
C3' PSU C 4576 -65.34 -37.20 -55.95
C4' PSU C 4576 -65.40 -38.70 -56.19
O3' PSU C 4576 -64.02 -36.73 -55.76
O4' PSU C 4576 -66.68 -38.89 -56.86
C5' PSU C 4576 -65.36 -39.55 -54.95
O5' PSU C 4576 -66.39 -39.18 -54.04
P PSU C 4576 -66.43 -39.76 -52.56
OP1 PSU C 4576 -65.02 -40.01 -52.18
OP2 PSU C 4576 -67.29 -38.90 -51.72
N1 PSU C 4579 -70.11 -26.83 -50.80
C2 PSU C 4579 -71.20 -27.21 -50.06
N3 PSU C 4579 -72.34 -26.43 -50.03
C4 PSU C 4579 -72.37 -25.26 -50.75
C5 PSU C 4579 -71.27 -24.89 -51.49
C6 PSU C 4579 -70.15 -25.69 -51.51
O2 PSU C 4579 -71.16 -28.25 -49.42
O4 PSU C 4579 -73.38 -24.56 -50.73
C1' PSU C 4579 -71.28 -23.62 -52.32
C2' PSU C 4579 -71.23 -22.35 -51.47
O2' PSU C 4579 -72.09 -21.39 -52.06
C3' PSU C 4579 -69.77 -21.94 -51.62
C4' PSU C 4579 -69.45 -22.37 -53.04
O3' PSU C 4579 -69.56 -20.55 -51.43
O4' PSU C 4579 -70.20 -23.60 -53.20
C5' PSU C 4579 -68.00 -22.62 -53.32
O5' PSU C 4579 -67.51 -23.69 -52.53
P PSU C 4579 -66.09 -24.32 -52.81
OP1 PSU C 4579 -65.18 -23.16 -53.00
OP2 PSU C 4579 -65.81 -25.33 -51.77
P A2M C 4590 -61.69 -9.38 -21.64
OP1 A2M C 4590 -62.07 -10.64 -20.95
O5' A2M C 4590 -61.63 -7.90 -20.59
C5' A2M C 4590 -60.84 -6.90 -21.00
C4' A2M C 4590 -59.42 -7.19 -20.55
O4' A2M C 4590 -58.58 -7.04 -21.67
C3' A2M C 4590 -58.95 -6.22 -19.49
O3' A2M C 4590 -59.46 -6.65 -18.28
C2' A2M C 4590 -57.46 -6.26 -19.69
O2' A2M C 4590 -56.90 -7.46 -19.23
C1' A2M C 4590 -57.51 -6.27 -21.23
CM' A2M C 4590 -55.66 -7.71 -19.84
N9 A2M C 4590 -57.58 -4.99 -21.87
C8 A2M C 4590 -58.57 -4.35 -22.63
N7 A2M C 4590 -58.21 -3.12 -23.05
C5 A2M C 4590 -56.93 -2.97 -22.52
C6 A2M C 4590 -55.98 -1.97 -22.56
N6 A2M C 4590 -56.21 -0.79 -23.24
N1 A2M C 4590 -54.79 -2.07 -21.96
C2 A2M C 4590 -54.56 -3.24 -21.29
N3 A2M C 4590 -55.35 -4.30 -21.16
C4 A2M C 4590 -56.53 -4.12 -21.79
OP2 A2M C 4590 -62.67 -8.73 -22.59
P OMG C 4618 -56.17 10.81 -24.67
OP1 OMG C 4618 -55.87 11.10 -26.13
OP2 OMG C 4618 -56.73 9.46 -24.26
O5' OMG C 4618 -54.83 11.04 -23.84
C5' OMG C 4618 -53.95 9.97 -23.57
C4' OMG C 4618 -53.39 10.06 -22.18
O4' OMG C 4618 -54.46 10.11 -21.21
C3' OMG C 4618 -52.56 8.87 -21.76
O3' OMG C 4618 -51.23 8.94 -22.25
C2' OMG C 4618 -52.65 8.94 -20.24
O2' OMG C 4618 -51.79 9.93 -19.73
CM2 OMG C 4618 -51.07 9.52 -18.60
C1' OMG C 4618 -54.10 9.40 -20.05
N9 OMG C 4618 -55.04 8.26 -19.90
C8 OMG C 4618 -56.21 8.08 -20.60
N7 OMG C 4618 -56.83 7.00 -20.26
C5 OMG C 4618 -56.06 6.44 -19.29
C6 OMG C 4618 -56.23 5.25 -18.54
O6 OMG C 4618 -57.15 4.45 -18.60
N1 OMG C 4618 -55.18 5.06 -17.66
C2 OMG C 4618 -54.12 5.89 -17.49
N2 OMG C 4618 -53.18 5.55 -16.58
N3 OMG C 4618 -53.96 6.98 -18.17
C4 OMG C 4618 -54.94 7.21 -19.05
N1 OMU C 4620 -50.30 0.21 -20.77
C2 OMU C 4620 -51.54 -0.62 -20.93
N3 OMU C 4620 -52.72 -0.05 -21.64
C4 OMU C 4620 -52.67 1.31 -22.16
C5 OMU C 4620 -51.44 2.12 -21.98
C6 OMU C 4620 -50.28 1.55 -21.28
O2 OMU C 4620 -51.58 -1.76 -20.50
O4 OMU C 4620 -53.57 1.75 -22.69
C1' OMU C 4620 -49.13 -0.35 -20.05
C2' OMU C 4620 -48.35 -1.32 -20.91
O2' OMU C 4620 -47.73 -2.26 -20.05
CM2 OMU C 4620 -48.59 -2.96 -19.21
C3' OMU C 4620 -47.32 -0.40 -21.53
C4' OMU C 4620 -46.98 0.51 -20.37
O3' OMU C 4620 -46.20 -1.06 -22.09
O4' OMU C 4620 -48.26 0.71 -19.72
C5' OMU C 4620 -46.37 1.83 -20.72
O5' OMU C 4620 -47.11 2.48 -21.74
P OMU C 4620 -46.86 4.02 -22.04
OP1 OMU C 4620 -45.38 4.21 -22.22
OP2 OMU C 4620 -47.81 4.48 -23.12
P OMG C 4623 -51.01 -8.62 -31.06
OP1 OMG C 4623 -50.43 -10.00 -31.24
OP2 OMG C 4623 -50.10 -7.40 -31.14
O5' OMG C 4623 -52.20 -8.42 -32.09
C5' OMG C 4623 -53.48 -8.97 -31.82
C4' OMG C 4623 -54.53 -8.31 -32.67
O4' OMG C 4623 -55.15 -7.21 -31.95
C3' OMG C 4623 -54.02 -7.68 -33.95
O3' OMG C 4623 -53.80 -8.62 -34.98
C2' OMG C 4623 -55.11 -6.65 -34.26
O2' OMG C 4623 -56.24 -7.30 -34.82
CM2 OMG C 4623 -57.29 -6.41 -35.11
C1' OMG C 4623 -55.47 -6.18 -32.85
N9 OMG C 4623 -54.70 -4.97 -32.47
C8 OMG C 4623 -53.47 -4.94 -31.87
N7 OMG C 4623 -53.07 -3.72 -31.66
C5 OMG C 4623 -54.06 -2.93 -32.14
C6 OMG C 4623 -54.18 -1.51 -32.18
O6 OMG C 4623 -53.38 -0.68 -31.78
N1 OMG C 4623 -55.38 -1.13 -32.78
C2 OMG C 4623 -56.33 -1.97 -33.26
N2 OMG C 4623 -57.42 -1.40 -33.79
N3 OMG C 4623 -56.23 -3.27 -33.21
C4 OMG C 4623 -55.09 -3.69 -32.65
N1 PSU C 4628 -52.01 9.31 -43.51
C2 PSU C 4628 -51.64 8.78 -42.30
N3 PSU C 4628 -51.62 9.58 -41.17
C4 PSU C 4628 -51.99 10.90 -41.26
C5 PSU C 4628 -52.36 11.42 -42.49
C6 PSU C 4628 -52.37 10.60 -43.60
O2 PSU C 4628 -51.31 7.60 -42.22
O4 PSU C 4628 -51.98 11.60 -40.25
C1' PSU C 4628 -52.78 12.85 -42.61
C2' PSU C 4628 -51.60 13.81 -42.64
O2' PSU C 4628 -52.01 15.03 -42.04
C3' PSU C 4628 -51.39 14.01 -44.13
C4' PSU C 4628 -52.80 13.95 -44.68
O3' PSU C 4628 -50.73 15.21 -44.45
O4' PSU C 4628 -53.48 13.00 -43.83
C5' PSU C 4628 -52.94 13.52 -46.11
O5' PSU C 4628 -52.57 12.16 -46.29
P PSU C 4628 -52.78 11.43 -47.68
OP1 PSU C 4628 -52.63 12.40 -48.78
OP2 PSU C 4628 -51.95 10.22 -47.70
N1 PSU C 4636 -30.07 3.96 -63.91
C2 PSU C 4636 -28.87 4.40 -63.38
N3 PSU C 4636 -28.80 4.86 -62.09
C4 PSU C 4636 -29.94 4.88 -61.33
C5 PSU C 4636 -31.15 4.44 -61.86
C6 PSU C 4636 -31.19 3.98 -63.16
O2 PSU C 4636 -27.85 4.38 -64.07
O4 PSU C 4636 -29.90 5.29 -60.18
C1' PSU C 4636 -32.36 4.50 -60.99
C2' PSU C 4636 -33.45 5.39 -61.59
O2' PSU C 4636 -33.98 6.20 -60.56
C3' PSU C 4636 -34.49 4.36 -62.05
C4' PSU C 4636 -34.34 3.24 -61.05
O3' PSU C 4636 -35.80 4.87 -62.08
O4' PSU C 4636 -32.91 3.22 -60.77
C5' PSU C 4636 -34.79 1.89 -61.51
O5' PSU C 4636 -36.19 1.91 -61.79
P PSU C 4636 -37.15 0.78 -61.22
OP1 PSU C 4636 -37.57 -0.04 -62.38
OP2 PSU C 4636 -36.49 0.15 -60.07
P OMG C 4637 -36.43 5.40 -63.46
OP1 OMG C 4637 -36.97 4.21 -64.22
OP2 OMG C 4637 -35.41 6.34 -64.12
O5' OMG C 4637 -37.66 6.28 -62.98
C5' OMG C 4637 -38.58 6.83 -63.92
C4' OMG C 4637 -39.08 8.17 -63.45
O4' OMG C 4637 -39.20 8.18 -62.01
C3' OMG C 4637 -38.18 9.35 -63.74
O3' OMG C 4637 -38.27 9.79 -65.08
C2' OMG C 4637 -38.65 10.38 -62.73
O2' OMG C 4637 -39.86 10.97 -63.16
CM2 OMG C 4637 -40.49 11.76 -62.19
C1' OMG C 4637 -38.98 9.49 -61.52
N9 OMG C 4637 -37.89 9.45 -60.53
C8 OMG C 4637 -37.01 8.42 -60.31
N7 OMG C 4637 -36.18 8.67 -59.35
C5 OMG C 4637 -36.53 9.92 -58.91
C6 OMG C 4637 -35.98 10.73 -57.87
O6 OMG C 4637 -35.05 10.49 -57.13
N1 OMG C 4637 -36.67 11.95 -57.78
C2 OMG C 4637 -37.71 12.33 -58.55
N2 OMG C 4637 -38.23 13.53 -58.29
N3 OMG C 4637 -38.21 11.59 -59.49
C4 OMG C 4637 -37.59 10.41 -59.63
N1 PSU C 4673 -51.66 6.06 -34.98
C2 PSU C 4673 -51.74 4.73 -35.35
N3 PSU C 4673 -52.71 4.30 -36.21
C4 PSU C 4673 -53.62 5.22 -36.71
C5 PSU C 4673 -53.54 6.54 -36.34
C6 PSU C 4673 -52.54 6.94 -35.47
O2 PSU C 4673 -50.93 3.93 -34.89
O4 PSU C 4673 -54.50 4.84 -37.48
C1' PSU C 4673 -54.51 7.55 -36.88
C2' PSU C 4673 -55.81 7.53 -36.08
O2' PSU C 4673 -56.89 7.79 -36.96
C3' PSU C 4673 -55.61 8.70 -35.12
C4' PSU C 4673 -54.83 9.69 -35.98
O3' PSU C 4673 -56.81 9.24 -34.62
O4' PSU C 4673 -53.98 8.85 -36.79
C5' PSU C 4673 -54.01 10.69 -35.22
O5' PSU C 4673 -53.66 10.21 -33.93
P PSU C 4673 -52.15 10.31 -33.40
OP1 PSU C 4673 -52.15 11.21 -32.22
OP2 PSU C 4673 -51.66 8.93 -33.26
N1 PSU C 4689 -82.09 -16.65 10.15
C2 PSU C 4689 -81.38 -17.82 10.04
N3 PSU C 4689 -82.03 -18.98 9.68
C4 PSU C 4689 -83.38 -18.99 9.44
C5 PSU C 4689 -84.09 -17.80 9.56
C6 PSU C 4689 -83.41 -16.65 9.92
O2 PSU C 4689 -80.18 -17.83 10.25
O4 PSU C 4689 -83.95 -20.02 9.12
C1' PSU C 4689 -85.55 -17.75 9.30
C2' PSU C 4689 -86.37 -18.32 10.46
O2' PSU C 4689 -87.54 -18.92 9.94
C3' PSU C 4689 -86.73 -17.06 11.23
C4' PSU C 4689 -86.92 -16.03 10.12
O3' PSU C 4689 -87.88 -17.19 12.04
O4' PSU C 4689 -85.95 -16.41 9.12
C5' PSU C 4689 -86.69 -14.60 10.51
O5' PSU C 4689 -85.33 -14.38 10.85
P PSU C 4689 -84.79 -12.92 11.14
OP1 PSU C 4689 -86.00 -12.26 11.64
OP2 PSU C 4689 -83.57 -13.00 11.96
N1 PSU C 4972 -52.98 -21.66 -65.70
C2 PSU C 4972 -54.16 -21.20 -65.15
N3 PSU C 4972 -54.91 -20.26 -65.80
C4 PSU C 4972 -54.48 -19.76 -67.01
C5 PSU C 4972 -53.29 -20.22 -67.56
C6 PSU C 4972 -52.55 -21.18 -66.88
O2 PSU C 4972 -54.54 -21.65 -64.07
O4 PSU C 4972 -55.15 -18.91 -67.60
C1' PSU C 4972 -52.82 -19.68 -68.87
C2' PSU C 4972 -52.21 -18.30 -68.72
O2' PSU C 4972 -52.46 -17.56 -69.90
C3' PSU C 4972 -50.73 -18.64 -68.61
C4' PSU C 4972 -50.58 -19.82 -69.55
O3' PSU C 4972 -49.89 -17.55 -68.95
O4' PSU C 4972 -51.83 -20.54 -69.40
C5' PSU C 4972 -49.42 -20.73 -69.27
O5' PSU C 4972 -49.53 -21.32 -67.98
P PSU C 4972 -48.28 -22.08 -67.33
OP1 PSU C 4972 -47.06 -21.59 -68.01
OP2 PSU C 4972 -48.39 -21.98 -65.86
N1 PSU C 4973 -52.46 -17.94 -64.43
C2 PSU C 4973 -53.33 -18.11 -63.39
N3 PSU C 4973 -54.47 -17.34 -63.30
C4 PSU C 4973 -54.73 -16.40 -64.27
C5 PSU C 4973 -53.84 -16.23 -65.31
C6 PSU C 4973 -52.70 -17.01 -65.38
O2 PSU C 4973 -53.11 -18.95 -62.53
O4 PSU C 4973 -55.74 -15.71 -64.20
C1' PSU C 4973 -54.12 -15.22 -66.37
C2' PSU C 4973 -53.79 -13.80 -65.92
O2' PSU C 4973 -54.72 -12.91 -66.52
C3' PSU C 4973 -52.41 -13.59 -66.53
C4' PSU C 4973 -52.48 -14.39 -67.83
O3' PSU C 4973 -52.08 -12.24 -66.74
O4' PSU C 4973 -53.33 -15.52 -67.50
C5' PSU C 4973 -51.17 -14.88 -68.36
O5' PSU C 4973 -50.48 -15.66 -67.39
P PSU C 4973 -49.28 -16.61 -67.80
OP1 PSU C 4973 -48.22 -15.77 -68.41
OP2 PSU C 4973 -48.96 -17.47 -66.65
N1 PSU C 5001 -52.30 13.24 -64.64
C2 PSU C 5001 -51.23 12.39 -64.68
N3 PSU C 5001 -51.01 11.50 -63.66
C4 PSU C 5001 -51.88 11.46 -62.60
C5 PSU C 5001 -52.96 12.32 -62.56
C6 PSU C 5001 -53.16 13.21 -63.60
O2 PSU C 5001 -50.45 12.43 -65.64
O4 PSU C 5001 -51.69 10.66 -61.69
C1' PSU C 5001 -53.92 12.28 -61.42
C2' PSU C 5001 -53.36 12.92 -60.15
O2' PSU C 5001 -53.90 12.22 -59.04
C3' PSU C 5001 -53.93 14.31 -60.23
C4' PSU C 5001 -55.32 14.06 -60.81
O3' PSU C 5001 -53.97 15.00 -59.00
O4' PSU C 5001 -55.10 12.98 -61.74
C5' PSU C 5001 -55.94 15.22 -61.52
O5' PSU C 5001 -55.17 15.60 -62.63
P PSU C 5001 -55.74 16.64 -63.69
OP1 PSU C 5001 -56.38 17.71 -62.91
OP2 PSU C 5001 -54.66 16.95 -64.65
N1 PSU C 5010 -33.35 28.64 -78.97
C2 PSU C 5010 -33.98 29.45 -78.06
N3 PSU C 5010 -34.92 30.36 -78.48
C4 PSU C 5010 -35.24 30.46 -79.82
C5 PSU C 5010 -34.58 29.65 -80.74
C6 PSU C 5010 -33.65 28.73 -80.28
O2 PSU C 5010 -33.70 29.37 -76.87
O4 PSU C 5010 -36.08 31.29 -80.16
C1' PSU C 5010 -34.88 29.67 -82.21
C2' PSU C 5010 -34.54 31.02 -82.86
O2' PSU C 5010 -35.47 31.25 -83.91
C3' PSU C 5010 -33.15 30.75 -83.42
C4' PSU C 5010 -33.25 29.30 -83.85
O3' PSU C 5010 -32.80 31.59 -84.49
O4' PSU C 5010 -34.10 28.68 -82.85
C5' PSU C 5010 -31.94 28.55 -83.92
O5' PSU C 5010 -31.37 28.40 -82.64
P PSU C 5010 -30.16 27.39 -82.41
OP1 PSU C 5010 -29.24 27.53 -83.56
OP2 PSU C 5010 -29.65 27.55 -81.04
N1 PSU E 55 13.50 -56.26 -69.11
C2 PSU E 55 13.91 -56.08 -70.41
N3 PSU E 55 14.17 -57.17 -71.21
C4 PSU E 55 14.02 -58.44 -70.71
C5 PSU E 55 13.62 -58.62 -69.39
C6 PSU E 55 13.35 -57.51 -68.61
O2 PSU E 55 14.03 -54.94 -70.86
O4 PSU E 55 14.26 -59.38 -71.45
C1' PSU E 55 13.43 -59.98 -68.80
C2' PSU E 55 14.73 -60.76 -68.69
O2' PSU E 55 14.43 -62.14 -68.85
C3' PSU E 55 15.14 -60.47 -67.26
C4' PSU E 55 13.80 -60.44 -66.53
O3' PSU E 55 16.02 -61.44 -66.72
O4' PSU E 55 12.91 -59.83 -67.49
C5' PSU E 55 13.78 -59.67 -65.25
O5' PSU E 55 13.90 -58.27 -65.49
P PSU E 55 13.79 -57.23 -64.29
OP1 PSU E 55 14.25 -57.93 -63.08
OP2 PSU E 55 14.46 -55.98 -64.71
N1 PSU E 69 23.24 -79.40 -82.38
C2 PSU E 69 22.59 -78.34 -82.98
N3 PSU E 69 21.27 -78.11 -82.75
C4 PSU E 69 20.56 -78.96 -81.91
C5 PSU E 69 21.21 -80.03 -81.33
C6 PSU E 69 22.55 -80.23 -81.56
O2 PSU E 69 23.23 -77.59 -83.73
O4 PSU E 69 19.37 -78.75 -81.72
C1' PSU E 69 20.48 -80.95 -80.37
C2' PSU E 69 19.33 -81.79 -80.93
O2' PSU E 69 18.26 -81.74 -80.01
C3' PSU E 69 19.94 -83.19 -80.97
C4' PSU E 69 20.91 -83.18 -79.79
O3' PSU E 69 18.97 -84.21 -80.83
O4' PSU E 69 21.40 -81.82 -79.76
C5' PSU E 69 22.06 -84.13 -79.92
O5' PSU E 69 22.97 -83.69 -80.91
P PSU E 69 24.37 -84.43 -81.11
OP1 PSU E 69 23.97 -85.84 -80.98
OP2 PSU E 69 25.01 -83.91 -82.34
P OMG E 75 2.76 -65.49 -79.71
OP1 OMG E 75 2.50 -64.28 -78.83
OP2 OMG E 75 2.80 -66.87 -79.08
O5' OMG E 75 1.67 -65.48 -80.88
C5' OMG E 75 0.34 -65.06 -80.65
C4' OMG E 75 0.01 -63.80 -81.40
O4' OMG E 75 0.59 -62.66 -80.72
C3' OMG E 75 0.56 -63.68 -82.81
O3' OMG E 75 -0.20 -64.41 -83.77
C2' OMG E 75 0.52 -62.18 -83.05
O2' OMG E 75 -0.81 -61.76 -83.32
CM2 OMG E 75 -1.00 -60.36 -83.35
C1' OMG E 75 0.91 -61.65 -81.66
N9 OMG E 75 2.35 -61.37 -81.56
C8 OMG E 75 3.30 -62.08 -80.87
N7 OMG E 75 4.48 -61.55 -80.99
C5 OMG E 75 4.30 -60.45 -81.77
C6 OMG E 75 5.24 -59.49 -82.24
O6 OMG E 75 6.44 -59.42 -82.03
N1 OMG E 75 4.61 -58.53 -83.03
C2 OMG E 75 3.28 -58.50 -83.33
N2 OMG E 75 2.89 -57.49 -84.12
N3 OMG E 75 2.43 -59.38 -82.91
C4 OMG E 75 2.98 -60.32 -82.14
N GLY F 1 19.53 -26.38 -18.63
CA GLY F 1 19.77 -27.60 -19.38
C GLY F 1 20.38 -27.34 -20.74
N ARG F 2 20.45 -26.06 -21.12
CA ARG F 2 20.91 -25.66 -22.44
C ARG F 2 22.28 -24.99 -22.33
N VAL F 3 23.07 -25.11 -23.38
CA VAL F 3 24.34 -24.39 -23.44
C VAL F 3 24.04 -22.91 -23.56
N ILE F 4 24.67 -22.12 -22.70
CA ILE F 4 24.33 -20.70 -22.59
C ILE F 4 25.11 -19.90 -23.62
N ARG F 5 24.70 -18.66 -23.86
CA ARG F 5 25.44 -17.78 -24.73
C ARG F 5 26.77 -17.41 -24.07
N GLY F 6 27.78 -17.23 -24.89
CA GLY F 6 29.13 -17.07 -24.38
C GLY F 6 29.79 -18.42 -24.28
N GLN F 7 29.10 -19.37 -23.67
CA GLN F 7 29.49 -20.76 -23.79
C GLN F 7 29.28 -21.27 -25.20
N ARG F 8 28.40 -20.64 -25.96
CA ARG F 8 28.25 -20.94 -27.38
C ARG F 8 29.26 -20.22 -28.25
N LYS F 9 29.98 -19.23 -27.72
CA LYS F 9 30.91 -18.45 -28.55
C LYS F 9 32.23 -19.16 -28.78
N GLY F 10 32.53 -20.20 -28.01
CA GLY F 10 33.75 -20.94 -28.25
C GLY F 10 33.72 -21.75 -29.52
N ALA F 11 32.52 -22.12 -29.97
CA ALA F 11 32.39 -22.76 -31.27
C ALA F 11 32.82 -21.82 -32.39
N GLY F 12 32.47 -20.55 -32.26
CA GLY F 12 32.88 -19.54 -33.22
C GLY F 12 32.30 -19.76 -34.59
N SER F 13 30.99 -20.00 -34.67
CA SER F 13 30.33 -20.16 -35.95
C SER F 13 29.72 -18.84 -36.43
N VAL F 14 28.80 -18.27 -35.63
CA VAL F 14 28.24 -16.96 -35.92
C VAL F 14 28.89 -15.88 -35.09
N PHE F 15 29.89 -16.21 -34.28
CA PHE F 15 30.60 -15.24 -33.47
C PHE F 15 32.01 -14.98 -33.97
N ARG F 16 32.36 -15.49 -35.15
CA ARG F 16 33.68 -15.24 -35.68
C ARG F 16 33.81 -13.79 -36.12
N ALA F 17 35.05 -13.31 -36.15
CA ALA F 17 35.30 -11.91 -36.45
C ALA F 17 35.00 -11.60 -37.91
N HIS F 18 34.31 -10.48 -38.12
CA HIS F 18 33.98 -10.00 -39.47
C HIS F 18 35.21 -9.32 -40.03
N VAL F 19 36.09 -10.11 -40.63
CA VAL F 19 37.37 -9.63 -41.11
C VAL F 19 37.37 -9.57 -42.62
N LYS F 20 36.19 -9.38 -43.21
CA LYS F 20 36.09 -9.36 -44.66
C LYS F 20 36.82 -8.17 -45.26
N HIS F 21 36.54 -6.97 -44.76
CA HIS F 21 37.05 -5.75 -45.36
C HIS F 21 38.26 -5.19 -44.62
N ARG F 22 38.80 -5.91 -43.65
CA ARG F 22 39.98 -5.43 -42.95
C ARG F 22 41.18 -5.40 -43.88
N LYS F 23 42.04 -4.42 -43.68
CA LYS F 23 43.12 -4.11 -44.62
C LYS F 23 44.39 -4.88 -44.34
N GLY F 24 44.38 -5.83 -43.41
CA GLY F 24 45.55 -6.60 -43.07
C GLY F 24 45.90 -6.48 -41.61
N ALA F 25 46.76 -7.39 -41.18
CA ALA F 25 47.22 -7.40 -39.80
C ALA F 25 48.17 -6.24 -39.58
N ALA F 26 47.75 -5.27 -38.76
CA ALA F 26 48.58 -4.11 -38.49
C ALA F 26 49.73 -4.52 -37.58
N ARG F 27 50.96 -4.28 -38.02
CA ARG F 27 52.11 -4.79 -37.31
C ARG F 27 53.36 -4.04 -37.75
N LEU F 28 54.44 -4.27 -37.00
CA LEU F 28 55.73 -3.68 -37.32
C LEU F 28 56.40 -4.50 -38.43
N ARG F 29 57.68 -4.25 -38.66
CA ARG F 29 58.44 -4.99 -39.65
C ARG F 29 59.36 -6.00 -38.97
N ALA F 30 59.75 -7.02 -39.72
CA ALA F 30 60.58 -8.08 -39.16
C ALA F 30 61.97 -7.57 -38.85
N VAL F 31 62.48 -7.97 -37.68
CA VAL F 31 63.81 -7.54 -37.26
C VAL F 31 64.86 -8.25 -38.10
N ASP F 32 65.85 -7.49 -38.56
CA ASP F 32 66.93 -8.04 -39.37
C ASP F 32 68.20 -7.27 -39.04
N PHE F 33 69.22 -7.43 -39.87
CA PHE F 33 70.51 -6.82 -39.60
C PHE F 33 70.42 -5.30 -39.59
N ALA F 34 69.65 -4.74 -40.53
CA ALA F 34 69.52 -3.29 -40.60
C ALA F 34 68.87 -2.74 -39.34
N GLU F 35 67.83 -3.39 -38.86
CA GLU F 35 67.16 -2.92 -37.65
C GLU F 35 67.96 -3.23 -36.38
N ARG F 36 68.91 -4.16 -36.44
CA ARG F 36 69.73 -4.46 -35.29
C ARG F 36 70.99 -3.61 -35.20
N HIS F 37 71.45 -3.04 -36.31
CA HIS F 37 72.72 -2.33 -36.29
C HIS F 37 72.68 -0.92 -36.85
N GLY F 38 71.61 -0.51 -37.53
CA GLY F 38 71.55 0.83 -38.08
C GLY F 38 70.13 1.35 -38.09
N TYR F 39 69.72 1.94 -39.21
CA TYR F 39 68.35 2.36 -39.39
C TYR F 39 67.98 2.20 -40.85
N ILE F 40 66.69 1.98 -41.10
CA ILE F 40 66.15 1.89 -42.45
C ILE F 40 65.07 2.94 -42.57
N LYS F 41 65.08 3.66 -43.69
CA LYS F 41 64.18 4.79 -43.89
C LYS F 41 63.03 4.37 -44.80
N GLY F 42 61.81 4.44 -44.27
CA GLY F 42 60.60 4.20 -45.02
C GLY F 42 59.82 5.48 -45.20
N ILE F 43 58.83 5.42 -46.08
CA ILE F 43 58.02 6.58 -46.42
C ILE F 43 56.55 6.22 -46.25
N VAL F 44 55.79 7.12 -45.61
CA VAL F 44 54.37 6.88 -45.38
C VAL F 44 53.63 7.20 -46.67
N LYS F 45 53.24 6.16 -47.41
CA LYS F 45 52.54 6.39 -48.68
C LYS F 45 51.08 6.76 -48.46
N ASP F 46 50.45 6.22 -47.42
CA ASP F 46 49.03 6.47 -47.21
C ASP F 46 48.69 6.28 -45.75
N ILE F 47 47.59 6.91 -45.34
CA ILE F 47 46.97 6.69 -44.04
C ILE F 47 45.53 6.27 -44.30
N ILE F 48 45.17 5.07 -43.87
CA ILE F 48 43.91 4.45 -44.21
C ILE F 48 43.16 4.11 -42.93
N HIS F 49 41.90 3.72 -43.09
CA HIS F 49 41.03 3.36 -41.99
C HIS F 49 40.77 1.86 -42.05
N ASP F 50 41.13 1.17 -41.01
CA ASP F 50 40.85 -0.25 -40.94
C ASP F 50 39.48 -0.48 -40.34
N PRO F 51 38.60 -1.22 -41.01
CA PRO F 51 37.27 -1.48 -40.44
C PRO F 51 37.36 -2.22 -39.11
N GLY F 52 36.51 -1.81 -38.18
CA GLY F 52 36.46 -2.44 -36.88
C GLY F 52 37.53 -2.00 -35.91
N ARG F 53 38.41 -1.09 -36.33
CA ARG F 53 39.49 -0.61 -35.48
C ARG F 53 39.42 0.90 -35.40
N GLY F 54 39.49 1.43 -34.18
CA GLY F 54 39.43 2.87 -34.01
C GLY F 54 40.69 3.59 -34.46
N ALA F 55 41.76 2.89 -34.62
CA ALA F 55 42.96 3.61 -35.00
C ALA F 55 43.20 3.53 -36.49
N PRO F 56 43.74 4.59 -37.08
CA PRO F 56 44.15 4.52 -38.48
C PRO F 56 45.39 3.66 -38.64
N LEU F 57 45.61 3.19 -39.86
CA LEU F 57 46.77 2.40 -40.21
C LEU F 57 47.59 3.16 -41.23
N ALA F 58 48.90 3.26 -41.00
CA ALA F 58 49.79 3.97 -41.89
C ALA F 58 50.56 2.97 -42.74
N LYS F 59 50.38 3.05 -44.05
CA LYS F 59 51.12 2.21 -44.98
C LYS F 59 52.49 2.83 -45.21
N VAL F 60 53.54 2.10 -44.87
CA VAL F 60 54.91 2.60 -44.99
C VAL F 60 55.66 1.71 -45.97
N VAL F 61 56.30 2.32 -46.95
CA VAL F 61 57.07 1.61 -47.96
C VAL F 61 58.53 1.68 -47.57
N PHE F 62 59.16 0.51 -47.48
CA PHE F 62 60.59 0.37 -47.23
C PHE F 62 61.28 -0.21 -48.46
N ARG F 63 62.60 -0.13 -48.45
CA ARG F 63 63.42 -0.80 -49.44
C ARG F 63 63.89 -2.13 -48.87
N ASP F 64 63.80 -3.18 -49.66
CA ASP F 64 64.33 -4.46 -49.23
C ASP F 64 65.85 -4.41 -49.34
N PRO F 65 66.59 -4.58 -48.24
CA PRO F 65 68.05 -4.45 -48.30
C PRO F 65 68.74 -5.57 -49.04
N TYR F 66 68.06 -6.67 -49.33
CA TYR F 66 68.70 -7.82 -49.95
C TYR F 66 68.26 -8.08 -51.38
N ARG F 67 66.99 -7.81 -51.70
CA ARG F 67 66.49 -7.95 -53.05
C ARG F 67 66.01 -6.59 -53.55
N PHE F 68 66.14 -6.37 -54.84
CA PHE F 68 65.67 -5.12 -55.44
C PHE F 68 64.15 -5.17 -55.49
N LYS F 69 63.52 -4.60 -54.47
CA LYS F 69 62.07 -4.64 -54.37
C LYS F 69 61.64 -3.59 -53.36
N LYS F 70 60.37 -3.24 -53.40
CA LYS F 70 59.79 -2.27 -52.49
C LYS F 70 58.87 -2.99 -51.51
N ARG F 71 59.32 -3.12 -50.27
CA ARG F 71 58.53 -3.78 -49.24
C ARG F 71 57.45 -2.82 -48.74
N THR F 72 56.31 -3.39 -48.34
CA THR F 72 55.18 -2.61 -47.86
C THR F 72 54.83 -3.06 -46.45
N GLU F 73 54.64 -2.09 -45.56
CA GLU F 73 54.31 -2.36 -44.17
C GLU F 73 53.02 -1.65 -43.81
N LEU F 74 52.40 -2.13 -42.73
CA LEU F 74 51.06 -1.73 -42.30
C LEU F 74 51.09 -1.27 -40.86
N PHE F 75 51.98 -0.35 -40.54
CA PHE F 75 52.14 0.16 -39.19
C PHE F 75 50.83 0.72 -38.64
N ILE F 76 50.73 0.74 -37.32
CA ILE F 76 49.64 1.44 -36.66
C ILE F 76 49.99 2.92 -36.58
N ALA F 77 49.08 3.77 -37.06
CA ALA F 77 49.40 5.17 -37.24
C ALA F 77 49.58 5.85 -35.88
N ALA F 78 50.73 6.47 -35.67
CA ALA F 78 50.94 7.33 -34.52
C ALA F 78 50.45 8.73 -34.84
N GLU F 79 49.84 9.36 -33.85
CA GLU F 79 49.20 10.65 -34.08
C GLU F 79 50.22 11.72 -34.41
N GLY F 80 49.95 12.50 -35.46
CA GLY F 80 50.82 13.55 -35.90
C GLY F 80 51.55 13.28 -37.19
N ILE F 81 51.74 12.00 -37.54
CA ILE F 81 52.45 11.67 -38.75
C ILE F 81 51.55 11.88 -39.96
N HIS F 82 52.17 11.99 -41.13
CA HIS F 82 51.45 12.34 -42.35
C HIS F 82 52.03 11.59 -43.52
N THR F 83 51.28 11.56 -44.61
CA THR F 83 51.78 10.99 -45.85
C THR F 83 52.92 11.84 -46.39
N GLY F 84 53.77 11.22 -47.18
CA GLY F 84 54.96 11.91 -47.65
C GLY F 84 55.90 12.28 -46.52
N GLN F 85 55.98 11.45 -45.49
CA GLN F 85 56.89 11.66 -44.38
C GLN F 85 57.78 10.44 -44.25
N PHE F 86 59.05 10.68 -43.96
CA PHE F 86 60.00 9.60 -43.74
C PHE F 86 59.94 9.16 -42.29
N VAL F 87 59.76 7.87 -42.08
CA VAL F 87 59.94 7.26 -40.78
C VAL F 87 61.24 6.46 -40.84
N TYR F 88 61.79 6.17 -39.66
CA TYR F 88 63.06 5.48 -39.56
C TYR F 88 62.93 4.38 -38.53
N CYS F 89 63.43 3.19 -38.84
CA CYS F 89 63.34 2.07 -37.92
C CYS F 89 64.71 1.47 -37.72
N GLY F 90 65.12 1.32 -36.48
CA GLY F 90 66.39 0.70 -36.17
C GLY F 90 66.91 1.19 -34.83
N LYS F 91 68.09 0.68 -34.48
CA LYS F 91 68.74 1.11 -33.25
C LYS F 91 69.38 2.48 -33.39
N LYS F 92 69.88 2.81 -34.57
CA LYS F 92 70.51 4.11 -34.81
C LYS F 92 69.49 5.19 -35.14
N ALA F 93 68.22 4.84 -35.25
CA ALA F 93 67.20 5.85 -35.51
C ALA F 93 67.11 6.83 -34.35
N GLN F 94 66.83 8.08 -34.68
CA GLN F 94 66.74 9.13 -33.69
C GLN F 94 65.36 9.12 -33.04
N LEU F 95 65.14 10.04 -32.11
CA LEU F 95 63.90 10.06 -31.33
C LEU F 95 62.95 11.06 -31.96
N ASN F 96 61.96 10.54 -32.69
CA ASN F 96 60.95 11.39 -33.30
C ASN F 96 59.64 10.61 -33.38
N ILE F 97 58.55 11.33 -33.59
CA ILE F 97 57.24 10.70 -33.71
C ILE F 97 57.20 9.88 -34.99
N GLY F 98 56.86 8.60 -34.85
CA GLY F 98 56.81 7.68 -35.96
C GLY F 98 58.02 6.78 -36.08
N ASN F 99 59.12 7.13 -35.44
CA ASN F 99 60.31 6.28 -35.51
C ASN F 99 60.13 5.05 -34.63
N VAL F 100 60.86 4.00 -34.98
CA VAL F 100 60.86 2.74 -34.24
C VAL F 100 62.23 2.57 -33.61
N LEU F 101 62.25 2.39 -32.29
CA LEU F 101 63.51 2.25 -31.57
C LEU F 101 63.39 1.11 -30.57
N PRO F 102 64.49 0.42 -30.29
CA PRO F 102 64.52 -0.44 -29.12
C PRO F 102 64.40 0.39 -27.86
N VAL F 103 63.70 -0.19 -26.86
CA VAL F 103 63.44 0.56 -25.64
C VAL F 103 64.71 0.79 -24.82
N GLY F 104 65.76 0.01 -25.06
CA GLY F 104 66.99 0.19 -24.31
C GLY F 104 67.77 1.43 -24.72
N THR F 105 67.50 1.98 -25.89
CA THR F 105 68.20 3.15 -26.40
C THR F 105 67.43 4.45 -26.21
N MET F 106 66.21 4.37 -25.72
CA MET F 106 65.37 5.54 -25.51
C MET F 106 65.45 6.02 -24.08
N PRO F 107 65.29 7.32 -23.84
CA PRO F 107 65.35 7.83 -22.47
C PRO F 107 64.18 7.32 -21.64
N GLU F 108 64.36 7.36 -20.33
CA GLU F 108 63.26 7.05 -19.43
C GLU F 108 62.22 8.15 -19.52
N GLY F 109 60.96 7.75 -19.69
CA GLY F 109 59.87 8.69 -19.89
C GLY F 109 59.43 8.86 -21.33
N THR F 110 60.08 8.18 -22.27
CA THR F 110 59.66 8.25 -23.66
C THR F 110 58.32 7.55 -23.84
N ILE F 111 57.46 8.15 -24.65
CA ILE F 111 56.12 7.63 -24.91
C ILE F 111 56.20 6.69 -26.11
N VAL F 112 55.74 5.46 -25.94
CA VAL F 112 55.76 4.48 -27.00
C VAL F 112 54.33 4.16 -27.42
N CYS F 113 54.22 3.62 -28.64
CA CYS F 113 52.94 3.49 -29.33
C CYS F 113 52.56 2.03 -29.58
N CYS F 114 53.42 1.26 -30.26
CA CYS F 114 53.13 -0.11 -30.63
C CYS F 114 54.30 -0.97 -30.17
N LEU F 115 54.24 -1.41 -28.92
CA LEU F 115 55.39 -1.99 -28.23
C LEU F 115 55.29 -3.51 -28.23
N GLU F 116 56.41 -4.16 -28.51
CA GLU F 116 56.44 -5.62 -28.47
C GLU F 116 56.36 -6.13 -27.04
N GLU F 117 55.83 -7.34 -26.88
CA GLU F 117 55.80 -8.02 -25.59
C GLU F 117 57.02 -8.91 -25.39
N LYS F 118 57.43 -9.63 -26.43
CA LYS F 118 58.65 -10.40 -26.44
C LYS F 118 59.59 -9.84 -27.50
N PRO F 119 60.89 -9.86 -27.28
CA PRO F 119 61.80 -9.34 -28.28
C PRO F 119 61.77 -10.17 -29.56
N GLY F 120 61.31 -9.56 -30.64
CA GLY F 120 61.32 -10.24 -31.92
C GLY F 120 60.01 -10.22 -32.67
N ASP F 121 58.88 -10.33 -31.97
CA ASP F 121 57.60 -10.28 -32.64
C ASP F 121 57.31 -8.84 -33.08
N ARG F 122 56.15 -8.64 -33.68
CA ARG F 122 55.78 -7.30 -34.10
C ARG F 122 55.18 -6.56 -32.91
N GLY F 123 54.51 -5.44 -33.18
CA GLY F 123 53.85 -4.69 -32.12
C GLY F 123 52.74 -5.48 -31.46
N LYS F 124 52.69 -5.44 -30.12
CA LYS F 124 51.68 -6.19 -29.40
C LYS F 124 51.04 -5.45 -28.24
N LEU F 125 51.44 -4.19 -27.97
CA LEU F 125 50.93 -3.46 -26.81
C LEU F 125 50.56 -2.04 -27.21
N ALA F 126 49.62 -1.48 -26.46
CA ALA F 126 49.19 -0.09 -26.59
C ALA F 126 48.70 0.23 -28.00
N ARG F 127 48.08 -0.73 -28.67
CA ARG F 127 47.70 -0.57 -30.06
C ARG F 127 46.33 0.07 -30.26
N ALA F 128 45.57 0.30 -29.19
CA ALA F 128 44.25 0.88 -29.33
C ALA F 128 44.35 2.39 -29.52
N SER F 129 43.27 2.98 -30.02
CA SER F 129 43.30 4.39 -30.38
C SER F 129 43.42 5.27 -29.16
N GLY F 130 44.46 6.12 -29.16
CA GLY F 130 44.70 7.04 -28.07
C GLY F 130 45.53 6.49 -26.93
N ASN F 131 45.91 5.21 -26.98
CA ASN F 131 46.66 4.59 -25.91
C ASN F 131 48.16 4.75 -26.13
N TYR F 132 48.92 4.51 -25.07
CA TYR F 132 50.36 4.71 -25.07
C TYR F 132 50.92 4.16 -23.78
N ALA F 133 52.18 3.77 -23.82
CA ALA F 133 52.87 3.27 -22.65
C ALA F 133 54.00 4.24 -22.28
N THR F 134 54.53 4.05 -21.08
CA THR F 134 55.59 4.92 -20.56
C THR F 134 56.81 4.08 -20.22
N VAL F 135 57.96 4.47 -20.76
CA VAL F 135 59.22 3.89 -20.31
C VAL F 135 59.53 4.47 -18.94
N ILE F 136 60.03 3.63 -18.03
CA ILE F 136 60.22 4.02 -16.64
C ILE F 136 61.69 3.93 -16.23
N SER F 137 62.31 2.77 -16.41
CA SER F 137 63.66 2.57 -15.91
C SER F 137 64.37 1.53 -16.76
N HIS F 138 65.70 1.57 -16.71
CA HIS F 138 66.53 0.64 -17.44
C HIS F 138 67.49 -0.06 -16.50
N ASN F 139 67.69 -1.35 -16.75
CA ASN F 139 68.78 -2.13 -16.16
C ASN F 139 69.63 -2.56 -17.34
N PRO F 140 70.75 -1.85 -17.59
CA PRO F 140 71.62 -2.24 -18.72
C PRO F 140 72.42 -3.50 -18.43
N GLU F 141 72.64 -3.82 -17.16
CA GLU F 141 73.35 -5.05 -16.82
C GLU F 141 72.54 -6.28 -17.22
N THR F 142 71.23 -6.24 -17.01
CA THR F 142 70.34 -7.35 -17.32
C THR F 142 69.56 -7.14 -18.61
N LYS F 143 69.76 -6.01 -19.29
CA LYS F 143 69.02 -5.66 -20.51
C LYS F 143 67.51 -5.71 -20.29
N LYS F 144 67.05 -5.11 -19.20
CA LYS F 144 65.63 -5.15 -18.84
C LYS F 144 65.09 -3.75 -18.68
N THR F 145 64.01 -3.45 -19.40
CA THR F 145 63.39 -2.13 -19.39
C THR F 145 62.00 -2.24 -18.78
N ARG F 146 61.71 -1.35 -17.84
CA ARG F 146 60.46 -1.34 -17.12
C ARG F 146 59.51 -0.37 -17.81
N VAL F 147 58.26 -0.79 -17.99
CA VAL F 147 57.26 0.00 -18.69
C VAL F 147 56.00 0.07 -17.86
N LYS F 148 55.21 1.10 -18.10
CA LYS F 148 53.89 1.28 -17.51
C LYS F 148 52.87 1.27 -18.63
N LEU F 149 51.94 0.34 -18.58
CA LEU F 149 51.03 0.06 -19.69
C LEU F 149 49.80 0.96 -19.61
N PRO F 150 48.95 0.96 -20.63
CA PRO F 150 47.69 1.72 -20.54
C PRO F 150 46.83 1.32 -19.36
N SER F 151 46.88 0.06 -18.93
CA SER F 151 46.12 -0.35 -17.75
C SER F 151 46.69 0.21 -16.46
N GLY F 152 47.88 0.80 -16.50
CA GLY F 152 48.57 1.21 -15.30
C GLY F 152 49.48 0.16 -14.71
N SER F 153 49.46 -1.06 -15.25
CA SER F 153 50.32 -2.12 -14.74
C SER F 153 51.76 -1.89 -15.16
N LYS F 154 52.68 -2.19 -14.25
CA LYS F 154 54.10 -2.05 -14.52
C LYS F 154 54.69 -3.41 -14.87
N LYS F 155 55.45 -3.45 -15.96
CA LYS F 155 55.95 -4.70 -16.52
C LYS F 155 57.43 -4.57 -16.82
N VAL F 156 58.09 -5.71 -16.94
CA VAL F 156 59.51 -5.79 -17.29
C VAL F 156 59.62 -6.51 -18.63
N ILE F 157 60.28 -5.88 -19.59
CA ILE F 157 60.46 -6.48 -20.90
C ILE F 157 61.93 -6.35 -21.30
N SER F 158 62.35 -7.18 -22.24
CA SER F 158 63.71 -7.11 -22.72
C SER F 158 63.94 -5.79 -23.46
N SER F 159 65.18 -5.29 -23.36
CA SER F 159 65.49 -3.99 -23.94
C SER F 159 65.49 -4.02 -25.47
N ALA F 160 65.56 -5.19 -26.08
CA ALA F 160 65.59 -5.28 -27.53
C ALA F 160 64.23 -5.08 -28.17
N ASN F 161 63.17 -4.99 -27.38
CA ASN F 161 61.84 -4.83 -27.94
C ASN F 161 61.69 -3.46 -28.59
N ARG F 162 61.09 -3.42 -29.76
CA ARG F 162 60.91 -2.20 -30.53
C ARG F 162 59.51 -1.64 -30.31
N ALA F 163 59.38 -0.34 -30.58
CA ALA F 163 58.11 0.34 -30.39
C ALA F 163 58.12 1.64 -31.17
N VAL F 164 56.97 1.96 -31.77
CA VAL F 164 56.80 3.27 -32.39
C VAL F 164 56.82 4.33 -31.30
N VAL F 165 57.25 5.54 -31.65
CA VAL F 165 57.33 6.64 -30.69
C VAL F 165 56.14 7.56 -30.91
N GLY F 166 55.39 7.82 -29.85
CA GLY F 166 54.23 8.68 -29.86
C GLY F 166 53.03 7.96 -29.30
N VAL F 167 51.87 8.57 -29.46
CA VAL F 167 50.61 7.97 -29.06
C VAL F 167 49.88 7.51 -30.32
N VAL F 168 48.85 6.70 -30.14
CA VAL F 168 48.07 6.19 -31.27
C VAL F 168 47.06 7.24 -31.68
N ALA F 169 46.97 7.48 -32.99
CA ALA F 169 45.95 8.38 -33.51
C ALA F 169 44.57 7.81 -33.23
N GLY F 170 43.64 8.70 -32.90
CA GLY F 170 42.30 8.28 -32.55
C GLY F 170 41.73 9.09 -31.41
N GLY F 171 42.58 9.78 -30.66
CA GLY F 171 42.21 10.69 -29.60
C GLY F 171 41.24 10.09 -28.63
N GLY F 172 40.40 10.95 -28.06
CA GLY F 172 39.36 10.51 -27.16
C GLY F 172 38.14 9.99 -27.88
N ARG F 173 38.30 8.88 -28.61
CA ARG F 173 37.23 8.36 -29.44
C ARG F 173 36.00 8.00 -28.63
N ILE F 174 36.21 7.46 -27.42
CA ILE F 174 35.09 7.03 -26.59
C ILE F 174 34.43 8.20 -25.90
N ASP F 175 34.97 9.41 -26.09
CA ASP F 175 34.41 10.57 -25.41
C ASP F 175 33.12 11.07 -26.06
N LYS F 176 32.73 10.50 -27.19
CA LYS F 176 31.48 10.87 -27.84
C LYS F 176 30.41 9.83 -27.54
N PRO F 177 29.30 10.20 -26.92
CA PRO F 177 28.22 9.22 -26.71
C PRO F 177 27.69 8.72 -28.03
N ILE F 178 27.40 7.42 -28.08
CA ILE F 178 26.96 6.80 -29.33
C ILE F 178 25.58 7.31 -29.73
N LEU F 179 24.70 7.52 -28.74
CA LEU F 179 23.42 8.20 -28.89
C LEU F 179 22.36 7.39 -29.61
N LYS F 180 22.71 6.24 -30.16
CA LYS F 180 21.73 5.52 -30.97
C LYS F 180 22.02 4.04 -30.99
N ALA F 181 20.96 3.26 -30.85
CA ALA F 181 21.06 1.82 -31.06
C ALA F 181 21.58 1.52 -32.46
N GLY F 182 21.20 2.31 -33.44
CA GLY F 182 21.68 2.10 -34.79
C GLY F 182 23.17 2.32 -34.92
N ARG F 183 23.69 3.36 -34.27
CA ARG F 183 25.12 3.62 -34.34
C ARG F 183 25.91 2.54 -33.60
N ALA F 184 25.39 2.04 -32.47
CA ALA F 184 26.04 0.90 -31.84
C ALA F 184 25.99 -0.34 -32.72
N TYR F 185 24.86 -0.55 -33.40
CA TYR F 185 24.71 -1.66 -34.32
C TYR F 185 25.75 -1.60 -35.42
N HIS F 186 25.96 -0.41 -35.98
CA HIS F 186 26.98 -0.25 -37.02
C HIS F 186 28.38 -0.40 -36.46
N LYS F 187 28.61 0.04 -35.22
CA LYS F 187 29.93 -0.14 -34.61
C LYS F 187 30.27 -1.62 -34.49
N TYR F 188 29.30 -2.43 -34.09
CA TYR F 188 29.58 -3.85 -33.90
C TYR F 188 29.47 -4.68 -35.18
N LYS F 189 28.75 -4.19 -36.18
CA LYS F 189 28.62 -4.92 -37.44
C LYS F 189 29.96 -5.08 -38.13
N ALA F 190 30.87 -4.15 -37.94
CA ALA F 190 32.20 -4.25 -38.53
C ALA F 190 33.20 -4.95 -37.61
N LYS F 191 32.78 -5.40 -36.44
CA LYS F 191 33.69 -6.08 -35.52
C LYS F 191 33.34 -7.55 -35.36
N ARG F 192 32.15 -7.86 -34.85
CA ARG F 192 31.76 -9.24 -34.56
C ARG F 192 30.33 -9.23 -34.05
N ASN F 193 29.78 -10.43 -33.87
CA ASN F 193 28.40 -10.59 -33.40
C ASN F 193 28.42 -10.66 -31.89
N CYS F 194 28.24 -9.51 -31.25
CA CYS F 194 28.11 -9.43 -29.80
C CYS F 194 27.08 -8.40 -29.40
N TRP F 195 26.04 -8.22 -30.22
CA TRP F 195 25.12 -7.11 -30.01
C TRP F 195 23.79 -7.43 -30.68
N PRO F 196 22.66 -7.12 -30.04
CA PRO F 196 22.49 -6.56 -28.69
C PRO F 196 22.74 -7.61 -27.63
N ARG F 197 22.89 -7.22 -26.37
CA ARG F 197 23.09 -8.16 -25.29
C ARG F 197 21.83 -8.22 -24.44
N VAL F 198 21.37 -9.44 -24.17
CA VAL F 198 20.16 -9.67 -23.38
C VAL F 198 20.57 -10.02 -21.97
N ARG F 199 19.94 -9.38 -20.99
CA ARG F 199 20.24 -9.66 -19.60
C ARG F 199 19.90 -11.10 -19.26
N GLY F 200 20.74 -11.70 -18.39
CA GLY F 200 20.50 -13.08 -18.00
C GLY F 200 19.22 -13.27 -17.23
N VAL F 201 18.84 -12.29 -16.41
CA VAL F 201 17.61 -12.40 -15.63
C VAL F 201 16.36 -12.34 -16.48
N ALA F 202 16.50 -11.98 -17.75
CA ALA F 202 15.36 -11.97 -18.66
C ALA F 202 15.17 -13.29 -19.40
N MET F 203 16.06 -14.26 -19.20
CA MET F 203 15.95 -15.53 -19.86
C MET F 203 15.27 -16.55 -18.95
N ASN F 204 15.01 -17.72 -19.49
CA ASN F 204 14.53 -18.85 -18.71
C ASN F 204 15.69 -19.53 -18.01
N PRO F 205 15.44 -20.28 -16.93
CA PRO F 205 16.55 -20.91 -16.20
C PRO F 205 17.32 -21.92 -17.03
N VAL F 206 16.72 -22.45 -18.09
CA VAL F 206 17.42 -23.43 -18.91
C VAL F 206 18.58 -22.79 -19.66
N GLU F 207 18.42 -21.54 -20.11
CA GLU F 207 19.49 -20.89 -20.87
C GLU F 207 20.46 -20.09 -20.02
N HIS F 208 20.22 -19.97 -18.72
CA HIS F 208 21.09 -19.08 -17.94
C HIS F 208 20.92 -19.40 -16.47
N PRO F 209 22.00 -19.34 -15.66
CA PRO F 209 21.84 -19.53 -14.21
C PRO F 209 20.95 -18.50 -13.56
N PHE F 210 20.93 -17.27 -14.06
CA PHE F 210 20.16 -16.21 -13.43
C PHE F 210 18.70 -16.19 -13.87
N GLY F 211 18.33 -16.97 -14.88
CA GLY F 211 17.00 -16.88 -15.43
C GLY F 211 15.94 -17.44 -14.52
N GLY F 212 14.69 -17.12 -14.84
CA GLY F 212 13.55 -17.62 -14.13
C GLY F 212 13.11 -16.72 -12.99
N GLY F 213 12.01 -17.11 -12.37
CA GLY F 213 11.44 -16.41 -11.25
C GLY F 213 10.30 -15.51 -11.68
N ASN F 214 9.35 -15.30 -10.76
CA ASN F 214 8.24 -14.41 -11.04
C ASN F 214 8.66 -12.96 -11.04
N HIS F 215 9.79 -12.63 -10.42
CA HIS F 215 10.39 -11.30 -10.50
C HIS F 215 11.76 -11.43 -11.13
N GLN F 216 12.18 -10.40 -11.84
CA GLN F 216 13.52 -10.36 -12.43
C GLN F 216 14.52 -10.06 -11.33
N HIS F 217 14.92 -11.10 -10.61
CA HIS F 217 15.90 -11.02 -9.55
C HIS F 217 16.89 -12.17 -9.72
N ILE F 218 18.14 -11.92 -9.34
CA ILE F 218 19.18 -12.93 -9.51
C ILE F 218 18.94 -14.11 -8.58
N GLY F 219 18.71 -13.83 -7.30
CA GLY F 219 18.41 -14.88 -6.34
C GLY F 219 19.61 -15.58 -5.75
N LYS F 220 20.80 -15.39 -6.33
CA LYS F 220 22.03 -15.99 -5.86
C LYS F 220 23.13 -14.95 -5.97
N PRO F 221 24.20 -15.08 -5.20
CA PRO F 221 25.30 -14.11 -5.29
C PRO F 221 25.84 -14.00 -6.72
N SER F 222 25.87 -12.76 -7.23
CA SER F 222 26.32 -12.55 -8.60
C SER F 222 27.82 -12.79 -8.74
N THR F 223 28.58 -12.49 -7.70
CA THR F 223 30.00 -12.82 -7.71
C THR F 223 30.17 -14.34 -7.78
N ILE F 224 31.07 -14.79 -8.62
CA ILE F 224 31.27 -16.21 -8.86
C ILE F 224 32.74 -16.53 -8.65
N ARG F 225 33.01 -17.78 -8.27
CA ARG F 225 34.36 -18.20 -8.01
C ARG F 225 35.12 -18.38 -9.32
N ARG F 226 36.45 -18.41 -9.21
CA ARG F 226 37.28 -18.63 -10.39
C ARG F 226 37.23 -20.08 -10.85
N ASP F 227 37.13 -21.01 -9.91
CA ASP F 227 37.03 -22.43 -10.21
C ASP F 227 35.69 -22.82 -10.82
N ALA F 228 34.77 -21.87 -10.97
CA ALA F 228 33.43 -22.20 -11.42
C ALA F 228 33.47 -22.79 -12.83
N PRO F 229 32.69 -23.82 -13.09
CA PRO F 229 32.67 -24.41 -14.44
C PRO F 229 32.00 -23.49 -15.44
N ALA F 230 32.39 -23.68 -16.71
CA ALA F 230 31.76 -22.94 -17.80
C ALA F 230 30.29 -23.30 -17.88
N GLY F 231 29.47 -22.30 -18.19
CA GLY F 231 28.04 -22.41 -18.06
C GLY F 231 27.51 -21.96 -16.72
N ARG F 232 28.37 -21.90 -15.72
CA ARG F 232 28.06 -21.30 -14.43
C ARG F 232 28.85 -20.03 -14.19
N LYS F 233 29.99 -19.85 -14.86
CA LYS F 233 30.85 -18.68 -14.67
C LYS F 233 30.21 -17.49 -15.40
N VAL F 234 29.27 -16.86 -14.70
CA VAL F 234 28.59 -15.66 -15.19
C VAL F 234 28.50 -14.67 -14.04
N GLY F 235 28.10 -13.46 -14.36
CA GLY F 235 28.11 -12.38 -13.40
C GLY F 235 29.50 -11.80 -13.26
N LEU F 236 29.88 -11.44 -12.03
CA LEU F 236 31.19 -10.88 -11.77
C LEU F 236 32.15 -12.02 -11.48
N ILE F 237 33.10 -12.25 -12.37
CA ILE F 237 34.00 -13.40 -12.28
C ILE F 237 35.13 -13.07 -11.32
N ALA F 238 35.24 -13.84 -10.24
CA ALA F 238 36.36 -13.79 -9.32
C ALA F 238 36.59 -12.37 -8.78
N ALA F 239 35.50 -11.70 -8.47
CA ALA F 239 35.58 -10.28 -8.11
C ALA F 239 36.28 -10.11 -6.76
N ARG F 240 37.25 -9.21 -6.72
CA ARG F 240 37.91 -8.90 -5.46
C ARG F 240 37.14 -7.89 -4.64
N ARG F 241 36.14 -7.25 -5.23
CA ARG F 241 35.29 -6.29 -4.55
C ARG F 241 34.09 -6.02 -5.45
N THR F 242 33.11 -5.31 -4.92
CA THR F 242 31.93 -4.92 -5.67
C THR F 242 31.54 -3.51 -5.28
N GLY F 243 30.45 -3.02 -5.84
CA GLY F 243 29.93 -1.72 -5.50
C GLY F 243 30.72 -0.60 -6.16
N ARG F 244 30.20 0.61 -6.03
CA ARG F 244 30.80 1.77 -6.66
C ARG F 244 32.20 2.02 -6.12
N LEU F 245 33.15 2.24 -7.02
CA LEU F 245 34.53 2.46 -6.61
C LEU F 245 34.65 3.76 -5.84
N ARG F 246 35.43 3.72 -4.76
CA ARG F 246 35.66 4.90 -3.93
C ARG F 246 37.13 4.94 -3.58
N GLY F 247 37.78 6.07 -3.88
CA GLY F 247 39.21 6.16 -3.69
C GLY F 247 39.96 5.34 -4.73
N THR F 248 41.21 5.02 -4.38
CA THR F 248 42.15 4.23 -5.21
C THR F 248 42.11 4.51 -6.71
N SER G 1 -33.97 -19.72 -12.41
CA SER G 1 -34.21 -18.56 -11.57
C SER G 1 -35.19 -17.59 -12.22
N HIS G 2 -35.79 -16.73 -11.40
CA HIS G 2 -36.74 -15.75 -11.90
C HIS G 2 -36.03 -14.73 -12.79
N ARG G 3 -36.78 -14.19 -13.74
CA ARG G 3 -36.22 -13.12 -14.57
C ARG G 3 -36.00 -11.89 -13.72
N LYS G 4 -34.96 -11.12 -14.07
CA LYS G 4 -34.52 -10.03 -13.23
C LYS G 4 -35.57 -8.93 -13.14
N PHE G 5 -36.15 -8.56 -14.28
CA PHE G 5 -37.10 -7.46 -14.35
C PHE G 5 -38.39 -7.94 -14.99
N SER G 6 -39.51 -7.61 -14.38
CA SER G 6 -40.80 -7.97 -14.94
C SER G 6 -41.08 -7.19 -16.21
N ALA G 7 -41.68 -7.85 -17.19
CA ALA G 7 -42.06 -7.23 -18.44
C ALA G 7 -43.25 -7.99 -19.00
N PRO G 8 -44.26 -7.30 -19.52
CA PRO G 8 -45.41 -8.00 -20.10
C PRO G 8 -44.99 -8.77 -21.34
N ARG G 9 -45.65 -9.91 -21.56
CA ARG G 9 -45.34 -10.73 -22.72
C ARG G 9 -45.78 -10.03 -23.99
N HIS G 10 -44.99 -10.21 -25.05
CA HIS G 10 -45.32 -9.64 -26.34
C HIS G 10 -46.34 -10.51 -27.05
N GLY G 11 -47.28 -9.86 -27.72
CA GLY G 11 -48.31 -10.58 -28.45
C GLY G 11 -49.41 -11.09 -27.54
N SER G 12 -50.53 -11.44 -28.15
CA SER G 12 -51.70 -11.92 -27.43
C SER G 12 -51.96 -13.38 -27.82
N LEU G 13 -52.15 -14.21 -26.81
CA LEU G 13 -52.49 -15.62 -27.04
C LEU G 13 -53.93 -15.81 -27.46
N GLY G 14 -54.76 -14.77 -27.37
CA GLY G 14 -56.14 -14.85 -27.78
C GLY G 14 -56.37 -14.76 -29.27
N PHE G 15 -55.31 -14.67 -30.05
CA PHE G 15 -55.39 -14.64 -31.50
C PHE G 15 -54.58 -15.77 -32.14
N LEU G 16 -54.23 -16.75 -31.37
CA LEU G 16 -53.52 -17.91 -31.87
C LEU G 16 -54.47 -18.89 -32.55
N PRO G 17 -54.00 -19.63 -33.55
CA PRO G 17 -52.68 -19.55 -34.19
C PRO G 17 -52.61 -18.46 -35.25
N ARG G 18 -51.44 -17.86 -35.43
CA ARG G 18 -51.25 -16.87 -36.49
C ARG G 18 -51.10 -17.63 -37.80
N LYS G 19 -52.23 -17.88 -38.45
CA LYS G 19 -52.24 -18.60 -39.72
C LYS G 19 -53.13 -17.86 -40.70
N ARG G 20 -52.91 -18.12 -41.98
CA ARG G 20 -53.78 -17.58 -43.00
C ARG G 20 -55.20 -18.03 -42.78
N SER G 21 -56.14 -17.12 -42.96
CA SER G 21 -57.54 -17.46 -42.81
C SER G 21 -57.94 -18.45 -43.89
N SER G 22 -58.66 -19.51 -43.50
CA SER G 22 -59.13 -20.48 -44.47
C SER G 22 -60.09 -19.83 -45.46
N ARG G 23 -60.91 -18.92 -44.98
CA ARG G 23 -61.85 -18.18 -45.81
C ARG G 23 -61.26 -16.83 -46.20
N HIS G 24 -61.73 -16.31 -47.32
CA HIS G 24 -61.31 -15.00 -47.79
C HIS G 24 -62.30 -13.90 -47.45
N ARG G 25 -63.58 -14.24 -47.37
CA ARG G 25 -64.62 -13.26 -47.13
C ARG G 25 -64.64 -12.78 -45.69
N GLY G 26 -64.47 -13.69 -44.73
CA GLY G 26 -64.57 -13.35 -43.33
C GLY G 26 -65.98 -13.56 -42.83
N LYS G 27 -66.17 -14.49 -41.89
CA LYS G 27 -67.50 -14.85 -41.45
C LYS G 27 -67.81 -14.23 -40.09
N VAL G 28 -69.10 -14.25 -39.75
CA VAL G 28 -69.61 -13.46 -38.64
C VAL G 28 -69.32 -14.15 -37.31
N LYS G 29 -69.71 -15.42 -37.18
CA LYS G 29 -69.51 -16.29 -36.02
C LYS G 29 -70.38 -15.93 -34.84
N SER G 30 -71.05 -14.77 -34.87
CA SER G 30 -71.96 -14.39 -33.79
C SER G 30 -72.94 -13.36 -34.32
N PHE G 31 -74.15 -13.76 -34.56
CA PHE G 31 -75.16 -12.79 -34.91
C PHE G 31 -75.78 -12.21 -33.64
N PRO G 32 -76.36 -11.01 -33.72
CA PRO G 32 -76.95 -10.41 -32.52
C PRO G 32 -78.06 -11.27 -31.96
N LYS G 33 -78.20 -11.21 -30.64
CA LYS G 33 -79.23 -11.96 -29.94
C LYS G 33 -80.60 -11.57 -30.49
N ASP G 34 -81.41 -12.58 -30.80
CA ASP G 34 -82.66 -12.39 -31.52
C ASP G 34 -83.82 -12.32 -30.53
N ASP G 35 -84.70 -11.34 -30.71
CA ASP G 35 -85.90 -11.19 -29.91
C ASP G 35 -87.08 -10.89 -30.82
N PRO G 36 -88.29 -11.30 -30.41
CA PRO G 36 -89.45 -11.10 -31.29
C PRO G 36 -90.07 -9.72 -31.21
N SER G 37 -89.80 -8.96 -30.16
CA SER G 37 -90.44 -7.64 -30.03
C SER G 37 -89.94 -6.69 -31.10
N LYS G 38 -88.68 -6.79 -31.49
CA LYS G 38 -88.12 -5.90 -32.48
C LYS G 38 -88.77 -6.15 -33.85
N PRO G 39 -88.83 -5.13 -34.69
CA PRO G 39 -89.30 -5.33 -36.06
C PRO G 39 -88.31 -6.19 -36.85
N VAL G 40 -88.81 -6.74 -37.94
CA VAL G 40 -88.01 -7.67 -38.75
C VAL G 40 -86.93 -6.89 -39.49
N HIS G 41 -85.69 -7.38 -39.41
CA HIS G 41 -84.58 -6.70 -40.06
C HIS G 41 -83.43 -7.67 -40.27
N LEU G 42 -82.49 -7.26 -41.12
CA LEU G 42 -81.26 -8.01 -41.33
C LEU G 42 -80.18 -7.53 -40.38
N THR G 43 -79.26 -8.43 -40.05
CA THR G 43 -78.21 -8.07 -39.11
C THR G 43 -76.85 -7.77 -39.71
N ALA G 44 -76.67 -7.91 -41.03
CA ALA G 44 -75.34 -7.74 -41.59
C ALA G 44 -75.44 -7.29 -43.04
N PHE G 45 -74.28 -6.97 -43.61
CA PHE G 45 -74.17 -6.53 -45.00
C PHE G 45 -72.74 -6.77 -45.46
N LEU G 46 -72.54 -6.74 -46.77
CA LEU G 46 -71.22 -6.86 -47.36
C LEU G 46 -70.83 -5.58 -48.06
N GLY G 47 -69.56 -5.18 -47.90
CA GLY G 47 -69.03 -4.04 -48.62
C GLY G 47 -67.62 -4.35 -49.11
N TYR G 48 -67.08 -3.41 -49.85
CA TYR G 48 -65.72 -3.55 -50.38
C TYR G 48 -64.94 -2.30 -50.00
N LYS G 49 -63.80 -2.49 -49.35
CA LYS G 49 -63.04 -1.36 -48.81
C LYS G 49 -62.48 -0.56 -49.97
N ALA G 50 -63.11 0.58 -50.26
CA ALA G 50 -62.67 1.41 -51.37
C ALA G 50 -61.37 2.13 -51.05
N GLY G 51 -61.26 2.71 -49.86
CA GLY G 51 -60.08 3.47 -49.53
C GLY G 51 -60.30 4.27 -48.27
N MET G 52 -59.51 5.34 -48.12
CA MET G 52 -59.59 6.18 -46.95
C MET G 52 -59.47 7.64 -47.38
N THR G 53 -59.97 8.52 -46.52
CA THR G 53 -59.81 9.96 -46.65
C THR G 53 -60.00 10.55 -45.27
N HIS G 54 -60.12 11.87 -45.18
CA HIS G 54 -60.36 12.51 -43.89
C HIS G 54 -61.42 13.58 -44.05
N ILE G 55 -62.01 13.96 -42.91
CA ILE G 55 -63.13 14.88 -42.87
C ILE G 55 -62.86 15.92 -41.80
N VAL G 56 -63.61 17.01 -41.86
CA VAL G 56 -63.65 18.01 -40.80
C VAL G 56 -65.06 18.01 -40.24
N ARG G 57 -65.17 17.84 -38.93
CA ARG G 57 -66.48 17.87 -38.29
C ARG G 57 -66.34 18.54 -36.93
N GLU G 58 -67.45 19.11 -36.46
CA GLU G 58 -67.47 19.82 -35.20
C GLU G 58 -67.99 18.90 -34.12
N VAL G 59 -67.19 18.71 -33.07
CA VAL G 59 -67.55 17.81 -31.98
C VAL G 59 -68.47 18.55 -31.02
N ASP G 60 -69.54 17.88 -30.60
CA ASP G 60 -70.47 18.38 -29.60
C ASP G 60 -70.44 17.50 -28.35
N ARG G 61 -69.22 17.12 -27.94
CA ARG G 61 -69.03 16.31 -26.75
C ARG G 61 -68.78 17.23 -25.57
N PRO G 62 -69.68 17.31 -24.60
CA PRO G 62 -69.53 18.30 -23.53
C PRO G 62 -68.35 18.00 -22.62
N GLY G 63 -67.79 19.06 -22.05
CA GLY G 63 -66.73 18.94 -21.07
C GLY G 63 -65.38 18.55 -21.62
N SER G 64 -65.14 18.71 -22.90
CA SER G 64 -63.88 18.37 -23.53
C SER G 64 -63.22 19.59 -24.12
N LYS G 65 -61.89 19.53 -24.25
CA LYS G 65 -61.16 20.64 -24.85
C LYS G 65 -61.51 20.83 -26.31
N VAL G 66 -62.08 19.82 -26.95
CA VAL G 66 -62.47 19.91 -28.36
C VAL G 66 -63.98 20.11 -28.51
N ASN G 67 -64.66 20.47 -27.42
CA ASN G 67 -66.09 20.76 -27.50
C ASN G 67 -66.32 22.04 -28.30
N LYS G 68 -67.32 22.01 -29.17
CA LYS G 68 -67.72 23.13 -30.02
C LYS G 68 -66.62 23.55 -31.00
N LYS G 69 -65.58 22.73 -31.14
CA LYS G 69 -64.47 23.02 -32.03
C LYS G 69 -64.52 22.09 -33.22
N GLU G 70 -63.68 22.38 -34.22
CA GLU G 70 -63.61 21.58 -35.43
C GLU G 70 -62.40 20.67 -35.38
N VAL G 71 -62.60 19.39 -35.65
CA VAL G 71 -61.53 18.40 -35.65
C VAL G 71 -61.51 17.71 -37.02
N VAL G 72 -60.41 17.03 -37.27
CA VAL G 72 -60.21 16.26 -38.49
C VAL G 72 -60.21 14.78 -38.13
N GLU G 73 -61.03 14.01 -38.82
CA GLU G 73 -61.22 12.59 -38.53
C GLU G 73 -60.86 11.77 -39.78
N ALA G 74 -59.97 10.80 -39.60
CA ALA G 74 -59.71 9.84 -40.66
C ALA G 74 -60.90 8.91 -40.81
N VAL G 75 -61.25 8.57 -42.05
CA VAL G 75 -62.39 7.72 -42.35
C VAL G 75 -62.01 6.75 -43.46
N THR G 76 -62.68 5.61 -43.44
CA THR G 76 -62.57 4.59 -44.47
C THR G 76 -63.88 4.57 -45.25
N ILE G 77 -63.78 4.58 -46.58
CA ILE G 77 -64.94 4.54 -47.47
C ILE G 77 -65.10 3.11 -47.95
N VAL G 78 -66.31 2.57 -47.83
CA VAL G 78 -66.58 1.19 -48.19
C VAL G 78 -67.72 1.18 -49.19
N GLU G 79 -67.44 0.77 -50.43
CA GLU G 79 -68.48 0.74 -51.46
C GLU G 79 -69.43 -0.42 -51.20
N THR G 80 -70.73 -0.10 -51.08
CA THR G 80 -71.76 -1.05 -50.68
C THR G 80 -72.90 -1.00 -51.67
N PRO G 81 -72.77 -1.66 -52.82
CA PRO G 81 -73.88 -1.74 -53.75
C PRO G 81 -75.01 -2.59 -53.16
N PRO G 82 -76.24 -2.44 -53.67
CA PRO G 82 -77.34 -3.24 -53.13
C PRO G 82 -77.08 -4.73 -53.27
N MET G 83 -77.42 -5.47 -52.23
CA MET G 83 -77.29 -6.92 -52.28
C MET G 83 -78.56 -7.53 -52.87
N VAL G 84 -78.49 -8.80 -53.21
CA VAL G 84 -79.63 -9.52 -53.76
C VAL G 84 -79.95 -10.69 -52.86
N VAL G 85 -81.22 -10.82 -52.47
CA VAL G 85 -81.66 -11.91 -51.60
C VAL G 85 -82.15 -13.06 -52.48
N VAL G 86 -81.50 -14.22 -52.37
CA VAL G 86 -81.75 -15.33 -53.28
C VAL G 86 -82.03 -16.64 -52.57
N GLY G 87 -81.87 -16.71 -51.25
CA GLY G 87 -82.08 -17.96 -50.57
C GLY G 87 -82.54 -17.77 -49.14
N ILE G 88 -83.12 -18.83 -48.59
CA ILE G 88 -83.54 -18.87 -47.20
C ILE G 88 -83.04 -20.16 -46.58
N VAL G 89 -82.47 -20.05 -45.38
CA VAL G 89 -81.88 -21.17 -44.67
C VAL G 89 -82.50 -21.25 -43.30
N GLY G 90 -82.94 -22.43 -42.89
CA GLY G 90 -83.48 -22.60 -41.56
C GLY G 90 -82.54 -23.34 -40.63
N TYR G 91 -82.64 -23.09 -39.34
CA TYR G 91 -81.81 -23.77 -38.36
C TYR G 91 -82.66 -24.26 -37.21
N VAL G 92 -82.25 -25.38 -36.63
CA VAL G 92 -82.94 -25.96 -35.48
C VAL G 92 -81.93 -26.17 -34.36
N GLU G 93 -82.30 -25.79 -33.14
CA GLU G 93 -81.44 -26.04 -32.01
C GLU G 93 -81.49 -27.51 -31.66
N THR G 94 -80.32 -28.11 -31.46
CA THR G 94 -80.16 -29.46 -31.00
C THR G 94 -79.21 -29.42 -29.81
N PRO G 95 -79.22 -30.45 -28.95
CA PRO G 95 -78.17 -30.56 -27.93
C PRO G 95 -76.76 -30.70 -28.50
N ARG G 96 -76.60 -30.71 -29.81
CA ARG G 96 -75.31 -30.70 -30.47
C ARG G 96 -75.07 -29.41 -31.26
N GLY G 97 -75.89 -28.40 -31.08
CA GLY G 97 -75.68 -27.10 -31.71
C GLY G 97 -76.80 -26.75 -32.66
N LEU G 98 -76.57 -25.70 -33.44
CA LEU G 98 -77.53 -25.32 -34.47
C LEU G 98 -77.31 -26.16 -35.71
N ARG G 99 -78.33 -26.90 -36.13
CA ARG G 99 -78.23 -27.75 -37.30
C ARG G 99 -79.08 -27.19 -38.42
N THR G 100 -78.52 -27.21 -39.63
CA THR G 100 -79.24 -26.72 -40.80
C THR G 100 -80.44 -27.61 -41.06
N PHE G 101 -81.61 -27.02 -41.27
CA PHE G 101 -82.83 -27.78 -41.48
C PHE G 101 -83.20 -27.86 -42.95
N LYS G 102 -83.37 -26.73 -43.60
CA LYS G 102 -83.75 -26.72 -45.01
C LYS G 102 -83.21 -25.47 -45.68
N THR G 103 -82.79 -25.62 -46.93
CA THR G 103 -82.29 -24.53 -47.75
C THR G 103 -83.17 -24.43 -48.98
N VAL G 104 -83.77 -23.26 -49.19
CA VAL G 104 -84.68 -23.04 -50.31
C VAL G 104 -84.18 -21.85 -51.11
N PHE G 105 -83.93 -22.07 -52.39
CA PHE G 105 -83.38 -21.05 -53.27
C PHE G 105 -84.46 -20.50 -54.20
N ALA G 106 -84.36 -19.22 -54.48
CA ALA G 106 -85.33 -18.56 -55.33
C ALA G 106 -85.10 -18.90 -56.79
N GLU G 107 -86.14 -18.70 -57.59
CA GLU G 107 -86.02 -18.78 -59.03
C GLU G 107 -85.15 -17.65 -59.56
N HIS G 108 -84.73 -17.76 -60.82
CA HIS G 108 -84.04 -16.69 -61.54
C HIS G 108 -82.80 -16.21 -60.79
N ILE G 109 -81.85 -17.11 -60.59
CA ILE G 109 -80.59 -16.77 -59.93
C ILE G 109 -79.64 -16.22 -60.98
N SER G 110 -79.09 -15.03 -60.71
CA SER G 110 -78.28 -14.33 -61.69
C SER G 110 -76.98 -15.06 -61.95
N ASP G 111 -76.42 -14.84 -63.14
CA ASP G 111 -75.20 -15.53 -63.52
C ASP G 111 -74.04 -15.16 -62.61
N GLU G 112 -73.96 -13.89 -62.21
CA GLU G 112 -72.85 -13.48 -61.34
C GLU G 112 -72.94 -14.14 -59.97
N CYS G 113 -74.14 -14.46 -59.52
CA CYS G 113 -74.27 -15.26 -58.30
C CYS G 113 -73.97 -16.72 -58.56
N LYS G 114 -74.35 -17.23 -59.73
CA LYS G 114 -74.07 -18.62 -60.07
C LYS G 114 -72.59 -18.89 -60.26
N ARG G 115 -71.80 -17.86 -60.57
CA ARG G 115 -70.36 -18.03 -60.75
C ARG G 115 -69.67 -18.51 -59.48
N ARG G 116 -70.28 -18.28 -58.31
CA ARG G 116 -69.65 -18.70 -57.06
C ARG G 116 -69.58 -20.21 -56.96
N PHE G 117 -70.49 -20.93 -57.60
CA PHE G 117 -70.52 -22.38 -57.49
C PHE G 117 -69.54 -23.08 -58.40
N TYR G 118 -68.79 -22.35 -59.21
CA TYR G 118 -67.91 -22.93 -60.22
C TYR G 118 -66.49 -22.44 -60.03
N LYS G 119 -65.55 -23.38 -59.90
CA LYS G 119 -64.14 -23.02 -59.90
C LYS G 119 -63.71 -22.48 -61.25
N ASN G 120 -64.02 -23.21 -62.32
CA ASN G 120 -63.68 -22.79 -63.68
C ASN G 120 -64.98 -22.50 -64.42
N TRP G 121 -65.33 -21.22 -64.49
CA TRP G 121 -66.56 -20.82 -65.15
C TRP G 121 -66.44 -20.87 -66.67
N HIS G 122 -65.23 -20.63 -67.20
CA HIS G 122 -65.06 -20.46 -68.63
C HIS G 122 -65.43 -21.73 -69.39
N LYS G 123 -64.94 -22.88 -68.94
CA LYS G 123 -65.19 -24.13 -69.64
C LYS G 123 -66.41 -24.86 -69.12
N SER G 124 -67.05 -24.37 -68.06
CA SER G 124 -68.21 -25.06 -67.51
C SER G 124 -69.43 -24.86 -68.41
N LYS G 125 -70.39 -25.76 -68.27
CA LYS G 125 -71.63 -25.69 -69.04
C LYS G 125 -72.69 -24.84 -68.37
N LYS G 126 -72.43 -24.33 -67.16
CA LYS G 126 -73.33 -23.42 -66.45
C LYS G 126 -74.71 -24.03 -66.25
N LYS G 127 -74.76 -25.31 -65.88
CA LYS G 127 -76.02 -26.01 -65.65
C LYS G 127 -76.43 -26.00 -64.19
N ALA G 128 -75.93 -25.07 -63.39
CA ALA G 128 -76.26 -25.02 -61.98
C ALA G 128 -77.70 -24.59 -61.78
N PHE G 129 -78.42 -25.31 -60.92
CA PHE G 129 -79.79 -25.00 -60.50
C PHE G 129 -80.80 -25.08 -61.64
N THR G 130 -80.40 -25.62 -62.79
CA THR G 130 -81.32 -25.72 -63.92
C THR G 130 -82.47 -26.66 -63.62
N LYS G 131 -82.20 -27.81 -63.01
CA LYS G 131 -83.29 -28.69 -62.62
C LYS G 131 -83.98 -28.21 -61.35
N TYR G 132 -83.37 -27.31 -60.59
CA TYR G 132 -84.05 -26.78 -59.41
C TYR G 132 -85.09 -25.75 -59.80
N CYS G 133 -84.80 -24.92 -60.79
CA CYS G 133 -85.74 -23.85 -61.14
C CYS G 133 -86.97 -24.37 -61.87
N LYS G 134 -86.98 -25.62 -62.32
CA LYS G 134 -88.19 -26.19 -62.93
C LYS G 134 -89.27 -26.46 -61.90
N LYS G 135 -88.88 -26.67 -60.65
CA LYS G 135 -89.85 -26.98 -59.61
C LYS G 135 -90.54 -25.73 -59.07
N TRP G 136 -89.99 -24.54 -59.32
CA TRP G 136 -90.75 -23.33 -59.03
C TRP G 136 -91.97 -23.20 -59.93
N GLN G 137 -91.93 -23.83 -61.11
CA GLN G 137 -92.97 -23.67 -62.12
C GLN G 137 -93.94 -24.85 -62.15
N ASP G 138 -93.45 -26.08 -62.09
CA ASP G 138 -94.38 -27.19 -62.19
C ASP G 138 -95.24 -27.28 -60.92
N GLU G 139 -96.32 -28.07 -61.01
CA GLU G 139 -97.26 -28.15 -59.89
C GLU G 139 -96.70 -28.95 -58.74
N ASP G 140 -95.92 -30.00 -59.01
CA ASP G 140 -95.39 -30.84 -57.94
C ASP G 140 -94.36 -30.07 -57.12
N GLY G 141 -93.41 -29.42 -57.80
CA GLY G 141 -92.36 -28.71 -57.11
C GLY G 141 -92.88 -27.57 -56.26
N LYS G 142 -93.95 -26.92 -56.71
CA LYS G 142 -94.55 -25.87 -55.88
C LYS G 142 -95.12 -26.45 -54.59
N LYS G 143 -95.72 -27.65 -54.67
CA LYS G 143 -96.16 -28.33 -53.46
C LYS G 143 -94.99 -28.62 -52.55
N GLN G 144 -93.87 -29.07 -53.12
CA GLN G 144 -92.68 -29.33 -52.33
C GLN G 144 -92.17 -28.06 -51.65
N LEU G 145 -92.19 -26.94 -52.38
CA LEU G 145 -91.69 -25.68 -51.82
C LEU G 145 -92.59 -25.16 -50.70
N GLU G 146 -93.90 -25.26 -50.88
CA GLU G 146 -94.80 -24.85 -49.80
C GLU G 146 -94.64 -25.76 -48.59
N LYS G 147 -94.42 -27.05 -48.81
CA LYS G 147 -94.12 -27.96 -47.71
C LYS G 147 -92.84 -27.55 -47.00
N ASP G 148 -91.82 -27.14 -47.75
CA ASP G 148 -90.57 -26.67 -47.16
C ASP G 148 -90.78 -25.45 -46.30
N PHE G 149 -91.55 -24.48 -46.80
CA PHE G 149 -91.80 -23.26 -46.03
C PHE G 149 -92.57 -23.57 -44.76
N SER G 150 -93.58 -24.44 -44.84
CA SER G 150 -94.33 -24.82 -43.65
C SER G 150 -93.45 -25.55 -42.64
N SER G 151 -92.56 -26.42 -43.12
CA SER G 151 -91.65 -27.12 -42.22
C SER G 151 -90.72 -26.15 -41.52
N MET G 152 -90.21 -25.17 -42.26
CA MET G 152 -89.37 -24.15 -41.63
C MET G 152 -90.15 -23.34 -40.61
N LYS G 153 -91.43 -23.07 -40.86
CA LYS G 153 -92.24 -22.40 -39.87
C LYS G 153 -92.42 -23.24 -38.61
N LYS G 154 -92.67 -24.53 -38.78
CA LYS G 154 -92.99 -25.37 -37.63
C LYS G 154 -91.75 -25.68 -36.79
N TYR G 155 -90.63 -26.00 -37.43
CA TYR G 155 -89.48 -26.55 -36.72
C TYR G 155 -88.33 -25.58 -36.51
N CYS G 156 -88.05 -24.70 -37.46
CA CYS G 156 -86.88 -23.86 -37.35
C CYS G 156 -87.06 -22.79 -36.28
N GLN G 157 -85.92 -22.28 -35.79
CA GLN G 157 -85.90 -21.21 -34.81
C GLN G 157 -85.00 -20.04 -35.19
N VAL G 158 -84.00 -20.25 -36.04
CA VAL G 158 -83.15 -19.18 -36.54
C VAL G 158 -83.27 -19.18 -38.05
N ILE G 159 -83.60 -18.02 -38.62
CA ILE G 159 -83.79 -17.87 -40.05
C ILE G 159 -82.73 -16.93 -40.59
N ARG G 160 -82.00 -17.39 -41.58
CA ARG G 160 -81.01 -16.58 -42.28
C ARG G 160 -81.39 -16.51 -43.74
N VAL G 161 -80.94 -15.44 -44.39
CA VAL G 161 -81.17 -15.25 -45.82
C VAL G 161 -79.84 -15.30 -46.53
N ILE G 162 -79.81 -16.00 -47.66
CA ILE G 162 -78.65 -16.04 -48.52
C ILE G 162 -78.69 -14.83 -49.42
N ALA G 163 -77.66 -14.00 -49.35
CA ALA G 163 -77.61 -12.78 -50.14
C ALA G 163 -76.24 -12.67 -50.78
N HIS G 164 -76.23 -12.13 -52.00
CA HIS G 164 -75.00 -12.03 -52.76
C HIS G 164 -74.81 -10.62 -53.29
N THR G 165 -73.55 -10.27 -53.51
CA THR G 165 -73.20 -8.94 -53.99
C THR G 165 -73.34 -8.86 -55.51
N GLN G 166 -73.37 -7.62 -56.01
CA GLN G 166 -73.54 -7.35 -57.44
C GLN G 166 -72.21 -6.88 -58.01
N MET G 167 -71.41 -7.82 -58.50
CA MET G 167 -70.09 -7.46 -59.02
C MET G 167 -70.14 -6.77 -60.37
N ARG G 168 -71.31 -6.74 -61.03
CA ARG G 168 -71.40 -6.07 -62.32
C ARG G 168 -71.30 -4.56 -62.21
N LEU G 169 -71.37 -4.00 -61.01
CA LEU G 169 -71.31 -2.56 -60.82
C LEU G 169 -69.96 -2.08 -60.30
N LEU G 170 -69.24 -2.92 -59.56
CA LEU G 170 -67.95 -2.54 -59.03
C LEU G 170 -66.90 -2.52 -60.13
N PRO G 171 -65.86 -1.69 -59.99
CA PRO G 171 -64.83 -1.63 -61.02
C PRO G 171 -63.84 -2.80 -60.94
N LEU G 172 -64.15 -3.78 -60.11
CA LEU G 172 -63.21 -4.85 -59.81
C LEU G 172 -63.03 -5.78 -61.01
N ARG G 173 -61.88 -6.45 -61.02
CA ARG G 173 -61.64 -7.51 -61.99
C ARG G 173 -62.59 -8.68 -61.76
N GLN G 174 -62.93 -8.94 -60.51
CA GLN G 174 -63.71 -10.11 -60.16
C GLN G 174 -65.17 -9.92 -60.53
N LYS G 175 -65.69 -10.82 -61.36
CA LYS G 175 -67.11 -10.86 -61.70
C LYS G 175 -67.87 -11.88 -60.87
N LYS G 176 -67.21 -12.55 -59.93
CA LYS G 176 -67.82 -13.58 -59.11
C LYS G 176 -68.41 -12.94 -57.87
N ALA G 177 -69.71 -13.12 -57.67
CA ALA G 177 -70.38 -12.52 -56.52
C ALA G 177 -69.97 -13.21 -55.23
N HIS G 178 -70.02 -12.46 -54.14
CA HIS G 178 -69.82 -13.03 -52.81
C HIS G 178 -71.19 -13.34 -52.22
N LEU G 179 -71.34 -14.56 -51.73
CA LEU G 179 -72.54 -15.00 -51.04
C LEU G 179 -72.29 -15.01 -49.54
N MET G 180 -73.35 -14.77 -48.77
CA MET G 180 -73.24 -14.90 -47.33
C MET G 180 -74.62 -15.10 -46.75
N GLU G 181 -74.64 -15.61 -45.52
CA GLU G 181 -75.86 -15.77 -44.74
C GLU G 181 -76.00 -14.60 -43.80
N ILE G 182 -77.16 -13.95 -43.81
CA ILE G 182 -77.44 -12.81 -42.95
C ILE G 182 -78.64 -13.17 -42.10
N GLN G 183 -78.51 -13.03 -40.79
CA GLN G 183 -79.59 -13.42 -39.90
C GLN G 183 -80.71 -12.39 -39.94
N VAL G 184 -81.95 -12.91 -39.87
CA VAL G 184 -83.15 -12.10 -39.89
C VAL G 184 -83.65 -12.02 -38.45
N ASN G 185 -83.31 -10.92 -37.77
CA ASN G 185 -83.75 -10.76 -36.39
C ASN G 185 -85.09 -10.04 -36.34
N GLY G 186 -85.76 -10.19 -35.21
CA GLY G 186 -87.03 -9.51 -35.02
C GLY G 186 -88.21 -10.38 -35.40
N GLY G 187 -89.31 -10.20 -34.69
CA GLY G 187 -90.53 -10.91 -34.99
C GLY G 187 -90.44 -12.39 -34.64
N THR G 188 -91.47 -13.12 -35.01
CA THR G 188 -91.49 -14.55 -34.84
C THR G 188 -90.99 -15.24 -36.10
N VAL G 189 -90.92 -16.57 -36.06
CA VAL G 189 -90.39 -17.34 -37.18
C VAL G 189 -91.27 -17.18 -38.40
N ALA G 190 -92.59 -17.24 -38.22
CA ALA G 190 -93.50 -17.05 -39.35
C ALA G 190 -93.35 -15.65 -39.93
N GLU G 191 -93.22 -14.65 -39.07
CA GLU G 191 -93.08 -13.27 -39.54
C GLU G 191 -91.82 -13.09 -40.36
N LYS G 192 -90.68 -13.58 -39.85
CA LYS G 192 -89.45 -13.42 -40.59
C LYS G 192 -89.41 -14.27 -41.85
N LEU G 193 -90.10 -15.42 -41.86
CA LEU G 193 -90.11 -16.21 -43.08
C LEU G 193 -90.96 -15.54 -44.16
N ASP G 194 -92.09 -14.94 -43.77
CA ASP G 194 -92.85 -14.13 -44.73
C ASP G 194 -92.02 -12.97 -45.24
N TRP G 195 -91.28 -12.32 -44.35
CA TRP G 195 -90.45 -11.18 -44.75
C TRP G 195 -89.40 -11.61 -45.77
N ALA G 196 -88.72 -12.73 -45.52
CA ALA G 196 -87.72 -13.23 -46.46
C ALA G 196 -88.36 -13.63 -47.78
N ARG G 197 -89.55 -14.23 -47.73
CA ARG G 197 -90.25 -14.59 -48.96
C ARG G 197 -90.58 -13.36 -49.78
N GLU G 198 -90.97 -12.27 -49.11
CA GLU G 198 -91.13 -11.01 -49.82
C GLU G 198 -89.82 -10.54 -50.43
N ARG G 199 -88.71 -10.76 -49.72
CA ARG G 199 -87.42 -10.27 -50.16
C ARG G 199 -86.77 -11.14 -51.24
N LEU G 200 -87.31 -12.31 -51.55
CA LEU G 200 -86.69 -13.17 -52.56
C LEU G 200 -86.64 -12.48 -53.91
N GLU G 201 -85.52 -12.69 -54.63
CA GLU G 201 -85.23 -12.10 -55.93
C GLU G 201 -85.13 -10.58 -55.88
N GLN G 202 -85.20 -10.00 -54.68
CA GLN G 202 -85.23 -8.56 -54.52
C GLN G 202 -83.90 -8.02 -54.06
N GLN G 203 -83.69 -6.74 -54.35
CA GLN G 203 -82.51 -6.01 -53.95
C GLN G 203 -82.72 -5.38 -52.59
N VAL G 204 -81.67 -5.39 -51.78
CA VAL G 204 -81.67 -4.81 -50.45
C VAL G 204 -80.52 -3.83 -50.36
N PRO G 205 -80.81 -2.53 -50.30
CA PRO G 205 -79.76 -1.54 -50.15
C PRO G 205 -79.31 -1.42 -48.70
N VAL G 206 -78.17 -0.76 -48.51
CA VAL G 206 -77.62 -0.60 -47.17
C VAL G 206 -78.45 0.35 -46.33
N ASN G 207 -79.32 1.15 -46.95
CA ASN G 207 -80.10 2.14 -46.20
C ASN G 207 -81.07 1.46 -45.24
N GLN G 208 -81.68 0.36 -45.64
CA GLN G 208 -82.60 -0.36 -44.79
C GLN G 208 -81.92 -1.46 -43.99
N VAL G 209 -80.60 -1.60 -44.10
CA VAL G 209 -79.84 -2.51 -43.26
C VAL G 209 -79.19 -1.77 -42.10
N PHE G 210 -78.51 -0.67 -42.39
CA PHE G 210 -77.83 0.12 -41.38
C PHE G 210 -78.47 1.50 -41.30
N GLY G 211 -77.88 2.37 -40.47
CA GLY G 211 -78.39 3.72 -40.30
C GLY G 211 -77.26 4.67 -40.00
N GLN G 212 -77.60 5.95 -39.98
CA GLN G 212 -76.62 6.98 -39.73
C GLN G 212 -76.16 6.96 -38.27
N ASP G 213 -74.87 7.26 -38.07
CA ASP G 213 -74.22 7.47 -36.77
C ASP G 213 -74.52 6.36 -35.76
N GLU G 214 -74.56 5.12 -36.23
CA GLU G 214 -74.67 3.98 -35.34
C GLU G 214 -73.38 3.19 -35.34
N MET G 215 -73.22 2.34 -34.32
CA MET G 215 -72.00 1.59 -34.13
C MET G 215 -72.16 0.20 -34.74
N ILE G 216 -71.27 -0.14 -35.68
CA ILE G 216 -71.27 -1.44 -36.30
C ILE G 216 -69.96 -2.14 -35.99
N ASP G 217 -69.80 -3.36 -36.49
CA ASP G 217 -68.56 -4.11 -36.33
C ASP G 217 -68.10 -4.57 -37.71
N VAL G 218 -66.80 -4.49 -37.95
CA VAL G 218 -66.21 -4.79 -39.26
C VAL G 218 -65.41 -6.07 -39.13
N ILE G 219 -65.74 -7.06 -39.95
CA ILE G 219 -65.09 -8.36 -39.95
C ILE G 219 -64.40 -8.55 -41.29
N GLY G 220 -63.15 -9.00 -41.25
CA GLY G 220 -62.48 -9.24 -42.51
C GLY G 220 -61.11 -9.87 -42.29
N VAL G 221 -60.49 -10.22 -43.39
CA VAL G 221 -59.13 -10.73 -43.38
C VAL G 221 -58.18 -9.56 -43.60
N THR G 222 -57.10 -9.52 -42.83
CA THR G 222 -56.19 -8.39 -42.88
C THR G 222 -55.28 -8.50 -44.09
N LYS G 223 -54.45 -7.47 -44.28
CA LYS G 223 -53.43 -7.51 -45.30
C LYS G 223 -52.42 -8.59 -44.98
N GLY G 224 -52.06 -9.38 -45.99
CA GLY G 224 -51.01 -10.36 -45.81
C GLY G 224 -49.64 -9.71 -45.88
N LYS G 225 -48.75 -10.16 -45.01
CA LYS G 225 -47.38 -9.69 -45.00
C LYS G 225 -46.37 -10.80 -45.25
N GLY G 226 -46.84 -12.01 -45.51
CA GLY G 226 -45.95 -13.11 -45.82
C GLY G 226 -45.22 -13.63 -44.59
N TYR G 227 -44.20 -14.44 -44.85
CA TYR G 227 -43.34 -14.95 -43.79
C TYR G 227 -42.62 -13.78 -43.14
N LYS G 228 -42.81 -13.62 -41.84
CA LYS G 228 -42.17 -12.55 -41.11
C LYS G 228 -41.41 -13.11 -39.92
N GLY G 229 -40.32 -12.45 -39.57
CA GLY G 229 -39.54 -12.87 -38.43
C GLY G 229 -40.25 -12.62 -37.12
N VAL G 230 -39.57 -13.01 -36.03
CA VAL G 230 -40.18 -12.82 -34.72
C VAL G 230 -40.26 -11.35 -34.37
N THR G 231 -39.33 -10.53 -34.86
CA THR G 231 -39.32 -9.11 -34.52
C THR G 231 -40.40 -8.35 -35.26
N SER G 232 -40.80 -8.81 -36.44
CA SER G 232 -41.90 -8.19 -37.14
C SER G 232 -43.24 -8.82 -36.81
N ARG G 233 -43.23 -10.04 -36.28
CA ARG G 233 -44.44 -10.80 -36.03
C ARG G 233 -44.92 -10.68 -34.60
N TRP G 234 -44.01 -10.46 -33.65
CA TRP G 234 -44.37 -10.26 -32.27
C TRP G 234 -43.73 -9.03 -31.66
N HIS G 235 -42.96 -8.27 -32.45
CA HIS G 235 -42.36 -7.00 -32.03
C HIS G 235 -41.49 -7.17 -30.79
N THR G 236 -40.77 -8.30 -30.73
CA THR G 236 -39.86 -8.53 -29.63
C THR G 236 -38.63 -7.64 -29.79
N LYS G 237 -37.86 -7.56 -28.71
CA LYS G 237 -36.70 -6.69 -28.68
C LYS G 237 -35.59 -7.23 -29.57
N LYS G 238 -35.02 -6.36 -30.40
CA LYS G 238 -33.88 -6.75 -31.23
C LYS G 238 -32.65 -6.99 -30.35
N LEU G 239 -31.89 -8.02 -30.69
CA LEU G 239 -30.67 -8.32 -29.98
C LEU G 239 -29.61 -7.28 -30.32
N PRO G 240 -28.57 -7.16 -29.49
CA PRO G 240 -27.55 -6.13 -29.74
C PRO G 240 -26.83 -6.33 -31.07
N ARG G 241 -26.10 -5.29 -31.46
CA ARG G 241 -25.40 -5.31 -32.76
C ARG G 241 -24.33 -6.38 -32.79
N LYS G 242 -23.66 -6.61 -31.67
CA LYS G 242 -22.58 -7.58 -31.61
C LYS G 242 -23.05 -9.02 -31.73
N THR G 243 -24.35 -9.27 -31.68
CA THR G 243 -24.87 -10.63 -31.56
C THR G 243 -24.52 -11.48 -32.78
N HIS G 244 -23.85 -12.60 -32.53
CA HIS G 244 -23.44 -13.49 -33.60
C HIS G 244 -24.65 -14.19 -34.22
N ARG G 245 -24.54 -14.45 -35.53
CA ARG G 245 -25.45 -15.30 -36.31
C ARG G 245 -26.91 -14.88 -36.18
N GLY G 246 -27.15 -13.59 -35.96
CA GLY G 246 -28.51 -13.09 -36.04
C GLY G 246 -28.98 -12.34 -34.81
N LEU G 247 -29.50 -11.14 -35.02
CA LEU G 247 -30.03 -10.34 -33.93
C LEU G 247 -31.52 -10.10 -34.01
N ARG G 248 -32.17 -10.47 -35.11
CA ARG G 248 -33.63 -10.36 -35.22
C ARG G 248 -34.29 -11.67 -34.82
N LYS G 249 -34.00 -12.10 -33.59
CA LYS G 249 -34.47 -13.37 -33.07
C LYS G 249 -34.94 -13.18 -31.64
N VAL G 250 -35.46 -14.27 -31.07
CA VAL G 250 -35.67 -14.42 -29.64
C VAL G 250 -34.54 -15.26 -29.09
N ALA G 251 -33.87 -14.76 -28.05
CA ALA G 251 -32.65 -15.40 -27.58
C ALA G 251 -32.93 -16.76 -26.96
N CYS G 252 -33.69 -16.79 -25.87
CA CYS G 252 -34.03 -18.03 -25.20
C CYS G 252 -35.49 -18.37 -25.44
N ILE G 253 -35.74 -19.59 -25.89
CA ILE G 253 -37.08 -20.04 -26.25
C ILE G 253 -37.64 -21.01 -25.22
N GLY G 254 -37.13 -20.98 -24.01
CA GLY G 254 -37.60 -21.86 -22.95
C GLY G 254 -36.45 -22.37 -22.12
N ALA G 255 -36.75 -22.73 -20.87
CA ALA G 255 -35.74 -23.22 -19.95
C ALA G 255 -35.35 -24.66 -20.32
N TRP G 256 -34.45 -25.24 -19.53
CA TRP G 256 -34.09 -26.63 -19.73
C TRP G 256 -35.30 -27.53 -19.52
N HIS G 257 -36.11 -27.25 -18.51
CA HIS G 257 -37.37 -27.95 -18.37
C HIS G 257 -38.51 -26.97 -18.43
N PRO G 258 -39.64 -27.32 -19.07
CA PRO G 258 -40.15 -28.63 -19.48
C PRO G 258 -39.57 -29.30 -20.73
N ALA G 259 -38.34 -29.02 -21.16
CA ALA G 259 -37.65 -29.79 -22.20
C ALA G 259 -38.39 -29.78 -23.52
N ARG G 260 -39.20 -28.75 -23.74
CA ARG G 260 -39.95 -28.61 -24.98
C ARG G 260 -40.15 -27.14 -25.25
N VAL G 261 -40.43 -26.81 -26.50
CA VAL G 261 -40.72 -25.44 -26.86
C VAL G 261 -42.19 -25.17 -26.56
N ALA G 262 -42.44 -24.22 -25.67
CA ALA G 262 -43.80 -23.90 -25.31
C ALA G 262 -44.50 -23.19 -26.46
N PHE G 263 -45.82 -23.36 -26.53
CA PHE G 263 -46.60 -22.70 -27.56
C PHE G 263 -46.71 -21.20 -27.35
N SER G 264 -46.31 -20.70 -26.20
CA SER G 264 -46.35 -19.28 -25.90
C SER G 264 -45.08 -18.55 -26.30
N VAL G 265 -44.12 -19.24 -26.90
CA VAL G 265 -42.87 -18.62 -27.32
C VAL G 265 -43.08 -17.97 -28.68
N ALA G 266 -42.66 -16.72 -28.81
CA ALA G 266 -42.76 -16.03 -30.09
C ALA G 266 -41.82 -16.67 -31.11
N ARG G 267 -42.35 -17.00 -32.28
CA ARG G 267 -41.56 -17.68 -33.29
C ARG G 267 -41.99 -17.22 -34.68
N ALA G 268 -41.09 -17.41 -35.64
CA ALA G 268 -41.31 -16.89 -36.98
C ALA G 268 -42.30 -17.75 -37.74
N GLY G 269 -43.10 -17.09 -38.58
CA GLY G 269 -44.10 -17.76 -39.37
C GLY G 269 -44.92 -16.78 -40.18
N GLN G 270 -46.19 -17.09 -40.42
CA GLN G 270 -47.04 -16.23 -41.21
C GLN G 270 -47.44 -15.00 -40.41
N LYS G 271 -47.28 -13.82 -41.01
CA LYS G 271 -47.80 -12.58 -40.45
C LYS G 271 -48.75 -11.95 -41.45
N GLY G 272 -49.92 -11.53 -40.98
CA GLY G 272 -50.93 -10.99 -41.85
C GLY G 272 -51.86 -12.06 -42.38
N TYR G 273 -52.87 -11.59 -43.11
CA TYR G 273 -53.92 -12.43 -43.66
C TYR G 273 -54.61 -13.26 -42.58
N HIS G 274 -54.81 -12.65 -41.42
CA HIS G 274 -55.54 -13.26 -40.33
C HIS G 274 -56.98 -12.78 -40.36
N HIS G 275 -57.87 -13.62 -39.85
CA HIS G 275 -59.28 -13.23 -39.75
C HIS G 275 -59.48 -12.43 -38.48
N ARG G 276 -59.96 -11.20 -38.61
CA ARG G 276 -60.08 -10.30 -37.46
C ARG G 276 -61.44 -9.63 -37.46
N THR G 277 -61.81 -9.14 -36.28
CA THR G 277 -63.10 -8.52 -36.04
C THR G 277 -62.90 -7.27 -35.19
N GLU G 278 -63.01 -6.10 -35.82
CA GLU G 278 -62.93 -4.82 -35.13
C GLU G 278 -64.33 -4.41 -34.72
N ILE G 279 -64.47 -3.87 -33.52
CA ILE G 279 -65.78 -3.50 -33.01
C ILE G 279 -65.84 -1.99 -32.80
N ASN G 280 -67.07 -1.49 -32.69
CA ASN G 280 -67.36 -0.09 -32.42
C ASN G 280 -66.73 0.83 -33.47
N LYS G 281 -67.12 0.61 -34.72
CA LYS G 281 -66.71 1.46 -35.83
C LYS G 281 -67.90 2.30 -36.23
N LYS G 282 -67.89 3.57 -35.86
CA LYS G 282 -69.02 4.46 -36.09
C LYS G 282 -69.24 4.70 -37.58
N ILE G 283 -70.48 4.98 -37.94
CA ILE G 283 -70.84 5.36 -39.30
C ILE G 283 -70.95 6.87 -39.36
N TYR G 284 -70.27 7.49 -40.32
CA TYR G 284 -70.26 8.93 -40.44
C TYR G 284 -71.08 9.47 -41.60
N LYS G 285 -71.47 8.61 -42.54
CA LYS G 285 -72.23 9.01 -43.70
C LYS G 285 -72.68 7.76 -44.43
N ILE G 286 -73.79 7.87 -45.15
CA ILE G 286 -74.24 6.85 -46.09
C ILE G 286 -74.37 7.52 -47.45
N GLY G 287 -73.62 7.01 -48.42
CA GLY G 287 -73.63 7.61 -49.73
C GLY G 287 -74.92 7.33 -50.48
N GLN G 288 -75.25 8.25 -51.38
CA GLN G 288 -76.44 8.14 -52.20
C GLN G 288 -76.22 7.33 -53.47
N GLY G 289 -74.98 7.20 -53.91
CA GLY G 289 -74.70 6.55 -55.17
C GLY G 289 -74.92 7.50 -56.34
N TYR G 290 -74.89 6.92 -57.53
CA TYR G 290 -75.06 7.70 -58.75
C TYR G 290 -76.46 7.53 -59.31
N LEU G 291 -77.01 8.61 -59.83
CA LEU G 291 -78.31 8.58 -60.47
C LEU G 291 -78.27 9.46 -61.71
N ILE G 292 -79.16 9.16 -62.66
CA ILE G 292 -79.31 9.97 -63.87
C ILE G 292 -80.73 10.51 -63.84
N LYS G 293 -80.90 11.70 -63.25
CA LYS G 293 -82.17 12.40 -63.19
C LYS G 293 -81.99 13.67 -64.00
N ASP G 294 -82.20 13.58 -65.31
CA ASP G 294 -81.94 14.66 -66.25
C ASP G 294 -80.52 15.20 -66.08
N GLY G 295 -79.56 14.29 -66.09
CA GLY G 295 -78.17 14.61 -65.82
C GLY G 295 -77.71 13.78 -64.65
N LYS G 296 -76.40 13.53 -64.61
CA LYS G 296 -75.83 12.72 -63.53
C LYS G 296 -75.81 13.50 -62.22
N LEU G 297 -76.10 12.82 -61.12
CA LEU G 297 -76.13 13.40 -59.79
C LEU G 297 -74.97 12.83 -58.99
N ILE G 298 -74.00 13.68 -58.66
CA ILE G 298 -72.82 13.27 -57.92
C ILE G 298 -72.58 14.07 -56.66
N LYS G 299 -73.35 15.14 -56.42
CA LYS G 299 -73.00 16.06 -55.35
C LYS G 299 -73.22 15.44 -53.98
N ASN G 300 -74.20 14.55 -53.85
CA ASN G 300 -74.56 14.02 -52.53
C ASN G 300 -73.42 13.24 -51.90
N ASN G 301 -72.52 12.70 -52.70
CA ASN G 301 -71.45 11.88 -52.15
C ASN G 301 -70.46 12.71 -51.36
N ALA G 302 -70.18 13.94 -51.79
CA ALA G 302 -69.22 14.79 -51.11
C ALA G 302 -69.74 16.22 -51.03
N SER G 303 -71.00 16.38 -50.65
CA SER G 303 -71.61 17.70 -50.49
C SER G 303 -72.37 17.74 -49.18
N THR G 304 -71.78 18.39 -48.18
CA THR G 304 -72.43 18.54 -46.88
C THR G 304 -73.40 19.71 -46.92
N ASP G 305 -73.88 20.13 -45.75
CA ASP G 305 -74.73 21.29 -45.61
C ASP G 305 -73.92 22.58 -45.50
N TYR G 306 -72.59 22.50 -45.48
CA TYR G 306 -71.74 23.66 -45.47
C TYR G 306 -70.81 23.74 -46.68
N ASP G 307 -70.56 22.64 -47.38
CA ASP G 307 -69.73 22.68 -48.57
C ASP G 307 -70.54 23.08 -49.80
N LEU G 308 -71.62 22.34 -50.09
CA LEU G 308 -72.50 22.58 -51.22
C LEU G 308 -71.79 22.45 -52.57
N SER G 309 -70.59 21.88 -52.56
CA SER G 309 -69.83 21.66 -53.79
C SER G 309 -70.40 20.47 -54.53
N ASP G 310 -70.56 20.61 -55.84
CA ASP G 310 -71.12 19.55 -56.68
C ASP G 310 -70.01 18.57 -57.06
N LYS G 311 -69.58 17.80 -56.07
CA LYS G 311 -68.50 16.83 -56.25
C LYS G 311 -68.89 15.51 -55.61
N SER G 312 -68.21 14.45 -56.03
CA SER G 312 -68.46 13.11 -55.53
C SER G 312 -67.34 12.69 -54.59
N ILE G 313 -67.60 11.62 -53.83
CA ILE G 313 -66.66 11.12 -52.84
C ILE G 313 -65.38 10.61 -53.50
N ASN G 314 -65.40 10.36 -54.80
CA ASN G 314 -64.21 9.92 -55.50
C ASN G 314 -63.16 11.03 -55.45
N PRO G 315 -61.93 10.72 -55.04
CA PRO G 315 -60.91 11.76 -54.97
C PRO G 315 -60.52 12.25 -56.35
N LEU G 316 -59.60 13.20 -56.41
CA LEU G 316 -59.13 13.68 -57.70
C LEU G 316 -58.28 12.60 -58.34
N GLY G 317 -58.74 12.07 -59.47
CA GLY G 317 -58.05 10.99 -60.14
C GLY G 317 -58.40 9.60 -59.68
N GLY G 318 -59.35 9.45 -58.77
CA GLY G 318 -59.85 8.15 -58.38
C GLY G 318 -59.09 7.56 -57.20
N PHE G 319 -59.78 6.65 -56.50
CA PHE G 319 -59.18 5.95 -55.37
C PHE G 319 -57.96 5.15 -55.82
N VAL G 320 -56.90 5.20 -55.02
CA VAL G 320 -55.68 4.49 -55.38
C VAL G 320 -55.90 3.00 -55.24
N HIS G 321 -55.51 2.25 -56.29
CA HIS G 321 -55.53 0.79 -56.32
C HIS G 321 -56.93 0.19 -56.22
N TYR G 322 -57.97 1.01 -56.21
CA TYR G 322 -59.33 0.48 -56.11
C TYR G 322 -60.16 0.77 -57.36
N GLY G 323 -60.35 2.02 -57.73
CA GLY G 323 -61.21 2.34 -58.83
C GLY G 323 -62.12 3.49 -58.49
N GLU G 324 -63.25 3.54 -59.18
CA GLU G 324 -64.22 4.62 -59.03
C GLU G 324 -65.46 4.11 -58.30
N VAL G 325 -65.76 4.74 -57.18
CA VAL G 325 -66.99 4.44 -56.44
C VAL G 325 -68.16 5.05 -57.20
N THR G 326 -69.14 4.22 -57.53
CA THR G 326 -70.36 4.67 -58.18
C THR G 326 -71.61 4.32 -57.39
N ASN G 327 -71.66 3.13 -56.82
CA ASN G 327 -72.79 2.71 -56.01
C ASN G 327 -72.72 3.37 -54.64
N ASP G 328 -73.59 2.96 -53.72
CA ASP G 328 -73.63 3.52 -52.39
C ASP G 328 -72.32 3.22 -51.66
N PHE G 329 -72.14 3.86 -50.50
CA PHE G 329 -70.96 3.60 -49.71
C PHE G 329 -71.25 3.94 -48.26
N VAL G 330 -70.37 3.46 -47.38
CA VAL G 330 -70.44 3.70 -45.95
C VAL G 330 -69.14 4.33 -45.52
N MET G 331 -69.23 5.44 -44.78
CA MET G 331 -68.07 6.10 -44.20
C MET G 331 -67.90 5.63 -42.77
N LEU G 332 -66.69 5.22 -42.42
CA LEU G 332 -66.39 4.67 -41.10
C LEU G 332 -65.30 5.47 -40.45
N LYS G 333 -65.49 5.85 -39.19
CA LYS G 333 -64.42 6.48 -38.43
C LYS G 333 -63.28 5.49 -38.24
N GLY G 334 -62.07 5.93 -38.57
CA GLY G 334 -60.92 5.08 -38.38
C GLY G 334 -60.66 4.17 -39.56
N CYS G 335 -59.78 3.20 -39.33
CA CYS G 335 -59.30 2.28 -40.34
C CYS G 335 -59.80 0.87 -40.04
N VAL G 336 -60.22 0.17 -41.09
CA VAL G 336 -60.69 -1.19 -40.96
C VAL G 336 -59.69 -2.13 -41.61
N VAL G 337 -59.87 -3.44 -41.37
CA VAL G 337 -58.87 -4.41 -41.79
C VAL G 337 -58.88 -4.57 -43.31
N GLY G 338 -57.82 -5.19 -43.81
CA GLY G 338 -57.77 -5.63 -45.19
C GLY G 338 -57.21 -4.60 -46.14
N THR G 339 -56.85 -5.09 -47.34
CA THR G 339 -56.33 -4.24 -48.39
C THR G 339 -57.46 -3.46 -49.04
N LYS G 340 -57.14 -2.71 -50.10
CA LYS G 340 -58.18 -2.14 -50.92
C LYS G 340 -58.91 -3.26 -51.65
N LYS G 341 -60.12 -2.94 -52.13
CA LYS G 341 -61.05 -3.84 -52.79
C LYS G 341 -61.19 -5.19 -52.07
N ARG G 342 -61.04 -5.16 -50.75
CA ARG G 342 -61.23 -6.35 -49.92
C ARG G 342 -62.67 -6.37 -49.44
N VAL G 343 -63.30 -7.55 -49.50
CA VAL G 343 -64.65 -7.70 -49.00
C VAL G 343 -64.63 -7.65 -47.48
N LEU G 344 -65.56 -6.90 -46.92
CA LEU G 344 -65.72 -6.78 -45.48
C LEU G 344 -67.16 -7.06 -45.11
N THR G 345 -67.35 -7.73 -43.98
CA THR G 345 -68.68 -7.94 -43.42
C THR G 345 -68.94 -6.87 -42.38
N LEU G 346 -70.10 -6.24 -42.46
CA LEU G 346 -70.50 -5.21 -41.51
C LEU G 346 -71.69 -5.74 -40.74
N ARG G 347 -71.57 -5.76 -39.42
CA ARG G 347 -72.54 -6.43 -38.56
C ARG G 347 -73.09 -5.46 -37.53
N LYS G 348 -74.40 -5.51 -37.32
CA LYS G 348 -75.00 -4.75 -36.23
C LYS G 348 -74.43 -5.23 -34.91
N SER G 349 -74.19 -4.28 -34.00
CA SER G 349 -73.36 -4.55 -32.84
C SER G 349 -73.99 -5.56 -31.89
N LEU G 350 -73.16 -6.47 -31.38
CA LEU G 350 -73.58 -7.39 -30.32
C LEU G 350 -73.72 -6.71 -28.98
N LEU G 351 -73.25 -5.47 -28.85
CA LEU G 351 -73.25 -4.74 -27.59
C LEU G 351 -74.36 -3.71 -27.59
N VAL G 352 -74.74 -3.28 -26.39
CA VAL G 352 -75.75 -2.25 -26.21
C VAL G 352 -75.04 -0.90 -26.18
N GLN G 353 -75.28 -0.08 -27.19
CA GLN G 353 -74.62 1.22 -27.32
C GLN G 353 -75.41 2.25 -26.51
N THR G 354 -74.82 2.69 -25.39
CA THR G 354 -75.45 3.69 -24.55
C THR G 354 -74.51 4.82 -24.14
N LYS G 355 -73.22 4.71 -24.38
CA LYS G 355 -72.30 5.76 -24.01
C LYS G 355 -72.46 6.97 -24.92
N ARG G 356 -71.89 8.09 -24.49
CA ARG G 356 -72.00 9.32 -25.25
C ARG G 356 -71.31 9.22 -26.60
N ARG G 357 -70.17 8.53 -26.66
CA ARG G 357 -69.47 8.36 -27.93
C ARG G 357 -70.30 7.55 -28.91
N ALA G 358 -70.94 6.48 -28.43
CA ALA G 358 -71.77 5.66 -29.30
C ALA G 358 -73.03 6.40 -29.74
N LEU G 359 -73.60 7.20 -28.85
CA LEU G 359 -74.85 7.90 -29.14
C LEU G 359 -74.62 9.28 -29.74
N GLU G 360 -73.38 9.65 -30.01
CA GLU G 360 -73.08 10.99 -30.48
C GLU G 360 -73.61 11.22 -31.89
N LYS G 361 -74.31 12.34 -32.08
CA LYS G 361 -74.76 12.72 -33.41
C LYS G 361 -73.60 13.26 -34.23
N ILE G 362 -73.63 12.98 -35.53
CA ILE G 362 -72.53 13.32 -36.43
C ILE G 362 -73.07 14.21 -37.53
N ASP G 363 -72.37 15.33 -37.79
CA ASP G 363 -72.76 16.26 -38.84
C ASP G 363 -71.48 16.73 -39.52
N LEU G 364 -71.16 16.13 -40.67
CA LEU G 364 -69.91 16.43 -41.35
C LEU G 364 -69.96 17.81 -41.99
N LYS G 365 -68.87 18.56 -41.85
CA LYS G 365 -68.74 19.86 -42.47
C LYS G 365 -67.99 19.84 -43.79
N PHE G 366 -66.99 18.98 -43.92
CA PHE G 366 -66.16 18.97 -45.12
C PHE G 366 -65.55 17.60 -45.28
N ILE G 367 -65.45 17.14 -46.53
CA ILE G 367 -64.84 15.86 -46.85
C ILE G 367 -63.69 16.11 -47.81
N ASP G 368 -62.50 15.68 -47.44
CA ASP G 368 -61.33 15.84 -48.29
C ASP G 368 -61.47 14.98 -49.54
N THR G 369 -61.24 15.59 -50.70
CA THR G 369 -61.28 14.86 -51.97
C THR G 369 -60.06 15.16 -52.83
N THR G 370 -58.95 15.58 -52.22
CA THR G 370 -57.73 15.77 -52.97
C THR G 370 -57.18 14.43 -53.43
N SER G 371 -56.23 14.49 -54.35
CA SER G 371 -55.66 13.28 -54.92
C SER G 371 -54.88 12.51 -53.87
N LYS G 372 -55.27 11.25 -53.64
CA LYS G 372 -54.51 10.38 -52.76
C LYS G 372 -53.31 9.76 -53.46
N PHE G 373 -53.17 9.97 -54.76
CA PHE G 373 -52.05 9.47 -55.55
C PHE G 373 -50.87 10.43 -55.47
N GLY G 374 -50.50 10.82 -54.26
CA GLY G 374 -49.50 11.84 -54.03
C GLY G 374 -50.06 12.96 -53.18
N HIS G 375 -49.27 14.02 -53.04
CA HIS G 375 -49.67 15.17 -52.25
C HIS G 375 -50.63 16.01 -53.08
N GLY G 376 -51.92 15.68 -53.01
CA GLY G 376 -52.92 16.47 -53.69
C GLY G 376 -53.16 17.80 -52.99
N ARG G 377 -53.50 18.80 -53.79
CA ARG G 377 -53.74 20.13 -53.24
C ARG G 377 -54.96 20.83 -53.83
N PHE G 378 -55.65 20.22 -54.78
CA PHE G 378 -56.86 20.77 -55.36
C PHE G 378 -58.01 19.80 -55.08
N GLN G 379 -59.15 20.33 -54.66
CA GLN G 379 -60.26 19.47 -54.30
C GLN G 379 -60.96 18.91 -55.53
N THR G 380 -61.11 19.71 -56.59
CA THR G 380 -61.85 19.31 -57.77
C THR G 380 -61.19 19.85 -59.03
N MET G 381 -61.65 19.32 -60.17
CA MET G 381 -61.19 19.80 -61.47
C MET G 381 -61.52 21.27 -61.63
N GLU G 382 -62.71 21.69 -61.21
CA GLU G 382 -63.12 23.07 -61.36
C GLU G 382 -62.20 24.00 -60.59
N GLU G 383 -61.87 23.64 -59.34
CA GLU G 383 -60.94 24.46 -58.56
C GLU G 383 -59.55 24.46 -59.18
N LYS G 384 -59.08 23.28 -59.62
CA LYS G 384 -57.75 23.22 -60.21
C LYS G 384 -57.66 24.06 -61.47
N LYS G 385 -58.69 24.02 -62.31
CA LYS G 385 -58.70 24.87 -63.50
C LYS G 385 -58.81 26.33 -63.14
N ALA G 386 -59.63 26.68 -62.14
CA ALA G 386 -59.75 28.07 -61.72
C ALA G 386 -58.43 28.60 -61.17
N PHE G 387 -57.62 27.73 -60.57
CA PHE G 387 -56.35 28.14 -59.98
C PHE G 387 -55.24 28.19 -61.02
N MET G 388 -54.96 27.05 -61.67
CA MET G 388 -53.86 26.98 -62.62
C MET G 388 -54.13 27.84 -63.84
N GLY G 389 -55.36 27.86 -64.32
CA GLY G 389 -55.66 28.57 -65.54
C GLY G 389 -55.37 27.71 -66.75
N PRO G 390 -55.40 28.31 -67.93
CA PRO G 390 -55.18 27.53 -69.16
C PRO G 390 -53.74 27.08 -69.26
N LEU G 391 -53.53 25.96 -69.95
CA LEU G 391 -52.20 25.39 -70.11
C LEU G 391 -51.85 25.20 -71.57
N LYS G 392 -50.65 24.65 -71.82
CA LYS G 392 -50.20 24.45 -73.20
C LYS G 392 -51.08 23.44 -73.92
N LYS G 393 -51.41 22.32 -73.26
CA LYS G 393 -52.23 21.31 -73.91
C LYS G 393 -53.62 21.84 -74.23
N ASP G 394 -54.21 22.61 -73.31
CA ASP G 394 -55.51 23.20 -73.57
C ASP G 394 -55.44 24.18 -74.74
N ARG G 395 -54.41 25.02 -74.75
CA ARG G 395 -54.27 26.01 -75.81
C ARG G 395 -54.06 25.35 -77.17
N ILE G 396 -53.25 24.29 -77.23
CA ILE G 396 -53.01 23.65 -78.52
C ILE G 396 -54.19 22.79 -78.94
N ALA G 397 -54.96 22.24 -77.99
CA ALA G 397 -56.20 21.57 -78.35
C ALA G 397 -57.20 22.57 -78.93
N LYS G 398 -57.25 23.77 -78.34
CA LYS G 398 -58.07 24.84 -78.91
C LYS G 398 -57.58 25.22 -80.31
N GLU G 399 -56.26 25.28 -80.51
CA GLU G 399 -55.72 25.61 -81.83
C GLU G 399 -56.08 24.54 -82.86
N GLU G 400 -56.01 23.27 -82.48
CA GLU G 400 -56.29 22.19 -83.42
C GLU G 400 -57.78 22.12 -83.75
N GLY G 401 -58.64 22.21 -82.73
CA GLY G 401 -60.06 22.10 -82.94
C GLY G 401 -60.80 23.40 -83.22
N ALA G 402 -60.09 24.51 -83.31
CA ALA G 402 -60.68 25.84 -83.50
C ALA G 402 -61.71 26.16 -82.43
N MET H 1 -3.80 -123.12 -22.81
CA MET H 1 -3.40 -122.84 -24.18
C MET H 1 -2.16 -121.95 -24.18
N ALA H 2 -1.92 -121.27 -23.05
CA ALA H 2 -0.75 -120.42 -22.95
C ALA H 2 0.54 -121.23 -22.98
N CYS H 3 0.63 -122.27 -22.14
CA CYS H 3 1.80 -123.13 -22.17
C CYS H 3 1.75 -124.11 -23.34
N ALA H 4 0.57 -124.34 -23.90
CA ALA H 4 0.45 -125.26 -25.02
C ALA H 4 0.86 -124.57 -26.32
N ARG H 5 1.65 -125.25 -27.13
CA ARG H 5 2.14 -124.70 -28.39
C ARG H 5 1.76 -125.62 -29.53
N PRO H 6 0.95 -125.18 -30.47
CA PRO H 6 0.56 -126.05 -31.59
C PRO H 6 1.68 -126.22 -32.61
N LEU H 7 1.37 -126.89 -33.72
CA LEU H 7 2.38 -127.28 -34.71
C LEU H 7 1.98 -126.70 -36.05
N ILE H 8 2.52 -125.52 -36.39
CA ILE H 8 2.20 -124.87 -37.66
C ILE H 8 2.81 -125.66 -38.81
N SER H 9 2.11 -125.68 -39.94
CA SER H 9 2.56 -126.40 -41.12
C SER H 9 3.05 -125.42 -42.18
N VAL H 10 4.20 -125.72 -42.77
CA VAL H 10 4.81 -124.87 -43.79
C VAL H 10 4.17 -125.19 -45.13
N TYR H 11 3.84 -124.16 -45.89
CA TYR H 11 3.22 -124.32 -47.19
C TYR H 11 4.23 -124.07 -48.31
N SER H 12 4.01 -124.73 -49.43
CA SER H 12 4.90 -124.62 -50.58
C SER H 12 4.51 -123.43 -51.46
N GLU H 13 5.35 -123.17 -52.46
CA GLU H 13 5.07 -122.08 -53.40
C GLU H 13 3.81 -122.34 -54.21
N LYS H 14 3.37 -123.60 -54.30
CA LYS H 14 2.16 -123.94 -55.03
C LYS H 14 0.91 -123.83 -54.18
N GLY H 15 1.05 -123.63 -52.87
CA GLY H 15 -0.08 -123.41 -52.00
C GLY H 15 -0.49 -124.58 -51.15
N GLU H 16 0.12 -125.75 -51.33
CA GLU H 16 -0.21 -126.91 -50.52
C GLU H 16 0.90 -127.21 -49.51
N SER H 17 0.54 -127.95 -48.48
CA SER H 17 1.46 -128.21 -47.37
C SER H 17 2.64 -129.04 -47.82
N SER H 18 3.82 -128.69 -47.34
CA SER H 18 5.04 -129.38 -47.68
C SER H 18 5.37 -130.51 -46.72
N GLY H 19 4.58 -130.68 -45.66
CA GLY H 19 4.85 -131.68 -44.65
C GLY H 19 5.80 -131.23 -43.56
N LYS H 20 6.43 -130.07 -43.72
CA LYS H 20 7.30 -129.53 -42.68
C LYS H 20 6.45 -128.84 -41.62
N ASN H 21 6.88 -128.97 -40.37
CA ASN H 21 6.13 -128.39 -39.25
C ASN H 21 7.08 -127.63 -38.35
N VAL H 22 6.66 -126.45 -37.94
CA VAL H 22 7.39 -125.61 -37.00
C VAL H 22 6.51 -125.40 -35.78
N THR H 23 7.07 -125.61 -34.59
CA THR H 23 6.33 -125.33 -33.38
C THR H 23 6.10 -123.83 -33.26
N LEU H 24 4.91 -123.46 -32.81
CA LEU H 24 4.52 -122.05 -32.76
C LEU H 24 5.40 -121.28 -31.79
N PRO H 25 6.03 -120.19 -32.23
CA PRO H 25 6.83 -119.39 -31.30
C PRO H 25 5.96 -118.79 -30.19
N ALA H 26 6.55 -118.69 -29.01
CA ALA H 26 5.80 -118.23 -27.84
C ALA H 26 5.43 -116.76 -27.93
N VAL H 27 6.09 -116.00 -28.82
CA VAL H 27 5.70 -114.61 -28.99
C VAL H 27 4.29 -114.51 -29.55
N PHE H 28 3.84 -115.53 -30.27
CA PHE H 28 2.46 -115.53 -30.77
C PHE H 28 1.44 -115.81 -29.68
N LYS H 29 1.86 -116.37 -28.55
CA LYS H 29 0.99 -116.56 -27.40
C LYS H 29 1.19 -115.50 -26.34
N ALA H 30 2.18 -114.63 -26.53
CA ALA H 30 2.43 -113.50 -25.64
C ALA H 30 1.17 -112.64 -25.48
N PRO H 31 1.08 -111.88 -24.39
CA PRO H 31 -0.12 -111.07 -24.13
C PRO H 31 -0.39 -110.06 -25.24
N ILE H 32 -1.67 -109.84 -25.52
CA ILE H 32 -2.12 -108.90 -26.53
C ILE H 32 -2.64 -107.66 -25.82
N ARG H 33 -1.97 -106.53 -26.03
CA ARG H 33 -2.27 -105.28 -25.33
C ARG H 33 -2.51 -104.18 -26.35
N PRO H 34 -3.75 -104.03 -26.83
CA PRO H 34 -4.06 -102.93 -27.76
C PRO H 34 -3.78 -101.57 -27.18
N ASP H 35 -3.95 -101.38 -25.87
CA ASP H 35 -3.68 -100.07 -25.30
C ASP H 35 -2.20 -99.74 -25.37
N ILE H 36 -1.32 -100.70 -25.05
CA ILE H 36 0.11 -100.44 -25.12
C ILE H 36 0.56 -100.31 -26.56
N VAL H 37 0.02 -101.14 -27.45
CA VAL H 37 0.35 -101.03 -28.86
C VAL H 37 -0.05 -99.66 -29.39
N ASN H 38 -1.25 -99.20 -29.04
CA ASN H 38 -1.71 -97.89 -29.48
C ASN H 38 -0.83 -96.80 -28.92
N PHE H 39 -0.43 -96.92 -27.66
CA PHE H 39 0.38 -95.88 -27.03
C PHE H 39 1.75 -95.79 -27.69
N VAL H 40 2.39 -96.94 -27.91
CA VAL H 40 3.70 -96.98 -28.53
C VAL H 40 3.62 -96.46 -29.97
N HIS H 41 2.58 -96.86 -30.70
CA HIS H 41 2.42 -96.39 -32.06
C HIS H 41 2.18 -94.89 -32.10
N THR H 42 1.36 -94.38 -31.19
CA THR H 42 1.09 -92.95 -31.11
C THR H 42 2.37 -92.18 -30.86
N ASN H 43 3.19 -92.63 -29.92
CA ASN H 43 4.39 -91.89 -29.60
C ASN H 43 5.54 -92.16 -30.56
N LEU H 44 5.44 -93.17 -31.43
CA LEU H 44 6.49 -93.38 -32.41
C LEU H 44 6.20 -92.79 -33.78
N ARG H 45 4.93 -92.62 -34.16
CA ARG H 45 4.66 -91.93 -35.42
C ARG H 45 5.14 -90.49 -35.42
N LYS H 46 5.37 -89.91 -34.25
CA LYS H 46 5.87 -88.54 -34.21
C LYS H 46 7.34 -88.49 -34.58
N ASN H 47 8.08 -89.56 -34.35
CA ASN H 47 9.53 -89.51 -34.48
C ASN H 47 9.99 -89.34 -35.93
N ASN H 48 9.13 -89.63 -36.89
CA ASN H 48 9.47 -89.44 -38.30
C ASN H 48 9.00 -88.10 -38.83
N ARG H 49 8.54 -87.21 -37.96
CA ARG H 49 8.05 -85.92 -38.40
C ARG H 49 9.20 -84.98 -38.72
N GLN H 50 8.93 -84.03 -39.60
CA GLN H 50 9.81 -83.00 -40.10
C GLN H 50 9.32 -81.64 -39.64
N PRO H 51 10.21 -80.82 -39.08
CA PRO H 51 9.75 -79.61 -38.38
C PRO H 51 9.12 -78.60 -39.31
N TYR H 52 8.04 -77.98 -38.85
CA TYR H 52 7.42 -76.86 -39.53
C TYR H 52 7.24 -75.73 -38.54
N ALA H 53 7.34 -74.51 -39.05
CA ALA H 53 7.19 -73.30 -38.24
C ALA H 53 6.99 -72.14 -39.20
N VAL H 54 6.65 -70.99 -38.64
CA VAL H 54 6.50 -69.78 -39.42
C VAL H 54 7.75 -68.91 -39.23
N SER H 55 8.00 -68.03 -40.19
CA SER H 55 9.17 -67.18 -40.12
C SER H 55 9.06 -66.25 -38.92
N GLU H 56 10.15 -66.15 -38.16
CA GLU H 56 10.13 -65.30 -36.97
C GLU H 56 10.04 -63.82 -37.32
N LEU H 57 10.46 -63.44 -38.53
CA LEU H 57 10.34 -62.07 -38.96
C LEU H 57 8.95 -61.70 -39.44
N ALA H 58 8.10 -62.70 -39.70
CA ALA H 58 6.79 -62.44 -40.27
C ALA H 58 5.98 -61.54 -39.37
N GLY H 59 5.30 -60.57 -39.98
CA GLY H 59 4.47 -59.63 -39.25
C GLY H 59 5.21 -58.49 -38.60
N HIS H 60 6.50 -58.61 -38.38
CA HIS H 60 7.27 -57.60 -37.67
C HIS H 60 8.26 -56.87 -38.55
N GLN H 61 8.23 -57.08 -39.86
CA GLN H 61 9.07 -56.31 -40.78
C GLN H 61 8.33 -55.04 -41.21
N THR H 62 8.10 -54.19 -40.21
CA THR H 62 7.28 -52.99 -40.36
C THR H 62 7.67 -52.03 -39.26
N SER H 63 7.72 -50.74 -39.59
CA SER H 63 8.08 -49.70 -38.62
C SER H 63 6.86 -49.05 -37.99
N ALA H 64 5.79 -49.81 -37.79
CA ALA H 64 4.56 -49.25 -37.26
C ALA H 64 4.70 -48.89 -35.79
N GLU H 65 3.85 -47.97 -35.34
CA GLU H 65 3.75 -47.62 -33.93
C GLU H 65 2.39 -46.98 -33.69
N SER H 66 2.00 -46.93 -32.42
CA SER H 66 0.68 -46.45 -32.05
C SER H 66 0.53 -44.96 -32.33
N TRP H 67 -0.63 -44.59 -32.89
CA TRP H 67 -0.88 -43.20 -33.23
C TRP H 67 -1.00 -42.33 -31.99
N GLY H 68 -1.74 -42.79 -31.00
CA GLY H 68 -2.06 -42.00 -29.84
C GLY H 68 -3.46 -42.32 -29.39
N THR H 69 -4.00 -41.46 -28.53
CA THR H 69 -5.30 -41.72 -27.94
C THR H 69 -6.35 -40.66 -28.25
N GLY H 70 -5.97 -39.49 -28.75
CA GLY H 70 -6.95 -38.48 -29.05
C GLY H 70 -7.25 -38.34 -30.53
N ARG H 71 -7.32 -39.47 -31.24
CA ARG H 71 -7.47 -39.45 -32.69
C ARG H 71 -8.66 -40.28 -33.17
N ALA H 72 -9.53 -40.70 -32.25
CA ALA H 72 -10.78 -41.40 -32.57
C ALA H 72 -10.53 -42.71 -33.31
N VAL H 73 -9.37 -43.33 -33.09
CA VAL H 73 -9.04 -44.60 -33.72
C VAL H 73 -8.60 -45.57 -32.63
N ALA H 74 -8.60 -46.85 -32.97
CA ALA H 74 -8.16 -47.87 -32.01
C ALA H 74 -6.67 -47.70 -31.72
N ARG H 75 -6.25 -48.23 -30.58
CA ARG H 75 -4.91 -48.02 -30.08
C ARG H 75 -3.91 -49.06 -30.57
N ILE H 76 -4.26 -49.79 -31.62
CA ILE H 76 -3.33 -50.73 -32.25
C ILE H 76 -2.26 -49.91 -32.97
N PRO H 77 -1.02 -50.40 -33.05
CA PRO H 77 -0.02 -49.67 -33.83
C PRO H 77 -0.42 -49.54 -35.29
N ARG H 78 -0.14 -48.37 -35.86
CA ARG H 78 -0.48 -48.05 -37.23
C ARG H 78 0.79 -47.90 -38.05
N VAL H 79 0.73 -48.30 -39.32
CA VAL H 79 1.86 -48.21 -40.21
C VAL H 79 2.16 -46.74 -40.51
N ARG H 80 3.40 -46.33 -40.30
CA ARG H 80 3.79 -44.95 -40.51
C ARG H 80 3.85 -44.64 -42.00
N GLY H 81 3.99 -43.36 -42.31
CA GLY H 81 4.15 -42.94 -43.68
C GLY H 81 2.83 -42.52 -44.32
N GLY H 82 2.88 -42.44 -45.64
CA GLY H 82 1.72 -42.04 -46.41
C GLY H 82 1.88 -42.39 -47.88
N GLY H 83 0.87 -42.03 -48.66
CA GLY H 83 0.94 -42.22 -50.09
C GLY H 83 0.76 -43.64 -50.56
N THR H 84 0.07 -44.47 -49.79
CA THR H 84 -0.18 -45.85 -50.18
C THR H 84 -1.36 -46.38 -49.37
N HIS H 85 -1.90 -47.50 -49.83
CA HIS H 85 -2.98 -48.14 -49.09
C HIS H 85 -2.50 -48.61 -47.72
N ARG H 86 -1.28 -49.12 -47.65
CA ARG H 86 -0.80 -49.75 -46.42
C ARG H 86 -0.57 -48.73 -45.32
N SER H 87 -0.31 -47.48 -45.67
CA SER H 87 -0.04 -46.47 -44.65
C SER H 87 -1.32 -46.15 -43.89
N GLY H 88 -1.20 -46.07 -42.56
CA GLY H 88 -2.34 -45.84 -41.71
C GLY H 88 -3.11 -47.07 -41.30
N GLN H 89 -2.77 -48.24 -41.83
CA GLN H 89 -3.44 -49.47 -41.47
C GLN H 89 -2.80 -50.09 -40.23
N GLY H 90 -3.51 -51.01 -39.62
CA GLY H 90 -2.99 -51.66 -38.44
C GLY H 90 -1.88 -52.65 -38.76
N ALA H 91 -1.06 -52.92 -37.74
CA ALA H 91 0.05 -53.85 -37.90
C ALA H 91 0.40 -54.40 -36.52
N PHE H 92 1.28 -55.40 -36.52
CA PHE H 92 1.91 -56.04 -35.36
C PHE H 92 0.95 -56.86 -34.53
N GLY H 93 -0.33 -56.88 -34.84
CA GLY H 93 -1.30 -57.59 -34.03
C GLY H 93 -1.69 -58.92 -34.65
N ASN H 94 -2.05 -59.87 -33.79
CA ASN H 94 -2.63 -61.11 -34.29
C ASN H 94 -4.01 -60.88 -34.91
N MET H 95 -4.68 -59.81 -34.54
CA MET H 95 -5.97 -59.45 -35.10
C MET H 95 -5.86 -58.52 -36.29
N CYS H 96 -4.65 -58.05 -36.62
CA CYS H 96 -4.45 -57.15 -37.75
C CYS H 96 -4.07 -57.94 -38.98
N ARG H 97 -4.73 -57.64 -40.09
CA ARG H 97 -4.37 -58.24 -41.36
C ARG H 97 -2.93 -57.86 -41.72
N GLY H 98 -2.11 -58.86 -42.00
CA GLY H 98 -0.71 -58.63 -42.26
C GLY H 98 0.18 -58.67 -41.05
N GLY H 99 -0.39 -58.68 -39.84
CA GLY H 99 0.39 -58.86 -38.65
C GLY H 99 0.79 -60.30 -38.46
N ARG H 100 1.54 -60.55 -37.40
CA ARG H 100 1.96 -61.91 -37.12
C ARG H 100 0.93 -62.63 -36.27
N MET H 101 0.96 -63.96 -36.34
CA MET H 101 0.04 -64.79 -35.60
C MET H 101 0.33 -64.72 -34.10
N PHE H 102 -0.66 -65.09 -33.30
CA PHE H 102 -0.46 -65.21 -31.87
C PHE H 102 0.44 -66.39 -31.58
N ALA H 103 1.50 -66.15 -30.81
CA ALA H 103 2.43 -67.20 -30.37
C ALA H 103 2.93 -67.99 -31.57
N PRO H 104 3.82 -67.43 -32.38
CA PRO H 104 4.21 -68.09 -33.62
C PRO H 104 4.77 -69.48 -33.39
N THR H 105 4.38 -70.39 -34.27
CA THR H 105 4.92 -71.74 -34.24
C THR H 105 6.42 -71.67 -34.45
N LYS H 106 7.16 -72.44 -33.65
CA LYS H 106 8.61 -72.38 -33.67
C LYS H 106 9.17 -73.78 -33.83
N THR H 107 10.40 -73.83 -34.35
CA THR H 107 10.99 -75.10 -34.74
C THR H 107 11.27 -76.03 -33.57
N TRP H 108 11.38 -75.50 -32.35
CA TRP H 108 11.61 -76.37 -31.19
C TRP H 108 10.29 -76.69 -30.50
N ARG H 109 9.51 -77.51 -31.19
CA ARG H 109 8.20 -77.94 -30.69
C ARG H 109 8.24 -79.31 -30.02
N ARG H 110 9.42 -79.91 -29.88
CA ARG H 110 9.54 -81.27 -29.36
C ARG H 110 8.72 -82.25 -30.21
N TRP H 111 9.14 -82.39 -31.46
CA TRP H 111 8.43 -83.28 -32.38
C TRP H 111 8.57 -84.75 -32.01
N HIS H 112 9.60 -85.10 -31.25
CA HIS H 112 9.96 -86.50 -31.05
C HIS H 112 9.65 -86.92 -29.62
N ARG H 113 9.14 -88.14 -29.49
CA ARG H 113 8.97 -88.81 -28.21
C ARG H 113 9.93 -89.99 -28.14
N ARG H 114 10.42 -90.28 -26.95
CA ARG H 114 11.22 -91.47 -26.72
C ARG H 114 10.41 -92.45 -25.88
N VAL H 115 10.40 -93.71 -26.31
CA VAL H 115 9.61 -94.75 -25.65
C VAL H 115 10.56 -95.81 -25.14
N ASN H 116 10.20 -96.41 -24.01
CA ASN H 116 11.05 -97.43 -23.40
C ASN H 116 11.23 -98.61 -24.34
N THR H 117 12.45 -99.14 -24.35
CA THR H 117 12.76 -100.28 -25.21
C THR H 117 11.94 -101.49 -24.81
N THR H 118 11.73 -101.69 -23.51
CA THR H 118 10.88 -102.79 -23.06
C THR H 118 9.47 -102.61 -23.56
N GLN H 119 8.96 -101.37 -23.57
CA GLN H 119 7.61 -101.13 -24.05
C GLN H 119 7.50 -101.34 -25.55
N LYS H 120 8.53 -100.93 -26.31
CA LYS H 120 8.50 -101.16 -27.75
C LYS H 120 8.53 -102.65 -28.07
N ARG H 121 9.37 -103.41 -27.36
CA ARG H 121 9.35 -104.86 -27.53
C ARG H 121 8.02 -105.45 -27.12
N TYR H 122 7.41 -104.91 -26.06
CA TYR H 122 6.13 -105.40 -25.58
C TYR H 122 5.05 -105.24 -26.64
N ALA H 123 5.00 -104.06 -27.25
CA ALA H 123 4.01 -103.80 -28.30
C ALA H 123 4.27 -104.67 -29.51
N ILE H 124 5.54 -104.89 -29.87
CA ILE H 124 5.83 -105.81 -30.97
C ILE H 124 5.28 -107.20 -30.65
N CYS H 125 5.50 -107.66 -29.42
CA CYS H 125 5.00 -108.97 -29.03
C CYS H 125 3.49 -109.04 -29.12
N SER H 126 2.80 -108.00 -28.64
CA SER H 126 1.35 -107.99 -28.67
C SER H 126 0.82 -108.03 -30.10
N ALA H 127 1.40 -107.21 -30.98
CA ALA H 127 0.96 -107.20 -32.37
C ALA H 127 1.22 -108.54 -33.04
N LEU H 128 2.38 -109.14 -32.78
CA LEU H 128 2.68 -110.44 -33.36
C LEU H 128 1.68 -111.50 -32.89
N ALA H 129 1.35 -111.48 -31.60
CA ALA H 129 0.39 -112.43 -31.08
C ALA H 129 -0.98 -112.22 -31.72
N ALA H 130 -1.37 -110.97 -31.91
CA ALA H 130 -2.67 -110.69 -32.51
C ALA H 130 -2.72 -111.09 -33.98
N SER H 131 -1.57 -111.06 -34.66
CA SER H 131 -1.57 -111.41 -36.08
C SER H 131 -1.81 -112.89 -36.33
N ALA H 132 -1.89 -113.73 -35.29
CA ALA H 132 -2.15 -115.15 -35.45
C ALA H 132 -3.54 -115.55 -34.98
N LEU H 133 -4.42 -114.59 -34.70
CA LEU H 133 -5.78 -114.88 -34.31
C LEU H 133 -6.73 -114.46 -35.42
N PRO H 134 -7.46 -115.39 -36.03
CA PRO H 134 -8.25 -115.04 -37.21
C PRO H 134 -9.29 -113.97 -36.98
N ALA H 135 -9.81 -113.84 -35.75
CA ALA H 135 -10.80 -112.81 -35.48
C ALA H 135 -10.20 -111.41 -35.67
N LEU H 136 -8.98 -111.20 -35.20
CA LEU H 136 -8.40 -109.86 -35.24
C LEU H 136 -7.92 -109.50 -36.65
N VAL H 137 -7.35 -110.47 -37.36
CA VAL H 137 -6.91 -110.19 -38.72
C VAL H 137 -8.10 -109.95 -39.63
N MET H 138 -9.18 -110.71 -39.44
CA MET H 138 -10.40 -110.43 -40.17
C MET H 138 -11.01 -109.09 -39.75
N SER H 139 -10.87 -108.73 -38.48
CA SER H 139 -11.40 -107.47 -37.99
C SER H 139 -10.66 -106.27 -38.56
N LYS H 140 -9.37 -106.43 -38.87
CA LYS H 140 -8.71 -105.38 -39.64
C LYS H 140 -9.23 -105.31 -41.07
N GLY H 141 -9.82 -106.38 -41.57
CA GLY H 141 -10.44 -106.35 -42.88
C GLY H 141 -9.55 -106.86 -44.00
N HIS H 142 -8.69 -107.82 -43.69
CA HIS H 142 -7.67 -108.27 -44.63
C HIS H 142 -8.14 -109.33 -45.60
N ARG H 143 -9.40 -109.75 -45.55
CA ARG H 143 -9.96 -110.74 -46.48
C ARG H 143 -9.17 -112.04 -46.43
N ILE H 144 -9.18 -112.68 -45.27
CA ILE H 144 -8.62 -114.01 -45.10
C ILE H 144 -9.79 -114.97 -44.91
N GLU H 145 -10.20 -115.58 -46.00
CA GLU H 145 -11.24 -116.60 -45.97
C GLU H 145 -10.79 -117.91 -46.56
N GLU H 146 -9.90 -117.87 -47.54
CA GLU H 146 -9.36 -119.07 -48.15
C GLU H 146 -7.90 -119.30 -47.78
N VAL H 147 -7.37 -118.53 -46.85
CA VAL H 147 -6.00 -118.74 -46.37
C VAL H 147 -5.95 -120.05 -45.58
N PRO H 148 -5.09 -121.00 -45.94
CA PRO H 148 -5.13 -122.31 -45.27
C PRO H 148 -4.76 -122.25 -43.80
N GLU H 149 -3.87 -121.35 -43.41
CA GLU H 149 -3.39 -121.28 -42.03
C GLU H 149 -2.96 -119.86 -41.74
N LEU H 150 -3.52 -119.28 -40.68
CA LEU H 150 -3.25 -117.88 -40.39
C LEU H 150 -1.79 -117.58 -40.06
N PRO H 151 -1.07 -118.36 -39.23
CA PRO H 151 0.38 -118.14 -39.15
C PRO H 151 1.06 -118.65 -40.40
N LEU H 152 0.90 -117.92 -41.50
CA LEU H 152 1.26 -118.41 -42.81
C LEU H 152 2.77 -118.50 -42.95
N VAL H 153 3.25 -119.64 -43.42
CA VAL H 153 4.67 -119.88 -43.60
C VAL H 153 4.86 -120.48 -44.98
N VAL H 154 5.88 -120.00 -45.69
CA VAL H 154 6.24 -120.56 -46.99
C VAL H 154 7.73 -120.88 -46.98
N GLU H 155 8.12 -121.79 -47.87
CA GLU H 155 9.48 -122.30 -47.87
C GLU H 155 10.47 -121.21 -48.28
N ASP H 156 11.74 -121.47 -48.01
CA ASP H 156 12.77 -120.45 -48.18
C ASP H 156 13.06 -120.10 -49.63
N LYS H 157 12.55 -120.87 -50.60
CA LYS H 157 12.80 -120.54 -51.99
C LYS H 157 12.16 -119.22 -52.40
N VAL H 158 11.14 -118.76 -51.68
CA VAL H 158 10.54 -117.47 -51.98
C VAL H 158 11.45 -116.31 -51.66
N GLU H 159 12.49 -116.53 -50.85
CA GLU H 159 13.52 -115.52 -50.65
C GLU H 159 14.44 -115.40 -51.86
N GLY H 160 14.37 -116.33 -52.80
CA GLY H 160 15.20 -116.27 -53.98
C GLY H 160 14.46 -115.83 -55.22
N TYR H 161 13.31 -115.19 -55.02
CA TYR H 161 12.52 -114.71 -56.15
C TYR H 161 13.19 -113.47 -56.77
N LYS H 162 12.88 -113.24 -58.05
CA LYS H 162 13.42 -112.11 -58.78
C LYS H 162 12.40 -111.33 -59.58
N LYS H 163 11.27 -111.92 -59.95
CA LYS H 163 10.31 -111.29 -60.83
C LYS H 163 9.00 -111.05 -60.09
N THR H 164 8.20 -110.14 -60.62
CA THR H 164 6.91 -109.83 -60.01
C THR H 164 5.83 -110.81 -60.45
N LYS H 165 5.97 -111.40 -61.63
CA LYS H 165 5.00 -112.39 -62.09
C LYS H 165 4.95 -113.59 -61.17
N GLU H 166 6.11 -114.11 -60.79
CA GLU H 166 6.13 -115.26 -59.90
C GLU H 166 5.64 -114.90 -58.50
N ALA H 167 5.89 -113.67 -58.04
CA ALA H 167 5.32 -113.25 -56.77
C ALA H 167 3.80 -113.20 -56.83
N VAL H 168 3.25 -112.70 -57.93
CA VAL H 168 1.80 -112.66 -58.08
C VAL H 168 1.23 -114.07 -58.13
N LEU H 169 1.91 -114.98 -58.82
CA LEU H 169 1.46 -116.37 -58.85
C LEU H 169 1.49 -117.00 -57.46
N LEU H 170 2.55 -116.72 -56.69
CA LEU H 170 2.64 -117.24 -55.33
C LEU H 170 1.51 -116.73 -54.47
N LEU H 171 1.20 -115.43 -54.57
CA LEU H 171 0.08 -114.88 -53.81
C LEU H 171 -1.24 -115.53 -54.21
N LYS H 172 -1.47 -115.68 -55.53
CA LYS H 172 -2.71 -116.28 -55.99
C LYS H 172 -2.87 -117.70 -55.47
N LYS H 173 -1.80 -118.49 -55.52
CA LYS H 173 -1.89 -119.86 -55.03
C LYS H 173 -2.03 -119.90 -53.52
N LEU H 174 -1.47 -118.93 -52.81
CA LEU H 174 -1.65 -118.83 -51.37
C LEU H 174 -2.99 -118.24 -50.98
N LYS H 175 -3.80 -117.84 -51.96
CA LYS H 175 -5.13 -117.25 -51.72
C LYS H 175 -5.02 -115.95 -50.95
N ALA H 176 -3.91 -115.23 -51.13
CA ALA H 176 -3.74 -113.90 -50.58
C ALA H 176 -3.97 -112.80 -51.61
N TRP H 177 -4.43 -113.17 -52.81
CA TRP H 177 -4.61 -112.19 -53.87
C TRP H 177 -5.85 -111.33 -53.68
N ASN H 178 -6.84 -111.82 -52.93
CA ASN H 178 -8.04 -111.01 -52.72
C ASN H 178 -7.75 -109.80 -51.85
N ASP H 179 -6.78 -109.89 -50.94
CA ASP H 179 -6.36 -108.72 -50.19
C ASP H 179 -5.78 -107.65 -51.12
N ILE H 180 -4.96 -108.08 -52.08
CA ILE H 180 -4.41 -107.14 -53.04
C ILE H 180 -5.50 -106.56 -53.92
N LYS H 181 -6.50 -107.38 -54.27
CA LYS H 181 -7.64 -106.87 -55.02
C LYS H 181 -8.40 -105.81 -54.23
N LYS H 182 -8.52 -106.02 -52.92
CA LYS H 182 -9.13 -105.00 -52.07
C LYS H 182 -8.32 -103.71 -52.09
N VAL H 183 -6.99 -103.82 -52.04
CA VAL H 183 -6.16 -102.62 -52.11
C VAL H 183 -6.36 -101.90 -53.44
N TYR H 184 -6.38 -102.67 -54.54
CA TYR H 184 -6.61 -102.09 -55.86
C TYR H 184 -7.94 -101.37 -55.91
N ALA H 185 -8.99 -101.95 -55.35
CA ALA H 185 -10.27 -101.28 -55.28
C ALA H 185 -10.23 -100.05 -54.40
N SER H 186 -9.34 -100.02 -53.41
CA SER H 186 -9.28 -98.91 -52.47
C SER H 186 -8.37 -97.77 -52.92
N GLN H 187 -7.64 -97.94 -54.01
CA GLN H 187 -6.87 -96.82 -54.55
C GLN H 187 -7.80 -95.68 -54.93
N ARG H 188 -7.62 -94.52 -54.30
CA ARG H 188 -8.50 -93.38 -54.52
C ARG H 188 -7.71 -92.09 -54.35
N MET H 189 -8.45 -90.98 -54.30
CA MET H 189 -7.87 -89.65 -54.11
C MET H 189 -8.19 -89.18 -52.70
N ARG H 190 -7.16 -88.81 -51.95
CA ARG H 190 -7.35 -88.31 -50.59
C ARG H 190 -8.06 -86.96 -50.61
N ALA H 191 -8.93 -86.75 -49.63
CA ALA H 191 -9.59 -85.46 -49.47
C ALA H 191 -8.69 -84.49 -48.72
N GLY H 192 -8.64 -83.26 -49.20
CA GLY H 192 -8.00 -82.19 -48.47
C GLY H 192 -6.76 -81.66 -49.15
N LYS H 193 -5.98 -80.91 -48.36
CA LYS H 193 -4.77 -80.24 -48.86
C LYS H 193 -3.61 -81.19 -49.08
N GLY H 194 -3.73 -82.45 -48.68
CA GLY H 194 -2.66 -83.40 -48.93
C GLY H 194 -2.35 -83.56 -50.40
N LYS H 195 -3.37 -83.42 -51.25
CA LYS H 195 -3.15 -83.44 -52.69
C LYS H 195 -2.20 -82.33 -53.11
N MET H 196 -2.38 -81.14 -52.56
CA MET H 196 -1.43 -80.07 -52.82
C MET H 196 -0.09 -80.28 -52.14
N ARG H 197 -0.04 -81.11 -51.10
CA ARG H 197 1.20 -81.35 -50.36
C ARG H 197 1.75 -82.74 -50.61
N ASN H 198 1.52 -83.25 -51.83
CA ASN H 198 2.17 -84.41 -52.44
C ASN H 198 1.64 -85.75 -51.94
N ARG H 199 0.73 -85.77 -50.99
CA ARG H 199 0.06 -87.01 -50.59
C ARG H 199 -1.25 -87.16 -51.35
N ARG H 200 -1.14 -87.16 -52.68
CA ARG H 200 -2.32 -87.11 -53.52
C ARG H 200 -3.09 -88.43 -53.52
N ARG H 201 -2.38 -89.55 -53.69
CA ARG H 201 -3.01 -90.85 -53.85
C ARG H 201 -2.82 -91.69 -52.59
N ILE H 202 -3.92 -92.25 -52.09
CA ILE H 202 -3.91 -93.09 -50.92
C ILE H 202 -4.58 -94.41 -51.25
N GLN H 203 -4.29 -95.42 -50.43
CA GLN H 203 -4.82 -96.75 -50.66
C GLN H 203 -4.80 -97.50 -49.34
N ARG H 204 -5.08 -98.80 -49.40
CA ARG H 204 -5.18 -99.64 -48.22
C ARG H 204 -3.81 -100.19 -47.86
N ARG H 205 -3.77 -101.16 -46.96
CA ARG H 205 -2.56 -101.86 -46.57
C ARG H 205 -2.67 -103.32 -47.00
N GLY H 206 -1.66 -103.80 -47.71
CA GLY H 206 -1.63 -105.19 -48.11
C GLY H 206 -1.04 -106.07 -47.03
N PRO H 207 -0.88 -107.36 -47.32
CA PRO H 207 -0.17 -108.23 -46.38
C PRO H 207 1.29 -107.82 -46.23
N CYS H 208 1.83 -108.10 -45.07
CA CYS H 208 3.23 -107.81 -44.74
C CYS H 208 4.02 -109.10 -44.85
N ILE H 209 5.02 -109.11 -45.72
CA ILE H 209 5.84 -110.30 -45.93
C ILE H 209 7.11 -110.17 -45.11
N ILE H 210 7.35 -111.15 -44.25
CA ILE H 210 8.47 -111.11 -43.31
C ILE H 210 9.49 -112.16 -43.73
N TYR H 211 10.74 -111.71 -43.88
CA TYR H 211 11.82 -112.52 -44.43
C TYR H 211 13.02 -112.46 -43.50
N ASN H 212 13.87 -113.48 -43.58
CA ASN H 212 15.13 -113.46 -42.85
C ASN H 212 16.27 -112.93 -43.72
N GLU H 213 16.56 -113.61 -44.83
CA GLU H 213 17.62 -113.22 -45.74
C GLU H 213 17.01 -112.76 -47.04
N ASP H 214 17.45 -111.61 -47.55
CA ASP H 214 16.94 -111.06 -48.78
C ASP H 214 17.89 -111.39 -49.92
N ASN H 215 17.48 -112.32 -50.78
CA ASN H 215 18.21 -112.66 -51.99
C ASN H 215 17.38 -112.28 -53.22
N GLY H 216 16.68 -111.16 -53.15
CA GLY H 216 15.88 -110.67 -54.25
C GLY H 216 14.39 -110.65 -53.99
N ILE H 217 13.92 -111.08 -52.82
CA ILE H 217 12.50 -111.06 -52.53
C ILE H 217 11.97 -109.64 -52.54
N ILE H 218 12.75 -108.69 -52.04
CA ILE H 218 12.33 -107.29 -52.02
C ILE H 218 12.15 -106.77 -53.43
N LYS H 219 13.07 -107.10 -54.33
CA LYS H 219 12.94 -106.64 -55.70
C LYS H 219 11.81 -107.35 -56.43
N ALA H 220 11.57 -108.63 -56.14
CA ALA H 220 10.47 -109.34 -56.77
C ALA H 220 9.14 -108.73 -56.36
N PHE H 221 8.95 -108.52 -55.06
CA PHE H 221 7.83 -107.76 -54.54
C PHE H 221 8.14 -106.27 -54.68
N ARG H 222 7.47 -105.43 -53.91
CA ARG H 222 7.70 -103.99 -53.80
C ARG H 222 7.05 -103.22 -54.96
N ASN H 223 6.57 -103.89 -55.99
CA ASN H 223 5.74 -103.24 -56.99
C ASN H 223 4.27 -103.59 -56.83
N ILE H 224 3.94 -104.51 -55.94
CA ILE H 224 2.55 -104.81 -55.63
C ILE H 224 2.02 -103.74 -54.68
N PRO H 225 0.90 -103.10 -54.97
CA PRO H 225 0.36 -102.11 -54.04
C PRO H 225 -0.01 -102.76 -52.71
N GLY H 226 0.27 -102.03 -51.62
CA GLY H 226 -0.06 -102.47 -50.30
C GLY H 226 0.98 -103.35 -49.63
N ILE H 227 1.67 -104.19 -50.41
CA ILE H 227 2.64 -105.12 -49.84
C ILE H 227 3.79 -104.33 -49.22
N THR H 228 4.08 -104.59 -47.96
CA THR H 228 5.26 -104.08 -47.29
C THR H 228 6.11 -105.25 -46.84
N LEU H 229 7.42 -105.04 -46.87
CA LEU H 229 8.40 -106.08 -46.64
C LEU H 229 9.13 -105.79 -45.33
N LEU H 230 9.35 -106.84 -44.54
CA LEU H 230 9.87 -106.65 -43.20
C LEU H 230 10.93 -107.71 -42.91
N ASN H 231 12.12 -107.26 -42.51
CA ASN H 231 13.12 -108.18 -42.01
C ASN H 231 12.73 -108.65 -40.62
N VAL H 232 13.03 -109.92 -40.33
CA VAL H 232 12.61 -110.48 -39.06
C VAL H 232 13.39 -109.86 -37.90
N SER H 233 14.63 -109.45 -38.14
CA SER H 233 15.45 -108.87 -37.09
C SER H 233 15.18 -107.39 -36.85
N LYS H 234 14.42 -106.74 -37.73
CA LYS H 234 14.15 -105.32 -37.66
C LYS H 234 12.65 -105.06 -37.70
N LEU H 235 11.89 -105.80 -36.90
CA LEU H 235 10.44 -105.65 -36.88
C LEU H 235 10.06 -104.26 -36.43
N ASN H 236 9.15 -103.62 -37.17
CA ASN H 236 8.70 -102.28 -36.86
C ASN H 236 7.23 -102.32 -36.47
N ILE H 237 6.91 -101.72 -35.31
CA ILE H 237 5.53 -101.65 -34.89
C ILE H 237 4.72 -100.76 -35.82
N LEU H 238 5.34 -99.74 -36.42
CA LEU H 238 4.66 -98.87 -37.36
C LEU H 238 4.18 -99.61 -38.60
N LYS H 239 4.82 -100.74 -38.93
CA LYS H 239 4.37 -101.58 -40.03
C LYS H 239 3.52 -102.74 -39.57
N LEU H 240 3.76 -103.27 -38.37
CA LEU H 240 2.99 -104.42 -37.90
C LEU H 240 1.60 -104.03 -37.42
N ALA H 241 1.43 -102.85 -36.84
CA ALA H 241 0.12 -102.33 -36.45
C ALA H 241 -0.04 -101.01 -37.18
N PRO H 242 -0.59 -101.01 -38.39
CA PRO H 242 -0.56 -99.81 -39.23
C PRO H 242 -1.23 -98.61 -38.61
N GLY H 243 -2.52 -98.70 -38.31
CA GLY H 243 -3.21 -97.54 -37.77
C GLY H 243 -3.21 -97.52 -36.26
N GLY H 244 -2.30 -98.29 -35.65
CA GLY H 244 -2.31 -98.46 -34.23
C GLY H 244 -3.20 -99.59 -33.74
N HIS H 245 -3.77 -100.37 -34.65
CA HIS H 245 -4.65 -101.47 -34.28
C HIS H 245 -4.01 -102.77 -34.73
N VAL H 246 -3.95 -103.73 -33.81
CA VAL H 246 -3.24 -104.97 -34.06
C VAL H 246 -4.04 -105.85 -35.01
N GLY H 247 -3.34 -106.73 -35.72
CA GLY H 247 -4.01 -107.70 -36.56
C GLY H 247 -3.73 -107.56 -38.04
N ARG H 248 -2.55 -107.09 -38.40
CA ARG H 248 -2.17 -107.00 -39.81
C ARG H 248 -1.83 -108.38 -40.34
N PHE H 249 -2.38 -108.72 -41.51
CA PHE H 249 -2.10 -110.00 -42.14
C PHE H 249 -0.63 -110.08 -42.54
N CYS H 250 0.07 -111.06 -41.99
CA CYS H 250 1.50 -111.23 -42.23
C CYS H 250 1.78 -112.62 -42.76
N ILE H 251 2.53 -112.69 -43.85
CA ILE H 251 3.05 -113.94 -44.38
C ILE H 251 4.50 -114.06 -43.93
N TRP H 252 4.93 -115.27 -43.61
CA TRP H 252 6.26 -115.52 -43.10
C TRP H 252 7.02 -116.48 -44.00
N THR H 253 8.33 -116.33 -44.01
CA THR H 253 9.21 -117.36 -44.53
C THR H 253 9.58 -118.29 -43.39
N GLU H 254 10.01 -119.51 -43.73
CA GLU H 254 10.31 -120.49 -42.70
C GLU H 254 11.45 -120.05 -41.80
N SER H 255 12.51 -119.51 -42.39
CA SER H 255 13.64 -119.05 -41.59
C SER H 255 13.24 -117.92 -40.66
N ALA H 256 12.45 -116.96 -41.17
CA ALA H 256 11.99 -115.87 -40.33
C ALA H 256 11.10 -116.38 -39.21
N PHE H 257 10.24 -117.35 -39.51
CA PHE H 257 9.39 -117.93 -38.49
C PHE H 257 10.21 -118.60 -37.40
N ARG H 258 11.24 -119.34 -37.80
CA ARG H 258 12.06 -120.03 -36.81
C ARG H 258 12.89 -119.05 -35.98
N LYS H 259 13.29 -117.93 -36.57
CA LYS H 259 14.12 -116.97 -35.84
C LYS H 259 13.37 -116.25 -34.74
N LEU H 260 12.04 -116.36 -34.69
CA LEU H 260 11.29 -115.67 -33.65
C LEU H 260 11.62 -116.22 -32.28
N ASP H 261 11.78 -117.53 -32.15
CA ASP H 261 12.15 -118.13 -30.87
C ASP H 261 13.52 -117.68 -30.40
N GLU H 262 14.36 -117.19 -31.31
CA GLU H 262 15.66 -116.67 -30.92
C GLU H 262 15.66 -115.17 -30.67
N LEU H 263 14.81 -114.42 -31.38
CA LEU H 263 14.80 -112.97 -31.22
C LEU H 263 14.08 -112.57 -29.94
N TYR H 264 13.03 -113.29 -29.56
CA TYR H 264 12.26 -112.94 -28.38
C TYR H 264 12.26 -114.02 -27.31
N GLY H 265 12.62 -115.25 -27.64
CA GLY H 265 12.76 -116.29 -26.64
C GLY H 265 11.44 -116.84 -26.16
N THR H 266 11.46 -118.06 -25.64
CA THR H 266 10.28 -118.67 -25.04
C THR H 266 10.09 -118.06 -23.65
N TRP H 267 9.11 -118.55 -22.89
CA TRP H 267 9.06 -118.15 -21.49
C TRP H 267 10.06 -118.91 -20.65
N ARG H 268 10.39 -120.15 -21.04
CA ARG H 268 11.35 -120.93 -20.29
C ARG H 268 12.75 -120.34 -20.40
N LYS H 269 13.15 -119.92 -21.60
CA LYS H 269 14.50 -119.46 -21.83
C LYS H 269 14.50 -118.04 -22.41
N ALA H 270 15.57 -117.32 -22.14
CA ALA H 270 15.70 -115.93 -22.53
C ALA H 270 16.12 -115.81 -23.99
N ALA H 271 15.78 -114.66 -24.58
CA ALA H 271 16.15 -114.40 -25.96
C ALA H 271 17.66 -114.33 -26.10
N SER H 272 18.18 -114.95 -27.16
CA SER H 272 19.63 -115.00 -27.36
C SER H 272 20.14 -113.79 -28.11
N LEU H 273 19.42 -113.32 -29.13
CA LEU H 273 19.90 -112.21 -29.94
C LEU H 273 19.68 -110.86 -29.27
N LYS H 274 18.98 -110.82 -28.15
CA LYS H 274 18.86 -109.61 -27.35
C LYS H 274 19.61 -109.81 -26.04
N SER H 275 20.23 -108.74 -25.54
CA SER H 275 21.10 -108.86 -24.39
C SER H 275 20.34 -109.33 -23.15
N ASN H 276 19.23 -108.66 -22.85
CA ASN H 276 18.50 -108.97 -21.62
C ASN H 276 17.01 -108.73 -21.91
N TYR H 277 16.31 -109.79 -22.31
CA TYR H 277 14.89 -109.68 -22.57
C TYR H 277 14.27 -111.06 -22.52
N ASN H 278 13.11 -111.14 -21.87
CA ASN H 278 12.28 -112.32 -21.89
C ASN H 278 10.85 -111.91 -22.19
N LEU H 279 10.07 -112.87 -22.65
CA LEU H 279 8.70 -112.59 -23.03
C LEU H 279 7.89 -112.15 -21.81
N PRO H 280 7.04 -111.14 -21.96
CA PRO H 280 6.28 -110.64 -20.81
C PRO H 280 5.29 -111.66 -20.30
N MET H 281 5.01 -111.59 -19.01
CA MET H 281 4.17 -112.56 -18.35
C MET H 281 2.70 -112.15 -18.40
N HIS H 282 1.83 -113.16 -18.33
CA HIS H 282 0.40 -112.91 -18.28
C HIS H 282 -0.03 -112.58 -16.87
N LYS H 283 -0.96 -111.64 -16.73
CA LYS H 283 -1.63 -111.41 -15.47
C LYS H 283 -2.98 -112.09 -15.41
N MET H 284 -3.37 -112.79 -16.48
CA MET H 284 -4.57 -113.61 -16.49
C MET H 284 -4.28 -114.81 -17.37
N ILE H 285 -3.86 -115.92 -16.73
CA ILE H 285 -3.39 -117.08 -17.47
C ILE H 285 -4.52 -117.67 -18.31
N ASN H 286 -5.66 -117.91 -17.68
CA ASN H 286 -6.83 -118.47 -18.35
C ASN H 286 -7.83 -117.35 -18.55
N THR H 287 -8.00 -116.93 -19.81
CA THR H 287 -8.85 -115.79 -20.12
C THR H 287 -10.27 -116.19 -20.50
N ASP H 288 -10.59 -117.48 -20.51
CA ASP H 288 -11.90 -117.93 -20.93
C ASP H 288 -12.88 -117.69 -19.80
N LEU H 289 -13.50 -116.50 -19.80
CA LEU H 289 -14.42 -116.13 -18.74
C LEU H 289 -15.62 -117.07 -18.69
N SER H 290 -16.09 -117.52 -19.85
CA SER H 290 -17.24 -118.42 -19.87
C SER H 290 -16.92 -119.75 -19.21
N ARG H 291 -15.74 -120.32 -19.50
CA ARG H 291 -15.35 -121.55 -18.83
C ARG H 291 -15.18 -121.34 -17.34
N ILE H 292 -14.55 -120.23 -16.94
CA ILE H 292 -14.33 -119.98 -15.53
C ILE H 292 -15.66 -119.87 -14.79
N LEU H 293 -16.60 -119.13 -15.36
CA LEU H 293 -17.88 -118.91 -14.70
C LEU H 293 -18.76 -120.14 -14.72
N LYS H 294 -18.69 -120.93 -15.78
CA LYS H 294 -19.52 -122.14 -15.87
C LYS H 294 -18.85 -123.35 -15.24
N SER H 295 -17.64 -123.21 -14.72
CA SER H 295 -16.99 -124.31 -14.05
C SER H 295 -17.78 -124.71 -12.80
N PRO H 296 -17.76 -125.99 -12.44
CA PRO H 296 -18.55 -126.43 -11.27
C PRO H 296 -18.14 -125.77 -9.96
N GLU H 297 -16.87 -125.39 -9.82
CA GLU H 297 -16.41 -124.87 -8.53
C GLU H 297 -17.05 -123.53 -8.21
N ILE H 298 -17.11 -122.62 -9.18
CA ILE H 298 -17.72 -121.31 -8.94
C ILE H 298 -19.20 -121.47 -8.66
N GLN H 299 -19.87 -122.29 -9.47
CA GLN H 299 -21.30 -122.55 -9.28
C GLN H 299 -21.59 -123.21 -7.94
N ARG H 300 -20.63 -123.95 -7.38
CA ARG H 300 -20.85 -124.59 -6.10
C ARG H 300 -20.84 -123.59 -4.95
N ALA H 301 -20.30 -122.40 -5.15
CA ALA H 301 -20.22 -121.40 -4.09
C ALA H 301 -21.07 -120.16 -4.35
N LEU H 302 -21.61 -120.01 -5.56
CA LEU H 302 -22.50 -118.87 -5.78
C LEU H 302 -23.82 -119.08 -5.05
N ARG H 303 -24.59 -118.00 -4.96
CA ARG H 303 -25.94 -118.04 -4.41
C ARG H 303 -26.97 -118.11 -5.53
N ALA H 304 -28.20 -118.41 -5.15
CA ALA H 304 -29.27 -118.52 -6.13
C ALA H 304 -29.57 -117.15 -6.72
N PRO H 305 -29.71 -117.04 -8.04
CA PRO H 305 -30.00 -115.74 -8.65
C PRO H 305 -31.39 -115.27 -8.26
N ARG H 306 -31.55 -113.95 -8.22
CA ARG H 306 -32.83 -113.32 -7.90
C ARG H 306 -33.34 -112.66 -9.17
N LYS H 307 -34.05 -113.43 -9.99
CA LYS H 307 -34.37 -113.02 -11.35
C LYS H 307 -35.75 -112.37 -11.47
N LYS H 308 -36.52 -112.26 -10.39
CA LYS H 308 -37.80 -111.59 -10.48
C LYS H 308 -37.64 -110.08 -10.32
N ILE H 309 -38.29 -109.34 -11.22
CA ILE H 309 -38.25 -107.88 -11.23
C ILE H 309 -39.43 -107.36 -10.41
N HIS H 310 -39.15 -106.50 -9.44
CA HIS H 310 -40.18 -105.90 -8.59
C HIS H 310 -40.35 -104.45 -9.01
N ARG H 311 -41.34 -104.20 -9.85
CA ARG H 311 -41.66 -102.83 -10.20
C ARG H 311 -42.44 -102.17 -9.08
N ARG H 312 -42.53 -100.84 -9.13
CA ARG H 312 -43.18 -100.10 -8.06
C ARG H 312 -44.68 -100.41 -8.05
N VAL H 313 -45.22 -100.56 -6.85
CA VAL H 313 -46.61 -100.94 -6.67
C VAL H 313 -47.41 -99.68 -6.36
N LEU H 314 -48.50 -99.49 -7.11
CA LEU H 314 -49.35 -98.32 -6.92
C LEU H 314 -50.02 -98.40 -5.56
N LYS H 315 -49.87 -97.35 -4.76
CA LYS H 315 -50.44 -97.34 -3.42
C LYS H 315 -51.91 -96.94 -3.51
N LYS H 316 -52.78 -97.94 -3.57
CA LYS H 316 -54.21 -97.69 -3.50
C LYS H 316 -54.57 -97.30 -2.07
N ASN H 317 -55.55 -96.43 -1.94
CA ASN H 317 -55.86 -95.86 -0.65
C ASN H 317 -56.64 -96.83 0.22
N PRO H 318 -56.14 -97.21 1.39
CA PRO H 318 -57.02 -97.80 2.40
C PRO H 318 -57.96 -96.72 2.93
N LEU H 319 -58.98 -97.17 3.64
CA LEU H 319 -60.15 -96.39 4.06
C LEU H 319 -61.03 -96.01 2.88
N LYS H 320 -60.63 -96.31 1.67
CA LYS H 320 -61.43 -96.14 0.47
C LYS H 320 -61.53 -97.42 -0.33
N ASN H 321 -60.47 -98.21 -0.37
CA ASN H 321 -60.45 -99.47 -1.10
C ASN H 321 -60.58 -100.60 -0.09
N LEU H 322 -61.67 -101.35 -0.19
CA LEU H 322 -62.04 -102.30 0.86
C LEU H 322 -60.99 -103.41 1.00
N ARG H 323 -60.61 -104.03 -0.11
CA ARG H 323 -59.71 -105.17 -0.03
C ARG H 323 -58.28 -104.74 0.25
N ILE H 324 -57.89 -103.55 -0.21
CA ILE H 324 -56.60 -103.00 0.20
C ILE H 324 -56.57 -102.83 1.71
N MET H 325 -57.66 -102.29 2.27
CA MET H 325 -57.74 -102.17 3.72
C MET H 325 -57.72 -103.53 4.41
N LEU H 326 -58.39 -104.52 3.83
CA LEU H 326 -58.43 -105.84 4.42
C LEU H 326 -57.08 -106.52 4.38
N LYS H 327 -56.21 -106.15 3.44
CA LYS H 327 -54.84 -106.65 3.48
C LYS H 327 -54.11 -106.16 4.74
N LEU H 328 -54.12 -104.85 4.95
CA LEU H 328 -53.37 -104.28 6.07
C LEU H 328 -54.07 -104.50 7.40
N ASN H 329 -55.33 -104.90 7.39
CA ASN H 329 -56.11 -105.05 8.61
C ASN H 329 -57.26 -105.99 8.32
N PRO H 330 -57.04 -107.29 8.48
CA PRO H 330 -58.14 -108.24 8.28
C PRO H 330 -59.28 -108.08 9.27
N TYR H 331 -59.06 -107.42 10.40
CA TYR H 331 -60.14 -107.17 11.35
C TYR H 331 -61.09 -106.08 10.88
N ALA H 332 -60.64 -105.25 9.93
CA ALA H 332 -61.47 -104.17 9.45
C ALA H 332 -62.74 -104.66 8.80
N LYS H 333 -62.73 -105.85 8.19
CA LYS H 333 -63.95 -106.37 7.59
C LYS H 333 -65.02 -106.62 8.63
N THR H 334 -64.66 -107.27 9.73
CA THR H 334 -65.66 -107.54 10.75
C THR H 334 -66.05 -106.29 11.51
N MET H 335 -65.12 -105.33 11.66
CA MET H 335 -65.52 -104.04 12.23
C MET H 335 -66.55 -103.36 11.34
N ARG H 336 -66.32 -103.38 10.03
CA ARG H 336 -67.24 -102.75 9.09
C ARG H 336 -68.60 -103.43 9.12
N ARG H 337 -68.63 -104.76 9.11
CA ARG H 337 -69.93 -105.43 9.06
C ARG H 337 -70.68 -105.27 10.38
N ASN H 338 -69.96 -105.27 11.51
CA ASN H 338 -70.62 -105.03 12.78
C ASN H 338 -71.17 -103.61 12.85
N THR H 339 -70.41 -102.64 12.35
CA THR H 339 -70.88 -101.26 12.33
C THR H 339 -72.13 -101.12 11.47
N ILE H 340 -72.15 -101.75 10.29
CA ILE H 340 -73.30 -101.62 9.42
C ILE H 340 -74.53 -102.30 10.01
N LEU H 341 -74.33 -103.50 10.60
CA LEU H 341 -75.44 -104.18 11.25
C LEU H 341 -76.01 -103.34 12.39
N ARG H 342 -75.12 -102.80 13.23
CA ARG H 342 -75.56 -101.98 14.36
C ARG H 342 -76.30 -100.74 13.89
N GLN H 343 -75.78 -100.07 12.87
CA GLN H 343 -76.40 -98.85 12.39
C GLN H 343 -77.77 -99.13 11.79
N ALA H 344 -77.91 -100.22 11.04
CA ALA H 344 -79.22 -100.56 10.50
C ALA H 344 -80.20 -100.90 11.61
N ARG H 345 -79.75 -101.65 12.62
CA ARG H 345 -80.61 -101.97 13.76
C ARG H 345 -81.10 -100.70 14.44
N ASN H 346 -80.19 -99.77 14.70
CA ASN H 346 -80.57 -98.54 15.39
C ASN H 346 -81.49 -97.69 14.54
N HIS H 347 -81.24 -97.62 13.24
CA HIS H 347 -82.10 -96.83 12.36
C HIS H 347 -83.51 -97.39 12.32
N LYS H 348 -83.64 -98.71 12.20
CA LYS H 348 -84.97 -99.30 12.19
C LYS H 348 -85.67 -99.16 13.53
N LEU H 349 -84.92 -99.25 14.64
CA LEU H 349 -85.51 -99.02 15.95
C LEU H 349 -86.01 -97.59 16.09
N ARG H 350 -85.24 -96.61 15.64
CA ARG H 350 -85.69 -95.23 15.72
C ARG H 350 -86.92 -94.99 14.86
N VAL H 351 -86.95 -95.58 13.67
CA VAL H 351 -88.12 -95.43 12.81
C VAL H 351 -89.35 -96.05 13.47
N ASP H 352 -89.19 -97.22 14.08
CA ASP H 352 -90.32 -97.85 14.78
C ASP H 352 -90.80 -96.99 15.93
N LYS H 353 -89.88 -96.46 16.73
CA LYS H 353 -90.28 -95.64 17.87
C LYS H 353 -90.97 -94.36 17.41
N ALA H 354 -90.45 -93.71 16.37
CA ALA H 354 -91.07 -92.48 15.88
C ALA H 354 -92.45 -92.74 15.29
N ALA H 355 -92.61 -93.86 14.56
CA ALA H 355 -93.91 -94.18 14.00
C ALA H 355 -94.92 -94.50 15.10
N ALA H 356 -94.50 -95.24 16.13
CA ALA H 356 -95.38 -95.51 17.25
C ALA H 356 -95.74 -94.23 18.01
N ALA H 357 -94.78 -93.30 18.13
CA ALA H 357 -95.07 -92.01 18.73
C ALA H 357 -96.06 -91.22 17.89
N ALA H 358 -95.97 -91.31 16.57
CA ALA H 358 -96.96 -90.68 15.72
C ALA H 358 -98.35 -91.28 15.92
N ALA H 359 -98.41 -92.60 16.05
CA ALA H 359 -99.69 -93.26 16.31
C ALA H 359 -100.29 -92.79 17.64
N ALA H 360 -99.44 -92.70 18.68
CA ALA H 360 -99.90 -92.19 19.97
C ALA H 360 -100.31 -90.72 19.87
N LEU H 361 -99.63 -89.94 19.05
CA LEU H 361 -99.97 -88.54 18.85
C LEU H 361 -101.35 -88.40 18.22
N GLN H 362 -101.63 -89.21 17.20
CA GLN H 362 -102.95 -89.18 16.59
C GLN H 362 -104.01 -89.71 17.54
N ALA H 363 -103.65 -90.67 18.39
CA ALA H 363 -104.58 -91.12 19.43
C ALA H 363 -104.93 -90.00 20.39
N LYS H 364 -103.93 -89.22 20.82
CA LYS H 364 -104.16 -88.16 21.79
C LYS H 364 -104.72 -86.89 21.19
N SER H 365 -104.65 -86.73 19.86
CA SER H 365 -105.23 -85.56 19.22
C SER H 365 -106.57 -85.83 18.57
N ASP H 366 -106.89 -87.09 18.29
CA ASP H 366 -108.12 -87.46 17.59
C ASP H 366 -108.76 -88.69 18.24
N GLU H 367 -108.84 -88.67 19.56
CA GLU H 367 -109.61 -89.69 20.26
C GLU H 367 -111.11 -89.56 20.03
N LYS H 368 -111.55 -88.40 19.52
CA LYS H 368 -112.95 -88.15 19.17
C LYS H 368 -113.91 -88.32 20.35
N GLY I 1 -22.07 -32.31 68.71
CA GLY I 1 -20.79 -32.91 68.37
C GLY I 1 -20.01 -32.10 67.36
N PHE I 2 -18.78 -32.53 67.09
CA PHE I 2 -17.94 -31.84 66.13
C PHE I 2 -17.18 -32.75 65.20
N VAL I 3 -17.06 -34.05 65.49
CA VAL I 3 -16.23 -34.95 64.72
C VAL I 3 -17.10 -36.00 64.05
N LYS I 4 -16.77 -36.30 62.79
CA LYS I 4 -17.45 -37.36 62.07
C LYS I 4 -17.10 -38.72 62.66
N VAL I 5 -18.09 -39.59 62.76
CA VAL I 5 -17.88 -40.93 63.30
C VAL I 5 -17.15 -41.77 62.26
N VAL I 6 -16.10 -42.47 62.69
CA VAL I 6 -15.36 -43.33 61.78
C VAL I 6 -16.05 -44.69 61.67
N LYS I 7 -16.36 -45.31 62.79
CA LYS I 7 -17.01 -46.62 62.80
C LYS I 7 -18.52 -46.47 62.71
N ASN I 8 -18.97 -46.04 61.54
CA ASN I 8 -20.39 -45.85 61.30
C ASN I 8 -20.96 -47.08 60.59
N LYS I 9 -22.24 -46.97 60.19
CA LYS I 9 -22.92 -48.07 59.53
C LYS I 9 -22.21 -48.47 58.24
N ALA I 10 -21.76 -47.47 57.48
CA ALA I 10 -21.03 -47.76 56.25
C ALA I 10 -19.73 -48.51 56.54
N TYR I 11 -19.02 -48.12 57.60
CA TYR I 11 -17.79 -48.81 57.96
C TYR I 11 -18.06 -50.26 58.31
N PHE I 12 -19.11 -50.52 59.07
CA PHE I 12 -19.39 -51.90 59.43
C PHE I 12 -19.94 -52.69 58.25
N LYS I 13 -20.54 -52.03 57.27
CA LYS I 13 -20.97 -52.75 56.07
C LYS I 13 -19.79 -53.11 55.19
N ARG I 14 -18.81 -52.21 55.08
CA ARG I 14 -17.63 -52.47 54.26
C ARG I 14 -16.56 -53.28 54.96
N TYR I 15 -16.64 -53.41 56.28
CA TYR I 15 -15.58 -54.09 57.03
C TYR I 15 -15.56 -55.57 56.68
N GLN I 16 -14.36 -56.11 56.49
CA GLN I 16 -14.17 -57.53 56.23
C GLN I 16 -13.29 -58.09 57.32
N VAL I 17 -13.84 -59.01 58.12
CA VAL I 17 -13.09 -59.59 59.22
C VAL I 17 -11.99 -60.48 58.65
N LYS I 18 -10.88 -60.54 59.36
CA LYS I 18 -9.79 -61.43 58.99
C LYS I 18 -10.14 -62.84 59.44
N PHE I 19 -9.19 -63.76 59.31
CA PHE I 19 -9.43 -65.12 59.79
C PHE I 19 -9.57 -65.12 61.30
N ARG I 20 -10.33 -66.08 61.82
CA ARG I 20 -10.60 -66.10 63.25
C ARG I 20 -9.32 -66.24 64.06
N ARG I 21 -8.43 -67.11 63.63
CA ARG I 21 -7.19 -67.31 64.36
C ARG I 21 -6.24 -66.12 64.20
N ARG I 22 -6.27 -65.46 63.05
CA ARG I 22 -5.51 -64.22 62.91
C ARG I 22 -6.03 -63.15 63.85
N ARG I 23 -7.36 -63.03 63.97
CA ARG I 23 -7.95 -62.06 64.88
C ARG I 23 -7.56 -62.36 66.32
N GLU I 24 -7.59 -63.64 66.69
CA GLU I 24 -7.15 -64.03 68.02
C GLU I 24 -5.64 -63.95 68.17
N GLY I 25 -4.90 -63.75 67.08
CA GLY I 25 -3.47 -63.54 67.14
C GLY I 25 -2.67 -64.76 67.48
N LYS I 26 -3.00 -65.90 66.88
CA LYS I 26 -2.30 -67.14 67.16
C LYS I 26 -1.60 -67.74 65.96
N THR I 27 -2.04 -67.42 64.75
CA THR I 27 -1.55 -68.07 63.54
C THR I 27 -1.00 -67.02 62.59
N ASP I 28 0.25 -67.21 62.16
CA ASP I 28 0.83 -66.41 61.08
C ASP I 28 0.62 -67.18 59.80
N TYR I 29 -0.49 -66.87 59.12
CA TYR I 29 -0.89 -67.65 57.94
C TYR I 29 0.13 -67.53 56.81
N TYR I 30 0.83 -66.39 56.75
CA TYR I 30 1.89 -66.23 55.76
C TYR I 30 2.98 -67.27 55.93
N ALA I 31 3.35 -67.56 57.18
CA ALA I 31 4.31 -68.62 57.43
C ALA I 31 3.67 -70.00 57.32
N ARG I 32 2.39 -70.11 57.68
CA ARG I 32 1.72 -71.41 57.65
C ARG I 32 1.64 -71.95 56.25
N LYS I 33 1.40 -71.08 55.26
CA LYS I 33 1.35 -71.54 53.88
C LYS I 33 2.68 -72.12 53.44
N ARG I 34 3.78 -71.48 53.83
CA ARG I 34 5.08 -72.02 53.47
C ARG I 34 5.43 -73.26 54.28
N LEU I 35 4.81 -73.44 55.44
CA LEU I 35 5.10 -74.60 56.27
C LEU I 35 4.35 -75.85 55.83
N VAL I 36 3.01 -75.79 55.82
CA VAL I 36 2.21 -77.01 55.80
C VAL I 36 1.80 -77.46 54.41
N ILE I 37 2.21 -76.76 53.36
CA ILE I 37 1.76 -77.07 52.01
C ILE I 37 2.76 -77.99 51.33
N GLN I 38 2.25 -79.10 50.82
CA GLN I 38 3.05 -80.12 50.14
C GLN I 38 3.02 -79.89 48.64
N ASP I 39 4.13 -80.21 47.97
CA ASP I 39 4.20 -80.07 46.52
C ASP I 39 3.17 -80.96 45.86
N LYS I 40 2.60 -80.48 44.76
CA LYS I 40 1.48 -81.19 44.15
C LYS I 40 1.90 -82.49 43.50
N ASN I 41 3.15 -82.58 43.04
CA ASN I 41 3.64 -83.85 42.51
C ASN I 41 4.03 -84.83 43.61
N LYS I 42 3.69 -84.55 44.86
CA LYS I 42 3.83 -85.51 45.94
C LYS I 42 2.50 -86.07 46.40
N TYR I 43 1.38 -85.44 46.01
CA TYR I 43 0.03 -85.93 46.24
C TYR I 43 -0.21 -86.03 47.74
N ASN I 44 -0.56 -87.20 48.28
CA ASN I 44 -1.00 -87.31 49.67
C ASN I 44 0.14 -87.66 50.61
N THR I 45 1.36 -87.26 50.30
CA THR I 45 2.45 -87.44 51.25
C THR I 45 2.29 -86.40 52.36
N PRO I 46 2.11 -86.81 53.61
CA PRO I 46 1.99 -85.83 54.68
C PRO I 46 3.29 -85.05 54.87
N LYS I 47 3.15 -83.78 55.19
CA LYS I 47 4.29 -82.90 55.44
C LYS I 47 4.31 -82.63 56.94
N TYR I 48 4.97 -83.51 57.68
CA TYR I 48 4.97 -83.42 59.14
C TYR I 48 5.72 -82.18 59.59
N ARG I 49 5.29 -81.63 60.71
CA ARG I 49 5.98 -80.51 61.32
C ARG I 49 5.81 -80.57 62.83
N MET I 50 6.79 -80.03 63.53
CA MET I 50 6.88 -80.08 64.98
C MET I 50 6.50 -78.72 65.54
N ILE I 51 5.37 -78.66 66.23
CA ILE I 51 4.87 -77.44 66.83
C ILE I 51 5.40 -77.33 68.24
N VAL I 52 6.04 -76.20 68.55
CA VAL I 52 6.51 -75.90 69.90
C VAL I 52 5.84 -74.61 70.33
N ARG I 53 5.13 -74.67 71.46
CA ARG I 53 4.48 -73.49 72.04
C ARG I 53 4.89 -73.44 73.51
N VAL I 54 5.68 -72.43 73.86
CA VAL I 54 6.14 -72.24 75.23
C VAL I 54 5.16 -71.30 75.93
N THR I 55 4.60 -71.76 77.03
CA THR I 55 3.50 -71.10 77.72
C THR I 55 4.05 -70.47 79.00
N ASN I 56 3.15 -69.87 79.79
CA ASN I 56 3.55 -69.30 81.07
C ASN I 56 4.02 -70.38 82.04
N ARG I 57 3.33 -71.51 82.09
CA ARG I 57 3.64 -72.56 83.04
C ARG I 57 3.69 -73.94 82.41
N ASP I 58 3.83 -74.02 81.08
CA ASP I 58 3.79 -75.31 80.42
C ASP I 58 4.53 -75.18 79.09
N ILE I 59 4.82 -76.33 78.49
CA ILE I 59 5.42 -76.38 77.16
C ILE I 59 4.69 -77.42 76.35
N ILE I 60 4.36 -77.09 75.10
CA ILE I 60 3.56 -77.93 74.24
C ILE I 60 4.39 -78.30 73.02
N CYS I 61 4.51 -79.59 72.75
CA CYS I 61 5.29 -80.08 71.61
C CYS I 61 4.47 -81.14 70.90
N GLN I 62 4.12 -80.86 69.65
CA GLN I 62 3.25 -81.76 68.90
C GLN I 62 3.84 -81.98 67.51
N ILE I 63 3.29 -82.94 66.80
CA ILE I 63 3.68 -83.22 65.43
C ILE I 63 2.43 -83.38 64.60
N ALA I 64 2.30 -82.57 63.55
CA ALA I 64 1.07 -82.51 62.78
C ALA I 64 1.37 -82.44 61.29
N TYR I 65 0.40 -82.89 60.49
CA TYR I 65 0.42 -82.71 59.06
C TYR I 65 -0.93 -82.18 58.61
N ALA I 66 -0.91 -81.42 57.52
CA ALA I 66 -2.09 -80.64 57.13
C ALA I 66 -3.14 -81.51 56.46
N ARG I 67 -4.40 -81.20 56.73
CA ARG I 67 -5.55 -81.80 56.07
C ARG I 67 -6.60 -80.73 55.84
N ILE I 68 -7.50 -80.99 54.90
CA ILE I 68 -8.53 -80.01 54.58
C ILE I 68 -9.51 -79.85 55.73
N GLU I 69 -9.83 -80.94 56.42
CA GLU I 69 -10.77 -80.88 57.53
C GLU I 69 -10.19 -80.22 58.78
N GLY I 70 -8.88 -79.97 58.80
CA GLY I 70 -8.23 -79.47 59.99
C GLY I 70 -6.98 -80.30 60.27
N ASP I 71 -6.05 -79.73 61.04
CA ASP I 71 -4.77 -80.40 61.25
C ASP I 71 -4.95 -81.68 62.04
N MET I 72 -4.01 -82.60 61.86
CA MET I 72 -4.06 -83.92 62.49
C MET I 72 -2.83 -84.09 63.36
N ILE I 73 -3.06 -84.32 64.65
CA ILE I 73 -1.97 -84.50 65.60
C ILE I 73 -1.69 -85.98 65.76
N VAL I 74 -0.44 -86.38 65.51
CA VAL I 74 -0.06 -87.78 65.64
C VAL I 74 0.72 -88.06 66.92
N CYS I 75 1.29 -87.04 67.55
CA CYS I 75 2.05 -87.23 68.77
C CYS I 75 2.12 -85.91 69.51
N ALA I 76 2.06 -85.97 70.84
CA ALA I 76 2.09 -84.78 71.67
C ALA I 76 2.84 -85.08 72.96
N ALA I 77 3.65 -84.12 73.39
CA ALA I 77 4.37 -84.19 74.64
C ALA I 77 4.26 -82.85 75.36
N TYR I 78 3.99 -82.90 76.65
CA TYR I 78 3.79 -81.71 77.45
C TYR I 78 4.89 -81.59 78.49
N ALA I 79 4.96 -80.42 79.14
CA ALA I 79 5.92 -80.22 80.21
C ALA I 79 5.37 -80.61 81.56
N HIS I 80 4.05 -80.59 81.73
CA HIS I 80 3.47 -80.93 83.03
C HIS I 80 3.49 -82.42 83.31
N GLU I 81 3.92 -83.24 82.36
CA GLU I 81 4.08 -84.67 82.60
C GLU I 81 5.51 -85.06 82.94
N LEU I 82 6.45 -84.14 82.86
CA LEU I 82 7.85 -84.38 83.24
C LEU I 82 8.04 -84.65 84.74
N PRO I 83 7.17 -84.17 85.64
CA PRO I 83 7.23 -84.66 87.02
C PRO I 83 7.11 -86.16 87.13
N LYS I 84 6.34 -86.80 86.24
CA LYS I 84 6.32 -88.26 86.22
C LYS I 84 7.69 -88.83 85.92
N TYR I 85 8.48 -88.14 85.07
CA TYR I 85 9.81 -88.57 84.72
C TYR I 85 10.88 -88.07 85.67
N GLY I 86 10.50 -87.31 86.70
CA GLY I 86 11.37 -87.02 87.81
C GLY I 86 11.72 -85.55 87.97
N VAL I 87 11.50 -84.74 86.93
CA VAL I 87 11.66 -83.30 87.08
C VAL I 87 10.39 -82.78 87.73
N LYS I 88 10.36 -82.81 89.06
CA LYS I 88 9.11 -82.54 89.78
C LYS I 88 8.72 -81.07 89.69
N VAL I 89 9.70 -80.17 89.73
CA VAL I 89 9.44 -78.74 89.74
C VAL I 89 10.55 -78.04 88.97
N GLY I 90 10.20 -76.88 88.42
CA GLY I 90 11.14 -76.12 87.62
C GLY I 90 10.94 -76.32 86.14
N LEU I 91 9.68 -76.25 85.71
CA LEU I 91 9.35 -76.44 84.31
C LEU I 91 9.56 -75.14 83.55
N THR I 92 9.10 -75.12 82.29
CA THR I 92 9.12 -73.96 81.37
C THR I 92 10.49 -73.27 81.29
N ASN I 93 11.56 -73.99 81.58
CA ASN I 93 12.91 -73.49 81.35
C ASN I 93 13.56 -74.31 80.24
N TYR I 94 14.76 -73.88 79.83
CA TYR I 94 15.40 -74.45 78.64
C TYR I 94 15.66 -75.94 78.82
N ALA I 95 16.07 -76.35 80.02
CA ALA I 95 16.30 -77.77 80.26
C ALA I 95 15.02 -78.57 80.10
N ALA I 96 13.91 -78.04 80.61
CA ALA I 96 12.64 -78.73 80.45
C ALA I 96 12.21 -78.76 78.99
N ALA I 97 12.50 -77.71 78.23
CA ALA I 97 12.15 -77.70 76.81
C ALA I 97 12.93 -78.77 76.06
N TYR I 98 14.23 -78.88 76.35
CA TYR I 98 15.02 -79.95 75.74
C TYR I 98 14.46 -81.31 76.15
N CYS I 99 14.09 -81.45 77.42
CA CYS I 99 13.59 -82.72 77.91
C CYS I 99 12.28 -83.11 77.24
N THR I 100 11.37 -82.16 77.06
CA THR I 100 10.10 -82.50 76.44
C THR I 100 10.23 -82.70 74.94
N GLY I 101 11.19 -82.04 74.29
CA GLY I 101 11.47 -82.38 72.90
C GLY I 101 12.00 -83.79 72.77
N LEU I 102 12.92 -84.19 73.66
CA LEU I 102 13.40 -85.56 73.68
C LEU I 102 12.26 -86.53 73.94
N LEU I 103 11.35 -86.17 74.84
CA LEU I 103 10.22 -87.02 75.15
C LEU I 103 9.30 -87.19 73.95
N LEU I 104 9.03 -86.11 73.23
CA LEU I 104 8.21 -86.21 72.02
C LEU I 104 8.88 -87.10 70.98
N ALA I 105 10.18 -86.92 70.77
CA ALA I 105 10.87 -87.74 69.80
C ALA I 105 10.82 -89.22 70.18
N ARG I 106 11.13 -89.55 71.42
CA ARG I 106 11.13 -90.94 71.85
C ARG I 106 9.73 -91.55 71.81
N ARG I 107 8.72 -90.78 72.22
CA ARG I 107 7.35 -91.26 72.16
C ARG I 107 6.91 -91.55 70.73
N LEU I 108 7.23 -90.65 69.80
CA LEU I 108 6.85 -90.86 68.40
C LEU I 108 7.56 -92.06 67.81
N LEU I 109 8.86 -92.20 68.09
CA LEU I 109 9.59 -93.34 67.56
C LEU I 109 9.07 -94.65 68.16
N ASN I 110 8.69 -94.66 69.43
CA ASN I 110 8.08 -95.84 70.01
C ASN I 110 6.74 -96.14 69.35
N ARG I 111 5.96 -95.10 69.04
CA ARG I 111 4.69 -95.31 68.36
C ARG I 111 4.89 -95.92 67.00
N PHE I 112 5.87 -95.45 66.24
CA PHE I 112 6.12 -95.99 64.91
C PHE I 112 6.90 -97.30 64.95
N GLY I 113 7.39 -97.72 66.11
CA GLY I 113 8.07 -98.99 66.20
C GLY I 113 9.52 -98.96 65.78
N MET I 114 10.05 -97.79 65.43
CA MET I 114 11.47 -97.64 65.15
C MET I 114 12.18 -97.13 66.40
N ASP I 115 12.18 -97.98 67.42
CA ASP I 115 12.83 -97.63 68.68
C ASP I 115 14.34 -97.82 68.58
N LYS I 116 14.78 -99.04 68.30
CA LYS I 116 16.21 -99.32 68.28
C LYS I 116 16.89 -98.69 67.07
N ILE I 117 16.24 -98.69 65.93
CA ILE I 117 16.69 -97.87 64.82
C ILE I 117 16.44 -96.41 65.18
N TYR I 118 17.41 -95.55 64.91
CA TYR I 118 17.33 -94.13 65.24
C TYR I 118 17.13 -93.93 66.75
N GLU I 119 18.14 -94.36 67.50
CA GLU I 119 18.17 -94.16 68.95
C GLU I 119 18.53 -92.73 69.33
N GLY I 120 19.04 -91.94 68.41
CA GLY I 120 19.45 -90.59 68.72
C GLY I 120 20.76 -90.55 69.49
N GLN I 121 21.10 -89.35 69.95
CA GLN I 121 22.35 -89.11 70.67
C GLN I 121 22.10 -89.30 72.17
N VAL I 122 22.43 -90.47 72.69
CA VAL I 122 22.28 -90.73 74.11
C VAL I 122 23.20 -89.83 74.93
N GLU I 123 24.47 -89.75 74.53
CA GLU I 123 25.42 -88.88 75.20
C GLU I 123 25.17 -87.44 74.76
N VAL I 124 24.69 -86.61 75.69
CA VAL I 124 24.27 -85.26 75.37
C VAL I 124 25.51 -84.40 75.22
N THR I 125 25.81 -83.98 73.99
CA THR I 125 26.81 -82.96 73.71
C THR I 125 26.14 -81.85 72.93
N GLY I 126 26.48 -80.61 73.28
CA GLY I 126 25.86 -79.46 72.63
C GLY I 126 26.24 -79.28 71.19
N ASP I 127 27.23 -80.01 70.70
CA ASP I 127 27.64 -79.90 69.32
C ASP I 127 26.56 -80.45 68.39
N GLU I 128 26.61 -80.02 67.13
CA GLU I 128 25.55 -80.32 66.18
C GLU I 128 25.47 -81.81 65.89
N TYR I 129 24.25 -82.30 65.69
CA TYR I 129 24.00 -83.70 65.38
C TYR I 129 22.79 -83.78 64.49
N ASN I 130 22.85 -84.67 63.51
CA ASN I 130 21.74 -84.92 62.60
C ASN I 130 21.66 -86.41 62.33
N VAL I 131 20.47 -86.97 62.52
CA VAL I 131 20.30 -88.41 62.32
C VAL I 131 20.47 -88.74 60.84
N GLU I 132 20.94 -89.96 60.57
CA GLU I 132 21.22 -90.40 59.22
C GLU I 132 20.40 -91.63 58.90
N SER I 133 19.87 -91.67 57.68
CA SER I 133 19.09 -92.82 57.23
C SER I 133 19.97 -94.06 57.18
N ILE I 134 19.44 -95.17 57.69
CA ILE I 134 20.18 -96.42 57.80
C ILE I 134 19.73 -97.35 56.69
N ASP I 135 20.68 -97.90 55.95
CA ASP I 135 20.38 -98.77 54.82
C ASP I 135 19.66 -100.03 55.28
N GLY I 136 18.63 -100.42 54.53
CA GLY I 136 17.86 -101.60 54.87
C GLY I 136 16.84 -101.40 55.96
N GLN I 137 16.72 -100.19 56.48
CA GLN I 137 15.77 -99.88 57.54
C GLN I 137 14.88 -98.74 57.10
N PRO I 138 13.68 -98.63 57.66
CA PRO I 138 12.81 -97.50 57.33
C PRO I 138 13.50 -96.18 57.63
N GLY I 139 13.26 -95.20 56.77
CA GLY I 139 14.03 -93.97 56.80
C GLY I 139 13.78 -93.15 58.05
N ALA I 140 14.67 -92.18 58.24
CA ALA I 140 14.57 -91.29 59.39
C ALA I 140 13.35 -90.40 59.26
N PHE I 141 12.56 -90.33 60.33
CA PHE I 141 11.36 -89.50 60.32
C PHE I 141 11.76 -88.03 60.33
N THR I 142 11.45 -87.33 59.25
CA THR I 142 11.89 -85.95 59.06
C THR I 142 10.73 -85.00 59.28
N CYS I 143 10.95 -83.98 60.10
CA CYS I 143 9.94 -82.97 60.38
C CYS I 143 10.62 -81.62 60.50
N TYR I 144 9.83 -80.56 60.30
CA TYR I 144 10.33 -79.19 60.28
C TYR I 144 9.80 -78.44 61.49
N LEU I 145 10.65 -77.59 62.07
CA LEU I 145 10.25 -76.84 63.25
C LEU I 145 9.27 -75.73 62.89
N ASP I 146 8.20 -75.63 63.66
CA ASP I 146 7.18 -74.60 63.47
C ASP I 146 7.35 -73.62 64.62
N ALA I 147 7.99 -72.49 64.34
CA ALA I 147 8.26 -71.49 65.37
C ALA I 147 6.99 -70.82 65.85
N GLY I 148 5.98 -70.68 65.00
CA GLY I 148 4.79 -69.95 65.40
C GLY I 148 5.06 -68.46 65.39
N LEU I 149 4.77 -67.82 66.52
CA LEU I 149 4.98 -66.38 66.66
C LEU I 149 6.12 -66.03 67.58
N ALA I 150 6.90 -67.01 68.03
CA ALA I 150 8.04 -66.72 68.89
C ALA I 150 9.16 -66.09 68.07
N ARG I 151 9.73 -65.00 68.59
CA ARG I 151 10.83 -64.34 67.92
C ARG I 151 12.06 -65.22 67.96
N THR I 152 12.57 -65.59 66.78
CA THR I 152 13.66 -66.56 66.69
C THR I 152 15.00 -65.85 66.78
N THR I 153 15.32 -65.41 67.99
CA THR I 153 16.66 -64.93 68.30
C THR I 153 17.50 -66.07 68.86
N THR I 154 18.78 -65.80 69.07
CA THR I 154 19.69 -66.80 69.59
C THR I 154 19.31 -67.18 71.01
N GLY I 155 19.14 -68.48 71.24
CA GLY I 155 18.88 -68.98 72.57
C GLY I 155 17.43 -69.15 72.94
N ASN I 156 16.51 -69.09 71.98
CA ASN I 156 15.11 -69.31 72.29
C ASN I 156 14.86 -70.76 72.67
N LYS I 157 13.91 -70.96 73.59
CA LYS I 157 13.60 -72.29 74.09
C LYS I 157 13.04 -73.21 73.01
N VAL I 158 12.47 -72.65 71.93
CA VAL I 158 11.98 -73.50 70.86
C VAL I 158 13.13 -74.24 70.20
N PHE I 159 14.29 -73.59 70.09
CA PHE I 159 15.46 -74.29 69.58
C PHE I 159 15.99 -75.33 70.56
N GLY I 160 15.80 -75.12 71.86
CA GLY I 160 16.09 -76.19 72.80
C GLY I 160 15.19 -77.39 72.60
N ALA I 161 13.90 -77.14 72.32
CA ALA I 161 13.00 -78.24 72.00
C ALA I 161 13.44 -78.95 70.73
N LEU I 162 13.89 -78.18 69.73
CA LEU I 162 14.43 -78.77 68.51
C LEU I 162 15.62 -79.65 68.81
N LYS I 163 16.52 -79.18 69.68
CA LYS I 163 17.68 -79.98 70.07
C LYS I 163 17.24 -81.25 70.76
N GLY I 164 16.22 -81.15 71.62
CA GLY I 164 15.70 -82.35 72.27
C GLY I 164 15.17 -83.35 71.27
N ALA I 165 14.43 -82.87 70.28
CA ALA I 165 13.88 -83.79 69.28
C ALA I 165 14.98 -84.44 68.45
N VAL I 166 15.96 -83.66 68.01
CA VAL I 166 17.01 -84.24 67.16
C VAL I 166 17.92 -85.16 67.98
N ASP I 167 18.03 -84.93 69.29
CA ASP I 167 18.76 -85.86 70.13
C ASP I 167 17.93 -87.11 70.43
N GLY I 168 16.60 -86.99 70.40
CA GLY I 168 15.76 -88.17 70.46
C GLY I 168 15.75 -89.00 69.21
N GLY I 169 16.05 -88.39 68.06
CA GLY I 169 16.20 -89.15 66.84
C GLY I 169 15.54 -88.57 65.61
N LEU I 170 14.72 -87.54 65.80
CA LEU I 170 14.03 -86.94 64.66
C LEU I 170 15.01 -86.16 63.80
N SER I 171 14.72 -86.14 62.50
CA SER I 171 15.52 -85.39 61.53
C SER I 171 14.84 -84.05 61.31
N ILE I 172 15.48 -82.98 61.73
CA ILE I 172 14.98 -81.62 61.55
C ILE I 172 16.11 -80.79 60.94
N PRO I 173 15.87 -80.12 59.82
CA PRO I 173 16.91 -79.24 59.27
C PRO I 173 17.12 -78.02 60.16
N HIS I 174 18.35 -77.82 60.60
CA HIS I 174 18.66 -76.70 61.47
C HIS I 174 20.14 -76.39 61.38
N SER I 175 20.51 -75.25 61.96
CA SER I 175 21.90 -74.85 62.10
C SER I 175 22.12 -74.39 63.53
N THR I 176 23.39 -74.26 63.89
CA THR I 176 23.76 -73.88 65.24
C THR I 176 23.80 -72.38 65.46
N LYS I 177 23.28 -71.60 64.51
CA LYS I 177 23.34 -70.15 64.62
C LYS I 177 22.45 -69.63 65.75
N ARG I 178 21.31 -70.30 65.97
CA ARG I 178 20.35 -69.83 66.95
C ARG I 178 20.39 -70.59 68.27
N PHE I 179 21.35 -71.49 68.43
CA PHE I 179 21.52 -72.17 69.71
C PHE I 179 22.20 -71.25 70.70
N PRO I 180 22.02 -71.49 72.01
CA PRO I 180 22.62 -70.60 73.01
C PRO I 180 24.13 -70.52 72.96
N GLY I 181 24.80 -71.58 72.49
CA GLY I 181 26.25 -71.57 72.46
C GLY I 181 26.84 -70.60 71.45
N TYR I 182 26.11 -70.28 70.40
CA TYR I 182 26.66 -69.49 69.31
C TYR I 182 26.85 -68.04 69.72
N ASP I 183 27.96 -67.46 69.28
CA ASP I 183 28.28 -66.07 69.54
C ASP I 183 28.16 -65.27 68.25
N SER I 184 27.51 -64.12 68.31
CA SER I 184 27.24 -63.35 67.10
C SER I 184 28.51 -62.73 66.53
N GLU I 185 29.28 -62.04 67.37
CA GLU I 185 30.46 -61.34 66.89
C GLU I 185 31.54 -62.31 66.44
N SER I 186 31.84 -63.30 67.29
CA SER I 186 32.87 -64.28 66.96
C SER I 186 32.43 -65.24 65.86
N LYS I 187 31.11 -65.38 65.66
CA LYS I 187 30.56 -66.31 64.67
C LYS I 187 31.03 -67.73 64.92
N GLU I 188 31.15 -68.09 66.19
CA GLU I 188 31.58 -69.43 66.59
C GLU I 188 30.54 -70.04 67.52
N PHE I 189 30.15 -71.28 67.23
CA PHE I 189 29.27 -72.01 68.12
C PHE I 189 30.08 -72.67 69.22
N ASN I 190 29.84 -72.28 70.47
CA ASN I 190 30.64 -72.79 71.57
C ASN I 190 30.46 -74.29 71.76
N ALA I 191 29.23 -74.77 71.61
CA ALA I 191 28.85 -76.19 71.74
C ALA I 191 29.16 -76.76 73.12
N GLU I 192 29.53 -75.92 74.08
CA GLU I 192 29.77 -76.33 75.45
C GLU I 192 28.83 -75.60 76.40
N VAL I 193 28.72 -74.29 76.28
CA VAL I 193 27.73 -73.57 77.06
C VAL I 193 26.32 -73.93 76.60
N HIS I 194 26.17 -74.40 75.36
CA HIS I 194 24.87 -74.95 74.96
C HIS I 194 24.52 -76.17 75.79
N ARG I 195 25.49 -77.05 76.02
CA ARG I 195 25.28 -78.18 76.92
C ARG I 195 25.03 -77.73 78.35
N LYS I 196 25.69 -76.66 78.79
CA LYS I 196 25.39 -76.07 80.11
C LYS I 196 23.93 -75.66 80.19
N HIS I 197 23.42 -74.99 79.15
CA HIS I 197 22.02 -74.61 79.13
C HIS I 197 21.11 -75.84 79.11
N ILE I 198 21.49 -76.87 78.36
CA ILE I 198 20.69 -78.09 78.27
C ILE I 198 20.57 -78.75 79.62
N MET I 199 21.67 -78.84 80.37
CA MET I 199 21.66 -79.38 81.71
C MET I 199 21.27 -78.34 82.75
N GLY I 200 20.85 -77.16 82.33
CA GLY I 200 20.28 -76.20 83.25
C GLY I 200 21.26 -75.57 84.21
N GLN I 201 22.55 -75.65 83.93
CA GLN I 201 23.54 -75.07 84.82
C GLN I 201 23.45 -73.55 84.88
N ASN I 202 22.77 -72.92 83.94
CA ASN I 202 22.55 -71.47 84.04
C ASN I 202 21.63 -71.14 85.20
N VAL I 203 20.55 -71.91 85.38
CA VAL I 203 19.69 -71.73 86.54
C VAL I 203 20.44 -72.09 87.82
N ALA I 204 21.31 -73.10 87.75
CA ALA I 204 22.11 -73.47 88.92
C ALA I 204 23.04 -72.34 89.34
N ASP I 205 23.72 -71.72 88.38
CA ASP I 205 24.58 -70.58 88.68
C ASP I 205 23.76 -69.42 89.22
N TYR I 206 22.56 -69.21 88.69
CA TYR I 206 21.66 -68.20 89.22
C TYR I 206 21.32 -68.47 90.68
N MET I 207 20.98 -69.72 91.00
CA MET I 207 20.65 -70.09 92.38
C MET I 207 21.83 -69.84 93.30
N ARG I 208 23.02 -70.27 92.88
CA ARG I 208 24.21 -70.10 93.72
C ARG I 208 24.53 -68.62 93.91
N TYR I 209 24.41 -67.82 92.85
CA TYR I 209 24.64 -66.39 92.94
C TYR I 209 23.70 -65.75 93.95
N LEU I 210 22.40 -66.02 93.81
CA LEU I 210 21.42 -65.43 94.72
C LEU I 210 21.66 -65.91 96.15
N MET I 211 22.00 -67.19 96.32
CA MET I 211 22.32 -67.72 97.64
C MET I 211 23.49 -66.98 98.27
N GLU I 212 24.49 -66.63 97.48
CA GLU I 212 25.63 -65.89 98.02
C GLU I 212 25.24 -64.47 98.40
N GLU I 213 24.53 -63.77 97.51
CA GLU I 213 24.28 -62.35 97.78
C GLU I 213 23.08 -62.13 98.69
N ASP I 214 21.87 -62.46 98.24
CA ASP I 214 20.65 -62.13 98.97
C ASP I 214 19.84 -63.40 99.19
N GLU I 215 19.71 -63.80 100.46
CA GLU I 215 18.89 -64.96 100.78
C GLU I 215 17.41 -64.69 100.52
N ASP I 216 16.94 -63.49 100.88
CA ASP I 216 15.52 -63.20 100.78
C ASP I 216 15.04 -63.21 99.34
N ALA I 217 15.76 -62.51 98.46
CA ALA I 217 15.40 -62.53 97.05
C ALA I 217 15.59 -63.91 96.44
N TYR I 218 16.56 -64.69 96.95
CA TYR I 218 16.76 -66.05 96.47
C TYR I 218 15.53 -66.90 96.76
N LYS I 219 14.99 -66.80 97.98
CA LYS I 219 13.78 -67.52 98.30
C LYS I 219 12.58 -66.98 97.53
N LYS I 220 12.55 -65.67 97.30
CA LYS I 220 11.49 -65.08 96.50
C LYS I 220 11.47 -65.65 95.08
N GLN I 221 12.65 -65.85 94.50
CA GLN I 221 12.71 -66.41 93.16
C GLN I 221 12.41 -67.91 93.17
N PHE I 222 13.25 -68.69 93.86
CA PHE I 222 13.06 -70.14 93.89
C PHE I 222 12.36 -70.57 95.17
N SER I 223 11.16 -70.01 95.39
CA SER I 223 10.35 -70.44 96.52
C SER I 223 9.94 -71.90 96.38
N GLN I 224 9.57 -72.32 95.18
CA GLN I 224 9.10 -73.68 94.96
C GLN I 224 10.23 -74.65 94.59
N TYR I 225 11.49 -74.23 94.69
CA TYR I 225 12.59 -75.18 94.65
C TYR I 225 12.97 -75.66 96.05
N ILE I 226 12.84 -74.78 97.05
CA ILE I 226 13.00 -75.21 98.43
C ILE I 226 11.97 -76.28 98.75
N LYS I 227 10.72 -76.05 98.36
CA LYS I 227 9.78 -77.15 98.21
C LYS I 227 10.31 -78.09 97.14
N ASN I 228 10.29 -79.39 97.44
CA ASN I 228 10.91 -80.48 96.70
C ASN I 228 12.43 -80.49 96.81
N SER I 229 13.03 -79.48 97.47
CA SER I 229 14.43 -79.52 97.92
C SER I 229 15.38 -79.75 96.76
N VAL I 230 15.33 -78.84 95.80
CA VAL I 230 16.23 -78.85 94.66
C VAL I 230 17.48 -78.05 95.01
N THR I 231 18.64 -78.63 94.74
CA THR I 231 19.93 -78.04 95.06
C THR I 231 20.75 -77.96 93.78
N PRO I 232 21.52 -76.87 93.59
CA PRO I 232 22.28 -76.70 92.34
C PRO I 232 23.25 -77.83 92.05
N ASP I 233 23.67 -78.60 93.04
CA ASP I 233 24.56 -79.74 92.77
C ASP I 233 23.82 -80.83 92.01
N MET I 234 22.60 -81.14 92.40
CA MET I 234 21.88 -82.29 91.87
C MET I 234 21.03 -81.96 90.64
N MET I 235 21.07 -80.72 90.16
CA MET I 235 20.27 -80.37 89.00
C MET I 235 20.71 -81.14 87.76
N GLU I 236 22.02 -81.22 87.53
CA GLU I 236 22.53 -82.03 86.43
C GLU I 236 22.16 -83.49 86.61
N GLU I 237 22.21 -83.98 87.84
CA GLU I 237 21.87 -85.37 88.11
C GLU I 237 20.41 -85.66 87.78
N MET I 238 19.50 -84.78 88.20
CA MET I 238 18.09 -85.02 87.94
C MET I 238 17.74 -84.84 86.46
N TYR I 239 18.45 -83.94 85.75
CA TYR I 239 18.22 -83.86 84.31
C TYR I 239 18.71 -85.10 83.58
N LYS I 240 19.87 -85.64 83.97
CA LYS I 240 20.35 -86.86 83.34
C LYS I 240 19.45 -88.05 83.64
N LYS I 241 18.96 -88.13 84.88
CA LYS I 241 18.00 -89.16 85.24
C LYS I 241 16.71 -89.01 84.43
N ALA I 242 16.26 -87.78 84.21
CA ALA I 242 15.08 -87.55 83.38
C ALA I 242 15.31 -88.03 81.95
N HIS I 243 16.48 -87.74 81.39
CA HIS I 243 16.77 -88.19 80.03
C HIS I 243 16.74 -89.71 79.93
N ALA I 244 17.39 -90.39 80.88
CA ALA I 244 17.40 -91.85 80.86
C ALA I 244 16.00 -92.42 81.04
N ALA I 245 15.21 -91.86 81.97
CA ALA I 245 13.87 -92.36 82.21
C ALA I 245 12.97 -92.15 81.00
N ILE I 246 13.12 -91.00 80.34
CA ILE I 246 12.33 -90.72 79.14
C ILE I 246 12.67 -91.72 78.04
N ARG I 247 13.97 -91.98 77.83
CA ARG I 247 14.34 -92.98 76.85
C ARG I 247 13.84 -94.36 77.24
N GLU I 248 13.67 -94.61 78.54
CA GLU I 248 13.22 -95.91 79.01
C GLU I 248 11.73 -96.12 78.74
N ASN I 249 10.87 -95.27 79.30
CA ASN I 249 9.42 -95.43 79.19
C ASN I 249 8.79 -94.12 78.73
N PRO I 250 8.85 -93.82 77.43
CA PRO I 250 8.20 -92.62 76.91
C PRO I 250 6.74 -92.78 76.55
N VAL I 251 6.18 -93.98 76.64
CA VAL I 251 4.83 -94.22 76.15
C VAL I 251 3.83 -93.51 77.05
N TYR I 252 2.98 -92.68 76.47
CA TYR I 252 2.05 -91.89 77.23
C TYR I 252 0.89 -92.74 77.73
N GLU I 253 0.49 -92.51 78.98
CA GLU I 253 -0.64 -93.18 79.60
C GLU I 253 -1.74 -92.15 79.81
N LYS I 254 -2.90 -92.38 79.17
CA LYS I 254 -4.02 -91.47 79.30
C LYS I 254 -4.71 -91.67 80.64
N LYS I 255 -5.13 -90.56 81.24
CA LYS I 255 -5.92 -90.64 82.45
C LYS I 255 -7.29 -91.23 82.13
N PRO I 256 -7.81 -92.12 82.98
CA PRO I 256 -9.11 -92.73 82.68
C PRO I 256 -10.24 -91.72 82.77
N LYS I 257 -11.33 -92.02 82.08
CA LYS I 257 -12.50 -91.16 82.11
C LYS I 257 -13.28 -91.42 83.40
N LYS I 258 -13.43 -90.38 84.21
CA LYS I 258 -14.10 -90.50 85.49
C LYS I 258 -15.53 -89.96 85.41
N GLU I 259 -16.34 -90.38 86.38
CA GLU I 259 -17.77 -90.08 86.37
C GLU I 259 -18.01 -88.67 86.91
N VAL I 260 -18.56 -87.81 86.06
CA VAL I 260 -18.95 -86.46 86.44
C VAL I 260 -20.38 -86.23 85.99
N LYS I 261 -21.22 -85.77 86.92
CA LYS I 261 -22.60 -85.50 86.57
C LYS I 261 -22.68 -84.24 85.71
N LYS I 262 -23.63 -84.24 84.78
CA LYS I 262 -23.77 -83.14 83.83
C LYS I 262 -24.22 -81.90 84.59
N LYS I 263 -23.30 -80.97 84.78
CA LYS I 263 -23.57 -79.71 85.45
C LYS I 263 -23.35 -78.58 84.46
N ARG I 264 -24.34 -77.69 84.34
CA ARG I 264 -24.27 -76.56 83.43
C ARG I 264 -23.70 -75.37 84.18
N TRP I 265 -22.48 -74.95 83.82
CA TRP I 265 -21.78 -73.89 84.52
C TRP I 265 -22.00 -72.51 83.94
N ASN I 266 -22.64 -72.41 82.78
CA ASN I 266 -22.88 -71.11 82.16
C ASN I 266 -24.32 -71.03 81.64
N ARG I 267 -24.87 -69.85 81.69
CA ARG I 267 -26.28 -69.69 81.35
C ARG I 267 -26.50 -69.84 79.84
N PRO I 268 -27.45 -70.66 79.41
CA PRO I 268 -27.70 -70.83 77.98
C PRO I 268 -28.43 -69.63 77.40
N LYS I 269 -28.49 -69.61 76.07
CA LYS I 269 -29.11 -68.50 75.36
C LYS I 269 -30.57 -68.34 75.73
N MET I 270 -31.00 -67.10 75.94
CA MET I 270 -32.41 -66.82 76.16
C MET I 270 -33.21 -67.12 74.90
N SER I 271 -34.45 -67.54 75.09
CA SER I 271 -35.29 -67.84 73.96
C SER I 271 -35.95 -66.57 73.42
N LEU I 272 -36.48 -66.68 72.21
CA LEU I 272 -37.14 -65.55 71.57
C LEU I 272 -38.34 -65.08 72.37
N ALA I 273 -39.13 -66.03 72.88
CA ALA I 273 -40.26 -65.66 73.73
C ALA I 273 -39.81 -64.93 74.98
N GLN I 274 -38.71 -65.40 75.59
CA GLN I 274 -38.18 -64.72 76.76
C GLN I 274 -37.73 -63.31 76.44
N LYS I 275 -37.07 -63.13 75.30
CA LYS I 275 -36.61 -61.79 74.91
C LYS I 275 -37.79 -60.84 74.71
N LYS I 276 -38.80 -61.29 73.97
CA LYS I 276 -39.95 -60.43 73.72
C LYS I 276 -40.72 -60.13 74.99
N ASP I 277 -40.87 -61.12 75.87
CA ASP I 277 -41.54 -60.88 77.15
C ASP I 277 -40.76 -59.89 78.00
N ARG I 278 -39.43 -59.99 78.02
CA ARG I 278 -38.62 -59.07 78.81
C ARG I 278 -38.74 -57.64 78.29
N VAL I 279 -38.74 -57.47 76.97
CA VAL I 279 -38.92 -56.14 76.40
C VAL I 279 -40.31 -55.61 76.76
N ALA I 280 -41.32 -56.46 76.72
CA ALA I 280 -42.67 -56.05 77.09
C ALA I 280 -42.73 -55.58 78.53
N GLN I 281 -42.10 -56.34 79.43
CA GLN I 281 -42.09 -55.97 80.84
C GLN I 281 -41.36 -54.66 81.06
N LYS I 282 -40.25 -54.44 80.33
CA LYS I 282 -39.53 -53.18 80.45
C LYS I 282 -40.39 -52.00 80.01
N LYS I 283 -41.11 -52.17 78.90
CA LYS I 283 -42.01 -51.11 78.44
C LYS I 283 -43.09 -50.82 79.46
N ALA I 284 -43.70 -51.87 80.01
CA ALA I 284 -44.75 -51.68 81.00
C ALA I 284 -44.22 -50.98 82.23
N SER I 285 -43.02 -51.35 82.68
CA SER I 285 -42.44 -50.71 83.86
C SER I 285 -42.15 -49.24 83.61
N PHE I 286 -41.61 -48.90 82.44
CA PHE I 286 -41.35 -47.49 82.15
C PHE I 286 -42.65 -46.70 82.14
N LEU I 287 -43.68 -47.22 81.48
CA LEU I 287 -44.94 -46.49 81.42
C LEU I 287 -45.59 -46.35 82.79
N ARG I 288 -45.54 -47.42 83.59
CA ARG I 288 -46.13 -47.37 84.93
C ARG I 288 -45.40 -46.37 85.82
N ALA I 289 -44.07 -46.34 85.75
CA ALA I 289 -43.33 -45.34 86.52
C ALA I 289 -43.61 -43.93 86.04
N GLN I 290 -43.76 -43.74 84.72
CA GLN I 290 -44.08 -42.43 84.19
C GLN I 290 -45.42 -41.94 84.73
N GLU I 291 -46.44 -42.77 84.65
CA GLU I 291 -47.75 -42.36 85.16
C GLU I 291 -47.76 -42.28 86.68
N ARG I 292 -46.87 -43.01 87.36
CA ARG I 292 -46.65 -42.81 88.78
C ARG I 292 -46.15 -41.41 89.06
N ALA I 293 -45.32 -40.87 88.16
CA ALA I 293 -44.93 -39.46 88.17
C ALA I 293 -44.23 -39.04 89.45
N LYS J 1 -71.49 -135.77 -6.85
CA LYS J 1 -71.78 -134.46 -7.40
C LYS J 1 -73.19 -133.99 -6.98
N GLY J 2 -73.27 -132.79 -6.40
CA GLY J 2 -74.51 -132.27 -5.88
C GLY J 2 -74.99 -131.02 -6.59
N LYS J 3 -76.28 -130.75 -6.42
CA LYS J 3 -76.89 -129.57 -7.03
C LYS J 3 -76.34 -128.29 -6.42
N PRO J 4 -75.99 -127.30 -7.23
CA PRO J 4 -75.53 -126.03 -6.68
C PRO J 4 -76.62 -125.33 -5.89
N HIS J 5 -76.22 -124.72 -4.79
CA HIS J 5 -77.11 -123.96 -3.92
C HIS J 5 -76.91 -122.48 -4.17
N CYS J 6 -77.77 -121.67 -3.55
CA CYS J 6 -77.58 -120.23 -3.59
C CYS J 6 -76.49 -119.82 -2.62
N SER J 7 -76.33 -118.51 -2.44
CA SER J 7 -75.18 -117.97 -1.73
C SER J 7 -75.20 -118.37 -0.25
N ARG J 8 -76.36 -118.38 0.38
CA ARG J 8 -76.51 -118.60 1.81
C ARG J 8 -75.72 -117.60 2.64
N ASN J 9 -75.36 -116.45 2.05
CA ASN J 9 -74.64 -115.39 2.74
C ASN J 9 -75.07 -114.09 2.09
N PRO J 10 -76.17 -113.50 2.57
CA PRO J 10 -76.72 -112.31 1.91
C PRO J 10 -75.76 -111.13 1.98
N VAL J 11 -75.88 -110.26 1.00
CA VAL J 11 -75.06 -109.05 0.93
C VAL J 11 -75.77 -107.93 1.68
N LEU J 12 -75.11 -107.40 2.70
CA LEU J 12 -75.58 -106.18 3.35
C LEU J 12 -74.91 -104.94 2.78
N VAL J 13 -73.73 -105.08 2.19
CA VAL J 13 -73.14 -104.05 1.35
C VAL J 13 -72.16 -104.74 0.44
N ARG J 14 -71.80 -104.09 -0.67
CA ARG J 14 -70.98 -104.73 -1.69
C ARG J 14 -69.66 -105.22 -1.13
N GLY J 15 -69.37 -106.50 -1.35
CA GLY J 15 -68.13 -107.09 -0.90
C GLY J 15 -68.11 -107.57 0.53
N ILE J 16 -69.15 -107.29 1.31
CA ILE J 16 -69.23 -107.71 2.70
C ILE J 16 -70.39 -108.67 2.85
N GLY J 17 -70.12 -109.86 3.37
CA GLY J 17 -71.18 -110.80 3.65
C GLY J 17 -71.84 -110.51 4.99
N ARG J 18 -73.11 -110.91 5.10
CA ARG J 18 -73.84 -110.66 6.33
C ARG J 18 -73.38 -111.55 7.47
N TYR J 19 -72.75 -112.68 7.17
CA TYR J 19 -72.34 -113.64 8.20
C TYR J 19 -70.82 -113.77 8.22
N SER J 20 -70.30 -113.98 9.43
CA SER J 20 -68.87 -114.07 9.64
C SER J 20 -68.35 -115.43 9.23
N ARG J 21 -67.06 -115.66 9.46
CA ARG J 21 -66.44 -116.92 9.03
C ARG J 21 -67.01 -118.11 9.80
N SER J 22 -67.09 -118.00 11.12
CA SER J 22 -67.62 -119.11 11.91
C SER J 22 -69.10 -119.31 11.67
N ALA J 23 -69.85 -118.21 11.51
CA ALA J 23 -71.27 -118.32 11.23
C ALA J 23 -71.50 -119.02 9.88
N MET J 24 -70.71 -118.66 8.88
CA MET J 24 -70.82 -119.32 7.58
C MET J 24 -70.35 -120.77 7.65
N TYR J 25 -69.37 -121.05 8.52
CA TYR J 25 -68.95 -122.43 8.75
C TYR J 25 -70.13 -123.27 9.24
N SER J 26 -70.83 -122.77 10.26
CA SER J 26 -71.99 -123.47 10.77
C SER J 26 -73.10 -123.57 9.72
N ARG J 27 -73.33 -122.50 8.97
CA ARG J 27 -74.41 -122.52 7.98
C ARG J 27 -74.12 -123.51 6.86
N LYS J 28 -72.88 -123.57 6.40
CA LYS J 28 -72.48 -124.53 5.38
C LYS J 28 -72.33 -125.94 5.91
N ALA J 29 -72.25 -126.10 7.24
CA ALA J 29 -72.01 -127.39 7.88
C ALA J 29 -70.69 -127.98 7.41
N MET J 30 -69.65 -127.15 7.39
CA MET J 30 -68.33 -127.58 6.97
C MET J 30 -67.68 -128.54 7.96
N TYR J 31 -68.23 -128.67 9.17
CA TYR J 31 -67.70 -129.64 10.12
C TYR J 31 -67.87 -131.06 9.61
N LYS J 32 -68.97 -131.34 8.93
CA LYS J 32 -69.25 -132.66 8.40
C LYS J 32 -68.98 -132.74 6.90
N ARG J 33 -68.32 -131.74 6.33
CA ARG J 33 -67.95 -131.78 4.92
C ARG J 33 -66.44 -131.72 4.79
N LYS J 34 -65.73 -132.53 5.58
CA LYS J 34 -64.28 -132.60 5.53
C LYS J 34 -63.84 -133.69 4.57
N TYR J 35 -63.02 -133.33 3.60
CA TYR J 35 -62.59 -134.24 2.56
C TYR J 35 -61.07 -134.31 2.53
N SER J 36 -60.53 -135.52 2.57
CA SER J 36 -59.09 -135.75 2.57
C SER J 36 -58.61 -136.18 1.20
N ALA J 37 -57.29 -136.10 1.01
CA ALA J 37 -56.68 -136.55 -0.24
C ALA J 37 -56.72 -138.06 -0.30
N ALA J 38 -57.61 -138.59 -1.14
CA ALA J 38 -57.82 -140.03 -1.31
C ALA J 38 -58.12 -140.73 0.01
N LYS J 49 -55.02 -135.24 -22.76
CA LYS J 49 -56.44 -134.97 -22.98
C LYS J 49 -56.78 -135.00 -24.47
N VAL J 50 -56.68 -133.83 -25.11
CA VAL J 50 -57.00 -133.70 -26.52
C VAL J 50 -55.78 -134.06 -27.34
N LEU J 51 -55.96 -134.95 -28.32
CA LEU J 51 -54.86 -135.40 -29.14
C LEU J 51 -54.46 -134.31 -30.12
N ALA J 52 -53.19 -133.90 -30.09
CA ALA J 52 -52.71 -132.93 -31.05
C ALA J 52 -52.43 -133.53 -32.40
N THR J 53 -52.28 -134.87 -32.48
CA THR J 53 -52.09 -135.57 -33.73
C THR J 53 -53.15 -136.66 -33.85
N VAL J 54 -53.51 -136.98 -35.09
CA VAL J 54 -54.44 -138.07 -35.37
C VAL J 54 -53.83 -138.94 -36.47
N THR J 55 -54.02 -140.25 -36.36
CA THR J 55 -53.55 -141.17 -37.39
C THR J 55 -54.58 -141.31 -38.50
N LYS J 56 -54.10 -141.29 -39.73
CA LYS J 56 -54.97 -141.41 -40.89
C LYS J 56 -54.39 -142.39 -41.88
N PRO J 57 -55.20 -143.31 -42.41
CA PRO J 57 -54.72 -144.27 -43.42
C PRO J 57 -54.44 -143.57 -44.74
N VAL J 58 -53.19 -143.63 -45.19
CA VAL J 58 -52.78 -142.93 -46.40
C VAL J 58 -53.21 -143.69 -47.64
N GLY J 59 -53.17 -145.01 -47.58
CA GLY J 59 -53.50 -145.83 -48.73
C GLY J 59 -52.35 -145.95 -49.71
N GLY J 60 -52.62 -146.65 -50.81
CA GLY J 60 -51.61 -146.84 -51.83
C GLY J 60 -50.69 -148.00 -51.53
N ASP J 61 -50.23 -148.68 -52.58
CA ASP J 61 -49.36 -149.83 -52.41
C ASP J 61 -47.98 -149.41 -51.91
N LYS J 62 -47.45 -150.18 -50.95
CA LYS J 62 -46.15 -149.98 -50.30
C LYS J 62 -45.89 -148.52 -49.91
N ASN J 63 -46.95 -147.79 -49.56
CA ASN J 63 -46.85 -146.39 -49.15
C ASN J 63 -47.03 -146.24 -47.64
N GLY J 64 -46.85 -147.30 -46.88
CA GLY J 64 -47.02 -147.24 -45.44
C GLY J 64 -48.46 -147.44 -45.02
N GLY J 65 -48.61 -147.96 -43.81
CA GLY J 65 -49.93 -148.23 -43.27
C GLY J 65 -50.74 -146.98 -43.00
N THR J 66 -50.22 -146.09 -42.16
CA THR J 66 -50.90 -144.87 -41.78
C THR J 66 -49.90 -143.73 -41.73
N ARG J 67 -50.40 -142.53 -41.45
CA ARG J 67 -49.57 -141.35 -41.24
C ARG J 67 -50.08 -140.62 -40.01
N VAL J 68 -49.15 -140.09 -39.23
CA VAL J 68 -49.51 -139.32 -38.04
C VAL J 68 -49.72 -137.88 -38.46
N VAL J 69 -50.92 -137.56 -38.92
CA VAL J 69 -51.25 -136.19 -39.32
C VAL J 69 -51.29 -135.35 -38.05
N LYS J 70 -50.33 -134.45 -37.89
CA LYS J 70 -50.29 -133.56 -36.75
C LYS J 70 -51.06 -132.29 -37.08
N LEU J 71 -52.10 -132.02 -36.30
CA LEU J 71 -52.86 -130.80 -36.49
C LEU J 71 -52.10 -129.60 -35.90
N ARG J 72 -52.34 -128.42 -36.50
CA ARG J 72 -51.72 -127.17 -36.06
C ARG J 72 -50.20 -127.26 -36.09
N LYS J 73 -49.69 -127.37 -37.32
CA LYS J 73 -48.26 -127.49 -37.55
C LYS J 73 -47.52 -126.21 -37.13
N MET J 74 -46.20 -126.26 -37.24
CA MET J 74 -45.36 -125.13 -36.88
C MET J 74 -45.63 -123.96 -37.82
N PRO J 75 -45.39 -122.73 -37.38
CA PRO J 75 -45.53 -121.58 -38.29
C PRO J 75 -44.54 -121.67 -39.43
N ARG J 76 -45.01 -121.30 -40.62
CA ARG J 76 -44.16 -121.30 -41.81
C ARG J 76 -43.28 -120.07 -41.89
N TYR J 77 -43.48 -119.08 -41.04
CA TYR J 77 -42.71 -117.85 -41.08
C TYR J 77 -42.70 -117.24 -39.69
N TYR J 78 -41.67 -116.44 -39.43
CA TYR J 78 -41.59 -115.64 -38.21
C TYR J 78 -41.26 -114.21 -38.61
N PRO J 79 -41.99 -113.23 -38.11
CA PRO J 79 -41.57 -111.83 -38.29
C PRO J 79 -40.27 -111.57 -37.55
N THR J 80 -39.51 -110.61 -38.05
CA THR J 80 -38.19 -110.33 -37.50
C THR J 80 -38.23 -109.90 -36.04
N GLU J 81 -39.35 -109.34 -35.57
CA GLU J 81 -39.48 -108.91 -34.19
C GLU J 81 -40.88 -109.25 -33.68
N ASP J 82 -40.98 -109.49 -32.38
CA ASP J 82 -42.24 -109.78 -31.73
C ASP J 82 -42.38 -108.95 -30.47
N VAL J 83 -43.60 -108.52 -30.19
CA VAL J 83 -43.89 -107.69 -29.02
C VAL J 83 -44.15 -108.60 -27.83
N PRO J 84 -43.49 -108.38 -26.70
CA PRO J 84 -43.74 -109.21 -25.52
C PRO J 84 -45.15 -109.03 -25.01
N ARG J 85 -45.66 -110.07 -24.36
CA ARG J 85 -47.05 -110.10 -23.96
C ARG J 85 -47.32 -109.12 -22.81
N LYS J 86 -48.58 -108.73 -22.68
CA LYS J 86 -48.99 -107.77 -21.67
C LYS J 86 -48.93 -108.40 -20.28
N LEU J 87 -48.78 -107.55 -19.28
CA LEU J 87 -48.97 -107.98 -17.91
C LEU J 87 -50.44 -108.24 -17.66
N LEU J 88 -50.73 -108.94 -16.57
CA LEU J 88 -52.09 -109.38 -16.29
C LEU J 88 -52.79 -108.39 -15.38
N SER J 89 -53.93 -107.88 -15.83
CA SER J 89 -54.77 -106.99 -15.05
C SER J 89 -56.05 -107.71 -14.68
N HIS J 90 -56.94 -107.00 -13.99
CA HIS J 90 -58.19 -107.58 -13.55
C HIS J 90 -59.23 -106.49 -13.43
N GLY J 91 -60.50 -106.88 -13.50
CA GLY J 91 -61.59 -105.94 -13.42
C GLY J 91 -61.90 -105.22 -14.69
N LYS J 92 -61.17 -105.49 -15.78
CA LYS J 92 -61.43 -104.85 -17.06
C LYS J 92 -62.24 -105.80 -17.93
N LYS J 93 -63.53 -105.90 -17.60
CA LYS J 93 -64.43 -106.73 -18.36
C LYS J 93 -64.72 -106.10 -19.72
N PRO J 94 -65.16 -106.89 -20.70
CA PRO J 94 -65.61 -106.30 -21.95
C PRO J 94 -66.97 -105.64 -21.80
N PHE J 95 -67.39 -104.99 -22.89
CA PHE J 95 -68.60 -104.20 -22.88
C PHE J 95 -69.82 -105.06 -22.59
N SER J 96 -69.84 -106.29 -23.10
CA SER J 96 -70.97 -107.17 -22.84
C SER J 96 -71.09 -107.50 -21.36
N GLN J 97 -69.97 -107.60 -20.65
CA GLN J 97 -69.97 -107.95 -19.24
C GLN J 97 -69.98 -106.73 -18.33
N HIS J 98 -69.97 -105.51 -18.88
CA HIS J 98 -70.24 -104.35 -18.06
C HIS J 98 -71.67 -104.39 -17.54
N VAL J 99 -71.89 -103.82 -16.35
CA VAL J 99 -73.24 -103.63 -15.86
C VAL J 99 -73.89 -102.47 -16.61
N ARG J 100 -75.21 -102.38 -16.51
CA ARG J 100 -75.97 -101.36 -17.20
C ARG J 100 -76.65 -100.47 -16.17
N LYS J 101 -76.26 -99.21 -16.13
CA LYS J 101 -76.79 -98.25 -15.17
C LYS J 101 -77.87 -97.41 -15.85
N LEU J 102 -79.03 -97.33 -15.20
CA LEU J 102 -80.14 -96.51 -15.68
C LEU J 102 -80.49 -95.48 -14.61
N ARG J 103 -80.72 -94.25 -15.05
CA ARG J 103 -81.03 -93.17 -14.12
C ARG J 103 -82.34 -93.45 -13.39
N ALA J 104 -82.38 -93.05 -12.12
CA ALA J 104 -83.56 -93.33 -11.31
C ALA J 104 -84.79 -92.62 -11.84
N SER J 105 -84.61 -91.45 -12.46
CA SER J 105 -85.74 -90.69 -12.98
C SER J 105 -86.38 -91.33 -14.20
N ILE J 106 -85.75 -92.33 -14.80
CA ILE J 106 -86.25 -92.97 -16.00
C ILE J 106 -86.82 -94.33 -15.65
N THR J 107 -88.11 -94.51 -15.93
CA THR J 107 -88.80 -95.78 -15.81
C THR J 107 -89.65 -95.94 -17.07
N PRO J 108 -90.08 -97.16 -17.40
CA PRO J 108 -90.98 -97.32 -18.54
C PRO J 108 -92.23 -96.48 -18.40
N GLY J 109 -92.60 -95.81 -19.49
CA GLY J 109 -93.70 -94.89 -19.52
C GLY J 109 -93.30 -93.43 -19.49
N THR J 110 -92.03 -93.13 -19.21
CA THR J 110 -91.58 -91.75 -19.08
C THR J 110 -91.42 -91.11 -20.44
N ILE J 111 -91.81 -89.84 -20.53
CA ILE J 111 -91.66 -89.06 -21.76
C ILE J 111 -90.28 -88.39 -21.72
N LEU J 112 -89.36 -88.90 -22.53
CA LEU J 112 -88.03 -88.31 -22.65
C LEU J 112 -88.01 -87.28 -23.77
N ILE J 113 -86.96 -86.48 -23.79
CA ILE J 113 -86.74 -85.46 -24.81
C ILE J 113 -85.42 -85.76 -25.50
N ILE J 114 -85.46 -85.97 -26.81
CA ILE J 114 -84.25 -86.34 -27.53
C ILE J 114 -83.37 -85.11 -27.72
N LEU J 115 -82.17 -85.15 -27.15
CA LEU J 115 -81.27 -84.01 -27.22
C LEU J 115 -80.37 -84.00 -28.44
N THR J 116 -80.19 -85.14 -29.10
CA THR J 116 -79.16 -85.29 -30.11
C THR J 116 -79.68 -86.13 -31.26
N GLY J 117 -79.26 -85.79 -32.47
CA GLY J 117 -79.64 -86.54 -33.64
C GLY J 117 -80.51 -85.72 -34.56
N ARG J 118 -81.16 -86.41 -35.49
CA ARG J 118 -82.08 -85.74 -36.40
C ARG J 118 -83.46 -85.53 -35.79
N HIS J 119 -83.68 -86.01 -34.57
CA HIS J 119 -84.96 -85.89 -33.88
C HIS J 119 -84.84 -85.00 -32.65
N ARG J 120 -84.12 -83.88 -32.79
CA ARG J 120 -83.92 -82.96 -31.68
C ARG J 120 -85.25 -82.41 -31.18
N GLY J 121 -85.36 -82.27 -29.87
CA GLY J 121 -86.52 -81.66 -29.26
C GLY J 121 -87.73 -82.57 -29.20
N LYS J 122 -87.73 -83.63 -30.01
CA LYS J 122 -88.88 -84.52 -30.06
C LYS J 122 -89.05 -85.25 -28.73
N ARG J 123 -90.28 -85.29 -28.23
CA ARG J 123 -90.59 -85.93 -26.97
C ARG J 123 -91.07 -87.36 -27.26
N VAL J 124 -90.22 -88.33 -26.93
CA VAL J 124 -90.48 -89.72 -27.23
C VAL J 124 -90.90 -90.42 -25.94
N VAL J 125 -91.42 -91.64 -26.09
CA VAL J 125 -91.93 -92.42 -24.98
C VAL J 125 -90.97 -93.58 -24.73
N PHE J 126 -90.42 -93.63 -23.52
CA PHE J 126 -89.48 -94.68 -23.16
C PHE J 126 -90.21 -95.98 -22.87
N LEU J 127 -89.63 -97.09 -23.34
CA LEU J 127 -90.24 -98.40 -23.17
C LEU J 127 -89.42 -99.31 -22.27
N LYS J 128 -88.16 -99.57 -22.61
CA LYS J 128 -87.32 -100.43 -21.79
C LYS J 128 -85.86 -100.17 -22.14
N GLN J 129 -84.98 -100.61 -21.26
CA GLN J 129 -83.55 -100.48 -21.46
C GLN J 129 -83.01 -101.78 -22.04
N LEU J 130 -82.39 -101.68 -23.21
CA LEU J 130 -81.93 -102.88 -23.91
C LEU J 130 -80.71 -103.47 -23.20
N ALA J 131 -80.27 -104.62 -23.70
CA ALA J 131 -79.17 -105.34 -23.06
C ALA J 131 -77.85 -104.60 -23.17
N SER J 132 -77.72 -103.67 -24.10
CA SER J 132 -76.53 -102.85 -24.23
C SER J 132 -76.64 -101.55 -23.46
N GLY J 133 -77.71 -101.37 -22.69
CA GLY J 133 -77.92 -100.16 -21.93
C GLY J 133 -78.60 -99.06 -22.70
N LEU J 134 -78.71 -99.16 -24.02
CA LEU J 134 -79.39 -98.14 -24.80
C LEU J 134 -80.88 -98.21 -24.57
N LEU J 135 -81.49 -97.05 -24.31
CA LEU J 135 -82.92 -96.94 -24.15
C LEU J 135 -83.64 -97.25 -25.46
N LEU J 136 -84.86 -97.76 -25.33
CA LEU J 136 -85.71 -98.09 -26.46
C LEU J 136 -86.94 -97.19 -26.43
N VAL J 137 -87.02 -96.25 -27.36
CA VAL J 137 -88.11 -95.29 -27.42
C VAL J 137 -88.96 -95.60 -28.65
N THR J 138 -90.20 -95.10 -28.62
CA THR J 138 -91.18 -95.50 -29.62
C THR J 138 -91.73 -94.36 -30.46
N GLY J 139 -91.65 -93.12 -30.02
CA GLY J 139 -92.30 -92.05 -30.72
C GLY J 139 -93.57 -91.57 -30.02
N PRO J 140 -94.73 -92.06 -30.46
CA PRO J 140 -94.97 -93.05 -31.52
C PRO J 140 -94.81 -92.46 -32.90
N LEU J 141 -94.75 -93.32 -33.92
CA LEU J 141 -94.45 -92.84 -35.28
C LEU J 141 -95.53 -91.90 -35.79
N VAL J 142 -96.80 -92.24 -35.56
CA VAL J 142 -97.90 -91.43 -36.09
C VAL J 142 -97.98 -90.06 -35.43
N LEU J 143 -97.31 -89.85 -34.30
CA LEU J 143 -97.38 -88.58 -33.60
C LEU J 143 -96.20 -87.66 -33.90
N ASN J 144 -94.99 -88.19 -33.94
CA ASN J 144 -93.84 -87.32 -34.16
C ASN J 144 -92.80 -87.95 -35.08
N ARG J 145 -93.20 -88.85 -35.97
CA ARG J 145 -92.34 -89.43 -37.00
C ARG J 145 -91.14 -90.17 -36.42
N VAL J 146 -91.25 -90.66 -35.19
CA VAL J 146 -90.17 -91.39 -34.55
C VAL J 146 -90.58 -92.86 -34.48
N PRO J 147 -89.87 -93.75 -35.13
CA PRO J 147 -90.20 -95.17 -35.02
C PRO J 147 -89.60 -95.78 -33.76
N LEU J 148 -89.75 -97.10 -33.61
CA LEU J 148 -89.10 -97.82 -32.53
C LEU J 148 -87.60 -97.74 -32.74
N ARG J 149 -86.91 -97.04 -31.85
CA ARG J 149 -85.54 -96.64 -32.08
C ARG J 149 -84.76 -96.63 -30.77
N ARG J 150 -83.51 -97.03 -30.85
CA ARG J 150 -82.62 -96.90 -29.70
C ARG J 150 -82.18 -95.45 -29.52
N THR J 151 -81.78 -95.14 -28.30
CA THR J 151 -81.21 -93.85 -27.99
C THR J 151 -80.41 -94.01 -26.71
N HIS J 152 -79.55 -93.03 -26.42
CA HIS J 152 -78.66 -93.15 -25.28
C HIS J 152 -79.20 -92.35 -24.10
N GLN J 153 -79.01 -92.90 -22.89
CA GLN J 153 -79.54 -92.27 -21.69
C GLN J 153 -78.84 -90.94 -21.40
N LYS J 154 -77.60 -90.77 -21.86
CA LYS J 154 -76.89 -89.54 -21.58
C LYS J 154 -77.46 -88.38 -22.37
N PHE J 155 -78.05 -88.65 -23.54
CA PHE J 155 -78.52 -87.61 -24.44
C PHE J 155 -80.04 -87.45 -24.41
N VAL J 156 -80.67 -87.75 -23.29
CA VAL J 156 -82.12 -87.60 -23.16
C VAL J 156 -82.43 -86.87 -21.86
N ILE J 157 -83.56 -86.19 -21.85
CA ILE J 157 -84.04 -85.47 -20.66
C ILE J 157 -85.33 -86.14 -20.22
N ALA J 158 -85.35 -86.63 -18.99
CA ALA J 158 -86.53 -87.30 -18.46
C ALA J 158 -87.40 -86.26 -17.76
N THR J 159 -88.54 -85.95 -18.37
CA THR J 159 -89.53 -85.13 -17.69
C THR J 159 -90.32 -85.98 -16.70
N SER J 160 -91.16 -85.32 -15.92
CA SER J 160 -91.97 -86.02 -14.93
C SER J 160 -93.20 -86.69 -15.53
N THR J 161 -93.47 -86.47 -16.81
CA THR J 161 -94.64 -87.06 -17.44
C THR J 161 -94.44 -88.55 -17.62
N LYS J 162 -95.47 -89.33 -17.27
CA LYS J 162 -95.42 -90.78 -17.42
C LYS J 162 -96.80 -91.29 -17.79
N ILE J 163 -96.82 -92.45 -18.44
CA ILE J 163 -98.04 -93.17 -18.76
C ILE J 163 -97.93 -94.58 -18.22
N ASP J 164 -99.08 -95.21 -18.02
CA ASP J 164 -99.15 -96.54 -17.41
C ASP J 164 -99.04 -97.59 -18.51
N ILE J 165 -97.80 -97.95 -18.86
CA ILE J 165 -97.57 -98.93 -19.91
C ILE J 165 -97.13 -100.24 -19.27
N SER J 166 -97.55 -100.46 -18.02
CA SER J 166 -97.13 -101.66 -17.30
C SER J 166 -97.64 -102.94 -17.95
N ASN J 167 -98.67 -102.88 -18.78
CA ASN J 167 -99.27 -104.07 -19.37
C ASN J 167 -99.06 -104.18 -20.88
N VAL J 168 -98.08 -103.49 -21.43
CA VAL J 168 -97.77 -103.62 -22.85
C VAL J 168 -96.74 -104.71 -23.04
N LYS J 169 -96.79 -105.38 -24.19
CA LYS J 169 -95.95 -106.53 -24.48
C LYS J 169 -95.03 -106.17 -25.63
N ILE J 170 -93.81 -105.77 -25.30
CA ILE J 170 -92.77 -105.52 -26.30
C ILE J 170 -92.42 -106.85 -26.98
N PRO J 171 -92.33 -106.90 -28.31
CA PRO J 171 -91.98 -108.16 -28.98
C PRO J 171 -90.63 -108.69 -28.54
N LYS J 172 -90.54 -110.01 -28.46
CA LYS J 172 -89.37 -110.68 -27.88
C LYS J 172 -88.14 -110.61 -28.77
N HIS J 173 -88.28 -110.15 -30.00
CA HIS J 173 -87.16 -110.06 -30.93
C HIS J 173 -86.59 -108.65 -31.01
N LEU J 174 -86.96 -107.77 -30.09
CA LEU J 174 -86.51 -106.38 -30.13
C LEU J 174 -85.24 -106.21 -29.30
N THR J 175 -84.13 -106.64 -29.88
CA THR J 175 -82.85 -106.60 -29.22
C THR J 175 -81.91 -105.61 -29.91
N ASP J 176 -80.74 -105.42 -29.30
CA ASP J 176 -79.70 -104.62 -29.94
C ASP J 176 -79.27 -105.23 -31.26
N ALA J 177 -79.27 -106.56 -31.37
CA ALA J 177 -79.04 -107.19 -32.65
C ALA J 177 -80.10 -106.81 -33.65
N TYR J 178 -81.35 -106.69 -33.20
CA TYR J 178 -82.44 -106.28 -34.08
C TYR J 178 -82.24 -104.86 -34.58
N PHE J 179 -81.82 -103.95 -33.71
CA PHE J 179 -81.71 -102.54 -34.10
C PHE J 179 -80.34 -102.16 -34.63
N LYS J 180 -79.40 -103.09 -34.68
CA LYS J 180 -78.03 -102.76 -35.09
C LYS J 180 -77.98 -102.40 -36.57
N LYS J 181 -77.13 -101.42 -36.90
CA LYS J 181 -76.97 -101.00 -38.29
C LYS J 181 -76.39 -102.14 -39.12
N LYS J 182 -76.87 -102.25 -40.36
CA LYS J 182 -76.46 -103.32 -41.27
C LYS J 182 -75.99 -102.72 -42.58
N LYS J 183 -74.84 -103.16 -43.07
CA LYS J 183 -74.37 -102.75 -44.39
C LYS J 183 -73.31 -103.72 -44.88
N LEU J 184 -73.44 -104.15 -46.13
CA LEU J 184 -72.43 -104.96 -46.82
C LEU J 184 -71.89 -104.11 -47.97
N ARG J 185 -70.72 -103.51 -47.77
CA ARG J 185 -70.11 -102.66 -48.78
C ARG J 185 -68.60 -102.88 -48.78
N LYS J 186 -68.02 -102.90 -49.97
CA LYS J 186 -66.58 -103.08 -50.17
C LYS J 186 -66.01 -104.28 -49.43
N PRO J 187 -66.52 -105.51 -49.69
CA PRO J 187 -65.94 -106.70 -49.04
C PRO J 187 -64.52 -106.97 -49.52
N ARG J 188 -64.37 -107.07 -50.83
CA ARG J 188 -63.09 -107.34 -51.46
C ARG J 188 -62.52 -106.12 -52.17
N HIS J 189 -63.24 -105.00 -52.19
CA HIS J 189 -62.80 -103.81 -52.89
C HIS J 189 -61.91 -103.00 -51.96
N GLN J 190 -60.68 -102.73 -52.41
CA GLN J 190 -59.72 -101.96 -51.62
C GLN J 190 -59.32 -100.65 -52.26
N GLU J 191 -59.68 -100.43 -53.53
CA GLU J 191 -59.34 -99.19 -54.24
C GLU J 191 -60.60 -98.80 -55.03
N GLY J 192 -61.39 -97.89 -54.47
CA GLY J 192 -62.66 -97.53 -55.05
C GLY J 192 -62.58 -96.91 -56.42
N GLU J 193 -62.94 -97.68 -57.44
CA GLU J 193 -62.97 -97.21 -58.82
C GLU J 193 -64.33 -97.40 -59.47
N ILE J 194 -64.98 -98.54 -59.22
CA ILE J 194 -66.39 -98.69 -59.54
C ILE J 194 -67.19 -97.99 -58.45
N PHE J 195 -67.90 -96.93 -58.82
CA PHE J 195 -68.55 -96.08 -57.84
C PHE J 195 -69.68 -96.84 -57.16
N ASP J 196 -69.63 -96.89 -55.83
CA ASP J 196 -70.65 -97.60 -55.05
C ASP J 196 -71.83 -96.69 -54.70
N THR J 197 -72.39 -96.05 -55.73
CA THR J 197 -73.61 -95.27 -55.54
C THR J 197 -74.82 -96.17 -55.30
N GLU J 198 -74.73 -97.45 -55.64
CA GLU J 198 -75.80 -98.41 -55.41
C GLU J 198 -75.76 -98.87 -53.96
N LYS J 199 -76.91 -99.36 -53.49
CA LYS J 199 -77.07 -99.97 -52.16
C LYS J 199 -76.75 -99.02 -51.02
N GLU J 200 -76.77 -97.71 -51.29
CA GLU J 200 -76.46 -96.74 -50.25
C GLU J 200 -77.69 -96.36 -49.45
N LYS J 201 -78.88 -96.47 -50.03
CA LYS J 201 -80.09 -96.05 -49.34
C LYS J 201 -80.59 -97.15 -48.42
N TYR J 202 -80.80 -96.80 -47.15
CA TYR J 202 -81.39 -97.72 -46.19
C TYR J 202 -82.89 -97.82 -46.45
N GLU J 203 -83.42 -99.02 -46.32
CA GLU J 203 -84.84 -99.25 -46.59
C GLU J 203 -85.49 -99.89 -45.36
N ILE J 204 -86.76 -99.53 -45.16
CA ILE J 204 -87.50 -99.97 -43.97
C ILE J 204 -87.94 -101.41 -44.17
N THR J 205 -87.65 -102.24 -43.16
CA THR J 205 -88.05 -103.64 -43.21
C THR J 205 -89.55 -103.78 -43.00
N GLU J 206 -90.17 -104.70 -43.74
CA GLU J 206 -91.57 -105.01 -43.53
C GLU J 206 -91.81 -105.50 -42.11
N GLN J 207 -90.86 -106.23 -41.54
CA GLN J 207 -90.97 -106.61 -40.13
C GLN J 207 -90.95 -105.38 -39.24
N ARG J 208 -90.14 -104.38 -39.58
CA ARG J 208 -90.12 -103.16 -38.78
C ARG J 208 -91.47 -102.46 -38.84
N LYS J 209 -92.09 -102.42 -40.01
CA LYS J 209 -93.44 -101.85 -40.11
C LYS J 209 -94.44 -102.66 -39.28
N ILE J 210 -94.33 -103.98 -39.31
CA ILE J 210 -95.22 -104.84 -38.54
C ILE J 210 -95.06 -104.55 -37.05
N ASP J 211 -93.83 -104.49 -36.58
CA ASP J 211 -93.58 -104.28 -35.15
C ASP J 211 -93.99 -102.89 -34.71
N GLN J 212 -93.77 -101.88 -35.56
CA GLN J 212 -94.25 -100.54 -35.25
C GLN J 212 -95.76 -100.53 -35.11
N LYS J 213 -96.46 -101.20 -36.02
CA LYS J 213 -97.92 -101.30 -35.90
C LYS J 213 -98.31 -101.97 -34.58
N ALA J 214 -97.64 -103.09 -34.25
CA ALA J 214 -98.01 -103.85 -33.05
C ALA J 214 -97.81 -103.03 -31.79
N VAL J 215 -96.69 -102.32 -31.68
CA VAL J 215 -96.42 -101.54 -30.47
C VAL J 215 -97.35 -100.33 -30.40
N ASP J 216 -97.49 -99.61 -31.51
CA ASP J 216 -98.28 -98.39 -31.48
C ASP J 216 -99.76 -98.67 -31.26
N SER J 217 -100.26 -99.82 -31.70
CA SER J 217 -101.67 -100.15 -31.50
C SER J 217 -102.01 -100.22 -30.01
N GLN J 218 -101.10 -100.73 -29.19
CA GLN J 218 -101.33 -100.84 -27.76
C GLN J 218 -100.73 -99.67 -26.98
N ILE J 219 -99.99 -98.79 -27.62
CA ILE J 219 -99.48 -97.59 -26.95
C ILE J 219 -100.40 -96.40 -27.10
N LEU J 220 -100.95 -96.19 -28.30
CA LEU J 220 -101.74 -95.00 -28.56
C LEU J 220 -102.95 -94.80 -27.64
N PRO J 221 -103.75 -95.82 -27.30
CA PRO J 221 -104.89 -95.57 -26.40
C PRO J 221 -104.50 -95.01 -25.04
N LYS J 222 -103.35 -95.39 -24.49
CA LYS J 222 -102.91 -94.81 -23.22
C LYS J 222 -102.62 -93.33 -23.39
N ILE J 223 -102.04 -92.94 -24.52
CA ILE J 223 -101.72 -91.54 -24.77
C ILE J 223 -103.00 -90.73 -25.00
N LYS J 224 -103.96 -91.31 -25.71
CA LYS J 224 -105.23 -90.62 -25.93
C LYS J 224 -106.00 -90.43 -24.63
N ALA J 225 -105.77 -91.31 -23.65
CA ALA J 225 -106.47 -91.19 -22.37
C ALA J 225 -106.10 -89.90 -21.65
N ILE J 226 -104.84 -89.51 -21.70
CA ILE J 226 -104.40 -88.27 -21.07
C ILE J 226 -104.73 -87.10 -21.98
N PRO J 227 -105.43 -86.07 -21.49
CA PRO J 227 -105.82 -84.96 -22.36
C PRO J 227 -104.62 -84.24 -22.97
N GLN J 228 -104.70 -84.03 -24.29
CA GLN J 228 -103.73 -83.26 -25.10
C GLN J 228 -102.27 -83.71 -24.91
N LEU J 229 -102.08 -84.92 -24.41
CA LEU J 229 -100.73 -85.47 -24.33
C LEU J 229 -100.17 -85.73 -25.73
N GLN J 230 -101.02 -86.10 -26.68
CA GLN J 230 -100.57 -86.27 -28.04
C GLN J 230 -100.07 -84.96 -28.63
N GLY J 231 -100.75 -83.85 -28.34
CA GLY J 231 -100.27 -82.56 -28.77
C GLY J 231 -98.96 -82.18 -28.09
N TYR J 232 -98.81 -82.53 -26.82
CA TYR J 232 -97.53 -82.32 -26.15
C TYR J 232 -96.42 -83.08 -26.85
N LEU J 233 -96.68 -84.32 -27.24
CA LEU J 233 -95.68 -85.09 -27.98
C LEU J 233 -95.40 -84.49 -29.35
N ARG J 234 -96.44 -84.01 -30.03
CA ARG J 234 -96.26 -83.46 -31.37
C ARG J 234 -95.40 -82.21 -31.33
N SER J 235 -95.57 -81.36 -30.34
CA SER J 235 -94.73 -80.17 -30.22
C SER J 235 -93.31 -80.55 -29.85
N VAL J 236 -92.35 -79.84 -30.43
CA VAL J 236 -90.95 -80.06 -30.13
C VAL J 236 -90.57 -79.22 -28.92
N PHE J 237 -89.43 -79.54 -28.33
CA PHE J 237 -88.93 -78.80 -27.19
C PHE J 237 -87.96 -77.72 -27.65
N ALA J 238 -88.00 -76.57 -26.99
CA ALA J 238 -87.18 -75.44 -27.37
C ALA J 238 -86.78 -74.66 -26.13
N LEU J 239 -85.96 -73.63 -26.35
CA LEU J 239 -85.50 -72.75 -25.28
C LEU J 239 -85.89 -71.33 -25.64
N THR J 240 -86.99 -70.86 -25.06
CA THR J 240 -87.43 -69.49 -25.24
C THR J 240 -86.42 -68.55 -24.58
N ASN J 241 -86.34 -67.32 -25.10
CA ASN J 241 -85.31 -66.37 -24.68
C ASN J 241 -85.36 -66.06 -23.19
N GLY J 242 -86.49 -66.28 -22.52
CA GLY J 242 -86.56 -66.01 -21.10
C GLY J 242 -86.47 -67.25 -20.25
N ILE J 243 -86.00 -68.36 -20.84
CA ILE J 243 -86.02 -69.66 -20.20
C ILE J 243 -84.59 -70.10 -19.92
N TYR J 244 -84.34 -70.60 -18.72
CA TYR J 244 -83.02 -71.08 -18.32
C TYR J 244 -83.15 -72.48 -17.76
N PRO J 245 -82.43 -73.46 -18.33
CA PRO J 245 -82.68 -74.87 -17.97
C PRO J 245 -82.31 -75.24 -16.55
N HIS J 246 -81.46 -74.47 -15.88
CA HIS J 246 -81.17 -74.79 -14.49
C HIS J 246 -82.35 -74.45 -13.60
N LYS J 247 -83.07 -73.38 -13.91
CA LYS J 247 -84.32 -73.08 -13.23
C LYS J 247 -85.48 -73.90 -13.76
N LEU J 248 -85.34 -74.50 -14.93
CA LEU J 248 -86.41 -75.34 -15.47
C LEU J 248 -86.67 -76.54 -14.59
N VAL J 249 -87.95 -76.85 -14.41
CA VAL J 249 -88.39 -78.07 -13.74
C VAL J 249 -89.05 -78.95 -14.79
N PHE J 250 -88.49 -80.13 -15.00
CA PHE J 250 -89.04 -81.04 -16.00
C PHE J 250 -90.00 -82.03 -15.37
N ASN K 1 -36.25 -139.72 -10.22
CA ASN K 1 -37.23 -139.68 -9.14
C ASN K 1 -37.95 -138.32 -9.07
N PHE K 2 -38.84 -138.09 -10.03
CA PHE K 2 -39.57 -136.82 -10.08
C PHE K 2 -40.63 -136.77 -8.99
N ALA K 3 -41.21 -137.91 -8.63
CA ALA K 3 -42.32 -137.93 -7.68
C ALA K 3 -41.89 -137.48 -6.30
N GLU K 4 -40.69 -137.88 -5.87
CA GLU K 4 -40.19 -137.47 -4.56
C GLU K 4 -40.00 -135.97 -4.50
N LEU K 5 -39.47 -135.37 -5.56
CA LEU K 5 -39.37 -133.92 -5.63
C LEU K 5 -40.75 -133.26 -5.60
N LYS K 6 -41.72 -133.86 -6.31
CA LYS K 6 -43.07 -133.31 -6.30
C LYS K 6 -43.64 -133.26 -4.88
N ILE K 7 -43.50 -134.36 -4.15
CA ILE K 7 -44.02 -134.43 -2.79
C ILE K 7 -43.31 -133.43 -1.89
N LYS K 8 -41.98 -133.32 -2.02
CA LYS K 8 -41.24 -132.37 -1.20
C LYS K 8 -41.67 -130.94 -1.47
N ARG K 9 -41.82 -130.58 -2.75
CA ARG K 9 -42.25 -129.24 -3.11
C ARG K 9 -43.64 -128.94 -2.56
N LEU K 10 -44.56 -129.89 -2.71
CA LEU K 10 -45.92 -129.67 -2.23
C LEU K 10 -45.95 -129.50 -0.73
N ARG K 11 -45.18 -130.31 0.01
CA ARG K 11 -45.22 -130.17 1.46
C ARG K 11 -44.56 -128.87 1.91
N LYS K 12 -43.49 -128.44 1.25
CA LYS K 12 -42.88 -127.16 1.60
C LYS K 12 -43.86 -126.01 1.40
N LYS K 13 -44.50 -125.97 0.24
CA LYS K 13 -45.45 -124.90 -0.04
C LYS K 13 -46.64 -124.96 0.90
N PHE K 14 -47.11 -126.17 1.23
CA PHE K 14 -48.19 -126.31 2.18
C PHE K 14 -47.80 -125.81 3.57
N ALA K 15 -46.58 -126.11 4.01
CA ALA K 15 -46.15 -125.69 5.34
C ALA K 15 -46.07 -124.18 5.44
N GLN K 16 -45.50 -123.53 4.44
CA GLN K 16 -45.48 -122.08 4.53
C GLN K 16 -46.85 -121.47 4.31
N LYS K 17 -47.77 -122.15 3.62
CA LYS K 17 -49.15 -121.71 3.58
C LYS K 17 -49.81 -121.75 4.95
N MET K 18 -49.57 -122.83 5.70
CA MET K 18 -50.10 -122.91 7.06
C MET K 18 -49.52 -121.82 7.95
N LEU K 19 -48.22 -121.55 7.81
CA LEU K 19 -47.62 -120.46 8.57
C LEU K 19 -48.25 -119.12 8.21
N ARG K 20 -48.55 -118.91 6.91
CA ARG K 20 -49.18 -117.67 6.50
C ARG K 20 -50.57 -117.51 7.11
N LYS K 21 -51.35 -118.60 7.14
CA LYS K 21 -52.67 -118.54 7.76
C LYS K 21 -52.55 -118.23 9.25
N ALA K 22 -51.57 -118.84 9.91
CA ALA K 22 -51.35 -118.53 11.32
C ALA K 22 -51.03 -117.05 11.53
N ARG K 23 -50.18 -116.50 10.66
CA ARG K 23 -49.82 -115.08 10.78
C ARG K 23 -51.04 -114.18 10.59
N ARG K 24 -51.88 -114.50 9.60
CA ARG K 24 -53.06 -113.69 9.35
C ARG K 24 -54.01 -113.71 10.54
N LYS K 25 -54.25 -114.91 11.10
CA LYS K 25 -55.09 -114.98 12.30
C LYS K 25 -54.47 -114.23 13.46
N LEU K 26 -53.15 -114.30 13.58
CA LEU K 26 -52.45 -113.59 14.67
C LEU K 26 -52.70 -112.09 14.59
N ILE K 27 -52.50 -111.50 13.41
CA ILE K 27 -52.70 -110.05 13.31
C ILE K 27 -54.17 -109.68 13.42
N TYR K 28 -55.09 -110.56 12.98
CA TYR K 28 -56.51 -110.30 13.16
C TYR K 28 -56.86 -110.19 14.64
N GLU K 29 -56.46 -111.18 15.43
CA GLU K 29 -56.77 -111.15 16.85
C GLU K 29 -56.04 -110.03 17.57
N LYS K 30 -54.83 -109.66 17.11
CA LYS K 30 -54.15 -108.53 17.70
C LYS K 30 -54.92 -107.24 17.48
N ALA K 31 -55.45 -107.03 16.28
CA ALA K 31 -56.26 -105.85 16.04
C ALA K 31 -57.53 -105.85 16.87
N LYS K 32 -58.14 -107.02 17.06
CA LYS K 32 -59.30 -107.12 17.94
C LYS K 32 -58.95 -106.68 19.35
N HIS K 33 -57.82 -107.17 19.85
CA HIS K 33 -57.37 -106.80 21.19
C HIS K 33 -57.09 -105.31 21.30
N TYR K 34 -56.49 -104.72 20.27
CA TYR K 34 -56.22 -103.29 20.28
C TYR K 34 -57.50 -102.48 20.26
N HIS K 35 -58.51 -102.92 19.51
CA HIS K 35 -59.80 -102.24 19.51
C HIS K 35 -60.40 -102.24 20.92
N LYS K 36 -60.35 -103.39 21.59
CA LYS K 36 -60.86 -103.44 22.96
C LYS K 36 -60.08 -102.51 23.87
N GLU K 37 -58.75 -102.49 23.73
CA GLU K 37 -57.91 -101.66 24.60
C GLU K 37 -58.20 -100.17 24.39
N TYR K 38 -58.39 -99.76 23.14
CA TYR K 38 -58.73 -98.37 22.85
C TYR K 38 -60.04 -97.98 23.49
N ARG K 39 -61.08 -98.80 23.32
CA ARG K 39 -62.36 -98.42 23.89
C ARG K 39 -62.31 -98.42 25.40
N GLN K 40 -61.49 -99.30 25.99
CA GLN K 40 -61.31 -99.27 27.44
C GLN K 40 -60.69 -97.96 27.90
N MET K 41 -59.66 -97.48 27.19
CA MET K 41 -59.04 -96.21 27.56
C MET K 41 -60.04 -95.06 27.47
N TYR K 42 -60.80 -95.03 26.38
CA TYR K 42 -61.76 -93.95 26.17
C TYR K 42 -62.83 -93.94 27.26
N ARG K 43 -63.46 -95.09 27.51
CA ARG K 43 -64.50 -95.17 28.53
C ARG K 43 -63.93 -94.90 29.92
N THR K 44 -62.68 -95.31 30.17
CA THR K 44 -62.08 -95.08 31.48
C THR K 44 -61.87 -93.58 31.74
N GLU K 45 -61.38 -92.85 30.72
CA GLU K 45 -61.23 -91.40 30.91
C GLU K 45 -62.57 -90.75 31.19
N ILE K 46 -63.60 -91.14 30.43
CA ILE K 46 -64.94 -90.60 30.67
C ILE K 46 -65.41 -90.91 32.09
N ARG K 47 -65.21 -92.15 32.53
CA ARG K 47 -65.69 -92.57 33.84
C ARG K 47 -64.94 -91.86 34.96
N MET K 48 -63.65 -91.63 34.79
CA MET K 48 -62.88 -90.91 35.79
C MET K 48 -63.40 -89.48 35.95
N ALA K 49 -63.66 -88.82 34.83
CA ALA K 49 -64.25 -87.49 34.91
C ALA K 49 -65.60 -87.54 35.62
N ARG K 50 -66.41 -88.57 35.32
CA ARG K 50 -67.74 -88.67 35.92
C ARG K 50 -67.66 -88.84 37.44
N MET K 51 -66.81 -89.75 37.90
CA MET K 51 -66.72 -90.00 39.34
C MET K 51 -66.17 -88.79 40.07
N ALA K 52 -65.21 -88.07 39.48
CA ALA K 52 -64.74 -86.85 40.11
C ALA K 52 -65.85 -85.81 40.20
N ARG K 53 -66.65 -85.68 39.14
CA ARG K 53 -67.74 -84.71 39.19
C ARG K 53 -68.76 -85.07 40.26
N LYS K 54 -69.09 -86.36 40.40
CA LYS K 54 -70.03 -86.76 41.44
C LYS K 54 -69.45 -86.50 42.82
N ALA K 55 -68.16 -86.74 43.02
CA ALA K 55 -67.52 -86.46 44.28
C ALA K 55 -67.37 -84.96 44.53
N GLY K 56 -67.46 -84.14 43.50
CA GLY K 56 -67.30 -82.70 43.64
C GLY K 56 -65.90 -82.17 43.39
N ASN K 57 -64.95 -83.05 43.10
CA ASN K 57 -63.58 -82.65 42.84
C ASN K 57 -63.37 -82.51 41.33
N PHE K 58 -62.12 -82.34 40.91
CA PHE K 58 -61.76 -82.20 39.52
C PHE K 58 -60.80 -83.30 39.14
N TYR K 59 -61.11 -84.03 38.06
CA TYR K 59 -60.21 -85.05 37.54
C TYR K 59 -59.34 -84.41 36.47
N VAL K 60 -58.09 -84.11 36.82
CA VAL K 60 -57.13 -83.64 35.84
C VAL K 60 -56.83 -84.81 34.92
N PRO K 61 -57.06 -84.68 33.61
CA PRO K 61 -56.70 -85.77 32.71
C PRO K 61 -55.19 -85.94 32.65
N ALA K 62 -54.76 -87.14 32.31
CA ALA K 62 -53.35 -87.39 32.09
C ALA K 62 -52.85 -86.49 30.97
N GLU K 63 -51.71 -85.86 31.19
CA GLU K 63 -51.16 -84.97 30.17
C GLU K 63 -50.83 -85.79 28.92
N PRO K 64 -51.12 -85.25 27.74
CA PRO K 64 -50.87 -86.01 26.51
C PRO K 64 -49.38 -86.30 26.34
N LYS K 65 -49.09 -87.51 25.88
CA LYS K 65 -47.70 -87.93 25.68
C LYS K 65 -47.32 -88.03 24.21
N LEU K 66 -48.25 -87.78 23.30
CA LEU K 66 -47.97 -87.87 21.88
C LEU K 66 -48.44 -86.59 21.21
N ALA K 67 -47.57 -85.97 20.42
CA ALA K 67 -47.92 -84.76 19.70
C ALA K 67 -47.64 -84.95 18.23
N PHE K 68 -48.43 -84.28 17.40
CA PHE K 68 -48.17 -84.21 15.96
C PHE K 68 -47.74 -82.80 15.63
N VAL K 69 -46.64 -82.69 14.90
CA VAL K 69 -45.99 -81.41 14.61
C VAL K 69 -45.91 -81.26 13.11
N ILE K 70 -46.41 -80.13 12.60
CA ILE K 70 -46.46 -79.84 11.17
C ILE K 70 -45.71 -78.53 10.93
N ARG K 71 -44.71 -78.56 10.06
CA ARG K 71 -44.04 -77.34 9.68
C ARG K 71 -44.96 -76.50 8.80
N ILE K 72 -45.01 -75.19 9.04
CA ILE K 72 -45.92 -74.35 8.28
C ILE K 72 -45.17 -73.34 7.43
N ARG K 73 -43.99 -72.92 7.88
CA ARG K 73 -43.24 -71.89 7.17
C ARG K 73 -42.24 -72.52 6.21
N GLY K 74 -41.69 -71.69 5.34
CA GLY K 74 -40.79 -72.12 4.30
C GLY K 74 -39.34 -72.15 4.74
N ILE K 75 -38.46 -72.43 3.79
CA ILE K 75 -37.06 -72.67 4.06
C ILE K 75 -36.22 -71.41 3.85
N ASN K 76 -36.84 -70.25 3.78
CA ASN K 76 -36.14 -69.01 3.51
C ASN K 76 -35.96 -68.21 4.79
N GLY K 77 -34.75 -67.72 5.02
CA GLY K 77 -34.47 -66.80 6.11
C GLY K 77 -34.73 -67.36 7.48
N VAL K 78 -34.26 -68.58 7.73
CA VAL K 78 -34.45 -69.27 8.99
C VAL K 78 -33.18 -69.14 9.82
N SER K 79 -33.32 -68.73 11.08
CA SER K 79 -32.16 -68.61 11.95
C SER K 79 -31.56 -69.98 12.19
N PRO K 80 -30.24 -70.07 12.37
CA PRO K 80 -29.58 -71.39 12.38
C PRO K 80 -30.02 -72.29 13.52
N LYS K 81 -30.35 -71.76 14.70
CA LYS K 81 -30.87 -72.61 15.77
C LYS K 81 -32.19 -73.25 15.37
N VAL K 82 -33.10 -72.46 14.79
CA VAL K 82 -34.38 -72.97 14.36
C VAL K 82 -34.20 -73.98 13.23
N ARG K 83 -33.27 -73.71 12.32
CA ARG K 83 -32.99 -74.65 11.24
C ARG K 83 -32.50 -75.97 11.79
N LYS K 84 -31.60 -75.94 12.77
CA LYS K 84 -31.10 -77.18 13.37
C LYS K 84 -32.22 -77.95 14.06
N VAL K 85 -33.08 -77.25 14.79
CA VAL K 85 -34.17 -77.92 15.50
C VAL K 85 -35.14 -78.56 14.52
N LEU K 86 -35.47 -77.85 13.43
CA LEU K 86 -36.37 -78.43 12.45
C LEU K 86 -35.74 -79.64 11.76
N GLN K 87 -34.44 -79.58 11.48
CA GLN K 87 -33.77 -80.75 10.91
C GLN K 87 -33.80 -81.93 11.87
N LEU K 88 -33.62 -81.66 13.17
CA LEU K 88 -33.70 -82.74 14.15
C LEU K 88 -35.11 -83.28 14.31
N LEU K 89 -36.13 -82.47 14.07
CA LEU K 89 -37.49 -82.95 14.05
C LEU K 89 -37.88 -83.53 12.70
N ARG K 90 -36.95 -83.54 11.74
CA ARG K 90 -37.11 -84.15 10.43
C ARG K 90 -38.13 -83.41 9.56
N LEU K 91 -38.42 -82.16 9.91
CA LEU K 91 -39.30 -81.33 9.10
C LEU K 91 -38.41 -80.41 8.27
N ARG K 92 -37.90 -80.95 7.17
CA ARG K 92 -37.05 -80.21 6.25
C ARG K 92 -37.82 -79.65 5.08
N GLN K 93 -39.15 -79.73 5.10
CA GLN K 93 -39.99 -79.27 4.03
C GLN K 93 -41.24 -78.63 4.63
N ILE K 94 -41.87 -77.76 3.84
CA ILE K 94 -43.09 -77.13 4.31
C ILE K 94 -44.23 -78.15 4.26
N PHE K 95 -45.14 -78.08 5.23
CA PHE K 95 -46.25 -79.01 5.38
C PHE K 95 -45.78 -80.44 5.48
N ASN K 96 -44.69 -80.62 6.20
CA ASN K 96 -44.21 -81.94 6.62
C ASN K 96 -44.57 -82.11 8.08
N GLY K 97 -45.16 -83.25 8.41
CA GLY K 97 -45.54 -83.54 9.76
C GLY K 97 -44.83 -84.74 10.31
N THR K 98 -44.78 -84.84 11.63
CA THR K 98 -44.15 -85.99 12.28
C THR K 98 -44.69 -86.11 13.69
N PHE K 99 -44.53 -87.29 14.26
CA PHE K 99 -45.00 -87.57 15.61
C PHE K 99 -43.85 -87.44 16.59
N VAL K 100 -44.07 -86.67 17.65
CA VAL K 100 -43.06 -86.42 18.67
C VAL K 100 -43.59 -86.95 19.98
N LYS K 101 -42.83 -87.85 20.59
CA LYS K 101 -43.14 -88.27 21.96
C LYS K 101 -42.81 -87.13 22.90
N LEU K 102 -43.74 -86.83 23.80
CA LEU K 102 -43.67 -85.61 24.60
C LEU K 102 -42.88 -85.84 25.87
N ASN K 103 -41.97 -84.91 26.16
CA ASN K 103 -41.22 -84.85 27.40
C ASN K 103 -40.61 -83.46 27.50
N LYS K 104 -39.79 -83.26 28.53
CA LYS K 104 -39.18 -81.94 28.75
C LYS K 104 -38.31 -81.54 27.57
N ALA K 105 -37.48 -82.46 27.09
CA ALA K 105 -36.56 -82.16 26.00
C ALA K 105 -37.31 -81.81 24.72
N SER K 106 -38.28 -82.63 24.34
CA SER K 106 -39.04 -82.37 23.12
C SER K 106 -39.83 -81.08 23.23
N ILE K 107 -40.44 -80.82 24.40
CA ILE K 107 -41.22 -79.61 24.58
C ILE K 107 -40.34 -78.38 24.44
N ASN K 108 -39.16 -78.40 25.06
CA ASN K 108 -38.26 -77.27 24.92
C ASN K 108 -37.65 -77.17 23.54
N MET K 109 -37.67 -78.24 22.75
CA MET K 109 -37.33 -78.10 21.34
C MET K 109 -38.45 -77.43 20.56
N LEU K 110 -39.70 -77.76 20.86
CA LEU K 110 -40.83 -77.15 20.16
C LEU K 110 -40.93 -75.66 20.46
N ARG K 111 -40.60 -75.26 21.69
CA ARG K 111 -40.65 -73.84 22.03
C ARG K 111 -39.69 -73.03 21.17
N ILE K 112 -38.60 -73.65 20.71
CA ILE K 112 -37.65 -72.94 19.85
C ILE K 112 -38.27 -72.63 18.51
N VAL K 113 -39.06 -73.54 17.97
CA VAL K 113 -39.58 -73.43 16.62
C VAL K 113 -41.07 -73.14 16.60
N GLU K 114 -41.62 -72.59 17.68
CA GLU K 114 -43.02 -72.16 17.65
C GLU K 114 -43.39 -71.29 16.45
N PRO K 115 -42.63 -70.26 16.05
CA PRO K 115 -43.05 -69.48 14.88
C PRO K 115 -43.00 -70.25 13.57
N TYR K 116 -42.49 -71.48 13.56
CA TYR K 116 -42.35 -72.24 12.33
C TYR K 116 -43.23 -73.48 12.27
N ILE K 117 -43.83 -73.91 13.38
CA ILE K 117 -44.59 -75.15 13.42
C ILE K 117 -45.96 -74.89 14.01
N ALA K 118 -46.88 -75.80 13.68
CA ALA K 118 -48.18 -75.91 14.30
C ALA K 118 -48.31 -77.34 14.78
N TRP K 119 -48.69 -77.52 16.04
CA TRP K 119 -48.64 -78.85 16.61
C TRP K 119 -49.72 -79.01 17.66
N GLY K 120 -50.03 -80.26 17.96
CA GLY K 120 -51.10 -80.53 18.88
C GLY K 120 -51.17 -81.98 19.27
N TYR K 121 -52.31 -82.38 19.83
CA TYR K 121 -52.50 -83.71 20.37
C TYR K 121 -53.46 -84.49 19.50
N PRO K 122 -52.98 -85.38 18.63
CA PRO K 122 -53.88 -86.08 17.71
C PRO K 122 -54.67 -87.15 18.42
N ASN K 123 -55.83 -87.47 17.85
CA ASN K 123 -56.66 -88.55 18.36
C ASN K 123 -56.52 -89.77 17.46
N LEU K 124 -57.23 -90.84 17.83
CA LEU K 124 -57.05 -92.13 17.17
C LEU K 124 -57.39 -92.07 15.70
N LYS K 125 -58.47 -91.37 15.35
CA LYS K 125 -58.84 -91.25 13.95
C LYS K 125 -57.77 -90.53 13.15
N SER K 126 -57.20 -89.46 13.74
CA SER K 126 -56.13 -88.75 13.06
C SER K 126 -54.92 -89.65 12.82
N VAL K 127 -54.53 -90.41 13.84
CA VAL K 127 -53.38 -91.30 13.67
C VAL K 127 -53.66 -92.35 12.60
N ASN K 128 -54.87 -92.93 12.63
CA ASN K 128 -55.23 -93.93 11.63
C ASN K 128 -55.19 -93.35 10.22
N GLU K 129 -55.79 -92.18 10.04
CA GLU K 129 -55.83 -91.58 8.70
C GLU K 129 -54.43 -91.28 8.20
N LEU K 130 -53.59 -90.70 9.05
CA LEU K 130 -52.25 -90.34 8.60
C LEU K 130 -51.44 -91.57 8.25
N ILE K 131 -51.51 -92.62 9.07
CA ILE K 131 -50.68 -93.79 8.80
C ILE K 131 -51.22 -94.57 7.61
N TYR K 132 -52.54 -94.69 7.47
CA TYR K 132 -53.08 -95.47 6.36
C TYR K 132 -52.93 -94.74 5.04
N LYS K 133 -53.27 -93.46 5.00
CA LYS K 133 -53.30 -92.76 3.72
C LYS K 133 -51.91 -92.34 3.27
N ARG K 134 -51.18 -91.64 4.12
CA ARG K 134 -49.89 -91.06 3.76
C ARG K 134 -48.73 -91.74 4.50
N GLY K 135 -48.92 -92.98 4.90
CA GLY K 135 -47.87 -93.69 5.61
C GLY K 135 -46.87 -94.33 4.67
N TYR K 136 -45.68 -93.75 4.60
CA TYR K 136 -44.57 -94.29 3.83
C TYR K 136 -43.48 -94.72 4.80
N GLY K 137 -42.89 -95.88 4.54
CA GLY K 137 -41.84 -96.41 5.37
C GLY K 137 -40.46 -95.97 4.91
N LYS K 138 -39.47 -96.24 5.75
CA LYS K 138 -38.07 -95.96 5.44
C LYS K 138 -37.33 -97.30 5.44
N ILE K 139 -37.31 -97.94 4.29
CA ILE K 139 -36.73 -99.27 4.13
C ILE K 139 -35.53 -99.15 3.21
N ASN K 140 -34.35 -99.54 3.72
CA ASN K 140 -33.11 -99.49 2.97
C ASN K 140 -32.84 -98.09 2.43
N LYS K 141 -33.13 -97.09 3.28
CA LYS K 141 -32.95 -95.67 2.95
C LYS K 141 -33.78 -95.26 1.74
N LYS K 142 -34.86 -95.98 1.47
CA LYS K 142 -35.78 -95.67 0.39
C LYS K 142 -37.17 -95.46 0.97
N ARG K 143 -37.94 -94.57 0.34
CA ARG K 143 -39.28 -94.24 0.82
C ARG K 143 -40.26 -95.23 0.20
N ILE K 144 -40.24 -96.44 0.75
CA ILE K 144 -41.13 -97.50 0.27
C ILE K 144 -42.51 -97.30 0.86
N ALA K 145 -43.52 -97.27 0.00
CA ALA K 145 -44.89 -97.16 0.47
C ALA K 145 -45.30 -98.41 1.24
N LEU K 146 -46.08 -98.22 2.29
CA LEU K 146 -46.51 -99.32 3.14
C LEU K 146 -47.78 -99.95 2.57
N THR K 147 -47.59 -100.66 1.46
CA THR K 147 -48.68 -101.34 0.78
C THR K 147 -48.89 -102.77 1.24
N ASP K 148 -48.06 -103.26 2.16
CA ASP K 148 -48.18 -104.64 2.62
C ASP K 148 -47.65 -104.75 4.04
N ASN K 149 -48.10 -105.79 4.74
CA ASN K 149 -47.66 -106.01 6.11
C ASN K 149 -46.24 -106.57 6.16
N ALA K 150 -45.80 -107.25 5.10
CA ALA K 150 -44.47 -107.85 5.12
C ALA K 150 -43.38 -106.80 5.23
N LEU K 151 -43.61 -105.62 4.67
CA LEU K 151 -42.63 -104.54 4.77
C LEU K 151 -42.43 -104.12 6.21
N ILE K 152 -43.52 -104.00 6.97
CA ILE K 152 -43.39 -103.66 8.39
C ILE K 152 -42.78 -104.82 9.15
N ALA K 153 -43.16 -106.05 8.79
CA ALA K 153 -42.68 -107.22 9.51
C ALA K 153 -41.17 -107.38 9.37
N ARG K 154 -40.63 -107.11 8.19
CA ARG K 154 -39.19 -107.32 7.98
C ARG K 154 -38.36 -106.30 8.75
N SER K 155 -38.84 -105.06 8.83
CA SER K 155 -38.05 -103.99 9.41
C SER K 155 -38.31 -103.75 10.87
N LEU K 156 -39.45 -104.20 11.40
CA LEU K 156 -39.77 -103.99 12.80
C LEU K 156 -40.15 -105.28 13.52
N GLY K 157 -40.08 -106.42 12.86
CA GLY K 157 -40.37 -107.69 13.51
C GLY K 157 -39.42 -108.02 14.64
N LYS K 158 -38.23 -107.41 14.62
CA LYS K 158 -37.31 -107.56 15.74
C LYS K 158 -37.89 -107.01 17.03
N TYR K 159 -38.72 -105.97 16.93
CA TYR K 159 -39.33 -105.34 18.09
C TYR K 159 -40.76 -105.81 18.30
N GLY K 160 -41.23 -106.79 17.53
CA GLY K 160 -42.55 -107.34 17.70
C GLY K 160 -43.64 -106.64 16.93
N ILE K 161 -43.35 -105.52 16.27
CA ILE K 161 -44.31 -104.83 15.43
C ILE K 161 -44.30 -105.52 14.07
N ILE K 162 -45.44 -106.09 13.69
CA ILE K 162 -45.50 -106.94 12.50
C ILE K 162 -46.48 -106.40 11.47
N CYS K 163 -47.44 -105.59 11.91
CA CYS K 163 -48.46 -105.10 11.01
C CYS K 163 -48.71 -103.62 11.24
N MET K 164 -49.51 -103.03 10.36
CA MET K 164 -49.88 -101.64 10.48
C MET K 164 -50.64 -101.36 11.77
N GLU K 165 -51.43 -102.32 12.26
CA GLU K 165 -52.11 -102.11 13.52
C GLU K 165 -51.14 -102.06 14.69
N ASP K 166 -50.10 -102.89 14.66
CA ASP K 166 -49.06 -102.79 15.68
C ASP K 166 -48.36 -101.44 15.60
N LEU K 167 -48.07 -100.97 14.39
CA LEU K 167 -47.44 -99.67 14.24
C LEU K 167 -48.31 -98.56 14.81
N ILE K 168 -49.60 -98.57 14.47
CA ILE K 168 -50.52 -97.54 14.94
C ILE K 168 -50.66 -97.61 16.45
N HIS K 169 -50.72 -98.82 17.00
CA HIS K 169 -50.81 -98.98 18.44
C HIS K 169 -49.60 -98.42 19.15
N GLU K 170 -48.40 -98.75 18.66
CA GLU K 170 -47.19 -98.27 19.27
C GLU K 170 -47.01 -96.76 19.11
N ILE K 171 -47.61 -96.19 18.08
CA ILE K 171 -47.58 -94.73 17.93
C ILE K 171 -48.57 -94.07 18.89
N TYR K 172 -49.84 -94.48 18.85
CA TYR K 172 -50.87 -93.84 19.66
C TYR K 172 -50.57 -94.00 21.13
N THR K 173 -50.53 -95.23 21.63
CA THR K 173 -49.98 -95.44 22.96
C THR K 173 -48.47 -95.51 22.79
N VAL K 174 -47.78 -94.52 23.34
CA VAL K 174 -46.39 -94.27 22.96
C VAL K 174 -45.53 -95.50 23.23
N GLY K 175 -45.69 -96.09 24.41
CA GLY K 175 -45.01 -97.34 24.66
C GLY K 175 -43.50 -97.19 24.75
N LYS K 176 -42.81 -98.31 24.48
CA LYS K 176 -41.37 -98.34 24.60
C LYS K 176 -40.64 -98.16 23.28
N ARG K 177 -41.15 -98.76 22.20
CA ARG K 177 -40.47 -98.76 20.92
C ARG K 177 -40.99 -97.64 20.01
N PHE K 178 -41.43 -96.54 20.63
CA PHE K 178 -41.88 -95.39 19.85
C PHE K 178 -40.74 -94.81 19.04
N LYS K 179 -39.54 -94.75 19.60
CA LYS K 179 -38.40 -94.22 18.87
C LYS K 179 -38.17 -95.00 17.58
N GLU K 180 -38.10 -96.34 17.69
CA GLU K 180 -37.90 -97.18 16.53
C GLU K 180 -39.03 -97.03 15.53
N ALA K 181 -40.28 -97.07 15.99
CA ALA K 181 -41.42 -97.01 15.07
C ALA K 181 -41.47 -95.67 14.34
N ASN K 182 -41.33 -94.57 15.09
CA ASN K 182 -41.42 -93.26 14.47
C ASN K 182 -40.25 -93.00 13.54
N ASN K 183 -39.05 -93.45 13.90
CA ASN K 183 -37.92 -93.30 12.99
C ASN K 183 -38.10 -94.16 11.75
N PHE K 184 -38.73 -95.32 11.88
CA PHE K 184 -39.05 -96.11 10.69
C PHE K 184 -40.02 -95.36 9.80
N LEU K 185 -41.01 -94.70 10.39
CA LEU K 185 -41.98 -93.95 9.61
C LEU K 185 -41.33 -92.74 8.96
N TRP K 186 -41.50 -92.62 7.65
CA TRP K 186 -41.01 -91.46 6.94
C TRP K 186 -41.78 -90.22 7.39
N PRO K 187 -41.14 -89.06 7.47
CA PRO K 187 -41.88 -87.83 7.83
C PRO K 187 -42.98 -87.54 6.82
N PHE K 188 -44.20 -87.42 7.33
CA PHE K 188 -45.37 -87.34 6.47
C PHE K 188 -45.35 -86.07 5.63
N LYS K 189 -45.73 -86.19 4.37
CA LYS K 189 -45.75 -85.08 3.43
C LYS K 189 -47.21 -84.72 3.17
N LEU K 190 -47.76 -83.82 3.98
CA LEU K 190 -49.17 -83.50 3.86
C LEU K 190 -49.40 -82.39 2.86
N SER K 191 -50.56 -82.42 2.21
CA SER K 191 -50.91 -81.42 1.22
C SER K 191 -51.20 -80.09 1.91
N SER K 192 -51.35 -79.05 1.10
CA SER K 192 -51.75 -77.75 1.62
C SER K 192 -53.15 -77.87 2.24
N PRO K 193 -53.41 -77.13 3.32
CA PRO K 193 -54.70 -77.27 4.01
C PRO K 193 -55.86 -76.81 3.13
N ARG K 194 -56.84 -77.70 2.95
CA ARG K 194 -57.99 -77.38 2.13
C ARG K 194 -58.93 -76.49 2.93
N GLY K 195 -59.18 -75.28 2.41
CA GLY K 195 -59.87 -74.26 3.15
C GLY K 195 -58.95 -73.18 3.70
N GLY K 196 -57.64 -73.38 3.64
CA GLY K 196 -56.68 -72.35 3.94
C GLY K 196 -56.41 -72.18 5.41
N MET K 197 -55.29 -71.54 5.70
CA MET K 197 -54.93 -71.12 7.04
C MET K 197 -55.47 -69.73 7.33
N LYS K 198 -55.44 -69.34 8.59
CA LYS K 198 -55.87 -68.00 8.97
C LYS K 198 -54.72 -67.02 8.92
N LYS K 199 -53.67 -67.26 9.69
CA LYS K 199 -52.50 -66.38 9.69
C LYS K 199 -51.30 -67.19 10.15
N LYS K 200 -50.51 -67.67 9.19
CA LYS K 200 -49.39 -68.54 9.53
C LYS K 200 -48.27 -67.81 10.24
N THR K 201 -48.28 -66.48 10.25
CA THR K 201 -47.21 -65.72 10.85
C THR K 201 -47.41 -65.47 12.35
N THR K 202 -48.58 -65.76 12.89
CA THR K 202 -48.89 -65.47 14.28
C THR K 202 -49.36 -66.72 15.00
N HIS K 203 -49.27 -66.68 16.31
CA HIS K 203 -49.60 -67.82 17.15
C HIS K 203 -51.08 -68.16 17.06
N PHE K 204 -51.40 -69.43 17.34
CA PHE K 204 -52.78 -69.88 17.27
C PHE K 204 -53.66 -69.13 18.25
N VAL K 205 -53.11 -68.69 19.38
CA VAL K 205 -53.91 -68.02 20.40
C VAL K 205 -54.14 -66.56 20.10
N GLU K 206 -53.69 -66.07 18.95
CA GLU K 206 -53.95 -64.71 18.52
C GLU K 206 -54.51 -64.70 17.10
N GLY K 207 -55.41 -65.64 16.81
CA GLY K 207 -56.00 -65.74 15.49
C GLY K 207 -55.02 -66.17 14.42
N GLY K 208 -54.07 -67.04 14.74
CA GLY K 208 -53.08 -67.49 13.81
C GLY K 208 -53.09 -69.01 13.68
N ASP K 209 -51.93 -69.57 13.42
CA ASP K 209 -51.78 -71.00 13.30
C ASP K 209 -50.58 -71.57 14.03
N ALA K 210 -49.57 -70.77 14.34
CA ALA K 210 -48.34 -71.29 14.90
C ALA K 210 -48.55 -71.83 16.32
N GLY K 211 -47.55 -72.52 16.81
CA GLY K 211 -47.53 -72.93 18.20
C GLY K 211 -48.52 -74.03 18.52
N ASN K 212 -48.58 -74.34 19.81
CA ASN K 212 -49.47 -75.38 20.30
C ASN K 212 -50.92 -74.96 20.17
N ARG K 213 -51.74 -75.82 19.56
CA ARG K 213 -53.18 -75.59 19.46
C ARG K 213 -53.97 -76.72 20.11
N GLU K 214 -53.35 -77.48 20.99
CA GLU K 214 -54.00 -78.48 21.85
C GLU K 214 -54.68 -79.52 20.94
N ASP K 215 -55.90 -79.94 21.25
CA ASP K 215 -56.61 -80.95 20.50
C ASP K 215 -57.22 -80.43 19.21
N GLN K 216 -56.88 -79.22 18.79
CA GLN K 216 -57.39 -78.67 17.54
C GLN K 216 -56.51 -78.99 16.35
N ILE K 217 -55.44 -79.76 16.55
CA ILE K 217 -54.62 -80.18 15.44
C ILE K 217 -55.36 -81.16 14.53
N ASN K 218 -56.38 -81.84 15.06
CA ASN K 218 -57.13 -82.79 14.25
C ASN K 218 -57.87 -82.08 13.12
N ARG K 219 -58.42 -80.90 13.39
CA ARG K 219 -59.10 -80.16 12.34
C ARG K 219 -58.16 -79.79 11.21
N LEU K 220 -56.92 -79.45 11.54
CA LEU K 220 -55.94 -79.16 10.50
C LEU K 220 -55.52 -80.42 9.76
N ILE K 221 -55.46 -81.55 10.45
CA ILE K 221 -55.09 -82.80 9.81
C ILE K 221 -56.17 -83.23 8.82
N ARG K 222 -57.44 -83.05 9.18
CA ARG K 222 -58.52 -83.44 8.29
C ARG K 222 -58.50 -82.67 6.98
N ARG K 223 -57.82 -81.52 6.95
CA ARG K 223 -57.76 -80.71 5.74
C ARG K 223 -56.41 -80.79 5.03
N MET K 224 -55.35 -81.16 5.74
CA MET K 224 -54.06 -81.40 5.07
C MET K 224 -53.97 -82.81 4.50
N ASN K 225 -54.46 -83.80 5.23
CA ASN K 225 -54.42 -85.19 4.83
C ASN K 225 -55.33 -85.45 3.65
N LYS L 1 99.37 4.19 -70.21
CA LYS L 1 99.32 3.39 -71.42
C LYS L 1 98.74 4.20 -72.57
N VAL L 2 97.62 3.69 -73.11
CA VAL L 2 96.82 4.39 -74.11
C VAL L 2 95.38 4.33 -73.60
N VAL L 3 95.25 4.19 -72.28
CA VAL L 3 94.00 3.76 -71.66
C VAL L 3 92.83 4.66 -72.02
N ASN L 4 91.70 4.04 -72.33
CA ASN L 4 90.47 4.77 -72.61
C ASN L 4 90.02 5.53 -71.37
N PRO L 5 89.85 6.86 -71.44
CA PRO L 5 89.40 7.60 -70.25
C PRO L 5 88.02 7.24 -69.78
N LEU L 6 87.19 6.63 -70.64
CA LEU L 6 85.85 6.23 -70.24
C LEU L 6 85.85 5.10 -69.22
N PHE L 7 86.93 4.31 -69.17
CA PHE L 7 87.02 3.27 -68.17
C PHE L 7 87.23 3.87 -66.79
N GLU L 8 86.45 3.40 -65.83
CA GLU L 8 86.52 3.94 -64.48
C GLU L 8 86.00 2.90 -63.51
N LYS L 9 86.39 3.04 -62.24
CA LYS L 9 85.76 2.25 -61.20
C LYS L 9 84.34 2.74 -60.98
N ARG L 10 83.47 1.82 -60.60
CA ARG L 10 82.10 2.14 -60.22
C ARG L 10 81.82 1.48 -58.87
N PRO L 11 82.47 1.95 -57.81
CA PRO L 11 82.33 1.29 -56.52
C PRO L 11 80.96 1.52 -55.92
N LYS L 12 80.50 0.55 -55.15
CA LYS L 12 79.20 0.61 -54.50
C LYS L 12 79.38 0.42 -53.01
N ASN L 13 79.01 1.42 -52.23
CA ASN L 13 79.10 1.31 -50.78
C ASN L 13 78.05 0.35 -50.27
N PHE L 14 78.48 -0.64 -49.48
CA PHE L 14 77.60 -1.67 -48.97
C PHE L 14 77.12 -1.37 -47.54
N GLY L 15 76.98 -0.09 -47.20
CA GLY L 15 76.55 0.26 -45.88
C GLY L 15 75.10 -0.11 -45.64
N ILE L 16 74.66 0.07 -44.40
CA ILE L 16 73.28 -0.24 -44.05
C ILE L 16 72.36 0.74 -44.76
N GLY L 17 71.39 0.19 -45.49
CA GLY L 17 70.49 1.03 -46.27
C GLY L 17 71.15 1.75 -47.42
N GLN L 18 72.39 1.41 -47.73
CA GLN L 18 73.15 2.11 -48.76
C GLN L 18 72.96 1.48 -50.14
N ASP L 19 73.21 0.17 -50.24
CA ASP L 19 73.05 -0.55 -51.48
C ASP L 19 72.71 -1.99 -51.19
N ILE L 20 72.19 -2.68 -52.20
CA ILE L 20 71.76 -4.06 -52.02
C ILE L 20 72.97 -4.92 -51.72
N GLN L 21 72.87 -5.72 -50.66
CA GLN L 21 73.97 -6.56 -50.23
C GLN L 21 74.31 -7.58 -51.30
N PRO L 22 75.59 -7.95 -51.43
CA PRO L 22 75.97 -8.93 -52.45
C PRO L 22 75.45 -10.32 -52.11
N LYS L 23 75.38 -11.15 -53.15
CA LYS L 23 74.98 -12.54 -53.00
C LYS L 23 76.16 -13.32 -52.45
N ARG L 24 76.31 -13.30 -51.13
CA ARG L 24 77.43 -13.91 -50.46
C ARG L 24 77.06 -15.29 -49.94
N ASP L 25 78.01 -15.95 -49.29
CA ASP L 25 77.78 -17.27 -48.72
C ASP L 25 76.74 -17.19 -47.62
N LEU L 26 75.83 -18.18 -47.60
CA LEU L 26 74.78 -18.19 -46.60
C LEU L 26 74.53 -19.59 -46.05
N THR L 27 75.48 -20.52 -46.22
CA THR L 27 75.29 -21.87 -45.72
C THR L 27 75.07 -21.90 -44.22
N ARG L 28 75.59 -20.90 -43.51
CA ARG L 28 75.43 -20.82 -42.06
C ARG L 28 73.97 -20.62 -41.68
N PHE L 29 73.18 -19.98 -42.54
CA PHE L 29 71.81 -19.59 -42.19
C PHE L 29 70.78 -20.23 -43.11
N VAL L 30 71.10 -21.37 -43.69
CA VAL L 30 70.16 -22.07 -44.56
C VAL L 30 69.25 -22.94 -43.69
N LYS L 31 67.95 -22.86 -43.93
CA LYS L 31 67.03 -23.77 -43.26
C LYS L 31 67.15 -25.16 -43.87
N TRP L 32 68.00 -25.99 -43.28
CA TRP L 32 68.24 -27.31 -43.82
C TRP L 32 67.03 -28.20 -43.62
N PRO L 33 66.88 -29.25 -44.43
CA PRO L 33 65.78 -30.20 -44.23
C PRO L 33 65.87 -30.89 -42.88
N ARG L 34 64.79 -31.59 -42.56
CA ARG L 34 64.65 -32.19 -41.24
C ARG L 34 65.75 -33.21 -40.97
N TYR L 35 66.10 -34.02 -41.98
CA TYR L 35 67.09 -35.06 -41.73
C TYR L 35 68.49 -34.48 -41.56
N ILE L 36 68.83 -33.44 -42.31
CA ILE L 36 70.13 -32.80 -42.13
C ILE L 36 70.20 -32.17 -40.74
N ARG L 37 69.15 -31.44 -40.35
CA ARG L 37 69.13 -30.86 -39.01
C ARG L 37 69.22 -31.95 -37.95
N LEU L 38 68.55 -33.07 -38.18
CA LEU L 38 68.53 -34.14 -37.20
C LEU L 38 69.92 -34.74 -37.01
N GLN L 39 70.61 -35.04 -38.11
CA GLN L 39 71.93 -35.64 -37.95
C GLN L 39 72.93 -34.66 -37.36
N ARG L 40 72.85 -33.38 -37.75
CA ARG L 40 73.76 -32.41 -37.15
C ARG L 40 73.48 -32.25 -35.66
N GLN L 41 72.21 -32.20 -35.27
CA GLN L 41 71.88 -32.10 -33.86
C GLN L 41 72.28 -33.34 -33.09
N ARG L 42 72.25 -34.51 -33.75
CA ARG L 42 72.74 -35.72 -33.10
C ARG L 42 74.23 -35.63 -32.82
N ALA L 43 75.00 -35.12 -33.79
CA ALA L 43 76.43 -34.93 -33.55
C ALA L 43 76.67 -33.96 -32.41
N ILE L 44 75.91 -32.87 -32.37
CA ILE L 44 76.06 -31.88 -31.31
C ILE L 44 75.68 -32.47 -29.96
N LEU L 45 74.63 -33.29 -29.92
CA LEU L 45 74.25 -33.95 -28.68
C LEU L 45 75.33 -34.89 -28.18
N TYR L 46 75.95 -35.65 -29.09
CA TYR L 46 77.02 -36.53 -28.66
C TYR L 46 78.25 -35.76 -28.20
N LYS L 47 78.44 -34.54 -28.67
CA LYS L 47 79.43 -33.66 -28.06
C LYS L 47 78.99 -33.12 -26.71
N ARG L 48 77.68 -32.93 -26.52
CA ARG L 48 77.16 -32.32 -25.29
C ARG L 48 77.14 -33.29 -24.12
N LEU L 49 76.40 -34.37 -24.25
CA LEU L 49 76.06 -35.23 -23.11
C LEU L 49 77.28 -35.99 -22.62
N LYS L 50 77.23 -36.39 -21.35
CA LYS L 50 78.29 -37.17 -20.75
C LYS L 50 78.29 -38.60 -21.28
N VAL L 51 79.06 -38.86 -22.31
CA VAL L 51 79.11 -40.19 -22.91
C VAL L 51 79.73 -41.17 -21.92
N PRO L 52 79.08 -42.32 -21.66
CA PRO L 52 79.71 -43.31 -20.80
C PRO L 52 80.96 -43.86 -21.44
N PRO L 53 81.93 -44.29 -20.63
CA PRO L 53 83.23 -44.72 -21.20
C PRO L 53 83.12 -45.86 -22.18
N ALA L 54 82.18 -46.78 -22.00
CA ALA L 54 82.07 -47.92 -22.91
C ALA L 54 81.65 -47.50 -24.30
N ILE L 55 81.05 -46.32 -24.45
CA ILE L 55 80.69 -45.81 -25.77
C ILE L 55 81.76 -44.83 -26.21
N ASN L 56 82.34 -44.12 -25.25
CA ASN L 56 83.37 -43.14 -25.56
C ASN L 56 84.67 -43.78 -26.04
N GLN L 57 84.90 -45.05 -25.71
CA GLN L 57 86.16 -45.70 -26.09
C GLN L 57 86.34 -45.83 -27.59
N PHE L 58 85.27 -45.66 -28.37
CA PHE L 58 85.39 -45.76 -29.82
C PHE L 58 85.88 -44.48 -30.47
N THR L 59 85.89 -43.36 -29.75
CA THR L 59 86.49 -42.14 -30.29
C THR L 59 88.00 -42.20 -30.26
N GLN L 60 88.56 -42.95 -29.30
CA GLN L 60 90.00 -43.12 -29.17
C GLN L 60 90.44 -44.20 -30.14
N ALA L 61 90.52 -43.83 -31.42
CA ALA L 61 90.81 -44.77 -32.49
C ALA L 61 92.30 -44.73 -32.84
N LEU L 62 92.68 -45.59 -33.77
CA LEU L 62 94.05 -45.66 -34.24
C LEU L 62 94.37 -44.45 -35.12
N ASP L 63 95.64 -44.05 -35.09
CA ASP L 63 96.03 -42.90 -35.90
C ASP L 63 96.24 -43.32 -37.36
N ARG L 64 96.51 -42.32 -38.20
CA ARG L 64 96.46 -42.51 -39.64
C ARG L 64 97.53 -43.48 -40.13
N GLN L 65 98.76 -43.34 -39.65
CA GLN L 65 99.85 -44.17 -40.16
C GLN L 65 99.69 -45.63 -39.75
N THR L 66 99.29 -45.87 -38.49
CA THR L 66 99.07 -47.25 -38.04
C THR L 66 97.86 -47.85 -38.74
N ALA L 67 96.84 -47.05 -39.00
CA ALA L 67 95.72 -47.52 -39.80
C ALA L 67 96.18 -47.97 -41.18
N THR L 68 97.04 -47.17 -41.81
CA THR L 68 97.55 -47.53 -43.13
C THR L 68 98.38 -48.79 -43.09
N GLN L 69 99.24 -48.93 -42.08
CA GLN L 69 100.06 -50.14 -41.96
C GLN L 69 99.20 -51.37 -41.73
N LEU L 70 98.19 -51.26 -40.87
CA LEU L 70 97.33 -52.40 -40.62
C LEU L 70 96.49 -52.74 -41.85
N LEU L 71 96.08 -51.74 -42.62
CA LEU L 71 95.38 -52.02 -43.87
C LEU L 71 96.30 -52.72 -44.86
N LYS L 72 97.57 -52.31 -44.91
CA LYS L 72 98.53 -52.97 -45.78
C LYS L 72 98.70 -54.42 -45.40
N LEU L 73 98.77 -54.71 -44.10
CA LEU L 73 98.83 -56.09 -43.66
C LEU L 73 97.55 -56.85 -44.00
N ALA L 74 96.39 -56.21 -43.82
CA ALA L 74 95.12 -56.91 -43.99
C ALA L 74 94.82 -57.21 -45.44
N HIS L 75 95.28 -56.35 -46.36
CA HIS L 75 95.02 -56.58 -47.78
C HIS L 75 95.65 -57.86 -48.30
N LYS L 76 96.65 -58.38 -47.60
CA LYS L 76 97.30 -59.63 -48.03
C LYS L 76 96.49 -60.86 -47.66
N TYR L 77 95.41 -60.73 -46.89
CA TYR L 77 94.66 -61.89 -46.43
C TYR L 77 93.18 -61.79 -46.78
N ARG L 78 92.82 -60.97 -47.76
CA ARG L 78 91.41 -60.75 -48.04
C ARG L 78 90.76 -62.04 -48.53
N PRO L 79 89.51 -62.30 -48.17
CA PRO L 79 88.84 -63.51 -48.63
C PRO L 79 88.67 -63.50 -50.15
N GLU L 80 88.68 -64.69 -50.73
CA GLU L 80 88.61 -64.81 -52.17
C GLU L 80 87.26 -64.35 -52.69
N THR L 81 87.29 -63.63 -53.81
CA THR L 81 86.07 -63.15 -54.45
C THR L 81 85.23 -64.33 -54.95
N LYS L 82 84.02 -64.01 -55.42
CA LYS L 82 83.17 -65.05 -55.99
C LYS L 82 83.79 -65.67 -57.22
N GLN L 83 84.32 -64.82 -58.11
CA GLN L 83 85.00 -65.32 -59.30
C GLN L 83 86.23 -66.14 -58.93
N GLU L 84 87.01 -65.65 -57.96
CA GLU L 84 88.21 -66.37 -57.55
C GLU L 84 87.86 -67.73 -56.95
N LYS L 85 86.81 -67.78 -56.13
CA LYS L 85 86.38 -69.05 -55.55
C LYS L 85 85.86 -70.00 -56.61
N LYS L 86 85.15 -69.47 -57.62
CA LYS L 86 84.71 -70.32 -58.72
C LYS L 86 85.89 -70.91 -59.47
N GLN L 87 86.91 -70.08 -59.75
CA GLN L 87 88.09 -70.58 -60.44
C GLN L 87 88.80 -71.65 -59.60
N ARG L 88 88.93 -71.40 -58.30
CA ARG L 88 89.59 -72.36 -57.42
C ARG L 88 88.82 -73.66 -57.35
N LEU L 89 87.49 -73.59 -57.27
CA LEU L 89 86.68 -74.80 -57.21
C LEU L 89 86.75 -75.60 -58.50
N LEU L 90 86.73 -74.92 -59.64
CA LEU L 90 86.85 -75.63 -60.92
C LEU L 90 88.22 -76.28 -61.06
N ALA L 91 89.29 -75.56 -60.66
CA ALA L 91 90.61 -76.15 -60.69
C ALA L 91 90.72 -77.33 -59.75
N ARG L 92 90.09 -77.23 -58.58
CA ARG L 92 90.04 -78.34 -57.64
C ARG L 92 89.34 -79.55 -58.25
N ALA L 93 88.24 -79.32 -58.97
CA ALA L 93 87.54 -80.42 -59.63
C ALA L 93 88.40 -81.05 -60.71
N GLU L 94 89.14 -80.23 -61.46
CA GLU L 94 90.06 -80.77 -62.47
C GLU L 94 91.11 -81.65 -61.82
N LYS L 95 91.73 -81.18 -60.72
CA LYS L 95 92.74 -81.97 -60.03
C LYS L 95 92.14 -83.25 -59.45
N LYS L 96 90.93 -83.17 -58.90
CA LYS L 96 90.28 -84.34 -58.33
C LYS L 96 90.02 -85.40 -59.39
N ALA L 97 89.53 -84.98 -60.56
CA ALA L 97 89.37 -85.92 -61.67
C ALA L 97 90.70 -86.41 -62.22
N ALA L 98 91.78 -85.66 -62.04
CA ALA L 98 93.10 -86.11 -62.45
C ALA L 98 93.73 -87.06 -61.44
N GLY L 99 93.22 -87.12 -60.22
CA GLY L 99 93.75 -88.06 -59.24
C GLY L 99 94.36 -87.39 -58.02
N LYS L 100 93.82 -86.24 -57.64
CA LYS L 100 94.28 -85.52 -56.45
C LYS L 100 93.18 -85.58 -55.39
N GLY L 101 93.44 -86.34 -54.33
CA GLY L 101 92.50 -86.48 -53.24
C GLY L 101 93.12 -86.12 -51.91
N ASP L 102 94.02 -85.15 -51.90
CA ASP L 102 94.67 -84.70 -50.69
C ASP L 102 95.22 -83.29 -50.92
N VAL L 103 95.83 -82.73 -49.89
CA VAL L 103 96.43 -81.39 -49.91
C VAL L 103 95.40 -80.34 -50.32
N PRO L 104 94.39 -80.03 -49.47
CA PRO L 104 93.44 -78.96 -49.79
C PRO L 104 93.96 -77.58 -49.39
N THR L 105 95.18 -77.26 -49.86
CA THR L 105 95.86 -75.98 -49.62
C THR L 105 95.93 -75.61 -48.15
N LYS L 106 95.78 -76.61 -47.26
CA LYS L 106 95.73 -76.46 -45.81
C LYS L 106 94.60 -75.54 -45.34
N ARG L 107 93.68 -75.15 -46.25
CA ARG L 107 92.72 -74.08 -45.97
C ARG L 107 93.50 -72.84 -45.50
N PRO L 108 94.13 -72.10 -46.42
CA PRO L 108 95.22 -71.18 -46.05
C PRO L 108 94.74 -70.05 -45.15
N PRO L 109 95.66 -69.33 -44.50
CA PRO L 109 95.25 -68.22 -43.64
C PRO L 109 94.49 -67.15 -44.42
N VAL L 110 93.48 -66.59 -43.76
CA VAL L 110 92.57 -65.64 -44.38
C VAL L 110 92.08 -64.71 -43.28
N LEU L 111 91.38 -63.65 -43.67
CA LEU L 111 90.83 -62.69 -42.74
C LEU L 111 89.42 -63.09 -42.36
N ARG L 112 89.18 -63.27 -41.06
CA ARG L 112 87.83 -63.49 -40.56
C ARG L 112 87.11 -62.17 -40.41
N ALA L 113 85.78 -62.24 -40.40
CA ALA L 113 84.98 -61.03 -40.35
C ALA L 113 83.65 -61.34 -39.69
N GLY L 114 82.99 -60.30 -39.22
CA GLY L 114 81.70 -60.46 -38.58
C GLY L 114 81.82 -60.62 -37.08
N VAL L 115 80.98 -59.90 -36.34
CA VAL L 115 81.10 -59.87 -34.89
C VAL L 115 80.79 -61.24 -34.29
N ASN L 116 79.85 -61.97 -34.88
CA ASN L 116 79.51 -63.30 -34.37
C ASN L 116 80.69 -64.26 -34.47
N THR L 117 81.40 -64.23 -35.60
CA THR L 117 82.58 -65.06 -35.73
C THR L 117 83.70 -64.60 -34.81
N VAL L 118 83.94 -63.28 -34.77
CA VAL L 118 85.07 -62.74 -34.06
C VAL L 118 84.94 -63.00 -32.55
N THR L 119 83.73 -62.87 -32.01
CA THR L 119 83.57 -63.10 -30.58
C THR L 119 83.80 -64.55 -30.22
N THR L 120 83.40 -65.50 -31.07
CA THR L 120 83.68 -66.90 -30.81
C THR L 120 85.17 -67.16 -30.85
N LEU L 121 85.87 -66.58 -31.83
CA LEU L 121 87.32 -66.76 -31.90
C LEU L 121 88.01 -66.16 -30.68
N VAL L 122 87.54 -65.00 -30.22
CA VAL L 122 88.13 -64.39 -29.04
C VAL L 122 87.90 -65.25 -27.81
N GLU L 123 86.68 -65.76 -27.64
CA GLU L 123 86.40 -66.66 -26.53
C GLU L 123 87.27 -67.89 -26.58
N ASN L 124 87.56 -68.40 -27.78
CA ASN L 124 88.42 -69.56 -27.93
C ASN L 124 89.90 -69.20 -27.90
N LYS L 125 90.23 -67.91 -27.83
CA LYS L 125 91.62 -67.43 -27.84
C LYS L 125 92.36 -67.89 -29.08
N LYS L 126 91.64 -68.10 -30.17
CA LYS L 126 92.21 -68.49 -31.44
C LYS L 126 92.61 -67.31 -32.31
N ALA L 127 92.29 -66.09 -31.89
CA ALA L 127 92.62 -64.89 -32.64
C ALA L 127 93.87 -64.23 -32.07
N GLN L 128 94.54 -63.45 -32.91
CA GLN L 128 95.73 -62.72 -32.52
C GLN L 128 95.56 -61.21 -32.53
N LEU L 129 94.59 -60.69 -33.27
CA LEU L 129 94.42 -59.25 -33.38
C LEU L 129 93.01 -58.97 -33.85
N VAL L 130 92.27 -58.16 -33.10
CA VAL L 130 90.90 -57.81 -33.42
C VAL L 130 90.88 -56.35 -33.85
N VAL L 131 90.15 -56.06 -34.92
CA VAL L 131 90.02 -54.70 -35.44
C VAL L 131 88.53 -54.36 -35.46
N ILE L 132 88.15 -53.32 -34.74
CA ILE L 132 86.75 -52.94 -34.58
C ILE L 132 86.53 -51.57 -35.19
N ALA L 133 85.45 -51.44 -35.96
CA ALA L 133 85.06 -50.13 -36.47
C ALA L 133 84.61 -49.24 -35.33
N HIS L 134 84.57 -47.94 -35.61
CA HIS L 134 84.23 -46.96 -34.59
C HIS L 134 82.85 -46.35 -34.76
N ASP L 135 82.11 -46.72 -35.79
CA ASP L 135 80.85 -46.05 -36.11
C ASP L 135 79.76 -47.05 -36.48
N VAL L 136 79.63 -48.12 -35.70
CA VAL L 136 78.51 -49.03 -35.90
C VAL L 136 77.23 -48.34 -35.46
N ASP L 137 76.18 -48.47 -36.26
CA ASP L 137 74.95 -47.73 -35.98
C ASP L 137 74.31 -48.15 -34.66
N PRO L 138 74.00 -49.43 -34.40
CA PRO L 138 73.79 -49.85 -33.01
C PRO L 138 75.14 -50.17 -32.38
N ILE L 139 75.59 -49.32 -31.47
CA ILE L 139 76.90 -49.52 -30.86
C ILE L 139 76.92 -50.75 -29.95
N GLU L 140 75.75 -51.25 -29.55
CA GLU L 140 75.65 -52.42 -28.70
C GLU L 140 76.26 -53.66 -29.33
N LEU L 141 76.39 -53.68 -30.65
CA LEU L 141 76.99 -54.84 -31.30
C LEU L 141 78.48 -54.96 -30.99
N VAL L 142 79.13 -53.87 -30.60
CA VAL L 142 80.58 -53.85 -30.44
C VAL L 142 81.03 -53.29 -29.11
N VAL L 143 80.13 -52.79 -28.26
CA VAL L 143 80.58 -52.24 -26.98
C VAL L 143 81.27 -53.31 -26.14
N PHE L 144 80.75 -54.53 -26.12
CA PHE L 144 81.35 -55.55 -25.27
C PHE L 144 82.63 -56.13 -25.86
N LEU L 145 82.94 -55.84 -27.12
CA LEU L 145 84.13 -56.44 -27.74
C LEU L 145 85.44 -55.98 -27.10
N PRO L 146 85.69 -54.69 -26.86
CA PRO L 146 86.95 -54.33 -26.18
C PRO L 146 87.12 -54.99 -24.83
N ALA L 147 86.05 -55.05 -24.03
CA ALA L 147 86.17 -55.69 -22.72
C ALA L 147 86.46 -57.18 -22.87
N LEU L 148 85.81 -57.84 -23.82
CA LEU L 148 86.05 -59.26 -24.04
C LEU L 148 87.48 -59.52 -24.50
N CYS L 149 87.98 -58.69 -25.42
CA CYS L 149 89.34 -58.84 -25.90
C CYS L 149 90.35 -58.59 -24.79
N ARG L 150 90.10 -57.58 -23.95
CA ARG L 150 91.00 -57.34 -22.82
C ARG L 150 90.98 -58.51 -21.85
N LYS L 151 89.79 -59.07 -21.58
CA LYS L 151 89.68 -60.19 -20.66
C LYS L 151 90.43 -61.41 -21.19
N MET L 152 90.29 -61.70 -22.48
CA MET L 152 90.97 -62.84 -23.07
C MET L 152 92.40 -62.53 -23.48
N GLY L 153 92.87 -61.30 -23.27
CA GLY L 153 94.25 -60.97 -23.58
C GLY L 153 94.52 -60.77 -25.05
N VAL L 154 93.50 -60.80 -25.89
CA VAL L 154 93.64 -60.64 -27.33
C VAL L 154 93.87 -59.17 -27.65
N PRO L 155 94.95 -58.81 -28.35
CA PRO L 155 95.18 -57.41 -28.70
C PRO L 155 94.11 -56.91 -29.67
N TYR L 156 93.54 -55.76 -29.34
CA TYR L 156 92.44 -55.19 -30.11
C TYR L 156 92.71 -53.72 -30.39
N CYS L 157 92.26 -53.28 -31.56
CA CYS L 157 92.41 -51.91 -32.00
C CYS L 157 91.11 -51.44 -32.63
N ILE L 158 90.94 -50.13 -32.68
CA ILE L 158 89.75 -49.52 -33.24
C ILE L 158 90.18 -48.70 -34.46
N ILE L 159 89.52 -48.95 -35.58
CA ILE L 159 89.87 -48.36 -36.86
C ILE L 159 88.70 -47.56 -37.38
N LYS L 160 88.97 -46.32 -37.81
CA LYS L 160 87.93 -45.47 -38.34
C LYS L 160 87.37 -46.04 -39.64
N GLY L 161 86.09 -46.37 -39.62
CA GLY L 161 85.39 -46.72 -40.84
C GLY L 161 84.93 -48.17 -40.97
N LYS L 162 83.66 -48.40 -40.69
CA LYS L 162 83.07 -49.70 -40.99
C LYS L 162 83.02 -49.92 -42.49
N ALA L 163 82.89 -48.85 -43.28
CA ALA L 163 83.03 -48.97 -44.73
C ALA L 163 84.45 -49.35 -45.11
N ARG L 164 85.44 -48.80 -44.43
CA ARG L 164 86.82 -49.17 -44.68
C ARG L 164 87.05 -50.64 -44.37
N LEU L 165 86.43 -51.15 -43.31
CA LEU L 165 86.48 -52.58 -43.05
C LEU L 165 85.73 -53.39 -44.09
N GLY L 166 84.60 -52.89 -44.57
CA GLY L 166 83.83 -53.62 -45.57
C GLY L 166 84.59 -53.78 -46.88
N ARG L 167 85.37 -52.76 -47.24
CA ARG L 167 86.17 -52.87 -48.46
C ARG L 167 87.22 -53.96 -48.36
N LEU L 168 87.63 -54.33 -47.15
CA LEU L 168 88.52 -55.49 -47.00
C LEU L 168 87.82 -56.78 -47.42
N VAL L 169 86.56 -56.94 -47.03
CA VAL L 169 85.83 -58.18 -47.22
C VAL L 169 84.91 -58.12 -48.44
N HIS L 170 85.06 -57.09 -49.27
CA HIS L 170 84.28 -56.92 -50.50
C HIS L 170 82.80 -56.76 -50.21
N ARG L 171 82.46 -56.27 -49.03
CA ARG L 171 81.09 -55.99 -48.64
C ARG L 171 80.94 -54.51 -48.33
N LYS L 172 79.70 -54.10 -48.11
CA LYS L 172 79.45 -52.68 -47.89
C LYS L 172 79.90 -52.24 -46.51
N THR L 173 79.74 -53.09 -45.50
CA THR L 173 80.00 -52.70 -44.12
C THR L 173 80.32 -53.93 -43.29
N CYS L 174 81.44 -53.89 -42.59
CA CYS L 174 81.81 -54.95 -41.66
C CYS L 174 82.21 -54.33 -40.34
N THR L 175 81.64 -54.84 -39.25
CA THR L 175 81.89 -54.24 -37.94
C THR L 175 83.31 -54.54 -37.44
N THR L 176 83.76 -55.78 -37.59
CA THR L 176 85.03 -56.16 -37.02
C THR L 176 85.67 -57.25 -37.88
N VAL L 177 87.00 -57.32 -37.82
CA VAL L 177 87.76 -58.35 -38.50
C VAL L 177 88.80 -58.88 -37.53
N ALA L 178 89.34 -60.06 -37.85
CA ALA L 178 90.26 -60.73 -36.96
C ALA L 178 91.42 -61.31 -37.76
N PHE L 179 92.57 -61.44 -37.09
CA PHE L 179 93.76 -62.07 -37.65
C PHE L 179 94.01 -63.36 -36.88
N THR L 180 93.33 -64.43 -37.30
CA THR L 180 93.51 -65.71 -36.62
C THR L 180 94.88 -66.31 -36.85
N GLN L 181 95.31 -66.36 -38.10
CA GLN L 181 96.57 -66.96 -38.46
C GLN L 181 97.31 -66.03 -39.41
N VAL L 182 98.63 -66.00 -39.29
CA VAL L 182 99.47 -65.12 -40.10
C VAL L 182 100.63 -65.94 -40.63
N ASN L 183 100.91 -65.83 -41.93
CA ASN L 183 101.99 -66.57 -42.54
C ASN L 183 103.34 -66.09 -42.03
N SER L 184 104.37 -66.89 -42.32
CA SER L 184 105.72 -66.56 -41.87
C SER L 184 106.21 -65.25 -42.46
N GLU L 185 105.80 -64.94 -43.69
CA GLU L 185 106.23 -63.72 -44.35
C GLU L 185 105.60 -62.47 -43.75
N ASP L 186 104.60 -62.62 -42.87
CA ASP L 186 103.99 -61.49 -42.20
C ASP L 186 104.00 -61.65 -40.68
N LYS L 187 104.67 -62.67 -40.16
CA LYS L 187 104.73 -62.85 -38.71
C LYS L 187 105.39 -61.66 -38.01
N GLY L 188 106.50 -61.17 -38.56
CA GLY L 188 107.17 -60.03 -37.98
C GLY L 188 106.32 -58.78 -38.01
N ALA L 189 105.62 -58.55 -39.13
CA ALA L 189 104.75 -57.38 -39.25
C ALA L 189 103.59 -57.45 -38.28
N LEU L 190 103.01 -58.65 -38.11
CA LEU L 190 101.94 -58.81 -37.14
C LEU L 190 102.41 -58.53 -35.73
N ALA L 191 103.59 -59.04 -35.37
CA ALA L 191 104.13 -58.75 -34.04
C ALA L 191 104.43 -57.27 -33.87
N LYS L 192 104.96 -56.63 -34.92
CA LYS L 192 105.25 -55.21 -34.87
C LYS L 192 103.99 -54.39 -34.64
N LEU L 193 102.90 -54.74 -35.31
CA LEU L 193 101.64 -54.05 -35.09
C LEU L 193 101.11 -54.32 -33.68
N VAL L 194 101.15 -55.58 -33.24
CA VAL L 194 100.55 -55.96 -31.96
C VAL L 194 101.25 -55.24 -30.81
N GLU L 195 102.56 -55.06 -30.92
CA GLU L 195 103.30 -54.37 -29.87
C GLU L 195 102.79 -52.95 -29.69
N ALA L 196 102.51 -52.25 -30.79
CA ALA L 196 102.00 -50.89 -30.69
C ALA L 196 100.55 -50.87 -30.23
N ILE L 197 99.75 -51.85 -30.68
CA ILE L 197 98.34 -51.87 -30.33
C ILE L 197 98.15 -52.11 -28.84
N ARG L 198 98.95 -53.02 -28.27
CA ARG L 198 98.83 -53.36 -26.86
C ARG L 198 99.03 -52.14 -25.97
N THR L 199 100.01 -51.31 -26.30
CA THR L 199 100.32 -50.15 -25.48
C THR L 199 99.14 -49.20 -25.39
N ASN L 200 98.52 -48.89 -26.53
CA ASN L 200 97.46 -47.90 -26.53
C ASN L 200 96.10 -48.48 -26.13
N TYR L 201 95.91 -49.80 -26.17
CA TYR L 201 94.60 -50.35 -25.88
C TYR L 201 94.59 -51.29 -24.68
N ASN L 202 95.41 -52.34 -24.68
CA ASN L 202 95.32 -53.32 -23.60
C ASN L 202 95.98 -52.83 -22.33
N ASP L 203 97.09 -52.09 -22.45
CA ASP L 203 97.84 -51.68 -21.28
C ASP L 203 97.10 -50.64 -20.47
N ARG L 204 96.51 -49.65 -21.14
CA ARG L 204 95.80 -48.56 -20.48
C ARG L 204 94.30 -48.79 -20.46
N TYR L 205 93.89 -50.04 -20.32
CA TYR L 205 92.47 -50.38 -20.33
C TYR L 205 91.74 -49.76 -19.17
N ASP L 206 92.37 -49.68 -17.99
CA ASP L 206 91.72 -49.05 -16.84
C ASP L 206 91.48 -47.57 -17.11
N GLU L 207 92.46 -46.89 -17.70
CA GLU L 207 92.33 -45.48 -18.02
C GLU L 207 91.25 -45.26 -19.06
N ILE L 208 91.15 -46.16 -20.04
CA ILE L 208 90.06 -46.09 -21.02
C ILE L 208 88.72 -46.29 -20.32
N ARG L 209 88.65 -47.27 -19.43
CA ARG L 209 87.41 -47.66 -18.78
C ARG L 209 86.89 -46.57 -17.84
N ARG L 210 87.77 -45.74 -17.29
CA ARG L 210 87.35 -44.73 -16.33
C ARG L 210 87.29 -43.32 -16.92
N HIS L 211 87.05 -43.18 -18.22
CA HIS L 211 87.10 -41.88 -18.87
C HIS L 211 85.77 -41.58 -19.56
N TRP L 212 85.13 -40.48 -19.15
CA TRP L 212 83.82 -40.11 -19.67
C TRP L 212 83.97 -39.13 -20.83
N GLY L 213 83.27 -39.41 -21.94
CA GLY L 213 83.29 -38.55 -23.09
C GLY L 213 82.25 -37.45 -23.02
N GLY L 214 82.21 -36.65 -24.08
CA GLY L 214 81.24 -35.57 -24.14
C GLY L 214 81.55 -34.48 -23.13
N ASN L 215 80.48 -33.95 -22.52
CA ASN L 215 80.60 -32.93 -21.48
C ASN L 215 81.32 -31.68 -22.00
N VAL L 216 81.04 -31.31 -23.25
CA VAL L 216 81.71 -30.20 -23.91
C VAL L 216 80.65 -29.22 -24.40
N LEU L 217 80.81 -27.95 -24.03
CA LEU L 217 79.87 -26.91 -24.40
C LEU L 217 80.18 -26.36 -25.79
N GLY L 218 79.27 -25.54 -26.30
CA GLY L 218 79.44 -24.91 -27.59
C GLY L 218 80.43 -23.77 -27.53
N PRO L 219 80.89 -23.32 -28.70
CA PRO L 219 81.81 -22.18 -28.74
C PRO L 219 81.22 -20.92 -28.13
N LYS L 220 79.93 -20.66 -28.36
CA LYS L 220 79.30 -19.47 -27.80
C LYS L 220 79.26 -19.54 -26.28
N SER L 221 78.86 -20.68 -25.73
CA SER L 221 78.81 -20.84 -24.28
C SER L 221 80.20 -20.71 -23.67
N VAL L 222 81.19 -21.37 -24.29
CA VAL L 222 82.56 -21.30 -23.78
C VAL L 222 83.07 -19.87 -23.81
N ALA L 223 82.80 -19.14 -24.90
CA ALA L 223 83.27 -17.78 -25.02
C ALA L 223 82.60 -16.85 -24.02
N ARG L 224 81.29 -17.03 -23.79
CA ARG L 224 80.62 -16.21 -22.78
C ARG L 224 81.19 -16.47 -21.39
N ILE L 225 81.41 -17.75 -21.05
CA ILE L 225 81.98 -18.08 -19.76
C ILE L 225 83.38 -17.48 -19.62
N ALA L 226 84.18 -17.61 -20.68
CA ALA L 226 85.56 -17.11 -20.64
C ALA L 226 85.59 -15.60 -20.53
N LYS L 227 84.68 -14.90 -21.21
CA LYS L 227 84.64 -13.44 -21.11
C LYS L 227 84.27 -13.00 -19.70
N LEU L 228 83.25 -13.63 -19.12
CA LEU L 228 82.85 -13.29 -17.76
C LEU L 228 84.00 -13.54 -16.77
N GLU L 229 84.65 -14.69 -16.90
CA GLU L 229 85.74 -14.99 -15.98
C GLU L 229 87.00 -14.18 -16.29
N LYS L 230 87.15 -13.69 -17.52
CA LYS L 230 88.23 -12.75 -17.82
C LYS L 230 88.04 -11.45 -17.07
N ALA L 231 86.81 -10.93 -17.08
CA ALA L 231 86.51 -9.77 -16.24
C ALA L 231 86.73 -10.08 -14.77
N LYS L 232 86.36 -11.30 -14.34
CA LYS L 232 86.55 -11.69 -12.94
C LYS L 232 88.03 -11.70 -12.56
N ALA L 233 88.89 -12.23 -13.43
CA ALA L 233 90.32 -12.26 -13.15
C ALA L 233 90.95 -10.89 -13.22
N LYS L 234 90.48 -10.02 -14.11
CA LYS L 234 90.90 -8.62 -14.08
C LYS L 234 90.56 -7.99 -12.74
N GLU L 235 89.38 -8.31 -12.19
CA GLU L 235 89.04 -7.88 -10.83
C GLU L 235 89.94 -8.50 -9.77
N LEU L 236 90.28 -9.79 -9.91
CA LEU L 236 91.07 -10.51 -8.91
C LEU L 236 92.48 -9.93 -8.76
N ALA L 237 93.19 -9.80 -9.89
CA ALA L 237 94.58 -9.37 -9.85
C ALA L 237 94.74 -7.97 -9.26
N THR L 238 93.71 -7.13 -9.33
CA THR L 238 93.74 -5.78 -8.78
C THR L 238 93.17 -5.70 -7.37
N LYS L 239 92.18 -6.54 -7.04
CA LYS L 239 91.67 -6.57 -5.68
C LYS L 239 92.72 -7.09 -4.71
N LEU L 240 93.43 -8.15 -5.09
CA LEU L 240 94.40 -8.77 -4.19
C LEU L 240 95.54 -7.79 -3.89
N GLY L 241 95.56 -7.26 -2.68
CA GLY L 241 96.56 -6.28 -2.29
C GLY L 241 96.02 -5.19 -1.37
N MET M 1 -76.45 -42.10 19.17
CA MET M 1 -77.65 -42.74 19.70
C MET M 1 -78.85 -42.49 18.81
N LYS M 2 -79.47 -43.56 18.35
CA LYS M 2 -80.69 -43.46 17.55
C LYS M 2 -81.87 -43.38 18.52
N THR M 3 -82.38 -42.17 18.72
CA THR M 3 -83.59 -42.01 19.52
C THR M 3 -84.76 -42.68 18.81
N ILE M 4 -85.53 -43.47 19.56
CA ILE M 4 -86.61 -44.24 18.96
C ILE M 4 -87.63 -43.31 18.31
N LEU M 5 -88.04 -42.27 19.02
CA LEU M 5 -89.06 -41.38 18.51
C LEU M 5 -88.89 -40.01 19.14
N SER M 6 -88.89 -38.97 18.31
CA SER M 6 -88.96 -37.60 18.82
C SER M 6 -90.01 -36.88 17.98
N ASN M 7 -91.02 -36.35 18.65
CA ASN M 7 -92.15 -35.76 17.95
C ASN M 7 -92.61 -34.51 18.69
N GLN M 8 -93.13 -33.56 17.92
CA GLN M 8 -93.69 -32.34 18.49
C GLN M 8 -95.01 -32.03 17.82
N THR M 9 -95.93 -31.45 18.58
CA THR M 9 -97.28 -31.20 18.12
C THR M 9 -97.59 -29.71 18.24
N VAL M 10 -98.01 -29.12 17.13
CA VAL M 10 -98.46 -27.73 17.11
C VAL M 10 -99.98 -27.71 17.04
N ASP M 11 -100.55 -26.56 17.37
CA ASP M 11 -101.99 -26.37 17.40
C ASP M 11 -102.38 -25.45 16.26
N ILE M 12 -103.58 -25.66 15.71
CA ILE M 12 -104.08 -24.88 14.59
C ILE M 12 -105.33 -24.14 15.05
N PRO M 13 -105.40 -22.81 14.91
CA PRO M 13 -106.62 -22.10 15.28
C PRO M 13 -107.78 -22.49 14.39
N GLU M 14 -108.98 -22.09 14.81
CA GLU M 14 -110.18 -22.46 14.08
C GLU M 14 -110.20 -21.84 12.69
N ASN M 15 -109.81 -20.57 12.57
CA ASN M 15 -109.82 -19.87 11.30
C ASN M 15 -108.67 -20.26 10.38
N VAL M 16 -107.88 -21.27 10.75
CA VAL M 16 -106.75 -21.72 9.97
C VAL M 16 -107.01 -23.15 9.52
N ASP M 17 -106.82 -23.41 8.22
CA ASP M 17 -107.00 -24.74 7.67
C ASP M 17 -105.72 -25.18 7.01
N ILE M 18 -105.16 -26.30 7.46
CA ILE M 18 -103.88 -26.79 6.98
C ILE M 18 -104.12 -28.07 6.18
N THR M 19 -103.58 -28.11 4.97
CA THR M 19 -103.68 -29.26 4.09
C THR M 19 -102.29 -29.85 3.87
N LEU M 20 -102.20 -31.16 4.01
CA LEU M 20 -100.95 -31.89 3.86
C LEU M 20 -100.96 -32.64 2.54
N LYS M 21 -99.92 -32.44 1.74
CA LYS M 21 -99.73 -33.17 0.48
C LYS M 21 -98.30 -33.69 0.51
N GLY M 22 -98.12 -34.86 1.11
CA GLY M 22 -96.79 -35.34 1.41
C GLY M 22 -96.14 -34.46 2.45
N ARG M 23 -94.97 -33.92 2.14
CA ARG M 23 -94.31 -32.99 3.04
C ARG M 23 -94.63 -31.54 2.70
N THR M 24 -95.58 -31.31 1.81
CA THR M 24 -96.02 -29.96 1.48
C THR M 24 -97.10 -29.54 2.47
N VAL M 25 -96.93 -28.38 3.07
CA VAL M 25 -97.88 -27.81 4.01
C VAL M 25 -98.50 -26.59 3.34
N ILE M 26 -99.83 -26.58 3.24
CA ILE M 26 -100.56 -25.47 2.67
C ILE M 26 -101.45 -24.91 3.77
N VAL M 27 -101.17 -23.70 4.20
CA VAL M 27 -101.84 -23.07 5.33
C VAL M 27 -102.75 -21.99 4.77
N LYS M 28 -104.06 -22.19 4.89
CA LYS M 28 -105.06 -21.25 4.42
C LYS M 28 -105.61 -20.50 5.62
N GLY M 29 -105.43 -19.19 5.62
CA GLY M 29 -105.95 -18.35 6.67
C GLY M 29 -106.71 -17.17 6.07
N PRO M 30 -107.23 -16.30 6.94
CA PRO M 30 -107.92 -15.10 6.44
C PRO M 30 -107.04 -14.20 5.59
N ARG M 31 -105.76 -14.07 5.92
CA ARG M 31 -104.89 -13.16 5.20
C ARG M 31 -104.45 -13.71 3.85
N GLY M 32 -104.61 -15.00 3.61
CA GLY M 32 -104.21 -15.60 2.37
C GLY M 32 -103.71 -17.01 2.61
N THR M 33 -103.19 -17.62 1.55
CA THR M 33 -102.73 -19.00 1.59
C THR M 33 -101.22 -19.04 1.41
N LEU M 34 -100.54 -19.70 2.33
CA LEU M 34 -99.11 -19.93 2.26
C LEU M 34 -98.84 -21.38 1.91
N ARG M 35 -97.72 -21.62 1.23
CA ARG M 35 -97.33 -22.96 0.80
C ARG M 35 -95.85 -23.14 1.05
N ARG M 36 -95.48 -24.29 1.61
CA ARG M 36 -94.06 -24.59 1.78
C ARG M 36 -93.86 -26.09 1.87
N ASP M 37 -92.85 -26.59 1.16
CA ASP M 37 -92.52 -28.01 1.21
C ASP M 37 -91.44 -28.26 2.27
N PHE M 38 -91.31 -29.52 2.65
CA PHE M 38 -90.29 -29.93 3.60
C PHE M 38 -89.64 -31.23 3.16
N ASN M 39 -89.56 -31.45 1.85
CA ASN M 39 -89.05 -32.71 1.31
C ASN M 39 -87.59 -32.94 1.64
N HIS M 40 -86.84 -31.88 1.94
CA HIS M 40 -85.45 -32.05 2.33
C HIS M 40 -85.30 -32.60 3.74
N ILE M 41 -86.39 -32.73 4.49
CA ILE M 41 -86.36 -33.26 5.84
C ILE M 41 -87.19 -34.52 5.88
N ASN M 42 -86.57 -35.63 6.26
CA ASN M 42 -87.25 -36.93 6.35
C ASN M 42 -87.96 -37.02 7.68
N VAL M 43 -89.23 -36.63 7.70
CA VAL M 43 -90.07 -36.70 8.88
C VAL M 43 -91.47 -37.14 8.44
N GLU M 44 -92.34 -37.36 9.41
CA GLU M 44 -93.74 -37.61 9.14
C GLU M 44 -94.59 -36.46 9.66
N LEU M 45 -95.43 -35.91 8.80
CA LEU M 45 -96.41 -34.90 9.20
C LEU M 45 -97.79 -35.53 9.23
N SER M 46 -98.57 -35.21 10.24
CA SER M 46 -99.91 -35.78 10.31
C SER M 46 -100.87 -34.83 11.02
N LEU M 47 -102.06 -34.69 10.46
CA LEU M 47 -103.14 -33.93 11.08
C LEU M 47 -103.87 -34.83 12.05
N LEU M 48 -104.27 -34.27 13.20
CA LEU M 48 -104.72 -35.09 14.32
C LEU M 48 -106.23 -35.03 14.55
N GLY M 49 -106.78 -33.83 14.77
CA GLY M 49 -108.15 -33.69 15.20
C GLY M 49 -108.99 -32.79 14.31
N LYS M 50 -110.29 -32.78 14.62
CA LYS M 50 -111.24 -31.91 13.94
C LYS M 50 -111.59 -30.66 14.74
N LYS M 51 -111.54 -30.75 16.07
CA LYS M 51 -111.82 -29.61 16.94
C LYS M 51 -110.56 -29.02 17.53
N LYS M 52 -109.65 -29.85 18.03
CA LYS M 52 -108.37 -29.34 18.48
C LYS M 52 -107.46 -29.00 17.30
N LYS M 53 -107.50 -29.82 16.25
CA LYS M 53 -106.76 -29.59 15.01
C LYS M 53 -105.27 -29.40 15.28
N ARG M 54 -104.67 -30.49 15.73
CA ARG M 54 -103.25 -30.51 15.98
C ARG M 54 -102.49 -31.05 14.77
N LEU M 55 -101.21 -30.74 14.73
CA LEU M 55 -100.31 -31.20 13.67
C LEU M 55 -99.07 -31.80 14.32
N ARG M 56 -98.82 -33.09 14.07
CA ARG M 56 -97.71 -33.80 14.66
C ARG M 56 -96.59 -33.96 13.64
N VAL M 57 -95.37 -33.68 14.10
CA VAL M 57 -94.15 -33.93 13.36
C VAL M 57 -93.42 -35.04 14.08
N ASP M 58 -93.16 -36.13 13.38
CA ASP M 58 -92.55 -37.33 13.94
C ASP M 58 -91.19 -37.54 13.29
N LYS M 59 -90.20 -37.93 14.09
CA LYS M 59 -88.91 -38.36 13.56
C LYS M 59 -88.50 -39.62 14.29
N TRP M 60 -88.40 -40.72 13.54
CA TRP M 60 -88.00 -42.00 14.10
C TRP M 60 -86.54 -42.27 13.79
N TRP M 61 -85.82 -42.81 14.79
CA TRP M 61 -84.46 -43.31 14.61
C TRP M 61 -83.51 -42.26 14.07
N GLY M 62 -83.67 -41.02 14.54
CA GLY M 62 -82.80 -39.93 14.15
C GLY M 62 -81.74 -39.67 15.21
N ASN M 63 -80.52 -39.44 14.75
CA ASN M 63 -79.45 -39.07 15.67
C ASN M 63 -79.59 -37.59 16.01
N ARG M 64 -78.61 -37.06 16.75
CA ARG M 64 -78.74 -35.72 17.33
C ARG M 64 -78.88 -34.65 16.23
N LYS M 65 -78.13 -34.78 15.14
CA LYS M 65 -78.11 -33.73 14.13
C LYS M 65 -79.47 -33.55 13.49
N GLU M 66 -80.17 -34.64 13.19
CA GLU M 66 -81.49 -34.54 12.60
C GLU M 66 -82.61 -34.62 13.64
N LEU M 67 -82.28 -34.69 14.93
CA LEU M 67 -83.31 -34.46 15.93
C LEU M 67 -83.73 -33.01 16.00
N ALA M 68 -82.89 -32.09 15.52
CA ALA M 68 -83.17 -30.67 15.60
C ALA M 68 -84.08 -30.18 14.49
N THR M 69 -84.42 -31.04 13.53
CA THR M 69 -85.33 -30.62 12.47
C THR M 69 -86.78 -30.57 12.94
N VAL M 70 -87.13 -31.27 14.02
CA VAL M 70 -88.53 -31.34 14.43
C VAL M 70 -89.01 -29.98 14.92
N ARG M 71 -88.26 -29.34 15.82
CA ARG M 71 -88.67 -28.03 16.29
C ARG M 71 -88.51 -26.98 15.21
N THR M 72 -87.58 -27.17 14.29
CA THR M 72 -87.44 -26.25 13.17
C THR M 72 -88.67 -26.28 12.28
N ILE M 73 -89.16 -27.47 11.97
CA ILE M 73 -90.39 -27.61 11.18
C ILE M 73 -91.58 -27.06 11.94
N CYS M 74 -91.64 -27.32 13.25
CA CYS M 74 -92.75 -26.80 14.04
C CYS M 74 -92.74 -25.27 14.08
N SER M 75 -91.56 -24.67 14.21
CA SER M 75 -91.49 -23.22 14.18
C SER M 75 -91.85 -22.67 12.82
N HIS M 76 -91.46 -23.35 11.74
CA HIS M 76 -91.86 -22.90 10.41
C HIS M 76 -93.37 -22.97 10.25
N VAL M 77 -94.00 -24.03 10.74
CA VAL M 77 -95.45 -24.15 10.67
C VAL M 77 -96.12 -23.05 11.48
N GLN M 78 -95.61 -22.79 12.68
CA GLN M 78 -96.16 -21.73 13.51
C GLN M 78 -96.00 -20.36 12.85
N ASN M 79 -94.88 -20.14 12.17
CA ASN M 79 -94.68 -18.88 11.47
C ASN M 79 -95.61 -18.73 10.28
N MET M 80 -95.87 -19.81 9.54
CA MET M 80 -96.86 -19.75 8.48
C MET M 80 -98.24 -19.46 9.02
N ILE M 81 -98.61 -20.10 10.13
CA ILE M 81 -99.91 -19.85 10.75
C ILE M 81 -100.02 -18.40 11.20
N LYS M 82 -98.97 -17.88 11.83
CA LYS M 82 -98.97 -16.49 12.26
C LYS M 82 -99.07 -15.55 11.07
N GLY M 83 -98.38 -15.86 9.98
CA GLY M 83 -98.45 -15.01 8.80
C GLY M 83 -99.83 -14.97 8.19
N VAL M 84 -100.50 -16.12 8.13
CA VAL M 84 -101.84 -16.13 7.55
C VAL M 84 -102.92 -15.65 8.51
N THR M 85 -102.62 -15.54 9.81
CA THR M 85 -103.60 -14.96 10.72
C THR M 85 -103.40 -13.46 10.91
N LEU M 86 -102.25 -13.08 11.46
CA LEU M 86 -101.98 -11.72 11.85
C LEU M 86 -100.99 -11.02 10.93
N GLY M 87 -100.32 -11.74 10.05
CA GLY M 87 -99.36 -11.13 9.16
C GLY M 87 -98.09 -10.74 9.88
N PHE M 88 -97.11 -10.28 9.10
CA PHE M 88 -95.83 -9.84 9.62
C PHE M 88 -95.60 -8.41 9.19
N ARG M 89 -95.18 -7.58 10.14
CA ARG M 89 -94.95 -6.16 9.91
C ARG M 89 -93.58 -5.83 10.49
N TYR M 90 -92.61 -5.59 9.62
CA TYR M 90 -91.28 -5.18 10.03
C TYR M 90 -91.19 -3.67 9.92
N LYS M 91 -90.91 -3.03 11.04
CA LYS M 91 -90.73 -1.59 11.10
C LYS M 91 -89.25 -1.29 11.13
N MET M 92 -88.79 -0.48 10.19
CA MET M 92 -87.41 -0.04 10.12
C MET M 92 -87.36 1.47 10.30
N ARG M 93 -86.31 1.94 10.97
CA ARG M 93 -86.07 3.37 11.11
C ARG M 93 -84.77 3.71 10.40
N SER M 94 -84.75 4.86 9.73
CA SER M 94 -83.56 5.31 9.02
C SER M 94 -82.83 6.32 9.90
N VAL M 95 -81.63 5.96 10.33
CA VAL M 95 -80.80 6.82 11.17
C VAL M 95 -79.72 7.44 10.30
N TYR M 96 -79.49 8.73 10.49
CA TYR M 96 -78.47 9.44 9.73
C TYR M 96 -77.94 10.58 10.58
N ALA M 97 -76.66 10.87 10.40
CA ALA M 97 -76.03 11.97 11.13
C ALA M 97 -76.36 13.32 10.49
N HIS M 98 -75.98 13.50 9.23
CA HIS M 98 -76.14 14.78 8.56
C HIS M 98 -77.15 14.73 7.42
N PHE M 99 -76.92 13.87 6.44
CA PHE M 99 -77.76 13.84 5.25
C PHE M 99 -78.99 13.00 5.50
N PRO M 100 -80.20 13.53 5.35
CA PRO M 100 -81.39 12.70 5.45
C PRO M 100 -81.40 11.64 4.35
N ILE M 101 -81.85 10.44 4.70
CA ILE M 101 -81.94 9.34 3.76
C ILE M 101 -83.33 9.39 3.15
N ASN M 102 -83.45 10.04 2.00
CA ASN M 102 -84.75 10.20 1.36
C ASN M 102 -85.14 8.89 0.69
N VAL M 103 -86.36 8.43 0.97
CA VAL M 103 -86.86 7.16 0.46
C VAL M 103 -88.09 7.42 -0.41
N VAL M 104 -88.05 6.95 -1.64
CA VAL M 104 -89.16 7.02 -2.57
C VAL M 104 -89.71 5.62 -2.76
N ILE M 105 -91.00 5.42 -2.50
CA ILE M 105 -91.62 4.13 -2.67
C ILE M 105 -92.25 4.10 -4.05
N GLN M 106 -91.66 3.31 -4.95
CA GLN M 106 -92.10 3.22 -6.34
C GLN M 106 -93.32 2.29 -6.40
N GLU M 107 -93.65 1.81 -7.61
CA GLU M 107 -94.97 1.28 -7.90
C GLU M 107 -95.39 0.17 -6.95
N ASN M 108 -96.62 0.30 -6.43
CA ASN M 108 -97.32 -0.69 -5.61
C ASN M 108 -96.59 -1.03 -4.32
N GLY M 109 -95.55 -0.27 -3.95
CA GLY M 109 -94.78 -0.62 -2.78
C GLY M 109 -93.81 -1.75 -2.98
N SER M 110 -93.33 -1.97 -4.21
CA SER M 110 -92.44 -3.06 -4.52
C SER M 110 -91.00 -2.64 -4.77
N LEU M 111 -90.77 -1.37 -5.08
CA LEU M 111 -89.43 -0.85 -5.35
C LEU M 111 -89.16 0.32 -4.41
N VAL M 112 -87.91 0.42 -3.97
CA VAL M 112 -87.49 1.43 -3.01
C VAL M 112 -86.30 2.18 -3.58
N GLU M 113 -86.42 3.51 -3.64
CA GLU M 113 -85.31 4.39 -4.02
C GLU M 113 -84.76 5.04 -2.75
N ILE M 114 -83.60 4.58 -2.32
CA ILE M 114 -82.80 5.29 -1.33
C ILE M 114 -81.97 6.31 -2.09
N ARG M 115 -82.14 7.59 -1.77
CA ARG M 115 -81.61 8.65 -2.62
C ARG M 115 -80.36 9.31 -2.06
N ASN M 116 -80.44 9.85 -0.85
CA ASN M 116 -79.39 10.71 -0.31
C ASN M 116 -78.65 10.05 0.85
N PHE M 117 -78.38 8.76 0.72
CA PHE M 117 -77.62 8.06 1.74
C PHE M 117 -76.20 8.60 1.80
N LEU M 118 -75.82 9.15 2.97
CA LEU M 118 -74.51 9.74 3.19
C LEU M 118 -74.20 10.87 2.21
N GLY M 119 -75.23 11.48 1.64
CA GLY M 119 -75.03 12.60 0.74
C GLY M 119 -74.24 12.29 -0.50
N GLU M 120 -74.46 11.13 -1.09
CA GLU M 120 -73.84 10.76 -2.35
C GLU M 120 -74.90 10.65 -3.43
N LYS M 121 -74.44 10.59 -4.67
CA LYS M 121 -75.32 10.73 -5.82
C LYS M 121 -75.77 9.40 -6.39
N TYR M 122 -75.45 8.29 -5.75
CA TYR M 122 -75.89 6.99 -6.24
C TYR M 122 -77.27 6.67 -5.66
N ILE M 123 -78.22 6.36 -6.54
CA ILE M 123 -79.58 6.07 -6.16
C ILE M 123 -79.72 4.56 -6.01
N ARG M 124 -79.85 4.09 -4.78
CA ARG M 124 -80.05 2.68 -4.54
C ARG M 124 -81.49 2.31 -4.85
N ARG M 125 -81.69 1.30 -5.69
CA ARG M 125 -83.03 0.80 -5.99
C ARG M 125 -83.10 -0.65 -5.57
N VAL M 126 -83.89 -0.92 -4.54
CA VAL M 126 -84.03 -2.24 -3.96
C VAL M 126 -85.44 -2.74 -4.24
N ARG M 127 -85.54 -3.95 -4.78
CA ARG M 127 -86.81 -4.55 -5.09
C ARG M 127 -87.16 -5.59 -4.04
N MET M 128 -88.34 -5.45 -3.44
CA MET M 128 -88.75 -6.40 -2.42
C MET M 128 -89.10 -7.74 -3.03
N ARG M 129 -89.02 -8.79 -2.20
CA ARG M 129 -89.49 -10.08 -2.61
C ARG M 129 -91.00 -10.04 -2.82
N PRO M 130 -91.53 -10.82 -3.75
CA PRO M 130 -92.97 -10.81 -3.99
C PRO M 130 -93.74 -11.23 -2.75
N GLY M 131 -94.89 -10.62 -2.55
CA GLY M 131 -95.64 -10.79 -1.33
C GLY M 131 -95.26 -9.85 -0.21
N VAL M 132 -94.40 -8.86 -0.48
CA VAL M 132 -93.98 -7.88 0.50
C VAL M 132 -94.45 -6.51 0.03
N ALA M 133 -95.14 -5.77 0.89
CA ALA M 133 -95.61 -4.44 0.58
C ALA M 133 -94.90 -3.44 1.49
N CYS M 134 -94.34 -2.39 0.88
CA CYS M 134 -93.59 -1.38 1.60
C CYS M 134 -94.39 -0.10 1.70
N SER M 135 -94.17 0.63 2.79
CA SER M 135 -94.89 1.88 3.03
C SER M 135 -94.02 2.79 3.89
N VAL M 136 -94.34 4.07 3.89
CA VAL M 136 -93.72 5.06 4.75
C VAL M 136 -94.74 5.42 5.83
N SER M 137 -94.27 5.50 7.08
CA SER M 137 -95.19 5.73 8.18
C SER M 137 -95.69 7.18 8.19
N GLN M 138 -96.72 7.41 8.98
CA GLN M 138 -97.25 8.75 9.22
C GLN M 138 -97.14 9.20 10.66
N ALA M 139 -96.92 8.29 11.60
CA ALA M 139 -96.68 8.64 12.98
C ALA M 139 -95.21 8.80 13.30
N GLN M 140 -94.32 8.50 12.35
CA GLN M 140 -92.90 8.71 12.50
C GLN M 140 -92.38 9.48 11.30
N LYS M 141 -91.39 10.33 11.53
CA LYS M 141 -90.80 11.08 10.43
C LYS M 141 -90.07 10.15 9.46
N ASP M 142 -89.31 9.20 9.99
CA ASP M 142 -88.46 8.33 9.18
C ASP M 142 -88.73 6.87 9.56
N GLU M 143 -89.74 6.26 8.94
CA GLU M 143 -90.05 4.87 9.24
C GLU M 143 -90.59 4.17 8.02
N LEU M 144 -90.08 2.97 7.78
CA LEU M 144 -90.49 2.09 6.70
C LEU M 144 -91.23 0.89 7.28
N ILE M 145 -92.27 0.45 6.57
CA ILE M 145 -93.11 -0.65 7.00
C ILE M 145 -93.11 -1.70 5.90
N LEU M 146 -92.74 -2.91 6.24
CA LEU M 146 -92.77 -4.04 5.32
C LEU M 146 -93.81 -5.02 5.85
N GLU M 147 -94.91 -5.16 5.13
CA GLU M 147 -96.01 -6.02 5.53
C GLU M 147 -96.11 -7.20 4.59
N GLY M 148 -96.38 -8.38 5.15
CA GLY M 148 -96.53 -9.55 4.30
C GLY M 148 -97.05 -10.71 5.10
N ASN M 149 -97.08 -11.87 4.44
CA ASN M 149 -97.40 -13.12 5.11
C ASN M 149 -96.14 -13.94 5.37
N ASP M 150 -95.25 -13.97 4.39
CA ASP M 150 -94.03 -14.77 4.47
C ASP M 150 -93.03 -14.03 5.35
N ILE M 151 -92.78 -14.58 6.54
CA ILE M 151 -91.76 -14.01 7.41
C ILE M 151 -90.40 -14.04 6.74
N GLU M 152 -90.09 -15.17 6.09
CA GLU M 152 -88.82 -15.31 5.38
C GLU M 152 -88.62 -14.18 4.39
N LEU M 153 -89.60 -13.98 3.51
CA LEU M 153 -89.47 -12.98 2.46
C LEU M 153 -89.49 -11.56 3.01
N VAL M 154 -90.32 -11.30 4.01
CA VAL M 154 -90.42 -9.95 4.56
C VAL M 154 -89.11 -9.55 5.22
N SER M 155 -88.59 -10.40 6.11
CA SER M 155 -87.32 -10.05 6.73
C SER M 155 -86.16 -10.14 5.75
N ASN M 156 -86.28 -10.94 4.68
CA ASN M 156 -85.26 -10.92 3.63
C ASN M 156 -85.22 -9.58 2.92
N SER M 157 -86.39 -9.01 2.63
CA SER M 157 -86.43 -7.69 2.02
C SER M 157 -85.91 -6.62 2.97
N ALA M 158 -86.24 -6.76 4.26
CA ALA M 158 -85.70 -5.84 5.25
C ALA M 158 -84.18 -5.90 5.28
N ALA M 159 -83.63 -7.11 5.25
CA ALA M 159 -82.18 -7.27 5.19
C ALA M 159 -81.63 -6.70 3.90
N LEU M 160 -82.36 -6.82 2.79
CA LEU M 160 -81.93 -6.22 1.54
C LEU M 160 -81.74 -4.71 1.68
N ILE M 161 -82.74 -4.03 2.26
CA ILE M 161 -82.65 -2.59 2.43
C ILE M 161 -81.53 -2.22 3.40
N GLN M 162 -81.45 -2.92 4.53
CA GLN M 162 -80.46 -2.60 5.55
C GLN M 162 -79.04 -2.79 5.02
N GLN M 163 -78.82 -3.85 4.25
CA GLN M 163 -77.51 -4.07 3.64
C GLN M 163 -77.24 -3.15 2.47
N ALA M 164 -78.28 -2.67 1.79
CA ALA M 164 -78.08 -1.66 0.76
C ALA M 164 -77.58 -0.37 1.37
N THR M 165 -77.99 -0.06 2.60
CA THR M 165 -77.48 1.12 3.30
C THR M 165 -76.27 0.72 4.14
N THR M 166 -75.09 0.73 3.51
CA THR M 166 -73.84 0.32 4.16
C THR M 166 -72.74 1.33 3.89
N VAL M 167 -72.09 1.78 4.96
CA VAL M 167 -70.94 2.69 4.85
C VAL M 167 -69.69 1.87 4.58
N LYS M 168 -68.91 2.29 3.58
CA LYS M 168 -67.71 1.59 3.19
C LYS M 168 -66.49 2.48 3.36
N ASN M 169 -65.39 1.87 3.81
CA ASN M 169 -64.09 2.54 3.98
C ASN M 169 -64.16 3.67 5.00
N LYS M 170 -65.00 3.52 6.01
CA LYS M 170 -65.08 4.46 7.12
C LYS M 170 -65.23 3.69 8.42
N ASP M 171 -64.97 4.35 9.53
CA ASP M 171 -65.22 3.79 10.84
C ASP M 171 -66.74 3.66 11.03
N ILE M 172 -67.26 2.44 10.91
CA ILE M 172 -68.70 2.24 11.04
C ILE M 172 -69.17 2.46 12.46
N ARG M 173 -68.29 2.38 13.45
CA ARG M 173 -68.67 2.70 14.81
C ARG M 173 -68.94 4.18 15.01
N LYS M 174 -68.58 5.02 14.03
CA LYS M 174 -68.87 6.45 14.06
C LYS M 174 -69.86 6.86 12.98
N PHE M 175 -69.70 6.35 11.76
CA PHE M 175 -70.63 6.66 10.67
C PHE M 175 -71.77 5.65 10.73
N LEU M 176 -72.73 5.95 11.61
CA LEU M 176 -73.86 5.06 11.86
C LEU M 176 -75.03 5.31 10.92
N ASP M 177 -74.77 5.86 9.74
CA ASP M 177 -75.83 6.11 8.78
C ASP M 177 -76.32 4.80 8.19
N GLY M 178 -77.63 4.68 8.05
CA GLY M 178 -78.22 3.50 7.48
C GLY M 178 -79.69 3.42 7.84
N ILE M 179 -80.30 2.30 7.51
CA ILE M 179 -81.66 1.97 7.91
C ILE M 179 -81.62 0.64 8.64
N TYR M 180 -82.18 0.61 9.84
CA TYR M 180 -82.07 -0.55 10.70
C TYR M 180 -83.45 -0.98 11.17
N VAL M 181 -83.62 -2.28 11.35
CA VAL M 181 -84.91 -2.87 11.72
C VAL M 181 -85.20 -2.47 13.16
N SER M 182 -86.10 -1.50 13.34
CA SER M 182 -86.44 -1.05 14.69
C SER M 182 -87.18 -2.14 15.45
N GLU M 183 -88.16 -2.79 14.82
CA GLU M 183 -88.87 -3.87 15.51
C GLU M 183 -89.58 -4.75 14.51
N LYS M 184 -89.95 -5.94 14.98
CA LYS M 184 -90.72 -6.91 14.24
C LYS M 184 -92.00 -7.22 14.99
N GLY M 185 -93.13 -7.11 14.32
CA GLY M 185 -94.40 -7.42 14.96
C GLY M 185 -95.40 -7.96 13.97
N THR M 186 -96.67 -7.93 14.31
CA THR M 186 -97.72 -8.40 13.44
C THR M 186 -98.64 -7.24 13.08
N VAL M 187 -99.75 -7.57 12.43
CA VAL M 187 -100.82 -6.63 12.16
C VAL M 187 -102.00 -6.98 13.06
N GLN M 188 -102.65 -5.95 13.60
CA GLN M 188 -103.84 -6.02 14.44
C GLN M 188 -103.53 -6.50 15.85
N GLN M 189 -102.32 -7.00 16.07
CA GLN M 189 -101.77 -7.29 17.41
C GLN M 189 -102.72 -8.16 18.26
N ALA M 190 -103.49 -9.03 17.62
CA ALA M 190 -104.50 -9.79 18.35
C ALA M 190 -103.90 -11.01 19.03
N GLY N 1 -29.05 -18.32 19.29
CA GLY N 1 -27.74 -18.71 19.77
C GLY N 1 -27.65 -20.17 20.15
N ARG N 2 -28.73 -20.69 20.72
CA ARG N 2 -28.83 -22.09 21.11
C ARG N 2 -29.66 -22.86 20.10
N ARG N 3 -29.32 -24.13 19.93
CA ARG N 3 -30.08 -24.98 19.02
C ARG N 3 -31.48 -25.23 19.57
N PRO N 4 -32.44 -25.52 18.70
CA PRO N 4 -33.78 -25.87 19.17
C PRO N 4 -33.75 -27.15 20.01
N ALA N 5 -34.82 -27.35 20.79
CA ALA N 5 -34.90 -28.52 21.64
C ALA N 5 -35.16 -29.80 20.85
N ARG N 6 -35.64 -29.70 19.61
CA ARG N 6 -35.85 -30.88 18.79
C ARG N 6 -34.55 -31.57 18.43
N CYS N 7 -33.42 -30.89 18.57
CA CYS N 7 -32.14 -31.51 18.28
C CYS N 7 -31.77 -32.54 19.34
N TYR N 8 -32.12 -32.28 20.59
CA TYR N 8 -31.76 -33.17 21.69
C TYR N 8 -32.99 -33.68 22.43
N ARG N 9 -34.14 -33.72 21.75
CA ARG N 9 -35.37 -34.15 22.39
C ARG N 9 -35.32 -35.61 22.85
N TYR N 10 -34.47 -36.44 22.28
CA TYR N 10 -34.49 -37.87 22.57
C TYR N 10 -33.26 -38.28 23.37
N CYS N 11 -33.37 -39.44 24.02
CA CYS N 11 -32.27 -40.00 24.81
C CYS N 11 -31.38 -40.85 23.91
N LYS N 12 -30.75 -40.17 22.95
CA LYS N 12 -29.98 -40.88 21.94
C LYS N 12 -28.62 -41.33 22.44
N ASN N 13 -28.02 -40.58 23.35
CA ASN N 13 -26.69 -40.90 23.85
C ASN N 13 -26.78 -41.62 25.18
N LYS N 14 -25.68 -42.29 25.54
CA LYS N 14 -25.54 -42.81 26.87
C LYS N 14 -25.46 -41.64 27.85
N PRO N 15 -25.81 -41.86 29.12
CA PRO N 15 -25.67 -40.80 30.11
C PRO N 15 -24.24 -40.27 30.16
N TYR N 16 -24.10 -38.96 30.05
CA TYR N 16 -22.81 -38.29 29.89
C TYR N 16 -22.70 -37.20 30.94
N PRO N 17 -22.51 -37.58 32.20
CA PRO N 17 -22.55 -36.60 33.28
C PRO N 17 -21.32 -35.71 33.30
N LYS N 18 -21.45 -34.60 34.00
CA LYS N 18 -20.31 -33.73 34.25
C LYS N 18 -19.35 -34.44 35.19
N SER N 19 -18.23 -34.89 34.65
CA SER N 19 -17.30 -35.73 35.41
C SER N 19 -15.87 -35.28 35.23
N ARG N 20 -14.92 -36.07 35.76
CA ARG N 20 -13.51 -35.79 35.57
C ARG N 20 -13.05 -36.09 34.15
N PHE N 21 -13.88 -36.72 33.33
CA PHE N 21 -13.59 -36.87 31.91
C PHE N 21 -14.20 -35.76 31.09
N CYS N 22 -15.37 -35.27 31.48
CA CYS N 22 -16.07 -34.21 30.77
C CYS N 22 -15.95 -32.95 31.61
N ARG N 23 -14.87 -32.21 31.42
CA ARG N 23 -14.63 -30.96 32.11
C ARG N 23 -15.12 -29.79 31.26
N GLY N 24 -15.00 -28.60 31.81
CA GLY N 24 -15.43 -27.40 31.11
C GLY N 24 -16.91 -27.35 30.81
N VAL N 25 -17.73 -27.93 31.68
CA VAL N 25 -19.18 -27.92 31.50
C VAL N 25 -19.71 -26.58 31.95
N PRO N 26 -20.43 -25.85 31.11
CA PRO N 26 -21.06 -24.60 31.56
C PRO N 26 -22.13 -24.90 32.60
N ASP N 27 -22.31 -23.95 33.51
CA ASP N 27 -23.27 -24.12 34.59
C ASP N 27 -24.69 -24.17 34.03
N ALA N 28 -25.56 -24.88 34.75
CA ALA N 28 -26.94 -25.06 34.30
C ALA N 28 -27.72 -23.76 34.45
N LYS N 29 -28.80 -23.66 33.68
CA LYS N 29 -29.66 -22.49 33.76
C LYS N 29 -30.45 -22.46 35.06
N ILE N 30 -30.85 -23.62 35.56
CA ILE N 30 -31.66 -23.70 36.77
C ILE N 30 -30.75 -24.07 37.94
N ARG N 31 -30.78 -23.23 38.98
CA ARG N 31 -29.99 -23.46 40.18
C ARG N 31 -30.85 -23.67 41.43
N ILE N 32 -32.10 -23.25 41.41
CA ILE N 32 -33.00 -23.35 42.55
C ILE N 32 -34.00 -24.45 42.27
N PHE N 33 -34.01 -25.48 43.12
CA PHE N 33 -34.94 -26.58 42.95
C PHE N 33 -36.07 -26.56 43.97
N ASP N 34 -36.09 -25.57 44.87
CA ASP N 34 -37.12 -25.48 45.89
C ASP N 34 -37.55 -24.03 46.03
N LEU N 35 -38.85 -23.79 45.99
CA LEU N 35 -39.41 -22.45 46.00
C LEU N 35 -40.61 -22.39 46.93
N GLY N 36 -40.96 -21.18 47.34
CA GLY N 36 -42.07 -20.99 48.25
C GLY N 36 -41.61 -21.00 49.69
N ARG N 37 -42.54 -21.31 50.58
CA ARG N 37 -42.24 -21.40 52.01
C ARG N 37 -41.69 -22.79 52.30
N LYS N 38 -40.43 -23.00 51.90
CA LYS N 38 -39.82 -24.32 52.02
C LYS N 38 -39.67 -24.74 53.47
N LYS N 39 -39.53 -23.78 54.38
CA LYS N 39 -39.37 -24.10 55.80
C LYS N 39 -40.67 -24.48 56.48
N ALA N 40 -41.77 -24.58 55.73
CA ALA N 40 -43.05 -24.92 56.33
C ALA N 40 -43.02 -26.34 56.88
N LYS N 41 -43.82 -26.56 57.91
CA LYS N 41 -43.86 -27.87 58.55
C LYS N 41 -44.54 -28.88 57.64
N VAL N 42 -44.46 -30.15 58.02
CA VAL N 42 -45.01 -31.21 57.19
C VAL N 42 -46.53 -31.18 57.19
N ASP N 43 -47.13 -30.88 58.34
CA ASP N 43 -48.59 -30.90 58.45
C ASP N 43 -49.24 -29.60 57.99
N GLU N 44 -48.46 -28.58 57.64
CA GLU N 44 -49.05 -27.34 57.16
C GLU N 44 -49.66 -27.52 55.78
N PHE N 45 -48.99 -28.27 54.91
CA PHE N 45 -49.40 -28.43 53.52
C PHE N 45 -49.76 -29.89 53.28
N PRO N 46 -51.02 -30.27 53.48
CA PRO N 46 -51.40 -31.67 53.32
C PRO N 46 -51.59 -32.11 51.87
N LEU N 47 -51.50 -31.21 50.91
CA LEU N 47 -51.80 -31.53 49.51
C LEU N 47 -50.53 -31.55 48.68
N GLY N 48 -50.40 -32.56 47.83
CA GLY N 48 -49.29 -32.64 46.89
C GLY N 48 -49.74 -32.96 45.48
N GLY N 49 -49.23 -32.23 44.51
CA GLY N 49 -49.59 -32.45 43.12
C GLY N 49 -48.37 -32.49 42.23
N HIS N 50 -48.39 -33.39 41.25
CA HIS N 50 -47.22 -33.71 40.45
C HIS N 50 -47.49 -33.52 38.97
N MET N 51 -46.44 -33.17 38.24
CA MET N 51 -46.46 -33.10 36.79
C MET N 51 -45.69 -34.32 36.28
N VAL N 52 -46.41 -35.42 36.11
CA VAL N 52 -45.81 -36.68 35.68
C VAL N 52 -45.55 -36.61 34.18
N SER N 53 -44.38 -37.06 33.76
CA SER N 53 -44.09 -37.11 32.34
C SER N 53 -44.78 -38.30 31.69
N ASP N 54 -44.91 -38.24 30.36
CA ASP N 54 -45.53 -39.33 29.62
C ASP N 54 -44.63 -39.91 28.54
N GLU N 55 -43.42 -39.39 28.37
CA GLU N 55 -42.51 -39.86 27.34
C GLU N 55 -41.12 -40.04 27.93
N TYR N 56 -40.35 -40.94 27.33
CA TYR N 56 -38.96 -41.15 27.68
C TYR N 56 -38.13 -40.22 26.80
N GLU N 57 -37.81 -39.04 27.33
CA GLU N 57 -37.21 -37.98 26.52
C GLU N 57 -36.24 -37.19 27.39
N GLN N 58 -35.79 -36.06 26.87
CA GLN N 58 -34.87 -35.17 27.58
C GLN N 58 -35.46 -33.77 27.65
N LEU N 59 -35.30 -33.13 28.81
CA LEU N 59 -35.79 -31.79 29.06
C LEU N 59 -34.61 -30.91 29.42
N SER N 60 -34.47 -29.79 28.73
CA SER N 60 -33.29 -28.96 28.94
C SER N 60 -33.39 -28.19 30.26
N SER N 61 -32.23 -27.75 30.73
CA SER N 61 -32.18 -26.99 31.97
C SER N 61 -32.89 -25.65 31.82
N GLU N 62 -32.76 -25.02 30.66
CA GLU N 62 -33.47 -23.76 30.43
C GLU N 62 -34.98 -23.97 30.46
N ALA N 63 -35.46 -25.06 29.86
CA ALA N 63 -36.88 -25.37 29.92
C ALA N 63 -37.33 -25.62 31.34
N LEU N 64 -36.52 -26.33 32.12
CA LEU N 64 -36.85 -26.55 33.52
C LEU N 64 -36.96 -25.23 34.27
N GLU N 65 -36.01 -24.32 34.05
CA GLU N 65 -36.04 -23.02 34.70
C GLU N 65 -37.26 -22.21 34.28
N ALA N 66 -37.60 -22.22 33.00
CA ALA N 66 -38.74 -21.46 32.51
C ALA N 66 -40.05 -21.96 33.10
N ALA N 67 -40.23 -23.29 33.12
CA ALA N 67 -41.44 -23.84 33.71
C ALA N 67 -41.50 -23.56 35.21
N ARG N 68 -40.35 -23.65 35.90
CA ARG N 68 -40.31 -23.35 37.32
C ARG N 68 -40.73 -21.91 37.59
N ILE N 69 -40.23 -20.97 36.80
CA ILE N 69 -40.59 -19.56 36.97
C ILE N 69 -42.08 -19.37 36.72
N CYS N 70 -42.62 -19.99 35.67
CA CYS N 70 -44.04 -19.84 35.36
C CYS N 70 -44.91 -20.34 36.51
N ALA N 71 -44.62 -21.55 36.99
CA ALA N 71 -45.40 -22.10 38.10
C ALA N 71 -45.25 -21.25 39.35
N ASN N 72 -44.05 -20.76 39.62
CA ASN N 72 -43.82 -19.88 40.76
C ASN N 72 -44.69 -18.64 40.68
N LYS N 73 -44.70 -17.98 39.52
CA LYS N 73 -45.46 -16.75 39.37
C LYS N 73 -46.95 -17.00 39.58
N TYR N 74 -47.49 -18.07 38.98
CA TYR N 74 -48.91 -18.31 39.15
C TYR N 74 -49.25 -18.68 40.59
N MET N 75 -48.41 -19.49 41.23
CA MET N 75 -48.69 -19.86 42.61
C MET N 75 -48.63 -18.66 43.54
N VAL N 76 -47.68 -17.75 43.29
CA VAL N 76 -47.61 -16.52 44.08
C VAL N 76 -48.88 -15.70 43.88
N LYS N 77 -49.34 -15.58 42.63
CA LYS N 77 -50.53 -14.77 42.37
C LYS N 77 -51.78 -15.39 42.98
N SER N 78 -51.89 -16.72 42.93
CA SER N 78 -53.14 -17.39 43.29
C SER N 78 -53.20 -17.86 44.73
N CYS N 79 -52.08 -17.92 45.44
CA CYS N 79 -52.08 -18.44 46.80
C CYS N 79 -51.28 -17.61 47.78
N GLY N 80 -50.63 -16.54 47.33
CA GLY N 80 -49.73 -15.81 48.20
C GLY N 80 -48.34 -16.42 48.17
N ARG N 81 -47.32 -15.58 48.36
CA ARG N 81 -45.94 -16.04 48.27
C ARG N 81 -45.57 -17.02 49.37
N ASP N 82 -46.37 -17.13 50.42
CA ASP N 82 -46.09 -18.03 51.54
C ASP N 82 -47.18 -19.08 51.71
N GLY N 83 -47.79 -19.51 50.60
CA GLY N 83 -48.88 -20.46 50.71
C GLY N 83 -48.59 -21.84 50.16
N PHE N 84 -47.43 -22.02 49.55
CA PHE N 84 -47.13 -23.22 48.80
C PHE N 84 -45.66 -23.56 48.92
N HIS N 85 -45.29 -24.70 48.36
CA HIS N 85 -43.89 -25.09 48.25
C HIS N 85 -43.73 -25.92 46.98
N MET N 86 -42.85 -25.47 46.09
CA MET N 86 -42.59 -26.16 44.83
C MET N 86 -41.22 -26.81 44.88
N ARG N 87 -41.13 -27.99 44.29
CA ARG N 87 -39.88 -28.74 44.22
C ARG N 87 -39.74 -29.31 42.82
N VAL N 88 -38.64 -28.97 42.16
CA VAL N 88 -38.37 -29.48 40.82
C VAL N 88 -37.54 -30.74 40.98
N ARG N 89 -38.13 -31.89 40.66
CA ARG N 89 -37.53 -33.17 40.96
C ARG N 89 -36.76 -33.75 39.77
N LEU N 90 -36.22 -32.89 38.92
CA LEU N 90 -35.28 -33.29 37.88
C LEU N 90 -34.05 -32.40 37.95
N HIS N 91 -32.90 -33.01 37.90
CA HIS N 91 -31.71 -32.21 37.78
C HIS N 91 -31.08 -32.44 36.42
N PRO N 92 -30.57 -31.41 35.77
CA PRO N 92 -29.93 -31.57 34.45
C PRO N 92 -28.51 -32.15 34.56
N PHE N 93 -28.46 -33.47 34.72
CA PHE N 93 -27.20 -34.16 34.96
C PHE N 93 -26.51 -34.64 33.69
N HIS N 94 -27.18 -34.58 32.54
CA HIS N 94 -26.66 -35.14 31.30
C HIS N 94 -26.17 -34.02 30.39
N VAL N 95 -24.98 -34.19 29.83
CA VAL N 95 -24.33 -33.16 29.03
C VAL N 95 -24.52 -33.49 27.56
N ILE N 96 -25.04 -32.52 26.80
CA ILE N 96 -25.21 -32.64 25.36
C ILE N 96 -24.07 -31.90 24.67
N ARG N 97 -23.57 -32.48 23.59
CA ARG N 97 -22.42 -31.95 22.89
C ARG N 97 -22.80 -31.45 21.50
N ILE N 98 -22.06 -30.46 21.01
CA ILE N 98 -22.31 -29.85 19.72
C ILE N 98 -21.02 -29.90 18.90
N ASN N 99 -21.15 -30.30 17.64
CA ASN N 99 -20.01 -30.28 16.71
C ASN N 99 -20.03 -28.92 16.02
N LYS N 100 -19.17 -28.01 16.47
CA LYS N 100 -19.17 -26.65 15.94
C LYS N 100 -18.35 -26.59 14.65
N MET N 101 -19.03 -26.25 13.56
CA MET N 101 -18.37 -25.95 12.29
C MET N 101 -18.59 -24.47 12.00
N LEU N 102 -17.49 -23.74 11.79
CA LEU N 102 -17.55 -22.32 11.54
C LEU N 102 -18.23 -22.03 10.20
N GLN N 111 -9.90 -28.69 11.36
CA GLN N 111 -10.09 -29.61 10.24
C GLN N 111 -11.56 -29.70 9.85
N THR N 112 -11.87 -29.18 8.66
CA THR N 112 -13.24 -29.09 8.20
C THR N 112 -13.82 -30.47 7.90
N GLY N 113 -15.11 -30.62 8.16
CA GLY N 113 -15.83 -31.83 7.84
C GLY N 113 -16.14 -32.66 9.08
N MET N 114 -16.61 -33.88 8.83
CA MET N 114 -16.89 -34.85 9.88
C MET N 114 -15.63 -35.48 10.44
N ARG N 115 -14.45 -35.00 10.04
CA ARG N 115 -13.20 -35.51 10.59
C ARG N 115 -13.01 -34.96 12.00
N GLY N 116 -12.77 -35.87 12.95
CA GLY N 116 -12.58 -35.47 14.33
C GLY N 116 -13.78 -34.75 14.90
N ALA N 117 -14.96 -35.31 14.68
CA ALA N 117 -16.21 -34.59 14.91
C ALA N 117 -16.80 -34.80 16.28
N PHE N 118 -16.03 -35.27 17.25
CA PHE N 118 -16.55 -35.37 18.61
C PHE N 118 -16.83 -33.97 19.15
N GLY N 119 -18.02 -33.78 19.72
CA GLY N 119 -18.51 -32.45 20.03
C GLY N 119 -18.09 -31.94 21.39
N LYS N 120 -17.95 -30.62 21.47
CA LYS N 120 -17.67 -29.94 22.72
C LYS N 120 -18.94 -29.85 23.56
N PRO N 121 -18.81 -29.74 24.89
CA PRO N 121 -19.99 -29.56 25.72
C PRO N 121 -20.73 -28.29 25.38
N GLN N 122 -22.06 -28.37 25.38
CA GLN N 122 -22.92 -27.26 25.03
C GLN N 122 -23.83 -26.85 26.16
N GLY N 123 -24.43 -27.81 26.84
CA GLY N 123 -25.34 -27.52 27.92
C GLY N 123 -25.71 -28.78 28.64
N THR N 124 -26.79 -28.70 29.41
CA THR N 124 -27.26 -29.84 30.17
C THR N 124 -28.74 -30.05 29.92
N VAL N 125 -29.14 -31.32 29.88
CA VAL N 125 -30.54 -31.71 29.89
C VAL N 125 -30.71 -32.75 30.98
N ALA N 126 -31.96 -33.09 31.26
CA ALA N 126 -32.30 -34.12 32.21
C ALA N 126 -33.08 -35.21 31.51
N ARG N 127 -32.66 -36.45 31.66
CA ARG N 127 -33.31 -37.57 30.99
C ARG N 127 -34.41 -38.12 31.90
N VAL N 128 -35.65 -37.98 31.45
CA VAL N 128 -36.82 -38.32 32.25
C VAL N 128 -37.47 -39.57 31.66
N HIS N 129 -37.76 -40.53 32.52
CA HIS N 129 -38.44 -41.76 32.11
C HIS N 129 -39.94 -41.56 32.16
N ILE N 130 -40.67 -42.52 31.57
CA ILE N 130 -42.12 -42.50 31.62
C ILE N 130 -42.57 -42.77 33.05
N GLY N 131 -43.48 -41.94 33.55
CA GLY N 131 -43.96 -42.07 34.91
C GLY N 131 -43.15 -41.34 35.94
N GLN N 132 -42.03 -40.74 35.57
CA GLN N 132 -41.28 -39.92 36.51
C GLN N 132 -42.04 -38.62 36.79
N VAL N 133 -41.63 -37.94 37.85
CA VAL N 133 -42.26 -36.71 38.29
C VAL N 133 -41.29 -35.56 38.07
N ILE N 134 -41.73 -34.54 37.34
CA ILE N 134 -40.88 -33.41 37.03
C ILE N 134 -41.05 -32.29 38.04
N MET N 135 -42.28 -31.96 38.39
CA MET N 135 -42.55 -30.85 39.29
C MET N 135 -43.53 -31.28 40.36
N SER N 136 -43.30 -30.83 41.58
CA SER N 136 -44.17 -31.13 42.71
C SER N 136 -44.56 -29.83 43.38
N ILE N 137 -45.82 -29.72 43.78
CA ILE N 137 -46.32 -28.57 44.51
C ILE N 137 -47.10 -29.08 45.70
N ARG N 138 -46.68 -28.71 46.90
CA ARG N 138 -47.41 -29.05 48.11
C ARG N 138 -47.94 -27.78 48.75
N THR N 139 -49.18 -27.86 49.23
CA THR N 139 -49.91 -26.66 49.63
C THR N 139 -51.09 -27.08 50.49
N LYS N 140 -51.88 -26.08 50.89
CA LYS N 140 -53.11 -26.30 51.65
C LYS N 140 -54.11 -27.10 50.83
N LEU N 141 -55.20 -27.49 51.49
CA LEU N 141 -56.19 -28.34 50.82
C LEU N 141 -57.02 -27.55 49.82
N GLN N 142 -57.28 -26.27 50.09
CA GLN N 142 -58.23 -25.52 49.29
C GLN N 142 -57.65 -24.96 48.01
N ASN N 143 -56.36 -25.16 47.74
CA ASN N 143 -55.72 -24.64 46.54
C ASN N 143 -55.47 -25.72 45.49
N GLU N 144 -56.31 -26.76 45.47
CA GLU N 144 -56.12 -27.84 44.51
C GLU N 144 -56.28 -27.35 43.08
N GLU N 145 -57.30 -26.54 42.82
CA GLU N 145 -57.49 -26.00 41.49
C GLU N 145 -56.34 -25.07 41.10
N HIS N 146 -55.83 -24.30 42.06
CA HIS N 146 -54.68 -23.46 41.79
C HIS N 146 -53.48 -24.29 41.38
N VAL N 147 -53.24 -25.39 42.08
CA VAL N 147 -52.13 -26.28 41.74
C VAL N 147 -52.32 -26.84 40.33
N ILE N 148 -53.52 -27.29 40.03
CA ILE N 148 -53.79 -27.88 38.71
C ILE N 148 -53.56 -26.86 37.62
N GLU N 149 -54.05 -25.63 37.81
CA GLU N 149 -53.88 -24.60 36.79
C GLU N 149 -52.42 -24.23 36.62
N ALA N 150 -51.66 -24.11 37.72
CA ALA N 150 -50.26 -23.75 37.61
C ALA N 150 -49.45 -24.82 36.89
N LEU N 151 -49.70 -26.09 37.20
CA LEU N 151 -48.99 -27.15 36.51
C LEU N 151 -49.40 -27.25 35.04
N ARG N 152 -50.68 -27.02 34.75
CA ARG N 152 -51.12 -26.97 33.36
C ARG N 152 -50.41 -25.86 32.61
N ARG N 153 -50.22 -24.71 33.26
CA ARG N 153 -49.45 -23.63 32.64
C ARG N 153 -48.01 -24.04 32.38
N ALA N 154 -47.38 -24.70 33.35
CA ALA N 154 -46.01 -25.13 33.16
C ALA N 154 -45.87 -26.20 32.08
N LYS N 155 -46.94 -26.91 31.76
CA LYS N 155 -46.87 -27.93 30.71
C LYS N 155 -46.51 -27.38 29.34
N PHE N 156 -46.62 -26.07 29.12
CA PHE N 156 -46.38 -25.49 27.81
C PHE N 156 -44.92 -25.16 27.54
N LYS N 157 -44.05 -25.34 28.52
CA LYS N 157 -42.63 -25.09 28.33
C LYS N 157 -41.83 -26.37 28.11
N PHE N 158 -42.49 -27.48 27.79
CA PHE N 158 -41.84 -28.76 27.64
C PHE N 158 -42.24 -29.39 26.33
N PRO N 159 -41.35 -30.18 25.73
CA PRO N 159 -41.66 -30.81 24.44
C PRO N 159 -42.76 -31.85 24.55
N GLY N 160 -42.56 -32.82 25.43
CA GLY N 160 -43.41 -33.99 25.47
C GLY N 160 -44.70 -33.76 26.23
N ARG N 161 -45.48 -34.84 26.33
CA ARG N 161 -46.75 -34.81 27.00
C ARG N 161 -46.57 -35.05 28.49
N GLN N 162 -47.35 -34.33 29.30
CA GLN N 162 -47.33 -34.48 30.74
C GLN N 162 -48.75 -34.58 31.26
N LYS N 163 -48.89 -35.28 32.38
CA LYS N 163 -50.14 -35.42 33.09
C LYS N 163 -50.05 -34.71 34.43
N ILE N 164 -51.16 -34.16 34.89
CA ILE N 164 -51.21 -33.43 36.15
C ILE N 164 -52.01 -34.29 37.12
N HIS N 165 -51.34 -34.78 38.15
CA HIS N 165 -51.89 -35.81 39.01
C HIS N 165 -51.80 -35.38 40.47
N ILE N 166 -52.93 -35.40 41.16
CA ILE N 166 -52.95 -35.08 42.59
C ILE N 166 -52.51 -36.34 43.34
N SER N 167 -51.31 -36.29 43.91
CA SER N 167 -50.74 -37.47 44.55
C SER N 167 -51.49 -37.82 45.82
N LYS N 168 -51.71 -39.12 46.03
CA LYS N 168 -52.43 -39.60 47.21
C LYS N 168 -51.60 -39.49 48.48
N LYS N 169 -50.32 -39.18 48.38
CA LYS N 169 -49.50 -39.03 49.56
C LYS N 169 -49.86 -37.76 50.31
N TRP N 170 -49.42 -37.68 51.56
CA TRP N 170 -49.56 -36.48 52.38
C TRP N 170 -48.39 -35.57 52.05
N GLY N 171 -48.64 -34.54 51.26
CA GLY N 171 -47.59 -33.58 50.93
C GLY N 171 -46.46 -34.23 50.17
N PHE N 172 -45.24 -33.97 50.63
CA PHE N 172 -44.04 -34.49 49.98
C PHE N 172 -43.58 -35.82 50.57
N THR N 173 -44.27 -36.33 51.59
CA THR N 173 -43.85 -37.56 52.23
C THR N 173 -44.23 -38.77 51.35
N LYS N 174 -43.79 -39.95 51.78
CA LYS N 174 -44.13 -41.19 51.11
C LYS N 174 -45.19 -41.98 51.84
N PHE N 175 -46.08 -41.29 52.56
CA PHE N 175 -47.14 -41.92 53.34
C PHE N 175 -48.47 -41.26 53.00
N ASN N 176 -49.50 -42.10 52.84
CA ASN N 176 -50.78 -41.63 52.33
C ASN N 176 -51.47 -40.68 53.31
N ALA N 177 -52.19 -39.71 52.76
CA ALA N 177 -52.84 -38.70 53.56
C ALA N 177 -53.93 -39.28 54.44
N ASP N 178 -54.48 -40.44 54.08
CA ASP N 178 -55.52 -41.04 54.89
C ASP N 178 -54.96 -41.75 56.12
N GLU N 179 -53.64 -41.91 56.21
CA GLU N 179 -53.02 -42.55 57.37
C GLU N 179 -51.98 -41.67 58.04
N PHE N 180 -51.69 -40.49 57.47
CA PHE N 180 -50.66 -39.64 58.06
C PHE N 180 -51.01 -39.23 59.49
N GLU N 181 -52.25 -38.80 59.73
CA GLU N 181 -52.61 -38.25 61.04
C GLU N 181 -52.47 -39.30 62.13
N ASP N 182 -53.08 -40.47 61.94
CA ASP N 182 -53.04 -41.48 62.99
C ASP N 182 -51.71 -42.20 63.05
N MET N 183 -50.91 -42.21 61.98
CA MET N 183 -49.55 -42.71 62.10
C MET N 183 -48.70 -41.77 62.95
N VAL N 184 -48.89 -40.46 62.79
CA VAL N 184 -48.28 -39.49 63.69
C VAL N 184 -48.76 -39.71 65.11
N ALA N 185 -50.06 -39.95 65.27
CA ALA N 185 -50.62 -40.14 66.62
C ALA N 185 -50.02 -41.36 67.31
N LYS N 186 -49.87 -42.45 66.58
CA LYS N 186 -49.28 -43.67 67.14
C LYS N 186 -47.76 -43.62 67.12
N LYS N 187 -47.17 -42.54 66.62
CA LYS N 187 -45.75 -42.21 66.75
C LYS N 187 -44.87 -43.08 65.87
N CYS N 188 -45.41 -43.69 64.83
CA CYS N 188 -44.55 -44.31 63.83
C CYS N 188 -43.91 -43.27 62.93
N LEU N 189 -44.41 -42.05 62.94
CA LEU N 189 -43.84 -40.95 62.18
C LEU N 189 -43.63 -39.76 63.09
N ILE N 190 -42.54 -39.04 62.88
CA ILE N 190 -42.32 -37.81 63.64
C ILE N 190 -42.08 -36.67 62.67
N PRO N 191 -42.51 -35.46 62.99
CA PRO N 191 -42.28 -34.32 62.08
C PRO N 191 -40.88 -33.76 62.26
N ASP N 192 -40.22 -33.51 61.14
CA ASP N 192 -38.92 -32.85 61.14
C ASP N 192 -38.72 -32.18 59.79
N GLY N 193 -38.53 -30.86 59.81
CA GLY N 193 -38.39 -30.14 58.57
C GLY N 193 -39.66 -30.18 57.73
N CYS N 194 -39.47 -30.19 56.41
CA CYS N 194 -40.60 -30.29 55.49
C CYS N 194 -41.09 -31.71 55.32
N GLY N 195 -40.41 -32.69 55.90
CA GLY N 195 -40.84 -34.07 55.78
C GLY N 195 -41.08 -34.72 57.13
N VAL N 196 -41.05 -36.05 57.17
CA VAL N 196 -41.19 -36.80 58.41
C VAL N 196 -40.10 -37.85 58.49
N LYS N 197 -39.89 -38.36 59.70
CA LYS N 197 -38.91 -39.39 59.97
C LYS N 197 -39.63 -40.62 60.47
N TYR N 198 -39.35 -41.77 59.85
CA TYR N 198 -39.98 -43.01 60.25
C TYR N 198 -39.34 -43.56 61.52
N VAL N 199 -40.14 -44.24 62.32
CA VAL N 199 -39.68 -44.79 63.60
C VAL N 199 -39.97 -46.28 63.61
N PRO N 200 -39.05 -47.12 63.12
CA PRO N 200 -39.29 -48.57 63.19
C PRO N 200 -39.25 -49.06 64.62
N SER N 201 -39.98 -50.14 64.87
CA SER N 201 -40.14 -50.68 66.21
C SER N 201 -38.92 -51.47 66.69
N HIS N 202 -37.82 -51.46 65.95
CA HIS N 202 -36.61 -52.13 66.38
C HIS N 202 -35.51 -51.10 66.61
N GLY N 203 -34.53 -51.49 67.41
CA GLY N 203 -33.46 -50.59 67.80
C GLY N 203 -33.33 -50.56 69.30
N PRO N 204 -32.63 -49.55 69.83
CA PRO N 204 -32.51 -49.45 71.29
C PRO N 204 -33.82 -48.99 71.91
N LEU N 205 -34.14 -49.54 73.07
CA LEU N 205 -35.31 -49.09 73.82
C LEU N 205 -35.13 -47.69 74.38
N ASP N 206 -33.91 -47.16 74.38
CA ASP N 206 -33.72 -45.78 74.79
C ASP N 206 -34.38 -44.80 73.83
N LYS N 207 -34.43 -45.15 72.55
CA LYS N 207 -35.18 -44.34 71.59
C LYS N 207 -36.66 -44.28 71.96
N TRP N 208 -37.25 -45.43 72.28
CA TRP N 208 -38.65 -45.49 72.69
C TRP N 208 -38.88 -44.85 74.05
N ARG N 209 -37.85 -44.79 74.90
CA ARG N 209 -37.99 -44.08 76.17
C ARG N 209 -37.87 -42.56 75.99
N VAL N 210 -37.06 -42.10 75.04
CA VAL N 210 -37.05 -40.69 74.69
C VAL N 210 -38.40 -40.29 74.10
N LEU N 211 -38.92 -41.12 73.21
CA LEU N 211 -40.33 -41.02 72.85
C LEU N 211 -41.19 -41.51 74.01
N HIS N 212 -42.51 -41.46 73.82
CA HIS N 212 -43.46 -41.93 74.83
C HIS N 212 -43.24 -41.25 76.17
N SER N 213 -42.77 -40.01 76.16
CA SER N 213 -42.46 -39.28 77.37
C SER N 213 -42.33 -37.80 77.08
N LYS O 6 -11.32 -53.67 99.21
CA LYS O 6 -12.48 -53.26 98.43
C LYS O 6 -12.23 -53.52 96.95
N GLU O 7 -11.57 -52.58 96.29
CA GLU O 7 -11.22 -52.74 94.89
C GLU O 7 -10.20 -53.85 94.71
N ASN O 8 -10.24 -54.49 93.54
CA ASN O 8 -9.23 -55.47 93.21
C ASN O 8 -7.88 -54.78 93.09
N PRO O 9 -6.82 -55.33 93.70
CA PRO O 9 -5.52 -54.66 93.64
C PRO O 9 -4.94 -54.53 92.26
N MET O 10 -5.41 -55.32 91.30
CA MET O 10 -4.89 -55.26 89.93
C MET O 10 -5.22 -53.95 89.23
N ARG O 11 -6.11 -53.13 89.78
CA ARG O 11 -6.51 -51.87 89.18
C ARG O 11 -5.81 -50.68 89.81
N GLU O 12 -4.67 -50.88 90.46
CA GLU O 12 -3.92 -49.75 90.98
C GLU O 12 -3.24 -49.00 89.84
N LEU O 13 -3.40 -47.68 89.82
CA LEU O 13 -2.75 -46.88 88.79
C LEU O 13 -1.27 -46.76 89.07
N ARG O 14 -0.51 -46.54 88.00
CA ARG O 14 0.93 -46.36 88.11
C ARG O 14 1.42 -45.68 86.84
N ILE O 15 2.67 -45.24 86.88
CA ILE O 15 3.28 -44.59 85.74
C ILE O 15 3.82 -45.67 84.79
N ARG O 16 3.29 -45.72 83.58
CA ARG O 16 3.91 -46.54 82.55
C ARG O 16 5.23 -45.93 82.10
N LYS O 17 5.23 -44.64 81.80
CA LYS O 17 6.44 -43.95 81.37
C LYS O 17 6.27 -42.45 81.56
N LEU O 18 7.38 -41.74 81.41
CA LEU O 18 7.39 -40.29 81.62
C LEU O 18 7.74 -39.48 80.37
N CYS O 19 8.58 -39.99 79.47
CA CYS O 19 8.74 -39.46 78.11
C CYS O 19 9.13 -37.98 78.11
N LEU O 20 10.33 -37.70 78.62
CA LEU O 20 10.86 -36.35 78.57
C LEU O 20 11.19 -35.96 77.15
N ASN O 21 10.90 -34.71 76.79
CA ASN O 21 11.14 -34.27 75.42
C ASN O 21 11.66 -32.85 75.39
N ILE O 22 12.64 -32.60 74.51
CA ILE O 22 13.15 -31.27 74.21
C ILE O 22 13.22 -31.12 72.70
N CYS O 23 12.38 -30.27 72.13
CA CYS O 23 12.37 -30.03 70.69
C CYS O 23 13.13 -28.73 70.42
N VAL O 24 14.37 -28.85 69.95
CA VAL O 24 15.15 -27.67 69.63
C VAL O 24 14.73 -27.17 68.26
N GLY O 25 14.90 -25.86 68.03
CA GLY O 25 14.49 -25.30 66.75
C GLY O 25 15.23 -25.90 65.58
N GLU O 26 16.54 -26.07 65.71
CA GLU O 26 17.36 -26.63 64.64
C GLU O 26 18.32 -27.64 65.25
N SER O 27 19.31 -28.06 64.45
CA SER O 27 20.23 -29.12 64.80
C SER O 27 21.58 -28.53 65.19
N GLY O 28 22.55 -29.41 65.41
CA GLY O 28 23.93 -29.01 65.58
C GLY O 28 24.44 -29.01 67.00
N ASP O 29 25.31 -28.04 67.31
CA ASP O 29 25.93 -27.95 68.62
C ASP O 29 24.89 -27.77 69.72
N ARG O 30 23.89 -26.93 69.47
CA ARG O 30 22.83 -26.71 70.45
C ARG O 30 22.06 -27.99 70.74
N LEU O 31 21.73 -28.75 69.71
CA LEU O 31 21.03 -30.01 69.91
C LEU O 31 21.89 -31.01 70.67
N THR O 32 23.19 -31.06 70.37
CA THR O 32 24.08 -31.94 71.10
C THR O 32 24.12 -31.57 72.57
N ARG O 33 24.14 -30.26 72.87
CA ARG O 33 24.10 -29.82 74.26
C ARG O 33 22.79 -30.21 74.93
N ALA O 34 21.66 -30.12 74.22
CA ALA O 34 20.39 -30.56 74.79
C ALA O 34 20.40 -32.06 75.09
N ALA O 35 20.96 -32.86 74.18
CA ALA O 35 21.07 -34.28 74.42
C ALA O 35 21.95 -34.57 75.64
N LYS O 36 23.02 -33.79 75.82
CA LYS O 36 23.79 -33.89 77.05
C LYS O 36 22.95 -33.57 78.28
N VAL O 37 22.06 -32.58 78.16
CA VAL O 37 21.19 -32.22 79.28
C VAL O 37 20.30 -33.41 79.67
N LEU O 38 19.68 -34.04 78.68
CA LEU O 38 18.83 -35.20 78.99
C LEU O 38 19.64 -36.37 79.55
N GLU O 39 20.83 -36.59 79.00
CA GLU O 39 21.71 -37.62 79.53
C GLU O 39 22.01 -37.37 81.01
N GLN O 40 22.31 -36.12 81.36
CA GLN O 40 22.57 -35.79 82.76
C GLN O 40 21.32 -35.98 83.61
N LEU O 41 20.16 -35.58 83.10
CA LEU O 41 18.94 -35.65 83.90
C LEU O 41 18.54 -37.09 84.16
N THR O 42 18.71 -37.97 83.18
CA THR O 42 18.16 -39.32 83.29
C THR O 42 19.17 -40.38 83.70
N GLY O 43 20.47 -40.14 83.50
CA GLY O 43 21.42 -41.24 83.60
C GLY O 43 21.13 -42.28 82.55
N GLN O 44 20.71 -41.84 81.37
CA GLN O 44 20.17 -42.74 80.35
C GLN O 44 20.36 -42.10 78.98
N THR O 45 20.86 -42.89 78.03
CA THR O 45 21.20 -42.36 76.73
C THR O 45 19.95 -42.01 75.94
N PRO O 46 19.80 -40.77 75.47
CA PRO O 46 18.60 -40.41 74.73
C PRO O 46 18.70 -40.69 73.24
N VAL O 47 17.66 -40.35 72.49
CA VAL O 47 17.63 -40.48 71.05
C VAL O 47 17.10 -39.19 70.45
N PHE O 48 17.32 -39.02 69.16
CA PHE O 48 16.97 -37.78 68.47
C PHE O 48 15.84 -38.02 67.49
N SER O 49 15.05 -36.97 67.25
CA SER O 49 13.89 -37.02 66.39
C SER O 49 14.21 -36.38 65.05
N LYS O 50 13.66 -36.94 63.99
CA LYS O 50 13.85 -36.41 62.64
C LYS O 50 12.56 -35.77 62.14
N ALA O 51 12.70 -34.61 61.52
CA ALA O 51 11.54 -33.88 61.01
C ALA O 51 10.93 -34.62 59.82
N ARG O 52 9.60 -34.70 59.80
CA ARG O 52 8.91 -35.42 58.74
C ARG O 52 8.95 -34.65 57.43
N TYR O 53 8.66 -33.36 57.48
CA TYR O 53 8.63 -32.52 56.29
C TYR O 53 9.38 -31.23 56.56
N THR O 54 9.85 -30.60 55.49
CA THR O 54 10.46 -29.29 55.62
C THR O 54 9.39 -28.24 55.89
N VAL O 55 9.73 -27.27 56.74
CA VAL O 55 8.86 -26.13 57.02
C VAL O 55 9.72 -24.89 56.85
N ARG O 56 9.51 -24.17 55.75
CA ARG O 56 10.32 -22.98 55.48
C ARG O 56 10.09 -21.88 56.50
N SER O 57 8.96 -21.92 57.21
CA SER O 57 8.71 -20.94 58.26
C SER O 57 9.67 -21.12 59.43
N PHE O 58 9.83 -22.35 59.90
CA PHE O 58 10.69 -22.64 61.04
C PHE O 58 12.14 -22.88 60.64
N GLY O 59 12.43 -23.01 59.35
CA GLY O 59 13.77 -23.28 58.91
C GLY O 59 14.23 -24.71 59.07
N ILE O 60 13.33 -25.64 59.36
CA ILE O 60 13.68 -27.05 59.46
C ILE O 60 13.75 -27.63 58.05
N ARG O 61 14.28 -28.84 57.94
CA ARG O 61 14.25 -29.57 56.68
C ARG O 61 13.92 -31.03 56.95
N ARG O 62 13.52 -31.73 55.90
CA ARG O 62 13.16 -33.14 56.02
C ARG O 62 14.36 -33.95 56.50
N ASN O 63 14.09 -34.90 57.40
CA ASN O 63 15.12 -35.78 57.97
C ASN O 63 16.22 -34.97 58.65
N GLU O 64 15.83 -33.97 59.42
CA GLU O 64 16.75 -33.16 60.21
C GLU O 64 16.58 -33.48 61.69
N LYS O 65 17.69 -33.56 62.40
CA LYS O 65 17.68 -33.83 63.84
C LYS O 65 17.15 -32.59 64.55
N ILE O 66 15.87 -32.60 64.91
CA ILE O 66 15.19 -31.44 65.45
C ILE O 66 14.98 -31.55 66.96
N ALA O 67 14.67 -32.74 67.44
CA ALA O 67 14.36 -32.90 68.85
C ALA O 67 15.26 -33.97 69.46
N VAL O 68 15.16 -34.08 70.77
CA VAL O 68 15.79 -35.15 71.54
C VAL O 68 14.86 -35.52 72.68
N HIS O 69 14.62 -36.81 72.85
CA HIS O 69 13.65 -37.25 73.83
C HIS O 69 14.08 -38.60 74.39
N CYS O 70 13.53 -38.94 75.55
CA CYS O 70 13.84 -40.21 76.17
C CYS O 70 12.71 -40.62 77.10
N THR O 71 12.38 -41.91 77.08
CA THR O 71 11.33 -42.47 77.91
C THR O 71 11.96 -43.09 79.15
N VAL O 72 11.43 -42.74 80.32
CA VAL O 72 11.91 -43.30 81.58
C VAL O 72 10.73 -43.94 82.30
N ARG O 73 10.99 -45.09 82.92
CA ARG O 73 9.98 -45.90 83.58
C ARG O 73 10.45 -46.24 85.00
N GLY O 74 9.54 -46.82 85.77
CA GLY O 74 9.90 -47.34 87.07
C GLY O 74 10.22 -46.26 88.09
N ALA O 75 11.07 -46.63 89.06
CA ALA O 75 11.42 -45.72 90.15
C ALA O 75 12.16 -44.49 89.64
N LYS O 76 12.95 -44.65 88.58
CA LYS O 76 13.61 -43.48 88.00
C LYS O 76 12.59 -42.48 87.47
N ALA O 77 11.56 -42.98 86.79
CA ALA O 77 10.49 -42.10 86.36
C ALA O 77 9.77 -41.49 87.55
N GLU O 78 9.59 -42.27 88.62
CA GLU O 78 9.00 -41.73 89.84
C GLU O 78 9.79 -40.52 90.34
N GLU O 79 11.10 -40.64 90.41
CA GLU O 79 11.93 -39.56 90.95
C GLU O 79 11.96 -38.36 90.02
N ILE O 80 12.06 -38.59 88.71
CA ILE O 80 12.10 -37.48 87.77
C ILE O 80 10.77 -36.73 87.79
N LEU O 81 9.65 -37.47 87.87
CA LEU O 81 8.36 -36.84 88.02
C LEU O 81 8.27 -36.07 89.33
N GLU O 82 8.88 -36.60 90.39
CA GLU O 82 8.91 -35.89 91.66
C GLU O 82 9.62 -34.55 91.51
N LYS O 83 10.74 -34.53 90.79
CA LYS O 83 11.45 -33.29 90.54
C LYS O 83 10.60 -32.30 89.73
N GLY O 84 9.95 -32.79 88.68
CA GLY O 84 9.11 -31.92 87.86
C GLY O 84 7.94 -31.34 88.63
N LEU O 85 7.27 -32.17 89.43
CA LEU O 85 6.17 -31.70 90.25
C LEU O 85 6.65 -30.78 91.36
N LYS O 86 7.88 -30.95 91.83
CA LYS O 86 8.44 -30.01 92.79
C LYS O 86 8.62 -28.64 92.15
N VAL O 87 9.13 -28.61 90.91
CA VAL O 87 9.25 -27.35 90.20
C VAL O 87 7.88 -26.72 90.02
N ARG O 88 6.87 -27.52 89.66
CA ARG O 88 5.51 -27.02 89.55
C ARG O 88 4.86 -26.72 90.90
N GLU O 89 5.49 -27.11 92.00
CA GLU O 89 4.95 -26.98 93.36
C GLU O 89 3.60 -27.68 93.51
N TYR O 90 3.49 -28.87 92.92
CA TYR O 90 2.40 -29.81 93.17
C TYR O 90 1.03 -29.23 92.80
N GLU O 91 0.91 -28.79 91.55
CA GLU O 91 -0.35 -28.29 91.05
C GLU O 91 -0.32 -28.29 89.53
N LEU O 92 -1.48 -28.56 88.93
CA LEU O 92 -1.57 -28.67 87.48
C LEU O 92 -2.91 -28.11 87.00
N ARG O 93 -2.91 -27.62 85.77
CA ARG O 93 -4.15 -27.20 85.12
C ARG O 93 -4.99 -28.43 84.78
N LYS O 94 -6.31 -28.26 84.91
CA LYS O 94 -7.23 -29.36 84.61
C LYS O 94 -7.10 -29.81 83.16
N ASN O 95 -7.10 -28.85 82.22
CA ASN O 95 -6.93 -29.18 80.82
C ASN O 95 -5.50 -29.63 80.50
N ASN O 96 -4.65 -29.78 81.50
CA ASN O 96 -3.39 -30.49 81.30
C ASN O 96 -3.57 -31.99 81.23
N PHE O 97 -4.77 -32.48 81.52
CA PHE O 97 -5.02 -33.91 81.57
C PHE O 97 -5.68 -34.37 80.28
N SER O 98 -5.00 -35.27 79.56
CA SER O 98 -5.58 -35.86 78.37
C SER O 98 -6.77 -36.73 78.74
N ASP O 99 -7.71 -36.85 77.80
CA ASP O 99 -8.91 -37.64 78.04
C ASP O 99 -8.62 -39.13 78.12
N THR O 100 -7.47 -39.58 77.61
CA THR O 100 -7.11 -40.99 77.66
C THR O 100 -6.20 -41.31 78.84
N GLY O 101 -6.26 -40.53 79.90
CA GLY O 101 -5.63 -40.85 81.16
C GLY O 101 -4.26 -40.26 81.38
N ASN O 102 -3.55 -39.88 80.32
CA ASN O 102 -2.24 -39.31 80.50
C ASN O 102 -2.35 -37.84 80.87
N PHE O 103 -1.21 -37.24 81.19
CA PHE O 103 -1.15 -35.80 81.40
C PHE O 103 0.28 -35.35 81.21
N GLY O 104 0.50 -34.05 81.27
CA GLY O 104 1.84 -33.53 81.07
C GLY O 104 1.94 -32.07 81.38
N PHE O 105 3.18 -31.59 81.41
CA PHE O 105 3.46 -30.20 81.71
C PHE O 105 4.84 -29.84 81.20
N GLY O 106 5.00 -28.60 80.77
CA GLY O 106 6.28 -28.09 80.29
C GLY O 106 6.89 -27.18 81.34
N ILE O 107 8.20 -27.34 81.56
CA ILE O 107 8.95 -26.51 82.49
C ILE O 107 9.96 -25.70 81.70
N GLN O 108 10.05 -24.42 82.03
CA GLN O 108 10.73 -23.46 81.16
C GLN O 108 12.24 -23.58 81.24
N GLU O 109 12.78 -24.00 82.37
CA GLU O 109 14.22 -24.09 82.56
C GLU O 109 14.55 -25.34 83.34
N HIS O 110 15.73 -25.91 83.07
CA HIS O 110 16.14 -27.13 83.72
C HIS O 110 17.17 -26.90 84.83
N ILE O 111 17.45 -25.64 85.16
CA ILE O 111 18.38 -25.36 86.26
C ILE O 111 17.81 -25.87 87.57
N ASP O 112 16.55 -25.58 87.83
CA ASP O 112 15.84 -25.93 89.06
C ASP O 112 15.54 -27.40 89.17
N LEU O 113 15.98 -28.22 88.22
CA LEU O 113 15.82 -29.67 88.28
C LEU O 113 16.96 -30.34 89.05
N GLY O 114 17.63 -29.62 89.93
CA GLY O 114 18.83 -30.12 90.55
C GLY O 114 20.05 -30.09 89.64
N ILE O 115 19.96 -29.39 88.51
CA ILE O 115 21.04 -29.31 87.53
C ILE O 115 21.73 -27.98 87.73
N LYS O 116 22.97 -28.03 88.21
CA LYS O 116 23.77 -26.81 88.36
C LYS O 116 24.11 -26.24 87.00
N TYR O 117 24.08 -24.91 86.89
CA TYR O 117 24.27 -24.26 85.61
C TYR O 117 25.72 -24.40 85.15
N ASP O 118 25.90 -24.41 83.83
CA ASP O 118 27.21 -24.51 83.19
C ASP O 118 27.32 -23.44 82.11
N PRO O 119 28.54 -22.96 81.82
CA PRO O 119 28.70 -21.93 80.79
C PRO O 119 28.30 -22.42 79.42
N SER O 120 28.86 -23.56 79.01
CA SER O 120 28.30 -24.29 77.89
C SER O 120 27.06 -25.05 78.37
N ILE O 121 26.47 -25.86 77.49
CA ILE O 121 25.23 -26.61 77.70
C ILE O 121 24.24 -25.79 78.52
N GLY O 122 23.77 -24.68 77.95
CA GLY O 122 22.98 -23.71 78.67
C GLY O 122 21.57 -24.14 79.03
N ILE O 123 20.67 -23.17 79.18
CA ILE O 123 19.32 -23.44 79.67
C ILE O 123 18.50 -24.09 78.57
N TYR O 124 17.89 -25.23 78.89
CA TYR O 124 16.98 -25.91 77.98
C TYR O 124 15.71 -26.26 78.74
N GLY O 125 14.58 -25.69 78.32
CA GLY O 125 13.31 -26.14 78.84
C GLY O 125 12.90 -27.47 78.26
N LEU O 126 11.92 -28.11 78.88
CA LEU O 126 11.54 -29.44 78.42
C LEU O 126 10.15 -29.80 78.91
N ASP O 127 9.59 -30.83 78.30
CA ASP O 127 8.25 -31.29 78.58
C ASP O 127 8.28 -32.66 79.24
N PHE O 128 7.44 -32.81 80.28
CA PHE O 128 7.20 -34.07 80.96
C PHE O 128 5.82 -34.56 80.58
N TYR O 129 5.69 -35.86 80.31
CA TYR O 129 4.39 -36.43 79.92
C TYR O 129 4.18 -37.77 80.63
N VAL O 130 3.46 -37.74 81.74
CA VAL O 130 3.17 -38.96 82.48
C VAL O 130 2.10 -39.76 81.74
N VAL O 131 2.43 -41.01 81.43
CA VAL O 131 1.50 -41.94 80.79
C VAL O 131 1.05 -42.91 81.86
N LEU O 132 -0.17 -42.72 82.37
CA LEU O 132 -0.67 -43.59 83.41
C LEU O 132 -1.12 -44.92 82.83
N GLY O 133 -1.25 -45.92 83.72
CA GLY O 133 -1.67 -47.23 83.29
C GLY O 133 -1.92 -48.14 84.47
N ARG O 134 -2.54 -49.27 84.19
CA ARG O 134 -2.81 -50.32 85.15
C ARG O 134 -2.07 -51.59 84.78
N PRO O 135 -1.85 -52.49 85.73
CA PRO O 135 -1.36 -53.82 85.37
C PRO O 135 -2.32 -54.50 84.39
N GLY O 136 -1.76 -55.15 83.39
CA GLY O 136 -2.54 -55.70 82.30
C GLY O 136 -2.60 -54.84 81.07
N PHE O 137 -2.06 -53.62 81.12
CA PHE O 137 -2.08 -52.76 79.96
C PHE O 137 -1.13 -53.24 78.86
N SER O 138 -0.28 -54.22 79.15
CA SER O 138 0.65 -54.73 78.15
C SER O 138 0.03 -55.77 77.23
N ILE O 139 -1.23 -56.15 77.47
CA ILE O 139 -1.89 -57.07 76.54
C ILE O 139 -2.12 -56.44 75.19
N ALA O 140 -2.17 -55.10 75.14
CA ALA O 140 -2.28 -54.41 73.86
C ALA O 140 -0.94 -54.29 73.15
N ASP O 141 0.16 -54.61 73.84
CA ASP O 141 1.50 -54.46 73.29
C ASP O 141 2.19 -55.80 73.04
N LYS O 142 1.71 -56.89 73.64
CA LYS O 142 2.33 -58.18 73.48
C LYS O 142 2.23 -58.65 72.02
N LYS O 143 3.19 -59.48 71.63
CA LYS O 143 3.25 -59.96 70.25
C LYS O 143 2.19 -61.02 69.96
N ARG O 144 1.98 -61.94 70.89
CA ARG O 144 1.12 -63.10 70.68
C ARG O 144 -0.20 -62.91 71.40
N ARG O 145 -1.30 -62.99 70.65
CA ARG O 145 -2.65 -62.83 71.19
C ARG O 145 -2.82 -61.46 71.85
N THR O 146 -2.49 -60.41 71.11
CA THR O 146 -2.74 -59.06 71.59
C THR O 146 -4.23 -58.79 71.61
N GLY O 147 -4.63 -57.86 72.46
CA GLY O 147 -6.05 -57.54 72.58
C GLY O 147 -6.26 -56.19 73.25
N CYS O 148 -7.50 -55.72 73.16
CA CYS O 148 -7.87 -54.46 73.78
C CYS O 148 -7.99 -54.65 75.28
N ILE O 149 -8.33 -53.56 75.98
CA ILE O 149 -8.28 -53.53 77.44
C ILE O 149 -9.64 -53.45 78.10
N GLY O 150 -10.71 -53.25 77.35
CA GLY O 150 -12.03 -53.19 77.93
C GLY O 150 -12.31 -51.87 78.63
N ALA O 151 -13.60 -51.52 78.69
CA ALA O 151 -14.00 -50.21 79.19
C ALA O 151 -13.88 -50.09 80.69
N LYS O 152 -14.03 -51.19 81.43
CA LYS O 152 -13.90 -51.13 82.89
C LYS O 152 -12.47 -50.81 83.29
N HIS O 153 -11.50 -51.37 82.58
CA HIS O 153 -10.10 -51.21 82.92
C HIS O 153 -9.48 -49.93 82.39
N ARG O 154 -10.21 -49.17 81.58
CA ARG O 154 -9.66 -47.95 81.02
C ARG O 154 -9.55 -46.86 82.07
N ILE O 155 -8.81 -45.81 81.72
CA ILE O 155 -8.51 -44.71 82.62
C ILE O 155 -9.05 -43.43 82.00
N SER O 156 -9.84 -42.69 82.77
CA SER O 156 -10.37 -41.43 82.29
C SER O 156 -9.60 -40.26 82.89
N LYS O 157 -9.90 -39.06 82.36
CA LYS O 157 -9.26 -37.85 82.85
C LYS O 157 -9.52 -37.64 84.34
N GLU O 158 -10.77 -37.84 84.76
CA GLU O 158 -11.11 -37.67 86.17
C GLU O 158 -10.40 -38.67 87.06
N GLU O 159 -10.27 -39.92 86.60
CA GLU O 159 -9.55 -40.92 87.38
C GLU O 159 -8.08 -40.57 87.50
N ALA O 160 -7.47 -40.08 86.42
CA ALA O 160 -6.08 -39.64 86.49
C ALA O 160 -5.93 -38.48 87.47
N MET O 161 -6.86 -37.52 87.41
CA MET O 161 -6.81 -36.38 88.32
C MET O 161 -6.97 -36.81 89.77
N ARG O 162 -7.89 -37.75 90.02
CA ARG O 162 -8.12 -38.24 91.37
C ARG O 162 -6.88 -38.96 91.91
N TRP O 163 -6.25 -39.78 91.07
CA TRP O 163 -5.04 -40.48 91.50
C TRP O 163 -3.92 -39.48 91.79
N PHE O 164 -3.77 -38.47 90.94
CA PHE O 164 -2.75 -37.45 91.17
C PHE O 164 -2.99 -36.72 92.48
N GLN O 165 -4.24 -36.35 92.76
CA GLN O 165 -4.53 -35.63 93.99
C GLN O 165 -4.39 -36.52 95.21
N GLN O 166 -4.71 -37.81 95.08
CA GLN O 166 -4.55 -38.73 96.20
C GLN O 166 -3.07 -38.91 96.53
N LYS O 167 -2.24 -39.18 95.52
CA LYS O 167 -0.85 -39.53 95.79
C LYS O 167 0.00 -38.29 96.01
N TYR O 168 0.06 -37.42 95.02
CA TYR O 168 0.96 -36.28 95.07
C TYR O 168 0.37 -35.09 95.80
N ASP O 169 -0.83 -35.22 96.36
CA ASP O 169 -1.45 -34.18 97.17
C ASP O 169 -1.58 -32.86 96.41
N GLY O 170 -1.93 -32.97 95.13
CA GLY O 170 -1.86 -31.83 94.25
C GLY O 170 -3.10 -30.95 94.27
N ILE O 171 -3.01 -29.86 93.51
CA ILE O 171 -4.08 -28.90 93.36
C ILE O 171 -4.39 -28.79 91.88
N ILE O 172 -5.67 -28.71 91.53
CA ILE O 172 -6.09 -28.63 90.14
C ILE O 172 -6.91 -27.37 89.95
N LEU O 173 -6.48 -26.51 89.03
CA LEU O 173 -7.02 -25.19 88.74
C LEU O 173 -7.93 -25.25 87.52
N PRO O 174 -9.00 -24.46 87.53
CA PRO O 174 -9.98 -24.50 86.41
C PRO O 174 -9.55 -23.67 85.21
N GLY O 175 -8.70 -24.26 84.39
CA GLY O 175 -8.22 -23.60 83.19
C GLY O 175 -8.78 -24.18 81.91
N ALA P 1 4.37 -64.50 -8.43
CA ALA P 1 3.61 -64.77 -7.22
C ALA P 1 3.58 -66.25 -6.90
N PRO P 2 4.18 -66.64 -5.77
CA PRO P 2 4.18 -68.05 -5.39
C PRO P 2 2.79 -68.50 -4.97
N SER P 3 2.63 -69.81 -4.90
CA SER P 3 1.34 -70.41 -4.56
C SER P 3 1.59 -71.69 -3.78
N ARG P 4 1.32 -71.63 -2.48
CA ARG P 4 1.32 -72.80 -1.58
C ARG P 4 2.70 -73.45 -1.60
N ASN P 5 2.77 -74.72 -1.22
CA ASN P 5 4.03 -75.44 -1.17
C ASN P 5 4.57 -75.66 -2.58
N GLY P 6 5.88 -75.55 -2.69
CA GLY P 6 6.53 -75.71 -3.98
C GLY P 6 8.02 -75.53 -3.84
N MET P 7 8.69 -75.67 -4.97
CA MET P 7 10.14 -75.54 -5.02
C MET P 7 10.52 -74.16 -5.52
N VAL P 8 11.57 -73.60 -4.93
CA VAL P 8 12.08 -72.29 -5.32
C VAL P 8 12.87 -72.51 -6.61
N LEU P 9 12.33 -72.01 -7.71
CA LEU P 9 12.91 -72.22 -9.03
C LEU P 9 13.61 -70.94 -9.49
N LYS P 10 14.78 -71.11 -10.08
CA LYS P 10 15.57 -70.00 -10.60
C LYS P 10 15.91 -70.32 -12.05
N PRO P 11 14.96 -70.10 -12.96
CA PRO P 11 15.22 -70.38 -14.37
C PRO P 11 16.22 -69.38 -14.93
N HIS P 12 17.11 -69.88 -15.77
CA HIS P 12 18.12 -69.03 -16.42
C HIS P 12 17.66 -68.61 -17.81
N PHE P 13 16.48 -68.00 -17.86
CA PHE P 13 15.88 -67.57 -19.11
C PHE P 13 15.69 -66.05 -19.12
N HIS P 14 16.64 -65.34 -18.53
CA HIS P 14 16.58 -63.89 -18.45
C HIS P 14 17.47 -63.21 -19.48
N LYS P 15 17.94 -63.94 -20.49
CA LYS P 15 19.07 -63.43 -21.25
C LYS P 15 18.85 -63.61 -22.76
N ASP P 16 17.59 -63.57 -23.21
CA ASP P 16 17.23 -63.67 -24.62
C ASP P 16 17.79 -64.96 -25.24
N TRP P 17 17.36 -66.08 -24.67
CA TRP P 17 17.88 -67.38 -25.08
C TRP P 17 17.38 -67.80 -26.46
N GLN P 18 16.26 -67.24 -26.93
CA GLN P 18 15.71 -67.66 -28.20
C GLN P 18 16.60 -67.30 -29.38
N ARG P 19 17.54 -66.37 -29.19
CA ARG P 19 18.44 -66.01 -30.27
C ARG P 19 19.44 -67.13 -30.57
N ARG P 20 19.85 -67.87 -29.55
CA ARG P 20 20.85 -68.92 -29.69
C ARG P 20 20.25 -70.22 -29.17
N VAL P 21 19.57 -70.95 -30.05
CA VAL P 21 18.98 -72.24 -29.71
C VAL P 21 19.57 -73.28 -30.66
N ALA P 22 20.19 -74.31 -30.10
CA ALA P 22 20.83 -75.36 -30.90
C ALA P 22 19.81 -76.47 -31.12
N THR P 23 19.15 -76.44 -32.26
CA THR P 23 18.25 -77.53 -32.61
C THR P 23 19.03 -78.69 -33.22
N TRP P 24 18.55 -79.90 -32.95
CA TRP P 24 19.24 -81.12 -33.34
C TRP P 24 18.51 -81.83 -34.48
N PHE P 25 17.93 -81.09 -35.41
CA PHE P 25 17.27 -81.73 -36.54
C PHE P 25 18.26 -82.22 -37.58
N ASN P 26 19.52 -81.85 -37.47
CA ASN P 26 20.57 -82.40 -38.33
C ASN P 26 21.34 -83.50 -37.64
N GLN P 27 20.86 -83.99 -36.50
CA GLN P 27 21.53 -85.08 -35.80
C GLN P 27 21.64 -86.37 -36.60
N PRO P 28 20.57 -86.90 -37.21
CA PRO P 28 20.74 -88.14 -37.98
C PRO P 28 21.61 -87.95 -39.20
N ALA P 29 21.50 -86.82 -39.87
CA ALA P 29 22.37 -86.53 -41.01
C ALA P 29 23.82 -86.44 -40.58
N ARG P 30 24.08 -85.83 -39.42
CA ARG P 30 25.44 -85.76 -38.91
C ARG P 30 25.98 -87.14 -38.59
N LYS P 31 25.15 -87.99 -37.96
CA LYS P 31 25.59 -89.34 -37.66
C LYS P 31 25.91 -90.13 -38.92
N ILE P 32 25.07 -89.97 -39.94
CA ILE P 32 25.30 -90.69 -41.19
C ILE P 32 26.54 -90.16 -41.90
N ARG P 33 26.76 -88.83 -41.86
CA ARG P 33 27.96 -88.27 -42.46
C ARG P 33 29.20 -88.77 -41.76
N ARG P 34 29.17 -88.83 -40.44
CA ARG P 34 30.31 -89.37 -39.69
C ARG P 34 30.56 -90.82 -40.04
N ARG P 35 29.50 -91.63 -40.16
CA ARG P 35 29.68 -93.02 -40.51
C ARG P 35 30.26 -93.17 -41.91
N LYS P 36 29.78 -92.37 -42.85
CA LYS P 36 30.31 -92.43 -44.21
C LYS P 36 31.77 -92.04 -44.24
N ALA P 37 32.16 -91.02 -43.49
CA ALA P 37 33.57 -90.66 -43.40
C ALA P 37 34.40 -91.73 -42.72
N ARG P 38 33.83 -92.42 -41.71
CA ARG P 38 34.51 -93.55 -41.10
C ARG P 38 34.82 -94.63 -42.12
N GLN P 39 33.81 -95.01 -42.90
CA GLN P 39 34.02 -96.05 -43.89
C GLN P 39 34.95 -95.60 -44.99
N ALA P 40 34.90 -94.32 -45.37
CA ALA P 40 35.84 -93.80 -46.35
C ALA P 40 37.27 -93.88 -45.84
N LYS P 41 37.49 -93.53 -44.57
CA LYS P 41 38.84 -93.60 -44.01
C LYS P 41 39.31 -95.05 -43.92
N ALA P 42 38.43 -95.95 -43.50
CA ALA P 42 38.79 -97.36 -43.41
C ALA P 42 39.14 -97.92 -44.78
N ARG P 43 38.40 -97.51 -45.81
CA ARG P 43 38.73 -97.88 -47.17
C ARG P 43 40.06 -97.29 -47.61
N ARG P 44 40.34 -96.05 -47.20
CA ARG P 44 41.57 -95.39 -47.62
C ARG P 44 42.80 -96.10 -47.07
N ILE P 45 42.83 -96.36 -45.77
CA ILE P 45 43.92 -97.14 -45.19
C ILE P 45 43.49 -98.60 -45.25
N ALA P 46 43.92 -99.30 -46.31
CA ALA P 46 43.31 -100.58 -46.63
C ALA P 46 43.69 -101.68 -45.63
N PRO P 47 44.97 -102.04 -45.44
CA PRO P 47 45.25 -103.12 -44.48
C PRO P 47 45.38 -102.60 -43.06
N ARG P 48 45.66 -101.31 -42.92
CA ARG P 48 45.85 -100.72 -41.60
C ARG P 48 44.54 -100.80 -40.81
N PRO P 49 44.62 -100.95 -39.49
CA PRO P 49 43.41 -101.12 -38.69
C PRO P 49 42.48 -99.91 -38.82
N ALA P 50 41.18 -100.18 -38.83
CA ALA P 50 40.20 -99.13 -39.04
C ALA P 50 40.17 -98.16 -37.87
N SER P 51 40.22 -98.67 -36.64
CA SER P 51 40.10 -97.80 -35.47
C SER P 51 41.28 -96.85 -35.36
N GLY P 52 42.49 -97.34 -35.55
CA GLY P 52 43.65 -96.50 -35.53
C GLY P 52 44.82 -97.10 -34.77
N PRO P 53 45.74 -96.25 -34.33
CA PRO P 53 46.94 -96.74 -33.64
C PRO P 53 46.60 -97.36 -32.30
N ILE P 54 47.46 -98.28 -31.87
CA ILE P 54 47.30 -98.92 -30.57
C ILE P 54 47.64 -97.92 -29.48
N ARG P 55 46.76 -97.81 -28.51
CA ARG P 55 46.88 -96.87 -27.41
C ARG P 55 47.35 -97.57 -26.15
N PRO P 56 47.98 -96.86 -25.22
CA PRO P 56 48.57 -97.53 -24.06
C PRO P 56 47.55 -97.84 -22.99
N ILE P 57 48.00 -98.66 -22.03
CA ILE P 57 47.22 -98.97 -20.83
C ILE P 57 47.46 -97.87 -19.81
N VAL P 58 46.38 -97.27 -19.34
CA VAL P 58 46.42 -96.04 -18.57
C VAL P 58 45.46 -96.14 -17.40
N ARG P 59 45.91 -95.75 -16.21
CA ARG P 59 45.07 -95.71 -15.03
C ARG P 59 44.52 -94.31 -14.84
N CYS P 60 43.23 -94.22 -14.56
CA CYS P 60 42.60 -92.91 -14.42
C CYS P 60 43.09 -92.20 -13.17
N PRO P 61 43.25 -90.87 -13.21
CA PRO P 61 43.94 -90.16 -12.12
C PRO P 61 43.28 -90.21 -10.76
N THR P 62 42.06 -89.68 -10.64
CA THR P 62 41.57 -89.27 -9.34
C THR P 62 41.20 -90.48 -8.46
N VAL P 63 40.86 -90.18 -7.20
CA VAL P 63 40.48 -91.24 -6.29
C VAL P 63 39.15 -91.86 -6.68
N ARG P 64 38.34 -91.14 -7.46
CA ARG P 64 37.08 -91.71 -7.93
C ARG P 64 37.31 -92.84 -8.93
N TYR P 65 38.34 -92.73 -9.76
CA TYR P 65 38.49 -93.64 -10.89
C TYR P 65 39.82 -94.36 -10.93
N HIS P 66 40.63 -94.34 -9.87
CA HIS P 66 41.93 -94.98 -10.01
C HIS P 66 41.86 -96.50 -10.03
N THR P 67 40.72 -97.10 -9.71
CA THR P 67 40.59 -98.54 -9.83
C THR P 67 40.27 -98.97 -11.25
N LYS P 68 40.13 -98.03 -12.17
CA LYS P 68 39.76 -98.30 -13.54
C LYS P 68 40.97 -98.07 -14.46
N VAL P 69 40.94 -98.71 -15.62
CA VAL P 69 42.00 -98.60 -16.61
C VAL P 69 41.37 -98.34 -17.97
N ARG P 70 41.98 -97.45 -18.75
CA ARG P 70 41.44 -97.04 -20.03
C ARG P 70 42.59 -96.95 -21.03
N ALA P 71 42.31 -96.40 -22.19
CA ALA P 71 43.30 -96.23 -23.25
C ALA P 71 43.75 -94.77 -23.26
N GLY P 72 45.06 -94.55 -23.17
CA GLY P 72 45.62 -93.22 -23.14
C GLY P 72 45.95 -92.69 -24.52
N ARG P 73 46.67 -91.58 -24.53
CA ARG P 73 46.99 -90.92 -25.80
C ARG P 73 48.00 -91.72 -26.60
N GLY P 74 49.10 -92.14 -25.97
CA GLY P 74 50.14 -92.85 -26.69
C GLY P 74 51.16 -93.41 -25.72
N PHE P 75 51.99 -94.30 -26.25
CA PHE P 75 53.03 -94.91 -25.44
C PHE P 75 54.16 -93.91 -25.19
N SER P 76 54.79 -94.03 -24.02
CA SER P 76 55.82 -93.08 -23.65
C SER P 76 57.18 -93.50 -24.20
N LEU P 77 58.10 -92.54 -24.22
CA LEU P 77 59.44 -92.81 -24.73
C LEU P 77 60.18 -93.81 -23.86
N GLU P 78 59.88 -93.86 -22.56
CA GLU P 78 60.49 -94.86 -21.70
C GLU P 78 60.07 -96.27 -22.11
N GLU P 79 58.76 -96.46 -22.34
CA GLU P 79 58.27 -97.75 -22.83
C GLU P 79 58.90 -98.11 -24.17
N LEU P 80 58.98 -97.13 -25.08
CA LEU P 80 59.56 -97.39 -26.39
C LEU P 80 61.03 -97.78 -26.29
N ARG P 81 61.79 -97.08 -25.44
CA ARG P 81 63.20 -97.39 -25.27
C ARG P 81 63.40 -98.79 -24.74
N VAL P 82 62.71 -99.13 -23.63
CA VAL P 82 62.95 -100.45 -23.05
C VAL P 82 62.29 -101.56 -23.84
N ALA P 83 61.41 -101.22 -24.78
CA ALA P 83 60.86 -102.22 -25.70
C ALA P 83 61.63 -102.30 -27.01
N GLY P 84 62.59 -101.42 -27.23
CA GLY P 84 63.47 -101.55 -28.38
C GLY P 84 62.92 -101.08 -29.70
N ILE P 85 62.00 -100.12 -29.69
CA ILE P 85 61.48 -99.52 -30.91
C ILE P 85 61.72 -98.03 -30.85
N HIS P 86 62.28 -97.47 -31.92
CA HIS P 86 62.60 -96.06 -31.95
C HIS P 86 61.34 -95.20 -32.01
N LYS P 87 61.43 -94.01 -31.40
CA LYS P 87 60.25 -93.16 -31.26
C LYS P 87 59.82 -92.57 -32.60
N LYS P 88 60.71 -92.54 -33.59
CA LYS P 88 60.34 -92.00 -34.90
C LYS P 88 59.70 -93.07 -35.78
N VAL P 89 60.12 -94.32 -35.64
CA VAL P 89 59.57 -95.40 -36.45
C VAL P 89 58.32 -95.99 -35.78
N ALA P 90 58.12 -95.74 -34.49
CA ALA P 90 56.92 -96.23 -33.81
C ALA P 90 55.66 -95.66 -34.43
N ARG P 91 55.70 -94.38 -34.81
CA ARG P 91 54.53 -93.75 -35.42
C ARG P 91 54.37 -94.14 -36.89
N THR P 92 55.37 -94.76 -37.50
CA THR P 92 55.24 -95.26 -38.86
C THR P 92 54.75 -96.70 -38.91
N ILE P 93 55.02 -97.50 -37.88
CA ILE P 93 54.53 -98.86 -37.84
C ILE P 93 53.25 -98.97 -37.01
N GLY P 94 52.56 -97.85 -36.78
CA GLY P 94 51.23 -97.90 -36.21
C GLY P 94 51.15 -97.98 -34.71
N ILE P 95 51.99 -97.24 -34.00
CA ILE P 95 51.93 -97.14 -32.54
C ILE P 95 51.87 -95.66 -32.20
N SER P 96 50.88 -95.27 -31.40
CA SER P 96 50.79 -93.88 -30.96
C SER P 96 51.90 -93.59 -29.94
N VAL P 97 52.47 -92.40 -30.03
CA VAL P 97 53.57 -91.99 -29.17
C VAL P 97 53.19 -90.69 -28.46
N ASP P 98 53.34 -90.68 -27.14
CA ASP P 98 53.02 -89.54 -26.30
C ASP P 98 54.29 -89.15 -25.56
N PRO P 99 55.10 -88.25 -26.13
CA PRO P 99 56.39 -87.91 -25.51
C PRO P 99 56.26 -87.26 -24.14
N ARG P 100 55.19 -86.51 -23.87
CA ARG P 100 55.09 -85.77 -22.62
C ARG P 100 54.59 -86.63 -21.46
N ARG P 101 54.62 -87.95 -21.59
CA ARG P 101 54.17 -88.85 -20.54
C ARG P 101 55.36 -89.58 -19.94
N ARG P 102 55.42 -89.61 -18.61
CA ARG P 102 56.48 -90.31 -17.89
C ARG P 102 55.88 -91.38 -16.99
N ASN P 103 56.65 -92.42 -16.76
CA ASN P 103 56.23 -93.56 -15.97
C ASN P 103 56.76 -93.42 -14.55
N LYS P 104 55.86 -93.41 -13.58
CA LYS P 104 56.27 -93.35 -12.19
C LYS P 104 56.31 -94.71 -11.53
N SER P 105 55.64 -95.71 -12.09
CA SER P 105 55.61 -97.04 -11.51
C SER P 105 56.06 -98.08 -12.54
N THR P 106 57.05 -98.88 -12.13
CA THR P 106 57.61 -99.89 -13.02
C THR P 106 56.59 -100.95 -13.38
N GLU P 107 55.56 -101.17 -12.56
CA GLU P 107 54.58 -102.19 -12.90
C GLU P 107 53.73 -101.77 -14.09
N SER P 108 53.25 -100.52 -14.08
CA SER P 108 52.52 -100.01 -15.24
C SER P 108 53.43 -99.91 -16.45
N LEU P 109 54.70 -99.53 -16.23
CA LEU P 109 55.67 -99.54 -17.32
C LEU P 109 55.80 -100.93 -17.93
N GLN P 110 55.88 -101.96 -17.08
CA GLN P 110 56.00 -103.33 -17.55
C GLN P 110 54.76 -103.76 -18.33
N ALA P 111 53.57 -103.40 -17.84
CA ALA P 111 52.36 -103.74 -18.56
C ALA P 111 52.35 -103.13 -19.95
N ASN P 112 52.73 -101.86 -20.05
CA ASN P 112 52.74 -101.19 -21.34
C ASN P 112 53.79 -101.76 -22.29
N VAL P 113 54.98 -102.11 -21.79
CA VAL P 113 55.98 -102.66 -22.69
C VAL P 113 55.61 -104.08 -23.12
N GLN P 114 54.93 -104.85 -22.26
CA GLN P 114 54.48 -106.15 -22.69
C GLN P 114 53.39 -106.01 -23.74
N ARG P 115 52.55 -104.98 -23.62
CA ARG P 115 51.58 -104.70 -24.67
C ARG P 115 52.26 -104.38 -25.99
N LEU P 116 53.35 -103.59 -25.94
CA LEU P 116 54.11 -103.32 -27.15
C LEU P 116 54.69 -104.58 -27.76
N LYS P 117 55.24 -105.47 -26.91
CA LYS P 117 55.79 -106.72 -27.41
C LYS P 117 54.74 -107.56 -28.10
N GLU P 118 53.56 -107.69 -27.48
CA GLU P 118 52.51 -108.51 -28.07
C GLU P 118 52.01 -107.92 -29.38
N TYR P 119 51.84 -106.59 -29.43
CA TYR P 119 51.44 -105.95 -30.69
C TYR P 119 52.49 -106.17 -31.77
N ARG P 120 53.76 -106.02 -31.42
CA ARG P 120 54.83 -106.18 -32.41
C ARG P 120 54.87 -107.60 -32.93
N SER P 121 54.65 -108.59 -32.07
CA SER P 121 54.58 -109.97 -32.52
C SER P 121 53.38 -110.18 -33.45
N LYS P 122 52.24 -109.57 -33.11
CA LYS P 122 51.04 -109.75 -33.91
C LYS P 122 51.07 -108.95 -35.22
N LEU P 123 52.05 -108.07 -35.38
CA LEU P 123 52.08 -107.19 -36.54
C LEU P 123 52.39 -107.94 -37.83
N ILE P 124 51.80 -107.47 -38.93
CA ILE P 124 52.13 -107.88 -40.28
C ILE P 124 52.64 -106.65 -41.01
N LEU P 125 53.87 -106.72 -41.50
CA LEU P 125 54.54 -105.57 -42.11
C LEU P 125 54.71 -105.82 -43.60
N PHE P 126 53.89 -105.15 -44.40
CA PHE P 126 54.00 -105.29 -45.85
C PHE P 126 55.34 -104.71 -46.32
N PRO P 127 56.06 -105.40 -47.20
CA PRO P 127 57.28 -104.81 -47.76
C PRO P 127 56.95 -103.56 -48.56
N ARG P 128 57.83 -102.55 -48.44
CA ARG P 128 57.56 -101.26 -49.06
C ARG P 128 57.48 -101.38 -50.58
N LYS P 129 58.38 -102.15 -51.18
CA LYS P 129 58.28 -102.48 -52.58
C LYS P 129 57.49 -103.78 -52.69
N PRO P 130 56.25 -103.75 -53.18
CA PRO P 130 55.47 -105.00 -53.26
C PRO P 130 56.11 -106.06 -54.12
N SER P 131 56.81 -105.64 -55.18
CA SER P 131 57.52 -106.61 -56.00
C SER P 131 58.74 -107.16 -55.27
N ALA P 132 59.45 -106.32 -54.53
CA ALA P 132 60.72 -106.70 -53.92
C ALA P 132 60.67 -106.61 -52.41
N PRO P 133 60.68 -107.74 -51.70
CA PRO P 133 60.71 -107.68 -50.24
C PRO P 133 62.13 -107.45 -49.74
N LYS P 134 62.30 -106.48 -48.85
CA LYS P 134 63.59 -106.24 -48.21
C LYS P 134 63.68 -106.92 -46.84
N LYS P 135 62.88 -106.46 -45.87
CA LYS P 135 62.81 -107.10 -44.56
C LYS P 135 61.39 -107.13 -44.03
N GLY P 136 60.39 -106.97 -44.88
CA GLY P 136 59.03 -106.77 -44.41
C GLY P 136 58.41 -107.95 -43.70
N ASP P 137 58.07 -109.01 -44.44
CA ASP P 137 57.31 -110.11 -43.86
C ASP P 137 57.41 -111.32 -44.79
N SER P 138 56.70 -112.38 -44.42
CA SER P 138 56.60 -113.57 -45.26
C SER P 138 55.51 -113.37 -46.31
N SER P 139 55.68 -114.06 -47.45
CA SER P 139 54.66 -114.00 -48.49
C SER P 139 53.34 -114.62 -48.03
N ALA P 140 53.41 -115.81 -47.42
CA ALA P 140 52.21 -116.47 -46.94
C ALA P 140 51.60 -115.75 -45.74
N GLU P 141 52.43 -115.04 -44.97
CA GLU P 141 51.92 -114.32 -43.81
C GLU P 141 51.03 -113.15 -44.19
N GLU P 142 51.19 -112.61 -45.39
CA GLU P 142 50.41 -111.46 -45.81
C GLU P 142 49.54 -111.74 -47.02
N LEU P 143 49.57 -112.95 -47.58
CA LEU P 143 48.74 -113.27 -48.74
C LEU P 143 47.27 -113.00 -48.47
N LYS P 144 46.73 -113.57 -47.40
CA LYS P 144 45.37 -113.27 -47.01
C LYS P 144 45.19 -113.09 -45.51
N LEU P 145 46.21 -113.36 -44.70
CA LEU P 145 46.07 -113.19 -43.26
C LEU P 145 45.93 -111.73 -42.90
N ALA P 146 46.36 -110.82 -43.78
CA ALA P 146 46.31 -109.40 -43.52
C ALA P 146 44.98 -108.86 -44.00
N THR P 147 44.05 -108.72 -43.07
CA THR P 147 42.76 -108.07 -43.30
C THR P 147 42.62 -106.93 -42.32
N GLN P 148 41.85 -105.92 -42.70
CA GLN P 148 41.71 -104.73 -41.87
C GLN P 148 41.03 -105.08 -40.55
N LEU P 149 41.64 -104.64 -39.45
CA LEU P 149 41.15 -104.95 -38.12
C LEU P 149 40.16 -103.89 -37.68
N THR P 150 38.89 -104.25 -37.58
CA THR P 150 37.88 -103.33 -37.09
C THR P 150 37.79 -103.42 -35.57
N GLY P 151 37.39 -102.32 -34.95
CA GLY P 151 37.39 -102.22 -33.52
C GLY P 151 38.73 -101.77 -33.03
N PRO P 152 38.79 -101.27 -31.79
CA PRO P 152 40.06 -100.80 -31.24
C PRO P 152 41.08 -101.93 -31.18
N VAL P 153 42.34 -101.57 -31.38
CA VAL P 153 43.41 -102.55 -31.36
C VAL P 153 43.54 -103.07 -29.93
N MET P 154 43.16 -104.34 -29.70
CA MET P 154 43.30 -104.99 -28.40
C MET P 154 42.63 -104.16 -27.32
N PRO P 155 41.31 -104.15 -27.25
CA PRO P 155 40.61 -103.20 -26.36
C PRO P 155 41.01 -103.40 -24.91
N VAL P 156 41.07 -102.29 -24.19
CA VAL P 156 41.52 -102.30 -22.80
C VAL P 156 40.40 -102.87 -21.94
N ARG P 157 40.68 -103.97 -21.26
CA ARG P 157 39.74 -104.62 -20.37
C ARG P 157 40.22 -104.45 -18.93
N ASN P 158 39.26 -104.31 -18.02
CA ASN P 158 39.56 -104.24 -16.60
C ASN P 158 39.41 -105.64 -16.01
N VAL P 159 40.54 -106.23 -15.61
CA VAL P 159 40.60 -107.61 -15.17
C VAL P 159 40.76 -107.65 -13.66
N TYR P 160 39.94 -108.46 -13.01
CA TYR P 160 39.96 -108.60 -11.55
C TYR P 160 40.59 -109.94 -11.18
N LYS P 161 41.54 -109.92 -10.25
CA LYS P 161 42.20 -111.14 -9.81
C LYS P 161 41.33 -111.80 -8.74
N LYS P 162 40.71 -112.92 -9.11
CA LYS P 162 39.82 -113.62 -8.18
C LYS P 162 40.63 -114.27 -7.07
N GLU P 163 40.22 -114.05 -5.83
CA GLU P 163 40.88 -114.63 -4.67
C GLU P 163 40.07 -115.83 -4.17
N LYS P 164 40.75 -116.97 -4.04
CA LYS P 164 40.10 -118.17 -3.53
C LYS P 164 39.68 -117.98 -2.08
N ALA P 165 38.59 -118.65 -1.70
CA ALA P 165 38.19 -118.67 -0.31
C ALA P 165 39.26 -119.36 0.52
N ARG P 166 39.62 -118.74 1.64
CA ARG P 166 40.69 -119.23 2.49
C ARG P 166 40.23 -119.23 3.95
N VAL P 167 40.85 -120.08 4.75
CA VAL P 167 40.54 -120.12 6.17
C VAL P 167 41.12 -118.89 6.84
N ILE P 168 40.29 -118.18 7.60
CA ILE P 168 40.72 -116.92 8.20
C ILE P 168 41.68 -117.21 9.34
N THR P 169 42.76 -116.46 9.40
CA THR P 169 43.75 -116.61 10.46
C THR P 169 43.34 -115.80 11.69
N GLU P 170 43.86 -116.23 12.85
CA GLU P 170 43.53 -115.57 14.09
C GLU P 170 44.13 -114.17 14.16
N GLU P 171 45.28 -113.95 13.54
CA GLU P 171 45.84 -112.59 13.51
C GLU P 171 44.92 -111.64 12.74
N GLU P 172 44.41 -112.08 11.60
CA GLU P 172 43.43 -111.29 10.88
C GLU P 172 42.16 -111.10 11.69
N LYS P 173 41.70 -112.16 12.37
CA LYS P 173 40.52 -112.03 13.21
C LYS P 173 40.72 -111.06 14.36
N ASN P 174 41.95 -110.88 14.81
CA ASN P 174 42.24 -109.93 15.86
C ASN P 174 42.60 -108.54 15.33
N PHE P 175 42.74 -108.40 14.02
CA PHE P 175 42.91 -107.06 13.44
C PHE P 175 41.69 -106.19 13.74
N LYS P 176 41.94 -104.93 14.08
CA LYS P 176 40.89 -103.97 14.44
C LYS P 176 40.88 -102.86 13.40
N ALA P 177 40.03 -103.00 12.39
CA ALA P 177 40.06 -102.11 11.23
C ALA P 177 39.64 -100.69 11.60
N PHE P 178 38.51 -100.55 12.31
CA PHE P 178 38.01 -99.21 12.63
C PHE P 178 38.96 -98.47 13.56
N ALA P 179 39.45 -99.16 14.59
CA ALA P 179 40.39 -98.53 15.52
C ALA P 179 41.67 -98.13 14.82
N SER P 180 42.19 -99.01 13.95
CA SER P 180 43.42 -98.66 13.23
C SER P 180 43.20 -97.51 12.27
N LEU P 181 42.04 -97.44 11.63
CA LEU P 181 41.76 -96.31 10.74
C LEU P 181 41.69 -95.01 11.51
N ARG P 182 40.99 -95.00 12.65
CA ARG P 182 40.90 -93.79 13.45
C ARG P 182 42.25 -93.38 13.99
N MET P 183 43.06 -94.34 14.44
CA MET P 183 44.40 -94.02 14.93
C MET P 183 45.29 -93.49 13.82
N ALA P 184 45.19 -94.06 12.62
CA ALA P 184 45.98 -93.56 11.50
C ALA P 184 45.58 -92.14 11.12
N ARG P 185 44.28 -91.85 11.12
CA ARG P 185 43.82 -90.49 10.87
C ARG P 185 44.36 -89.53 11.91
N ALA P 186 44.32 -89.93 13.18
CA ALA P 186 44.83 -89.06 14.24
C ALA P 186 46.34 -88.84 14.11
N ASN P 187 47.09 -89.89 13.79
CA ASN P 187 48.53 -89.76 13.65
C ASN P 187 48.89 -88.83 12.50
N ALA P 188 48.19 -88.98 11.37
CA ALA P 188 48.42 -88.08 10.24
C ALA P 188 48.05 -86.64 10.60
N ARG P 189 47.00 -86.45 11.39
CA ARG P 189 46.59 -85.10 11.74
C ARG P 189 47.53 -84.45 12.74
N LEU P 190 48.10 -85.23 13.64
CA LEU P 190 48.94 -84.72 14.72
C LEU P 190 50.43 -84.85 14.45
N PHE P 191 50.82 -85.31 13.25
CA PHE P 191 52.23 -85.60 13.00
C PHE P 191 53.10 -84.36 13.16
N GLY P 192 52.66 -83.23 12.62
CA GLY P 192 53.47 -82.02 12.70
C GLY P 192 53.58 -81.45 14.10
N ILE P 193 52.45 -81.40 14.82
CA ILE P 193 52.44 -80.79 16.15
C ILE P 193 53.18 -81.65 17.15
N ARG P 194 53.14 -82.98 17.01
CA ARG P 194 53.95 -83.84 17.85
C ARG P 194 55.43 -83.55 17.66
N ALA P 195 55.86 -83.40 16.40
CA ALA P 195 57.25 -83.10 16.12
C ALA P 195 57.65 -81.75 16.68
N LYS P 196 56.77 -80.76 16.55
CA LYS P 196 57.07 -79.45 17.10
C LYS P 196 57.22 -79.49 18.61
N ARG P 197 56.31 -80.21 19.30
CA ARG P 197 56.41 -80.29 20.75
C ARG P 197 57.63 -81.07 21.19
N ALA P 198 57.97 -82.14 20.47
CA ALA P 198 59.17 -82.91 20.80
C ALA P 198 60.42 -82.07 20.63
N LYS P 199 60.50 -81.30 19.55
CA LYS P 199 61.63 -80.41 19.35
C LYS P 199 61.68 -79.32 20.41
N GLU P 200 60.52 -78.79 20.80
CA GLU P 200 60.49 -77.77 21.85
C GLU P 200 61.00 -78.32 23.18
N ALA P 201 60.55 -79.53 23.54
CA ALA P 201 61.05 -80.15 24.76
C ALA P 201 62.55 -80.42 24.67
N ALA P 202 63.02 -80.88 23.50
CA ALA P 202 64.44 -81.17 23.34
C ALA P 202 65.29 -79.92 23.50
N GLU P 203 64.81 -78.78 22.98
CA GLU P 203 65.51 -77.52 23.18
C GLU P 203 65.47 -77.10 24.65
N GLN P 204 64.28 -77.11 25.25
CA GLN P 204 64.08 -76.51 26.55
C GLN P 204 64.81 -77.26 27.65
N ASP P 205 64.78 -78.59 27.60
CA ASP P 205 65.42 -79.36 28.67
C ASP P 205 66.93 -79.15 28.67
N VAL P 206 67.56 -79.20 27.50
CA VAL P 206 69.01 -79.05 27.46
C VAL P 206 69.42 -77.61 27.78
N GLU P 207 68.64 -76.62 27.35
CA GLU P 207 69.04 -75.26 27.69
C GLU P 207 68.75 -74.93 29.15
N LYS P 208 67.78 -75.61 29.76
CA LYS P 208 67.56 -75.47 31.20
C LYS P 208 68.71 -76.09 31.97
N LYS P 209 69.18 -77.27 31.54
CA LYS P 209 70.34 -77.88 32.16
C LYS P 209 71.59 -77.02 31.97
N LYS P 210 71.66 -76.28 30.86
CA LYS P 210 72.80 -75.41 30.59
C LYS P 210 72.82 -74.21 31.55
N VAL Q 1 -97.87 -41.48 8.24
CA VAL Q 1 -97.86 -42.13 6.93
C VAL Q 1 -97.73 -43.64 7.11
N PHE Q 2 -97.17 -44.06 8.23
CA PHE Q 2 -96.91 -45.48 8.47
C PHE Q 2 -98.17 -46.18 8.97
N ARG Q 3 -98.24 -47.46 8.70
CA ARG Q 3 -99.35 -48.28 9.16
C ARG Q 3 -98.91 -49.52 9.93
N ARG Q 4 -97.80 -50.14 9.53
CA ARG Q 4 -97.32 -51.35 10.16
C ARG Q 4 -96.15 -51.00 11.07
N PHE Q 5 -96.35 -51.21 12.37
CA PHE Q 5 -95.38 -50.84 13.38
C PHE Q 5 -94.82 -52.08 14.05
N VAL Q 6 -93.50 -52.15 14.17
CA VAL Q 6 -92.89 -53.19 14.99
C VAL Q 6 -93.32 -52.98 16.42
N GLU Q 7 -93.90 -54.00 17.03
CA GLU Q 7 -94.46 -53.87 18.37
C GLU Q 7 -94.67 -55.26 18.96
N VAL Q 8 -95.06 -55.29 20.23
CA VAL Q 8 -95.32 -56.54 20.90
C VAL Q 8 -96.61 -57.14 20.33
N GLY Q 9 -96.52 -58.35 19.81
CA GLY Q 9 -97.64 -59.02 19.20
C GLY Q 9 -97.70 -58.90 17.69
N ARG Q 10 -96.92 -58.01 17.10
CA ARG Q 10 -96.94 -57.83 15.65
C ARG Q 10 -96.48 -59.11 14.96
N VAL Q 11 -97.23 -59.52 13.95
CA VAL Q 11 -96.91 -60.71 13.18
C VAL Q 11 -96.10 -60.29 11.97
N ALA Q 12 -94.96 -60.95 11.77
CA ALA Q 12 -94.09 -60.68 10.64
C ALA Q 12 -93.92 -61.95 9.81
N TYR Q 13 -93.42 -61.77 8.59
CA TYR Q 13 -93.19 -62.85 7.66
C TYR Q 13 -91.71 -62.88 7.33
N VAL Q 14 -91.04 -63.98 7.64
CA VAL Q 14 -89.59 -64.04 7.48
C VAL Q 14 -89.30 -64.20 5.99
N SER Q 15 -88.79 -63.13 5.36
CA SER Q 15 -88.59 -63.13 3.93
C SER Q 15 -87.48 -64.09 3.52
N PHE Q 16 -86.33 -64.01 4.19
CA PHE Q 16 -85.19 -64.85 3.83
C PHE Q 16 -84.49 -65.31 5.10
N GLY Q 17 -83.44 -66.10 4.91
CA GLY Q 17 -82.70 -66.66 6.02
C GLY Q 17 -83.05 -68.12 6.25
N PRO Q 18 -82.77 -68.61 7.45
CA PRO Q 18 -83.04 -70.03 7.74
C PRO Q 18 -84.52 -70.37 7.82
N HIS Q 19 -85.39 -69.39 8.03
CA HIS Q 19 -86.82 -69.64 8.17
C HIS Q 19 -87.60 -68.87 7.12
N ALA Q 20 -87.12 -68.89 5.88
CA ALA Q 20 -87.80 -68.18 4.80
C ALA Q 20 -89.19 -68.77 4.57
N GLY Q 21 -90.17 -67.87 4.38
CA GLY Q 21 -91.52 -68.28 4.11
C GLY Q 21 -92.37 -68.59 5.32
N LYS Q 22 -91.86 -68.41 6.53
CA LYS Q 22 -92.59 -68.74 7.74
C LYS Q 22 -93.03 -67.48 8.47
N LEU Q 23 -94.22 -67.54 9.06
CA LEU Q 23 -94.71 -66.45 9.88
C LEU Q 23 -94.15 -66.54 11.29
N VAL Q 24 -94.06 -65.37 11.95
CA VAL Q 24 -93.53 -65.26 13.30
C VAL Q 24 -94.28 -64.16 14.03
N ALA Q 25 -94.15 -64.16 15.36
CA ALA Q 25 -94.70 -63.11 16.20
C ALA Q 25 -93.57 -62.46 16.96
N ILE Q 26 -93.55 -61.13 16.95
CA ILE Q 26 -92.51 -60.36 17.65
C ILE Q 26 -92.91 -60.21 19.10
N VAL Q 27 -92.04 -60.63 20.01
CA VAL Q 27 -92.33 -60.65 21.44
C VAL Q 27 -91.65 -59.49 22.16
N ASP Q 28 -90.36 -59.29 21.90
CA ASP Q 28 -89.64 -58.18 22.52
C ASP Q 28 -88.69 -57.56 21.50
N VAL Q 29 -88.07 -56.46 21.91
CA VAL Q 29 -87.22 -55.65 21.04
C VAL Q 29 -85.87 -55.49 21.70
N ILE Q 30 -84.80 -55.66 20.93
CA ILE Q 30 -83.43 -55.47 21.42
C ILE Q 30 -82.62 -54.69 20.40
N ASP Q 31 -82.01 -53.59 20.87
CA ASP Q 31 -80.93 -52.85 20.21
C ASP Q 31 -81.24 -52.40 18.78
N GLN Q 32 -82.53 -52.32 18.40
CA GLN Q 32 -82.99 -51.71 17.15
C GLN Q 32 -82.63 -52.55 15.93
N ASN Q 33 -81.79 -53.57 16.12
CA ASN Q 33 -81.37 -54.42 15.02
C ASN Q 33 -81.90 -55.83 15.13
N ARG Q 34 -82.19 -56.29 16.34
CA ARG Q 34 -82.70 -57.62 16.57
C ARG Q 34 -84.01 -57.55 17.33
N ALA Q 35 -84.67 -58.69 17.44
CA ALA Q 35 -85.95 -58.77 18.13
C ALA Q 35 -86.16 -60.20 18.56
N LEU Q 36 -86.72 -60.37 19.75
CA LEU Q 36 -87.14 -61.70 20.18
C LEU Q 36 -88.35 -62.10 19.36
N VAL Q 37 -88.30 -63.30 18.77
CA VAL Q 37 -89.24 -63.70 17.74
C VAL Q 37 -89.62 -65.16 17.97
N ASP Q 38 -90.92 -65.45 17.91
CA ASP Q 38 -91.39 -66.81 18.17
C ASP Q 38 -92.56 -67.13 17.26
N GLY Q 39 -92.47 -68.26 16.56
CA GLY Q 39 -93.63 -68.85 15.93
C GLY Q 39 -94.03 -70.15 16.60
N PRO Q 40 -95.06 -70.12 17.44
CA PRO Q 40 -95.44 -71.34 18.15
C PRO Q 40 -96.23 -72.29 17.28
N CYS Q 41 -96.99 -71.74 16.33
CA CYS Q 41 -97.83 -72.54 15.45
C CYS Q 41 -97.30 -72.61 14.03
N THR Q 42 -96.12 -72.06 13.76
CA THR Q 42 -95.57 -72.06 12.41
C THR Q 42 -94.21 -72.77 12.38
N GLN Q 43 -93.90 -73.52 13.45
CA GLN Q 43 -92.64 -74.24 13.57
C GLN Q 43 -91.44 -73.29 13.47
N VAL Q 44 -91.43 -72.30 14.37
CA VAL Q 44 -90.29 -71.42 14.55
C VAL Q 44 -90.08 -71.22 16.04
N ARG Q 45 -89.09 -71.91 16.61
CA ARG Q 45 -88.92 -71.79 18.05
C ARG Q 45 -88.36 -70.42 18.39
N ARG Q 46 -88.63 -70.00 19.63
CA ARG Q 46 -88.30 -68.65 20.07
C ARG Q 46 -86.80 -68.40 19.98
N GLN Q 47 -86.43 -67.28 19.37
CA GLN Q 47 -85.03 -67.01 19.08
C GLN Q 47 -84.86 -65.53 18.74
N ALA Q 48 -83.60 -65.11 18.71
CA ALA Q 48 -83.29 -63.78 18.21
C ALA Q 48 -83.45 -63.73 16.70
N MET Q 49 -83.88 -62.57 16.19
CA MET Q 49 -84.01 -62.46 14.77
C MET Q 49 -83.74 -61.02 14.34
N PRO Q 50 -82.90 -60.80 13.34
CA PRO Q 50 -82.64 -59.43 12.88
C PRO Q 50 -83.86 -58.85 12.21
N PHE Q 51 -84.00 -57.53 12.34
CA PHE Q 51 -85.13 -56.82 11.74
C PHE Q 51 -85.07 -56.79 10.23
N LYS Q 52 -83.89 -56.99 9.64
CA LYS Q 52 -83.77 -56.84 8.20
C LYS Q 52 -84.50 -57.94 7.45
N CYS Q 53 -84.58 -59.14 8.02
CA CYS Q 53 -85.20 -60.25 7.34
C CYS Q 53 -86.70 -60.33 7.54
N MET Q 54 -87.27 -59.44 8.34
CA MET Q 54 -88.71 -59.46 8.59
C MET Q 54 -89.44 -58.57 7.59
N GLN Q 55 -90.70 -58.94 7.33
CA GLN Q 55 -91.62 -58.10 6.57
C GLN Q 55 -92.93 -58.11 7.31
N LEU Q 56 -93.30 -56.99 7.90
CA LEU Q 56 -94.46 -56.93 8.78
C LEU Q 56 -95.74 -57.23 8.00
N THR Q 57 -96.62 -58.01 8.62
CA THR Q 57 -97.95 -58.25 8.09
C THR Q 57 -98.91 -57.21 8.68
N ASP Q 58 -100.21 -57.44 8.50
CA ASP Q 58 -101.22 -56.57 9.09
C ASP Q 58 -102.02 -57.27 10.17
N PHE Q 59 -101.36 -58.15 10.93
CA PHE Q 59 -102.00 -58.88 12.01
C PHE Q 59 -101.27 -58.60 13.31
N ILE Q 60 -102.02 -58.21 14.34
CA ILE Q 60 -101.48 -57.83 15.63
C ILE Q 60 -102.09 -58.73 16.70
N LEU Q 61 -101.24 -59.34 17.51
CA LEU Q 61 -101.68 -60.22 18.59
C LEU Q 61 -101.65 -59.47 19.92
N LYS Q 62 -102.49 -59.91 20.84
CA LYS Q 62 -102.68 -59.24 22.12
C LYS Q 62 -102.18 -60.17 23.23
N PHE Q 63 -100.89 -60.11 23.50
CA PHE Q 63 -100.29 -60.82 24.63
C PHE Q 63 -99.23 -59.91 25.24
N PRO Q 64 -98.95 -60.07 26.53
CA PRO Q 64 -97.92 -59.23 27.17
C PRO Q 64 -96.54 -59.52 26.61
N HIS Q 65 -95.67 -58.53 26.71
CA HIS Q 65 -94.31 -58.70 26.23
C HIS Q 65 -93.58 -59.75 27.05
N SER Q 66 -92.72 -60.51 26.37
CA SER Q 66 -91.98 -61.63 26.98
C SER Q 66 -92.92 -62.67 27.58
N ALA Q 67 -94.10 -62.85 26.99
CA ALA Q 67 -95.02 -63.87 27.46
C ALA Q 67 -94.56 -65.24 27.00
N HIS Q 68 -94.90 -66.25 27.81
CA HIS Q 68 -94.45 -67.61 27.53
C HIS Q 68 -95.10 -68.14 26.27
N GLN Q 69 -94.44 -69.14 25.67
CA GLN Q 69 -94.91 -69.70 24.42
C GLN Q 69 -96.30 -70.29 24.54
N LYS Q 70 -96.69 -70.74 25.73
CA LYS Q 70 -98.06 -71.22 25.93
C LYS Q 70 -99.06 -70.11 25.66
N TYR Q 71 -98.86 -68.93 26.25
CA TYR Q 71 -99.77 -67.82 26.02
C TYR Q 71 -99.69 -67.33 24.59
N VAL Q 72 -98.49 -67.33 24.01
CA VAL Q 72 -98.35 -66.93 22.61
C VAL Q 72 -99.14 -67.87 21.71
N ARG Q 73 -99.04 -69.18 21.95
CA ARG Q 73 -99.78 -70.15 21.17
C ARG Q 73 -101.27 -69.99 21.37
N GLN Q 74 -101.71 -69.74 22.60
CA GLN Q 74 -103.13 -69.53 22.85
C GLN Q 74 -103.67 -68.34 22.07
N ALA Q 75 -102.97 -67.21 22.14
CA ALA Q 75 -103.43 -66.04 21.40
C ALA Q 75 -103.38 -66.26 19.90
N TRP Q 76 -102.33 -66.93 19.42
CA TRP Q 76 -102.21 -67.22 18.00
C TRP Q 76 -103.37 -68.09 17.52
N GLN Q 77 -103.74 -69.10 18.29
CA GLN Q 77 -104.81 -69.98 17.87
C GLN Q 77 -106.19 -69.35 18.07
N LYS Q 78 -106.34 -68.44 19.03
CA LYS Q 78 -107.60 -67.74 19.17
C LYS Q 78 -107.82 -66.79 18.00
N ALA Q 79 -106.81 -65.99 17.66
CA ALA Q 79 -106.93 -65.09 16.53
C ALA Q 79 -106.91 -65.82 15.20
N ASP Q 80 -106.44 -67.07 15.18
CA ASP Q 80 -106.45 -67.92 13.99
C ASP Q 80 -105.69 -67.27 12.84
N ILE Q 81 -104.41 -67.02 13.08
CA ILE Q 81 -103.59 -66.31 12.11
C ILE Q 81 -103.32 -67.17 10.88
N ASN Q 82 -103.42 -68.49 11.01
CA ASN Q 82 -103.03 -69.38 9.92
C ASN Q 82 -103.96 -69.22 8.71
N THR Q 83 -105.24 -69.51 8.89
CA THR Q 83 -106.20 -69.40 7.79
C THR Q 83 -106.39 -67.95 7.35
N LYS Q 84 -106.38 -67.01 8.31
CA LYS Q 84 -106.44 -65.60 7.95
C LYS Q 84 -105.30 -65.22 7.01
N TRP Q 85 -104.08 -65.64 7.34
CA TRP Q 85 -102.93 -65.33 6.50
C TRP Q 85 -103.06 -66.00 5.15
N ALA Q 86 -103.43 -67.27 5.11
CA ALA Q 86 -103.60 -67.95 3.84
C ALA Q 86 -104.69 -67.32 2.98
N ALA Q 87 -105.61 -66.58 3.59
CA ALA Q 87 -106.64 -65.87 2.83
C ALA Q 87 -106.18 -64.54 2.25
N THR Q 88 -105.01 -64.04 2.64
CA THR Q 88 -104.56 -62.74 2.17
C THR Q 88 -103.99 -62.83 0.77
N ARG Q 89 -104.00 -61.70 0.06
CA ARG Q 89 -103.44 -61.66 -1.29
C ARG Q 89 -101.94 -61.86 -1.27
N TRP Q 90 -101.28 -61.50 -0.17
CA TRP Q 90 -99.84 -61.74 -0.04
C TRP Q 90 -99.53 -63.22 -0.10
N ALA Q 91 -100.21 -64.02 0.72
CA ALA Q 91 -99.99 -65.46 0.71
C ALA Q 91 -100.45 -66.08 -0.61
N LYS Q 92 -101.51 -65.55 -1.21
CA LYS Q 92 -101.92 -66.05 -2.51
C LYS Q 92 -100.84 -65.81 -3.56
N LYS Q 93 -100.22 -64.62 -3.53
CA LYS Q 93 -99.14 -64.34 -4.46
C LYS Q 93 -97.96 -65.27 -4.23
N ILE Q 94 -97.63 -65.53 -2.96
CA ILE Q 94 -96.53 -66.46 -2.66
C ILE Q 94 -96.85 -67.85 -3.18
N GLU Q 95 -98.09 -68.31 -2.97
CA GLU Q 95 -98.49 -69.62 -3.45
C GLU Q 95 -98.41 -69.71 -4.97
N ALA Q 96 -98.88 -68.66 -5.66
CA ALA Q 96 -98.85 -68.65 -7.11
C ALA Q 96 -97.42 -68.71 -7.63
N ARG Q 97 -96.53 -67.93 -7.00
CA ARG Q 97 -95.12 -67.98 -7.39
C ARG Q 97 -94.55 -69.38 -7.19
N GLU Q 98 -94.87 -70.02 -6.07
CA GLU Q 98 -94.34 -71.35 -5.80
C GLU Q 98 -94.80 -72.36 -6.84
N ARG Q 99 -96.11 -72.37 -7.15
CA ARG Q 99 -96.59 -73.37 -8.09
C ARG Q 99 -96.12 -73.08 -9.52
N LYS Q 100 -96.00 -71.81 -9.88
CA LYS Q 100 -95.44 -71.48 -11.20
C LYS Q 100 -93.99 -71.93 -11.30
N ALA Q 101 -93.23 -71.78 -10.22
CA ALA Q 101 -91.84 -72.24 -10.24
C ALA Q 101 -91.76 -73.76 -10.30
N LYS Q 102 -92.71 -74.47 -9.70
CA LYS Q 102 -92.67 -75.93 -9.67
C LYS Q 102 -93.51 -76.56 -10.77
N MET Q 103 -93.97 -75.78 -11.74
CA MET Q 103 -94.58 -76.34 -12.94
C MET Q 103 -93.60 -77.26 -13.67
N THR Q 104 -94.14 -78.32 -14.27
CA THR Q 104 -93.36 -79.19 -15.15
C THR Q 104 -93.49 -78.75 -16.60
N ASP Q 105 -92.77 -79.43 -17.49
CA ASP Q 105 -92.76 -79.03 -18.89
C ASP Q 105 -94.11 -79.29 -19.56
N PHE Q 106 -94.73 -80.43 -19.24
CA PHE Q 106 -96.06 -80.71 -19.77
C PHE Q 106 -97.07 -79.68 -19.29
N ASP Q 107 -96.97 -79.30 -18.02
CA ASP Q 107 -97.83 -78.26 -17.48
C ASP Q 107 -97.58 -76.94 -18.19
N ARG Q 108 -96.33 -76.64 -18.51
CA ARG Q 108 -96.00 -75.44 -19.27
C ARG Q 108 -96.64 -75.47 -20.65
N PHE Q 109 -96.63 -76.63 -21.30
CA PHE Q 109 -97.28 -76.77 -22.60
C PHE Q 109 -98.78 -76.50 -22.49
N LYS Q 110 -99.43 -77.10 -21.50
CA LYS Q 110 -100.88 -76.91 -21.36
C LYS Q 110 -101.23 -75.48 -21.00
N VAL Q 111 -100.42 -74.84 -20.16
CA VAL Q 111 -100.63 -73.42 -19.84
C VAL Q 111 -100.42 -72.55 -21.07
N MET Q 112 -99.43 -72.89 -21.90
CA MET Q 112 -99.22 -72.16 -23.14
C MET Q 112 -100.44 -72.26 -24.04
N LYS Q 113 -101.03 -73.44 -24.14
CA LYS Q 113 -102.23 -73.60 -24.95
C LYS Q 113 -103.38 -72.76 -24.40
N ALA Q 114 -103.60 -72.83 -23.09
CA ALA Q 114 -104.69 -72.09 -22.48
C ALA Q 114 -104.53 -70.59 -22.69
N LYS Q 115 -103.31 -70.09 -22.49
CA LYS Q 115 -103.03 -68.69 -22.74
C LYS Q 115 -103.22 -68.33 -24.21
N LYS Q 116 -102.83 -69.24 -25.10
CA LYS Q 116 -102.91 -68.99 -26.52
C LYS Q 116 -104.35 -68.82 -26.99
N MET Q 117 -105.26 -69.58 -26.38
CA MET Q 117 -106.68 -69.41 -26.74
C MET Q 117 -107.31 -68.23 -26.01
N ARG Q 118 -106.98 -68.07 -24.72
CA ARG Q 118 -107.57 -67.02 -23.91
C ARG Q 118 -107.23 -65.64 -24.46
N ASN Q 119 -105.97 -65.45 -24.87
CA ASN Q 119 -105.56 -64.17 -25.41
C ASN Q 119 -106.29 -63.84 -26.70
N ARG Q 120 -106.53 -64.85 -27.55
CA ARG Q 120 -107.30 -64.61 -28.77
C ARG Q 120 -108.72 -64.17 -28.45
N ILE Q 121 -109.36 -64.84 -27.50
CA ILE Q 121 -110.73 -64.46 -27.13
C ILE Q 121 -110.76 -63.03 -26.61
N ILE Q 122 -109.84 -62.70 -25.71
CA ILE Q 122 -109.82 -61.38 -25.09
C ILE Q 122 -109.52 -60.29 -26.12
N LYS Q 123 -108.56 -60.56 -27.01
CA LYS Q 123 -108.21 -59.59 -28.04
C LYS Q 123 -109.38 -59.37 -28.99
N ASN Q 124 -110.13 -60.44 -29.30
CA ASN Q 124 -111.32 -60.28 -30.13
C ASN Q 124 -112.34 -59.39 -29.46
N GLU Q 125 -112.57 -59.59 -28.16
CA GLU Q 125 -113.55 -58.75 -27.47
C GLU Q 125 -113.09 -57.30 -27.40
N VAL Q 126 -111.78 -57.07 -27.21
CA VAL Q 126 -111.27 -55.71 -27.19
C VAL Q 126 -111.46 -55.05 -28.56
N LYS Q 127 -111.24 -55.81 -29.63
CA LYS Q 127 -111.51 -55.28 -30.97
C LYS Q 127 -112.96 -54.88 -31.14
N LYS Q 128 -113.88 -55.73 -30.67
CA LYS Q 128 -115.30 -55.39 -30.79
C LYS Q 128 -115.63 -54.13 -29.99
N LEU Q 129 -115.08 -54.01 -28.79
CA LEU Q 129 -115.34 -52.83 -27.96
C LEU Q 129 -114.77 -51.57 -28.59
N GLN Q 130 -113.55 -51.66 -29.15
CA GLN Q 130 -112.96 -50.52 -29.83
C GLN Q 130 -113.82 -50.07 -31.00
N LYS Q 131 -114.30 -51.05 -31.78
CA LYS Q 131 -115.19 -50.72 -32.88
C LYS Q 131 -116.46 -50.04 -32.40
N ALA Q 132 -117.05 -50.57 -31.32
CA ALA Q 132 -118.31 -49.99 -30.82
C ALA Q 132 -118.11 -48.56 -30.34
N ALA Q 133 -117.06 -48.32 -29.55
CA ALA Q 133 -116.80 -46.97 -29.07
C ALA Q 133 -116.27 -46.05 -30.16
N LEU Q 134 -115.89 -46.58 -31.32
CA LEU Q 134 -115.37 -45.76 -32.40
C LEU Q 134 -116.45 -44.94 -33.09
N LEU Q 135 -117.68 -45.43 -33.16
CA LEU Q 135 -118.69 -44.87 -34.07
C LEU Q 135 -119.44 -43.67 -33.47
N LYS Q 136 -118.71 -42.70 -32.97
CA LYS Q 136 -119.28 -41.46 -32.47
C LYS Q 136 -118.90 -40.31 -33.38
N ALA Q 137 -119.89 -39.50 -33.76
CA ALA Q 137 -119.65 -38.32 -34.61
C ALA Q 137 -120.67 -37.26 -34.24
N SER Q 138 -120.27 -36.35 -33.34
CA SER Q 138 -121.16 -35.30 -32.86
C SER Q 138 -120.35 -34.22 -32.17
N PRO Q 139 -120.75 -32.95 -32.28
CA PRO Q 139 -120.03 -31.87 -31.60
C PRO Q 139 -120.34 -31.85 -30.09
N GLY R 1 79.08 -66.01 -30.30
CA GLY R 1 78.14 -65.81 -29.21
C GLY R 1 77.79 -64.35 -28.96
N ALA R 2 77.88 -63.53 -30.00
CA ALA R 2 77.70 -62.09 -29.84
C ALA R 2 76.29 -61.73 -29.39
N TYR R 3 75.29 -62.44 -29.92
CA TYR R 3 73.92 -62.13 -29.56
C TYR R 3 73.63 -62.42 -28.11
N LYS R 4 74.32 -63.38 -27.50
CA LYS R 4 74.17 -63.58 -26.06
C LYS R 4 74.61 -62.33 -25.29
N TYR R 5 75.74 -61.76 -25.68
CA TYR R 5 76.21 -60.53 -25.05
C TYR R 5 75.22 -59.39 -25.26
N ILE R 6 74.69 -59.26 -26.48
CA ILE R 6 73.75 -58.17 -26.75
C ILE R 6 72.48 -58.36 -25.95
N GLN R 7 72.00 -59.60 -25.83
CA GLN R 7 70.79 -59.89 -25.06
C GLN R 7 70.99 -59.54 -23.59
N GLU R 8 72.11 -59.97 -23.01
CA GLU R 8 72.39 -59.62 -21.62
C GLU R 8 72.59 -58.12 -21.45
N LEU R 9 73.09 -57.44 -22.47
CA LEU R 9 73.26 -55.99 -22.40
C LEU R 9 71.91 -55.29 -22.39
N TRP R 10 71.00 -55.72 -23.24
CA TRP R 10 69.68 -55.10 -23.30
C TRP R 10 68.78 -55.51 -22.15
N ARG R 11 69.15 -56.53 -21.40
CA ARG R 11 68.44 -56.81 -20.15
C ARG R 11 68.86 -55.89 -19.02
N LYS R 12 69.75 -54.94 -19.27
CA LYS R 12 70.28 -54.05 -18.25
C LYS R 12 69.94 -52.60 -18.59
N LYS R 13 68.67 -52.34 -18.85
CA LYS R 13 68.25 -51.05 -19.42
C LYS R 13 68.53 -49.87 -18.51
N GLN R 14 68.81 -50.10 -17.23
CA GLN R 14 69.08 -49.01 -16.31
C GLN R 14 70.57 -48.76 -16.09
N SER R 15 71.44 -49.47 -16.80
CA SER R 15 72.85 -49.15 -16.73
C SER R 15 73.12 -47.84 -17.44
N ASP R 16 74.35 -47.33 -17.30
CA ASP R 16 74.69 -46.05 -17.88
C ASP R 16 74.65 -46.08 -19.40
N VAL R 17 75.22 -47.12 -20.00
CA VAL R 17 75.26 -47.20 -21.46
C VAL R 17 73.86 -47.31 -22.04
N MET R 18 73.02 -48.16 -21.43
CA MET R 18 71.66 -48.32 -21.93
C MET R 18 70.84 -47.06 -21.70
N ARG R 19 70.99 -46.40 -20.56
CA ARG R 19 70.29 -45.15 -20.32
C ARG R 19 70.65 -44.11 -21.37
N PHE R 20 71.95 -43.90 -21.61
CA PHE R 20 72.37 -42.89 -22.56
C PHE R 20 71.91 -43.23 -23.98
N LEU R 21 72.08 -44.49 -24.39
CA LEU R 21 71.70 -44.88 -25.74
C LEU R 21 70.20 -44.75 -25.95
N LEU R 22 69.40 -45.24 -25.00
CA LEU R 22 67.96 -45.13 -25.14
C LEU R 22 67.52 -43.68 -25.14
N ARG R 23 68.18 -42.82 -24.36
CA ARG R 23 67.81 -41.41 -24.34
C ARG R 23 68.04 -40.75 -25.69
N VAL R 24 69.23 -40.94 -26.27
CA VAL R 24 69.52 -40.27 -27.54
C VAL R 24 68.66 -40.86 -28.66
N ARG R 25 68.43 -42.17 -28.64
CA ARG R 25 67.58 -42.76 -29.66
C ARG R 25 66.15 -42.29 -29.52
N CYS R 26 65.67 -42.12 -28.28
CA CYS R 26 64.33 -41.60 -28.07
C CYS R 26 64.21 -40.18 -28.58
N TRP R 27 65.23 -39.35 -28.38
CA TRP R 27 65.20 -38.01 -28.95
C TRP R 27 65.12 -38.05 -30.46
N GLN R 28 65.92 -38.91 -31.10
CA GLN R 28 65.89 -39.02 -32.55
C GLN R 28 64.53 -39.50 -33.05
N TYR R 29 63.97 -40.52 -32.39
CA TYR R 29 62.67 -41.05 -32.81
C TYR R 29 61.57 -40.03 -32.61
N ARG R 30 61.65 -39.23 -31.55
CA ARG R 30 60.70 -38.15 -31.38
C ARG R 30 60.80 -37.15 -32.52
N GLN R 31 62.01 -36.82 -32.95
CA GLN R 31 62.16 -35.91 -34.08
C GLN R 31 61.68 -36.51 -35.39
N LEU R 32 61.71 -37.83 -35.54
CA LEU R 32 61.17 -38.46 -36.74
C LEU R 32 59.64 -38.44 -36.73
N SER R 33 59.06 -38.80 -37.86
CA SER R 33 57.61 -38.85 -37.98
C SER R 33 57.04 -40.03 -37.20
N ALA R 34 55.73 -39.97 -36.96
CA ALA R 34 55.07 -40.98 -36.14
C ALA R 34 55.16 -42.36 -36.77
N LEU R 35 54.91 -42.45 -38.06
CA LEU R 35 55.09 -43.69 -38.81
C LEU R 35 56.29 -43.51 -39.72
N HIS R 36 57.22 -44.44 -39.67
CA HIS R 36 58.47 -44.23 -40.38
C HIS R 36 59.06 -45.58 -40.72
N ARG R 37 59.89 -45.62 -41.76
CA ARG R 37 60.53 -46.86 -42.18
C ARG R 37 61.96 -46.90 -41.66
N ALA R 38 62.23 -47.85 -40.78
CA ALA R 38 63.60 -48.07 -40.35
C ALA R 38 64.34 -48.85 -41.43
N PRO R 39 65.51 -48.38 -41.87
CA PRO R 39 66.25 -49.13 -42.90
C PRO R 39 66.66 -50.52 -42.46
N ARG R 40 66.98 -50.68 -41.18
CA ARG R 40 67.40 -51.96 -40.62
C ARG R 40 66.88 -52.04 -39.19
N PRO R 41 66.68 -53.24 -38.66
CA PRO R 41 66.24 -53.36 -37.27
C PRO R 41 67.27 -52.77 -36.32
N THR R 42 66.77 -52.02 -35.33
CA THR R 42 67.67 -51.46 -34.33
C THR R 42 68.23 -52.55 -33.43
N ARG R 43 67.39 -53.49 -33.02
CA ARG R 43 67.84 -54.61 -32.21
C ARG R 43 67.84 -55.87 -33.07
N PRO R 44 68.97 -56.21 -33.69
CA PRO R 44 68.98 -57.34 -34.62
C PRO R 44 68.73 -58.68 -33.95
N ASP R 45 69.29 -58.88 -32.76
CA ASP R 45 69.10 -60.14 -32.04
C ASP R 45 67.63 -60.35 -31.69
N LYS R 46 66.97 -59.32 -31.15
CA LYS R 46 65.55 -59.44 -30.80
C LYS R 46 64.69 -59.60 -32.04
N ALA R 47 65.02 -58.88 -33.12
CA ALA R 47 64.25 -59.00 -34.35
C ALA R 47 64.29 -60.43 -34.88
N ARG R 48 65.50 -60.98 -35.04
CA ARG R 48 65.59 -62.34 -35.56
C ARG R 48 65.10 -63.37 -34.54
N ARG R 49 65.09 -63.03 -33.26
CA ARG R 49 64.46 -63.88 -32.26
C ARG R 49 62.97 -63.98 -32.48
N LEU R 50 62.33 -62.86 -32.82
CA LEU R 50 60.89 -62.86 -33.09
C LEU R 50 60.56 -63.33 -34.50
N GLY R 51 61.54 -63.42 -35.40
CA GLY R 51 61.27 -64.03 -36.69
C GLY R 51 61.79 -63.27 -37.89
N TYR R 52 62.54 -62.20 -37.65
CA TYR R 52 63.14 -61.44 -38.72
C TYR R 52 64.34 -62.20 -39.29
N LYS R 53 64.63 -61.95 -40.56
CA LYS R 53 65.83 -62.49 -41.18
C LYS R 53 66.39 -61.45 -42.14
N ALA R 54 67.70 -61.51 -42.34
CA ALA R 54 68.38 -60.58 -43.25
C ALA R 54 68.29 -61.12 -44.68
N LYS R 55 67.08 -61.06 -45.21
CA LYS R 55 66.83 -61.44 -46.60
C LYS R 55 65.79 -60.49 -47.16
N GLN R 56 65.76 -60.39 -48.49
CA GLN R 56 64.83 -59.48 -49.15
C GLN R 56 63.40 -59.89 -48.86
N GLY R 57 62.54 -58.90 -48.65
CA GLY R 57 61.16 -59.13 -48.29
C GLY R 57 60.84 -58.84 -46.85
N TYR R 58 61.84 -58.61 -46.01
CA TYR R 58 61.63 -58.21 -44.63
C TYR R 58 61.93 -56.72 -44.49
N VAL R 59 61.01 -55.98 -43.90
CA VAL R 59 61.18 -54.55 -43.69
C VAL R 59 60.82 -54.22 -42.26
N ILE R 60 61.36 -53.11 -41.76
CA ILE R 60 61.17 -52.69 -40.38
C ILE R 60 60.50 -51.32 -40.38
N TYR R 61 59.46 -51.19 -39.57
CA TYR R 61 58.73 -49.93 -39.44
C TYR R 61 58.80 -49.45 -38.00
N ARG R 62 59.18 -48.20 -37.81
CA ARG R 62 59.17 -47.59 -36.50
C ARG R 62 57.86 -46.85 -36.31
N ILE R 63 57.17 -47.15 -35.22
CA ILE R 63 55.84 -46.62 -34.91
C ILE R 63 55.90 -45.93 -33.56
N ARG R 64 55.40 -44.71 -33.49
CA ARG R 64 55.31 -43.95 -32.26
C ARG R 64 53.85 -43.81 -31.87
N VAL R 65 53.50 -44.27 -30.68
CA VAL R 65 52.13 -44.22 -30.19
C VAL R 65 52.09 -43.33 -28.96
N ARG R 66 50.90 -42.78 -28.68
CA ARG R 66 50.70 -42.03 -27.46
C ARG R 66 50.55 -43.00 -26.29
N ARG R 67 50.82 -42.51 -25.10
CA ARG R 67 50.74 -43.31 -23.88
C ARG R 67 49.46 -42.99 -23.13
N GLY R 68 49.33 -43.53 -21.94
CA GLY R 68 48.20 -43.24 -21.10
C GLY R 68 47.03 -44.15 -21.35
N GLY R 69 45.95 -43.88 -20.64
CA GLY R 69 44.74 -44.66 -20.78
C GLY R 69 43.76 -44.03 -21.76
N ARG R 70 42.81 -44.85 -22.21
CA ARG R 70 41.86 -44.44 -23.24
C ARG R 70 40.73 -43.66 -22.58
N LYS R 71 40.73 -42.35 -22.76
CA LYS R 71 39.63 -41.52 -22.28
C LYS R 71 38.38 -41.78 -23.10
N ARG R 72 37.25 -41.94 -22.43
CA ARG R 72 36.01 -42.23 -23.13
C ARG R 72 35.61 -41.06 -24.01
N PRO R 73 35.39 -41.28 -25.29
CA PRO R 73 35.09 -40.16 -26.21
C PRO R 73 33.62 -39.76 -26.26
N VAL R 74 33.17 -39.07 -25.22
CA VAL R 74 31.79 -38.61 -25.16
C VAL R 74 31.77 -37.09 -25.06
N PRO R 75 30.79 -36.41 -25.67
CA PRO R 75 30.78 -34.95 -25.65
C PRO R 75 30.64 -34.40 -24.25
N LYS R 76 31.55 -33.49 -23.88
CA LYS R 76 31.54 -32.80 -22.60
C LYS R 76 31.59 -33.77 -21.42
N GLY R 77 32.15 -34.97 -21.64
CA GLY R 77 32.25 -35.95 -20.58
C GLY R 77 30.90 -36.40 -20.06
N ALA R 78 29.90 -36.50 -20.92
CA ALA R 78 28.55 -36.86 -20.53
C ALA R 78 28.23 -38.25 -21.07
N THR R 79 27.98 -39.19 -20.17
CA THR R 79 27.54 -40.54 -20.53
C THR R 79 26.16 -40.72 -19.92
N TYR R 80 25.14 -40.70 -20.76
CA TYR R 80 23.76 -40.76 -20.31
C TYR R 80 23.42 -42.19 -19.94
N GLY R 81 23.47 -42.50 -18.65
CA GLY R 81 23.18 -43.83 -18.20
C GLY R 81 23.26 -43.92 -16.70
N LYS R 82 23.32 -45.16 -16.21
CA LYS R 82 23.42 -45.39 -14.78
C LYS R 82 24.80 -44.95 -14.28
N PRO R 83 24.92 -44.60 -13.00
CA PRO R 83 26.19 -44.04 -12.50
C PRO R 83 27.38 -44.96 -12.63
N VAL R 84 27.17 -46.28 -12.77
CA VAL R 84 28.31 -47.17 -12.92
C VAL R 84 29.03 -46.91 -14.23
N HIS R 85 28.32 -46.48 -15.27
CA HIS R 85 28.90 -46.17 -16.56
C HIS R 85 29.27 -44.71 -16.71
N HIS R 86 29.28 -43.96 -15.61
CA HIS R 86 29.64 -42.54 -15.66
C HIS R 86 31.13 -42.32 -15.78
N GLY R 87 31.93 -43.38 -15.75
CA GLY R 87 33.37 -43.20 -15.84
C GLY R 87 33.77 -42.61 -17.18
N VAL R 88 34.70 -41.66 -17.14
CA VAL R 88 35.24 -41.05 -18.35
C VAL R 88 36.75 -41.24 -18.34
N ASN R 89 37.42 -40.70 -17.32
CA ASN R 89 38.85 -40.85 -17.19
C ASN R 89 39.18 -42.17 -16.49
N GLN R 90 40.47 -42.48 -16.40
CA GLN R 90 40.99 -43.69 -15.76
C GLN R 90 40.45 -44.96 -16.41
N LEU R 91 39.94 -44.86 -17.63
CA LEU R 91 39.43 -46.01 -18.36
C LEU R 91 40.50 -46.51 -19.31
N LYS R 92 40.63 -47.83 -19.41
CA LYS R 92 41.78 -48.44 -20.06
C LYS R 92 41.36 -49.26 -21.27
N PHE R 93 42.15 -49.15 -22.32
CA PHE R 93 41.93 -49.94 -23.53
C PHE R 93 42.15 -51.42 -23.22
N ALA R 94 41.37 -52.28 -23.87
CA ALA R 94 41.52 -53.72 -23.69
C ALA R 94 42.70 -54.29 -24.45
N ARG R 95 43.33 -53.52 -25.32
CA ARG R 95 44.49 -53.97 -26.08
C ARG R 95 45.69 -53.12 -25.72
N SER R 96 46.87 -53.70 -25.86
CA SER R 96 48.08 -53.00 -25.44
C SER R 96 48.55 -52.02 -26.51
N LEU R 97 49.41 -51.10 -26.07
CA LEU R 97 49.96 -50.10 -26.98
C LEU R 97 50.80 -50.76 -28.08
N GLN R 98 51.47 -51.87 -27.76
CA GLN R 98 52.21 -52.59 -28.78
C GLN R 98 51.28 -53.13 -29.87
N SER R 99 50.14 -53.68 -29.46
CA SER R 99 49.16 -54.14 -30.43
C SER R 99 48.61 -52.99 -31.26
N VAL R 100 48.40 -51.83 -30.63
CA VAL R 100 47.94 -50.66 -31.38
C VAL R 100 48.97 -50.25 -32.42
N ALA R 101 50.25 -50.27 -32.04
CA ALA R 101 51.31 -49.90 -32.99
C ALA R 101 51.36 -50.87 -34.17
N GLU R 102 51.26 -52.16 -33.89
CA GLU R 102 51.20 -53.14 -34.97
C GLU R 102 50.00 -52.89 -35.87
N GLU R 103 48.86 -52.58 -35.26
CA GLU R 103 47.65 -52.31 -36.03
C GLU R 103 47.85 -51.15 -36.98
N ARG R 104 48.41 -50.06 -36.48
CA ARG R 104 48.63 -48.89 -37.33
C ARG R 104 49.61 -49.18 -38.46
N ALA R 105 50.69 -49.89 -38.16
CA ALA R 105 51.65 -50.23 -39.20
C ALA R 105 51.01 -51.08 -40.29
N GLY R 106 50.25 -52.10 -39.89
CA GLY R 106 49.61 -52.95 -40.88
C GLY R 106 48.56 -52.23 -41.70
N ARG R 107 47.76 -51.39 -41.04
CA ARG R 107 46.72 -50.65 -41.76
C ARG R 107 47.32 -49.70 -42.77
N HIS R 108 48.43 -49.04 -42.43
CA HIS R 108 49.08 -48.20 -43.42
C HIS R 108 49.66 -49.03 -44.56
N CYS R 109 50.44 -50.06 -44.23
CA CYS R 109 51.01 -50.94 -45.24
C CYS R 109 50.20 -52.25 -45.26
N GLY R 110 49.00 -52.16 -45.80
CA GLY R 110 48.16 -53.34 -45.98
C GLY R 110 48.71 -54.36 -46.97
N ALA R 111 49.60 -53.95 -47.86
CA ALA R 111 50.17 -54.90 -48.81
C ALA R 111 51.08 -55.91 -48.13
N LEU R 112 51.73 -55.52 -47.04
CA LEU R 112 52.62 -56.39 -46.30
C LEU R 112 51.83 -57.18 -45.25
N ARG R 113 52.54 -58.01 -44.48
CA ARG R 113 51.94 -58.75 -43.39
C ARG R 113 52.77 -58.52 -42.13
N VAL R 114 52.10 -58.17 -41.04
CA VAL R 114 52.81 -57.93 -39.78
C VAL R 114 53.25 -59.25 -39.20
N LEU R 115 54.53 -59.38 -38.88
CA LEU R 115 55.06 -60.58 -38.26
C LEU R 115 55.11 -60.45 -36.73
N ASN R 116 55.86 -59.49 -36.22
CA ASN R 116 55.99 -59.26 -34.79
C ASN R 116 56.48 -57.84 -34.58
N SER R 117 56.79 -57.49 -33.33
CA SER R 117 57.27 -56.15 -33.00
C SER R 117 57.98 -56.20 -31.65
N TYR R 118 58.69 -55.11 -31.36
CA TYR R 118 59.43 -55.02 -30.11
C TYR R 118 59.62 -53.57 -29.71
N TRP R 119 59.68 -53.35 -28.40
CA TRP R 119 59.90 -52.03 -27.81
C TRP R 119 61.30 -51.53 -28.12
N VAL R 120 61.42 -50.23 -28.41
CA VAL R 120 62.75 -49.69 -28.70
C VAL R 120 63.04 -48.45 -27.87
N GLY R 121 62.03 -47.93 -27.17
CA GLY R 121 62.24 -46.76 -26.36
C GLY R 121 60.91 -46.09 -26.04
N GLU R 122 61.00 -45.10 -25.15
CA GLU R 122 59.80 -44.39 -24.69
C GLU R 122 60.22 -43.15 -23.92
N ASP R 123 59.32 -42.16 -23.91
CA ASP R 123 59.38 -41.08 -22.94
C ASP R 123 58.01 -40.95 -22.31
N SER R 124 57.75 -39.87 -21.58
CA SER R 124 56.48 -39.76 -20.85
C SER R 124 55.29 -39.71 -21.79
N THR R 125 55.44 -39.16 -22.98
CA THR R 125 54.31 -38.93 -23.86
C THR R 125 54.24 -39.88 -25.06
N TYR R 126 55.33 -40.56 -25.39
CA TYR R 126 55.35 -41.44 -26.55
C TYR R 126 55.95 -42.79 -26.17
N LYS R 127 55.53 -43.82 -26.88
CA LYS R 127 56.13 -45.14 -26.83
C LYS R 127 56.51 -45.54 -28.24
N PHE R 128 57.74 -46.03 -28.40
CA PHE R 128 58.29 -46.32 -29.71
C PHE R 128 58.48 -47.83 -29.87
N PHE R 129 57.94 -48.37 -30.95
CA PHE R 129 58.04 -49.78 -31.26
C PHE R 129 58.60 -49.95 -32.66
N GLU R 130 59.14 -51.12 -32.93
CA GLU R 130 59.60 -51.48 -34.26
C GLU R 130 58.90 -52.76 -34.66
N VAL R 131 58.34 -52.78 -35.86
CA VAL R 131 57.46 -53.84 -36.33
C VAL R 131 58.08 -54.45 -37.56
N ILE R 132 58.12 -55.78 -37.59
CA ILE R 132 58.60 -56.52 -38.75
C ILE R 132 57.45 -56.73 -39.70
N LEU R 133 57.67 -56.41 -40.98
CA LEU R 133 56.68 -56.59 -42.02
C LEU R 133 57.29 -57.49 -43.10
N ILE R 134 56.55 -58.51 -43.49
CA ILE R 134 56.98 -59.44 -44.53
C ILE R 134 56.17 -59.17 -45.79
N ASP R 135 56.85 -59.05 -46.92
CA ASP R 135 56.15 -58.91 -48.18
C ASP R 135 55.80 -60.31 -48.68
N PRO R 136 54.51 -60.67 -48.71
CA PRO R 136 54.13 -62.03 -49.07
C PRO R 136 54.17 -62.32 -50.55
N PHE R 137 54.60 -61.37 -51.37
CA PHE R 137 54.68 -61.58 -52.80
C PHE R 137 56.08 -61.47 -53.35
N HIS R 138 57.07 -61.18 -52.51
CA HIS R 138 58.45 -61.27 -52.95
C HIS R 138 58.82 -62.73 -53.20
N LYS R 139 59.54 -62.96 -54.29
CA LYS R 139 59.85 -64.34 -54.67
C LYS R 139 60.76 -65.02 -53.67
N ALA R 140 61.66 -64.26 -53.02
CA ALA R 140 62.52 -64.86 -52.01
C ALA R 140 61.71 -65.43 -50.85
N ILE R 141 60.60 -64.78 -50.51
CA ILE R 141 59.76 -65.28 -49.43
C ILE R 141 58.83 -66.37 -49.93
N ARG R 142 58.29 -66.20 -51.14
CA ARG R 142 57.35 -67.17 -51.67
C ARG R 142 58.01 -68.52 -51.92
N ARG R 143 59.24 -68.52 -52.43
CA ARG R 143 59.92 -69.75 -52.81
C ARG R 143 60.47 -70.53 -51.62
N ASN R 144 60.51 -69.94 -50.44
CA ASN R 144 61.15 -70.58 -49.31
C ASN R 144 60.10 -71.28 -48.46
N PRO R 145 60.26 -72.57 -48.16
CA PRO R 145 59.40 -73.21 -47.16
C PRO R 145 59.76 -72.70 -45.78
N ASP R 146 58.92 -73.07 -44.80
CA ASP R 146 58.88 -72.56 -43.43
C ASP R 146 58.45 -71.10 -43.37
N THR R 147 58.30 -70.43 -44.51
CA THR R 147 57.77 -69.07 -44.54
C THR R 147 56.73 -68.89 -45.62
N GLN R 148 56.37 -69.95 -46.35
CA GLN R 148 55.25 -69.87 -47.27
C GLN R 148 53.94 -69.62 -46.54
N TRP R 149 53.86 -69.98 -45.26
CA TRP R 149 52.59 -69.91 -44.54
C TRP R 149 52.07 -68.48 -44.45
N ILE R 150 52.96 -67.51 -44.39
CA ILE R 150 52.52 -66.12 -44.26
C ILE R 150 51.82 -65.65 -45.53
N THR R 151 52.07 -66.30 -46.67
CA THR R 151 51.47 -65.88 -47.92
C THR R 151 50.09 -66.47 -48.15
N LYS R 152 49.61 -67.30 -47.23
CA LYS R 152 48.28 -67.86 -47.37
C LYS R 152 47.24 -66.75 -47.18
N PRO R 153 46.05 -66.91 -47.77
CA PRO R 153 45.00 -65.90 -47.56
C PRO R 153 44.58 -65.77 -46.12
N VAL R 154 44.58 -66.88 -45.37
CA VAL R 154 44.04 -66.86 -44.01
C VAL R 154 44.89 -66.03 -43.07
N HIS R 155 46.14 -65.75 -43.42
CA HIS R 155 47.08 -65.07 -42.55
C HIS R 155 47.31 -63.62 -42.95
N LYS R 156 46.26 -62.94 -43.40
CA LYS R 156 46.37 -61.54 -43.77
C LYS R 156 45.74 -60.66 -42.68
N HIS R 157 46.38 -59.53 -42.43
CA HIS R 157 45.91 -58.56 -41.45
C HIS R 157 45.76 -59.19 -40.06
N ARG R 158 46.79 -59.93 -39.66
CA ARG R 158 46.73 -60.63 -38.37
C ARG R 158 46.68 -59.66 -37.21
N GLU R 159 47.25 -58.46 -37.38
CA GLU R 159 47.28 -57.48 -36.30
C GLU R 159 45.89 -56.98 -35.96
N MET R 160 44.98 -56.88 -36.93
CA MET R 160 43.61 -56.51 -36.58
C MET R 160 42.84 -57.64 -35.94
N ARG R 161 43.15 -58.90 -36.28
CA ARG R 161 42.47 -60.04 -35.71
C ARG R 161 43.15 -60.55 -34.45
N GLY R 162 44.19 -59.88 -33.98
CA GLY R 162 44.82 -60.27 -32.73
C GLY R 162 45.51 -61.61 -32.78
N LEU R 163 46.11 -61.96 -33.91
CA LEU R 163 46.84 -63.20 -34.05
C LEU R 163 48.33 -63.04 -33.86
N THR R 164 48.84 -61.80 -33.85
CA THR R 164 50.23 -61.56 -33.50
C THR R 164 50.45 -61.83 -32.02
N SER R 165 51.71 -61.75 -31.60
CA SER R 165 52.03 -61.99 -30.20
C SER R 165 51.37 -60.95 -29.30
N ALA R 166 51.59 -59.67 -29.59
CA ALA R 166 50.99 -58.62 -28.78
C ALA R 166 49.47 -58.66 -28.86
N GLY R 167 48.93 -58.88 -30.05
CA GLY R 167 47.48 -58.92 -30.21
C GLY R 167 46.83 -60.14 -29.59
N ARG R 168 47.61 -61.19 -29.34
CA ARG R 168 47.08 -62.37 -28.66
C ARG R 168 47.24 -62.26 -27.16
N LYS R 169 48.20 -61.47 -26.69
CA LYS R 169 48.40 -61.34 -25.25
C LYS R 169 47.16 -60.79 -24.55
N SER R 170 46.35 -60.01 -25.24
CA SER R 170 45.17 -59.41 -24.63
C SER R 170 43.92 -60.23 -24.81
N ARG R 171 43.98 -61.36 -25.50
CA ARG R 171 42.77 -62.14 -25.75
C ARG R 171 42.36 -63.02 -24.59
N GLY R 172 43.25 -63.27 -23.63
CA GLY R 172 42.90 -64.12 -22.51
C GLY R 172 43.00 -65.60 -22.79
N LEU R 173 43.80 -66.00 -23.77
CA LEU R 173 43.99 -67.42 -24.06
C LEU R 173 45.02 -68.02 -23.10
N GLY R 174 45.16 -69.32 -23.18
CA GLY R 174 46.10 -70.03 -22.33
C GLY R 174 45.49 -71.33 -21.86
N LYS R 175 46.31 -72.10 -21.17
CA LYS R 175 45.89 -73.36 -20.58
C LYS R 175 45.92 -73.25 -19.07
N GLY R 176 44.93 -73.82 -18.42
CA GLY R 176 44.96 -73.94 -16.98
C GLY R 176 43.73 -73.37 -16.34
N HIS R 177 43.77 -73.32 -15.00
CA HIS R 177 42.66 -72.76 -14.26
C HIS R 177 42.58 -71.25 -14.40
N LYS R 178 43.68 -70.60 -14.75
CA LYS R 178 43.67 -69.15 -14.88
C LYS R 178 42.94 -68.66 -16.12
N PHE R 179 42.75 -69.52 -17.11
CA PHE R 179 42.26 -69.10 -18.42
C PHE R 179 41.03 -69.88 -18.82
N HIS R 180 40.07 -69.99 -17.90
CA HIS R 180 38.79 -70.59 -18.22
C HIS R 180 37.91 -69.69 -19.06
N HIS R 181 38.31 -68.44 -19.29
CA HIS R 181 37.46 -67.52 -20.02
C HIS R 181 37.36 -67.87 -21.49
N THR R 182 38.42 -68.41 -22.08
CA THR R 182 38.49 -68.63 -23.51
C THR R 182 38.61 -70.11 -23.87
N ILE R 183 37.96 -70.98 -23.10
CA ILE R 183 37.91 -72.39 -23.49
C ILE R 183 36.93 -72.50 -24.65
N GLY R 184 37.42 -72.87 -25.82
CA GLY R 184 36.58 -72.96 -26.99
C GLY R 184 37.14 -72.20 -28.17
N GLY R 185 38.22 -71.46 -27.95
CA GLY R 185 38.83 -70.69 -29.02
C GLY R 185 38.93 -69.21 -28.72
N SER R 186 37.90 -68.64 -28.10
CA SER R 186 37.91 -67.22 -27.76
C SER R 186 36.88 -66.97 -26.68
N ARG R 187 36.84 -65.71 -26.22
CA ARG R 187 35.86 -65.30 -25.23
C ARG R 187 34.44 -65.46 -25.76
N ARG R 188 34.19 -64.98 -26.98
CA ARG R 188 32.86 -65.11 -27.55
C ARG R 188 32.53 -66.57 -27.85
N ALA R 189 33.54 -67.37 -28.21
CA ALA R 189 33.29 -68.79 -28.41
C ALA R 189 32.82 -69.45 -27.12
N ALA R 190 33.52 -69.20 -26.02
CA ALA R 190 33.11 -69.77 -24.74
C ALA R 190 31.74 -69.27 -24.32
N TRP R 191 31.48 -67.97 -24.49
CA TRP R 191 30.19 -67.42 -24.08
C TRP R 191 29.05 -68.00 -24.91
N ARG R 192 29.26 -68.14 -26.22
CA ARG R 192 28.23 -68.74 -27.07
C ARG R 192 27.96 -70.17 -26.67
N ARG R 193 29.02 -70.94 -26.43
CA ARG R 193 28.82 -72.34 -26.08
C ARG R 193 28.19 -72.49 -24.71
N ARG R 194 28.46 -71.57 -23.79
CA ARG R 194 27.88 -71.68 -22.46
C ARG R 194 26.48 -71.11 -22.38
N ASN R 195 26.07 -70.29 -23.34
CA ASN R 195 24.75 -69.70 -23.30
C ASN R 195 23.77 -70.31 -24.28
N THR R 196 24.24 -71.02 -25.29
CA THR R 196 23.35 -71.63 -26.27
C THR R 196 22.56 -72.75 -25.62
N LEU R 197 21.24 -72.71 -25.80
CA LEU R 197 20.35 -73.70 -25.20
C LEU R 197 20.37 -74.96 -26.05
N GLN R 198 20.92 -76.04 -25.51
CA GLN R 198 21.01 -77.31 -26.23
C GLN R 198 19.66 -77.98 -26.21
N LEU R 199 18.84 -77.68 -27.22
CA LEU R 199 17.53 -78.30 -27.37
C LEU R 199 17.72 -79.53 -28.25
N HIS R 200 17.88 -80.68 -27.61
CA HIS R 200 18.12 -81.91 -28.33
C HIS R 200 16.86 -82.34 -29.07
N ARG R 201 16.93 -83.50 -29.70
CA ARG R 201 15.77 -83.99 -30.42
C ARG R 201 14.87 -84.83 -29.52
N TYR R 202 15.38 -85.24 -28.35
CA TYR R 202 14.61 -85.99 -27.36
C TYR R 202 14.84 -85.37 -26.00
N ARG R 203 13.82 -84.72 -25.46
CA ARG R 203 13.91 -84.09 -24.15
C ARG R 203 13.02 -84.78 -23.14
N GLU S 1 -76.72 -60.11 -23.48
CA GLU S 1 -77.69 -60.60 -24.45
C GLU S 1 -77.40 -60.06 -25.85
N VAL S 2 -78.29 -60.36 -26.79
CA VAL S 2 -78.09 -59.92 -28.17
C VAL S 2 -78.69 -58.55 -28.43
N GLN S 3 -79.66 -58.13 -27.63
CA GLN S 3 -80.24 -56.81 -27.82
C GLN S 3 -79.37 -55.75 -27.15
N VAL S 4 -79.70 -54.50 -27.40
CA VAL S 4 -78.96 -53.36 -26.86
C VAL S 4 -79.63 -52.91 -25.59
N LEU S 5 -78.85 -52.74 -24.53
CA LEU S 5 -79.37 -52.40 -23.21
C LEU S 5 -79.46 -50.89 -23.08
N VAL S 6 -80.66 -50.37 -22.95
CA VAL S 6 -80.89 -48.94 -22.84
C VAL S 6 -81.10 -48.60 -21.37
N LEU S 7 -80.32 -47.65 -20.88
CA LEU S 7 -80.32 -47.29 -19.47
C LEU S 7 -80.69 -45.83 -19.31
N ASP S 8 -81.72 -45.55 -18.51
CA ASP S 8 -82.06 -44.19 -18.14
C ASP S 8 -81.05 -43.68 -17.12
N GLY S 9 -80.46 -42.53 -17.40
CA GLY S 9 -79.43 -41.99 -16.54
C GLY S 9 -79.91 -41.18 -15.37
N ARG S 10 -81.20 -40.93 -15.26
CA ARG S 10 -81.70 -40.11 -14.17
C ARG S 10 -81.69 -40.90 -12.87
N GLY S 11 -81.12 -40.28 -11.83
CA GLY S 11 -81.10 -40.87 -10.52
C GLY S 11 -80.00 -41.87 -10.28
N HIS S 12 -79.18 -42.18 -11.27
CA HIS S 12 -78.09 -43.12 -11.11
C HIS S 12 -76.84 -42.39 -10.64
N LEU S 13 -76.03 -43.07 -9.84
CA LEU S 13 -74.75 -42.53 -9.43
C LEU S 13 -73.71 -42.78 -10.51
N LEU S 14 -72.80 -41.82 -10.66
CA LEU S 14 -71.89 -41.85 -11.81
C LEU S 14 -71.01 -43.08 -11.80
N GLY S 15 -70.15 -43.22 -10.79
CA GLY S 15 -69.26 -44.36 -10.74
C GLY S 15 -69.99 -45.68 -10.56
N ARG S 16 -71.06 -45.68 -9.78
CA ARG S 16 -71.84 -46.89 -9.57
C ARG S 16 -72.39 -47.41 -10.90
N LEU S 17 -72.93 -46.52 -11.73
CA LEU S 17 -73.45 -46.94 -13.02
C LEU S 17 -72.32 -47.28 -13.99
N ALA S 18 -71.22 -46.53 -13.92
CA ALA S 18 -70.14 -46.72 -14.87
C ALA S 18 -69.44 -48.05 -14.69
N ALA S 19 -69.33 -48.54 -13.45
CA ALA S 19 -68.75 -49.86 -13.23
C ALA S 19 -69.55 -50.95 -13.93
N ILE S 20 -70.86 -50.94 -13.74
CA ILE S 20 -71.73 -51.92 -14.36
C ILE S 20 -71.67 -51.81 -15.87
N VAL S 21 -71.70 -50.58 -16.40
CA VAL S 21 -71.68 -50.39 -17.84
C VAL S 21 -70.38 -50.88 -18.43
N ALA S 22 -69.26 -50.60 -17.76
CA ALA S 22 -67.97 -51.09 -18.24
C ALA S 22 -67.92 -52.59 -18.29
N LYS S 23 -68.39 -53.26 -17.22
CA LYS S 23 -68.40 -54.72 -17.23
C LYS S 23 -69.31 -55.27 -18.33
N GLN S 24 -70.48 -54.65 -18.52
CA GLN S 24 -71.40 -55.11 -19.55
C GLN S 24 -70.80 -54.99 -20.95
N VAL S 25 -70.23 -53.83 -21.27
CA VAL S 25 -69.66 -53.67 -22.60
C VAL S 25 -68.40 -54.52 -22.77
N LEU S 26 -67.70 -54.84 -21.68
CA LEU S 26 -66.61 -55.79 -21.79
C LEU S 26 -67.11 -57.20 -22.07
N LEU S 27 -68.31 -57.53 -21.61
CA LEU S 27 -68.91 -58.83 -21.89
C LEU S 27 -69.63 -58.87 -23.23
N GLY S 28 -69.30 -57.96 -24.14
CA GLY S 28 -69.84 -58.00 -25.48
C GLY S 28 -71.28 -57.56 -25.61
N ARG S 29 -71.73 -56.62 -24.78
CA ARG S 29 -73.10 -56.17 -24.78
C ARG S 29 -73.15 -54.71 -25.23
N LYS S 30 -73.94 -54.44 -26.27
CA LYS S 30 -74.13 -53.07 -26.73
C LYS S 30 -74.98 -52.33 -25.72
N VAL S 31 -74.49 -51.18 -25.27
CA VAL S 31 -75.12 -50.42 -24.19
C VAL S 31 -75.35 -49.00 -24.67
N VAL S 32 -76.57 -48.49 -24.48
CA VAL S 32 -76.91 -47.11 -24.72
C VAL S 32 -77.36 -46.52 -23.40
N VAL S 33 -76.81 -45.37 -23.03
CA VAL S 33 -77.15 -44.69 -21.79
C VAL S 33 -77.70 -43.31 -22.17
N VAL S 34 -78.97 -43.10 -21.92
CA VAL S 34 -79.64 -41.86 -22.31
C VAL S 34 -79.93 -41.03 -21.07
N ARG S 35 -80.25 -39.77 -21.28
CA ARG S 35 -80.54 -38.80 -20.23
C ARG S 35 -79.39 -38.73 -19.23
N CYS S 36 -78.19 -38.48 -19.76
CA CYS S 36 -77.00 -38.45 -18.93
C CYS S 36 -76.99 -37.28 -17.96
N GLU S 37 -77.78 -36.24 -18.22
CA GLU S 37 -77.80 -35.07 -17.37
C GLU S 37 -78.55 -35.29 -16.06
N GLY S 38 -79.36 -36.34 -15.98
CA GLY S 38 -80.03 -36.66 -14.75
C GLY S 38 -79.20 -37.44 -13.76
N ILE S 39 -77.93 -37.70 -14.08
CA ILE S 39 -77.08 -38.49 -13.21
C ILE S 39 -76.78 -37.72 -11.94
N ASN S 40 -77.00 -38.34 -10.80
CA ASN S 40 -76.63 -37.77 -9.52
C ASN S 40 -75.22 -38.22 -9.15
N ILE S 41 -74.51 -37.36 -8.44
CA ILE S 41 -73.17 -37.67 -7.94
C ILE S 41 -73.17 -37.43 -6.44
N SER S 42 -72.50 -38.30 -5.70
CA SER S 42 -72.47 -38.17 -4.25
C SER S 42 -71.64 -36.96 -3.84
N GLY S 43 -71.94 -36.44 -2.66
CA GLY S 43 -71.23 -35.29 -2.14
C GLY S 43 -71.85 -33.98 -2.60
N ASN S 44 -71.51 -32.92 -1.89
CA ASN S 44 -72.13 -31.63 -2.18
C ASN S 44 -71.61 -31.04 -3.49
N PHE S 45 -72.45 -30.17 -4.06
CA PHE S 45 -72.20 -29.66 -5.40
C PHE S 45 -70.91 -28.86 -5.47
N TYR S 46 -70.64 -28.04 -4.46
CA TYR S 46 -69.46 -27.20 -4.50
C TYR S 46 -68.19 -28.04 -4.49
N ARG S 47 -68.17 -29.10 -3.70
CA ARG S 47 -67.01 -30.00 -3.68
C ARG S 47 -66.84 -30.70 -5.03
N ASN S 48 -67.95 -31.17 -5.61
CA ASN S 48 -67.84 -31.81 -6.92
C ASN S 48 -67.36 -30.82 -7.99
N LYS S 49 -67.84 -29.58 -7.92
CA LYS S 49 -67.40 -28.56 -8.85
C LYS S 49 -65.92 -28.26 -8.67
N LEU S 50 -65.43 -28.28 -7.44
CA LEU S 50 -63.99 -28.12 -7.22
C LEU S 50 -63.21 -29.26 -7.84
N LYS S 51 -63.71 -30.50 -7.72
CA LYS S 51 -63.06 -31.61 -8.38
C LYS S 51 -62.96 -31.38 -9.89
N TYR S 52 -64.07 -30.96 -10.50
CA TYR S 52 -64.03 -30.79 -11.94
C TYR S 52 -63.17 -29.61 -12.36
N LEU S 53 -63.12 -28.54 -11.57
CA LEU S 53 -62.27 -27.41 -11.92
C LEU S 53 -60.79 -27.79 -11.80
N ALA S 54 -60.44 -28.62 -10.81
CA ALA S 54 -59.08 -29.14 -10.76
C ALA S 54 -58.77 -29.98 -11.99
N PHE S 55 -59.73 -30.80 -12.42
CA PHE S 55 -59.56 -31.54 -13.68
C PHE S 55 -59.33 -30.58 -14.84
N LEU S 56 -60.04 -29.46 -14.88
CA LEU S 56 -59.81 -28.46 -15.91
C LEU S 56 -58.41 -27.88 -15.83
N ARG S 57 -57.92 -27.62 -14.63
CA ARG S 57 -56.58 -27.08 -14.48
C ARG S 57 -55.51 -28.08 -14.89
N LYS S 58 -55.82 -29.37 -14.88
CA LYS S 58 -54.89 -30.36 -15.40
C LYS S 58 -54.81 -30.23 -16.93
N ARG S 59 -53.76 -29.58 -17.42
CA ARG S 59 -53.59 -29.40 -18.85
C ARG S 59 -52.10 -29.36 -19.19
N MET S 60 -51.80 -29.61 -20.47
CA MET S 60 -50.41 -29.69 -20.90
C MET S 60 -49.80 -28.31 -21.01
N ASN S 61 -48.77 -28.06 -20.20
CA ASN S 61 -48.16 -26.73 -20.13
C ASN S 61 -47.52 -26.34 -21.46
N THR S 62 -46.85 -27.28 -22.11
CA THR S 62 -46.11 -26.96 -23.33
C THR S 62 -47.07 -26.64 -24.47
N ASN S 63 -48.11 -27.44 -24.65
CA ASN S 63 -49.08 -27.23 -25.73
C ASN S 63 -50.40 -27.82 -25.28
N PRO S 64 -51.30 -26.99 -24.74
CA PRO S 64 -52.57 -27.52 -24.21
C PRO S 64 -53.46 -28.16 -25.27
N SER S 65 -53.25 -27.85 -26.55
CA SER S 65 -54.09 -28.44 -27.58
C SER S 65 -53.88 -29.92 -27.75
N ARG S 66 -52.82 -30.49 -27.15
CA ARG S 66 -52.62 -31.93 -27.16
C ARG S 66 -52.90 -32.59 -25.83
N GLY S 67 -53.00 -31.82 -24.74
CA GLY S 67 -53.16 -32.37 -23.42
C GLY S 67 -54.53 -32.96 -23.19
N PRO S 68 -54.96 -33.02 -21.94
CA PRO S 68 -56.25 -33.62 -21.62
C PRO S 68 -57.39 -32.83 -22.22
N TYR S 69 -58.25 -33.52 -22.96
CA TYR S 69 -59.42 -32.91 -23.55
C TYR S 69 -60.57 -33.00 -22.56
N HIS S 70 -60.91 -31.87 -21.95
CA HIS S 70 -61.96 -31.82 -20.95
C HIS S 70 -63.30 -31.65 -21.64
N PHE S 71 -64.17 -32.65 -21.52
CA PHE S 71 -65.44 -32.69 -22.23
C PHE S 71 -66.54 -32.17 -21.34
N ARG S 72 -67.25 -31.15 -21.82
CA ARG S 72 -68.16 -30.37 -21.00
C ARG S 72 -69.59 -30.90 -21.01
N ALA S 73 -69.94 -31.76 -21.96
CA ALA S 73 -71.29 -32.32 -21.96
C ALA S 73 -71.39 -33.43 -20.91
N PRO S 74 -72.53 -33.57 -20.25
CA PRO S 74 -72.68 -34.66 -19.27
C PRO S 74 -72.47 -36.04 -19.88
N SER S 75 -72.96 -36.25 -21.10
CA SER S 75 -72.82 -37.55 -21.75
C SER S 75 -71.35 -37.86 -21.98
N ARG S 76 -70.57 -36.89 -22.43
CA ARG S 76 -69.15 -37.13 -22.62
C ARG S 76 -68.42 -37.26 -21.29
N ILE S 77 -68.88 -36.59 -20.24
CA ILE S 77 -68.29 -36.78 -18.91
C ILE S 77 -68.45 -38.23 -18.48
N PHE S 78 -69.67 -38.76 -18.61
CA PHE S 78 -69.91 -40.14 -18.25
C PHE S 78 -69.12 -41.09 -19.14
N TRP S 79 -69.02 -40.76 -20.43
CA TRP S 79 -68.24 -41.59 -21.35
C TRP S 79 -66.77 -41.63 -20.94
N ARG S 80 -66.23 -40.49 -20.51
CA ARG S 80 -64.83 -40.47 -20.08
C ARG S 80 -64.65 -41.28 -18.80
N THR S 81 -65.61 -41.22 -17.88
CA THR S 81 -65.51 -42.05 -16.68
C THR S 81 -65.51 -43.53 -17.02
N VAL S 82 -66.41 -43.95 -17.92
CA VAL S 82 -66.41 -45.34 -18.33
C VAL S 82 -65.10 -45.72 -19.02
N ARG S 83 -64.55 -44.79 -19.82
CA ARG S 83 -63.26 -45.06 -20.44
C ARG S 83 -62.16 -45.22 -19.40
N GLY S 84 -62.19 -44.42 -18.34
CA GLY S 84 -61.25 -44.60 -17.26
C GLY S 84 -61.37 -45.95 -16.58
N MET S 85 -62.57 -46.48 -16.50
CA MET S 85 -62.74 -47.85 -15.99
C MET S 85 -62.40 -48.92 -17.03
N LEU S 86 -62.32 -48.57 -18.29
CA LEU S 86 -62.03 -49.55 -19.34
C LEU S 86 -60.54 -49.61 -19.66
N PRO S 87 -60.04 -50.72 -20.20
CA PRO S 87 -58.65 -50.77 -20.69
C PRO S 87 -58.54 -50.24 -22.12
N HIS S 88 -58.75 -48.93 -22.25
CA HIS S 88 -58.98 -48.31 -23.55
C HIS S 88 -57.76 -48.31 -24.46
N LYS S 89 -56.58 -48.63 -23.93
CA LYS S 89 -55.37 -48.58 -24.73
C LYS S 89 -55.04 -49.90 -25.41
N THR S 90 -55.91 -50.91 -25.29
CA THR S 90 -55.79 -52.12 -26.09
C THR S 90 -56.91 -52.17 -27.11
N LYS S 91 -56.76 -53.08 -28.07
CA LYS S 91 -57.80 -53.26 -29.08
C LYS S 91 -59.10 -53.74 -28.45
N ARG S 92 -59.01 -54.61 -27.44
CA ARG S 92 -60.22 -55.06 -26.75
C ARG S 92 -60.92 -53.91 -26.06
N GLY S 93 -60.16 -53.04 -25.41
CA GLY S 93 -60.76 -51.89 -24.76
C GLY S 93 -61.40 -50.93 -25.75
N GLN S 94 -60.73 -50.68 -26.87
CA GLN S 94 -61.31 -49.80 -27.88
C GLN S 94 -62.59 -50.40 -28.47
N ALA S 95 -62.58 -51.70 -28.74
CA ALA S 95 -63.76 -52.36 -29.27
C ALA S 95 -64.91 -52.34 -28.27
N ALA S 96 -64.59 -52.52 -26.98
CA ALA S 96 -65.63 -52.42 -25.95
C ALA S 96 -66.17 -51.01 -25.86
N LEU S 97 -65.31 -50.01 -25.96
CA LEU S 97 -65.75 -48.63 -25.86
C LEU S 97 -66.65 -48.26 -27.04
N ASP S 98 -66.34 -48.77 -28.23
CA ASP S 98 -67.19 -48.50 -29.39
C ASP S 98 -68.57 -49.13 -29.27
N ARG S 99 -68.76 -50.09 -28.36
CA ARG S 99 -70.07 -50.67 -28.13
C ARG S 99 -70.99 -49.73 -27.37
N LEU S 100 -70.44 -48.78 -26.63
CA LEU S 100 -71.19 -47.94 -25.71
C LEU S 100 -71.58 -46.63 -26.38
N LYS S 101 -72.83 -46.24 -26.21
CA LYS S 101 -73.33 -44.95 -26.67
C LYS S 101 -73.86 -44.18 -25.47
N VAL S 102 -73.56 -42.89 -25.42
CA VAL S 102 -74.04 -42.02 -24.35
C VAL S 102 -74.73 -40.82 -24.99
N PHE S 103 -75.75 -40.32 -24.32
CA PHE S 103 -76.59 -39.27 -24.88
C PHE S 103 -77.07 -38.32 -23.80
N ASP S 104 -77.17 -37.04 -24.14
CA ASP S 104 -77.86 -36.07 -23.31
C ASP S 104 -79.31 -36.00 -23.76
N GLY S 105 -80.23 -36.12 -22.81
CA GLY S 105 -81.61 -36.26 -23.18
C GLY S 105 -81.84 -37.62 -23.81
N ILE S 106 -83.03 -37.81 -24.37
CA ILE S 106 -83.34 -39.07 -25.00
C ILE S 106 -83.72 -38.83 -26.46
N PRO S 107 -82.85 -39.19 -27.40
CA PRO S 107 -83.11 -38.92 -28.82
C PRO S 107 -84.24 -39.79 -29.36
N PRO S 108 -84.75 -39.47 -30.54
CA PRO S 108 -85.89 -40.23 -31.10
C PRO S 108 -85.62 -41.71 -31.30
N PRO S 109 -84.39 -42.16 -31.60
CA PRO S 109 -84.19 -43.61 -31.66
C PRO S 109 -84.51 -44.34 -30.37
N TYR S 110 -84.28 -43.72 -29.22
CA TYR S 110 -84.44 -44.40 -27.94
C TYR S 110 -85.54 -43.81 -27.06
N ASP S 111 -86.32 -42.85 -27.55
CA ASP S 111 -87.37 -42.28 -26.72
C ASP S 111 -88.70 -43.01 -26.85
N LYS S 112 -88.80 -43.96 -27.77
CA LYS S 112 -89.95 -44.85 -27.87
C LYS S 112 -89.60 -46.27 -27.47
N LYS S 113 -88.70 -46.42 -26.49
CA LYS S 113 -88.27 -47.72 -26.03
C LYS S 113 -88.20 -47.73 -24.52
N LYS S 114 -88.60 -48.85 -23.92
CA LYS S 114 -88.55 -48.98 -22.48
C LYS S 114 -87.10 -48.91 -22.00
N ARG S 115 -86.90 -48.22 -20.88
CA ARG S 115 -85.57 -47.98 -20.33
C ARG S 115 -85.36 -48.84 -19.09
N MET S 116 -84.26 -49.59 -19.07
CA MET S 116 -83.86 -50.37 -17.92
C MET S 116 -83.22 -49.48 -16.87
N VAL S 117 -83.19 -49.99 -15.65
CA VAL S 117 -82.61 -49.28 -14.51
C VAL S 117 -81.66 -50.24 -13.81
N VAL S 118 -80.58 -49.71 -13.25
CA VAL S 118 -79.66 -50.52 -12.46
C VAL S 118 -79.87 -50.21 -10.99
N PRO S 119 -80.55 -51.08 -10.25
CA PRO S 119 -80.73 -50.84 -8.81
C PRO S 119 -79.44 -50.86 -8.02
N ALA S 120 -78.38 -51.44 -8.58
CA ALA S 120 -77.08 -51.37 -7.91
C ALA S 120 -76.47 -49.98 -7.95
N ALA S 121 -77.07 -49.04 -8.67
CA ALA S 121 -76.50 -47.72 -8.85
C ALA S 121 -77.46 -46.59 -8.53
N LEU S 122 -78.70 -46.88 -8.16
CA LEU S 122 -79.65 -45.79 -7.91
C LEU S 122 -79.29 -45.01 -6.66
N LYS S 123 -79.54 -43.71 -6.71
CA LYS S 123 -79.18 -42.83 -5.61
C LYS S 123 -79.96 -43.15 -4.36
N VAL S 124 -81.26 -43.46 -4.50
CA VAL S 124 -82.12 -43.70 -3.35
C VAL S 124 -81.64 -44.90 -2.54
N VAL S 125 -81.04 -45.88 -3.20
CA VAL S 125 -80.60 -47.10 -2.52
C VAL S 125 -79.11 -47.11 -2.22
N ARG S 126 -78.31 -46.29 -2.90
CA ARG S 126 -76.88 -46.25 -2.63
C ARG S 126 -76.47 -45.10 -1.71
N LEU S 127 -77.36 -44.15 -1.45
CA LEU S 127 -77.05 -43.02 -0.59
C LEU S 127 -77.97 -43.01 0.62
N LYS S 128 -77.46 -42.52 1.74
CA LYS S 128 -78.29 -42.28 2.89
C LYS S 128 -79.21 -41.10 2.61
N PRO S 129 -80.41 -41.09 3.19
CA PRO S 129 -81.39 -40.06 2.84
C PRO S 129 -81.00 -38.64 3.26
N THR S 130 -79.97 -38.48 4.08
CA THR S 130 -79.58 -37.16 4.57
C THR S 130 -78.33 -36.61 3.89
N ARG S 131 -77.76 -37.34 2.94
CA ARG S 131 -76.53 -36.92 2.30
C ARG S 131 -76.80 -35.89 1.21
N LYS S 132 -75.80 -35.07 0.94
CA LYS S 132 -75.86 -34.10 -0.14
C LYS S 132 -75.36 -34.73 -1.44
N PHE S 133 -75.97 -34.30 -2.54
CA PHE S 133 -75.62 -34.83 -3.85
C PHE S 133 -75.60 -33.69 -4.84
N ALA S 134 -75.21 -34.00 -6.08
CA ALA S 134 -75.07 -33.00 -7.12
C ALA S 134 -75.68 -33.52 -8.41
N TYR S 135 -76.19 -32.61 -9.22
CA TYR S 135 -76.73 -32.95 -10.52
C TYR S 135 -75.66 -32.76 -11.60
N LEU S 136 -75.42 -33.82 -12.36
CA LEU S 136 -74.41 -33.75 -13.42
C LEU S 136 -74.77 -32.70 -14.46
N GLY S 137 -76.05 -32.52 -14.74
CA GLY S 137 -76.44 -31.47 -15.67
C GLY S 137 -76.04 -30.10 -15.20
N ARG S 138 -76.31 -29.79 -13.93
CA ARG S 138 -75.92 -28.51 -13.37
C ARG S 138 -74.40 -28.35 -13.35
N LEU S 139 -73.69 -29.41 -12.96
CA LEU S 139 -72.22 -29.35 -12.91
C LEU S 139 -71.63 -29.07 -14.28
N ALA S 140 -72.06 -29.83 -15.29
CA ALA S 140 -71.56 -29.63 -16.64
C ALA S 140 -71.93 -28.25 -17.16
N HIS S 141 -73.16 -27.80 -16.89
CA HIS S 141 -73.58 -26.47 -17.33
C HIS S 141 -72.69 -25.39 -16.74
N GLU S 142 -72.36 -25.51 -15.46
CA GLU S 142 -71.55 -24.49 -14.83
C GLU S 142 -70.06 -24.61 -15.15
N VAL S 143 -69.62 -25.75 -15.69
CA VAL S 143 -68.23 -25.83 -16.14
C VAL S 143 -68.09 -25.67 -17.65
N GLY S 144 -69.19 -25.41 -18.36
CA GLY S 144 -69.02 -24.99 -19.73
C GLY S 144 -69.96 -25.59 -20.76
N TRP S 145 -70.91 -26.39 -20.31
CA TRP S 145 -71.92 -26.92 -21.22
C TRP S 145 -72.81 -25.80 -21.74
N LYS S 146 -73.18 -25.89 -23.01
CA LYS S 146 -73.92 -24.82 -23.67
C LYS S 146 -75.36 -25.19 -24.00
N TYR S 147 -75.78 -26.42 -23.73
CA TYR S 147 -77.08 -26.89 -24.16
C TYR S 147 -77.89 -27.44 -22.99
N GLN S 148 -77.84 -26.76 -21.85
CA GLN S 148 -78.65 -27.21 -20.74
C GLN S 148 -80.11 -26.82 -20.93
N ALA S 149 -80.36 -25.62 -21.46
CA ALA S 149 -81.73 -25.15 -21.60
C ALA S 149 -82.45 -25.84 -22.76
N VAL S 150 -81.78 -25.96 -23.91
CA VAL S 150 -82.44 -26.54 -25.08
C VAL S 150 -82.72 -28.02 -24.86
N THR S 151 -81.82 -28.72 -24.16
CA THR S 151 -82.13 -30.09 -23.77
C THR S 151 -83.35 -30.12 -22.86
N ALA S 152 -83.48 -29.14 -21.98
CA ALA S 152 -84.66 -29.10 -21.11
C ALA S 152 -85.93 -28.92 -21.92
N THR S 153 -85.92 -28.01 -22.90
CA THR S 153 -87.12 -27.78 -23.70
C THR S 153 -87.49 -29.00 -24.55
N LEU S 154 -86.48 -29.63 -25.16
CA LEU S 154 -86.75 -30.83 -25.94
C LEU S 154 -87.27 -31.96 -25.07
N GLU S 155 -86.71 -32.10 -23.86
CA GLU S 155 -87.20 -33.12 -22.94
C GLU S 155 -88.62 -32.81 -22.49
N GLU S 156 -88.95 -31.54 -22.32
CA GLU S 156 -90.31 -31.16 -21.94
C GLU S 156 -91.30 -31.56 -23.04
N LYS S 157 -90.95 -31.30 -24.29
CA LYS S 157 -91.79 -31.74 -25.40
C LYS S 157 -91.91 -33.26 -25.45
N ARG S 158 -90.79 -33.96 -25.25
CA ARG S 158 -90.81 -35.42 -25.25
C ARG S 158 -91.71 -35.94 -24.14
N LYS S 159 -91.70 -35.29 -22.98
CA LYS S 159 -92.57 -35.69 -21.88
C LYS S 159 -94.04 -35.44 -22.21
N GLU S 160 -94.36 -34.37 -22.93
CA GLU S 160 -95.72 -34.22 -23.44
C GLU S 160 -96.15 -35.43 -24.25
N LYS S 161 -95.32 -35.81 -25.21
CA LYS S 161 -95.68 -36.96 -26.05
C LYS S 161 -95.77 -38.25 -25.24
N ALA S 162 -94.88 -38.43 -24.27
CA ALA S 162 -94.91 -39.63 -23.45
C ALA S 162 -96.16 -39.70 -22.60
N LYS S 163 -96.60 -38.56 -22.06
CA LYS S 163 -97.84 -38.53 -21.32
C LYS S 163 -99.02 -38.92 -22.20
N ILE S 164 -99.04 -38.44 -23.44
CA ILE S 164 -100.12 -38.81 -24.35
C ILE S 164 -100.10 -40.31 -24.64
N HIS S 165 -98.91 -40.86 -24.87
CA HIS S 165 -98.81 -42.30 -25.16
C HIS S 165 -99.27 -43.12 -23.96
N TYR S 166 -98.91 -42.69 -22.74
CA TYR S 166 -99.34 -43.43 -21.56
C TYR S 166 -100.84 -43.28 -21.31
N ARG S 167 -101.42 -42.14 -21.70
CA ARG S 167 -102.87 -42.00 -21.68
C ARG S 167 -103.52 -43.04 -22.57
N LYS S 168 -102.97 -43.22 -23.77
CA LYS S 168 -103.47 -44.26 -24.67
C LYS S 168 -103.32 -45.64 -24.04
N LYS S 169 -102.17 -45.90 -23.42
CA LYS S 169 -101.94 -47.21 -22.79
C LYS S 169 -102.94 -47.49 -21.67
N LYS S 170 -103.24 -46.48 -20.86
CA LYS S 170 -104.24 -46.64 -19.81
C LYS S 170 -105.61 -46.94 -20.41
N GLN S 171 -105.96 -46.26 -21.50
CA GLN S 171 -107.24 -46.55 -22.15
C GLN S 171 -107.28 -47.99 -22.67
N LEU S 172 -106.17 -48.45 -23.24
CA LEU S 172 -106.12 -49.82 -23.74
C LEU S 172 -106.27 -50.84 -22.62
N MET S 173 -105.61 -50.59 -21.49
CA MET S 173 -105.74 -51.51 -20.37
C MET S 173 -107.15 -51.50 -19.77
N ARG S 174 -107.79 -50.33 -19.73
CA ARG S 174 -109.18 -50.28 -19.27
C ARG S 174 -110.10 -51.06 -20.19
N LEU S 175 -109.90 -50.92 -21.51
CA LEU S 175 -110.69 -51.70 -22.45
C LEU S 175 -110.45 -53.19 -22.28
N ARG S 176 -109.20 -53.59 -22.03
CA ARG S 176 -108.94 -55.01 -21.78
C ARG S 176 -109.57 -55.51 -20.51
N LYS S 177 -109.61 -54.70 -19.45
CA LYS S 177 -110.31 -55.13 -18.23
C LYS S 177 -111.80 -55.31 -18.48
N GLN S 178 -112.42 -54.37 -19.20
CA GLN S 178 -113.82 -54.52 -19.53
C GLN S 178 -114.08 -55.76 -20.36
N ALA S 179 -113.19 -56.04 -21.33
CA ALA S 179 -113.34 -57.23 -22.14
C ALA S 179 -113.15 -58.51 -21.32
N GLU S 180 -112.20 -58.49 -20.36
CA GLU S 180 -112.06 -59.62 -19.45
C GLU S 180 -113.37 -59.91 -18.75
N LYS S 181 -114.00 -58.87 -18.19
CA LYS S 181 -115.29 -59.08 -17.54
C LYS S 181 -116.37 -59.52 -18.52
N ASN S 182 -116.29 -59.09 -19.78
CA ASN S 182 -117.34 -59.41 -20.74
C ASN S 182 -117.26 -60.86 -21.21
N VAL S 183 -116.05 -61.40 -21.35
CA VAL S 183 -115.93 -62.77 -21.87
C VAL S 183 -115.33 -63.70 -20.83
N GLU S 184 -115.48 -63.35 -19.55
CA GLU S 184 -115.13 -64.28 -18.47
C GLU S 184 -115.86 -65.61 -18.59
N LYS S 185 -117.10 -65.60 -19.09
CA LYS S 185 -117.83 -66.85 -19.26
C LYS S 185 -117.13 -67.76 -20.26
N LYS S 186 -116.65 -67.19 -21.37
CA LYS S 186 -115.95 -68.01 -22.36
C LYS S 186 -114.59 -68.46 -21.84
N ILE S 187 -113.87 -67.57 -21.16
CA ILE S 187 -112.49 -67.90 -20.76
C ILE S 187 -112.48 -68.53 -19.37
N ASP S 188 -113.66 -68.95 -18.89
CA ASP S 188 -113.77 -69.48 -17.53
C ASP S 188 -112.99 -70.77 -17.31
N LYS S 189 -112.51 -71.42 -18.38
CA LYS S 189 -111.71 -72.63 -18.21
C LYS S 189 -110.22 -72.34 -18.24
N TYR S 190 -109.76 -71.57 -19.25
CA TYR S 190 -108.34 -71.25 -19.34
C TYR S 190 -107.90 -70.38 -18.17
N THR S 191 -108.79 -69.54 -17.64
CA THR S 191 -108.48 -68.81 -16.42
C THR S 191 -108.26 -69.77 -15.27
N GLU S 192 -109.07 -70.82 -15.19
CA GLU S 192 -108.87 -71.83 -14.16
C GLU S 192 -107.52 -72.53 -14.33
N VAL S 193 -107.14 -72.82 -15.57
CA VAL S 193 -105.86 -73.48 -15.82
C VAL S 193 -104.70 -72.60 -15.36
N LEU S 194 -104.74 -71.32 -15.73
CA LEU S 194 -103.67 -70.40 -15.35
C LEU S 194 -103.62 -70.23 -13.84
N LYS S 195 -104.78 -70.08 -13.19
CA LYS S 195 -104.81 -69.96 -11.74
C LYS S 195 -104.31 -71.23 -11.07
N THR S 196 -104.56 -72.39 -11.69
CA THR S 196 -104.02 -73.64 -11.19
C THR S 196 -102.50 -73.61 -11.19
N HIS S 197 -101.91 -73.13 -12.28
CA HIS S 197 -100.46 -73.18 -12.40
C HIS S 197 -99.77 -71.90 -11.98
N GLY S 198 -100.48 -71.00 -11.31
CA GLY S 198 -99.87 -69.87 -10.64
C GLY S 198 -99.73 -68.62 -11.45
N LEU S 199 -99.97 -68.68 -12.75
CA LEU S 199 -100.13 -67.47 -13.53
C LEU S 199 -101.47 -66.83 -13.17
N LEU S 200 -101.52 -65.50 -13.21
CA LEU S 200 -102.78 -64.78 -13.13
C LEU S 200 -103.54 -65.09 -11.84
N VAL S 201 -102.95 -64.63 -10.73
CA VAL S 201 -103.57 -64.69 -9.41
C VAL S 201 -105.05 -64.32 -9.45
N VAL T 1 -30.09 -61.68 -72.69
CA VAL T 1 -29.71 -61.76 -71.28
C VAL T 1 -30.98 -62.05 -70.47
N ARG T 2 -30.80 -62.58 -69.26
CA ARG T 2 -31.94 -62.91 -68.42
C ARG T 2 -32.58 -61.62 -67.88
N TYR T 3 -33.84 -61.42 -68.22
CA TYR T 3 -34.65 -60.36 -67.65
C TYR T 3 -35.40 -60.88 -66.44
N SER T 4 -35.49 -60.06 -65.41
CA SER T 4 -36.46 -60.33 -64.37
C SER T 4 -37.85 -60.08 -64.94
N LEU T 5 -38.83 -60.86 -64.48
CA LEU T 5 -40.21 -60.80 -64.97
C LEU T 5 -40.29 -61.05 -66.47
N ASP T 6 -39.97 -62.28 -66.84
CA ASP T 6 -40.12 -62.69 -68.23
C ASP T 6 -41.58 -62.55 -68.67
N PRO T 7 -41.83 -62.14 -69.91
CA PRO T 7 -43.21 -61.86 -70.31
C PRO T 7 -44.05 -63.12 -70.41
N GLU T 8 -45.36 -62.95 -70.21
CA GLU T 8 -46.28 -64.06 -70.39
C GLU T 8 -46.34 -64.50 -71.84
N ASN T 9 -46.35 -63.54 -72.76
CA ASN T 9 -46.38 -63.82 -74.20
C ASN T 9 -45.25 -63.06 -74.86
N PRO T 10 -44.05 -63.66 -74.94
CA PRO T 10 -42.94 -63.00 -75.64
C PRO T 10 -43.22 -62.75 -77.10
N THR T 11 -44.09 -63.54 -77.73
CA THR T 11 -44.47 -63.27 -79.11
C THR T 11 -45.21 -61.95 -79.22
N LYS T 12 -45.98 -61.60 -78.20
CA LYS T 12 -46.67 -60.31 -78.13
C LYS T 12 -45.84 -59.24 -77.42
N SER T 13 -44.66 -59.59 -76.95
CA SER T 13 -43.85 -58.66 -76.17
C SER T 13 -42.59 -58.27 -76.93
N CYS T 14 -42.05 -57.11 -76.56
CA CYS T 14 -40.75 -56.66 -77.01
C CYS T 14 -39.96 -56.13 -75.82
N LYS T 15 -38.66 -56.35 -75.81
CA LYS T 15 -37.81 -56.03 -74.68
C LYS T 15 -36.85 -54.91 -75.01
N SER T 16 -36.36 -54.25 -73.96
CA SER T 16 -35.30 -53.27 -74.12
C SER T 16 -34.54 -53.15 -72.81
N ARG T 17 -33.28 -52.71 -72.93
CA ARG T 17 -32.40 -52.65 -71.77
C ARG T 17 -31.28 -51.67 -72.03
N GLY T 18 -30.84 -51.00 -70.97
CA GLY T 18 -29.58 -50.29 -70.97
C GLY T 18 -28.87 -50.56 -69.66
N SER T 19 -27.56 -50.43 -69.69
CA SER T 19 -26.75 -50.69 -68.51
C SER T 19 -25.75 -49.57 -68.30
N ASN T 20 -25.51 -49.24 -67.03
CA ASN T 20 -24.49 -48.27 -66.63
C ASN T 20 -24.67 -46.93 -67.31
N LEU T 21 -25.92 -46.47 -67.40
CA LEU T 21 -26.20 -45.14 -67.90
C LEU T 21 -26.02 -44.14 -66.76
N ARG T 22 -25.31 -43.05 -67.04
CA ARG T 22 -25.00 -42.09 -65.98
C ARG T 22 -26.16 -41.11 -65.85
N VAL T 23 -27.23 -41.58 -65.23
CA VAL T 23 -28.32 -40.74 -64.74
C VAL T 23 -28.56 -41.12 -63.29
N HIS T 24 -29.13 -40.20 -62.54
CA HIS T 24 -29.30 -40.42 -61.10
C HIS T 24 -30.36 -41.48 -60.86
N PHE T 25 -29.98 -42.47 -60.03
CA PHE T 25 -30.83 -43.64 -59.85
C PHE T 25 -32.16 -43.26 -59.21
N LYS T 26 -32.15 -42.36 -58.24
CA LYS T 26 -33.39 -41.99 -57.57
C LYS T 26 -34.35 -41.31 -58.54
N ASN T 27 -33.86 -40.34 -59.31
CA ASN T 27 -34.71 -39.64 -60.26
C ASN T 27 -35.25 -40.58 -61.32
N THR T 28 -34.41 -41.47 -61.83
CA THR T 28 -34.88 -42.40 -62.84
C THR T 28 -35.87 -43.42 -62.27
N ARG T 29 -35.69 -43.83 -61.01
CA ARG T 29 -36.65 -44.71 -60.38
C ARG T 29 -38.02 -44.04 -60.31
N GLU T 30 -38.05 -42.78 -59.89
CA GLU T 30 -39.32 -42.08 -59.80
C GLU T 30 -39.98 -41.94 -61.17
N THR T 31 -39.19 -41.59 -62.19
CA THR T 31 -39.76 -41.46 -63.52
C THR T 31 -40.30 -42.79 -64.04
N ALA T 32 -39.57 -43.88 -63.81
CA ALA T 32 -40.03 -45.18 -64.26
C ALA T 32 -41.31 -45.58 -63.55
N GLN T 33 -41.40 -45.34 -62.24
CA GLN T 33 -42.62 -45.63 -61.52
C GLN T 33 -43.78 -44.80 -62.02
N ALA T 34 -43.51 -43.59 -62.51
CA ALA T 34 -44.58 -42.80 -63.10
C ALA T 34 -45.07 -43.41 -64.40
N ILE T 35 -44.15 -43.78 -65.29
CA ILE T 35 -44.56 -44.22 -66.63
C ILE T 35 -44.89 -45.71 -66.71
N LYS T 36 -44.76 -46.45 -65.61
CA LYS T 36 -45.07 -47.86 -65.63
C LYS T 36 -46.57 -48.09 -65.82
N GLY T 37 -46.92 -49.07 -66.66
CA GLY T 37 -48.30 -49.39 -66.93
C GLY T 37 -48.95 -48.54 -67.99
N MET T 38 -48.26 -47.53 -68.51
CA MET T 38 -48.84 -46.61 -69.47
C MET T 38 -48.81 -47.20 -70.87
N HIS T 39 -49.72 -46.72 -71.71
CA HIS T 39 -49.61 -46.96 -73.14
C HIS T 39 -48.40 -46.24 -73.70
N ILE T 40 -47.86 -46.75 -74.80
CA ILE T 40 -46.57 -46.26 -75.28
C ILE T 40 -46.66 -44.81 -75.76
N ARG T 41 -47.69 -44.47 -76.54
CA ARG T 41 -47.82 -43.10 -77.02
C ARG T 41 -48.09 -42.13 -75.87
N LYS T 42 -48.91 -42.56 -74.91
CA LYS T 42 -49.15 -41.77 -73.72
C LYS T 42 -47.85 -41.51 -72.96
N ALA T 43 -47.02 -42.54 -72.81
CA ALA T 43 -45.76 -42.39 -72.10
C ALA T 43 -44.81 -41.45 -72.83
N THR T 44 -44.73 -41.57 -74.16
CA THR T 44 -43.83 -40.70 -74.91
C THR T 44 -44.26 -39.24 -74.81
N LYS T 45 -45.54 -38.97 -75.02
CA LYS T 45 -46.04 -37.60 -74.89
C LYS T 45 -45.84 -37.07 -73.47
N TYR T 46 -46.06 -37.92 -72.48
CA TYR T 46 -45.89 -37.52 -71.10
C TYR T 46 -44.45 -37.17 -70.79
N LEU T 47 -43.49 -37.96 -71.28
CA LEU T 47 -42.09 -37.66 -71.00
C LEU T 47 -41.64 -36.39 -71.70
N LYS T 48 -42.13 -36.16 -72.93
CA LYS T 48 -41.84 -34.89 -73.57
C LYS T 48 -42.43 -33.72 -72.77
N ASP T 49 -43.62 -33.90 -72.20
CA ASP T 49 -44.16 -32.86 -71.34
C ASP T 49 -43.31 -32.67 -70.09
N VAL T 50 -42.71 -33.74 -69.57
CA VAL T 50 -41.83 -33.61 -68.42
C VAL T 50 -40.62 -32.77 -68.77
N THR T 51 -40.02 -33.00 -69.94
CA THR T 51 -38.91 -32.15 -70.36
C THR T 51 -39.35 -30.72 -70.63
N LEU T 52 -40.62 -30.52 -70.99
CA LEU T 52 -41.14 -29.17 -71.18
C LEU T 52 -41.75 -28.57 -69.91
N GLN T 53 -41.65 -29.27 -68.78
CA GLN T 53 -42.16 -28.80 -67.49
C GLN T 53 -43.66 -28.53 -67.52
N LYS T 54 -44.39 -29.28 -68.35
CA LYS T 54 -45.84 -29.21 -68.34
C LYS T 54 -46.48 -30.24 -67.43
N GLN T 55 -45.86 -31.41 -67.29
CA GLN T 55 -46.27 -32.42 -66.34
C GLN T 55 -45.06 -32.87 -65.55
N CYS T 56 -45.24 -33.07 -64.25
CA CYS T 56 -44.16 -33.50 -63.39
C CYS T 56 -44.24 -35.00 -63.15
N VAL T 57 -43.21 -35.55 -62.52
CA VAL T 57 -43.26 -36.89 -61.99
C VAL T 57 -43.36 -36.76 -60.47
N PRO T 58 -44.07 -37.64 -59.79
CA PRO T 58 -44.18 -37.53 -58.33
C PRO T 58 -43.04 -38.25 -57.65
N PHE T 59 -42.37 -37.57 -56.73
CA PHE T 59 -41.27 -38.16 -55.97
C PHE T 59 -41.87 -38.79 -54.73
N ARG T 60 -42.10 -40.10 -54.78
CA ARG T 60 -42.82 -40.78 -53.72
C ARG T 60 -41.89 -41.36 -52.67
N ARG T 61 -40.80 -42.02 -53.10
CA ARG T 61 -39.89 -42.66 -52.16
C ARG T 61 -38.68 -41.79 -51.85
N TYR T 62 -37.94 -41.38 -52.87
CA TYR T 62 -36.75 -40.55 -52.68
C TYR T 62 -37.15 -39.08 -52.74
N ASN T 63 -37.95 -38.69 -51.76
CA ASN T 63 -38.58 -37.37 -51.72
C ASN T 63 -37.96 -36.43 -50.69
N GLY T 64 -36.87 -36.82 -50.06
CA GLY T 64 -36.27 -36.00 -49.03
C GLY T 64 -35.80 -34.64 -49.53
N GLY T 65 -36.46 -33.58 -49.08
CA GLY T 65 -36.11 -32.25 -49.46
C GLY T 65 -36.71 -31.75 -50.76
N VAL T 66 -37.47 -32.58 -51.46
CA VAL T 66 -38.07 -32.17 -52.72
C VAL T 66 -39.19 -31.18 -52.45
N GLY T 67 -39.16 -30.05 -53.13
CA GLY T 67 -40.19 -29.06 -52.94
C GLY T 67 -41.51 -29.45 -53.57
N ARG T 68 -42.57 -28.78 -53.15
CA ARG T 68 -43.89 -29.04 -53.67
C ARG T 68 -44.03 -28.49 -55.09
N CYS T 69 -45.10 -28.90 -55.76
CA CYS T 69 -45.43 -28.34 -57.06
C CYS T 69 -46.93 -28.48 -57.29
N ALA T 70 -47.45 -27.65 -58.20
CA ALA T 70 -48.88 -27.66 -58.47
C ALA T 70 -49.31 -28.87 -59.29
N GLN T 71 -48.41 -29.43 -60.08
CA GLN T 71 -48.78 -30.50 -61.00
C GLN T 71 -48.77 -31.87 -60.35
N ALA T 72 -48.35 -31.97 -59.09
CA ALA T 72 -48.41 -33.25 -58.41
C ALA T 72 -49.83 -33.66 -58.03
N LYS T 73 -50.78 -32.73 -58.12
CA LYS T 73 -52.16 -33.08 -57.86
C LYS T 73 -52.78 -33.89 -58.99
N GLN T 74 -52.15 -33.91 -60.17
CA GLN T 74 -52.55 -34.87 -61.20
C GLN T 74 -52.34 -36.29 -60.71
N TRP T 75 -51.36 -36.49 -59.84
CA TRP T 75 -51.20 -37.71 -59.07
C TRP T 75 -51.82 -37.50 -57.70
N GLY T 76 -51.65 -38.49 -56.83
CA GLY T 76 -52.18 -38.35 -55.49
C GLY T 76 -51.17 -37.77 -54.53
N TRP T 77 -50.19 -37.06 -55.07
CA TRP T 77 -49.02 -36.65 -54.31
C TRP T 77 -48.94 -35.13 -54.24
N THR T 78 -47.93 -34.65 -53.52
CA THR T 78 -47.67 -33.22 -53.42
C THR T 78 -46.27 -32.83 -53.81
N GLN T 79 -45.32 -33.76 -53.88
CA GLN T 79 -43.95 -33.48 -54.25
C GLN T 79 -43.68 -33.99 -55.66
N GLY T 80 -43.30 -33.09 -56.56
CA GLY T 80 -43.02 -33.47 -57.92
C GLY T 80 -41.81 -32.75 -58.46
N ARG T 81 -41.23 -33.33 -59.52
CA ARG T 81 -40.08 -32.72 -60.18
C ARG T 81 -40.08 -33.13 -61.64
N TRP T 82 -39.19 -32.50 -62.40
CA TRP T 82 -39.11 -32.72 -63.85
C TRP T 82 -37.68 -33.14 -64.21
N PRO T 83 -37.32 -34.39 -63.98
CA PRO T 83 -35.95 -34.82 -64.29
C PRO T 83 -35.72 -34.92 -65.79
N LYS T 84 -35.01 -33.94 -66.33
CA LYS T 84 -34.85 -33.83 -67.77
C LYS T 84 -33.94 -34.93 -68.31
N LYS T 85 -32.82 -35.18 -67.63
CA LYS T 85 -31.88 -36.19 -68.11
C LYS T 85 -32.49 -37.59 -68.04
N SER T 86 -33.19 -37.88 -66.94
CA SER T 86 -33.87 -39.16 -66.81
C SER T 86 -34.94 -39.32 -67.87
N ALA T 87 -35.69 -38.25 -68.14
CA ALA T 87 -36.71 -38.30 -69.18
C ALA T 87 -36.11 -38.57 -70.55
N GLU T 88 -34.98 -37.93 -70.86
CA GLU T 88 -34.33 -38.16 -72.14
C GLU T 88 -33.82 -39.60 -72.26
N PHE T 89 -33.23 -40.13 -71.19
CA PHE T 89 -32.73 -41.50 -71.26
C PHE T 89 -33.87 -42.49 -71.46
N LEU T 90 -34.98 -42.29 -70.74
CA LEU T 90 -36.13 -43.16 -70.93
C LEU T 90 -36.74 -43.00 -72.31
N LEU T 91 -36.70 -41.80 -72.87
CA LEU T 91 -37.19 -41.61 -74.24
C LEU T 91 -36.35 -42.38 -75.24
N HIS T 92 -35.03 -42.35 -75.06
CA HIS T 92 -34.15 -43.13 -75.93
C HIS T 92 -34.44 -44.62 -75.82
N MET T 93 -34.63 -45.10 -74.59
CA MET T 93 -34.98 -46.51 -74.41
C MET T 93 -36.33 -46.85 -75.01
N LEU T 94 -37.28 -45.93 -75.00
CA LEU T 94 -38.56 -46.20 -75.65
C LEU T 94 -38.43 -46.24 -77.17
N LYS T 95 -37.58 -45.39 -77.74
CA LYS T 95 -37.30 -45.50 -79.18
C LYS T 95 -36.70 -46.85 -79.52
N ASN T 96 -35.74 -47.31 -78.71
CA ASN T 96 -35.14 -48.62 -78.98
C ASN T 96 -36.16 -49.74 -78.80
N ALA T 97 -37.03 -49.63 -77.79
CA ALA T 97 -38.03 -50.66 -77.57
C ALA T 97 -39.01 -50.74 -78.73
N GLU T 98 -39.48 -49.60 -79.23
CA GLU T 98 -40.41 -49.65 -80.35
C GLU T 98 -39.72 -50.11 -81.64
N SER T 99 -38.43 -49.78 -81.82
CA SER T 99 -37.72 -50.31 -82.98
C SER T 99 -37.59 -51.82 -82.91
N ASN T 100 -37.30 -52.37 -81.73
CA ASN T 100 -37.35 -53.82 -81.57
C ASN T 100 -38.73 -54.38 -81.81
N ALA T 101 -39.78 -53.64 -81.45
CA ALA T 101 -41.13 -54.10 -81.72
C ALA T 101 -41.40 -54.21 -83.21
N GLU T 102 -41.00 -53.20 -83.98
CA GLU T 102 -41.16 -53.32 -85.43
C GLU T 102 -40.28 -54.42 -86.00
N LEU T 103 -39.10 -54.65 -85.39
CA LEU T 103 -38.25 -55.76 -85.81
C LEU T 103 -38.97 -57.10 -85.62
N LYS T 104 -39.66 -57.26 -84.50
CA LYS T 104 -40.39 -58.49 -84.26
C LYS T 104 -41.74 -58.54 -84.96
N GLY T 105 -42.18 -57.44 -85.54
CA GLY T 105 -43.32 -57.44 -86.44
C GLY T 105 -44.64 -57.00 -85.83
N LEU T 106 -44.76 -57.04 -84.51
CA LEU T 106 -45.98 -56.56 -83.88
C LEU T 106 -46.11 -55.05 -84.07
N ASP T 107 -47.34 -54.58 -84.15
CA ASP T 107 -47.59 -53.16 -84.30
C ASP T 107 -47.29 -52.42 -83.01
N VAL T 108 -46.96 -51.13 -83.14
CA VAL T 108 -46.48 -50.35 -82.02
C VAL T 108 -47.51 -49.38 -81.48
N ASP T 109 -48.67 -49.27 -82.12
CA ASP T 109 -49.70 -48.35 -81.67
C ASP T 109 -50.63 -48.99 -80.64
N SER T 110 -50.35 -50.23 -80.23
CA SER T 110 -51.12 -50.89 -79.18
C SER T 110 -50.21 -51.43 -78.08
N LEU T 111 -48.99 -50.94 -77.99
CA LEU T 111 -48.06 -51.41 -76.98
C LEU T 111 -48.32 -50.73 -75.65
N VAL T 112 -48.09 -51.46 -74.56
CA VAL T 112 -48.26 -50.98 -73.20
C VAL T 112 -47.06 -51.44 -72.39
N ILE T 113 -46.45 -50.53 -71.66
CA ILE T 113 -45.26 -50.85 -70.88
C ILE T 113 -45.68 -51.70 -69.70
N GLU T 114 -45.55 -53.03 -69.83
CA GLU T 114 -46.00 -53.88 -68.75
C GLU T 114 -44.99 -54.00 -67.63
N HIS T 115 -43.71 -53.79 -67.91
CA HIS T 115 -42.74 -53.92 -66.83
C HIS T 115 -41.59 -52.97 -67.08
N ILE T 116 -41.08 -52.37 -66.01
CA ILE T 116 -39.91 -51.51 -66.10
C ILE T 116 -39.24 -51.43 -64.74
N GLN T 117 -37.92 -51.55 -64.72
CA GLN T 117 -37.21 -51.48 -63.44
C GLN T 117 -35.86 -50.82 -63.62
N VAL T 118 -35.36 -50.30 -62.50
CA VAL T 118 -34.11 -49.58 -62.41
C VAL T 118 -33.26 -50.25 -61.33
N ASN T 119 -31.99 -50.49 -61.63
CA ASN T 119 -31.06 -51.13 -60.72
C ASN T 119 -29.83 -50.26 -60.54
N LYS T 120 -29.22 -50.34 -59.36
CA LYS T 120 -28.05 -49.51 -59.04
C LYS T 120 -26.82 -50.07 -59.74
N ALA T 121 -26.31 -49.35 -60.74
CA ALA T 121 -25.10 -49.76 -61.42
C ALA T 121 -23.90 -49.51 -60.52
N PRO T 122 -22.75 -50.13 -60.81
CA PRO T 122 -21.54 -49.84 -60.03
C PRO T 122 -21.20 -48.35 -60.08
N LYS T 123 -20.83 -47.82 -58.93
CA LYS T 123 -20.62 -46.39 -58.78
C LYS T 123 -19.28 -45.97 -59.35
N MET T 124 -19.22 -44.75 -59.85
CA MET T 124 -17.98 -44.13 -60.30
C MET T 124 -17.49 -43.17 -59.23
N ARG T 125 -16.18 -43.05 -59.11
CA ARG T 125 -15.55 -42.33 -58.01
C ARG T 125 -14.86 -41.08 -58.50
N ARG T 126 -15.10 -39.97 -57.80
CA ARG T 126 -14.35 -38.75 -57.96
C ARG T 126 -14.01 -38.23 -56.57
N ARG T 127 -13.17 -37.21 -56.50
CA ARG T 127 -12.75 -36.67 -55.22
C ARG T 127 -13.25 -35.24 -55.07
N THR T 128 -13.51 -34.85 -53.82
CA THR T 128 -13.77 -33.47 -53.47
C THR T 128 -12.89 -33.09 -52.30
N TYR T 129 -12.61 -31.80 -52.17
CA TYR T 129 -11.62 -31.28 -51.25
C TYR T 129 -12.31 -30.44 -50.20
N ARG T 130 -11.95 -30.65 -48.93
CA ARG T 130 -12.67 -30.06 -47.81
C ARG T 130 -11.77 -29.12 -47.03
N ALA T 131 -12.26 -28.68 -45.87
CA ALA T 131 -11.71 -27.48 -45.22
C ALA T 131 -10.45 -27.77 -44.42
N HIS T 132 -10.06 -29.02 -44.26
CA HIS T 132 -8.86 -29.26 -43.47
C HIS T 132 -7.94 -30.26 -44.15
N GLY T 133 -7.72 -30.07 -45.44
CA GLY T 133 -6.89 -31.00 -46.19
C GLY T 133 -7.49 -32.39 -46.24
N ARG T 134 -8.80 -32.49 -46.43
CA ARG T 134 -9.49 -33.76 -46.41
C ARG T 134 -10.07 -34.07 -47.77
N ILE T 135 -10.00 -35.34 -48.14
CA ILE T 135 -10.55 -35.84 -49.40
C ILE T 135 -11.84 -36.59 -49.08
N ASN T 136 -12.89 -36.28 -49.82
CA ASN T 136 -14.14 -36.99 -49.62
C ASN T 136 -14.64 -37.54 -50.94
N PRO T 137 -15.38 -38.64 -50.91
CA PRO T 137 -15.90 -39.20 -52.15
C PRO T 137 -16.91 -38.28 -52.82
N TYR T 138 -16.96 -38.38 -54.15
CA TYR T 138 -17.87 -37.62 -55.00
C TYR T 138 -18.52 -38.57 -55.99
N MET T 139 -19.01 -39.69 -55.47
CA MET T 139 -19.44 -40.80 -56.30
C MET T 139 -20.68 -40.45 -57.12
N SER T 140 -20.65 -40.86 -58.38
CA SER T 140 -21.84 -40.84 -59.22
C SER T 140 -22.68 -42.07 -58.93
N SER T 141 -23.96 -41.99 -59.29
CA SER T 141 -24.91 -43.06 -59.03
C SER T 141 -25.58 -43.47 -60.33
N PRO T 142 -24.89 -44.23 -61.19
CA PRO T 142 -25.52 -44.66 -62.45
C PRO T 142 -26.46 -45.83 -62.24
N CYS T 143 -27.24 -46.15 -63.27
CA CYS T 143 -28.26 -47.18 -63.09
C CYS T 143 -28.46 -47.98 -64.37
N HIS T 144 -28.64 -49.28 -64.20
CA HIS T 144 -29.19 -50.13 -65.26
C HIS T 144 -30.70 -49.94 -65.33
N ILE T 145 -31.24 -50.02 -66.53
CA ILE T 145 -32.68 -49.92 -66.75
C ILE T 145 -33.11 -51.07 -67.65
N GLU T 146 -34.28 -51.64 -67.38
CA GLU T 146 -34.85 -52.59 -68.32
C GLU T 146 -36.34 -52.37 -68.41
N MET T 147 -36.90 -52.72 -69.56
CA MET T 147 -38.32 -52.54 -69.80
C MET T 147 -38.82 -53.62 -70.74
N ILE T 148 -40.09 -53.98 -70.55
CA ILE T 148 -40.77 -54.98 -71.38
C ILE T 148 -42.15 -54.43 -71.72
N LEU T 149 -42.44 -54.32 -73.01
CA LEU T 149 -43.71 -53.84 -73.54
C LEU T 149 -44.54 -55.02 -74.02
N THR T 150 -45.84 -54.77 -74.20
CA THR T 150 -46.76 -55.84 -74.51
C THR T 150 -47.97 -55.31 -75.26
N GLU T 151 -48.36 -56.00 -76.33
CA GLU T 151 -49.58 -55.66 -77.06
C GLU T 151 -50.80 -55.84 -76.17
N LYS T 152 -51.67 -54.83 -76.18
CA LYS T 152 -53.00 -54.91 -75.58
C LYS T 152 -53.78 -53.67 -75.98
N GLU T 153 -55.10 -53.84 -76.07
CA GLU T 153 -55.98 -52.74 -76.46
C GLU T 153 -57.43 -53.06 -76.09
N GLY U 1 -39.64 -76.17 -1.50
CA GLY U 1 -38.38 -76.88 -1.55
C GLY U 1 -38.02 -77.54 -0.25
N VAL U 2 -36.99 -78.38 -0.27
CA VAL U 2 -36.52 -79.09 0.91
C VAL U 2 -35.13 -78.57 1.25
N ASP U 3 -34.87 -78.38 2.54
CA ASP U 3 -33.60 -77.83 3.00
C ASP U 3 -32.62 -78.99 3.18
N ILE U 4 -31.84 -79.26 2.14
CA ILE U 4 -30.73 -80.20 2.21
C ILE U 4 -29.54 -79.60 1.48
N ARG U 5 -28.38 -80.17 1.73
CA ARG U 5 -27.13 -79.76 1.08
C ARG U 5 -26.76 -80.80 0.03
N HIS U 6 -26.62 -80.36 -1.21
CA HIS U 6 -26.27 -81.25 -2.30
C HIS U 6 -24.77 -81.32 -2.54
N ASN U 7 -23.96 -80.66 -1.71
CA ASN U 7 -22.52 -80.65 -1.93
C ASN U 7 -21.86 -81.95 -1.52
N LYS U 8 -22.55 -82.80 -0.75
CA LYS U 8 -22.04 -84.12 -0.40
C LYS U 8 -22.89 -85.23 -1.03
N ASP U 9 -23.69 -84.90 -2.04
CA ASP U 9 -24.53 -85.89 -2.67
C ASP U 9 -23.70 -86.94 -3.41
N ARG U 10 -22.75 -86.49 -4.22
CA ARG U 10 -22.01 -87.38 -5.12
C ARG U 10 -20.81 -87.93 -4.38
N LYS U 11 -20.90 -89.17 -3.91
CA LYS U 11 -19.77 -89.83 -3.30
C LYS U 11 -18.68 -90.06 -4.33
N VAL U 12 -17.45 -89.81 -3.94
CA VAL U 12 -16.31 -89.91 -4.84
C VAL U 12 -15.59 -91.21 -4.54
N ARG U 13 -15.65 -92.15 -5.47
CA ARG U 13 -14.99 -93.44 -5.34
C ARG U 13 -14.87 -94.06 -6.72
N ARG U 14 -13.95 -95.01 -6.84
CA ARG U 14 -13.74 -95.71 -8.10
C ARG U 14 -14.82 -96.79 -8.26
N LYS U 15 -15.61 -96.69 -9.33
CA LYS U 15 -16.56 -97.74 -9.69
C LYS U 15 -16.03 -98.64 -10.78
N GLU U 16 -14.86 -98.34 -11.33
CA GLU U 16 -14.21 -99.07 -12.41
C GLU U 16 -12.80 -98.53 -12.54
N PRO U 17 -11.85 -99.32 -13.04
CA PRO U 17 -10.49 -98.82 -13.20
C PRO U 17 -10.42 -97.73 -14.25
N LYS U 18 -9.49 -96.79 -14.06
CA LYS U 18 -9.21 -95.83 -15.12
C LYS U 18 -8.36 -96.43 -16.23
N SER U 19 -7.86 -97.64 -16.04
CA SER U 19 -7.02 -98.28 -17.04
C SER U 19 -7.85 -98.87 -18.16
N GLN U 20 -7.28 -98.87 -19.36
CA GLN U 20 -7.89 -99.52 -20.52
C GLN U 20 -7.26 -100.87 -20.82
N ASP U 21 -6.63 -101.49 -19.81
CA ASP U 21 -6.04 -102.81 -19.97
C ASP U 21 -7.15 -103.86 -20.05
N ILE U 22 -7.18 -104.57 -21.18
CA ILE U 22 -8.28 -105.51 -21.42
C ILE U 22 -8.22 -106.70 -20.47
N TYR U 23 -7.01 -107.18 -20.14
CA TYR U 23 -6.90 -108.26 -19.16
C TYR U 23 -7.43 -107.81 -17.81
N LEU U 24 -7.06 -106.60 -17.39
CA LEU U 24 -7.55 -106.09 -16.11
C LEU U 24 -9.06 -106.00 -16.11
N ARG U 25 -9.64 -105.48 -17.19
CA ARG U 25 -11.10 -105.44 -17.28
C ARG U 25 -11.71 -106.84 -17.29
N LEU U 26 -11.01 -107.82 -17.85
CA LEU U 26 -11.54 -109.17 -17.88
C LEU U 26 -11.67 -109.76 -16.47
N LEU U 27 -10.59 -109.68 -15.70
CA LEU U 27 -10.75 -110.22 -14.34
C LEU U 27 -11.56 -109.30 -13.45
N VAL U 28 -11.70 -108.02 -13.81
CA VAL U 28 -12.64 -107.16 -13.10
C VAL U 28 -14.06 -107.64 -13.34
N LYS U 29 -14.37 -108.05 -14.57
CA LYS U 29 -15.66 -108.69 -14.82
C LYS U 29 -15.83 -109.93 -13.95
N LEU U 30 -14.79 -110.77 -13.91
CA LEU U 30 -14.89 -112.01 -13.13
C LEU U 30 -15.17 -111.73 -11.66
N TYR U 31 -14.39 -110.84 -11.04
CA TYR U 31 -14.58 -110.55 -9.63
C TYR U 31 -15.79 -109.67 -9.36
N ARG U 32 -16.27 -108.91 -10.33
CA ARG U 32 -17.54 -108.21 -10.19
C ARG U 32 -18.68 -109.21 -10.06
N PHE U 33 -18.69 -110.21 -10.94
CA PHE U 33 -19.71 -111.25 -10.83
C PHE U 33 -19.59 -112.02 -9.53
N LEU U 34 -18.36 -112.35 -9.13
CA LEU U 34 -18.16 -113.09 -7.90
C LEU U 34 -18.65 -112.31 -6.69
N ALA U 35 -18.27 -111.03 -6.59
CA ALA U 35 -18.68 -110.22 -5.45
C ALA U 35 -20.19 -110.04 -5.43
N ARG U 36 -20.80 -109.81 -6.60
CA ARG U 36 -22.24 -109.61 -6.63
C ARG U 36 -22.99 -110.86 -6.20
N ARG U 37 -22.58 -112.02 -6.71
CA ARG U 37 -23.33 -113.26 -6.51
C ARG U 37 -22.70 -114.17 -5.45
N THR U 38 -21.85 -113.62 -4.59
CA THR U 38 -21.29 -114.40 -3.49
C THR U 38 -21.29 -113.55 -2.23
N ASN U 39 -21.71 -114.13 -1.11
CA ASN U 39 -21.77 -113.41 0.14
C ASN U 39 -20.40 -113.21 0.78
N SER U 40 -19.32 -113.58 0.09
CA SER U 40 -17.99 -113.40 0.65
C SER U 40 -17.54 -111.95 0.54
N THR U 41 -17.10 -111.39 1.66
CA THR U 41 -16.61 -110.01 1.65
C THR U 41 -15.23 -109.89 1.02
N PHE U 42 -14.50 -111.01 0.95
CA PHE U 42 -13.18 -110.99 0.35
C PHE U 42 -13.26 -110.59 -1.12
N ASN U 43 -14.28 -111.07 -1.82
CA ASN U 43 -14.46 -110.70 -3.21
C ASN U 43 -14.72 -109.20 -3.34
N GLN U 44 -15.52 -108.62 -2.46
CA GLN U 44 -15.78 -107.19 -2.52
C GLN U 44 -14.50 -106.39 -2.29
N VAL U 45 -13.70 -106.80 -1.31
CA VAL U 45 -12.46 -106.08 -1.03
C VAL U 45 -11.50 -106.21 -2.21
N VAL U 46 -11.39 -107.40 -2.78
CA VAL U 46 -10.49 -107.61 -3.91
C VAL U 46 -10.95 -106.79 -5.12
N LEU U 47 -12.25 -106.73 -5.35
CA LEU U 47 -12.78 -105.94 -6.46
C LEU U 47 -12.46 -104.46 -6.27
N LYS U 48 -12.69 -103.94 -5.07
CA LYS U 48 -12.40 -102.53 -4.85
C LYS U 48 -10.92 -102.24 -4.92
N ARG U 49 -10.06 -103.22 -4.66
CA ARG U 49 -8.63 -103.01 -4.84
C ARG U 49 -8.23 -103.09 -6.31
N LEU U 50 -8.88 -103.95 -7.09
CA LEU U 50 -8.61 -103.99 -8.53
C LEU U 50 -9.03 -102.68 -9.19
N PHE U 51 -10.04 -102.01 -8.64
CA PHE U 51 -10.40 -100.69 -9.16
C PHE U 51 -9.29 -99.67 -8.97
N MET U 52 -8.47 -99.83 -7.94
CA MET U 52 -7.63 -98.75 -7.44
C MET U 52 -6.50 -98.41 -8.40
N SER U 53 -5.80 -97.32 -8.08
CA SER U 53 -4.70 -96.80 -8.87
C SER U 53 -3.39 -97.46 -8.46
N ARG U 54 -2.34 -97.14 -9.21
CA ARG U 54 -1.04 -97.75 -8.97
C ARG U 54 -0.47 -97.35 -7.61
N THR U 55 -0.58 -96.08 -7.24
CA THR U 55 -0.06 -95.65 -5.95
C THR U 55 -0.95 -96.11 -4.80
N ASN U 56 -2.18 -96.50 -5.08
CA ASN U 56 -3.03 -97.16 -4.10
C ASN U 56 -2.88 -98.67 -4.14
N ARG U 57 -1.99 -99.18 -4.97
CA ARG U 57 -1.64 -100.60 -5.03
C ARG U 57 -0.12 -100.71 -4.91
N PRO U 58 0.42 -100.44 -3.72
CA PRO U 58 1.88 -100.36 -3.60
C PRO U 58 2.50 -101.73 -3.75
N PRO U 59 3.76 -101.79 -4.20
CA PRO U 59 4.41 -103.09 -4.35
C PRO U 59 4.73 -103.70 -3.00
N LEU U 60 4.46 -105.00 -2.88
CA LEU U 60 4.69 -105.74 -1.66
C LEU U 60 6.03 -106.44 -1.74
N SER U 61 6.91 -106.15 -0.79
CA SER U 61 8.21 -106.79 -0.78
C SER U 61 8.11 -108.24 -0.32
N LEU U 62 8.98 -109.08 -0.88
CA LEU U 62 8.99 -110.49 -0.53
C LEU U 62 9.28 -110.68 0.95
N SER U 63 10.08 -109.78 1.53
CA SER U 63 10.37 -109.86 2.96
C SER U 63 9.11 -109.65 3.78
N ARG U 64 8.28 -108.66 3.41
CA ARG U 64 7.00 -108.50 4.12
C ARG U 64 6.11 -109.70 3.94
N MET U 65 6.05 -110.24 2.72
CA MET U 65 5.18 -111.40 2.53
C MET U 65 5.65 -112.56 3.40
N ILE U 66 6.96 -112.78 3.49
CA ILE U 66 7.49 -113.84 4.32
C ILE U 66 7.16 -113.59 5.78
N ARG U 67 7.40 -112.37 6.27
CA ARG U 67 7.19 -112.07 7.68
C ARG U 67 5.72 -112.16 8.06
N LYS U 68 4.83 -111.67 7.19
CA LYS U 68 3.40 -111.77 7.47
C LYS U 68 2.94 -113.21 7.44
N MET U 69 3.36 -113.98 6.43
CA MET U 69 2.92 -115.36 6.30
C MET U 69 3.58 -116.28 7.31
N LYS U 70 4.62 -115.82 7.99
CA LYS U 70 5.29 -116.59 9.03
C LYS U 70 4.56 -116.53 10.36
N LEU U 71 3.58 -115.65 10.50
CA LEU U 71 2.87 -115.48 11.75
C LEU U 71 2.10 -116.76 12.10
N PRO U 72 1.90 -117.02 13.39
CA PRO U 72 1.21 -118.26 13.80
C PRO U 72 -0.20 -118.35 13.26
N GLY U 73 -0.57 -119.56 12.83
CA GLY U 73 -1.90 -119.83 12.32
C GLY U 73 -2.07 -119.65 10.83
N ARG U 74 -1.06 -119.14 10.14
CA ARG U 74 -1.16 -118.86 8.71
C ARG U 74 -0.54 -119.96 7.86
N GLU U 75 -0.26 -121.10 8.45
CA GLU U 75 0.33 -122.22 7.72
C GLU U 75 -0.66 -122.77 6.70
N ASN U 76 -0.12 -123.18 5.55
CA ASN U 76 -0.91 -123.75 4.45
C ASN U 76 -2.01 -122.80 3.98
N LYS U 77 -1.74 -121.49 4.03
CA LYS U 77 -2.65 -120.49 3.51
C LYS U 77 -2.11 -119.95 2.20
N THR U 78 -2.89 -119.09 1.56
CA THR U 78 -2.50 -118.48 0.30
C THR U 78 -2.35 -116.98 0.50
N ALA U 79 -1.17 -116.46 0.22
CA ALA U 79 -0.93 -115.02 0.37
C ALA U 79 -1.40 -114.32 -0.88
N VAL U 80 -2.44 -113.50 -0.76
CA VAL U 80 -3.06 -112.85 -1.90
C VAL U 80 -2.80 -111.35 -1.80
N VAL U 81 -2.20 -110.78 -2.84
CA VAL U 81 -1.92 -109.35 -2.91
C VAL U 81 -2.46 -108.80 -4.22
N VAL U 82 -3.22 -107.73 -4.13
CA VAL U 82 -3.71 -107.02 -5.33
C VAL U 82 -2.66 -105.97 -5.64
N GLY U 83 -1.61 -106.40 -6.34
CA GLY U 83 -0.48 -105.53 -6.62
C GLY U 83 0.66 -106.32 -7.20
N THR U 84 1.87 -105.88 -6.87
CA THR U 84 3.09 -106.49 -7.39
C THR U 84 3.89 -107.11 -6.27
N ILE U 85 4.34 -108.33 -6.47
CA ILE U 85 5.30 -108.96 -5.57
C ILE U 85 6.70 -108.61 -6.05
N THR U 86 7.52 -108.11 -5.14
CA THR U 86 8.83 -107.56 -5.50
C THR U 86 9.91 -108.30 -4.73
N ASP U 87 10.95 -108.73 -5.44
CA ASP U 87 12.06 -109.41 -4.79
C ASP U 87 12.78 -108.47 -3.85
N ASP U 88 13.19 -109.00 -2.70
CA ASP U 88 14.01 -108.28 -1.75
C ASP U 88 15.35 -109.00 -1.65
N VAL U 89 16.44 -108.27 -1.95
CA VAL U 89 17.77 -108.86 -1.90
C VAL U 89 18.26 -109.07 -0.48
N ARG U 90 17.56 -108.53 0.51
CA ARG U 90 18.02 -108.59 1.88
C ARG U 90 17.70 -109.91 2.57
N VAL U 91 16.83 -110.74 1.99
CA VAL U 91 16.42 -111.99 2.61
C VAL U 91 17.26 -113.12 2.06
N GLN U 92 17.60 -114.08 2.93
CA GLN U 92 18.45 -115.20 2.56
C GLN U 92 17.67 -116.46 2.24
N GLU U 93 16.61 -116.76 3.00
CA GLU U 93 15.84 -117.98 2.81
C GLU U 93 14.40 -117.62 2.49
N VAL U 94 13.84 -118.33 1.51
CA VAL U 94 12.45 -118.19 1.09
C VAL U 94 11.71 -119.46 1.49
N PRO U 95 10.77 -119.40 2.43
CA PRO U 95 10.00 -120.59 2.77
C PRO U 95 9.06 -120.99 1.64
N LYS U 96 8.41 -122.13 1.83
CA LYS U 96 7.43 -122.60 0.85
C LYS U 96 6.25 -121.65 0.84
N LEU U 97 6.00 -120.99 -0.29
CA LEU U 97 5.01 -119.94 -0.38
C LEU U 97 4.03 -120.25 -1.50
N LYS U 98 2.75 -120.19 -1.19
CA LYS U 98 1.70 -120.21 -2.20
C LYS U 98 1.10 -118.80 -2.25
N VAL U 99 1.31 -118.12 -3.38
CA VAL U 99 0.95 -116.72 -3.50
C VAL U 99 0.05 -116.52 -4.70
N CYS U 100 -0.69 -115.42 -4.68
CA CYS U 100 -1.51 -115.01 -5.81
C CYS U 100 -1.42 -113.50 -5.94
N ALA U 101 -1.06 -113.04 -7.14
CA ALA U 101 -0.83 -111.62 -7.32
C ALA U 101 -1.16 -111.22 -8.74
N LEU U 102 -1.35 -109.91 -8.92
CA LEU U 102 -1.58 -109.36 -10.25
C LEU U 102 -0.32 -109.44 -11.11
N ARG U 103 0.85 -109.27 -10.49
CA ARG U 103 2.08 -109.16 -11.24
C ARG U 103 3.24 -109.51 -10.32
N VAL U 104 4.18 -110.30 -10.82
CA VAL U 104 5.31 -110.77 -10.03
C VAL U 104 6.59 -110.43 -10.76
N THR U 105 7.54 -109.86 -10.03
CA THR U 105 8.86 -109.56 -10.58
C THR U 105 9.55 -110.85 -11.02
N SER U 106 10.39 -110.73 -12.06
CA SER U 106 11.04 -111.92 -12.62
C SER U 106 11.93 -112.62 -11.60
N ARG U 107 12.76 -111.86 -10.90
CA ARG U 107 13.66 -112.50 -9.95
C ARG U 107 12.91 -113.05 -8.74
N ALA U 108 11.87 -112.33 -8.27
CA ALA U 108 11.04 -112.85 -7.21
C ALA U 108 10.37 -114.14 -7.63
N ARG U 109 9.91 -114.20 -8.88
CA ARG U 109 9.28 -115.41 -9.40
C ARG U 109 10.27 -116.57 -9.42
N SER U 110 11.49 -116.32 -9.89
CA SER U 110 12.48 -117.39 -9.94
C SER U 110 12.81 -117.88 -8.53
N ARG U 111 12.95 -116.96 -7.57
CA ARG U 111 13.25 -117.37 -6.21
C ARG U 111 12.10 -118.17 -5.61
N ILE U 112 10.85 -117.77 -5.85
CA ILE U 112 9.72 -118.47 -5.29
C ILE U 112 9.61 -119.87 -5.88
N LEU U 113 9.75 -119.99 -7.20
CA LEU U 113 9.68 -121.29 -7.83
C LEU U 113 10.82 -122.20 -7.37
N ARG U 114 12.02 -121.64 -7.20
CA ARG U 114 13.14 -122.43 -6.71
C ARG U 114 12.90 -122.89 -5.28
N ALA U 115 12.35 -122.01 -4.44
CA ALA U 115 11.96 -122.40 -3.09
C ALA U 115 10.84 -123.44 -3.09
N GLY U 116 10.12 -123.58 -4.19
CA GLY U 116 9.15 -124.65 -4.32
C GLY U 116 7.72 -124.24 -4.15
N GLY U 117 7.44 -122.94 -4.09
CA GLY U 117 6.08 -122.48 -3.93
C GLY U 117 5.29 -122.54 -5.22
N LYS U 118 4.10 -121.97 -5.15
CA LYS U 118 3.18 -121.93 -6.28
C LYS U 118 2.65 -120.53 -6.45
N ILE U 119 2.79 -119.98 -7.67
CA ILE U 119 2.37 -118.62 -7.98
C ILE U 119 1.10 -118.69 -8.81
N LEU U 120 0.10 -117.91 -8.42
CA LEU U 120 -1.20 -117.91 -9.08
C LEU U 120 -1.56 -116.50 -9.51
N THR U 121 -2.29 -116.43 -10.62
CA THR U 121 -3.03 -115.26 -11.00
C THR U 121 -4.41 -115.32 -10.37
N PHE U 122 -5.17 -114.23 -10.51
CA PHE U 122 -6.46 -114.18 -9.83
C PHE U 122 -7.48 -115.08 -10.49
N ASP U 123 -7.33 -115.39 -11.78
CA ASP U 123 -8.27 -116.30 -12.42
C ASP U 123 -8.12 -117.71 -11.87
N GLN U 124 -6.88 -118.14 -11.61
CA GLN U 124 -6.68 -119.42 -10.94
C GLN U 124 -7.09 -119.34 -9.47
N LEU U 125 -6.90 -118.19 -8.84
CA LEU U 125 -7.29 -118.04 -7.44
C LEU U 125 -8.80 -118.18 -7.28
N ALA U 126 -9.57 -117.60 -8.18
CA ALA U 126 -11.03 -117.70 -8.08
C ALA U 126 -11.49 -119.15 -8.20
N LEU U 127 -10.86 -119.93 -9.08
CA LEU U 127 -11.18 -121.34 -9.18
C LEU U 127 -10.80 -122.08 -7.90
N ASP U 128 -9.63 -121.77 -7.34
CA ASP U 128 -9.20 -122.45 -6.12
C ASP U 128 -10.14 -122.14 -4.96
N SER U 129 -10.39 -120.86 -4.70
CA SER U 129 -11.26 -120.41 -3.62
C SER U 129 -12.18 -119.33 -4.15
N PRO U 130 -13.38 -119.70 -4.60
CA PRO U 130 -14.35 -118.68 -5.04
C PRO U 130 -14.74 -117.71 -3.93
N LYS U 131 -14.75 -118.15 -2.68
CA LYS U 131 -15.04 -117.27 -1.56
C LYS U 131 -13.77 -116.74 -0.89
N GLY U 132 -12.61 -117.03 -1.46
CA GLY U 132 -11.36 -116.60 -0.87
C GLY U 132 -11.03 -117.27 0.45
N CYS U 133 -11.40 -118.53 0.60
CA CYS U 133 -11.15 -119.24 1.85
C CYS U 133 -9.67 -119.57 1.99
N GLY U 134 -9.18 -119.53 3.22
CA GLY U 134 -7.79 -119.89 3.49
C GLY U 134 -6.79 -118.95 2.86
N THR U 135 -7.13 -117.67 2.77
CA THR U 135 -6.25 -116.68 2.16
C THR U 135 -5.91 -115.59 3.18
N VAL U 136 -4.67 -115.13 3.10
CA VAL U 136 -4.22 -113.96 3.84
C VAL U 136 -4.11 -112.83 2.84
N LEU U 137 -5.00 -111.85 2.95
CA LEU U 137 -4.99 -110.72 2.05
C LEU U 137 -4.02 -109.68 2.58
N LEU U 138 -2.97 -109.40 1.83
CA LEU U 138 -1.91 -108.51 2.25
C LEU U 138 -1.83 -107.30 1.32
N SER U 139 -1.11 -106.29 1.77
CA SER U 139 -0.93 -105.06 1.02
C SER U 139 0.46 -104.50 1.31
N GLY U 140 0.98 -103.78 0.33
CA GLY U 140 2.23 -103.09 0.52
C GLY U 140 2.06 -101.84 1.35
N PRO U 141 3.18 -101.24 1.72
CA PRO U 141 3.11 -100.00 2.50
C PRO U 141 2.60 -98.83 1.66
N ARG U 142 1.36 -98.43 1.88
CA ARG U 142 0.74 -97.40 1.07
C ARG U 142 1.45 -96.06 1.24
N LYS U 143 1.85 -95.73 2.47
CA LYS U 143 2.53 -94.47 2.74
C LYS U 143 4.03 -94.58 2.59
N GLY U 144 4.50 -95.61 1.91
CA GLY U 144 5.92 -95.74 1.64
C GLY U 144 6.29 -95.06 0.34
N ARG U 145 6.03 -93.77 0.23
CA ARG U 145 6.37 -93.00 -0.96
C ARG U 145 6.96 -91.66 -0.54
N GLU U 146 7.80 -91.11 -1.41
CA GLU U 146 8.50 -89.87 -1.08
C GLU U 146 7.57 -88.69 -0.89
N VAL U 147 6.39 -88.74 -1.51
CA VAL U 147 5.46 -87.61 -1.40
C VAL U 147 4.99 -87.46 0.04
N TYR U 148 4.93 -88.55 0.80
CA TYR U 148 4.41 -88.46 2.16
C TYR U 148 5.41 -87.83 3.12
N ARG U 149 6.69 -87.79 2.77
CA ARG U 149 7.64 -87.03 3.56
C ARG U 149 7.34 -85.54 3.49
N HIS U 150 6.97 -85.04 2.30
CA HIS U 150 6.59 -83.65 2.16
C HIS U 150 5.18 -83.39 2.69
N PHE U 151 4.29 -84.37 2.60
CA PHE U 151 2.92 -84.17 3.05
C PHE U 151 2.87 -84.01 4.56
N GLY U 152 2.05 -83.08 5.02
CA GLY U 152 1.91 -82.85 6.44
C GLY U 152 1.90 -81.38 6.81
N LYS U 153 2.47 -81.05 7.95
CA LYS U 153 2.50 -79.67 8.40
C LYS U 153 3.41 -78.84 7.50
N ALA U 154 3.25 -77.53 7.57
CA ALA U 154 4.18 -76.65 6.92
C ALA U 154 5.54 -76.76 7.59
N PRO U 155 6.63 -76.86 6.82
CA PRO U 155 7.95 -76.96 7.44
C PRO U 155 8.30 -75.78 8.32
N GLY U 156 7.83 -74.59 7.98
CA GLY U 156 8.16 -73.40 8.73
C GLY U 156 7.24 -73.14 9.91
N THR U 157 6.71 -74.21 10.50
CA THR U 157 5.88 -74.11 11.69
C THR U 157 6.44 -75.03 12.76
N PRO U 158 6.24 -74.72 14.03
CA PRO U 158 6.88 -75.50 15.09
C PRO U 158 6.43 -76.95 15.12
N HIS U 159 7.34 -77.82 15.56
CA HIS U 159 7.08 -79.25 15.72
C HIS U 159 6.61 -79.89 14.41
N SER U 160 7.20 -79.47 13.31
CA SER U 160 6.92 -80.02 12.00
C SER U 160 8.19 -80.62 11.43
N HIS U 161 8.08 -81.83 10.91
CA HIS U 161 9.23 -82.55 10.38
C HIS U 161 8.97 -82.98 8.95
N THR U 162 8.34 -82.11 8.17
CA THR U 162 8.06 -82.41 6.77
C THR U 162 9.23 -81.96 5.91
N LYS U 163 9.61 -82.82 4.98
CA LYS U 163 10.69 -82.51 4.06
C LYS U 163 10.22 -81.39 3.13
N PRO U 164 10.95 -80.29 3.04
CA PRO U 164 10.59 -79.24 2.07
C PRO U 164 11.09 -79.58 0.68
N TYR U 165 10.57 -78.84 -0.29
CA TYR U 165 10.96 -79.02 -1.68
C TYR U 165 12.15 -78.13 -1.96
N VAL U 166 13.33 -78.73 -2.10
CA VAL U 166 14.56 -78.02 -2.39
C VAL U 166 15.17 -78.61 -3.66
N ARG U 167 15.71 -77.74 -4.51
CA ARG U 167 16.33 -78.24 -5.74
C ARG U 167 17.62 -78.99 -5.47
N SER U 168 18.22 -78.83 -4.29
CA SER U 168 19.43 -79.54 -3.94
C SER U 168 19.51 -79.67 -2.42
N LYS U 169 20.32 -80.61 -1.98
CA LYS U 169 20.61 -80.78 -0.56
C LYS U 169 22.04 -80.32 -0.31
N GLY U 170 22.19 -79.33 0.56
CA GLY U 170 23.51 -78.80 0.87
C GLY U 170 23.37 -77.71 1.91
N ARG U 171 24.52 -77.30 2.44
CA ARG U 171 24.52 -76.32 3.52
C ARG U 171 24.07 -74.94 3.05
N LYS U 172 24.06 -74.68 1.76
CA LYS U 172 23.65 -73.37 1.25
C LYS U 172 22.16 -73.27 0.99
N PHE U 173 21.43 -74.37 1.06
CA PHE U 173 20.03 -74.42 0.62
C PHE U 173 19.13 -74.58 1.83
N GLU U 174 18.47 -73.49 2.22
CA GLU U 174 17.42 -73.49 3.23
C GLU U 174 17.91 -74.07 4.55
N ARG U 175 18.94 -73.43 5.12
CA ARG U 175 19.47 -73.83 6.40
C ARG U 175 19.77 -72.65 7.32
N ALA U 176 19.56 -71.42 6.88
CA ALA U 176 20.03 -70.29 7.68
C ALA U 176 18.97 -69.70 8.60
N ARG U 177 17.93 -69.10 8.05
CA ARG U 177 17.01 -68.26 8.82
C ARG U 177 15.70 -69.00 9.04
N GLY U 178 15.49 -69.50 10.24
CA GLY U 178 14.38 -70.37 10.55
C GLY U 178 14.79 -71.79 10.83
N ARG U 179 16.08 -72.11 10.68
CA ARG U 179 16.59 -73.44 10.95
C ARG U 179 17.59 -73.46 12.09
N ARG U 180 17.91 -72.31 12.67
CA ARG U 180 18.85 -72.24 13.77
C ARG U 180 18.61 -70.94 14.51
N ALA U 181 18.76 -70.96 15.83
CA ALA U 181 18.54 -69.75 16.61
C ALA U 181 19.63 -68.71 16.41
N SER U 182 20.74 -69.07 15.77
CA SER U 182 21.81 -68.12 15.50
C SER U 182 21.51 -67.20 14.33
N ARG U 183 20.51 -67.52 13.51
CA ARG U 183 20.09 -66.67 12.41
C ARG U 183 18.59 -66.44 12.54
N GLY U 184 18.22 -65.44 13.33
CA GLY U 184 16.83 -65.07 13.49
C GLY U 184 16.07 -65.89 14.51
N TYR U 185 15.72 -67.12 14.14
CA TYR U 185 14.89 -67.98 14.98
C TYR U 185 15.00 -69.40 14.47
N LYS U 186 14.45 -70.32 15.24
CA LYS U 186 14.49 -71.73 14.85
C LYS U 186 13.13 -72.39 14.79
N ASN U 187 12.24 -72.07 15.74
CA ASN U 187 10.93 -72.74 15.94
C ASN U 187 10.99 -74.26 15.79
N SER V 1 -15.63 -23.21 -88.20
CA SER V 1 -15.69 -24.22 -87.15
C SER V 1 -14.94 -23.77 -85.91
N MET V 2 -13.65 -23.47 -86.10
CA MET V 2 -12.82 -22.96 -85.01
C MET V 2 -11.62 -22.27 -85.64
N LEU V 3 -11.54 -20.95 -85.51
CA LEU V 3 -10.54 -20.15 -86.21
C LEU V 3 -9.49 -19.57 -85.25
N ARG V 4 -9.20 -20.30 -84.18
CA ARG V 4 -8.21 -19.83 -83.20
C ARG V 4 -6.83 -19.69 -83.85
N LEU V 5 -6.44 -20.70 -84.63
CA LEU V 5 -5.16 -20.66 -85.32
C LEU V 5 -5.10 -19.50 -86.28
N GLN V 6 -6.18 -19.28 -87.04
CA GLN V 6 -6.19 -18.19 -88.00
C GLN V 6 -6.07 -16.84 -87.30
N LYS V 7 -6.79 -16.66 -86.19
CA LYS V 7 -6.71 -15.38 -85.49
C LYS V 7 -5.32 -15.14 -84.92
N ARG V 8 -4.69 -16.18 -84.36
CA ARG V 8 -3.34 -16.02 -83.84
C ARG V 8 -2.35 -15.65 -84.95
N LEU V 9 -2.38 -16.40 -86.06
CA LEU V 9 -1.48 -16.11 -87.17
C LEU V 9 -1.75 -14.74 -87.77
N ALA V 10 -3.03 -14.36 -87.85
CA ALA V 10 -3.37 -13.07 -88.44
C ALA V 10 -2.87 -11.92 -87.59
N SER V 11 -3.03 -12.01 -86.27
CA SER V 11 -2.50 -10.97 -85.42
C SER V 11 -0.98 -10.90 -85.53
N SER V 12 -0.32 -12.06 -85.59
CA SER V 12 1.14 -12.05 -85.73
C SER V 12 1.59 -11.42 -87.04
N VAL V 13 0.92 -11.75 -88.14
CA VAL V 13 1.32 -11.21 -89.43
C VAL V 13 1.05 -9.72 -89.50
N LEU V 14 -0.14 -9.30 -89.07
CA LEU V 14 -0.48 -7.89 -89.07
C LEU V 14 0.32 -7.09 -88.04
N ARG V 15 1.02 -7.78 -87.13
CA ARG V 15 1.79 -7.14 -86.06
C ARG V 15 0.90 -6.28 -85.18
N CYS V 16 -0.31 -6.75 -84.94
CA CYS V 16 -1.27 -6.11 -84.06
C CYS V 16 -1.83 -7.15 -83.10
N GLY V 17 -2.66 -6.70 -82.17
CA GLY V 17 -3.30 -7.62 -81.26
C GLY V 17 -4.49 -8.32 -81.87
N LYS V 18 -4.96 -9.36 -81.17
CA LYS V 18 -6.12 -10.09 -81.63
C LYS V 18 -7.41 -9.28 -81.48
N LYS V 19 -7.36 -8.14 -80.80
CA LYS V 19 -8.52 -7.26 -80.76
C LYS V 19 -8.85 -6.72 -82.14
N LYS V 20 -7.82 -6.37 -82.90
CA LYS V 20 -8.00 -5.71 -84.18
C LYS V 20 -8.15 -6.67 -85.35
N VAL V 21 -8.01 -7.98 -85.11
CA VAL V 21 -8.15 -8.95 -86.19
C VAL V 21 -9.63 -9.06 -86.53
N TRP V 22 -10.01 -8.60 -87.71
CA TRP V 22 -11.37 -8.77 -88.21
C TRP V 22 -11.34 -9.92 -89.21
N LEU V 23 -11.97 -11.02 -88.86
CA LEU V 23 -12.14 -12.14 -89.76
C LEU V 23 -13.53 -12.07 -90.38
N ASP V 24 -13.64 -12.52 -91.62
CA ASP V 24 -14.91 -12.40 -92.31
C ASP V 24 -15.92 -13.37 -91.71
N PRO V 25 -17.06 -12.90 -91.20
CA PRO V 25 -18.05 -13.82 -90.65
C PRO V 25 -18.81 -14.59 -91.72
N ASN V 26 -18.69 -14.18 -92.99
CA ASN V 26 -19.33 -14.92 -94.06
C ASN V 26 -18.42 -16.03 -94.59
N GLU V 27 -17.14 -15.75 -94.74
CA GLU V 27 -16.20 -16.71 -95.31
C GLU V 27 -15.47 -17.52 -94.25
N THR V 28 -16.23 -18.12 -93.33
CA THR V 28 -15.63 -18.84 -92.21
C THR V 28 -14.80 -20.03 -92.68
N ASN V 29 -15.34 -20.82 -93.60
CA ASN V 29 -14.61 -21.99 -94.09
C ASN V 29 -13.40 -21.59 -94.94
N GLU V 30 -13.53 -20.53 -95.73
CA GLU V 30 -12.41 -20.05 -96.51
C GLU V 30 -11.27 -19.61 -95.61
N ILE V 31 -11.57 -18.89 -94.53
CA ILE V 31 -10.52 -18.53 -93.57
C ILE V 31 -9.95 -19.78 -92.91
N ALA V 32 -10.82 -20.72 -92.53
CA ALA V 32 -10.38 -21.96 -91.87
C ALA V 32 -9.41 -22.76 -92.73
N ASN V 33 -9.51 -22.64 -94.05
CA ASN V 33 -8.57 -23.37 -94.90
C ASN V 33 -7.12 -22.91 -94.73
N ALA V 34 -6.90 -21.70 -94.20
CA ALA V 34 -5.56 -21.08 -94.22
C ALA V 34 -4.79 -21.47 -92.96
N ASN V 35 -3.91 -22.45 -93.08
CA ASN V 35 -3.12 -22.93 -91.95
C ASN V 35 -1.69 -22.42 -91.94
N SER V 36 -1.32 -21.52 -92.85
CA SER V 36 0.05 -21.03 -92.93
C SER V 36 0.06 -19.51 -92.96
N ARG V 37 1.20 -18.95 -92.52
CA ARG V 37 1.33 -17.51 -92.44
C ARG V 37 1.26 -16.86 -93.82
N GLN V 38 1.84 -17.52 -94.82
CA GLN V 38 1.74 -16.97 -96.17
C GLN V 38 0.33 -17.08 -96.73
N GLN V 39 -0.42 -18.12 -96.34
CA GLN V 39 -1.85 -18.14 -96.63
C GLN V 39 -2.56 -16.96 -95.98
N ILE V 40 -2.18 -16.64 -94.75
CA ILE V 40 -2.79 -15.50 -94.07
C ILE V 40 -2.45 -14.21 -94.80
N ARG V 41 -1.22 -14.11 -95.31
CA ARG V 41 -0.86 -12.95 -96.11
C ARG V 41 -1.73 -12.85 -97.36
N LYS V 42 -1.96 -13.98 -98.02
CA LYS V 42 -2.84 -14.00 -99.18
C LYS V 42 -4.24 -13.53 -98.81
N LEU V 43 -4.75 -13.97 -97.66
CA LEU V 43 -6.07 -13.55 -97.22
C LEU V 43 -6.12 -12.06 -96.90
N ILE V 44 -5.07 -11.52 -96.28
CA ILE V 44 -5.04 -10.10 -95.98
C ILE V 44 -5.05 -9.29 -97.28
N LYS V 45 -4.25 -9.70 -98.26
CA LYS V 45 -4.24 -9.02 -99.55
C LYS V 45 -5.58 -9.12 -100.25
N ASP V 46 -6.22 -10.29 -100.17
CA ASP V 46 -7.55 -10.45 -100.75
C ASP V 46 -8.63 -9.73 -99.96
N GLY V 47 -8.33 -9.26 -98.75
CA GLY V 47 -9.29 -8.47 -98.01
C GLY V 47 -10.32 -9.25 -97.26
N LEU V 48 -10.05 -10.51 -96.92
CA LEU V 48 -10.91 -11.25 -96.02
C LEU V 48 -10.45 -11.15 -94.56
N ILE V 49 -9.28 -10.57 -94.32
CA ILE V 49 -8.81 -10.25 -92.98
C ILE V 49 -8.39 -8.78 -92.98
N ILE V 50 -8.94 -8.00 -92.07
CA ILE V 50 -8.71 -6.56 -92.03
C ILE V 50 -8.33 -6.17 -90.62
N ARG V 51 -7.30 -5.35 -90.49
CA ARG V 51 -6.96 -4.76 -89.21
C ARG V 51 -7.94 -3.63 -88.91
N LYS V 52 -8.68 -3.76 -87.83
CA LYS V 52 -9.66 -2.76 -87.47
C LYS V 52 -8.97 -1.46 -87.09
N PRO V 53 -9.65 -0.32 -87.25
CA PRO V 53 -9.05 0.94 -86.84
C PRO V 53 -8.87 1.02 -85.33
N VAL V 54 -7.83 1.74 -84.92
CA VAL V 54 -7.58 1.96 -83.50
C VAL V 54 -8.76 2.70 -82.89
N THR V 55 -9.12 2.33 -81.66
CA THR V 55 -10.17 3.05 -80.96
C THR V 55 -9.76 4.49 -80.77
N VAL V 56 -10.73 5.39 -80.92
CA VAL V 56 -10.45 6.82 -80.88
C VAL V 56 -10.48 7.30 -79.44
N HIS V 57 -9.36 7.82 -78.96
CA HIS V 57 -9.28 8.49 -77.66
C HIS V 57 -8.85 9.92 -77.97
N SER V 58 -9.83 10.77 -78.24
CA SER V 58 -9.54 12.12 -78.69
C SER V 58 -9.01 12.97 -77.54
N ARG V 59 -8.12 13.89 -77.89
CA ARG V 59 -7.52 14.81 -76.94
C ARG V 59 -8.12 16.22 -77.05
N ALA V 60 -9.20 16.38 -77.80
CA ALA V 60 -9.76 17.70 -78.04
C ALA V 60 -10.41 18.29 -76.80
N ARG V 61 -11.10 17.45 -76.01
CA ARG V 61 -11.70 17.92 -74.76
C ARG V 61 -10.63 18.42 -73.81
N CYS V 62 -9.54 17.66 -73.66
CA CYS V 62 -8.43 18.10 -72.84
C CYS V 62 -7.80 19.36 -73.40
N ARG V 63 -7.71 19.47 -74.73
CA ARG V 63 -7.11 20.67 -75.33
C ARG V 63 -7.93 21.91 -75.03
N LYS V 64 -9.25 21.80 -75.13
CA LYS V 64 -10.12 22.93 -74.79
C LYS V 64 -9.96 23.31 -73.32
N ASN V 65 -9.93 22.30 -72.44
CA ASN V 65 -9.75 22.58 -71.01
C ASN V 65 -8.39 23.22 -70.76
N THR V 66 -7.35 22.81 -71.49
CA THR V 66 -6.01 23.32 -71.28
C THR V 66 -5.88 24.75 -71.79
N LEU V 67 -6.55 25.09 -72.89
CA LEU V 67 -6.61 26.49 -73.29
C LEU V 67 -7.34 27.34 -72.25
N ALA V 68 -8.41 26.81 -71.66
CA ALA V 68 -9.07 27.52 -70.57
C ALA V 68 -8.13 27.72 -69.39
N ARG V 69 -7.35 26.70 -69.05
CA ARG V 69 -6.44 26.80 -67.92
C ARG V 69 -5.30 27.77 -68.20
N ARG V 70 -4.85 27.85 -69.47
CA ARG V 70 -3.87 28.86 -69.83
C ARG V 70 -4.45 30.25 -69.69
N LYS V 71 -5.71 30.44 -70.10
CA LYS V 71 -6.38 31.72 -69.87
C LYS V 71 -6.54 32.02 -68.38
N GLY V 72 -6.62 31.00 -67.55
CA GLY V 72 -6.66 31.18 -66.10
C GLY V 72 -7.84 30.53 -65.41
N ARG V 73 -8.78 29.95 -66.14
CA ARG V 73 -9.93 29.33 -65.51
C ARG V 73 -9.53 28.02 -64.84
N HIS V 74 -10.45 27.49 -64.05
CA HIS V 74 -10.30 26.21 -63.35
C HIS V 74 -9.08 26.17 -62.42
N MET V 75 -8.54 27.32 -62.04
CA MET V 75 -7.47 27.35 -61.04
C MET V 75 -8.01 27.63 -59.64
N GLY V 76 -8.61 28.80 -59.44
CA GLY V 76 -9.28 29.17 -58.21
C GLY V 76 -8.56 28.81 -56.93
N ILE V 77 -9.33 28.44 -55.91
CA ILE V 77 -8.78 27.85 -54.70
C ILE V 77 -9.42 26.48 -54.54
N GLY V 78 -10.59 26.30 -55.16
CA GLY V 78 -11.29 25.05 -55.11
C GLY V 78 -10.79 23.98 -56.04
N LYS V 79 -9.76 24.28 -56.83
CA LYS V 79 -9.19 23.30 -57.74
C LYS V 79 -7.77 22.90 -57.37
N ARG V 80 -7.30 23.31 -56.20
CA ARG V 80 -5.94 23.03 -55.76
C ARG V 80 -5.96 21.97 -54.67
N LYS V 81 -5.32 20.84 -54.91
CA LYS V 81 -5.07 19.87 -53.87
C LYS V 81 -3.65 19.94 -53.35
N GLY V 82 -2.68 20.27 -54.18
CA GLY V 82 -1.32 20.36 -53.72
C GLY V 82 -1.06 21.60 -52.90
N THR V 83 -0.02 21.51 -52.09
CA THR V 83 0.48 22.68 -51.38
C THR V 83 1.02 23.67 -52.41
N ALA V 84 1.05 24.96 -52.04
CA ALA V 84 1.61 25.96 -52.93
C ALA V 84 3.04 25.63 -53.31
N ASN V 85 3.83 25.12 -52.35
CA ASN V 85 5.18 24.68 -52.66
C ASN V 85 5.17 23.50 -53.62
N ALA V 86 4.25 22.57 -53.45
CA ALA V 86 4.19 21.42 -54.35
C ALA V 86 3.83 21.86 -55.77
N ARG V 87 2.92 22.82 -55.89
CA ARG V 87 2.53 23.30 -57.21
C ARG V 87 3.66 24.07 -57.88
N MET V 88 4.34 24.93 -57.14
CA MET V 88 5.47 25.69 -57.69
C MET V 88 6.54 25.73 -56.62
N PRO V 89 7.56 24.89 -56.71
CA PRO V 89 8.56 24.81 -55.64
C PRO V 89 9.29 26.12 -55.44
N GLU V 90 9.50 26.47 -54.18
CA GLU V 90 10.21 27.70 -53.85
C GLU V 90 11.66 27.63 -54.28
N LYS V 91 12.28 26.45 -54.19
CA LYS V 91 13.64 26.32 -54.70
C LYS V 91 13.71 26.52 -56.20
N VAL V 92 12.73 25.99 -56.94
CA VAL V 92 12.71 26.17 -58.38
C VAL V 92 12.53 27.64 -58.73
N THR V 93 11.60 28.30 -58.06
CA THR V 93 11.37 29.72 -58.33
C THR V 93 12.59 30.56 -57.98
N TRP V 94 13.22 30.27 -56.84
CA TRP V 94 14.40 31.01 -56.43
C TRP V 94 15.55 30.78 -57.40
N MET V 95 15.73 29.55 -57.86
CA MET V 95 16.77 29.26 -58.83
C MET V 95 16.52 29.97 -60.15
N ARG V 96 15.26 30.01 -60.59
CA ARG V 96 14.91 30.75 -61.80
C ARG V 96 15.27 32.22 -61.66
N ARG V 97 14.86 32.84 -60.55
CA ARG V 97 15.11 34.26 -60.35
C ARG V 97 16.61 34.54 -60.25
N MET V 98 17.35 33.68 -59.55
CA MET V 98 18.79 33.87 -59.45
C MET V 98 19.44 33.79 -60.82
N ARG V 99 19.03 32.82 -61.64
CA ARG V 99 19.61 32.71 -62.97
C ARG V 99 19.31 33.95 -63.81
N ILE V 100 18.08 34.43 -63.78
CA ILE V 100 17.71 35.60 -64.57
C ILE V 100 18.52 36.81 -64.13
N LEU V 101 18.57 37.07 -62.83
CA LEU V 101 19.24 38.26 -62.33
C LEU V 101 20.74 38.20 -62.57
N ARG V 102 21.36 37.04 -62.32
CA ARG V 102 22.79 36.92 -62.56
C ARG V 102 23.13 37.03 -64.03
N ARG V 103 22.27 36.50 -64.91
CA ARG V 103 22.49 36.68 -66.34
C ARG V 103 22.43 38.15 -66.72
N LEU V 104 21.45 38.88 -66.16
CA LEU V 104 21.34 40.29 -66.46
C LEU V 104 22.58 41.05 -65.98
N LEU V 105 23.08 40.71 -64.79
CA LEU V 105 24.28 41.36 -64.28
C LEU V 105 25.50 41.06 -65.15
N ARG V 106 25.65 39.80 -65.57
CA ARG V 106 26.76 39.44 -66.45
C ARG V 106 26.70 40.22 -67.76
N ARG V 107 25.49 40.38 -68.31
CA ARG V 107 25.35 41.09 -69.57
C ARG V 107 25.61 42.59 -69.42
N TYR V 108 25.19 43.19 -68.30
CA TYR V 108 25.56 44.58 -68.06
C TYR V 108 27.07 44.74 -67.91
N ARG V 109 27.73 43.79 -67.27
CA ARG V 109 29.18 43.87 -67.17
C ARG V 109 29.83 43.77 -68.54
N GLU V 110 29.32 42.88 -69.40
CA GLU V 110 29.84 42.77 -70.75
C GLU V 110 29.62 44.06 -71.53
N SER V 111 28.44 44.65 -71.40
CA SER V 111 28.13 45.90 -72.09
C SER V 111 28.73 47.12 -71.40
N LYS V 112 29.46 46.92 -70.31
CA LYS V 112 30.19 47.99 -69.63
C LYS V 112 29.26 49.05 -69.07
N LYS V 113 28.01 48.66 -68.77
CA LYS V 113 27.12 49.58 -68.06
C LYS V 113 27.50 49.67 -66.59
N ILE V 114 27.97 48.57 -66.02
CA ILE V 114 28.42 48.53 -64.63
C ILE V 114 29.82 47.93 -64.59
N ASP V 115 30.66 48.49 -63.72
CA ASP V 115 32.03 48.03 -63.60
C ASP V 115 32.11 46.79 -62.72
N ARG V 116 33.34 46.32 -62.50
CA ARG V 116 33.54 45.12 -61.69
C ARG V 116 33.07 45.31 -60.26
N HIS V 117 33.34 46.47 -59.67
CA HIS V 117 33.06 46.67 -58.26
C HIS V 117 31.57 46.83 -58.01
N MET V 118 30.88 47.61 -58.84
CA MET V 118 29.43 47.66 -58.75
C MET V 118 28.81 46.31 -59.07
N TYR V 119 29.41 45.56 -59.99
CA TYR V 119 28.92 44.22 -60.30
C TYR V 119 29.02 43.31 -59.09
N HIS V 120 30.15 43.34 -58.38
CA HIS V 120 30.31 42.48 -57.22
C HIS V 120 29.37 42.88 -56.10
N SER V 121 29.23 44.19 -55.84
CA SER V 121 28.31 44.61 -54.80
C SER V 121 26.88 44.22 -55.12
N LEU V 122 26.46 44.42 -56.38
CA LEU V 122 25.11 44.04 -56.77
C LEU V 122 24.92 42.53 -56.77
N TYR V 123 25.96 41.77 -57.09
CA TYR V 123 25.88 40.32 -57.03
C TYR V 123 25.64 39.85 -55.60
N LEU V 124 26.37 40.42 -54.64
CA LEU V 124 26.13 40.06 -53.25
C LEU V 124 24.74 40.48 -52.80
N LYS V 125 24.28 41.65 -53.23
CA LYS V 125 22.93 42.09 -52.88
C LYS V 125 21.86 41.15 -53.47
N VAL V 126 22.05 40.72 -54.72
CA VAL V 126 21.12 39.79 -55.36
C VAL V 126 21.08 38.47 -54.60
N LYS V 127 22.25 37.96 -54.22
CA LYS V 127 22.29 36.76 -53.39
C LYS V 127 21.62 36.99 -52.04
N GLY V 128 21.70 38.20 -51.52
CA GLY V 128 21.00 38.57 -50.30
C GLY V 128 19.54 38.89 -50.46
N ASN V 129 19.03 38.80 -51.68
CA ASN V 129 17.60 38.88 -51.97
C ASN V 129 17.03 40.25 -51.58
N VAL V 130 17.54 41.28 -52.26
CA VAL V 130 16.97 42.61 -52.17
C VAL V 130 16.31 43.05 -53.46
N PHE V 131 16.37 42.24 -54.51
CA PHE V 131 15.71 42.54 -55.77
C PHE V 131 14.82 41.37 -56.16
N LYS V 132 13.52 41.65 -56.29
CA LYS V 132 12.55 40.63 -56.63
C LYS V 132 12.29 40.51 -58.12
N ASN V 133 12.60 41.53 -58.91
CA ASN V 133 12.36 41.49 -60.34
C ASN V 133 13.55 42.06 -61.09
N LYS V 134 13.68 41.60 -62.34
CA LYS V 134 14.62 42.18 -63.27
C LYS V 134 14.40 43.68 -63.41
N ARG V 135 13.14 44.10 -63.44
CA ARG V 135 12.83 45.53 -63.54
C ARG V 135 13.30 46.28 -62.30
N ILE V 136 13.11 45.69 -61.10
CA ILE V 136 13.56 46.33 -59.88
C ILE V 136 15.07 46.53 -59.90
N LEU V 137 15.80 45.48 -60.31
CA LEU V 137 17.24 45.61 -60.45
C LEU V 137 17.61 46.67 -61.47
N MET V 138 16.87 46.76 -62.58
CA MET V 138 17.13 47.77 -63.60
C MET V 138 16.98 49.18 -63.05
N GLU V 139 15.88 49.44 -62.35
CA GLU V 139 15.64 50.78 -61.80
C GLU V 139 16.71 51.13 -60.78
N HIS V 140 17.07 50.19 -59.91
CA HIS V 140 18.11 50.45 -58.94
C HIS V 140 19.44 50.77 -59.62
N ILE V 141 19.75 50.04 -60.69
CA ILE V 141 21.01 50.29 -61.41
C ILE V 141 20.99 51.68 -62.02
N HIS V 142 19.87 52.09 -62.60
CA HIS V 142 19.82 53.43 -63.20
C HIS V 142 20.01 54.51 -62.15
N LYS V 143 19.34 54.37 -61.00
CA LYS V 143 19.52 55.35 -59.93
C LYS V 143 20.96 55.37 -59.44
N LEU V 144 21.56 54.18 -59.29
CA LEU V 144 22.93 54.09 -58.80
C LEU V 144 23.90 54.73 -59.76
N LYS V 145 23.73 54.49 -61.06
CA LYS V 145 24.59 55.10 -62.06
C LYS V 145 24.42 56.62 -62.09
N ALA V 146 23.19 57.11 -61.93
CA ALA V 146 22.97 58.55 -61.89
C ALA V 146 23.66 59.19 -60.70
N ASP V 147 23.52 58.59 -59.52
CA ASP V 147 24.17 59.14 -58.33
C ASP V 147 25.69 59.10 -58.47
N LYS V 148 26.23 57.99 -58.97
CA LYS V 148 27.66 57.88 -59.15
C LYS V 148 28.17 58.89 -60.18
N ALA V 149 27.39 59.11 -61.25
CA ALA V 149 27.75 60.09 -62.26
C ALA V 149 27.78 61.50 -61.68
N ARG V 150 26.82 61.84 -60.82
CA ARG V 150 26.85 63.16 -60.20
C ARG V 150 28.03 63.31 -59.25
N LYS V 151 28.35 62.25 -58.49
CA LYS V 151 29.53 62.31 -57.62
C LYS V 151 30.80 62.51 -58.43
N LYS V 152 30.94 61.79 -59.54
CA LYS V 152 32.11 61.96 -60.40
C LYS V 152 32.14 63.34 -61.03
N LEU V 153 30.98 63.88 -61.41
CA LEU V 153 30.91 65.18 -62.05
C LEU V 153 31.28 66.30 -61.09
N LEU V 154 30.94 66.15 -59.81
CA LEU V 154 31.42 67.11 -58.84
C LEU V 154 32.90 66.91 -58.51
N ALA V 155 33.33 65.65 -58.42
CA ALA V 155 34.70 65.36 -58.04
C ALA V 155 35.70 65.91 -59.05
N ASP V 156 35.46 65.67 -60.34
CA ASP V 156 36.43 66.17 -61.31
C ASP V 156 36.33 67.67 -61.52
N GLN V 157 35.18 68.29 -61.24
CA GLN V 157 35.11 69.74 -61.22
C GLN V 157 35.99 70.31 -60.10
N ALA V 158 35.90 69.72 -58.91
CA ALA V 158 36.79 70.13 -57.83
C ALA V 158 38.25 69.86 -58.18
N GLU V 159 38.52 68.74 -58.86
CA GLU V 159 39.89 68.42 -59.28
C GLU V 159 40.44 69.50 -60.19
N ALA V 160 39.64 69.90 -61.19
CA ALA V 160 40.08 70.96 -62.09
C ALA V 160 40.26 72.29 -61.38
N ARG V 161 39.38 72.61 -60.43
CA ARG V 161 39.55 73.86 -59.69
C ARG V 161 40.84 73.87 -58.87
N ARG V 162 41.10 72.79 -58.13
CA ARG V 162 42.30 72.76 -57.31
C ARG V 162 43.56 72.69 -58.16
N SER V 163 43.52 72.01 -59.31
CA SER V 163 44.66 72.02 -60.20
C SER V 163 44.89 73.37 -60.83
N LYS V 164 43.80 74.09 -61.17
CA LYS V 164 43.94 75.44 -61.67
C LYS V 164 44.63 76.33 -60.65
N THR V 165 44.14 76.30 -59.40
CA THR V 165 44.74 77.16 -58.37
C THR V 165 46.19 76.78 -58.12
N LYS V 166 46.50 75.48 -58.04
CA LYS V 166 47.86 75.07 -57.77
C LYS V 166 48.80 75.45 -58.91
N GLU V 167 48.39 75.22 -60.15
CA GLU V 167 49.25 75.56 -61.29
C GLU V 167 49.44 77.07 -61.40
N ALA V 168 48.37 77.84 -61.21
CA ALA V 168 48.48 79.29 -61.31
C ALA V 168 49.39 79.85 -60.22
N ARG V 169 49.26 79.31 -59.00
CA ARG V 169 50.16 79.74 -57.93
C ARG V 169 51.59 79.30 -58.21
N LYS V 170 51.76 78.14 -58.84
CA LYS V 170 53.09 77.67 -59.22
C LYS V 170 53.77 78.64 -60.17
N ARG V 171 53.06 79.03 -61.24
CA ARG V 171 53.68 79.98 -62.16
C ARG V 171 53.77 81.38 -61.58
N ARG V 172 52.88 81.75 -60.66
CA ARG V 172 52.98 83.05 -60.00
C ARG V 172 54.23 83.12 -59.13
N GLU V 173 54.55 82.05 -58.39
CA GLU V 173 55.77 82.06 -57.61
C GLU V 173 57.01 81.86 -58.48
N GLU V 174 56.88 81.16 -59.61
CA GLU V 174 57.95 81.18 -60.61
C GLU V 174 58.24 82.60 -61.07
N ARG V 175 57.19 83.39 -61.32
CA ARG V 175 57.37 84.79 -61.70
C ARG V 175 57.97 85.62 -60.58
N LEU V 176 57.58 85.35 -59.33
CA LEU V 176 58.18 86.08 -58.21
C LEU V 176 59.67 85.80 -58.09
N GLN V 177 60.08 84.52 -58.18
CA GLN V 177 61.50 84.22 -58.08
C GLN V 177 62.27 84.68 -59.33
N ALA V 178 61.62 84.74 -60.49
CA ALA V 178 62.25 85.38 -61.65
C ALA V 178 62.44 86.87 -61.42
N LYS V 179 61.47 87.53 -60.77
CA LYS V 179 61.60 88.94 -60.42
C LYS V 179 62.78 89.15 -59.48
N LYS V 180 62.93 88.25 -58.50
CA LYS V 180 64.11 88.31 -57.63
C LYS V 180 65.39 88.10 -58.41
N GLU V 181 65.39 87.17 -59.37
CA GLU V 181 66.58 86.92 -60.18
C GLU V 181 66.98 88.16 -60.98
N GLU V 182 66.01 88.81 -61.62
CA GLU V 182 66.33 90.01 -62.39
C GLU V 182 66.77 91.16 -61.48
N ILE V 183 66.18 91.27 -60.30
CA ILE V 183 66.62 92.30 -59.34
C ILE V 183 68.08 92.07 -58.97
N ILE V 184 68.43 90.84 -58.61
CA ILE V 184 69.78 90.60 -58.11
C ILE V 184 70.81 90.67 -59.24
N LYS V 185 70.41 90.38 -60.49
CA LYS V 185 71.37 90.57 -61.57
C LYS V 185 71.54 92.04 -61.92
N THR V 186 70.47 92.84 -61.86
CA THR V 186 70.60 94.27 -62.09
C THR V 186 71.46 94.92 -61.01
N LEU V 187 71.27 94.53 -59.76
CA LEU V 187 72.05 95.07 -58.66
C LEU V 187 73.44 94.43 -58.61
N LYS W 1 -55.07 -61.35 20.31
CA LYS W 1 -56.26 -62.19 20.38
C LYS W 1 -57.28 -61.75 19.35
N ALA W 2 -57.85 -62.71 18.64
CA ALA W 2 -58.85 -62.43 17.61
C ALA W 2 -60.25 -62.51 18.22
N SER W 3 -61.27 -62.56 17.36
CA SER W 3 -62.65 -62.60 17.79
C SER W 3 -63.41 -63.56 16.89
N GLY W 4 -64.73 -63.46 16.92
CA GLY W 4 -65.62 -64.39 16.26
C GLY W 4 -66.98 -64.27 16.91
N THR W 5 -67.52 -65.37 17.39
CA THR W 5 -68.59 -65.33 18.37
C THR W 5 -68.02 -65.85 19.68
N LEU W 6 -67.88 -64.97 20.66
CA LEU W 6 -67.20 -65.33 21.89
C LEU W 6 -68.00 -66.33 22.69
N ARG W 7 -67.29 -67.16 23.44
CA ARG W 7 -67.90 -68.10 24.36
C ARG W 7 -67.33 -67.88 25.75
N GLU W 8 -68.17 -68.10 26.75
CA GLU W 8 -67.76 -67.98 28.14
C GLU W 8 -67.19 -69.30 28.63
N TYR W 9 -66.07 -69.23 29.34
CA TYR W 9 -65.39 -70.39 29.84
C TYR W 9 -65.15 -70.23 31.33
N LYS W 10 -65.50 -71.25 32.08
CA LYS W 10 -65.14 -71.36 33.48
C LYS W 10 -63.81 -72.10 33.53
N VAL W 11 -62.78 -71.44 34.02
CA VAL W 11 -61.44 -72.01 34.10
C VAL W 11 -61.02 -72.03 35.56
N VAL W 12 -60.72 -73.22 36.06
CA VAL W 12 -60.24 -73.41 37.43
C VAL W 12 -58.84 -73.97 37.36
N GLY W 13 -57.91 -73.33 38.06
CA GLY W 13 -56.52 -73.74 38.05
C GLY W 13 -55.90 -73.59 39.43
N ARG W 14 -54.67 -74.08 39.53
CA ARG W 14 -53.94 -74.00 40.80
C ARG W 14 -52.45 -74.20 40.55
N CYS W 15 -51.65 -73.72 41.49
CA CYS W 15 -50.22 -73.95 41.46
C CYS W 15 -49.93 -75.45 41.62
N LEU W 16 -48.70 -75.82 41.30
CA LEU W 16 -48.33 -77.22 41.38
C LEU W 16 -48.03 -77.61 42.83
N PRO W 17 -48.19 -78.89 43.17
CA PRO W 17 -47.85 -79.32 44.53
C PRO W 17 -46.36 -79.32 44.75
N THR W 18 -45.96 -78.88 45.94
CA THR W 18 -44.58 -78.86 46.38
C THR W 18 -44.55 -79.30 47.83
N PRO W 19 -43.38 -79.72 48.33
CA PRO W 19 -43.29 -80.02 49.77
C PRO W 19 -43.65 -78.85 50.65
N LYS W 20 -43.45 -77.62 50.18
CA LYS W 20 -43.86 -76.46 50.96
C LYS W 20 -45.37 -76.41 51.16
N CYS W 21 -46.13 -76.68 50.10
CA CYS W 21 -47.59 -76.57 50.14
C CYS W 21 -48.19 -77.77 49.45
N HIS W 22 -48.84 -78.64 50.23
CA HIS W 22 -49.40 -79.88 49.68
C HIS W 22 -50.63 -79.60 48.82
N THR W 23 -51.54 -78.76 49.31
CA THR W 23 -52.80 -78.48 48.64
C THR W 23 -52.90 -76.98 48.41
N PRO W 24 -52.34 -76.47 47.32
CA PRO W 24 -52.40 -75.04 47.07
C PRO W 24 -53.82 -74.60 46.77
N PRO W 25 -54.16 -73.34 47.00
CA PRO W 25 -55.52 -72.88 46.77
C PRO W 25 -55.87 -72.88 45.29
N LEU W 26 -57.15 -73.12 45.01
CA LEU W 26 -57.67 -73.14 43.65
C LEU W 26 -58.28 -71.78 43.32
N TYR W 27 -58.24 -71.43 42.04
CA TYR W 27 -58.78 -70.16 41.58
C TYR W 27 -59.64 -70.40 40.35
N ARG W 28 -60.70 -69.61 40.24
CA ARG W 28 -61.67 -69.71 39.16
C ARG W 28 -61.80 -68.38 38.45
N MET W 29 -61.94 -68.42 37.14
CA MET W 29 -62.14 -67.22 36.35
C MET W 29 -63.15 -67.49 35.24
N ARG W 30 -63.83 -66.41 34.85
CA ARG W 30 -64.75 -66.42 33.71
C ARG W 30 -64.04 -65.71 32.55
N ILE W 31 -63.74 -66.46 31.50
CA ILE W 31 -62.93 -65.97 30.38
C ILE W 31 -63.78 -66.03 29.12
N PHE W 32 -63.85 -64.92 28.40
CA PHE W 32 -64.61 -64.86 27.16
C PHE W 32 -63.64 -64.95 26.00
N ALA W 33 -63.68 -66.08 25.28
CA ALA W 33 -62.69 -66.38 24.28
C ALA W 33 -63.35 -67.04 23.09
N PRO W 34 -62.73 -66.98 21.90
CA PRO W 34 -63.24 -67.73 20.76
C PRO W 34 -63.27 -69.24 20.99
N ASN W 35 -62.29 -69.78 21.72
CA ASN W 35 -62.27 -71.21 21.99
C ASN W 35 -61.50 -71.46 23.28
N HIS W 36 -61.46 -72.74 23.68
CA HIS W 36 -60.92 -73.10 24.98
C HIS W 36 -59.41 -72.89 25.05
N VAL W 37 -58.70 -73.02 23.94
CA VAL W 37 -57.26 -72.81 23.96
C VAL W 37 -56.93 -71.35 24.30
N VAL W 38 -57.59 -70.42 23.61
CA VAL W 38 -57.41 -69.02 23.92
C VAL W 38 -57.92 -68.72 25.32
N ALA W 39 -58.97 -69.42 25.75
CA ALA W 39 -59.45 -69.25 27.12
C ALA W 39 -58.36 -69.60 28.13
N LYS W 40 -57.68 -70.72 27.91
CA LYS W 40 -56.60 -71.11 28.80
C LYS W 40 -55.45 -70.12 28.76
N SER W 41 -55.11 -69.62 27.58
CA SER W 41 -54.05 -68.63 27.47
C SER W 41 -54.39 -67.37 28.24
N ARG W 42 -55.61 -66.87 28.09
CA ARG W 42 -56.01 -65.67 28.82
C ARG W 42 -56.09 -65.92 30.32
N PHE W 43 -56.48 -67.13 30.72
CA PHE W 43 -56.52 -67.45 32.15
C PHE W 43 -55.13 -67.37 32.76
N TRP W 44 -54.14 -67.95 32.08
CA TRP W 44 -52.79 -67.86 32.60
C TRP W 44 -52.30 -66.42 32.59
N TYR W 45 -52.67 -65.65 31.56
CA TYR W 45 -52.29 -64.24 31.52
C TYR W 45 -52.87 -63.49 32.72
N PHE W 46 -54.11 -63.78 33.09
CA PHE W 46 -54.75 -63.06 34.18
C PHE W 46 -54.20 -63.47 35.54
N VAL W 47 -54.00 -64.77 35.77
CA VAL W 47 -53.46 -65.17 37.06
C VAL W 47 -52.01 -64.76 37.19
N SER W 48 -51.30 -64.57 36.08
CA SER W 48 -49.96 -64.02 36.17
C SER W 48 -49.96 -62.60 36.73
N GLN W 49 -50.96 -61.80 36.41
CA GLN W 49 -51.09 -60.46 37.01
C GLN W 49 -51.55 -60.53 38.45
N LEU W 50 -52.54 -61.38 38.74
CA LEU W 50 -53.13 -61.38 40.08
C LEU W 50 -52.18 -62.02 41.09
N LYS W 51 -51.79 -63.26 40.86
CA LYS W 51 -50.93 -63.99 41.76
C LYS W 51 -49.56 -64.18 41.11
N LYS W 52 -48.61 -64.68 41.90
CA LYS W 52 -47.30 -65.04 41.36
C LYS W 52 -47.33 -66.47 40.84
N MET W 53 -48.23 -66.69 39.88
CA MET W 53 -48.50 -67.99 39.31
C MET W 53 -48.13 -68.00 37.84
N LYS W 54 -47.50 -69.07 37.40
CA LYS W 54 -47.01 -69.20 36.04
C LYS W 54 -47.61 -70.45 35.42
N LYS W 55 -47.66 -70.46 34.08
CA LYS W 55 -48.18 -71.63 33.38
C LYS W 55 -47.34 -72.86 33.68
N SER W 56 -46.01 -72.70 33.67
CA SER W 56 -45.14 -73.82 34.00
C SER W 56 -45.19 -74.17 35.48
N SER W 57 -45.65 -73.25 36.33
CA SER W 57 -45.73 -73.49 37.75
C SER W 57 -47.12 -73.92 38.22
N GLY W 58 -48.07 -74.04 37.31
CA GLY W 58 -49.41 -74.41 37.69
C GLY W 58 -50.06 -75.40 36.75
N GLU W 59 -51.37 -75.56 36.87
CA GLU W 59 -52.12 -76.46 36.01
C GLU W 59 -53.58 -76.04 36.01
N ILE W 60 -54.26 -76.37 34.93
CA ILE W 60 -55.66 -76.03 34.73
C ILE W 60 -56.48 -77.28 34.98
N VAL W 61 -57.12 -77.36 36.15
CA VAL W 61 -57.89 -78.54 36.52
C VAL W 61 -59.27 -78.56 35.90
N TYR W 62 -59.77 -77.43 35.42
CA TYR W 62 -61.07 -77.44 34.76
C TYR W 62 -61.13 -76.33 33.73
N CYS W 63 -61.72 -76.64 32.57
CA CYS W 63 -62.00 -75.61 31.56
C CYS W 63 -63.27 -76.06 30.82
N GLY W 64 -64.39 -75.49 31.20
CA GLY W 64 -65.67 -75.88 30.62
C GLY W 64 -66.49 -74.67 30.22
N GLN W 65 -67.19 -74.80 29.10
CA GLN W 65 -68.00 -73.69 28.63
C GLN W 65 -69.15 -73.44 29.59
N VAL W 66 -69.43 -72.16 29.84
CA VAL W 66 -70.52 -71.75 30.70
C VAL W 66 -71.69 -71.44 29.79
N PHE W 67 -72.61 -72.38 29.66
CA PHE W 67 -73.80 -72.15 28.86
C PHE W 67 -74.62 -71.03 29.47
N GLU W 68 -75.26 -70.23 28.61
CA GLU W 68 -76.13 -69.17 29.08
C GLU W 68 -77.30 -69.77 29.84
N LYS W 69 -77.59 -69.21 31.00
CA LYS W 69 -78.61 -69.80 31.86
C LYS W 69 -80.00 -69.69 31.25
N SER W 70 -80.37 -68.50 30.77
CA SER W 70 -81.69 -68.24 30.24
C SER W 70 -81.59 -67.51 28.91
N PRO W 71 -81.18 -68.21 27.84
CA PRO W 71 -81.03 -67.56 26.53
C PRO W 71 -82.34 -67.17 25.87
N LEU W 72 -83.48 -67.37 26.53
CA LEU W 72 -84.76 -66.95 25.98
C LEU W 72 -85.30 -65.71 26.66
N ARG W 73 -84.44 -64.96 27.35
CA ARG W 73 -84.86 -63.81 28.13
C ARG W 73 -83.99 -62.61 27.77
N VAL W 74 -84.62 -61.50 27.45
CA VAL W 74 -83.92 -60.26 27.19
C VAL W 74 -83.47 -59.66 28.52
N LYS W 75 -82.21 -59.27 28.61
CA LYS W 75 -81.69 -58.77 29.87
C LYS W 75 -80.68 -57.66 29.61
N ASN W 76 -80.31 -56.97 30.69
CA ASN W 76 -79.43 -55.81 30.62
C ASN W 76 -78.09 -56.17 31.24
N PHE W 77 -77.02 -56.03 30.46
CA PHE W 77 -75.69 -56.40 30.88
C PHE W 77 -74.87 -55.15 31.14
N GLY W 78 -74.32 -55.05 32.35
CA GLY W 78 -73.36 -54.02 32.66
C GLY W 78 -71.97 -54.63 32.67
N ILE W 79 -71.05 -54.03 31.92
CA ILE W 79 -69.71 -54.56 31.76
C ILE W 79 -68.73 -53.51 32.25
N TRP W 80 -68.01 -53.83 33.32
CA TRP W 80 -66.86 -53.05 33.75
C TRP W 80 -65.62 -53.59 33.07
N LEU W 81 -64.86 -52.70 32.46
CA LEU W 81 -63.67 -53.13 31.74
C LEU W 81 -62.59 -52.08 31.89
N ARG W 82 -61.38 -52.46 31.48
CA ARG W 82 -60.25 -51.54 31.39
C ARG W 82 -59.54 -51.81 30.08
N TYR W 83 -59.09 -50.75 29.42
CA TYR W 83 -58.47 -50.91 28.11
C TYR W 83 -57.28 -49.98 27.98
N ASP W 84 -56.34 -50.38 27.13
CA ASP W 84 -55.17 -49.57 26.84
C ASP W 84 -55.49 -48.69 25.65
N SER W 85 -55.55 -47.39 25.87
CA SER W 85 -55.76 -46.43 24.80
C SER W 85 -54.41 -46.04 24.19
N ARG W 86 -54.41 -44.99 23.36
CA ARG W 86 -53.18 -44.51 22.77
C ARG W 86 -52.39 -43.61 23.71
N SER W 87 -52.99 -43.16 24.82
CA SER W 87 -52.31 -42.23 25.70
C SER W 87 -52.51 -42.55 27.17
N GLY W 88 -52.87 -43.77 27.51
CA GLY W 88 -53.07 -44.14 28.89
C GLY W 88 -54.05 -45.28 28.99
N THR W 89 -54.38 -45.63 30.23
CA THR W 89 -55.30 -46.71 30.53
C THR W 89 -56.54 -46.13 31.20
N HIS W 90 -57.71 -46.56 30.78
CA HIS W 90 -58.96 -46.06 31.33
C HIS W 90 -59.90 -47.20 31.66
N ASN W 91 -60.68 -46.99 32.72
CA ASN W 91 -61.73 -47.90 33.12
C ASN W 91 -63.06 -47.40 32.58
N MET W 92 -63.88 -48.32 32.10
CA MET W 92 -65.13 -47.98 31.44
C MET W 92 -66.25 -48.88 31.97
N TYR W 93 -67.46 -48.34 31.91
CA TYR W 93 -68.67 -49.06 32.26
C TYR W 93 -69.62 -48.96 31.09
N ARG W 94 -70.05 -50.11 30.56
CA ARG W 94 -70.86 -50.13 29.35
C ARG W 94 -72.14 -50.91 29.58
N GLU W 95 -73.18 -50.54 28.84
CA GLU W 95 -74.51 -51.11 28.94
C GLU W 95 -74.86 -51.80 27.63
N TYR W 96 -75.43 -53.00 27.73
CA TYR W 96 -75.85 -53.70 26.53
C TYR W 96 -77.14 -54.45 26.81
N ARG W 97 -77.84 -54.81 25.75
CA ARG W 97 -78.95 -55.74 25.80
C ARG W 97 -78.60 -56.94 24.95
N ASP W 98 -78.70 -58.13 25.53
CA ASP W 98 -78.47 -59.35 24.77
C ASP W 98 -79.07 -60.51 25.53
N LEU W 99 -79.35 -61.58 24.80
CA LEU W 99 -79.80 -62.82 25.41
C LEU W 99 -78.67 -63.59 26.05
N THR W 100 -77.43 -63.34 25.65
CA THR W 100 -76.30 -64.12 26.12
C THR W 100 -75.24 -63.21 26.72
N THR W 101 -74.64 -63.67 27.82
CA THR W 101 -73.49 -62.97 28.39
C THR W 101 -72.34 -62.92 27.41
N ALA W 102 -72.05 -64.06 26.77
CA ALA W 102 -70.95 -64.12 25.80
C ALA W 102 -71.24 -63.25 24.60
N GLY W 103 -72.49 -63.24 24.13
CA GLY W 103 -72.85 -62.35 23.04
C GLY W 103 -72.74 -60.89 23.42
N ALA W 104 -73.08 -60.56 24.67
CA ALA W 104 -72.91 -59.18 25.13
C ALA W 104 -71.43 -58.79 25.15
N VAL W 105 -70.57 -59.72 25.55
CA VAL W 105 -69.14 -59.43 25.53
C VAL W 105 -68.64 -59.28 24.10
N THR W 106 -69.18 -60.08 23.18
CA THR W 106 -68.88 -59.91 21.75
C THR W 106 -69.26 -58.51 21.29
N GLN W 107 -70.47 -58.08 21.64
CA GLN W 107 -70.91 -56.73 21.32
C GLN W 107 -69.96 -55.70 21.92
N CYS W 108 -69.48 -55.97 23.13
CA CYS W 108 -68.57 -55.05 23.79
C CYS W 108 -67.27 -54.91 23.01
N TYR W 109 -66.71 -56.04 22.55
CA TYR W 109 -65.48 -55.96 21.76
C TYR W 109 -65.70 -55.20 20.46
N ARG W 110 -66.82 -55.48 19.78
CA ARG W 110 -67.13 -54.75 18.56
C ARG W 110 -67.29 -53.26 18.83
N ASP W 111 -67.94 -52.91 19.93
CA ASP W 111 -68.21 -51.52 20.26
C ASP W 111 -66.93 -50.79 20.63
N MET W 112 -66.05 -51.43 21.39
CA MET W 112 -64.77 -50.82 21.70
C MET W 112 -63.95 -50.60 20.44
N GLY W 113 -63.95 -51.57 19.53
CA GLY W 113 -63.27 -51.37 18.27
C GLY W 113 -63.87 -50.24 17.45
N ALA W 114 -65.19 -50.12 17.48
CA ALA W 114 -65.87 -49.12 16.65
C ALA W 114 -65.71 -47.71 17.19
N ARG W 115 -65.78 -47.53 18.51
CA ARG W 115 -65.79 -46.19 19.09
C ARG W 115 -64.48 -45.76 19.73
N HIS W 116 -63.54 -46.67 19.95
CA HIS W 116 -62.28 -46.27 20.56
C HIS W 116 -61.08 -46.94 19.90
N ARG W 117 -61.30 -47.66 18.80
CA ARG W 117 -60.23 -48.31 18.03
C ARG W 117 -59.46 -49.32 18.87
N ALA W 118 -60.05 -49.79 19.96
CA ALA W 118 -59.36 -50.65 20.90
C ALA W 118 -59.39 -52.09 20.40
N ARG W 119 -58.21 -52.68 20.23
CA ARG W 119 -58.13 -54.07 19.82
C ARG W 119 -58.27 -54.99 21.04
N ALA W 120 -58.37 -56.28 20.76
CA ALA W 120 -58.66 -57.25 21.82
C ALA W 120 -57.52 -57.36 22.82
N HIS W 121 -56.27 -57.13 22.38
CA HIS W 121 -55.17 -57.14 23.34
C HIS W 121 -55.25 -55.94 24.27
N SER W 122 -55.80 -54.82 23.81
CA SER W 122 -55.97 -53.67 24.67
C SER W 122 -57.13 -53.86 25.65
N ILE W 123 -58.25 -54.41 25.18
CA ILE W 123 -59.42 -54.54 26.04
C ILE W 123 -59.16 -55.64 27.08
N GLN W 124 -59.71 -55.42 28.29
CA GLN W 124 -59.54 -56.35 29.40
C GLN W 124 -60.80 -56.31 30.25
N ILE W 125 -61.73 -57.22 29.97
CA ILE W 125 -62.98 -57.29 30.71
C ILE W 125 -62.70 -57.70 32.14
N MET W 126 -63.20 -56.92 33.10
CA MET W 126 -62.98 -57.24 34.50
C MET W 126 -64.25 -57.60 35.26
N LYS W 127 -65.43 -57.26 34.75
CA LYS W 127 -66.65 -57.79 35.34
C LYS W 127 -67.83 -57.71 34.39
N VAL W 128 -68.59 -58.79 34.27
CA VAL W 128 -69.85 -58.80 33.54
C VAL W 128 -70.96 -59.11 34.53
N GLU W 129 -71.97 -58.26 34.58
CA GLU W 129 -73.05 -58.43 35.53
C GLU W 129 -74.39 -58.24 34.84
N GLU W 130 -75.39 -58.97 35.31
CA GLU W 130 -76.76 -58.74 34.90
C GLU W 130 -77.41 -57.77 35.87
N ILE W 131 -77.96 -56.67 35.34
CA ILE W 131 -78.52 -55.62 36.17
C ILE W 131 -79.96 -55.39 35.76
N ALA W 132 -80.72 -54.81 36.68
CA ALA W 132 -82.13 -54.56 36.46
C ALA W 132 -82.32 -53.34 35.57
N ALA W 133 -83.51 -53.25 34.97
CA ALA W 133 -83.82 -52.16 34.06
C ALA W 133 -83.78 -50.81 34.77
N SER W 134 -84.24 -50.76 36.02
CA SER W 134 -84.22 -49.52 36.78
C SER W 134 -82.82 -49.12 37.22
N LYS W 135 -81.84 -50.01 37.09
CA LYS W 135 -80.46 -49.69 37.42
C LYS W 135 -79.63 -49.33 36.20
N CYS W 136 -80.23 -49.30 35.02
CA CYS W 136 -79.50 -48.90 33.82
C CYS W 136 -79.17 -47.41 33.87
N ARG W 137 -78.08 -47.04 33.23
CA ARG W 137 -77.62 -45.66 33.25
C ARG W 137 -77.49 -45.04 31.87
N ARG W 138 -77.15 -45.82 30.86
CA ARG W 138 -76.97 -45.28 29.53
C ARG W 138 -78.30 -45.14 28.82
N PRO W 139 -78.66 -43.94 28.34
CA PRO W 139 -79.97 -43.77 27.69
C PRO W 139 -80.18 -44.63 26.46
N ALA W 140 -79.11 -44.96 25.73
CA ALA W 140 -79.25 -45.79 24.53
C ALA W 140 -79.77 -47.19 24.84
N VAL W 141 -79.65 -47.64 26.09
CA VAL W 141 -80.24 -48.87 26.54
C VAL W 141 -81.54 -48.62 27.31
N LYS W 142 -81.58 -47.52 28.08
CA LYS W 142 -82.79 -47.23 28.84
C LYS W 142 -83.98 -46.94 27.95
N GLN W 143 -83.75 -46.50 26.70
CA GLN W 143 -84.85 -46.16 25.81
C GLN W 143 -85.68 -47.37 25.41
N PHE W 144 -85.18 -48.57 25.61
CA PHE W 144 -85.93 -49.77 25.27
C PHE W 144 -86.74 -50.30 26.44
N HIS W 145 -86.72 -49.60 27.58
CA HIS W 145 -87.51 -50.01 28.74
C HIS W 145 -88.90 -49.39 28.69
N ASP W 146 -89.64 -49.78 27.67
CA ASP W 146 -91.03 -49.38 27.49
C ASP W 146 -91.85 -50.62 27.16
N SER W 147 -92.84 -50.91 27.99
CA SER W 147 -93.68 -52.07 27.75
C SER W 147 -94.52 -51.94 26.49
N LYS W 148 -94.73 -50.71 26.02
CA LYS W 148 -95.47 -50.45 24.80
C LYS W 148 -94.56 -49.88 23.72
N ILE W 149 -93.34 -50.43 23.62
CA ILE W 149 -92.40 -49.95 22.63
C ILE W 149 -92.90 -50.27 21.22
N LYS W 150 -92.86 -49.28 20.35
CA LYS W 150 -93.49 -49.41 19.05
C LYS W 150 -92.83 -48.43 18.10
N PHE W 151 -92.40 -48.91 16.93
CA PHE W 151 -91.76 -48.05 15.96
C PHE W 151 -91.84 -48.68 14.60
N PRO W 152 -92.01 -47.92 13.53
CA PRO W 152 -92.02 -48.49 12.19
C PRO W 152 -90.60 -48.64 11.69
N LEU W 153 -90.47 -49.26 10.51
CA LEU W 153 -89.20 -49.32 9.82
C LEU W 153 -89.24 -48.35 8.66
N PRO W 154 -88.72 -47.13 8.83
CA PRO W 154 -89.04 -46.05 7.89
C PRO W 154 -88.50 -46.24 6.50
N HIS W 155 -87.20 -46.49 6.38
CA HIS W 155 -86.50 -46.45 5.10
C HIS W 155 -85.92 -47.83 4.83
N ARG W 156 -86.72 -48.72 4.27
CA ARG W 156 -86.29 -50.09 4.01
C ARG W 156 -85.43 -50.10 2.76
N VAL W 157 -84.12 -50.06 2.95
CA VAL W 157 -83.18 -50.04 1.83
C VAL W 157 -83.29 -51.35 1.06
N LEU W 158 -83.34 -51.25 -0.26
CA LEU W 158 -83.34 -52.44 -1.09
C LEU W 158 -82.00 -53.17 -0.94
N ARG W 159 -82.05 -54.46 -0.65
CA ARG W 159 -80.84 -55.25 -0.48
C ARG W 159 -80.62 -56.28 -1.56
N ARG W 160 -81.64 -56.62 -2.33
CA ARG W 160 -81.47 -57.50 -3.49
C ARG W 160 -81.07 -56.71 -4.73
N GLN W 161 -79.96 -55.98 -4.60
CA GLN W 161 -79.56 -55.05 -5.65
C GLN W 161 -79.12 -55.76 -6.92
N HIS W 162 -78.50 -56.93 -6.81
CA HIS W 162 -78.00 -57.66 -7.95
C HIS W 162 -78.85 -58.89 -8.26
N LYS W 163 -80.11 -58.88 -7.85
CA LYS W 163 -81.08 -59.92 -8.23
C LYS W 163 -82.43 -59.25 -8.41
N PRO W 164 -82.72 -58.72 -9.60
CA PRO W 164 -81.91 -58.69 -10.81
C PRO W 164 -80.94 -57.53 -10.83
N ARG W 165 -79.92 -57.58 -11.69
CA ARG W 165 -79.03 -56.43 -11.82
C ARG W 165 -79.67 -55.33 -12.66
N PHE W 166 -80.47 -55.67 -13.66
CA PHE W 166 -81.14 -54.70 -14.52
C PHE W 166 -82.64 -54.98 -14.50
N THR W 167 -83.44 -53.94 -14.23
CA THR W 167 -84.87 -54.08 -14.22
C THR W 167 -85.52 -52.73 -14.46
N THR W 168 -86.73 -52.75 -15.03
CA THR W 168 -87.38 -51.51 -15.42
C THR W 168 -87.96 -50.75 -14.24
N LYS W 169 -88.40 -51.44 -13.19
CA LYS W 169 -89.12 -50.79 -12.11
C LYS W 169 -88.15 -50.30 -11.04
N ARG W 170 -88.18 -49.00 -10.78
CA ARG W 170 -87.39 -48.44 -9.71
C ARG W 170 -87.90 -48.96 -8.36
N PRO W 171 -87.00 -49.27 -7.43
CA PRO W 171 -87.42 -49.95 -6.20
C PRO W 171 -88.34 -49.10 -5.34
N ASN W 172 -89.21 -49.78 -4.60
CA ASN W 172 -90.05 -49.17 -3.59
C ASN W 172 -89.37 -49.28 -2.24
N THR W 173 -89.40 -48.19 -1.47
CA THR W 173 -88.78 -48.16 -0.15
C THR W 173 -89.78 -48.11 0.99
N PHE W 174 -90.91 -47.43 0.82
CA PHE W 174 -91.92 -47.39 1.88
C PHE W 174 -92.56 -48.76 2.02
N PHE W 175 -92.64 -49.24 3.26
CA PHE W 175 -93.25 -50.54 3.55
C PHE W 175 -93.97 -50.52 4.88
N THR X 1 -6.74 -50.64 16.89
CA THR X 1 -7.69 -50.03 17.82
C THR X 1 -7.52 -50.60 19.21
N ASN X 2 -7.95 -51.84 19.37
CA ASN X 2 -7.82 -52.53 20.64
C ASN X 2 -6.41 -53.02 20.84
N THR X 3 -5.90 -52.83 22.05
CA THR X 3 -4.57 -53.30 22.40
C THR X 3 -4.56 -54.81 22.55
N LYS X 4 -3.36 -55.39 22.46
CA LYS X 4 -3.17 -56.83 22.61
C LYS X 4 -2.70 -57.19 24.02
N GLY X 5 -3.13 -56.44 25.03
CA GLY X 5 -2.60 -56.63 26.36
C GLY X 5 -2.97 -57.97 26.95
N LYS X 6 -2.09 -58.47 27.83
CA LYS X 6 -2.32 -59.76 28.45
C LYS X 6 -3.50 -59.76 29.40
N ARG X 7 -3.87 -58.59 29.94
CA ARG X 7 -4.93 -58.53 30.93
C ARG X 7 -5.92 -57.43 30.59
N ARG X 8 -6.07 -57.11 29.30
CA ARG X 8 -7.00 -56.08 28.91
C ARG X 8 -8.43 -56.55 29.15
N GLY X 9 -9.24 -55.69 29.77
CA GLY X 9 -10.62 -56.05 30.04
C GLY X 9 -10.83 -56.98 31.20
N THR X 10 -9.79 -57.22 32.01
CA THR X 10 -9.90 -58.08 33.18
C THR X 10 -10.10 -57.28 34.46
N ARG X 11 -10.79 -56.15 34.37
CA ARG X 11 -11.00 -55.31 35.53
C ARG X 11 -11.85 -56.03 36.58
N TYR X 12 -12.97 -56.61 36.14
CA TYR X 12 -13.82 -57.35 37.06
C TYR X 12 -13.59 -58.85 37.03
N MET X 13 -13.07 -59.38 35.93
CA MET X 13 -12.90 -60.82 35.80
C MET X 13 -11.96 -61.35 36.86
N PHE X 14 -10.83 -60.68 37.08
CA PHE X 14 -9.86 -61.10 38.06
C PHE X 14 -10.01 -60.38 39.39
N SER X 15 -10.94 -59.44 39.49
CA SER X 15 -11.16 -58.73 40.75
C SER X 15 -11.75 -59.67 41.79
N ARG X 16 -11.30 -59.52 43.03
CA ARG X 16 -11.80 -60.33 44.11
C ARG X 16 -13.24 -59.95 44.45
N PRO X 17 -14.03 -60.89 44.93
CA PRO X 17 -15.39 -60.57 45.35
C PRO X 17 -15.39 -59.64 46.55
N PHE X 18 -16.52 -58.97 46.74
CA PHE X 18 -16.70 -58.06 47.87
C PHE X 18 -16.52 -58.82 49.18
N ARG X 19 -15.68 -58.26 50.06
CA ARG X 19 -15.34 -58.88 51.33
C ARG X 19 -14.81 -60.29 51.15
N LYS X 20 -13.99 -60.48 50.13
CA LYS X 20 -13.32 -61.75 49.90
C LYS X 20 -11.84 -61.53 49.61
N HIS X 21 -11.29 -60.41 50.05
CA HIS X 21 -9.89 -60.10 49.85
C HIS X 21 -9.05 -60.82 50.91
N GLY X 22 -7.76 -60.55 50.92
CA GLY X 22 -6.90 -61.00 51.99
C GLY X 22 -6.08 -62.22 51.66
N VAL X 23 -5.68 -62.92 52.71
CA VAL X 23 -4.87 -64.13 52.56
C VAL X 23 -5.69 -65.21 51.88
N VAL X 24 -5.08 -65.90 50.94
CA VAL X 24 -5.78 -66.97 50.22
C VAL X 24 -6.00 -68.14 51.18
N PRO X 25 -7.23 -68.65 51.30
CA PRO X 25 -7.48 -69.80 52.18
C PRO X 25 -6.68 -71.01 51.75
N LEU X 26 -6.27 -71.81 52.72
CA LEU X 26 -5.33 -72.91 52.50
C LEU X 26 -6.00 -74.20 52.05
N ALA X 27 -7.32 -74.29 52.11
CA ALA X 27 -7.98 -75.45 51.53
C ALA X 27 -7.77 -75.50 50.02
N THR X 28 -7.58 -74.35 49.39
CA THR X 28 -7.25 -74.36 47.96
C THR X 28 -5.91 -75.01 47.72
N TYR X 29 -4.93 -74.71 48.57
CA TYR X 29 -3.61 -75.32 48.44
C TYR X 29 -3.58 -76.78 48.85
N MET X 30 -4.53 -77.23 49.67
CA MET X 30 -4.50 -78.60 50.16
C MET X 30 -5.15 -79.61 49.21
N ARG X 31 -5.76 -79.17 48.12
CA ARG X 31 -6.42 -80.11 47.21
C ARG X 31 -5.40 -80.95 46.48
N ILE X 32 -5.77 -82.19 46.16
CA ILE X 32 -4.91 -83.12 45.44
C ILE X 32 -5.42 -83.25 44.02
N TYR X 33 -4.57 -82.94 43.06
CA TYR X 33 -4.94 -82.92 41.64
C TYR X 33 -4.24 -84.08 40.95
N LYS X 34 -4.96 -85.17 40.75
CA LYS X 34 -4.41 -86.32 40.06
C LYS X 34 -4.35 -86.06 38.56
N LYS X 35 -3.43 -86.78 37.90
CA LYS X 35 -3.29 -86.67 36.46
C LYS X 35 -4.49 -87.32 35.79
N GLY X 36 -5.41 -86.51 35.29
CA GLY X 36 -6.52 -87.03 34.52
C GLY X 36 -7.89 -86.76 35.09
N ASP X 37 -8.04 -85.67 35.84
CA ASP X 37 -9.34 -85.26 36.34
C ASP X 37 -9.69 -83.87 35.83
N ILE X 38 -10.96 -83.52 35.99
CA ILE X 38 -11.57 -82.37 35.34
C ILE X 38 -11.60 -81.21 36.33
N VAL X 39 -11.05 -80.07 35.91
CA VAL X 39 -10.93 -78.89 36.76
C VAL X 39 -11.48 -77.68 36.04
N ASP X 40 -12.21 -76.84 36.76
CA ASP X 40 -12.64 -75.55 36.25
C ASP X 40 -11.55 -74.53 36.51
N ILE X 41 -11.40 -73.59 35.58
CA ILE X 41 -10.39 -72.55 35.70
C ILE X 41 -11.08 -71.27 36.12
N LYS X 42 -10.77 -70.79 37.32
CA LYS X 42 -11.35 -69.56 37.87
C LYS X 42 -10.45 -68.36 37.60
N GLY X 43 -9.22 -68.41 38.12
CA GLY X 43 -8.28 -67.33 37.90
C GLY X 43 -8.45 -66.14 38.83
N MET X 44 -8.26 -66.35 40.13
CA MET X 44 -8.35 -65.21 41.04
C MET X 44 -7.16 -64.29 40.85
N GLY X 45 -7.33 -63.04 41.27
CA GLY X 45 -6.33 -62.02 41.03
C GLY X 45 -5.35 -61.77 42.16
N THR X 46 -5.58 -62.37 43.34
CA THR X 46 -4.66 -62.19 44.45
C THR X 46 -3.28 -62.74 44.12
N VAL X 47 -3.23 -63.89 43.48
CA VAL X 47 -1.98 -64.49 43.03
C VAL X 47 -1.70 -64.02 41.62
N GLN X 48 -0.50 -63.48 41.41
CA GLN X 48 -0.12 -62.99 40.10
C GLN X 48 0.70 -63.98 39.29
N LYS X 49 1.41 -64.89 39.95
CA LYS X 49 2.16 -65.91 39.24
C LYS X 49 1.24 -67.03 38.80
N GLY X 50 1.57 -67.63 37.66
CA GLY X 50 0.77 -68.73 37.15
C GLY X 50 -0.64 -68.35 36.76
N MET X 51 -0.88 -67.09 36.45
CA MET X 51 -2.21 -66.67 36.03
C MET X 51 -2.52 -67.26 34.66
N PRO X 52 -3.71 -67.82 34.47
CA PRO X 52 -4.16 -68.17 33.13
C PRO X 52 -4.50 -66.93 32.34
N HIS X 53 -4.53 -67.07 31.02
CA HIS X 53 -5.00 -65.97 30.20
C HIS X 53 -6.49 -65.77 30.39
N LYS X 54 -6.96 -64.57 30.03
CA LYS X 54 -8.37 -64.24 30.24
C LYS X 54 -9.29 -65.09 29.38
N CYS X 55 -8.76 -65.78 28.37
CA CYS X 55 -9.60 -66.63 27.54
C CYS X 55 -9.89 -67.97 28.16
N TYR X 56 -9.27 -68.29 29.29
CA TYR X 56 -9.52 -69.55 29.99
C TYR X 56 -10.32 -69.39 31.26
N HIS X 57 -10.65 -68.16 31.65
CA HIS X 57 -11.52 -67.94 32.78
C HIS X 57 -12.91 -68.46 32.44
N GLY X 58 -13.44 -69.31 33.31
CA GLY X 58 -14.71 -69.95 33.07
C GLY X 58 -14.64 -71.25 32.31
N LYS X 59 -13.50 -71.54 31.68
CA LYS X 59 -13.38 -72.78 30.93
C LYS X 59 -13.16 -73.95 31.88
N THR X 60 -13.18 -75.15 31.30
CA THR X 60 -13.06 -76.39 32.05
C THR X 60 -12.14 -77.34 31.29
N GLY X 61 -11.10 -77.80 31.96
CA GLY X 61 -10.12 -78.65 31.31
C GLY X 61 -9.79 -79.90 32.09
N ARG X 62 -8.77 -80.63 31.66
CA ARG X 62 -8.38 -81.88 32.30
C ARG X 62 -6.89 -81.87 32.55
N VAL X 63 -6.49 -82.29 33.75
CA VAL X 63 -5.09 -82.28 34.14
C VAL X 63 -4.34 -83.37 33.41
N TYR X 64 -3.18 -83.03 32.84
CA TYR X 64 -2.27 -84.01 32.25
C TYR X 64 -0.90 -84.05 32.91
N ASN X 65 -0.59 -83.11 33.79
CA ASN X 65 0.75 -83.03 34.35
C ASN X 65 0.66 -82.31 35.69
N VAL X 66 1.45 -82.77 36.67
CA VAL X 66 1.43 -82.22 38.01
C VAL X 66 2.86 -81.85 38.40
N THR X 67 3.07 -80.59 38.79
CA THR X 67 4.38 -80.06 39.14
C THR X 67 4.37 -79.60 40.60
N GLN X 68 5.42 -78.86 40.98
CA GLN X 68 5.58 -78.44 42.37
C GLN X 68 4.41 -77.59 42.85
N HIS X 69 3.99 -76.62 42.04
CA HIS X 69 2.95 -75.69 42.46
C HIS X 69 1.84 -75.52 41.45
N ALA X 70 1.91 -76.19 40.30
CA ALA X 70 0.94 -75.96 39.24
C ALA X 70 0.62 -77.27 38.56
N VAL X 71 -0.25 -77.19 37.55
CA VAL X 71 -0.59 -78.33 36.72
C VAL X 71 -0.62 -77.89 35.27
N GLY X 72 -0.47 -78.87 34.38
CA GLY X 72 -0.73 -78.68 32.97
C GLY X 72 -2.14 -79.13 32.69
N ILE X 73 -2.92 -78.23 32.10
CA ILE X 73 -4.32 -78.48 31.80
C ILE X 73 -4.50 -78.46 30.29
N VAL X 74 -5.17 -79.49 29.78
CA VAL X 74 -5.62 -79.51 28.39
C VAL X 74 -7.06 -79.00 28.41
N VAL X 75 -7.30 -77.88 27.73
CA VAL X 75 -8.61 -77.25 27.68
C VAL X 75 -8.90 -76.87 26.24
N ASN X 76 -10.12 -77.13 25.79
CA ASN X 76 -10.49 -76.78 24.43
C ASN X 76 -10.66 -75.27 24.31
N LYS X 77 -10.04 -74.67 23.30
CA LYS X 77 -10.24 -73.27 22.99
C LYS X 77 -10.62 -73.16 21.53
N GLN X 78 -11.58 -72.29 21.23
CA GLN X 78 -12.09 -72.15 19.88
C GLN X 78 -11.42 -70.96 19.21
N VAL X 79 -10.66 -71.24 18.16
CA VAL X 79 -10.03 -70.24 17.32
C VAL X 79 -10.84 -70.16 16.05
N LYS X 80 -11.65 -69.09 15.93
CA LYS X 80 -12.48 -68.85 14.76
C LYS X 80 -13.37 -70.04 14.42
N GLY X 81 -12.98 -70.81 13.41
CA GLY X 81 -13.79 -71.91 12.96
C GLY X 81 -13.31 -73.30 13.35
N LYS X 82 -12.45 -73.39 14.35
CA LYS X 82 -11.93 -74.67 14.77
C LYS X 82 -11.68 -74.67 16.27
N ILE X 83 -12.03 -75.78 16.90
CA ILE X 83 -11.72 -76.02 18.30
C ILE X 83 -10.40 -76.78 18.36
N LEU X 84 -9.47 -76.28 19.18
CA LEU X 84 -8.19 -76.96 19.30
C LEU X 84 -7.78 -76.97 20.78
N ALA X 85 -7.05 -78.01 21.16
CA ALA X 85 -6.79 -78.29 22.57
C ALA X 85 -5.52 -77.57 23.01
N LYS X 86 -5.68 -76.63 23.93
CA LYS X 86 -4.57 -75.84 24.46
C LYS X 86 -4.03 -76.50 25.72
N ARG X 87 -2.70 -76.56 25.81
CA ARG X 87 -2.02 -77.01 27.01
C ARG X 87 -1.47 -75.79 27.73
N ILE X 88 -1.94 -75.56 28.96
CA ILE X 88 -1.54 -74.40 29.72
C ILE X 88 -0.99 -74.83 31.06
N ASN X 89 -0.14 -74.00 31.63
CA ASN X 89 0.36 -74.20 32.99
C ASN X 89 -0.31 -73.18 33.89
N VAL X 90 -1.07 -73.66 34.87
CA VAL X 90 -1.85 -72.80 35.74
C VAL X 90 -1.56 -73.19 37.19
N ARG X 91 -1.22 -72.23 38.01
CA ARG X 91 -0.98 -72.50 39.43
C ARG X 91 -2.28 -72.87 40.13
N ILE X 92 -2.15 -73.69 41.17
CA ILE X 92 -3.31 -74.33 41.79
C ILE X 92 -4.24 -73.35 42.50
N GLU X 93 -3.82 -72.10 42.68
CA GLU X 93 -4.72 -71.12 43.26
C GLU X 93 -5.81 -70.69 42.29
N HIS X 94 -5.58 -70.84 40.99
CA HIS X 94 -6.52 -70.38 39.98
C HIS X 94 -7.50 -71.46 39.52
N ILE X 95 -7.36 -72.69 40.00
CA ILE X 95 -8.22 -73.78 39.55
C ILE X 95 -8.97 -74.34 40.75
N LYS X 96 -9.96 -75.18 40.46
CA LYS X 96 -10.68 -75.91 41.48
C LYS X 96 -11.30 -77.14 40.84
N HIS X 97 -11.65 -78.10 41.69
CA HIS X 97 -12.24 -79.35 41.22
C HIS X 97 -13.63 -79.09 40.64
N SER X 98 -13.94 -79.79 39.57
CA SER X 98 -15.25 -79.68 38.93
C SER X 98 -16.17 -80.75 39.48
N LYS X 99 -17.36 -80.35 39.94
CA LYS X 99 -18.28 -81.27 40.56
C LYS X 99 -19.09 -82.08 39.55
N SER X 100 -19.07 -81.72 38.26
CA SER X 100 -19.79 -82.50 37.26
C SER X 100 -19.24 -83.92 37.15
N ARG X 101 -17.92 -84.05 37.10
CA ARG X 101 -17.30 -85.36 37.09
C ARG X 101 -17.60 -86.13 38.37
N ASP X 102 -17.63 -85.44 39.51
CA ASP X 102 -17.96 -86.09 40.76
C ASP X 102 -19.38 -86.66 40.75
N SER X 103 -20.34 -85.87 40.26
CA SER X 103 -21.72 -86.35 40.19
C SER X 103 -21.85 -87.52 39.23
N PHE X 104 -21.14 -87.48 38.11
CA PHE X 104 -21.15 -88.62 37.21
C PHE X 104 -20.58 -89.86 37.88
N LEU X 105 -19.50 -89.70 38.65
CA LEU X 105 -18.93 -90.83 39.37
C LEU X 105 -19.92 -91.41 40.36
N LYS X 106 -20.63 -90.55 41.09
CA LYS X 106 -21.63 -91.04 42.05
C LYS X 106 -22.72 -91.83 41.34
N ARG X 107 -23.19 -91.33 40.20
CA ARG X 107 -24.23 -92.05 39.47
C ARG X 107 -23.73 -93.39 38.97
N VAL X 108 -22.48 -93.45 38.50
CA VAL X 108 -21.93 -94.71 38.01
C VAL X 108 -21.84 -95.72 39.13
N LYS X 109 -21.36 -95.30 40.31
CA LYS X 109 -21.27 -96.21 41.45
C LYS X 109 -22.64 -96.70 41.87
N GLU X 110 -23.63 -95.81 41.89
CA GLU X 110 -25.00 -96.22 42.23
C GLU X 110 -25.52 -97.23 41.22
N ASN X 111 -25.27 -97.00 39.93
CA ASN X 111 -25.73 -97.93 38.91
C ASN X 111 -25.06 -99.29 39.06
N ASP X 112 -23.76 -99.31 39.35
CA ASP X 112 -23.06 -100.57 39.53
C ASP X 112 -23.60 -101.34 40.72
N GLN X 113 -23.76 -100.67 41.86
CA GLN X 113 -24.28 -101.35 43.04
C GLN X 113 -25.69 -101.86 42.80
N LYS X 114 -26.52 -101.04 42.16
CA LYS X 114 -27.90 -101.46 41.88
C LYS X 114 -27.93 -102.64 40.91
N LYS X 115 -27.03 -102.66 39.93
CA LYS X 115 -26.99 -103.79 39.01
C LYS X 115 -26.57 -105.07 39.71
N LYS X 116 -25.55 -105.00 40.58
CA LYS X 116 -25.15 -106.17 41.33
C LYS X 116 -26.27 -106.65 42.23
N GLU X 117 -26.96 -105.72 42.90
CA GLU X 117 -28.06 -106.10 43.78
C GLU X 117 -29.22 -106.70 43.00
N ALA X 118 -29.52 -106.13 41.82
CA ALA X 118 -30.62 -106.65 41.02
C ALA X 118 -30.32 -108.05 40.50
N LYS X 119 -29.07 -108.31 40.11
CA LYS X 119 -28.73 -109.66 39.66
C LYS X 119 -28.73 -110.65 40.83
N GLU X 120 -28.32 -110.20 42.02
CA GLU X 120 -28.31 -111.10 43.17
C GLU X 120 -29.73 -111.41 43.64
N LYS X 121 -30.58 -110.40 43.76
CA LYS X 121 -31.93 -110.60 44.27
C LYS X 121 -32.84 -111.24 43.23
N GLY X 122 -32.63 -110.91 41.96
CA GLY X 122 -33.44 -111.48 40.89
C GLY X 122 -34.54 -110.57 40.37
N THR X 123 -34.21 -109.31 40.10
CA THR X 123 -35.18 -108.35 39.58
C THR X 123 -34.51 -107.48 38.53
N TRP X 124 -35.33 -106.81 37.72
CA TRP X 124 -34.86 -105.95 36.63
C TRP X 124 -35.46 -104.56 36.79
N VAL X 125 -34.60 -103.54 36.84
CA VAL X 125 -35.02 -102.19 37.17
C VAL X 125 -34.56 -101.22 36.09
N GLN X 126 -35.27 -100.10 36.00
CA GLN X 126 -34.87 -99.02 35.12
C GLN X 126 -33.54 -98.43 35.58
N LEU X 127 -32.63 -98.18 34.65
CA LEU X 127 -31.31 -97.65 34.99
C LEU X 127 -31.05 -96.28 34.40
N LYS X 128 -31.29 -96.09 33.10
CA LYS X 128 -31.01 -94.82 32.47
C LYS X 128 -31.93 -93.73 32.99
N ARG X 129 -31.44 -92.50 33.01
CA ARG X 129 -32.28 -91.36 33.34
C ARG X 129 -33.29 -91.12 32.23
N GLN X 130 -34.41 -90.51 32.61
CA GLN X 130 -35.44 -90.18 31.64
C GLN X 130 -35.72 -88.68 31.69
N PRO X 131 -36.14 -88.09 30.57
CA PRO X 131 -36.60 -86.70 30.62
C PRO X 131 -37.86 -86.58 31.45
N ALA X 132 -38.20 -85.35 31.80
CA ALA X 132 -39.38 -85.13 32.61
C ALA X 132 -40.61 -85.54 31.81
N PRO X 133 -41.38 -86.52 32.28
CA PRO X 133 -42.50 -87.03 31.49
C PRO X 133 -43.71 -86.14 31.62
N PRO X 134 -44.70 -86.29 30.74
CA PRO X 134 -45.99 -85.61 30.97
C PRO X 134 -46.61 -86.05 32.27
N ARG X 135 -47.29 -85.11 32.93
CA ARG X 135 -47.86 -85.36 34.24
C ARG X 135 -48.98 -86.38 34.16
N GLU X 136 -49.06 -87.23 35.17
CA GLU X 136 -50.08 -88.25 35.23
C GLU X 136 -51.41 -87.67 35.68
N ALA X 137 -52.48 -88.43 35.46
CA ALA X 137 -53.80 -88.00 35.87
C ALA X 137 -53.94 -88.04 37.38
N HIS X 138 -54.62 -87.05 37.93
CA HIS X 138 -54.81 -86.98 39.38
C HIS X 138 -56.05 -86.13 39.68
N PHE X 139 -56.60 -86.35 40.86
CA PHE X 139 -57.80 -85.64 41.29
C PHE X 139 -57.40 -84.52 42.25
N VAL X 140 -58.21 -83.47 42.26
CA VAL X 140 -57.97 -82.29 43.11
C VAL X 140 -59.21 -82.10 43.96
N ARG X 141 -59.13 -82.47 45.23
CA ARG X 141 -60.29 -82.41 46.11
C ARG X 141 -60.54 -80.98 46.56
N THR X 142 -61.79 -80.54 46.42
CA THR X 142 -62.19 -79.21 46.85
C THR X 142 -62.38 -79.09 48.36
N ASN X 143 -62.74 -80.19 49.02
CA ASN X 143 -63.05 -80.20 50.46
C ASN X 143 -64.15 -79.21 50.80
N GLY X 144 -65.21 -79.19 49.97
CA GLY X 144 -66.37 -78.37 50.25
C GLY X 144 -66.16 -76.89 50.10
N LYS X 145 -65.11 -76.46 49.42
CA LYS X 145 -64.79 -75.06 49.27
C LYS X 145 -64.65 -74.73 47.79
N GLU X 146 -65.50 -73.82 47.31
CA GLU X 146 -65.42 -73.37 45.93
C GLU X 146 -64.11 -72.62 45.70
N PRO X 147 -63.49 -72.76 44.54
CA PRO X 147 -62.34 -71.91 44.21
C PRO X 147 -62.74 -70.45 44.17
N GLU X 148 -61.83 -69.59 44.60
CA GLU X 148 -62.13 -68.17 44.68
C GLU X 148 -62.17 -67.57 43.28
N LEU X 149 -63.21 -66.80 43.00
CA LEU X 149 -63.28 -66.06 41.75
C LEU X 149 -62.25 -64.95 41.74
N LEU X 150 -61.62 -64.76 40.59
CA LEU X 150 -60.55 -63.78 40.44
C LEU X 150 -60.90 -62.83 39.30
N GLU X 151 -60.77 -61.54 39.56
CA GLU X 151 -61.04 -60.53 38.55
C GLU X 151 -59.82 -59.62 38.39
N PRO X 152 -59.52 -59.19 37.17
CA PRO X 152 -58.44 -58.21 37.00
C PRO X 152 -58.83 -56.90 37.64
N ILE X 153 -57.93 -56.38 38.49
CA ILE X 153 -58.23 -55.18 39.27
C ILE X 153 -58.37 -53.99 38.34
N PRO X 154 -59.22 -53.02 38.66
CA PRO X 154 -59.30 -51.80 37.86
C PRO X 154 -58.00 -51.04 37.88
N TYR X 155 -57.70 -50.39 36.77
CA TYR X 155 -56.48 -49.59 36.69
C TYR X 155 -56.59 -48.36 37.59
N GLU X 156 -55.51 -48.05 38.27
CA GLU X 156 -55.41 -46.80 39.03
C GLU X 156 -54.06 -46.18 38.75
N PHE X 157 -54.02 -44.86 38.73
CA PHE X 157 -52.78 -44.12 38.49
C PHE X 157 -52.07 -43.99 39.82
N MET X 158 -51.29 -45.00 40.16
CA MET X 158 -50.63 -45.04 41.46
C MET X 158 -49.61 -43.91 41.59
N ALA X 159 -48.92 -43.59 40.51
CA ALA X 159 -47.98 -42.48 40.52
C ALA X 159 -48.01 -41.75 39.20
N GLN Y 1 4.22 29.49 -106.35
CA GLN Y 1 3.26 30.20 -105.51
C GLN Y 1 1.83 29.90 -105.96
N VAL Y 2 1.67 28.80 -106.69
CA VAL Y 2 0.37 28.35 -107.19
C VAL Y 2 0.15 26.93 -106.72
N LEU Y 3 -1.00 26.69 -106.09
CA LEU Y 3 -1.22 25.40 -105.42
C LEU Y 3 -1.78 24.34 -106.37
N LYS Y 4 -2.85 24.66 -107.10
CA LYS Y 4 -3.32 23.86 -108.23
C LYS Y 4 -3.66 22.42 -107.84
N PHE Y 5 -4.65 22.26 -106.98
CA PHE Y 5 -5.19 20.95 -106.70
C PHE Y 5 -6.32 20.65 -107.68
N THR Y 6 -6.59 19.35 -107.88
CA THR Y 6 -7.69 18.95 -108.73
C THR Y 6 -8.52 17.87 -108.03
N LEU Y 7 -9.79 17.80 -108.40
CA LEU Y 7 -10.68 16.72 -107.99
C LEU Y 7 -11.27 16.08 -109.24
N ASP Y 8 -11.31 14.76 -109.25
CA ASP Y 8 -11.75 13.98 -110.41
C ASP Y 8 -13.00 13.20 -110.03
N CYS Y 9 -14.16 13.79 -110.30
CA CYS Y 9 -15.43 13.07 -110.18
C CYS Y 9 -15.89 12.49 -111.51
N THR Y 10 -15.01 11.74 -112.18
CA THR Y 10 -15.32 11.24 -113.51
C THR Y 10 -16.37 10.13 -113.46
N HIS Y 11 -16.17 9.15 -112.58
CA HIS Y 11 -17.10 8.03 -112.49
C HIS Y 11 -18.49 8.44 -112.01
N PRO Y 12 -18.67 9.24 -110.96
CA PRO Y 12 -20.03 9.61 -110.56
C PRO Y 12 -20.80 10.35 -111.63
N VAL Y 13 -20.14 11.16 -112.46
CA VAL Y 13 -20.85 11.85 -113.54
C VAL Y 13 -20.98 10.99 -114.79
N GLU Y 14 -20.15 9.96 -114.95
CA GLU Y 14 -20.34 9.02 -116.04
C GLU Y 14 -21.37 7.96 -115.71
N ASP Y 15 -21.75 7.83 -114.44
CA ASP Y 15 -22.87 6.99 -114.05
C ASP Y 15 -24.09 7.81 -113.65
N GLY Y 16 -23.98 9.14 -113.59
CA GLY Y 16 -25.14 10.00 -113.44
C GLY Y 16 -25.76 10.05 -112.07
N ILE Y 17 -24.99 9.86 -111.00
CA ILE Y 17 -25.52 9.90 -109.65
C ILE Y 17 -25.00 11.08 -108.85
N MET Y 18 -24.18 11.94 -109.45
CA MET Y 18 -23.64 13.11 -108.77
C MET Y 18 -23.35 14.18 -109.81
N ASP Y 19 -23.76 15.41 -109.54
CA ASP Y 19 -23.62 16.51 -110.49
C ASP Y 19 -22.52 17.47 -110.07
N ALA Y 20 -21.54 17.64 -110.96
CA ALA Y 20 -20.42 18.53 -110.73
C ALA Y 20 -20.83 19.99 -110.67
N ALA Y 21 -21.98 20.36 -111.24
CA ALA Y 21 -22.49 21.72 -111.06
C ALA Y 21 -22.79 21.98 -109.59
N ASN Y 22 -23.54 21.07 -108.95
CA ASN Y 22 -23.82 21.20 -107.53
C ASN Y 22 -22.55 21.15 -106.71
N PHE Y 23 -21.63 20.24 -107.05
CA PHE Y 23 -20.41 20.14 -106.26
C PHE Y 23 -19.53 21.37 -106.41
N GLU Y 24 -19.47 21.95 -107.62
CA GLU Y 24 -18.77 23.22 -107.85
C GLU Y 24 -19.37 24.34 -107.01
N GLN Y 25 -20.70 24.46 -107.03
CA GLN Y 25 -21.36 25.49 -106.22
C GLN Y 25 -21.08 25.29 -104.74
N PHE Y 26 -21.10 24.03 -104.29
CA PHE Y 26 -20.88 23.74 -102.87
C PHE Y 26 -19.48 24.14 -102.44
N LEU Y 27 -18.46 23.77 -103.22
CA LEU Y 27 -17.10 24.16 -102.87
C LEU Y 27 -16.94 25.67 -102.88
N GLN Y 28 -17.50 26.35 -103.89
CA GLN Y 28 -17.33 27.79 -103.96
C GLN Y 28 -18.04 28.50 -102.82
N GLU Y 29 -19.17 27.98 -102.36
CA GLU Y 29 -19.86 28.62 -101.25
C GLU Y 29 -19.35 28.19 -99.88
N ARG Y 30 -18.58 27.09 -99.80
CA ARG Y 30 -18.18 26.56 -98.51
C ARG Y 30 -16.71 26.69 -98.17
N ILE Y 31 -15.85 27.02 -99.13
CA ILE Y 31 -14.41 27.10 -98.85
C ILE Y 31 -14.13 28.26 -97.90
N LYS Y 32 -13.35 27.99 -96.85
CA LYS Y 32 -12.96 28.99 -95.89
C LYS Y 32 -11.56 29.50 -96.21
N VAL Y 33 -11.37 30.81 -96.14
CA VAL Y 33 -10.06 31.42 -96.22
C VAL Y 33 -9.91 32.35 -95.02
N ASN Y 34 -8.82 32.17 -94.26
CA ASN Y 34 -8.59 32.86 -93.00
C ASN Y 34 -9.73 32.65 -92.02
N GLY Y 35 -10.36 31.47 -92.09
CA GLY Y 35 -11.47 31.16 -91.21
C GLY Y 35 -12.80 31.76 -91.62
N LYS Y 36 -12.85 32.43 -92.77
CA LYS Y 36 -14.07 33.08 -93.25
C LYS Y 36 -14.55 32.36 -94.49
N ALA Y 37 -15.79 31.88 -94.46
CA ALA Y 37 -16.38 31.17 -95.59
C ALA Y 37 -17.21 32.11 -96.43
N GLY Y 38 -17.56 31.64 -97.62
CA GLY Y 38 -18.28 32.45 -98.57
C GLY Y 38 -17.37 33.41 -99.31
N ASN Y 39 -17.92 33.99 -100.39
CA ASN Y 39 -17.26 34.98 -101.25
C ASN Y 39 -15.85 34.58 -101.67
N LEU Y 40 -15.58 33.27 -101.73
CA LEU Y 40 -14.29 32.71 -102.19
C LEU Y 40 -13.10 33.24 -101.40
N GLY Y 41 -13.33 33.73 -100.19
CA GLY Y 41 -12.25 34.31 -99.41
C GLY Y 41 -11.63 35.53 -100.06
N GLY Y 42 -12.42 36.32 -100.77
CA GLY Y 42 -11.87 37.47 -101.48
C GLY Y 42 -11.27 37.16 -102.82
N GLY Y 43 -11.49 35.96 -103.36
CA GLY Y 43 -11.03 35.62 -104.68
C GLY Y 43 -9.62 35.08 -104.78
N VAL Y 44 -8.94 34.88 -103.65
CA VAL Y 44 -7.59 34.32 -103.68
C VAL Y 44 -7.60 32.88 -104.17
N VAL Y 45 -8.75 32.21 -104.09
CA VAL Y 45 -8.90 30.83 -104.52
C VAL Y 45 -9.87 30.82 -105.70
N THR Y 46 -9.44 30.27 -106.83
CA THR Y 46 -10.26 30.20 -108.02
C THR Y 46 -10.61 28.75 -108.32
N ILE Y 47 -11.90 28.48 -108.51
CA ILE Y 47 -12.43 27.15 -108.73
C ILE Y 47 -12.99 27.07 -110.13
N GLU Y 48 -12.58 26.06 -110.89
CA GLU Y 48 -12.98 25.96 -112.29
C GLU Y 48 -13.16 24.50 -112.67
N ARG Y 49 -14.31 24.17 -113.24
CA ARG Y 49 -14.55 22.83 -113.78
C ARG Y 49 -14.26 22.86 -115.27
N SER Y 50 -13.16 22.24 -115.68
CA SER Y 50 -12.81 22.17 -117.09
C SER Y 50 -13.85 21.37 -117.87
N LYS Y 51 -13.94 20.06 -117.62
CA LYS Y 51 -15.05 19.26 -118.11
C LYS Y 51 -15.80 18.58 -116.97
N SER Y 52 -15.10 17.78 -116.18
CA SER Y 52 -15.64 17.25 -114.94
C SER Y 52 -14.60 17.28 -113.83
N LYS Y 53 -13.38 17.71 -114.11
CA LYS Y 53 -12.36 17.88 -113.09
C LYS Y 53 -12.48 19.27 -112.52
N ILE Y 54 -12.61 19.36 -111.21
CA ILE Y 54 -12.73 20.64 -110.52
C ILE Y 54 -11.33 21.03 -110.07
N THR Y 55 -10.77 22.06 -110.72
CA THR Y 55 -9.45 22.57 -110.41
C THR Y 55 -9.58 23.72 -109.43
N VAL Y 56 -8.95 23.58 -108.26
CA VAL Y 56 -8.87 24.62 -107.26
C VAL Y 56 -7.45 25.17 -107.32
N THR Y 57 -7.31 26.42 -107.76
CA THR Y 57 -6.01 27.07 -107.83
C THR Y 57 -5.97 28.17 -106.78
N SER Y 58 -5.02 28.08 -105.87
CA SER Y 58 -4.91 29.01 -104.77
C SER Y 58 -3.51 29.59 -104.73
N GLU Y 59 -3.39 30.78 -104.17
CA GLU Y 59 -2.12 31.45 -103.96
C GLU Y 59 -1.72 31.52 -102.49
N VAL Y 60 -2.70 31.61 -101.60
CA VAL Y 60 -2.47 31.61 -100.16
C VAL Y 60 -2.09 30.20 -99.72
N PRO Y 61 -1.44 30.03 -98.57
CA PRO Y 61 -1.19 28.68 -98.07
C PRO Y 61 -2.48 27.91 -97.85
N PHE Y 62 -2.44 26.61 -98.12
CA PHE Y 62 -3.66 25.82 -98.22
C PHE Y 62 -3.37 24.38 -97.85
N SER Y 63 -4.43 23.56 -97.88
CA SER Y 63 -4.34 22.14 -97.58
C SER Y 63 -5.08 21.35 -98.65
N LYS Y 64 -4.49 20.22 -99.07
CA LYS Y 64 -5.22 19.29 -99.92
C LYS Y 64 -6.20 18.47 -99.10
N ARG Y 65 -5.83 18.14 -97.86
CA ARG Y 65 -6.77 17.45 -96.99
C ARG Y 65 -7.98 18.31 -96.67
N TYR Y 66 -7.90 19.63 -96.83
CA TYR Y 66 -9.10 20.46 -96.74
C TYR Y 66 -10.08 20.14 -97.87
N LEU Y 67 -9.57 19.96 -99.09
CA LEU Y 67 -10.44 19.52 -100.18
C LEU Y 67 -11.02 18.14 -99.88
N LYS Y 68 -10.21 17.23 -99.36
CA LYS Y 68 -10.73 15.91 -99.02
C LYS Y 68 -11.84 16.01 -97.98
N TYR Y 69 -11.65 16.87 -96.99
CA TYR Y 69 -12.64 17.10 -95.95
C TYR Y 69 -13.95 17.62 -96.54
N LEU Y 70 -13.86 18.63 -97.39
CA LEU Y 70 -15.06 19.19 -98.01
C LEU Y 70 -15.77 18.17 -98.87
N THR Y 71 -15.01 17.37 -99.63
CA THR Y 71 -15.63 16.38 -100.50
C THR Y 71 -16.34 15.30 -99.69
N LYS Y 72 -15.73 14.85 -98.59
CA LYS Y 72 -16.41 13.88 -97.74
C LYS Y 72 -17.69 14.46 -97.16
N LYS Y 73 -17.65 15.73 -96.76
CA LYS Y 73 -18.85 16.38 -96.25
C LYS Y 73 -19.94 16.43 -97.32
N TYR Y 74 -19.56 16.73 -98.57
CA TYR Y 74 -20.51 16.75 -99.67
C TYR Y 74 -21.12 15.37 -99.90
N LEU Y 75 -20.29 14.33 -99.85
CA LEU Y 75 -20.80 12.97 -100.03
C LEU Y 75 -21.81 12.61 -98.95
N LYS Y 76 -21.53 12.96 -97.71
CA LYS Y 76 -22.51 12.73 -96.65
C LYS Y 76 -23.77 13.55 -96.89
N LYS Y 77 -23.62 14.77 -97.39
CA LYS Y 77 -24.78 15.62 -97.64
C LYS Y 77 -25.67 15.05 -98.73
N ASN Y 78 -25.10 14.39 -99.72
CA ASN Y 78 -25.88 13.84 -100.83
C ASN Y 78 -26.05 12.32 -100.73
N ASN Y 79 -25.73 11.73 -99.58
CA ASN Y 79 -26.01 10.33 -99.29
C ASN Y 79 -25.24 9.39 -100.20
N LEU Y 80 -24.12 9.85 -100.75
CA LEU Y 80 -23.30 9.03 -101.63
C LEU Y 80 -22.08 8.47 -100.92
N ARG Y 81 -21.95 8.69 -99.61
CA ARG Y 81 -20.73 8.33 -98.91
C ARG Y 81 -20.50 6.82 -98.92
N ASP Y 82 -21.58 6.04 -98.87
CA ASP Y 82 -21.44 4.60 -98.78
C ASP Y 82 -21.04 3.95 -100.10
N TRP Y 83 -21.04 4.69 -101.21
CA TRP Y 83 -20.61 4.15 -102.48
C TRP Y 83 -19.36 4.82 -103.01
N LEU Y 84 -19.32 6.15 -102.99
CA LEU Y 84 -18.14 6.85 -103.45
C LEU Y 84 -17.08 6.88 -102.36
N ARG Y 85 -15.84 7.10 -102.80
CA ARG Y 85 -14.69 7.09 -101.91
C ARG Y 85 -13.63 7.97 -102.54
N VAL Y 86 -13.09 8.91 -101.77
CA VAL Y 86 -12.12 9.87 -102.28
C VAL Y 86 -10.72 9.36 -101.97
N VAL Y 87 -9.92 9.18 -103.02
CA VAL Y 87 -8.59 8.60 -102.89
C VAL Y 87 -7.59 9.55 -103.55
N ALA Y 88 -6.45 9.74 -102.91
CA ALA Y 88 -5.38 10.56 -103.49
C ALA Y 88 -4.73 9.76 -104.61
N ASN Y 89 -5.17 9.98 -105.84
CA ASN Y 89 -4.63 9.24 -106.97
C ASN Y 89 -3.23 9.70 -107.36
N SER Y 90 -2.84 10.91 -106.99
CA SER Y 90 -1.55 11.48 -107.39
C SER Y 90 -1.29 12.69 -106.50
N LYS Y 91 -0.18 13.36 -106.75
CA LYS Y 91 0.09 14.62 -106.06
C LYS Y 91 -0.87 15.69 -106.54
N GLU Y 92 -1.43 16.44 -105.60
CA GLU Y 92 -2.32 17.56 -105.88
C GLU Y 92 -3.55 17.14 -106.67
N SER Y 93 -4.01 15.91 -106.44
CA SER Y 93 -5.21 15.45 -107.13
C SER Y 93 -5.91 14.39 -106.29
N TYR Y 94 -7.24 14.47 -106.27
CA TYR Y 94 -8.07 13.44 -105.65
C TYR Y 94 -8.97 12.83 -106.72
N GLU Y 95 -9.43 11.61 -106.45
CA GLU Y 95 -10.23 10.85 -107.39
C GLU Y 95 -11.41 10.25 -106.65
N LEU Y 96 -12.55 10.15 -107.33
CA LEU Y 96 -13.75 9.57 -106.78
C LEU Y 96 -13.92 8.17 -107.35
N ARG Y 97 -13.99 7.16 -106.48
CA ARG Y 97 -14.04 5.77 -106.90
C ARG Y 97 -15.14 5.06 -106.14
N TYR Y 98 -15.40 3.82 -106.54
CA TYR Y 98 -16.36 2.99 -105.83
C TYR Y 98 -15.61 2.04 -104.89
N PHE Y 99 -16.37 1.17 -104.24
CA PHE Y 99 -15.79 0.11 -103.41
C PHE Y 99 -15.76 -1.17 -104.21
N GLN Y 100 -14.58 -1.72 -104.44
CA GLN Y 100 -14.41 -2.92 -105.25
C GLN Y 100 -14.68 -4.14 -104.36
N ILE Y 101 -15.96 -4.43 -104.18
CA ILE Y 101 -16.38 -5.54 -103.34
C ILE Y 101 -16.74 -6.75 -104.19
N SER Z 1 -63.14 19.06 -16.82
CA SER Z 1 -62.42 20.24 -17.29
C SER Z 1 -61.82 19.98 -18.66
N GLY Z 2 -61.41 18.75 -18.90
CA GLY Z 2 -60.80 18.39 -20.16
C GLY Z 2 -59.29 18.30 -20.06
N ALA Z 3 -58.77 17.09 -19.92
CA ALA Z 3 -57.34 16.89 -19.82
C ALA Z 3 -56.70 16.98 -21.20
N LYS Z 4 -55.38 17.15 -21.20
CA LYS Z 4 -54.64 17.29 -22.45
C LYS Z 4 -54.71 16.00 -23.26
N PHE Z 5 -54.68 16.15 -24.58
CA PHE Z 5 -54.68 15.00 -25.45
C PHE Z 5 -53.26 14.47 -25.63
N ARG Z 6 -53.18 13.20 -25.99
CA ARG Z 6 -51.88 12.57 -26.20
C ARG Z 6 -51.17 13.22 -27.38
N ILE Z 7 -49.93 13.61 -27.17
CA ILE Z 7 -49.12 14.26 -28.18
C ILE Z 7 -47.76 13.58 -28.24
N SER Z 8 -47.12 13.66 -29.40
CA SER Z 8 -45.80 13.05 -29.56
C SER Z 8 -44.81 13.71 -28.62
N LEU Z 9 -44.07 12.89 -27.87
CA LEU Z 9 -43.22 13.41 -26.80
C LEU Z 9 -41.88 13.87 -27.32
N GLY Z 10 -41.08 12.95 -27.84
CA GLY Z 10 -39.86 13.30 -28.56
C GLY Z 10 -38.66 13.68 -27.72
N LEU Z 11 -38.83 13.99 -26.44
CA LEU Z 11 -37.72 14.43 -25.59
C LEU Z 11 -37.51 13.43 -24.46
N PRO Z 12 -36.66 12.44 -24.66
CA PRO Z 12 -36.45 11.44 -23.60
C PRO Z 12 -35.61 11.95 -22.45
N VAL Z 13 -35.31 11.08 -21.51
CA VAL Z 13 -34.39 11.40 -20.44
C VAL Z 13 -33.01 11.62 -21.02
N GLY Z 14 -32.35 12.70 -20.61
CA GLY Z 14 -31.06 13.06 -21.11
C GLY Z 14 -31.07 14.22 -22.09
N ALA Z 15 -32.25 14.66 -22.51
CA ALA Z 15 -32.34 15.77 -23.45
C ALA Z 15 -31.91 17.07 -22.79
N VAL Z 16 -31.17 17.87 -23.53
CA VAL Z 16 -30.78 19.20 -23.08
C VAL Z 16 -31.63 20.20 -23.85
N ILE Z 17 -32.41 20.98 -23.11
CA ILE Z 17 -33.34 21.93 -23.70
C ILE Z 17 -32.95 23.33 -23.27
N ASN Z 18 -33.34 24.33 -24.06
CA ASN Z 18 -33.08 25.70 -23.66
C ASN Z 18 -33.98 26.10 -22.49
N CYS Z 19 -33.53 27.08 -21.74
CA CYS Z 19 -34.25 27.55 -20.56
C CYS Z 19 -34.85 28.90 -20.90
N ALA Z 20 -36.17 28.95 -20.98
CA ALA Z 20 -36.87 30.10 -21.55
C ALA Z 20 -37.23 31.16 -20.52
N ASP Z 21 -36.92 30.97 -19.25
CA ASP Z 21 -37.24 31.98 -18.25
C ASP Z 21 -36.10 33.00 -18.20
N ASN Z 22 -36.12 33.87 -17.19
CA ASN Z 22 -35.06 34.86 -17.00
C ASN Z 22 -34.32 34.65 -15.68
N THR Z 23 -34.39 33.44 -15.12
CA THR Z 23 -33.74 33.16 -13.85
C THR Z 23 -32.22 33.25 -13.94
N GLY Z 24 -31.66 33.05 -15.13
CA GLY Z 24 -30.22 33.05 -15.30
C GLY Z 24 -29.67 31.71 -15.75
N ALA Z 25 -30.49 30.67 -15.78
CA ALA Z 25 -30.06 29.38 -16.30
C ALA Z 25 -30.12 29.37 -17.82
N LYS Z 26 -29.05 28.88 -18.43
CA LYS Z 26 -29.01 28.81 -19.89
C LYS Z 26 -29.81 27.62 -20.42
N ASN Z 27 -29.62 26.44 -19.84
CA ASN Z 27 -30.27 25.25 -20.37
C ASN Z 27 -30.67 24.34 -19.21
N LEU Z 28 -31.41 23.29 -19.56
CA LEU Z 28 -31.90 22.29 -18.63
C LEU Z 28 -31.56 20.91 -19.16
N TYR Z 29 -31.37 19.97 -18.24
CA TYR Z 29 -31.03 18.59 -18.56
C TYR Z 29 -32.12 17.72 -17.98
N ILE Z 30 -33.02 17.23 -18.84
CA ILE Z 30 -34.16 16.44 -18.37
C ILE Z 30 -33.65 15.12 -17.81
N ILE Z 31 -34.05 14.80 -16.58
CA ILE Z 31 -33.65 13.56 -15.95
C ILE Z 31 -34.82 12.62 -15.72
N SER Z 32 -36.06 13.09 -15.82
CA SER Z 32 -37.25 12.28 -15.61
C SER Z 32 -38.47 13.10 -15.98
N VAL Z 33 -39.61 12.42 -16.07
CA VAL Z 33 -40.89 13.05 -16.36
C VAL Z 33 -41.89 12.64 -15.28
N LYS Z 34 -42.67 13.60 -14.80
CA LYS Z 34 -43.69 13.31 -13.81
C LYS Z 34 -44.82 12.50 -14.43
N GLY Z 35 -45.28 11.49 -13.69
CA GLY Z 35 -46.42 10.70 -14.13
C GLY Z 35 -46.10 9.54 -15.05
N ILE Z 36 -44.83 9.22 -15.24
CA ILE Z 36 -44.43 8.16 -16.16
C ILE Z 36 -44.26 6.88 -15.36
N LYS Z 37 -45.11 5.90 -15.65
CA LYS Z 37 -45.02 4.60 -14.99
C LYS Z 37 -44.01 3.68 -15.65
N GLY Z 38 -43.91 3.72 -16.97
CA GLY Z 38 -42.79 3.14 -17.65
C GLY Z 38 -42.98 1.72 -18.15
N ARG Z 39 -41.86 1.15 -18.56
CA ARG Z 39 -41.79 -0.15 -19.21
C ARG Z 39 -40.33 -0.55 -19.20
N LEU Z 40 -40.07 -1.80 -19.53
CA LEU Z 40 -38.68 -2.26 -19.60
C LEU Z 40 -37.96 -1.56 -20.75
N ASN Z 41 -36.86 -0.89 -20.44
CA ASN Z 41 -35.95 -0.21 -21.35
C ASN Z 41 -36.55 1.02 -22.00
N ARG Z 42 -37.83 1.30 -21.83
CA ARG Z 42 -38.46 2.43 -22.49
C ARG Z 42 -38.14 3.70 -21.72
N LEU Z 43 -37.35 4.57 -22.31
CA LEU Z 43 -36.96 5.80 -21.66
C LEU Z 43 -38.17 6.69 -21.44
N PRO Z 44 -38.31 7.32 -20.28
CA PRO Z 44 -39.38 8.31 -20.10
C PRO Z 44 -39.19 9.47 -21.06
N ALA Z 45 -40.30 9.97 -21.59
CA ALA Z 45 -40.26 11.05 -22.55
C ALA Z 45 -41.34 12.06 -22.22
N ALA Z 46 -41.12 13.30 -22.63
CA ALA Z 46 -42.04 14.38 -22.31
C ALA Z 46 -42.35 15.20 -23.56
N GLY Z 47 -43.58 15.71 -23.60
CA GLY Z 47 -43.99 16.67 -24.60
C GLY Z 47 -44.21 18.04 -23.98
N VAL Z 48 -44.81 18.93 -24.77
CA VAL Z 48 -45.08 20.28 -24.29
C VAL Z 48 -46.16 20.23 -23.23
N GLY Z 49 -45.95 20.96 -22.14
CA GLY Z 49 -46.88 20.99 -21.04
C GLY Z 49 -46.63 19.97 -19.95
N ASP Z 50 -45.70 19.05 -20.15
CA ASP Z 50 -45.43 18.04 -19.13
C ASP Z 50 -44.45 18.57 -18.09
N MET Z 51 -44.69 18.22 -16.84
CA MET Z 51 -43.81 18.61 -15.75
C MET Z 51 -42.69 17.58 -15.62
N VAL Z 52 -41.45 18.06 -15.63
CA VAL Z 52 -40.27 17.21 -15.61
C VAL Z 52 -39.39 17.61 -14.43
N MET Z 53 -38.40 16.77 -14.14
CA MET Z 53 -37.34 17.10 -13.21
C MET Z 53 -36.05 17.27 -14.01
N ALA Z 54 -35.39 18.41 -13.83
CA ALA Z 54 -34.22 18.71 -14.63
C ALA Z 54 -33.22 19.50 -13.81
N THR Z 55 -31.96 19.39 -14.19
CA THR Z 55 -30.87 20.11 -13.55
C THR Z 55 -30.18 20.97 -14.59
N VAL Z 56 -29.89 22.21 -14.24
CA VAL Z 56 -29.29 23.13 -15.21
C VAL Z 56 -27.81 22.83 -15.35
N LYS Z 57 -27.32 22.89 -16.59
CA LYS Z 57 -25.92 22.59 -16.89
C LYS Z 57 -25.08 23.86 -17.04
N LYS Z 58 -25.57 24.84 -17.78
CA LYS Z 58 -24.95 26.16 -17.85
C LYS Z 58 -25.90 27.15 -17.20
N GLY Z 59 -25.37 28.04 -16.38
CA GLY Z 59 -26.20 29.02 -15.71
C GLY Z 59 -25.59 29.42 -14.39
N LYS Z 60 -26.41 30.04 -13.56
CA LYS Z 60 -25.95 30.57 -12.29
C LYS Z 60 -25.49 29.44 -11.39
N PRO Z 61 -24.31 29.56 -10.78
CA PRO Z 61 -23.78 28.44 -9.97
C PRO Z 61 -24.62 28.09 -8.77
N GLU Z 62 -25.49 28.99 -8.31
CA GLU Z 62 -26.37 28.67 -7.20
C GLU Z 62 -27.51 27.75 -7.60
N LEU Z 63 -27.57 27.29 -8.85
CA LEU Z 63 -28.59 26.37 -9.30
C LEU Z 63 -28.04 25.13 -10.00
N ARG Z 64 -26.74 25.08 -10.28
CA ARG Z 64 -26.23 24.06 -11.20
C ARG Z 64 -26.31 22.67 -10.60
N LYS Z 65 -25.84 22.49 -9.37
CA LYS Z 65 -25.84 21.16 -8.76
C LYS Z 65 -27.08 20.93 -7.90
N LYS Z 66 -28.25 21.16 -8.50
CA LYS Z 66 -29.53 20.97 -7.82
C LYS Z 66 -30.55 20.46 -8.84
N VAL Z 67 -31.59 19.81 -8.32
CA VAL Z 67 -32.69 19.31 -9.13
C VAL Z 67 -33.86 20.28 -9.01
N HIS Z 68 -34.44 20.66 -10.13
CA HIS Z 68 -35.55 21.59 -10.15
C HIS Z 68 -36.71 21.00 -10.93
N PRO Z 69 -37.94 21.35 -10.56
CA PRO Z 69 -39.07 21.05 -11.44
C PRO Z 69 -39.08 22.00 -12.63
N ALA Z 70 -39.65 21.53 -13.73
CA ALA Z 70 -39.70 22.31 -14.95
C ALA Z 70 -40.93 21.91 -15.75
N VAL Z 71 -41.24 22.71 -16.77
CA VAL Z 71 -42.32 22.41 -17.69
C VAL Z 71 -41.85 22.72 -19.10
N VAL Z 72 -41.97 21.75 -20.01
CA VAL Z 72 -41.66 21.98 -21.41
C VAL Z 72 -42.67 22.95 -21.99
N ILE Z 73 -42.19 23.96 -22.72
CA ILE Z 73 -43.07 24.93 -23.35
C ILE Z 73 -42.96 24.95 -24.86
N ARG Z 74 -41.84 24.50 -25.44
CA ARG Z 74 -41.68 24.39 -26.87
C ARG Z 74 -40.95 23.11 -27.18
N GLN Z 75 -41.39 22.39 -28.20
CA GLN Z 75 -40.73 21.17 -28.63
C GLN Z 75 -40.51 21.20 -30.13
N ARG Z 76 -39.45 20.54 -30.57
CA ARG Z 76 -39.11 20.48 -31.98
C ARG Z 76 -39.81 19.34 -32.70
N LYS Z 77 -40.26 18.32 -31.97
CA LYS Z 77 -41.04 17.26 -32.56
C LYS Z 77 -42.41 17.79 -32.99
N SER Z 78 -42.88 17.36 -34.15
CA SER Z 78 -44.19 17.78 -34.63
C SER Z 78 -45.27 16.92 -34.00
N TYR Z 79 -46.29 17.57 -33.47
CA TYR Z 79 -47.41 16.87 -32.85
C TYR Z 79 -48.73 17.35 -33.45
N ARG Z 80 -49.70 16.46 -33.48
CA ARG Z 80 -51.01 16.76 -34.03
C ARG Z 80 -51.86 17.47 -32.98
N ARG Z 81 -52.48 18.58 -33.35
CA ARG Z 81 -53.27 19.37 -32.42
C ARG Z 81 -54.77 19.08 -32.54
N LYS Z 82 -55.12 17.83 -32.82
CA LYS Z 82 -56.51 17.36 -32.87
C LYS Z 82 -57.35 18.10 -33.90
N ASP Z 83 -56.71 18.83 -34.83
CA ASP Z 83 -57.44 19.44 -35.93
C ASP Z 83 -56.62 19.35 -37.21
N GLY Z 84 -55.71 18.39 -37.30
CA GLY Z 84 -54.89 18.21 -38.47
C GLY Z 84 -53.62 19.03 -38.48
N VAL Z 85 -53.47 19.99 -37.59
CA VAL Z 85 -52.30 20.84 -37.57
C VAL Z 85 -51.17 20.09 -36.89
N PHE Z 86 -50.12 19.79 -37.65
CA PHE Z 86 -48.90 19.21 -37.08
C PHE Z 86 -47.97 20.38 -36.77
N LEU Z 87 -47.85 20.70 -35.49
CA LEU Z 87 -47.07 21.85 -35.07
C LEU Z 87 -45.71 21.39 -34.55
N TYR Z 88 -44.66 22.11 -34.95
CA TYR Z 88 -43.33 21.91 -34.41
C TYR Z 88 -42.60 23.24 -34.39
N PHE Z 89 -41.75 23.42 -33.39
CA PHE Z 89 -41.11 24.70 -33.13
C PHE Z 89 -39.70 24.72 -33.69
N GLU Z 90 -39.02 25.85 -33.49
CA GLU Z 90 -37.64 25.98 -33.91
C GLU Z 90 -36.66 25.42 -32.89
N ASP Z 91 -37.12 25.17 -31.66
CA ASP Z 91 -36.21 24.79 -30.60
C ASP Z 91 -36.97 24.08 -29.49
N ASN Z 92 -36.22 23.34 -28.69
CA ASN Z 92 -36.76 22.75 -27.47
C ASN Z 92 -36.47 23.72 -26.32
N ALA Z 93 -37.51 24.08 -25.58
CA ALA Z 93 -37.34 25.03 -24.50
C ALA Z 93 -38.33 24.75 -23.39
N GLY Z 94 -37.94 25.05 -22.17
CA GLY Z 94 -38.79 24.86 -21.02
C GLY Z 94 -38.44 25.87 -19.94
N VAL Z 95 -39.43 26.15 -19.10
CA VAL Z 95 -39.26 27.08 -18.00
C VAL Z 95 -39.14 26.29 -16.70
N ILE Z 96 -38.54 26.92 -15.70
CA ILE Z 96 -38.35 26.29 -14.41
C ILE Z 96 -39.51 26.67 -13.50
N VAL Z 97 -40.12 25.67 -12.88
CA VAL Z 97 -41.28 25.86 -12.02
C VAL Z 97 -40.99 25.20 -10.68
N ASN Z 98 -41.99 25.18 -9.82
CA ASN Z 98 -41.93 24.49 -8.54
C ASN Z 98 -43.07 23.47 -8.47
N ASN Z 99 -43.26 22.88 -7.29
CA ASN Z 99 -44.24 21.80 -7.13
C ASN Z 99 -45.65 22.30 -7.36
N LYS Z 100 -46.00 23.48 -6.84
CA LYS Z 100 -47.36 23.98 -6.94
C LYS Z 100 -47.72 24.35 -8.38
N GLY Z 101 -46.82 25.03 -9.07
CA GLY Z 101 -47.11 25.47 -10.42
C GLY Z 101 -46.58 26.86 -10.72
N GLU Z 102 -46.09 27.55 -9.69
CA GLU Z 102 -45.50 28.86 -9.90
C GLU Z 102 -44.24 28.76 -10.76
N MET Z 103 -44.01 29.81 -11.54
CA MET Z 103 -42.84 29.92 -12.38
C MET Z 103 -41.74 30.65 -11.63
N LYS Z 104 -40.52 30.08 -11.66
CA LYS Z 104 -39.41 30.65 -10.90
C LYS Z 104 -39.04 32.04 -11.39
N GLY Z 105 -39.06 32.25 -12.70
CA GLY Z 105 -38.74 33.53 -13.29
C GLY Z 105 -39.93 34.45 -13.35
N SER Z 106 -39.79 35.52 -14.13
CA SER Z 106 -40.86 36.47 -14.33
C SER Z 106 -41.16 36.76 -15.79
N ALA Z 107 -40.35 36.26 -16.71
CA ALA Z 107 -40.61 36.47 -18.13
C ALA Z 107 -40.27 35.19 -18.88
N ILE Z 108 -40.89 35.04 -20.04
CA ILE Z 108 -40.63 33.90 -20.92
C ILE Z 108 -40.19 34.44 -22.27
N THR Z 109 -39.12 33.88 -22.80
CA THR Z 109 -38.59 34.26 -24.10
C THR Z 109 -39.21 33.38 -25.16
N GLY Z 110 -39.83 34.00 -26.16
CA GLY Z 110 -40.38 33.26 -27.28
C GLY Z 110 -41.78 32.75 -26.99
N PRO Z 111 -42.35 32.05 -27.96
CA PRO Z 111 -43.74 31.61 -27.82
C PRO Z 111 -43.87 30.46 -26.83
N VAL Z 112 -45.11 30.11 -26.54
CA VAL Z 112 -45.46 29.00 -25.65
C VAL Z 112 -46.56 28.21 -26.32
N ALA Z 113 -46.45 26.88 -26.30
CA ALA Z 113 -47.46 26.03 -26.89
C ALA Z 113 -48.80 26.23 -26.20
N LYS Z 114 -49.87 26.21 -26.99
CA LYS Z 114 -51.21 26.45 -26.45
C LYS Z 114 -51.58 25.40 -25.41
N GLU Z 115 -51.20 24.14 -25.63
CA GLU Z 115 -51.48 23.09 -24.67
C GLU Z 115 -50.78 23.36 -23.34
N CYS Z 116 -49.50 23.73 -23.39
CA CYS Z 116 -48.77 24.04 -22.17
C CYS Z 116 -49.39 25.21 -21.44
N ALA Z 117 -49.78 26.26 -22.18
CA ALA Z 117 -50.42 27.41 -21.56
C ALA Z 117 -51.73 27.02 -20.89
N ASP Z 118 -52.55 26.21 -21.56
CA ASP Z 118 -53.83 25.83 -21.01
C ASP Z 118 -53.67 24.91 -19.80
N LEU Z 119 -52.61 24.10 -19.77
CA LEU Z 119 -52.36 23.27 -18.60
C LEU Z 119 -51.91 24.11 -17.41
N TRP Z 120 -50.95 25.01 -17.62
CA TRP Z 120 -50.43 25.81 -16.52
C TRP Z 120 -50.81 27.27 -16.72
N PRO Z 121 -51.80 27.78 -15.98
CA PRO Z 121 -52.19 29.18 -16.17
C PRO Z 121 -51.10 30.18 -15.85
N ARG Z 122 -50.23 29.88 -14.88
CA ARG Z 122 -49.17 30.83 -14.53
C ARG Z 122 -48.22 31.05 -15.69
N ILE Z 123 -47.81 29.96 -16.35
CA ILE Z 123 -47.00 30.08 -17.56
C ILE Z 123 -47.79 30.84 -18.63
N ALA Z 124 -49.10 30.62 -18.70
CA ALA Z 124 -49.92 31.31 -19.68
C ALA Z 124 -49.93 32.81 -19.45
N SER Z 125 -49.96 33.24 -18.19
CA SER Z 125 -49.91 34.67 -17.91
C SER Z 125 -48.52 35.22 -18.19
N ASN Z 126 -47.47 34.46 -17.90
CA ASN Z 126 -46.11 34.94 -18.15
C ASN Z 126 -45.71 34.86 -19.61
N ALA Z 127 -46.48 34.20 -20.46
CA ALA Z 127 -46.05 33.91 -21.82
C ALA Z 127 -46.06 35.16 -22.68
N GLY Z 128 -45.01 35.32 -23.48
CA GLY Z 128 -44.98 36.42 -24.43
C GLY Z 128 -45.99 36.27 -25.54
N SER Z 129 -46.18 35.04 -26.02
CA SER Z 129 -47.14 34.77 -27.08
C SER Z 129 -47.54 33.31 -27.01
N ILE Z 130 -48.63 32.97 -27.68
CA ILE Z 130 -49.14 31.60 -27.74
C ILE Z 130 -49.09 31.14 -29.18
N ALA Z 131 -48.37 30.05 -29.42
CA ALA Z 131 -48.34 29.44 -30.74
C ALA Z 131 -49.67 28.73 -30.98
N MET AA 1 -63.62 22.51 -43.25
CA MET AA 1 -63.91 23.89 -43.59
C MET AA 1 -63.49 24.83 -42.48
N LYS AA 2 -62.23 24.73 -42.06
CA LYS AA 2 -61.67 25.61 -41.05
C LYS AA 2 -61.28 26.92 -41.72
N VAL AA 3 -60.51 27.75 -41.01
CA VAL AA 3 -59.93 28.94 -41.62
C VAL AA 3 -58.96 28.51 -42.71
N GLU AA 4 -59.04 29.17 -43.86
CA GLU AA 4 -58.20 28.81 -44.99
C GLU AA 4 -56.81 29.37 -44.78
N LEU AA 5 -55.81 28.51 -44.89
CA LEU AA 5 -54.41 28.92 -44.75
C LEU AA 5 -53.76 29.00 -46.12
N CYS AA 6 -52.57 29.59 -46.14
CA CYS AA 6 -51.78 29.68 -47.36
C CYS AA 6 -50.32 29.44 -47.01
N SER AA 7 -49.66 28.60 -47.80
CA SER AA 7 -48.25 28.35 -47.62
C SER AA 7 -47.45 29.60 -48.02
N PHE AA 8 -46.14 29.54 -47.81
CA PHE AA 8 -45.27 30.61 -48.31
C PHE AA 8 -45.35 30.70 -49.83
N SER AA 9 -45.51 29.56 -50.51
CA SER AA 9 -45.65 29.54 -51.96
C SER AA 9 -47.02 30.01 -52.41
N GLY AA 10 -47.96 30.20 -51.49
CA GLY AA 10 -49.23 30.80 -51.78
C GLY AA 10 -50.38 29.85 -52.01
N TYR AA 11 -50.11 28.56 -52.11
CA TYR AA 11 -51.18 27.60 -52.36
C TYR AA 11 -52.10 27.49 -51.15
N LYS AA 12 -53.36 27.16 -51.41
CA LYS AA 12 -54.36 27.05 -50.35
C LYS AA 12 -54.17 25.74 -49.60
N ILE AA 13 -53.98 25.84 -48.29
CA ILE AA 13 -53.71 24.68 -47.45
C ILE AA 13 -55.02 24.27 -46.79
N TYR AA 14 -55.52 23.10 -47.17
CA TYR AA 14 -56.76 22.59 -46.62
C TYR AA 14 -56.51 21.95 -45.26
N PRO AA 15 -57.53 21.88 -44.40
CA PRO AA 15 -57.35 21.28 -43.07
C PRO AA 15 -56.88 19.83 -43.18
N GLY AA 16 -55.94 19.47 -42.31
CA GLY AA 16 -55.37 18.15 -42.31
C GLY AA 16 -54.24 17.94 -43.29
N HIS AA 17 -53.89 18.94 -44.09
CA HIS AA 17 -52.82 18.83 -45.06
C HIS AA 17 -51.67 19.74 -44.67
N GLY AA 18 -50.46 19.26 -44.89
CA GLY AA 18 -49.30 20.08 -44.61
C GLY AA 18 -48.92 20.08 -43.14
N ARG AA 19 -48.20 21.14 -42.76
CA ARG AA 19 -47.62 21.22 -41.43
C ARG AA 19 -47.34 22.69 -41.09
N ARG AA 20 -47.68 23.07 -39.86
CA ARG AA 20 -47.50 24.44 -39.39
C ARG AA 20 -46.28 24.51 -38.49
N TYR AA 21 -45.46 25.52 -38.70
CA TYR AA 21 -44.17 25.69 -38.04
C TYR AA 21 -44.14 27.03 -37.33
N ALA AA 22 -43.69 27.02 -36.07
CA ALA AA 22 -43.56 28.23 -35.27
C ALA AA 22 -42.10 28.48 -34.93
N ARG AA 23 -41.68 29.74 -35.01
CA ARG AA 23 -40.32 30.15 -34.71
C ARG AA 23 -40.21 30.81 -33.36
N THR AA 24 -38.98 30.90 -32.86
CA THR AA 24 -38.73 31.50 -31.55
C THR AA 24 -39.09 32.98 -31.54
N ASP AA 25 -38.93 33.67 -32.67
CA ASP AA 25 -39.27 35.09 -32.75
C ASP AA 25 -40.76 35.32 -33.00
N GLY AA 26 -41.59 34.31 -32.77
CA GLY AA 26 -43.02 34.47 -32.79
C GLY AA 26 -43.68 34.29 -34.13
N LYS AA 27 -42.91 34.17 -35.22
CA LYS AA 27 -43.48 34.06 -36.55
C LYS AA 27 -43.95 32.63 -36.81
N VAL AA 28 -45.17 32.50 -37.32
CA VAL AA 28 -45.78 31.19 -37.58
C VAL AA 28 -46.05 31.08 -39.07
N PHE AA 29 -45.49 30.06 -39.70
CA PHE AA 29 -45.71 29.76 -41.10
C PHE AA 29 -46.42 28.42 -41.24
N GLN AA 30 -46.96 28.18 -42.44
CA GLN AA 30 -47.59 26.93 -42.76
C GLN AA 30 -47.07 26.46 -44.11
N PHE AA 31 -46.90 25.15 -44.24
CA PHE AA 31 -46.34 24.57 -45.45
C PHE AA 31 -47.25 23.49 -45.98
N LEU AA 32 -47.44 23.48 -47.29
CA LEU AA 32 -48.32 22.50 -47.92
C LEU AA 32 -47.72 21.11 -47.89
N ASN AA 33 -46.41 21.00 -48.00
CA ASN AA 33 -45.74 19.71 -47.93
C ASN AA 33 -44.25 19.92 -47.67
N ALA AA 34 -43.53 18.79 -47.61
CA ALA AA 34 -42.14 18.81 -47.24
C ALA AA 34 -41.27 19.50 -48.28
N LYS AA 35 -41.70 19.54 -49.54
CA LYS AA 35 -40.93 20.27 -50.55
C LYS AA 35 -40.92 21.77 -50.25
N CYS AA 36 -42.10 22.35 -50.00
CA CYS AA 36 -42.18 23.75 -49.60
C CYS AA 36 -41.44 23.99 -48.30
N GLU AA 37 -41.60 23.08 -47.33
CA GLU AA 37 -40.93 23.25 -46.05
C GLU AA 37 -39.41 23.24 -46.20
N SER AA 38 -38.88 22.33 -47.02
CA SER AA 38 -37.45 22.25 -47.19
C SER AA 38 -36.90 23.46 -47.93
N ALA AA 39 -37.64 23.98 -48.91
CA ALA AA 39 -37.22 25.22 -49.55
C ALA AA 39 -37.17 26.36 -48.53
N PHE AA 40 -38.20 26.49 -47.70
CA PHE AA 40 -38.21 27.55 -46.70
C PHE AA 40 -37.05 27.39 -45.73
N LEU AA 41 -36.80 26.17 -45.27
CA LEU AA 41 -35.72 25.93 -44.31
C LEU AA 41 -34.36 26.23 -44.91
N SER AA 42 -34.14 25.84 -46.16
CA SER AA 42 -32.90 26.17 -46.85
C SER AA 42 -32.85 27.63 -47.24
N LYS AA 43 -33.92 28.38 -46.99
CA LYS AA 43 -33.92 29.84 -47.15
C LYS AA 43 -33.78 30.24 -48.61
N ARG AA 44 -34.47 29.50 -49.47
CA ARG AA 44 -34.56 29.85 -50.88
C ARG AA 44 -35.68 30.85 -51.07
N ASN AA 45 -35.36 31.98 -51.69
CA ASN AA 45 -36.36 33.01 -51.92
C ASN AA 45 -37.44 32.47 -52.85
N PRO AA 46 -38.71 32.57 -52.48
CA PRO AA 46 -39.78 32.03 -53.34
C PRO AA 46 -39.89 32.72 -54.66
N ARG AA 47 -39.35 33.94 -54.80
CA ARG AA 47 -39.49 34.70 -56.03
C ARG AA 47 -38.63 34.18 -57.16
N GLN AA 48 -37.75 33.21 -56.91
CA GLN AA 48 -37.00 32.59 -57.99
C GLN AA 48 -37.46 31.17 -58.30
N ILE AA 49 -38.23 30.54 -57.43
CA ILE AA 49 -38.73 29.20 -57.69
C ILE AA 49 -39.92 29.32 -58.63
N ASN AA 50 -39.81 28.66 -59.79
CA ASN AA 50 -40.67 28.98 -60.92
C ASN AA 50 -42.14 28.67 -60.66
N TRP AA 51 -42.44 27.71 -59.80
CA TRP AA 51 -43.80 27.22 -59.66
C TRP AA 51 -44.55 27.83 -58.49
N THR AA 52 -44.05 28.90 -57.90
CA THR AA 52 -44.72 29.53 -56.77
C THR AA 52 -45.52 30.74 -57.21
N VAL AA 53 -46.56 31.04 -56.44
CA VAL AA 53 -47.46 32.14 -56.76
C VAL AA 53 -46.72 33.46 -56.77
N LEU AA 54 -45.75 33.62 -55.87
CA LEU AA 54 -44.96 34.84 -55.86
C LEU AA 54 -44.16 34.99 -57.15
N TYR AA 55 -43.58 33.90 -57.64
CA TYR AA 55 -42.89 33.95 -58.93
C TYR AA 55 -43.84 34.33 -60.05
N ARG AA 56 -45.03 33.71 -60.07
CA ARG AA 56 -45.98 34.03 -61.14
C ARG AA 56 -46.38 35.48 -61.10
N ARG AA 57 -46.64 36.02 -59.90
CA ARG AA 57 -47.04 37.41 -59.78
C ARG AA 57 -45.91 38.35 -60.17
N LYS AA 58 -44.68 38.01 -59.78
CA LYS AA 58 -43.55 38.89 -60.10
C LYS AA 58 -43.26 38.91 -61.59
N HIS AA 59 -43.32 37.76 -62.25
CA HIS AA 59 -43.05 37.69 -63.68
C HIS AA 59 -44.30 37.90 -64.52
N LYS AA 60 -45.42 38.25 -63.89
CA LYS AA 60 -46.67 38.57 -64.57
C LYS AA 60 -47.16 37.42 -65.44
N LYS AA 61 -46.93 36.21 -64.96
CA LYS AA 61 -47.57 35.03 -65.54
C LYS AA 61 -49.00 34.94 -65.01
N GLY AA 62 -49.92 34.55 -65.88
CA GLY AA 62 -51.32 34.50 -65.51
C GLY AA 62 -52.01 35.85 -65.53
N GLN AA 63 -51.33 36.90 -65.98
CA GLN AA 63 -51.93 38.23 -66.08
C GLN AA 63 -52.06 38.65 -67.55
N THR AA 72 -60.37 53.99 -63.78
CA THR AA 72 -60.14 55.36 -64.24
C THR AA 72 -60.75 56.37 -63.27
N ARG AA 73 -60.20 57.58 -63.25
CA ARG AA 73 -60.60 58.57 -62.27
C ARG AA 73 -61.95 59.18 -62.63
N ARG AA 74 -62.47 60.01 -61.72
CA ARG AA 74 -63.70 60.76 -61.93
C ARG AA 74 -63.47 62.21 -61.58
N ALA AA 75 -63.99 63.11 -62.40
CA ALA AA 75 -63.90 64.55 -62.16
C ALA AA 75 -65.31 65.12 -62.13
N VAL AA 76 -65.71 65.61 -60.97
CA VAL AA 76 -67.08 66.08 -60.76
C VAL AA 76 -67.07 67.61 -60.66
N LYS AA 77 -68.18 68.21 -61.09
CA LYS AA 77 -68.37 69.65 -61.05
C LYS AA 77 -69.72 69.97 -60.42
N PHE AA 78 -69.96 69.38 -59.24
CA PHE AA 78 -71.19 69.61 -58.50
C PHE AA 78 -71.39 71.10 -58.23
N GLN AA 79 -72.64 71.49 -58.05
CA GLN AA 79 -72.98 72.87 -57.74
C GLN AA 79 -74.01 72.86 -56.61
N ARG AA 80 -73.61 73.31 -55.44
CA ARG AA 80 -74.48 73.37 -54.27
C ARG AA 80 -74.62 74.83 -53.82
N ALA AA 81 -75.30 75.01 -52.69
CA ALA AA 81 -75.56 76.34 -52.17
C ALA AA 81 -74.42 76.81 -51.26
N ILE AA 82 -74.58 78.00 -50.72
CA ILE AA 82 -73.66 78.57 -49.75
C ILE AA 82 -74.44 78.83 -48.47
N THR AA 83 -73.81 78.56 -47.33
CA THR AA 83 -74.48 78.72 -46.04
C THR AA 83 -74.99 80.15 -45.87
N GLY AA 84 -76.25 80.28 -45.43
CA GLY AA 84 -76.86 81.57 -45.27
C GLY AA 84 -77.27 82.24 -46.57
N ALA AA 85 -77.45 81.47 -47.64
CA ALA AA 85 -77.87 82.02 -48.92
C ALA AA 85 -79.01 81.19 -49.49
N SER AA 86 -79.45 81.50 -50.71
CA SER AA 86 -80.53 80.77 -51.37
C SER AA 86 -79.99 80.07 -52.60
N LEU AA 87 -80.28 78.77 -52.71
CA LEU AA 87 -79.78 77.98 -53.83
C LEU AA 87 -80.33 78.48 -55.15
N ALA AA 88 -81.61 78.83 -55.19
CA ALA AA 88 -82.17 79.41 -56.41
C ALA AA 88 -81.55 80.76 -56.72
N ASP AA 89 -81.40 81.60 -55.69
CA ASP AA 89 -80.91 82.96 -55.88
C ASP AA 89 -79.48 82.96 -56.41
N ILE AA 90 -78.62 82.04 -55.95
CA ILE AA 90 -77.24 82.08 -56.40
C ILE AA 90 -77.12 81.67 -57.86
N MET AA 91 -77.83 80.61 -58.30
CA MET AA 91 -77.80 80.28 -59.71
C MET AA 91 -78.41 81.38 -60.56
N ALA AA 92 -79.52 81.96 -60.10
CA ALA AA 92 -80.13 83.07 -60.85
C ALA AA 92 -79.16 84.24 -60.96
N LYS AA 93 -78.48 84.57 -59.87
CA LYS AA 93 -77.53 85.67 -59.88
C LYS AA 93 -76.36 85.41 -60.81
N ARG AA 94 -75.83 84.18 -60.79
CA ARG AA 94 -74.70 83.87 -61.66
C ARG AA 94 -75.11 83.63 -63.10
N ASN AA 95 -76.40 83.46 -63.38
CA ASN AA 95 -76.92 83.40 -64.73
C ASN AA 95 -77.74 84.65 -65.06
N GLN AA 96 -77.48 85.74 -64.35
CA GLN AA 96 -78.14 87.01 -64.61
C GLN AA 96 -77.88 87.50 -66.02
N LYS AA 97 -78.66 88.51 -66.42
CA LYS AA 97 -78.57 89.04 -67.77
C LYS AA 97 -77.26 89.79 -67.97
N PRO AA 98 -76.59 89.60 -69.11
CA PRO AA 98 -75.41 90.44 -69.41
C PRO AA 98 -75.74 91.92 -69.45
N GLU AA 99 -76.92 92.29 -69.94
CA GLU AA 99 -77.33 93.68 -69.89
C GLU AA 99 -77.53 94.15 -68.45
N VAL AA 100 -78.01 93.27 -67.57
CA VAL AA 100 -78.08 93.60 -66.16
C VAL AA 100 -76.68 93.84 -65.60
N ARG AA 101 -75.70 93.02 -66.01
CA ARG AA 101 -74.35 93.18 -65.51
C ARG AA 101 -73.71 94.49 -66.00
N LYS AA 102 -73.92 94.85 -67.27
CA LYS AA 102 -73.36 96.10 -67.75
C LYS AA 102 -74.09 97.31 -67.14
N ALA AA 103 -75.39 97.20 -66.89
CA ALA AA 103 -76.08 98.24 -66.13
C ALA AA 103 -75.51 98.35 -64.73
N GLN AA 104 -75.17 97.23 -64.10
CA GLN AA 104 -74.56 97.26 -62.78
C GLN AA 104 -73.20 97.96 -62.81
N ARG AA 105 -72.37 97.66 -63.81
CA ARG AA 105 -71.05 98.30 -63.82
C ARG AA 105 -71.16 99.79 -64.12
N GLU AA 106 -72.07 100.21 -65.01
CA GLU AA 106 -72.19 101.64 -65.24
C GLU AA 106 -72.81 102.38 -64.06
N GLN AA 107 -73.77 101.75 -63.36
CA GLN AA 107 -74.33 102.41 -62.18
C GLN AA 107 -73.33 102.48 -61.04
N ALA AA 108 -72.45 101.48 -60.90
CA ALA AA 108 -71.35 101.60 -59.96
C ALA AA 108 -70.31 102.63 -60.41
N ILE AA 109 -70.12 102.82 -61.72
CA ILE AA 109 -69.22 103.87 -62.19
C ILE AA 109 -69.75 105.25 -61.82
N ARG AA 110 -71.04 105.48 -62.03
CA ARG AA 110 -71.58 106.79 -61.63
C ARG AA 110 -71.72 106.90 -60.11
N ALA AA 111 -71.85 105.77 -59.40
CA ALA AA 111 -71.76 105.80 -57.95
C ALA AA 111 -70.37 106.24 -57.50
N ALA AA 112 -69.33 105.74 -58.15
CA ALA AA 112 -67.99 106.23 -57.89
C ALA AA 112 -67.83 107.69 -58.30
N LYS AA 113 -68.55 108.12 -59.33
CA LYS AA 113 -68.50 109.53 -59.74
C LYS AA 113 -69.07 110.43 -58.64
N GLU AA 114 -70.22 110.06 -58.08
CA GLU AA 114 -70.77 110.85 -56.98
C GLU AA 114 -69.97 110.69 -55.70
N ALA AA 115 -69.29 109.56 -55.52
CA ALA AA 115 -68.33 109.45 -54.43
C ALA AA 115 -67.16 110.42 -54.61
N LYS AA 116 -66.68 110.57 -55.85
CA LYS AA 116 -65.66 111.56 -56.16
C LYS AA 116 -66.16 112.97 -55.89
N LYS AA 117 -67.42 113.23 -56.23
CA LYS AA 117 -67.99 114.55 -55.94
C LYS AA 117 -68.08 114.79 -54.44
N ALA AA 118 -68.44 113.76 -53.67
CA ALA AA 118 -68.44 113.89 -52.20
C ALA AA 118 -67.03 114.14 -51.68
N LYS AA 119 -66.03 113.46 -52.26
CA LYS AA 119 -64.64 113.69 -51.87
C LYS AA 119 -64.22 115.12 -52.17
N GLN AA 120 -64.60 115.65 -53.32
CA GLN AA 120 -64.30 117.04 -53.66
C GLN AA 120 -65.02 118.01 -52.74
N ALA AA 121 -66.27 117.73 -52.38
CA ALA AA 121 -67.01 118.59 -51.47
C ALA AA 121 -66.37 118.61 -50.09
N SER AA 122 -65.92 117.46 -49.60
CA SER AA 122 -65.23 117.42 -48.31
C SER AA 122 -63.85 118.08 -48.40
N LYS AA 123 -63.21 118.02 -49.56
CA LYS AA 123 -61.95 118.73 -49.77
C LYS AA 123 -62.15 120.24 -49.70
N LYS AA 124 -63.24 120.74 -50.28
CA LYS AA 124 -63.49 122.18 -50.34
C LYS AA 124 -63.71 122.79 -48.97
N LYS BA 1 85.50 -24.66 -54.12
CA LYS BA 1 85.76 -23.24 -53.82
C LYS BA 1 84.75 -22.35 -54.54
N LYS BA 2 84.02 -22.95 -55.48
CA LYS BA 2 82.92 -22.28 -56.17
C LYS BA 2 81.56 -22.69 -55.64
N LYS BA 3 81.52 -23.37 -54.49
CA LYS BA 3 80.28 -23.92 -53.94
C LYS BA 3 79.86 -23.05 -52.76
N ILE BA 4 78.97 -22.09 -53.03
CA ILE BA 4 78.35 -21.28 -51.99
C ILE BA 4 76.84 -21.33 -52.18
N ARG BA 5 76.12 -21.03 -51.11
CA ARG BA 5 74.66 -20.99 -51.14
C ARG BA 5 74.24 -19.54 -51.02
N THR BA 6 73.71 -18.99 -52.11
CA THR BA 6 73.28 -17.60 -52.14
C THR BA 6 71.88 -17.41 -51.59
N SER BA 7 71.20 -18.48 -51.19
CA SER BA 7 69.85 -18.40 -50.68
C SER BA 7 69.76 -19.06 -49.32
N PRO BA 8 68.91 -18.55 -48.43
CA PRO BA 8 68.67 -19.24 -47.16
C PRO BA 8 67.74 -20.43 -47.28
N THR BA 9 67.29 -20.76 -48.48
CA THR BA 9 66.31 -21.82 -48.72
C THR BA 9 67.00 -23.02 -49.34
N PHE BA 10 66.75 -24.19 -48.77
CA PHE BA 10 67.13 -25.45 -49.39
C PHE BA 10 65.98 -25.90 -50.29
N ARG BA 11 66.31 -26.30 -51.51
CA ARG BA 11 65.31 -26.74 -52.47
C ARG BA 11 65.63 -28.15 -52.94
N ARG BA 12 64.60 -28.87 -53.35
CA ARG BA 12 64.79 -30.23 -53.83
C ARG BA 12 65.54 -30.20 -55.15
N PRO BA 13 66.72 -30.80 -55.24
CA PRO BA 13 67.47 -30.76 -56.49
C PRO BA 13 66.78 -31.54 -57.58
N LYS BA 14 66.92 -31.04 -58.81
CA LYS BA 14 66.30 -31.71 -59.95
C LYS BA 14 67.07 -32.99 -60.26
N THR BA 15 66.39 -34.12 -60.17
CA THR BA 15 66.97 -35.42 -60.47
C THR BA 15 66.32 -36.00 -61.71
N LEU BA 16 67.06 -36.86 -62.40
CA LEU BA 16 66.61 -37.38 -63.69
C LEU BA 16 65.31 -38.16 -63.54
N ARG BA 17 64.33 -37.83 -64.36
CA ARG BA 17 63.05 -38.54 -64.40
C ARG BA 17 63.03 -39.40 -65.65
N LEU BA 18 63.09 -40.72 -65.45
CA LEU BA 18 63.12 -41.63 -66.57
C LEU BA 18 61.75 -41.75 -67.22
N ARG BA 19 61.73 -41.85 -68.55
CA ARG BA 19 60.51 -42.14 -69.26
C ARG BA 19 60.20 -43.63 -69.14
N ARG BA 20 58.94 -43.98 -69.40
CA ARG BA 20 58.52 -45.37 -69.26
C ARG BA 20 59.07 -46.22 -70.39
N GLN BA 21 59.69 -47.34 -70.03
CA GLN BA 21 60.23 -48.31 -70.98
C GLN BA 21 59.70 -49.69 -70.60
N PRO BA 22 58.40 -49.93 -70.81
CA PRO BA 22 57.78 -51.15 -70.29
C PRO BA 22 58.24 -52.40 -71.02
N LYS BA 23 58.23 -53.52 -70.28
CA LYS BA 23 58.64 -54.80 -70.83
C LYS BA 23 57.52 -55.51 -71.58
N TYR BA 24 56.27 -55.08 -71.39
CA TYR BA 24 55.15 -55.69 -72.09
C TYR BA 24 54.04 -54.68 -72.18
N PRO BA 25 53.36 -54.57 -73.32
CA PRO BA 25 52.19 -53.69 -73.39
C PRO BA 25 51.10 -54.18 -72.46
N ARG BA 26 50.41 -53.23 -71.83
CA ARG BA 26 49.36 -53.59 -70.89
C ARG BA 26 48.16 -54.20 -71.60
N LYS BA 27 47.81 -53.68 -72.76
CA LYS BA 27 46.78 -54.26 -73.61
C LYS BA 27 47.44 -54.91 -74.82
N SER BA 28 46.98 -56.12 -75.15
CA SER BA 28 47.59 -56.85 -76.26
C SER BA 28 47.38 -56.14 -77.59
N ALA BA 29 46.17 -55.64 -77.83
CA ALA BA 29 45.87 -54.87 -79.01
C ALA BA 29 45.06 -53.64 -78.64
N PRO BA 30 45.36 -52.47 -79.19
CA PRO BA 30 44.53 -51.30 -78.94
C PRO BA 30 43.12 -51.53 -79.48
N ARG BA 31 42.13 -51.11 -78.69
CA ARG BA 31 40.75 -51.28 -79.11
C ARG BA 31 40.46 -50.39 -80.31
N ARG BA 32 39.75 -50.95 -81.28
CA ARG BA 32 39.36 -50.17 -82.44
C ARG BA 32 38.30 -49.14 -82.04
N ASN BA 33 38.21 -48.08 -82.83
CA ASN BA 33 37.27 -47.00 -82.52
C ASN BA 33 35.86 -47.45 -82.88
N LYS BA 34 34.97 -47.47 -81.88
CA LYS BA 34 33.58 -47.82 -82.14
C LYS BA 34 32.86 -46.74 -82.91
N LEU BA 35 33.35 -45.50 -82.87
CA LEU BA 35 32.66 -44.36 -83.46
C LEU BA 35 33.29 -43.99 -84.81
N ASP BA 36 33.06 -44.84 -85.80
CA ASP BA 36 33.48 -44.50 -87.16
C ASP BA 36 32.31 -43.81 -87.87
N HIS BA 37 32.42 -43.65 -89.20
CA HIS BA 37 31.44 -42.85 -89.93
C HIS BA 37 30.05 -43.47 -89.89
N TYR BA 38 29.97 -44.79 -90.06
CA TYR BA 38 28.69 -45.46 -90.03
C TYR BA 38 28.07 -45.43 -88.65
N ALA BA 39 28.90 -45.42 -87.61
CA ALA BA 39 28.39 -45.28 -86.26
C ALA BA 39 27.93 -43.85 -85.98
N ILE BA 40 28.59 -42.86 -86.59
CA ILE BA 40 28.26 -41.47 -86.32
C ILE BA 40 26.93 -41.12 -86.99
N ILE BA 41 26.83 -41.34 -88.30
CA ILE BA 41 25.62 -40.94 -89.02
C ILE BA 41 24.62 -42.08 -88.89
N LYS BA 42 23.71 -41.97 -87.92
CA LYS BA 42 22.76 -43.06 -87.69
C LYS BA 42 21.77 -43.17 -88.83
N PHE BA 43 20.95 -42.14 -89.02
CA PHE BA 43 19.96 -42.17 -90.08
C PHE BA 43 19.51 -40.76 -90.38
N PRO BA 44 19.29 -40.41 -91.63
CA PRO BA 44 18.80 -39.07 -91.97
C PRO BA 44 17.38 -38.85 -91.50
N LEU BA 45 17.06 -37.58 -91.28
CA LEU BA 45 15.75 -37.15 -90.80
C LEU BA 45 14.87 -36.77 -91.98
N THR BA 46 13.61 -37.21 -91.94
CA THR BA 46 12.70 -37.08 -93.07
C THR BA 46 11.37 -36.49 -92.65
N THR BA 47 11.39 -35.41 -91.88
CA THR BA 47 10.16 -34.76 -91.48
C THR BA 47 9.92 -33.53 -92.35
N GLU BA 48 8.84 -32.82 -92.06
CA GLU BA 48 8.45 -31.66 -92.86
C GLU BA 48 9.51 -30.57 -92.80
N SER BA 49 10.02 -30.27 -91.60
CA SER BA 49 11.06 -29.27 -91.48
C SER BA 49 12.37 -29.73 -92.10
N ALA BA 50 12.65 -31.03 -92.09
CA ALA BA 50 13.84 -31.53 -92.76
C ALA BA 50 13.74 -31.33 -94.26
N MET BA 51 12.56 -31.60 -94.83
CA MET BA 51 12.35 -31.33 -96.24
C MET BA 51 12.46 -29.85 -96.55
N LYS BA 52 11.98 -28.98 -95.66
CA LYS BA 52 12.13 -27.54 -95.86
C LYS BA 52 13.59 -27.13 -95.82
N LYS BA 53 14.38 -27.69 -94.91
CA LYS BA 53 15.81 -27.40 -94.88
C LYS BA 53 16.49 -27.87 -96.15
N ILE BA 54 16.06 -29.01 -96.69
CA ILE BA 54 16.66 -29.52 -97.91
C ILE BA 54 16.35 -28.60 -99.08
N GLU BA 55 15.09 -28.21 -99.23
CA GLU BA 55 14.72 -27.40 -100.41
C GLU BA 55 15.24 -25.98 -100.30
N ASP BA 56 15.08 -25.33 -99.15
CA ASP BA 56 15.35 -23.90 -99.03
C ASP BA 56 16.75 -23.63 -98.48
N ASN BA 57 17.04 -24.11 -97.28
CA ASN BA 57 18.29 -23.78 -96.61
C ASN BA 57 19.50 -24.51 -97.18
N ASN BA 58 19.29 -25.40 -98.16
CA ASN BA 58 20.37 -26.19 -98.76
C ASN BA 58 21.07 -27.03 -97.70
N THR BA 59 20.29 -27.55 -96.76
CA THR BA 59 20.80 -28.20 -95.56
C THR BA 59 20.22 -29.60 -95.46
N LEU BA 60 21.09 -30.57 -95.14
CA LEU BA 60 20.67 -31.93 -94.83
C LEU BA 60 20.54 -32.10 -93.32
N VAL BA 61 19.43 -32.66 -92.88
CA VAL BA 61 19.19 -32.89 -91.46
C VAL BA 61 19.39 -34.37 -91.17
N PHE BA 62 20.25 -34.66 -90.21
CA PHE BA 62 20.58 -36.03 -89.83
C PHE BA 62 20.34 -36.24 -88.34
N ILE BA 63 20.14 -37.50 -87.98
CA ILE BA 63 20.14 -37.93 -86.59
C ILE BA 63 21.46 -38.63 -86.36
N VAL BA 64 22.32 -38.04 -85.54
CA VAL BA 64 23.68 -38.52 -85.35
C VAL BA 64 23.82 -39.08 -83.95
N ASP BA 65 24.95 -39.75 -83.73
CA ASP BA 65 25.27 -40.26 -82.41
C ASP BA 65 25.54 -39.10 -81.45
N VAL BA 66 25.11 -39.27 -80.19
CA VAL BA 66 25.15 -38.17 -79.24
C VAL BA 66 26.58 -37.85 -78.79
N LYS BA 67 27.52 -38.79 -78.93
CA LYS BA 67 28.88 -38.59 -78.45
C LYS BA 67 29.79 -37.97 -79.50
N ALA BA 68 29.28 -37.65 -80.68
CA ALA BA 68 30.09 -37.13 -81.77
C ALA BA 68 29.99 -35.62 -81.82
N ASN BA 69 31.11 -34.96 -82.12
CA ASN BA 69 31.16 -33.52 -82.20
C ASN BA 69 31.04 -33.06 -83.65
N LYS BA 70 31.08 -31.74 -83.84
CA LYS BA 70 30.84 -31.17 -85.16
C LYS BA 70 31.94 -31.56 -86.14
N HIS BA 71 33.19 -31.60 -85.70
CA HIS BA 71 34.28 -32.00 -86.60
C HIS BA 71 34.11 -33.43 -87.06
N GLN BA 72 33.78 -34.33 -86.14
CA GLN BA 72 33.56 -35.72 -86.50
C GLN BA 72 32.36 -35.85 -87.44
N ILE BA 73 31.31 -35.07 -87.20
CA ILE BA 73 30.14 -35.12 -88.08
C ILE BA 73 30.50 -34.63 -89.47
N LYS BA 74 31.30 -33.56 -89.54
CA LYS BA 74 31.71 -33.03 -90.83
C LYS BA 74 32.51 -34.06 -91.63
N GLN BA 75 33.48 -34.70 -90.97
CA GLN BA 75 34.25 -35.74 -91.66
C GLN BA 75 33.40 -36.94 -92.01
N ALA BA 76 32.44 -37.31 -91.16
CA ALA BA 76 31.58 -38.44 -91.45
C ALA BA 76 30.72 -38.19 -92.66
N VAL BA 77 30.15 -36.99 -92.77
CA VAL BA 77 29.36 -36.65 -93.95
C VAL BA 77 30.23 -36.65 -95.19
N LYS BA 78 31.43 -36.07 -95.10
CA LYS BA 78 32.32 -36.05 -96.25
C LYS BA 78 32.70 -37.45 -96.70
N LYS BA 79 32.94 -38.35 -95.77
CA LYS BA 79 33.35 -39.71 -96.13
C LYS BA 79 32.17 -40.60 -96.49
N LEU BA 80 30.95 -40.22 -96.16
CA LEU BA 80 29.80 -41.05 -96.48
C LEU BA 80 29.13 -40.64 -97.78
N TYR BA 81 29.04 -39.34 -98.06
CA TYR BA 81 28.34 -38.88 -99.25
C TYR BA 81 29.23 -38.15 -100.24
N ASP BA 82 30.53 -38.03 -99.94
CA ASP BA 82 31.52 -37.53 -100.90
C ASP BA 82 31.22 -36.10 -101.34
N ILE BA 83 30.76 -35.28 -100.40
CA ILE BA 83 30.44 -33.88 -100.67
C ILE BA 83 31.34 -33.00 -99.81
N ASP BA 84 31.30 -31.70 -100.11
CA ASP BA 84 32.00 -30.69 -99.31
C ASP BA 84 30.97 -29.94 -98.49
N VAL BA 85 31.19 -29.88 -97.18
CA VAL BA 85 30.23 -29.29 -96.26
C VAL BA 85 30.76 -27.97 -95.75
N ALA BA 86 29.88 -26.98 -95.65
CA ALA BA 86 30.25 -25.65 -95.19
C ALA BA 86 30.27 -25.58 -93.67
N LYS BA 87 29.14 -25.90 -93.03
CA LYS BA 87 29.05 -25.80 -91.58
C LYS BA 87 28.06 -26.83 -91.07
N VAL BA 88 28.10 -27.04 -89.74
CA VAL BA 88 27.20 -27.95 -89.06
C VAL BA 88 26.69 -27.28 -87.79
N ASN BA 89 25.37 -27.24 -87.64
CA ASN BA 89 24.74 -26.88 -86.38
C ASN BA 89 24.20 -28.13 -85.71
N THR BA 90 24.01 -28.05 -84.41
CA THR BA 90 23.76 -29.25 -83.63
C THR BA 90 22.82 -28.93 -82.48
N LEU BA 91 21.85 -29.81 -82.23
CA LEU BA 91 21.02 -29.69 -81.05
C LEU BA 91 20.64 -31.08 -80.57
N ILE BA 92 20.52 -31.24 -79.26
CA ILE BA 92 20.08 -32.50 -78.69
C ILE BA 92 18.57 -32.45 -78.55
N ARG BA 93 17.87 -33.36 -79.22
CA ARG BA 93 16.43 -33.43 -79.14
C ARG BA 93 16.02 -33.83 -77.74
N PRO BA 94 14.80 -33.48 -77.34
CA PRO BA 94 14.34 -33.84 -75.98
C PRO BA 94 14.26 -35.32 -75.74
N ASP BA 95 14.22 -36.15 -76.78
CA ASP BA 95 14.17 -37.59 -76.60
C ASP BA 95 15.54 -38.23 -76.54
N GLY BA 96 16.61 -37.44 -76.55
CA GLY BA 96 17.95 -37.93 -76.33
C GLY BA 96 18.80 -38.07 -77.58
N GLU BA 97 18.18 -38.17 -78.75
CA GLU BA 97 18.96 -38.26 -79.98
C GLU BA 97 19.53 -36.90 -80.35
N LYS BA 98 20.73 -36.90 -80.91
CA LYS BA 98 21.32 -35.67 -81.40
C LYS BA 98 20.90 -35.45 -82.83
N LYS BA 99 20.55 -34.20 -83.16
CA LYS BA 99 20.15 -33.81 -84.50
C LYS BA 99 21.18 -32.81 -85.04
N ALA BA 100 21.59 -33.02 -86.28
CA ALA BA 100 22.64 -32.23 -86.91
C ALA BA 100 22.12 -31.63 -88.21
N TYR BA 101 22.17 -30.30 -88.31
CA TYR BA 101 21.91 -29.60 -89.55
C TYR BA 101 23.23 -29.41 -90.27
N VAL BA 102 23.34 -29.95 -91.48
CA VAL BA 102 24.58 -29.98 -92.23
C VAL BA 102 24.37 -29.13 -93.47
N ARG BA 103 24.97 -27.94 -93.49
CA ARG BA 103 24.85 -27.09 -94.66
C ARG BA 103 25.89 -27.47 -95.69
N LEU BA 104 25.45 -27.69 -96.92
CA LEU BA 104 26.33 -28.07 -97.99
C LEU BA 104 27.04 -26.86 -98.56
N ALA BA 105 28.09 -27.12 -99.34
CA ALA BA 105 28.78 -26.06 -100.05
C ALA BA 105 27.89 -25.53 -101.17
N PRO BA 106 28.14 -24.30 -101.65
CA PRO BA 106 27.33 -23.78 -102.76
C PRO BA 106 27.42 -24.63 -104.02
N ASP BA 107 28.55 -25.29 -104.25
CA ASP BA 107 28.74 -26.10 -105.44
C ASP BA 107 28.15 -27.50 -105.31
N TYR BA 108 27.56 -27.84 -104.16
CA TYR BA 108 26.87 -29.09 -103.97
C TYR BA 108 25.39 -28.82 -103.74
N ASP BA 109 24.54 -29.74 -104.21
CA ASP BA 109 23.10 -29.55 -104.21
C ASP BA 109 22.46 -30.51 -103.21
N ALA BA 110 21.86 -29.95 -102.16
CA ALA BA 110 21.17 -30.78 -101.17
C ALA BA 110 19.95 -31.47 -101.75
N LEU BA 111 19.49 -31.06 -102.92
CA LEU BA 111 18.37 -31.75 -103.57
C LEU BA 111 18.81 -33.09 -104.14
N ASP BA 112 19.77 -33.08 -105.06
CA ASP BA 112 20.18 -34.35 -105.65
C ASP BA 112 20.99 -35.20 -104.70
N VAL BA 113 21.62 -34.60 -103.68
CA VAL BA 113 22.29 -35.43 -102.68
C VAL BA 113 21.27 -36.28 -101.92
N ALA BA 114 20.17 -35.66 -101.49
CA ALA BA 114 19.10 -36.41 -100.86
C ALA BA 114 18.39 -37.35 -101.84
N ASN BA 115 18.38 -37.02 -103.13
CA ASN BA 115 17.83 -37.95 -104.10
C ASN BA 115 18.68 -39.22 -104.23
N LYS BA 116 20.00 -39.06 -104.34
CA LYS BA 116 20.85 -40.23 -104.47
C LYS BA 116 21.02 -40.96 -103.15
N ILE BA 117 20.74 -40.29 -102.03
CA ILE BA 117 20.67 -41.00 -100.75
C ILE BA 117 19.37 -41.80 -100.65
N GLY BA 118 18.26 -41.20 -101.05
CA GLY BA 118 16.97 -41.87 -101.05
C GLY BA 118 15.95 -41.35 -100.06
N ILE BA 119 16.22 -40.22 -99.39
CA ILE BA 119 15.30 -39.72 -98.38
C ILE BA 119 14.29 -38.76 -98.99
N ILE BA 120 14.26 -38.71 -100.32
CA ILE BA 120 13.37 -37.79 -100.99
C ILE BA 120 11.93 -38.28 -100.91
N MET CA 1 8.90 -98.05 -57.20
CA MET CA 1 8.65 -96.64 -57.45
C MET CA 1 9.93 -95.87 -57.68
N LYS CA 2 9.95 -94.59 -57.31
CA LYS CA 2 11.09 -93.72 -57.56
C LYS CA 2 12.07 -93.84 -56.40
N PHE CA 3 13.32 -94.21 -56.71
CA PHE CA 3 14.35 -94.36 -55.71
C PHE CA 3 15.49 -93.37 -55.86
N ASN CA 4 15.60 -92.71 -56.99
CA ASN CA 4 16.65 -91.71 -57.20
C ASN CA 4 16.39 -90.51 -56.30
N PRO CA 5 17.30 -90.16 -55.39
CA PRO CA 5 17.02 -89.01 -54.52
C PRO CA 5 17.05 -87.69 -55.25
N PHE CA 6 17.79 -87.58 -56.35
CA PHE CA 6 17.99 -86.32 -57.04
C PHE CA 6 16.92 -86.03 -58.08
N VAL CA 7 15.93 -86.90 -58.21
CA VAL CA 7 14.79 -86.70 -59.11
C VAL CA 7 13.58 -86.42 -58.25
N THR CA 8 12.90 -85.32 -58.50
CA THR CA 8 11.81 -84.89 -57.65
C THR CA 8 10.52 -85.60 -58.02
N SER CA 9 9.71 -85.89 -57.01
CA SER CA 9 8.34 -86.35 -57.19
C SER CA 9 7.33 -85.27 -56.83
N ASP CA 10 7.80 -84.05 -56.60
CA ASP CA 10 6.93 -82.95 -56.23
C ASP CA 10 6.03 -82.56 -57.39
N ARG CA 11 4.73 -82.50 -57.11
CA ARG CA 11 3.77 -82.10 -58.13
C ARG CA 11 4.02 -80.67 -58.59
N SER CA 12 4.24 -79.76 -57.65
CA SER CA 12 4.46 -78.36 -57.98
C SER CA 12 5.74 -78.19 -58.80
N LYS CA 13 6.82 -78.84 -58.38
CA LYS CA 13 8.08 -78.73 -59.11
C LYS CA 13 7.96 -79.32 -60.50
N ASN CA 14 7.32 -80.49 -60.62
CA ASN CA 14 7.19 -81.12 -61.93
C ASN CA 14 6.33 -80.27 -62.86
N ARG CA 15 5.26 -79.67 -62.34
CA ARG CA 15 4.44 -78.78 -63.15
C ARG CA 15 5.23 -77.58 -63.61
N LYS CA 16 6.04 -77.00 -62.72
CA LYS CA 16 6.88 -75.88 -63.12
C LYS CA 16 7.85 -76.28 -64.21
N ARG CA 17 8.52 -77.42 -64.07
CA ARG CA 17 9.46 -77.87 -65.09
C ARG CA 17 8.75 -78.10 -66.41
N HIS CA 18 7.60 -78.75 -66.38
CA HIS CA 18 6.88 -79.05 -67.62
C HIS CA 18 6.42 -77.78 -68.31
N PHE CA 19 5.82 -76.86 -67.57
CA PHE CA 19 5.23 -75.70 -68.20
C PHE CA 19 6.26 -74.65 -68.61
N ASN CA 20 7.42 -74.59 -67.93
CA ASN CA 20 8.46 -73.66 -68.31
C ASN CA 20 9.61 -74.35 -69.03
N ALA CA 21 9.40 -75.57 -69.48
CA ALA CA 21 10.44 -76.29 -70.20
C ALA CA 21 10.77 -75.58 -71.51
N PRO CA 22 12.06 -75.49 -71.87
CA PRO CA 22 12.43 -74.82 -73.11
C PRO CA 22 12.01 -75.61 -74.33
N SER CA 23 12.30 -75.05 -75.50
CA SER CA 23 11.85 -75.64 -76.76
C SER CA 23 12.50 -76.99 -77.04
N HIS CA 24 13.79 -77.11 -76.76
CA HIS CA 24 14.52 -78.31 -77.17
C HIS CA 24 14.17 -79.53 -76.35
N ILE CA 25 13.46 -79.36 -75.23
CA ILE CA 25 12.86 -80.50 -74.53
C ILE CA 25 11.34 -80.49 -74.60
N ARG CA 26 10.74 -79.36 -74.98
CA ARG CA 26 9.35 -79.39 -75.41
C ARG CA 26 9.18 -80.30 -76.62
N ARG CA 27 10.21 -80.38 -77.47
CA ARG CA 27 10.17 -81.31 -78.59
C ARG CA 27 10.00 -82.75 -78.12
N LYS CA 28 10.77 -83.16 -77.11
CA LYS CA 28 10.65 -84.51 -76.58
C LYS CA 28 9.34 -84.69 -75.84
N ILE CA 29 8.87 -83.66 -75.14
CA ILE CA 29 7.59 -83.74 -74.45
C ILE CA 29 6.47 -83.97 -75.44
N MET CA 30 6.53 -83.29 -76.59
CA MET CA 30 5.51 -83.44 -77.62
C MET CA 30 5.88 -84.61 -78.53
N SER CA 31 5.80 -85.80 -77.96
CA SER CA 31 5.99 -87.04 -78.69
C SER CA 31 4.63 -87.68 -78.95
N SER CA 32 4.61 -88.59 -79.91
CA SER CA 32 3.39 -89.29 -80.28
C SER CA 32 3.68 -90.76 -80.46
N PRO CA 33 2.73 -91.64 -80.17
CA PRO CA 33 2.92 -93.06 -80.46
C PRO CA 33 2.85 -93.32 -81.94
N LEU CA 34 3.60 -94.33 -82.37
CA LEU CA 34 3.56 -94.76 -83.76
C LEU CA 34 2.43 -95.77 -83.95
N SER CA 35 2.06 -95.99 -85.21
CA SER CA 35 0.95 -96.86 -85.53
C SER CA 35 1.35 -98.32 -85.33
N LYS CA 36 0.42 -99.22 -85.65
CA LYS CA 36 0.68 -100.65 -85.52
C LYS CA 36 1.77 -101.09 -86.50
N GLU CA 37 1.61 -100.76 -87.78
CA GLU CA 37 2.59 -101.17 -88.79
C GLU CA 37 3.95 -100.53 -88.55
N LEU CA 38 3.96 -99.26 -88.16
CA LEU CA 38 5.23 -98.59 -87.88
C LEU CA 38 5.90 -99.16 -86.64
N ARG CA 39 5.11 -99.43 -85.59
CA ARG CA 39 5.66 -100.02 -84.39
C ARG CA 39 6.16 -101.44 -84.61
N GLN CA 40 5.68 -102.11 -85.66
CA GLN CA 40 6.28 -103.40 -86.00
C GLN CA 40 7.50 -103.24 -86.91
N LYS CA 41 7.45 -102.30 -87.85
CA LYS CA 41 8.57 -102.11 -88.77
C LYS CA 41 9.81 -101.64 -88.03
N TYR CA 42 9.69 -100.59 -87.23
CA TYR CA 42 10.74 -100.17 -86.34
C TYR CA 42 10.41 -100.66 -84.93
N ASN CA 43 11.42 -101.17 -84.24
CA ASN CA 43 11.23 -101.64 -82.87
C ASN CA 43 11.26 -100.47 -81.91
N VAL CA 44 10.43 -99.47 -82.16
CA VAL CA 44 10.32 -98.29 -81.32
C VAL CA 44 8.85 -98.06 -81.02
N ARG CA 45 8.57 -97.38 -79.91
CA ARG CA 45 7.20 -97.17 -79.48
C ARG CA 45 6.67 -95.79 -79.87
N SER CA 46 7.34 -94.75 -79.44
CA SER CA 46 6.90 -93.39 -79.70
C SER CA 46 8.06 -92.58 -80.28
N MET CA 47 7.72 -91.69 -81.20
CA MET CA 47 8.70 -90.83 -81.84
C MET CA 47 8.23 -89.38 -81.71
N PRO CA 48 9.14 -88.46 -81.43
CA PRO CA 48 8.74 -87.06 -81.28
C PRO CA 48 8.11 -86.51 -82.55
N ILE CA 49 7.13 -85.63 -82.36
CA ILE CA 49 6.35 -85.14 -83.49
C ILE CA 49 7.21 -84.26 -84.39
N ARG CA 50 6.77 -84.15 -85.65
CA ARG CA 50 7.52 -83.50 -86.71
C ARG CA 50 6.56 -82.59 -87.47
N LYS CA 51 7.12 -81.74 -88.32
CA LYS CA 51 6.29 -80.78 -89.05
C LYS CA 51 5.38 -81.48 -90.06
N ASP CA 52 5.88 -82.49 -90.76
CA ASP CA 52 5.16 -83.00 -91.91
C ASP CA 52 5.08 -84.52 -91.90
N ASP CA 53 4.70 -85.09 -90.77
CA ASP CA 53 4.29 -86.49 -90.73
C ASP CA 53 2.77 -86.56 -90.74
N GLU CA 54 2.25 -87.71 -91.20
CA GLU CA 54 0.82 -87.89 -91.37
C GLU CA 54 0.28 -88.73 -90.23
N VAL CA 55 -0.70 -88.20 -89.51
CA VAL CA 55 -1.22 -88.81 -88.30
C VAL CA 55 -2.73 -88.96 -88.43
N GLN CA 56 -3.33 -89.52 -87.39
CA GLN CA 56 -4.78 -89.57 -87.25
C GLN CA 56 -5.12 -89.48 -85.77
N VAL CA 57 -6.24 -88.82 -85.49
CA VAL CA 57 -6.63 -88.52 -84.12
C VAL CA 57 -7.41 -89.69 -83.55
N VAL CA 58 -7.20 -89.96 -82.26
CA VAL CA 58 -7.85 -91.08 -81.59
C VAL CA 58 -8.72 -90.64 -80.42
N ARG CA 59 -8.64 -89.38 -79.99
CA ARG CA 59 -9.44 -88.91 -78.88
C ARG CA 59 -10.05 -87.56 -79.21
N GLY CA 60 -11.16 -87.24 -78.56
CA GLY CA 60 -11.80 -85.97 -78.76
C GLY CA 60 -12.88 -86.00 -79.82
N HIS CA 61 -13.31 -84.81 -80.21
CA HIS CA 61 -14.39 -84.69 -81.17
C HIS CA 61 -13.98 -85.17 -82.56
N TYR CA 62 -12.70 -85.03 -82.92
CA TYR CA 62 -12.24 -85.30 -84.26
C TYR CA 62 -11.62 -86.69 -84.40
N LYS CA 63 -12.11 -87.67 -83.67
CA LYS CA 63 -11.66 -89.04 -83.87
C LYS CA 63 -12.06 -89.52 -85.25
N GLY CA 64 -11.13 -90.16 -85.94
CA GLY CA 64 -11.41 -90.66 -87.26
C GLY CA 64 -10.16 -91.23 -87.90
N GLN CA 65 -10.38 -91.95 -89.00
CA GLN CA 65 -9.31 -92.53 -89.78
C GLN CA 65 -8.96 -91.69 -90.99
N GLN CA 66 -9.19 -90.38 -90.94
CA GLN CA 66 -8.78 -89.47 -91.99
C GLN CA 66 -7.32 -89.11 -91.74
N ILE CA 67 -6.42 -89.76 -92.46
CA ILE CA 67 -4.98 -89.55 -92.28
C ILE CA 67 -4.64 -88.15 -92.78
N GLY CA 68 -4.24 -87.28 -91.87
CA GLY CA 68 -3.95 -85.90 -92.20
C GLY CA 68 -2.51 -85.56 -91.85
N LYS CA 69 -1.88 -84.78 -92.71
CA LYS CA 69 -0.53 -84.32 -92.47
C LYS CA 69 -0.53 -83.21 -91.43
N VAL CA 70 0.53 -83.16 -90.61
CA VAL CA 70 0.68 -82.06 -89.68
C VAL CA 70 1.10 -80.80 -90.45
N VAL CA 71 0.61 -79.65 -90.03
CA VAL CA 71 0.92 -78.39 -90.69
C VAL CA 71 1.55 -77.37 -89.76
N GLN CA 72 1.59 -77.63 -88.45
CA GLN CA 72 2.11 -76.67 -87.49
C GLN CA 72 2.35 -77.41 -86.18
N VAL CA 73 3.52 -77.19 -85.59
CA VAL CA 73 3.85 -77.74 -84.28
C VAL CA 73 4.01 -76.55 -83.35
N TYR CA 74 2.93 -76.17 -82.67
CA TYR CA 74 2.95 -74.98 -81.83
C TYR CA 74 3.42 -75.44 -80.46
N ARG CA 75 4.73 -75.35 -80.24
CA ARG CA 75 5.32 -75.87 -79.02
C ARG CA 75 4.97 -75.03 -77.81
N LYS CA 76 4.80 -73.72 -78.00
CA LYS CA 76 4.43 -72.85 -76.88
C LYS CA 76 3.07 -73.26 -76.31
N LYS CA 77 2.12 -73.57 -77.16
CA LYS CA 77 0.82 -74.05 -76.71
C LYS CA 77 0.77 -75.56 -76.54
N TYR CA 78 1.87 -76.26 -76.81
CA TYR CA 78 1.94 -77.72 -76.68
C TYR CA 78 0.92 -78.42 -77.56
N VAL CA 79 0.65 -77.89 -78.75
CA VAL CA 79 -0.36 -78.45 -79.64
C VAL CA 79 0.22 -78.61 -81.02
N ILE CA 80 -0.53 -79.32 -81.87
CA ILE CA 80 -0.21 -79.47 -83.28
C ILE CA 80 -1.47 -79.20 -84.08
N TYR CA 81 -1.27 -78.86 -85.35
CA TYR CA 81 -2.35 -78.56 -86.26
C TYR CA 81 -2.33 -79.60 -87.38
N ILE CA 82 -3.52 -80.04 -87.80
CA ILE CA 82 -3.66 -81.06 -88.81
C ILE CA 82 -4.54 -80.53 -89.93
N GLU CA 83 -4.37 -81.11 -91.12
CA GLU CA 83 -4.94 -80.55 -92.35
C GLU CA 83 -6.44 -80.36 -92.27
N ARG CA 84 -7.16 -81.41 -91.90
CA ARG CA 84 -8.61 -81.38 -91.91
C ARG CA 84 -9.21 -81.25 -90.52
N VAL CA 85 -8.38 -81.19 -89.48
CA VAL CA 85 -8.86 -80.95 -88.13
C VAL CA 85 -8.89 -79.44 -87.95
N GLN CA 86 -10.00 -78.83 -88.39
CA GLN CA 86 -10.14 -77.39 -88.30
C GLN CA 86 -11.61 -77.05 -88.18
N ARG CA 87 -11.88 -75.83 -87.72
CA ARG CA 87 -13.22 -75.38 -87.43
C ARG CA 87 -13.44 -74.02 -88.08
N GLU CA 88 -14.66 -73.80 -88.58
CA GLU CA 88 -15.00 -72.56 -89.26
C GLU CA 88 -15.53 -71.56 -88.25
N LYS CA 89 -14.81 -70.46 -88.07
CA LYS CA 89 -15.17 -69.49 -87.05
C LYS CA 89 -16.32 -68.61 -87.53
N ALA CA 90 -16.62 -67.57 -86.76
CA ALA CA 90 -17.85 -66.80 -86.98
C ALA CA 90 -17.81 -66.05 -88.30
N ASN CA 91 -16.74 -65.31 -88.56
CA ASN CA 91 -16.69 -64.39 -89.69
C ASN CA 91 -16.40 -65.07 -91.01
N GLY CA 92 -16.62 -66.38 -91.12
CA GLY CA 92 -16.53 -67.08 -92.37
C GLY CA 92 -15.24 -67.86 -92.58
N THR CA 93 -14.14 -67.40 -92.02
CA THR CA 93 -12.87 -68.06 -92.23
C THR CA 93 -12.82 -69.37 -91.44
N THR CA 94 -11.81 -70.18 -91.74
CA THR CA 94 -11.60 -71.45 -91.07
C THR CA 94 -10.20 -71.47 -90.44
N VAL CA 95 -10.12 -71.96 -89.21
CA VAL CA 95 -8.89 -71.95 -88.44
C VAL CA 95 -8.61 -73.35 -87.90
N HIS CA 96 -7.34 -73.68 -87.78
CA HIS CA 96 -6.96 -74.99 -87.29
C HIS CA 96 -7.27 -75.12 -85.81
N VAL CA 97 -7.42 -76.37 -85.37
CA VAL CA 97 -7.74 -76.70 -83.99
C VAL CA 97 -6.52 -77.36 -83.36
N GLY CA 98 -6.14 -76.88 -82.17
CA GLY CA 98 -5.01 -77.44 -81.47
C GLY CA 98 -5.35 -78.78 -80.85
N ILE CA 99 -4.47 -79.76 -81.04
CA ILE CA 99 -4.62 -81.09 -80.48
C ILE CA 99 -3.31 -81.46 -79.81
N HIS CA 100 -3.38 -81.96 -78.59
CA HIS CA 100 -2.17 -82.40 -77.91
C HIS CA 100 -1.58 -83.58 -78.67
N PRO CA 101 -0.28 -83.60 -78.92
CA PRO CA 101 0.30 -84.66 -79.75
C PRO CA 101 0.20 -86.04 -79.13
N SER CA 102 -0.03 -86.15 -77.83
CA SER CA 102 -0.19 -87.46 -77.22
C SER CA 102 -1.52 -88.11 -77.59
N LYS CA 103 -2.42 -87.37 -78.24
CA LYS CA 103 -3.74 -87.88 -78.61
C LYS CA 103 -3.82 -88.23 -80.09
N VAL CA 104 -2.68 -88.50 -80.73
CA VAL CA 104 -2.65 -88.90 -82.14
C VAL CA 104 -1.70 -90.08 -82.27
N VAL CA 105 -1.79 -90.76 -83.41
CA VAL CA 105 -0.85 -91.83 -83.76
C VAL CA 105 -0.25 -91.52 -85.12
N ILE CA 106 1.07 -91.65 -85.22
CA ILE CA 106 1.78 -91.35 -86.45
C ILE CA 106 1.70 -92.54 -87.39
N THR CA 107 1.30 -92.30 -88.63
CA THR CA 107 1.16 -93.35 -89.63
C THR CA 107 2.23 -93.31 -90.71
N ARG CA 108 2.84 -92.16 -90.97
CA ARG CA 108 3.94 -92.07 -91.91
C ARG CA 108 4.90 -91.00 -91.44
N LEU CA 109 6.11 -91.42 -91.06
CA LEU CA 109 7.12 -90.49 -90.57
C LEU CA 109 7.70 -89.66 -91.71
N LYS CA 110 7.99 -88.39 -91.41
CA LYS CA 110 8.80 -87.57 -92.30
C LYS CA 110 10.27 -87.90 -92.05
N LEU CA 111 10.87 -88.66 -92.94
CA LEU CA 111 12.17 -89.25 -92.70
C LEU CA 111 13.28 -88.42 -93.32
N ASP CA 112 14.39 -88.32 -92.60
CA ASP CA 112 15.63 -87.77 -93.10
C ASP CA 112 16.77 -88.40 -92.33
N LYS CA 113 17.98 -87.85 -92.48
CA LYS CA 113 19.16 -88.46 -91.88
C LYS CA 113 19.05 -88.50 -90.36
N ASP CA 114 18.62 -87.40 -89.75
CA ASP CA 114 18.50 -87.36 -88.30
C ASP CA 114 17.43 -88.31 -87.79
N ARG CA 115 16.30 -88.39 -88.49
CA ARG CA 115 15.24 -89.31 -88.07
C ARG CA 115 15.72 -90.75 -88.16
N LYS CA 116 16.41 -91.09 -89.25
CA LYS CA 116 16.97 -92.43 -89.36
C LYS CA 116 17.92 -92.73 -88.22
N LYS CA 117 18.80 -91.78 -87.89
CA LYS CA 117 19.77 -91.98 -86.83
C LYS CA 117 19.10 -92.16 -85.47
N ILE CA 118 18.12 -91.34 -85.14
CA ILE CA 118 17.46 -91.45 -83.84
C ILE CA 118 16.64 -92.72 -83.76
N LEU CA 119 15.95 -93.09 -84.85
CA LEU CA 119 15.16 -94.31 -84.83
C LEU CA 119 16.05 -95.53 -84.64
N GLU CA 120 17.20 -95.56 -85.31
CA GLU CA 120 18.13 -96.65 -85.09
C GLU CA 120 18.67 -96.65 -83.67
N ARG CA 121 18.91 -95.48 -83.09
CA ARG CA 121 19.36 -95.41 -81.71
C ARG CA 121 18.35 -96.03 -80.76
N LYS CA 122 17.07 -95.67 -80.91
CA LYS CA 122 16.03 -96.22 -80.06
C LYS CA 122 15.87 -97.71 -80.26
N ALA CA 123 15.93 -98.17 -81.52
CA ALA CA 123 15.84 -99.61 -81.78
C ALA CA 123 16.98 -100.37 -81.13
N LYS CA 124 18.20 -99.84 -81.23
CA LYS CA 124 19.35 -100.49 -80.61
C LYS CA 124 19.19 -100.57 -79.09
N SER CA 125 18.72 -99.48 -78.47
CA SER CA 125 18.53 -99.49 -77.02
C SER CA 125 17.50 -100.52 -76.61
N ARG CA 126 16.37 -100.59 -77.34
CA ARG CA 126 15.35 -101.56 -76.98
C ARG CA 126 15.83 -102.99 -77.19
N GLN CA 127 16.62 -103.22 -78.25
CA GLN CA 127 17.18 -104.54 -78.48
C GLN CA 127 18.10 -104.94 -77.34
N VAL CA 128 18.93 -104.01 -76.86
CA VAL CA 128 19.77 -104.28 -75.70
C VAL CA 128 18.91 -104.62 -74.49
N GLY CA 129 17.82 -103.90 -74.29
CA GLY CA 129 16.93 -104.19 -73.18
C GLY CA 129 16.35 -105.59 -73.24
N LYS CA 130 15.85 -105.99 -74.40
CA LYS CA 130 15.23 -107.31 -74.50
C LYS CA 130 16.26 -108.44 -74.43
N GLU CA 131 17.46 -108.23 -74.98
CA GLU CA 131 18.48 -109.26 -74.88
C GLU CA 131 19.15 -109.28 -73.51
N LYS CA 132 19.00 -108.23 -72.72
CA LYS CA 132 19.33 -108.32 -71.30
C LYS CA 132 18.25 -109.09 -70.54
N GLY CA 133 16.98 -108.86 -70.89
CA GLY CA 133 15.88 -109.54 -70.24
C GLY CA 133 15.73 -111.01 -70.57
N LYS CA 134 16.25 -111.46 -71.70
CA LYS CA 134 16.13 -112.87 -72.10
C LYS CA 134 17.01 -113.75 -71.23
N GLY DA 1 72.58 39.10 -61.32
CA GLY DA 1 72.79 39.06 -62.75
C GLY DA 1 72.27 37.79 -63.40
N LYS DA 2 71.85 37.90 -64.65
CA LYS DA 2 71.32 36.74 -65.37
C LYS DA 2 72.41 35.71 -65.57
N PHE DA 3 72.06 34.43 -65.38
CA PHE DA 3 73.01 33.34 -65.55
C PHE DA 3 72.75 32.48 -66.76
N MET DA 4 71.60 32.60 -67.41
CA MET DA 4 71.31 31.85 -68.62
C MET DA 4 72.18 32.40 -69.74
N LYS DA 5 73.28 31.73 -70.02
CA LYS DA 5 74.27 32.14 -70.99
C LYS DA 5 74.57 30.96 -71.90
N PRO DA 6 75.15 31.20 -73.08
CA PRO DA 6 75.61 30.08 -73.90
C PRO DA 6 76.67 29.28 -73.16
N GLY DA 7 76.61 27.95 -73.32
CA GLY DA 7 77.51 27.05 -72.64
C GLY DA 7 77.04 26.56 -71.30
N LYS DA 8 75.94 27.09 -70.77
CA LYS DA 8 75.40 26.60 -69.52
C LYS DA 8 74.65 25.29 -69.75
N VAL DA 9 74.87 24.33 -68.85
CA VAL DA 9 74.16 23.06 -68.90
C VAL DA 9 72.80 23.22 -68.24
N VAL DA 10 71.77 22.66 -68.87
CA VAL DA 10 70.41 22.71 -68.36
C VAL DA 10 69.79 21.33 -68.43
N LEU DA 11 68.75 21.14 -67.63
CA LEU DA 11 67.93 19.94 -67.65
C LEU DA 11 66.59 20.30 -68.27
N VAL DA 12 66.20 19.58 -69.32
CA VAL DA 12 64.92 19.85 -69.95
C VAL DA 12 63.82 19.25 -69.10
N LEU DA 13 62.84 20.08 -68.75
CA LEU DA 13 61.83 19.67 -67.77
C LEU DA 13 60.55 19.14 -68.38
N ALA DA 14 60.10 19.68 -69.50
CA ALA DA 14 58.83 19.29 -70.08
C ALA DA 14 59.03 18.83 -71.51
N GLY DA 15 57.98 18.27 -72.08
CA GLY DA 15 58.03 17.82 -73.45
C GLY DA 15 58.61 16.43 -73.59
N ARG DA 16 58.96 16.10 -74.83
CA ARG DA 16 59.43 14.75 -75.14
C ARG DA 16 60.79 14.46 -74.51
N TYR DA 17 61.62 15.48 -74.34
CA TYR DA 17 62.97 15.30 -73.82
C TYR DA 17 63.06 15.62 -72.34
N SER DA 18 62.02 15.30 -71.57
CA SER DA 18 62.08 15.53 -70.13
C SER DA 18 63.14 14.65 -69.49
N GLY DA 19 63.89 15.22 -68.55
CA GLY DA 19 64.96 14.49 -67.90
C GLY DA 19 66.22 14.37 -68.71
N ARG DA 20 66.35 15.13 -69.80
CA ARG DA 20 67.53 15.08 -70.66
C ARG DA 20 68.42 16.28 -70.39
N LYS DA 21 69.72 16.04 -70.38
CA LYS DA 21 70.69 17.11 -70.20
C LYS DA 21 70.97 17.77 -71.55
N ALA DA 22 71.27 19.07 -71.49
CA ALA DA 22 71.45 19.85 -72.70
C ALA DA 22 72.32 21.06 -72.38
N VAL DA 23 72.71 21.79 -73.42
CA VAL DA 23 73.56 22.97 -73.29
C VAL DA 23 72.95 24.12 -74.09
N ILE DA 24 72.91 25.30 -73.47
CA ILE DA 24 72.41 26.49 -74.17
C ILE DA 24 73.36 26.83 -75.32
N VAL DA 25 72.81 26.99 -76.52
CA VAL DA 25 73.54 27.54 -77.63
C VAL DA 25 73.31 29.04 -77.75
N LYS DA 26 72.07 29.48 -77.53
CA LYS DA 26 71.75 30.90 -77.61
C LYS DA 26 70.61 31.16 -76.63
N ASN DA 27 70.56 32.37 -76.08
CA ASN DA 27 69.51 32.75 -75.15
C ASN DA 27 68.94 34.10 -75.57
N ILE DA 28 67.63 34.27 -75.41
CA ILE DA 28 66.96 35.52 -75.71
C ILE DA 28 66.53 36.24 -74.43
N ASP DA 29 65.72 35.56 -73.61
CA ASP DA 29 65.21 36.02 -72.30
C ASP DA 29 64.56 37.40 -72.35
N ASP DA 30 64.18 37.89 -73.53
CA ASP DA 30 63.34 39.08 -73.61
C ASP DA 30 62.33 39.02 -74.74
N GLY DA 31 62.23 37.91 -75.46
CA GLY DA 31 61.24 37.75 -76.50
C GLY DA 31 61.76 38.14 -77.88
N THR DA 32 61.06 37.65 -78.90
CA THR DA 32 61.45 37.92 -80.30
C THR DA 32 60.24 38.20 -81.18
N SER DA 33 59.16 38.74 -80.61
CA SER DA 33 57.93 39.18 -81.26
C SER DA 33 57.16 38.04 -81.93
N ASP DA 34 57.63 36.80 -81.85
CA ASP DA 34 56.85 35.63 -82.23
C ASP DA 34 56.79 34.58 -81.14
N ARG DA 35 57.72 34.61 -80.18
CA ARG DA 35 57.60 33.93 -78.90
C ARG DA 35 57.80 35.03 -77.88
N PRO DA 36 56.73 35.71 -77.46
CA PRO DA 36 56.87 36.89 -76.60
C PRO DA 36 57.49 36.59 -75.25
N TYR DA 37 57.47 35.34 -74.82
CA TYR DA 37 58.02 34.95 -73.53
C TYR DA 37 59.55 34.87 -73.63
N SER DA 38 60.15 34.28 -72.60
CA SER DA 38 61.59 34.07 -72.55
C SER DA 38 61.95 32.69 -73.11
N HIS DA 39 62.92 32.64 -74.01
CA HIS DA 39 63.27 31.39 -74.65
C HIS DA 39 64.77 31.33 -74.90
N ALA DA 40 65.24 30.13 -75.25
CA ALA DA 40 66.66 29.91 -75.51
C ALA DA 40 66.83 28.73 -76.44
N LEU DA 41 67.60 28.92 -77.50
CA LEU DA 41 68.00 27.80 -78.33
C LEU DA 41 68.97 26.93 -77.57
N VAL DA 42 68.68 25.64 -77.53
CA VAL DA 42 69.39 24.68 -76.70
C VAL DA 42 69.63 23.42 -77.52
N ALA DA 43 70.79 22.79 -77.29
CA ALA DA 43 71.14 21.56 -77.98
C ALA DA 43 71.44 20.48 -76.95
N GLY DA 44 70.82 19.33 -77.10
CA GLY DA 44 70.97 18.28 -76.10
C GLY DA 44 71.17 16.90 -76.69
N ILE DA 45 71.18 15.89 -75.82
CA ILE DA 45 71.44 14.52 -76.23
C ILE DA 45 70.19 13.68 -75.96
N ASP DA 46 69.56 13.22 -77.05
CA ASP DA 46 68.35 12.41 -76.91
C ASP DA 46 68.67 11.06 -76.29
N ARG DA 47 69.66 10.36 -76.83
CA ARG DA 47 70.02 9.02 -76.37
C ARG DA 47 71.44 9.05 -75.82
N TYR DA 48 71.59 8.61 -74.59
CA TYR DA 48 72.89 8.62 -73.93
C TYR DA 48 73.74 7.45 -74.40
N PRO DA 49 75.06 7.61 -74.42
CA PRO DA 49 75.92 6.48 -74.73
C PRO DA 49 75.85 5.43 -73.64
N ARG DA 50 76.09 4.18 -74.02
CA ARG DA 50 75.96 3.09 -73.08
C ARG DA 50 77.23 2.90 -72.27
N LYS DA 51 77.08 2.26 -71.11
CA LYS DA 51 78.21 2.01 -70.24
C LYS DA 51 79.20 1.07 -70.91
N VAL DA 52 80.49 1.41 -70.81
CA VAL DA 52 81.56 0.63 -71.39
C VAL DA 52 82.43 0.07 -70.28
N THR DA 53 82.82 -1.19 -70.42
CA THR DA 53 83.67 -1.87 -69.45
C THR DA 53 84.99 -2.24 -70.12
N ALA DA 54 85.99 -2.51 -69.29
CA ALA DA 54 87.32 -2.84 -69.82
C ALA DA 54 87.29 -4.14 -70.60
N ALA DA 55 86.54 -5.13 -70.12
CA ALA DA 55 86.46 -6.41 -70.80
C ALA DA 55 85.32 -6.40 -71.82
N MET DA 56 85.36 -5.41 -72.71
CA MET DA 56 84.33 -5.29 -73.73
C MET DA 56 84.86 -5.47 -75.14
N GLY DA 57 85.80 -4.63 -75.58
CA GLY DA 57 86.30 -4.74 -76.93
C GLY DA 57 86.02 -3.48 -77.76
N LYS DA 58 86.85 -3.30 -78.79
CA LYS DA 58 86.83 -2.06 -79.56
C LYS DA 58 85.53 -1.88 -80.33
N LYS DA 59 85.06 -2.93 -81.01
CA LYS DA 59 83.87 -2.79 -81.84
C LYS DA 59 82.65 -2.45 -81.01
N LYS DA 60 82.42 -3.20 -79.93
CA LYS DA 60 81.24 -2.92 -79.12
C LYS DA 60 81.38 -1.59 -78.39
N ILE DA 61 82.60 -1.20 -78.01
CA ILE DA 61 82.79 0.11 -77.39
C ILE DA 61 82.41 1.21 -78.38
N ALA DA 62 82.87 1.09 -79.62
CA ALA DA 62 82.52 2.08 -80.64
C ALA DA 62 81.02 2.10 -80.89
N LYS DA 63 80.38 0.92 -80.89
CA LYS DA 63 78.95 0.85 -81.15
C LYS DA 63 78.13 1.43 -80.00
N ARG DA 64 78.62 1.31 -78.78
CA ARG DA 64 77.90 1.87 -77.64
C ARG DA 64 78.22 3.33 -77.40
N SER DA 65 79.29 3.86 -78.00
CA SER DA 65 79.59 5.27 -77.84
C SER DA 65 78.72 6.17 -78.69
N LYS DA 66 77.76 5.63 -79.43
CA LYS DA 66 76.92 6.45 -80.30
C LYS DA 66 75.94 7.28 -79.47
N ILE DA 67 75.67 8.50 -79.93
CA ILE DA 67 74.87 9.47 -79.20
C ILE DA 67 73.90 10.12 -80.17
N LYS DA 68 72.63 10.16 -79.80
CA LYS DA 68 71.63 10.95 -80.51
C LYS DA 68 71.56 12.35 -79.91
N SER DA 69 71.14 13.31 -80.72
CA SER DA 69 71.08 14.70 -80.30
C SER DA 69 69.69 15.26 -80.56
N PHE DA 70 69.51 16.52 -80.18
CA PHE DA 70 68.31 17.27 -80.56
C PHE DA 70 68.61 18.76 -80.39
N VAL DA 71 67.84 19.57 -81.11
CA VAL DA 71 67.89 21.03 -81.00
C VAL DA 71 66.49 21.53 -80.76
N LYS DA 72 66.32 22.43 -79.79
CA LYS DA 72 65.02 22.91 -79.41
C LYS DA 72 65.08 24.39 -79.05
N VAL DA 73 63.92 25.03 -79.04
CA VAL DA 73 63.74 26.36 -78.47
C VAL DA 73 62.83 26.19 -77.27
N TYR DA 74 63.34 26.45 -76.08
CA TYR DA 74 62.65 26.11 -74.85
C TYR DA 74 62.33 27.36 -74.06
N ASN DA 75 61.06 27.49 -73.68
CA ASN DA 75 60.65 28.46 -72.69
C ASN DA 75 61.42 28.20 -71.40
N TYR DA 76 61.85 29.28 -70.75
CA TYR DA 76 62.72 29.14 -69.58
C TYR DA 76 62.07 28.33 -68.47
N ASN DA 77 60.75 28.43 -68.33
CA ASN DA 77 60.05 27.71 -67.27
C ASN DA 77 60.06 26.20 -67.48
N HIS DA 78 60.45 25.73 -68.66
CA HIS DA 78 60.61 24.31 -68.90
C HIS DA 78 62.07 23.89 -68.85
N LEU DA 79 62.89 24.64 -68.13
CA LEU DA 79 64.31 24.33 -67.99
C LEU DA 79 64.70 24.45 -66.51
N MET DA 80 65.67 23.63 -66.12
CA MET DA 80 66.27 23.68 -64.79
C MET DA 80 67.75 23.95 -64.97
N PRO DA 81 68.22 25.17 -64.80
CA PRO DA 81 69.65 25.45 -64.99
C PRO DA 81 70.47 24.77 -63.92
N THR DA 82 71.67 24.36 -64.31
CA THR DA 82 72.62 23.72 -63.41
C THR DA 82 73.80 24.66 -63.19
N ARG DA 83 74.77 24.21 -62.40
CA ARG DA 83 75.99 24.97 -62.21
C ARG DA 83 77.06 24.60 -63.21
N TYR DA 84 76.99 23.41 -63.78
CA TYR DA 84 78.01 22.95 -64.70
C TYR DA 84 77.89 23.63 -66.05
N SER DA 85 79.01 23.77 -66.72
CA SER DA 85 79.04 24.34 -68.05
C SER DA 85 79.93 23.50 -68.94
N VAL DA 86 79.52 23.31 -70.18
CA VAL DA 86 80.34 22.66 -71.20
C VAL DA 86 80.63 23.69 -72.29
N ASP DA 87 81.90 23.96 -72.52
CA ASP DA 87 82.34 24.94 -73.50
C ASP DA 87 82.57 24.30 -74.87
N ILE DA 88 81.56 23.58 -75.35
CA ILE DA 88 81.65 22.92 -76.66
C ILE DA 88 81.58 23.99 -77.75
N PRO DA 89 82.52 24.02 -78.69
CA PRO DA 89 82.50 25.05 -79.76
C PRO DA 89 81.56 24.65 -80.90
N LEU DA 90 80.26 24.71 -80.62
CA LEU DA 90 79.25 24.38 -81.61
C LEU DA 90 79.23 25.43 -82.71
N ASP DA 91 78.99 24.98 -83.94
CA ASP DA 91 78.95 25.87 -85.10
C ASP DA 91 77.67 26.69 -85.05
N LYS DA 92 77.79 27.96 -84.69
CA LYS DA 92 76.62 28.83 -84.57
C LYS DA 92 75.94 29.07 -85.91
N THR DA 93 76.70 28.98 -87.01
CA THR DA 93 76.12 29.21 -88.32
C THR DA 93 75.23 28.08 -88.77
N VAL DA 94 75.19 26.95 -88.06
CA VAL DA 94 74.30 25.85 -88.41
C VAL DA 94 73.39 25.55 -87.24
N VAL DA 95 73.80 25.90 -86.03
CA VAL DA 95 72.96 25.80 -84.84
C VAL DA 95 72.41 27.19 -84.60
N ASN DA 96 71.30 27.51 -85.25
CA ASN DA 96 70.67 28.82 -85.12
C ASN DA 96 69.20 28.67 -85.43
N LYS DA 97 68.43 29.70 -85.05
CA LYS DA 97 66.99 29.54 -84.92
C LYS DA 97 66.28 29.30 -86.25
N ASP DA 98 66.91 29.62 -87.37
CA ASP DA 98 66.24 29.45 -88.65
C ASP DA 98 66.08 27.99 -89.05
N VAL DA 99 66.79 27.06 -88.39
CA VAL DA 99 66.76 25.67 -88.81
C VAL DA 99 65.46 24.96 -88.47
N PHE DA 100 64.59 25.58 -87.68
CA PHE DA 100 63.35 24.94 -87.28
C PHE DA 100 62.31 24.89 -88.38
N ARG DA 101 62.56 25.57 -89.50
CA ARG DA 101 61.62 25.58 -90.62
C ARG DA 101 61.99 24.56 -91.70
N ASP DA 102 63.28 24.43 -92.01
CA ASP DA 102 63.73 23.47 -93.00
C ASP DA 102 64.17 22.20 -92.30
N PRO DA 103 63.53 21.06 -92.55
CA PRO DA 103 63.97 19.81 -91.90
C PRO DA 103 65.40 19.43 -92.24
N ALA DA 104 65.88 19.77 -93.44
CA ALA DA 104 67.27 19.48 -93.78
C ALA DA 104 68.22 20.27 -92.90
N LEU DA 105 67.89 21.54 -92.64
CA LEU DA 105 68.72 22.33 -91.75
C LEU DA 105 68.72 21.77 -90.34
N LYS DA 106 67.56 21.31 -89.86
CA LYS DA 106 67.48 20.72 -88.54
C LYS DA 106 68.31 19.45 -88.46
N ARG DA 107 68.27 18.64 -89.52
CA ARG DA 107 69.08 17.42 -89.55
C ARG DA 107 70.56 17.76 -89.55
N LYS DA 108 70.96 18.80 -90.29
CA LYS DA 108 72.37 19.19 -90.30
C LYS DA 108 72.82 19.69 -88.93
N ALA DA 109 71.96 20.47 -88.27
CA ALA DA 109 72.27 20.95 -86.93
C ALA DA 109 72.41 19.80 -85.95
N ARG DA 110 71.49 18.83 -86.02
CA ARG DA 110 71.60 17.64 -85.19
C ARG DA 110 72.86 16.85 -85.50
N ARG DA 111 73.26 16.82 -86.77
CA ARG DA 111 74.49 16.12 -87.15
C ARG DA 111 75.72 16.79 -86.54
N GLU DA 112 75.78 18.12 -86.60
CA GLU DA 112 76.88 18.84 -85.97
C GLU DA 112 76.89 18.63 -84.48
N ALA DA 113 75.72 18.69 -83.85
CA ALA DA 113 75.63 18.41 -82.42
C ALA DA 113 76.08 16.99 -82.10
N LYS DA 114 75.73 16.03 -82.93
CA LYS DA 114 76.11 14.64 -82.69
C LYS DA 114 77.62 14.46 -82.75
N VAL DA 115 78.26 15.00 -83.80
CA VAL DA 115 79.70 14.81 -83.91
C VAL DA 115 80.44 15.54 -82.79
N LYS DA 116 80.02 16.77 -82.47
CA LYS DA 116 80.70 17.52 -81.42
C LYS DA 116 80.50 16.86 -80.06
N PHE DA 117 79.27 16.41 -79.78
CA PHE DA 117 78.99 15.75 -78.53
C PHE DA 117 79.77 14.45 -78.39
N GLU DA 118 79.86 13.67 -79.47
CA GLU DA 118 80.61 12.42 -79.40
C GLU DA 118 82.09 12.66 -79.19
N GLU DA 119 82.65 13.66 -79.89
CA GLU DA 119 84.06 13.97 -79.69
C GLU DA 119 84.34 14.44 -78.27
N ARG DA 120 83.44 15.26 -77.72
CA ARG DA 120 83.60 15.69 -76.34
C ARG DA 120 83.43 14.54 -75.36
N TYR DA 121 82.54 13.59 -75.67
CA TYR DA 121 82.37 12.42 -74.83
C TYR DA 121 83.60 11.55 -74.82
N LYS DA 122 84.34 11.51 -75.93
CA LYS DA 122 85.64 10.89 -75.91
C LYS DA 122 86.57 11.66 -74.97
N THR DA 123 87.72 11.07 -74.69
CA THR DA 123 88.78 11.64 -73.86
C THR DA 123 88.34 11.98 -72.44
N GLY DA 124 87.18 11.48 -72.02
CA GLY DA 124 86.76 11.59 -70.62
C GLY DA 124 86.61 12.99 -70.09
N LYS DA 125 85.94 13.86 -70.84
CA LYS DA 125 85.71 15.23 -70.42
C LYS DA 125 84.22 15.45 -70.22
N ASN DA 126 83.85 16.05 -69.08
CA ASN DA 126 82.48 16.35 -68.71
C ASN DA 126 81.63 15.07 -68.67
N LYS DA 127 82.05 14.13 -67.82
CA LYS DA 127 81.34 12.86 -67.70
C LYS DA 127 79.92 13.04 -67.20
N TRP DA 128 79.70 14.03 -66.33
CA TRP DA 128 78.36 14.26 -65.79
C TRP DA 128 77.39 14.68 -66.87
N PHE DA 129 77.85 15.46 -67.85
CA PHE DA 129 76.96 15.88 -68.92
C PHE DA 129 76.47 14.70 -69.73
N PHE DA 130 77.37 13.77 -70.06
CA PHE DA 130 76.99 12.64 -70.87
C PHE DA 130 76.35 11.51 -70.07
N GLN DA 131 76.40 11.55 -68.75
CA GLN DA 131 75.70 10.56 -67.95
C GLN DA 131 74.20 10.78 -68.00
N LYS DA 132 73.45 9.69 -67.97
CA LYS DA 132 72.00 9.77 -67.93
C LYS DA 132 71.54 10.05 -66.51
N LEU DA 133 70.64 11.01 -66.37
CA LEU DA 133 70.11 11.36 -65.06
C LEU DA 133 69.13 10.29 -64.62
N ARG DA 134 69.28 9.80 -63.39
CA ARG DA 134 68.40 8.79 -62.83
C ARG DA 134 67.33 9.49 -62.00
N PHE DA 135 66.07 9.24 -62.34
CA PHE DA 135 64.94 9.80 -61.61
C PHE DA 135 63.73 8.91 -61.79
N PRO EA 1 -1.88 -83.14 -27.51
CA PRO EA 1 -3.33 -83.23 -27.47
C PRO EA 1 -3.97 -82.00 -26.86
N SER EA 2 -4.05 -80.93 -27.66
CA SER EA 2 -4.63 -79.68 -27.20
C SER EA 2 -6.13 -79.76 -27.05
N ARG EA 3 -6.77 -80.84 -27.49
CA ARG EA 3 -8.21 -81.00 -27.38
C ARG EA 3 -8.64 -81.49 -26.01
N LEU EA 4 -7.70 -81.88 -25.15
CA LEU EA 4 -8.02 -82.36 -23.82
C LEU EA 4 -7.83 -81.29 -22.75
N ARG EA 5 -7.52 -80.07 -23.15
CA ARG EA 5 -7.18 -79.01 -22.19
C ARG EA 5 -8.35 -78.09 -21.94
N LYS EA 6 -8.27 -77.36 -20.83
CA LYS EA 6 -9.37 -76.53 -20.37
C LYS EA 6 -9.67 -75.36 -21.30
N THR EA 7 -8.74 -74.99 -22.16
CA THR EA 7 -8.98 -73.88 -23.07
C THR EA 7 -10.11 -74.19 -24.04
N ARG EA 8 -10.26 -75.45 -24.42
CA ARG EA 8 -11.35 -75.80 -25.32
C ARG EA 8 -12.69 -75.81 -24.61
N LYS EA 9 -12.71 -75.99 -23.29
CA LYS EA 9 -13.94 -75.94 -22.52
C LYS EA 9 -14.31 -74.55 -22.06
N LEU EA 10 -13.33 -73.65 -21.95
CA LEU EA 10 -13.57 -72.30 -21.50
C LEU EA 10 -13.95 -71.34 -22.62
N ARG EA 11 -14.03 -71.84 -23.86
CA ARG EA 11 -14.52 -71.01 -24.95
C ARG EA 11 -15.97 -70.61 -24.71
N GLY EA 12 -16.29 -69.37 -25.06
CA GLY EA 12 -17.60 -68.85 -24.78
C GLY EA 12 -17.74 -68.24 -23.40
N HIS EA 13 -16.72 -68.31 -22.58
CA HIS EA 13 -16.71 -67.71 -21.26
C HIS EA 13 -15.80 -66.49 -21.28
N VAL EA 14 -16.31 -65.36 -20.79
CA VAL EA 14 -15.66 -64.08 -20.99
C VAL EA 14 -14.29 -64.06 -20.35
N SER EA 15 -14.19 -64.51 -19.10
CA SER EA 15 -12.99 -64.32 -18.32
C SER EA 15 -11.97 -65.43 -18.48
N HIS EA 16 -12.33 -66.51 -19.19
CA HIS EA 16 -11.43 -67.64 -19.45
C HIS EA 16 -10.87 -68.22 -18.17
N GLY EA 17 -11.72 -68.33 -17.14
CA GLY EA 17 -11.31 -68.96 -15.91
C GLY EA 17 -10.35 -68.17 -15.06
N HIS EA 18 -10.27 -66.86 -15.25
CA HIS EA 18 -9.35 -66.02 -14.50
C HIS EA 18 -10.03 -64.92 -13.70
N GLY EA 19 -11.35 -64.83 -13.75
CA GLY EA 19 -12.04 -63.91 -12.89
C GLY EA 19 -12.49 -62.65 -13.60
N ARG EA 20 -13.60 -62.09 -13.14
CA ARG EA 20 -14.11 -60.83 -13.66
C ARG EA 20 -13.58 -59.64 -12.87
N ILE EA 21 -13.25 -59.83 -11.60
CA ILE EA 21 -12.84 -58.74 -10.74
C ILE EA 21 -11.33 -58.60 -10.75
N GLY EA 22 -10.62 -59.64 -10.30
CA GLY EA 22 -9.18 -59.62 -10.29
C GLY EA 22 -8.54 -59.79 -11.64
N LYS EA 23 -9.28 -60.35 -12.60
CA LYS EA 23 -8.84 -60.50 -13.99
C LYS EA 23 -7.55 -61.30 -14.07
N HIS EA 24 -6.89 -61.25 -15.22
CA HIS EA 24 -5.59 -61.88 -15.41
C HIS EA 24 -4.66 -60.78 -15.92
N ARG EA 25 -4.04 -60.07 -14.98
CA ARG EA 25 -3.12 -59.00 -15.34
C ARG EA 25 -1.73 -59.58 -15.56
N LYS EA 26 -0.79 -58.72 -15.95
CA LYS EA 26 0.51 -59.17 -16.40
C LYS EA 26 1.29 -59.86 -15.28
N HIS EA 27 1.62 -59.11 -14.24
CA HIS EA 27 2.43 -59.64 -13.13
C HIS EA 27 2.07 -58.94 -11.84
N PRO EA 28 0.94 -59.28 -11.26
CA PRO EA 28 0.58 -58.69 -9.96
C PRO EA 28 1.28 -59.40 -8.83
N GLY EA 29 2.22 -58.72 -8.18
CA GLY EA 29 2.97 -59.29 -7.10
C GLY EA 29 4.43 -59.53 -7.39
N GLY EA 30 4.92 -59.14 -8.56
CA GLY EA 30 6.33 -59.24 -8.87
C GLY EA 30 6.64 -60.36 -9.83
N ARG EA 31 7.88 -60.35 -10.31
CA ARG EA 31 8.38 -61.33 -11.25
C ARG EA 31 9.35 -62.27 -10.56
N GLY EA 32 9.15 -63.57 -10.73
CA GLY EA 32 10.03 -64.54 -10.10
C GLY EA 32 9.84 -64.55 -8.61
N ASN EA 33 10.94 -64.74 -7.89
CA ASN EA 33 10.91 -64.71 -6.43
C ASN EA 33 11.00 -63.27 -5.94
N ALA EA 34 10.17 -62.39 -6.49
CA ALA EA 34 10.19 -61.00 -6.06
C ALA EA 34 9.60 -60.87 -4.67
N GLY EA 35 10.26 -60.07 -3.83
CA GLY EA 35 9.75 -59.80 -2.51
C GLY EA 35 9.66 -61.01 -1.60
N GLY EA 36 10.72 -61.80 -1.57
CA GLY EA 36 10.75 -62.90 -0.63
C GLY EA 36 10.90 -62.48 0.81
N LEU EA 37 11.11 -61.20 1.07
CA LEU EA 37 11.25 -60.70 2.42
C LEU EA 37 10.31 -59.54 2.74
N HIS EA 38 9.49 -59.09 1.78
CA HIS EA 38 8.62 -57.96 2.02
C HIS EA 38 7.15 -58.32 1.94
N HIS EA 39 6.67 -58.86 0.82
CA HIS EA 39 5.26 -59.18 0.69
C HIS EA 39 4.99 -60.66 0.41
N HIS EA 40 6.02 -61.47 0.23
CA HIS EA 40 5.87 -62.92 0.20
C HIS EA 40 6.59 -63.57 1.38
N ARG EA 41 6.92 -62.76 2.39
CA ARG EA 41 7.63 -63.27 3.56
C ARG EA 41 6.87 -64.40 4.23
N ILE EA 42 5.53 -64.32 4.25
CA ILE EA 42 4.75 -65.35 4.91
C ILE EA 42 4.91 -66.69 4.20
N ASN EA 43 4.80 -66.71 2.87
CA ASN EA 43 4.97 -67.95 2.15
C ASN EA 43 6.39 -68.49 2.27
N PHE EA 44 7.38 -67.61 2.17
CA PHE EA 44 8.76 -68.08 2.26
C PHE EA 44 9.08 -68.61 3.64
N ASP EA 45 8.57 -67.98 4.69
CA ASP EA 45 8.79 -68.48 6.05
C ASP EA 45 8.00 -69.74 6.30
N LYS EA 46 6.84 -69.89 5.67
CA LYS EA 46 5.99 -71.05 5.90
C LYS EA 46 6.54 -72.28 5.21
N TYR EA 47 7.07 -72.13 3.99
CA TYR EA 47 7.40 -73.29 3.19
C TYR EA 47 8.87 -73.41 2.83
N HIS EA 48 9.69 -72.40 3.09
CA HIS EA 48 11.13 -72.48 2.86
C HIS EA 48 11.87 -71.87 4.05
N PRO EA 49 11.87 -72.52 5.21
CA PRO EA 49 12.63 -72.00 6.34
C PRO EA 49 14.12 -72.19 6.11
N GLY EA 50 14.88 -71.12 6.26
CA GLY EA 50 16.31 -71.14 6.08
C GLY EA 50 16.80 -70.52 4.79
N TYR EA 51 15.92 -69.92 4.00
CA TYR EA 51 16.29 -69.47 2.66
C TYR EA 51 17.33 -68.36 2.71
N PHE EA 52 17.23 -67.44 3.66
CA PHE EA 52 18.05 -66.23 3.67
C PHE EA 52 19.18 -66.34 4.68
N GLY EA 53 20.40 -66.11 4.24
CA GLY EA 53 21.54 -66.02 5.13
C GLY EA 53 22.63 -67.00 4.76
N LYS EA 54 23.78 -66.82 5.40
CA LYS EA 54 24.96 -67.64 5.20
C LYS EA 54 25.16 -68.58 6.37
N VAL EA 55 25.62 -69.79 6.07
CA VAL EA 55 25.92 -70.78 7.09
C VAL EA 55 27.24 -71.46 6.74
N GLY EA 56 28.16 -71.51 7.71
CA GLY EA 56 29.34 -72.34 7.56
C GLY EA 56 30.42 -71.72 6.69
N MET EA 57 31.40 -72.55 6.37
CA MET EA 57 32.60 -72.14 5.67
C MET EA 57 32.45 -72.39 4.18
N LYS EA 58 32.96 -71.48 3.37
CA LYS EA 58 32.99 -71.65 1.93
C LYS EA 58 34.36 -72.17 1.52
N HIS EA 59 34.37 -73.19 0.67
CA HIS EA 59 35.60 -73.83 0.21
C HIS EA 59 35.63 -73.71 -1.31
N TYR EA 60 36.59 -72.94 -1.81
CA TYR EA 60 36.67 -72.69 -3.25
C TYR EA 60 37.22 -73.91 -3.96
N HIS EA 61 36.77 -74.11 -5.21
CA HIS EA 61 37.24 -75.17 -6.08
C HIS EA 61 37.02 -76.55 -5.45
N LEU EA 62 35.76 -76.89 -5.26
CA LEU EA 62 35.41 -78.21 -4.74
C LEU EA 62 35.62 -79.25 -5.83
N LYS EA 63 36.16 -80.40 -5.44
CA LYS EA 63 36.32 -81.54 -6.34
C LYS EA 63 35.57 -82.72 -5.72
N ARG EA 64 34.40 -83.04 -6.27
CA ARG EA 64 33.57 -84.09 -5.70
C ARG EA 64 34.24 -85.46 -5.78
N ASN EA 65 35.19 -85.63 -6.70
CA ASN EA 65 35.91 -86.90 -6.79
C ASN EA 65 36.69 -87.17 -5.51
N GLN EA 66 37.32 -86.13 -4.94
CA GLN EA 66 38.12 -86.30 -3.73
C GLN EA 66 37.32 -86.90 -2.59
N SER EA 67 36.02 -86.60 -2.53
CA SER EA 67 35.16 -87.15 -1.50
C SER EA 67 34.24 -88.24 -2.00
N PHE EA 68 34.43 -88.70 -3.24
CA PHE EA 68 33.66 -89.82 -3.77
C PHE EA 68 33.93 -91.07 -2.94
N CYS EA 69 32.95 -91.47 -2.14
CA CYS EA 69 33.06 -92.66 -1.30
C CYS EA 69 31.69 -93.30 -1.19
N PRO EA 70 31.32 -94.13 -2.15
CA PRO EA 70 30.04 -94.84 -2.05
C PRO EA 70 30.08 -95.87 -0.95
N THR EA 71 28.92 -96.17 -0.39
CA THR EA 71 28.81 -97.06 0.74
C THR EA 71 27.80 -98.17 0.45
N VAL EA 72 27.97 -99.30 1.12
CA VAL EA 72 27.07 -100.43 1.02
C VAL EA 72 26.81 -100.95 2.43
N ASN EA 73 25.67 -101.60 2.62
CA ASN EA 73 25.30 -102.06 3.94
C ASN EA 73 25.42 -103.58 4.06
N LEU EA 74 25.48 -104.04 5.30
CA LEU EA 74 25.72 -105.45 5.58
C LEU EA 74 24.58 -106.35 5.13
N ASP EA 75 23.37 -105.81 4.94
CA ASP EA 75 22.30 -106.67 4.44
C ASP EA 75 22.46 -106.95 2.96
N LYS EA 76 22.99 -106.00 2.20
CA LYS EA 76 23.19 -106.15 0.77
C LYS EA 76 24.64 -106.49 0.43
N LEU EA 77 25.45 -106.80 1.46
CA LEU EA 77 26.83 -107.19 1.21
C LEU EA 77 26.92 -108.47 0.37
N TRP EA 78 26.09 -109.46 0.66
CA TRP EA 78 26.23 -110.74 -0.01
C TRP EA 78 25.78 -110.73 -1.46
N THR EA 79 25.09 -109.68 -1.89
CA THR EA 79 24.65 -109.62 -3.29
C THR EA 79 25.78 -109.29 -4.25
N LEU EA 80 26.92 -108.79 -3.74
CA LEU EA 80 28.03 -108.43 -4.60
C LEU EA 80 28.72 -109.65 -5.20
N VAL EA 81 28.41 -110.85 -4.72
CA VAL EA 81 28.94 -112.08 -5.29
C VAL EA 81 27.76 -112.94 -5.70
N SER EA 82 28.00 -113.84 -6.66
CA SER EA 82 26.97 -114.74 -7.12
C SER EA 82 26.51 -115.65 -5.99
N GLU EA 83 25.26 -116.10 -6.09
CA GLU EA 83 24.71 -117.02 -5.10
C GLU EA 83 25.46 -118.34 -5.07
N GLN EA 84 26.18 -118.67 -6.13
CA GLN EA 84 27.03 -119.86 -6.13
C GLN EA 84 28.09 -119.76 -5.05
N THR EA 85 28.70 -118.59 -4.90
CA THR EA 85 29.73 -118.40 -3.87
C THR EA 85 29.16 -118.63 -2.48
N ARG EA 86 28.00 -118.02 -2.20
CA ARG EA 86 27.39 -118.16 -0.89
C ARG EA 86 27.00 -119.60 -0.61
N VAL EA 87 26.42 -120.29 -1.60
CA VAL EA 87 26.02 -121.67 -1.41
C VAL EA 87 27.23 -122.55 -1.19
N ASN EA 88 28.31 -122.32 -1.94
CA ASN EA 88 29.53 -123.11 -1.77
C ASN EA 88 30.12 -122.90 -0.38
N ALA EA 89 30.10 -121.66 0.11
CA ALA EA 89 30.59 -121.40 1.47
C ALA EA 89 29.72 -122.12 2.50
N ALA EA 90 28.40 -122.12 2.29
CA ALA EA 90 27.52 -122.80 3.23
C ALA EA 90 27.78 -124.30 3.26
N LYS EA 91 27.96 -124.90 2.08
CA LYS EA 91 28.16 -126.34 2.00
C LYS EA 91 29.60 -126.78 2.18
N ASN EA 92 30.53 -125.83 2.33
CA ASN EA 92 31.90 -126.17 2.63
C ASN EA 92 32.01 -126.75 4.04
N LYS EA 93 32.87 -127.74 4.21
CA LYS EA 93 33.07 -128.34 5.51
C LYS EA 93 34.26 -127.74 6.25
N THR EA 94 35.29 -127.29 5.53
CA THR EA 94 36.39 -126.58 6.16
C THR EA 94 35.95 -125.16 6.53
N GLY EA 95 36.77 -124.51 7.34
CA GLY EA 95 36.49 -123.17 7.78
C GLY EA 95 36.81 -122.08 6.77
N ALA EA 96 37.15 -122.46 5.54
CA ALA EA 96 37.51 -121.47 4.52
C ALA EA 96 36.34 -120.57 4.21
N ALA EA 97 36.59 -119.27 4.23
CA ALA EA 97 35.57 -118.25 4.08
C ALA EA 97 35.75 -117.48 2.79
N PRO EA 98 34.68 -117.15 2.09
CA PRO EA 98 34.80 -116.41 0.84
C PRO EA 98 35.20 -114.96 1.09
N ILE EA 99 35.69 -114.33 0.03
CA ILE EA 99 36.20 -112.97 0.09
C ILE EA 99 35.29 -112.09 -0.78
N ILE EA 100 34.67 -111.10 -0.15
CA ILE EA 100 33.85 -110.12 -0.85
C ILE EA 100 34.66 -108.84 -0.95
N ASP EA 101 35.10 -108.51 -2.16
CA ASP EA 101 35.81 -107.26 -2.41
C ASP EA 101 34.78 -106.23 -2.84
N VAL EA 102 34.36 -105.36 -1.91
CA VAL EA 102 33.38 -104.35 -2.27
C VAL EA 102 33.98 -103.32 -3.20
N VAL EA 103 35.30 -103.13 -3.15
CA VAL EA 103 35.95 -102.18 -4.05
C VAL EA 103 35.88 -102.67 -5.48
N ARG EA 104 35.93 -103.98 -5.69
CA ARG EA 104 35.80 -104.54 -7.04
C ARG EA 104 34.45 -104.18 -7.64
N SER EA 105 33.38 -104.29 -6.85
CA SER EA 105 32.07 -103.89 -7.35
C SER EA 105 31.95 -102.38 -7.50
N GLY EA 106 32.60 -101.62 -6.62
CA GLY EA 106 32.55 -100.18 -6.73
C GLY EA 106 32.05 -99.47 -5.50
N TYR EA 107 32.21 -100.09 -4.33
CA TYR EA 107 31.92 -99.48 -3.05
C TYR EA 107 33.20 -99.40 -2.22
N TYR EA 108 33.33 -98.32 -1.47
CA TYR EA 108 34.55 -98.07 -0.72
C TYR EA 108 34.41 -98.29 0.78
N LYS EA 109 33.33 -97.81 1.39
CA LYS EA 109 33.11 -97.94 2.81
C LYS EA 109 31.93 -98.87 3.05
N VAL EA 110 32.08 -99.78 4.02
CA VAL EA 110 31.05 -100.74 4.35
C VAL EA 110 30.39 -100.29 5.64
N LEU EA 111 29.16 -99.83 5.54
CA LEU EA 111 28.37 -99.47 6.71
C LEU EA 111 27.65 -100.70 7.25
N GLY EA 112 27.09 -100.56 8.46
CA GLY EA 112 26.59 -101.72 9.17
C GLY EA 112 25.11 -101.74 9.47
N LYS EA 113 24.27 -101.36 8.51
CA LYS EA 113 22.84 -101.49 8.69
C LYS EA 113 22.40 -102.92 8.41
N GLY EA 114 21.50 -103.43 9.24
CA GLY EA 114 21.02 -104.77 9.08
C GLY EA 114 21.84 -105.77 9.86
N LYS EA 115 21.63 -107.04 9.53
CA LYS EA 115 22.31 -108.16 10.15
C LYS EA 115 23.13 -108.90 9.11
N LEU EA 116 23.65 -110.06 9.49
CA LEU EA 116 24.42 -110.90 8.60
C LEU EA 116 24.01 -112.35 8.74
N PRO EA 117 24.06 -113.12 7.66
CA PRO EA 117 23.91 -114.57 7.79
C PRO EA 117 25.12 -115.17 8.49
N LYS EA 118 24.90 -116.30 9.15
CA LYS EA 118 25.90 -116.88 10.05
C LYS EA 118 26.87 -117.74 9.24
N GLN EA 119 27.92 -117.10 8.73
CA GLN EA 119 29.05 -117.77 8.11
C GLN EA 119 30.19 -116.77 8.01
N PRO EA 120 31.43 -117.18 8.26
CA PRO EA 120 32.56 -116.25 8.17
C PRO EA 120 32.78 -115.74 6.75
N VAL EA 121 33.33 -114.54 6.66
CA VAL EA 121 33.58 -113.90 5.38
C VAL EA 121 34.70 -112.89 5.56
N ILE EA 122 35.47 -112.66 4.50
CA ILE EA 122 36.55 -111.70 4.50
C ILE EA 122 36.17 -110.56 3.57
N VAL EA 123 36.05 -109.35 4.12
CA VAL EA 123 35.56 -108.21 3.37
C VAL EA 123 36.70 -107.22 3.16
N LYS EA 124 36.97 -106.90 1.90
CA LYS EA 124 37.99 -105.92 1.53
C LYS EA 124 37.30 -104.59 1.27
N ALA EA 125 37.70 -103.55 2.00
CA ALA EA 125 37.11 -102.24 1.82
C ALA EA 125 38.11 -101.17 2.22
N LYS EA 126 37.92 -99.98 1.68
CA LYS EA 126 38.76 -98.85 2.05
C LYS EA 126 38.49 -98.40 3.47
N PHE EA 127 37.21 -98.34 3.85
CA PHE EA 127 36.82 -97.89 5.18
C PHE EA 127 35.77 -98.83 5.77
N PHE EA 128 35.74 -98.89 7.09
CA PHE EA 128 34.76 -99.70 7.81
C PHE EA 128 34.16 -98.87 8.92
N SER EA 129 32.84 -98.93 9.06
CA SER EA 129 32.21 -98.35 10.23
C SER EA 129 32.36 -99.31 11.41
N ARG EA 130 32.24 -98.76 12.61
CA ARG EA 130 32.53 -99.53 13.81
C ARG EA 130 31.57 -100.70 13.96
N ARG EA 131 30.27 -100.47 13.79
CA ARG EA 131 29.31 -101.55 13.96
C ARG EA 131 29.40 -102.57 12.85
N ALA EA 132 29.73 -102.13 11.62
CA ALA EA 132 29.94 -103.09 10.54
C ALA EA 132 31.12 -104.01 10.86
N GLU EA 133 32.21 -103.42 11.35
CA GLU EA 133 33.36 -104.23 11.77
C GLU EA 133 32.96 -105.17 12.89
N GLU EA 134 32.16 -104.68 13.85
CA GLU EA 134 31.74 -105.51 14.98
C GLU EA 134 30.91 -106.69 14.51
N LYS EA 135 29.98 -106.48 13.58
CA LYS EA 135 29.13 -107.57 13.12
C LYS EA 135 29.89 -108.57 12.28
N ILE EA 136 30.84 -108.09 11.46
CA ILE EA 136 31.69 -109.00 10.70
C ILE EA 136 32.50 -109.87 11.65
N LYS EA 137 33.02 -109.27 12.73
CA LYS EA 137 33.70 -110.05 13.75
C LYS EA 137 32.75 -111.03 14.44
N SER EA 138 31.51 -110.61 14.68
CA SER EA 138 30.55 -111.44 15.39
C SER EA 138 30.24 -112.72 14.63
N VAL EA 139 30.01 -112.60 13.31
CA VAL EA 139 29.68 -113.78 12.53
C VAL EA 139 30.87 -114.69 12.27
N GLY EA 140 32.03 -114.37 12.83
CA GLY EA 140 33.23 -115.17 12.65
C GLY EA 140 34.11 -114.75 11.50
N GLY EA 141 33.78 -113.64 10.83
CA GLY EA 141 34.56 -113.15 9.72
C GLY EA 141 35.64 -112.17 10.16
N ALA EA 142 36.27 -111.57 9.17
CA ALA EA 142 37.37 -110.64 9.42
C ALA EA 142 37.32 -109.51 8.41
N CYS EA 143 37.98 -108.42 8.75
CA CYS EA 143 38.03 -107.22 7.93
C CYS EA 143 39.46 -106.99 7.45
N VAL EA 144 39.62 -106.72 6.17
CA VAL EA 144 40.90 -106.38 5.60
C VAL EA 144 40.79 -105.05 4.88
N LEU EA 145 41.78 -104.19 5.07
CA LEU EA 145 41.76 -102.84 4.52
C LEU EA 145 42.60 -102.77 3.26
N VAL EA 146 42.13 -101.94 2.32
CA VAL EA 146 42.81 -101.71 1.06
C VAL EA 146 42.88 -100.21 0.82
N ALA EA 147 43.84 -99.80 0.00
CA ALA EA 147 44.08 -98.39 -0.27
C ALA EA 147 43.89 -98.06 -1.74
N ALA FA 1 -11.21 -44.47 -1.73
CA ALA FA 1 -10.52 -43.80 -0.64
C ALA FA 1 -10.63 -44.62 0.64
N LYS FA 2 -11.58 -44.26 1.51
CA LYS FA 2 -11.81 -45.02 2.71
C LYS FA 2 -12.44 -46.37 2.39
N SER FA 3 -12.17 -47.35 3.24
CA SER FA 3 -12.67 -48.70 3.03
C SER FA 3 -13.17 -49.27 4.35
N LYS FA 4 -14.04 -50.27 4.24
CA LYS FA 4 -14.55 -50.96 5.41
C LYS FA 4 -13.40 -51.53 6.23
N ASN FA 5 -13.42 -51.25 7.54
CA ASN FA 5 -12.24 -51.50 8.36
C ASN FA 5 -12.15 -52.95 8.82
N HIS FA 6 -13.23 -53.47 9.39
CA HIS FA 6 -13.20 -54.81 9.94
C HIS FA 6 -14.63 -55.28 10.19
N THR FA 7 -14.90 -56.54 9.91
CA THR FA 7 -16.18 -57.12 10.29
C THR FA 7 -16.02 -58.63 10.43
N THR FA 8 -16.81 -59.20 11.34
CA THR FA 8 -16.92 -60.63 11.52
C THR FA 8 -18.19 -61.16 10.88
N HIS FA 9 -18.85 -60.33 10.09
CA HIS FA 9 -20.05 -60.76 9.38
C HIS FA 9 -19.73 -61.91 8.44
N ASN FA 10 -20.62 -62.90 8.41
CA ASN FA 10 -20.57 -64.08 7.54
C ASN FA 10 -19.50 -65.07 7.97
N GLN FA 11 -18.65 -64.71 8.93
CA GLN FA 11 -17.58 -65.60 9.37
C GLN FA 11 -18.15 -66.84 10.06
N SER FA 12 -19.21 -66.67 10.83
CA SER FA 12 -19.83 -67.80 11.50
C SER FA 12 -20.37 -68.80 10.49
N ARG FA 13 -21.01 -68.30 9.42
CA ARG FA 13 -21.49 -69.16 8.36
C ARG FA 13 -20.33 -69.89 7.68
N LYS FA 14 -19.24 -69.18 7.42
CA LYS FA 14 -18.07 -69.83 6.83
C LYS FA 14 -17.52 -70.93 7.72
N TRP FA 15 -17.47 -70.69 9.03
CA TRP FA 15 -17.00 -71.73 9.95
C TRP FA 15 -17.92 -72.93 9.94
N HIS FA 16 -19.23 -72.71 9.95
CA HIS FA 16 -20.14 -73.83 10.11
C HIS FA 16 -20.44 -74.56 8.81
N ARG FA 17 -19.99 -74.05 7.67
CA ARG FA 17 -20.15 -74.83 6.44
C ARG FA 17 -19.41 -76.16 6.51
N ASN FA 18 -18.16 -76.14 6.98
CA ASN FA 18 -17.45 -77.36 7.28
C ASN FA 18 -17.54 -77.74 8.76
N GLY FA 19 -18.21 -76.92 9.56
CA GLY FA 19 -18.48 -77.27 10.94
C GLY FA 19 -17.28 -77.06 11.82
N ILE FA 20 -17.53 -76.73 13.08
CA ILE FA 20 -16.46 -76.45 14.03
C ILE FA 20 -16.20 -77.76 14.76
N LYS FA 21 -15.31 -78.57 14.20
CA LYS FA 21 -15.10 -79.92 14.68
C LYS FA 21 -14.36 -79.94 16.02
N LYS FA 22 -14.78 -80.85 16.88
CA LYS FA 22 -14.01 -81.12 18.09
C LYS FA 22 -12.63 -81.66 17.68
N PRO FA 23 -11.57 -81.28 18.38
CA PRO FA 23 -10.26 -81.87 18.10
C PRO FA 23 -10.30 -83.37 18.31
N ARG FA 24 -9.64 -84.10 17.43
CA ARG FA 24 -9.70 -85.56 17.45
C ARG FA 24 -9.01 -86.09 18.70
N SER FA 25 -9.76 -86.77 19.54
CA SER FA 25 -9.25 -87.32 20.79
C SER FA 25 -9.20 -88.84 20.72
N GLN FA 26 -8.11 -89.42 21.20
CA GLN FA 26 -7.89 -90.85 21.09
C GLN FA 26 -7.25 -91.35 22.38
N ARG FA 27 -7.26 -92.67 22.53
CA ARG FA 27 -6.60 -93.32 23.64
C ARG FA 27 -5.10 -93.10 23.55
N TYR FA 28 -4.43 -93.10 24.70
CA TYR FA 28 -2.97 -92.98 24.80
C TYR FA 28 -2.48 -91.69 24.16
N GLU FA 29 -2.83 -90.57 24.79
CA GLU FA 29 -2.36 -89.29 24.31
C GLU FA 29 -0.86 -89.13 24.56
N SER FA 30 -0.29 -88.09 23.96
CA SER FA 30 1.15 -87.92 23.97
C SER FA 30 1.66 -87.58 25.37
N LEU FA 31 2.96 -87.81 25.58
CA LEU FA 31 3.63 -87.51 26.84
C LEU FA 31 4.51 -86.28 26.74
N LYS FA 32 4.13 -85.31 25.92
CA LYS FA 32 4.91 -84.10 25.77
C LYS FA 32 4.50 -83.08 26.82
N GLY FA 33 5.49 -82.33 27.31
CA GLY FA 33 5.24 -81.31 28.31
C GLY FA 33 5.19 -81.81 29.74
N VAL FA 34 5.48 -83.08 29.98
CA VAL FA 34 5.46 -83.64 31.33
C VAL FA 34 6.78 -83.31 32.02
N ASP FA 35 6.73 -83.24 33.34
CA ASP FA 35 7.91 -83.01 34.18
C ASP FA 35 9.02 -83.99 33.82
N PRO FA 36 10.18 -83.51 33.35
CA PRO FA 36 11.23 -84.43 32.88
C PRO FA 36 11.73 -85.40 33.93
N LYS FA 37 11.75 -85.02 35.21
CA LYS FA 37 12.16 -85.98 36.24
C LYS FA 37 11.16 -87.13 36.32
N PHE FA 38 9.86 -86.81 36.33
CA PHE FA 38 8.84 -87.85 36.33
C PHE FA 38 8.92 -88.70 35.08
N LEU FA 39 9.22 -88.09 33.94
CA LEU FA 39 9.26 -88.83 32.69
C LEU FA 39 10.46 -89.78 32.67
N ARG FA 40 11.62 -89.33 33.16
CA ARG FA 40 12.78 -90.21 33.20
C ARG FA 40 12.65 -91.27 34.28
N ASN FA 41 11.84 -91.04 35.30
CA ASN FA 41 11.49 -92.13 36.20
C ASN FA 41 10.59 -93.14 35.53
N MET FA 42 9.59 -92.65 34.80
CA MET FA 42 8.64 -93.54 34.14
C MET FA 42 9.33 -94.39 33.08
N ARG FA 43 10.35 -93.84 32.43
CA ARG FA 43 11.09 -94.63 31.47
C ARG FA 43 11.83 -95.79 32.14
N PHE FA 44 12.43 -95.55 33.30
CA PHE FA 44 13.08 -96.64 34.03
C PHE FA 44 12.06 -97.67 34.50
N ALA FA 45 10.91 -97.20 34.99
CA ALA FA 45 9.88 -98.13 35.47
C ALA FA 45 9.34 -98.98 34.33
N LYS FA 46 9.16 -98.39 33.14
CA LYS FA 46 8.74 -99.15 31.98
C LYS FA 46 9.82 -100.11 31.53
N LYS FA 47 11.08 -99.69 31.61
CA LYS FA 47 12.17 -100.53 31.16
C LYS FA 47 12.31 -101.77 32.02
N HIS FA 48 12.26 -101.62 33.34
CA HIS FA 48 12.54 -102.73 34.23
C HIS FA 48 11.31 -103.60 34.51
N ASN FA 49 10.25 -103.48 33.71
CA ASN FA 49 9.12 -104.39 33.85
C ASN FA 49 9.47 -105.81 33.43
N LYS FA 50 10.51 -105.99 32.62
CA LYS FA 50 10.88 -107.32 32.15
C LYS FA 50 11.26 -108.24 33.30
N LYS FA 51 12.03 -107.73 34.25
CA LYS FA 51 12.26 -108.47 35.48
C LYS FA 51 10.98 -108.44 36.32
N GLY FA 52 10.82 -109.47 37.14
CA GLY FA 52 9.56 -109.68 37.82
C GLY FA 52 8.51 -110.36 36.97
N LEU FA 53 8.85 -110.76 35.74
CA LEU FA 53 7.93 -111.50 34.89
C LEU FA 53 7.66 -112.90 35.44
N LYS FA 54 8.59 -113.45 36.22
CA LYS FA 54 8.35 -114.75 36.82
C LYS FA 54 7.27 -114.67 37.88
N LYS FA 55 7.37 -113.70 38.78
CA LYS FA 55 6.31 -113.49 39.78
C LYS FA 55 5.00 -113.11 39.11
N MET FA 56 5.08 -112.35 38.03
CA MET FA 56 3.88 -111.96 37.29
C MET FA 56 3.13 -113.19 36.79
N GLN FA 57 3.82 -114.09 36.08
CA GLN FA 57 3.14 -115.26 35.54
C GLN FA 57 2.78 -116.27 36.61
N ALA FA 58 3.58 -116.38 37.68
CA ALA FA 58 3.24 -117.29 38.77
C ALA FA 58 1.97 -116.86 39.47
N ASN FA 59 1.88 -115.57 39.82
CA ASN FA 59 0.66 -115.06 40.44
C ASN FA 59 -0.51 -115.09 39.48
N ASN FA 60 -0.27 -114.86 38.19
CA ASN FA 60 -1.33 -115.00 37.19
C ASN FA 60 -1.88 -116.41 37.17
N ALA FA 61 -0.99 -117.41 37.17
CA ALA FA 61 -1.41 -118.80 37.12
C ALA FA 61 -2.18 -119.20 38.37
N LYS FA 62 -1.70 -118.80 39.55
CA LYS FA 62 -2.42 -119.17 40.76
C LYS FA 62 -3.76 -118.45 40.87
N ALA FA 63 -3.83 -117.19 40.40
CA ALA FA 63 -5.11 -116.49 40.37
C ALA FA 63 -6.08 -117.15 39.40
N MET FA 64 -5.57 -117.58 38.24
CA MET FA 64 -6.42 -118.27 37.27
C MET FA 64 -6.96 -119.58 37.83
N SER FA 65 -6.10 -120.35 38.51
CA SER FA 65 -6.55 -121.61 39.09
C SER FA 65 -7.60 -121.38 40.17
N ALA FA 66 -7.35 -120.41 41.07
CA ALA FA 66 -8.31 -120.11 42.12
C ALA FA 66 -9.64 -119.65 41.54
N ARG FA 67 -9.60 -118.76 40.55
CA ARG FA 67 -10.82 -118.26 39.92
C ARG FA 67 -11.58 -119.38 39.21
N ALA FA 68 -10.87 -120.25 38.49
CA ALA FA 68 -11.51 -121.30 37.74
C ALA FA 68 -12.20 -122.30 38.67
N GLU FA 69 -11.53 -122.72 39.74
CA GLU FA 69 -12.19 -123.65 40.64
C GLU FA 69 -13.25 -122.99 41.51
N ALA FA 70 -13.15 -121.68 41.75
CA ALA FA 70 -14.23 -120.97 42.41
C ALA FA 70 -15.48 -120.92 41.54
N ILE FA 71 -15.29 -120.72 40.23
CA ILE FA 71 -16.41 -120.78 39.30
C ILE FA 71 -16.97 -122.20 39.22
N LYS FA 72 -16.08 -123.20 39.24
CA LYS FA 72 -16.52 -124.60 39.23
C LYS FA 72 -17.27 -124.98 40.51
N ALA FA 73 -17.00 -124.32 41.62
CA ALA FA 73 -17.66 -124.62 42.89
C ALA FA 73 -19.08 -124.07 42.85
N LEU FA 74 -19.99 -124.86 42.28
CA LEU FA 74 -21.41 -124.53 42.16
C LEU FA 74 -22.15 -125.33 43.23
N VAL FA 75 -22.87 -124.61 44.11
CA VAL FA 75 -23.55 -125.13 45.30
C VAL FA 75 -22.79 -126.26 45.99
N VAL FA 88 -55.27 -121.71 31.77
CA VAL FA 88 -54.42 -120.59 31.39
C VAL FA 88 -54.09 -120.67 29.90
N SER FA 89 -55.11 -120.52 29.06
CA SER FA 89 -54.90 -120.64 27.62
C SER FA 89 -54.05 -119.50 27.07
N ARG FA 90 -54.41 -118.26 27.43
CA ARG FA 90 -53.70 -117.06 26.99
C ARG FA 90 -53.65 -116.98 25.46
N LYS FA 91 -54.85 -116.75 24.90
CA LYS FA 91 -55.07 -116.86 23.46
C LYS FA 91 -54.06 -116.04 22.66
N LEU FA 92 -53.78 -114.82 23.08
CA LEU FA 92 -52.84 -113.98 22.34
C LEU FA 92 -51.43 -114.56 22.38
N ASP FA 93 -51.03 -115.16 23.51
CA ASP FA 93 -49.74 -115.83 23.59
C ASP FA 93 -49.68 -117.02 22.65
N ARG FA 94 -50.71 -117.87 22.69
CA ARG FA 94 -50.64 -119.11 21.92
C ARG FA 94 -50.75 -118.86 20.43
N LEU FA 95 -51.46 -117.80 20.02
CA LEU FA 95 -51.51 -117.47 18.60
C LEU FA 95 -50.13 -117.10 18.08
N ALA FA 96 -49.39 -116.29 18.84
CA ALA FA 96 -48.04 -115.95 18.44
C ALA FA 96 -47.14 -117.18 18.44
N TYR FA 97 -47.31 -118.05 19.43
CA TYR FA 97 -46.52 -119.27 19.48
C TYR FA 97 -46.80 -120.17 18.28
N ILE FA 98 -48.06 -120.24 17.86
CA ILE FA 98 -48.41 -121.06 16.71
C ILE FA 98 -47.88 -120.44 15.43
N ALA FA 99 -47.98 -119.12 15.31
CA ALA FA 99 -47.44 -118.41 14.15
C ALA FA 99 -45.92 -118.26 14.21
N HIS FA 100 -45.28 -118.77 15.25
CA HIS FA 100 -43.83 -118.80 15.31
C HIS FA 100 -43.30 -119.67 14.17
N PRO FA 101 -42.32 -119.19 13.40
CA PRO FA 101 -41.80 -120.01 12.30
C PRO FA 101 -41.18 -121.32 12.75
N LYS FA 102 -40.51 -121.33 13.91
CA LYS FA 102 -39.78 -122.50 14.35
C LYS FA 102 -40.37 -123.15 15.60
N LEU FA 103 -41.32 -122.50 16.27
CA LEU FA 103 -41.92 -123.08 17.45
C LEU FA 103 -43.31 -123.63 17.23
N GLY FA 104 -44.04 -123.13 16.23
CA GLY FA 104 -45.40 -123.56 16.00
C GLY FA 104 -45.56 -124.56 14.89
N LYS FA 105 -44.46 -125.22 14.50
CA LYS FA 105 -44.51 -126.15 13.38
C LYS FA 105 -45.44 -127.31 13.67
N ARG FA 106 -45.24 -127.98 14.81
CA ARG FA 106 -46.09 -129.11 15.16
C ARG FA 106 -47.54 -128.68 15.35
N ALA FA 107 -47.75 -127.51 15.96
CA ALA FA 107 -49.11 -127.06 16.24
C ALA FA 107 -49.88 -126.77 14.96
N ARG FA 108 -49.26 -126.08 14.01
CA ARG FA 108 -49.98 -125.82 12.77
C ARG FA 108 -50.08 -127.06 11.89
N ALA FA 109 -49.14 -128.01 12.00
CA ALA FA 109 -49.36 -129.31 11.39
C ALA FA 109 -50.57 -130.02 12.00
N ARG FA 110 -50.74 -129.88 13.32
CA ARG FA 110 -51.87 -130.51 14.01
C ARG FA 110 -53.19 -129.92 13.52
N ILE FA 111 -53.28 -128.59 13.43
CA ILE FA 111 -54.54 -128.00 12.97
C ILE FA 111 -54.78 -128.29 11.49
N ALA FA 112 -53.71 -128.40 10.70
CA ALA FA 112 -53.87 -128.80 9.31
C ALA FA 112 -54.44 -130.20 9.20
N LYS FA 113 -53.96 -131.12 10.04
CA LYS FA 113 -54.53 -132.46 10.09
C LYS FA 113 -56.00 -132.41 10.48
N GLY FA 114 -56.34 -131.54 11.44
CA GLY FA 114 -57.73 -131.37 11.82
C GLY FA 114 -58.59 -130.89 10.67
N LEU FA 115 -58.06 -130.03 9.82
CA LEU FA 115 -58.82 -129.52 8.69
C LEU FA 115 -59.11 -130.58 7.63
N ARG FA 116 -58.46 -131.74 7.70
CA ARG FA 116 -58.63 -132.78 6.69
C ARG FA 116 -59.36 -134.01 7.21
N LEU FA 117 -58.95 -134.55 8.35
CA LEU FA 117 -59.56 -135.79 8.82
C LEU FA 117 -60.93 -135.52 9.45
N CYS FA 118 -61.81 -136.53 9.40
CA CYS FA 118 -63.17 -136.41 9.91
C CYS FA 118 -63.58 -137.67 10.66
N ARG FA 119 -62.70 -138.17 11.53
CA ARG FA 119 -62.96 -139.42 12.23
C ARG FA 119 -64.10 -139.24 13.23
N PRO FA 120 -64.96 -140.24 13.38
CA PRO FA 120 -66.05 -140.15 14.36
C PRO FA 120 -65.59 -140.49 15.77
N LYS FA 121 -66.54 -140.58 16.70
CA LYS FA 121 -66.26 -140.88 18.11
C LYS FA 121 -65.35 -139.84 18.74
N LYS GA 1 64.05 39.77 -31.33
CA LYS GA 1 64.35 41.05 -31.97
C LYS GA 1 64.46 40.89 -33.49
N SER GA 2 64.94 39.73 -33.92
CA SER GA 2 65.11 39.48 -35.35
C SER GA 2 63.78 39.52 -36.09
N LEU GA 3 62.74 38.89 -35.54
CA LEU GA 3 61.44 38.89 -36.20
C LEU GA 3 60.83 40.28 -36.23
N GLU GA 4 60.85 41.00 -35.12
CA GLU GA 4 60.28 42.33 -35.08
C GLU GA 4 61.12 43.34 -35.84
N SER GA 5 62.36 42.99 -36.19
CA SER GA 5 63.15 43.82 -37.09
C SER GA 5 62.79 43.55 -38.54
N ILE GA 6 62.82 42.27 -38.94
CA ILE GA 6 62.53 41.92 -40.33
C ILE GA 6 61.12 42.31 -40.71
N ASN GA 7 60.19 42.31 -39.75
CA ASN GA 7 58.81 42.71 -40.06
C ASN GA 7 58.74 44.18 -40.45
N SER GA 8 59.36 45.05 -39.66
CA SER GA 8 59.35 46.47 -39.96
C SER GA 8 60.12 46.77 -41.25
N ARG GA 9 61.26 46.10 -41.46
CA ARG GA 9 61.99 46.28 -42.70
C ARG GA 9 61.16 45.86 -43.91
N LEU GA 10 60.42 44.76 -43.79
CA LEU GA 10 59.58 44.31 -44.90
C LEU GA 10 58.45 45.30 -45.17
N GLN GA 11 57.85 45.84 -44.11
CA GLN GA 11 56.78 46.80 -44.31
C GLN GA 11 57.30 48.06 -45.00
N LEU GA 12 58.50 48.51 -44.62
CA LEU GA 12 59.06 49.68 -45.29
C LEU GA 12 59.56 49.37 -46.70
N VAL GA 13 59.96 48.12 -46.96
CA VAL GA 13 60.25 47.72 -48.34
C VAL GA 13 59.00 47.86 -49.19
N MET GA 14 57.88 47.39 -48.67
CA MET GA 14 56.61 47.73 -49.30
C MET GA 14 56.38 49.24 -49.22
N LYS GA 15 55.62 49.76 -50.18
CA LYS GA 15 55.14 51.14 -50.26
C LYS GA 15 56.25 52.15 -50.51
N SER GA 16 57.52 51.69 -50.55
CA SER GA 16 58.59 52.56 -50.99
C SER GA 16 59.64 51.82 -51.82
N GLY GA 17 59.40 50.57 -52.16
CA GLY GA 17 60.37 49.80 -52.93
C GLY GA 17 59.68 48.79 -53.81
N LYS GA 18 60.39 48.37 -54.85
CA LYS GA 18 59.83 47.45 -55.83
C LYS GA 18 60.02 46.01 -55.37
N TYR GA 19 58.91 45.28 -55.31
CA TYR GA 19 58.88 43.92 -54.81
C TYR GA 19 58.11 43.07 -55.80
N VAL GA 20 58.03 41.78 -55.51
CA VAL GA 20 57.20 40.88 -56.29
C VAL GA 20 56.87 39.68 -55.43
N LEU GA 21 55.64 39.19 -55.55
CA LEU GA 21 55.13 38.11 -54.72
C LEU GA 21 54.77 36.91 -55.56
N GLY GA 22 55.14 35.73 -55.10
CA GLY GA 22 54.73 34.51 -55.75
C GLY GA 22 55.88 33.72 -56.34
N TYR GA 23 55.69 32.41 -56.49
CA TYR GA 23 56.78 31.53 -56.87
C TYR GA 23 57.19 31.73 -58.33
N LYS GA 24 56.23 31.79 -59.24
CA LYS GA 24 56.54 31.98 -60.66
C LYS GA 24 57.22 33.31 -60.89
N GLN GA 25 56.70 34.38 -60.30
CA GLN GA 25 57.29 35.69 -60.48
C GLN GA 25 58.65 35.79 -59.80
N THR GA 26 58.83 35.13 -58.65
CA THR GA 26 60.14 35.11 -58.00
C THR GA 26 61.18 34.44 -58.88
N LEU GA 27 60.82 33.28 -59.47
CA LEU GA 27 61.75 32.62 -60.39
C LEU GA 27 62.04 33.49 -61.59
N LYS GA 28 61.03 34.18 -62.11
CA LYS GA 28 61.24 35.07 -63.24
C LYS GA 28 62.22 36.17 -62.90
N MET GA 29 62.04 36.81 -61.74
CA MET GA 29 62.95 37.89 -61.35
C MET GA 29 64.36 37.37 -61.08
N ILE GA 30 64.49 36.17 -60.51
CA ILE GA 30 65.82 35.62 -60.28
C ILE GA 30 66.54 35.36 -61.60
N ARG GA 31 65.86 34.70 -62.54
CA ARG GA 31 66.51 34.41 -63.81
C ARG GA 31 66.70 35.67 -64.66
N GLN GA 32 65.96 36.74 -64.37
CA GLN GA 32 66.23 38.03 -65.00
C GLN GA 32 67.24 38.86 -64.22
N GLY GA 33 67.68 38.38 -63.07
CA GLY GA 33 68.77 39.00 -62.35
C GLY GA 33 68.42 40.26 -61.60
N LYS GA 34 67.14 40.62 -61.53
CA LYS GA 34 66.76 41.83 -60.80
C LYS GA 34 66.51 41.57 -59.32
N ALA GA 35 66.15 40.34 -58.96
CA ALA GA 35 65.89 40.03 -57.57
C ALA GA 35 67.18 40.06 -56.76
N LYS GA 36 67.10 40.62 -55.55
CA LYS GA 36 68.24 40.73 -54.66
C LYS GA 36 68.09 39.87 -53.42
N LEU GA 37 66.95 39.97 -52.76
CA LEU GA 37 66.65 39.17 -51.57
C LEU GA 37 65.35 38.45 -51.78
N VAL GA 38 65.37 37.13 -51.62
CA VAL GA 38 64.19 36.29 -51.73
C VAL GA 38 63.87 35.75 -50.36
N ILE GA 39 62.63 35.97 -49.91
CA ILE GA 39 62.19 35.58 -48.59
C ILE GA 39 61.21 34.42 -48.74
N LEU GA 40 61.47 33.35 -47.99
CA LEU GA 40 60.71 32.11 -48.07
C LEU GA 40 60.12 31.76 -46.72
N ALA GA 41 58.82 31.47 -46.70
CA ALA GA 41 58.18 31.05 -45.47
C ALA GA 41 58.65 29.65 -45.07
N ASN GA 42 58.58 29.36 -43.77
CA ASN GA 42 58.91 28.02 -43.30
C ASN GA 42 57.88 26.99 -43.73
N ASN GA 43 56.74 27.43 -44.25
CA ASN GA 43 55.71 26.56 -44.77
C ASN GA 43 55.93 26.22 -46.24
N CYS GA 44 57.02 26.70 -46.83
CA CYS GA 44 57.28 26.43 -48.23
C CYS GA 44 57.52 24.93 -48.43
N PRO GA 45 57.06 24.36 -49.54
CA PRO GA 45 57.43 22.98 -49.84
C PRO GA 45 58.94 22.87 -49.96
N ALA GA 46 59.48 21.77 -49.44
CA ALA GA 46 60.94 21.68 -49.35
C ALA GA 46 61.59 21.54 -50.71
N LEU GA 47 60.91 20.90 -51.66
CA LEU GA 47 61.42 20.88 -53.03
C LEU GA 47 61.53 22.28 -53.59
N ARG GA 48 60.50 23.10 -53.38
CA ARG GA 48 60.55 24.47 -53.85
C ARG GA 48 61.59 25.28 -53.11
N LYS GA 49 61.80 24.98 -51.82
CA LYS GA 49 62.86 25.62 -51.06
C LYS GA 49 64.22 25.34 -51.70
N SER GA 50 64.47 24.07 -52.03
CA SER GA 50 65.73 23.71 -52.66
C SER GA 50 65.87 24.35 -54.04
N GLU GA 51 64.78 24.37 -54.81
CA GLU GA 51 64.83 24.98 -56.14
C GLU GA 51 65.14 26.47 -56.07
N ILE GA 52 64.45 27.18 -55.18
CA ILE GA 52 64.70 28.61 -55.02
C ILE GA 52 66.12 28.84 -54.55
N GLU GA 53 66.60 28.02 -53.61
CA GLU GA 53 67.95 28.20 -53.09
C GLU GA 53 69.00 27.95 -54.16
N TYR GA 54 68.79 26.95 -55.02
CA TYR GA 54 69.73 26.70 -56.11
C TYR GA 54 69.72 27.84 -57.12
N TYR GA 55 68.54 28.35 -57.45
CA TYR GA 55 68.45 29.52 -58.31
C TYR GA 55 69.19 30.71 -57.71
N ALA GA 56 69.03 30.91 -56.41
CA ALA GA 56 69.70 32.02 -55.74
C ALA GA 56 71.21 31.81 -55.68
N MET GA 57 71.66 30.57 -55.58
CA MET GA 57 73.09 30.31 -55.66
C MET GA 57 73.63 30.69 -57.02
N LEU GA 58 72.90 30.36 -58.08
CA LEU GA 58 73.34 30.76 -59.41
C LEU GA 58 73.34 32.28 -59.58
N ALA GA 59 72.29 32.94 -59.09
CA ALA GA 59 72.13 34.38 -59.32
C ALA GA 59 72.79 35.24 -58.25
N LYS GA 60 73.45 34.64 -57.27
CA LYS GA 60 74.15 35.36 -56.19
C LYS GA 60 73.20 36.33 -55.47
N THR GA 61 72.02 35.82 -55.12
CA THR GA 61 71.05 36.59 -54.35
C THR GA 61 70.88 35.98 -52.97
N GLY GA 62 70.52 36.81 -52.00
CA GLY GA 62 70.34 36.32 -50.64
C GLY GA 62 68.95 35.72 -50.45
N VAL GA 63 68.87 34.75 -49.55
CA VAL GA 63 67.61 34.08 -49.23
C VAL GA 63 67.40 34.14 -47.73
N HIS GA 64 66.29 34.71 -47.31
CA HIS GA 64 65.94 34.82 -45.90
C HIS GA 64 64.83 33.81 -45.59
N HIS GA 65 65.13 32.88 -44.70
CA HIS GA 65 64.14 31.92 -44.23
C HIS GA 65 63.31 32.59 -43.16
N TYR GA 66 62.13 33.07 -43.55
CA TYR GA 66 61.23 33.76 -42.64
C TYR GA 66 60.75 32.82 -41.55
N SER GA 67 60.70 33.33 -40.32
CA SER GA 67 60.23 32.54 -39.18
C SER GA 67 58.70 32.64 -39.04
N GLY GA 68 58.04 32.24 -40.12
CA GLY GA 68 56.60 32.22 -40.15
C GLY GA 68 56.11 31.53 -41.39
N ASN GA 69 54.85 31.10 -41.35
CA ASN GA 69 54.25 30.41 -42.48
C ASN GA 69 53.83 31.43 -43.55
N ASN GA 70 53.30 30.91 -44.64
CA ASN GA 70 52.92 31.79 -45.75
C ASN GA 70 51.80 32.76 -45.38
N ILE GA 71 50.92 32.38 -44.44
CA ILE GA 71 49.85 33.28 -44.02
C ILE GA 71 50.43 34.54 -43.42
N GLU GA 72 51.32 34.39 -42.44
CA GLU GA 72 51.92 35.55 -41.81
C GLU GA 72 53.00 36.20 -42.66
N LEU GA 73 53.57 35.48 -43.63
CA LEU GA 73 54.42 36.16 -44.61
C LEU GA 73 53.62 37.14 -45.43
N GLY GA 74 52.44 36.74 -45.90
CA GLY GA 74 51.55 37.68 -46.56
C GLY GA 74 51.12 38.79 -45.63
N THR GA 75 50.83 38.47 -44.37
CA THR GA 75 50.44 39.49 -43.40
C THR GA 75 51.54 40.53 -43.21
N ALA GA 76 52.80 40.09 -43.13
CA ALA GA 76 53.92 41.01 -43.07
C ALA GA 76 54.06 41.82 -44.34
N CYS GA 77 53.73 41.23 -45.49
CA CYS GA 77 53.63 42.01 -46.71
C CYS GA 77 52.46 42.98 -46.70
N GLY GA 78 51.53 42.82 -45.75
CA GLY GA 78 50.37 43.67 -45.69
C GLY GA 78 49.26 43.25 -46.62
N LYS GA 79 49.42 42.12 -47.30
CA LYS GA 79 48.41 41.61 -48.21
C LYS GA 79 47.48 40.65 -47.49
N TYR GA 80 46.28 40.52 -48.03
CA TYR GA 80 45.26 39.67 -47.43
C TYR GA 80 45.27 38.25 -47.98
N TYR GA 81 46.30 37.89 -48.74
CA TYR GA 81 46.43 36.55 -49.31
C TYR GA 81 47.74 35.93 -48.85
N ARG GA 82 47.77 34.60 -48.88
CA ARG GA 82 48.97 33.87 -48.49
C ARG GA 82 50.10 34.14 -49.46
N VAL GA 83 51.31 34.32 -48.93
CA VAL GA 83 52.49 34.53 -49.74
C VAL GA 83 53.55 33.53 -49.28
N CYS GA 84 53.93 32.62 -50.17
CA CYS GA 84 54.90 31.60 -49.85
C CYS GA 84 56.32 31.96 -50.26
N THR GA 85 56.48 32.91 -51.17
CA THR GA 85 57.78 33.35 -51.64
C THR GA 85 57.66 34.80 -52.07
N LEU GA 86 58.72 35.57 -51.84
CA LEU GA 86 58.72 36.93 -52.37
C LEU GA 86 60.14 37.32 -52.74
N ALA GA 87 60.26 38.24 -53.69
CA ALA GA 87 61.56 38.72 -54.13
C ALA GA 87 61.54 40.24 -54.16
N ILE GA 88 62.55 40.86 -53.54
CA ILE GA 88 62.64 42.31 -53.46
C ILE GA 88 63.59 42.76 -54.57
N ILE GA 89 63.04 43.42 -55.59
CA ILE GA 89 63.88 43.88 -56.69
C ILE GA 89 64.79 45.01 -56.22
N ASP GA 90 64.21 45.98 -55.52
CA ASP GA 90 64.94 47.15 -55.06
C ASP GA 90 64.24 47.69 -53.82
N PRO GA 91 64.94 47.88 -52.71
CA PRO GA 91 64.29 48.42 -51.51
C PRO GA 91 64.31 49.94 -51.48
N GLY GA 92 63.74 50.51 -50.43
CA GLY GA 92 63.84 51.95 -50.20
C GLY GA 92 64.02 52.21 -48.72
N ASP GA 93 64.57 51.22 -48.02
CA ASP GA 93 64.61 51.22 -46.56
C ASP GA 93 65.93 50.74 -45.98
N SER GA 94 66.93 50.47 -46.83
CA SER GA 94 68.22 49.94 -46.41
C SER GA 94 68.09 48.60 -45.68
N ASP GA 95 67.05 47.84 -46.01
CA ASP GA 95 67.00 46.44 -45.58
C ASP GA 95 68.12 45.64 -46.22
N ILE GA 96 68.41 45.92 -47.48
CA ILE GA 96 69.55 45.34 -48.17
C ILE GA 96 70.70 46.32 -48.05
N ILE GA 97 71.81 45.88 -47.46
CA ILE GA 97 73.01 46.72 -47.39
C ILE GA 97 73.60 46.84 -48.77
N ARG GA 98 74.08 48.04 -49.11
CA ARG GA 98 74.68 48.28 -50.40
C ARG GA 98 76.01 47.53 -50.53
N ASN HA 1 -54.34 -15.01 -93.17
CA ASN HA 1 -53.03 -14.37 -93.32
C ASN HA 1 -52.04 -14.90 -92.31
N GLU HA 2 -50.87 -15.33 -92.78
CA GLU HA 2 -49.81 -15.81 -91.91
C GLU HA 2 -48.42 -15.32 -92.31
N VAL HA 3 -48.32 -14.46 -93.32
CA VAL HA 3 -47.02 -13.91 -93.73
C VAL HA 3 -47.08 -12.42 -93.46
N VAL HA 4 -47.79 -12.05 -92.41
CA VAL HA 4 -48.12 -10.65 -92.18
C VAL HA 4 -46.91 -9.93 -91.58
N THR HA 5 -46.95 -8.59 -91.66
CA THR HA 5 -45.95 -7.72 -91.05
C THR HA 5 -46.67 -6.57 -90.36
N ARG HA 6 -46.37 -6.36 -89.09
CA ARG HA 6 -47.03 -5.33 -88.30
C ARG HA 6 -45.99 -4.53 -87.54
N GLU HA 7 -46.39 -3.32 -87.13
CA GLU HA 7 -45.54 -2.41 -86.39
C GLU HA 7 -46.10 -2.23 -85.00
N TYR HA 8 -45.24 -2.43 -83.99
CA TYR HA 8 -45.61 -2.32 -82.60
C TYR HA 8 -44.68 -1.36 -81.88
N THR HA 9 -45.14 -0.87 -80.74
CA THR HA 9 -44.28 -0.17 -79.79
C THR HA 9 -44.44 -0.83 -78.43
N ILE HA 10 -43.33 -1.00 -77.73
CA ILE HA 10 -43.26 -1.79 -76.50
C ILE HA 10 -42.83 -0.89 -75.36
N ASN HA 11 -43.51 -1.03 -74.23
CA ASN HA 11 -43.17 -0.33 -72.98
C ASN HA 11 -42.14 -1.18 -72.23
N ILE HA 12 -40.89 -1.04 -72.68
CA ILE HA 12 -39.78 -1.69 -72.00
C ILE HA 12 -39.72 -1.25 -70.55
N HIS HA 13 -40.04 0.02 -70.29
CA HIS HA 13 -40.08 0.52 -68.92
C HIS HA 13 -41.08 -0.25 -68.08
N LYS HA 14 -42.28 -0.48 -68.62
CA LYS HA 14 -43.31 -1.22 -67.90
C LYS HA 14 -42.86 -2.65 -67.62
N ARG HA 15 -42.26 -3.31 -68.60
CA ARG HA 15 -41.88 -4.70 -68.39
C ARG HA 15 -40.59 -4.87 -67.60
N ILE HA 16 -39.81 -3.81 -67.46
CA ILE HA 16 -38.53 -3.89 -66.78
C ILE HA 16 -38.59 -3.38 -65.34
N HIS HA 17 -39.57 -2.56 -65.01
CA HIS HA 17 -39.68 -1.99 -63.67
C HIS HA 17 -39.60 -3.08 -62.59
N GLY HA 18 -38.57 -2.99 -61.76
CA GLY HA 18 -38.33 -3.94 -60.69
C GLY HA 18 -37.08 -4.79 -60.87
N VAL HA 19 -36.47 -4.77 -62.04
CA VAL HA 19 -35.33 -5.63 -62.34
C VAL HA 19 -34.04 -4.91 -61.94
N GLY HA 20 -33.12 -5.66 -61.35
CA GLY HA 20 -31.85 -5.10 -60.91
C GLY HA 20 -31.01 -4.61 -62.05
N PHE HA 21 -29.97 -3.84 -61.69
CA PHE HA 21 -29.21 -3.09 -62.68
C PHE HA 21 -28.52 -4.00 -63.69
N LYS HA 22 -27.93 -5.10 -63.23
CA LYS HA 22 -27.16 -5.95 -64.11
C LYS HA 22 -28.01 -6.87 -64.96
N LYS HA 23 -29.33 -6.92 -64.74
CA LYS HA 23 -30.20 -7.79 -65.52
C LYS HA 23 -31.30 -7.02 -66.23
N ARG HA 24 -31.25 -5.68 -66.24
CA ARG HA 24 -32.32 -4.91 -66.88
C ARG HA 24 -32.34 -5.14 -68.38
N ALA HA 25 -31.19 -4.99 -69.04
CA ALA HA 25 -31.15 -5.24 -70.48
C ALA HA 25 -31.38 -6.70 -70.87
N PRO HA 26 -30.78 -7.71 -70.22
CA PRO HA 26 -31.14 -9.09 -70.54
C PRO HA 26 -32.62 -9.37 -70.35
N ARG HA 27 -33.22 -8.84 -69.29
CA ARG HA 27 -34.65 -9.03 -69.10
C ARG HA 27 -35.44 -8.28 -70.17
N ALA HA 28 -34.93 -7.15 -70.64
CA ALA HA 28 -35.63 -6.42 -71.70
C ALA HA 28 -35.66 -7.23 -72.97
N LEU HA 29 -34.56 -7.89 -73.32
CA LEU HA 29 -34.57 -8.70 -74.52
C LEU HA 29 -35.42 -9.96 -74.36
N LYS HA 30 -35.41 -10.58 -73.17
CA LYS HA 30 -36.33 -11.68 -72.94
C LYS HA 30 -37.77 -11.22 -73.01
N GLU HA 31 -38.06 -9.99 -72.58
CA GLU HA 31 -39.39 -9.43 -72.68
C GLU HA 31 -39.80 -9.14 -74.10
N ILE HA 32 -38.87 -8.67 -74.92
CA ILE HA 32 -39.16 -8.51 -76.34
C ILE HA 32 -39.50 -9.85 -76.97
N ARG HA 33 -38.73 -10.89 -76.64
CA ARG HA 33 -39.03 -12.23 -77.15
C ARG HA 33 -40.40 -12.72 -76.69
N LYS HA 34 -40.73 -12.51 -75.41
CA LYS HA 34 -42.01 -12.93 -74.88
C LYS HA 34 -43.16 -12.17 -75.53
N PHE HA 35 -42.99 -10.86 -75.73
CA PHE HA 35 -44.00 -10.05 -76.40
C PHE HA 35 -44.21 -10.52 -77.83
N ALA HA 36 -43.13 -10.85 -78.53
CA ALA HA 36 -43.26 -11.35 -79.90
C ALA HA 36 -43.99 -12.68 -79.92
N MET HA 37 -43.68 -13.56 -78.97
CA MET HA 37 -44.38 -14.83 -78.87
C MET HA 37 -45.88 -14.60 -78.69
N LYS HA 38 -46.25 -13.73 -77.76
CA LYS HA 38 -47.67 -13.48 -77.52
C LYS HA 38 -48.35 -12.86 -78.73
N GLU HA 39 -47.68 -11.91 -79.39
CA GLU HA 39 -48.34 -11.18 -80.47
C GLU HA 39 -48.50 -12.05 -81.72
N MET HA 40 -47.45 -12.77 -82.11
CA MET HA 40 -47.49 -13.47 -83.38
C MET HA 40 -47.83 -14.95 -83.26
N GLY HA 41 -47.91 -15.48 -82.05
CA GLY HA 41 -48.30 -16.87 -81.87
C GLY HA 41 -47.35 -17.87 -82.49
N THR HA 42 -46.06 -17.56 -82.51
CA THR HA 42 -45.05 -18.47 -83.03
C THR HA 42 -43.88 -18.56 -82.07
N PRO HA 43 -43.48 -19.77 -81.69
CA PRO HA 43 -42.43 -19.91 -80.66
C PRO HA 43 -41.08 -19.37 -81.09
N ASP HA 44 -40.72 -19.51 -82.36
CA ASP HA 44 -39.41 -19.08 -82.82
C ASP HA 44 -39.42 -17.57 -83.04
N VAL HA 45 -38.55 -16.87 -82.33
CA VAL HA 45 -38.38 -15.42 -82.49
C VAL HA 45 -36.91 -15.15 -82.78
N ARG HA 46 -36.65 -14.29 -83.75
CA ARG HA 46 -35.29 -13.92 -84.14
C ARG HA 46 -35.15 -12.42 -83.98
N ILE HA 47 -34.33 -12.02 -83.01
CA ILE HA 47 -34.08 -10.62 -82.75
C ILE HA 47 -32.98 -10.13 -83.67
N ASP HA 48 -33.23 -9.05 -84.38
CA ASP HA 48 -32.22 -8.46 -85.25
C ASP HA 48 -31.08 -7.89 -84.43
N THR HA 49 -29.88 -7.94 -85.00
CA THR HA 49 -28.70 -7.44 -84.30
C THR HA 49 -28.76 -5.92 -84.16
N ARG HA 50 -29.31 -5.24 -85.16
CA ARG HA 50 -29.53 -3.80 -85.02
C ARG HA 50 -30.48 -3.49 -83.88
N LEU HA 51 -31.50 -4.33 -83.69
CA LEU HA 51 -32.38 -4.17 -82.54
C LEU HA 51 -31.65 -4.44 -81.23
N ASN HA 52 -30.74 -5.43 -81.23
CA ASN HA 52 -29.96 -5.69 -80.03
C ASN HA 52 -29.11 -4.48 -79.65
N LYS HA 53 -28.51 -3.85 -80.64
CA LYS HA 53 -27.79 -2.60 -80.41
C LYS HA 53 -28.72 -1.51 -79.91
N ALA HA 54 -29.93 -1.44 -80.45
CA ALA HA 54 -30.89 -0.44 -79.99
C ALA HA 54 -31.21 -0.61 -78.52
N VAL HA 55 -31.41 -1.84 -78.08
CA VAL HA 55 -31.69 -2.08 -76.67
C VAL HA 55 -30.46 -1.76 -75.81
N TRP HA 56 -29.28 -2.21 -76.25
CA TRP HA 56 -28.06 -1.94 -75.49
C TRP HA 56 -27.47 -0.56 -75.78
N ALA HA 57 -28.25 0.36 -76.34
CA ALA HA 57 -27.71 1.67 -76.74
C ALA HA 57 -27.18 2.44 -75.53
N LYS HA 58 -27.92 2.46 -74.43
CA LYS HA 58 -27.55 3.27 -73.27
C LYS HA 58 -27.03 2.43 -72.11
N GLY HA 59 -26.28 1.37 -72.42
CA GLY HA 59 -25.69 0.58 -71.36
C GLY HA 59 -26.51 -0.62 -70.99
N ILE HA 60 -26.39 -1.07 -69.74
CA ILE HA 60 -27.06 -2.28 -69.29
C ILE HA 60 -28.28 -1.98 -68.41
N ARG HA 61 -28.30 -0.88 -67.67
CA ARG HA 61 -29.41 -0.57 -66.79
C ARG HA 61 -30.28 0.57 -67.27
N ASN HA 62 -29.74 1.53 -68.01
CA ASN HA 62 -30.53 2.63 -68.54
C ASN HA 62 -31.14 2.25 -69.88
N VAL HA 63 -31.96 1.20 -69.86
CA VAL HA 63 -32.62 0.74 -71.08
C VAL HA 63 -33.60 1.80 -71.56
N PRO HA 64 -33.78 1.99 -72.86
CA PRO HA 64 -34.80 2.93 -73.34
C PRO HA 64 -36.19 2.57 -72.84
N TYR HA 65 -36.98 3.60 -72.55
CA TYR HA 65 -38.30 3.39 -71.96
C TYR HA 65 -39.24 2.70 -72.94
N ARG HA 66 -39.31 3.21 -74.16
CA ARG HA 66 -40.18 2.63 -75.18
C ARG HA 66 -39.37 2.31 -76.41
N ILE HA 67 -39.79 1.27 -77.13
CA ILE HA 67 -39.12 0.88 -78.35
C ILE HA 67 -40.15 0.71 -79.44
N ARG HA 68 -39.73 0.88 -80.69
CA ARG HA 68 -40.60 0.73 -81.85
C ARG HA 68 -40.02 -0.34 -82.74
N VAL HA 69 -40.77 -1.43 -82.95
CA VAL HA 69 -40.26 -2.61 -83.62
C VAL HA 69 -41.24 -3.05 -84.70
N ARG HA 70 -40.72 -3.89 -85.60
CA ARG HA 70 -41.49 -4.45 -86.70
C ARG HA 70 -41.49 -5.97 -86.56
N LEU HA 71 -42.65 -6.53 -86.27
CA LEU HA 71 -42.82 -7.98 -86.28
C LEU HA 71 -43.16 -8.43 -87.69
N SER HA 72 -42.57 -9.54 -88.12
CA SER HA 72 -42.73 -10.03 -89.49
C SER HA 72 -42.79 -11.55 -89.44
N ARG HA 73 -44.01 -12.09 -89.46
CA ARG HA 73 -44.14 -13.53 -89.41
C ARG HA 73 -43.81 -14.11 -90.78
N LYS HA 74 -42.88 -15.05 -90.83
CA LYS HA 74 -42.39 -15.61 -92.07
C LYS HA 74 -42.31 -17.12 -91.94
N ARG HA 75 -42.35 -17.80 -93.08
CA ARG HA 75 -42.10 -19.23 -93.09
C ARG HA 75 -40.63 -19.50 -92.82
N ASN HA 76 -40.37 -20.60 -92.11
CA ASN HA 76 -39.00 -20.95 -91.76
C ASN HA 76 -38.17 -21.28 -92.99
N GLU HA 77 -38.80 -21.83 -94.04
CA GLU HA 77 -38.16 -22.22 -95.29
C GLU HA 77 -37.14 -23.35 -95.09
N ASP HA 78 -37.06 -23.85 -93.86
CA ASP HA 78 -36.19 -24.97 -93.50
C ASP HA 78 -37.07 -25.95 -92.73
N GLU HA 79 -37.71 -26.87 -93.46
CA GLU HA 79 -38.75 -27.72 -92.90
C GLU HA 79 -38.22 -28.73 -91.89
N ASP HA 80 -36.91 -28.90 -91.79
CA ASP HA 80 -36.35 -29.81 -90.80
C ASP HA 80 -36.68 -29.40 -89.37
N SER HA 81 -37.00 -28.13 -89.15
CA SER HA 81 -37.35 -27.65 -87.82
C SER HA 81 -38.81 -27.95 -87.49
N PRO HA 82 -39.15 -28.07 -86.21
CA PRO HA 82 -40.56 -28.33 -85.85
C PRO HA 82 -41.48 -27.13 -86.04
N ASN HA 83 -40.96 -25.94 -86.28
CA ASN HA 83 -41.78 -24.75 -86.44
C ASN HA 83 -41.84 -24.39 -87.92
N LYS HA 84 -43.04 -24.48 -88.49
CA LYS HA 84 -43.22 -24.10 -89.89
C LYS HA 84 -43.03 -22.60 -90.09
N LEU HA 85 -43.36 -21.79 -89.09
CA LEU HA 85 -43.22 -20.34 -89.18
C LEU HA 85 -42.33 -19.84 -88.06
N TYR HA 86 -41.88 -18.61 -88.21
CA TYR HA 86 -41.07 -17.93 -87.21
C TYR HA 86 -41.30 -16.43 -87.35
N THR HA 87 -41.02 -15.69 -86.29
CA THR HA 87 -41.18 -14.24 -86.29
C THR HA 87 -39.81 -13.60 -86.25
N LEU HA 88 -39.62 -12.58 -87.07
CA LEU HA 88 -38.39 -11.79 -87.13
C LEU HA 88 -38.71 -10.37 -86.66
N VAL HA 89 -37.94 -9.90 -85.68
CA VAL HA 89 -38.17 -8.58 -85.10
C VAL HA 89 -37.03 -7.66 -85.52
N THR HA 90 -37.38 -6.51 -86.09
CA THR HA 90 -36.40 -5.53 -86.52
C THR HA 90 -36.69 -4.19 -85.87
N TYR HA 91 -35.71 -3.28 -85.98
CA TYR HA 91 -35.72 -2.03 -85.24
C TYR HA 91 -36.09 -0.86 -86.15
N VAL HA 92 -36.89 0.06 -85.62
CA VAL HA 92 -37.34 1.24 -86.36
C VAL HA 92 -37.08 2.46 -85.50
N PRO HA 93 -36.27 3.43 -85.95
CA PRO HA 93 -36.06 4.64 -85.16
C PRO HA 93 -37.25 5.59 -85.32
N VAL HA 94 -37.72 6.13 -84.21
CA VAL HA 94 -38.85 7.05 -84.21
C VAL HA 94 -38.46 8.29 -83.44
N THR HA 95 -38.78 9.46 -84.01
CA THR HA 95 -38.48 10.72 -83.34
C THR HA 95 -39.26 10.88 -82.05
N THR HA 96 -40.47 10.35 -82.00
CA THR HA 96 -41.28 10.43 -80.79
C THR HA 96 -42.23 9.24 -80.75
N PHE HA 97 -42.74 8.96 -79.55
CA PHE HA 97 -43.68 7.88 -79.33
C PHE HA 97 -45.10 8.38 -79.08
N LYS HA 98 -45.39 9.62 -79.48
CA LYS HA 98 -46.71 10.20 -79.23
C LYS HA 98 -47.67 9.81 -80.34
N ASN HA 99 -48.86 9.36 -79.94
CA ASN HA 99 -49.93 8.99 -80.87
C ASN HA 99 -49.51 7.92 -81.85
N LEU HA 100 -48.65 7.00 -81.44
CA LEU HA 100 -48.20 5.91 -82.30
C LEU HA 100 -49.06 4.68 -82.06
N GLN HA 101 -49.62 4.14 -83.12
CA GLN HA 101 -50.57 3.04 -83.05
C GLN HA 101 -49.91 1.73 -83.46
N THR HA 102 -50.55 0.63 -83.09
CA THR HA 102 -50.12 -0.70 -83.53
C THR HA 102 -50.70 -0.90 -84.92
N VAL HA 103 -49.85 -0.86 -85.94
CA VAL HA 103 -50.37 -0.77 -87.30
C VAL HA 103 -49.91 -1.93 -88.16
N ASN HA 104 -50.37 -1.98 -89.40
CA ASN HA 104 -50.07 -3.06 -90.33
C ASN HA 104 -49.30 -2.49 -91.51
N VAL HA 105 -48.18 -3.13 -91.85
CA VAL HA 105 -47.35 -2.70 -92.96
C VAL HA 105 -47.27 -3.84 -93.96
N ASP HA 106 -47.64 -3.57 -95.20
CA ASP HA 106 -47.60 -4.60 -96.23
C ASP HA 106 -46.22 -4.65 -96.86
N GLU HA 107 -46.09 -5.35 -97.98
CA GLU HA 107 -44.83 -5.49 -98.68
C GLU HA 107 -44.37 -4.14 -99.24
N ALA IA 1 -50.04 -98.94 -48.86
CA ALA IA 1 -48.92 -99.66 -49.45
C ALA IA 1 -47.65 -99.42 -48.65
N ALA IA 2 -47.80 -98.78 -47.49
CA ALA IA 2 -46.66 -98.39 -46.67
C ALA IA 2 -46.40 -99.44 -45.59
N LEU IA 3 -45.12 -99.74 -45.37
CA LEU IA 3 -44.71 -100.72 -44.38
C LEU IA 3 -44.87 -100.13 -42.99
N ARG IA 4 -45.54 -100.86 -42.11
CA ARG IA 4 -45.82 -100.39 -40.76
C ARG IA 4 -44.65 -100.68 -39.82
N PRO IA 5 -44.52 -99.92 -38.74
CA PRO IA 5 -43.55 -100.25 -37.70
C PRO IA 5 -44.09 -101.37 -36.81
N LEU IA 6 -43.24 -101.83 -35.91
CA LEU IA 6 -43.61 -102.93 -35.01
C LEU IA 6 -44.76 -102.51 -34.10
N VAL IA 7 -44.68 -101.31 -33.54
CA VAL IA 7 -45.72 -100.78 -32.68
C VAL IA 7 -45.57 -99.27 -32.64
N LYS IA 8 -46.70 -98.56 -32.68
CA LYS IA 8 -46.68 -97.10 -32.76
C LYS IA 8 -47.21 -96.50 -31.48
N PRO IA 9 -46.34 -95.96 -30.62
CA PRO IA 9 -46.82 -95.17 -29.48
C PRO IA 9 -47.16 -93.76 -29.90
N LYS IA 10 -47.96 -93.10 -29.06
CA LYS IA 10 -48.28 -91.70 -29.30
C LYS IA 10 -47.05 -90.85 -29.04
N ILE IA 11 -46.67 -90.03 -30.01
CA ILE IA 11 -45.47 -89.22 -29.91
C ILE IA 11 -45.82 -87.94 -29.17
N VAL IA 12 -45.21 -87.74 -28.01
CA VAL IA 12 -45.48 -86.56 -27.18
C VAL IA 12 -44.20 -85.76 -27.10
N LYS IA 13 -44.23 -84.54 -27.64
CA LYS IA 13 -43.09 -83.64 -27.59
C LYS IA 13 -43.34 -82.58 -26.53
N LYS IA 14 -42.37 -82.42 -25.63
CA LYS IA 14 -42.48 -81.40 -24.60
C LYS IA 14 -42.42 -79.99 -25.18
N ARG IA 15 -41.90 -79.83 -26.39
CA ARG IA 15 -41.79 -78.53 -27.02
C ARG IA 15 -41.58 -78.72 -28.51
N THR IA 16 -42.42 -78.08 -29.32
CA THR IA 16 -42.36 -78.22 -30.76
C THR IA 16 -41.56 -77.11 -31.43
N LYS IA 17 -41.58 -75.91 -30.89
CA LYS IA 17 -40.83 -74.81 -31.47
C LYS IA 17 -39.34 -74.94 -31.18
N LYS IA 18 -38.54 -74.29 -32.01
CA LYS IA 18 -37.11 -74.32 -31.86
C LYS IA 18 -36.67 -73.39 -30.73
N PHE IA 19 -35.46 -73.62 -30.25
CA PHE IA 19 -34.82 -72.74 -29.27
C PHE IA 19 -33.96 -71.76 -30.05
N ILE IA 20 -34.47 -70.56 -30.28
CA ILE IA 20 -33.73 -69.55 -30.99
C ILE IA 20 -32.82 -68.82 -30.01
N ARG IA 21 -31.79 -68.19 -30.54
CA ARG IA 21 -30.82 -67.50 -29.71
C ARG IA 21 -31.32 -66.11 -29.34
N HIS IA 22 -30.91 -65.64 -28.16
CA HIS IA 22 -31.30 -64.32 -27.69
C HIS IA 22 -30.75 -63.23 -28.61
N GLN IA 23 -31.60 -62.27 -28.95
CA GLN IA 23 -31.30 -61.12 -29.79
C GLN IA 23 -30.94 -61.50 -31.22
N SER IA 24 -31.13 -62.77 -31.61
CA SER IA 24 -30.93 -63.17 -32.99
C SER IA 24 -31.94 -62.53 -33.93
N ASP IA 25 -33.10 -62.16 -33.39
CA ASP IA 25 -34.09 -61.44 -34.18
C ASP IA 25 -33.59 -60.05 -34.59
N ARG IA 26 -32.86 -59.38 -33.69
CA ARG IA 26 -32.47 -58.01 -33.97
C ARG IA 26 -31.33 -57.91 -34.99
N TYR IA 27 -30.34 -58.78 -34.91
CA TYR IA 27 -29.17 -58.69 -35.77
C TYR IA 27 -29.14 -59.84 -36.75
N VAL IA 28 -28.74 -59.53 -37.98
CA VAL IA 28 -28.48 -60.57 -38.96
C VAL IA 28 -27.24 -61.37 -38.58
N LYS IA 29 -26.23 -60.71 -38.00
CA LYS IA 29 -24.98 -61.37 -37.64
C LYS IA 29 -25.18 -62.41 -36.56
N ILE IA 30 -26.22 -62.28 -35.74
CA ILE IA 30 -26.52 -63.25 -34.70
C ILE IA 30 -27.43 -64.31 -35.30
N LYS IA 31 -26.91 -65.52 -35.48
CA LYS IA 31 -27.70 -66.60 -36.01
C LYS IA 31 -28.65 -67.14 -34.94
N ARG IA 32 -29.57 -67.99 -35.37
CA ARG IA 32 -30.56 -68.54 -34.46
C ARG IA 32 -30.08 -69.81 -33.77
N ASN IA 33 -28.86 -70.24 -34.03
CA ASN IA 33 -28.29 -71.35 -33.26
C ASN IA 33 -28.11 -70.93 -31.81
N TRP IA 34 -28.50 -71.80 -30.89
CA TRP IA 34 -28.54 -71.44 -29.49
C TRP IA 34 -27.14 -71.22 -28.94
N ARG IA 35 -26.99 -70.15 -28.16
CA ARG IA 35 -25.77 -69.87 -27.41
C ARG IA 35 -26.19 -69.39 -26.03
N LYS IA 36 -25.54 -69.91 -25.00
CA LYS IA 36 -25.93 -69.59 -23.64
C LYS IA 36 -25.50 -68.17 -23.29
N PRO IA 37 -26.44 -67.28 -22.95
CA PRO IA 37 -26.05 -65.91 -22.57
C PRO IA 37 -25.37 -65.94 -21.21
N ARG IA 38 -24.14 -65.42 -21.16
CA ARG IA 38 -23.37 -65.39 -19.93
C ARG IA 38 -23.18 -63.98 -19.39
N GLY IA 39 -23.88 -63.01 -19.96
CA GLY IA 39 -23.73 -61.64 -19.51
C GLY IA 39 -24.26 -61.45 -18.09
N ILE IA 40 -23.64 -60.50 -17.39
CA ILE IA 40 -23.93 -60.32 -15.97
C ILE IA 40 -25.35 -59.81 -15.76
N ASP IA 41 -25.85 -58.98 -16.67
CA ASP IA 41 -27.17 -58.38 -16.54
C ASP IA 41 -28.19 -58.99 -17.50
N ASN IA 42 -27.90 -60.14 -18.08
CA ASN IA 42 -28.77 -60.70 -19.10
C ASN IA 42 -30.03 -61.28 -18.47
N ARG IA 43 -31.18 -60.73 -18.85
CA ARG IA 43 -32.44 -61.17 -18.26
C ARG IA 43 -32.86 -62.54 -18.74
N VAL IA 44 -32.49 -62.92 -19.97
CA VAL IA 44 -32.76 -64.28 -20.42
C VAL IA 44 -31.98 -65.28 -19.58
N ARG IA 45 -30.70 -65.00 -19.31
CA ARG IA 45 -29.91 -65.87 -18.44
C ARG IA 45 -30.49 -65.91 -17.04
N ARG IA 46 -30.95 -64.76 -16.54
CA ARG IA 46 -31.57 -64.73 -15.22
C ARG IA 46 -32.96 -65.32 -15.20
N ARG IA 47 -33.53 -65.66 -16.37
CA ARG IA 47 -34.84 -66.31 -16.48
C ARG IA 47 -35.98 -65.40 -16.03
N PHE IA 48 -35.96 -64.16 -16.50
CA PHE IA 48 -37.08 -63.28 -16.25
C PHE IA 48 -38.32 -63.80 -16.99
N LYS IA 49 -39.49 -63.39 -16.51
CA LYS IA 49 -40.72 -63.83 -17.14
C LYS IA 49 -40.89 -63.18 -18.50
N GLY IA 50 -41.52 -63.90 -19.41
CA GLY IA 50 -41.76 -63.36 -20.73
C GLY IA 50 -40.55 -63.30 -21.63
N GLN IA 51 -39.43 -63.90 -21.23
CA GLN IA 51 -38.20 -63.83 -22.00
C GLN IA 51 -38.01 -65.11 -22.81
N ILE IA 52 -36.93 -65.13 -23.59
CA ILE IA 52 -36.61 -66.29 -24.40
C ILE IA 52 -36.22 -67.45 -23.48
N LEU IA 53 -36.83 -68.61 -23.70
CA LEU IA 53 -36.61 -69.75 -22.82
C LEU IA 53 -35.22 -70.33 -23.04
N MET IA 54 -34.54 -70.65 -21.95
CA MET IA 54 -33.24 -71.29 -22.03
C MET IA 54 -33.42 -72.80 -22.00
N PRO IA 55 -32.93 -73.52 -23.01
CA PRO IA 55 -33.08 -74.98 -23.00
C PRO IA 55 -32.32 -75.61 -21.84
N ASN IA 56 -32.88 -76.69 -21.32
CA ASN IA 56 -32.22 -77.48 -20.28
C ASN IA 56 -32.64 -78.93 -20.45
N ILE IA 57 -32.32 -79.75 -19.45
CA ILE IA 57 -32.56 -81.19 -19.54
C ILE IA 57 -34.01 -81.56 -19.33
N GLY IA 58 -34.84 -80.64 -18.84
CA GLY IA 58 -36.23 -80.97 -18.57
C GLY IA 58 -37.05 -81.19 -19.81
N TYR IA 59 -36.59 -80.70 -20.95
CA TYR IA 59 -37.33 -80.83 -22.20
C TYR IA 59 -37.01 -82.11 -22.95
N GLY IA 60 -36.21 -83.01 -22.35
CA GLY IA 60 -35.78 -84.19 -23.08
C GLY IA 60 -36.95 -85.07 -23.46
N SER IA 61 -36.86 -85.67 -24.65
CA SER IA 61 -37.93 -86.53 -25.13
C SER IA 61 -37.95 -87.83 -24.34
N ASN IA 62 -39.12 -88.48 -24.35
CA ASN IA 62 -39.24 -89.81 -23.79
C ASN IA 62 -38.25 -90.75 -24.47
N LYS IA 63 -37.53 -91.53 -23.67
CA LYS IA 63 -36.50 -92.40 -24.22
C LYS IA 63 -37.08 -93.49 -25.10
N LYS IA 64 -38.36 -93.79 -24.95
CA LYS IA 64 -38.99 -94.77 -25.83
C LYS IA 64 -39.28 -94.21 -27.21
N THR IA 65 -39.51 -92.91 -27.32
CA THR IA 65 -39.86 -92.29 -28.59
C THR IA 65 -38.78 -91.34 -29.10
N LYS IA 66 -37.58 -91.40 -28.55
CA LYS IA 66 -36.50 -90.54 -29.00
C LYS IA 66 -36.04 -90.96 -30.39
N HIS IA 67 -35.78 -89.97 -31.25
CA HIS IA 67 -35.36 -90.16 -32.63
C HIS IA 67 -36.40 -90.88 -33.47
N MET IA 68 -37.64 -90.94 -33.01
CA MET IA 68 -38.70 -91.57 -33.76
C MET IA 68 -39.23 -90.59 -34.81
N LEU IA 69 -39.21 -91.01 -36.07
CA LEU IA 69 -39.84 -90.23 -37.12
C LEU IA 69 -41.35 -90.24 -36.91
N PRO IA 70 -42.07 -89.29 -37.51
CA PRO IA 70 -43.53 -89.30 -37.38
C PRO IA 70 -44.18 -90.58 -37.86
N SER IA 71 -43.57 -91.26 -38.83
CA SER IA 71 -44.08 -92.54 -39.30
C SER IA 71 -43.90 -93.66 -38.30
N GLY IA 72 -43.09 -93.46 -37.27
CA GLY IA 72 -42.86 -94.47 -36.25
C GLY IA 72 -41.54 -95.18 -36.37
N PHE IA 73 -40.85 -95.07 -37.50
CA PHE IA 73 -39.58 -95.74 -37.68
C PHE IA 73 -38.47 -94.91 -37.07
N ARG IA 74 -37.23 -95.37 -37.26
CA ARG IA 74 -36.05 -94.59 -36.91
C ARG IA 74 -35.11 -94.65 -38.09
N LYS IA 75 -34.55 -93.52 -38.48
CA LYS IA 75 -33.78 -93.49 -39.72
C LYS IA 75 -32.37 -94.04 -39.52
N PHE IA 76 -31.84 -94.62 -40.59
CA PHE IA 76 -30.46 -95.07 -40.64
C PHE IA 76 -29.92 -94.70 -42.01
N LEU IA 77 -28.76 -94.04 -42.04
CA LEU IA 77 -28.24 -93.49 -43.28
C LEU IA 77 -27.42 -94.53 -44.02
N VAL IA 78 -27.90 -94.98 -45.16
CA VAL IA 78 -27.20 -95.96 -45.96
C VAL IA 78 -26.60 -95.28 -47.18
N HIS IA 79 -25.44 -95.78 -47.60
CA HIS IA 79 -24.77 -95.29 -48.79
C HIS IA 79 -24.74 -96.30 -49.92
N ASN IA 80 -25.01 -97.58 -49.65
CA ASN IA 80 -24.92 -98.61 -50.68
C ASN IA 80 -25.69 -99.84 -50.22
N VAL IA 81 -25.77 -100.82 -51.11
CA VAL IA 81 -26.56 -102.02 -50.87
C VAL IA 81 -25.99 -102.83 -49.72
N LYS IA 82 -24.66 -102.89 -49.62
CA LYS IA 82 -24.04 -103.65 -48.54
C LYS IA 82 -24.38 -103.07 -47.17
N GLU IA 83 -24.38 -101.74 -47.06
CA GLU IA 83 -24.86 -101.12 -45.83
C GLU IA 83 -26.35 -101.30 -45.65
N LEU IA 84 -27.11 -101.41 -46.75
CA LEU IA 84 -28.54 -101.65 -46.63
C LEU IA 84 -28.85 -103.03 -46.05
N GLU IA 85 -28.00 -104.03 -46.33
CA GLU IA 85 -28.28 -105.39 -45.91
C GLU IA 85 -28.34 -105.57 -44.39
N VAL IA 86 -27.71 -104.67 -43.62
CA VAL IA 86 -27.66 -104.86 -42.18
C VAL IA 86 -29.02 -104.67 -41.53
N LEU IA 87 -29.97 -104.03 -42.22
CA LEU IA 87 -31.29 -103.81 -41.68
C LEU IA 87 -32.27 -104.91 -42.05
N LEU IA 88 -31.76 -106.03 -42.59
CA LEU IA 88 -32.64 -107.15 -42.92
C LEU IA 88 -33.39 -107.65 -41.71
N MET IA 89 -32.76 -107.62 -40.54
CA MET IA 89 -33.37 -108.08 -39.30
C MET IA 89 -33.88 -106.94 -38.45
N CYS IA 90 -33.91 -105.72 -38.98
CA CYS IA 90 -34.47 -104.56 -38.28
C CYS IA 90 -35.50 -103.88 -39.15
N ASN IA 91 -36.36 -104.66 -39.80
CA ASN IA 91 -37.36 -104.08 -40.70
C ASN IA 91 -38.36 -103.22 -39.95
N LYS IA 92 -38.82 -103.70 -38.80
CA LYS IA 92 -39.99 -103.12 -38.15
C LYS IA 92 -39.65 -101.95 -37.24
N SER IA 93 -38.39 -101.56 -37.12
CA SER IA 93 -38.05 -100.46 -36.25
C SER IA 93 -37.26 -99.39 -36.98
N TYR IA 94 -36.49 -99.79 -37.99
CA TYR IA 94 -35.56 -98.88 -38.64
C TYR IA 94 -35.83 -98.81 -40.13
N CYS IA 95 -35.74 -97.61 -40.67
CA CYS IA 95 -35.90 -97.31 -42.08
C CYS IA 95 -34.58 -96.78 -42.61
N ALA IA 96 -34.48 -96.67 -43.93
CA ALA IA 96 -33.26 -96.29 -44.60
C ALA IA 96 -33.41 -94.92 -45.24
N GLU IA 97 -32.38 -94.09 -45.08
CA GLU IA 97 -32.25 -92.84 -45.82
C GLU IA 97 -31.00 -92.94 -46.68
N ILE IA 98 -31.16 -92.80 -48.00
CA ILE IA 98 -30.02 -92.84 -48.89
C ILE IA 98 -29.23 -91.56 -48.75
N ALA IA 99 -27.90 -91.68 -48.78
CA ALA IA 99 -27.06 -90.49 -48.70
C ALA IA 99 -27.28 -89.61 -49.92
N HIS IA 100 -27.04 -88.31 -49.75
CA HIS IA 100 -27.44 -87.34 -50.76
C HIS IA 100 -26.59 -87.43 -52.01
N ASN IA 101 -25.30 -87.73 -51.89
CA ASN IA 101 -24.45 -87.77 -53.06
C ASN IA 101 -24.49 -89.10 -53.80
N VAL IA 102 -25.31 -90.06 -53.34
CA VAL IA 102 -25.44 -91.32 -54.04
C VAL IA 102 -26.08 -91.07 -55.40
N SER IA 103 -25.48 -91.62 -56.46
CA SER IA 103 -25.95 -91.37 -57.80
C SER IA 103 -27.33 -92.00 -58.02
N SER IA 104 -28.01 -91.52 -59.05
CA SER IA 104 -29.36 -92.00 -59.33
C SER IA 104 -29.37 -93.47 -59.72
N LYS IA 105 -28.42 -93.89 -60.57
CA LYS IA 105 -28.40 -95.28 -61.02
C LYS IA 105 -27.98 -96.23 -59.91
N ASN IA 106 -27.38 -95.72 -58.84
CA ASN IA 106 -27.11 -96.56 -57.68
C ASN IA 106 -28.30 -96.59 -56.72
N ARG IA 107 -28.94 -95.46 -56.52
CA ARG IA 107 -30.07 -95.44 -55.61
C ARG IA 107 -31.29 -96.16 -56.17
N LYS IA 108 -31.38 -96.32 -57.48
CA LYS IA 108 -32.43 -97.19 -58.02
C LYS IA 108 -32.26 -98.64 -57.54
N ALA IA 109 -31.04 -99.16 -57.60
CA ALA IA 109 -30.76 -100.49 -57.08
C ALA IA 109 -30.96 -100.55 -55.57
N ILE IA 110 -30.62 -99.46 -54.86
CA ILE IA 110 -30.86 -99.43 -53.42
C ILE IA 110 -32.34 -99.58 -53.12
N VAL IA 111 -33.19 -98.83 -53.83
CA VAL IA 111 -34.63 -98.91 -53.61
C VAL IA 111 -35.15 -100.30 -53.96
N GLU IA 112 -34.67 -100.88 -55.06
CA GLU IA 112 -35.14 -102.21 -55.45
C GLU IA 112 -34.77 -103.26 -54.40
N ARG IA 113 -33.53 -103.20 -53.90
CA ARG IA 113 -33.11 -104.16 -52.87
C ARG IA 113 -33.91 -103.97 -51.58
N ALA IA 114 -34.17 -102.72 -51.20
CA ALA IA 114 -34.96 -102.48 -50.01
C ALA IA 114 -36.37 -103.02 -50.16
N ALA IA 115 -36.97 -102.83 -51.34
CA ALA IA 115 -38.30 -103.38 -51.59
C ALA IA 115 -38.29 -104.90 -51.54
N GLN IA 116 -37.21 -105.52 -52.00
CA GLN IA 116 -37.08 -106.97 -51.86
C GLN IA 116 -37.01 -107.38 -50.39
N LEU IA 117 -36.26 -106.63 -49.58
CA LEU IA 117 -36.06 -106.99 -48.18
C LEU IA 117 -37.14 -106.42 -47.26
N ALA IA 118 -38.17 -105.78 -47.81
CA ALA IA 118 -39.24 -105.17 -47.04
C ALA IA 118 -38.71 -104.12 -46.07
N ILE IA 119 -37.82 -103.27 -46.57
CA ILE IA 119 -37.24 -102.19 -45.79
C ILE IA 119 -37.81 -100.88 -46.31
N ARG IA 120 -38.33 -100.06 -45.41
CA ARG IA 120 -38.90 -98.77 -45.82
C ARG IA 120 -37.79 -97.77 -46.08
N VAL IA 121 -37.92 -97.03 -47.19
CA VAL IA 121 -37.01 -95.95 -47.53
C VAL IA 121 -37.77 -94.64 -47.40
N THR IA 122 -37.21 -93.71 -46.64
CA THR IA 122 -37.91 -92.44 -46.43
C THR IA 122 -37.93 -91.58 -47.69
N ASN IA 123 -36.93 -91.73 -48.54
CA ASN IA 123 -36.81 -90.92 -49.76
C ASN IA 123 -36.56 -91.82 -50.96
N PRO IA 124 -37.51 -92.69 -51.30
CA PRO IA 124 -37.27 -93.60 -52.43
C PRO IA 124 -37.39 -92.90 -53.77
N ASN IA 125 -38.34 -92.00 -53.91
CA ASN IA 125 -38.56 -91.30 -55.18
C ASN IA 125 -37.79 -89.98 -55.23
N ALA IA 126 -36.50 -90.04 -54.91
CA ALA IA 126 -35.72 -88.81 -54.87
C ALA IA 126 -35.22 -88.42 -56.25
N ARG IA 127 -34.33 -89.23 -56.83
CA ARG IA 127 -33.65 -88.88 -58.07
C ARG IA 127 -34.33 -89.63 -59.22
N LEU IA 128 -35.44 -89.05 -59.69
CA LEU IA 128 -36.15 -89.59 -60.85
C LEU IA 128 -37.02 -88.52 -61.47
N SER JA 1 -85.68 -76.03 -34.84
CA SER JA 1 -86.98 -75.64 -34.33
C SER JA 1 -86.88 -75.12 -32.90
N GLY JA 2 -85.66 -74.87 -32.45
CA GLY JA 2 -85.45 -74.36 -31.11
C GLY JA 2 -83.99 -74.13 -30.84
N ARG JA 3 -83.71 -73.36 -29.80
CA ARG JA 3 -82.33 -72.99 -29.49
C ARG JA 3 -81.55 -74.19 -28.97
N LEU JA 4 -82.10 -74.92 -28.00
CA LEU JA 4 -81.56 -76.16 -27.48
C LEU JA 4 -80.15 -76.04 -26.88
N TRP JA 5 -79.66 -74.84 -26.62
CA TRP JA 5 -78.45 -74.68 -25.85
C TRP JA 5 -78.51 -73.36 -25.11
N SER JA 6 -77.73 -73.27 -24.04
CA SER JA 6 -77.71 -72.08 -23.20
C SER JA 6 -76.68 -71.10 -23.72
N LYS JA 7 -77.04 -69.83 -23.79
CA LYS JA 7 -76.10 -68.81 -24.21
C LYS JA 7 -75.09 -68.55 -23.11
N ALA JA 8 -73.84 -68.33 -23.50
CA ALA JA 8 -72.78 -68.01 -22.57
C ALA JA 8 -71.77 -67.12 -23.27
N ILE JA 9 -70.99 -66.39 -22.48
CA ILE JA 9 -70.04 -65.42 -22.97
C ILE JA 9 -68.65 -65.83 -22.50
N PHE JA 10 -67.70 -65.87 -23.42
CA PHE JA 10 -66.31 -66.21 -23.11
C PHE JA 10 -65.67 -64.98 -22.48
N ALA JA 11 -65.58 -64.97 -21.15
CA ALA JA 11 -65.10 -63.79 -20.46
C ALA JA 11 -63.59 -63.62 -20.61
N GLY JA 12 -62.85 -64.71 -20.50
CA GLY JA 12 -61.41 -64.63 -20.56
C GLY JA 12 -60.82 -65.91 -20.01
N TYR JA 13 -59.49 -65.99 -20.05
CA TYR JA 13 -58.82 -67.18 -19.56
C TYR JA 13 -58.72 -67.15 -18.05
N LYS JA 14 -58.57 -68.34 -17.46
CA LYS JA 14 -58.21 -68.41 -16.06
C LYS JA 14 -56.85 -67.75 -15.86
N ARG JA 15 -56.77 -66.84 -14.89
CA ARG JA 15 -55.60 -66.00 -14.81
C ARG JA 15 -55.46 -65.43 -13.41
N GLY JA 16 -54.23 -65.09 -13.06
CA GLY JA 16 -53.95 -64.19 -11.96
C GLY JA 16 -53.93 -62.77 -12.48
N LEU JA 17 -53.33 -61.87 -11.69
CA LEU JA 17 -53.21 -60.50 -12.16
C LEU JA 17 -52.22 -60.40 -13.31
N ARG JA 18 -51.11 -61.13 -13.23
CA ARG JA 18 -50.02 -60.96 -14.17
C ARG JA 18 -49.65 -62.24 -14.90
N ASN JA 19 -50.52 -63.24 -14.92
CA ASN JA 19 -50.24 -64.48 -15.62
C ASN JA 19 -51.53 -65.04 -16.17
N GLN JA 20 -51.49 -65.47 -17.42
CA GLN JA 20 -52.66 -66.00 -18.12
C GLN JA 20 -52.46 -67.50 -18.32
N ARG JA 21 -53.44 -68.28 -17.91
CA ARG JA 21 -53.40 -69.73 -18.08
C ARG JA 21 -54.42 -70.08 -19.14
N GLU JA 22 -53.98 -70.06 -20.41
CA GLU JA 22 -54.89 -70.19 -21.54
C GLU JA 22 -55.48 -71.59 -21.66
N HIS JA 23 -54.95 -72.59 -20.96
CA HIS JA 23 -55.43 -73.94 -21.17
C HIS JA 23 -56.84 -74.15 -20.65
N THR JA 24 -57.39 -73.21 -19.88
CA THR JA 24 -58.79 -73.27 -19.48
C THR JA 24 -59.38 -71.87 -19.52
N ALA JA 25 -60.70 -71.82 -19.71
CA ALA JA 25 -61.38 -70.57 -20.03
C ALA JA 25 -62.54 -70.35 -19.06
N LEU JA 26 -62.93 -69.09 -18.94
CA LEU JA 26 -64.03 -68.69 -18.09
C LEU JA 26 -65.25 -68.36 -18.94
N LEU JA 27 -66.38 -68.97 -18.61
CA LEU JA 27 -67.64 -68.70 -19.26
C LEU JA 27 -68.60 -68.07 -18.28
N LYS JA 28 -69.44 -67.18 -18.80
CA LYS JA 28 -70.51 -66.56 -18.05
C LYS JA 28 -71.80 -67.02 -18.72
N ILE JA 29 -72.55 -67.89 -18.04
CA ILE JA 29 -73.76 -68.45 -18.61
C ILE JA 29 -74.93 -67.54 -18.29
N GLU JA 30 -75.83 -67.36 -19.24
CA GLU JA 30 -76.97 -66.47 -19.03
C GLU JA 30 -77.91 -67.05 -17.99
N GLY JA 31 -78.40 -66.18 -17.11
CA GLY JA 31 -79.33 -66.57 -16.08
C GLY JA 31 -78.72 -67.22 -14.87
N VAL JA 32 -77.40 -67.38 -14.85
CA VAL JA 32 -76.70 -68.02 -13.74
C VAL JA 32 -75.79 -66.97 -13.12
N TYR JA 33 -76.22 -66.38 -12.02
CA TYR JA 33 -75.45 -65.34 -11.34
C TYR JA 33 -75.19 -65.73 -9.89
N ALA JA 34 -75.10 -67.02 -9.62
CA ALA JA 34 -74.81 -67.52 -8.29
C ALA JA 34 -74.08 -68.86 -8.43
N ARG JA 35 -73.13 -69.09 -7.53
CA ARG JA 35 -72.32 -70.30 -7.63
C ARG JA 35 -73.16 -71.55 -7.42
N ASP JA 36 -74.12 -71.49 -6.50
CA ASP JA 36 -74.91 -72.67 -6.18
C ASP JA 36 -75.87 -73.06 -7.31
N GLU JA 37 -76.05 -72.22 -8.32
CA GLU JA 37 -76.84 -72.57 -9.48
C GLU JA 37 -76.06 -73.32 -10.55
N THR JA 38 -74.73 -73.31 -10.48
CA THR JA 38 -73.92 -73.89 -11.54
C THR JA 38 -73.85 -75.41 -11.48
N GLU JA 39 -74.46 -76.02 -10.46
CA GLU JA 39 -74.44 -77.48 -10.35
C GLU JA 39 -75.05 -78.15 -11.56
N PHE JA 40 -76.04 -77.51 -12.19
CA PHE JA 40 -76.69 -78.11 -13.35
C PHE JA 40 -75.74 -78.19 -14.53
N TYR JA 41 -74.91 -77.17 -14.73
CA TYR JA 41 -74.10 -77.08 -15.93
C TYR JA 41 -72.75 -77.77 -15.80
N LEU JA 42 -72.48 -78.44 -14.69
CA LEU JA 42 -71.21 -79.13 -14.54
C LEU JA 42 -71.15 -80.31 -15.49
N GLY JA 43 -70.08 -80.38 -16.28
CA GLY JA 43 -69.84 -81.51 -17.14
C GLY JA 43 -70.50 -81.44 -18.50
N LYS JA 44 -71.34 -80.44 -18.75
CA LYS JA 44 -72.00 -80.34 -20.03
C LYS JA 44 -71.01 -79.95 -21.12
N ARG JA 45 -71.26 -80.46 -22.33
CA ARG JA 45 -70.42 -80.10 -23.46
C ARG JA 45 -70.67 -78.66 -23.87
N CYS JA 46 -69.62 -77.98 -24.31
CA CYS JA 46 -69.71 -76.60 -24.76
C CYS JA 46 -68.93 -76.46 -26.05
N ALA JA 47 -69.31 -75.46 -26.85
CA ALA JA 47 -68.78 -75.30 -28.18
C ALA JA 47 -68.64 -73.82 -28.51
N TYR JA 48 -67.69 -73.51 -29.38
CA TYR JA 48 -67.49 -72.17 -29.92
C TYR JA 48 -67.66 -72.26 -31.42
N VAL JA 49 -68.87 -72.00 -31.89
CA VAL JA 49 -69.18 -72.07 -33.31
C VAL JA 49 -68.81 -70.74 -33.96
N TYR JA 50 -67.98 -70.81 -35.01
CA TYR JA 50 -67.54 -69.63 -35.72
C TYR JA 50 -67.47 -69.95 -37.20
N LYS JA 51 -67.00 -68.98 -37.99
CA LYS JA 51 -66.95 -69.11 -39.43
C LYS JA 51 -65.56 -68.75 -39.95
N ALA JA 52 -65.21 -69.33 -41.09
CA ALA JA 52 -63.92 -69.06 -41.71
C ALA JA 52 -64.09 -68.88 -43.21
N LYS JA 53 -62.98 -68.85 -43.94
CA LYS JA 53 -63.05 -68.62 -45.37
C LYS JA 53 -63.29 -69.91 -46.14
N ASN JA 54 -62.42 -70.89 -45.96
CA ASN JA 54 -62.50 -72.14 -46.71
C ASN JA 54 -63.63 -73.02 -46.19
N ASN JA 55 -64.26 -73.75 -47.10
CA ASN JA 55 -65.24 -74.74 -46.71
C ASN JA 55 -64.58 -75.90 -45.98
N THR JA 56 -65.23 -76.36 -44.91
CA THR JA 56 -64.80 -77.53 -44.16
C THR JA 56 -65.95 -78.52 -44.07
N VAL JA 57 -65.61 -79.79 -43.90
CA VAL JA 57 -66.62 -80.85 -43.91
C VAL JA 57 -67.55 -80.68 -42.73
N THR JA 58 -68.84 -80.93 -42.97
CA THR JA 58 -69.86 -80.86 -41.94
C THR JA 58 -70.36 -82.26 -41.67
N PRO JA 59 -70.34 -82.74 -40.42
CA PRO JA 59 -70.85 -84.08 -40.13
C PRO JA 59 -72.33 -84.18 -40.48
N GLY JA 60 -72.64 -85.11 -41.37
CA GLY JA 60 -74.01 -85.28 -41.86
C GLY JA 60 -74.51 -84.12 -42.68
N GLY JA 61 -73.66 -83.55 -43.54
CA GLY JA 61 -74.10 -82.44 -44.36
C GLY JA 61 -73.00 -82.03 -45.32
N LYS JA 62 -73.40 -81.20 -46.29
CA LYS JA 62 -72.46 -80.68 -47.26
C LYS JA 62 -71.47 -79.72 -46.58
N PRO JA 63 -70.27 -79.59 -47.12
CA PRO JA 63 -69.29 -78.68 -46.51
C PRO JA 63 -69.78 -77.24 -46.50
N ASN JA 64 -69.53 -76.54 -45.39
CA ASN JA 64 -69.80 -75.12 -45.27
C ASN JA 64 -68.66 -74.48 -44.48
N LYS JA 65 -68.79 -73.19 -44.23
CA LYS JA 65 -67.73 -72.41 -43.61
C LYS JA 65 -67.80 -72.40 -42.09
N THR JA 66 -68.71 -73.15 -41.49
CA THR JA 66 -68.83 -73.18 -40.05
C THR JA 66 -67.82 -74.15 -39.45
N ARG JA 67 -67.06 -73.69 -38.47
CA ARG JA 67 -66.14 -74.50 -37.71
C ARG JA 67 -66.48 -74.39 -36.24
N VAL JA 68 -66.04 -75.38 -35.47
CA VAL JA 68 -66.38 -75.47 -34.06
C VAL JA 68 -65.12 -75.81 -33.29
N ILE JA 69 -65.09 -75.42 -32.01
CA ILE JA 69 -64.12 -75.91 -31.05
C ILE JA 69 -64.90 -76.50 -29.91
N TRP JA 70 -64.77 -77.82 -29.72
CA TRP JA 70 -65.52 -78.49 -28.67
C TRP JA 70 -64.81 -78.36 -27.33
N GLY JA 71 -65.54 -78.69 -26.27
CA GLY JA 71 -65.01 -78.59 -24.93
C GLY JA 71 -66.07 -79.00 -23.93
N LYS JA 72 -65.77 -78.79 -22.66
CA LYS JA 72 -66.76 -79.10 -21.64
C LYS JA 72 -66.52 -78.27 -20.40
N VAL JA 73 -67.60 -77.96 -19.69
CA VAL JA 73 -67.51 -77.23 -18.43
C VAL JA 73 -66.97 -78.17 -17.36
N THR JA 74 -65.91 -77.74 -16.68
CA THR JA 74 -65.26 -78.60 -15.70
C THR JA 74 -65.73 -78.32 -14.28
N ARG JA 75 -65.86 -77.06 -13.92
CA ARG JA 75 -66.17 -76.71 -12.53
C ARG JA 75 -66.72 -75.30 -12.49
N ALA JA 76 -67.18 -74.92 -11.30
CA ALA JA 76 -67.60 -73.55 -11.05
C ALA JA 76 -66.38 -72.67 -10.83
N HIS JA 77 -66.61 -71.36 -10.73
CA HIS JA 77 -65.52 -70.41 -10.55
C HIS JA 77 -66.06 -69.19 -9.83
N GLY JA 78 -65.75 -69.07 -8.55
CA GLY JA 78 -66.21 -67.91 -7.82
C GLY JA 78 -67.68 -68.01 -7.49
N ASN JA 79 -68.18 -66.92 -6.91
CA ASN JA 79 -69.54 -66.88 -6.39
C ASN JA 79 -70.55 -66.29 -7.37
N SER JA 80 -70.11 -65.78 -8.50
CA SER JA 80 -70.97 -65.02 -9.39
C SER JA 80 -71.48 -65.81 -10.59
N GLY JA 81 -71.32 -67.12 -10.58
CA GLY JA 81 -71.82 -67.94 -11.67
C GLY JA 81 -70.90 -68.08 -12.86
N MET JA 82 -69.65 -67.66 -12.74
CA MET JA 82 -68.66 -68.04 -13.75
C MET JA 82 -68.40 -69.54 -13.66
N VAL JA 83 -68.09 -70.13 -14.80
CA VAL JA 83 -67.67 -71.52 -14.83
C VAL JA 83 -66.35 -71.60 -15.59
N ARG JA 84 -65.60 -72.65 -15.33
CA ARG JA 84 -64.41 -72.95 -16.10
C ARG JA 84 -64.71 -74.04 -17.12
N ALA JA 85 -64.03 -73.98 -18.24
CA ALA JA 85 -64.22 -74.94 -19.32
C ALA JA 85 -62.89 -75.26 -19.95
N LYS JA 86 -62.71 -76.52 -20.32
CA LYS JA 86 -61.52 -76.99 -21.02
C LYS JA 86 -61.92 -77.41 -22.42
N PHE JA 87 -61.33 -76.79 -23.43
CA PHE JA 87 -61.60 -77.14 -24.81
C PHE JA 87 -60.49 -78.01 -25.36
N ARG JA 88 -60.76 -78.64 -26.50
CA ARG JA 88 -59.76 -79.51 -27.11
C ARG JA 88 -58.50 -78.76 -27.47
N SER JA 89 -58.64 -77.50 -27.86
CA SER JA 89 -57.52 -76.58 -27.99
C SER JA 89 -57.91 -75.28 -27.32
N ASN JA 90 -56.90 -74.55 -26.83
CA ASN JA 90 -57.16 -73.30 -26.13
C ASN JA 90 -57.85 -72.32 -27.08
N LEU JA 91 -58.90 -71.66 -26.57
CA LEU JA 91 -59.73 -70.82 -27.41
C LEU JA 91 -58.94 -69.63 -27.96
N PRO JA 92 -59.28 -69.16 -29.14
CA PRO JA 92 -58.63 -67.93 -29.65
C PRO JA 92 -59.04 -66.73 -28.83
N ALA JA 93 -58.12 -65.79 -28.69
CA ALA JA 93 -58.38 -64.59 -27.92
C ALA JA 93 -59.32 -63.63 -28.62
N LYS JA 94 -59.55 -63.79 -29.92
CA LYS JA 94 -60.54 -62.99 -30.60
C LYS JA 94 -61.97 -63.38 -30.24
N ALA JA 95 -62.14 -64.50 -29.53
CA ALA JA 95 -63.45 -64.99 -29.15
C ALA JA 95 -63.92 -64.43 -27.81
N ILE JA 96 -63.12 -63.59 -27.16
CA ILE JA 96 -63.53 -63.01 -25.88
C ILE JA 96 -64.71 -62.09 -26.11
N GLY JA 97 -65.78 -62.30 -25.36
CA GLY JA 97 -66.98 -61.51 -25.53
C GLY JA 97 -67.88 -61.97 -26.63
N HIS JA 98 -67.77 -63.22 -27.06
CA HIS JA 98 -68.60 -63.77 -28.13
C HIS JA 98 -69.39 -64.96 -27.59
N ARG JA 99 -70.17 -65.56 -28.48
CA ARG JA 99 -71.11 -66.60 -28.06
C ARG JA 99 -70.39 -67.93 -27.83
N ILE JA 100 -70.72 -68.58 -26.71
CA ILE JA 100 -70.32 -69.94 -26.43
C ILE JA 100 -71.57 -70.73 -26.09
N ARG JA 101 -71.76 -71.87 -26.74
CA ARG JA 101 -72.96 -72.67 -26.58
C ARG JA 101 -72.71 -73.76 -25.55
N VAL JA 102 -73.66 -73.96 -24.65
CA VAL JA 102 -73.64 -75.05 -23.69
C VAL JA 102 -74.75 -76.02 -24.08
N MET JA 103 -74.38 -77.21 -24.54
CA MET JA 103 -75.24 -78.03 -25.39
C MET JA 103 -76.24 -78.91 -24.65
N LEU JA 104 -76.06 -79.10 -23.34
CA LEU JA 104 -76.86 -80.03 -22.52
C LEU JA 104 -76.65 -81.49 -22.89
N TYR JA 105 -75.64 -81.81 -23.73
CA TYR JA 105 -75.53 -83.16 -24.29
C TYR JA 105 -75.31 -84.24 -23.24
N PRO JA 106 -74.34 -84.14 -22.33
CA PRO JA 106 -74.27 -85.20 -21.30
C PRO JA 106 -75.12 -84.84 -20.08
N SER JA 107 -76.42 -85.03 -20.24
CA SER JA 107 -77.37 -84.65 -19.21
C SER JA 107 -77.33 -85.65 -18.05
N ARG JA 108 -77.53 -85.11 -16.84
CA ARG JA 108 -77.66 -85.92 -15.64
C ARG JA 108 -79.03 -85.78 -15.01
N ILE JA 109 -80.00 -85.29 -15.76
CA ILE JA 109 -81.35 -85.12 -15.25
C ILE JA 109 -82.34 -85.96 -16.06
N VAL KA 1 2.00 3.55 -75.35
CA VAL KA 1 3.25 3.49 -76.08
C VAL KA 1 3.74 2.07 -76.17
N GLN KA 2 4.93 1.89 -76.75
CA GLN KA 2 5.52 0.58 -76.93
C GLN KA 2 6.41 0.27 -75.73
N ARG KA 3 6.13 -0.84 -75.05
CA ARG KA 3 6.89 -1.27 -73.89
C ARG KA 3 7.85 -2.37 -74.30
N LEU KA 4 8.95 -2.49 -73.55
CA LEU KA 4 10.10 -3.27 -73.97
C LEU KA 4 10.35 -4.44 -73.03
N THR KA 5 11.24 -5.33 -73.48
CA THR KA 5 11.70 -6.45 -72.67
C THR KA 5 13.21 -6.58 -72.84
N TYR KA 6 13.83 -7.29 -71.92
CA TYR KA 6 15.22 -7.68 -72.10
C TYR KA 6 15.36 -8.64 -73.26
N ARG KA 7 16.53 -8.63 -73.89
CA ARG KA 7 16.83 -9.52 -74.98
C ARG KA 7 17.71 -10.69 -74.55
N ARG KA 8 17.90 -10.88 -73.25
CA ARG KA 8 18.71 -11.96 -72.70
C ARG KA 8 17.95 -12.59 -71.55
N ARG KA 9 18.54 -13.65 -70.99
CA ARG KA 9 17.91 -14.37 -69.90
C ARG KA 9 18.26 -13.81 -68.53
N LEU KA 10 19.14 -12.81 -68.46
CA LEU KA 10 19.41 -12.12 -67.21
C LEU KA 10 18.34 -11.05 -67.02
N SER KA 11 17.42 -11.29 -66.09
CA SER KA 11 16.24 -10.46 -65.94
C SER KA 11 16.34 -9.45 -64.81
N TYR KA 12 17.53 -9.26 -64.24
CA TYR KA 12 17.72 -8.34 -63.14
C TYR KA 12 18.56 -7.15 -63.58
N ASN KA 13 18.46 -6.08 -62.80
CA ASN KA 13 19.18 -4.85 -63.12
C ASN KA 13 20.53 -4.80 -62.38
N THR KA 14 21.38 -5.77 -62.70
CA THR KA 14 22.71 -5.81 -62.12
C THR KA 14 23.62 -4.81 -62.83
N ALA KA 15 24.88 -4.77 -62.40
CA ALA KA 15 25.83 -3.86 -63.03
C ALA KA 15 26.18 -4.29 -64.44
N SER KA 16 26.13 -5.59 -64.72
CA SER KA 16 26.51 -6.10 -66.03
C SER KA 16 25.36 -6.14 -67.01
N ASN KA 17 24.16 -5.76 -66.58
CA ASN KA 17 22.96 -5.85 -67.40
C ASN KA 17 22.44 -4.47 -67.81
N LYS KA 18 23.35 -3.53 -68.04
CA LYS KA 18 22.95 -2.19 -68.41
C LYS KA 18 22.55 -2.12 -69.87
N THR KA 19 21.55 -1.31 -70.16
CA THR KA 19 20.95 -1.23 -71.48
C THR KA 19 20.70 0.23 -71.86
N ARG KA 20 20.54 0.45 -73.15
CA ARG KA 20 20.20 1.76 -73.69
C ARG KA 20 19.16 1.57 -74.79
N LEU KA 21 18.55 2.67 -75.21
CA LEU KA 21 17.47 2.67 -76.18
C LEU KA 21 18.04 2.79 -77.59
N SER KA 22 17.48 2.04 -78.53
CA SER KA 22 17.96 2.07 -79.91
C SER KA 22 16.78 1.87 -80.86
N ARG KA 23 16.58 2.81 -81.77
CA ARG KA 23 15.57 2.67 -82.81
C ARG KA 23 16.20 2.11 -84.07
N THR KA 24 15.67 1.02 -84.55
CA THR KA 24 16.16 0.29 -85.70
C THR KA 24 15.63 0.91 -86.98
N PRO KA 25 16.27 0.60 -88.13
CA PRO KA 25 15.67 0.99 -89.41
C PRO KA 25 14.35 0.29 -89.71
N GLY KA 26 13.92 -0.63 -88.87
CA GLY KA 26 12.58 -1.18 -88.94
C GLY KA 26 11.55 -0.38 -88.18
N ASN KA 27 11.95 0.78 -87.65
CA ASN KA 27 11.10 1.69 -86.90
C ASN KA 27 10.49 0.98 -85.69
N ARG KA 28 11.36 0.55 -84.79
CA ARG KA 28 10.96 0.00 -83.51
C ARG KA 28 12.05 0.27 -82.49
N ILE KA 29 11.67 0.23 -81.22
CA ILE KA 29 12.58 0.54 -80.13
C ILE KA 29 13.03 -0.76 -79.50
N VAL KA 30 14.34 -0.92 -79.36
CA VAL KA 30 14.95 -2.13 -78.78
C VAL KA 30 16.01 -1.71 -77.77
N TYR KA 31 16.51 -2.71 -77.05
CA TYR KA 31 17.59 -2.51 -76.10
C TYR KA 31 18.92 -2.85 -76.73
N LEU KA 32 19.89 -1.97 -76.55
CA LEU KA 32 21.27 -2.26 -76.89
C LEU KA 32 22.07 -2.34 -75.61
N TYR KA 33 22.75 -3.44 -75.40
CA TYR KA 33 23.46 -3.68 -74.15
C TYR KA 33 24.81 -2.98 -74.21
N THR KA 34 24.92 -1.85 -73.52
CA THR KA 34 26.13 -1.05 -73.55
C THR KA 34 27.25 -1.71 -72.76
N LYS KA 35 28.47 -1.29 -73.06
CA LYS KA 35 29.63 -1.72 -72.29
C LYS KA 35 29.78 -0.87 -71.04
N LYS KA 36 30.63 -1.32 -70.13
CA LYS KA 36 30.99 -0.50 -68.99
C LYS KA 36 31.91 0.62 -69.44
N VAL KA 37 31.91 1.71 -68.68
CA VAL KA 37 32.65 2.90 -69.05
C VAL KA 37 34.08 2.78 -68.54
N GLY KA 38 35.04 2.73 -69.45
CA GLY KA 38 36.43 2.64 -69.06
C GLY KA 38 36.96 3.94 -68.51
N LYS KA 39 37.96 3.83 -67.63
CA LYS KA 39 38.51 4.97 -66.93
C LYS KA 39 39.92 5.25 -67.39
N ALA KA 40 40.28 6.52 -67.44
CA ALA KA 40 41.65 6.89 -67.77
C ALA KA 40 42.59 6.44 -66.66
N PRO KA 41 43.86 6.18 -66.97
CA PRO KA 41 44.77 5.68 -65.94
C PRO KA 41 45.00 6.71 -64.84
N LYS KA 42 45.19 6.19 -63.63
CA LYS KA 42 45.57 7.02 -62.49
C LYS KA 42 47.08 7.10 -62.44
N SER KA 43 47.59 8.25 -62.00
CA SER KA 43 49.03 8.46 -61.99
C SER KA 43 49.71 7.62 -60.91
N ALA KA 44 50.93 7.17 -61.22
CA ALA KA 44 51.74 6.47 -60.24
C ALA KA 44 52.30 7.41 -59.18
N CYS KA 45 52.15 8.73 -59.35
CA CYS KA 45 52.64 9.68 -58.36
C CYS KA 45 51.91 9.54 -57.03
N GLY KA 46 50.66 9.11 -57.05
CA GLY KA 46 49.89 8.96 -55.84
C GLY KA 46 49.46 10.25 -55.18
N VAL KA 47 49.77 11.39 -55.78
CA VAL KA 47 49.49 12.69 -55.20
C VAL KA 47 48.43 13.44 -56.00
N CYS KA 48 48.63 13.54 -57.30
CA CYS KA 48 47.67 14.24 -58.16
C CYS KA 48 46.40 13.41 -58.28
N PRO KA 49 45.23 13.93 -57.90
CA PRO KA 49 44.01 13.13 -57.96
C PRO KA 49 43.44 12.97 -59.36
N GLY KA 50 43.87 13.78 -60.31
CA GLY KA 50 43.33 13.68 -61.65
C GLY KA 50 43.84 12.48 -62.39
N ARG KA 51 43.17 12.17 -63.50
CA ARG KA 51 43.56 11.08 -64.38
C ARG KA 51 44.39 11.62 -65.54
N LEU KA 52 45.09 10.70 -66.21
CA LEU KA 52 46.07 11.09 -67.21
C LEU KA 52 45.40 11.51 -68.52
N ARG KA 53 45.99 12.49 -69.17
CA ARG KA 53 45.51 12.97 -70.45
C ARG KA 53 46.20 12.24 -71.59
N GLY KA 54 45.52 12.19 -72.73
CA GLY KA 54 46.10 11.58 -73.92
C GLY KA 54 46.05 10.07 -73.96
N VAL KA 55 45.51 9.43 -72.93
CA VAL KA 55 45.40 7.98 -72.89
C VAL KA 55 43.92 7.62 -73.00
N ARG KA 56 43.59 6.71 -73.91
CA ARG KA 56 42.22 6.34 -74.16
C ARG KA 56 41.62 5.67 -72.93
N ALA KA 57 40.34 5.95 -72.68
CA ALA KA 57 39.64 5.42 -71.50
C ALA KA 57 38.75 4.27 -71.95
N VAL KA 58 39.20 3.05 -71.69
CA VAL KA 58 38.49 1.84 -72.08
C VAL KA 58 38.60 0.80 -70.97
N ARG KA 59 37.84 -0.27 -71.11
CA ARG KA 59 37.95 -1.41 -70.21
C ARG KA 59 39.31 -2.07 -70.39
N PRO KA 60 39.83 -2.74 -69.35
CA PRO KA 60 41.23 -3.21 -69.41
C PRO KA 60 41.54 -4.12 -70.57
N LYS KA 61 40.65 -5.05 -70.90
CA LYS KA 61 40.94 -6.01 -71.96
C LYS KA 61 40.79 -5.39 -73.35
N VAL KA 62 40.20 -4.20 -73.45
CA VAL KA 62 40.20 -3.48 -74.71
C VAL KA 62 41.60 -3.01 -75.05
N LEU KA 63 42.43 -2.74 -74.05
CA LEU KA 63 43.76 -2.20 -74.29
C LEU KA 63 44.66 -3.19 -75.03
N MET KA 64 44.30 -4.48 -75.04
CA MET KA 64 45.09 -5.44 -75.78
C MET KA 64 45.00 -5.22 -77.29
N ARG KA 65 43.95 -4.59 -77.77
CA ARG KA 65 43.75 -4.36 -79.19
C ARG KA 65 43.85 -2.87 -79.56
N LEU KA 66 44.73 -2.14 -78.89
CA LEU KA 66 45.00 -0.75 -79.23
C LEU KA 66 46.44 -0.61 -79.70
N SER KA 67 46.67 0.37 -80.55
CA SER KA 67 48.03 0.69 -80.96
C SER KA 67 48.76 1.36 -79.80
N LYS KA 68 50.09 1.42 -79.91
CA LYS KA 68 50.91 1.88 -78.80
C LYS KA 68 50.64 3.33 -78.44
N THR KA 69 50.56 4.21 -79.44
CA THR KA 69 50.42 5.63 -79.17
C THR KA 69 49.06 6.01 -78.60
N LYS KA 70 48.09 5.10 -78.62
CA LYS KA 70 46.80 5.35 -78.00
C LYS KA 70 46.74 4.82 -76.58
N LYS KA 71 47.84 4.28 -76.05
CA LYS KA 71 47.89 3.78 -74.69
C LYS KA 71 48.92 4.49 -73.83
N HIS KA 72 49.63 5.48 -74.35
CA HIS KA 72 50.62 6.20 -73.56
C HIS KA 72 50.84 7.57 -74.19
N VAL KA 73 51.65 8.38 -73.52
CA VAL KA 73 52.05 9.69 -74.00
C VAL KA 73 53.55 9.65 -74.27
N SER KA 74 53.98 10.38 -75.31
CA SER KA 74 55.36 10.33 -75.78
C SER KA 74 56.23 11.19 -74.87
N ARG KA 75 56.59 10.61 -73.73
CA ARG KA 75 57.41 11.28 -72.73
C ARG KA 75 58.01 10.20 -71.83
N ALA KA 76 59.09 10.55 -71.15
CA ALA KA 76 59.58 9.70 -70.08
C ALA KA 76 58.51 9.62 -68.99
N TYR KA 77 58.25 8.40 -68.52
CA TYR KA 77 57.12 8.09 -67.63
C TYR KA 77 55.79 8.47 -68.26
N GLY KA 78 55.72 8.56 -69.58
CA GLY KA 78 54.48 8.93 -70.22
C GLY KA 78 53.48 7.79 -70.18
N GLY KA 79 52.22 8.15 -69.94
CA GLY KA 79 51.17 7.16 -69.85
C GLY KA 79 51.11 6.42 -68.54
N SER KA 80 52.00 6.72 -67.61
CA SER KA 80 51.94 6.12 -66.28
C SER KA 80 51.99 7.16 -65.18
N MET KA 81 52.75 8.24 -65.35
CA MET KA 81 52.83 9.29 -64.35
C MET KA 81 52.63 10.65 -65.02
N CYS KA 82 52.03 11.56 -64.27
CA CYS KA 82 51.66 12.86 -64.80
C CYS KA 82 52.88 13.73 -65.05
N ALA KA 83 52.70 14.71 -65.94
CA ALA KA 83 53.79 15.60 -66.31
C ALA KA 83 54.25 16.44 -65.13
N LYS KA 84 53.31 16.88 -64.29
CA LYS KA 84 53.65 17.71 -63.13
C LYS KA 84 54.59 16.98 -62.19
N CYS KA 85 54.26 15.75 -61.83
CA CYS KA 85 55.12 14.99 -60.95
C CYS KA 85 56.39 14.50 -61.63
N VAL KA 86 56.37 14.31 -62.95
CA VAL KA 86 57.63 14.01 -63.66
C VAL KA 86 58.59 15.19 -63.53
N ARG KA 87 58.09 16.40 -63.74
CA ARG KA 87 58.92 17.60 -63.59
C ARG KA 87 59.45 17.73 -62.18
N ASP KA 88 58.58 17.52 -61.19
CA ASP KA 88 59.01 17.57 -59.80
C ASP KA 88 60.07 16.53 -59.51
N ARG KA 89 59.93 15.33 -60.07
CA ARG KA 89 60.91 14.27 -59.84
C ARG KA 89 62.25 14.62 -60.43
N ILE KA 90 62.27 15.21 -61.63
CA ILE KA 90 63.55 15.61 -62.22
C ILE KA 90 64.25 16.63 -61.35
N LYS KA 91 63.50 17.66 -60.92
CA LYS KA 91 64.09 18.67 -60.05
C LYS KA 91 64.61 18.06 -58.77
N ARG KA 92 63.80 17.22 -58.13
CA ARG KA 92 64.15 16.66 -56.84
C ARG KA 92 65.36 15.76 -56.92
N ALA KA 93 65.43 14.91 -57.95
CA ALA KA 93 66.59 14.03 -58.12
C ALA KA 93 67.86 14.84 -58.30
N PHE KA 94 67.82 15.83 -59.20
CA PHE KA 94 69.03 16.61 -59.43
C PHE KA 94 69.46 17.36 -58.17
N LEU KA 95 68.50 17.95 -57.45
CA LEU KA 95 68.86 18.74 -56.28
C LEU KA 95 69.40 17.87 -55.15
N ILE KA 96 68.86 16.67 -54.98
CA ILE KA 96 69.40 15.78 -53.96
C ILE KA 96 70.81 15.34 -54.31
N GLU KA 97 71.08 15.07 -55.59
CA GLU KA 97 72.44 14.72 -55.97
C GLU KA 97 73.40 15.88 -55.72
N GLU KA 98 72.96 17.12 -56.00
CA GLU KA 98 73.78 18.27 -55.66
C GLU KA 98 74.00 18.38 -54.16
N GLN KA 99 73.00 18.03 -53.36
CA GLN KA 99 73.15 18.05 -51.91
C GLN KA 99 74.21 17.03 -51.46
N LYS KA 100 74.21 15.86 -52.07
CA LYS KA 100 75.24 14.88 -51.78
C LYS KA 100 76.62 15.40 -52.13
N ILE KA 101 76.72 16.11 -53.26
CA ILE KA 101 77.97 16.77 -53.61
C ILE KA 101 78.37 17.77 -52.53
N VAL KA 102 77.40 18.51 -52.01
CA VAL KA 102 77.68 19.52 -50.99
C VAL KA 102 78.25 18.85 -49.73
N VAL KA 103 77.62 17.76 -49.30
CA VAL KA 103 78.09 17.13 -48.06
C VAL KA 103 79.45 16.46 -48.27
N LYS KA 104 79.69 15.92 -49.46
CA LYS KA 104 81.01 15.34 -49.74
C LYS KA 104 82.09 16.42 -49.72
N VAL KA 105 81.81 17.58 -50.32
CA VAL KA 105 82.75 18.69 -50.30
C VAL KA 105 82.97 19.18 -48.88
N LEU KA 106 81.90 19.20 -48.08
CA LEU KA 106 82.02 19.60 -46.69
C LEU KA 106 82.94 18.64 -45.93
N LYS KA 107 82.79 17.34 -46.18
CA LYS KA 107 83.67 16.37 -45.54
C LYS KA 107 85.12 16.57 -45.96
N ALA KA 108 85.34 16.84 -47.24
CA ALA KA 108 86.71 17.08 -47.72
C ALA KA 108 87.33 18.28 -47.05
N GLN KA 109 86.61 19.40 -47.00
CA GLN KA 109 87.18 20.60 -46.41
C GLN KA 109 87.28 20.52 -44.89
N ALA KA 110 86.51 19.63 -44.26
CA ALA KA 110 86.67 19.40 -42.83
C ALA KA 110 87.85 18.49 -42.53
N GLN KA 111 88.11 17.50 -43.39
CA GLN KA 111 89.25 16.60 -43.23
C GLN KA 111 90.54 17.19 -43.77
N SER KA 112 90.46 18.40 -44.35
CA SER KA 112 91.67 19.11 -44.75
C SER KA 112 92.72 19.15 -43.65
N GLN KA 113 92.30 19.32 -42.40
CA GLN KA 113 93.22 19.28 -41.26
C GLN KA 113 93.28 17.86 -40.71
N LYS KA 114 94.50 17.37 -40.50
CA LYS KA 114 94.71 16.00 -40.04
C LYS KA 114 94.35 15.84 -38.57
N ALA LA 1 23.29 -66.23 -99.99
CA ALA LA 1 23.80 -64.88 -99.78
C ALA LA 1 24.07 -64.63 -98.30
N LYS LA 2 23.61 -65.55 -97.46
CA LYS LA 2 23.79 -65.42 -96.02
C LYS LA 2 25.25 -65.67 -95.64
N ILE LA 3 25.68 -64.98 -94.58
CA ILE LA 3 27.07 -64.97 -94.15
C ILE LA 3 27.24 -65.95 -93.00
N LYS LA 4 28.17 -66.88 -93.16
CA LYS LA 4 28.46 -67.90 -92.16
C LYS LA 4 29.87 -67.69 -91.62
N ALA LA 5 30.06 -68.01 -90.35
CA ALA LA 5 31.36 -67.79 -89.73
C ALA LA 5 32.39 -68.83 -90.14
N ARG LA 6 31.96 -70.05 -90.45
CA ARG LA 6 32.90 -71.13 -90.71
C ARG LA 6 33.76 -70.83 -91.94
N ASP LA 7 33.15 -70.41 -93.03
CA ASP LA 7 33.87 -70.12 -94.25
C ASP LA 7 34.45 -68.72 -94.31
N LEU LA 8 34.17 -67.89 -93.30
CA LEU LA 8 34.74 -66.55 -93.23
C LEU LA 8 36.19 -66.57 -92.76
N ARG LA 9 36.66 -67.69 -92.21
CA ARG LA 9 37.98 -67.74 -91.59
C ARG LA 9 39.10 -67.92 -92.59
N GLY LA 10 38.81 -68.30 -93.82
CA GLY LA 10 39.83 -68.50 -94.83
C GLY LA 10 40.25 -67.26 -95.58
N LYS LA 11 39.57 -66.15 -95.38
CA LYS LA 11 39.89 -64.93 -96.10
C LYS LA 11 41.01 -64.16 -95.39
N LYS LA 12 41.54 -63.16 -96.08
CA LYS LA 12 42.54 -62.29 -95.48
C LYS LA 12 41.88 -61.12 -94.77
N LYS LA 13 42.70 -60.39 -94.01
CA LYS LA 13 42.19 -59.27 -93.23
C LYS LA 13 41.63 -58.17 -94.12
N GLU LA 14 42.30 -57.89 -95.23
CA GLU LA 14 41.88 -56.80 -96.10
C GLU LA 14 40.50 -57.07 -96.72
N GLU LA 15 40.27 -58.27 -97.23
CA GLU LA 15 38.96 -58.60 -97.75
C GLU LA 15 37.92 -58.78 -96.65
N LEU LA 16 38.33 -59.17 -95.44
CA LEU LA 16 37.39 -59.19 -94.32
C LEU LA 16 36.87 -57.78 -94.00
N LEU LA 17 37.78 -56.81 -93.94
CA LEU LA 17 37.36 -55.44 -93.73
C LEU LA 17 36.54 -54.90 -94.89
N LYS LA 18 36.86 -55.33 -96.13
CA LYS LA 18 36.04 -54.97 -97.27
C LYS LA 18 34.61 -55.47 -97.11
N GLN LA 19 34.46 -56.74 -96.72
CA GLN LA 19 33.13 -57.32 -96.51
C GLN LA 19 32.38 -56.59 -95.40
N LEU LA 20 33.08 -56.26 -94.31
CA LEU LA 20 32.45 -55.53 -93.23
C LEU LA 20 31.96 -54.16 -93.69
N ASP LA 21 32.77 -53.45 -94.47
CA ASP LA 21 32.37 -52.14 -94.95
C ASP LA 21 31.15 -52.22 -95.88
N ASP LA 22 31.12 -53.23 -96.74
CA ASP LA 22 29.93 -53.45 -97.58
C ASP LA 22 28.69 -53.66 -96.73
N LEU LA 23 28.82 -54.48 -95.67
CA LEU LA 23 27.68 -54.71 -94.80
C LEU LA 23 27.22 -53.43 -94.11
N LYS LA 24 28.16 -52.61 -93.67
CA LYS LA 24 27.78 -51.38 -92.99
C LYS LA 24 27.06 -50.41 -93.93
N VAL LA 25 27.53 -50.33 -95.17
CA VAL LA 25 26.84 -49.49 -96.17
C VAL LA 25 25.42 -49.99 -96.39
N GLU LA 26 25.27 -51.31 -96.53
CA GLU LA 26 23.94 -51.88 -96.70
C GLU LA 26 23.05 -51.59 -95.50
N LEU LA 27 23.61 -51.67 -94.29
CA LEU LA 27 22.83 -51.37 -93.09
C LEU LA 27 22.39 -49.92 -93.05
N SER LA 28 23.26 -49.00 -93.46
CA SER LA 28 22.87 -47.58 -93.46
C SER LA 28 21.74 -47.34 -94.47
N GLN LA 29 21.80 -47.99 -95.63
CA GLN LA 29 20.71 -47.87 -96.59
C GLN LA 29 19.41 -48.43 -96.01
N LEU LA 30 19.49 -49.54 -95.29
CA LEU LA 30 18.29 -50.11 -94.66
C LEU LA 30 17.71 -49.18 -93.62
N ARG LA 31 18.57 -48.53 -92.82
CA ARG LA 31 18.10 -47.57 -91.84
C ARG LA 31 17.47 -46.36 -92.50
N VAL LA 32 17.97 -45.97 -93.67
CA VAL LA 32 17.31 -44.92 -94.45
C VAL LA 32 15.91 -45.36 -94.82
N ALA LA 33 15.77 -46.59 -95.31
CA ALA LA 33 14.46 -47.10 -95.71
C ALA LA 33 13.49 -47.14 -94.53
N LYS LA 34 13.99 -47.51 -93.35
CA LYS LA 34 13.12 -47.66 -92.18
C LYS LA 34 12.42 -46.35 -91.84
N VAL LA 35 13.14 -45.24 -91.90
CA VAL LA 35 12.52 -43.95 -91.59
C VAL LA 35 11.82 -43.32 -92.78
N THR LA 36 12.15 -43.73 -94.01
CA THR LA 36 11.36 -43.33 -95.17
C THR LA 36 10.15 -44.22 -95.36
N GLY LA 37 9.90 -45.13 -94.43
CA GLY LA 37 8.79 -46.03 -94.51
C GLY LA 37 9.18 -47.34 -95.16
N GLY LA 38 9.47 -47.30 -96.46
CA GLY LA 38 9.93 -48.48 -97.16
C GLY LA 38 8.92 -49.61 -97.12
N ALA LA 39 9.41 -50.81 -96.85
CA ALA LA 39 8.57 -51.99 -96.79
C ALA LA 39 9.13 -52.97 -95.77
N ALA LA 40 8.28 -53.90 -95.34
CA ALA LA 40 8.70 -54.92 -94.40
C ALA LA 40 9.81 -55.80 -94.96
N SER LA 41 9.85 -55.97 -96.29
CA SER LA 41 10.91 -56.75 -96.90
C SER LA 41 12.27 -56.11 -96.66
N LYS LA 42 12.34 -54.78 -96.70
CA LYS LA 42 13.58 -54.09 -96.35
C LYS LA 42 13.79 -54.05 -94.84
N LEU LA 43 12.71 -53.90 -94.08
CA LEU LA 43 12.83 -53.75 -92.63
C LEU LA 43 13.42 -55.00 -91.99
N SER LA 44 12.89 -56.17 -92.33
CA SER LA 44 13.33 -57.40 -91.69
C SER LA 44 14.76 -57.76 -92.05
N LYS LA 45 15.33 -57.14 -93.09
CA LYS LA 45 16.71 -57.40 -93.45
C LYS LA 45 17.69 -56.73 -92.50
N ILE LA 46 17.22 -55.76 -91.70
CA ILE LA 46 18.11 -55.03 -90.80
C ILE LA 46 18.73 -55.97 -89.78
N ARG LA 47 17.92 -56.85 -89.20
CA ARG LA 47 18.44 -57.79 -88.21
C ARG LA 47 19.47 -58.72 -88.82
N VAL LA 48 19.22 -59.19 -90.05
CA VAL LA 48 20.17 -60.07 -90.71
C VAL LA 48 21.50 -59.36 -90.95
N VAL LA 49 21.44 -58.10 -91.39
CA VAL LA 49 22.67 -57.36 -91.63
C VAL LA 49 23.42 -57.12 -90.33
N ARG LA 50 22.69 -56.80 -89.26
CA ARG LA 50 23.32 -56.59 -87.96
C ARG LA 50 24.04 -57.85 -87.49
N LYS LA 51 23.37 -59.00 -87.62
CA LYS LA 51 23.98 -60.27 -87.21
C LYS LA 51 25.20 -60.59 -88.06
N SER LA 52 25.13 -60.33 -89.36
CA SER LA 52 26.27 -60.59 -90.22
C SER LA 52 27.45 -59.71 -89.85
N ILE LA 53 27.19 -58.45 -89.51
CA ILE LA 53 28.27 -57.55 -89.07
C ILE LA 53 28.90 -58.08 -87.78
N ALA LA 54 28.07 -58.50 -86.84
CA ALA LA 54 28.60 -59.07 -85.60
C ALA LA 54 29.43 -60.31 -85.88
N ARG LA 55 28.98 -61.15 -86.83
CA ARG LA 55 29.73 -62.34 -87.20
C ARG LA 55 31.10 -61.99 -87.77
N VAL LA 56 31.15 -61.03 -88.69
CA VAL LA 56 32.40 -60.64 -89.32
C VAL LA 56 33.36 -60.07 -88.28
N LEU LA 57 32.86 -59.19 -87.40
CA LEU LA 57 33.72 -58.60 -86.40
C LEU LA 57 34.22 -59.64 -85.39
N THR LA 58 33.38 -60.61 -85.05
CA THR LA 58 33.84 -61.68 -84.16
C THR LA 58 34.95 -62.49 -84.82
N VAL LA 59 34.81 -62.79 -86.11
CA VAL LA 59 35.86 -63.52 -86.79
C VAL LA 59 37.16 -62.72 -86.82
N ILE LA 60 37.06 -61.42 -87.10
CA ILE LA 60 38.24 -60.56 -87.14
C ILE LA 60 38.93 -60.53 -85.78
N ASN LA 61 38.14 -60.34 -84.72
CA ASN LA 61 38.68 -60.26 -83.37
C ASN LA 61 39.34 -61.56 -82.96
N GLN LA 62 38.70 -62.69 -83.26
CA GLN LA 62 39.29 -63.98 -82.91
C GLN LA 62 40.60 -64.19 -83.65
N THR LA 63 40.65 -63.85 -84.93
CA THR LA 63 41.88 -63.99 -85.70
C THR LA 63 43.00 -63.17 -85.08
N GLN LA 64 42.73 -61.90 -84.80
CA GLN LA 64 43.78 -61.03 -84.26
C GLN LA 64 44.22 -61.50 -82.88
N LYS LA 65 43.28 -61.87 -82.02
CA LYS LA 65 43.64 -62.26 -80.66
C LYS LA 65 44.43 -63.55 -80.63
N GLU LA 66 44.06 -64.54 -81.45
CA GLU LA 66 44.84 -65.77 -81.48
C GLU LA 66 46.19 -65.57 -82.14
N ASN LA 67 46.30 -64.65 -83.10
CA ASN LA 67 47.63 -64.33 -83.63
C ASN LA 67 48.51 -63.71 -82.56
N LEU LA 68 47.95 -62.81 -81.74
CA LEU LA 68 48.72 -62.23 -80.65
C LEU LA 68 49.13 -63.28 -79.63
N ARG LA 69 48.24 -64.21 -79.31
CA ARG LA 69 48.58 -65.27 -78.37
C ARG LA 69 49.70 -66.15 -78.91
N LYS LA 70 49.62 -66.49 -80.20
CA LYS LA 70 50.68 -67.28 -80.81
C LYS LA 70 52.00 -66.54 -80.80
N PHE LA 71 51.96 -65.22 -81.04
CA PHE LA 71 53.18 -64.42 -80.99
C PHE LA 71 53.78 -64.41 -79.59
N TYR LA 72 52.95 -64.19 -78.57
CA TYR LA 72 53.42 -64.06 -77.20
C TYR LA 72 53.67 -65.40 -76.53
N LYS LA 73 53.43 -66.51 -77.22
CA LYS LA 73 53.73 -67.82 -76.67
C LYS LA 73 55.21 -67.91 -76.32
N GLY LA 74 55.50 -68.27 -75.06
CA GLY LA 74 56.87 -68.42 -74.61
C GLY LA 74 57.53 -67.19 -74.06
N LYS LA 75 56.91 -66.01 -74.20
CA LYS LA 75 57.49 -64.79 -73.69
C LYS LA 75 57.16 -64.63 -72.21
N LYS LA 76 58.16 -64.23 -71.43
CA LYS LA 76 58.00 -64.21 -69.97
C LYS LA 76 56.93 -63.23 -69.54
N TYR LA 77 56.81 -62.10 -70.22
CA TYR LA 77 55.82 -61.09 -69.91
C TYR LA 77 54.79 -61.01 -71.02
N LYS LA 78 53.52 -61.15 -70.65
CA LYS LA 78 52.40 -61.11 -71.57
C LYS LA 78 51.44 -60.02 -71.14
N PRO LA 79 50.64 -59.49 -72.06
CA PRO LA 79 49.60 -58.55 -71.67
C PRO LA 79 48.58 -59.18 -70.73
N LEU LA 80 47.93 -58.32 -69.95
CA LEU LA 80 47.01 -58.79 -68.91
C LEU LA 80 45.85 -59.55 -69.52
N ASP LA 81 45.30 -59.06 -70.62
CA ASP LA 81 44.20 -59.76 -71.29
C ASP LA 81 44.63 -61.08 -71.91
N LEU LA 82 45.93 -61.33 -72.04
CA LEU LA 82 46.42 -62.62 -72.49
C LEU LA 82 46.80 -63.54 -71.35
N ARG LA 83 47.03 -63.00 -70.16
CA ARG LA 83 47.19 -63.84 -68.98
C ARG LA 83 45.85 -64.46 -68.60
N PRO LA 84 45.88 -65.59 -67.88
CA PRO LA 84 44.62 -66.24 -67.48
C PRO LA 84 43.75 -65.36 -66.59
N LYS LA 85 42.46 -65.67 -66.59
CA LYS LA 85 41.44 -64.88 -65.92
C LYS LA 85 40.69 -65.79 -64.95
N LYS LA 86 41.42 -66.51 -64.12
CA LYS LA 86 40.79 -67.44 -63.19
C LYS LA 86 39.88 -66.73 -62.20
N THR LA 87 40.51 -65.99 -61.30
CA THR LA 87 39.91 -65.31 -60.15
C THR LA 87 41.05 -64.50 -59.54
N ARG LA 88 40.76 -63.36 -58.93
CA ARG LA 88 41.82 -62.61 -58.26
C ARG LA 88 42.49 -63.45 -57.18
N ALA LA 89 41.69 -64.09 -56.34
CA ALA LA 89 42.24 -64.92 -55.27
C ALA LA 89 43.02 -66.10 -55.83
N MET LA 90 42.53 -66.70 -56.92
CA MET LA 90 43.24 -67.82 -57.52
C MET LA 90 44.55 -67.38 -58.16
N ARG LA 91 44.58 -66.18 -58.74
CA ARG LA 91 45.82 -65.66 -59.29
C ARG LA 91 46.83 -65.33 -58.20
N ARG LA 92 46.36 -64.98 -57.00
CA ARG LA 92 47.30 -64.80 -55.89
C ARG LA 92 47.83 -66.11 -55.34
N ARG LA 93 47.29 -67.26 -55.76
CA ARG LA 93 47.68 -68.53 -55.16
C ARG LA 93 49.11 -68.90 -55.51
N LEU LA 94 49.72 -69.71 -54.65
CA LEU LA 94 51.04 -70.24 -54.94
C LEU LA 94 50.99 -71.16 -56.15
N ASN LA 95 52.04 -71.12 -56.97
CA ASN LA 95 52.09 -72.05 -58.07
C ASN LA 95 52.44 -73.45 -57.58
N LYS LA 96 52.23 -74.42 -58.47
CA LYS LA 96 52.39 -75.82 -58.11
C LYS LA 96 53.82 -76.12 -57.68
N HIS LA 97 54.80 -75.48 -58.32
CA HIS LA 97 56.19 -75.75 -58.00
C HIS LA 97 56.51 -75.37 -56.56
N GLU LA 98 56.11 -74.17 -56.14
CA GLU LA 98 56.42 -73.76 -54.78
C GLU LA 98 55.48 -74.35 -53.76
N GLU LA 99 54.32 -74.89 -54.17
CA GLU LA 99 53.57 -75.70 -53.24
C GLU LA 99 54.19 -77.08 -53.05
N ASN LA 100 54.93 -77.57 -54.05
CA ASN LA 100 55.51 -78.90 -53.96
C ASN LA 100 56.90 -78.95 -53.37
N LEU LA 101 57.68 -77.87 -53.46
CA LEU LA 101 59.01 -77.88 -52.86
C LEU LA 101 58.92 -77.82 -51.33
N LYS LA 102 59.82 -78.52 -50.66
CA LYS LA 102 59.86 -78.61 -49.21
C LYS LA 102 61.26 -78.35 -48.70
N THR LA 103 61.40 -78.33 -47.38
CA THR LA 103 62.71 -78.18 -46.78
C THR LA 103 63.51 -79.45 -46.89
N LYS LA 104 64.84 -79.29 -46.90
CA LYS LA 104 65.73 -80.44 -46.90
C LYS LA 104 65.56 -81.27 -45.63
N LYS LA 105 65.19 -80.63 -44.52
CA LYS LA 105 64.86 -81.38 -43.30
C LYS LA 105 63.64 -82.27 -43.52
N GLN LA 106 62.61 -81.73 -44.17
CA GLN LA 106 61.42 -82.52 -44.46
C GLN LA 106 61.76 -83.66 -45.41
N GLN LA 107 62.60 -83.41 -46.40
CA GLN LA 107 63.01 -84.48 -47.30
C GLN LA 107 63.81 -85.54 -46.57
N ARG LA 108 64.65 -85.15 -45.61
CA ARG LA 108 65.36 -86.13 -44.80
C ARG LA 108 64.41 -86.97 -43.96
N LYS LA 109 63.38 -86.33 -43.37
CA LYS LA 109 62.39 -87.10 -42.61
C LYS LA 109 61.66 -88.09 -43.50
N GLU LA 110 61.27 -87.67 -44.71
CA GLU LA 110 60.58 -88.55 -45.63
C GLU LA 110 61.47 -89.70 -46.07
N ARG LA 111 62.74 -89.40 -46.36
CA ARG LA 111 63.68 -90.44 -46.75
C ARG LA 111 63.91 -91.45 -45.64
N LEU LA 112 63.95 -90.98 -44.39
CA LEU LA 112 64.29 -91.88 -43.30
C LEU LA 112 63.12 -92.69 -42.80
N TYR LA 113 61.95 -92.08 -42.64
CA TYR LA 113 60.81 -92.73 -41.99
C TYR LA 113 59.59 -92.67 -42.90
N PRO LA 114 59.57 -93.48 -43.95
CA PRO LA 114 58.37 -93.57 -44.78
C PRO LA 114 57.26 -94.30 -44.05
N LEU LA 115 56.03 -93.94 -44.39
CA LEU LA 115 54.87 -94.59 -43.78
C LEU LA 115 54.74 -96.00 -44.34
N ARG LA 116 54.85 -96.99 -43.45
CA ARG LA 116 54.82 -98.37 -43.88
C ARG LA 116 53.38 -98.86 -44.00
N LYS LA 117 53.17 -99.75 -44.96
CA LYS LA 117 51.89 -100.44 -45.11
C LYS LA 117 51.90 -101.65 -44.20
N TYR LA 118 50.83 -101.85 -43.46
CA TYR LA 118 50.83 -102.88 -42.43
C TYR LA 118 49.40 -103.28 -42.09
N ALA LA 119 49.29 -104.42 -41.42
CA ALA LA 119 48.04 -104.90 -40.87
C ALA LA 119 48.34 -105.60 -39.56
N VAL LA 120 47.29 -105.93 -38.81
CA VAL LA 120 47.43 -106.58 -37.52
C VAL LA 120 46.59 -107.85 -37.50
N LYS LA 121 47.20 -108.96 -37.10
CA LYS LA 121 46.45 -110.18 -36.89
C LYS LA 121 45.48 -110.00 -35.74
N ALA LA 122 44.33 -110.65 -35.84
CA ALA LA 122 43.33 -110.60 -34.79
C ALA LA 122 43.78 -111.44 -33.60
N ALA MA 1 46.77 -110.03 9.74
CA ALA MA 1 47.88 -109.18 9.33
C ALA MA 1 47.77 -107.81 9.99
N LEU MA 2 48.86 -107.37 10.64
CA LEU MA 2 48.84 -106.07 11.30
C LEU MA 2 48.86 -104.93 10.29
N ARG MA 3 49.61 -105.09 9.21
CA ARG MA 3 49.79 -104.02 8.24
C ARG MA 3 48.87 -104.23 7.04
N TYR MA 4 48.15 -103.18 6.67
CA TYR MA 4 47.37 -103.17 5.44
C TYR MA 4 47.53 -101.80 4.80
N PRO MA 5 47.59 -101.73 3.47
CA PRO MA 5 47.54 -100.42 2.82
C PRO MA 5 46.22 -99.72 3.11
N MET MA 6 46.30 -98.52 3.65
CA MET MA 6 45.14 -97.78 4.09
C MET MA 6 44.95 -96.53 3.27
N ALA MA 7 43.69 -96.15 3.06
CA ALA MA 7 43.39 -94.93 2.32
C ALA MA 7 43.75 -93.68 3.09
N VAL MA 8 44.09 -93.80 4.37
CA VAL MA 8 44.56 -92.70 5.19
C VAL MA 8 45.87 -93.10 5.85
N GLY MA 9 46.38 -92.22 6.71
CA GLY MA 9 47.64 -92.44 7.38
C GLY MA 9 48.79 -91.77 6.65
N LEU MA 10 49.97 -91.85 7.28
CA LEU MA 10 51.16 -91.26 6.69
C LEU MA 10 51.59 -92.03 5.45
N ASN MA 11 51.51 -93.35 5.50
CA ASN MA 11 51.92 -94.22 4.39
C ASN MA 11 50.74 -94.65 3.54
N LYS MA 12 49.78 -93.74 3.31
CA LYS MA 12 48.57 -94.08 2.61
C LYS MA 12 48.85 -94.37 1.13
N GLY MA 13 47.80 -94.77 0.43
CA GLY MA 13 47.88 -95.01 -1.00
C GLY MA 13 48.24 -96.45 -1.33
N HIS MA 14 47.85 -96.86 -2.54
CA HIS MA 14 48.18 -98.17 -3.04
C HIS MA 14 49.68 -98.29 -3.26
N LYS MA 15 50.19 -99.50 -3.12
CA LYS MA 15 51.63 -99.73 -3.10
C LYS MA 15 52.11 -100.18 -4.47
N VAL MA 16 53.04 -99.42 -5.04
CA VAL MA 16 53.77 -99.80 -6.25
C VAL MA 16 55.23 -99.45 -6.04
N THR MA 17 56.09 -100.07 -6.83
CA THR MA 17 57.52 -99.81 -6.76
C THR MA 17 57.86 -98.49 -7.45
N LYS MA 18 58.76 -97.74 -6.83
CA LYS MA 18 59.18 -96.47 -7.41
C LYS MA 18 60.05 -96.70 -8.64
N ASN MA 19 59.86 -95.88 -9.66
CA ASN MA 19 60.62 -95.99 -10.91
C ASN MA 19 61.77 -95.00 -10.86
N VAL MA 20 62.94 -95.50 -10.47
CA VAL MA 20 64.15 -94.67 -10.45
C VAL MA 20 64.58 -94.42 -11.89
N SER MA 21 64.46 -93.19 -12.35
CA SER MA 21 64.76 -92.85 -13.72
C SER MA 21 65.41 -91.48 -13.78
N LYS MA 22 66.12 -91.24 -14.87
CA LYS MA 22 66.73 -89.93 -15.08
C LYS MA 22 65.63 -88.88 -15.29
N PRO MA 23 65.80 -87.69 -14.73
CA PRO MA 23 64.77 -86.65 -14.89
C PRO MA 23 64.70 -86.15 -16.32
N ARG MA 24 63.58 -85.51 -16.62
CA ARG MA 24 63.39 -84.92 -17.94
C ARG MA 24 64.40 -83.80 -18.15
N HIS MA 25 64.79 -83.60 -19.41
CA HIS MA 25 65.69 -82.50 -19.72
C HIS MA 25 65.03 -81.15 -19.54
N SER MA 26 63.71 -81.09 -19.48
CA SER MA 26 63.01 -79.84 -19.23
C SER MA 26 63.29 -79.32 -17.83
N ARG MA 27 63.44 -80.22 -16.87
CA ARG MA 27 63.73 -79.80 -15.50
C ARG MA 27 65.09 -79.13 -15.38
N ARG MA 28 65.97 -79.32 -16.37
CA ARG MA 28 67.30 -78.74 -16.36
C ARG MA 28 67.28 -77.24 -16.62
N ARG MA 29 66.16 -76.70 -17.11
CA ARG MA 29 66.09 -75.31 -17.55
C ARG MA 29 66.47 -74.36 -16.43
N GLY MA 30 67.26 -73.34 -16.78
CA GLY MA 30 67.70 -72.35 -15.82
C GLY MA 30 69.00 -72.66 -15.14
N ARG MA 31 69.59 -73.82 -15.37
CA ARG MA 31 70.88 -74.14 -14.76
C ARG MA 31 71.96 -73.20 -15.27
N LEU MA 32 72.83 -72.77 -14.36
CA LEU MA 32 73.88 -71.81 -14.68
C LEU MA 32 75.09 -72.56 -15.21
N THR MA 33 75.46 -72.29 -16.45
CA THR MA 33 76.62 -72.91 -17.05
C THR MA 33 77.81 -71.96 -17.06
N LYS MA 34 78.98 -72.52 -17.36
CA LYS MA 34 80.22 -71.75 -17.29
C LYS MA 34 80.23 -70.60 -18.27
N HIS MA 35 79.92 -70.88 -19.54
CA HIS MA 35 79.97 -69.84 -20.56
C HIS MA 35 78.93 -68.76 -20.31
N THR MA 36 77.73 -69.14 -19.90
CA THR MA 36 76.70 -68.15 -19.60
C THR MA 36 77.10 -67.29 -18.41
N LYS MA 37 77.71 -67.90 -17.38
CA LYS MA 37 78.19 -67.12 -16.24
C LYS MA 37 79.27 -66.15 -16.67
N PHE MA 38 80.16 -66.59 -17.56
CA PHE MA 38 81.20 -65.71 -18.07
C PHE MA 38 80.59 -64.53 -18.82
N VAL MA 39 79.57 -64.79 -19.64
CA VAL MA 39 78.92 -63.72 -20.39
C VAL MA 39 78.26 -62.72 -19.45
N ARG MA 40 77.51 -63.22 -18.46
CA ARG MA 40 76.83 -62.32 -17.53
C ARG MA 40 77.83 -61.53 -16.69
N ASP MA 41 78.95 -62.16 -16.32
CA ASP MA 41 79.99 -61.45 -15.60
C ASP MA 41 80.58 -60.33 -16.45
N MET MA 42 80.81 -60.60 -17.73
CA MET MA 42 81.34 -59.57 -18.61
C MET MA 42 80.35 -58.42 -18.77
N ILE MA 43 79.07 -58.74 -18.91
CA ILE MA 43 78.07 -57.69 -19.06
C ILE MA 43 77.97 -56.86 -17.80
N ARG MA 44 78.09 -57.51 -16.63
CA ARG MA 44 78.15 -56.75 -15.38
C ARG MA 44 79.37 -55.85 -15.33
N GLU MA 45 80.53 -56.35 -15.80
CA GLU MA 45 81.75 -55.55 -15.81
C GLU MA 45 81.60 -54.31 -16.68
N VAL MA 46 80.97 -54.45 -17.84
CA VAL MA 46 80.77 -53.29 -18.72
C VAL MA 46 79.70 -52.36 -18.18
N CYS MA 47 78.54 -52.90 -17.81
CA CYS MA 47 77.39 -52.07 -17.51
C CYS MA 47 77.55 -51.35 -16.18
N GLY MA 48 78.11 -52.01 -15.18
CA GLY MA 48 78.14 -51.44 -13.84
C GLY MA 48 76.92 -51.89 -13.06
N PHE MA 49 76.23 -50.93 -12.44
CA PHE MA 49 75.08 -51.27 -11.60
C PHE MA 49 73.99 -50.23 -11.71
N ALA MA 50 72.76 -50.67 -11.46
CA ALA MA 50 71.61 -49.79 -11.53
C ALA MA 50 71.61 -48.82 -10.35
N PRO MA 51 70.96 -47.66 -10.49
CA PRO MA 51 70.95 -46.69 -9.38
C PRO MA 51 70.34 -47.22 -8.09
N TYR MA 52 69.27 -48.01 -8.17
CA TYR MA 52 68.72 -48.58 -6.95
C TYR MA 52 69.66 -49.61 -6.34
N GLU MA 53 70.38 -50.35 -7.19
CA GLU MA 53 71.39 -51.26 -6.68
C GLU MA 53 72.52 -50.51 -6.00
N ARG MA 54 72.88 -49.34 -6.50
CA ARG MA 54 73.89 -48.53 -5.82
C ARG MA 54 73.38 -48.02 -4.47
N ARG MA 55 72.11 -47.63 -4.41
CA ARG MA 55 71.53 -47.22 -3.13
C ARG MA 55 71.54 -48.37 -2.12
N ALA MA 56 71.19 -49.57 -2.57
CA ALA MA 56 71.24 -50.73 -1.69
C ALA MA 56 72.66 -51.05 -1.28
N MET MA 57 73.63 -50.82 -2.18
CA MET MA 57 75.02 -50.99 -1.82
C MET MA 57 75.41 -50.03 -0.70
N GLU MA 58 74.93 -48.79 -0.76
CA GLU MA 58 75.20 -47.85 0.32
C GLU MA 58 74.60 -48.31 1.64
N LEU MA 59 73.35 -48.80 1.60
CA LEU MA 59 72.71 -49.27 2.81
C LEU MA 59 73.46 -50.47 3.41
N LEU MA 60 73.91 -51.39 2.57
CA LEU MA 60 74.66 -52.53 3.08
C LEU MA 60 76.06 -52.12 3.55
N LYS MA 61 76.63 -51.07 2.94
CA LYS MA 61 77.91 -50.55 3.42
C LYS MA 61 77.79 -50.02 4.84
N VAL MA 62 76.69 -49.31 5.13
CA VAL MA 62 76.49 -48.82 6.48
C VAL MA 62 75.85 -49.91 7.32
N SER MA 63 75.64 -51.08 6.72
CA SER MA 63 75.21 -52.30 7.40
C SER MA 63 73.82 -52.19 7.99
N LYS MA 64 73.02 -51.22 7.52
CA LYS MA 64 71.60 -51.17 7.83
C LYS MA 64 70.89 -52.16 6.93
N ASP MA 65 71.11 -53.44 7.22
CA ASP MA 65 70.74 -54.50 6.30
C ASP MA 65 69.24 -54.76 6.28
N LYS MA 66 68.54 -54.54 7.40
CA LYS MA 66 67.09 -54.61 7.37
C LYS MA 66 66.50 -53.52 6.49
N ARG MA 67 67.06 -52.31 6.56
CA ARG MA 67 66.65 -51.23 5.67
C ARG MA 67 66.99 -51.56 4.22
N ALA MA 68 68.13 -52.18 3.98
CA ALA MA 68 68.48 -52.59 2.62
C ALA MA 68 67.48 -53.60 2.09
N LEU MA 69 67.09 -54.56 2.93
CA LEU MA 69 66.09 -55.55 2.52
C LEU MA 69 64.75 -54.88 2.25
N LYS MA 70 64.33 -53.94 3.10
CA LYS MA 70 63.07 -53.26 2.87
C LYS MA 70 63.09 -52.47 1.56
N PHE MA 71 64.19 -51.78 1.28
CA PHE MA 71 64.28 -50.99 0.06
C PHE MA 71 64.29 -51.89 -1.18
N ILE MA 72 65.06 -52.99 -1.13
CA ILE MA 72 65.12 -53.90 -2.26
C ILE MA 72 63.78 -54.60 -2.47
N LYS MA 73 63.09 -54.92 -1.37
CA LYS MA 73 61.76 -55.50 -1.47
C LYS MA 73 60.77 -54.52 -2.09
N LYS MA 74 60.83 -53.25 -1.69
CA LYS MA 74 59.96 -52.25 -2.29
C LYS MA 74 60.28 -52.06 -3.77
N ARG MA 75 61.53 -52.21 -4.16
CA ARG MA 75 61.88 -52.05 -5.57
C ARG MA 75 61.43 -53.26 -6.39
N VAL MA 76 61.96 -54.44 -6.08
CA VAL MA 76 61.74 -55.59 -6.95
C VAL MA 76 60.37 -56.23 -6.75
N GLY MA 77 59.71 -56.01 -5.61
CA GLY MA 77 58.34 -56.41 -5.41
C GLY MA 77 58.15 -57.54 -4.41
N THR MA 78 58.98 -58.57 -4.45
CA THR MA 78 58.74 -59.81 -3.71
C THR MA 78 59.86 -60.04 -2.70
N HIS MA 79 59.49 -60.63 -1.55
CA HIS MA 79 60.46 -60.92 -0.51
C HIS MA 79 61.50 -61.93 -0.97
N ILE MA 80 61.09 -62.93 -1.75
CA ILE MA 80 62.02 -63.95 -2.21
C ILE MA 80 63.08 -63.34 -3.12
N ARG MA 81 62.63 -62.55 -4.10
CA ARG MA 81 63.56 -61.87 -4.99
C ARG MA 81 64.41 -60.86 -4.23
N ALA MA 82 63.85 -60.21 -3.22
CA ALA MA 82 64.64 -59.29 -2.41
C ALA MA 82 65.76 -60.03 -1.67
N LYS MA 83 65.46 -61.21 -1.13
CA LYS MA 83 66.48 -62.00 -0.47
C LYS MA 83 67.58 -62.38 -1.44
N ARG MA 84 67.20 -62.86 -2.63
CA ARG MA 84 68.21 -63.26 -3.62
C ARG MA 84 69.09 -62.09 -4.03
N LYS MA 85 68.47 -60.92 -4.29
CA LYS MA 85 69.24 -59.77 -4.74
C LYS MA 85 70.11 -59.21 -3.63
N ARG MA 86 69.63 -59.19 -2.40
CA ARG MA 86 70.45 -58.70 -1.30
C ARG MA 86 71.63 -59.63 -1.05
N GLU MA 87 71.43 -60.94 -1.19
CA GLU MA 87 72.55 -61.86 -1.07
C GLU MA 87 73.58 -61.62 -2.17
N GLU MA 88 73.12 -61.40 -3.40
CA GLU MA 88 74.05 -61.09 -4.49
C GLU MA 88 74.80 -59.79 -4.24
N LEU MA 89 74.11 -58.77 -3.73
CA LEU MA 89 74.76 -57.49 -3.47
C LEU MA 89 75.77 -57.58 -2.34
N SER MA 90 75.48 -58.36 -1.31
CA SER MA 90 76.49 -58.59 -0.28
C SER MA 90 77.68 -59.35 -0.84
N ASN MA 91 77.44 -60.27 -1.79
CA ASN MA 91 78.56 -60.95 -2.43
C ASN MA 91 79.46 -59.97 -3.16
N VAL MA 92 78.87 -59.06 -3.94
CA VAL MA 92 79.72 -58.12 -4.68
C VAL MA 92 80.39 -57.14 -3.73
N LEU MA 93 79.76 -56.82 -2.59
CA LEU MA 93 80.41 -55.95 -1.63
C LEU MA 93 81.59 -56.65 -0.95
N ALA MA 94 81.47 -57.94 -0.69
CA ALA MA 94 82.61 -58.69 -0.17
C ALA MA 94 83.74 -58.74 -1.18
N ALA MA 95 83.40 -58.92 -2.46
CA ALA MA 95 84.42 -58.87 -3.49
C ALA MA 95 85.10 -57.51 -3.54
N MET MA 96 84.31 -56.43 -3.42
CA MET MA 96 84.88 -55.10 -3.38
C MET MA 96 85.81 -54.93 -2.19
N ARG MA 97 85.40 -55.41 -1.02
CA ARG MA 97 86.23 -55.29 0.17
C ARG MA 97 87.56 -56.00 0.00
N LYS MA 98 87.53 -57.26 -0.44
CA LYS MA 98 88.78 -57.99 -0.61
C LYS MA 98 89.65 -57.40 -1.70
N ALA MA 99 89.07 -56.99 -2.82
CA ALA MA 99 89.86 -56.44 -3.92
C ALA MA 99 90.47 -55.09 -3.56
N ALA MA 100 89.70 -54.21 -2.90
CA ALA MA 100 90.21 -52.90 -2.55
C ALA MA 100 91.24 -52.97 -1.44
N ALA MA 101 91.00 -53.79 -0.41
CA ALA MA 101 91.98 -53.90 0.67
C ALA MA 101 93.24 -54.61 0.20
N LYS MA 102 93.11 -55.52 -0.77
CA LYS MA 102 94.29 -56.06 -1.44
C LYS MA 102 94.66 -55.14 -2.61
N THR NA 1 3.71 -17.71 -42.25
CA THR NA 1 2.90 -18.70 -41.54
C THR NA 1 3.41 -20.10 -41.80
N LYS NA 2 3.41 -20.93 -40.77
CA LYS NA 2 4.12 -22.21 -40.80
C LYS NA 2 3.54 -23.21 -41.79
N GLY NA 3 2.36 -22.96 -42.33
CA GLY NA 3 1.75 -23.96 -43.19
C GLY NA 3 1.78 -23.67 -44.67
N THR NA 4 0.59 -23.44 -45.24
CA THR NA 4 0.45 -23.27 -46.68
C THR NA 4 1.27 -22.09 -47.17
N SER NA 5 1.27 -21.00 -46.41
CA SER NA 5 1.95 -19.78 -46.85
C SER NA 5 3.45 -20.00 -47.00
N SER NA 6 4.07 -20.70 -46.05
CA SER NA 6 5.49 -20.97 -46.16
C SER NA 6 5.79 -22.15 -47.08
N PHE NA 7 4.79 -22.93 -47.46
CA PHE NA 7 5.03 -23.98 -48.44
C PHE NA 7 5.27 -23.42 -49.84
N GLY NA 8 5.03 -22.14 -50.06
CA GLY NA 8 5.27 -21.58 -51.38
C GLY NA 8 6.70 -21.18 -51.65
N LYS NA 9 7.52 -21.03 -50.62
CA LYS NA 9 8.86 -20.50 -50.78
C LYS NA 9 9.91 -21.57 -51.03
N ARG NA 10 9.53 -22.85 -51.05
CA ARG NA 10 10.51 -23.92 -51.22
C ARG NA 10 10.75 -24.13 -52.71
N ARG NA 11 11.92 -23.69 -53.19
CA ARG NA 11 12.28 -23.89 -54.59
C ARG NA 11 13.75 -24.19 -54.79
N ASN NA 12 14.48 -24.57 -53.73
CA ASN NA 12 15.91 -24.84 -53.81
C ASN NA 12 16.15 -26.29 -53.44
N LYS NA 13 16.57 -27.10 -54.41
CA LYS NA 13 16.77 -28.52 -54.16
C LYS NA 13 17.92 -28.72 -53.20
N THR NA 14 17.64 -29.33 -52.06
CA THR NA 14 18.71 -29.67 -51.11
C THR NA 14 19.52 -30.86 -51.61
N HIS NA 15 18.85 -31.87 -52.16
CA HIS NA 15 19.50 -33.08 -52.62
C HIS NA 15 19.37 -33.22 -54.12
N THR NA 16 20.37 -33.81 -54.75
CA THR NA 16 20.40 -34.04 -56.19
C THR NA 16 20.73 -35.50 -56.45
N LEU NA 17 20.76 -35.88 -57.73
CA LEU NA 17 21.13 -37.24 -58.09
C LEU NA 17 22.58 -37.52 -57.75
N CYS NA 18 22.83 -38.72 -57.25
CA CYS NA 18 24.15 -39.13 -56.79
C CYS NA 18 24.79 -40.02 -57.84
N ARG NA 19 26.01 -39.66 -58.27
CA ARG NA 19 26.64 -40.36 -59.39
C ARG NA 19 26.94 -41.81 -59.03
N ARG NA 20 27.20 -42.09 -57.77
CA ARG NA 20 27.14 -43.44 -57.24
C ARG NA 20 25.78 -43.62 -56.58
N CYS NA 21 25.26 -44.86 -56.64
CA CYS NA 21 24.01 -45.30 -56.01
C CYS NA 21 22.76 -44.68 -56.63
N GLY NA 22 22.92 -43.74 -57.55
CA GLY NA 22 21.86 -43.25 -58.41
C GLY NA 22 20.63 -42.71 -57.73
N SER NA 23 20.73 -42.32 -56.47
CA SER NA 23 19.56 -41.86 -55.73
C SER NA 23 19.62 -40.34 -55.56
N LYS NA 24 18.45 -39.75 -55.36
CA LYS NA 24 18.35 -38.31 -55.14
C LYS NA 24 18.57 -38.01 -53.65
N ALA NA 25 19.74 -38.40 -53.17
CA ALA NA 25 20.13 -38.15 -51.79
C ALA NA 25 21.46 -37.43 -51.71
N TYR NA 26 21.99 -36.94 -52.83
CA TYR NA 26 23.27 -36.25 -52.81
C TYR NA 26 23.06 -34.84 -52.31
N HIS NA 27 23.32 -34.62 -51.03
CA HIS NA 27 23.24 -33.29 -50.45
C HIS NA 27 24.24 -32.37 -51.13
N LEU NA 28 23.72 -31.33 -51.79
CA LEU NA 28 24.59 -30.45 -52.57
C LEU NA 28 25.51 -29.65 -51.68
N GLN NA 29 24.96 -29.07 -50.63
CA GLN NA 29 25.70 -28.09 -49.84
C GLN NA 29 26.81 -28.75 -49.04
N LYS NA 30 26.56 -29.94 -48.49
CA LYS NA 30 27.60 -30.72 -47.82
C LYS NA 30 28.43 -31.57 -48.77
N SER NA 31 28.01 -31.71 -50.02
CA SER NA 31 28.69 -32.56 -51.00
C SER NA 31 28.81 -34.00 -50.52
N THR NA 32 27.73 -34.54 -49.95
CA THR NA 32 27.75 -35.89 -49.40
C THR NA 32 26.39 -36.52 -49.60
N CYS NA 33 26.37 -37.81 -49.91
CA CYS NA 33 25.11 -38.52 -50.14
C CYS NA 33 24.59 -39.13 -48.85
N GLY NA 34 23.30 -38.95 -48.61
CA GLY NA 34 22.66 -39.49 -47.44
C GLY NA 34 22.32 -40.96 -47.49
N LYS NA 35 22.47 -41.60 -48.64
CA LYS NA 35 22.17 -43.02 -48.79
C LYS NA 35 23.42 -43.89 -48.94
N CYS NA 36 24.43 -43.40 -49.65
CA CYS NA 36 25.65 -44.16 -49.87
C CYS NA 36 26.90 -43.50 -49.30
N GLY NA 37 26.88 -42.19 -49.08
CA GLY NA 37 28.06 -41.48 -48.66
C GLY NA 37 29.11 -41.50 -49.75
N TYR NA 38 28.79 -40.90 -50.89
CA TYR NA 38 29.63 -41.07 -52.09
C TYR NA 38 31.07 -40.62 -51.91
N PRO NA 39 31.38 -39.44 -51.36
CA PRO NA 39 32.80 -39.08 -51.22
C PRO NA 39 33.57 -40.04 -50.34
N ALA NA 40 32.91 -40.73 -49.42
CA ALA NA 40 33.57 -41.78 -48.66
C ALA NA 40 33.79 -43.00 -49.55
N LYS NA 41 34.93 -43.67 -49.32
CA LYS NA 41 35.25 -44.85 -50.11
C LYS NA 41 34.30 -46.00 -49.81
N ARG NA 42 33.91 -46.18 -48.55
CA ARG NA 42 33.12 -47.30 -48.12
C ARG NA 42 31.63 -46.99 -48.28
N LYS NA 43 30.90 -47.93 -48.85
CA LYS NA 43 29.46 -47.77 -49.00
C LYS NA 43 28.80 -47.68 -47.63
N ARG NA 44 27.97 -46.66 -47.45
CA ARG NA 44 27.28 -46.49 -46.19
C ARG NA 44 26.24 -47.60 -46.03
N LYS NA 45 26.26 -48.25 -44.86
CA LYS NA 45 25.40 -49.40 -44.63
C LYS NA 45 25.33 -49.64 -43.13
N TYR NA 46 24.13 -49.89 -42.63
CA TYR NA 46 23.92 -50.05 -41.20
C TYR NA 46 23.08 -51.29 -40.92
N ASN NA 47 23.34 -51.89 -39.77
CA ASN NA 47 22.59 -53.07 -39.37
C ASN NA 47 21.23 -52.75 -38.79
N TRP NA 48 20.98 -51.49 -38.43
CA TRP NA 48 19.67 -51.20 -37.85
C TRP NA 48 18.55 -51.22 -38.88
N SER NA 49 18.87 -51.25 -40.17
CA SER NA 49 17.84 -51.31 -41.21
C SER NA 49 18.15 -52.49 -42.13
N ALA NA 50 17.66 -53.66 -41.75
CA ALA NA 50 17.78 -54.83 -42.63
C ALA NA 50 16.97 -54.65 -43.89
N LYS NA 51 15.85 -53.93 -43.81
CA LYS NA 51 15.06 -53.64 -45.00
C LYS NA 51 15.85 -52.81 -46.00
N ALA NA 52 16.53 -51.77 -45.51
CA ALA NA 52 17.36 -50.95 -46.39
C ALA NA 52 18.56 -51.73 -46.90
N LYS NA 53 19.09 -52.66 -46.10
CA LYS NA 53 20.18 -53.51 -46.57
C LYS NA 53 19.71 -54.41 -47.71
N ARG NA 54 18.53 -55.00 -47.58
CA ARG NA 54 18.03 -55.90 -48.61
C ARG NA 54 17.52 -55.16 -49.83
N ARG NA 55 17.20 -53.88 -49.72
CA ARG NA 55 16.84 -53.11 -50.90
C ARG NA 55 18.00 -52.95 -51.86
N ASN NA 56 19.24 -52.99 -51.35
CA ASN NA 56 20.40 -52.66 -52.17
C ASN NA 56 21.55 -53.63 -51.99
N THR NA 57 21.31 -54.82 -51.47
CA THR NA 57 22.38 -55.79 -51.31
C THR NA 57 22.75 -56.42 -52.65
N THR NA 58 23.73 -57.31 -52.63
CA THR NA 58 24.12 -58.03 -53.83
C THR NA 58 22.98 -58.90 -54.32
N GLY NA 59 22.72 -58.87 -55.62
CA GLY NA 59 21.64 -59.60 -56.22
C GLY NA 59 20.41 -58.77 -56.52
N THR NA 60 20.31 -57.57 -55.95
CA THR NA 60 19.22 -56.67 -56.33
C THR NA 60 19.42 -56.07 -57.71
N GLY NA 61 20.61 -56.19 -58.29
CA GLY NA 61 20.91 -55.57 -59.55
C GLY NA 61 21.07 -56.56 -60.68
N ARG NA 62 22.20 -56.47 -61.39
CA ARG NA 62 22.41 -57.25 -62.59
C ARG NA 62 23.40 -58.38 -62.45
N MET NA 63 24.43 -58.22 -61.61
CA MET NA 63 25.42 -59.26 -61.34
C MET NA 63 26.07 -59.74 -62.64
N ARG NA 64 26.43 -58.78 -63.50
CA ARG NA 64 26.93 -59.09 -64.83
C ARG NA 64 28.19 -59.96 -64.78
N HIS NA 65 29.00 -59.78 -63.75
CA HIS NA 65 30.20 -60.60 -63.56
C HIS NA 65 29.96 -61.80 -62.66
N LEU NA 66 29.11 -61.65 -61.64
CA LEU NA 66 28.92 -62.73 -60.68
C LEU NA 66 28.12 -63.89 -61.25
N LYS NA 67 27.13 -63.63 -62.11
CA LYS NA 67 26.43 -64.76 -62.73
C LYS NA 67 27.35 -65.57 -63.63
N ILE NA 68 28.25 -64.88 -64.35
CA ILE NA 68 29.23 -65.57 -65.17
C ILE NA 68 30.19 -66.37 -64.29
N VAL NA 69 30.61 -65.80 -63.16
CA VAL NA 69 31.48 -66.52 -62.25
C VAL NA 69 30.79 -67.77 -61.73
N TYR NA 70 29.51 -67.65 -61.38
CA TYR NA 70 28.77 -68.82 -60.91
C TYR NA 70 28.67 -69.89 -61.98
N ARG NA 71 28.46 -69.48 -63.23
CA ARG NA 71 28.40 -70.47 -64.31
C ARG NA 71 29.75 -71.14 -64.53
N ARG NA 72 30.84 -70.38 -64.44
CA ARG NA 72 32.16 -70.94 -64.67
C ARG NA 72 32.61 -71.83 -63.53
N PHE NA 73 32.09 -71.58 -62.32
CA PHE NA 73 32.50 -72.37 -61.18
C PHE NA 73 32.12 -73.84 -61.34
N ARG NA 74 30.98 -74.12 -61.97
CA ARG NA 74 30.53 -75.50 -62.15
C ARG NA 74 31.47 -76.31 -63.00
N HIS NA 75 32.37 -75.67 -63.75
CA HIS NA 75 33.39 -76.38 -64.50
C HIS NA 75 34.78 -76.07 -63.97
N GLY NA 76 34.91 -75.16 -63.01
CA GLY NA 76 36.18 -74.94 -62.36
C GLY NA 76 37.08 -73.91 -63.00
N PHE NA 77 36.50 -72.89 -63.64
CA PHE NA 77 37.25 -71.74 -64.16
C PHE NA 77 38.32 -72.18 -65.16
N ARG NA 78 37.88 -72.80 -66.24
CA ARG NA 78 38.79 -73.21 -67.29
C ARG NA 78 38.99 -72.09 -68.30
N GLU NA 79 40.22 -71.98 -68.82
CA GLU NA 79 40.54 -71.03 -69.87
C GLU NA 79 41.31 -71.73 -70.98
N GLY NA 80 41.47 -71.00 -72.09
CA GLY NA 80 42.34 -71.39 -73.17
C GLY NA 80 41.94 -72.64 -73.92
N THR NA 81 40.69 -73.10 -73.78
CA THR NA 81 40.27 -74.35 -74.39
C THR NA 81 38.88 -74.18 -74.98
N THR NA 82 38.58 -75.01 -75.96
CA THR NA 82 37.31 -75.04 -76.65
C THR NA 82 36.85 -76.49 -76.76
N PRO NA 83 35.54 -76.73 -76.93
CA PRO NA 83 35.07 -78.10 -77.14
C PRO NA 83 35.67 -78.69 -78.41
N LYS NA 84 35.56 -80.01 -78.53
CA LYS NA 84 36.14 -80.69 -79.68
C LYS NA 84 35.42 -80.26 -80.94
N PRO NA 85 36.11 -79.68 -81.91
CA PRO NA 85 35.44 -79.22 -83.13
C PRO NA 85 34.90 -80.40 -83.93
N LYS NA 86 33.79 -80.15 -84.62
CA LYS NA 86 33.18 -81.20 -85.42
C LYS NA 86 33.91 -81.35 -86.75
N PRO OA 1 31.93 -0.48 -92.64
CA PRO OA 1 32.16 -0.10 -94.04
C PRO OA 1 33.08 1.10 -94.17
N ARG OA 2 33.64 1.29 -95.34
CA ARG OA 2 34.55 2.40 -95.60
C ARG OA 2 34.08 3.19 -96.81
N LYS OA 3 34.35 4.49 -96.79
CA LYS OA 3 33.94 5.41 -97.84
C LYS OA 3 35.17 5.88 -98.59
N ILE OA 4 35.21 5.60 -99.88
CA ILE OA 4 36.31 5.99 -100.76
C ILE OA 4 36.05 7.40 -101.25
N GLU OA 5 37.11 8.20 -101.34
CA GLU OA 5 37.00 9.60 -101.71
C GLU OA 5 37.71 9.93 -103.02
N GLU OA 6 38.36 8.96 -103.65
CA GLU OA 6 39.07 9.20 -104.90
C GLU OA 6 38.76 8.09 -105.89
N ILE OA 7 38.60 8.46 -107.15
CA ILE OA 7 38.22 7.50 -108.18
C ILE OA 7 39.35 6.51 -108.42
N LYS OA 8 40.59 6.98 -108.48
CA LYS OA 8 41.71 6.08 -108.70
C LYS OA 8 41.90 5.14 -107.51
N ASP OA 9 41.70 5.65 -106.30
CA ASP OA 9 41.78 4.80 -105.11
C ASP OA 9 40.70 3.72 -105.17
N PHE OA 10 39.49 4.11 -105.59
CA PHE OA 10 38.43 3.13 -105.77
C PHE OA 10 38.78 2.10 -106.83
N LEU OA 11 39.42 2.52 -107.92
CA LEU OA 11 39.81 1.57 -108.96
C LEU OA 11 40.84 0.58 -108.44
N LEU OA 12 41.81 1.05 -107.66
CA LEU OA 12 42.81 0.14 -107.10
C LEU OA 12 42.18 -0.83 -106.11
N THR OA 13 41.29 -0.34 -105.24
CA THR OA 13 40.62 -1.24 -104.30
C THR OA 13 39.69 -2.21 -105.03
N ALA OA 14 39.16 -1.82 -106.18
CA ALA OA 14 38.39 -2.74 -107.00
C ALA OA 14 39.27 -3.73 -107.74
N ARG OA 15 40.55 -3.40 -107.93
CA ARG OA 15 41.50 -4.31 -108.55
C ARG OA 15 42.30 -5.13 -107.53
N ARG OA 16 42.02 -4.96 -106.24
CA ARG OA 16 42.60 -5.86 -105.26
C ARG OA 16 42.11 -7.28 -105.46
N LYS OA 17 42.92 -8.24 -104.98
CA LYS OA 17 42.63 -9.66 -105.20
C LYS OA 17 41.35 -10.09 -104.50
N ASP OA 18 41.17 -9.67 -103.24
CA ASP OA 18 40.02 -10.11 -102.46
C ASP OA 18 38.71 -9.50 -102.94
N ALA OA 19 38.76 -8.53 -103.85
CA ALA OA 19 37.54 -7.98 -104.41
C ALA OA 19 36.76 -9.08 -105.15
N LYS OA 20 35.47 -9.18 -104.83
CA LYS OA 20 34.63 -10.24 -105.37
C LYS OA 20 33.60 -9.72 -106.36
N SER OA 21 32.91 -8.65 -106.04
CA SER OA 21 31.89 -8.10 -106.91
C SER OA 21 31.72 -6.62 -106.62
N VAL OA 22 31.05 -5.92 -107.53
CA VAL OA 22 30.75 -4.51 -107.38
C VAL OA 22 29.30 -4.28 -107.77
N LYS OA 23 28.58 -3.54 -106.93
CA LYS OA 23 27.22 -3.13 -107.20
C LYS OA 23 27.19 -1.64 -107.50
N ILE OA 24 26.36 -1.26 -108.45
CA ILE OA 24 26.18 0.14 -108.82
C ILE OA 24 24.74 0.51 -108.51
N LYS OA 25 24.58 1.48 -107.62
CA LYS OA 25 23.26 1.94 -107.19
C LYS OA 25 23.08 3.38 -107.63
N LYS OA 26 22.09 3.62 -108.47
CA LYS OA 26 21.84 4.95 -109.03
C LYS OA 26 20.75 5.61 -108.20
N ASN OA 27 21.15 6.53 -107.34
CA ASN OA 27 20.21 7.32 -106.58
C ASN OA 27 19.70 8.49 -107.43
N LYS OA 28 18.74 9.22 -106.88
CA LYS OA 28 18.29 10.44 -107.53
C LYS OA 28 19.40 11.49 -107.54
N ASP OA 29 20.15 11.59 -106.45
CA ASP OA 29 21.11 12.66 -106.26
C ASP OA 29 22.53 12.32 -106.69
N ASN OA 30 22.86 11.03 -106.83
CA ASN OA 30 24.21 10.63 -107.18
C ASN OA 30 24.19 9.19 -107.69
N VAL OA 31 25.37 8.66 -107.98
CA VAL OA 31 25.55 7.26 -108.31
C VAL OA 31 26.63 6.70 -107.40
N LYS OA 32 26.38 5.53 -106.83
CA LYS OA 32 27.29 4.90 -105.89
C LYS OA 32 27.83 3.61 -106.47
N PHE OA 33 29.12 3.38 -106.24
CA PHE OA 33 29.78 2.13 -106.56
C PHE OA 33 30.24 1.49 -105.27
N LYS OA 34 29.83 0.25 -105.04
CA LYS OA 34 30.15 -0.46 -103.80
C LYS OA 34 30.88 -1.74 -104.16
N VAL OA 35 32.14 -1.84 -103.73
CA VAL OA 35 32.96 -3.01 -103.97
C VAL OA 35 32.95 -3.86 -102.73
N ARG OA 36 32.53 -5.12 -102.87
CA ARG OA 36 32.45 -6.04 -101.75
C ARG OA 36 33.81 -6.72 -101.60
N CYS OA 37 34.62 -6.21 -100.68
CA CYS OA 37 35.92 -6.78 -100.40
C CYS OA 37 35.79 -7.87 -99.34
N SER OA 38 36.92 -8.33 -98.81
CA SER OA 38 36.87 -9.42 -97.85
C SER OA 38 36.34 -8.95 -96.50
N ARG OA 39 36.78 -7.79 -96.04
CA ARG OA 39 36.39 -7.30 -94.72
C ARG OA 39 35.51 -6.07 -94.76
N TYR OA 40 35.55 -5.28 -95.83
CA TYR OA 40 34.79 -4.04 -95.89
C TYR OA 40 34.07 -3.93 -97.22
N LEU OA 41 33.01 -3.13 -97.22
CA LEU OA 41 32.26 -2.77 -98.40
C LEU OA 41 32.65 -1.34 -98.74
N TYR OA 42 33.53 -1.19 -99.72
CA TYR OA 42 34.06 0.13 -100.04
C TYR OA 42 33.09 0.87 -100.94
N THR OA 43 32.63 2.03 -100.49
CA THR OA 43 31.61 2.79 -101.20
C THR OA 43 32.19 4.09 -101.71
N LEU OA 44 32.18 4.28 -103.02
CA LEU OA 44 32.50 5.55 -103.65
C LEU OA 44 31.23 6.18 -104.16
N VAL OA 45 31.05 7.47 -103.92
CA VAL OA 45 29.84 8.18 -104.33
C VAL OA 45 30.23 9.34 -105.24
N ILE OA 46 29.56 9.45 -106.39
CA ILE OA 46 29.84 10.51 -107.36
C ILE OA 46 28.53 11.19 -107.70
N THR OA 47 28.49 12.51 -107.55
CA THR OA 47 27.26 13.25 -107.81
C THR OA 47 26.99 13.39 -109.31
N ASP OA 48 28.02 13.70 -110.10
CA ASP OA 48 27.82 13.94 -111.52
C ASP OA 48 27.83 12.62 -112.28
N LYS OA 49 26.83 12.43 -113.13
CA LYS OA 49 26.50 11.11 -113.64
C LYS OA 49 27.46 10.63 -114.72
N GLU OA 50 27.99 11.54 -115.52
CA GLU OA 50 28.79 11.09 -116.67
C GLU OA 50 30.14 10.55 -116.23
N LYS OA 51 30.72 11.09 -115.16
CA LYS OA 51 31.93 10.49 -114.62
C LYS OA 51 31.66 9.07 -114.12
N ALA OA 52 30.48 8.84 -113.56
CA ALA OA 52 30.12 7.49 -113.14
C ALA OA 52 29.93 6.56 -114.32
N GLU OA 53 29.36 7.05 -115.41
CA GLU OA 53 29.27 6.25 -116.63
C GLU OA 53 30.65 5.87 -117.14
N LYS OA 54 31.55 6.85 -117.22
CA LYS OA 54 32.92 6.58 -117.65
C LYS OA 54 33.63 5.63 -116.69
N LEU OA 55 33.32 5.71 -115.40
CA LEU OA 55 33.91 4.80 -114.43
C LEU OA 55 33.38 3.38 -114.61
N LYS OA 56 32.10 3.24 -114.96
CA LYS OA 56 31.58 1.92 -115.31
C LYS OA 56 32.32 1.36 -116.51
N GLN OA 57 32.62 2.21 -117.49
CA GLN OA 57 33.44 1.75 -118.62
C GLN OA 57 34.87 1.42 -118.19
N SER OA 58 35.39 2.12 -117.20
CA SER OA 58 36.75 1.93 -116.72
C SER OA 58 36.86 0.84 -115.66
N LEU OA 59 35.74 0.20 -115.31
CA LEU OA 59 35.79 -0.88 -114.33
C LEU OA 59 36.62 -2.04 -114.86
N PRO OA 60 37.34 -2.73 -113.97
CA PRO OA 60 38.22 -3.82 -114.42
C PRO OA 60 37.43 -4.97 -114.99
N PRO OA 61 37.80 -5.46 -116.18
CA PRO OA 61 37.19 -6.67 -116.70
C PRO OA 61 37.50 -7.87 -115.84
N GLY OA 62 36.55 -8.79 -115.77
CA GLY OA 62 36.69 -9.99 -114.96
C GLY OA 62 36.11 -9.91 -113.58
N LEU OA 63 35.47 -8.80 -113.21
CA LEU OA 63 34.84 -8.64 -111.92
C LEU OA 63 33.33 -8.54 -112.10
N ALA OA 64 32.59 -9.22 -111.22
CA ALA OA 64 31.14 -9.23 -111.32
C ALA OA 64 30.57 -7.84 -111.07
N VAL OA 65 29.64 -7.43 -111.92
CA VAL OA 65 28.99 -6.12 -111.83
C VAL OA 65 27.49 -6.34 -111.73
N LYS OA 66 26.85 -5.59 -110.84
CA LYS OA 66 25.39 -5.66 -110.69
C LYS OA 66 24.82 -4.27 -110.57
N GLU OA 67 24.01 -3.86 -111.53
CA GLU OA 67 23.25 -2.63 -111.41
C GLU OA 67 21.99 -2.91 -110.61
N LEU OA 68 21.80 -2.20 -109.50
CA LEU OA 68 20.76 -2.55 -108.53
C LEU OA 68 19.41 -1.94 -108.86
N LYS OA 69 19.17 -1.52 -110.09
CA LYS OA 69 17.88 -0.94 -110.45
C LYS OA 69 17.16 -1.75 -111.53
N SER PA 1 13.88 -25.55 -65.20
CA SER PA 1 13.80 -24.44 -66.13
C SER PA 1 14.42 -24.77 -67.46
N SER PA 2 14.67 -23.73 -68.25
CA SER PA 2 15.39 -23.91 -69.50
C SER PA 2 16.83 -24.27 -69.23
N HIS PA 3 17.49 -23.52 -68.35
CA HIS PA 3 18.87 -23.80 -67.97
C HIS PA 3 18.93 -25.13 -67.23
N LYS PA 4 19.46 -26.15 -67.89
CA LYS PA 4 19.53 -27.47 -67.30
C LYS PA 4 20.85 -28.12 -67.68
N THR PA 5 21.27 -29.10 -66.87
CA THR PA 5 22.49 -29.81 -67.16
C THR PA 5 22.22 -30.96 -68.14
N PHE PA 6 23.30 -31.46 -68.73
CA PHE PA 6 23.18 -32.55 -69.69
C PHE PA 6 22.64 -33.81 -69.03
N ARG PA 7 23.08 -34.08 -67.79
CA ARG PA 7 22.60 -35.27 -67.08
C ARG PA 7 21.10 -35.17 -66.80
N ILE PA 8 20.64 -34.01 -66.35
CA ILE PA 8 19.21 -33.81 -66.09
C ILE PA 8 18.43 -33.97 -67.39
N LYS PA 9 18.93 -33.40 -68.47
CA LYS PA 9 18.24 -33.51 -69.74
C LYS PA 9 18.17 -34.95 -70.22
N ARG PA 10 19.25 -35.71 -70.03
CA ARG PA 10 19.24 -37.12 -70.41
C ARG PA 10 18.23 -37.91 -69.59
N PHE PA 11 18.15 -37.62 -68.29
CA PHE PA 11 17.18 -38.30 -67.44
C PHE PA 11 15.75 -37.98 -67.89
N LEU PA 12 15.47 -36.71 -68.17
CA LEU PA 12 14.14 -36.35 -68.64
C LEU PA 12 13.85 -36.98 -70.01
N ALA PA 13 14.88 -37.13 -70.85
CA ALA PA 13 14.70 -37.80 -72.12
C ALA PA 13 14.27 -39.24 -71.92
N LYS PA 14 14.92 -39.95 -71.00
CA LYS PA 14 14.51 -41.32 -70.74
C LYS PA 14 13.09 -41.38 -70.21
N LYS PA 15 12.73 -40.47 -69.31
CA LYS PA 15 11.37 -40.49 -68.77
C LYS PA 15 10.32 -40.22 -69.83
N GLN PA 16 10.62 -39.29 -70.75
CA GLN PA 16 9.72 -39.01 -71.86
C GLN PA 16 9.54 -40.24 -72.75
N LYS PA 17 10.64 -40.94 -73.04
CA LYS PA 17 10.51 -42.16 -73.82
C LYS PA 17 9.77 -43.26 -73.07
N GLN PA 18 9.88 -43.28 -71.74
CA GLN PA 18 9.21 -44.28 -70.93
C GLN PA 18 7.71 -44.08 -70.87
N ASN PA 19 7.24 -42.84 -70.83
CA ASN PA 19 5.82 -42.55 -70.66
C ASN PA 19 5.10 -42.63 -72.01
N ARG PA 20 4.57 -43.80 -72.34
CA ARG PA 20 3.76 -43.99 -73.54
C ARG PA 20 2.95 -45.27 -73.37
N PRO PA 21 1.85 -45.43 -74.10
CA PRO PA 21 1.02 -46.63 -73.93
C PRO PA 21 1.71 -47.87 -74.49
N ILE PA 22 1.21 -49.02 -74.06
CA ILE PA 22 1.71 -50.31 -74.54
C ILE PA 22 1.27 -50.49 -75.98
N PRO PA 23 2.02 -51.23 -76.79
CA PRO PA 23 1.59 -51.47 -78.17
C PRO PA 23 0.32 -52.31 -78.21
N GLN PA 24 -0.46 -52.13 -79.28
CA GLN PA 24 -1.72 -52.84 -79.42
C GLN PA 24 -1.51 -54.35 -79.53
N TRP PA 25 -0.47 -54.76 -80.26
CA TRP PA 25 -0.23 -56.17 -80.51
C TRP PA 25 0.27 -56.93 -79.29
N ILE PA 26 0.52 -56.23 -78.18
CA ILE PA 26 0.96 -56.91 -76.97
C ILE PA 26 -0.15 -57.78 -76.41
N ARG PA 27 -1.39 -57.32 -76.49
CA ARG PA 27 -2.50 -58.03 -75.88
C ARG PA 27 -2.73 -59.39 -76.55
N MET PA 28 -2.45 -59.48 -77.86
CA MET PA 28 -2.69 -60.70 -78.59
C MET PA 28 -1.69 -61.80 -78.29
N LYS PA 29 -0.64 -61.51 -77.53
CA LYS PA 29 0.37 -62.51 -77.23
C LYS PA 29 -0.18 -63.57 -76.29
N THR PA 30 0.43 -64.75 -76.33
CA THR PA 30 -0.02 -65.87 -75.53
C THR PA 30 0.33 -65.66 -74.06
N GLY PA 31 -0.68 -65.65 -73.20
CA GLY PA 31 -0.47 -65.41 -71.79
C GLY PA 31 0.05 -64.01 -71.50
N ASN PA 32 -0.58 -63.01 -72.11
CA ASN PA 32 -0.08 -61.65 -72.00
C ASN PA 32 -0.23 -61.11 -70.57
N LYS PA 33 -1.42 -61.22 -70.00
CA LYS PA 33 -1.72 -60.80 -68.63
C LYS PA 33 -1.43 -59.33 -68.37
N ILE PA 34 -1.42 -58.49 -69.41
CA ILE PA 34 -1.16 -57.06 -69.27
C ILE PA 34 -2.34 -56.31 -69.86
N ARG PA 35 -2.98 -55.46 -69.06
CA ARG PA 35 -4.16 -54.74 -69.50
C ARG PA 35 -3.82 -53.39 -70.12
N TYR PA 36 -2.88 -52.67 -69.53
CA TYR PA 36 -2.48 -51.35 -70.01
C TYR PA 36 -1.08 -51.08 -69.50
N ASN PA 37 -0.66 -49.81 -69.56
CA ASN PA 37 0.59 -49.39 -68.95
C ASN PA 37 0.29 -48.86 -67.55
N SER PA 38 0.82 -49.52 -66.53
CA SER PA 38 0.63 -49.11 -65.16
C SER PA 38 1.62 -48.04 -64.72
N LYS PA 39 2.64 -47.77 -65.52
CA LYS PA 39 3.68 -46.80 -65.18
C LYS PA 39 3.50 -45.46 -65.88
N ARG PA 40 2.32 -45.23 -66.45
CA ARG PA 40 2.04 -43.94 -67.06
C ARG PA 40 2.06 -42.84 -66.00
N ARG PA 41 2.54 -41.66 -66.40
CA ARG PA 41 2.66 -40.55 -65.49
C ARG PA 41 2.14 -39.29 -66.16
N HIS PA 42 1.25 -38.58 -65.47
CA HIS PA 42 0.81 -37.27 -65.90
C HIS PA 42 1.67 -36.23 -65.19
N TRP PA 43 2.21 -35.28 -65.96
CA TRP PA 43 3.11 -34.28 -65.39
C TRP PA 43 2.42 -33.47 -64.28
N ARG PA 44 1.13 -33.22 -64.41
CA ARG PA 44 0.42 -32.47 -63.39
C ARG PA 44 -0.12 -33.32 -62.27
N ARG PA 45 -0.16 -34.64 -62.42
CA ARG PA 45 -0.66 -35.50 -61.36
C ARG PA 45 0.45 -35.97 -60.44
N THR PA 46 1.45 -36.66 -60.98
CA THR PA 46 2.57 -37.16 -60.21
C THR PA 46 3.84 -36.49 -60.70
N LYS PA 47 4.62 -35.97 -59.76
CA LYS PA 47 5.87 -35.29 -60.10
C LYS PA 47 7.02 -36.30 -60.12
N LEU PA 48 8.03 -35.98 -60.93
CA LEU PA 48 9.18 -36.86 -61.06
C LEU PA 48 10.01 -36.83 -59.79
N GLY PA 49 10.96 -37.78 -59.71
CA GLY PA 49 11.83 -37.83 -58.56
C GLY PA 49 12.73 -36.61 -58.45
N LEU PA 50 13.36 -36.23 -59.55
CA LEU PA 50 14.34 -35.15 -59.53
C LEU PA 50 13.64 -33.80 -59.39
N ILE QA 1 -75.73 14.26 14.83
CA ILE QA 1 -76.78 14.78 15.69
C ILE QA 1 -77.87 13.74 15.87
N ILE QA 2 -77.46 12.52 16.23
CA ILE QA 2 -78.38 11.40 16.37
C ILE QA 2 -78.93 11.36 17.79
N GLU QA 3 -80.25 11.21 17.91
CA GLU QA 3 -80.87 11.04 19.21
C GLU QA 3 -80.46 9.69 19.80
N PRO QA 4 -80.47 9.56 21.13
CA PRO QA 4 -80.05 8.29 21.74
C PRO QA 4 -80.88 7.09 21.35
N SER QA 5 -82.18 7.29 21.06
CA SER QA 5 -83.04 6.16 20.71
C SER QA 5 -82.58 5.49 19.42
N LEU QA 6 -82.23 6.28 18.41
CA LEU QA 6 -81.69 5.73 17.19
C LEU QA 6 -80.20 5.40 17.31
N ARG QA 7 -79.50 6.08 18.21
CA ARG QA 7 -78.10 5.78 18.45
C ARG QA 7 -77.92 4.35 18.97
N GLN QA 8 -78.77 3.95 19.92
CA GLN QA 8 -78.71 2.59 20.43
C GLN QA 8 -79.04 1.58 19.33
N LEU QA 9 -80.03 1.90 18.50
CA LEU QA 9 -80.42 0.99 17.44
C LEU QA 9 -79.29 0.78 16.44
N ALA QA 10 -78.63 1.87 16.04
CA ALA QA 10 -77.50 1.76 15.13
C ALA QA 10 -76.34 1.01 15.76
N GLN QA 11 -76.08 1.28 17.04
CA GLN QA 11 -75.04 0.56 17.76
C GLN QA 11 -75.33 -0.92 17.87
N LYS QA 12 -76.61 -1.31 17.85
CA LYS QA 12 -76.93 -2.73 17.92
C LYS QA 12 -76.37 -3.48 16.72
N TYR QA 13 -76.51 -2.91 15.53
CA TYR QA 13 -76.03 -3.55 14.32
C TYR QA 13 -74.60 -3.17 13.96
N ASN QA 14 -74.02 -2.21 14.65
CA ASN QA 14 -72.64 -1.90 14.29
C ASN QA 14 -71.64 -2.11 15.41
N CYS QA 15 -71.91 -1.60 16.61
CA CYS QA 15 -70.94 -1.55 17.69
C CYS QA 15 -71.01 -2.74 18.63
N ASP QA 16 -72.17 -3.02 19.20
CA ASP QA 16 -72.31 -4.03 20.26
C ASP QA 16 -72.20 -5.41 19.65
N LYS QA 17 -70.98 -5.95 19.65
CA LYS QA 17 -70.69 -7.24 19.04
C LYS QA 17 -69.41 -7.80 19.64
N MET QA 18 -69.18 -9.09 19.39
CA MET QA 18 -67.95 -9.76 19.75
C MET QA 18 -67.15 -10.06 18.49
N ILE QA 19 -65.83 -10.09 18.62
CA ILE QA 19 -64.93 -10.31 17.49
C ILE QA 19 -63.98 -11.44 17.85
N CYS QA 20 -63.80 -12.37 16.92
CA CYS QA 20 -62.79 -13.41 17.08
C CYS QA 20 -61.40 -12.80 17.04
N ARG QA 21 -60.51 -13.31 17.90
CA ARG QA 21 -59.12 -12.83 17.86
C ARG QA 21 -58.33 -13.49 16.74
N LYS QA 22 -58.63 -14.74 16.42
CA LYS QA 22 -57.82 -15.47 15.44
C LYS QA 22 -58.13 -15.04 14.01
N CYS QA 23 -59.40 -14.80 13.69
CA CYS QA 23 -59.79 -14.52 12.31
C CYS QA 23 -60.64 -13.27 12.17
N TYR QA 24 -60.76 -12.46 13.22
CA TYR QA 24 -61.42 -11.15 13.21
C TYR QA 24 -62.89 -11.22 12.84
N ALA QA 25 -63.48 -12.40 12.79
CA ALA QA 25 -64.86 -12.51 12.36
C ALA QA 25 -65.79 -11.78 13.31
N ARG QA 26 -66.78 -11.10 12.75
CA ARG QA 26 -67.77 -10.37 13.53
C ARG QA 26 -68.84 -11.35 14.00
N LEU QA 27 -69.15 -11.29 15.29
CA LEU QA 27 -70.02 -12.26 15.94
C LEU QA 27 -71.04 -11.53 16.79
N HIS QA 28 -72.14 -12.24 17.09
CA HIS QA 28 -73.19 -11.65 17.91
C HIS QA 28 -72.68 -11.38 19.32
N PRO QA 29 -73.25 -10.39 20.01
CA PRO QA 29 -72.68 -9.98 21.31
C PRO QA 29 -72.71 -11.06 22.37
N ARG QA 30 -73.43 -12.15 22.16
CA ARG QA 30 -73.50 -13.25 23.12
C ARG QA 30 -72.64 -14.44 22.70
N ALA QA 31 -71.69 -14.22 21.80
CA ALA QA 31 -70.92 -15.31 21.22
C ALA QA 31 -69.99 -15.94 22.25
N VAL QA 32 -69.74 -17.24 22.08
CA VAL QA 32 -68.79 -17.99 22.88
C VAL QA 32 -67.69 -18.60 22.03
N ASN QA 33 -68.04 -19.17 20.89
CA ASN QA 33 -67.09 -19.73 19.94
C ASN QA 33 -67.29 -19.07 18.59
N CYS QA 34 -66.19 -18.91 17.85
CA CYS QA 34 -66.29 -18.37 16.50
C CYS QA 34 -67.08 -19.34 15.63
N ARG QA 35 -67.79 -18.78 14.66
CA ARG QA 35 -68.69 -19.57 13.82
C ARG QA 35 -68.06 -19.95 12.49
N LYS QA 36 -66.75 -19.77 12.35
CA LYS QA 36 -66.08 -19.97 11.07
C LYS QA 36 -65.07 -21.10 11.15
N LYS QA 37 -65.12 -21.97 10.14
CA LYS QA 37 -64.25 -23.14 10.10
C LYS QA 37 -62.77 -22.75 10.04
N LYS QA 38 -62.45 -21.63 9.38
CA LYS QA 38 -61.06 -21.34 9.06
C LYS QA 38 -60.21 -21.04 10.29
N CYS QA 39 -60.82 -20.70 11.42
CA CYS QA 39 -60.09 -20.55 12.67
C CYS QA 39 -60.33 -21.72 13.62
N GLY QA 40 -61.16 -22.68 13.23
CA GLY QA 40 -61.41 -23.83 14.08
C GLY QA 40 -62.37 -23.57 15.22
N HIS QA 41 -63.26 -22.58 15.07
CA HIS QA 41 -64.27 -22.25 16.08
C HIS QA 41 -63.63 -21.96 17.44
N THR QA 42 -62.53 -21.21 17.42
CA THR QA 42 -61.83 -20.90 18.66
C THR QA 42 -62.68 -20.00 19.54
N ASN QA 43 -62.50 -20.14 20.85
CA ASN QA 43 -63.20 -19.35 21.83
C ASN QA 43 -62.40 -18.14 22.30
N ASN QA 44 -61.29 -17.84 21.63
CA ASN QA 44 -60.54 -16.61 21.87
C ASN QA 44 -61.33 -15.46 21.24
N LEU QA 45 -62.22 -14.87 22.01
CA LEU QA 45 -63.05 -13.77 21.54
C LEU QA 45 -62.76 -12.53 22.38
N ARG QA 46 -63.27 -11.39 21.90
CA ARG QA 46 -63.11 -10.14 22.64
C ARG QA 46 -64.18 -9.18 22.17
N PRO QA 47 -64.62 -8.26 23.02
CA PRO QA 47 -65.66 -7.31 22.59
C PRO QA 47 -65.13 -6.35 21.54
N LYS QA 48 -66.05 -5.83 20.73
CA LYS QA 48 -65.68 -4.80 19.77
C LYS QA 48 -65.28 -3.53 20.51
N LYS QA 49 -64.18 -2.93 20.08
CA LYS QA 49 -63.67 -1.75 20.78
C LYS QA 49 -64.56 -0.54 20.51
N LYS QA 50 -64.69 0.32 21.53
CA LYS QA 50 -65.56 1.47 21.45
C LYS QA 50 -64.80 2.71 20.99
N VAL QA 51 -65.53 3.65 20.38
CA VAL QA 51 -64.93 4.90 19.92
C VAL QA 51 -64.73 5.92 21.04
N LYS QA 52 -65.05 5.57 22.28
CA LYS QA 52 -64.95 6.49 23.38
C LYS QA 52 -63.73 6.19 24.25
N MET RA 1 18.89 33.53 17.30
CA MET RA 1 19.34 32.62 16.26
C MET RA 1 20.34 33.29 15.34
N ARG RA 2 21.37 32.55 14.94
CA ARG RA 2 22.40 33.09 14.07
C ARG RA 2 21.84 33.40 12.69
N ALA RA 3 22.29 34.51 12.12
CA ALA RA 3 21.75 34.95 10.84
C ALA RA 3 22.08 33.99 9.71
N LYS RA 4 23.28 33.40 9.73
CA LYS RA 4 23.66 32.47 8.69
C LYS RA 4 22.80 31.21 8.72
N TRP RA 5 22.54 30.67 9.90
CA TRP RA 5 21.69 29.49 10.00
C TRP RA 5 20.24 29.84 9.69
N ARG RA 6 19.82 31.06 10.03
CA ARG RA 6 18.49 31.51 9.62
C ARG RA 6 18.38 31.56 8.11
N LYS RA 7 19.43 32.04 7.44
CA LYS RA 7 19.47 32.04 5.99
C LYS RA 7 19.37 30.61 5.44
N LYS RA 8 20.10 29.68 6.05
CA LYS RA 8 20.03 28.29 5.60
C LYS RA 8 18.64 27.71 5.77
N ARG RA 9 17.97 28.01 6.89
CA ARG RA 9 16.62 27.52 7.10
C ARG RA 9 15.67 28.11 6.08
N MET RA 10 15.84 29.39 5.76
CA MET RA 10 15.03 30.01 4.71
C MET RA 10 15.25 29.33 3.36
N ARG RA 11 16.50 28.97 3.07
CA ARG RA 11 16.78 28.27 1.81
C ARG RA 11 16.12 26.90 1.78
N ARG RA 12 16.16 26.17 2.88
CA ARG RA 12 15.47 24.89 2.93
C ARG RA 12 13.97 25.05 2.71
N LEU RA 13 13.39 26.08 3.33
CA LEU RA 13 11.96 26.34 3.16
C LEU RA 13 11.63 26.69 1.71
N LYS RA 14 12.48 27.49 1.08
CA LYS RA 14 12.29 27.82 -0.33
C LYS RA 14 12.39 26.58 -1.21
N ARG RA 15 13.30 25.67 -0.87
CA ARG RA 15 13.40 24.40 -1.59
C ARG RA 15 12.09 23.63 -1.51
N LYS RA 16 11.53 23.51 -0.30
CA LYS RA 16 10.28 22.77 -0.16
C LYS RA 16 9.14 23.46 -0.90
N ARG RA 17 9.09 24.79 -0.86
CA ARG RA 17 8.06 25.51 -1.60
C ARG RA 17 8.18 25.28 -3.10
N ARG RA 18 9.41 25.32 -3.61
CA ARG RA 18 9.62 25.06 -5.03
C ARG RA 18 9.16 23.66 -5.41
N LYS RA 19 9.47 22.68 -4.56
CA LYS RA 19 9.02 21.32 -4.85
C LYS RA 19 7.50 21.20 -4.87
N MET RA 20 6.82 21.80 -3.88
CA MET RA 20 5.37 21.70 -3.86
C MET RA 20 4.73 22.43 -5.05
N ARG RA 21 5.24 23.61 -5.38
CA ARG RA 21 4.69 24.36 -6.51
C ARG RA 21 4.92 23.62 -7.83
N GLN RA 22 6.08 22.96 -7.95
CA GLN RA 22 6.32 22.09 -9.10
C GLN RA 22 5.35 20.93 -9.12
N ARG RA 23 5.07 20.36 -7.95
CA ARG RA 23 4.15 19.23 -7.84
C ARG RA 23 2.75 19.60 -8.30
N SER RA 24 2.31 20.82 -8.01
CA SER RA 24 0.99 21.27 -8.44
C SER RA 24 0.88 21.37 -9.96
N VAL SA 1 21.49 -45.12 36.22
CA VAL SA 1 21.69 -46.36 36.94
C VAL SA 1 23.06 -46.37 37.60
N ASN SA 2 23.43 -47.53 38.16
CA ASN SA 2 24.67 -47.67 38.90
C ASN SA 2 24.95 -49.15 39.15
N VAL SA 3 26.13 -49.62 38.81
CA VAL SA 3 26.50 -51.02 39.07
C VAL SA 3 27.89 -51.06 39.69
N PRO SA 4 28.14 -51.96 40.64
CA PRO SA 4 29.43 -51.99 41.31
C PRO SA 4 30.49 -52.66 40.45
N LYS SA 5 31.75 -52.34 40.76
CA LYS SA 5 32.89 -52.79 39.97
C LYS SA 5 33.22 -54.25 40.19
N THR SA 6 32.58 -54.93 41.14
CA THR SA 6 32.80 -56.35 41.33
C THR SA 6 31.48 -57.05 41.60
N ARG SA 7 31.39 -58.30 41.18
CA ARG SA 7 30.21 -59.09 41.50
C ARG SA 7 30.59 -60.56 41.58
N ARG SA 8 29.97 -61.27 42.50
CA ARG SA 8 30.22 -62.70 42.67
C ARG SA 8 29.19 -63.44 41.83
N THR SA 9 29.62 -63.92 40.66
CA THR SA 9 28.70 -64.53 39.71
C THR SA 9 29.32 -65.78 39.12
N PHE SA 10 28.48 -66.56 38.44
CA PHE SA 10 28.91 -67.83 37.88
C PHE SA 10 29.94 -67.60 36.79
N CYS SA 11 30.95 -68.46 36.79
CA CYS SA 11 31.97 -68.49 35.75
C CYS SA 11 31.83 -69.77 34.97
N LYS SA 12 31.72 -69.66 33.65
CA LYS SA 12 31.57 -70.84 32.81
C LYS SA 12 32.78 -71.76 32.92
N LYS SA 13 33.99 -71.17 32.92
CA LYS SA 13 35.19 -71.99 32.97
C LYS SA 13 35.39 -72.61 34.35
N CYS SA 14 35.21 -71.81 35.41
CA CYS SA 14 35.41 -72.33 36.75
C CYS SA 14 34.33 -73.31 37.17
N GLY SA 15 33.17 -73.27 36.54
CA GLY SA 15 32.10 -74.16 36.92
C GLY SA 15 31.42 -73.83 38.23
N LYS SA 16 31.59 -72.61 38.73
CA LYS SA 16 31.02 -72.20 40.01
C LYS SA 16 31.00 -70.68 40.04
N HIS SA 17 30.52 -70.13 41.16
CA HIS SA 17 30.51 -68.69 41.38
C HIS SA 17 31.89 -68.23 41.81
N GLN SA 18 32.44 -67.28 41.08
CA GLN SA 18 33.69 -66.62 41.42
C GLN SA 18 33.45 -65.12 41.40
N PRO SA 19 34.26 -64.36 42.13
CA PRO SA 19 34.21 -62.91 41.99
C PRO SA 19 34.68 -62.49 40.60
N HIS SA 20 34.14 -61.38 40.13
CA HIS SA 20 34.35 -60.90 38.77
C HIS SA 20 34.57 -59.40 38.81
N LYS SA 21 35.66 -58.95 38.20
CA LYS SA 21 35.81 -57.55 37.89
C LYS SA 21 34.82 -57.17 36.79
N VAL SA 22 34.31 -55.96 36.85
CA VAL SA 22 33.26 -55.51 35.96
C VAL SA 22 33.74 -54.27 35.21
N THR SA 23 33.65 -54.31 33.89
CA THR SA 23 34.05 -53.21 33.03
C THR SA 23 32.93 -52.92 32.06
N GLN SA 24 32.84 -51.70 31.56
CA GLN SA 24 31.90 -51.40 30.50
C GLN SA 24 32.50 -51.85 29.18
N TYR SA 25 31.79 -52.72 28.47
CA TYR SA 25 32.27 -53.19 27.17
C TYR SA 25 32.18 -52.05 26.16
N LYS SA 26 33.21 -51.94 25.34
CA LYS SA 26 33.23 -50.98 24.24
C LYS SA 26 33.61 -51.72 22.96
N LYS SA 27 32.93 -51.38 21.86
CA LYS SA 27 33.19 -52.04 20.59
C LYS SA 27 34.61 -51.77 20.12
N GLY SA 28 35.29 -52.81 19.67
CA GLY SA 28 36.66 -52.69 19.24
C GLY SA 28 36.78 -51.97 17.90
N LYS SA 29 37.93 -52.17 17.26
CA LYS SA 29 38.20 -51.53 15.99
C LYS SA 29 38.00 -52.51 14.84
N ASP SA 30 37.66 -51.97 13.68
CA ASP SA 30 37.41 -52.80 12.51
C ASP SA 30 38.71 -53.35 11.95
N SER SA 31 38.60 -54.51 11.29
CA SER SA 31 39.79 -55.24 10.89
C SER SA 31 40.48 -54.60 9.70
N LEU SA 32 39.69 -54.13 8.71
CA LEU SA 32 40.11 -53.72 7.37
C LEU SA 32 40.51 -54.94 6.56
N TYR SA 33 40.55 -56.11 7.21
CA TYR SA 33 40.76 -57.38 6.53
C TYR SA 33 39.75 -58.42 6.98
N ALA SA 34 38.65 -57.98 7.58
CA ALA SA 34 37.49 -58.85 7.75
C ALA SA 34 36.79 -59.00 6.41
N GLN SA 35 36.19 -60.17 6.19
CA GLN SA 35 35.70 -60.52 4.86
C GLN SA 35 34.65 -59.54 4.35
N GLY SA 36 33.76 -59.09 5.23
CA GLY SA 36 32.78 -58.10 4.82
C GLY SA 36 33.41 -56.79 4.41
N LYS SA 37 34.41 -56.34 5.17
CA LYS SA 37 35.09 -55.09 4.85
C LYS SA 37 35.85 -55.21 3.53
N ARG SA 38 36.53 -56.33 3.30
CA ARG SA 38 37.23 -56.53 2.04
C ARG SA 38 36.28 -56.53 0.86
N ARG SA 39 35.14 -57.23 0.99
CA ARG SA 39 34.16 -57.24 -0.08
C ARG SA 39 33.58 -55.85 -0.31
N TYR SA 40 33.32 -55.10 0.77
CA TYR SA 40 32.76 -53.77 0.62
C TYR SA 40 33.73 -52.84 -0.08
N ASP SA 41 35.01 -52.91 0.28
CA ASP SA 41 35.98 -52.03 -0.36
C ASP SA 41 36.18 -52.41 -1.83
N ARG SA 42 36.14 -53.70 -2.14
CA ARG SA 42 36.20 -54.13 -3.54
C ARG SA 42 34.99 -53.62 -4.32
N LYS SA 43 33.80 -53.69 -3.71
CA LYS SA 43 32.60 -53.20 -4.39
C LYS SA 43 32.66 -51.69 -4.58
N GLN SA 44 33.14 -50.96 -3.58
CA GLN SA 44 33.21 -49.50 -3.68
C GLN SA 44 34.31 -49.03 -4.63
N SER SA 45 35.31 -49.87 -4.88
CA SER SA 45 36.34 -49.52 -5.85
C SER SA 45 35.74 -49.41 -7.25
N GLY SA 46 36.18 -48.43 -8.01
CA GLY SA 46 35.66 -48.21 -9.34
C GLY SA 46 34.60 -47.14 -9.38
N TYR SA 47 33.70 -47.25 -10.35
CA TYR SA 47 32.60 -46.31 -10.48
C TYR SA 47 31.31 -46.95 -9.97
N GLY SA 48 30.27 -46.13 -9.84
CA GLY SA 48 29.00 -46.59 -9.33
C GLY SA 48 28.62 -45.91 -8.04
N GLY SA 49 29.57 -45.19 -7.45
CA GLY SA 49 29.30 -44.51 -6.20
C GLY SA 49 29.01 -45.47 -5.07
N GLN SA 50 28.14 -45.04 -4.17
CA GLN SA 50 27.75 -45.88 -3.05
C GLN SA 50 26.96 -47.08 -3.55
N THR SA 51 27.25 -48.25 -2.96
CA THR SA 51 26.62 -49.49 -3.37
C THR SA 51 25.83 -50.17 -2.27
N LYS SA 52 26.13 -49.90 -1.01
CA LYS SA 52 25.41 -50.41 0.13
C LYS SA 52 24.66 -49.28 0.82
N PRO SA 53 23.50 -49.56 1.42
CA PRO SA 53 22.72 -48.48 2.02
C PRO SA 53 23.42 -47.83 3.19
N ILE SA 54 23.15 -46.53 3.37
CA ILE SA 54 23.63 -45.77 4.51
C ILE SA 54 22.43 -45.42 5.36
N PHE SA 55 22.45 -45.84 6.63
CA PHE SA 55 21.27 -45.86 7.48
C PHE SA 55 20.61 -44.49 7.62
N ARG SA 56 21.31 -43.53 8.24
CA ARG SA 56 20.93 -42.11 8.31
C ARG SA 56 19.49 -41.88 8.79
N LYS SA 57 18.93 -42.81 9.56
CA LYS SA 57 17.60 -42.64 10.12
C LYS SA 57 17.57 -43.12 11.57
N LYS SA 58 18.57 -42.70 12.35
CA LYS SA 58 18.69 -43.13 13.73
C LYS SA 58 17.50 -42.67 14.56
N ALA SA 59 16.98 -43.57 15.39
CA ALA SA 59 15.82 -43.26 16.21
C ALA SA 59 16.08 -43.58 17.67
N LYS SA 60 16.94 -44.57 17.93
CA LYS SA 60 17.27 -44.92 19.29
C LYS SA 60 18.10 -43.83 19.95
N THR SA 61 17.89 -43.66 21.26
CA THR SA 61 18.67 -42.73 22.06
C THR SA 61 19.60 -43.41 23.04
N THR SA 62 19.41 -44.71 23.29
CA THR SA 62 20.23 -45.46 24.20
C THR SA 62 20.71 -46.74 23.52
N LYS SA 63 21.78 -47.30 24.08
CA LYS SA 63 22.30 -48.58 23.64
C LYS SA 63 22.32 -49.53 24.82
N LYS SA 64 21.99 -50.79 24.58
CA LYS SA 64 22.00 -51.79 25.63
C LYS SA 64 23.39 -51.89 26.23
N ILE SA 65 23.54 -51.47 27.48
CA ILE SA 65 24.85 -51.48 28.13
C ILE SA 65 25.29 -52.92 28.31
N VAL SA 66 26.57 -53.18 28.07
CA VAL SA 66 27.14 -54.51 28.18
C VAL SA 66 28.23 -54.48 29.24
N LEU SA 67 28.18 -55.42 30.16
CA LEU SA 67 29.18 -55.55 31.20
C LEU SA 67 30.12 -56.68 30.83
N ARG SA 68 31.40 -56.35 30.69
CA ARG SA 68 32.45 -57.34 30.55
C ARG SA 68 32.85 -57.78 31.95
N LEU SA 69 32.55 -59.03 32.29
CA LEU SA 69 32.88 -59.61 33.57
C LEU SA 69 34.11 -60.49 33.40
N GLU SA 70 35.18 -60.17 34.11
CA GLU SA 70 36.44 -60.88 34.03
C GLU SA 70 36.65 -61.62 35.34
N CYS SA 71 36.79 -62.95 35.26
CA CYS SA 71 36.91 -63.75 36.48
C CYS SA 71 38.19 -63.41 37.21
N VAL SA 72 38.08 -63.19 38.53
CA VAL SA 72 39.26 -62.83 39.32
C VAL SA 72 40.07 -64.03 39.75
N GLU SA 73 39.62 -65.23 39.44
CA GLU SA 73 40.43 -66.42 39.68
C GLU SA 73 41.71 -66.29 38.86
N PRO SA 74 42.89 -66.36 39.49
CA PRO SA 74 44.13 -66.12 38.73
C PRO SA 74 44.35 -67.09 37.58
N ASN SA 75 43.98 -68.36 37.76
CA ASN SA 75 44.13 -69.30 36.66
C ASN SA 75 43.13 -69.01 35.54
N CYS SA 76 41.90 -68.65 35.89
CA CYS SA 76 40.83 -68.46 34.93
C CYS SA 76 40.65 -66.97 34.69
N ARG SA 77 41.29 -66.46 33.64
CA ARG SA 77 41.10 -65.09 33.21
C ARG SA 77 39.97 -64.95 32.23
N SER SA 78 38.97 -65.84 32.30
CA SER SA 78 37.90 -65.85 31.33
C SER SA 78 37.03 -64.61 31.44
N LYS SA 79 36.51 -64.19 30.29
CA LYS SA 79 35.63 -63.04 30.18
C LYS SA 79 34.23 -63.52 29.80
N ARG SA 80 33.25 -62.71 30.15
CA ARG SA 80 31.87 -63.00 29.81
C ARG SA 80 31.14 -61.68 29.56
N MET SA 81 30.23 -61.69 28.60
CA MET SA 81 29.47 -60.50 28.24
C MET SA 81 28.06 -60.63 28.80
N LEU SA 82 27.73 -59.81 29.79
CA LEU SA 82 26.42 -59.80 30.42
C LEU SA 82 25.76 -58.46 30.13
N ALA SA 83 24.75 -58.47 29.28
CA ALA SA 83 24.08 -57.23 28.92
C ALA SA 83 23.04 -56.86 29.96
N ILE SA 84 22.75 -55.56 30.07
CA ILE SA 84 21.68 -55.07 30.93
C ILE SA 84 20.74 -54.25 30.07
N LYS SA 85 19.69 -53.70 30.67
CA LYS SA 85 18.65 -53.02 29.92
C LYS SA 85 19.16 -51.67 29.40
N ARG SA 86 18.33 -51.06 28.55
CA ARG SA 86 18.67 -49.76 28.00
C ARG SA 86 18.63 -48.69 29.08
N CYS SA 87 19.52 -47.71 28.97
CA CYS SA 87 19.54 -46.62 29.92
C CYS SA 87 20.24 -45.42 29.30
N LYS SA 88 19.71 -44.23 29.57
CA LYS SA 88 20.34 -43.01 29.10
C LYS SA 88 21.61 -42.70 29.87
N HIS SA 89 21.56 -42.86 31.19
CA HIS SA 89 22.68 -42.50 32.06
C HIS SA 89 23.13 -43.73 32.84
N PHE SA 90 24.43 -44.01 32.78
CA PHE SA 90 25.01 -45.22 33.35
C PHE SA 90 26.28 -44.84 34.09
N GLU SA 91 26.48 -45.45 35.25
CA GLU SA 91 27.67 -45.20 36.04
C GLU SA 91 28.18 -46.51 36.62
N LEU SA 92 29.50 -46.57 36.84
CA LEU SA 92 30.15 -47.74 37.39
C LEU SA 92 30.85 -47.35 38.67
N GLY SA 93 30.65 -48.15 39.72
CA GLY SA 93 31.30 -47.91 40.99
C GLY SA 93 30.88 -46.62 41.66
N GLY SA 94 29.63 -46.22 41.53
CA GLY SA 94 29.17 -45.00 42.14
C GLY SA 94 29.04 -45.12 43.64
N ASP SA 95 28.85 -43.96 44.27
CA ASP SA 95 28.66 -43.95 45.72
C ASP SA 95 27.27 -44.47 46.06
N LYS SA 96 27.21 -45.37 47.05
CA LYS SA 96 25.97 -46.03 47.37
C LYS SA 96 25.00 -45.06 48.04
N LYS SA 97 23.76 -45.07 47.55
CA LYS SA 97 22.77 -44.13 48.03
C LYS SA 97 22.37 -44.44 49.47
N ARG SA 98 22.18 -43.39 50.26
CA ARG SA 98 21.75 -43.51 51.64
C ARG SA 98 20.25 -43.24 51.72
N LYS SA 99 19.62 -43.83 52.74
CA LYS SA 99 18.21 -43.59 52.99
C LYS SA 99 17.99 -42.40 53.93
N GLY SA 100 18.70 -42.37 55.05
CA GLY SA 100 18.55 -41.31 56.01
C GLY SA 100 19.48 -40.13 55.82
N GLN SA 101 19.24 -39.31 54.79
CA GLN SA 101 20.06 -38.15 54.54
C GLN SA 101 19.20 -36.92 54.31
N VAL SA 102 19.78 -35.77 54.64
CA VAL SA 102 19.07 -34.49 54.54
C VAL SA 102 19.11 -34.02 53.09
N ILE SA 103 17.98 -33.51 52.61
CA ILE SA 103 17.94 -32.87 51.30
C ILE SA 103 18.72 -31.56 51.39
N GLN SA 104 19.87 -31.50 50.73
CA GLN SA 104 20.66 -30.28 50.71
C GLN SA 104 19.90 -29.19 49.96
N PHE SA 105 19.93 -27.99 50.53
CA PHE SA 105 19.33 -26.82 49.89
C PHE SA 105 20.35 -26.15 48.96
N ALA TA 1 18.74 34.80 -40.43
CA ALA TA 1 18.28 35.04 -39.07
C ALA TA 1 18.59 33.83 -38.20
N LYS TA 2 18.77 34.07 -36.90
CA LYS TA 2 19.09 32.99 -35.98
C LYS TA 2 17.90 32.06 -35.83
N ARG TA 3 18.12 30.77 -36.03
CA ARG TA 3 17.04 29.80 -36.08
C ARG TA 3 16.95 28.91 -34.85
N THR TA 4 18.00 28.85 -34.02
CA THR TA 4 17.96 28.11 -32.78
C THR TA 4 18.47 28.97 -31.65
N LYS TA 5 17.82 28.89 -30.49
CA LYS TA 5 18.26 29.64 -29.33
C LYS TA 5 19.60 29.14 -28.82
N LYS TA 6 19.71 27.84 -28.57
CA LYS TA 6 20.95 27.30 -27.99
C LYS TA 6 21.43 25.98 -28.59
N VAL TA 7 20.58 25.18 -29.23
CA VAL TA 7 21.00 23.82 -29.58
C VAL TA 7 22.06 23.81 -30.66
N GLY TA 8 22.03 24.77 -31.58
CA GLY TA 8 23.03 24.81 -32.63
C GLY TA 8 22.96 23.62 -33.57
N ILE TA 9 24.01 22.80 -33.58
CA ILE TA 9 24.13 21.75 -34.59
C ILE TA 9 23.31 20.51 -34.27
N VAL TA 10 22.89 20.33 -33.02
CA VAL TA 10 22.19 19.09 -32.64
C VAL TA 10 20.71 19.24 -32.89
N GLY TA 11 20.33 20.31 -33.60
CA GLY TA 11 18.94 20.49 -33.97
C GLY TA 11 18.39 19.35 -34.80
N LYS TA 12 19.25 18.63 -35.52
CA LYS TA 12 18.81 17.46 -36.27
C LYS TA 12 18.31 16.35 -35.37
N TYR TA 13 18.74 16.29 -34.12
CA TYR TA 13 18.35 15.21 -33.24
C TYR TA 13 16.99 15.41 -32.61
N GLY TA 14 16.37 16.56 -32.80
CA GLY TA 14 15.04 16.77 -32.27
C GLY TA 14 15.03 16.75 -30.76
N THR TA 15 13.96 16.18 -30.20
CA THR TA 15 13.79 16.09 -28.76
C THR TA 15 14.45 14.85 -28.18
N ARG TA 16 15.00 13.98 -29.01
CA ARG TA 16 15.49 12.69 -28.56
C ARG TA 16 16.84 12.82 -27.86
N TYR TA 17 17.20 11.77 -27.13
CA TYR TA 17 18.51 11.50 -26.55
C TYR TA 17 18.90 12.42 -25.40
N GLY TA 18 18.00 13.29 -24.94
CA GLY TA 18 18.31 14.03 -23.74
C GLY TA 18 19.21 15.23 -23.93
N ALA TA 19 18.89 16.30 -23.22
CA ALA TA 19 19.58 17.57 -23.43
C ALA TA 19 21.05 17.49 -23.08
N SER TA 20 21.39 16.79 -21.99
CA SER TA 20 22.79 16.71 -21.59
C SER TA 20 23.62 15.95 -22.61
N LEU TA 21 23.09 14.84 -23.12
CA LEU TA 21 23.81 14.08 -24.14
C LEU TA 21 23.96 14.89 -25.42
N ARG TA 22 22.91 15.60 -25.82
CA ARG TA 22 23.01 16.45 -27.00
C ARG TA 22 24.04 17.55 -26.79
N LYS TA 23 24.07 18.16 -25.61
CA LYS TA 23 25.04 19.22 -25.35
C LYS TA 23 26.46 18.68 -25.34
N MET TA 24 26.65 17.48 -24.80
CA MET TA 24 27.98 16.87 -24.80
C MET TA 24 28.46 16.57 -26.20
N VAL TA 25 27.56 16.06 -27.06
CA VAL TA 25 27.97 15.72 -28.41
C VAL TA 25 28.05 16.95 -29.32
N LYS TA 26 27.47 18.08 -28.90
CA LYS TA 26 27.46 19.26 -29.75
C LYS TA 26 28.86 19.79 -30.03
N LYS TA 27 29.67 19.95 -28.99
CA LYS TA 27 31.02 20.45 -29.17
C LYS TA 27 31.87 19.48 -30.00
N ILE TA 28 31.71 18.19 -29.74
CA ILE TA 28 32.44 17.17 -30.48
C ILE TA 28 32.10 17.23 -31.95
N GLU TA 29 30.81 17.34 -32.27
CA GLU TA 29 30.42 17.36 -33.68
C GLU TA 29 30.83 18.66 -34.35
N ILE TA 30 30.79 19.78 -33.62
CA ILE TA 30 31.25 21.05 -34.17
C ILE TA 30 32.72 20.96 -34.54
N SER TA 31 33.54 20.38 -33.66
CA SER TA 31 34.95 20.23 -34.00
C SER TA 31 35.18 19.18 -35.07
N GLN TA 32 34.36 18.14 -35.10
CA GLN TA 32 34.56 17.05 -36.04
C GLN TA 32 34.24 17.49 -37.47
N HIS TA 33 33.22 18.31 -37.64
CA HIS TA 33 32.84 18.74 -38.98
C HIS TA 33 33.50 20.06 -39.39
N ALA TA 34 34.29 20.66 -38.52
CA ALA TA 34 34.93 21.93 -38.85
C ALA TA 34 36.04 21.73 -39.87
N LYS TA 35 36.43 22.82 -40.51
CA LYS TA 35 37.53 22.83 -41.46
C LYS TA 35 38.74 23.48 -40.80
N TYR TA 36 39.88 22.80 -40.85
CA TYR TA 36 41.07 23.20 -40.14
C TYR TA 36 42.10 23.78 -41.10
N THR TA 37 42.95 24.65 -40.57
CA THR TA 37 44.05 25.20 -41.36
C THR TA 37 45.09 24.12 -41.59
N CYS TA 38 45.31 23.76 -42.84
CA CYS TA 38 46.35 22.79 -43.18
C CYS TA 38 47.71 23.42 -42.93
N SER TA 39 48.50 22.79 -42.06
CA SER TA 39 49.79 23.33 -41.70
C SER TA 39 50.86 23.14 -42.76
N PHE TA 40 50.56 22.38 -43.83
CA PHE TA 40 51.48 22.21 -44.94
C PHE TA 40 51.20 23.18 -46.08
N CYS TA 41 49.95 23.35 -46.47
CA CYS TA 41 49.60 24.15 -47.64
C CYS TA 41 49.03 25.50 -47.28
N GLY TA 42 48.80 25.80 -46.01
CA GLY TA 42 48.32 27.09 -45.59
C GLY TA 42 46.81 27.28 -45.70
N LYS TA 43 46.19 26.64 -46.69
CA LYS TA 43 44.77 26.79 -46.90
C LYS TA 43 43.98 26.08 -45.79
N THR TA 44 42.79 26.59 -45.52
CA THR TA 44 41.88 25.98 -44.54
C THR TA 44 41.04 24.92 -45.24
N LYS TA 45 41.71 23.85 -45.65
CA LYS TA 45 41.08 22.76 -46.38
C LYS TA 45 41.22 21.42 -45.69
N MET TA 46 41.88 21.35 -44.55
CA MET TA 46 42.07 20.10 -43.82
C MET TA 46 40.76 19.73 -43.14
N LYS TA 47 40.08 18.73 -43.67
CA LYS TA 47 38.85 18.25 -43.05
C LYS TA 47 38.95 16.74 -42.85
N ARG TA 48 38.16 16.24 -41.91
CA ARG TA 48 38.23 14.84 -41.54
C ARG TA 48 37.78 13.95 -42.69
N ARG TA 49 38.41 12.79 -42.79
CA ARG TA 49 38.01 11.76 -43.74
C ARG TA 49 37.28 10.62 -43.05
N ALA TA 50 37.90 10.02 -42.05
CA ALA TA 50 37.27 9.02 -41.20
C ALA TA 50 37.67 9.34 -39.76
N VAL TA 51 37.37 8.42 -38.85
CA VAL TA 51 37.73 8.62 -37.46
C VAL TA 51 39.25 8.54 -37.31
N GLY TA 52 39.87 9.66 -36.95
CA GLY TA 52 41.30 9.69 -36.78
C GLY TA 52 42.09 10.05 -38.02
N ILE TA 53 41.44 10.32 -39.15
CA ILE TA 53 42.12 10.63 -40.39
C ILE TA 53 41.69 12.01 -40.85
N TRP TA 54 42.64 12.85 -41.22
CA TRP TA 54 42.36 14.22 -41.63
C TRP TA 54 43.06 14.48 -42.96
N HIS TA 55 42.30 14.63 -44.03
CA HIS TA 55 42.82 14.77 -45.37
C HIS TA 55 42.60 16.19 -45.85
N CYS TA 56 43.63 16.77 -46.46
CA CYS TA 56 43.52 18.11 -47.01
C CYS TA 56 43.05 18.03 -48.46
N GLY TA 57 42.00 18.76 -48.78
CA GLY TA 57 41.51 18.79 -50.13
C GLY TA 57 42.25 19.73 -51.04
N SER TA 58 43.29 20.40 -50.55
CA SER TA 58 44.06 21.33 -51.37
C SER TA 58 45.38 20.73 -51.84
N CYS TA 59 46.23 20.29 -50.91
CA CYS TA 59 47.51 19.68 -51.27
C CYS TA 59 47.50 18.17 -51.14
N MET TA 60 46.33 17.56 -50.91
CA MET TA 60 46.14 16.12 -50.87
C MET TA 60 46.96 15.43 -49.78
N LYS TA 61 47.47 16.19 -48.82
CA LYS TA 61 48.24 15.61 -47.72
C LYS TA 61 47.29 15.06 -46.68
N THR TA 62 47.56 13.85 -46.21
CA THR TA 62 46.73 13.20 -45.22
C THR TA 62 47.52 13.05 -43.92
N VAL TA 63 46.86 13.29 -42.79
CA VAL TA 63 47.48 13.25 -41.49
C VAL TA 63 46.64 12.35 -40.59
N ALA TA 64 47.29 11.75 -39.60
CA ALA TA 64 46.62 10.96 -38.58
C ALA TA 64 46.45 11.83 -37.34
N GLY TA 65 45.21 11.99 -36.90
CA GLY TA 65 44.94 12.82 -35.75
C GLY TA 65 43.90 12.22 -34.82
N GLY TA 66 43.35 13.04 -33.94
CA GLY TA 66 42.33 12.56 -33.03
C GLY TA 66 41.05 12.22 -33.76
N ALA TA 67 40.13 11.59 -33.02
CA ALA TA 67 38.85 11.22 -33.62
C ALA TA 67 38.05 12.45 -34.01
N TRP TA 68 38.02 13.47 -33.16
CA TRP TA 68 37.15 14.61 -33.36
C TRP TA 68 37.87 15.91 -33.62
N THR TA 69 39.12 16.04 -33.20
CA THR TA 69 39.91 17.22 -33.50
C THR TA 69 41.09 16.82 -34.38
N TYR TA 70 41.64 17.81 -35.08
CA TYR TA 70 42.83 17.53 -35.89
C TYR TA 70 44.00 17.13 -35.01
N ASN TA 71 44.13 17.74 -33.83
CA ASN TA 71 45.15 17.37 -32.87
C ASN TA 71 44.53 17.28 -31.49
N THR TA 72 45.13 16.46 -30.64
CA THR TA 72 44.68 16.27 -29.27
C THR TA 72 45.72 16.83 -28.31
N THR TA 73 45.26 17.25 -27.13
CA THR TA 73 46.17 17.73 -26.11
C THR TA 73 47.19 16.66 -25.73
N SER TA 74 46.75 15.41 -25.63
CA SER TA 74 47.66 14.32 -25.33
C SER TA 74 48.78 14.24 -26.36
N ALA TA 75 48.42 14.23 -27.64
CA ALA TA 75 49.42 14.14 -28.69
C ALA TA 75 50.34 15.36 -28.72
N VAL TA 76 49.79 16.55 -28.49
CA VAL TA 76 50.61 17.76 -28.52
C VAL TA 76 51.65 17.74 -27.41
N THR TA 77 51.21 17.44 -26.19
CA THR TA 77 52.16 17.41 -25.08
C THR TA 77 53.14 16.25 -25.21
N VAL TA 78 52.70 15.12 -25.79
CA VAL TA 78 53.64 14.02 -26.03
C VAL TA 78 54.70 14.44 -27.04
N LYS TA 79 54.32 15.15 -28.10
CA LYS TA 79 55.30 15.59 -29.08
C LYS TA 79 56.29 16.57 -28.47
N SER TA 80 55.80 17.48 -27.64
CA SER TA 80 56.71 18.39 -26.94
C SER TA 80 57.65 17.63 -26.01
N ALA TA 81 57.13 16.62 -25.32
CA ALA TA 81 57.97 15.79 -24.46
C ALA TA 81 59.03 15.05 -25.25
N ILE TA 82 58.67 14.57 -26.44
CA ILE TA 82 59.63 13.87 -27.28
C ILE TA 82 60.72 14.83 -27.73
N ARG TA 83 60.36 16.07 -28.06
CA ARG TA 83 61.37 17.06 -28.39
C ARG TA 83 62.32 17.29 -27.24
N ARG TA 84 61.78 17.42 -26.02
CA ARG TA 84 62.63 17.62 -24.85
C ARG TA 84 63.56 16.44 -24.61
N LEU TA 85 63.03 15.23 -24.72
CA LEU TA 85 63.87 14.05 -24.47
C LEU TA 85 64.90 13.87 -25.58
N LYS TA 86 64.56 14.21 -26.81
CA LYS TA 86 65.53 14.14 -27.90
C LYS TA 86 66.68 15.10 -27.68
N GLU TA 87 66.38 16.34 -27.29
CA GLU TA 87 67.47 17.26 -26.99
C GLU TA 87 68.17 16.92 -25.68
N LEU TA 88 67.56 16.11 -24.82
CA LEU TA 88 68.26 15.61 -23.64
C LEU TA 88 69.28 14.56 -24.01
N LYS TA 89 68.92 13.65 -24.92
CA LYS TA 89 69.77 12.49 -25.21
C LYS TA 89 71.12 12.90 -25.78
N ASP TA 90 71.12 13.82 -26.75
CA ASP TA 90 72.37 14.30 -27.34
C ASP TA 90 72.84 15.54 -26.55
N GLN TA 91 73.84 15.34 -25.71
CA GLN TA 91 74.34 16.40 -24.86
C GLN TA 91 75.18 17.38 -25.67
N SER UA 1 -9.05 -116.23 -27.49
CA SER UA 1 -10.19 -116.40 -26.60
C SER UA 1 -11.33 -115.46 -26.97
N ALA UA 2 -12.57 -115.92 -26.75
CA ALA UA 2 -13.73 -115.17 -27.17
C ALA UA 2 -13.83 -113.84 -26.43
N HIS UA 3 -13.75 -113.88 -25.10
CA HIS UA 3 -13.88 -112.65 -24.31
C HIS UA 3 -12.75 -111.69 -24.59
N LEU UA 4 -11.53 -112.20 -24.75
CA LEU UA 4 -10.39 -111.33 -25.00
C LEU UA 4 -10.49 -110.64 -26.36
N GLN UA 5 -10.77 -111.41 -27.41
CA GLN UA 5 -10.95 -110.80 -28.72
C GLN UA 5 -12.16 -109.86 -28.73
N TRP UA 6 -13.16 -110.15 -27.90
CA TRP UA 6 -14.30 -109.24 -27.80
C TRP UA 6 -13.90 -107.92 -27.19
N MET UA 7 -13.11 -107.96 -26.12
CA MET UA 7 -12.58 -106.71 -25.57
C MET UA 7 -11.73 -105.98 -26.59
N VAL UA 8 -11.06 -106.70 -27.48
CA VAL UA 8 -10.26 -106.05 -28.51
C VAL UA 8 -11.14 -105.34 -29.52
N VAL UA 9 -12.17 -106.01 -30.04
CA VAL UA 9 -12.91 -105.53 -31.20
C VAL UA 9 -14.30 -105.02 -30.86
N ARG UA 10 -14.60 -104.79 -29.57
CA ARG UA 10 -15.88 -104.22 -29.23
C ARG UA 10 -16.01 -102.77 -29.66
N ASN UA 11 -14.89 -102.08 -29.91
CA ASN UA 11 -14.91 -100.69 -30.28
C ASN UA 11 -14.07 -100.36 -31.50
N CYS UA 12 -13.28 -101.30 -32.02
CA CYS UA 12 -12.43 -101.03 -33.18
C CYS UA 12 -12.48 -102.25 -34.10
N SER UA 13 -13.41 -102.23 -35.04
CA SER UA 13 -13.54 -103.28 -36.05
C SER UA 13 -13.87 -102.63 -37.37
N SER UA 14 -13.26 -103.14 -38.45
CA SER UA 14 -13.59 -102.63 -39.77
C SER UA 14 -15.01 -102.97 -40.16
N PHE UA 15 -15.57 -104.06 -39.63
CA PHE UA 15 -16.97 -104.38 -39.86
C PHE UA 15 -17.92 -103.48 -39.08
N LEU UA 16 -17.40 -102.67 -38.17
CA LEU UA 16 -18.25 -101.91 -37.27
C LEU UA 16 -18.82 -100.69 -37.98
N ILE UA 17 -20.10 -100.44 -37.75
CA ILE UA 17 -20.80 -99.27 -38.27
C ILE UA 17 -21.42 -98.56 -37.09
N LYS UA 18 -21.13 -97.28 -36.93
CA LYS UA 18 -21.66 -96.48 -35.83
C LYS UA 18 -22.18 -95.17 -36.41
N ARG UA 19 -23.50 -95.07 -36.54
CA ARG UA 19 -24.11 -93.85 -37.07
C ARG UA 19 -25.58 -93.83 -36.66
N ASN UA 20 -26.13 -92.62 -36.64
CA ASN UA 20 -27.55 -92.39 -36.36
C ASN UA 20 -27.97 -93.03 -35.05
N LYS UA 21 -27.12 -92.92 -34.04
CA LYS UA 21 -27.36 -93.46 -32.70
C LYS UA 21 -27.64 -94.95 -32.72
N GLN UA 22 -26.98 -95.68 -33.61
CA GLN UA 22 -27.13 -97.12 -33.73
C GLN UA 22 -25.76 -97.75 -33.97
N THR UA 23 -25.71 -99.07 -33.89
CA THR UA 23 -24.46 -99.79 -34.10
C THR UA 23 -24.77 -101.14 -34.74
N TYR UA 24 -24.12 -101.43 -35.86
CA TYR UA 24 -24.28 -102.70 -36.54
C TYR UA 24 -22.93 -103.19 -37.03
N SER UA 25 -22.71 -104.50 -36.94
CA SER UA 25 -21.46 -105.11 -37.36
C SER UA 25 -21.73 -106.02 -38.55
N THR UA 26 -20.89 -105.90 -39.58
CA THR UA 26 -21.16 -106.48 -40.89
C THR UA 26 -20.27 -107.68 -41.20
N GLU UA 27 -19.77 -108.36 -40.18
CA GLU UA 27 -19.02 -109.58 -40.43
C GLU UA 27 -19.97 -110.67 -40.92
N PRO UA 28 -19.47 -111.63 -41.71
CA PRO UA 28 -20.38 -112.48 -42.50
C PRO UA 28 -21.35 -113.32 -41.68
N ASN UA 29 -20.95 -113.81 -40.51
CA ASN UA 29 -21.77 -114.76 -39.76
C ASN UA 29 -22.52 -114.10 -38.60
N ASN UA 30 -22.75 -112.80 -38.67
CA ASN UA 30 -23.44 -112.06 -37.61
C ASN UA 30 -24.94 -112.15 -37.87
N LEU UA 31 -25.61 -113.09 -37.20
CA LEU UA 31 -27.06 -113.06 -37.17
C LEU UA 31 -27.51 -111.81 -36.43
N LYS UA 32 -28.60 -111.21 -36.92
CA LYS UA 32 -29.17 -109.96 -36.42
C LYS UA 32 -28.30 -108.75 -36.71
N ALA UA 33 -27.09 -108.98 -37.23
CA ALA UA 33 -26.20 -107.93 -37.71
C ALA UA 33 -25.95 -106.86 -36.65
N ARG UA 34 -25.82 -107.27 -35.41
CA ARG UA 34 -25.64 -106.33 -34.31
C ARG UA 34 -24.26 -106.51 -33.69
N ASN UA 35 -23.72 -105.42 -33.17
CA ASN UA 35 -22.44 -105.43 -32.48
C ASN UA 35 -22.68 -105.92 -31.06
N SER UA 36 -22.48 -107.21 -30.84
CA SER UA 36 -22.71 -107.78 -29.52
C SER UA 36 -21.80 -108.98 -29.36
N PHE UA 37 -21.50 -109.30 -28.10
CA PHE UA 37 -20.68 -110.46 -27.81
C PHE UA 37 -21.39 -111.76 -28.15
N ARG UA 38 -22.71 -111.77 -28.15
CA ARG UA 38 -23.44 -113.00 -28.46
C ARG UA 38 -23.55 -113.23 -29.95
N TYR UA 39 -23.97 -112.22 -30.69
CA TYR UA 39 -24.26 -112.36 -32.11
C TYR UA 39 -23.06 -112.13 -33.00
N ASN UA 40 -21.90 -111.83 -32.42
CA ASN UA 40 -20.68 -111.72 -33.22
C ASN UA 40 -20.32 -113.08 -33.81
N GLY UA 41 -19.75 -113.06 -35.00
CA GLY UA 41 -19.49 -114.31 -35.70
C GLY UA 41 -18.04 -114.55 -36.06
N LEU UA 42 -17.13 -114.11 -35.21
CA LEU UA 42 -15.71 -114.32 -35.50
C LEU UA 42 -14.94 -114.77 -34.27
N ILE UA 43 -15.46 -114.49 -33.08
CA ILE UA 43 -14.70 -114.67 -31.86
C ILE UA 43 -15.04 -115.97 -31.15
N HIS UA 44 -16.01 -116.73 -31.63
CA HIS UA 44 -16.47 -117.92 -30.94
C HIS UA 44 -15.93 -119.17 -31.60
N ARG UA 45 -15.76 -120.22 -30.79
CA ARG UA 45 -15.34 -121.51 -31.34
C ARG UA 45 -16.39 -122.10 -32.25
N LYS UA 46 -17.66 -121.80 -32.02
CA LYS UA 46 -18.74 -122.31 -32.85
C LYS UA 46 -19.72 -121.19 -33.14
N THR UA 47 -19.93 -120.90 -34.42
CA THR UA 47 -20.83 -119.86 -34.85
C THR UA 47 -21.77 -120.39 -35.92
N VAL UA 48 -22.98 -119.83 -35.91
CA VAL UA 48 -24.05 -120.14 -36.86
C VAL UA 48 -24.25 -118.92 -37.75
N GLY UA 49 -24.23 -119.12 -39.05
CA GLY UA 49 -24.54 -118.05 -39.99
C GLY UA 49 -25.54 -118.52 -41.01
N VAL UA 50 -26.42 -117.61 -41.42
CA VAL UA 50 -27.44 -117.90 -42.42
C VAL UA 50 -27.34 -116.88 -43.53
N GLU UA 51 -27.25 -117.35 -44.76
CA GLU UA 51 -27.09 -116.48 -45.92
C GLU UA 51 -28.12 -116.83 -46.97
N PRO UA 52 -28.50 -115.88 -47.82
CA PRO UA 52 -29.24 -116.23 -49.03
C PRO UA 52 -28.36 -117.03 -49.96
N ALA UA 53 -28.99 -117.95 -50.68
CA ALA UA 53 -28.23 -118.84 -51.55
C ALA UA 53 -27.70 -118.08 -52.76
N ALA UA 54 -26.63 -118.62 -53.33
CA ALA UA 54 -26.02 -117.99 -54.50
C ALA UA 54 -26.95 -118.02 -55.70
N ASP UA 55 -27.66 -119.13 -55.89
CA ASP UA 55 -28.55 -119.29 -57.02
C ASP UA 55 -29.90 -118.59 -56.84
N GLY UA 56 -30.03 -117.74 -55.82
CA GLY UA 56 -31.20 -116.91 -55.67
C GLY UA 56 -32.38 -117.56 -54.96
N LYS UA 57 -32.35 -118.87 -54.75
CA LYS UA 57 -33.43 -119.56 -54.07
C LYS UA 57 -32.85 -120.45 -52.98
N GLY UA 58 -33.45 -120.42 -51.81
CA GLY UA 58 -32.93 -121.17 -50.68
C GLY UA 58 -31.93 -120.38 -49.87
N VAL UA 59 -31.41 -121.03 -48.84
CA VAL UA 59 -30.44 -120.43 -47.94
C VAL UA 59 -29.25 -121.35 -47.80
N VAL UA 60 -28.15 -120.77 -47.32
CA VAL UA 60 -26.94 -121.50 -47.00
C VAL UA 60 -26.67 -121.31 -45.51
N VAL UA 61 -26.54 -122.40 -44.79
CA VAL UA 61 -26.28 -122.38 -43.36
C VAL UA 61 -24.82 -122.76 -43.15
N VAL UA 62 -24.05 -121.87 -42.56
CA VAL UA 62 -22.65 -122.11 -42.28
C VAL UA 62 -22.49 -122.36 -40.78
N ILE UA 63 -21.72 -123.38 -40.45
CA ILE UA 63 -21.42 -123.70 -39.06
C ILE UA 63 -19.91 -123.78 -38.92
N LYS UA 64 -19.39 -123.18 -37.85
CA LYS UA 64 -17.96 -123.24 -37.58
C LYS UA 64 -17.60 -124.62 -37.03
N ARG UA 65 -16.67 -125.31 -37.69
CA ARG UA 65 -16.22 -126.60 -37.19
C ARG UA 65 -15.36 -126.43 -35.95
N ARG UA 66 -15.37 -127.44 -35.09
CA ARG UA 66 -14.70 -127.34 -33.79
C ARG UA 66 -13.18 -127.35 -33.94
N SER UA 67 -12.65 -128.09 -34.92
CA SER UA 67 -11.23 -128.41 -34.90
C SER UA 67 -10.37 -127.27 -35.44
N GLY UA 68 -10.59 -126.90 -36.70
CA GLY UA 68 -9.73 -125.92 -37.33
C GLY UA 68 -10.04 -124.47 -37.00
N GLN UA 69 -9.70 -124.05 -35.78
CA GLN UA 69 -10.03 -122.69 -35.36
C GLN UA 69 -9.14 -121.66 -36.03
N ARG UA 70 -7.87 -121.98 -36.24
CA ARG UA 70 -6.92 -121.05 -36.85
C ARG UA 70 -6.72 -121.31 -38.34
N LYS UA 71 -7.56 -122.15 -38.95
CA LYS UA 71 -7.49 -122.44 -40.38
C LYS UA 71 -8.72 -121.88 -41.06
N PRO UA 72 -8.71 -120.61 -41.48
CA PRO UA 72 -9.93 -120.00 -42.04
C PRO UA 72 -10.37 -120.58 -43.36
N ALA UA 73 -9.49 -121.27 -44.09
CA ALA UA 73 -9.91 -121.84 -45.37
C ALA UA 73 -10.89 -122.98 -45.19
N THR UA 74 -10.79 -123.71 -44.08
CA THR UA 74 -11.60 -124.89 -43.86
C THR UA 74 -12.53 -124.77 -42.65
N SER UA 75 -12.48 -123.66 -41.92
CA SER UA 75 -13.15 -123.56 -40.63
C SER UA 75 -14.67 -123.53 -40.73
N TYR UA 76 -15.24 -123.31 -41.91
CA TYR UA 76 -16.67 -123.14 -42.06
C TYR UA 76 -17.24 -124.22 -42.97
N VAL UA 77 -18.35 -124.81 -42.56
CA VAL UA 77 -19.04 -125.83 -43.35
C VAL UA 77 -20.40 -125.29 -43.75
N ARG UA 78 -20.70 -125.39 -45.04
CA ARG UA 78 -21.91 -124.80 -45.61
C ARG UA 78 -22.86 -125.89 -46.08
N THR UA 79 -24.15 -125.69 -45.82
CA THR UA 79 -25.20 -126.55 -46.35
C THR UA 79 -26.21 -125.70 -47.10
N THR UA 80 -26.68 -126.20 -48.24
CA THR UA 80 -27.61 -125.47 -49.09
C THR UA 80 -28.99 -126.09 -48.94
N ILE UA 81 -29.88 -125.38 -48.26
CA ILE UA 81 -31.24 -125.83 -48.01
C ILE UA 81 -32.17 -125.06 -48.92
N ASN UA 82 -32.87 -125.77 -49.79
CA ASN UA 82 -33.73 -125.16 -50.80
C ASN UA 82 -35.07 -125.87 -50.87
N LYS UA 83 -35.67 -126.11 -49.72
CA LYS UA 83 -36.99 -126.71 -49.62
C LYS UA 83 -38.00 -125.64 -49.22
N ASN UA 84 -39.23 -126.07 -48.94
CA ASN UA 84 -40.30 -125.16 -48.56
C ASN UA 84 -39.98 -124.52 -47.21
N ALA UA 85 -40.81 -123.53 -46.85
CA ALA UA 85 -40.49 -122.68 -45.71
C ALA UA 85 -40.51 -123.43 -44.40
N ARG UA 86 -41.58 -124.20 -44.17
CA ARG UA 86 -41.72 -124.90 -42.89
C ARG UA 86 -40.61 -125.92 -42.70
N ALA UA 87 -40.31 -126.70 -43.74
CA ALA UA 87 -39.25 -127.70 -43.63
C ALA UA 87 -37.88 -127.07 -43.53
N THR UA 88 -37.65 -125.92 -44.19
CA THR UA 88 -36.39 -125.21 -44.04
C THR UA 88 -36.18 -124.78 -42.59
N LEU UA 89 -37.21 -124.18 -42.00
CA LEU UA 89 -37.11 -123.76 -40.60
C LEU UA 89 -36.91 -124.95 -39.68
N SER UA 90 -37.62 -126.04 -39.93
CA SER UA 90 -37.45 -127.24 -39.11
C SER UA 90 -36.03 -127.82 -39.26
N SER UA 91 -35.47 -127.77 -40.47
CA SER UA 91 -34.11 -128.25 -40.68
C SER UA 91 -33.13 -127.44 -39.86
N ILE UA 92 -33.26 -126.12 -39.88
CA ILE UA 92 -32.33 -125.29 -39.11
C ILE UA 92 -32.54 -125.51 -37.61
N ARG UA 93 -33.80 -125.65 -37.18
CA ARG UA 93 -34.07 -125.89 -35.78
C ARG UA 93 -33.46 -127.20 -35.32
N HIS UA 94 -33.48 -128.23 -36.16
CA HIS UA 94 -32.86 -129.48 -35.78
C HIS UA 94 -31.34 -129.40 -35.86
N MET UA 95 -30.81 -128.60 -36.77
CA MET UA 95 -29.37 -128.38 -36.83
C MET UA 95 -28.85 -127.71 -35.58
N ILE UA 96 -29.67 -126.88 -34.93
CA ILE UA 96 -29.24 -126.14 -33.74
C ILE UA 96 -29.62 -126.88 -32.45
N ARG UA 97 -30.90 -127.12 -32.23
CA ARG UA 97 -31.37 -127.62 -30.94
C ARG UA 97 -30.92 -129.07 -30.70
N LYS UA 98 -31.07 -129.92 -31.72
CA LYS UA 98 -30.70 -131.33 -31.54
C LYS UA 98 -29.20 -131.47 -31.36
N ASN UA 99 -28.41 -130.75 -32.14
CA ASN UA 99 -26.96 -130.83 -32.03
C ASN UA 99 -26.43 -130.20 -30.76
N LYS UA 100 -27.24 -129.39 -30.07
CA LYS UA 100 -26.79 -128.56 -28.96
C LYS UA 100 -25.65 -127.64 -29.38
N TYR UA 101 -25.67 -127.24 -30.64
CA TYR UA 101 -24.66 -126.38 -31.25
C TYR UA 101 -25.15 -124.94 -31.10
N ARG UA 102 -24.66 -124.25 -30.09
CA ARG UA 102 -25.01 -122.86 -29.79
C ARG UA 102 -26.53 -122.74 -29.72
N PRO UA 103 -27.15 -123.34 -28.70
CA PRO UA 103 -28.62 -123.46 -28.72
C PRO UA 103 -29.35 -122.13 -28.64
N ASP UA 104 -28.73 -121.09 -28.08
CA ASP UA 104 -29.44 -119.84 -27.89
C ASP UA 104 -29.39 -118.93 -29.10
N LEU UA 105 -28.84 -119.39 -30.23
CA LEU UA 105 -28.94 -118.69 -31.50
C LEU UA 105 -30.06 -119.25 -32.37
N ARG UA 106 -30.87 -120.16 -31.82
CA ARG UA 106 -31.87 -120.87 -32.61
C ARG UA 106 -32.87 -119.91 -33.22
N MET UA 107 -33.47 -119.05 -32.41
CA MET UA 107 -34.50 -118.16 -32.92
C MET UA 107 -33.93 -117.06 -33.81
N ALA UA 108 -32.72 -116.59 -33.56
CA ALA UA 108 -32.11 -115.63 -34.47
C ALA UA 108 -31.90 -116.24 -35.85
N ALA UA 109 -31.38 -117.47 -35.89
CA ALA UA 109 -31.20 -118.14 -37.18
C ALA UA 109 -32.54 -118.40 -37.86
N ILE UA 110 -33.54 -118.82 -37.09
CA ILE UA 110 -34.86 -119.10 -37.66
C ILE UA 110 -35.48 -117.84 -38.24
N ARG UA 111 -35.42 -116.74 -37.49
CA ARG UA 111 -35.99 -115.49 -37.97
C ARG UA 111 -35.24 -114.97 -39.19
N ARG UA 112 -33.91 -115.07 -39.20
CA ARG UA 112 -33.16 -114.61 -40.36
C ARG UA 112 -33.46 -115.45 -41.58
N ALA UA 113 -33.58 -116.76 -41.42
CA ALA UA 113 -33.96 -117.62 -42.54
C ALA UA 113 -35.35 -117.27 -43.04
N SER UA 114 -36.28 -116.99 -42.12
CA SER UA 114 -37.61 -116.59 -42.53
C SER UA 114 -37.59 -115.29 -43.32
N ALA UA 115 -36.78 -114.33 -42.88
CA ALA UA 115 -36.65 -113.07 -43.60
C ALA UA 115 -36.08 -113.29 -45.00
N ILE UA 116 -35.08 -114.16 -45.13
CA ILE UA 116 -34.49 -114.43 -46.43
C ILE UA 116 -35.50 -115.10 -47.36
N LEU UA 117 -36.27 -116.07 -46.83
CA LEU UA 117 -37.29 -116.71 -47.65
C LEU UA 117 -38.37 -115.72 -48.07
N ARG UA 118 -38.77 -114.84 -47.15
CA ARG UA 118 -39.76 -113.82 -47.48
C ARG UA 118 -39.24 -112.88 -48.55
N SER UA 119 -37.95 -112.51 -48.48
CA SER UA 119 -37.39 -111.65 -49.50
C SER UA 119 -37.29 -112.34 -50.85
N GLN UA 120 -37.03 -113.64 -50.84
CA GLN UA 120 -36.97 -114.39 -52.08
C GLN UA 120 -38.35 -114.67 -52.66
N LYS UA 121 -39.41 -114.52 -51.87
CA LYS UA 121 -40.75 -114.61 -52.43
C LYS UA 121 -40.95 -113.52 -53.49
N PRO UA 122 -41.74 -113.80 -54.52
CA PRO UA 122 -41.98 -112.78 -55.56
C PRO UA 122 -42.71 -111.56 -55.02
N VAL UA 123 -42.41 -110.41 -55.61
CA VAL UA 123 -43.01 -109.15 -55.20
C VAL UA 123 -44.44 -109.05 -55.72
N MET UA 124 -45.25 -108.23 -55.06
CA MET UA 124 -46.64 -108.04 -55.42
C MET UA 124 -46.91 -106.57 -55.74
N VAL UA 125 -47.76 -106.34 -56.73
CA VAL UA 125 -48.11 -104.99 -57.14
C VAL UA 125 -48.98 -104.34 -56.06
N ASP VA 1 -74.42 -25.53 53.37
CA ASP VA 1 -75.04 -24.46 54.15
C ASP VA 1 -76.46 -24.17 53.67
N ARG VA 2 -76.74 -24.55 52.42
CA ARG VA 2 -78.09 -24.40 51.87
C ARG VA 2 -79.09 -25.22 52.67
N ALA VA 3 -78.75 -26.48 52.95
CA ALA VA 3 -79.67 -27.35 53.67
C ALA VA 3 -79.90 -26.87 55.10
N THR VA 4 -78.82 -26.46 55.78
CA THR VA 4 -78.97 -25.97 57.15
C THR VA 4 -79.82 -24.70 57.18
N TRP VA 5 -79.57 -23.78 56.24
CA TRP VA 5 -80.36 -22.56 56.19
C TRP VA 5 -81.81 -22.85 55.85
N LYS VA 6 -82.06 -23.81 54.96
CA LYS VA 6 -83.43 -24.17 54.61
C LYS VA 6 -84.16 -24.77 55.79
N SER VA 7 -83.49 -25.65 56.55
CA SER VA 7 -84.11 -26.22 57.74
C SER VA 7 -84.35 -25.16 58.81
N ASN VA 8 -83.44 -24.19 58.93
CA ASN VA 8 -83.66 -23.07 59.83
C ASN VA 8 -84.89 -22.29 59.42
N TYR VA 9 -85.09 -22.09 58.11
CA TYR VA 9 -86.32 -21.46 57.63
C TYR VA 9 -87.54 -22.30 57.98
N PHE VA 10 -87.43 -23.62 57.83
CA PHE VA 10 -88.53 -24.52 58.16
C PHE VA 10 -88.96 -24.36 59.61
N LEU VA 11 -88.00 -24.33 60.54
CA LEU VA 11 -88.37 -24.17 61.94
C LEU VA 11 -88.84 -22.74 62.23
N LYS VA 12 -88.25 -21.75 61.54
CA LYS VA 12 -88.61 -20.36 61.78
C LYS VA 12 -90.07 -20.08 61.44
N ILE VA 13 -90.50 -20.52 60.26
CA ILE VA 13 -91.86 -20.19 59.81
C ILE VA 13 -92.90 -20.88 60.67
N ILE VA 14 -92.66 -22.13 61.08
CA ILE VA 14 -93.62 -22.81 61.94
C ILE VA 14 -93.64 -22.20 63.32
N GLN VA 15 -92.48 -21.74 63.82
CA GLN VA 15 -92.47 -21.03 65.10
C GLN VA 15 -93.30 -19.77 65.03
N LEU VA 16 -93.17 -19.01 63.94
CA LEU VA 16 -93.93 -17.77 63.79
C LEU VA 16 -95.42 -18.06 63.66
N LEU VA 17 -95.79 -19.11 62.91
CA LEU VA 17 -97.19 -19.50 62.81
C LEU VA 17 -97.76 -19.90 64.16
N ASP VA 18 -97.00 -20.67 64.95
CA ASP VA 18 -97.47 -21.06 66.27
C ASP VA 18 -97.61 -19.86 67.19
N ASP VA 19 -96.67 -18.91 67.09
CA ASP VA 19 -96.71 -17.74 67.97
C ASP VA 19 -97.87 -16.81 67.64
N TYR VA 20 -98.08 -16.53 66.35
CA TYR VA 20 -99.06 -15.54 65.95
C TYR VA 20 -100.33 -16.21 65.45
N PRO VA 21 -101.46 -16.03 66.13
CA PRO VA 21 -102.72 -16.52 65.56
C PRO VA 21 -103.15 -15.79 64.31
N LYS VA 22 -102.67 -14.56 64.11
CA LYS VA 22 -103.18 -13.67 63.08
C LYS VA 22 -102.11 -13.40 62.03
N CYS VA 23 -102.39 -13.79 60.79
CA CYS VA 23 -101.42 -13.77 59.71
C CYS VA 23 -102.02 -13.07 58.50
N PHE VA 24 -101.24 -12.21 57.87
CA PHE VA 24 -101.63 -11.54 56.63
C PHE VA 24 -100.73 -12.02 55.52
N ILE VA 25 -101.32 -12.37 54.38
CA ILE VA 25 -100.53 -12.59 53.18
C ILE VA 25 -100.51 -11.29 52.38
N VAL VA 26 -99.31 -10.84 52.05
CA VAL VA 26 -99.08 -9.48 51.59
C VAL VA 26 -98.15 -9.52 50.38
N GLY VA 27 -98.52 -8.77 49.34
CA GLY VA 27 -97.77 -8.72 48.11
C GLY VA 27 -96.78 -7.58 48.13
N ALA VA 28 -95.51 -7.92 47.88
CA ALA VA 28 -94.43 -6.95 47.83
C ALA VA 28 -94.11 -6.66 46.36
N ASP VA 29 -94.47 -5.46 45.92
CA ASP VA 29 -94.23 -5.01 44.56
C ASP VA 29 -92.77 -4.57 44.41
N ASN VA 30 -92.50 -3.71 43.42
CA ASN VA 30 -91.18 -3.15 43.21
C ASN VA 30 -90.81 -2.19 44.33
N VAL VA 31 -90.64 -2.72 45.54
CA VAL VA 31 -90.22 -1.97 46.71
C VAL VA 31 -88.78 -2.31 46.99
N GLY VA 32 -87.96 -1.28 47.17
CA GLY VA 32 -86.55 -1.50 47.42
C GLY VA 32 -86.31 -2.16 48.77
N SER VA 33 -85.10 -2.72 48.90
CA SER VA 33 -84.71 -3.26 50.20
C SER VA 33 -84.64 -2.15 51.23
N LYS VA 34 -84.33 -0.92 50.81
CA LYS VA 34 -84.43 0.23 51.70
C LYS VA 34 -85.87 0.46 52.16
N GLN VA 35 -86.82 0.34 51.24
CA GLN VA 35 -88.23 0.46 51.60
C GLN VA 35 -88.62 -0.62 52.59
N MET VA 36 -88.16 -1.85 52.35
CA MET VA 36 -88.43 -2.94 53.28
C MET VA 36 -87.78 -2.69 54.64
N GLN VA 37 -86.60 -2.08 54.66
CA GLN VA 37 -85.98 -1.71 55.93
C GLN VA 37 -86.84 -0.71 56.70
N GLN VA 38 -87.38 0.29 55.99
CA GLN VA 38 -88.25 1.25 56.64
C GLN VA 38 -89.51 0.58 57.19
N ILE VA 39 -90.10 -0.34 56.42
CA ILE VA 39 -91.27 -1.06 56.91
C ILE VA 39 -90.92 -1.93 58.11
N ARG VA 40 -89.75 -2.58 58.07
CA ARG VA 40 -89.30 -3.42 59.17
C ARG VA 40 -89.15 -2.61 60.45
N MET VA 41 -88.53 -1.43 60.35
CA MET VA 41 -88.37 -0.60 61.53
C MET VA 41 -89.69 0.00 61.98
N SER VA 42 -90.62 0.22 61.06
CA SER VA 42 -91.91 0.79 61.43
C SER VA 42 -92.75 -0.23 62.19
N LEU VA 43 -92.79 -1.48 61.74
CA LEU VA 43 -93.65 -2.49 62.31
C LEU VA 43 -92.92 -3.43 63.27
N ARG VA 44 -91.65 -3.18 63.55
CA ARG VA 44 -90.90 -4.05 64.45
C ARG VA 44 -91.35 -3.91 65.91
N GLY VA 45 -92.13 -2.87 66.22
CA GLY VA 45 -92.58 -2.70 67.59
C GLY VA 45 -93.73 -3.60 67.97
N LYS VA 46 -94.50 -4.08 66.97
CA LYS VA 46 -95.73 -4.80 67.27
C LYS VA 46 -95.85 -6.13 66.53
N ALA VA 47 -95.27 -6.21 65.33
CA ALA VA 47 -95.51 -7.34 64.45
C ALA VA 47 -94.20 -7.80 63.82
N VAL VA 48 -94.28 -8.85 63.01
CA VAL VA 48 -93.13 -9.33 62.25
C VAL VA 48 -93.54 -9.57 60.81
N VAL VA 49 -92.55 -9.64 59.93
CA VAL VA 49 -92.78 -9.94 58.51
C VAL VA 49 -91.68 -10.89 58.04
N LEU VA 50 -92.08 -11.91 57.27
CA LEU VA 50 -91.16 -12.91 56.75
C LEU VA 50 -91.52 -13.24 55.30
N MET VA 51 -90.50 -13.34 54.46
CA MET VA 51 -90.73 -13.67 53.06
C MET VA 51 -89.67 -14.64 52.59
N GLY VA 52 -89.93 -15.26 51.43
CA GLY VA 52 -89.00 -16.23 50.88
C GLY VA 52 -89.65 -16.99 49.75
N LYS VA 53 -89.16 -18.21 49.56
CA LYS VA 53 -89.68 -19.06 48.49
C LYS VA 53 -91.06 -19.60 48.86
N ASN VA 54 -92.05 -19.30 48.04
CA ASN VA 54 -93.40 -19.81 48.26
C ASN VA 54 -93.43 -21.33 48.22
N THR VA 55 -92.48 -21.95 47.52
CA THR VA 55 -92.37 -23.39 47.51
C THR VA 55 -92.07 -23.92 48.91
N MET VA 56 -91.13 -23.28 49.62
CA MET VA 56 -90.86 -23.66 51.00
C MET VA 56 -92.00 -23.27 51.92
N MET VA 57 -92.67 -22.15 51.63
CA MET VA 57 -93.87 -21.80 52.39
C MET VA 57 -94.89 -22.93 52.35
N ARG VA 58 -95.22 -23.40 51.15
CA ARG VA 58 -96.23 -24.43 51.01
C ARG VA 58 -95.74 -25.77 51.55
N LYS VA 59 -94.45 -26.07 51.40
CA LYS VA 59 -93.93 -27.31 51.97
C LYS VA 59 -94.04 -27.30 53.49
N ALA VA 60 -93.68 -26.19 54.12
CA ALA VA 60 -93.82 -26.08 55.57
C ALA VA 60 -95.27 -26.18 56.00
N ILE VA 61 -96.18 -25.53 55.26
CA ILE VA 61 -97.59 -25.58 55.61
C ILE VA 61 -98.14 -26.99 55.48
N ARG VA 62 -97.78 -27.69 54.41
CA ARG VA 62 -98.24 -29.06 54.21
C ARG VA 62 -97.70 -29.98 55.32
N GLY VA 63 -96.44 -29.79 55.71
CA GLY VA 63 -95.90 -30.59 56.80
C GLY VA 63 -96.55 -30.30 58.13
N HIS VA 64 -96.92 -29.04 58.38
CA HIS VA 64 -97.53 -28.65 59.64
C HIS VA 64 -99.04 -28.85 59.66
N LEU VA 65 -99.64 -29.22 58.53
CA LEU VA 65 -101.10 -29.33 58.45
C LEU VA 65 -101.65 -30.39 59.39
N GLU VA 66 -100.91 -31.49 59.56
CA GLU VA 66 -101.35 -32.54 60.48
C GLU VA 66 -101.46 -32.01 61.91
N ASN VA 67 -100.46 -31.25 62.35
CA ASN VA 67 -100.52 -30.66 63.69
C ASN VA 67 -101.62 -29.61 63.77
N ASN VA 68 -101.71 -28.74 62.77
CA ASN VA 68 -102.70 -27.67 62.78
C ASN VA 68 -103.51 -27.69 61.50
N PRO VA 69 -104.81 -27.95 61.57
CA PRO VA 69 -105.66 -27.94 60.37
C PRO VA 69 -106.09 -26.52 60.02
N ALA VA 70 -106.93 -26.43 58.98
CA ALA VA 70 -107.52 -25.21 58.43
C ALA VA 70 -106.49 -24.27 57.78
N LEU VA 71 -105.21 -24.62 57.80
CA LEU VA 71 -104.20 -23.82 57.12
C LEU VA 71 -104.25 -24.02 55.61
N GLU VA 72 -104.85 -25.12 55.15
CA GLU VA 72 -104.95 -25.38 53.72
C GLU VA 72 -105.85 -24.38 53.01
N LYS VA 73 -106.64 -23.61 53.76
CA LYS VA 73 -107.37 -22.50 53.15
C LYS VA 73 -106.41 -21.47 52.57
N LEU VA 74 -105.22 -21.37 53.12
CA LEU VA 74 -104.18 -20.49 52.60
C LEU VA 74 -103.35 -21.12 51.49
N LEU VA 75 -103.47 -22.43 51.28
CA LEU VA 75 -102.63 -23.10 50.30
C LEU VA 75 -102.82 -22.57 48.89
N PRO VA 76 -104.06 -22.42 48.35
CA PRO VA 76 -104.17 -21.78 47.03
C PRO VA 76 -104.21 -20.27 47.13
N HIS VA 77 -103.32 -19.71 47.94
CA HIS VA 77 -103.24 -18.26 48.11
C HIS VA 77 -101.81 -17.77 47.94
N ILE VA 78 -100.85 -18.60 48.29
CA ILE VA 78 -99.44 -18.17 48.37
C ILE VA 78 -98.86 -18.35 46.98
N ARG VA 79 -99.05 -17.32 46.15
CA ARG VA 79 -98.52 -17.28 44.81
C ARG VA 79 -97.96 -15.89 44.53
N GLY VA 80 -96.94 -15.84 43.70
CA GLY VA 80 -96.37 -14.56 43.33
C GLY VA 80 -95.46 -13.99 44.39
N ASN VA 81 -95.09 -12.73 44.17
CA ASN VA 81 -94.15 -12.02 45.06
C ASN VA 81 -94.90 -11.59 46.31
N VAL VA 82 -95.05 -12.53 47.23
CA VAL VA 82 -95.84 -12.34 48.44
C VAL VA 82 -95.08 -12.87 49.64
N GLY VA 83 -95.63 -12.63 50.81
CA GLY VA 83 -95.04 -13.07 52.06
C GLY VA 83 -96.03 -12.92 53.18
N PHE VA 84 -95.54 -13.06 54.40
CA PHE VA 84 -96.42 -13.06 55.58
C PHE VA 84 -96.07 -11.92 56.52
N VAL VA 85 -97.12 -11.34 57.10
CA VAL VA 85 -97.00 -10.39 58.20
C VAL VA 85 -97.80 -10.94 59.37
N PHE VA 86 -97.12 -11.26 60.45
CA PHE VA 86 -97.73 -11.86 61.62
C PHE VA 86 -97.93 -10.79 62.67
N THR VA 87 -99.17 -10.63 63.14
CA THR VA 87 -99.47 -9.54 64.05
C THR VA 87 -100.41 -10.02 65.14
N LYS VA 88 -100.48 -9.23 66.22
CA LYS VA 88 -101.32 -9.54 67.37
C LYS VA 88 -102.48 -8.57 67.57
N GLU VA 89 -102.34 -7.32 67.13
CA GLU VA 89 -103.32 -6.28 67.42
C GLU VA 89 -104.48 -6.37 66.42
N ASP VA 90 -105.30 -5.33 66.39
CA ASP VA 90 -106.50 -5.30 65.56
C ASP VA 90 -106.14 -5.18 64.08
N LEU VA 91 -107.08 -5.58 63.23
CA LEU VA 91 -106.87 -5.60 61.79
C LEU VA 91 -106.68 -4.20 61.23
N THR VA 92 -107.60 -3.29 61.55
CA THR VA 92 -107.71 -2.05 60.79
C THR VA 92 -106.58 -1.09 61.10
N GLU VA 93 -106.05 -1.10 62.33
CA GLU VA 93 -104.90 -0.24 62.63
C GLU VA 93 -103.67 -0.69 61.86
N ILE VA 94 -103.47 -2.01 61.77
CA ILE VA 94 -102.34 -2.53 60.99
C ILE VA 94 -102.51 -2.16 59.53
N ARG VA 95 -103.73 -2.30 58.99
CA ARG VA 95 -103.96 -1.92 57.60
C ARG VA 95 -103.72 -0.43 57.38
N ASP VA 96 -104.19 0.41 58.31
CA ASP VA 96 -104.05 1.84 58.17
C ASP VA 96 -102.59 2.27 58.20
N MET VA 97 -101.81 1.72 59.13
CA MET VA 97 -100.40 2.11 59.17
C MET VA 97 -99.60 1.47 58.04
N LEU VA 98 -100.03 0.30 57.55
CA LEU VA 98 -99.38 -0.31 56.40
C LEU VA 98 -99.61 0.52 55.13
N LEU VA 99 -100.77 1.14 55.00
CA LEU VA 99 -100.98 2.07 53.90
C LEU VA 99 -100.40 3.45 54.19
N ALA VA 100 -100.14 3.78 55.45
CA ALA VA 100 -99.53 5.05 55.81
C ALA VA 100 -98.04 5.10 55.55
N ASN VA 101 -97.33 3.99 55.74
CA ASN VA 101 -95.88 3.97 55.49
C ASN VA 101 -95.60 3.66 54.02
N LYS VA 102 -96.18 4.49 53.15
CA LYS VA 102 -95.93 4.44 51.71
C LYS VA 102 -94.93 5.55 51.40
N VAL VA 103 -93.65 5.21 51.44
CA VAL VA 103 -92.62 6.17 51.05
C VAL VA 103 -92.76 6.49 49.57
N PRO VA 104 -92.66 7.75 49.16
CA PRO VA 104 -92.74 8.07 47.73
C PRO VA 104 -91.49 7.63 46.97
N ALA VA 105 -91.49 6.38 46.51
CA ALA VA 105 -90.38 5.85 45.76
C ALA VA 105 -90.19 6.61 44.45
N ALA VA 106 -88.93 6.76 44.05
CA ALA VA 106 -88.60 7.49 42.84
C ALA VA 106 -88.95 6.65 41.61
N ALA VA 107 -88.62 7.18 40.44
CA ALA VA 107 -88.86 6.49 39.17
C ALA VA 107 -87.58 5.79 38.74
N ARG VA 108 -87.68 4.48 38.53
CA ARG VA 108 -86.55 3.68 38.07
C ARG VA 108 -86.52 3.66 36.55
N ALA VA 109 -85.31 3.72 35.99
CA ALA VA 109 -85.15 3.72 34.55
C ALA VA 109 -85.60 2.41 33.95
N GLY VA 110 -86.34 2.50 32.84
CA GLY VA 110 -86.84 1.32 32.17
C GLY VA 110 -87.95 0.60 32.91
N ALA VA 111 -88.63 1.28 33.82
CA ALA VA 111 -89.72 0.70 34.59
C ALA VA 111 -91.06 1.17 34.04
N ILE VA 112 -92.06 0.30 34.16
CA ILE VA 112 -93.42 0.65 33.76
C ILE VA 112 -94.00 1.59 34.81
N ALA VA 113 -94.59 2.70 34.34
CA ALA VA 113 -95.12 3.70 35.25
C ALA VA 113 -96.63 3.55 35.35
N PRO VA 114 -97.16 3.05 36.47
CA PRO VA 114 -98.62 3.00 36.60
C PRO VA 114 -99.28 4.37 36.70
N CYS VA 115 -98.54 5.40 37.10
CA CYS VA 115 -99.09 6.74 37.27
C CYS VA 115 -98.48 7.69 36.26
N GLU VA 116 -99.34 8.38 35.51
CA GLU VA 116 -98.92 9.42 34.59
C GLU VA 116 -98.35 10.60 35.35
N VAL VA 117 -97.34 11.26 34.79
CA VAL VA 117 -96.78 12.47 35.41
C VAL VA 117 -96.64 13.57 34.38
N THR VA 118 -97.06 14.77 34.74
CA THR VA 118 -96.83 15.98 33.96
C THR VA 118 -96.02 16.96 34.82
N VAL VA 119 -94.98 17.54 34.23
CA VAL VA 119 -94.17 18.53 34.93
C VAL VA 119 -94.82 19.90 34.76
N PRO VA 120 -95.04 20.64 35.84
CA PRO VA 120 -95.64 21.97 35.74
C PRO VA 120 -94.60 23.01 35.31
N ALA VA 121 -95.04 24.26 35.26
CA ALA VA 121 -94.20 25.37 34.83
C ALA VA 121 -93.79 26.18 36.06
N GLN VA 122 -92.73 25.71 36.71
CA GLN VA 122 -92.22 26.32 37.92
C GLN VA 122 -90.73 26.57 37.78
N ASN VA 123 -90.23 27.46 38.63
CA ASN VA 123 -88.78 27.67 38.70
C ASN VA 123 -88.14 26.44 39.31
N THR VA 124 -87.40 25.70 38.49
CA THR VA 124 -86.80 24.45 38.96
C THR VA 124 -85.77 24.68 40.05
N GLY VA 125 -85.01 25.78 39.96
CA GLY VA 125 -83.93 26.02 40.89
C GLY VA 125 -82.60 25.46 40.46
N LEU VA 126 -82.55 24.70 39.36
CA LEU VA 126 -81.29 24.18 38.87
C LEU VA 126 -80.48 25.29 38.19
N GLY VA 127 -79.17 25.26 38.41
CA GLY VA 127 -78.29 26.24 37.82
C GLY VA 127 -78.35 26.21 36.30
N PRO VA 128 -77.79 27.24 35.64
CA PRO VA 128 -77.94 27.33 34.19
C PRO VA 128 -76.92 26.50 33.43
N GLU VA 129 -76.71 25.27 33.89
CA GLU VA 129 -75.89 24.29 33.21
C GLU VA 129 -76.60 22.97 32.99
N LYS VA 130 -77.78 22.78 33.59
CA LYS VA 130 -78.57 21.58 33.42
C LYS VA 130 -79.60 21.70 32.31
N THR VA 131 -79.53 22.76 31.51
CA THR VA 131 -80.49 22.91 30.42
C THR VA 131 -80.31 21.85 29.34
N SER VA 132 -79.17 21.15 29.31
CA SER VA 132 -78.99 20.10 28.33
C SER VA 132 -79.98 18.97 28.53
N PHE VA 133 -80.37 18.71 29.78
CA PHE VA 133 -81.38 17.69 30.05
C PHE VA 133 -82.73 18.08 29.48
N PHE VA 134 -83.13 19.35 29.68
CA PHE VA 134 -84.38 19.82 29.10
C PHE VA 134 -84.30 19.86 27.58
N GLN VA 135 -83.13 20.15 27.03
CA GLN VA 135 -82.96 20.09 25.58
C GLN VA 135 -83.12 18.67 25.07
N ALA VA 136 -82.55 17.70 25.78
CA ALA VA 136 -82.64 16.30 25.37
C ALA VA 136 -84.06 15.78 25.47
N LEU VA 137 -84.85 16.30 26.42
CA LEU VA 137 -86.25 15.91 26.49
C LEU VA 137 -87.18 16.86 25.75
N GLY VA 138 -86.64 17.89 25.09
CA GLY VA 138 -87.43 18.75 24.24
C GLY VA 138 -88.14 19.91 24.91
N ILE VA 139 -87.99 20.07 26.23
CA ILE VA 139 -88.65 21.16 26.94
C ILE VA 139 -88.05 22.49 26.52
N THR VA 140 -88.91 23.37 25.99
CA THR VA 140 -88.52 24.76 25.82
C THR VA 140 -88.41 25.39 27.22
N THR VA 141 -87.23 25.87 27.55
CA THR VA 141 -86.95 26.36 28.90
C THR VA 141 -86.13 27.64 28.79
N LYS VA 142 -86.16 28.45 29.86
CA LYS VA 142 -85.43 29.69 29.86
C LYS VA 142 -84.65 29.82 31.17
N ILE VA 143 -83.89 30.90 31.28
CA ILE VA 143 -83.12 31.20 32.49
C ILE VA 143 -83.63 32.51 33.06
N SER VA 144 -84.23 32.44 34.24
CA SER VA 144 -84.69 33.60 34.99
C SER VA 144 -84.18 33.51 36.41
N ARG VA 145 -83.85 34.67 37.00
CA ARG VA 145 -83.25 34.74 38.33
C ARG VA 145 -81.97 33.92 38.39
N GLY VA 146 -81.26 33.83 37.26
CA GLY VA 146 -80.05 33.03 37.18
C GLY VA 146 -80.28 31.55 37.37
N THR VA 147 -81.47 31.05 37.04
CA THR VA 147 -81.77 29.65 37.24
C THR VA 147 -82.83 29.20 36.23
N ILE VA 148 -82.89 27.89 36.02
CA ILE VA 148 -83.75 27.32 34.98
C ILE VA 148 -85.21 27.49 35.36
N GLU VA 149 -86.02 27.97 34.41
CA GLU VA 149 -87.45 28.09 34.59
C GLU VA 149 -88.16 27.44 33.41
N ILE VA 150 -89.23 26.71 33.72
CA ILE VA 150 -90.00 25.96 32.74
C ILE VA 150 -91.05 26.89 32.13
N LEU VA 151 -91.08 26.93 30.79
CA LEU VA 151 -91.97 27.87 30.10
C LEU VA 151 -93.44 27.45 30.25
N SER VA 152 -93.74 26.18 30.02
CA SER VA 152 -95.14 25.75 30.03
C SER VA 152 -95.22 24.30 30.50
N ASP VA 153 -96.42 23.92 30.95
CA ASP VA 153 -96.65 22.56 31.40
C ASP VA 153 -96.56 21.59 30.24
N VAL VA 154 -96.13 20.37 30.55
CA VAL VA 154 -96.10 19.28 29.58
C VAL VA 154 -96.06 17.97 30.35
N GLN VA 155 -96.61 16.92 29.75
CA GLN VA 155 -96.47 15.59 30.33
C GLN VA 155 -95.05 15.07 30.09
N LEU VA 156 -94.66 14.10 30.91
CA LEU VA 156 -93.36 13.46 30.75
C LEU VA 156 -93.49 11.97 30.47
N ILE VA 157 -94.26 11.23 31.26
CA ILE VA 157 -94.56 9.85 30.93
C ILE VA 157 -96.05 9.59 31.17
N LYS VA 158 -96.63 8.82 30.26
CA LYS VA 158 -97.98 8.30 30.33
C LYS VA 158 -97.99 7.03 31.18
N THR VA 159 -99.17 6.49 31.45
CA THR VA 159 -99.29 5.23 32.16
C THR VA 159 -99.20 4.05 31.19
N GLY VA 160 -98.79 2.91 31.72
CA GLY VA 160 -98.72 1.68 30.94
C GLY VA 160 -97.69 1.69 29.83
N ASP VA 161 -96.50 2.24 30.09
CA ASP VA 161 -95.43 2.23 29.11
C ASP VA 161 -94.10 2.42 29.82
N LYS VA 162 -93.02 2.14 29.10
CA LYS VA 162 -91.69 2.21 29.65
C LYS VA 162 -91.24 3.67 29.81
N VAL VA 163 -90.14 3.83 30.55
CA VAL VA 163 -89.54 5.14 30.78
C VAL VA 163 -88.10 5.11 30.28
N GLY VA 164 -87.74 6.12 29.49
CA GLY VA 164 -86.36 6.27 29.09
C GLY VA 164 -85.49 6.81 30.22
N ALA VA 165 -84.19 6.52 30.12
CA ALA VA 165 -83.26 6.94 31.15
C ALA VA 165 -83.20 8.45 31.27
N SER VA 166 -83.33 9.16 30.15
CA SER VA 166 -83.35 10.62 30.18
C SER VA 166 -84.57 11.13 30.96
N GLU VA 167 -85.75 10.56 30.71
CA GLU VA 167 -86.93 10.95 31.46
C GLU VA 167 -86.75 10.69 32.95
N ALA VA 168 -86.27 9.49 33.29
CA ALA VA 168 -86.12 9.14 34.70
C ALA VA 168 -85.12 10.05 35.41
N THR VA 169 -83.97 10.32 34.78
CA THR VA 169 -82.99 11.18 35.41
C THR VA 169 -83.46 12.62 35.49
N LEU VA 170 -84.28 13.09 34.54
CA LEU VA 170 -84.81 14.45 34.66
C LEU VA 170 -85.79 14.54 35.82
N LEU VA 171 -86.63 13.53 36.00
CA LEU VA 171 -87.56 13.53 37.13
C LEU VA 171 -86.79 13.51 38.46
N ASN VA 172 -85.77 12.67 38.55
CA ASN VA 172 -84.98 12.61 39.78
C ASN VA 172 -84.24 13.91 40.03
N MET VA 173 -83.72 14.55 38.96
CA MET VA 173 -83.05 15.83 39.12
C MET VA 173 -84.02 16.90 39.61
N LEU VA 174 -85.22 16.93 39.06
CA LEU VA 174 -86.24 17.87 39.53
C LEU VA 174 -86.66 17.57 40.97
N ASN VA 175 -86.51 16.31 41.41
CA ASN VA 175 -86.90 15.88 42.75
C ASN VA 175 -88.38 16.10 43.00
N ILE VA 176 -89.18 16.11 41.93
CA ILE VA 176 -90.62 16.05 42.09
C ILE VA 176 -91.03 14.62 42.36
N SER VA 177 -92.23 14.45 42.88
CA SER VA 177 -92.70 13.12 43.26
C SER VA 177 -93.06 12.33 42.02
N PRO VA 178 -92.37 11.24 41.73
CA PRO VA 178 -92.77 10.39 40.61
C PRO VA 178 -93.82 9.38 41.06
N PHE VA 179 -94.18 8.44 40.20
CA PHE VA 179 -95.11 7.40 40.60
C PHE VA 179 -94.57 6.62 41.79
N SER VA 180 -95.42 6.38 42.77
CA SER VA 180 -95.03 5.79 44.04
C SER VA 180 -96.09 4.81 44.51
N PHE VA 181 -95.68 3.89 45.38
CA PHE VA 181 -96.55 2.80 45.82
C PHE VA 181 -95.93 2.16 47.07
N GLY VA 182 -96.51 1.04 47.48
CA GLY VA 182 -96.03 0.28 48.62
C GLY VA 182 -96.73 -1.07 48.66
N LEU VA 183 -96.19 -1.96 49.48
CA LEU VA 183 -96.69 -3.33 49.51
C LEU VA 183 -98.12 -3.37 50.01
N VAL VA 184 -98.91 -4.29 49.47
CA VAL VA 184 -100.36 -4.26 49.65
C VAL VA 184 -100.84 -5.59 50.23
N ILE VA 185 -101.83 -5.50 51.12
CA ILE VA 185 -102.41 -6.69 51.73
C ILE VA 185 -103.14 -7.49 50.66
N GLN VA 186 -102.59 -8.64 50.29
CA GLN VA 186 -103.30 -9.52 49.36
C GLN VA 186 -104.54 -10.09 50.03
N GLN VA 187 -104.36 -10.85 51.09
CA GLN VA 187 -105.48 -11.35 51.87
C GLN VA 187 -105.09 -11.39 53.34
N VAL VA 188 -106.11 -11.48 54.19
CA VAL VA 188 -105.95 -11.51 55.64
C VAL VA 188 -106.38 -12.88 56.15
N PHE VA 189 -105.93 -13.22 57.36
CA PHE VA 189 -106.15 -14.55 57.90
C PHE VA 189 -106.22 -14.46 59.42
N ASP VA 190 -107.40 -14.74 59.97
CA ASP VA 190 -107.65 -14.69 61.41
C ASP VA 190 -108.21 -16.04 61.84
N ASN VA 191 -107.31 -16.98 62.13
CA ASN VA 191 -107.68 -18.30 62.66
C ASN VA 191 -108.68 -19.00 61.74
N GLY VA 192 -108.23 -19.33 60.54
CA GLY VA 192 -109.06 -20.02 59.57
C GLY VA 192 -110.09 -19.18 58.87
N SER VA 193 -109.82 -17.90 58.63
CA SER VA 193 -110.76 -17.00 57.99
C SER VA 193 -110.16 -16.41 56.72
N ILE VA 194 -111.01 -16.23 55.72
CA ILE VA 194 -110.63 -15.66 54.43
C ILE VA 194 -111.45 -14.41 54.19
N TYR VA 195 -110.78 -13.32 53.84
CA TYR VA 195 -111.44 -12.07 53.50
C TYR VA 195 -110.66 -11.41 52.36
N ASN VA 196 -110.96 -10.15 52.08
CA ASN VA 196 -110.27 -9.44 51.02
C ASN VA 196 -108.86 -9.03 51.44
N PRO WA 1 -88.32 28.17 54.94
CA PRO WA 1 -87.36 27.10 54.69
C PRO WA 1 -85.93 27.50 55.01
N ASN WA 2 -85.70 28.04 56.21
CA ASN WA 2 -84.41 28.55 56.68
C ASN WA 2 -83.90 29.72 55.84
N GLU WA 3 -84.72 30.22 54.92
CA GLU WA 3 -84.41 31.32 54.01
C GLU WA 3 -83.22 31.04 53.09
N ILE WA 4 -82.71 29.82 53.11
CA ILE WA 4 -81.57 29.42 52.28
C ILE WA 4 -81.47 27.91 52.32
N LYS WA 5 -80.84 27.33 51.29
CA LYS WA 5 -80.62 25.89 51.21
C LYS WA 5 -79.12 25.63 51.32
N VAL WA 6 -78.71 25.00 52.41
CA VAL WA 6 -77.30 24.78 52.72
C VAL WA 6 -77.08 23.32 53.11
N VAL WA 7 -77.99 22.44 52.67
CA VAL WA 7 -78.12 21.08 53.22
C VAL WA 7 -77.02 20.14 52.74
N TYR WA 8 -76.04 20.66 52.01
CA TYR WA 8 -74.94 19.85 51.52
C TYR WA 8 -74.05 19.36 52.66
N LEU WA 9 -73.06 18.55 52.30
CA LEU WA 9 -72.07 18.03 53.24
C LEU WA 9 -70.68 18.46 52.80
N ARG WA 10 -69.77 18.58 53.76
CA ARG WA 10 -68.39 18.95 53.48
C ARG WA 10 -67.45 18.03 54.23
N CYS WA 11 -66.26 17.83 53.67
CA CYS WA 11 -65.31 16.81 54.12
C CYS WA 11 -63.93 17.41 54.35
N THR WA 12 -63.87 18.50 55.12
CA THR WA 12 -62.58 19.05 55.55
C THR WA 12 -62.41 18.87 57.05
N GLY WA 13 -61.16 18.67 57.45
CA GLY WA 13 -60.85 18.45 58.86
C GLY WA 13 -59.36 18.36 59.07
N GLY WA 14 -58.95 18.43 60.33
CA GLY WA 14 -57.55 18.42 60.66
C GLY WA 14 -56.86 19.73 60.36
N GLU WA 15 -56.10 19.77 59.27
CA GLU WA 15 -55.44 21.00 58.82
C GLU WA 15 -56.49 22.00 58.33
N VAL WA 16 -56.06 23.26 58.22
CA VAL WA 16 -56.98 24.37 57.97
C VAL WA 16 -57.77 24.15 56.68
N GLY WA 17 -57.07 23.85 55.59
CA GLY WA 17 -57.73 23.60 54.32
C GLY WA 17 -58.10 24.86 53.59
N ALA WA 18 -59.19 25.51 54.03
CA ALA WA 18 -59.67 26.78 53.47
C ALA WA 18 -59.83 26.72 51.95
N THR WA 19 -59.01 27.47 51.23
CA THR WA 19 -59.10 27.54 49.78
C THR WA 19 -58.67 26.25 49.09
N SER WA 20 -57.81 25.46 49.73
CA SER WA 20 -57.31 24.25 49.09
C SER WA 20 -58.41 23.21 48.91
N ALA WA 21 -59.39 23.17 49.80
CA ALA WA 21 -60.46 22.19 49.73
C ALA WA 21 -61.52 22.65 48.73
N LEU WA 22 -62.64 21.94 48.70
CA LEU WA 22 -63.76 22.27 47.84
C LEU WA 22 -64.72 23.26 48.48
N ALA WA 23 -64.40 23.74 49.68
CA ALA WA 23 -65.22 24.78 50.30
C ALA WA 23 -65.32 26.05 49.46
N PRO WA 24 -64.25 26.59 48.85
CA PRO WA 24 -64.47 27.66 47.87
C PRO WA 24 -65.31 27.22 46.69
N LYS WA 25 -65.14 25.96 46.24
CA LYS WA 25 -65.86 25.45 45.08
C LYS WA 25 -67.33 25.20 45.37
N ILE WA 26 -67.76 25.26 46.63
CA ILE WA 26 -69.14 25.01 47.00
C ILE WA 26 -69.76 26.18 47.76
N GLY WA 27 -68.96 27.19 48.12
CA GLY WA 27 -69.47 28.40 48.75
C GLY WA 27 -70.53 29.17 47.99
N PRO WA 28 -70.41 29.33 46.66
CA PRO WA 28 -71.47 30.03 45.90
C PRO WA 28 -72.85 29.36 45.94
N LEU WA 29 -72.97 28.22 46.64
CA LEU WA 29 -74.29 27.65 46.86
C LEU WA 29 -75.18 28.60 47.64
N GLY WA 30 -74.64 29.25 48.65
CA GLY WA 30 -75.36 30.27 49.40
C GLY WA 30 -74.81 31.65 49.17
N LEU WA 31 -73.55 31.73 48.71
CA LEU WA 31 -72.85 32.95 48.34
C LEU WA 31 -72.54 33.84 49.54
N SER WA 32 -73.01 33.45 50.73
CA SER WA 32 -72.78 34.18 51.96
C SER WA 32 -71.46 33.86 52.67
N PRO WA 33 -71.12 32.56 52.96
CA PRO WA 33 -70.03 32.30 53.91
C PRO WA 33 -68.65 32.74 53.45
N LYS WA 34 -68.19 32.20 52.32
CA LYS WA 34 -66.88 32.49 51.72
C LYS WA 34 -65.80 32.25 52.78
N LYS WA 35 -64.77 33.11 52.87
CA LYS WA 35 -63.67 32.84 53.79
C LYS WA 35 -64.10 32.92 55.25
N VAL WA 36 -64.96 33.88 55.60
CA VAL WA 36 -65.42 34.00 56.97
C VAL WA 36 -66.18 32.73 57.39
N GLY WA 37 -67.14 32.31 56.57
CA GLY WA 37 -67.94 31.15 56.93
C GLY WA 37 -67.14 29.87 56.99
N ASP WA 38 -66.31 29.60 55.99
CA ASP WA 38 -65.59 28.33 56.06
C ASP WA 38 -64.46 28.36 57.09
N ASP WA 39 -63.89 29.53 57.40
CA ASP WA 39 -62.90 29.59 58.45
C ASP WA 39 -63.51 29.39 59.83
N ILE WA 40 -64.69 29.95 60.10
CA ILE WA 40 -65.33 29.67 61.38
C ILE WA 40 -65.87 28.24 61.47
N ALA WA 41 -66.31 27.66 60.34
CA ALA WA 41 -66.65 26.24 60.33
C ALA WA 41 -65.43 25.38 60.66
N LYS WA 42 -64.28 25.72 60.08
CA LYS WA 42 -63.05 25.01 60.41
C LYS WA 42 -62.65 25.23 61.87
N ALA WA 43 -62.80 26.44 62.38
CA ALA WA 43 -62.45 26.74 63.76
C ALA WA 43 -63.27 25.90 64.72
N THR WA 44 -64.56 25.71 64.43
CA THR WA 44 -65.38 24.83 65.25
C THR WA 44 -65.09 23.35 65.00
N GLY WA 45 -64.65 23.00 63.79
CA GLY WA 45 -64.41 21.62 63.46
C GLY WA 45 -62.97 21.17 63.57
N ASP WA 46 -62.13 21.95 64.25
CA ASP WA 46 -60.78 21.49 64.56
C ASP WA 46 -60.81 20.18 65.32
N TRP WA 47 -61.57 20.13 66.40
CA TRP WA 47 -61.73 18.92 67.19
C TRP WA 47 -62.93 18.13 66.67
N LYS WA 48 -63.38 17.16 67.45
CA LYS WA 48 -64.38 16.18 67.04
C LYS WA 48 -63.95 15.49 65.76
N GLY WA 49 -62.76 14.90 65.84
CA GLY WA 49 -62.14 14.26 64.69
C GLY WA 49 -61.31 15.21 63.88
N LEU WA 50 -60.08 14.79 63.56
CA LEU WA 50 -59.21 15.54 62.66
C LEU WA 50 -59.14 14.90 61.28
N ARG WA 51 -60.03 13.94 61.00
CA ARG WA 51 -60.07 13.23 59.73
C ARG WA 51 -60.81 14.02 58.69
N ILE WA 52 -61.22 13.34 57.61
CA ILE WA 52 -62.01 13.97 56.55
C ILE WA 52 -63.26 14.61 57.13
N THR WA 53 -63.93 13.93 58.06
CA THR WA 53 -64.99 14.51 58.90
C THR WA 53 -66.12 15.10 58.05
N VAL WA 54 -66.85 14.18 57.40
CA VAL WA 54 -68.10 14.54 56.74
C VAL WA 54 -69.01 15.20 57.77
N LYS WA 55 -69.74 16.23 57.34
CA LYS WA 55 -70.53 17.02 58.27
C LYS WA 55 -71.76 17.56 57.55
N LEU WA 56 -72.39 18.55 58.19
CA LEU WA 56 -73.48 19.32 57.61
C LEU WA 56 -73.56 20.62 58.39
N THR WA 57 -74.21 21.62 57.82
CA THR WA 57 -74.22 22.92 58.47
C THR WA 57 -75.54 23.63 58.20
N ILE WA 58 -75.83 24.61 59.05
CA ILE WA 58 -77.02 25.44 58.95
C ILE WA 58 -76.57 26.88 58.70
N GLN WA 59 -77.10 27.49 57.66
CA GLN WA 59 -76.69 28.82 57.24
C GLN WA 59 -77.68 29.86 57.76
N ASN WA 60 -77.17 30.81 58.55
CA ASN WA 60 -77.96 31.93 59.06
C ASN WA 60 -77.94 33.12 58.11
N ARG WA 61 -77.77 32.86 56.81
CA ARG WA 61 -77.72 33.83 55.72
C ARG WA 61 -76.41 34.61 55.71
N GLN WA 62 -75.59 34.46 56.75
CA GLN WA 62 -74.24 35.02 56.69
C GLN WA 62 -73.17 34.04 57.16
N ALA WA 63 -73.46 33.21 58.17
CA ALA WA 63 -72.49 32.31 58.78
C ALA WA 63 -73.09 30.91 58.87
N GLN WA 64 -72.31 29.98 59.39
CA GLN WA 64 -72.67 28.56 59.40
C GLN WA 64 -72.55 27.98 60.80
N ILE WA 65 -73.46 27.08 61.13
CA ILE WA 65 -73.52 26.42 62.44
C ILE WA 65 -73.37 24.92 62.21
N GLU WA 66 -72.48 24.30 62.98
CA GLU WA 66 -71.89 23.01 62.62
C GLU WA 66 -72.63 21.87 63.30
N VAL WA 67 -73.01 20.86 62.50
CA VAL WA 67 -73.46 19.57 62.98
C VAL WA 67 -72.66 18.49 62.28
N VAL WA 68 -72.08 17.58 63.05
CA VAL WA 68 -71.23 16.54 62.48
C VAL WA 68 -71.77 15.16 62.87
N PRO WA 69 -72.17 14.33 61.92
CA PRO WA 69 -72.68 13.01 62.26
C PRO WA 69 -71.57 12.07 62.72
N SER WA 70 -71.98 10.89 63.19
CA SER WA 70 -71.06 9.91 63.75
C SER WA 70 -70.64 8.94 62.67
N ALA WA 71 -69.44 9.15 62.12
CA ALA WA 71 -68.82 8.19 61.23
C ALA WA 71 -67.96 7.23 62.05
N SER WA 72 -67.80 6.01 61.53
CA SER WA 72 -67.08 4.98 62.29
C SER WA 72 -65.62 5.38 62.49
N ALA WA 73 -64.91 5.71 61.40
CA ALA WA 73 -63.53 6.15 61.53
C ALA WA 73 -63.44 7.43 62.33
N LEU WA 74 -64.43 8.32 62.19
CA LEU WA 74 -64.44 9.56 62.93
C LEU WA 74 -64.46 9.31 64.44
N ILE WA 75 -65.41 8.51 64.90
CA ILE WA 75 -65.55 8.29 66.34
C ILE WA 75 -64.36 7.49 66.86
N ILE WA 76 -63.87 6.52 66.07
CA ILE WA 76 -62.74 5.69 66.54
C ILE WA 76 -61.49 6.55 66.69
N LYS WA 77 -61.18 7.36 65.68
CA LYS WA 77 -59.96 8.17 65.75
C LYS WA 77 -60.12 9.32 66.75
N ALA WA 78 -61.34 9.81 66.97
CA ALA WA 78 -61.53 10.85 67.96
C ALA WA 78 -61.35 10.29 69.37
N LEU WA 79 -61.91 9.12 69.65
CA LEU WA 79 -61.76 8.51 70.97
C LEU WA 79 -60.41 7.81 71.15
N LYS WA 80 -59.64 7.65 70.09
CA LYS WA 80 -58.24 7.27 70.26
C LYS WA 80 -57.42 8.49 70.63
N GLU WA 81 -56.35 8.25 71.36
CA GLU WA 81 -55.57 9.32 71.97
C GLU WA 81 -54.15 9.34 71.42
N ILE WA 98 -56.51 -3.33 70.84
CA ILE WA 98 -56.97 -3.36 72.23
C ILE WA 98 -58.48 -3.61 72.30
N THR WA 99 -59.10 -3.26 73.42
CA THR WA 99 -60.49 -3.64 73.68
C THR WA 99 -61.43 -2.44 73.75
N PHE WA 100 -61.21 -1.51 74.68
CA PHE WA 100 -62.02 -0.31 74.94
C PHE WA 100 -63.53 -0.53 74.81
N ASP WA 101 -64.00 -1.70 75.27
CA ASP WA 101 -65.42 -2.01 75.23
C ASP WA 101 -66.25 -1.06 76.09
N GLU WA 102 -65.68 -0.60 77.20
CA GLU WA 102 -66.36 0.37 78.05
C GLU WA 102 -66.63 1.67 77.30
N ILE WA 103 -65.63 2.17 76.55
CA ILE WA 103 -65.84 3.46 75.92
C ILE WA 103 -66.70 3.31 74.67
N VAL WA 104 -66.67 2.16 73.98
CA VAL WA 104 -67.66 2.05 72.91
C VAL WA 104 -69.07 1.91 73.50
N ASN WA 105 -69.20 1.28 74.67
CA ASN WA 105 -70.48 1.21 75.34
C ASN WA 105 -71.02 2.59 75.64
N ILE WA 106 -70.18 3.47 76.18
CA ILE WA 106 -70.64 4.83 76.44
C ILE WA 106 -70.79 5.64 75.16
N ALA WA 107 -70.16 5.22 74.06
CA ALA WA 107 -70.24 5.94 72.80
C ALA WA 107 -71.46 5.54 71.97
N ARG WA 108 -72.15 4.46 72.33
CA ARG WA 108 -73.35 4.09 71.59
C ARG WA 108 -74.61 4.83 71.98
N GLN WA 109 -74.63 5.51 73.13
CA GLN WA 109 -75.87 6.12 73.59
C GLN WA 109 -76.23 7.38 72.80
N MET WA 110 -75.23 8.19 72.43
CA MET WA 110 -75.48 9.40 71.65
C MET WA 110 -75.43 9.15 70.15
N ARG WA 111 -75.32 7.90 69.72
CA ARG WA 111 -75.05 7.58 68.32
C ARG WA 111 -76.31 7.81 67.48
N HIS WA 112 -76.20 7.53 66.18
CA HIS WA 112 -77.30 7.70 65.24
C HIS WA 112 -78.54 6.93 65.67
N ARG WA 113 -78.36 5.73 66.22
CA ARG WA 113 -79.42 4.89 66.76
C ARG WA 113 -80.41 4.42 65.70
N SER WA 114 -80.06 4.50 64.41
CA SER WA 114 -80.95 3.84 63.45
C SER WA 114 -80.43 2.46 63.07
N LEU WA 115 -79.31 2.38 62.35
CA LEU WA 115 -78.56 1.17 62.02
C LEU WA 115 -79.40 0.02 61.44
N ALA WA 116 -80.63 0.30 61.01
CA ALA WA 116 -81.62 -0.75 60.71
C ALA WA 116 -81.65 -1.82 61.79
N ARG WA 117 -81.58 -1.37 63.04
CA ARG WA 117 -81.31 -2.24 64.17
C ARG WA 117 -82.59 -2.83 64.76
N GLU WA 118 -82.42 -3.80 65.64
CA GLU WA 118 -83.51 -4.30 66.47
C GLU WA 118 -83.14 -4.42 67.95
N LEU WA 119 -81.88 -4.30 68.31
CA LEU WA 119 -81.44 -4.17 69.69
C LEU WA 119 -80.31 -3.14 69.75
N SER WA 120 -80.13 -2.54 70.92
CA SER WA 120 -79.06 -1.57 71.07
C SER WA 120 -77.70 -2.23 71.30
N GLY WA 121 -77.66 -3.50 71.69
CA GLY WA 121 -76.40 -4.21 71.81
C GLY WA 121 -75.82 -4.65 70.48
N THR WA 122 -76.68 -4.88 69.49
CA THR WA 122 -76.17 -5.14 68.15
C THR WA 122 -75.47 -3.93 67.55
N ILE WA 123 -75.74 -2.72 68.05
CA ILE WA 123 -74.97 -1.56 67.62
C ILE WA 123 -73.51 -1.72 68.03
N LYS WA 124 -73.28 -2.07 69.29
CA LYS WA 124 -71.91 -2.29 69.73
C LYS WA 124 -71.32 -3.53 69.09
N GLU WA 125 -72.14 -4.51 68.70
CA GLU WA 125 -71.63 -5.59 67.87
C GLU WA 125 -71.12 -5.08 66.54
N ILE WA 126 -71.93 -4.26 65.86
CA ILE WA 126 -71.57 -3.74 64.55
C ILE WA 126 -70.32 -2.89 64.64
N LEU WA 127 -70.14 -2.17 65.75
CA LEU WA 127 -68.99 -1.28 65.82
C LEU WA 127 -67.74 -1.91 66.43
N GLY WA 128 -67.87 -2.89 67.33
CA GLY WA 128 -66.73 -3.74 67.60
C GLY WA 128 -66.31 -4.58 66.43
N THR WA 129 -67.19 -4.72 65.43
CA THR WA 129 -66.82 -5.27 64.14
C THR WA 129 -66.16 -4.23 63.23
N ALA WA 130 -66.72 -3.03 63.17
CA ALA WA 130 -66.20 -1.96 62.33
C ALA WA 130 -64.88 -1.41 62.84
N GLN WA 131 -64.54 -1.67 64.10
CA GLN WA 131 -63.24 -1.29 64.64
C GLN WA 131 -62.14 -2.23 64.19
N SER WA 132 -62.44 -3.22 63.35
CA SER WA 132 -61.41 -4.01 62.71
C SER WA 132 -60.57 -3.17 61.76
N VAL WA 133 -61.04 -1.96 61.42
CA VAL WA 133 -60.24 -1.00 60.69
C VAL WA 133 -59.06 -0.53 61.55
N HIS WA 141 -57.77 -9.62 66.80
CA HIS WA 141 -58.87 -8.85 66.24
C HIS WA 141 -60.10 -8.94 67.15
N PRO WA 142 -60.86 -7.85 67.24
CA PRO WA 142 -62.01 -7.81 68.15
C PRO WA 142 -63.24 -8.56 67.64
N HIS WA 143 -63.15 -9.33 66.57
CA HIS WA 143 -64.27 -10.16 66.15
C HIS WA 143 -64.47 -11.34 67.10
N ASP WA 144 -63.49 -11.66 67.93
CA ASP WA 144 -63.62 -12.76 68.88
C ASP WA 144 -64.66 -12.47 69.96
N ILE WA 145 -64.81 -11.21 70.37
CA ILE WA 145 -65.87 -10.89 71.32
C ILE WA 145 -67.21 -10.81 70.61
N ILE WA 146 -67.22 -10.27 69.38
CA ILE WA 146 -68.45 -10.18 68.60
C ILE WA 146 -68.97 -11.56 68.25
N ASP WA 147 -68.07 -12.57 68.21
CA ASP WA 147 -68.44 -13.92 67.82
C ASP WA 147 -69.43 -14.54 68.81
N ASP WA 148 -69.08 -14.55 70.09
CA ASP WA 148 -69.88 -15.20 71.11
C ASP WA 148 -70.00 -14.31 72.34
N ILE WA 149 -70.31 -13.03 72.11
CA ILE WA 149 -70.53 -12.12 73.22
C ILE WA 149 -71.80 -12.51 73.96
N ASN WA 150 -71.70 -12.56 75.28
CA ASN WA 150 -72.83 -12.87 76.14
C ASN WA 150 -73.09 -11.80 77.20
N SER WA 151 -72.13 -10.92 77.45
CA SER WA 151 -72.25 -9.88 78.46
C SER WA 151 -72.11 -8.52 77.79
N GLY WA 152 -73.15 -7.70 77.89
CA GLY WA 152 -73.14 -6.35 77.34
C GLY WA 152 -74.22 -6.06 76.32
N ALA WA 153 -74.81 -7.09 75.71
CA ALA WA 153 -75.80 -6.87 74.66
C ALA WA 153 -77.01 -6.12 75.19
N VAL WA 154 -77.61 -6.61 76.29
CA VAL WA 154 -78.71 -5.87 76.91
C VAL WA 154 -78.18 -4.72 77.75
N GLU WA 155 -76.89 -4.73 78.08
CA GLU WA 155 -76.29 -3.60 78.80
C GLU WA 155 -76.30 -2.34 77.96
N CYS WA 156 -76.19 -2.46 76.63
CA CYS WA 156 -76.28 -1.27 75.78
C CYS WA 156 -77.63 -0.56 75.91
N PRO WA 157 -78.80 -1.24 75.83
CA PRO WA 157 -79.99 -0.46 76.18
C PRO WA 157 -80.29 -0.48 77.67
N GLY XA 1 67.65 96.08 18.13
CA GLY XA 1 68.89 96.84 18.25
C GLY XA 1 69.42 97.29 16.91
N ALA XA 2 68.67 98.19 16.25
CA ALA XA 2 68.99 98.65 14.90
C ALA XA 2 69.97 99.82 14.90
N LEU XA 3 70.78 99.96 15.95
CA LEU XA 3 71.64 101.12 16.10
C LEU XA 3 73.06 100.67 16.37
N ASP XA 4 73.99 101.63 16.33
CA ASP XA 4 75.40 101.32 16.49
C ASP XA 4 75.77 101.01 17.93
N VAL XA 5 75.23 101.76 18.88
CA VAL XA 5 75.55 101.52 20.28
C VAL XA 5 75.00 100.16 20.73
N LEU XA 6 73.78 99.83 20.31
CA LEU XA 6 73.16 98.55 20.64
C LEU XA 6 73.63 97.51 19.62
N GLN XA 7 74.86 97.05 19.80
CA GLN XA 7 75.43 96.07 18.89
C GLN XA 7 76.20 95.01 19.67
N MET XA 8 76.50 93.93 18.98
CA MET XA 8 77.22 92.81 19.56
C MET XA 8 78.71 93.13 19.60
N LYS XA 9 79.32 92.97 20.78
CA LYS XA 9 80.73 93.29 20.94
C LYS XA 9 81.60 92.07 20.68
N GLU XA 10 82.88 92.34 20.46
CA GLU XA 10 83.83 91.26 20.18
C GLU XA 10 83.94 90.31 21.37
N GLU XA 11 83.95 90.84 22.59
CA GLU XA 11 83.96 89.98 23.77
C GLU XA 11 82.70 89.14 23.85
N ASP XA 12 81.57 89.70 23.43
CA ASP XA 12 80.34 88.91 23.36
C ASP XA 12 80.52 87.74 22.40
N VAL XA 13 81.13 87.99 21.24
CA VAL XA 13 81.37 86.91 20.29
C VAL XA 13 82.25 85.82 20.90
N LEU XA 14 83.33 86.24 21.57
CA LEU XA 14 84.28 85.27 22.14
C LEU XA 14 83.60 84.41 23.19
N LYS XA 15 82.87 85.03 24.11
CA LYS XA 15 82.25 84.23 25.16
C LYS XA 15 81.08 83.40 24.64
N PHE XA 16 80.39 83.85 23.59
CA PHE XA 16 79.38 83.00 22.97
C PHE XA 16 80.00 81.73 22.42
N LEU XA 17 81.12 81.88 21.69
CA LEU XA 17 81.79 80.71 21.14
C LEU XA 17 82.29 79.79 22.24
N ALA XA 18 82.84 80.35 23.31
CA ALA XA 18 83.27 79.54 24.44
C ALA XA 18 82.10 78.82 25.11
N ALA XA 19 80.94 79.46 25.22
CA ALA XA 19 79.76 78.80 25.75
C ALA XA 19 79.25 77.72 24.83
N GLY XA 20 79.53 77.79 23.54
CA GLY XA 20 78.93 76.86 22.63
C GLY XA 20 77.46 77.11 22.39
N THR XA 21 77.03 78.37 22.52
CA THR XA 21 75.65 78.72 22.27
C THR XA 21 75.29 78.54 20.79
N HIS XA 22 76.26 78.75 19.90
CA HIS XA 22 76.01 78.64 18.47
C HIS XA 22 75.66 77.21 18.06
N LEU XA 23 76.13 76.22 18.79
CA LEU XA 23 75.77 74.84 18.49
C LEU XA 23 74.31 74.59 18.83
N GLY XA 24 73.67 73.70 18.07
CA GLY XA 24 72.33 73.28 18.42
C GLY XA 24 72.18 71.78 18.43
N GLY XA 25 70.95 71.29 18.56
CA GLY XA 25 70.67 69.88 18.45
C GLY XA 25 70.73 69.42 17.00
N THR XA 26 70.50 68.13 16.81
CA THR XA 26 70.58 67.52 15.48
C THR XA 26 69.27 67.51 14.74
N ASN XA 27 68.18 67.95 15.36
CA ASN XA 27 66.89 68.02 14.70
C ASN XA 27 66.57 69.46 14.33
N LEU XA 28 65.47 69.65 13.61
CA LEU XA 28 65.09 70.98 13.15
C LEU XA 28 63.59 71.18 13.31
N ASP XA 29 63.21 72.31 13.89
CA ASP XA 29 61.82 72.72 13.97
C ASP XA 29 61.53 73.69 12.83
N PHE XA 30 60.40 73.47 12.14
CA PHE XA 30 60.08 74.29 10.98
C PHE XA 30 59.83 75.75 11.38
N GLN XA 31 59.33 75.99 12.59
CA GLN XA 31 59.20 77.35 13.08
C GLN XA 31 60.57 77.96 13.39
N MET XA 32 61.43 77.19 14.05
CA MET XA 32 62.75 77.67 14.43
C MET XA 32 63.73 77.73 13.25
N GLU XA 33 63.30 77.32 12.07
CA GLU XA 33 64.14 77.40 10.88
C GLU XA 33 64.58 78.82 10.56
N GLN XA 34 63.86 79.84 11.06
CA GLN XA 34 64.21 81.23 10.77
C GLN XA 34 65.61 81.57 11.27
N TYR XA 35 65.97 81.09 12.45
CA TYR XA 35 67.21 81.47 13.08
C TYR XA 35 68.35 80.48 12.82
N ILE XA 36 68.10 79.43 12.06
CA ILE XA 36 69.12 78.43 11.75
C ILE XA 36 69.93 78.90 10.55
N TYR XA 37 71.24 78.98 10.72
CA TYR XA 37 72.10 79.44 9.64
C TYR XA 37 72.44 78.30 8.68
N LYS XA 38 73.11 77.27 9.18
CA LYS XA 38 73.56 76.17 8.34
C LYS XA 38 73.89 74.98 9.22
N ARG XA 39 73.57 73.78 8.71
CA ARG XA 39 73.86 72.54 9.41
C ARG XA 39 75.19 71.99 8.93
N LYS XA 40 76.06 71.62 9.88
CA LYS XA 40 77.43 71.24 9.55
C LYS XA 40 77.50 69.81 9.02
N SER XA 41 78.72 69.39 8.66
CA SER XA 41 78.92 68.04 8.16
C SER XA 41 78.71 66.99 9.24
N ASP XA 42 78.93 67.35 10.50
CA ASP XA 42 78.62 66.45 11.60
C ASP XA 42 77.13 66.40 11.92
N GLY XA 43 76.33 67.30 11.36
CA GLY XA 43 74.90 67.29 11.55
C GLY XA 43 74.39 68.23 12.61
N ILE XA 44 75.25 69.00 13.25
CA ILE XA 44 74.84 69.96 14.27
C ILE XA 44 74.45 71.26 13.59
N TYR XA 45 73.27 71.77 13.91
CA TYR XA 45 72.82 73.03 13.33
C TYR XA 45 73.56 74.20 13.97
N ILE XA 46 73.97 75.15 13.15
CA ILE XA 46 74.68 76.35 13.61
C ILE XA 46 73.69 77.50 13.64
N ILE XA 47 73.62 78.17 14.78
CA ILE XA 47 72.65 79.23 15.01
C ILE XA 47 73.26 80.56 14.56
N ASN XA 48 72.47 81.34 13.83
CA ASN XA 48 72.95 82.63 13.37
C ASN XA 48 73.10 83.57 14.56
N LEU XA 49 74.35 83.97 14.82
CA LEU XA 49 74.64 84.71 16.03
C LEU XA 49 74.09 86.12 15.97
N LYS XA 50 74.04 86.73 14.78
CA LYS XA 50 73.37 88.01 14.64
C LYS XA 50 71.90 87.89 15.00
N ARG XA 51 71.26 86.82 14.55
CA ARG XA 51 69.85 86.62 14.84
C ARG XA 51 69.61 86.45 16.34
N THR XA 52 70.45 85.65 17.02
CA THR XA 52 70.22 85.48 18.44
C THR XA 52 70.54 86.75 19.23
N TRP XA 53 71.57 87.50 18.82
CA TRP XA 53 71.84 88.75 19.50
C TRP XA 53 70.68 89.72 19.36
N GLU XA 54 70.13 89.84 18.15
CA GLU XA 54 69.00 90.74 17.94
C GLU XA 54 67.78 90.29 18.72
N LYS XA 55 67.52 88.98 18.76
CA LYS XA 55 66.40 88.49 19.53
C LYS XA 55 66.57 88.76 21.02
N LEU XA 56 67.80 88.62 21.52
CA LEU XA 56 68.06 88.91 22.92
C LEU XA 56 67.84 90.39 23.22
N LEU XA 57 68.25 91.26 22.30
CA LEU XA 57 67.96 92.69 22.45
C LEU XA 57 66.46 92.95 22.48
N LEU XA 58 65.70 92.31 21.59
CA LEU XA 58 64.25 92.49 21.60
C LEU XA 58 63.66 92.02 22.92
N ALA XA 59 64.15 90.89 23.44
CA ALA XA 59 63.68 90.39 24.72
C ALA XA 59 63.96 91.37 25.84
N ALA XA 60 65.15 91.99 25.84
CA ALA XA 60 65.46 92.98 26.85
C ALA XA 60 64.54 94.19 26.75
N ARG XA 61 64.23 94.62 25.52
CA ARG XA 61 63.25 95.67 25.34
C ARG XA 61 61.91 95.30 25.95
N ALA XA 62 61.45 94.08 25.70
CA ALA XA 62 60.17 93.63 26.24
C ALA XA 62 60.22 93.59 27.76
N ILE XA 63 61.34 93.15 28.32
CA ILE XA 63 61.45 93.03 29.78
C ILE XA 63 61.38 94.39 30.44
N VAL XA 64 62.15 95.36 29.93
CA VAL XA 64 62.12 96.68 30.53
C VAL XA 64 60.86 97.45 30.19
N ALA XA 65 60.07 96.97 29.23
CA ALA XA 65 58.80 97.62 28.92
C ALA XA 65 57.81 97.56 30.07
N ILE XA 66 58.00 96.66 31.02
CA ILE XA 66 57.13 96.58 32.19
C ILE XA 66 57.68 97.52 33.26
N GLU XA 67 56.80 98.37 33.80
CA GLU XA 67 57.21 99.32 34.82
C GLU XA 67 57.66 98.61 36.08
N ASN XA 68 56.92 97.58 36.51
CA ASN XA 68 57.22 96.88 37.75
C ASN XA 68 58.07 95.65 37.44
N PRO XA 69 59.34 95.62 37.83
CA PRO XA 69 60.14 94.41 37.62
C PRO XA 69 59.67 93.22 38.44
N ALA XA 70 58.85 93.44 39.47
CA ALA XA 70 58.27 92.32 40.18
C ALA XA 70 57.20 91.63 39.35
N ASP XA 71 56.60 92.34 38.40
CA ASP XA 71 55.50 91.78 37.62
C ASP XA 71 55.95 90.75 36.61
N VAL XA 72 57.25 90.63 36.36
CA VAL XA 72 57.78 89.64 35.43
C VAL XA 72 58.43 88.51 36.23
N SER XA 73 58.13 87.27 35.84
CA SER XA 73 58.61 86.10 36.55
C SER XA 73 59.43 85.22 35.61
N VAL XA 74 60.37 84.47 36.18
CA VAL XA 74 61.20 83.55 35.42
C VAL XA 74 61.00 82.15 35.98
N ILE XA 75 61.14 81.15 35.10
CA ILE XA 75 60.93 79.75 35.47
C ILE XA 75 62.06 78.91 34.90
N SER XA 76 62.65 78.07 35.75
CA SER XA 76 63.58 77.02 35.31
C SER XA 76 63.24 75.77 36.11
N SER XA 77 62.58 74.81 35.46
CA SER XA 77 62.27 73.56 36.14
C SER XA 77 63.44 72.59 36.12
N ARG XA 78 64.17 72.54 35.01
CA ARG XA 78 65.36 71.70 34.96
C ARG XA 78 66.48 72.35 35.75
N ASN XA 79 67.32 71.50 36.36
CA ASN XA 79 68.36 71.99 37.25
C ASN XA 79 69.44 72.79 36.52
N THR XA 80 69.56 72.61 35.21
CA THR XA 80 70.52 73.36 34.41
C THR XA 80 69.91 74.72 34.08
N GLY XA 81 69.94 75.61 35.07
CA GLY XA 81 69.39 76.93 34.89
C GLY XA 81 68.72 77.53 36.11
N GLN XA 82 68.55 76.73 37.17
CA GLN XA 82 67.96 77.25 38.39
C GLN XA 82 68.86 78.30 39.03
N ARG XA 83 70.16 78.06 39.05
CA ARG XA 83 71.11 79.05 39.53
C ARG XA 83 71.05 80.32 38.68
N ALA XA 84 70.97 80.16 37.36
CA ALA XA 84 70.92 81.30 36.46
C ALA XA 84 69.66 82.13 36.68
N VAL XA 85 68.51 81.48 36.85
CA VAL XA 85 67.28 82.24 37.04
C VAL XA 85 67.25 82.90 38.42
N LEU XA 86 67.84 82.26 39.43
CA LEU XA 86 67.93 82.93 40.73
C LEU XA 86 68.84 84.16 40.66
N LYS XA 87 69.98 84.05 39.96
CA LYS XA 87 70.85 85.20 39.83
C LYS XA 87 70.20 86.31 39.02
N PHE XA 88 69.44 85.95 37.98
CA PHE XA 88 68.67 86.95 37.24
C PHE XA 88 67.63 87.60 38.13
N ALA XA 89 66.96 86.82 38.98
CA ALA XA 89 65.97 87.37 39.88
C ALA XA 89 66.60 88.35 40.85
N ALA XA 90 67.78 88.01 41.39
CA ALA XA 90 68.48 88.91 42.29
C ALA XA 90 68.92 90.18 41.56
N ALA XA 91 69.36 90.04 40.31
CA ALA XA 91 69.88 91.21 39.59
C ALA XA 91 68.78 92.14 39.14
N THR XA 92 67.61 91.60 38.78
CA THR XA 92 66.56 92.39 38.15
C THR XA 92 65.34 92.61 39.02
N GLY XA 93 65.31 92.06 40.23
CA GLY XA 93 64.14 92.22 41.07
C GLY XA 93 62.94 91.43 40.61
N ALA XA 94 63.13 90.39 39.80
CA ALA XA 94 62.03 89.60 39.29
C ALA XA 94 61.55 88.61 40.35
N THR XA 95 60.60 87.76 39.97
CA THR XA 95 60.05 86.76 40.87
C THR XA 95 60.40 85.37 40.38
N PRO XA 96 61.29 84.65 41.06
CA PRO XA 96 61.76 83.38 40.53
C PRO XA 96 60.84 82.22 40.83
N ILE XA 97 60.87 81.23 39.93
CA ILE XA 97 60.26 79.92 40.15
C ILE XA 97 61.24 78.87 39.66
N ALA XA 98 61.94 78.23 40.59
CA ALA XA 98 62.89 77.17 40.24
C ALA XA 98 62.36 75.83 40.74
N GLY XA 99 62.79 74.77 40.09
CA GLY XA 99 62.26 73.47 40.40
C GLY XA 99 60.89 73.28 39.79
N ARG XA 100 60.10 72.43 40.45
CA ARG XA 100 58.79 72.07 39.93
C ARG XA 100 57.86 73.27 39.87
N PHE XA 101 57.20 73.44 38.72
CA PHE XA 101 56.17 74.44 38.56
C PHE XA 101 54.84 73.76 38.83
N THR XA 102 54.27 74.03 39.99
CA THR XA 102 53.02 73.36 40.37
C THR XA 102 51.87 73.84 39.50
N PRO XA 103 51.03 72.93 39.01
CA PRO XA 103 49.83 73.35 38.28
C PRO XA 103 48.87 74.09 39.20
N GLY XA 104 48.08 74.97 38.60
CA GLY XA 104 47.21 75.83 39.36
C GLY XA 104 47.84 77.11 39.83
N THR XA 105 49.07 77.41 39.41
CA THR XA 105 49.70 78.67 39.81
C THR XA 105 48.91 79.86 39.27
N PHE XA 106 48.41 79.76 38.05
CA PHE XA 106 47.65 80.84 37.44
C PHE XA 106 46.15 80.64 37.55
N THR XA 107 45.66 79.45 37.24
CA THR XA 107 44.22 79.23 37.13
C THR XA 107 43.56 79.19 38.51
N ASN XA 108 44.21 78.58 39.49
CA ASN XA 108 43.63 78.41 40.82
C ASN XA 108 44.19 79.46 41.77
N GLN XA 109 43.29 80.29 42.31
CA GLN XA 109 43.66 81.38 43.19
C GLN XA 109 43.74 80.99 44.65
N ILE XA 110 43.34 79.77 45.00
CA ILE XA 110 43.27 79.37 46.40
C ILE XA 110 44.66 79.15 46.98
N GLN XA 111 45.49 78.39 46.27
CA GLN XA 111 46.72 77.88 46.86
C GLN XA 111 47.75 78.98 47.06
N ALA XA 112 48.78 78.65 47.85
CA ALA XA 112 49.79 79.62 48.24
C ALA XA 112 50.80 79.91 47.14
N ALA XA 113 50.92 79.04 46.16
CA ALA XA 113 51.82 79.28 45.04
C ALA XA 113 51.16 80.14 43.96
N PHE XA 114 49.91 80.52 44.14
CA PHE XA 114 49.19 81.28 43.14
C PHE XA 114 49.78 82.68 42.97
N ARG XA 115 49.89 83.11 41.72
CA ARG XA 115 50.43 84.42 41.42
C ARG XA 115 49.89 84.87 40.07
N GLU XA 116 49.99 86.18 39.82
CA GLU XA 116 49.47 86.79 38.61
C GLU XA 116 50.55 87.65 37.95
N PRO XA 117 51.32 87.07 37.03
CA PRO XA 117 52.38 87.81 36.36
C PRO XA 117 51.88 88.51 35.10
N ARG XA 118 52.71 89.42 34.60
CA ARG XA 118 52.43 90.14 33.37
C ARG XA 118 53.28 89.67 32.20
N LEU XA 119 54.47 89.13 32.47
CA LEU XA 119 55.32 88.56 31.43
C LEU XA 119 56.10 87.42 32.08
N LEU XA 120 56.29 86.34 31.35
CA LEU XA 120 56.98 85.20 31.92
C LEU XA 120 58.11 84.77 31.01
N VAL XA 121 59.22 84.38 31.63
CA VAL XA 121 60.42 83.99 30.91
C VAL XA 121 60.67 82.50 31.18
N VAL XA 122 60.92 81.75 30.12
CA VAL XA 122 61.02 80.29 30.19
C VAL XA 122 62.42 79.88 29.76
N THR XA 123 62.91 78.79 30.34
CA THR XA 123 64.20 78.23 29.95
C THR XA 123 64.09 77.19 28.84
N ASP XA 124 63.06 76.37 28.84
CA ASP XA 124 62.97 75.31 27.84
C ASP XA 124 61.50 74.99 27.55
N PRO XA 125 61.05 75.13 26.31
CA PRO XA 125 59.68 74.69 25.99
C PRO XA 125 59.44 73.23 26.26
N ARG XA 126 60.43 72.37 25.98
CA ARG XA 126 60.25 70.93 26.11
C ARG XA 126 59.99 70.52 27.55
N ALA XA 127 60.69 71.14 28.51
CA ALA XA 127 60.46 70.82 29.91
C ALA XA 127 59.31 71.63 30.47
N ASP XA 128 59.32 72.94 30.25
CA ASP XA 128 58.29 73.82 30.78
C ASP XA 128 57.16 74.03 29.78
N HIS XA 129 56.67 72.95 29.20
CA HIS XA 129 55.46 73.04 28.40
C HIS XA 129 54.25 73.37 29.25
N GLN XA 130 54.16 72.80 30.45
CA GLN XA 130 52.96 72.99 31.28
C GLN XA 130 52.78 74.44 31.72
N PRO XA 131 53.79 75.14 32.26
CA PRO XA 131 53.59 76.57 32.53
C PRO XA 131 53.30 77.39 31.30
N LEU XA 132 53.89 77.02 30.15
CA LEU XA 132 53.55 77.68 28.91
C LEU XA 132 52.08 77.49 28.56
N THR XA 133 51.56 76.29 28.83
CA THR XA 133 50.14 76.03 28.60
C THR XA 133 49.27 76.89 29.53
N GLU XA 134 49.67 77.02 30.79
CA GLU XA 134 48.90 77.90 31.67
C GLU XA 134 49.02 79.35 31.27
N ALA XA 135 50.11 79.73 30.60
CA ALA XA 135 50.29 81.11 30.18
C ALA XA 135 49.25 81.55 29.16
N SER XA 136 48.51 80.61 28.57
CA SER XA 136 47.46 80.92 27.61
C SER XA 136 46.07 80.88 28.24
N TYR XA 137 45.98 80.82 29.55
CA TYR XA 137 44.69 80.92 30.22
C TYR XA 137 44.44 82.30 30.82
N VAL XA 138 45.47 83.13 30.96
CA VAL XA 138 45.34 84.33 31.78
C VAL XA 138 45.90 85.54 31.04
N ASN XA 139 46.08 85.41 29.73
CA ASN XA 139 46.70 86.44 28.89
C ASN XA 139 48.10 86.79 29.38
N LEU XA 140 48.98 85.79 29.32
CA LEU XA 140 50.35 85.95 29.80
C LEU XA 140 51.33 85.86 28.64
N PRO XA 141 51.90 86.98 28.19
CA PRO XA 141 52.95 86.89 27.17
C PRO XA 141 54.21 86.25 27.73
N THR XA 142 54.94 85.58 26.84
CA THR XA 142 56.10 84.79 27.22
C THR XA 142 57.32 85.17 26.38
N ILE XA 143 58.37 85.53 27.06
CA ILE XA 143 59.72 85.47 26.52
C ILE XA 143 60.29 84.11 26.91
N ALA XA 144 60.81 83.38 25.94
CA ALA XA 144 61.28 82.04 26.23
C ALA XA 144 62.60 81.79 25.52
N LEU XA 145 63.36 80.85 26.07
CA LEU XA 145 64.49 80.29 25.37
C LEU XA 145 63.97 79.25 24.39
N CYS XA 146 64.85 78.36 23.94
CA CYS XA 146 64.63 77.72 22.66
C CYS XA 146 65.37 76.40 22.60
N ASN XA 147 65.18 75.72 21.48
CA ASN XA 147 66.17 74.83 20.91
C ASN XA 147 65.82 74.69 19.44
N THR XA 148 66.76 74.19 18.65
CA THR XA 148 66.45 73.80 17.29
C THR XA 148 65.64 72.51 17.24
N ASP XA 149 65.24 72.01 18.41
CA ASP XA 149 64.40 70.83 18.55
C ASP XA 149 63.09 71.12 19.25
N SER XA 150 62.96 72.20 20.01
CA SER XA 150 61.80 72.47 20.83
C SER XA 150 60.65 73.02 19.99
N PRO XA 151 59.41 72.80 20.41
CA PRO XA 151 58.27 73.46 19.76
C PRO XA 151 58.14 74.90 20.23
N LEU XA 152 57.34 75.65 19.49
CA LEU XA 152 57.07 77.05 19.77
C LEU XA 152 55.59 77.27 20.03
N ARG XA 153 54.98 76.39 20.82
CA ARG XA 153 53.53 76.32 20.93
C ARG XA 153 52.92 77.60 21.52
N TYR XA 154 53.61 78.24 22.45
CA TYR XA 154 53.09 79.49 22.99
C TYR XA 154 54.17 80.54 23.20
N VAL XA 155 55.39 80.31 22.73
CA VAL XA 155 56.42 81.33 22.85
C VAL XA 155 56.12 82.49 21.90
N ASP XA 156 56.66 83.65 22.24
CA ASP XA 156 56.47 84.83 21.41
C ASP XA 156 57.78 85.49 21.00
N ILE XA 157 58.75 85.56 21.90
CA ILE XA 157 60.01 86.23 21.64
C ILE XA 157 61.13 85.21 21.85
N ALA XA 158 60.86 83.97 21.44
CA ALA XA 158 61.82 82.87 21.57
C ALA XA 158 63.20 83.26 21.07
N ILE XA 159 64.18 83.17 21.96
CA ILE XA 159 65.56 83.56 21.65
C ILE XA 159 66.30 82.33 21.16
N PRO XA 160 66.79 82.32 19.91
CA PRO XA 160 67.65 81.23 19.46
C PRO XA 160 68.88 81.11 20.34
N CYS XA 161 69.34 79.88 20.55
CA CYS XA 161 70.06 79.57 21.78
C CYS XA 161 70.49 78.11 21.77
N ASN XA 162 71.40 77.79 22.68
CA ASN XA 162 71.72 76.42 23.06
C ASN XA 162 71.38 76.27 24.53
N ASN XA 163 70.30 75.56 24.83
CA ASN XA 163 69.85 75.38 26.20
C ASN XA 163 70.32 74.07 26.83
N LYS XA 164 71.23 73.36 26.16
CA LYS XA 164 71.72 72.08 26.66
C LYS XA 164 72.98 72.25 27.50
N GLY XA 165 73.96 72.99 26.99
CA GLY XA 165 75.18 73.23 27.75
C GLY XA 165 74.90 74.12 28.94
N ALA XA 166 75.37 73.70 30.11
CA ALA XA 166 75.12 74.47 31.34
C ALA XA 166 75.77 75.84 31.28
N HIS XA 167 77.00 75.91 30.77
CA HIS XA 167 77.64 77.20 30.56
C HIS XA 167 76.85 78.06 29.61
N SER XA 168 76.32 77.46 28.54
CA SER XA 168 75.54 78.21 27.57
C SER XA 168 74.28 78.79 28.20
N VAL XA 169 73.58 77.99 29.02
CA VAL XA 169 72.37 78.47 29.69
C VAL XA 169 72.70 79.61 30.65
N GLY XA 170 73.75 79.43 31.47
CA GLY XA 170 74.11 80.46 32.41
C GLY XA 170 74.49 81.77 31.74
N LEU XA 171 75.33 81.67 30.70
CA LEU XA 171 75.68 82.86 29.92
C LEU XA 171 74.47 83.48 29.24
N MET XA 172 73.55 82.64 28.76
CA MET XA 172 72.36 83.15 28.08
C MET XA 172 71.53 84.01 29.01
N TRP XA 173 71.33 83.56 30.25
CA TRP XA 173 70.63 84.41 31.21
C TRP XA 173 71.48 85.60 31.64
N TRP XA 174 72.80 85.44 31.66
CA TRP XA 174 73.70 86.52 32.03
C TRP XA 174 73.53 87.72 31.11
N MET XA 175 73.47 87.48 29.79
CA MET XA 175 73.33 88.60 28.87
C MET XA 175 71.99 89.30 29.05
N LEU XA 176 70.92 88.55 29.29
CA LEU XA 176 69.61 89.17 29.45
C LEU XA 176 69.61 90.10 30.66
N ALA XA 177 70.14 89.63 31.79
CA ALA XA 177 70.25 90.51 32.94
C ALA XA 177 71.15 91.71 32.66
N ARG XA 178 72.28 91.46 32.00
CA ARG XA 178 73.21 92.52 31.65
C ARG XA 178 72.53 93.60 30.82
N GLU XA 179 71.74 93.18 29.82
CA GLU XA 179 71.18 94.14 28.89
C GLU XA 179 70.03 94.91 29.51
N VAL XA 180 69.18 94.26 30.31
CA VAL XA 180 68.12 95.03 30.94
C VAL XA 180 68.71 96.03 31.92
N LEU XA 181 69.75 95.64 32.68
CA LEU XA 181 70.39 96.61 33.57
C LEU XA 181 71.08 97.72 32.78
N ARG XA 182 71.68 97.39 31.64
CA ARG XA 182 72.41 98.38 30.87
C ARG XA 182 71.48 99.39 30.20
N MET XA 183 70.35 98.94 29.68
CA MET XA 183 69.40 99.86 29.07
C MET XA 183 68.51 100.55 30.10
N ARG XA 184 68.53 100.10 31.35
CA ARG XA 184 68.01 100.93 32.42
C ARG XA 184 69.15 101.77 33.00
N GLY XA 185 68.82 102.60 33.99
CA GLY XA 185 69.79 103.54 34.52
C GLY XA 185 70.70 102.97 35.60
N THR XA 186 70.88 101.65 35.62
CA THR XA 186 71.72 101.02 36.62
C THR XA 186 73.15 100.77 36.16
N ILE XA 187 73.38 100.72 34.86
CA ILE XA 187 74.73 100.58 34.31
C ILE XA 187 74.99 101.78 33.41
N SER XA 188 76.19 102.35 33.53
CA SER XA 188 76.57 103.51 32.74
C SER XA 188 76.93 103.17 31.30
N ARG XA 189 76.86 101.88 30.92
CA ARG XA 189 77.01 101.38 29.55
C ARG XA 189 78.47 101.45 29.08
N GLU XA 190 79.36 102.09 29.83
CA GLU XA 190 80.74 102.26 29.41
C GLU XA 190 81.64 101.14 29.92
N HIS XA 191 81.70 100.96 31.23
CA HIS XA 191 82.50 99.90 31.81
C HIS XA 191 81.86 98.55 31.49
N PRO XA 192 82.68 97.50 31.38
CA PRO XA 192 82.11 96.15 31.31
C PRO XA 192 81.47 95.77 32.64
N TRP XA 193 80.49 94.88 32.57
CA TRP XA 193 79.77 94.48 33.77
C TRP XA 193 80.71 93.79 34.75
N GLU XA 194 80.65 94.21 36.01
CA GLU XA 194 81.46 93.61 37.05
C GLU XA 194 81.08 92.16 37.31
N VAL XA 195 79.87 91.75 36.97
CA VAL XA 195 79.42 90.39 37.20
C VAL XA 195 79.99 89.48 36.13
N MET XA 196 80.64 88.41 36.56
CA MET XA 196 81.37 87.34 35.89
C MET XA 196 80.41 86.19 35.54
N PRO XA 197 80.49 85.69 34.32
CA PRO XA 197 79.43 84.80 33.81
C PRO XA 197 79.23 83.49 34.56
N ASP XA 198 80.27 82.97 35.23
CA ASP XA 198 80.10 81.69 35.92
C ASP XA 198 79.16 81.79 37.11
N LEU XA 199 78.79 83.01 37.52
CA LEU XA 199 77.83 83.17 38.61
C LEU XA 199 76.50 82.51 38.27
N TYR XA 200 76.14 82.49 36.99
CA TYR XA 200 74.91 81.88 36.54
C TYR XA 200 75.08 80.41 36.19
N PHE XA 201 76.28 79.85 36.37
CA PHE XA 201 76.59 78.51 35.88
C PHE XA 201 76.15 77.46 36.88
N TYR XA 202 75.30 76.53 36.45
CA TYR XA 202 74.89 75.45 37.33
C TYR XA 202 76.09 74.58 37.69
N ARG XA 203 76.23 74.29 38.97
CA ARG XA 203 77.33 73.49 39.47
C ARG XA 203 76.86 72.06 39.70
N ASP XA 204 77.66 71.11 39.24
CA ASP XA 204 77.32 69.71 39.41
C ASP XA 204 77.41 69.30 40.87
N PRO XA 205 76.48 68.50 41.36
CA PRO XA 205 76.58 67.99 42.73
C PRO XA 205 77.76 67.05 42.92
N GLU XA 206 78.37 66.57 41.84
CA GLU XA 206 79.56 65.74 41.94
C GLU XA 206 80.74 66.52 42.52
N GLU XA 207 80.89 67.79 42.12
CA GLU XA 207 81.96 68.64 42.60
C GLU XA 207 81.51 69.65 43.64
N ILE XA 208 80.20 69.77 43.87
CA ILE XA 208 79.68 70.77 44.80
C ILE XA 208 80.15 70.53 46.24
N GLU XA 209 80.74 69.37 46.53
CA GLU XA 209 81.23 69.07 47.86
C GLU XA 209 82.74 69.03 47.97
N LYS XA 210 83.46 68.81 46.86
CA LYS XA 210 84.91 68.76 46.89
C LYS XA 210 85.57 70.07 46.49
N GLU XA 211 84.92 70.86 45.64
CA GLU XA 211 85.54 72.10 45.17
C GLU XA 211 85.75 73.11 46.30
N GLU XA 212 84.77 73.25 47.21
CA GLU XA 212 84.93 74.26 48.25
C GLU XA 212 85.96 73.87 49.30
N GLN XA 213 86.08 72.57 49.62
CA GLN XA 213 87.13 72.17 50.55
C GLN XA 213 88.51 72.25 49.89
N ALA XA 214 88.63 71.87 48.62
CA ALA XA 214 89.90 72.06 47.93
C ALA XA 214 90.26 73.53 47.80
N ALA XA 215 89.27 74.41 47.61
CA ALA XA 215 89.55 75.84 47.52
C ALA XA 215 89.91 76.42 48.88
N ALA XA 216 89.32 75.92 49.96
CA ALA XA 216 89.76 76.34 51.30
C ALA XA 216 91.20 75.95 51.54
N GLU XA 217 91.58 74.73 51.15
CA GLU XA 217 93.00 74.34 51.22
C GLU XA 217 93.86 75.22 50.32
N LYS XA 218 93.36 75.54 49.13
CA LYS XA 218 94.10 76.39 48.20
C LYS XA 218 94.37 77.76 48.80
N ALA XA 219 93.37 78.35 49.45
CA ALA XA 219 93.54 79.66 50.05
C ALA XA 219 94.45 79.60 51.26
N VAL XA 220 94.33 78.56 52.09
CA VAL XA 220 95.13 78.51 53.30
C VAL XA 220 96.58 78.11 53.02
N THR XA 221 96.86 77.53 51.85
CA THR XA 221 98.25 77.23 51.49
C THR XA 221 98.86 78.37 50.67
N VAL YA 1 68.14 -17.61 20.79
CA VAL YA 1 68.42 -17.94 22.19
C VAL YA 1 69.55 -17.07 22.71
N VAL YA 2 70.71 -17.16 22.06
CA VAL YA 2 71.84 -16.33 22.44
C VAL YA 2 71.67 -14.93 21.84
N ASP YA 3 72.33 -13.96 22.46
CA ASP YA 3 72.33 -12.61 21.91
C ASP YA 3 73.12 -12.60 20.60
N PRO YA 4 72.60 -11.93 19.56
CA PRO YA 4 73.34 -11.87 18.29
C PRO YA 4 74.65 -11.11 18.40
N PHE YA 5 74.83 -10.32 19.45
CA PHE YA 5 76.10 -9.63 19.62
C PHE YA 5 77.24 -10.58 19.96
N SER YA 6 76.92 -11.82 20.36
CA SER YA 6 77.97 -12.82 20.49
C SER YA 6 78.57 -13.18 19.14
N LYS YA 7 77.73 -13.25 18.11
CA LYS YA 7 78.17 -13.59 16.76
C LYS YA 7 78.41 -12.35 15.90
N LYS YA 8 78.19 -11.15 16.43
CA LYS YA 8 78.67 -9.97 15.75
C LYS YA 8 80.19 -9.90 15.83
N ASP YA 9 80.80 -9.36 14.77
CA ASP YA 9 82.22 -9.05 14.76
C ASP YA 9 82.42 -7.61 14.28
N TRP YA 10 83.52 -7.01 14.68
CA TRP YA 10 83.73 -5.57 14.56
C TRP YA 10 84.78 -5.29 13.50
N TYR YA 11 84.38 -4.55 12.48
CA TYR YA 11 85.23 -4.20 11.35
C TYR YA 11 85.54 -2.71 11.42
N ASP YA 12 86.83 -2.38 11.43
CA ASP YA 12 87.24 -0.99 11.37
C ASP YA 12 86.85 -0.37 10.02
N VAL YA 13 86.58 0.93 10.04
CA VAL YA 13 86.32 1.67 8.80
C VAL YA 13 87.53 2.55 8.51
N LYS YA 14 87.87 2.68 7.24
CA LYS YA 14 88.99 3.50 6.83
C LYS YA 14 88.47 4.69 6.04
N ALA YA 15 89.35 5.66 5.81
CA ALA YA 15 88.99 6.95 5.23
C ALA YA 15 89.82 7.22 4.00
N PRO YA 16 89.35 8.09 3.11
CA PRO YA 16 90.18 8.49 1.96
C PRO YA 16 91.47 9.17 2.41
N ALA YA 17 92.50 9.02 1.58
CA ALA YA 17 93.78 9.65 1.84
C ALA YA 17 93.73 11.17 1.70
N MET YA 18 92.62 11.72 1.17
CA MET YA 18 92.48 13.17 1.08
C MET YA 18 92.48 13.81 2.47
N PHE YA 19 92.09 13.05 3.49
CA PHE YA 19 92.02 13.54 4.86
C PHE YA 19 93.08 12.85 5.69
N ASN YA 20 93.74 13.61 6.57
CA ASN YA 20 94.87 13.07 7.30
C ASN YA 20 94.47 12.01 8.31
N ILE YA 21 93.25 12.06 8.83
CA ILE YA 21 92.76 11.04 9.76
C ILE YA 21 92.12 9.93 8.95
N ARG YA 22 92.53 8.68 9.21
CA ARG YA 22 92.05 7.54 8.45
C ARG YA 22 91.02 6.71 9.20
N ASN YA 23 91.03 6.73 10.52
CA ASN YA 23 90.18 5.86 11.32
C ASN YA 23 89.00 6.67 11.84
N ILE YA 24 87.85 6.55 11.17
CA ILE YA 24 86.61 7.11 11.72
C ILE YA 24 86.19 6.33 12.94
N GLY YA 25 86.19 5.00 12.84
CA GLY YA 25 85.80 4.15 13.94
C GLY YA 25 85.61 2.71 13.54
N LYS YA 26 84.65 2.04 14.18
CA LYS YA 26 84.38 0.65 13.90
C LYS YA 26 82.87 0.45 13.73
N THR YA 27 82.52 -0.49 12.86
CA THR YA 27 81.15 -0.92 12.66
C THR YA 27 81.06 -2.39 13.05
N LEU YA 28 79.83 -2.90 13.14
CA LEU YA 28 79.64 -4.29 13.52
C LEU YA 28 78.64 -4.94 12.57
N VAL YA 29 78.76 -6.26 12.45
CA VAL YA 29 77.89 -7.04 11.59
C VAL YA 29 78.04 -8.50 12.00
N THR YA 30 77.01 -9.29 11.76
CA THR YA 30 77.07 -10.70 12.10
C THR YA 30 78.02 -11.44 11.17
N ARG YA 31 78.47 -12.61 11.62
CA ARG YA 31 79.40 -13.40 10.83
C ARG YA 31 78.71 -13.97 9.59
N THR YA 32 79.53 -14.18 8.55
CA THR YA 32 79.05 -14.76 7.30
C THR YA 32 78.56 -16.18 7.54
N GLN YA 33 77.32 -16.46 7.19
CA GLN YA 33 76.74 -17.80 7.34
C GLN YA 33 75.79 -18.04 6.17
N GLY YA 34 76.29 -18.71 5.15
CA GLY YA 34 75.44 -19.11 4.03
C GLY YA 34 75.35 -18.04 2.97
N THR YA 35 74.13 -17.79 2.50
CA THR YA 35 73.93 -16.80 1.44
C THR YA 35 74.31 -15.39 1.90
N LYS YA 36 73.93 -15.04 3.13
CA LYS YA 36 74.30 -13.73 3.66
C LYS YA 36 75.80 -13.66 3.87
N ILE YA 37 76.40 -12.57 3.38
CA ILE YA 37 77.84 -12.35 3.49
C ILE YA 37 78.02 -11.10 4.33
N ALA YA 38 78.90 -11.18 5.33
CA ALA YA 38 79.22 -9.98 6.10
C ALA YA 38 79.80 -8.91 5.21
N SER YA 39 80.79 -9.28 4.38
CA SER YA 39 81.43 -8.33 3.48
C SER YA 39 80.44 -7.74 2.49
N ASP YA 40 79.60 -8.59 1.89
CA ASP YA 40 78.70 -8.10 0.85
C ASP YA 40 77.55 -7.30 1.42
N GLY YA 41 77.04 -7.69 2.59
CA GLY YA 41 75.99 -6.92 3.24
C GLY YA 41 76.47 -5.63 3.85
N LEU YA 42 77.78 -5.51 4.10
CA LEU YA 42 78.32 -4.27 4.63
C LEU YA 42 78.56 -3.22 3.55
N LYS YA 43 78.51 -3.59 2.27
CA LYS YA 43 78.69 -2.60 1.22
C LYS YA 43 77.52 -1.62 1.17
N GLY YA 44 77.82 -0.33 1.22
CA GLY YA 44 76.80 0.69 1.12
C GLY YA 44 76.46 1.41 2.41
N ARG YA 45 77.20 1.19 3.49
CA ARG YA 45 76.97 1.95 4.72
C ARG YA 45 77.32 3.42 4.50
N VAL YA 46 76.56 4.28 5.15
CA VAL YA 46 76.80 5.72 5.14
C VAL YA 46 77.24 6.14 6.53
N PHE YA 47 78.40 6.77 6.62
CA PHE YA 47 78.97 7.21 7.88
C PHE YA 47 78.98 8.74 7.89
N GLU YA 48 77.89 9.32 8.36
CA GLU YA 48 77.78 10.78 8.48
C GLU YA 48 78.78 11.24 9.53
N VAL YA 49 79.90 11.82 9.09
CA VAL YA 49 81.00 12.14 9.98
C VAL YA 49 81.41 13.60 9.76
N SER YA 50 81.69 14.30 10.86
CA SER YA 50 82.06 15.71 10.78
C SER YA 50 83.44 15.88 10.15
N LEU YA 51 83.64 17.03 9.51
CA LEU YA 51 84.91 17.31 8.87
C LEU YA 51 86.00 17.61 9.89
N ALA YA 52 85.65 18.15 11.05
CA ALA YA 52 86.64 18.35 12.10
C ALA YA 52 87.13 17.03 12.67
N ASP YA 53 86.34 15.96 12.53
CA ASP YA 53 86.78 14.65 12.96
C ASP YA 53 87.68 13.97 11.95
N LEU YA 54 87.73 14.46 10.71
CA LEU YA 54 88.64 13.95 9.70
C LEU YA 54 89.88 14.79 9.54
N GLN YA 55 89.79 16.11 9.75
CA GLN YA 55 90.95 16.98 9.59
C GLN YA 55 91.40 17.48 10.95
N ASN YA 56 92.68 17.83 11.04
CA ASN YA 56 93.29 18.10 12.34
C ASN YA 56 92.72 19.36 12.97
N ASP YA 57 92.83 20.49 12.27
CA ASP YA 57 92.43 21.78 12.81
C ASP YA 57 91.62 22.57 11.79
N GLU YA 58 90.65 21.91 11.16
CA GLU YA 58 89.73 22.59 10.25
C GLU YA 58 88.39 22.80 10.95
N VAL YA 59 87.42 23.30 10.19
CA VAL YA 59 86.13 23.69 10.73
C VAL YA 59 85.33 22.45 11.14
N ALA YA 60 84.25 22.67 11.89
CA ALA YA 60 83.46 21.57 12.45
C ALA YA 60 82.04 21.51 11.92
N PHE YA 61 81.59 22.51 11.17
CA PHE YA 61 80.19 22.61 10.76
C PHE YA 61 79.93 21.97 9.40
N ARG YA 62 80.69 20.95 9.04
CA ARG YA 62 80.46 20.19 7.82
C ARG YA 62 80.36 18.71 8.16
N LYS YA 63 79.61 17.97 7.37
CA LYS YA 63 79.46 16.53 7.52
C LYS YA 63 79.65 15.86 6.16
N PHE YA 64 80.09 14.61 6.19
CA PHE YA 64 80.34 13.85 4.99
C PHE YA 64 79.67 12.49 5.11
N LYS YA 65 79.09 12.04 4.00
CA LYS YA 65 78.36 10.78 3.98
C LYS YA 65 79.33 9.60 4.00
N LEU YA 66 80.27 9.56 3.05
CA LEU YA 66 81.38 8.61 3.05
C LEU YA 66 80.87 7.17 3.03
N ILE YA 67 80.24 6.81 1.91
CA ILE YA 67 79.71 5.46 1.74
C ILE YA 67 80.86 4.46 1.65
N THR YA 68 80.58 3.23 2.05
CA THR YA 68 81.55 2.13 1.97
C THR YA 68 81.37 1.38 0.66
N GLU YA 69 82.48 1.03 0.02
CA GLU YA 69 82.45 0.29 -1.23
C GLU YA 69 83.17 -1.04 -1.17
N ASP YA 70 84.31 -1.12 -0.48
CA ASP YA 70 85.11 -2.33 -0.41
C ASP YA 70 85.42 -2.67 1.04
N VAL YA 71 86.06 -3.81 1.23
CA VAL YA 71 86.48 -4.26 2.55
C VAL YA 71 87.58 -5.29 2.38
N GLN YA 72 88.62 -5.17 3.20
CA GLN YA 72 89.75 -6.09 3.14
C GLN YA 72 90.20 -6.42 4.56
N GLY YA 73 89.96 -7.66 4.98
CA GLY YA 73 90.28 -8.07 6.33
C GLY YA 73 89.33 -7.47 7.34
N LYS YA 74 89.82 -6.54 8.16
CA LYS YA 74 88.99 -5.83 9.12
C LYS YA 74 88.62 -4.43 8.68
N ASN YA 75 89.48 -3.78 7.89
CA ASN YA 75 89.22 -2.41 7.46
C ASN YA 75 88.29 -2.38 6.25
N CYS YA 76 87.41 -1.39 6.24
CA CYS YA 76 86.39 -1.22 5.20
C CYS YA 76 86.72 0.06 4.45
N LEU YA 77 86.98 -0.07 3.14
CA LEU YA 77 87.35 1.08 2.33
C LEU YA 77 86.14 1.95 2.05
N THR YA 78 86.38 3.26 1.96
CA THR YA 78 85.31 4.26 1.92
C THR YA 78 85.76 5.44 1.08
N ASN YA 79 84.89 5.89 0.18
CA ASN YA 79 85.13 7.07 -0.64
C ASN YA 79 84.03 8.09 -0.39
N PHE YA 80 84.12 9.21 -1.09
CA PHE YA 80 83.18 10.30 -0.93
C PHE YA 80 81.79 9.89 -1.42
N HIS YA 81 80.76 10.34 -0.70
CA HIS YA 81 79.39 10.03 -1.06
C HIS YA 81 78.52 11.28 -1.02
N GLY YA 82 78.94 12.28 -0.26
CA GLY YA 82 78.20 13.53 -0.16
C GLY YA 82 78.71 14.40 0.97
N MET YA 83 78.38 15.68 0.95
CA MET YA 83 78.76 16.60 2.01
C MET YA 83 77.57 17.50 2.31
N ASP YA 84 77.42 17.88 3.57
CA ASP YA 84 76.28 18.68 3.99
C ASP YA 84 76.67 19.53 5.18
N LEU YA 85 76.39 20.84 5.10
CA LEU YA 85 76.55 21.69 6.27
C LEU YA 85 75.53 21.30 7.33
N THR YA 86 75.95 21.37 8.59
CA THR YA 86 75.06 20.93 9.65
C THR YA 86 73.88 21.89 9.80
N ARG YA 87 72.74 21.30 10.17
CA ARG YA 87 71.49 22.04 10.28
C ARG YA 87 71.61 23.21 11.24
N ASP YA 88 72.35 23.03 12.32
CA ASP YA 88 72.58 24.12 13.27
C ASP YA 88 73.27 25.30 12.60
N LYS YA 89 74.31 25.02 11.80
CA LYS YA 89 75.04 26.09 11.14
C LYS YA 89 74.15 26.84 10.14
N MET YA 90 73.42 26.10 9.30
CA MET YA 90 72.61 26.82 8.31
C MET YA 90 71.46 27.58 8.97
N CYS YA 91 70.84 27.00 10.01
CA CYS YA 91 69.75 27.68 10.69
C CYS YA 91 70.22 28.93 11.42
N SER YA 92 71.43 28.89 12.00
CA SER YA 92 71.98 30.09 12.63
C SER YA 92 72.35 31.13 11.58
N MET YA 93 72.85 30.69 10.42
CA MET YA 93 73.21 31.64 9.37
C MET YA 93 71.98 32.36 8.82
N VAL YA 94 70.85 31.68 8.70
CA VAL YA 94 69.65 32.31 8.16
C VAL YA 94 69.12 33.32 9.18
N LYS YA 95 69.26 34.61 8.87
CA LYS YA 95 68.80 35.70 9.71
C LYS YA 95 67.74 36.52 8.99
N LYS YA 96 67.28 37.57 9.65
CA LYS YA 96 66.34 38.50 9.05
C LYS YA 96 67.07 39.72 8.50
N TRP YA 97 66.32 40.55 7.77
CA TRP YA 97 66.81 41.79 7.18
C TRP YA 97 68.01 41.56 6.26
N GLN YA 98 68.06 40.41 5.61
CA GLN YA 98 69.08 40.12 4.63
C GLN YA 98 68.48 39.23 3.56
N THR YA 99 69.11 39.25 2.38
CA THR YA 99 68.63 38.50 1.23
C THR YA 99 69.43 37.21 1.11
N MET YA 100 68.70 36.11 0.89
CA MET YA 100 69.30 34.80 0.71
C MET YA 100 69.21 34.41 -0.77
N ILE YA 101 70.33 33.96 -1.32
CA ILE YA 101 70.41 33.54 -2.72
C ILE YA 101 70.81 32.08 -2.75
N GLU YA 102 70.08 31.28 -3.52
CA GLU YA 102 70.27 29.84 -3.60
C GLU YA 102 70.57 29.45 -5.04
N ALA YA 103 71.59 28.62 -5.23
CA ALA YA 103 71.92 28.12 -6.56
C ALA YA 103 72.25 26.64 -6.47
N HIS YA 104 71.92 25.90 -7.53
CA HIS YA 104 72.28 24.49 -7.60
C HIS YA 104 72.66 24.15 -9.03
N VAL YA 105 73.61 23.22 -9.16
CA VAL YA 105 74.12 22.77 -10.44
C VAL YA 105 74.26 21.26 -10.43
N ASP YA 106 74.29 20.68 -11.62
CA ASP YA 106 74.41 19.24 -11.82
C ASP YA 106 75.57 19.00 -12.78
N VAL YA 107 76.75 18.74 -12.23
CA VAL YA 107 77.98 18.75 -13.01
C VAL YA 107 78.53 17.33 -13.08
N LYS YA 108 79.00 16.95 -14.27
CA LYS YA 108 79.65 15.66 -14.48
C LYS YA 108 81.15 15.82 -14.26
N THR YA 109 81.66 15.18 -13.22
CA THR YA 109 83.09 15.14 -12.96
C THR YA 109 83.79 14.37 -14.07
N THR YA 110 85.05 14.74 -14.34
CA THR YA 110 85.86 13.99 -15.28
C THR YA 110 86.04 12.54 -14.85
N ASP YA 111 85.87 12.24 -13.57
CA ASP YA 111 85.86 10.85 -13.13
C ASP YA 111 84.68 10.09 -13.75
N GLY YA 112 83.52 10.73 -13.84
CA GLY YA 112 82.32 10.06 -14.28
C GLY YA 112 81.27 10.11 -13.18
N TYR YA 113 81.54 10.93 -12.17
CA TYR YA 113 80.64 11.10 -11.04
C TYR YA 113 79.73 12.29 -11.31
N LEU YA 114 78.43 12.10 -11.12
CA LEU YA 114 77.46 13.18 -11.26
C LEU YA 114 77.23 13.81 -9.90
N LEU YA 115 77.44 15.13 -9.81
CA LEU YA 115 77.33 15.82 -8.55
C LEU YA 115 76.28 16.92 -8.64
N ARG YA 116 75.32 16.89 -7.71
CA ARG YA 116 74.42 18.01 -7.50
C ARG YA 116 74.98 18.85 -6.37
N LEU YA 117 75.16 20.14 -6.64
CA LEU YA 117 75.80 21.06 -5.70
C LEU YA 117 74.88 22.23 -5.43
N PHE YA 118 74.60 22.48 -4.15
CA PHE YA 118 73.82 23.59 -3.66
C PHE YA 118 74.74 24.57 -2.94
N CYS YA 119 74.77 25.81 -3.42
CA CYS YA 119 75.49 26.90 -2.79
C CYS YA 119 74.52 27.98 -2.38
N VAL YA 120 74.81 28.62 -1.25
CA VAL YA 120 73.93 29.64 -0.68
C VAL YA 120 74.77 30.88 -0.37
N GLY YA 121 74.11 32.03 -0.40
CA GLY YA 121 74.78 33.28 -0.07
C GLY YA 121 73.86 34.30 0.56
N PHE YA 122 74.24 34.84 1.71
CA PHE YA 122 73.45 35.85 2.38
C PHE YA 122 74.12 37.21 2.20
N THR YA 123 73.30 38.24 2.07
CA THR YA 123 73.84 39.58 1.92
C THR YA 123 74.47 40.06 3.23
N LYS YA 124 75.29 41.09 3.13
CA LYS YA 124 75.99 41.68 4.25
C LYS YA 124 75.74 43.18 4.26
N LYS YA 125 75.48 43.74 5.42
CA LYS YA 125 75.33 45.18 5.56
C LYS YA 125 76.70 45.82 5.84
N ARG YA 126 76.84 47.06 5.42
CA ARG YA 126 78.13 47.73 5.47
C ARG YA 126 78.47 48.15 6.90
N ASN YA 127 79.74 48.53 7.09
CA ASN YA 127 80.21 48.90 8.43
C ASN YA 127 79.57 50.20 8.91
N ASN YA 128 79.35 51.14 7.99
CA ASN YA 128 78.69 52.39 8.31
C ASN YA 128 77.22 52.38 7.91
N GLN YA 129 76.67 51.21 7.58
CA GLN YA 129 75.28 51.10 7.19
C GLN YA 129 74.36 51.58 8.30
N ILE YA 130 73.40 52.43 7.93
CA ILE YA 130 72.41 52.94 8.86
C ILE YA 130 71.02 52.41 8.53
N ARG YA 131 70.72 52.24 7.24
CA ARG YA 131 69.45 51.66 6.84
C ARG YA 131 69.32 50.26 7.41
N LYS YA 132 68.16 49.98 8.01
CA LYS YA 132 67.98 48.76 8.79
C LYS YA 132 68.09 47.51 7.95
N THR YA 133 67.52 47.52 6.75
CA THR YA 133 67.45 46.32 5.92
C THR YA 133 68.56 46.33 4.89
N SER YA 134 69.12 45.14 4.64
CA SER YA 134 70.14 44.95 3.62
C SER YA 134 69.55 44.00 2.58
N TYR YA 135 68.93 44.58 1.55
CA TYR YA 135 68.27 43.82 0.51
C TYR YA 135 68.93 44.10 -0.83
N ALA YA 136 68.92 43.08 -1.69
CA ALA YA 136 69.44 43.18 -3.04
C ALA YA 136 68.28 43.10 -4.03
N GLN YA 137 68.32 43.96 -5.04
CA GLN YA 137 67.28 43.94 -6.06
C GLN YA 137 67.33 42.63 -6.83
N HIS YA 138 66.18 42.27 -7.41
CA HIS YA 138 66.04 40.95 -8.01
C HIS YA 138 67.00 40.75 -9.18
N GLN YA 139 67.21 41.79 -9.99
CA GLN YA 139 68.15 41.68 -11.10
C GLN YA 139 69.57 41.45 -10.61
N GLN YA 140 69.96 42.16 -9.54
CA GLN YA 140 71.26 41.92 -8.94
C GLN YA 140 71.38 40.49 -8.43
N VAL YA 141 70.32 39.99 -7.80
CA VAL YA 141 70.32 38.63 -7.29
C VAL YA 141 70.47 37.64 -8.43
N ARG YA 142 69.81 37.91 -9.56
CA ARG YA 142 69.95 37.03 -10.71
C ARG YA 142 71.36 37.05 -11.27
N GLN YA 143 71.98 38.23 -11.35
CA GLN YA 143 73.36 38.33 -11.80
C GLN YA 143 74.29 37.52 -10.91
N ILE YA 144 74.13 37.68 -9.59
CA ILE YA 144 74.96 36.98 -8.64
C ILE YA 144 74.74 35.47 -8.73
N ARG YA 145 73.49 35.05 -8.85
CA ARG YA 145 73.18 33.62 -8.95
C ARG YA 145 73.79 33.02 -10.21
N LYS YA 146 73.71 33.74 -11.33
CA LYS YA 146 74.34 33.27 -12.56
C LYS YA 146 75.85 33.15 -12.39
N LYS YA 147 76.47 34.15 -11.74
CA LYS YA 147 77.91 34.10 -11.50
C LYS YA 147 78.27 32.90 -10.63
N MET YA 148 77.45 32.64 -9.60
CA MET YA 148 77.65 31.48 -8.73
C MET YA 148 77.59 30.19 -9.52
N MET YA 149 76.56 30.04 -10.36
CA MET YA 149 76.45 28.87 -11.23
C MET YA 149 77.72 28.69 -12.06
N GLU YA 150 78.14 29.74 -12.75
CA GLU YA 150 79.18 29.61 -13.77
C GLU YA 150 80.59 29.52 -13.21
N ILE YA 151 80.85 29.97 -11.98
CA ILE YA 151 82.16 29.71 -11.38
C ILE YA 151 82.08 28.67 -10.28
N MET YA 152 80.97 27.96 -10.14
CA MET YA 152 81.05 26.72 -9.38
C MET YA 152 80.85 25.48 -10.23
N THR YA 153 80.48 25.64 -11.50
CA THR YA 153 80.48 24.46 -12.37
C THR YA 153 81.83 24.26 -13.06
N ARG YA 154 82.55 25.34 -13.37
CA ARG YA 154 83.78 25.20 -14.14
C ARG YA 154 84.93 24.65 -13.30
N GLU YA 155 84.91 24.89 -11.99
CA GLU YA 155 85.98 24.41 -11.12
C GLU YA 155 85.75 22.98 -10.65
N VAL YA 156 84.64 22.37 -11.02
CA VAL YA 156 84.38 20.97 -10.73
C VAL YA 156 84.38 20.12 -12.00
N GLN YA 157 83.90 20.65 -13.12
CA GLN YA 157 83.90 19.87 -14.35
C GLN YA 157 85.30 19.59 -14.86
N THR YA 158 86.29 20.41 -14.48
CA THR YA 158 87.63 20.30 -15.04
C THR YA 158 88.57 19.48 -14.17
N ASN YA 159 88.11 18.98 -13.03
CA ASN YA 159 88.96 18.22 -12.13
C ASN YA 159 88.25 16.93 -11.72
N ASP YA 160 89.05 15.94 -11.34
CA ASP YA 160 88.51 14.68 -10.88
C ASP YA 160 87.89 14.83 -9.49
N LEU YA 161 87.37 13.72 -8.97
CA LEU YA 161 86.72 13.77 -7.66
C LEU YA 161 87.72 14.06 -6.54
N LYS YA 162 88.96 13.56 -6.66
CA LYS YA 162 89.93 13.77 -5.59
C LYS YA 162 90.28 15.24 -5.44
N GLU YA 163 90.62 15.92 -6.54
CA GLU YA 163 90.96 17.33 -6.47
C GLU YA 163 89.78 18.18 -6.03
N VAL YA 164 88.58 17.83 -6.48
CA VAL YA 164 87.39 18.55 -6.05
C VAL YA 164 87.20 18.42 -4.54
N VAL YA 165 87.35 17.20 -4.03
CA VAL YA 165 87.19 16.99 -2.59
C VAL YA 165 88.26 17.73 -1.81
N ASN YA 166 89.51 17.68 -2.27
CA ASN YA 166 90.57 18.34 -1.52
C ASN YA 166 90.61 19.85 -1.74
N LYS YA 167 89.76 20.38 -2.63
CA LYS YA 167 89.60 21.82 -2.72
C LYS YA 167 88.36 22.35 -2.02
N LEU YA 168 87.35 21.50 -1.79
CA LEU YA 168 86.17 21.97 -1.07
C LEU YA 168 86.35 21.98 0.44
N ILE YA 169 87.45 21.44 0.97
CA ILE YA 169 87.65 21.40 2.42
C ILE YA 169 87.68 22.80 3.04
N PRO YA 170 88.44 23.77 2.53
CA PRO YA 170 88.31 25.15 3.03
C PRO YA 170 87.30 26.00 2.27
N ASP YA 171 86.47 25.39 1.43
CA ASP YA 171 85.56 26.11 0.54
C ASP YA 171 86.31 27.14 -0.30
N SER YA 172 87.24 26.63 -1.12
CA SER YA 172 87.88 27.49 -2.11
C SER YA 172 86.85 28.05 -3.07
N ILE YA 173 85.84 27.25 -3.41
CA ILE YA 173 84.75 27.70 -4.26
C ILE YA 173 84.02 28.88 -3.61
N GLY YA 174 83.62 28.71 -2.34
CA GLY YA 174 82.93 29.79 -1.66
C GLY YA 174 83.80 31.01 -1.47
N LYS YA 175 85.10 30.80 -1.24
CA LYS YA 175 86.02 31.92 -1.12
C LYS YA 175 86.08 32.73 -2.41
N ASP YA 176 86.19 32.05 -3.55
CA ASP YA 176 86.19 32.77 -4.82
C ASP YA 176 84.83 33.41 -5.11
N ILE YA 177 83.75 32.77 -4.67
CA ILE YA 177 82.42 33.36 -4.83
C ILE YA 177 82.34 34.69 -4.10
N GLU YA 178 82.78 34.70 -2.83
CA GLU YA 178 82.81 35.94 -2.07
C GLU YA 178 83.75 36.96 -2.69
N LYS YA 179 84.85 36.50 -3.27
CA LYS YA 179 85.77 37.41 -3.95
C LYS YA 179 85.10 38.09 -5.13
N ALA YA 180 84.37 37.34 -5.94
CA ALA YA 180 83.80 37.86 -7.17
C ALA YA 180 82.54 38.69 -6.93
N CYS YA 181 81.69 38.29 -5.98
CA CYS YA 181 80.35 38.87 -5.90
C CYS YA 181 80.33 40.27 -5.32
N GLN YA 182 81.40 40.70 -4.64
CA GLN YA 182 81.36 41.98 -3.94
C GLN YA 182 81.29 43.17 -4.88
N SER YA 183 81.63 42.99 -6.17
CA SER YA 183 81.47 44.06 -7.13
C SER YA 183 80.01 44.39 -7.40
N ILE YA 184 79.10 43.46 -7.12
CA ILE YA 184 77.68 43.70 -7.30
C ILE YA 184 77.04 43.97 -5.95
N TYR YA 185 77.21 43.05 -5.00
CA TYR YA 185 76.65 43.20 -3.68
C TYR YA 185 77.58 42.51 -2.68
N PRO YA 186 77.92 43.17 -1.58
CA PRO YA 186 78.78 42.53 -0.58
C PRO YA 186 78.08 41.35 0.07
N LEU YA 187 78.61 40.16 -0.18
CA LEU YA 187 78.15 38.94 0.47
C LEU YA 187 79.22 38.43 1.40
N HIS YA 188 78.82 37.98 2.58
CA HIS YA 188 79.77 37.55 3.59
C HIS YA 188 79.48 36.14 4.06
N ASP YA 189 78.20 35.79 4.10
CA ASP YA 189 77.76 34.51 4.63
C ASP YA 189 77.52 33.55 3.48
N VAL YA 190 78.61 33.12 2.84
CA VAL YA 190 78.54 32.28 1.66
C VAL YA 190 79.23 30.96 1.95
N PHE YA 191 78.53 29.86 1.66
CA PHE YA 191 79.09 28.52 1.72
C PHE YA 191 78.44 27.70 0.63
N VAL YA 192 79.10 26.61 0.25
CA VAL YA 192 78.48 25.57 -0.56
C VAL YA 192 77.77 24.64 0.43
N ARG YA 193 76.46 24.85 0.60
CA ARG YA 193 75.75 24.22 1.71
C ARG YA 193 75.71 22.71 1.54
N LYS YA 194 75.53 22.21 0.31
CA LYS YA 194 75.42 20.77 0.20
C LYS YA 194 75.96 20.29 -1.15
N VAL YA 195 76.55 19.10 -1.17
CA VAL YA 195 76.86 18.40 -2.41
C VAL YA 195 76.45 16.95 -2.22
N LYS YA 196 76.04 16.33 -3.33
CA LYS YA 196 75.60 14.95 -3.29
C LYS YA 196 75.90 14.32 -4.65
N MET YA 197 76.00 13.00 -4.66
CA MET YA 197 76.30 12.25 -5.87
C MET YA 197 75.07 11.52 -6.38
N LEU YA 198 75.07 11.26 -7.69
CA LEU YA 198 73.88 10.74 -8.35
C LEU YA 198 74.22 9.55 -9.23
N LYS YA 199 75.48 9.46 -9.66
CA LYS YA 199 75.92 8.41 -10.57
C LYS YA 199 77.29 7.91 -10.17
N LYS YA 200 77.67 6.76 -10.72
CA LYS YA 200 78.95 6.13 -10.49
C LYS YA 200 79.63 5.80 -11.81
N PRO YA 201 80.96 5.87 -11.86
CA PRO YA 201 81.72 5.46 -13.05
C PRO YA 201 82.08 3.98 -13.04
N LYS YA 202 81.10 3.13 -12.75
CA LYS YA 202 81.19 1.67 -12.78
C LYS YA 202 82.19 1.11 -11.76
N PHE YA 203 82.60 1.89 -10.76
CA PHE YA 203 83.32 1.38 -9.59
C PHE YA 203 84.64 0.70 -9.97
N GLU YA 204 85.59 1.51 -10.41
CA GLU YA 204 86.94 1.00 -10.61
C GLU YA 204 87.63 0.78 -9.26
N LEU YA 205 87.86 -0.50 -8.94
CA LEU YA 205 88.52 -0.84 -7.69
C LEU YA 205 89.95 -0.31 -7.65
N GLY YA 206 90.60 -0.18 -8.81
CA GLY YA 206 91.88 0.48 -8.86
C GLY YA 206 91.79 1.94 -8.47
N LYS YA 207 90.71 2.62 -8.88
CA LYS YA 207 90.50 4.00 -8.44
C LYS YA 207 90.32 4.06 -6.93
N LEU YA 208 89.56 3.12 -6.35
CA LEU YA 208 89.45 3.10 -4.89
C LEU YA 208 90.79 2.79 -4.23
N MET YA 209 91.57 1.90 -4.83
CA MET YA 209 92.87 1.52 -4.29
C MET YA 209 93.81 2.71 -4.24
N GLU YA 210 93.88 3.49 -5.32
CA GLU YA 210 94.72 4.67 -5.29
C GLU YA 210 94.11 5.77 -4.43
N LEU YA 211 92.79 5.78 -4.25
CA LEU YA 211 92.16 6.75 -3.35
C LEU YA 211 92.57 6.52 -1.91
N HIS YA 212 92.65 5.26 -1.49
CA HIS YA 212 93.15 4.96 -0.16
C HIS YA 212 94.66 4.86 -0.08
N GLY YA 213 95.34 4.79 -1.22
CA GLY YA 213 96.78 4.68 -1.27
C GLY YA 213 97.41 5.58 -2.31
N GLU YA 214 98.14 4.98 -3.25
CA GLU YA 214 98.78 5.69 -4.35
C GLU YA 214 97.77 6.51 -5.16
N GLU ZA 1 32.24 93.16 53.05
CA GLU ZA 1 32.57 91.79 53.39
C GLU ZA 1 33.36 91.13 52.28
N TRP ZA 2 33.46 91.82 51.15
CA TRP ZA 2 34.13 91.28 49.97
C TRP ZA 2 35.63 91.45 50.11
N MET ZA 3 36.33 90.32 50.18
CA MET ZA 3 37.80 90.34 50.22
C MET ZA 3 38.34 89.96 48.86
N PRO ZA 4 39.00 90.87 48.15
CA PRO ZA 4 39.51 90.53 46.83
C PRO ZA 4 40.82 89.77 46.90
N VAL ZA 5 40.89 88.68 46.13
CA VAL ZA 5 42.09 87.86 46.04
C VAL ZA 5 42.73 87.93 44.67
N THR ZA 6 42.26 88.82 43.79
CA THR ZA 6 42.83 89.01 42.47
C THR ZA 6 43.18 90.48 42.27
N LYS ZA 7 44.08 90.73 41.32
CA LYS ZA 7 44.45 92.11 41.00
C LYS ZA 7 43.25 92.88 40.45
N LEU ZA 8 42.50 92.25 39.55
CA LEU ZA 8 41.30 92.89 39.03
C LEU ZA 8 40.27 93.10 40.13
N GLY ZA 9 40.16 92.16 41.06
CA GLY ZA 9 39.29 92.36 42.21
C GLY ZA 9 39.70 93.55 43.06
N ARG ZA 10 41.00 93.72 43.25
CA ARG ZA 10 41.50 94.90 43.96
C ARG ZA 10 41.11 96.17 43.23
N LEU ZA 11 41.30 96.19 41.91
CA LEU ZA 11 40.95 97.35 41.11
C LEU ZA 11 39.46 97.67 41.18
N VAL ZA 12 38.63 96.64 41.15
CA VAL ZA 12 37.18 96.85 41.23
C VAL ZA 12 36.80 97.38 42.60
N LYS ZA 13 37.38 96.84 43.66
CA LYS ZA 13 37.02 97.30 45.01
C LYS ZA 13 37.42 98.75 45.22
N ASP ZA 14 38.62 99.13 44.78
CA ASP ZA 14 39.04 100.51 44.91
C ASP ZA 14 38.69 101.35 43.67
N MET ZA 15 37.74 100.88 42.88
CA MET ZA 15 37.05 101.63 41.82
C MET ZA 15 38.00 102.38 40.88
N LYS ZA 16 39.06 101.68 40.48
CA LYS ZA 16 39.88 102.16 39.38
C LYS ZA 16 39.33 101.75 38.03
N ILE ZA 17 38.31 100.89 38.01
CA ILE ZA 17 37.66 100.43 36.78
C ILE ZA 17 36.25 100.99 36.76
N LYS ZA 18 35.81 101.45 35.58
CA LYS ZA 18 34.55 102.15 35.46
C LYS ZA 18 33.47 101.38 34.72
N SER ZA 19 33.82 100.38 33.92
CA SER ZA 19 32.84 99.58 33.23
C SER ZA 19 33.47 98.26 32.83
N LEU ZA 20 32.62 97.32 32.42
CA LEU ZA 20 33.08 96.01 31.98
C LEU ZA 20 33.75 96.07 30.62
N GLU ZA 21 33.55 97.16 29.88
CA GLU ZA 21 34.07 97.25 28.52
C GLU ZA 21 35.59 97.32 28.52
N GLU ZA 22 36.18 97.95 29.54
CA GLU ZA 22 37.64 97.95 29.65
C GLU ZA 22 38.18 96.54 29.90
N ILE ZA 23 37.44 95.72 30.64
CA ILE ZA 23 37.80 94.31 30.80
C ILE ZA 23 37.72 93.58 29.47
N TYR ZA 24 36.60 93.75 28.78
CA TYR ZA 24 36.39 93.09 27.49
C TYR ZA 24 37.37 93.57 26.43
N LEU ZA 25 37.95 94.75 26.61
CA LEU ZA 25 38.92 95.27 25.66
C LEU ZA 25 40.15 94.39 25.57
N PHE ZA 26 40.63 93.91 26.71
CA PHE ZA 26 41.83 93.08 26.77
C PHE ZA 26 41.53 91.63 27.09
N SER ZA 27 40.25 91.25 27.18
CA SER ZA 27 39.83 89.86 27.32
C SER ZA 27 40.38 89.22 28.59
N LEU ZA 28 40.49 90.00 29.66
CA LEU ZA 28 41.04 89.49 30.90
C LEU ZA 28 40.07 88.48 31.53
N PRO ZA 29 40.60 87.42 32.13
CA PRO ZA 29 39.72 86.47 32.83
C PRO ZA 29 39.18 87.06 34.11
N ILE ZA 30 37.94 86.67 34.44
CA ILE ZA 30 37.28 87.10 35.67
C ILE ZA 30 37.01 85.85 36.50
N LYS ZA 31 37.62 85.79 37.68
CA LYS ZA 31 37.55 84.59 38.51
C LYS ZA 31 36.69 84.75 39.75
N GLU ZA 32 36.45 85.97 40.21
CA GLU ZA 32 35.53 86.24 41.31
C GLU ZA 32 34.19 86.69 40.74
N SER ZA 33 33.11 86.17 41.31
CA SER ZA 33 31.79 86.67 40.95
C SER ZA 33 31.57 88.09 41.46
N GLU ZA 34 32.38 88.54 42.41
CA GLU ZA 34 32.14 89.80 43.10
C GLU ZA 34 32.59 91.03 42.31
N ILE ZA 35 32.83 90.89 41.01
CA ILE ZA 35 33.07 92.06 40.18
C ILE ZA 35 31.80 92.50 39.45
N ILE ZA 36 31.04 91.54 38.93
CA ILE ZA 36 29.89 91.93 38.13
C ILE ZA 36 28.75 92.39 39.02
N ASP ZA 37 28.66 91.94 40.27
CA ASP ZA 37 27.67 92.52 41.15
C ASP ZA 37 28.00 93.95 41.55
N PHE ZA 38 29.29 94.30 41.55
CA PHE ZA 38 29.69 95.69 41.71
C PHE ZA 38 29.30 96.51 40.49
N PHE ZA 39 29.58 95.97 39.30
CA PHE ZA 39 29.38 96.77 38.09
C PHE ZA 39 27.92 96.81 37.68
N LEU ZA 40 27.34 95.66 37.32
CA LEU ZA 40 25.93 95.56 36.97
C LEU ZA 40 25.10 95.35 38.24
N GLY ZA 41 25.07 96.38 39.08
CA GLY ZA 41 24.44 96.27 40.37
C GLY ZA 41 22.93 96.24 40.28
N ALA ZA 42 22.31 95.18 40.79
CA ALA ZA 42 20.86 95.02 40.86
C ALA ZA 42 20.19 95.00 39.49
N SER ZA 43 20.99 94.86 38.42
CA SER ZA 43 20.45 94.74 37.08
C SER ZA 43 20.29 93.29 36.65
N LEU ZA 44 20.99 92.37 37.28
CA LEU ZA 44 20.96 90.97 36.88
C LEU ZA 44 19.58 90.37 37.12
N LYS ZA 45 19.08 89.67 36.10
CA LYS ZA 45 17.92 88.82 36.24
C LYS ZA 45 18.39 87.38 36.17
N ASP ZA 46 18.00 86.59 37.15
CA ASP ZA 46 18.37 85.18 37.23
C ASP ZA 46 17.21 84.33 36.73
N GLU ZA 47 17.54 83.17 36.16
CA GLU ZA 47 16.50 82.22 35.76
C GLU ZA 47 17.10 80.81 35.75
N VAL ZA 48 16.40 79.88 36.38
CA VAL ZA 48 16.83 78.49 36.39
C VAL ZA 48 16.11 77.76 35.28
N LEU ZA 49 16.87 77.02 34.46
CA LEU ZA 49 16.28 76.41 33.27
C LEU ZA 49 15.75 75.00 33.53
N LYS ZA 50 16.60 74.11 34.02
CA LYS ZA 50 16.12 72.80 34.43
C LYS ZA 50 17.07 72.22 35.46
N ILE ZA 51 16.60 71.18 36.14
CA ILE ZA 51 17.37 70.45 37.14
C ILE ZA 51 17.35 68.99 36.72
N MET ZA 52 18.44 68.49 36.13
CA MET ZA 52 18.48 67.10 35.71
C MET ZA 52 19.16 66.26 36.78
N PRO ZA 53 18.51 65.20 37.26
CA PRO ZA 53 19.16 64.33 38.25
C PRO ZA 53 20.10 63.30 37.63
N VAL ZA 54 21.35 63.68 37.42
CA VAL ZA 54 22.35 62.74 36.91
C VAL ZA 54 22.70 61.72 37.99
N GLN ZA 55 22.80 60.45 37.60
CA GLN ZA 55 22.98 59.34 38.53
C GLN ZA 55 24.27 58.60 38.21
N LYS ZA 56 25.10 58.37 39.22
CA LYS ZA 56 26.31 57.56 39.09
C LYS ZA 56 26.05 56.20 39.71
N GLN ZA 57 26.22 55.15 38.92
CA GLN ZA 57 25.88 53.80 39.35
C GLN ZA 57 26.96 53.28 40.29
N THR ZA 58 26.57 52.92 41.51
CA THR ZA 58 27.48 52.42 42.52
C THR ZA 58 27.02 51.03 42.97
N ARG ZA 59 27.71 50.49 43.97
CA ARG ZA 59 27.28 49.23 44.58
C ARG ZA 59 25.98 49.42 45.35
N ALA ZA 60 25.79 50.59 45.95
CA ALA ZA 60 24.59 50.89 46.73
C ALA ZA 60 23.55 51.57 45.85
N GLY ZA 61 23.14 50.87 44.80
CA GLY ZA 61 22.28 51.48 43.82
C GLY ZA 61 23.03 52.56 43.07
N GLN ZA 62 22.71 53.82 43.37
CA GLN ZA 62 23.38 54.94 42.74
C GLN ZA 62 23.44 56.10 43.71
N ARG ZA 63 24.36 57.03 43.46
CA ARG ZA 63 24.39 58.31 44.14
C ARG ZA 63 23.96 59.37 43.14
N THR ZA 64 22.88 60.08 43.46
CA THR ZA 64 22.22 60.96 42.51
C THR ZA 64 22.56 62.40 42.85
N ARG ZA 65 23.45 62.99 42.07
CA ARG ZA 65 23.71 64.41 42.14
C ARG ZA 65 22.74 65.16 41.24
N PHE ZA 66 22.63 66.45 41.47
CA PHE ZA 66 21.74 67.31 40.70
C PHE ZA 66 22.58 68.36 39.97
N LYS ZA 67 22.27 68.56 38.70
CA LYS ZA 67 22.92 69.56 37.86
C LYS ZA 67 21.90 70.64 37.53
N ALA ZA 68 22.33 71.89 37.68
CA ALA ZA 68 21.47 73.04 37.46
C ALA ZA 68 22.09 73.95 36.41
N PHE ZA 69 21.24 74.42 35.51
CA PHE ZA 69 21.58 75.42 34.51
C PHE ZA 69 20.89 76.72 34.86
N VAL ZA 70 21.67 77.81 34.86
CA VAL ZA 70 21.16 79.12 35.22
C VAL ZA 70 21.53 80.10 34.11
N ALA ZA 71 20.51 80.76 33.55
CA ALA ZA 71 20.70 81.86 32.63
C ALA ZA 71 20.54 83.16 33.40
N ILE ZA 72 21.55 84.02 33.34
CA ILE ZA 72 21.54 85.27 34.08
C ILE ZA 72 21.84 86.40 33.11
N GLY ZA 73 21.42 87.61 33.49
CA GLY ZA 73 21.75 88.75 32.67
C GLY ZA 73 20.74 89.86 32.71
N ASP ZA 74 21.22 91.09 32.81
CA ASP ZA 74 20.35 92.25 32.66
C ASP ZA 74 19.84 92.32 31.24
N TYR ZA 75 18.64 92.86 31.08
CA TYR ZA 75 18.03 92.96 29.75
C TYR ZA 75 18.56 94.15 28.97
N ASN ZA 76 19.89 94.28 28.85
CA ASN ZA 76 20.46 95.43 28.18
C ASN ZA 76 21.78 95.10 27.48
N GLY ZA 77 22.03 93.85 27.12
CA GLY ZA 77 23.20 93.53 26.34
C GLY ZA 77 24.20 92.60 26.99
N HIS ZA 78 23.89 92.08 28.17
CA HIS ZA 78 24.76 91.14 28.86
C HIS ZA 78 23.98 89.90 29.23
N VAL ZA 79 24.62 88.74 29.12
CA VAL ZA 79 23.98 87.46 29.44
C VAL ZA 79 25.08 86.47 29.79
N GLY ZA 80 24.72 85.44 30.54
CA GLY ZA 80 25.66 84.40 30.93
C GLY ZA 80 24.93 83.12 31.25
N LEU ZA 81 25.64 82.00 31.05
CA LEU ZA 81 25.09 80.68 31.28
C LEU ZA 81 26.00 79.91 32.22
N GLY ZA 82 25.44 79.42 33.31
CA GLY ZA 82 26.21 78.69 34.30
C GLY ZA 82 25.67 77.30 34.52
N VAL ZA 83 26.58 76.34 34.68
CA VAL ZA 83 26.24 74.94 34.90
C VAL ZA 83 26.96 74.47 36.16
N LYS ZA 84 26.22 73.87 37.09
CA LYS ZA 84 26.84 73.35 38.30
C LYS ZA 84 26.27 71.99 38.65
N CYS ZA 85 27.10 71.15 39.26
CA CYS ZA 85 26.70 69.82 39.71
C CYS ZA 85 27.05 69.67 41.18
N SER ZA 86 26.07 69.30 42.00
CA SER ZA 86 26.34 69.04 43.41
C SER ZA 86 25.21 68.20 43.98
N LYS ZA 87 25.44 67.67 45.19
CA LYS ZA 87 24.47 66.80 45.82
C LYS ZA 87 23.23 67.57 46.26
N GLU ZA 88 23.42 68.70 46.92
CA GLU ZA 88 22.32 69.47 47.47
C GLU ZA 88 21.81 70.48 46.46
N VAL ZA 89 20.48 70.58 46.35
CA VAL ZA 89 19.89 71.35 45.27
C VAL ZA 89 20.14 72.84 45.46
N ALA ZA 90 20.02 73.33 46.70
CA ALA ZA 90 20.24 74.76 46.94
C ALA ZA 90 21.68 75.16 46.65
N THR ZA 91 22.64 74.35 47.10
CA THR ZA 91 24.04 74.64 46.82
C THR ZA 91 24.34 74.53 45.33
N ALA ZA 92 23.70 73.58 44.64
CA ALA ZA 92 23.88 73.49 43.19
C ALA ZA 92 23.36 74.73 42.49
N ILE ZA 93 22.20 75.24 42.92
CA ILE ZA 93 21.65 76.47 42.36
C ILE ZA 93 22.61 77.63 42.57
N ARG ZA 94 23.13 77.74 43.79
CA ARG ZA 94 24.04 78.84 44.09
C ARG ZA 94 25.32 78.74 43.25
N GLY ZA 95 25.85 77.53 43.10
CA GLY ZA 95 27.04 77.36 42.28
C GLY ZA 95 26.80 77.67 40.83
N ALA ZA 96 25.64 77.28 40.30
CA ALA ZA 96 25.27 77.63 38.94
C ALA ZA 96 25.14 79.13 38.77
N ILE ZA 97 24.57 79.80 39.78
CA ILE ZA 97 24.46 81.26 39.72
C ILE ZA 97 25.82 81.90 39.70
N ILE ZA 98 26.74 81.43 40.54
CA ILE ZA 98 28.09 82.01 40.58
C ILE ZA 98 28.80 81.77 39.26
N LEU ZA 99 28.68 80.58 38.69
CA LEU ZA 99 29.36 80.29 37.44
C LEU ZA 99 28.76 81.09 36.28
N ALA ZA 100 27.44 81.27 36.27
CA ALA ZA 100 26.82 82.13 35.27
C ALA ZA 100 27.28 83.57 35.43
N LYS ZA 101 27.45 84.01 36.68
CA LYS ZA 101 27.97 85.35 36.93
C LYS ZA 101 29.38 85.50 36.38
N LEU ZA 102 30.20 84.47 36.55
CA LEU ZA 102 31.54 84.50 35.97
C LEU ZA 102 31.48 84.55 34.45
N SER ZA 103 30.59 83.77 33.84
CA SER ZA 103 30.56 83.65 32.39
C SER ZA 103 29.66 84.69 31.74
N ILE ZA 104 29.85 85.95 32.08
CA ILE ZA 104 29.07 87.02 31.48
C ILE ZA 104 29.82 87.58 30.29
N VAL ZA 105 29.18 87.58 29.13
CA VAL ZA 105 29.80 88.09 27.90
C VAL ZA 105 28.91 89.21 27.37
N PRO ZA 106 29.48 90.22 26.71
CA PRO ZA 106 28.67 91.25 26.09
C PRO ZA 106 28.21 90.82 24.71
N VAL ZA 107 27.05 91.35 24.31
CA VAL ZA 107 26.41 90.99 23.05
C VAL ZA 107 26.45 92.20 22.13
N ARG ZA 108 26.62 91.95 20.83
CA ARG ZA 108 26.54 93.02 19.83
C ARG ZA 108 25.15 93.04 19.24
N ARG ZA 109 24.64 94.24 19.00
CA ARG ZA 109 23.36 94.43 18.35
C ARG ZA 109 23.53 95.31 17.13
N GLY ZA 110 23.12 94.80 15.97
CA GLY ZA 110 23.18 95.54 14.73
C GLY ZA 110 21.80 95.95 14.27
N TYR ZA 111 21.58 95.99 12.96
CA TYR ZA 111 20.31 96.43 12.40
C TYR ZA 111 19.88 95.51 11.27
N TRP ZA 112 18.57 95.27 11.17
CA TRP ZA 112 18.04 94.57 10.01
C TRP ZA 112 18.15 95.43 8.76
N GLY ZA 113 18.05 96.74 8.93
CA GLY ZA 113 18.15 97.66 7.82
C GLY ZA 113 17.79 99.05 8.31
N ASN ZA 114 18.20 100.04 7.52
CA ASN ZA 114 17.98 101.46 7.77
C ASN ZA 114 18.23 101.83 9.23
N LYS ZA 115 19.48 101.71 9.67
CA LYS ZA 115 19.89 101.88 11.07
C LYS ZA 115 19.31 103.14 11.70
N ILE ZA 116 18.41 102.97 12.66
CA ILE ZA 116 17.71 104.09 13.27
C ILE ZA 116 17.69 103.91 14.78
N GLY ZA 117 18.13 104.94 15.49
CA GLY ZA 117 18.02 104.95 16.94
C GLY ZA 117 18.89 103.88 17.57
N LYS ZA 118 18.26 103.04 18.38
CA LYS ZA 118 18.89 101.94 19.08
C LYS ZA 118 18.94 100.70 18.21
N PRO ZA 119 19.87 99.79 18.47
CA PRO ZA 119 19.87 98.50 17.77
C PRO ZA 119 18.99 97.48 18.46
N HIS ZA 120 18.56 96.50 17.69
CA HIS ZA 120 17.61 95.51 18.18
C HIS ZA 120 18.04 94.08 17.89
N THR ZA 121 18.64 93.83 16.75
CA THR ZA 121 18.83 92.48 16.21
C THR ZA 121 20.31 92.12 16.21
N VAL ZA 122 20.60 90.90 15.78
CA VAL ZA 122 22.00 90.48 15.64
C VAL ZA 122 22.64 91.23 14.48
N PRO ZA 123 23.92 91.61 14.58
CA PRO ZA 123 24.55 92.33 13.46
C PRO ZA 123 24.61 91.51 12.18
N CYS ZA 124 24.74 90.20 12.28
CA CYS ZA 124 24.72 89.32 11.13
C CYS ZA 124 24.23 87.96 11.59
N LYS ZA 125 24.01 87.07 10.63
CA LYS ZA 125 23.58 85.73 11.00
C LYS ZA 125 24.76 84.97 11.58
N VAL ZA 126 24.56 84.40 12.76
CA VAL ZA 126 25.60 83.70 13.50
C VAL ZA 126 25.12 82.30 13.84
N THR ZA 127 26.06 81.42 14.15
CA THR ZA 127 25.75 80.03 14.42
C THR ZA 127 26.55 79.54 15.61
N GLY ZA 128 25.85 79.02 16.62
CA GLY ZA 128 26.47 78.44 17.79
C GLY ZA 128 26.21 76.94 17.83
N ARG ZA 129 27.28 76.18 18.06
CA ARG ZA 129 27.21 74.73 18.13
C ARG ZA 129 27.66 74.25 19.50
N CYS ZA 130 26.90 73.33 20.07
CA CYS ZA 130 27.34 72.59 21.25
C CYS ZA 130 26.86 71.17 21.08
N GLY ZA 131 27.80 70.25 20.87
CA GLY ZA 131 27.42 68.88 20.56
C GLY ZA 131 26.71 68.83 19.22
N SER ZA 132 25.58 68.14 19.18
CA SER ZA 132 24.82 68.05 17.94
C SER ZA 132 23.93 69.26 17.70
N VAL ZA 133 23.70 70.09 18.71
CA VAL ZA 133 22.77 71.20 18.55
C VAL ZA 133 23.44 72.31 17.73
N LEU ZA 134 22.74 72.76 16.69
CA LEU ZA 134 23.16 73.85 15.84
C LEU ZA 134 22.06 74.91 15.95
N VAL ZA 135 22.33 75.97 16.69
CA VAL ZA 135 21.38 77.07 16.84
C VAL ZA 135 21.92 78.24 16.05
N ARG ZA 136 21.19 78.66 15.03
CA ARG ZA 136 21.59 79.81 14.24
C ARG ZA 136 20.59 80.94 14.46
N LEU ZA 137 21.12 82.16 14.47
CA LEU ZA 137 20.35 83.37 14.64
C LEU ZA 137 20.52 84.24 13.40
N ILE ZA 138 19.41 84.78 12.92
CA ILE ZA 138 19.37 85.59 11.71
C ILE ZA 138 18.66 86.90 12.03
N PRO ZA 139 19.15 88.04 11.52
CA PRO ZA 139 18.51 89.32 11.82
C PRO ZA 139 17.09 89.39 11.30
N ALA ZA 140 16.26 90.13 12.02
CA ALA ZA 140 14.85 90.33 11.73
C ALA ZA 140 14.54 91.81 11.88
N PRO ZA 141 13.53 92.32 11.18
CA PRO ZA 141 13.18 93.74 11.31
C PRO ZA 141 12.65 94.07 12.70
N ARG ZA 142 12.43 95.36 12.92
CA ARG ZA 142 12.02 95.84 14.23
C ARG ZA 142 10.66 95.29 14.61
N GLY ZA 143 10.50 94.95 15.89
CA GLY ZA 143 9.21 94.58 16.43
C GLY ZA 143 8.76 93.16 16.15
N THR ZA 144 9.58 92.35 15.49
CA THR ZA 144 9.20 90.97 15.23
C THR ZA 144 9.18 90.12 16.49
N GLY ZA 145 9.83 90.57 17.56
CA GLY ZA 145 10.03 89.71 18.69
C GLY ZA 145 11.09 88.67 18.39
N ILE ZA 146 11.07 87.61 19.19
CA ILE ZA 146 11.97 86.49 18.99
C ILE ZA 146 11.14 85.31 18.49
N VAL ZA 147 11.58 84.71 17.40
CA VAL ZA 147 10.92 83.52 16.86
C VAL ZA 147 11.81 82.35 17.23
N SER ZA 148 11.54 81.75 18.38
CA SER ZA 148 12.36 80.66 18.89
C SER ZA 148 11.56 79.86 19.91
N ALA ZA 149 12.17 78.80 20.41
CA ALA ZA 149 11.62 78.03 21.51
C ALA ZA 149 11.70 78.86 22.79
N PRO ZA 150 10.94 78.50 23.83
CA PRO ZA 150 11.01 79.27 25.09
C PRO ZA 150 12.41 79.30 25.71
N VAL ZA 151 13.13 78.20 25.66
CA VAL ZA 151 14.43 78.09 26.31
C VAL ZA 151 15.45 79.05 25.71
N PRO ZA 152 15.67 79.11 24.39
CA PRO ZA 152 16.57 80.14 23.86
C PRO ZA 152 15.90 81.50 23.78
N LYS ZA 153 14.57 81.56 23.79
CA LYS ZA 153 13.90 82.85 23.81
C LYS ZA 153 14.25 83.62 25.08
N LYS ZA 154 14.27 82.95 26.23
CA LYS ZA 154 14.63 83.66 27.44
C LYS ZA 154 16.12 83.99 27.51
N LEU ZA 155 16.98 83.12 26.96
CA LEU ZA 155 18.40 83.46 26.86
C LEU ZA 155 18.60 84.73 26.04
N LEU ZA 156 18.01 84.80 24.85
CA LEU ZA 156 18.17 85.97 24.01
C LEU ZA 156 17.48 87.19 24.60
N MET ZA 157 16.38 86.98 25.34
CA MET ZA 157 15.72 88.08 26.02
C MET ZA 157 16.63 88.69 27.09
N MET ZA 158 17.28 87.84 27.88
CA MET ZA 158 18.28 88.34 28.82
C MET ZA 158 19.45 88.98 28.09
N ALA ZA 159 19.82 88.45 26.92
CA ALA ZA 159 20.85 89.08 26.10
C ALA ZA 159 20.40 90.42 25.52
N GLY ZA 160 19.11 90.71 25.54
CA GLY ZA 160 18.60 91.95 25.00
C GLY ZA 160 18.23 91.92 23.53
N ILE ZA 161 18.31 90.75 22.89
CA ILE ZA 161 17.97 90.63 21.48
C ILE ZA 161 16.46 90.81 21.33
N ASP ZA 162 16.03 91.98 20.86
CA ASP ZA 162 14.61 92.27 20.80
C ASP ZA 162 13.95 91.52 19.64
N ASP ZA 163 14.61 91.47 18.49
CA ASP ZA 163 14.03 90.89 17.28
C ASP ZA 163 15.05 89.94 16.66
N CYS ZA 164 14.63 88.69 16.45
CA CYS ZA 164 15.55 87.70 15.91
C CYS ZA 164 14.78 86.48 15.38
N TYR ZA 165 15.33 85.89 14.32
CA TYR ZA 165 14.92 84.58 13.83
C TYR ZA 165 15.93 83.55 14.29
N THR ZA 166 15.45 82.33 14.54
CA THR ZA 166 16.34 81.24 14.93
C THR ZA 166 16.07 80.00 14.08
N SER ZA 167 17.01 79.07 14.14
CA SER ZA 167 16.83 77.77 13.53
C SER ZA 167 17.67 76.75 14.29
N ALA ZA 168 17.05 75.65 14.69
CA ALA ZA 168 17.68 74.65 15.54
C ALA ZA 168 17.76 73.33 14.79
N ARG ZA 169 18.94 72.72 14.79
CA ARG ZA 169 19.15 71.42 14.18
C ARG ZA 169 19.82 70.50 15.19
N GLY ZA 170 19.48 69.22 15.14
CA GLY ZA 170 20.02 68.26 16.09
C GLY ZA 170 19.00 67.87 17.13
N CYS ZA 171 19.49 67.19 18.17
CA CYS ZA 171 18.64 66.74 19.27
C CYS ZA 171 18.48 67.90 20.25
N THR ZA 172 17.65 68.85 19.86
CA THR ZA 172 17.43 70.05 20.66
C THR ZA 172 16.69 69.76 21.96
N ALA ZA 173 16.15 68.56 22.14
CA ALA ZA 173 15.58 68.19 23.43
C ALA ZA 173 16.65 68.11 24.50
N THR ZA 174 17.92 68.05 24.13
CA THR ZA 174 19.02 68.16 25.09
C THR ZA 174 19.15 69.62 25.50
N LEU ZA 175 18.60 69.94 26.66
CA LEU ZA 175 18.48 71.33 27.07
C LEU ZA 175 19.83 71.95 27.37
N GLY ZA 176 20.73 71.18 27.99
CA GLY ZA 176 22.05 71.73 28.30
C GLY ZA 176 22.83 72.12 27.07
N ASN ZA 177 22.95 71.19 26.11
CA ASN ZA 177 23.66 71.48 24.88
C ASN ZA 177 22.97 72.55 24.08
N PHE ZA 178 21.64 72.54 24.08
CA PHE ZA 178 20.87 73.52 23.33
C PHE ZA 178 21.12 74.94 23.84
N ALA ZA 179 21.04 75.11 25.16
CA ALA ZA 179 21.31 76.42 25.75
C ALA ZA 179 22.76 76.83 25.59
N LYS ZA 180 23.69 75.89 25.69
CA LYS ZA 180 25.09 76.23 25.50
C LYS ZA 180 25.37 76.66 24.07
N ALA ZA 181 24.71 76.03 23.09
CA ALA ZA 181 24.88 76.46 21.71
C ALA ZA 181 24.30 77.84 21.48
N THR ZA 182 23.15 78.14 22.10
CA THR ZA 182 22.61 79.49 22.02
C THR ZA 182 23.57 80.50 22.61
N PHE ZA 183 24.16 80.15 23.76
CA PHE ZA 183 25.15 81.02 24.37
C PHE ZA 183 26.39 81.18 23.51
N ASP ZA 184 26.77 80.13 22.78
CA ASP ZA 184 27.90 80.22 21.86
C ASP ZA 184 27.63 81.20 20.72
N ALA ZA 185 26.43 81.08 20.13
CA ALA ZA 185 26.04 82.00 19.07
C ALA ZA 185 26.00 83.43 19.59
N ILE ZA 186 25.53 83.62 20.83
CA ILE ZA 186 25.59 84.94 21.44
C ILE ZA 186 27.03 85.39 21.65
N SER ZA 187 27.91 84.44 22.01
CA SER ZA 187 29.29 84.78 22.35
C SER ZA 187 30.04 85.33 21.14
N LYS ZA 188 29.84 84.73 19.98
CA LYS ZA 188 30.67 85.10 18.82
C LYS ZA 188 30.15 86.34 18.08
N THR ZA 189 29.12 87.01 18.60
CA THR ZA 189 28.60 88.22 17.96
C THR ZA 189 29.63 89.34 17.89
N TYR ZA 190 30.51 89.42 18.89
CA TYR ZA 190 31.68 90.31 18.82
C TYR ZA 190 32.85 89.69 18.09
N SER ZA 191 33.06 88.37 18.22
CA SER ZA 191 34.17 87.71 17.56
C SER ZA 191 34.08 87.80 16.04
N TYR ZA 192 32.89 88.05 15.50
CA TYR ZA 192 32.75 88.21 14.06
C TYR ZA 192 33.42 89.51 13.59
N LEU ZA 193 33.92 89.48 12.36
CA LEU ZA 193 34.63 90.62 11.77
C LEU ZA 193 33.71 91.32 10.78
N THR ZA 194 33.73 92.66 10.79
CA THR ZA 194 32.78 93.43 10.01
C THR ZA 194 33.46 94.66 9.40
N PRO ZA 195 33.02 95.07 8.20
CA PRO ZA 195 33.62 96.27 7.58
C PRO ZA 195 33.61 97.53 8.43
N ASP ZA 196 32.55 97.77 9.19
CA ASP ZA 196 32.57 98.95 10.05
C ASP ZA 196 33.51 98.78 11.23
N LEU ZA 197 33.92 97.55 11.52
CA LEU ZA 197 34.93 97.27 12.52
C LEU ZA 197 36.33 97.15 11.92
N TRP ZA 198 36.46 97.32 10.61
CA TRP ZA 198 37.76 97.30 9.96
C TRP ZA 198 38.67 98.46 10.34
N LYS ZA 199 38.19 99.44 11.10
CA LYS ZA 199 38.99 100.63 11.40
C LYS ZA 199 40.22 100.27 12.21
N GLU ZA 200 41.33 100.93 11.91
CA GLU ZA 200 42.61 100.60 12.51
C GLU ZA 200 42.57 100.83 14.02
N THR ZA 201 43.09 99.87 14.77
CA THR ZA 201 43.03 99.91 16.22
C THR ZA 201 44.04 100.92 16.77
N VAL ZA 202 43.63 101.62 17.83
CA VAL ZA 202 44.53 102.41 18.65
C VAL ZA 202 44.49 101.79 20.04
N PHE ZA 203 45.64 101.29 20.48
CA PHE ZA 203 45.69 100.53 21.72
C PHE ZA 203 45.74 101.46 22.92
N THR ZA 204 44.93 101.16 23.93
CA THR ZA 204 44.98 101.88 25.19
C THR ZA 204 45.80 101.09 26.20
N LYS ZA 205 46.13 101.76 27.31
CA LYS ZA 205 46.93 101.11 28.35
C LYS ZA 205 46.16 99.95 28.96
N SER ZA 206 46.86 98.83 29.14
CA SER ZA 206 46.28 97.74 29.90
C SER ZA 206 46.04 98.20 31.33
N PRO ZA 207 44.98 97.73 31.98
CA PRO ZA 207 44.71 98.17 33.36
C PRO ZA 207 45.84 97.87 34.33
N TYR ZA 208 46.53 96.75 34.17
CA TYR ZA 208 47.64 96.44 35.04
C TYR ZA 208 48.75 97.46 34.90
N GLN ZA 209 49.11 97.81 33.66
CA GLN ZA 209 50.18 98.78 33.44
C GLN ZA 209 49.74 100.18 33.84
N GLU ZA 210 48.46 100.49 33.67
CA GLU ZA 210 47.96 101.81 34.03
C GLU ZA 210 47.94 102.01 35.53
N PHE ZA 211 47.50 100.99 36.28
CA PHE ZA 211 47.37 101.08 37.73
C PHE ZA 211 48.42 100.23 38.43
N THR ZA 212 49.61 100.12 37.84
CA THR ZA 212 50.72 99.44 38.49
C THR ZA 212 51.12 100.11 39.80
N ASP ZA 213 50.77 101.37 39.99
CA ASP ZA 213 51.12 102.08 41.22
C ASP ZA 213 50.34 101.56 42.42
N HIS ZA 214 49.05 101.28 42.24
CA HIS ZA 214 48.19 101.01 43.38
C HIS ZA 214 48.23 99.54 43.80
N LEU ZA 215 48.39 98.64 42.82
CA LEU ZA 215 48.39 97.22 43.12
C LEU ZA 215 49.59 96.83 43.98
N VAL ZA 216 50.76 97.38 43.69
CA VAL ZA 216 51.94 97.06 44.46
C VAL ZA 216 51.84 97.59 45.89
N LYS ZA 217 50.96 98.54 46.16
CA LYS ZA 217 50.82 99.07 47.51
C LYS ZA 217 49.67 98.45 48.28
N THR ZA 218 48.60 97.99 47.61
CA THR ZA 218 47.51 97.34 48.32
C THR ZA 218 47.55 95.81 48.19
N HIS ZA 219 47.51 95.31 46.96
CA HIS ZA 219 47.41 93.87 46.72
C HIS ZA 219 48.82 93.30 46.65
N THR ZA 220 49.31 92.81 47.79
CA THR ZA 220 50.66 92.26 47.86
C THR ZA 220 50.63 90.77 48.19
N ALA AB 1 -20.58 74.09 -27.83
CA ALA AB 1 -22.04 74.05 -27.84
C ALA AB 1 -22.56 73.62 -29.20
N ARG AB 2 -23.83 73.22 -29.23
CA ARG AB 2 -24.48 72.87 -30.48
C ARG AB 2 -24.87 74.09 -31.30
N GLY AB 3 -24.73 75.28 -30.75
CA GLY AB 3 -25.09 76.50 -31.46
C GLY AB 3 -24.48 77.71 -30.79
N PRO AB 4 -24.69 78.88 -31.37
CA PRO AB 4 -24.07 80.10 -30.85
C PRO AB 4 -24.65 80.49 -29.50
N LYS AB 5 -23.86 81.22 -28.73
CA LYS AB 5 -24.28 81.67 -27.42
C LYS AB 5 -25.08 82.97 -27.52
N LYS AB 6 -26.19 83.04 -26.78
CA LYS AB 6 -27.00 84.24 -26.69
C LYS AB 6 -27.11 84.73 -25.25
N HIS AB 7 -26.10 84.42 -24.43
CA HIS AB 7 -26.03 84.88 -23.05
C HIS AB 7 -24.61 85.31 -22.75
N LEU AB 8 -24.47 86.28 -21.86
CA LEU AB 8 -23.18 86.68 -21.33
C LEU AB 8 -23.28 86.75 -19.82
N LYS AB 9 -22.36 86.07 -19.14
CA LYS AB 9 -22.36 86.13 -17.69
C LYS AB 9 -21.84 87.48 -17.22
N ARG AB 10 -22.43 87.97 -16.12
CA ARG AB 10 -22.08 89.30 -15.60
C ARG AB 10 -20.61 89.37 -15.23
N VAL AB 11 -20.10 88.34 -14.56
CA VAL AB 11 -18.69 88.31 -14.21
C VAL AB 11 -17.84 88.20 -15.46
N ALA AB 12 -18.31 87.47 -16.47
CA ALA AB 12 -17.53 87.29 -17.69
C ALA AB 12 -17.64 88.48 -18.63
N ALA AB 13 -18.49 89.46 -18.32
CA ALA AB 13 -18.64 90.63 -19.16
C ALA AB 13 -17.36 91.46 -19.19
N PRO AB 14 -17.14 92.24 -20.24
CA PRO AB 14 -15.94 93.08 -20.31
C PRO AB 14 -15.85 94.05 -19.15
N LYS AB 15 -14.61 94.30 -18.71
CA LYS AB 15 -14.36 95.09 -17.51
C LYS AB 15 -14.79 96.54 -17.70
N HIS AB 16 -14.59 97.09 -18.91
CA HIS AB 16 -14.84 98.50 -19.12
C HIS AB 16 -16.30 98.88 -19.04
N TRP AB 17 -17.21 97.91 -19.02
CA TRP AB 17 -18.62 98.22 -18.80
C TRP AB 17 -18.89 98.73 -17.39
N MET AB 18 -17.94 98.55 -16.47
CA MET AB 18 -18.05 99.02 -15.09
C MET AB 18 -19.24 98.41 -14.37
N LEU AB 19 -19.69 97.25 -14.84
CA LEU AB 19 -20.81 96.56 -14.22
C LEU AB 19 -20.36 95.84 -12.97
N ASP AB 20 -21.17 95.94 -11.92
CA ASP AB 20 -20.87 95.27 -10.66
C ASP AB 20 -21.28 93.80 -10.76
N LYS AB 21 -21.32 93.11 -9.63
CA LYS AB 21 -21.68 91.69 -9.60
C LYS AB 21 -22.91 91.39 -8.78
N LEU AB 22 -23.23 92.20 -7.78
CA LEU AB 22 -24.27 91.87 -6.82
C LEU AB 22 -25.68 92.00 -7.36
N THR AB 23 -25.93 92.95 -8.27
CA THR AB 23 -27.28 93.23 -8.69
C THR AB 23 -27.78 92.27 -9.78
N GLY AB 24 -26.89 91.51 -10.42
CA GLY AB 24 -27.33 90.63 -11.49
C GLY AB 24 -26.37 89.52 -11.84
N VAL AB 25 -26.88 88.30 -11.95
CA VAL AB 25 -26.07 87.17 -12.39
C VAL AB 25 -25.70 87.32 -13.86
N PHE AB 26 -26.63 87.82 -14.66
CA PHE AB 26 -26.44 87.92 -16.10
C PHE AB 26 -25.93 89.31 -16.47
N ALA AB 27 -25.60 89.44 -17.75
CA ALA AB 27 -25.11 90.68 -18.34
C ALA AB 27 -25.92 90.95 -19.60
N PRO AB 28 -25.94 92.19 -20.08
CA PRO AB 28 -26.59 92.46 -21.37
C PRO AB 28 -25.77 91.90 -22.52
N ARG AB 29 -25.97 90.62 -22.82
CA ARG AB 29 -25.33 90.00 -23.98
C ARG AB 29 -25.70 90.80 -25.21
N PRO AB 30 -24.75 91.51 -25.83
CA PRO AB 30 -25.11 92.41 -26.92
C PRO AB 30 -25.58 91.63 -28.14
N SER AB 31 -26.56 92.19 -28.83
CA SER AB 31 -26.92 91.65 -30.12
C SER AB 31 -25.80 91.93 -31.11
N THR AB 32 -25.83 91.21 -32.22
CA THR AB 32 -24.84 91.42 -33.27
C THR AB 32 -24.94 92.85 -33.79
N GLY AB 33 -23.80 93.40 -34.22
CA GLY AB 33 -23.76 94.79 -34.63
C GLY AB 33 -22.49 95.19 -35.34
N PRO AB 34 -22.31 96.51 -35.51
CA PRO AB 34 -21.17 97.00 -36.28
C PRO AB 34 -19.84 96.97 -35.54
N HIS AB 35 -19.83 96.60 -34.26
CA HIS AB 35 -18.60 96.56 -33.49
C HIS AB 35 -18.58 95.30 -32.64
N LYS AB 36 -17.38 94.85 -32.32
CA LYS AB 36 -17.21 93.64 -31.52
C LYS AB 36 -17.80 93.84 -30.12
N LEU AB 37 -18.40 92.77 -29.59
CA LEU AB 37 -19.08 92.91 -28.30
C LEU AB 37 -18.10 93.08 -27.15
N ARG AB 38 -16.87 92.60 -27.32
CA ARG AB 38 -15.87 92.76 -26.26
C ARG AB 38 -15.45 94.20 -26.08
N GLU AB 39 -15.64 95.05 -27.10
CA GLU AB 39 -15.26 96.45 -27.03
C GLU AB 39 -16.40 97.40 -27.35
N CYS AB 40 -17.63 96.90 -27.42
CA CYS AB 40 -18.79 97.76 -27.63
C CYS AB 40 -19.39 98.15 -26.29
N LEU AB 41 -20.51 98.85 -26.34
CA LEU AB 41 -21.19 99.23 -25.11
C LEU AB 41 -22.70 99.25 -25.36
N PRO AB 42 -23.46 98.39 -24.68
CA PRO AB 42 -24.89 98.29 -24.97
C PRO AB 42 -25.66 99.54 -24.58
N LEU AB 43 -26.69 99.82 -25.37
CA LEU AB 43 -27.54 100.98 -25.18
C LEU AB 43 -28.26 100.95 -23.83
N ILE AB 44 -28.54 99.76 -23.30
CA ILE AB 44 -29.20 99.66 -22.01
C ILE AB 44 -28.32 100.23 -20.90
N ILE AB 45 -27.07 99.79 -20.83
CA ILE AB 45 -26.19 100.29 -19.79
C ILE AB 45 -25.78 101.73 -20.07
N PHE AB 46 -25.77 102.15 -21.34
CA PHE AB 46 -25.42 103.54 -21.65
C PHE AB 46 -26.42 104.51 -21.03
N LEU AB 47 -27.70 104.14 -21.00
CA LEU AB 47 -28.71 105.00 -20.43
C LEU AB 47 -28.99 104.73 -18.95
N ARG AB 48 -28.68 103.54 -18.46
CA ARG AB 48 -28.94 103.25 -17.05
C ARG AB 48 -27.73 103.52 -16.17
N ASN AB 49 -26.61 102.88 -16.43
CA ASN AB 49 -25.48 102.91 -15.51
C ASN AB 49 -24.50 104.05 -15.80
N ARG AB 50 -24.77 104.85 -16.82
CA ARG AB 50 -23.93 106.00 -17.14
C ARG AB 50 -24.68 107.32 -16.99
N LEU AB 51 -25.88 107.41 -17.59
CA LEU AB 51 -26.67 108.63 -17.56
C LEU AB 51 -27.76 108.62 -16.49
N LYS AB 52 -28.05 107.46 -15.91
CA LYS AB 52 -29.07 107.30 -14.87
C LYS AB 52 -30.45 107.75 -15.31
N TYR AB 53 -30.68 107.84 -16.63
CA TYR AB 53 -32.02 108.18 -17.10
C TYR AB 53 -32.98 107.03 -16.93
N ALA AB 54 -32.48 105.80 -16.96
CA ALA AB 54 -33.29 104.60 -16.77
C ALA AB 54 -32.89 103.92 -15.46
N LEU AB 55 -33.88 103.48 -14.71
CA LEU AB 55 -33.61 102.75 -13.47
C LEU AB 55 -33.25 101.30 -13.78
N THR AB 56 -34.17 100.56 -14.37
CA THR AB 56 -33.93 99.18 -14.79
C THR AB 56 -33.97 99.13 -16.32
N GLY AB 57 -33.88 97.91 -16.86
CA GLY AB 57 -33.98 97.74 -18.30
C GLY AB 57 -35.34 98.08 -18.85
N ASP AB 58 -36.39 98.01 -18.02
CA ASP AB 58 -37.73 98.33 -18.48
C ASP AB 58 -37.83 99.79 -18.95
N GLU AB 59 -37.23 100.70 -18.19
CA GLU AB 59 -37.32 102.12 -18.52
C GLU AB 59 -36.59 102.43 -19.83
N VAL AB 60 -35.39 101.86 -20.01
CA VAL AB 60 -34.66 102.15 -21.23
C VAL AB 60 -35.32 101.47 -22.43
N LYS AB 61 -35.96 100.32 -22.22
CA LYS AB 61 -36.75 99.72 -23.30
C LYS AB 61 -37.91 100.63 -23.69
N LYS AB 62 -38.56 101.25 -22.70
CA LYS AB 62 -39.60 102.24 -23.01
C LYS AB 62 -39.03 103.42 -23.78
N ILE AB 63 -37.82 103.85 -23.42
CA ILE AB 63 -37.17 104.95 -24.14
C ILE AB 63 -36.95 104.59 -25.60
N CYS AB 64 -36.43 103.38 -25.84
CA CYS AB 64 -36.16 102.95 -27.22
C CYS AB 64 -37.45 102.79 -28.01
N MET AB 65 -38.49 102.23 -27.39
CA MET AB 65 -39.73 101.98 -28.11
C MET AB 65 -40.64 103.20 -28.17
N GLN AB 66 -40.26 104.30 -27.52
CA GLN AB 66 -40.88 105.59 -27.80
C GLN AB 66 -40.23 106.30 -28.98
N ARG AB 67 -39.19 105.70 -29.56
CA ARG AB 67 -38.47 106.25 -30.72
C ARG AB 67 -37.95 107.65 -30.41
N PHE AB 68 -37.27 107.78 -29.27
CA PHE AB 68 -36.70 109.04 -28.85
C PHE AB 68 -35.23 109.19 -29.24
N ILE AB 69 -34.55 108.09 -29.56
CA ILE AB 69 -33.11 108.09 -29.75
C ILE AB 69 -32.77 107.41 -31.07
N LYS AB 70 -31.57 107.69 -31.55
CA LYS AB 70 -31.10 107.11 -32.80
C LYS AB 70 -29.58 107.09 -32.79
N ILE AB 71 -29.01 106.22 -33.61
CA ILE AB 71 -27.56 106.06 -33.74
C ILE AB 71 -27.19 106.42 -35.17
N ASP AB 72 -26.28 107.39 -35.31
CA ASP AB 72 -25.86 107.91 -36.62
C ASP AB 72 -27.04 108.45 -37.41
N GLY AB 73 -28.06 108.95 -36.72
CA GLY AB 73 -29.27 109.40 -37.37
C GLY AB 73 -30.23 108.29 -37.74
N LYS AB 74 -29.84 107.03 -37.54
CA LYS AB 74 -30.67 105.88 -37.86
C LYS AB 74 -31.40 105.45 -36.60
N VAL AB 75 -32.73 105.40 -36.66
CA VAL AB 75 -33.52 105.05 -35.48
C VAL AB 75 -33.27 103.60 -35.12
N ARG AB 76 -32.73 103.38 -33.93
CA ARG AB 76 -32.44 102.04 -33.42
C ARG AB 76 -33.30 101.77 -32.20
N THR AB 77 -33.91 100.58 -32.16
CA THR AB 77 -34.84 100.23 -31.10
C THR AB 77 -34.37 99.02 -30.29
N ASP AB 78 -33.10 98.66 -30.36
CA ASP AB 78 -32.60 97.46 -29.69
C ASP AB 78 -32.01 97.83 -28.33
N ILE AB 79 -32.43 97.10 -27.30
CA ILE AB 79 -31.94 97.34 -25.95
C ILE AB 79 -30.44 97.03 -25.86
N THR AB 80 -30.00 95.97 -26.54
CA THR AB 80 -28.62 95.51 -26.48
C THR AB 80 -27.80 95.95 -27.68
N TYR AB 81 -28.12 97.10 -28.27
CA TYR AB 81 -27.42 97.54 -29.47
C TYR AB 81 -25.99 97.95 -29.13
N PRO AB 82 -25.01 97.50 -29.89
CA PRO AB 82 -23.63 97.94 -29.66
C PRO AB 82 -23.42 99.36 -30.11
N ALA AB 83 -23.21 100.28 -29.16
CA ALA AB 83 -23.01 101.68 -29.50
C ALA AB 83 -21.74 101.87 -30.32
N GLY AB 84 -20.70 101.09 -30.03
CA GLY AB 84 -19.48 101.13 -30.80
C GLY AB 84 -18.63 102.35 -30.48
N PHE AB 85 -17.37 102.25 -30.88
CA PHE AB 85 -16.41 103.31 -30.62
C PHE AB 85 -16.68 104.52 -31.50
N MET AB 86 -16.72 105.69 -30.87
CA MET AB 86 -16.66 106.98 -31.56
C MET AB 86 -17.84 107.16 -32.53
N ASP AB 87 -19.02 106.74 -32.09
CA ASP AB 87 -20.25 107.05 -32.79
C ASP AB 87 -20.95 108.19 -32.05
N VAL AB 88 -21.95 108.78 -32.70
CA VAL AB 88 -22.70 109.89 -32.13
C VAL AB 88 -24.08 109.39 -31.75
N ILE AB 89 -24.37 109.39 -30.46
CA ILE AB 89 -25.71 109.13 -29.96
C ILE AB 89 -26.42 110.49 -29.85
N SER AB 90 -27.32 110.74 -30.79
CA SER AB 90 -28.06 111.99 -30.83
C SER AB 90 -29.46 111.76 -30.28
N ILE AB 91 -29.82 112.55 -29.27
CA ILE AB 91 -31.16 112.51 -28.69
C ILE AB 91 -31.76 113.88 -28.95
N ASP AB 92 -32.66 113.96 -29.92
CA ASP AB 92 -33.34 115.22 -30.22
C ASP AB 92 -34.34 115.61 -29.14
N LYS AB 93 -34.66 114.70 -28.23
CA LYS AB 93 -35.54 115.04 -27.10
C LYS AB 93 -34.89 116.11 -26.23
N THR AB 94 -33.59 115.97 -25.95
CA THR AB 94 -32.89 116.88 -25.06
C THR AB 94 -31.88 117.77 -25.76
N GLY AB 95 -31.70 117.62 -27.07
CA GLY AB 95 -30.65 118.36 -27.77
C GLY AB 95 -29.26 117.99 -27.35
N GLU AB 96 -29.02 116.72 -27.02
CA GLU AB 96 -27.73 116.26 -26.52
C GLU AB 96 -27.12 115.29 -27.51
N ASN AB 97 -25.84 115.49 -27.80
CA ASN AB 97 -25.07 114.59 -28.65
C ASN AB 97 -23.87 114.10 -27.85
N PHE AB 98 -23.69 112.78 -27.80
CA PHE AB 98 -22.58 112.18 -27.08
C PHE AB 98 -21.74 111.37 -28.04
N ARG AB 99 -20.44 111.32 -27.76
CA ARG AB 99 -19.52 110.51 -28.53
C ARG AB 99 -18.77 109.58 -27.59
N LEU AB 100 -18.64 108.32 -28.00
CA LEU AB 100 -17.95 107.31 -27.19
C LEU AB 100 -16.46 107.34 -27.52
N ILE AB 101 -15.75 108.29 -26.91
CA ILE AB 101 -14.31 108.40 -27.00
C ILE AB 101 -13.72 107.87 -25.70
N TYR AB 102 -12.67 107.07 -25.81
CA TYR AB 102 -11.99 106.56 -24.63
C TYR AB 102 -11.27 107.69 -23.89
N ASP AB 103 -11.16 107.52 -22.58
CA ASP AB 103 -10.43 108.45 -21.74
C ASP AB 103 -9.05 107.87 -21.42
N THR AB 104 -8.34 108.53 -20.51
CA THR AB 104 -7.06 108.03 -20.01
C THR AB 104 -7.22 106.65 -19.39
N LYS AB 105 -8.31 106.45 -18.64
CA LYS AB 105 -8.56 105.20 -17.93
C LYS AB 105 -8.89 104.03 -18.85
N GLY AB 106 -8.82 104.20 -20.16
CA GLY AB 106 -9.12 103.11 -21.07
C GLY AB 106 -10.56 102.66 -21.07
N ARG AB 107 -11.50 103.59 -21.09
CA ARG AB 107 -12.91 103.25 -21.22
C ARG AB 107 -13.65 104.45 -21.82
N PHE AB 108 -14.83 104.18 -22.35
CA PHE AB 108 -15.63 105.21 -23.00
C PHE AB 108 -16.01 106.30 -22.01
N ALA AB 109 -16.08 107.53 -22.50
CA ALA AB 109 -16.44 108.69 -21.70
C ALA AB 109 -17.72 109.31 -22.22
N VAL AB 110 -18.46 109.93 -21.31
CA VAL AB 110 -19.71 110.63 -21.66
C VAL AB 110 -19.30 112.02 -22.12
N HIS AB 111 -19.00 112.13 -23.41
CA HIS AB 111 -18.53 113.37 -23.99
C HIS AB 111 -19.66 114.03 -24.78
N ARG AB 112 -20.03 115.24 -24.36
CA ARG AB 112 -21.04 116.03 -25.05
C ARG AB 112 -20.39 116.86 -26.14
N ILE AB 113 -21.00 116.84 -27.33
CA ILE AB 113 -20.50 117.57 -28.50
C ILE AB 113 -21.64 118.40 -29.06
N THR AB 114 -21.27 119.41 -29.85
CA THR AB 114 -22.26 120.28 -30.45
C THR AB 114 -23.01 119.58 -31.57
N PRO AB 115 -24.25 119.98 -31.84
CA PRO AB 115 -24.98 119.39 -32.98
C PRO AB 115 -24.29 119.59 -34.32
N GLU AB 116 -23.58 120.70 -34.51
CA GLU AB 116 -22.88 120.90 -35.77
C GLU AB 116 -21.65 120.00 -35.88
N GLU AB 117 -21.11 119.56 -34.75
CA GLU AB 117 -20.00 118.62 -34.77
C GLU AB 117 -20.49 117.18 -34.82
N ALA AB 118 -21.74 116.94 -34.46
CA ALA AB 118 -22.33 115.61 -34.55
C ALA AB 118 -22.66 115.21 -35.99
N LYS AB 119 -22.66 116.17 -36.93
CA LYS AB 119 -23.09 115.92 -38.30
C LYS AB 119 -22.18 114.95 -39.06
N TYR AB 120 -20.99 114.66 -38.54
CA TYR AB 120 -20.01 113.88 -39.29
C TYR AB 120 -19.36 112.87 -38.35
N LYS AB 121 -18.39 112.13 -38.89
CA LYS AB 121 -17.69 111.11 -38.13
C LYS AB 121 -16.39 110.79 -38.83
N LEU AB 122 -15.49 110.14 -38.09
CA LEU AB 122 -14.28 109.55 -38.63
C LEU AB 122 -14.44 108.05 -38.71
N CYS AB 123 -13.81 107.44 -39.71
CA CYS AB 123 -13.80 105.98 -39.81
C CYS AB 123 -12.47 105.54 -40.38
N LYS AB 124 -11.77 104.64 -39.67
CA LYS AB 124 -10.54 104.07 -40.17
C LYS AB 124 -10.88 102.89 -41.07
N VAL AB 125 -10.38 102.92 -42.30
CA VAL AB 125 -10.65 101.83 -43.22
C VAL AB 125 -9.89 100.58 -42.79
N ARG AB 126 -10.38 99.44 -43.25
CA ARG AB 126 -9.75 98.17 -42.93
C ARG AB 126 -9.20 97.46 -44.15
N LYS AB 127 -9.87 97.58 -45.30
CA LYS AB 127 -9.33 97.09 -46.56
C LYS AB 127 -10.09 97.74 -47.70
N ILE AB 128 -9.47 97.70 -48.88
CA ILE AB 128 -10.09 98.12 -50.13
C ILE AB 128 -10.00 96.95 -51.10
N PHE AB 129 -10.90 96.93 -52.08
CA PHE AB 129 -10.95 95.87 -53.06
C PHE AB 129 -11.79 96.35 -54.24
N VAL AB 130 -11.95 95.47 -55.23
CA VAL AB 130 -12.71 95.77 -56.42
C VAL AB 130 -13.77 94.70 -56.60
N GLY AB 131 -15.00 95.10 -56.87
CA GLY AB 131 -16.06 94.20 -57.25
C GLY AB 131 -16.18 94.11 -58.75
N THR AB 132 -17.35 93.71 -59.20
CA THR AB 132 -17.60 93.52 -60.62
C THR AB 132 -17.56 94.86 -61.37
N LYS AB 133 -17.36 94.75 -62.68
CA LYS AB 133 -17.26 95.90 -63.59
C LYS AB 133 -16.12 96.83 -63.22
N GLY AB 134 -15.07 96.30 -62.59
CA GLY AB 134 -13.94 97.11 -62.18
C GLY AB 134 -14.30 98.24 -61.25
N ILE AB 135 -15.23 97.99 -60.33
CA ILE AB 135 -15.82 99.03 -59.49
C ILE AB 135 -15.19 98.93 -58.11
N PRO AB 136 -14.56 99.98 -57.60
CA PRO AB 136 -13.90 99.88 -56.29
C PRO AB 136 -14.88 99.98 -55.12
N HIS AB 137 -14.58 99.20 -54.09
CA HIS AB 137 -15.29 99.24 -52.82
C HIS AB 137 -14.26 99.22 -51.70
N LEU AB 138 -14.65 99.70 -50.53
CA LEU AB 138 -13.78 99.60 -49.37
C LEU AB 138 -14.62 99.51 -48.10
N VAL AB 139 -14.00 98.97 -47.06
CA VAL AB 139 -14.68 98.69 -45.80
C VAL AB 139 -14.01 99.46 -44.69
N THR AB 140 -14.79 99.84 -43.69
CA THR AB 140 -14.33 100.63 -42.55
C THR AB 140 -14.52 99.81 -41.28
N HIS AB 141 -14.20 100.44 -40.14
CA HIS AB 141 -14.36 99.80 -38.84
C HIS AB 141 -15.81 99.80 -38.36
N ASP AB 142 -16.72 100.42 -39.11
CA ASP AB 142 -18.12 100.49 -38.73
C ASP AB 142 -18.97 99.46 -39.45
N ALA AB 143 -18.34 98.51 -40.16
CA ALA AB 143 -18.98 97.53 -41.02
C ALA AB 143 -19.81 98.16 -42.14
N ARG AB 144 -19.63 99.45 -42.39
CA ARG AB 144 -20.33 100.17 -43.44
C ARG AB 144 -19.40 100.34 -44.63
N THR AB 145 -19.72 99.65 -45.72
CA THR AB 145 -18.91 99.72 -46.93
C THR AB 145 -19.22 100.98 -47.72
N ILE AB 146 -18.21 101.46 -48.44
CA ILE AB 146 -18.36 102.62 -49.31
C ILE AB 146 -17.88 102.23 -50.70
N ARG AB 147 -18.69 102.55 -51.70
CA ARG AB 147 -18.30 102.35 -53.09
C ARG AB 147 -17.78 103.66 -53.66
N TYR AB 148 -16.94 103.56 -54.69
CA TYR AB 148 -16.40 104.69 -55.41
C TYR AB 148 -15.65 105.65 -54.47
N PRO AB 149 -14.49 105.25 -53.94
CA PRO AB 149 -13.77 106.14 -53.02
C PRO AB 149 -12.77 107.04 -53.74
N ASP AB 150 -12.11 107.90 -52.99
CA ASP AB 150 -10.93 108.57 -53.51
C ASP AB 150 -9.81 107.54 -53.60
N PRO AB 151 -9.23 107.31 -54.77
CA PRO AB 151 -8.25 106.23 -54.91
C PRO AB 151 -6.98 106.43 -54.10
N LEU AB 152 -6.60 107.67 -53.79
CA LEU AB 152 -5.39 107.90 -53.03
C LEU AB 152 -5.48 107.38 -51.60
N ILE AB 153 -6.70 107.24 -51.06
CA ILE AB 153 -6.86 106.68 -49.74
C ILE AB 153 -6.45 105.22 -49.75
N LYS AB 154 -5.56 104.85 -48.85
CA LYS AB 154 -5.05 103.50 -48.77
C LYS AB 154 -5.61 102.81 -47.53
N VAL AB 155 -5.11 101.60 -47.26
CA VAL AB 155 -5.56 100.84 -46.11
C VAL AB 155 -5.15 101.54 -44.82
N ASN AB 156 -5.86 101.22 -43.74
CA ASN AB 156 -5.64 101.74 -42.38
C ASN AB 156 -5.46 103.26 -42.37
N ASP AB 157 -6.27 103.95 -43.17
CA ASP AB 157 -6.33 105.41 -43.16
C ASP AB 157 -7.69 105.84 -42.66
N THR AB 158 -7.73 106.92 -41.88
CA THR AB 158 -8.98 107.40 -41.32
C THR AB 158 -9.56 108.47 -42.24
N ILE AB 159 -10.82 108.30 -42.61
CA ILE AB 159 -11.49 109.21 -43.51
C ILE AB 159 -12.64 109.89 -42.78
N GLN AB 160 -13.17 110.94 -43.39
CA GLN AB 160 -14.15 111.82 -42.78
C GLN AB 160 -15.47 111.57 -43.49
N ILE AB 161 -16.30 110.73 -42.88
CA ILE AB 161 -17.58 110.33 -43.47
C ILE AB 161 -18.67 111.17 -42.87
N ASP AB 162 -19.48 111.79 -43.72
CA ASP AB 162 -20.58 112.62 -43.25
C ASP AB 162 -21.76 111.75 -42.86
N LEU AB 163 -22.28 111.98 -41.66
CA LEU AB 163 -23.45 111.24 -41.22
C LEU AB 163 -24.68 111.68 -42.01
N GLU AB 164 -25.70 110.80 -42.02
CA GLU AB 164 -26.95 110.90 -42.75
C GLU AB 164 -26.76 110.75 -44.26
N THR AB 165 -25.54 110.61 -44.74
CA THR AB 165 -25.29 110.36 -46.17
C THR AB 165 -24.24 109.30 -46.44
N GLY AB 166 -23.37 108.98 -45.48
CA GLY AB 166 -22.35 107.96 -45.68
C GLY AB 166 -21.38 108.27 -46.81
N LYS AB 167 -21.10 109.55 -47.05
CA LYS AB 167 -20.21 109.96 -48.13
C LYS AB 167 -18.91 110.49 -47.55
N ILE AB 168 -17.94 110.70 -48.44
CA ILE AB 168 -16.56 110.99 -48.07
C ILE AB 168 -16.31 112.46 -48.34
N THR AB 169 -15.75 113.18 -47.36
CA THR AB 169 -15.38 114.57 -47.59
C THR AB 169 -13.88 114.76 -47.56
N ASP AB 170 -13.20 114.25 -46.55
CA ASP AB 170 -11.75 114.39 -46.44
C ASP AB 170 -11.16 113.05 -46.02
N PHE AB 171 -9.84 112.94 -46.15
CA PHE AB 171 -9.14 111.72 -45.74
C PHE AB 171 -7.82 112.11 -45.09
N ILE AB 172 -7.29 111.22 -44.27
CA ILE AB 172 -6.02 111.44 -43.61
C ILE AB 172 -5.04 110.37 -44.05
N LYS AB 173 -3.92 110.79 -44.62
CA LYS AB 173 -2.90 109.86 -45.08
C LYS AB 173 -2.01 109.46 -43.91
N PHE AB 174 -1.72 108.17 -43.80
CA PHE AB 174 -0.98 107.65 -42.67
C PHE AB 174 0.51 107.89 -42.87
N ASP AB 175 1.11 108.68 -41.99
CA ASP AB 175 2.56 108.85 -41.94
C ASP AB 175 2.93 109.38 -40.56
N THR AB 176 4.24 109.45 -40.33
CA THR AB 176 4.76 109.89 -39.04
C THR AB 176 4.39 111.35 -38.78
N GLY AB 177 3.91 111.62 -37.56
CA GLY AB 177 3.56 112.95 -37.13
C GLY AB 177 2.09 113.15 -36.87
N ASN AB 178 1.23 112.30 -37.43
CA ASN AB 178 -0.21 112.48 -37.29
C ASN AB 178 -0.68 112.13 -35.89
N LEU AB 179 -1.78 112.75 -35.48
CA LEU AB 179 -2.38 112.47 -34.18
C LEU AB 179 -3.17 111.17 -34.27
N CYS AB 180 -2.82 110.21 -33.43
CA CYS AB 180 -3.46 108.91 -33.40
C CYS AB 180 -4.03 108.64 -32.01
N MET AB 181 -4.63 107.47 -31.86
CA MET AB 181 -5.27 107.08 -30.61
C MET AB 181 -5.47 105.58 -30.62
N VAL AB 182 -5.05 104.91 -29.55
CA VAL AB 182 -5.09 103.45 -29.50
C VAL AB 182 -6.50 103.00 -29.13
N THR AB 183 -7.01 102.03 -29.88
CA THR AB 183 -8.40 101.59 -29.75
C THR AB 183 -8.56 100.37 -28.84
N GLY AB 184 -7.49 99.87 -28.24
CA GLY AB 184 -7.63 98.74 -27.34
C GLY AB 184 -6.39 98.51 -26.52
N GLY AB 185 -6.49 97.54 -25.61
CA GLY AB 185 -5.37 97.11 -24.80
C GLY AB 185 -5.12 98.01 -23.60
N ALA AB 186 -3.98 97.76 -22.96
CA ALA AB 186 -3.58 98.56 -21.81
C ALA AB 186 -3.31 100.01 -22.20
N ASN AB 187 -2.89 100.24 -23.44
CA ASN AB 187 -2.62 101.59 -23.94
C ASN AB 187 -3.86 102.26 -24.50
N LEU AB 188 -5.04 101.83 -24.07
CA LEU AB 188 -6.29 102.36 -24.61
C LEU AB 188 -6.46 103.83 -24.24
N GLY AB 189 -6.95 104.62 -25.19
CA GLY AB 189 -7.27 106.00 -24.92
C GLY AB 189 -6.06 106.88 -24.64
N ARG AB 190 -5.10 106.89 -25.56
CA ARG AB 190 -3.90 107.70 -25.43
C ARG AB 190 -3.75 108.54 -26.69
N ILE AB 191 -3.64 109.85 -26.51
CA ILE AB 191 -3.60 110.80 -27.61
C ILE AB 191 -2.17 111.31 -27.76
N GLY AB 192 -1.65 111.25 -28.97
CA GLY AB 192 -0.29 111.71 -29.21
C GLY AB 192 0.02 111.64 -30.69
N VAL AB 193 1.21 112.12 -31.04
CA VAL AB 193 1.68 112.13 -32.41
C VAL AB 193 2.49 110.88 -32.68
N ILE AB 194 2.39 110.38 -33.91
CA ILE AB 194 3.17 109.22 -34.30
C ILE AB 194 4.65 109.61 -34.38
N THR AB 195 5.50 108.83 -33.72
CA THR AB 195 6.93 109.08 -33.75
C THR AB 195 7.65 108.26 -34.82
N ASN AB 196 7.25 107.00 -35.00
CA ASN AB 196 7.71 106.17 -36.12
C ASN AB 196 6.83 104.94 -36.18
N ARG AB 197 6.98 104.20 -37.28
CA ARG AB 197 6.25 102.97 -37.50
C ARG AB 197 7.23 101.91 -37.98
N GLU AB 198 7.00 100.67 -37.59
CA GLU AB 198 7.78 99.54 -38.09
C GLU AB 198 6.84 98.47 -38.58
N ARG AB 199 7.09 97.97 -39.78
CA ARG AB 199 6.30 96.90 -40.36
C ARG AB 199 6.99 95.56 -40.15
N HIS AB 200 6.20 94.55 -39.84
CA HIS AB 200 6.71 93.21 -39.59
C HIS AB 200 6.28 92.26 -40.70
N PRO AB 201 7.21 91.72 -41.49
CA PRO AB 201 6.82 90.80 -42.56
C PRO AB 201 6.20 89.53 -42.02
N GLY AB 202 4.92 89.33 -42.28
CA GLY AB 202 4.21 88.19 -41.73
C GLY AB 202 3.81 88.34 -40.28
N SER AB 203 3.83 89.55 -39.73
CA SER AB 203 3.42 89.78 -38.36
C SER AB 203 2.84 91.18 -38.23
N PHE AB 204 2.25 91.45 -37.07
CA PHE AB 204 1.62 92.73 -36.84
C PHE AB 204 2.65 93.85 -36.79
N ASP AB 205 2.31 94.97 -37.41
CA ASP AB 205 3.16 96.15 -37.35
C ASP AB 205 3.01 96.83 -35.98
N VAL AB 206 4.01 97.62 -35.63
CA VAL AB 206 4.04 98.30 -34.34
C VAL AB 206 4.39 99.76 -34.55
N VAL AB 207 3.60 100.65 -33.96
CA VAL AB 207 3.74 102.08 -34.15
C VAL AB 207 4.01 102.72 -32.80
N HIS AB 208 5.03 103.57 -32.74
CA HIS AB 208 5.33 104.33 -31.53
C HIS AB 208 4.66 105.68 -31.60
N VAL AB 209 4.25 106.19 -30.45
CA VAL AB 209 3.51 107.44 -30.36
C VAL AB 209 3.87 108.11 -29.04
N LYS AB 210 4.12 109.42 -29.08
CA LYS AB 210 4.45 110.21 -27.92
C LYS AB 210 3.32 111.19 -27.63
N ASP AB 211 2.87 111.23 -26.38
CA ASP AB 211 1.76 112.10 -26.01
C ASP AB 211 2.26 113.52 -25.78
N ALA AB 212 1.41 114.36 -25.18
CA ALA AB 212 1.76 115.74 -24.90
C ALA AB 212 2.79 115.89 -23.79
N ASN AB 213 3.07 114.84 -23.02
CA ASN AB 213 4.01 114.90 -21.91
C ASN AB 213 5.35 114.26 -22.22
N GLY AB 214 5.59 113.87 -23.46
CA GLY AB 214 6.80 113.16 -23.80
C GLY AB 214 6.76 111.68 -23.56
N ASN AB 215 5.67 111.15 -23.02
CA ASN AB 215 5.52 109.71 -22.82
C ASN AB 215 5.37 109.06 -24.17
N SER AB 216 6.41 108.35 -24.59
CA SER AB 216 6.38 107.58 -25.83
C SER AB 216 6.13 106.11 -25.52
N PHE AB 217 5.46 105.44 -26.46
CA PHE AB 217 5.04 104.07 -26.22
C PHE AB 217 4.61 103.46 -27.55
N ALA AB 218 4.82 102.16 -27.67
CA ALA AB 218 4.54 101.45 -28.91
C ALA AB 218 3.27 100.60 -28.75
N THR AB 219 2.49 100.54 -29.82
CA THR AB 219 1.24 99.79 -29.82
C THR AB 219 1.07 99.09 -31.16
N ARG AB 220 0.05 98.24 -31.23
CA ARG AB 220 -0.23 97.49 -32.44
C ARG AB 220 -0.84 98.40 -33.51
N LEU AB 221 -0.46 98.13 -34.77
CA LEU AB 221 -1.03 98.86 -35.88
C LEU AB 221 -2.53 98.66 -35.97
N SER AB 222 -2.98 97.43 -35.71
CA SER AB 222 -4.41 97.13 -35.71
C SER AB 222 -5.15 97.85 -34.59
N ASN AB 223 -4.45 98.41 -33.62
CA ASN AB 223 -5.07 99.27 -32.63
C ASN AB 223 -4.86 100.76 -32.90
N ILE AB 224 -3.89 101.11 -33.73
CA ILE AB 224 -3.68 102.51 -34.09
C ILE AB 224 -4.92 103.02 -34.81
N PHE AB 225 -5.46 104.16 -34.35
CA PHE AB 225 -6.65 104.77 -34.90
C PHE AB 225 -6.42 106.27 -34.99
N VAL AB 226 -6.07 106.74 -36.19
CA VAL AB 226 -5.76 108.17 -36.39
C VAL AB 226 -7.01 108.99 -36.13
N ILE AB 227 -6.86 110.07 -35.35
CA ILE AB 227 -7.99 110.92 -35.00
C ILE AB 227 -7.66 112.37 -35.35
N GLY AB 228 -6.59 112.59 -36.08
CA GLY AB 228 -6.23 113.95 -36.48
C GLY AB 228 -4.91 113.97 -37.21
N LYS AB 229 -4.67 115.11 -37.85
CA LYS AB 229 -3.42 115.37 -38.56
C LYS AB 229 -2.52 116.20 -37.67
N GLY AB 230 -1.27 115.78 -37.53
CA GLY AB 230 -0.34 116.48 -36.65
C GLY AB 230 -0.78 116.38 -35.22
N ASN AB 231 -1.21 117.51 -34.65
CA ASN AB 231 -1.87 117.55 -33.36
C ASN AB 231 -3.22 118.26 -33.42
N LYS AB 232 -3.75 118.45 -34.62
CA LYS AB 232 -5.02 119.14 -34.77
C LYS AB 232 -6.16 118.15 -34.55
N PRO AB 233 -7.02 118.37 -33.56
CA PRO AB 233 -8.11 117.42 -33.32
C PRO AB 233 -9.26 117.64 -34.30
N TRP AB 234 -9.61 116.60 -35.05
CA TRP AB 234 -10.75 116.68 -35.95
C TRP AB 234 -12.06 116.50 -35.22
N ILE AB 235 -12.03 116.01 -34.00
CA ILE AB 235 -13.21 115.90 -33.14
C ILE AB 235 -12.81 116.38 -31.75
N SER AB 236 -13.68 117.18 -31.14
CA SER AB 236 -13.41 117.69 -29.80
C SER AB 236 -13.25 116.54 -28.82
N LEU AB 237 -12.25 116.66 -27.95
CA LEU AB 237 -11.97 115.61 -26.99
C LEU AB 237 -12.80 115.80 -25.72
N PRO AB 238 -13.06 114.72 -24.98
CA PRO AB 238 -13.72 114.88 -23.67
C PRO AB 238 -12.78 115.47 -22.64
N ARG AB 239 -13.23 115.54 -21.39
CA ARG AB 239 -12.35 116.00 -20.32
C ARG AB 239 -11.24 114.99 -20.10
N GLY AB 240 -10.01 115.49 -20.03
CA GLY AB 240 -8.84 114.67 -19.78
C GLY AB 240 -7.77 114.78 -20.85
N LYS AB 241 -8.15 115.01 -22.11
CA LYS AB 241 -7.25 115.21 -23.24
C LYS AB 241 -6.41 113.98 -23.57
N GLY AB 242 -6.67 112.85 -22.91
CA GLY AB 242 -6.01 111.59 -23.24
C GLY AB 242 -4.53 111.52 -22.95
N ILE AB 243 -4.08 112.04 -21.81
CA ILE AB 243 -2.70 111.91 -21.37
C ILE AB 243 -2.68 111.04 -20.11
N ARG AB 244 -1.81 110.04 -20.10
CA ARG AB 244 -1.78 109.09 -18.99
C ARG AB 244 -1.24 109.76 -17.74
N LEU AB 245 -1.98 109.64 -16.65
CA LEU AB 245 -1.56 110.13 -15.35
C LEU AB 245 -1.31 108.92 -14.46
N THR AB 246 -0.08 108.80 -13.96
CA THR AB 246 0.22 107.70 -13.06
C THR AB 246 -0.51 107.93 -11.73
N ILE AB 247 -0.47 106.90 -10.89
CA ILE AB 247 -1.18 106.95 -9.62
C ILE AB 247 -0.67 108.07 -8.73
N ALA AB 248 0.60 108.45 -8.86
CA ALA AB 248 1.14 109.50 -8.00
C ALA AB 248 0.50 110.85 -8.31
N GLU AB 249 0.59 111.30 -9.56
CA GLU AB 249 -0.02 112.57 -9.92
C GLU AB 249 -1.54 112.51 -9.82
N GLU AB 250 -2.14 111.35 -10.09
CA GLU AB 250 -3.57 111.21 -9.86
C GLU AB 250 -3.92 111.40 -8.39
N ARG AB 251 -3.09 110.85 -7.50
CA ARG AB 251 -3.36 110.95 -6.06
C ARG AB 251 -3.23 112.38 -5.58
N ASP AB 252 -2.18 113.09 -6.00
CA ASP AB 252 -2.09 114.47 -5.55
C ASP AB 252 -3.14 115.35 -6.21
N LYS AB 253 -3.59 115.00 -7.42
CA LYS AB 253 -4.71 115.69 -8.03
C LYS AB 253 -5.99 115.50 -7.21
N ARG AB 254 -6.24 114.28 -6.75
CA ARG AB 254 -7.44 114.02 -5.95
C ARG AB 254 -7.33 114.67 -4.57
N LEU AB 255 -6.12 114.68 -4.01
CA LEU AB 255 -5.89 115.38 -2.73
C LEU AB 255 -6.16 116.88 -2.89
N ALA AB 256 -5.69 117.46 -4.01
CA ALA AB 256 -6.02 118.84 -4.31
C ALA AB 256 -7.51 119.03 -4.52
N ALA AB 257 -8.19 118.04 -5.11
CA ALA AB 257 -9.63 118.13 -5.28
C ALA AB 257 -10.34 118.22 -3.95
N LYS AB 258 -10.00 117.35 -3.01
CA LYS AB 258 -10.62 117.42 -1.68
C LYS AB 258 -10.23 118.70 -0.95
N GLN AB 259 -8.97 119.13 -1.08
CA GLN AB 259 -8.52 120.34 -0.43
C GLN AB 259 -9.24 121.57 -0.95
N SER AB 260 -9.51 121.62 -2.26
CA SER AB 260 -10.24 122.73 -2.85
C SER AB 260 -11.74 122.66 -2.58
N SER AB 261 -12.31 121.46 -2.50
CA SER AB 261 -13.73 121.32 -2.24
C SER AB 261 -14.07 121.47 -0.76
N GLY AB 262 -13.07 121.39 0.13
CA GLY AB 262 -13.31 121.55 1.55
C GLY AB 262 -13.91 122.89 1.93
N MET BB 1 -71.13 45.29 -38.38
CA MET BB 1 -70.17 46.08 -39.14
C MET BB 1 -70.76 47.44 -39.49
N LYS BB 2 -70.18 48.51 -38.96
CA LYS BB 2 -70.67 49.83 -39.29
C LYS BB 2 -70.10 50.27 -40.63
N LEU BB 3 -70.95 50.86 -41.46
CA LEU BB 3 -70.54 51.22 -42.82
C LEU BB 3 -70.95 52.68 -43.01
N ASN BB 4 -69.97 53.57 -42.95
CA ASN BB 4 -70.23 54.99 -43.20
C ASN BB 4 -70.31 55.22 -44.71
N ILE BB 5 -71.41 55.84 -45.13
CA ILE BB 5 -71.65 56.20 -46.52
C ILE BB 5 -71.66 57.71 -46.62
N SER BB 6 -70.88 58.25 -47.56
CA SER BB 6 -70.78 59.69 -47.78
C SER BB 6 -71.18 59.97 -49.22
N PHE BB 7 -72.14 60.89 -49.38
CA PHE BB 7 -72.57 61.33 -50.70
C PHE BB 7 -71.97 62.69 -50.99
N PRO BB 8 -71.10 62.83 -51.98
CA PRO BB 8 -70.49 64.15 -52.24
C PRO BB 8 -71.48 65.24 -52.57
N ALA BB 9 -72.63 64.91 -53.15
CA ALA BB 9 -73.59 65.91 -53.56
C ALA BB 9 -74.53 66.36 -52.46
N THR BB 10 -74.56 65.67 -51.31
CA THR BB 10 -75.54 65.99 -50.29
C THR BB 10 -74.94 66.09 -48.90
N GLY BB 11 -73.84 65.37 -48.66
CA GLY BB 11 -73.33 65.29 -47.30
C GLY BB 11 -74.25 64.44 -46.43
N CYS BB 12 -74.23 64.74 -45.13
CA CYS BB 12 -75.00 64.00 -44.12
C CYS BB 12 -74.70 62.50 -44.19
N GLN BB 13 -73.40 62.19 -44.16
CA GLN BB 13 -72.92 60.82 -44.21
C GLN BB 13 -73.47 60.00 -43.04
N LYS BB 14 -73.88 58.77 -43.34
CA LYS BB 14 -74.64 57.97 -42.39
C LYS BB 14 -73.95 56.64 -42.11
N LEU BB 15 -74.18 56.12 -40.90
CA LEU BB 15 -73.73 54.79 -40.51
C LEU BB 15 -74.84 53.78 -40.78
N ILE BB 16 -74.51 52.74 -41.54
CA ILE BB 16 -75.40 51.61 -41.74
C ILE BB 16 -74.71 50.42 -41.09
N GLU BB 17 -75.25 49.95 -39.97
CA GLU BB 17 -74.72 48.74 -39.35
C GLU BB 17 -75.34 47.51 -40.01
N VAL BB 18 -74.49 46.57 -40.38
CA VAL BB 18 -74.92 45.40 -41.13
C VAL BB 18 -74.46 44.15 -40.40
N ASP BB 19 -75.15 43.04 -40.69
CA ASP BB 19 -74.87 41.75 -40.08
C ASP BB 19 -74.93 40.64 -41.12
N ASP BB 20 -74.40 40.90 -42.32
CA ASP BB 20 -74.53 39.95 -43.42
C ASP BB 20 -73.23 39.91 -44.22
N GLU BB 21 -72.39 38.91 -43.94
CA GLU BB 21 -71.23 38.66 -44.77
C GLU BB 21 -71.64 38.41 -46.22
N ARG BB 22 -72.85 37.88 -46.43
CA ARG BB 22 -73.34 37.65 -47.78
C ARG BB 22 -73.45 38.95 -48.56
N LYS BB 23 -73.89 40.03 -47.90
CA LYS BB 23 -73.97 41.33 -48.54
C LYS BB 23 -72.69 42.14 -48.39
N LEU BB 24 -71.70 41.65 -47.64
CA LEU BB 24 -70.40 42.30 -47.58
C LEU BB 24 -69.35 41.67 -48.48
N ARG BB 25 -69.63 40.48 -49.03
CA ARG BB 25 -68.64 39.80 -49.85
C ARG BB 25 -68.36 40.51 -51.17
N THR BB 26 -69.28 41.37 -51.63
CA THR BB 26 -68.98 42.16 -52.84
C THR BB 26 -67.88 43.17 -52.60
N PHE BB 27 -67.73 43.65 -51.37
CA PHE BB 27 -66.62 44.52 -51.00
C PHE BB 27 -65.40 43.74 -50.56
N TYR BB 28 -65.59 42.54 -50.02
CA TYR BB 28 -64.48 41.75 -49.53
C TYR BB 28 -63.50 41.38 -50.64
N GLU BB 29 -62.21 41.38 -50.29
CA GLU BB 29 -61.07 41.05 -51.14
C GLU BB 29 -60.80 42.09 -52.21
N LYS BB 30 -61.56 43.18 -52.24
CA LYS BB 30 -61.23 44.32 -53.07
C LYS BB 30 -60.19 45.17 -52.34
N ARG BB 31 -59.98 46.38 -52.82
CA ARG BB 31 -59.09 47.33 -52.15
C ARG BB 31 -59.78 48.69 -52.13
N MET BB 32 -59.16 49.65 -51.46
CA MET BB 32 -59.68 51.00 -51.49
C MET BB 32 -59.30 51.69 -52.80
N ALA BB 33 -59.92 52.83 -53.04
CA ALA BB 33 -59.79 53.60 -54.28
C ALA BB 33 -60.16 52.75 -55.49
N THR BB 34 -61.17 51.89 -55.33
CA THR BB 34 -61.76 51.13 -56.42
C THR BB 34 -63.27 51.29 -56.35
N GLU BB 35 -63.91 51.23 -57.52
CA GLU BB 35 -65.36 51.38 -57.63
C GLU BB 35 -66.01 50.01 -57.67
N VAL BB 36 -66.87 49.74 -56.68
CA VAL BB 36 -67.59 48.47 -56.59
C VAL BB 36 -69.08 48.79 -56.50
N ALA BB 37 -69.89 47.83 -56.93
CA ALA BB 37 -71.34 48.01 -56.97
C ALA BB 37 -71.92 47.91 -55.57
N ALA BB 38 -72.70 48.91 -55.19
CA ALA BB 38 -73.48 48.89 -53.96
C ALA BB 38 -74.82 48.19 -54.15
N ASP BB 39 -74.96 47.41 -55.22
CA ASP BB 39 -76.20 46.69 -55.49
C ASP BB 39 -76.48 45.60 -54.47
N ALA BB 40 -75.45 45.10 -53.80
CA ALA BB 40 -75.65 44.11 -52.75
C ALA BB 40 -76.15 44.73 -51.45
N LEU BB 41 -76.27 46.06 -51.39
CA LEU BB 41 -76.83 46.73 -50.23
C LEU BB 41 -78.35 46.88 -50.33
N GLY BB 42 -79.00 45.96 -51.03
CA GLY BB 42 -80.45 45.98 -51.17
C GLY BB 42 -80.88 46.56 -52.50
N GLU BB 43 -82.12 46.22 -52.87
CA GLU BB 43 -82.70 46.78 -54.09
C GLU BB 43 -82.99 48.27 -53.96
N GLU BB 44 -83.10 48.78 -52.73
CA GLU BB 44 -83.11 50.22 -52.53
C GLU BB 44 -81.80 50.83 -53.03
N TRP BB 45 -80.69 50.16 -52.76
CA TRP BB 45 -79.38 50.60 -53.20
C TRP BB 45 -78.99 50.02 -54.55
N LYS BB 46 -79.92 49.35 -55.23
CA LYS BB 46 -79.65 48.88 -56.58
C LYS BB 46 -79.44 50.05 -57.52
N GLY BB 47 -78.43 49.94 -58.38
CA GLY BB 47 -78.04 51.04 -59.24
C GLY BB 47 -77.09 52.03 -58.63
N TYR BB 48 -76.58 51.76 -57.42
CA TYR BB 48 -75.63 52.63 -56.75
C TYR BB 48 -74.22 52.11 -56.95
N VAL BB 49 -73.30 53.02 -57.30
CA VAL BB 49 -71.88 52.69 -57.43
C VAL BB 49 -71.12 53.48 -56.37
N VAL BB 50 -70.26 52.79 -55.62
CA VAL BB 50 -69.53 53.39 -54.52
C VAL BB 50 -68.05 53.07 -54.67
N ARG BB 51 -67.23 53.91 -54.05
CA ARG BB 51 -65.80 53.72 -54.00
C ARG BB 51 -65.34 53.68 -52.56
N ILE BB 52 -64.42 52.78 -52.25
CA ILE BB 52 -63.90 52.68 -50.89
C ILE BB 52 -62.91 53.80 -50.66
N SER BB 53 -63.10 54.56 -49.59
CA SER BB 53 -62.26 55.71 -49.30
C SER BB 53 -61.38 55.51 -48.07
N GLY BB 54 -61.88 54.81 -47.06
CA GLY BB 54 -61.12 54.58 -45.84
C GLY BB 54 -61.71 53.41 -45.09
N GLY BB 55 -61.11 53.13 -43.94
CA GLY BB 55 -61.59 52.04 -43.11
C GLY BB 55 -60.88 52.03 -41.77
N ASN BB 56 -61.51 51.35 -40.82
CA ASN BB 56 -60.99 51.19 -39.47
C ASN BB 56 -60.84 49.71 -39.15
N ASP BB 57 -59.76 49.37 -38.47
CA ASP BB 57 -59.51 47.99 -38.08
C ASP BB 57 -60.43 47.60 -36.93
N LYS BB 58 -60.28 46.35 -36.49
CA LYS BB 58 -61.07 45.88 -35.35
C LYS BB 58 -60.57 46.45 -34.03
N GLN BB 59 -59.37 47.03 -34.01
CA GLN BB 59 -58.82 47.67 -32.83
C GLN BB 59 -58.94 49.18 -32.86
N GLY BB 60 -59.49 49.75 -33.93
CA GLY BB 60 -59.61 51.19 -34.06
C GLY BB 60 -58.54 51.86 -34.90
N PHE BB 61 -57.61 51.10 -35.46
CA PHE BB 61 -56.55 51.70 -36.25
C PHE BB 61 -57.05 52.05 -37.64
N PRO BB 62 -56.87 53.30 -38.09
CA PRO BB 62 -57.23 53.64 -39.47
C PRO BB 62 -56.27 52.97 -40.46
N MET BB 63 -56.76 52.80 -41.68
CA MET BB 63 -56.00 52.13 -42.73
C MET BB 63 -55.55 53.13 -43.77
N LYS BB 64 -54.34 52.91 -44.29
CA LYS BB 64 -53.72 53.82 -45.26
C LYS BB 64 -53.68 53.17 -46.62
N GLN BB 65 -53.97 53.96 -47.66
CA GLN BB 65 -54.07 53.43 -49.00
C GLN BB 65 -52.70 53.09 -49.57
N GLY BB 66 -52.61 51.94 -50.24
CA GLY BB 66 -51.39 51.55 -50.92
C GLY BB 66 -50.42 50.76 -50.07
N VAL BB 67 -50.95 49.81 -49.28
CA VAL BB 67 -50.14 48.99 -48.39
C VAL BB 67 -50.18 47.52 -48.79
N LEU BB 68 -51.29 47.08 -49.39
CA LEU BB 68 -51.38 45.77 -50.07
C LEU BB 68 -51.24 44.60 -49.10
N THR BB 69 -51.83 44.73 -47.91
CA THR BB 69 -51.88 43.64 -46.96
C THR BB 69 -53.10 43.82 -46.07
N HIS BB 70 -53.87 42.75 -45.91
CA HIS BB 70 -55.07 42.77 -45.06
C HIS BB 70 -54.67 42.60 -43.59
N GLY BB 71 -53.94 43.58 -43.07
CA GLY BB 71 -53.48 43.51 -41.70
C GLY BB 71 -52.65 44.74 -41.36
N ARG BB 72 -52.31 44.83 -40.08
CA ARG BB 72 -51.56 45.96 -39.56
C ARG BB 72 -50.07 45.77 -39.80
N VAL BB 73 -49.41 46.81 -40.33
CA VAL BB 73 -47.96 46.82 -40.45
C VAL BB 73 -47.46 48.17 -39.96
N ARG BB 74 -46.32 48.16 -39.30
CA ARG BB 74 -45.79 49.37 -38.66
C ARG BB 74 -44.96 50.15 -39.67
N LEU BB 75 -45.45 51.32 -40.08
CA LEU BB 75 -44.73 52.19 -40.99
C LEU BB 75 -44.18 53.38 -40.22
N LEU BB 76 -43.04 53.90 -40.70
CA LEU BB 76 -42.44 55.09 -40.12
C LEU BB 76 -43.00 56.29 -40.86
N LEU BB 77 -44.00 56.92 -40.27
CA LEU BB 77 -44.74 58.00 -40.91
C LEU BB 77 -43.96 59.31 -40.75
N SER BB 78 -43.64 59.95 -41.86
CA SER BB 78 -43.02 61.26 -41.83
C SER BB 78 -44.12 62.33 -41.90
N LYS BB 79 -43.74 63.58 -42.14
CA LYS BB 79 -44.72 64.63 -42.32
C LYS BB 79 -45.54 64.38 -43.58
N GLY BB 80 -46.86 64.45 -43.43
CA GLY BB 80 -47.75 64.43 -44.58
C GLY BB 80 -47.73 63.17 -45.41
N HIS BB 81 -47.74 62.00 -44.76
CA HIS BB 81 -48.05 60.76 -45.49
C HIS BB 81 -49.53 60.45 -45.35
N SER BB 82 -49.97 60.14 -44.14
CA SER BB 82 -51.36 59.93 -43.74
C SER BB 82 -51.37 59.53 -42.28
N CYS BB 83 -52.52 59.70 -41.64
CA CYS BB 83 -52.81 59.16 -40.32
C CYS BB 83 -51.81 59.61 -39.25
N TYR BB 84 -51.13 60.71 -39.47
CA TYR BB 84 -50.13 61.20 -38.52
C TYR BB 84 -49.86 62.65 -38.80
N ARG BB 85 -49.92 63.47 -37.75
CA ARG BB 85 -49.54 64.88 -37.82
C ARG BB 85 -48.32 65.06 -36.93
N PRO BB 86 -47.23 65.61 -37.45
CA PRO BB 86 -46.02 65.76 -36.63
C PRO BB 86 -46.22 66.76 -35.51
N ARG BB 87 -45.56 66.49 -34.38
CA ARG BB 87 -45.50 67.45 -33.28
C ARG BB 87 -44.28 68.36 -33.37
N ARG BB 88 -43.44 68.18 -34.38
CA ARG BB 88 -42.27 69.01 -34.60
C ARG BB 88 -42.03 69.11 -36.10
N THR BB 89 -41.39 70.20 -36.51
CA THR BB 89 -41.07 70.39 -37.92
C THR BB 89 -40.06 69.33 -38.36
N GLY BB 90 -40.47 68.48 -39.29
CA GLY BB 90 -39.62 67.38 -39.72
C GLY BB 90 -39.66 66.16 -38.83
N GLU BB 91 -40.48 66.17 -37.78
CA GLU BB 91 -40.58 65.02 -36.91
C GLU BB 91 -41.22 63.84 -37.62
N ARG BB 92 -40.67 62.66 -37.40
CA ARG BB 92 -41.25 61.42 -37.91
C ARG BB 92 -41.67 60.56 -36.73
N LYS BB 93 -42.58 59.63 -36.99
CA LYS BB 93 -43.07 58.75 -35.94
C LYS BB 93 -43.55 57.45 -36.56
N ARG BB 94 -42.96 56.34 -36.14
CA ARG BB 94 -43.43 55.03 -36.55
C ARG BB 94 -44.70 54.68 -35.79
N LYS BB 95 -45.66 54.13 -36.52
CA LYS BB 95 -46.91 53.66 -35.93
C LYS BB 95 -47.48 52.58 -36.82
N SER BB 96 -48.37 51.77 -36.25
CA SER BB 96 -49.05 50.74 -37.02
C SER BB 96 -50.10 51.38 -37.92
N VAL BB 97 -50.12 50.95 -39.18
CA VAL BB 97 -51.16 51.31 -40.12
C VAL BB 97 -51.81 50.04 -40.63
N ARG BB 98 -53.13 49.99 -40.57
CA ARG BB 98 -53.89 48.92 -41.20
C ARG BB 98 -53.75 49.03 -42.72
N GLY BB 99 -53.68 47.88 -43.39
CA GLY BB 99 -53.42 47.88 -44.81
C GLY BB 99 -54.63 48.31 -45.63
N CYS BB 100 -54.38 48.46 -46.93
CA CYS BB 100 -55.40 48.96 -47.84
C CYS BB 100 -56.43 47.90 -48.23
N ILE BB 101 -56.10 46.61 -48.04
CA ILE BB 101 -57.02 45.55 -48.41
C ILE BB 101 -58.22 45.55 -47.47
N VAL BB 102 -59.42 45.51 -48.04
CA VAL BB 102 -60.65 45.44 -47.27
C VAL BB 102 -61.07 43.98 -47.14
N ASP BB 103 -61.32 43.55 -45.92
CA ASP BB 103 -61.70 42.16 -45.66
C ASP BB 103 -62.59 42.13 -44.42
N ALA BB 104 -62.75 40.94 -43.84
CA ALA BB 104 -63.71 40.74 -42.76
C ALA BB 104 -63.30 41.39 -41.45
N ASN BB 105 -62.00 41.53 -41.20
CA ASN BB 105 -61.51 41.99 -39.90
C ASN BB 105 -61.50 43.52 -39.78
N LEU BB 106 -62.64 44.15 -40.02
CA LEU BB 106 -62.78 45.60 -39.88
C LEU BB 106 -63.96 45.91 -38.96
N SER BB 107 -64.12 47.19 -38.67
CA SER BB 107 -65.23 47.67 -37.85
C SER BB 107 -66.09 48.69 -38.56
N VAL BB 108 -65.49 49.65 -39.27
CA VAL BB 108 -66.22 50.67 -40.01
C VAL BB 108 -65.62 50.76 -41.41
N LEU BB 109 -66.47 50.63 -42.42
CA LEU BB 109 -66.07 50.76 -43.82
C LEU BB 109 -66.52 52.11 -44.34
N ASN BB 110 -65.60 52.87 -44.93
CA ASN BB 110 -65.90 54.19 -45.43
C ASN BB 110 -66.09 54.13 -46.94
N LEU BB 111 -67.29 54.50 -47.40
CA LEU BB 111 -67.65 54.45 -48.80
C LEU BB 111 -68.11 55.83 -49.26
N VAL BB 112 -67.86 56.13 -50.53
CA VAL BB 112 -68.28 57.37 -51.15
C VAL BB 112 -69.12 57.05 -52.37
N ILE BB 113 -70.25 57.72 -52.51
CA ILE BB 113 -71.17 57.48 -53.62
C ILE BB 113 -70.61 58.15 -54.86
N VAL BB 114 -70.18 57.36 -55.84
CA VAL BB 114 -69.68 57.90 -57.09
C VAL BB 114 -70.73 57.84 -58.19
N LYS BB 115 -71.81 57.07 -58.01
CA LYS BB 115 -72.96 57.08 -58.90
C LYS BB 115 -74.20 56.84 -58.05
N LYS BB 116 -75.21 57.69 -58.22
CA LYS BB 116 -76.41 57.65 -57.40
C LYS BB 116 -77.45 56.78 -58.08
N GLY BB 117 -78.01 55.83 -57.33
CA GLY BB 117 -78.99 54.92 -57.86
C GLY BB 117 -80.34 55.58 -58.09
N GLU BB 118 -81.21 54.86 -58.79
CA GLU BB 118 -82.52 55.40 -59.14
C GLU BB 118 -83.39 55.63 -57.92
N LYS BB 119 -83.12 54.93 -56.82
CA LYS BB 119 -83.94 55.02 -55.62
C LYS BB 119 -83.16 55.77 -54.54
N ASP BB 120 -83.63 56.97 -54.21
CA ASP BB 120 -82.96 57.80 -53.22
C ASP BB 120 -83.26 57.28 -51.82
N ILE BB 121 -82.22 56.97 -51.07
CA ILE BB 121 -82.39 56.58 -49.67
C ILE BB 121 -82.67 57.83 -48.84
N PRO BB 122 -83.60 57.78 -47.88
CA PRO BB 122 -83.76 58.91 -46.96
C PRO BB 122 -82.51 59.14 -46.14
N GLY BB 123 -82.27 60.41 -45.83
CA GLY BB 123 -81.08 60.81 -45.08
C GLY BB 123 -79.88 61.18 -45.92
N LEU BB 124 -79.40 60.25 -46.75
CA LEU BB 124 -78.16 60.45 -47.48
C LEU BB 124 -78.35 61.22 -48.77
N THR BB 125 -79.29 60.80 -49.61
CA THR BB 125 -79.52 61.45 -50.90
C THR BB 125 -80.68 62.44 -50.84
N ASP BB 126 -80.69 63.35 -49.88
CA ASP BB 126 -81.74 64.35 -49.73
C ASP BB 126 -81.34 65.35 -48.65
N THR BB 127 -82.02 66.49 -48.65
CA THR BB 127 -81.79 67.59 -47.71
C THR BB 127 -80.31 68.01 -47.70
N THR BB 128 -79.85 68.46 -48.87
CA THR BB 128 -78.46 68.81 -49.06
C THR BB 128 -78.09 70.03 -48.23
N VAL BB 129 -77.10 69.87 -47.36
CA VAL BB 129 -76.54 71.04 -46.66
C VAL BB 129 -75.71 71.86 -47.64
N PRO BB 130 -75.74 73.19 -47.57
CA PRO BB 130 -74.89 73.98 -48.45
C PRO BB 130 -73.43 73.85 -48.06
N ARG BB 131 -72.57 74.35 -48.94
CA ARG BB 131 -71.16 74.45 -48.59
C ARG BB 131 -71.00 75.37 -47.39
N ARG BB 132 -70.09 74.99 -46.50
CA ARG BB 132 -70.04 75.61 -45.18
C ARG BB 132 -69.72 77.10 -45.25
N LEU BB 133 -68.83 77.50 -46.15
CA LEU BB 133 -68.41 78.89 -46.26
C LEU BB 133 -68.42 79.30 -47.74
N GLY BB 134 -68.42 80.61 -47.95
CA GLY BB 134 -68.26 81.14 -49.28
C GLY BB 134 -66.80 81.30 -49.63
N PRO BB 135 -66.48 81.35 -50.93
CA PRO BB 135 -65.09 81.54 -51.34
C PRO BB 135 -64.55 82.88 -50.87
N LYS BB 136 -63.27 82.88 -50.50
CA LYS BB 136 -62.62 84.06 -49.95
C LYS BB 136 -61.60 84.68 -50.89
N ARG BB 137 -61.29 84.04 -52.00
CA ARG BB 137 -60.37 84.61 -52.98
C ARG BB 137 -61.14 85.30 -54.09
N ALA BB 138 -60.60 86.43 -54.56
CA ALA BB 138 -61.28 87.24 -55.56
C ALA BB 138 -61.51 86.46 -56.84
N SER BB 139 -60.49 85.74 -57.31
CA SER BB 139 -60.64 84.92 -58.50
C SER BB 139 -61.65 83.79 -58.28
N ARG BB 140 -61.66 83.18 -57.09
CA ARG BB 140 -62.65 82.16 -56.80
C ARG BB 140 -64.07 82.70 -56.93
N ILE BB 141 -64.35 83.84 -56.29
CA ILE BB 141 -65.72 84.35 -56.31
C ILE BB 141 -66.09 84.85 -57.70
N ARG BB 142 -65.14 85.46 -58.42
CA ARG BB 142 -65.44 85.94 -59.77
C ARG BB 142 -65.72 84.79 -60.72
N LYS BB 143 -64.95 83.71 -60.61
CA LYS BB 143 -65.24 82.50 -61.39
C LYS BB 143 -66.59 81.93 -61.04
N LEU BB 144 -66.93 81.92 -59.74
CA LEU BB 144 -68.20 81.34 -59.32
C LEU BB 144 -69.39 82.14 -59.86
N PHE BB 145 -69.28 83.47 -59.85
CA PHE BB 145 -70.40 84.32 -60.23
C PHE BB 145 -70.33 84.78 -61.69
N ASN BB 146 -69.36 84.27 -62.46
CA ASN BB 146 -69.27 84.53 -63.90
C ASN BB 146 -69.09 86.01 -64.20
N LEU BB 147 -68.57 86.77 -63.24
CA LEU BB 147 -68.32 88.18 -63.44
C LEU BB 147 -67.19 88.36 -64.45
N SER BB 148 -67.35 89.35 -65.33
CA SER BB 148 -66.37 89.55 -66.40
C SER BB 148 -65.30 90.58 -66.00
N LYS BB 149 -65.72 91.83 -65.74
CA LYS BB 149 -64.78 92.88 -65.34
C LYS BB 149 -65.48 93.78 -64.32
N GLU BB 150 -65.30 93.44 -63.04
CA GLU BB 150 -65.64 94.31 -61.91
C GLU BB 150 -67.09 94.80 -61.98
N ASP BB 151 -68.00 93.83 -61.87
CA ASP BB 151 -69.44 94.11 -61.80
C ASP BB 151 -69.86 93.95 -60.35
N ASP BB 152 -69.81 95.05 -59.60
CA ASP BB 152 -70.32 95.12 -58.23
C ASP BB 152 -69.78 93.99 -57.35
N VAL BB 153 -68.47 93.74 -57.47
CA VAL BB 153 -67.84 92.71 -56.66
C VAL BB 153 -67.84 93.10 -55.18
N ARG BB 154 -68.01 94.39 -54.89
CA ARG BB 154 -68.08 94.83 -53.49
C ARG BB 154 -69.27 94.23 -52.78
N GLN BB 155 -70.44 94.24 -53.42
CA GLN BB 155 -71.67 93.78 -52.79
C GLN BB 155 -72.13 92.41 -53.28
N TYR BB 156 -71.51 91.86 -54.32
CA TYR BB 156 -71.90 90.54 -54.79
C TYR BB 156 -71.33 89.41 -53.95
N VAL BB 157 -70.49 89.72 -52.95
CA VAL BB 157 -70.01 88.70 -52.04
C VAL BB 157 -71.15 88.19 -51.18
N VAL BB 158 -70.94 87.01 -50.59
CA VAL BB 158 -71.92 86.40 -49.71
C VAL BB 158 -71.86 87.08 -48.34
N ARG BB 159 -73.02 87.38 -47.78
CA ARG BB 159 -73.13 87.97 -46.45
C ARG BB 159 -73.91 87.03 -45.55
N LYS BB 160 -73.22 86.43 -44.59
CA LYS BB 160 -73.81 85.44 -43.70
C LYS BB 160 -74.65 86.13 -42.64
N PRO BB 161 -75.95 85.80 -42.52
CA PRO BB 161 -76.74 86.30 -41.38
C PRO BB 161 -76.60 85.39 -40.17
N LEU BB 162 -76.17 85.96 -39.05
CA LEU BB 162 -76.00 85.25 -37.79
C LEU BB 162 -77.20 85.55 -36.91
N ASN BB 163 -77.96 84.50 -36.58
CA ASN BB 163 -79.16 84.59 -35.75
C ASN BB 163 -79.02 83.64 -34.56
N LYS BB 164 -79.45 84.12 -33.39
CA LYS BB 164 -79.51 83.28 -32.19
C LYS BB 164 -80.57 83.87 -31.27
N GLU BB 165 -80.96 83.08 -30.27
CA GLU BB 165 -82.09 83.45 -29.42
C GLU BB 165 -81.83 84.72 -28.63
N GLY BB 166 -80.71 84.77 -27.90
CA GLY BB 166 -80.51 85.83 -26.92
C GLY BB 166 -79.73 87.03 -27.39
N LYS BB 167 -79.98 87.51 -28.59
CA LYS BB 167 -79.24 88.66 -29.11
C LYS BB 167 -80.03 89.29 -30.25
N LYS BB 168 -79.43 90.31 -30.87
CA LYS BB 168 -79.97 90.90 -32.08
C LYS BB 168 -79.25 90.32 -33.28
N PRO BB 169 -79.91 89.54 -34.13
CA PRO BB 169 -79.23 88.93 -35.27
C PRO BB 169 -78.70 89.97 -36.25
N ARG BB 170 -77.52 89.67 -36.82
CA ARG BB 170 -76.89 90.61 -37.75
C ARG BB 170 -76.42 89.87 -39.00
N THR BB 171 -75.61 90.51 -39.84
CA THR BB 171 -74.98 89.81 -40.94
C THR BB 171 -73.58 90.36 -41.17
N LYS BB 172 -72.66 89.47 -41.55
CA LYS BB 172 -71.27 89.83 -41.76
C LYS BB 172 -70.73 89.14 -43.01
N ALA BB 173 -69.73 89.74 -43.64
CA ALA BB 173 -69.14 89.21 -44.86
C ALA BB 173 -67.63 89.12 -44.74
N PRO BB 174 -67.00 88.14 -45.40
CA PRO BB 174 -65.54 87.99 -45.31
C PRO BB 174 -64.78 89.06 -46.05
N LYS BB 175 -63.46 89.09 -45.86
CA LYS BB 175 -62.57 90.00 -46.55
C LYS BB 175 -62.01 89.29 -47.78
N ILE BB 176 -62.16 89.91 -48.94
CA ILE BB 176 -61.73 89.30 -50.18
C ILE BB 176 -60.31 89.78 -50.51
N GLN BB 177 -59.46 88.84 -50.90
CA GLN BB 177 -58.03 89.06 -51.03
C GLN BB 177 -57.61 88.96 -52.49
N ARG BB 178 -56.34 89.28 -52.75
CA ARG BB 178 -55.75 89.26 -54.09
C ARG BB 178 -56.54 90.15 -55.06
N LEU BB 179 -56.93 91.33 -54.57
CA LEU BB 179 -57.67 92.29 -55.38
C LEU BB 179 -56.71 93.28 -56.03
N VAL BB 180 -57.28 94.30 -56.66
CA VAL BB 180 -56.56 95.52 -57.01
C VAL BB 180 -57.33 96.65 -56.35
N THR BB 181 -56.94 97.00 -55.14
CA THR BB 181 -57.57 98.06 -54.36
C THR BB 181 -56.82 99.36 -54.52
N PRO BB 182 -57.40 100.49 -54.13
CA PRO BB 182 -56.63 101.75 -54.14
C PRO BB 182 -55.36 101.68 -53.30
N ARG BB 183 -55.41 101.06 -52.12
CA ARG BB 183 -54.21 101.00 -51.30
C ARG BB 183 -53.18 100.02 -51.87
N VAL BB 184 -53.64 98.92 -52.47
CA VAL BB 184 -52.69 97.99 -53.08
C VAL BB 184 -52.05 98.61 -54.31
N LEU BB 185 -52.82 99.39 -55.07
CA LEU BB 185 -52.25 100.15 -56.18
C LEU BB 185 -51.24 101.15 -55.68
N GLN BB 186 -51.54 101.82 -54.57
CA GLN BB 186 -50.59 102.76 -53.96
C GLN BB 186 -49.31 102.04 -53.56
N HIS BB 187 -49.42 100.85 -52.98
CA HIS BB 187 -48.24 100.09 -52.57
C HIS BB 187 -47.42 99.65 -53.77
N LYS BB 188 -48.08 99.20 -54.84
CA LYS BB 188 -47.36 98.79 -56.03
C LYS BB 188 -46.65 99.98 -56.67
N ARG BB 189 -47.32 101.13 -56.72
CA ARG BB 189 -46.71 102.33 -57.25
C ARG BB 189 -45.55 102.77 -56.37
N ARG BB 190 -45.66 102.60 -55.06
CA ARG BB 190 -44.54 102.88 -54.18
C ARG BB 190 -43.38 101.93 -54.42
N ARG BB 191 -43.68 100.65 -54.69
CA ARG BB 191 -42.64 99.69 -54.99
C ARG BB 191 -41.86 100.09 -56.24
N ILE BB 192 -42.57 100.44 -57.31
CA ILE BB 192 -41.87 100.92 -58.50
C ILE BB 192 -41.27 102.30 -58.32
N ALA BB 193 -41.79 103.09 -57.38
CA ALA BB 193 -41.19 104.39 -57.09
C ALA BB 193 -39.83 104.21 -56.43
N LEU BB 194 -39.75 103.32 -55.44
CA LEU BB 194 -38.46 102.97 -54.86
C LEU BB 194 -37.56 102.29 -55.85
N LYS BB 195 -38.12 101.50 -56.78
CA LYS BB 195 -37.32 100.91 -57.85
C LYS BB 195 -36.68 101.98 -58.71
N LYS BB 196 -37.49 102.93 -59.19
CA LYS BB 196 -36.99 103.99 -60.05
C LYS BB 196 -36.06 104.92 -59.28
N GLN BB 197 -36.33 105.16 -58.01
CA GLN BB 197 -35.43 105.99 -57.21
C GLN BB 197 -34.12 105.28 -56.96
N ARG BB 198 -34.16 103.96 -56.75
CA ARG BB 198 -32.94 103.20 -56.54
C ARG BB 198 -32.07 103.24 -57.78
N THR BB 199 -32.64 103.00 -58.95
CA THR BB 199 -31.85 103.13 -60.17
C THR BB 199 -31.50 104.59 -60.48
N LYS BB 200 -32.31 105.55 -60.00
CA LYS BB 200 -32.01 106.96 -60.22
C LYS BB 200 -30.81 107.40 -59.42
N LYS BB 201 -30.79 107.08 -58.12
CA LYS BB 201 -29.64 107.37 -57.30
C LYS BB 201 -28.44 106.54 -57.70
N ASN BB 202 -28.63 105.33 -58.25
CA ASN BB 202 -27.48 104.56 -58.69
C ASN BB 202 -26.89 105.08 -59.99
N LYS BB 203 -27.73 105.42 -60.97
CA LYS BB 203 -27.24 106.03 -62.20
C LYS BB 203 -26.65 107.40 -61.90
N GLU BB 204 -27.26 108.15 -60.98
CA GLU BB 204 -26.67 109.40 -60.54
C GLU BB 204 -25.38 109.17 -59.79
N GLU BB 205 -25.27 108.08 -59.04
CA GLU BB 205 -24.01 107.73 -58.39
C GLU BB 205 -22.93 107.52 -59.43
N ALA BB 206 -23.24 106.77 -60.48
CA ALA BB 206 -22.30 106.59 -61.59
C ALA BB 206 -21.97 107.91 -62.28
N ALA BB 207 -22.98 108.74 -62.53
CA ALA BB 207 -22.77 109.98 -63.27
C ALA BB 207 -21.97 110.99 -62.45
N GLU BB 208 -22.36 111.21 -61.19
CA GLU BB 208 -21.63 112.12 -60.34
C GLU BB 208 -20.30 111.54 -59.92
N TYR BB 209 -20.10 110.23 -59.96
CA TYR BB 209 -18.76 109.71 -59.80
C TYR BB 209 -17.93 109.88 -61.06
N ALA BB 210 -18.57 109.88 -62.23
CA ALA BB 210 -17.84 110.25 -63.44
C ALA BB 210 -17.41 111.71 -63.39
N LYS BB 211 -18.27 112.59 -62.89
CA LYS BB 211 -17.87 113.97 -62.64
C LYS BB 211 -16.80 114.04 -61.54
N LEU BB 212 -16.99 113.26 -60.48
CA LEU BB 212 -16.02 113.19 -59.41
C LEU BB 212 -14.69 112.69 -59.91
N LEU BB 213 -14.69 111.88 -60.97
CA LEU BB 213 -13.46 111.43 -61.59
C LEU BB 213 -12.92 112.43 -62.60
N ALA BB 214 -13.78 113.19 -63.26
CA ALA BB 214 -13.32 114.37 -63.99
C ALA BB 214 -12.68 115.38 -63.07
N LYS BB 215 -12.92 115.25 -61.77
CA LYS BB 215 -12.10 115.89 -60.73
C LYS BB 215 -10.92 115.03 -60.28
N ARG BB 216 -11.12 113.74 -60.02
CA ARG BB 216 -10.18 112.90 -59.28
C ARG BB 216 -9.23 112.09 -60.14
N MET BB 217 -9.71 111.42 -61.20
CA MET BB 217 -8.79 110.93 -62.21
C MET BB 217 -8.05 112.08 -62.88
N LYS BB 218 -8.72 113.23 -62.99
CA LYS BB 218 -8.02 114.44 -63.39
C LYS BB 218 -6.94 114.80 -62.40
N GLU BB 219 -7.22 114.65 -61.10
CA GLU BB 219 -6.17 114.86 -60.11
C GLU BB 219 -5.09 113.77 -60.17
N ALA BB 220 -5.43 112.57 -60.62
CA ALA BB 220 -4.41 111.53 -60.81
C ALA BB 220 -3.45 111.92 -61.93
N LYS BB 221 -4.01 112.34 -63.07
CA LYS BB 221 -3.16 112.86 -64.13
C LYS BB 221 -2.54 114.21 -63.74
N GLU BB 222 -3.07 114.89 -62.72
CA GLU BB 222 -2.40 116.07 -62.19
C GLU BB 222 -1.21 115.70 -61.32
N LYS BB 223 -1.33 114.61 -60.56
CA LYS BB 223 -0.19 114.06 -59.83
C LYS BB 223 0.87 113.54 -60.79
N ARG BB 224 0.46 113.08 -61.97
CA ARG BB 224 1.42 112.84 -63.04
C ARG BB 224 1.90 114.14 -63.68
N GLN BB 225 1.09 115.20 -63.66
CA GLN BB 225 1.51 116.49 -64.20
C GLN BB 225 2.60 117.13 -63.36
N GLU BB 226 2.52 117.01 -62.04
CA GLU BB 226 3.60 117.52 -61.22
C GLU BB 226 4.87 116.71 -61.45
N GLN BB 227 4.74 115.41 -61.69
CA GLN BB 227 5.90 114.58 -62.03
C GLN BB 227 6.51 115.01 -63.36
N ILE BB 228 5.67 115.27 -64.38
CA ILE BB 228 6.20 115.68 -65.66
C ILE BB 228 6.79 117.09 -65.57
N ALA BB 229 6.23 117.94 -64.70
CA ALA BB 229 6.77 119.27 -64.47
C ALA BB 229 8.08 119.25 -63.72
N LYS BB 230 8.33 118.21 -62.92
CA LYS BB 230 9.61 118.07 -62.24
C LYS BB 230 10.60 117.17 -62.98
N ARG BB 231 10.17 116.51 -64.07
CA ARG BB 231 11.09 115.67 -64.84
C ARG BB 231 11.48 116.27 -66.19
N ARG BB 232 10.60 117.03 -66.86
CA ARG BB 232 10.95 117.67 -68.12
C ARG BB 232 10.86 119.18 -68.04
N ARG BB 233 9.82 119.73 -67.44
CA ARG BB 233 9.66 121.18 -67.35
C ARG BB 233 10.68 121.79 -66.40
N LEU BB 234 11.08 121.05 -65.37
CA LEU BB 234 12.10 121.49 -64.42
C LEU BB 234 13.16 120.40 -64.32
N SER BB 235 14.21 120.52 -65.13
CA SER BB 235 15.34 119.61 -65.08
C SER BB 235 16.66 120.36 -64.95
N SER BB 236 16.60 121.61 -64.47
CA SER BB 236 17.81 122.41 -64.27
C SER BB 236 17.78 123.19 -62.95
N LEU BB 237 16.92 122.80 -62.01
CA LEU BB 237 16.79 123.52 -60.74
C LEU BB 237 16.30 122.60 -59.63
N SER CB 1 60.08 117.32 -49.73
CA SER CB 1 61.24 116.52 -49.36
C SER CB 1 61.13 115.11 -49.96
N ALA CB 2 62.27 114.42 -50.01
CA ALA CB 2 62.33 113.10 -50.65
C ALA CB 2 61.44 112.09 -49.93
N LYS CB 3 60.86 111.20 -50.73
CA LYS CB 3 60.07 110.08 -50.24
C LYS CB 3 60.41 108.82 -51.01
N ILE CB 4 61.68 108.67 -51.38
CA ILE CB 4 62.11 107.51 -52.17
C ILE CB 4 61.93 106.22 -51.36
N VAL CB 5 62.29 106.24 -50.09
CA VAL CB 5 62.08 105.09 -49.21
C VAL CB 5 60.99 105.45 -48.21
N LYS CB 6 59.73 105.23 -48.58
CA LYS CB 6 58.58 105.51 -47.73
C LYS CB 6 57.32 104.83 -48.28
N PRO CB 7 57.24 103.49 -48.29
CA PRO CB 7 56.01 102.85 -48.78
C PRO CB 7 54.94 102.77 -47.72
N ASN CB 8 53.84 103.49 -47.91
CA ASN CB 8 52.68 103.45 -47.03
C ASN CB 8 51.49 104.04 -47.75
N GLY CB 9 50.30 103.67 -47.30
CA GLY CB 9 49.08 104.18 -47.90
C GLY CB 9 48.72 105.60 -47.54
N GLU CB 10 49.38 106.16 -46.52
CA GLU CB 10 49.16 107.55 -46.11
C GLU CB 10 50.14 108.40 -46.92
N LYS CB 11 49.61 109.02 -47.98
CA LYS CB 11 50.46 109.82 -48.87
C LYS CB 11 51.15 110.99 -48.18
N PRO CB 12 50.51 111.78 -47.31
CA PRO CB 12 51.25 112.84 -46.62
C PRO CB 12 52.32 112.28 -45.70
N ASP CB 13 53.38 113.06 -45.53
CA ASP CB 13 54.52 112.75 -44.68
C ASP CB 13 54.86 113.97 -43.82
N GLU CB 14 53.84 114.52 -43.16
CA GLU CB 14 53.99 115.73 -42.36
C GLU CB 14 55.01 115.54 -41.26
N PHE CB 15 56.07 116.35 -41.28
CA PHE CB 15 57.21 116.36 -40.36
C PHE CB 15 58.12 115.16 -40.62
N GLU CB 16 57.64 114.21 -41.42
CA GLU CB 16 58.47 113.11 -41.90
C GLU CB 16 59.48 113.57 -42.94
N SER CB 17 59.37 114.83 -43.38
CA SER CB 17 60.34 115.39 -44.31
C SER CB 17 61.77 115.27 -43.77
N GLY CB 18 61.98 115.67 -42.52
CA GLY CB 18 63.32 115.63 -41.95
C GLY CB 18 63.85 114.22 -41.76
N ILE CB 19 62.99 113.30 -41.31
CA ILE CB 19 63.44 111.93 -41.06
C ILE CB 19 63.72 111.21 -42.37
N SER CB 20 62.87 111.42 -43.38
CA SER CB 20 63.15 110.88 -44.71
C SER CB 20 64.41 111.51 -45.29
N GLN CB 21 64.66 112.78 -44.97
CA GLN CB 21 65.90 113.42 -45.37
C GLN CB 21 67.11 112.76 -44.74
N ALA CB 22 67.00 112.39 -43.46
CA ALA CB 22 68.09 111.68 -42.79
C ALA CB 22 68.37 110.33 -43.43
N LEU CB 23 67.31 109.57 -43.72
CA LEU CB 23 67.51 108.32 -44.44
C LEU CB 23 68.06 108.55 -45.84
N LEU CB 24 67.67 109.66 -46.48
CA LEU CB 24 68.15 109.98 -47.82
C LEU CB 24 69.64 110.25 -47.81
N GLU CB 25 70.12 111.01 -46.83
CA GLU CB 25 71.56 111.25 -46.75
C GLU CB 25 72.31 110.07 -46.15
N LEU CB 26 71.61 109.07 -45.63
CA LEU CB 26 72.28 107.86 -45.13
C LEU CB 26 72.92 107.02 -46.24
N GLU CB 27 72.85 107.44 -47.50
CA GLU CB 27 73.42 106.64 -48.58
C GLU CB 27 74.95 106.56 -48.46
N MET CB 28 75.53 105.71 -49.32
CA MET CB 28 76.96 105.46 -49.50
C MET CB 28 77.75 105.35 -48.20
N ASN CB 29 77.12 104.81 -47.15
CA ASN CB 29 77.75 104.75 -45.85
C ASN CB 29 78.74 103.59 -45.79
N SER CB 30 79.20 103.25 -44.59
CA SER CB 30 80.25 102.26 -44.40
C SER CB 30 79.64 100.86 -44.32
N ASP CB 31 79.22 100.37 -45.50
CA ASP CB 31 78.68 99.01 -45.66
C ASP CB 31 77.42 98.80 -44.81
N LEU CB 32 76.48 99.72 -44.97
CA LEU CB 32 75.13 99.55 -44.44
C LEU CB 32 74.06 99.54 -45.53
N LYS CB 33 74.15 100.46 -46.49
CA LYS CB 33 73.25 100.44 -47.63
C LYS CB 33 73.41 99.17 -48.46
N ALA CB 34 74.60 98.55 -48.43
CA ALA CB 34 74.84 97.33 -49.20
C ALA CB 34 73.86 96.22 -48.85
N GLN CB 35 73.35 96.23 -47.62
CA GLN CB 35 72.29 95.31 -47.23
C GLN CB 35 70.96 95.99 -46.99
N LEU CB 36 70.93 97.32 -46.85
CA LEU CB 36 69.69 98.03 -46.60
C LEU CB 36 68.97 98.50 -47.88
N ARG CB 37 69.58 98.36 -49.04
CA ARG CB 37 68.96 98.90 -50.26
C ARG CB 37 67.71 98.10 -50.64
N GLU CB 38 67.62 96.86 -50.21
CA GLU CB 38 66.44 96.04 -50.43
C GLU CB 38 65.42 96.17 -49.29
N LEU CB 39 65.64 97.10 -48.37
CA LEU CB 39 64.83 97.26 -47.17
C LEU CB 39 64.26 98.67 -47.14
N ASN CB 40 63.00 98.79 -46.71
CA ASN CB 40 62.30 100.06 -46.75
C ASN CB 40 61.70 100.38 -45.38
N ILE CB 41 61.29 101.63 -45.22
CA ILE CB 41 60.76 102.15 -43.97
C ILE CB 41 59.30 102.51 -44.18
N THR CB 42 58.41 101.82 -43.46
CA THR CB 42 56.97 102.10 -43.59
C THR CB 42 56.65 103.52 -43.15
N ALA CB 43 57.08 103.90 -41.95
CA ALA CB 43 56.82 105.22 -41.40
C ALA CB 43 57.82 105.49 -40.29
N ALA CB 44 57.77 106.69 -39.73
CA ALA CB 44 58.63 107.03 -38.60
C ALA CB 44 57.96 108.14 -37.82
N LYS CB 45 58.39 108.28 -36.57
CA LYS CB 45 57.82 109.29 -35.70
C LYS CB 45 58.84 109.66 -34.63
N GLU CB 46 58.64 110.84 -34.04
CA GLU CB 46 59.50 111.34 -32.98
C GLU CB 46 58.66 111.76 -31.79
N ILE CB 47 58.98 111.26 -30.61
CA ILE CB 47 58.29 111.60 -29.38
C ILE CB 47 59.34 112.01 -28.34
N GLU CB 48 58.84 112.46 -27.18
CA GLU CB 48 59.68 112.83 -26.06
C GLU CB 48 59.48 111.83 -24.93
N VAL CB 49 60.56 111.51 -24.22
CA VAL CB 49 60.49 110.58 -23.10
C VAL CB 49 61.12 111.24 -21.88
N GLY CB 50 60.44 111.15 -20.75
CA GLY CB 50 60.95 111.71 -19.51
C GLY CB 50 61.13 113.21 -19.52
N GLY CB 51 62.38 113.66 -19.47
CA GLY CB 51 62.68 115.07 -19.45
C GLY CB 51 63.15 115.61 -20.79
N GLY CB 52 64.48 115.74 -20.96
CA GLY CB 52 65.01 116.27 -22.20
C GLY CB 52 65.26 115.24 -23.29
N ARG CB 53 65.24 113.96 -22.95
CA ARG CB 53 65.50 112.93 -23.95
C ARG CB 53 64.33 112.75 -24.90
N LYS CB 54 64.66 112.46 -26.16
CA LYS CB 54 63.65 112.23 -27.17
C LYS CB 54 63.99 110.96 -27.95
N ALA CB 55 62.93 110.33 -28.45
CA ALA CB 55 63.02 109.02 -29.08
C ALA CB 55 62.40 109.08 -30.46
N ILE CB 56 62.93 108.24 -31.35
CA ILE CB 56 62.43 108.08 -32.70
C ILE CB 56 62.03 106.62 -32.88
N ILE CB 57 60.84 106.40 -33.40
CA ILE CB 57 60.32 105.06 -33.69
C ILE CB 57 60.23 104.89 -35.19
N ILE CB 58 60.70 103.74 -35.68
CA ILE CB 58 60.70 103.42 -37.10
C ILE CB 58 59.76 102.24 -37.30
N PHE CB 59 58.68 102.48 -38.03
CA PHE CB 59 57.77 101.42 -38.42
C PHE CB 59 58.39 100.62 -39.55
N VAL CB 60 58.27 99.30 -39.47
CA VAL CB 60 58.97 98.39 -40.37
C VAL CB 60 57.95 97.36 -40.87
N PRO CB 61 58.00 96.97 -42.15
CA PRO CB 61 57.12 95.91 -42.62
C PRO CB 61 57.37 94.60 -41.89
N VAL CB 62 56.27 93.89 -41.61
CA VAL CB 62 56.38 92.60 -40.94
C VAL CB 62 57.24 91.61 -41.71
N PRO CB 63 57.13 91.47 -43.04
CA PRO CB 63 58.07 90.58 -43.74
C PRO CB 63 59.52 90.99 -43.59
N GLN CB 64 59.82 92.28 -43.57
CA GLN CB 64 61.19 92.77 -43.53
C GLN CB 64 61.72 92.89 -42.12
N LEU CB 65 60.92 92.56 -41.10
CA LEU CB 65 61.37 92.64 -39.72
C LEU CB 65 62.64 91.81 -39.49
N LYS CB 66 62.65 90.57 -39.98
CA LYS CB 66 63.79 89.68 -39.71
C LYS CB 66 65.05 90.19 -40.40
N SER CB 67 64.94 90.61 -41.65
CA SER CB 67 66.09 91.16 -42.36
C SER CB 67 66.59 92.43 -41.66
N PHE CB 68 65.67 93.23 -41.12
CA PHE CB 68 66.07 94.41 -40.37
C PHE CB 68 66.81 94.02 -39.09
N GLN CB 69 66.31 93.02 -38.37
CA GLN CB 69 66.91 92.64 -37.10
C GLN CB 69 68.23 91.89 -37.28
N LYS CB 70 68.50 91.36 -38.46
CA LYS CB 70 69.84 90.84 -38.73
C LYS CB 70 70.90 91.93 -38.77
N ILE CB 71 70.50 93.19 -38.84
CA ILE CB 71 71.43 94.31 -38.98
C ILE CB 71 71.11 95.46 -38.05
N GLN CB 72 70.12 95.31 -37.17
CA GLN CB 72 69.62 96.43 -36.37
C GLN CB 72 70.68 96.96 -35.42
N VAL CB 73 71.46 96.07 -34.81
CA VAL CB 73 72.49 96.49 -33.86
C VAL CB 73 73.55 97.34 -34.55
N ARG CB 74 73.87 97.02 -35.81
CA ARG CB 74 74.94 97.73 -36.49
C ARG CB 74 74.60 99.20 -36.70
N LEU CB 75 73.37 99.50 -37.13
CA LEU CB 75 73.02 100.82 -37.63
C LEU CB 75 72.45 101.76 -36.58
N VAL CB 76 72.17 101.27 -35.36
CA VAL CB 76 71.66 102.16 -34.34
C VAL CB 76 72.69 103.21 -33.96
N ARG CB 77 73.98 102.84 -33.97
CA ARG CB 77 75.02 103.83 -33.72
C ARG CB 77 75.06 104.90 -34.80
N GLU CB 78 74.88 104.51 -36.06
CA GLU CB 78 74.87 105.49 -37.15
C GLU CB 78 73.67 106.42 -37.03
N LEU CB 79 72.51 105.88 -36.68
CA LEU CB 79 71.35 106.74 -36.51
C LEU CB 79 71.48 107.64 -35.28
N GLU CB 80 72.15 107.17 -34.23
CA GLU CB 80 72.45 108.04 -33.09
C GLU CB 80 73.38 109.18 -33.52
N LYS CB 81 74.37 108.87 -34.36
CA LYS CB 81 75.23 109.92 -34.90
C LYS CB 81 74.43 110.92 -35.70
N LYS CB 82 73.50 110.44 -36.52
CA LYS CB 82 72.66 111.32 -37.31
C LYS CB 82 71.76 112.17 -36.42
N PHE CB 83 71.24 111.60 -35.35
CA PHE CB 83 70.36 112.29 -34.40
C PHE CB 83 70.96 112.11 -33.01
N SER CB 84 71.94 112.93 -32.67
CA SER CB 84 72.49 112.95 -31.34
C SER CB 84 71.43 113.37 -30.32
N GLY CB 85 71.48 112.77 -29.14
CA GLY CB 85 70.53 113.06 -28.09
C GLY CB 85 69.21 112.33 -28.20
N LYS CB 86 69.06 111.44 -29.18
CA LYS CB 86 67.83 110.70 -29.41
C LYS CB 86 68.05 109.22 -29.12
N HIS CB 87 66.96 108.46 -29.14
CA HIS CB 87 67.03 107.01 -28.99
C HIS CB 87 66.24 106.34 -30.12
N VAL CB 88 66.89 105.43 -30.83
CA VAL CB 88 66.33 104.82 -32.04
C VAL CB 88 65.65 103.51 -31.69
N VAL CB 89 64.44 103.32 -32.22
CA VAL CB 89 63.61 102.16 -31.87
C VAL CB 89 63.02 101.60 -33.16
N PHE CB 90 62.99 100.27 -33.27
CA PHE CB 90 62.45 99.58 -34.44
C PHE CB 90 61.20 98.81 -34.04
N ILE CB 91 60.05 99.22 -34.58
CA ILE CB 91 58.78 98.55 -34.32
C ILE CB 91 58.17 98.18 -35.67
N ALA CB 92 57.32 97.17 -35.69
CA ALA CB 92 56.57 96.79 -36.88
C ALA CB 92 55.09 97.05 -36.66
N GLN CB 93 54.48 97.83 -37.56
CA GLN CB 93 53.05 98.11 -37.49
C GLN CB 93 52.26 96.83 -37.74
N ARG CB 94 51.05 96.76 -37.17
CA ARG CB 94 50.29 95.53 -37.13
C ARG CB 94 48.86 95.63 -37.63
N ARG CB 95 48.37 96.84 -37.95
CA ARG CB 95 47.00 97.09 -38.43
C ARG CB 95 45.95 96.31 -37.63
N ILE CB 96 45.77 96.70 -36.38
CA ILE CB 96 44.86 96.05 -35.43
C ILE CB 96 43.49 95.82 -36.04
N LEU CB 97 43.06 94.57 -36.10
CA LEU CB 97 41.73 94.26 -36.57
C LEU CB 97 40.75 94.30 -35.40
N PRO CB 98 39.61 94.99 -35.53
CA PRO CB 98 38.68 95.09 -34.40
C PRO CB 98 38.08 93.74 -34.05
N LYS CB 99 37.75 93.59 -32.77
CA LYS CB 99 37.08 92.39 -32.31
C LYS CB 99 35.70 92.29 -32.96
N PRO CB 100 35.34 91.15 -33.52
CA PRO CB 100 34.01 91.02 -34.15
C PRO CB 100 32.90 91.17 -33.12
N THR CB 101 31.78 91.72 -33.58
CA THR CB 101 30.64 91.96 -32.71
C THR CB 101 29.38 91.60 -33.49
N ARG CB 102 28.24 91.63 -32.79
CA ARG CB 102 26.98 91.29 -33.43
C ARG CB 102 26.55 92.36 -34.42
N LYS CB 103 26.61 93.62 -34.02
CA LYS CB 103 26.13 94.71 -34.86
C LYS CB 103 27.15 95.08 -35.93
N LYS CB 107 28.06 91.44 -48.14
CA LYS CB 107 28.64 91.73 -46.84
C LYS CB 107 29.36 90.50 -46.29
N ASN CB 108 30.67 90.59 -46.15
CA ASN CB 108 31.45 89.44 -45.71
C ASN CB 108 32.80 89.88 -45.18
N LYS CB 109 33.26 89.20 -44.13
CA LYS CB 109 34.64 89.27 -43.66
C LYS CB 109 35.14 87.85 -43.46
N GLN CB 110 36.43 87.72 -43.21
CA GLN CB 110 37.07 86.43 -43.01
C GLN CB 110 37.54 86.34 -41.56
N LYS CB 111 37.83 85.12 -41.12
CA LYS CB 111 38.18 84.90 -39.73
C LYS CB 111 39.47 85.63 -39.38
N ARG CB 112 39.42 86.42 -38.33
CA ARG CB 112 40.59 87.20 -37.93
C ARG CB 112 41.65 86.27 -37.35
N PRO CB 113 42.88 86.30 -37.85
CA PRO CB 113 43.96 85.52 -37.22
C PRO CB 113 44.26 86.04 -35.82
N ARG CB 114 44.64 85.10 -34.95
CA ARG CB 114 44.93 85.46 -33.56
C ARG CB 114 46.14 86.39 -33.47
N SER CB 115 47.03 86.36 -34.45
CA SER CB 115 48.20 87.23 -34.43
C SER CB 115 47.81 88.70 -34.55
N ARG CB 116 46.70 88.99 -35.20
CA ARG CB 116 46.29 90.36 -35.46
C ARG CB 116 45.44 90.96 -34.34
N THR CB 117 45.24 90.23 -33.25
CA THR CB 117 44.46 90.75 -32.13
C THR CB 117 45.30 91.71 -31.30
N LEU CB 118 44.61 92.55 -30.53
CA LEU CB 118 45.26 93.64 -29.80
C LEU CB 118 46.22 93.12 -28.74
N THR CB 119 45.77 92.16 -27.92
CA THR CB 119 46.65 91.64 -26.87
C THR CB 119 47.82 90.87 -27.47
N ALA CB 120 47.59 90.10 -28.54
CA ALA CB 120 48.67 89.37 -29.18
C ALA CB 120 49.62 90.29 -29.95
N VAL CB 121 49.22 91.53 -30.21
CA VAL CB 121 50.09 92.50 -30.83
C VAL CB 121 50.94 93.23 -29.80
N HIS CB 122 50.37 93.51 -28.64
CA HIS CB 122 51.07 94.31 -27.64
C HIS CB 122 52.33 93.60 -27.14
N ASP CB 123 52.26 92.30 -26.87
CA ASP CB 123 53.43 91.60 -26.39
C ASP CB 123 54.50 91.51 -27.47
N ALA CB 124 54.10 91.33 -28.73
CA ALA CB 124 55.08 91.26 -29.81
C ALA CB 124 55.79 92.59 -30.01
N ILE CB 125 55.04 93.70 -29.93
CA ILE CB 125 55.69 94.99 -30.07
C ILE CB 125 56.56 95.30 -28.86
N LEU CB 126 56.17 94.83 -27.67
CA LEU CB 126 57.07 94.93 -26.52
C LEU CB 126 58.35 94.15 -26.74
N GLU CB 127 58.25 92.99 -27.40
CA GLU CB 127 59.44 92.17 -27.65
C GLU CB 127 60.38 92.86 -28.62
N ASP CB 128 59.88 93.23 -29.80
CA ASP CB 128 60.78 93.83 -30.78
C ASP CB 128 61.20 95.24 -30.37
N LEU CB 129 60.51 95.85 -29.40
CA LEU CB 129 61.01 97.06 -28.77
C LEU CB 129 62.33 96.80 -28.04
N VAL CB 130 62.41 95.70 -27.30
CA VAL CB 130 63.58 95.41 -26.48
C VAL CB 130 64.43 94.37 -27.18
N PHE CB 131 64.31 94.29 -28.50
CA PHE CB 131 65.07 93.40 -29.40
C PHE CB 131 66.52 93.11 -29.01
N PRO CB 132 67.35 94.09 -28.61
CA PRO CB 132 68.72 93.73 -28.22
C PRO CB 132 68.77 92.74 -27.07
N SER CB 133 67.81 92.79 -26.15
CA SER CB 133 67.56 91.77 -25.16
C SER CB 133 66.39 90.91 -25.60
N GLU CB 134 65.91 90.04 -24.71
CA GLU CB 134 64.66 89.33 -24.94
C GLU CB 134 64.04 89.02 -23.58
N ILE CB 135 62.71 89.06 -23.55
CA ILE CB 135 61.99 88.92 -22.29
C ILE CB 135 62.21 87.52 -21.73
N VAL CB 136 62.54 87.46 -20.44
CA VAL CB 136 62.57 86.19 -19.72
C VAL CB 136 61.50 86.10 -18.65
N GLY CB 137 60.85 87.21 -18.30
CA GLY CB 137 59.76 87.14 -17.36
C GLY CB 137 58.79 88.28 -17.55
N LYS CB 138 57.54 88.03 -17.14
CA LYS CB 138 56.50 89.04 -17.26
C LYS CB 138 55.53 88.91 -16.10
N ARG CB 139 55.15 90.07 -15.54
CA ARG CB 139 54.18 90.13 -14.46
C ARG CB 139 53.31 91.37 -14.66
N ILE CB 140 52.12 91.36 -14.05
CA ILE CB 140 51.19 92.48 -14.15
C ILE CB 140 50.73 92.82 -12.74
N ARG CB 141 50.82 94.09 -12.37
CA ARG CB 141 50.49 94.55 -11.03
C ARG CB 141 49.33 95.53 -11.08
N VAL CB 142 48.37 95.36 -10.15
CA VAL CB 142 47.16 96.16 -10.06
C VAL CB 142 47.23 96.98 -8.76
N LYS CB 143 47.07 98.30 -8.90
CA LYS CB 143 47.36 99.24 -7.80
C LYS CB 143 46.09 99.71 -7.09
N LEU CB 144 45.32 98.76 -6.54
CA LEU CB 144 44.15 99.01 -5.70
C LEU CB 144 43.07 99.85 -6.38
N ASP CB 145 43.14 100.06 -7.69
CA ASP CB 145 42.06 100.79 -8.36
C ASP CB 145 41.75 100.23 -9.74
N GLY CB 146 42.32 99.09 -10.12
CA GLY CB 146 42.13 98.54 -11.44
C GLY CB 146 43.21 98.93 -12.44
N SER CB 147 43.98 99.97 -12.15
CA SER CB 147 45.07 100.35 -13.05
C SER CB 147 46.19 99.33 -12.95
N ARG CB 148 46.69 98.90 -14.10
CA ARG CB 148 47.64 97.80 -14.19
C ARG CB 148 48.90 98.24 -14.89
N LEU CB 149 50.04 97.94 -14.28
CA LEU CB 149 51.34 98.13 -14.90
C LEU CB 149 51.97 96.76 -15.17
N ILE CB 150 52.95 96.73 -16.06
CA ILE CB 150 53.55 95.46 -16.47
C ILE CB 150 55.04 95.48 -16.13
N LYS CB 151 55.47 94.56 -15.28
CA LYS CB 151 56.87 94.42 -14.91
C LYS CB 151 57.50 93.35 -15.79
N VAL CB 152 58.52 93.73 -16.55
CA VAL CB 152 59.18 92.84 -17.48
C VAL CB 152 60.59 92.54 -16.98
N HIS CB 153 60.88 91.26 -16.83
CA HIS CB 153 62.22 90.77 -16.49
C HIS CB 153 62.97 90.51 -17.78
N LEU CB 154 64.04 91.28 -17.99
CA LEU CB 154 64.79 91.23 -19.24
C LEU CB 154 65.95 90.25 -19.13
N ASP CB 155 66.83 90.26 -20.15
CA ASP CB 155 67.84 89.21 -20.28
C ASP CB 155 68.91 89.29 -19.20
N LYS CB 156 69.42 90.49 -18.92
CA LYS CB 156 70.64 90.78 -18.15
C LYS CB 156 71.88 90.28 -18.89
N ALA CB 157 71.73 89.74 -20.09
CA ALA CB 157 72.89 89.24 -20.84
C ALA CB 157 73.82 90.37 -21.25
N GLN CB 158 73.27 91.54 -21.52
CA GLN CB 158 74.06 92.72 -21.86
C GLN CB 158 73.74 93.86 -20.92
N GLN CB 159 74.77 94.62 -20.57
CA GLN CB 159 74.65 95.74 -19.63
C GLN CB 159 75.09 97.04 -20.27
N ASN CB 160 75.18 97.09 -21.60
CA ASN CB 160 75.82 98.22 -22.27
C ASN CB 160 74.83 99.32 -22.67
N ASN CB 161 73.74 98.95 -23.35
CA ASN CB 161 72.86 99.95 -23.94
C ASN CB 161 71.40 99.71 -23.57
N VAL CB 162 71.14 99.23 -22.36
CA VAL CB 162 69.80 98.88 -21.93
C VAL CB 162 69.33 99.76 -20.79
N GLU CB 163 70.21 100.05 -19.82
CA GLU CB 163 69.81 100.74 -18.61
C GLU CB 163 69.33 102.15 -18.89
N HIS CB 164 70.06 102.89 -19.73
CA HIS CB 164 69.63 104.23 -20.08
C HIS CB 164 68.46 104.23 -21.06
N LYS CB 165 68.17 103.09 -21.68
CA LYS CB 165 67.07 102.96 -22.64
C LYS CB 165 65.78 102.48 -22.01
N VAL CB 166 65.78 102.14 -20.71
CA VAL CB 166 64.56 101.64 -20.09
C VAL CB 166 63.51 102.74 -20.01
N GLU CB 167 63.93 103.97 -19.71
CA GLU CB 167 62.98 105.07 -19.60
C GLU CB 167 62.31 105.35 -20.94
N THR CB 168 63.07 105.35 -22.03
CA THR CB 168 62.44 105.57 -23.33
C THR CB 168 61.64 104.36 -23.78
N PHE CB 169 62.02 103.15 -23.35
CA PHE CB 169 61.18 101.99 -23.59
C PHE CB 169 59.79 102.19 -22.98
N SER CB 170 59.75 102.57 -21.71
CA SER CB 170 58.48 102.80 -21.04
C SER CB 170 57.73 103.96 -21.69
N GLY CB 171 58.44 105.02 -22.08
CA GLY CB 171 57.79 106.15 -22.72
C GLY CB 171 57.11 105.77 -24.01
N VAL CB 172 57.83 105.06 -24.90
CA VAL CB 172 57.24 104.71 -26.19
C VAL CB 172 56.13 103.69 -26.01
N TYR CB 173 56.26 102.77 -25.05
CA TYR CB 173 55.20 101.78 -24.88
C TYR CB 173 53.94 102.42 -24.32
N LYS CB 174 54.08 103.36 -23.39
CA LYS CB 174 52.90 104.04 -22.89
C LYS CB 174 52.29 104.94 -23.96
N LYS CB 175 53.13 105.50 -24.84
CA LYS CB 175 52.60 106.33 -25.92
C LYS CB 175 51.82 105.49 -26.92
N LEU CB 176 52.33 104.30 -27.27
CA LEU CB 176 51.68 103.48 -28.28
C LEU CB 176 50.46 102.75 -27.74
N THR CB 177 50.60 102.11 -26.58
CA THR CB 177 49.56 101.23 -26.09
C THR CB 177 48.73 101.85 -24.98
N GLY CB 178 49.24 102.89 -24.30
CA GLY CB 178 48.56 103.37 -23.12
C GLY CB 178 48.72 102.48 -21.92
N LYS CB 179 49.66 101.54 -21.96
CA LYS CB 179 49.93 100.64 -20.85
C LYS CB 179 51.31 100.95 -20.31
N ASP CB 180 51.40 101.23 -19.02
CA ASP CB 180 52.68 101.57 -18.41
C ASP CB 180 53.47 100.31 -18.05
N VAL CB 181 54.74 100.32 -18.39
CA VAL CB 181 55.60 99.15 -18.28
C VAL CB 181 56.89 99.55 -17.56
N ASN CB 182 57.33 98.70 -16.65
CA ASN CB 182 58.55 98.88 -15.90
C ASN CB 182 59.44 97.67 -16.13
N PHE CB 183 60.73 97.90 -16.30
CA PHE CB 183 61.67 96.84 -16.65
C PHE CB 183 62.69 96.65 -15.55
N GLU CB 184 63.11 95.41 -15.35
CA GLU CB 184 64.23 95.15 -14.46
C GLU CB 184 65.02 93.94 -14.94
N PHE CB 185 66.27 93.87 -14.49
CA PHE CB 185 67.12 92.71 -14.72
C PHE CB 185 66.99 91.77 -13.54
N PRO CB 186 66.39 90.60 -13.70
CA PRO CB 186 66.38 89.61 -12.62
C PRO CB 186 67.74 88.92 -12.55
N GLU CB 187 67.87 88.06 -11.54
CA GLU CB 187 69.10 87.31 -11.36
C GLU CB 187 69.14 86.14 -12.33
N PHE CB 188 70.11 85.24 -12.16
CA PHE CB 188 70.15 84.03 -12.96
C PHE CB 188 69.12 83.03 -12.45
N GLN CB 189 68.45 82.36 -13.37
CA GLN CB 189 67.36 81.47 -13.03
C GLN CB 189 67.81 80.00 -13.08
N GLY DB 1 -22.66 57.41 -38.92
CA GLY DB 1 -22.48 57.28 -40.36
C GLY DB 1 -21.03 57.32 -40.80
N ILE DB 2 -20.82 57.59 -42.09
CA ILE DB 2 -19.47 57.75 -42.60
C ILE DB 2 -18.87 59.03 -42.03
N SER DB 3 -17.60 58.97 -41.65
CA SER DB 3 -16.93 60.10 -41.04
C SER DB 3 -15.54 60.25 -41.63
N ARG DB 4 -15.04 61.49 -41.63
CA ARG DB 4 -13.67 61.80 -42.01
C ARG DB 4 -12.79 62.06 -40.80
N ASP DB 5 -13.17 61.54 -39.64
CA ASP DB 5 -12.54 61.93 -38.39
C ASP DB 5 -11.07 61.56 -38.36
N ASN DB 6 -10.27 62.46 -37.79
CA ASN DB 6 -8.85 62.18 -37.58
C ASN DB 6 -8.63 61.31 -36.35
N TRP DB 7 -9.48 61.44 -35.34
CA TRP DB 7 -9.23 60.84 -34.04
C TRP DB 7 -9.41 59.33 -34.02
N HIS DB 8 -9.96 58.73 -35.07
CA HIS DB 8 -9.99 57.28 -35.13
C HIS DB 8 -8.68 56.68 -35.59
N LYS DB 9 -7.82 57.48 -36.23
CA LYS DB 9 -6.55 56.98 -36.73
C LYS DB 9 -5.58 56.75 -35.58
N ARG DB 10 -4.57 55.90 -35.84
CA ARG DB 10 -3.47 55.80 -34.91
C ARG DB 10 -2.64 57.07 -34.94
N ARG DB 11 -1.94 57.32 -33.84
CA ARG DB 11 -1.11 58.51 -33.74
C ARG DB 11 0.08 58.43 -34.67
N LYS DB 12 0.81 59.54 -34.76
CA LYS DB 12 2.02 59.57 -35.56
C LYS DB 12 3.05 58.59 -35.02
N THR DB 13 3.16 58.48 -33.70
CA THR DB 13 4.05 57.52 -33.07
C THR DB 13 3.52 56.09 -33.14
N GLY DB 14 2.28 55.91 -33.56
CA GLY DB 14 1.69 54.58 -33.66
C GLY DB 14 0.82 54.18 -32.49
N GLY DB 15 0.52 55.08 -31.58
CA GLY DB 15 -0.35 54.75 -30.47
C GLY DB 15 -1.82 54.79 -30.85
N LYS DB 16 -2.63 54.16 -30.01
CA LYS DB 16 -4.07 54.18 -30.20
C LYS DB 16 -4.67 55.35 -29.43
N ARG DB 17 -5.51 56.13 -30.11
CA ARG DB 17 -6.11 57.33 -29.54
C ARG DB 17 -7.56 57.03 -29.18
N LYS DB 18 -7.87 57.06 -27.90
CA LYS DB 18 -9.21 56.75 -27.44
C LYS DB 18 -10.17 57.90 -27.72
N PRO DB 19 -11.44 57.62 -27.99
CA PRO DB 19 -12.38 58.69 -28.35
C PRO DB 19 -12.90 59.42 -27.13
N TYR DB 20 -12.85 60.76 -27.18
CA TYR DB 20 -13.37 61.60 -26.12
C TYR DB 20 -14.75 62.15 -26.43
N HIS DB 21 -15.28 61.85 -27.61
CA HIS DB 21 -16.61 62.33 -27.99
C HIS DB 21 -17.14 61.41 -29.08
N LYS DB 22 -18.46 61.36 -29.19
CA LYS DB 22 -19.09 60.55 -30.22
C LYS DB 22 -19.00 61.28 -31.57
N LYS DB 23 -19.53 60.65 -32.61
CA LYS DB 23 -19.45 61.22 -33.94
C LYS DB 23 -20.28 62.49 -34.05
N ARG DB 24 -19.67 63.54 -34.59
CA ARG DB 24 -20.34 64.80 -34.80
C ARG DB 24 -20.82 64.90 -36.25
N LYS DB 25 -21.92 65.64 -36.44
CA LYS DB 25 -22.54 65.68 -37.76
C LYS DB 25 -21.67 66.40 -38.77
N TYR DB 26 -20.96 67.46 -38.36
CA TYR DB 26 -20.24 68.28 -39.32
C TYR DB 26 -19.15 67.50 -40.04
N GLU DB 27 -18.55 66.52 -39.38
CA GLU DB 27 -17.54 65.69 -40.02
C GLU DB 27 -18.15 64.43 -40.60
N LEU DB 28 -19.22 64.60 -41.37
CA LEU DB 28 -19.94 63.47 -41.94
C LEU DB 28 -19.22 62.96 -43.18
N GLY DB 29 -19.89 62.07 -43.88
CA GLY DB 29 -19.39 61.52 -45.13
C GLY DB 29 -20.53 60.94 -45.91
N ARG DB 30 -20.43 61.04 -47.22
CA ARG DB 30 -21.54 60.63 -48.07
C ARG DB 30 -21.06 59.65 -49.13
N PRO DB 31 -21.93 58.75 -49.59
CA PRO DB 31 -21.52 57.77 -50.59
C PRO DB 31 -21.14 58.42 -51.90
N ALA DB 32 -20.27 57.74 -52.64
CA ALA DB 32 -19.63 58.31 -53.82
C ALA DB 32 -20.65 58.56 -54.93
N ALA DB 33 -20.29 59.48 -55.83
CA ALA DB 33 -21.12 59.76 -57.00
C ALA DB 33 -21.05 58.60 -57.99
N ASN DB 34 -19.85 58.29 -58.47
CA ASN DB 34 -19.62 57.34 -59.54
C ASN DB 34 -20.43 57.70 -60.78
N THR DB 35 -20.10 58.86 -61.34
CA THR DB 35 -20.75 59.34 -62.55
C THR DB 35 -20.53 58.36 -63.68
N LYS DB 36 -21.60 58.00 -64.39
CA LYS DB 36 -21.51 57.06 -65.49
C LYS DB 36 -22.12 57.67 -66.74
N ILE DB 37 -21.69 57.17 -67.90
CA ILE DB 37 -22.22 57.66 -69.15
C ILE DB 37 -23.68 57.23 -69.26
N GLY DB 38 -24.58 58.21 -69.36
CA GLY DB 38 -25.99 57.92 -69.41
C GLY DB 38 -26.84 59.17 -69.50
N PRO DB 39 -28.16 59.00 -69.36
CA PRO DB 39 -29.06 60.15 -69.42
C PRO DB 39 -28.80 61.09 -68.25
N ARG DB 40 -29.12 62.38 -68.47
CA ARG DB 40 -28.84 63.41 -67.49
C ARG DB 40 -29.49 63.07 -66.16
N ARG DB 41 -28.65 62.78 -65.16
CA ARG DB 41 -29.08 62.22 -63.89
C ARG DB 41 -28.33 62.97 -62.79
N ILE DB 42 -28.99 63.96 -62.20
CA ILE DB 42 -28.37 64.85 -61.23
C ILE DB 42 -29.22 64.85 -59.98
N HIS DB 43 -28.60 64.54 -58.84
CA HIS DB 43 -29.27 64.58 -57.55
C HIS DB 43 -28.78 65.79 -56.76
N THR DB 44 -29.67 66.37 -55.97
CA THR DB 44 -29.37 67.56 -55.19
C THR DB 44 -29.30 67.19 -53.71
N VAL DB 45 -28.17 67.51 -53.08
CA VAL DB 45 -27.89 67.14 -51.71
C VAL DB 45 -27.72 68.41 -50.89
N ARG DB 46 -28.43 68.49 -49.76
CA ARG DB 46 -28.28 69.61 -48.86
C ARG DB 46 -27.09 69.41 -47.95
N VAL DB 47 -26.23 70.41 -47.85
CA VAL DB 47 -24.96 70.29 -47.14
C VAL DB 47 -24.93 71.25 -45.96
N ARG DB 48 -23.79 71.31 -45.28
CA ARG DB 48 -23.61 72.23 -44.16
C ARG DB 48 -23.89 73.66 -44.60
N GLY DB 49 -24.80 74.32 -43.88
CA GLY DB 49 -25.15 75.69 -44.17
C GLY DB 49 -26.34 75.91 -45.08
N GLY DB 50 -27.10 74.86 -45.39
CA GLY DB 50 -28.24 75.01 -46.27
C GLY DB 50 -27.90 75.17 -47.73
N ASN DB 51 -26.64 74.99 -48.10
CA ASN DB 51 -26.23 75.03 -49.50
C ASN DB 51 -26.52 73.70 -50.18
N LYS DB 52 -26.39 73.68 -51.50
CA LYS DB 52 -26.74 72.52 -52.29
C LYS DB 52 -25.53 72.02 -53.07
N LYS DB 53 -25.48 70.71 -53.28
CA LYS DB 53 -24.43 70.06 -54.04
C LYS DB 53 -25.07 69.18 -55.10
N TYR DB 54 -24.48 69.14 -56.28
CA TYR DB 54 -25.03 68.42 -57.42
C TYR DB 54 -24.23 67.14 -57.61
N ARG DB 55 -24.75 66.04 -57.07
CA ARG DB 55 -24.14 64.73 -57.26
C ARG DB 55 -24.57 64.23 -58.63
N ALA DB 56 -23.62 64.14 -59.56
CA ALA DB 56 -23.90 63.74 -60.93
C ALA DB 56 -23.85 62.21 -60.98
N LEU DB 57 -25.01 61.57 -60.87
CA LEU DB 57 -25.03 60.12 -60.92
C LEU DB 57 -24.70 59.62 -62.32
N ARG DB 58 -25.30 60.22 -63.34
CA ARG DB 58 -25.00 59.89 -64.73
C ARG DB 58 -25.06 61.15 -65.57
N LEU DB 59 -24.16 61.22 -66.56
CA LEU DB 59 -24.10 62.36 -67.46
C LEU DB 59 -23.65 61.88 -68.83
N ASP DB 60 -23.93 62.69 -69.85
CA ASP DB 60 -23.56 62.35 -71.22
C ASP DB 60 -22.94 63.49 -72.00
N VAL DB 61 -23.06 64.73 -71.54
CA VAL DB 61 -22.52 65.88 -72.26
C VAL DB 61 -21.72 66.74 -71.29
N GLY DB 62 -20.60 67.27 -71.78
CA GLY DB 62 -19.76 68.13 -70.97
C GLY DB 62 -19.11 69.19 -71.82
N ASN DB 63 -18.79 70.31 -71.19
CA ASN DB 63 -18.20 71.46 -71.88
C ASN DB 63 -16.69 71.29 -71.88
N PHE DB 64 -16.10 71.10 -73.06
CA PHE DB 64 -14.67 70.87 -73.17
C PHE DB 64 -14.03 71.94 -74.04
N SER DB 65 -12.77 72.22 -73.76
CA SER DB 65 -12.06 73.33 -74.37
C SER DB 65 -10.84 72.84 -75.15
N TRP DB 66 -10.65 73.41 -76.34
CA TRP DB 66 -9.46 73.11 -77.14
C TRP DB 66 -8.20 73.68 -76.49
N GLY DB 67 -8.29 74.88 -75.93
CA GLY DB 67 -7.14 75.45 -75.24
C GLY DB 67 -6.24 76.27 -76.13
N SER DB 68 -5.52 75.60 -77.05
CA SER DB 68 -4.64 76.35 -77.94
C SER DB 68 -5.41 77.18 -78.96
N GLU DB 69 -6.71 76.96 -79.09
CA GLU DB 69 -7.53 77.77 -80.00
C GLU DB 69 -8.64 78.52 -79.29
N CYS DB 70 -8.76 78.39 -77.97
CA CYS DB 70 -9.82 79.04 -77.19
C CYS DB 70 -11.19 78.69 -77.75
N CYS DB 71 -11.38 77.40 -78.00
CA CYS DB 71 -12.61 76.86 -78.58
C CYS DB 71 -13.22 75.91 -77.55
N THR DB 72 -14.10 76.44 -76.71
CA THR DB 72 -14.80 75.65 -75.71
C THR DB 72 -16.21 75.35 -76.22
N ARG DB 73 -16.47 74.08 -76.49
CA ARG DB 73 -17.73 73.65 -77.06
C ARG DB 73 -18.32 72.55 -76.18
N LYS DB 74 -19.65 72.42 -76.22
CA LYS DB 74 -20.34 71.41 -75.43
C LYS DB 74 -20.64 70.21 -76.31
N THR DB 75 -19.64 69.33 -76.46
CA THR DB 75 -19.84 68.07 -77.16
C THR DB 75 -20.39 67.04 -76.17
N ARG DB 76 -20.36 65.77 -76.54
CA ARG DB 76 -20.84 64.70 -75.69
C ARG DB 76 -19.69 63.73 -75.42
N ILE DB 77 -19.80 63.00 -74.31
CA ILE DB 77 -18.78 62.04 -73.91
C ILE DB 77 -19.06 60.71 -74.56
N ILE DB 78 -18.03 60.11 -75.15
CA ILE DB 78 -18.17 58.83 -75.82
C ILE DB 78 -17.97 57.69 -74.83
N ASP DB 79 -16.78 57.58 -74.27
CA ASP DB 79 -16.42 56.54 -73.32
C ASP DB 79 -15.01 56.80 -72.80
N VAL DB 80 -14.77 56.39 -71.54
CA VAL DB 80 -13.48 56.63 -70.91
C VAL DB 80 -12.43 55.70 -71.51
N VAL DB 81 -11.21 56.20 -71.63
CA VAL DB 81 -10.11 55.41 -72.17
C VAL DB 81 -9.00 55.14 -71.16
N TYR DB 82 -8.81 56.00 -70.16
CA TYR DB 82 -7.74 55.79 -69.20
C TYR DB 82 -8.07 56.52 -67.91
N ASN DB 83 -7.60 55.96 -66.80
CA ASN DB 83 -7.71 56.61 -65.50
C ASN DB 83 -6.49 56.23 -64.69
N ALA DB 84 -5.70 57.24 -64.29
CA ALA DB 84 -4.47 56.98 -63.56
C ALA DB 84 -4.74 56.37 -62.19
N SER DB 85 -5.83 56.79 -61.54
CA SER DB 85 -6.07 56.37 -60.16
C SER DB 85 -6.35 54.87 -60.07
N ASN DB 86 -7.11 54.32 -61.02
CA ASN DB 86 -7.48 52.92 -60.94
C ASN DB 86 -7.98 52.44 -62.30
N ASN DB 87 -7.60 51.22 -62.68
CA ASN DB 87 -8.06 50.65 -63.94
C ASN DB 87 -9.48 50.15 -63.88
N GLU DB 88 -10.02 49.88 -62.69
CA GLU DB 88 -11.42 49.49 -62.60
C GLU DB 88 -12.34 50.62 -62.99
N LEU DB 89 -11.92 51.86 -62.76
CA LEU DB 89 -12.74 53.02 -63.06
C LEU DB 89 -13.02 53.11 -64.56
N VAL DB 90 -12.00 52.92 -65.40
CA VAL DB 90 -12.20 53.03 -66.83
C VAL DB 90 -13.03 51.88 -67.37
N ARG DB 91 -12.82 50.67 -66.83
CA ARG DB 91 -13.57 49.53 -67.35
C ARG DB 91 -15.03 49.59 -66.92
N THR DB 92 -15.32 50.25 -65.80
CA THR DB 92 -16.71 50.53 -65.46
C THR DB 92 -17.20 51.83 -66.10
N LYS DB 93 -16.31 52.56 -66.76
CA LYS DB 93 -16.64 53.79 -67.48
C LYS DB 93 -17.30 54.82 -66.55
N THR DB 94 -16.53 55.22 -65.54
CA THR DB 94 -16.96 56.23 -64.59
C THR DB 94 -16.08 57.46 -64.70
N LEU DB 95 -16.62 58.61 -64.29
CA LEU DB 95 -16.01 59.91 -64.50
C LEU DB 95 -15.59 60.52 -63.17
N VAL DB 96 -14.36 61.03 -63.12
CA VAL DB 96 -13.84 61.68 -61.93
C VAL DB 96 -13.23 63.02 -62.32
N LYS DB 97 -12.60 63.70 -61.37
CA LYS DB 97 -12.05 65.03 -61.64
C LYS DB 97 -10.95 64.98 -62.69
N ASN DB 98 -10.05 64.00 -62.62
CA ASN DB 98 -9.01 63.82 -63.61
C ASN DB 98 -9.18 62.44 -64.22
N CYS DB 99 -9.73 62.39 -65.42
CA CYS DB 99 -9.76 61.16 -66.19
C CYS DB 99 -9.75 61.53 -67.67
N ILE DB 100 -9.34 60.56 -68.47
CA ILE DB 100 -9.18 60.73 -69.91
C ILE DB 100 -10.36 60.05 -70.58
N VAL DB 101 -11.24 60.85 -71.19
CA VAL DB 101 -12.41 60.33 -71.86
C VAL DB 101 -12.33 60.68 -73.33
N LEU DB 102 -13.32 60.28 -74.10
CA LEU DB 102 -13.44 60.62 -75.50
C LEU DB 102 -14.61 61.58 -75.70
N ILE DB 103 -14.50 62.44 -76.70
CA ILE DB 103 -15.58 63.33 -77.07
C ILE DB 103 -15.69 63.35 -78.59
N ASP DB 104 -16.87 63.72 -79.08
CA ASP DB 104 -17.05 63.87 -80.51
C ASP DB 104 -16.38 65.14 -80.99
N SER DB 105 -15.55 65.01 -82.04
CA SER DB 105 -14.84 66.16 -82.59
C SER DB 105 -15.73 67.06 -83.42
N THR DB 106 -16.97 66.67 -83.68
CA THR DB 106 -17.78 67.36 -84.67
C THR DB 106 -18.10 68.81 -84.33
N PRO DB 107 -18.56 69.17 -83.12
CA PRO DB 107 -18.76 70.60 -82.83
C PRO DB 107 -17.49 71.43 -82.91
N TYR DB 108 -16.34 70.85 -82.57
CA TYR DB 108 -15.07 71.52 -82.82
C TYR DB 108 -14.86 71.72 -84.32
N ARG DB 109 -15.14 70.69 -85.11
CA ARG DB 109 -14.82 70.74 -86.53
C ARG DB 109 -15.67 71.77 -87.25
N GLN DB 110 -16.94 71.88 -86.88
CA GLN DB 110 -17.77 72.90 -87.53
C GLN DB 110 -17.27 74.31 -87.25
N TRP DB 111 -16.84 74.60 -86.02
CA TRP DB 111 -16.25 75.91 -85.75
C TRP DB 111 -14.95 76.10 -86.52
N TYR DB 112 -14.13 75.06 -86.60
CA TYR DB 112 -12.88 75.18 -87.34
C TYR DB 112 -13.14 75.49 -88.82
N GLU DB 113 -14.13 74.82 -89.40
CA GLU DB 113 -14.47 75.07 -90.79
C GLU DB 113 -15.06 76.46 -90.99
N SER DB 114 -15.91 76.91 -90.07
CA SER DB 114 -16.54 78.21 -90.21
C SER DB 114 -15.64 79.37 -89.80
N HIS DB 115 -14.49 79.08 -89.20
CA HIS DB 115 -13.57 80.12 -88.74
C HIS DB 115 -12.29 80.17 -89.56
N TYR DB 116 -11.58 79.06 -89.69
CA TYR DB 116 -10.36 79.03 -90.49
C TYR DB 116 -10.58 78.57 -91.92
N ALA DB 117 -11.80 78.17 -92.28
CA ALA DB 117 -12.18 77.83 -93.65
C ALA DB 117 -11.23 76.79 -94.26
N LEU DB 118 -11.17 75.64 -93.63
CA LEU DB 118 -10.28 74.59 -94.10
C LEU DB 118 -10.89 73.22 -93.85
N PRO DB 119 -11.12 72.42 -94.89
CA PRO DB 119 -11.65 71.07 -94.70
C PRO DB 119 -10.69 70.21 -93.90
N LEU DB 120 -11.17 69.72 -92.76
CA LEU DB 120 -10.37 68.95 -91.83
C LEU DB 120 -11.01 67.58 -91.64
N GLY DB 121 -10.19 66.53 -91.72
CA GLY DB 121 -10.68 65.17 -91.54
C GLY DB 121 -11.59 64.67 -92.62
N ARG DB 122 -11.66 65.34 -93.76
CA ARG DB 122 -12.56 64.93 -94.83
C ARG DB 122 -11.93 63.83 -95.67
N LYS DB 123 -12.79 63.00 -96.25
CA LYS DB 123 -12.36 61.82 -97.00
C LYS DB 123 -12.25 62.08 -98.50
N LYS DB 124 -13.37 62.40 -99.14
CA LYS DB 124 -13.46 62.37 -100.58
C LYS DB 124 -13.94 63.68 -101.20
N GLY DB 125 -14.89 64.35 -100.57
CA GLY DB 125 -15.50 65.54 -101.12
C GLY DB 125 -16.93 65.28 -101.56
N ALA DB 126 -17.66 66.39 -101.69
CA ALA DB 126 -19.09 66.37 -102.02
C ALA DB 126 -19.89 65.50 -101.05
N LYS DB 127 -19.59 65.64 -99.76
CA LYS DB 127 -20.37 64.97 -98.72
C LYS DB 127 -21.66 65.72 -98.43
N LEU DB 128 -21.54 66.95 -97.94
CA LEU DB 128 -22.67 67.82 -97.65
C LEU DB 128 -22.42 69.11 -98.42
N THR DB 129 -22.82 69.11 -99.68
CA THR DB 129 -22.63 70.28 -100.54
C THR DB 129 -23.23 71.58 -100.00
N PRO DB 130 -24.45 71.64 -99.45
CA PRO DB 130 -25.02 72.94 -99.08
C PRO DB 130 -24.31 73.67 -97.94
N GLU DB 131 -23.24 73.13 -97.38
CA GLU DB 131 -22.54 73.94 -96.38
C GLU DB 131 -21.03 74.02 -96.61
N GLU DB 132 -20.41 72.98 -97.14
CA GLU DB 132 -18.94 72.95 -97.16
C GLU DB 132 -18.39 73.99 -98.14
N GLU DB 133 -18.91 74.02 -99.37
CA GLU DB 133 -18.51 75.07 -100.30
C GLU DB 133 -18.99 76.44 -99.85
N GLU DB 134 -20.17 76.49 -99.23
CA GLU DB 134 -20.72 77.72 -98.69
C GLU DB 134 -19.81 78.34 -97.65
N ILE DB 135 -19.01 77.53 -96.95
CA ILE DB 135 -18.12 78.04 -95.92
C ILE DB 135 -16.65 78.07 -96.34
N LEU DB 136 -16.26 77.33 -97.38
CA LEU DB 136 -14.88 77.41 -97.85
C LEU DB 136 -14.69 78.51 -98.88
N ASN DB 137 -15.61 78.67 -99.82
CA ASN DB 137 -15.55 79.77 -100.78
C ASN DB 137 -16.32 80.98 -100.31
N LYS DB 138 -17.62 80.78 -100.00
CA LYS DB 138 -18.53 81.77 -99.42
C LYS DB 138 -18.90 82.87 -100.41
N LYS DB 139 -18.22 82.90 -101.57
CA LYS DB 139 -18.34 83.90 -102.63
C LYS DB 139 -18.53 85.32 -102.07
N ARG DB 140 -17.81 85.63 -101.00
CA ARG DB 140 -18.05 86.88 -100.28
C ARG DB 140 -17.22 88.02 -100.85
N SER DB 141 -17.54 89.22 -100.41
CA SER DB 141 -16.83 90.40 -100.85
C SER DB 141 -15.39 90.39 -100.33
N LYS DB 142 -14.57 91.24 -100.93
CA LYS DB 142 -13.19 91.39 -100.47
C LYS DB 142 -13.13 91.91 -99.03
N LYS DB 143 -14.16 92.62 -98.56
CA LYS DB 143 -14.13 93.22 -97.24
C LYS DB 143 -14.08 92.19 -96.11
N ILE DB 144 -14.44 90.94 -96.38
CA ILE DB 144 -14.22 89.85 -95.43
C ILE DB 144 -13.40 88.72 -96.01
N GLN DB 145 -13.19 88.68 -97.33
CA GLN DB 145 -12.14 87.81 -97.84
C GLN DB 145 -10.78 88.25 -97.33
N LYS DB 146 -10.57 89.56 -97.17
CA LYS DB 146 -9.39 90.10 -96.52
C LYS DB 146 -9.38 89.84 -95.02
N LYS DB 147 -10.50 89.40 -94.46
CA LYS DB 147 -10.55 88.95 -93.07
C LYS DB 147 -10.17 87.49 -92.94
N TYR DB 148 -10.61 86.67 -93.88
CA TYR DB 148 -10.35 85.24 -93.80
C TYR DB 148 -9.00 84.83 -94.38
N ASP DB 149 -8.44 85.62 -95.30
CA ASP DB 149 -7.12 85.30 -95.81
C ASP DB 149 -6.03 85.60 -94.79
N GLU DB 150 -6.32 86.45 -93.81
CA GLU DB 150 -5.41 86.73 -92.71
C GLU DB 150 -5.36 85.60 -91.70
N ARG DB 151 -6.35 84.71 -91.72
CA ARG DB 151 -6.42 83.60 -90.78
C ARG DB 151 -6.24 82.25 -91.45
N LYS DB 152 -6.31 82.20 -92.78
CA LYS DB 152 -5.97 80.97 -93.48
C LYS DB 152 -4.47 80.66 -93.44
N LYS DB 153 -3.64 81.67 -93.19
CA LYS DB 153 -2.19 81.47 -93.25
C LYS DB 153 -1.69 80.65 -92.08
N ASN DB 154 -2.14 80.95 -90.87
CA ASN DB 154 -1.61 80.33 -89.67
C ASN DB 154 -2.35 79.06 -89.25
N ALA DB 155 -3.42 78.70 -89.95
CA ALA DB 155 -4.19 77.52 -89.58
C ALA DB 155 -3.37 76.27 -89.88
N LYS DB 156 -2.82 75.66 -88.84
CA LYS DB 156 -2.07 74.41 -88.98
C LYS DB 156 -2.12 73.67 -87.67
N ILE DB 157 -2.64 72.45 -87.70
CA ILE DB 157 -2.84 71.64 -86.50
C ILE DB 157 -2.05 70.34 -86.67
N SER DB 158 -1.38 69.93 -85.60
CA SER DB 158 -0.33 68.93 -85.70
C SER DB 158 -0.91 67.52 -85.87
N SER DB 159 0.00 66.56 -85.97
CA SER DB 159 -0.31 65.21 -86.44
C SER DB 159 -1.32 64.52 -85.54
N LEU DB 160 -1.10 64.57 -84.22
CA LEU DB 160 -1.96 63.83 -83.30
C LEU DB 160 -3.39 64.33 -83.38
N LEU DB 161 -3.56 65.65 -83.34
CA LEU DB 161 -4.90 66.23 -83.35
C LEU DB 161 -5.59 66.03 -84.69
N GLU DB 162 -4.85 66.13 -85.81
CA GLU DB 162 -5.50 65.92 -87.10
C GLU DB 162 -5.90 64.45 -87.27
N GLU DB 163 -5.09 63.51 -86.78
CA GLU DB 163 -5.47 62.10 -86.85
C GLU DB 163 -6.72 61.83 -86.02
N GLN DB 164 -6.79 62.41 -84.81
CA GLN DB 164 -7.99 62.21 -84.00
C GLN DB 164 -9.21 62.88 -84.63
N PHE DB 165 -9.03 64.03 -85.27
CA PHE DB 165 -10.13 64.65 -86.00
C PHE DB 165 -10.61 63.77 -87.15
N GLN DB 166 -9.68 63.12 -87.86
CA GLN DB 166 -10.05 62.20 -88.92
C GLN DB 166 -10.86 61.03 -88.37
N GLN DB 167 -10.41 60.45 -87.26
CA GLN DB 167 -11.14 59.33 -86.68
C GLN DB 167 -12.43 59.76 -85.97
N GLY DB 168 -12.64 61.06 -85.77
CA GLY DB 168 -13.89 61.53 -85.21
C GLY DB 168 -14.01 61.41 -83.72
N LYS DB 169 -12.96 60.93 -83.04
CA LYS DB 169 -12.94 60.80 -81.58
C LYS DB 169 -11.75 61.58 -81.05
N LEU DB 170 -12.01 62.52 -80.15
CA LEU DB 170 -10.98 63.36 -79.58
C LEU DB 170 -10.74 62.96 -78.14
N LEU DB 171 -9.47 62.77 -77.78
CA LEU DB 171 -9.11 62.56 -76.39
C LEU DB 171 -9.31 63.83 -75.59
N ALA DB 172 -9.76 63.68 -74.35
CA ALA DB 172 -9.99 64.83 -73.50
C ALA DB 172 -9.72 64.43 -72.06
N CYS DB 173 -9.45 65.43 -71.24
CA CYS DB 173 -9.23 65.24 -69.82
C CYS DB 173 -10.21 66.10 -69.03
N ILE DB 174 -10.87 65.50 -68.05
CA ILE DB 174 -11.79 66.24 -67.20
C ILE DB 174 -11.02 67.22 -66.33
N ALA DB 175 -11.63 68.38 -66.08
CA ALA DB 175 -11.10 69.35 -65.13
C ALA DB 175 -12.04 69.62 -63.98
N SER DB 176 -13.35 69.59 -64.22
CA SER DB 176 -14.33 69.81 -63.17
C SER DB 176 -14.43 68.58 -62.28
N ARG DB 177 -15.26 68.69 -61.25
CA ARG DB 177 -15.46 67.59 -60.30
C ARG DB 177 -16.90 67.09 -60.42
N PRO DB 178 -17.16 66.02 -61.17
CA PRO DB 178 -18.50 65.43 -61.15
C PRO DB 178 -18.83 64.91 -59.77
N GLY DB 179 -20.09 65.10 -59.38
CA GLY DB 179 -20.51 64.84 -58.02
C GLY DB 179 -20.32 66.00 -57.08
N GLN DB 180 -19.54 67.00 -57.48
CA GLN DB 180 -19.39 68.24 -56.72
C GLN DB 180 -20.01 69.42 -57.46
N CYS DB 181 -19.61 69.65 -58.71
CA CYS DB 181 -20.21 70.69 -59.52
C CYS DB 181 -21.39 70.17 -60.34
N GLY DB 182 -21.53 68.85 -60.47
CA GLY DB 182 -22.60 68.30 -61.27
C GLY DB 182 -22.42 68.46 -62.76
N ARG DB 183 -21.19 68.68 -63.22
CA ARG DB 183 -20.88 68.82 -64.63
C ARG DB 183 -19.71 67.92 -64.96
N ALA DB 184 -19.26 67.98 -66.21
CA ALA DB 184 -18.13 67.21 -66.68
C ALA DB 184 -17.25 68.06 -67.58
N ASP DB 185 -16.98 69.29 -67.17
CA ASP DB 185 -16.18 70.20 -67.96
C ASP DB 185 -14.74 69.72 -68.02
N GLY DB 186 -14.03 70.15 -69.06
CA GLY DB 186 -12.68 69.71 -69.24
C GLY DB 186 -12.02 70.33 -70.45
N TYR DB 187 -10.86 69.79 -70.80
CA TYR DB 187 -10.07 70.31 -71.91
C TYR DB 187 -9.65 69.13 -72.78
N VAL DB 188 -8.97 69.44 -73.87
CA VAL DB 188 -8.52 68.41 -74.80
C VAL DB 188 -7.01 68.23 -74.65
N LEU DB 189 -6.54 67.08 -75.10
CA LEU DB 189 -5.12 66.75 -75.04
C LEU DB 189 -4.42 67.21 -76.30
N GLU DB 190 -3.20 67.71 -76.14
CA GLU DB 190 -2.36 68.07 -77.27
C GLU DB 190 -0.93 68.26 -76.78
N GLY DB 191 0.02 67.87 -77.63
CA GLY DB 191 1.42 68.04 -77.32
C GLY DB 191 2.05 66.85 -76.62
N LYS DB 192 3.04 67.14 -75.77
CA LYS DB 192 3.71 66.08 -75.01
C LYS DB 192 2.73 65.36 -74.11
N GLU DB 193 1.76 66.08 -73.55
CA GLU DB 193 0.74 65.43 -72.71
C GLU DB 193 -0.04 64.39 -73.48
N LEU DB 194 -0.53 64.76 -74.68
CA LEU DB 194 -1.31 63.84 -75.50
C LEU DB 194 -0.46 62.66 -75.94
N GLU DB 195 0.79 62.91 -76.34
CA GLU DB 195 1.65 61.80 -76.73
C GLU DB 195 1.92 60.85 -75.57
N PHE DB 196 2.17 61.39 -74.38
CA PHE DB 196 2.45 60.55 -73.22
C PHE DB 196 1.23 59.70 -72.84
N TYR DB 197 0.06 60.34 -72.79
CA TYR DB 197 -1.15 59.59 -72.47
C TYR DB 197 -1.47 58.54 -73.53
N LEU DB 198 -1.26 58.87 -74.80
CA LEU DB 198 -1.54 57.91 -75.86
C LEU DB 198 -0.55 56.75 -75.83
N ARG DB 199 0.72 57.03 -75.50
CA ARG DB 199 1.68 55.95 -75.33
C ARG DB 199 1.27 55.03 -74.19
N LYS DB 200 0.82 55.61 -73.08
CA LYS DB 200 0.32 54.81 -71.96
C LYS DB 200 -0.84 53.93 -72.40
N ILE DB 201 -1.80 54.51 -73.12
CA ILE DB 201 -2.98 53.77 -73.53
C ILE DB 201 -2.61 52.64 -74.48
N LYS DB 202 -1.76 52.92 -75.46
CA LYS DB 202 -1.36 51.89 -76.41
C LYS DB 202 -0.59 50.76 -75.74
N ALA DB 203 0.32 51.11 -74.83
CA ALA DB 203 1.10 50.09 -74.13
C ALA DB 203 0.20 49.20 -73.28
N ARG DB 204 -0.79 49.80 -72.61
CA ARG DB 204 -1.69 48.99 -71.79
C ARG DB 204 -2.62 48.15 -72.66
N LYS DB 205 -3.16 48.72 -73.73
CA LYS DB 205 -4.09 48.05 -74.63
C LYS DB 205 -3.55 48.17 -76.05
N GLY DB 206 -2.62 47.30 -76.40
CA GLY DB 206 -2.13 47.21 -77.76
C GLY DB 206 -0.67 46.79 -77.83
N PRO EB 1 -25.27 80.48 -11.66
CA PRO EB 1 -26.38 80.32 -10.73
C PRO EB 1 -26.73 81.58 -9.95
N VAL EB 2 -26.40 81.61 -8.66
CA VAL EB 2 -26.89 82.67 -7.80
C VAL EB 2 -26.01 83.91 -7.89
N ALA EB 3 -26.54 85.05 -7.44
CA ALA EB 3 -25.82 86.31 -7.37
C ALA EB 3 -25.05 86.47 -6.08
N ARG EB 4 -24.73 85.37 -5.41
CA ARG EB 4 -24.07 85.39 -4.12
C ARG EB 4 -22.63 85.90 -4.27
N SER EB 5 -21.94 86.02 -3.14
CA SER EB 5 -20.58 86.54 -3.10
C SER EB 5 -19.58 85.51 -2.62
N TRP EB 6 -19.83 84.89 -1.47
CA TRP EB 6 -18.98 83.88 -0.83
C TRP EB 6 -17.61 84.42 -0.45
N VAL EB 7 -17.38 85.72 -0.55
CA VAL EB 7 -16.09 86.31 -0.22
C VAL EB 7 -16.09 86.61 1.27
N CYS EB 8 -15.21 85.93 2.01
CA CYS EB 8 -15.03 86.21 3.42
C CYS EB 8 -13.63 85.76 3.82
N ARG EB 9 -12.96 86.58 4.62
CA ARG EB 9 -11.64 86.26 5.11
C ARG EB 9 -11.65 86.23 6.63
N LYS EB 10 -10.80 85.38 7.19
CA LYS EB 10 -10.71 85.28 8.63
C LYS EB 10 -10.14 86.58 9.21
N THR EB 11 -10.69 87.00 10.34
CA THR EB 11 -10.28 88.25 10.98
C THR EB 11 -9.25 88.04 12.07
N TYR EB 12 -8.86 86.80 12.35
CA TYR EB 12 -7.90 86.54 13.41
C TYR EB 12 -7.20 85.21 13.11
N VAL EB 13 -6.14 84.95 13.88
CA VAL EB 13 -5.36 83.73 13.74
C VAL EB 13 -5.18 83.08 15.10
N THR EB 14 -4.95 81.78 15.09
CA THR EB 14 -4.68 81.06 16.33
C THR EB 14 -3.18 81.06 16.62
N PRO EB 15 -2.77 81.44 17.83
CA PRO EB 15 -1.34 81.40 18.16
C PRO EB 15 -0.77 79.99 18.06
N ARG EB 16 0.48 79.91 17.61
CA ARG EB 16 1.12 78.63 17.37
C ARG EB 16 1.26 77.83 18.66
N ARG EB 17 1.68 78.49 19.74
CA ARG EB 17 2.00 77.80 20.97
C ARG EB 17 0.89 78.01 21.99
N PRO EB 18 0.17 76.97 22.39
CA PRO EB 18 -0.88 77.13 23.39
C PRO EB 18 -0.37 76.94 24.81
N PHE EB 19 -1.05 77.62 25.74
CA PHE EB 19 -0.90 77.40 27.18
C PHE EB 19 0.50 77.78 27.67
N GLU EB 20 1.05 78.86 27.12
CA GLU EB 20 2.27 79.45 27.65
C GLU EB 20 1.90 80.50 28.68
N LYS EB 21 2.54 80.45 29.85
CA LYS EB 21 2.18 81.37 30.92
C LYS EB 21 2.47 82.82 30.56
N SER EB 22 3.59 83.07 29.90
CA SER EB 22 3.96 84.43 29.53
C SER EB 22 2.95 85.03 28.55
N ARG EB 23 2.66 84.31 27.47
CA ARG EB 23 1.66 84.77 26.50
C ARG EB 23 0.30 84.92 27.15
N LEU EB 24 -0.06 83.97 28.02
CA LEU EB 24 -1.35 84.02 28.70
C LEU EB 24 -1.49 85.28 29.54
N ASP EB 25 -0.50 85.57 30.38
CA ASP EB 25 -0.63 86.74 31.23
C ASP EB 25 -0.49 88.04 30.45
N GLN EB 26 0.25 88.03 29.34
CA GLN EB 26 0.30 89.23 28.50
C GLN EB 26 -1.08 89.52 27.91
N GLU EB 27 -1.72 88.49 27.36
CA GLU EB 27 -3.04 88.70 26.76
C GLU EB 27 -4.08 89.06 27.81
N LEU EB 28 -3.99 88.46 29.01
CA LEU EB 28 -4.94 88.83 30.05
C LEU EB 28 -4.69 90.24 30.56
N LYS EB 29 -3.43 90.68 30.61
CA LYS EB 29 -3.14 92.07 30.92
C LYS EB 29 -3.82 92.99 29.93
N LEU EB 30 -3.70 92.68 28.64
CA LEU EB 30 -4.35 93.51 27.62
C LEU EB 30 -5.86 93.51 27.78
N ILE EB 31 -6.46 92.33 28.01
CA ILE EB 31 -7.90 92.23 28.15
C ILE EB 31 -8.40 93.03 29.34
N GLY EB 32 -7.72 92.91 30.48
CA GLY EB 32 -8.14 93.65 31.64
C GLY EB 32 -7.98 95.15 31.48
N GLU EB 33 -6.85 95.58 30.90
CA GLU EB 33 -6.61 97.01 30.76
C GLU EB 33 -7.61 97.64 29.80
N TYR EB 34 -7.92 96.98 28.69
CA TYR EB 34 -8.75 97.59 27.67
C TYR EB 34 -10.18 97.04 27.63
N GLY EB 35 -10.58 96.29 28.65
CA GLY EB 35 -11.96 95.83 28.75
C GLY EB 35 -12.39 94.89 27.65
N LEU EB 36 -11.52 93.96 27.27
CA LEU EB 36 -11.87 93.02 26.22
C LEU EB 36 -12.79 91.92 26.75
N ARG EB 37 -13.70 91.48 25.90
CA ARG EB 37 -14.61 90.40 26.27
C ARG EB 37 -13.89 89.05 26.28
N ASN EB 38 -13.10 88.77 25.24
CA ASN EB 38 -12.43 87.48 25.12
C ASN EB 38 -11.22 87.63 24.21
N LYS EB 39 -10.45 86.55 24.09
CA LYS EB 39 -9.17 86.56 23.38
C LYS EB 39 -9.31 86.74 21.89
N ARG EB 40 -10.52 86.59 21.33
CA ARG EB 40 -10.67 86.70 19.89
C ARG EB 40 -10.31 88.08 19.39
N GLU EB 41 -10.65 89.12 20.13
CA GLU EB 41 -10.35 90.46 19.65
C GLU EB 41 -8.91 90.89 19.90
N VAL EB 42 -8.27 90.42 20.96
CA VAL EB 42 -6.84 90.68 21.05
C VAL EB 42 -6.11 89.97 19.92
N TRP EB 43 -6.58 88.77 19.54
CA TRP EB 43 -6.00 88.11 18.37
C TRP EB 43 -6.27 88.87 17.09
N ARG EB 44 -7.47 89.43 16.91
CA ARG EB 44 -7.76 90.12 15.66
C ARG EB 44 -6.97 91.43 15.55
N VAL EB 45 -6.77 92.12 16.67
CA VAL EB 45 -6.00 93.36 16.58
C VAL EB 45 -4.51 93.05 16.41
N LYS EB 46 -4.00 92.00 17.04
CA LYS EB 46 -2.66 91.53 16.72
C LYS EB 46 -2.56 91.10 15.26
N PHE EB 47 -3.64 90.56 14.71
CA PHE EB 47 -3.64 90.09 13.33
C PHE EB 47 -3.55 91.25 12.35
N THR EB 48 -4.33 92.30 12.57
CA THR EB 48 -4.21 93.46 11.68
C THR EB 48 -2.88 94.17 11.89
N LEU EB 49 -2.36 94.18 13.12
CA LEU EB 49 -1.01 94.68 13.34
C LEU EB 49 0.01 93.90 12.51
N ALA EB 50 -0.08 92.57 12.54
CA ALA EB 50 0.87 91.75 11.80
C ALA EB 50 0.69 91.88 10.30
N LYS EB 51 -0.54 92.09 9.83
CA LYS EB 51 -0.77 92.28 8.41
C LYS EB 51 -0.12 93.57 7.92
N ILE EB 52 -0.35 94.68 8.63
CA ILE EB 52 0.27 95.92 8.22
C ILE EB 52 1.78 95.87 8.42
N ARG EB 53 2.26 95.11 9.41
CA ARG EB 53 3.70 94.93 9.55
C ARG EB 53 4.30 94.14 8.40
N LYS EB 54 3.57 93.13 7.91
CA LYS EB 54 4.03 92.36 6.76
C LYS EB 54 4.08 93.23 5.50
N ALA EB 55 3.07 94.07 5.32
CA ALA EB 55 3.09 95.02 4.21
C ALA EB 55 4.27 95.98 4.33
N ALA EB 56 4.54 96.46 5.55
CA ALA EB 56 5.71 97.30 5.77
C ALA EB 56 6.99 96.55 5.46
N ARG EB 57 7.06 95.28 5.82
CA ARG EB 57 8.25 94.48 5.58
C ARG EB 57 8.53 94.35 4.09
N GLU EB 58 7.49 94.03 3.30
CA GLU EB 58 7.72 93.88 1.87
C GLU EB 58 8.03 95.22 1.22
N LEU EB 59 7.42 96.31 1.69
CA LEU EB 59 7.80 97.62 1.15
C LEU EB 59 9.26 97.97 1.48
N LEU EB 60 9.72 97.63 2.68
CA LEU EB 60 11.10 97.91 3.04
C LEU EB 60 12.07 97.07 2.23
N THR EB 61 11.75 95.79 2.02
CA THR EB 61 12.59 94.98 1.14
C THR EB 61 12.51 95.44 -0.32
N LEU EB 62 11.44 96.16 -0.68
CA LEU EB 62 11.35 96.72 -2.02
C LEU EB 62 12.33 97.88 -2.19
N ASP EB 63 12.66 98.15 -3.46
CA ASP EB 63 13.58 99.21 -3.80
C ASP EB 63 13.03 100.58 -3.41
N GLU EB 64 13.93 101.46 -2.99
CA GLU EB 64 13.58 102.85 -2.74
C GLU EB 64 13.23 103.53 -4.06
N LYS EB 65 12.47 104.64 -3.96
CA LYS EB 65 12.05 105.53 -5.03
C LYS EB 65 11.26 104.82 -6.13
N ASP EB 66 10.89 103.57 -5.91
CA ASP EB 66 9.95 102.91 -6.82
C ASP EB 66 8.60 103.59 -6.68
N PRO EB 67 7.92 103.92 -7.78
CA PRO EB 67 6.59 104.52 -7.66
C PRO EB 67 5.63 103.67 -6.87
N ARG EB 68 5.71 102.35 -7.01
CA ARG EB 68 4.89 101.45 -6.20
C ARG EB 68 5.16 101.67 -4.71
N ARG EB 69 6.44 101.68 -4.33
CA ARG EB 69 6.77 101.85 -2.92
C ARG EB 69 6.33 103.21 -2.39
N LEU EB 70 6.56 104.28 -3.17
CA LEU EB 70 6.18 105.60 -2.71
C LEU EB 70 4.67 105.71 -2.52
N PHE EB 71 3.90 105.29 -3.53
CA PHE EB 71 2.45 105.38 -3.42
C PHE EB 71 1.92 104.50 -2.28
N GLU EB 72 2.41 103.26 -2.18
CA GLU EB 72 1.91 102.37 -1.15
C GLU EB 72 2.29 102.82 0.25
N GLY EB 73 3.51 103.31 0.43
CA GLY EB 73 3.91 103.81 1.73
C GLY EB 73 3.10 105.02 2.14
N ASN EB 74 2.88 105.96 1.21
CA ASN EB 74 2.04 107.10 1.56
C ASN EB 74 0.61 106.68 1.86
N ALA EB 75 0.09 105.71 1.10
CA ALA EB 75 -1.28 105.24 1.35
C ALA EB 75 -1.40 104.60 2.72
N LEU EB 76 -0.40 103.80 3.12
CA LEU EB 76 -0.45 103.17 4.43
C LEU EB 76 -0.31 104.22 5.54
N LEU EB 77 0.65 105.13 5.40
CA LEU EB 77 0.90 106.12 6.43
C LEU EB 77 -0.29 107.07 6.60
N ARG EB 78 -0.97 107.36 5.49
CA ARG EB 78 -2.15 108.24 5.57
C ARG EB 78 -3.23 107.62 6.43
N ARG EB 79 -3.50 106.33 6.23
CA ARG EB 79 -4.50 105.67 7.07
C ARG EB 79 -4.03 105.58 8.52
N LEU EB 80 -2.73 105.35 8.73
CA LEU EB 80 -2.23 105.26 10.10
C LEU EB 80 -2.41 106.58 10.85
N VAL EB 81 -2.04 107.69 10.23
CA VAL EB 81 -2.25 108.98 10.89
C VAL EB 81 -3.72 109.37 10.92
N ARG EB 82 -4.52 108.84 9.99
CA ARG EB 82 -5.97 109.09 10.01
C ARG EB 82 -6.60 108.44 11.23
N ILE EB 83 -6.18 107.23 11.58
CA ILE EB 83 -6.73 106.53 12.73
C ILE EB 83 -5.91 106.87 13.96
N GLY EB 84 -4.90 107.74 13.79
CA GLY EB 84 -4.22 108.34 14.92
C GLY EB 84 -3.26 107.44 15.66
N VAL EB 85 -2.89 106.30 15.09
CA VAL EB 85 -1.95 105.41 15.76
C VAL EB 85 -0.50 105.84 15.54
N LEU EB 86 -0.23 106.67 14.54
CA LEU EB 86 1.13 107.07 14.22
C LEU EB 86 1.24 108.59 14.28
N ASP EB 87 2.32 109.06 14.90
CA ASP EB 87 2.51 110.48 15.12
C ASP EB 87 2.64 111.23 13.80
N GLU EB 88 2.08 112.45 13.76
CA GLU EB 88 2.11 113.24 12.54
C GLU EB 88 3.53 113.58 12.13
N GLY EB 89 4.45 113.68 13.09
CA GLY EB 89 5.82 113.99 12.76
C GLY EB 89 6.64 112.80 12.32
N LYS EB 90 6.27 111.60 12.76
CA LYS EB 90 7.04 110.40 12.45
C LYS EB 90 6.65 109.82 11.09
N MET EB 91 6.68 110.66 10.05
CA MET EB 91 6.27 110.23 8.71
C MET EB 91 7.44 109.57 7.99
N LYS EB 92 7.78 108.38 8.46
CA LYS EB 92 8.80 107.55 7.84
C LYS EB 92 8.34 106.10 7.84
N LEU EB 93 8.93 105.30 6.95
CA LEU EB 93 8.45 103.94 6.75
C LEU EB 93 8.96 102.97 7.81
N ASP EB 94 9.87 103.41 8.68
CA ASP EB 94 10.47 102.50 9.64
C ASP EB 94 9.68 102.39 10.94
N TYR EB 95 9.01 103.47 11.35
CA TYR EB 95 8.35 103.51 12.65
C TYR EB 95 7.12 102.60 12.70
N ILE EB 96 6.59 102.21 11.54
CA ILE EB 96 5.50 101.24 11.50
C ILE EB 96 5.94 99.95 12.15
N LEU EB 97 7.19 99.55 11.93
CA LEU EB 97 7.74 98.38 12.62
C LEU EB 97 7.81 98.62 14.12
N GLY EB 98 8.15 99.85 14.52
CA GLY EB 98 8.23 100.17 15.93
C GLY EB 98 6.90 100.32 16.63
N LEU EB 99 5.80 100.29 15.89
CA LEU EB 99 4.48 100.33 16.50
C LEU EB 99 4.25 99.17 17.46
N LYS EB 100 3.41 99.40 18.46
CA LYS EB 100 3.01 98.41 19.45
C LYS EB 100 1.51 98.11 19.27
N ILE EB 101 0.94 97.30 20.17
CA ILE EB 101 -0.47 96.94 20.10
C ILE EB 101 -1.34 97.72 21.09
N GLU EB 102 -0.76 98.21 22.19
CA GLU EB 102 -1.54 98.98 23.15
C GLU EB 102 -2.06 100.27 22.52
N ASP EB 103 -1.26 100.92 21.68
CA ASP EB 103 -1.73 102.14 21.03
C ASP EB 103 -2.80 101.86 19.99
N PHE EB 104 -2.81 100.66 19.39
CA PHE EB 104 -3.96 100.26 18.59
C PHE EB 104 -5.21 100.14 19.45
N LEU EB 105 -5.09 99.47 20.59
CA LEU EB 105 -6.24 99.30 21.47
C LEU EB 105 -6.70 100.62 22.09
N GLU EB 106 -5.84 101.64 22.10
CA GLU EB 106 -6.23 102.95 22.61
C GLU EB 106 -7.19 103.68 21.68
N ARG EB 107 -7.18 103.36 20.39
CA ARG EB 107 -8.03 104.04 19.43
C ARG EB 107 -9.43 103.45 19.33
N ARG EB 108 -9.73 102.43 20.12
CA ARG EB 108 -11.05 101.83 20.12
C ARG EB 108 -12.06 102.80 20.72
N LEU EB 109 -13.34 102.52 20.46
CA LEU EB 109 -14.39 103.38 20.99
C LEU EB 109 -14.51 103.23 22.50
N GLN EB 110 -14.28 102.04 23.02
CA GLN EB 110 -14.37 101.81 24.46
C GLN EB 110 -13.26 102.55 25.20
N THR EB 111 -12.14 102.81 24.54
CA THR EB 111 -11.00 103.45 25.18
C THR EB 111 -10.90 104.94 24.89
N GLN EB 112 -11.36 105.39 23.72
CA GLN EB 112 -11.36 106.81 23.42
C GLN EB 112 -12.28 107.60 24.34
N VAL EB 113 -13.31 106.96 24.90
CA VAL EB 113 -14.17 107.62 25.86
C VAL EB 113 -13.42 107.94 27.15
N PHE EB 114 -12.30 107.27 27.41
CA PHE EB 114 -11.50 107.61 28.58
C PHE EB 114 -10.59 108.79 28.33
N LYS EB 115 -10.03 108.90 27.11
CA LYS EB 115 -9.30 110.10 26.75
C LYS EB 115 -10.23 111.30 26.71
N LEU EB 116 -11.50 111.08 26.36
CA LEU EB 116 -12.50 112.13 26.47
C LEU EB 116 -12.85 112.43 27.92
N GLY EB 117 -12.99 111.39 28.74
CA GLY EB 117 -13.40 111.54 30.12
C GLY EB 117 -14.91 111.57 30.31
N LEU EB 118 -15.60 110.54 29.83
CA LEU EB 118 -17.04 110.44 29.99
C LEU EB 118 -17.51 109.13 30.61
N ALA EB 119 -16.62 108.16 30.83
CA ALA EB 119 -16.99 106.87 31.38
C ALA EB 119 -16.21 106.60 32.66
N LYS EB 120 -16.86 105.88 33.59
CA LYS EB 120 -16.24 105.64 34.89
C LYS EB 120 -15.22 104.51 34.80
N SER EB 121 -15.67 103.30 34.49
CA SER EB 121 -14.80 102.15 34.37
C SER EB 121 -14.84 101.63 32.94
N ILE EB 122 -13.87 100.76 32.61
CA ILE EB 122 -13.73 100.30 31.24
C ILE EB 122 -14.91 99.44 30.83
N HIS EB 123 -15.41 98.60 31.75
CA HIS EB 123 -16.61 97.83 31.47
C HIS EB 123 -17.86 98.70 31.48
N HIS EB 124 -17.87 99.78 32.26
CA HIS EB 124 -18.91 100.78 32.13
C HIS EB 124 -18.93 101.36 30.73
N ALA EB 125 -17.77 101.66 30.16
CA ALA EB 125 -17.70 102.14 28.78
C ALA EB 125 -18.20 101.09 27.80
N ARG EB 126 -17.81 99.83 28.01
CA ARG EB 126 -18.23 98.77 27.12
C ARG EB 126 -19.76 98.65 27.08
N VAL EB 127 -20.40 98.69 28.25
CA VAL EB 127 -21.85 98.60 28.26
C VAL EB 127 -22.49 99.90 27.75
N LEU EB 128 -21.84 101.05 27.97
CA LEU EB 128 -22.38 102.33 27.52
C LEU EB 128 -22.48 102.37 26.00
N ILE EB 129 -21.46 101.88 25.30
CA ILE EB 129 -21.54 101.86 23.85
C ILE EB 129 -22.60 100.87 23.39
N ARG EB 130 -22.75 99.74 24.09
CA ARG EB 130 -23.68 98.71 23.64
C ARG EB 130 -25.12 99.20 23.73
N GLN EB 131 -25.44 100.01 24.75
CA GLN EB 131 -26.78 100.60 24.79
C GLN EB 131 -26.88 101.91 24.01
N ARG EB 132 -26.07 102.08 22.96
CA ARG EB 132 -26.16 103.18 21.98
C ARG EB 132 -26.25 104.55 22.63
N HIS EB 133 -25.63 104.71 23.79
CA HIS EB 133 -25.61 105.99 24.49
C HIS EB 133 -24.57 106.94 23.94
N ILE EB 134 -23.73 106.49 23.02
CA ILE EB 134 -22.66 107.30 22.45
C ILE EB 134 -22.93 107.48 20.96
N ARG EB 135 -22.86 108.71 20.49
CA ARG EB 135 -22.99 109.02 19.08
C ARG EB 135 -21.67 109.60 18.58
N VAL EB 136 -21.33 109.26 17.35
CA VAL EB 136 -20.19 109.83 16.65
C VAL EB 136 -20.75 110.78 15.60
N ARG EB 137 -20.44 112.07 15.73
CA ARG EB 137 -21.05 113.13 14.93
C ARG EB 137 -22.57 113.02 14.97
N LYS EB 138 -23.14 112.56 13.87
CA LYS EB 138 -24.59 112.38 13.78
C LYS EB 138 -25.02 110.92 13.90
N GLN EB 139 -24.15 109.99 13.51
CA GLN EB 139 -24.48 108.57 13.53
C GLN EB 139 -24.19 107.99 14.90
N VAL EB 140 -25.22 107.44 15.54
CA VAL EB 140 -25.02 106.76 16.82
C VAL EB 140 -24.33 105.42 16.58
N VAL EB 141 -23.32 105.14 17.38
CA VAL EB 141 -22.49 103.94 17.23
C VAL EB 141 -22.73 103.05 18.43
N ASN EB 142 -23.07 101.79 18.18
CA ASN EB 142 -23.29 100.81 19.23
C ASN EB 142 -22.20 99.75 19.28
N ILE EB 143 -21.15 99.90 18.49
CA ILE EB 143 -20.08 98.90 18.39
C ILE EB 143 -18.95 99.32 19.32
N PRO EB 144 -18.60 98.52 20.34
CA PRO EB 144 -17.49 98.90 21.22
C PRO EB 144 -16.16 98.98 20.50
N SER EB 145 -15.94 98.18 19.46
CA SER EB 145 -14.67 98.14 18.75
C SER EB 145 -14.63 99.14 17.60
N PHE EB 146 -15.36 100.24 17.70
CA PHE EB 146 -15.37 101.26 16.66
C PHE EB 146 -14.04 102.02 16.68
N ILE EB 147 -13.16 101.71 15.73
CA ILE EB 147 -11.87 102.38 15.63
C ILE EB 147 -12.13 103.82 15.18
N VAL EB 148 -11.95 104.77 16.10
CA VAL EB 148 -12.22 106.16 15.80
C VAL EB 148 -11.06 106.76 15.00
N ARG EB 149 -11.29 107.92 14.40
CA ARG EB 149 -10.27 108.65 13.65
C ARG EB 149 -10.04 110.01 14.30
N LEU EB 150 -9.05 110.72 13.78
CA LEU EB 150 -8.75 112.06 14.29
C LEU EB 150 -9.85 113.05 13.95
N ASP EB 151 -10.43 112.95 12.76
CA ASP EB 151 -11.53 113.83 12.38
C ASP EB 151 -12.73 113.60 13.28
N SER EB 152 -13.08 112.34 13.53
CA SER EB 152 -14.21 112.01 14.39
C SER EB 152 -13.89 112.16 15.86
N GLN EB 153 -12.61 112.39 16.22
CA GLN EB 153 -12.22 112.50 17.61
C GLN EB 153 -12.89 113.70 18.28
N LYS EB 154 -12.99 114.82 17.58
CA LYS EB 154 -13.52 116.05 18.15
C LYS EB 154 -15.04 116.13 18.10
N HIS EB 155 -15.72 115.04 17.74
CA HIS EB 155 -17.17 115.06 17.56
C HIS EB 155 -17.81 113.85 18.24
N ILE EB 156 -17.43 113.59 19.49
CA ILE EB 156 -17.97 112.49 20.26
C ILE EB 156 -18.74 113.05 21.45
N ASP EB 157 -20.00 112.66 21.57
CA ASP EB 157 -20.82 113.07 22.70
C ASP EB 157 -21.98 112.10 22.85
N PHE EB 158 -22.78 112.32 23.89
CA PHE EB 158 -23.89 111.44 24.21
C PHE EB 158 -24.97 111.50 23.14
N SER EB 159 -25.64 110.37 22.94
CA SER EB 159 -26.78 110.33 22.03
C SER EB 159 -27.95 111.11 22.62
N LEU EB 160 -28.77 111.68 21.73
CA LEU EB 160 -29.85 112.55 22.16
C LEU EB 160 -30.93 111.78 22.92
N ARG EB 161 -31.41 110.68 22.35
CA ARG EB 161 -32.54 109.97 22.96
C ARG EB 161 -32.17 109.28 24.26
N SER EB 162 -30.88 109.17 24.58
CA SER EB 162 -30.47 108.63 25.87
C SER EB 162 -30.76 109.64 26.98
N PRO EB 163 -31.01 109.15 28.20
CA PRO EB 163 -31.16 110.07 29.34
C PRO EB 163 -29.81 110.47 29.93
N TYR EB 164 -28.85 110.76 29.07
CA TYR EB 164 -27.52 111.23 29.44
C TYR EB 164 -27.13 112.51 28.71
N GLY EB 165 -27.54 112.66 27.45
CA GLY EB 165 -27.25 113.85 26.68
C GLY EB 165 -28.48 114.49 26.11
N GLY EB 166 -29.64 113.99 26.50
CA GLY EB 166 -30.90 114.54 26.05
C GLY EB 166 -32.05 113.99 26.87
N GLY EB 167 -33.25 114.25 26.38
CA GLY EB 167 -34.46 113.85 27.09
C GLY EB 167 -34.77 112.37 27.02
N ARG EB 168 -36.06 112.03 27.03
CA ARG EB 168 -36.56 110.66 27.01
C ARG EB 168 -35.92 109.83 28.12
N PRO EB 169 -36.33 110.02 29.38
CA PRO EB 169 -35.89 109.09 30.43
C PRO EB 169 -36.40 107.69 30.15
N GLY EB 170 -35.61 106.71 30.55
CA GLY EB 170 -35.85 105.34 30.15
C GLY EB 170 -37.00 104.68 30.90
N ARG EB 171 -37.24 103.42 30.51
CA ARG EB 171 -38.28 102.61 31.15
C ARG EB 171 -37.99 102.41 32.63
N VAL EB 172 -36.72 102.32 33.01
CA VAL EB 172 -36.37 102.18 34.42
C VAL EB 172 -36.79 103.42 35.19
N LYS EB 173 -36.50 104.60 34.64
CA LYS EB 173 -36.88 105.84 35.32
C LYS EB 173 -38.39 106.00 35.40
N ARG EB 174 -39.10 105.69 34.30
CA ARG EB 174 -40.56 105.83 34.32
C ARG EB 174 -41.19 104.85 35.31
N LYS EB 175 -40.76 103.60 35.31
CA LYS EB 175 -41.30 102.63 36.25
C LYS EB 175 -40.92 102.97 37.68
N ASN EB 176 -39.76 103.58 37.89
CA ASN EB 176 -39.38 103.98 39.24
C ASN EB 176 -40.20 105.17 39.72
N ALA EB 177 -40.55 106.09 38.81
CA ALA EB 177 -41.47 107.16 39.18
C ALA EB 177 -42.83 106.59 39.56
N LYS EB 178 -43.32 105.61 38.79
CA LYS EB 178 -44.57 104.95 39.14
C LYS EB 178 -44.48 104.23 40.47
N LYS EB 179 -43.36 103.55 40.73
CA LYS EB 179 -43.17 102.86 42.00
C LYS EB 179 -43.13 103.83 43.17
N GLY EB 180 -42.45 104.96 43.00
CA GLY EB 180 -42.40 105.96 44.05
C GLY EB 180 -43.76 106.55 44.36
N GLN EB 181 -44.54 106.84 43.32
CA GLN EB 181 -45.86 107.42 43.56
C GLN EB 181 -46.85 106.38 44.07
N GLY EB 182 -46.65 105.10 43.75
CA GLY EB 182 -47.54 104.06 44.21
C GLY EB 182 -47.17 103.42 45.52
N GLY EB 183 -45.96 103.65 46.03
CA GLY EB 183 -45.58 103.08 47.30
C GLY EB 183 -46.38 103.60 48.46
N ALA EB 184 -46.63 104.91 48.48
CA ALA EB 184 -47.43 105.50 49.54
C ALA EB 184 -48.87 105.01 49.46
N GLY EB 185 -49.47 104.79 50.62
CA GLY EB 185 -50.82 104.26 50.68
C GLY EB 185 -51.87 105.32 50.99
N ALA FB 1 16.98 61.90 -64.04
CA ALA FB 1 16.34 61.10 -65.08
C ALA FB 1 15.17 61.85 -65.70
N ASP FB 2 14.10 61.12 -65.99
CA ASP FB 2 12.88 61.72 -66.54
C ASP FB 2 12.01 62.27 -65.41
N ILE FB 3 10.95 62.96 -65.81
CA ILE FB 3 10.01 63.54 -64.86
C ILE FB 3 8.68 62.79 -64.82
N GLN FB 4 8.22 62.26 -65.95
CA GLN FB 4 6.95 61.55 -65.99
C GLN FB 4 7.18 60.11 -65.54
N THR FB 5 7.16 59.93 -64.22
CA THR FB 5 7.28 58.61 -63.61
C THR FB 5 6.00 58.18 -62.90
N GLU FB 6 4.92 58.93 -63.08
CA GLU FB 6 3.64 58.60 -62.46
C GLU FB 6 2.65 58.21 -63.55
N ARG FB 7 1.59 57.52 -63.14
CA ARG FB 7 0.53 57.17 -64.07
C ARG FB 7 -0.16 58.42 -64.61
N ALA FB 8 -0.30 59.45 -63.77
CA ALA FB 8 -0.85 60.73 -64.19
C ALA FB 8 0.28 61.68 -64.59
N TYR FB 9 -0.09 62.72 -65.33
CA TYR FB 9 0.89 63.61 -65.92
C TYR FB 9 1.34 64.68 -64.93
N GLN FB 10 2.64 64.96 -64.94
CA GLN FB 10 3.24 65.97 -64.08
C GLN FB 10 3.31 67.30 -64.83
N LYS FB 11 2.73 68.34 -64.25
CA LYS FB 11 2.65 69.63 -64.93
C LYS FB 11 2.34 70.72 -63.92
N GLN FB 12 2.49 71.96 -64.37
CA GLN FB 12 2.10 73.10 -63.56
C GLN FB 12 0.75 73.63 -64.03
N PRO FB 13 -0.28 73.62 -63.18
CA PRO FB 13 -1.62 74.01 -63.66
C PRO FB 13 -1.72 75.41 -64.21
N THR FB 14 -0.99 76.38 -63.65
CA THR FB 14 -1.01 77.75 -64.13
C THR FB 14 -0.04 77.97 -65.29
N ILE FB 15 0.38 76.91 -65.96
CA ILE FB 15 1.28 76.98 -67.10
C ILE FB 15 0.62 76.26 -68.26
N PHE FB 16 0.58 76.91 -69.42
CA PHE FB 16 0.04 76.31 -70.64
C PHE FB 16 1.21 75.92 -71.52
N GLN FB 17 1.52 74.61 -71.54
CA GLN FB 17 2.68 74.13 -72.27
C GLN FB 17 2.52 74.32 -73.77
N ASN FB 18 1.39 73.87 -74.33
CA ASN FB 18 1.11 74.09 -75.73
C ASN FB 18 0.89 75.58 -75.99
N LYS FB 19 1.30 76.03 -77.17
CA LYS FB 19 1.20 77.44 -77.50
C LYS FB 19 0.67 77.70 -78.91
N LYS FB 20 0.14 76.68 -79.58
CA LYS FB 20 -0.36 76.79 -80.96
C LYS FB 20 0.73 77.33 -81.88
N ARG FB 21 1.77 76.50 -82.03
CA ARG FB 21 2.90 76.86 -82.88
C ARG FB 21 2.44 76.78 -84.33
N VAL FB 22 2.42 77.93 -85.00
CA VAL FB 22 1.72 78.08 -86.28
C VAL FB 22 2.67 78.65 -87.33
N LEU FB 23 2.12 79.00 -88.49
CA LEU FB 23 2.95 79.52 -89.59
C LEU FB 23 3.74 80.75 -89.16
N LEU FB 24 3.21 81.55 -88.23
CA LEU FB 24 3.94 82.71 -87.73
C LEU FB 24 4.81 82.38 -86.51
N GLY FB 25 4.49 81.31 -85.79
CA GLY FB 25 5.28 80.91 -84.63
C GLY FB 25 6.18 79.73 -84.92
N GLU FB 26 7.49 79.98 -84.94
CA GLU FB 26 8.46 78.94 -85.27
C GLU FB 26 8.32 77.75 -84.32
N THR FB 27 8.45 76.55 -84.86
CA THR FB 27 8.56 75.34 -84.05
C THR FB 27 10.01 75.04 -83.72
N GLY FB 28 10.70 76.06 -83.20
CA GLY FB 28 12.12 75.96 -82.92
C GLY FB 28 12.41 75.33 -81.57
N LYS FB 29 11.38 74.73 -80.98
CA LYS FB 29 11.47 74.08 -79.67
C LYS FB 29 12.01 75.04 -78.62
N GLU FB 30 11.24 76.10 -78.38
CA GLU FB 30 11.57 77.01 -77.30
C GLU FB 30 11.35 76.34 -75.95
N LYS FB 31 11.96 76.90 -74.92
CA LYS FB 31 11.89 76.31 -73.59
C LYS FB 31 10.46 76.33 -73.07
N LEU FB 32 10.07 75.25 -72.40
CA LEU FB 32 8.78 75.17 -71.76
C LEU FB 32 8.68 76.27 -70.70
N PRO FB 33 7.59 77.04 -70.68
CA PRO FB 33 7.46 78.12 -69.68
C PRO FB 33 7.36 77.55 -68.27
N ARG FB 34 8.28 77.97 -67.41
CA ARG FB 34 8.39 77.45 -66.06
C ARG FB 34 7.90 78.51 -65.08
N TYR FB 35 7.06 78.09 -64.13
CA TYR FB 35 6.47 79.00 -63.17
C TYR FB 35 7.16 78.87 -61.82
N TYR FB 36 7.46 80.00 -61.19
CA TYR FB 36 7.98 80.03 -59.84
C TYR FB 36 7.43 81.27 -59.15
N LYS FB 37 7.64 81.33 -57.84
CA LYS FB 37 7.19 82.47 -57.07
C LYS FB 37 8.23 82.82 -56.02
N ASN FB 38 8.18 84.06 -55.56
CA ASN FB 38 8.86 84.46 -54.35
C ASN FB 38 7.89 84.32 -53.19
N ILE FB 39 8.41 83.89 -52.03
CA ILE FB 39 7.56 83.55 -50.90
C ILE FB 39 7.59 84.60 -49.81
N GLY FB 40 8.26 85.72 -50.03
CA GLY FB 40 8.32 86.75 -49.02
C GLY FB 40 9.32 86.42 -47.92
N LEU FB 41 9.33 87.30 -46.91
CA LEU FB 41 10.16 87.17 -45.72
C LEU FB 41 11.65 87.17 -46.03
N GLY FB 42 12.04 87.57 -47.24
CA GLY FB 42 13.43 87.76 -47.58
C GLY FB 42 14.14 86.51 -48.10
N PHE FB 43 13.48 85.36 -48.11
CA PHE FB 43 14.12 84.15 -48.61
C PHE FB 43 14.38 84.27 -50.11
N LYS FB 44 15.58 83.86 -50.51
CA LYS FB 44 16.01 83.96 -51.91
C LYS FB 44 15.60 82.69 -52.64
N THR FB 45 14.91 82.85 -53.76
CA THR FB 45 14.50 81.71 -54.56
C THR FB 45 15.72 81.04 -55.16
N PRO FB 46 15.90 79.73 -54.99
CA PRO FB 46 17.12 79.09 -55.48
C PRO FB 46 17.17 79.03 -57.00
N LYS FB 47 18.40 79.15 -57.51
CA LYS FB 47 18.65 79.00 -58.94
C LYS FB 47 18.20 77.64 -59.44
N GLU FB 48 18.25 76.62 -58.57
CA GLU FB 48 17.80 75.29 -58.96
C GLU FB 48 16.29 75.26 -59.17
N ALA FB 49 15.53 75.85 -58.24
CA ALA FB 49 14.07 75.82 -58.36
C ALA FB 49 13.55 76.79 -59.40
N ILE FB 50 14.36 77.78 -59.79
CA ILE FB 50 13.93 78.67 -60.86
C ILE FB 50 13.78 77.92 -62.18
N GLU FB 51 14.80 77.13 -62.53
CA GLU FB 51 14.85 76.48 -63.84
C GLU FB 51 14.99 74.96 -63.74
N GLY FB 52 14.47 74.38 -62.66
CA GLY FB 52 14.55 72.95 -62.50
C GLY FB 52 13.49 72.20 -63.28
N THR FB 53 13.86 70.98 -63.69
CA THR FB 53 12.99 70.12 -64.48
C THR FB 53 11.92 69.42 -63.65
N TYR FB 54 12.02 69.47 -62.32
CA TYR FB 54 11.11 68.73 -61.48
C TYR FB 54 9.71 69.33 -61.50
N ILE FB 55 8.74 68.52 -61.10
CA ILE FB 55 7.37 68.96 -60.90
C ILE FB 55 7.00 68.63 -59.45
N ASP FB 56 6.59 69.64 -58.69
CA ASP FB 56 6.25 69.43 -57.29
C ASP FB 56 5.19 70.45 -56.88
N LYS FB 57 3.97 69.98 -56.68
CA LYS FB 57 2.89 70.86 -56.23
C LYS FB 57 3.02 71.25 -54.77
N LYS FB 58 3.89 70.59 -54.01
CA LYS FB 58 4.07 70.90 -52.60
C LYS FB 58 5.27 71.80 -52.33
N CYS FB 59 6.02 72.16 -53.37
CA CYS FB 59 7.14 73.07 -53.18
C CYS FB 59 6.62 74.47 -52.84
N PRO FB 60 7.27 75.18 -51.92
CA PRO FB 60 6.83 76.55 -51.60
C PRO FB 60 6.89 77.49 -52.79
N PHE FB 61 7.86 77.33 -53.67
CA PHE FB 61 8.01 78.21 -54.83
C PHE FB 61 7.19 77.72 -56.02
N THR FB 62 7.43 76.48 -56.45
CA THR FB 62 6.82 75.93 -57.64
C THR FB 62 5.57 75.10 -57.33
N GLY FB 63 4.87 75.44 -56.24
CA GLY FB 63 3.68 74.73 -55.85
C GLY FB 63 2.74 75.65 -55.12
N ASN FB 64 1.53 75.13 -54.85
CA ASN FB 64 0.46 75.95 -54.30
C ASN FB 64 0.36 75.76 -52.79
N VAL FB 65 1.31 76.36 -52.08
CA VAL FB 65 1.29 76.45 -50.63
C VAL FB 65 1.70 77.86 -50.23
N SER FB 66 1.06 78.38 -49.19
CA SER FB 66 1.39 79.68 -48.64
C SER FB 66 1.98 79.50 -47.25
N ILE FB 67 3.14 80.12 -47.01
CA ILE FB 67 3.84 79.98 -45.75
C ILE FB 67 3.32 81.06 -44.81
N ARG FB 68 2.68 80.63 -43.73
CA ARG FB 68 2.13 81.54 -42.74
C ARG FB 68 2.16 80.87 -41.37
N GLY FB 69 2.20 81.68 -40.33
CA GLY FB 69 2.23 81.15 -38.98
C GLY FB 69 3.59 81.26 -38.30
N ARG FB 70 4.32 80.15 -38.23
CA ARG FB 70 5.59 80.10 -37.53
C ARG FB 70 6.69 79.58 -38.43
N ILE FB 71 7.89 80.11 -38.22
CA ILE FB 71 9.10 79.66 -38.87
C ILE FB 71 10.01 79.07 -37.81
N LEU FB 72 10.36 77.80 -37.97
CA LEU FB 72 11.21 77.10 -37.02
C LEU FB 72 12.49 76.67 -37.72
N SER FB 73 13.40 76.07 -36.94
CA SER FB 73 14.65 75.56 -37.48
C SER FB 73 14.89 74.17 -36.91
N GLY FB 74 15.62 73.35 -37.66
CA GLY FB 74 15.83 71.97 -37.25
C GLY FB 74 17.08 71.38 -37.87
N VAL FB 75 17.35 70.14 -37.48
CA VAL FB 75 18.53 69.40 -37.92
C VAL FB 75 18.06 68.10 -38.56
N VAL FB 76 18.57 67.81 -39.75
CA VAL FB 76 18.14 66.64 -40.50
C VAL FB 76 18.58 65.37 -39.78
N THR FB 77 17.66 64.42 -39.64
CA THR FB 77 17.96 63.14 -39.00
C THR FB 77 17.84 61.96 -39.95
N LYS FB 78 16.69 61.77 -40.59
CA LYS FB 78 16.50 60.66 -41.52
C LYS FB 78 15.97 61.19 -42.84
N MET FB 79 16.43 60.60 -43.94
CA MET FB 79 16.09 61.01 -45.30
C MET FB 79 15.67 59.82 -46.14
N LYS FB 80 14.76 58.99 -45.61
CA LYS FB 80 14.33 57.78 -46.29
C LYS FB 80 12.87 57.83 -46.70
N MET FB 81 12.37 59.01 -47.03
CA MET FB 81 10.98 59.17 -47.43
C MET FB 81 10.91 59.92 -48.77
N GLN FB 82 9.81 59.69 -49.48
CA GLN FB 82 9.63 60.24 -50.82
C GLN FB 82 9.27 61.71 -50.73
N ARG FB 83 10.21 62.56 -51.13
CA ARG FB 83 10.04 64.02 -51.14
C ARG FB 83 9.67 64.56 -49.77
N THR FB 84 10.08 63.86 -48.72
CA THR FB 84 9.81 64.27 -47.35
C THR FB 84 10.95 63.79 -46.48
N ILE FB 85 11.29 64.58 -45.47
CA ILE FB 85 12.30 64.24 -44.49
C ILE FB 85 11.74 64.50 -43.10
N VAL FB 86 12.56 64.22 -42.09
CA VAL FB 86 12.21 64.48 -40.70
C VAL FB 86 13.40 65.16 -40.04
N ILE FB 87 13.11 66.14 -39.18
CA ILE FB 87 14.14 66.89 -38.49
C ILE FB 87 13.86 66.85 -36.99
N ARG FB 88 14.92 67.06 -36.21
CA ARG FB 88 14.85 67.00 -34.76
C ARG FB 88 15.10 68.39 -34.20
N ARG FB 89 14.24 68.82 -33.28
CA ARG FB 89 14.39 70.10 -32.62
C ARG FB 89 14.70 69.86 -31.14
N ASP FB 90 15.77 70.49 -30.67
CA ASP FB 90 16.20 70.36 -29.29
C ASP FB 90 15.99 71.66 -28.54
N TYR FB 91 15.60 71.54 -27.28
CA TYR FB 91 15.35 72.70 -26.45
C TYR FB 91 15.45 72.27 -24.99
N LEU FB 92 15.49 73.26 -24.11
CA LEU FB 92 15.56 73.03 -22.68
C LEU FB 92 14.25 73.46 -22.03
N HIS FB 93 13.67 72.58 -21.22
CA HIS FB 93 12.45 72.89 -20.49
C HIS FB 93 12.82 73.21 -19.05
N TYR FB 94 12.43 74.41 -18.60
CA TYR FB 94 12.82 74.89 -17.29
C TYR FB 94 11.86 74.39 -16.23
N ILE FB 95 12.37 73.56 -15.32
CA ILE FB 95 11.62 73.15 -14.14
C ILE FB 95 11.80 74.24 -13.07
N ARG FB 96 10.69 74.76 -12.56
CA ARG FB 96 10.78 75.78 -11.53
C ARG FB 96 11.39 75.24 -10.24
N LYS FB 97 11.00 74.04 -9.84
CA LYS FB 97 11.36 73.55 -8.51
C LYS FB 97 12.87 73.41 -8.36
N TYR FB 98 13.52 72.78 -9.33
CA TYR FB 98 14.94 72.50 -9.23
C TYR FB 98 15.79 73.54 -9.96
N ASN FB 99 15.17 74.63 -10.43
CA ASN FB 99 15.88 75.75 -11.06
C ASN FB 99 16.74 75.33 -12.23
N ARG FB 100 16.39 74.24 -12.90
CA ARG FB 100 17.26 73.70 -13.93
C ARG FB 100 16.45 73.37 -15.18
N PHE FB 101 17.08 72.71 -16.13
CA PHE FB 101 16.49 72.42 -17.42
C PHE FB 101 16.61 70.93 -17.73
N GLU FB 102 15.91 70.50 -18.76
CA GLU FB 102 15.99 69.14 -19.25
C GLU FB 102 15.92 69.13 -20.76
N LYS FB 103 16.75 68.30 -21.39
CA LYS FB 103 16.77 68.21 -22.84
C LYS FB 103 15.50 67.52 -23.31
N ARG FB 104 14.57 68.29 -23.86
CA ARG FB 104 13.37 67.76 -24.48
C ARG FB 104 13.48 67.95 -25.98
N HIS FB 105 13.19 66.89 -26.74
CA HIS FB 105 13.28 66.96 -28.19
C HIS FB 105 11.94 66.54 -28.78
N LYS FB 106 11.66 67.08 -29.97
CA LYS FB 106 10.48 66.71 -30.74
C LYS FB 106 10.88 66.53 -32.19
N ASN FB 107 10.71 65.33 -32.71
CA ASN FB 107 10.84 65.12 -34.14
C ASN FB 107 9.71 65.84 -34.86
N MET FB 108 9.96 66.19 -36.12
CA MET FB 108 9.00 66.95 -36.91
C MET FB 108 9.29 66.69 -38.37
N SER FB 109 8.42 65.93 -39.03
CA SER FB 109 8.59 65.69 -40.46
C SER FB 109 8.28 66.95 -41.24
N VAL FB 110 9.16 67.29 -42.18
CA VAL FB 110 9.00 68.46 -43.02
C VAL FB 110 9.19 68.03 -44.48
N HIS FB 111 8.60 68.79 -45.38
CA HIS FB 111 8.64 68.47 -46.81
C HIS FB 111 9.87 69.13 -47.41
N LEU FB 112 10.83 68.32 -47.84
CA LEU FB 112 11.99 68.81 -48.56
C LEU FB 112 11.70 68.78 -50.05
N SER FB 113 11.53 69.95 -50.63
CA SER FB 113 11.35 70.04 -52.07
C SER FB 113 12.63 69.62 -52.78
N PRO FB 114 12.53 69.10 -54.00
CA PRO FB 114 13.75 68.65 -54.69
C PRO FB 114 14.60 69.80 -55.22
N CYS FB 115 14.26 71.03 -54.84
CA CYS FB 115 15.09 72.17 -55.19
C CYS FB 115 16.45 72.15 -54.49
N PHE FB 116 16.54 71.49 -53.35
CA PHE FB 116 17.80 71.37 -52.62
C PHE FB 116 18.41 70.02 -52.95
N ARG FB 117 19.61 70.04 -53.54
CA ARG FB 117 20.26 68.83 -54.02
C ARG FB 117 21.47 68.42 -53.22
N ASP FB 118 22.15 69.36 -52.57
CA ASP FB 118 23.35 69.04 -51.80
C ASP FB 118 23.03 68.51 -50.41
N VAL FB 119 21.76 68.53 -50.01
CA VAL FB 119 21.40 68.33 -48.60
C VAL FB 119 21.84 66.95 -48.13
N GLN FB 120 22.51 66.93 -46.99
CA GLN FB 120 22.92 65.70 -46.31
C GLN FB 120 22.29 65.67 -44.92
N ILE FB 121 22.57 64.60 -44.19
CA ILE FB 121 21.94 64.39 -42.90
C ILE FB 121 22.72 65.14 -41.83
N GLY FB 122 22.02 65.99 -41.08
CA GLY FB 122 22.62 66.78 -40.03
C GLY FB 122 22.72 68.26 -40.31
N ASP FB 123 22.35 68.70 -41.51
CA ASP FB 123 22.48 70.10 -41.86
C ASP FB 123 21.39 70.92 -41.17
N ILE FB 124 21.59 72.24 -41.15
CA ILE FB 124 20.68 73.12 -40.42
C ILE FB 124 19.65 73.67 -41.40
N VAL FB 125 18.40 73.30 -41.22
CA VAL FB 125 17.34 73.73 -42.12
C VAL FB 125 16.41 74.68 -41.36
N THR FB 126 15.74 75.53 -42.12
CA THR FB 126 14.63 76.32 -41.60
C THR FB 126 13.36 75.91 -42.33
N VAL FB 127 12.25 75.95 -41.61
CA VAL FB 127 10.97 75.48 -42.15
C VAL FB 127 9.89 76.49 -41.79
N GLY FB 128 8.87 76.52 -42.64
CA GLY FB 128 7.74 77.41 -42.43
C GLY FB 128 6.45 76.63 -42.38
N GLU FB 129 5.52 77.12 -41.56
CA GLU FB 129 4.22 76.47 -41.42
C GLU FB 129 3.35 76.75 -42.63
N CYS FB 130 2.57 75.75 -43.06
CA CYS FB 130 1.69 75.87 -44.21
C CYS FB 130 0.42 75.06 -43.93
N ARG FB 131 -0.41 74.92 -44.96
CA ARG FB 131 -1.56 74.03 -44.88
C ARG FB 131 -1.07 72.60 -44.75
N PRO FB 132 -1.86 71.72 -44.11
CA PRO FB 132 -1.36 70.36 -43.84
C PRO FB 132 -1.07 69.57 -45.11
N LEU FB 133 0.21 69.33 -45.37
CA LEU FB 133 0.59 68.63 -46.58
C LEU FB 133 0.25 67.15 -46.50
N SER FB 134 0.32 66.57 -45.31
CA SER FB 134 0.02 65.17 -45.11
C SER FB 134 -0.57 65.02 -43.72
N LYS FB 135 -0.61 63.79 -43.22
CA LYS FB 135 -1.19 63.55 -41.89
C LYS FB 135 -0.38 64.25 -40.80
N THR FB 136 0.94 64.18 -40.88
CA THR FB 136 1.81 64.72 -39.83
C THR FB 136 2.69 65.86 -40.31
N VAL FB 137 2.67 66.17 -41.61
CA VAL FB 137 3.53 67.20 -42.17
C VAL FB 137 2.74 68.49 -42.25
N ARG FB 138 3.30 69.56 -41.67
CA ARG FB 138 2.71 70.89 -41.74
C ARG FB 138 3.75 71.96 -42.07
N PHE FB 139 4.98 71.56 -42.41
CA PHE FB 139 6.06 72.50 -42.60
C PHE FB 139 6.79 72.23 -43.90
N ASN FB 140 7.26 73.31 -44.52
CA ASN FB 140 8.01 73.24 -45.77
C ASN FB 140 9.40 73.79 -45.55
N VAL FB 141 10.39 73.10 -46.14
CA VAL FB 141 11.78 73.50 -46.02
C VAL FB 141 12.02 74.75 -46.87
N LEU FB 142 12.62 75.78 -46.25
CA LEU FB 142 12.87 77.04 -46.92
C LEU FB 142 14.34 77.24 -47.28
N LYS FB 143 15.25 76.99 -46.34
CA LYS FB 143 16.67 77.20 -46.56
C LYS FB 143 17.45 76.15 -45.79
N VAL FB 144 18.50 75.63 -46.43
CA VAL FB 144 19.36 74.61 -45.82
C VAL FB 144 20.79 75.13 -45.84
N THR FB 145 21.48 74.98 -44.71
CA THR FB 145 22.86 75.40 -44.57
C THR FB 145 23.73 74.22 -44.14
N LYS FB 146 24.92 74.15 -44.73
CA LYS FB 146 25.85 73.06 -44.47
C LYS FB 146 26.33 73.08 -43.02
N ALA FB 147 26.51 71.89 -42.45
CA ALA FB 147 26.94 71.74 -41.08
C ALA FB 147 28.44 71.46 -41.08
N ALA FB 148 29.23 72.54 -41.14
CA ALA FB 148 30.69 72.47 -41.06
C ALA FB 148 31.28 71.53 -42.11
N GLY FB 149 30.73 71.59 -43.32
CA GLY FB 149 31.22 70.76 -44.41
C GLY FB 149 31.82 71.57 -45.53
N THR FB 150 31.12 71.59 -46.68
CA THR FB 150 31.40 72.45 -47.84
C THR FB 150 32.66 71.98 -48.59
N LYS FB 151 33.40 71.04 -48.03
CA LYS FB 151 34.57 70.45 -48.68
C LYS FB 151 34.56 68.97 -48.37
N LYS FB 152 34.53 68.14 -49.41
CA LYS FB 152 34.37 66.70 -49.25
C LYS FB 152 35.68 65.99 -49.58
N GLN FB 153 36.18 65.21 -48.62
CA GLN FB 153 37.42 64.46 -48.79
C GLN FB 153 37.15 63.08 -49.40
N GLY GB 1 45.61 61.77 -13.45
CA GLY GB 1 44.91 60.50 -13.43
C GLY GB 1 44.93 59.79 -14.76
N ARG GB 2 45.56 58.63 -14.81
CA ARG GB 2 45.63 57.86 -16.03
C ARG GB 2 44.25 57.33 -16.42
N MET GB 3 44.01 57.26 -17.73
CA MET GB 3 42.70 56.89 -18.23
C MET GB 3 42.32 55.47 -17.85
N HIS GB 4 43.23 54.53 -18.02
CA HIS GB 4 42.95 53.13 -17.73
C HIS GB 4 43.86 52.54 -16.67
N ALA GB 5 44.60 53.36 -15.95
CA ALA GB 5 45.46 52.94 -14.86
C ALA GB 5 45.22 53.83 -13.65
N PRO GB 6 45.42 53.32 -12.44
CA PRO GB 6 45.24 54.12 -11.22
C PRO GB 6 46.50 54.87 -10.83
N GLY GB 7 47.08 55.60 -11.77
CA GLY GB 7 48.28 56.38 -11.53
C GLY GB 7 48.02 57.86 -11.62
N LYS GB 8 48.83 58.64 -10.91
CA LYS GB 8 48.76 60.10 -10.91
C LYS GB 8 50.11 60.68 -11.27
N GLY GB 9 50.69 60.18 -12.36
CA GLY GB 9 52.05 60.54 -12.72
C GLY GB 9 52.17 62.00 -13.13
N LEU GB 10 53.35 62.56 -12.84
CA LEU GB 10 53.67 63.94 -13.12
C LEU GB 10 54.86 64.08 -14.05
N SER GB 11 55.47 62.98 -14.48
CA SER GB 11 56.62 63.02 -15.37
C SER GB 11 56.21 63.56 -16.72
N GLN GB 12 56.66 64.76 -17.05
CA GLN GB 12 56.38 65.37 -18.35
C GLN GB 12 57.44 66.41 -18.63
N SER GB 13 57.48 66.87 -19.87
CA SER GB 13 58.45 67.86 -20.29
C SER GB 13 58.08 69.24 -19.74
N ALA GB 14 59.05 70.15 -19.81
CA ALA GB 14 58.82 71.54 -19.43
C ALA GB 14 59.57 72.43 -20.42
N LEU GB 15 58.87 72.89 -21.44
CA LEU GB 15 59.49 73.69 -22.49
C LEU GB 15 59.93 75.04 -21.93
N PRO GB 16 61.01 75.60 -22.45
CA PRO GB 16 61.50 76.89 -21.95
C PRO GB 16 60.49 78.00 -22.18
N TYR GB 17 60.45 78.95 -21.24
CA TYR GB 17 59.55 80.08 -21.36
C TYR GB 17 59.91 80.96 -22.54
N ARG GB 18 61.21 81.22 -22.74
CA ARG GB 18 61.66 82.05 -23.85
C ARG GB 18 61.54 81.26 -25.15
N ARG GB 19 60.62 81.66 -26.02
CA ARG GB 19 60.32 80.91 -27.23
C ARG GB 19 61.39 81.05 -28.30
N SER GB 20 62.11 82.16 -28.32
CA SER GB 20 63.04 82.44 -29.40
C SER GB 20 64.15 81.39 -29.45
N VAL GB 21 64.63 81.11 -30.66
CA VAL GB 21 65.63 80.06 -30.88
C VAL GB 21 66.93 80.41 -30.16
N PRO GB 22 67.68 79.43 -29.68
CA PRO GB 22 69.00 79.72 -29.11
C PRO GB 22 69.92 80.32 -30.17
N THR GB 23 70.61 81.38 -29.79
CA THR GB 23 71.38 82.14 -30.76
C THR GB 23 72.64 81.41 -31.22
N TRP GB 24 72.97 80.27 -30.61
CA TRP GB 24 74.09 79.47 -31.09
C TRP GB 24 73.70 78.55 -32.24
N LEU GB 25 72.44 78.56 -32.66
CA LEU GB 25 71.95 77.66 -33.68
C LEU GB 25 71.87 78.40 -35.01
N LYS GB 26 72.60 77.89 -36.02
CA LYS GB 26 72.72 78.56 -37.31
C LYS GB 26 71.93 77.89 -38.42
N LEU GB 27 71.23 76.80 -38.13
CA LEU GB 27 70.40 76.13 -39.13
C LEU GB 27 69.05 76.82 -39.20
N THR GB 28 68.64 77.19 -40.42
CA THR GB 28 67.43 77.97 -40.60
C THR GB 28 66.27 77.03 -40.94
N SER GB 29 65.09 77.62 -41.14
CA SER GB 29 63.84 76.87 -41.26
C SER GB 29 63.90 75.87 -42.41
N ASP GB 30 64.21 76.35 -43.61
CA ASP GB 30 64.26 75.45 -44.75
C ASP GB 30 65.38 74.44 -44.62
N ASP GB 31 66.50 74.80 -43.97
CA ASP GB 31 67.58 73.85 -43.77
C ASP GB 31 67.15 72.68 -42.88
N VAL GB 32 66.41 72.98 -41.81
CA VAL GB 32 65.88 71.89 -40.99
C VAL GB 32 64.80 71.12 -41.76
N LYS GB 33 64.16 71.76 -42.72
CA LYS GB 33 63.08 71.11 -43.46
C LYS GB 33 63.58 69.88 -44.22
N GLU GB 34 64.71 69.97 -44.91
CA GLU GB 34 65.13 68.80 -45.68
C GLU GB 34 65.68 67.71 -44.77
N GLN GB 35 66.21 68.08 -43.62
CA GLN GB 35 66.60 67.07 -42.64
C GLN GB 35 65.39 66.28 -42.16
N ILE GB 36 64.30 67.00 -41.89
CA ILE GB 36 63.04 66.34 -41.53
C ILE GB 36 62.58 65.44 -42.67
N TYR GB 37 62.71 65.93 -43.91
CA TYR GB 37 62.31 65.13 -45.06
C TYR GB 37 63.12 63.86 -45.16
N LYS GB 38 64.43 63.94 -44.95
CA LYS GB 38 65.28 62.76 -45.03
C LYS GB 38 64.93 61.75 -43.95
N LEU GB 39 64.67 62.22 -42.73
CA LEU GB 39 64.29 61.29 -41.67
C LEU GB 39 62.96 60.61 -41.98
N ALA GB 40 61.98 61.39 -42.47
CA ALA GB 40 60.69 60.81 -42.82
C ALA GB 40 60.81 59.81 -43.97
N LYS GB 41 61.75 60.05 -44.89
CA LYS GB 41 62.02 59.08 -45.94
C LYS GB 41 62.76 57.85 -45.43
N LYS GB 42 63.55 57.98 -44.37
CA LYS GB 42 64.02 56.82 -43.63
C LYS GB 42 62.88 56.10 -42.94
N GLY GB 43 61.77 56.77 -42.71
CA GLY GB 43 60.55 56.09 -42.27
C GLY GB 43 60.25 56.28 -40.81
N LEU GB 44 60.44 57.50 -40.32
CA LEU GB 44 60.25 57.84 -38.91
C LEU GB 44 59.00 58.67 -38.74
N THR GB 45 58.23 58.33 -37.72
CA THR GB 45 57.04 59.07 -37.35
C THR GB 45 57.41 60.42 -36.75
N PRO GB 46 56.49 61.37 -36.72
CA PRO GB 46 56.79 62.67 -36.10
C PRO GB 46 57.24 62.59 -34.66
N SER GB 47 56.80 61.56 -33.91
CA SER GB 47 57.31 61.38 -32.56
C SER GB 47 58.80 61.08 -32.57
N GLN GB 48 59.29 60.41 -33.61
CA GLN GB 48 60.69 60.06 -33.71
C GLN GB 48 61.52 61.06 -34.50
N ILE GB 49 60.89 61.96 -35.25
CA ILE GB 49 61.65 63.02 -35.90
C ILE GB 49 62.26 63.95 -34.86
N GLY GB 50 61.44 64.38 -33.90
CA GLY GB 50 61.88 65.39 -32.95
C GLY GB 50 62.97 64.88 -32.01
N VAL GB 51 62.90 63.62 -31.61
CA VAL GB 51 63.90 63.10 -30.68
C VAL GB 51 65.28 63.10 -31.33
N ILE GB 52 65.37 62.63 -32.57
CA ILE GB 52 66.67 62.62 -33.25
C ILE GB 52 67.11 64.04 -33.57
N LEU GB 53 66.17 64.91 -33.95
CA LEU GB 53 66.51 66.29 -34.26
C LEU GB 53 67.08 67.02 -33.05
N ARG GB 54 66.48 66.83 -31.88
CA ARG GB 54 66.97 67.47 -30.68
C ARG GB 54 68.26 66.83 -30.20
N ASP GB 55 68.34 65.50 -30.26
CA ASP GB 55 69.45 64.80 -29.64
C ASP GB 55 70.72 64.84 -30.49
N SER GB 56 70.60 65.12 -31.79
CA SER GB 56 71.74 65.15 -32.68
C SER GB 56 71.95 66.51 -33.34
N HIS GB 57 70.89 67.11 -33.87
CA HIS GB 57 71.00 68.38 -34.58
C HIS GB 57 70.84 69.59 -33.67
N GLY GB 58 70.52 69.39 -32.39
CA GLY GB 58 70.52 70.48 -31.45
C GLY GB 58 69.33 71.42 -31.55
N VAL GB 59 68.33 71.09 -32.35
CA VAL GB 59 67.12 71.91 -32.45
C VAL GB 59 66.13 71.48 -31.37
N ALA GB 60 65.71 72.43 -30.55
CA ALA GB 60 64.76 72.11 -29.50
C ALA GB 60 63.36 71.89 -30.06
N GLN GB 61 62.79 72.94 -30.66
CA GLN GB 61 61.42 72.88 -31.17
C GLN GB 61 61.37 73.35 -32.61
N VAL GB 62 60.90 72.48 -33.49
CA VAL GB 62 60.73 72.85 -34.88
C VAL GB 62 59.70 73.96 -35.03
N ARG GB 63 58.68 73.97 -34.16
CA ARG GB 63 57.75 75.09 -34.17
C ARG GB 63 58.44 76.39 -33.78
N PHE GB 64 59.48 76.31 -32.96
CA PHE GB 64 60.22 77.51 -32.63
C PHE GB 64 61.14 77.93 -33.76
N VAL GB 65 61.63 76.98 -34.55
CA VAL GB 65 62.56 77.30 -35.63
C VAL GB 65 61.82 77.75 -36.89
N THR GB 66 61.02 76.85 -37.45
CA THR GB 66 60.34 77.08 -38.72
C THR GB 66 58.92 77.62 -38.57
N GLY GB 67 58.38 77.65 -37.36
CA GLY GB 67 57.03 78.13 -37.14
C GLY GB 67 55.94 77.09 -37.27
N ASN GB 68 56.27 75.84 -37.58
CA ASN GB 68 55.29 74.80 -37.79
C ASN GB 68 55.79 73.50 -37.17
N LYS GB 69 54.85 72.59 -36.94
CA LYS GB 69 55.17 71.32 -36.31
C LYS GB 69 55.57 70.27 -37.34
N ILE GB 70 56.07 69.14 -36.83
CA ILE GB 70 56.52 68.06 -37.69
C ILE GB 70 55.35 67.51 -38.51
N LEU GB 71 54.21 67.26 -37.87
CA LEU GB 71 53.07 66.73 -38.60
C LEU GB 71 52.53 67.74 -39.61
N ARG GB 72 52.50 69.03 -39.25
CA ARG GB 72 52.07 70.06 -40.18
C ARG GB 72 52.91 70.05 -41.44
N ILE GB 73 54.23 70.10 -41.30
CA ILE GB 73 55.09 70.16 -42.48
C ILE GB 73 55.17 68.83 -43.23
N LEU GB 74 55.07 67.69 -42.54
CA LEU GB 74 55.07 66.42 -43.25
C LEU GB 74 53.79 66.24 -44.04
N LYS GB 75 52.65 66.70 -43.51
CA LYS GB 75 51.42 66.65 -44.28
C LYS GB 75 51.42 67.66 -45.42
N SER GB 76 52.07 68.81 -45.24
CA SER GB 76 52.16 69.76 -46.34
C SER GB 76 53.00 69.18 -47.48
N LYS GB 77 54.09 68.48 -47.16
CA LYS GB 77 54.88 67.84 -48.20
C LYS GB 77 54.18 66.62 -48.80
N GLY GB 78 53.40 65.90 -48.00
CA GLY GB 78 52.62 64.78 -48.50
C GLY GB 78 53.17 63.42 -48.14
N LEU GB 79 54.36 63.33 -47.56
CA LEU GB 79 54.95 62.05 -47.22
C LEU GB 79 54.60 61.60 -45.80
N ALA GB 80 53.75 62.35 -45.10
CA ALA GB 80 53.30 61.95 -43.78
C ALA GB 80 52.43 60.69 -43.89
N PRO GB 81 52.40 59.87 -42.85
CA PRO GB 81 51.54 58.69 -42.88
C PRO GB 81 50.06 59.06 -42.93
N ASP GB 82 49.30 58.23 -43.63
CA ASP GB 82 47.85 58.41 -43.72
C ASP GB 82 47.12 57.85 -42.53
N LEU GB 83 47.83 57.21 -41.61
CA LEU GB 83 47.28 56.80 -40.33
C LEU GB 83 48.05 57.50 -39.22
N PRO GB 84 47.36 58.16 -38.29
CA PRO GB 84 48.09 58.80 -37.18
C PRO GB 84 48.89 57.78 -36.38
N GLU GB 85 50.09 58.21 -35.97
CA GLU GB 85 51.07 57.28 -35.40
C GLU GB 85 50.63 56.75 -34.04
N ASP GB 86 49.95 57.56 -33.23
CA ASP GB 86 49.50 57.08 -31.93
C ASP GB 86 48.45 55.99 -32.07
N LEU GB 87 47.45 56.21 -32.93
CA LEU GB 87 46.48 55.16 -33.23
C LEU GB 87 47.15 53.95 -33.87
N TYR GB 88 48.18 54.19 -34.68
CA TYR GB 88 48.90 53.10 -35.33
C TYR GB 88 49.57 52.21 -34.30
N HIS GB 89 50.30 52.80 -33.36
CA HIS GB 89 50.95 52.01 -32.33
C HIS GB 89 49.95 51.35 -31.39
N LEU GB 90 48.79 51.98 -31.17
CA LEU GB 90 47.73 51.30 -30.44
C LEU GB 90 47.28 50.05 -31.17
N ILE GB 91 47.11 50.14 -32.50
CA ILE GB 91 46.71 48.98 -33.28
C ILE GB 91 47.79 47.92 -33.27
N LYS GB 92 49.05 48.33 -33.34
CA LYS GB 92 50.16 47.39 -33.28
C LYS GB 92 50.19 46.64 -31.95
N LYS GB 93 49.99 47.37 -30.85
CA LYS GB 93 49.94 46.74 -29.55
C LYS GB 93 48.77 45.77 -29.46
N ALA GB 94 47.61 46.17 -29.99
CA ALA GB 94 46.44 45.31 -29.94
C ALA GB 94 46.66 44.02 -30.71
N VAL GB 95 47.24 44.13 -31.91
CA VAL GB 95 47.45 42.92 -32.69
C VAL GB 95 48.51 42.04 -32.06
N ALA GB 96 49.53 42.63 -31.43
CA ALA GB 96 50.52 41.83 -30.71
C ALA GB 96 49.89 41.10 -29.54
N VAL GB 97 48.99 41.78 -28.82
CA VAL GB 97 48.31 41.15 -27.69
C VAL GB 97 47.44 40.00 -28.16
N ARG GB 98 46.74 40.17 -29.28
CA ARG GB 98 45.92 39.07 -29.79
C ARG GB 98 46.77 37.91 -30.28
N LYS GB 99 47.93 38.21 -30.88
CA LYS GB 99 48.86 37.14 -31.25
C LYS GB 99 49.31 36.37 -30.03
N HIS GB 100 49.58 37.07 -28.93
CA HIS GB 100 49.92 36.38 -27.70
C HIS GB 100 48.73 35.58 -27.15
N LEU GB 101 47.51 36.11 -27.31
CA LEU GB 101 46.33 35.43 -26.76
C LEU GB 101 46.07 34.10 -27.45
N GLU GB 102 46.12 34.10 -28.78
CA GLU GB 102 45.86 32.85 -29.51
C GLU GB 102 46.89 31.79 -29.17
N ARG GB 103 48.10 32.18 -28.75
CA ARG GB 103 49.05 31.24 -28.20
C ARG GB 103 48.66 30.82 -26.79
N ASN GB 104 48.26 31.79 -25.96
CA ASN GB 104 48.01 31.58 -24.54
C ASN GB 104 46.60 32.10 -24.22
N ARG GB 105 45.61 31.24 -24.45
CA ARG GB 105 44.22 31.56 -24.11
C ARG GB 105 44.03 31.89 -22.63
N LYS GB 106 44.72 31.17 -21.74
CA LYS GB 106 44.45 31.31 -20.31
C LYS GB 106 44.93 32.62 -19.71
N ASP GB 107 45.55 33.50 -20.50
CA ASP GB 107 46.08 34.77 -20.00
C ASP GB 107 44.96 35.79 -19.89
N LYS GB 108 44.20 35.67 -18.81
CA LYS GB 108 43.07 36.58 -18.57
C LYS GB 108 43.54 38.00 -18.35
N ASP GB 109 44.73 38.18 -17.76
CA ASP GB 109 45.29 39.52 -17.63
C ASP GB 109 45.56 40.13 -18.99
N ALA GB 110 46.09 39.33 -19.92
CA ALA GB 110 46.28 39.80 -21.28
C ALA GB 110 44.95 40.15 -21.92
N LYS GB 111 43.92 39.36 -21.64
CA LYS GB 111 42.58 39.67 -22.16
C LYS GB 111 42.08 41.01 -21.65
N PHE GB 112 42.24 41.27 -20.35
CA PHE GB 112 41.78 42.54 -19.78
C PHE GB 112 42.56 43.72 -20.37
N ARG GB 113 43.88 43.57 -20.49
CA ARG GB 113 44.67 44.64 -21.11
C ARG GB 113 44.23 44.88 -22.54
N LEU GB 114 43.88 43.81 -23.26
CA LEU GB 114 43.37 43.97 -24.61
C LEU GB 114 42.06 44.75 -24.62
N ILE GB 115 41.20 44.50 -23.63
CA ILE GB 115 39.95 45.26 -23.53
C ILE GB 115 40.25 46.73 -23.35
N LEU GB 116 41.20 47.07 -22.48
CA LEU GB 116 41.57 48.47 -22.29
C LEU GB 116 42.11 49.08 -23.57
N ILE GB 117 42.95 48.33 -24.30
CA ILE GB 117 43.51 48.82 -25.54
C ILE GB 117 42.41 49.08 -26.57
N GLU GB 118 41.44 48.16 -26.67
CA GLU GB 118 40.33 48.33 -27.59
C GLU GB 118 39.50 49.55 -27.25
N SER GB 119 39.26 49.78 -25.95
CA SER GB 119 38.50 50.95 -25.54
C SER GB 119 39.24 52.23 -25.90
N ARG GB 120 40.56 52.25 -25.67
CA ARG GB 120 41.35 53.42 -26.06
C ARG GB 120 41.27 53.65 -27.56
N ILE GB 121 41.36 52.56 -28.34
CA ILE GB 121 41.31 52.67 -29.80
C ILE GB 121 39.97 53.24 -30.24
N HIS GB 122 38.87 52.74 -29.65
CA HIS GB 122 37.56 53.24 -30.04
C HIS GB 122 37.39 54.71 -29.69
N ARG GB 123 37.85 55.12 -28.51
CA ARG GB 123 37.74 56.53 -28.14
C ARG GB 123 38.54 57.42 -29.08
N LEU GB 124 39.79 57.04 -29.37
CA LEU GB 124 40.62 57.84 -30.26
C LEU GB 124 40.06 57.86 -31.67
N ALA GB 125 39.53 56.72 -32.14
CA ALA GB 125 38.93 56.66 -33.48
C ALA GB 125 37.71 57.55 -33.57
N ARG GB 126 36.87 57.57 -32.53
CA ARG GB 126 35.72 58.47 -32.54
C ARG GB 126 36.16 59.92 -32.56
N TYR GB 127 37.19 60.26 -31.80
CA TYR GB 127 37.68 61.65 -31.82
C TYR GB 127 38.20 62.03 -33.20
N TYR GB 128 38.99 61.15 -33.81
CA TYR GB 128 39.51 61.43 -35.15
C TYR GB 128 38.40 61.49 -36.19
N LYS GB 129 37.36 60.67 -36.04
CA LYS GB 129 36.22 60.75 -36.93
C LYS GB 129 35.53 62.10 -36.80
N THR GB 130 35.39 62.59 -35.58
CA THR GB 130 34.84 63.93 -35.40
C THR GB 130 35.73 64.99 -36.04
N LYS GB 131 37.04 64.87 -35.86
CA LYS GB 131 37.99 65.84 -36.39
C LYS GB 131 38.29 65.63 -37.87
N ARG GB 132 37.61 64.69 -38.52
CA ARG GB 132 37.69 64.46 -39.96
C ARG GB 132 39.08 64.02 -40.40
N VAL GB 133 39.91 63.57 -39.46
CA VAL GB 133 41.17 62.93 -39.83
C VAL GB 133 40.92 61.59 -40.47
N LEU GB 134 39.95 60.85 -39.96
CA LEU GB 134 39.52 59.55 -40.44
C LEU GB 134 38.19 59.67 -41.18
N PRO GB 135 37.94 58.78 -42.14
CA PRO GB 135 36.67 58.84 -42.87
C PRO GB 135 35.51 58.57 -41.95
N PRO GB 136 34.33 59.09 -42.26
CA PRO GB 136 33.17 58.89 -41.37
C PRO GB 136 32.75 57.43 -41.26
N ASN GB 137 33.15 56.59 -42.22
CA ASN GB 137 32.84 55.17 -42.18
C ASN GB 137 34.01 54.32 -41.71
N TRP GB 138 35.12 54.93 -41.29
CA TRP GB 138 36.27 54.17 -40.82
C TRP GB 138 35.91 53.42 -39.54
N LYS GB 139 36.26 52.14 -39.50
CA LYS GB 139 35.87 51.26 -38.41
C LYS GB 139 37.01 50.30 -38.12
N TYR GB 140 37.22 50.01 -36.84
CA TYR GB 140 38.31 49.14 -36.42
C TYR GB 140 37.84 47.69 -36.48
N GLU GB 141 38.44 46.92 -37.38
CA GLU GB 141 38.11 45.50 -37.52
C GLU GB 141 39.20 44.67 -36.89
N SER GB 142 38.81 43.80 -35.97
CA SER GB 142 39.77 42.93 -35.30
C SER GB 142 40.48 42.02 -36.28
N SER GB 143 39.74 41.49 -37.25
CA SER GB 143 40.31 40.55 -38.20
C SER GB 143 41.29 41.22 -39.15
N THR GB 144 40.98 42.42 -39.61
CA THR GB 144 41.79 43.09 -40.61
C THR GB 144 42.85 44.01 -40.03
N ALA GB 145 42.86 44.23 -38.72
CA ALA GB 145 43.91 45.05 -38.13
C ALA GB 145 45.30 44.47 -38.34
N SER GB 146 45.41 43.14 -38.41
CA SER GB 146 46.69 42.48 -38.59
C SER GB 146 47.34 42.83 -39.93
N ALA GB 147 46.55 43.24 -40.93
CA ALA GB 147 47.09 43.82 -42.14
C ALA GB 147 47.04 45.33 -42.15
N LEU GB 148 46.09 45.93 -41.42
CA LEU GB 148 45.99 47.38 -41.32
C LEU GB 148 47.22 47.99 -40.66
N VAL GB 149 47.96 47.21 -39.88
CA VAL GB 149 49.22 47.70 -39.31
C VAL GB 149 50.19 47.99 -40.45
N ALA GB 150 50.83 49.15 -40.37
CA ALA GB 150 51.81 49.61 -41.37
C ALA GB 150 51.26 49.63 -42.79
N ILE HB 4 86.94 -9.46 20.60
CA ILE HB 4 86.21 -10.69 20.83
C ILE HB 4 85.45 -10.58 22.16
N SER HB 5 84.52 -11.49 22.40
CA SER HB 5 83.70 -11.53 23.61
C SER HB 5 82.93 -10.23 23.79
N LEU HB 6 82.02 -9.97 22.84
CA LEU HB 6 81.06 -8.87 22.90
C LEU HB 6 81.77 -7.51 22.93
N GLY HB 7 82.49 -7.22 21.86
CA GLY HB 7 83.17 -5.95 21.72
C GLY HB 7 84.35 -6.00 20.78
N PRO HB 8 84.89 -4.83 20.44
CA PRO HB 8 86.04 -4.78 19.54
C PRO HB 8 87.35 -5.07 20.27
N GLN HB 9 88.46 -4.93 19.56
CA GLN HB 9 89.80 -5.13 20.14
C GLN HB 9 90.47 -3.80 20.45
N VAL HB 10 89.71 -2.84 20.97
CA VAL HB 10 90.24 -1.52 21.29
C VAL HB 10 90.72 -1.52 22.73
N ALA HB 11 91.86 -0.86 22.98
CA ALA HB 11 92.41 -0.70 24.31
C ALA HB 11 91.87 0.60 24.92
N GLU HB 12 92.43 1.01 26.06
CA GLU HB 12 91.99 2.25 26.68
C GLU HB 12 92.54 3.48 25.94
N GLY HB 13 93.51 3.30 25.05
CA GLY HB 13 94.07 4.41 24.31
C GLY HB 13 93.14 5.03 23.29
N GLU HB 14 92.14 4.27 22.83
CA GLU HB 14 91.11 4.79 21.95
C GLU HB 14 89.74 4.47 22.52
N ASN HB 15 88.75 5.24 22.09
CA ASN HB 15 87.37 5.09 22.56
C ASN HB 15 86.43 5.04 21.36
N VAL HB 16 85.65 3.96 21.29
CA VAL HB 16 84.71 3.81 20.18
C VAL HB 16 83.55 4.76 20.34
N PHE HB 17 83.07 5.30 19.22
CA PHE HB 17 81.97 6.24 19.18
C PHE HB 17 80.73 5.55 18.64
N GLY HB 18 79.64 5.57 19.41
CA GLY HB 18 78.33 5.21 18.93
C GLY HB 18 77.52 6.43 18.54
N VAL HB 19 76.29 6.20 18.08
CA VAL HB 19 75.39 7.29 17.74
C VAL HB 19 74.04 7.02 18.38
N CYS HB 20 73.52 7.98 19.13
CA CYS HB 20 72.26 7.83 19.84
C CYS HB 20 71.23 8.77 19.23
N HIS HB 21 70.11 8.20 18.78
CA HIS HB 21 69.02 8.97 18.19
C HIS HB 21 67.94 9.13 19.26
N ILE HB 22 68.05 10.19 20.04
CA ILE HB 22 67.00 10.47 21.02
C ILE HB 22 65.80 11.05 20.28
N PHE HB 23 64.83 10.19 20.01
CA PHE HB 23 63.56 10.63 19.44
C PHE HB 23 62.69 11.07 20.61
N ALA HB 24 62.77 12.36 20.91
CA ALA HB 24 62.03 12.93 22.03
C ALA HB 24 60.84 13.68 21.47
N SER HB 25 59.72 12.99 21.36
CA SER HB 25 58.45 13.61 21.04
C SER HB 25 57.56 13.57 22.27
N PHE HB 26 56.40 14.19 22.17
CA PHE HB 26 55.40 14.00 23.19
C PHE HB 26 54.76 12.63 23.04
N ASN HB 27 54.18 12.12 24.12
CA ASN HB 27 53.49 10.85 24.27
C ASN HB 27 54.44 9.66 24.29
N ASP HB 28 55.74 9.84 24.02
CA ASP HB 28 56.71 8.76 24.11
C ASP HB 28 58.12 9.32 23.96
N THR HB 29 59.07 8.68 24.64
CA THR HB 29 60.47 9.02 24.56
C THR HB 29 61.25 7.82 24.09
N PHE HB 30 61.99 7.97 22.99
CA PHE HB 30 62.79 6.90 22.41
C PHE HB 30 64.27 7.24 22.58
N VAL HB 31 65.03 6.33 23.16
CA VAL HB 31 66.49 6.39 23.12
C VAL HB 31 66.99 5.12 22.43
N HIS HB 32 67.81 5.31 21.41
CA HIS HB 32 68.10 4.23 20.47
C HIS HB 32 69.52 4.43 19.95
N VAL HB 33 70.42 3.57 20.38
CA VAL HB 33 71.85 3.71 20.11
C VAL HB 33 72.27 2.70 19.05
N THR HB 34 72.97 3.18 18.03
CA THR HB 34 73.43 2.36 16.92
C THR HB 34 74.91 2.59 16.66
N ASP HB 35 75.44 1.89 15.66
CA ASP HB 35 76.79 2.10 15.17
C ASP HB 35 76.84 3.39 14.35
N LEU HB 36 78.05 3.76 13.91
CA LEU HB 36 78.22 5.02 13.20
C LEU HB 36 77.52 5.02 11.85
N SER HB 37 77.25 3.85 11.29
CA SER HB 37 76.53 3.76 10.02
C SER HB 37 75.02 3.87 10.17
N GLY HB 38 74.49 3.60 11.36
CA GLY HB 38 73.06 3.56 11.57
C GLY HB 38 72.39 2.29 11.11
N LYS HB 39 73.11 1.38 10.47
CA LYS HB 39 72.53 0.15 9.94
C LYS HB 39 72.28 -0.87 11.03
N GLU HB 40 73.19 -0.99 11.99
CA GLU HB 40 73.09 -1.98 13.05
C GLU HB 40 72.91 -1.30 14.40
N THR HB 41 71.98 -1.81 15.19
CA THR HB 41 71.57 -1.20 16.44
C THR HB 41 72.06 -2.04 17.61
N ILE HB 42 72.38 -1.37 18.71
CA ILE HB 42 72.90 -2.03 19.90
C ILE HB 42 71.85 -2.08 21.01
N CYS HB 43 71.25 -0.95 21.34
CA CYS HB 43 70.22 -0.94 22.38
C CYS HB 43 69.13 0.05 21.99
N ARG HB 44 67.91 -0.25 22.43
CA ARG HB 44 66.75 0.59 22.12
C ARG HB 44 65.75 0.44 23.26
N VAL HB 45 65.77 1.40 24.18
CA VAL HB 45 64.81 1.44 25.28
C VAL HB 45 63.94 2.66 25.11
N THR HB 46 62.69 2.56 25.54
CA THR HB 46 61.71 3.61 25.41
C THR HB 46 60.92 3.72 26.71
N GLY HB 47 60.18 4.82 26.85
CA GLY HB 47 59.38 5.01 28.04
C GLY HB 47 58.30 3.96 28.22
N GLY HB 48 57.80 3.42 27.11
CA GLY HB 48 56.78 2.39 27.20
C GLY HB 48 57.27 1.13 27.86
N MET HB 49 58.47 0.69 27.51
CA MET HB 49 59.05 -0.50 28.11
C MET HB 49 59.70 -0.22 29.46
N LYS HB 50 59.41 0.92 30.05
CA LYS HB 50 59.94 1.27 31.37
C LYS HB 50 58.86 1.63 32.36
N VAL HB 51 57.82 2.34 31.94
CA VAL HB 51 56.70 2.70 32.81
C VAL HB 51 55.41 2.18 32.18
N LYS HB 52 54.55 1.58 33.00
CA LYS HB 52 53.28 1.02 32.57
C LYS HB 52 52.12 1.87 33.06
N ALA HB 53 52.28 3.18 33.03
CA ALA HB 53 51.23 4.10 33.43
C ALA HB 53 50.46 4.69 32.25
N ASP HB 54 50.98 4.53 31.03
CA ASP HB 54 50.37 4.99 29.78
C ASP HB 54 50.36 6.52 29.68
N ARG HB 55 50.78 7.19 30.74
CA ARG HB 55 50.76 8.64 30.81
C ARG HB 55 52.15 9.24 30.93
N ASP HB 56 53.02 8.61 31.71
CA ASP HB 56 54.40 9.04 31.86
C ASP HB 56 55.30 8.53 30.76
N GLU HB 57 54.73 8.13 29.62
CA GLU HB 57 55.54 7.65 28.51
C GLU HB 57 56.47 8.72 28.00
N SER HB 58 56.09 9.99 28.10
CA SER HB 58 56.95 11.11 27.77
C SER HB 58 57.44 11.84 29.01
N SER HB 59 57.50 11.16 30.15
CA SER HB 59 57.98 11.81 31.35
C SER HB 59 59.51 11.74 31.44
N PRO HB 60 60.14 12.77 31.98
CA PRO HB 60 61.60 12.75 32.13
C PRO HB 60 62.11 11.61 33.00
N TYR HB 61 61.31 11.14 33.97
CA TYR HB 61 61.73 10.03 34.81
C TYR HB 61 61.87 8.75 33.99
N ALA HB 62 60.85 8.42 33.19
CA ALA HB 62 60.97 7.26 32.32
C ALA HB 62 62.09 7.44 31.30
N ALA HB 63 62.26 8.68 30.80
CA ALA HB 63 63.33 8.93 29.84
C ALA HB 63 64.70 8.65 30.45
N MET HB 64 64.94 9.14 31.67
CA MET HB 64 66.25 8.94 32.29
C MET HB 64 66.46 7.48 32.69
N LEU HB 65 65.39 6.76 33.06
CA LEU HB 65 65.54 5.33 33.30
C LEU HB 65 65.94 4.58 32.03
N ALA HB 66 65.30 4.91 30.90
CA ALA HB 66 65.70 4.33 29.63
C ALA HB 66 67.14 4.67 29.28
N ALA HB 67 67.55 5.89 29.61
CA ALA HB 67 68.94 6.29 29.39
C ALA HB 67 69.90 5.45 30.22
N GLN HB 68 69.54 5.19 31.47
CA GLN HB 68 70.36 4.31 32.31
C GLN HB 68 70.49 2.94 31.68
N ASP HB 69 69.38 2.40 31.18
CA ASP HB 69 69.42 1.04 30.63
C ASP HB 69 70.25 0.97 29.36
N VAL HB 70 70.09 1.95 28.46
CA VAL HB 70 70.89 1.94 27.25
C VAL HB 70 72.36 2.15 27.59
N ALA HB 71 72.67 2.97 28.60
CA ALA HB 71 74.06 3.20 28.95
C ALA HB 71 74.72 1.93 29.48
N GLN HB 72 74.03 1.22 30.38
CA GLN HB 72 74.63 0.00 30.91
C GLN HB 72 74.78 -1.06 29.83
N ARG HB 73 73.81 -1.17 28.92
CA ARG HB 73 73.98 -2.14 27.84
C ARG HB 73 75.08 -1.72 26.86
N CYS HB 74 75.27 -0.42 26.64
CA CYS HB 74 76.37 0.04 25.81
C CYS HB 74 77.71 -0.32 26.43
N LYS HB 75 77.87 -0.09 27.74
CA LYS HB 75 79.13 -0.46 28.37
C LYS HB 75 79.31 -1.97 28.41
N GLU HB 76 78.20 -2.72 28.46
CA GLU HB 76 78.29 -4.16 28.32
C GLU HB 76 78.81 -4.54 26.94
N LEU HB 77 78.38 -3.83 25.91
CA LEU HB 77 78.83 -4.10 24.55
C LEU HB 77 80.14 -3.40 24.21
N GLY HB 78 80.71 -2.64 25.13
CA GLY HB 78 81.95 -1.95 24.86
C GLY HB 78 81.80 -0.71 24.00
N ILE HB 79 81.00 0.24 24.47
CA ILE HB 79 80.83 1.54 23.83
C ILE HB 79 81.22 2.60 24.85
N THR HB 80 82.03 3.57 24.42
CA THR HB 80 82.59 4.56 25.32
C THR HB 80 82.09 5.97 25.04
N ALA HB 81 82.31 6.50 23.84
CA ALA HB 81 81.83 7.82 23.50
C ALA HB 81 80.58 7.71 22.64
N LEU HB 82 79.76 8.75 22.65
CA LEU HB 82 78.44 8.66 22.06
C LEU HB 82 78.07 9.99 21.42
N HIS HB 83 78.08 10.03 20.09
CA HIS HB 83 77.49 11.14 19.37
C HIS HB 83 75.97 11.12 19.51
N ILE HB 84 75.35 12.27 19.31
CA ILE HB 84 73.93 12.44 19.59
C ILE HB 84 73.25 13.13 18.41
N LYS HB 85 72.11 12.59 18.00
CA LYS HB 85 71.27 13.22 16.98
C LYS HB 85 69.86 13.29 17.55
N LEU HB 86 69.57 14.39 18.23
CA LEU HB 86 68.24 14.59 18.81
C LEU HB 86 67.23 14.81 17.69
N ARG HB 87 66.01 14.31 17.90
CA ARG HB 87 64.97 14.41 16.89
C ARG HB 87 63.61 14.58 17.56
N ALA HB 88 62.90 15.63 17.16
CA ALA HB 88 61.51 15.82 17.54
C ALA HB 88 60.62 15.13 16.51
N THR HB 89 59.32 15.39 16.55
CA THR HB 89 58.41 14.75 15.61
C THR HB 89 58.67 15.22 14.18
N GLY HB 90 59.02 16.49 14.00
CA GLY HB 90 59.31 17.01 12.69
C GLY HB 90 58.09 17.02 11.78
N GLY HB 91 58.37 17.00 10.48
CA GLY HB 91 57.32 17.05 9.49
C GLY HB 91 56.54 18.34 9.60
N ASN HB 92 55.23 18.25 9.39
CA ASN HB 92 54.33 19.37 9.67
C ASN HB 92 53.96 19.44 11.14
N ARG HB 93 54.36 18.46 11.93
CA ARG HB 93 53.99 18.36 13.34
C ARG HB 93 54.98 19.16 14.18
N THR HB 94 55.00 18.91 15.49
CA THR HB 94 55.83 19.65 16.42
C THR HB 94 57.30 19.60 16.03
N LYS HB 95 57.97 20.74 16.12
CA LYS HB 95 59.39 20.83 15.84
C LYS HB 95 60.25 20.91 17.09
N THR HB 96 59.73 21.44 18.17
CA THR HB 96 60.49 21.46 19.41
C THR HB 96 60.50 20.07 20.04
N PRO HB 97 61.65 19.64 20.59
CA PRO HB 97 61.71 18.32 21.23
C PRO HB 97 60.91 18.27 22.51
N GLY HB 98 60.48 17.05 22.86
CA GLY HB 98 59.67 16.85 24.03
C GLY HB 98 60.47 16.93 25.31
N PRO HB 99 59.77 16.84 26.44
CA PRO HB 99 60.43 17.06 27.74
C PRO HB 99 61.48 16.01 28.10
N GLY HB 100 61.45 14.83 27.51
CA GLY HB 100 62.37 13.78 27.89
C GLY HB 100 63.78 13.90 27.34
N ALA HB 101 64.02 14.83 26.41
CA ALA HB 101 65.33 14.94 25.78
C ALA HB 101 66.41 15.30 26.79
N GLN HB 102 66.19 16.33 27.59
CA GLN HB 102 67.20 16.77 28.54
C GLN HB 102 67.45 15.71 29.60
N SER HB 103 66.40 15.05 30.07
CA SER HB 103 66.58 14.04 31.11
C SER HB 103 67.33 12.83 30.58
N ALA HB 104 66.98 12.35 29.39
CA ALA HB 104 67.73 11.25 28.81
C ALA HB 104 69.18 11.64 28.58
N LEU HB 105 69.42 12.88 28.12
CA LEU HB 105 70.78 13.34 27.85
C LEU HB 105 71.60 13.41 29.13
N ARG HB 106 71.05 14.02 30.18
CA ARG HB 106 71.77 14.16 31.43
C ARG HB 106 72.03 12.80 32.07
N ALA HB 107 71.03 11.91 32.04
CA ALA HB 107 71.23 10.57 32.59
C ALA HB 107 72.32 9.82 31.82
N LEU HB 108 72.32 9.92 30.49
CA LEU HB 108 73.37 9.29 29.70
C LEU HB 108 74.73 9.82 30.11
N ALA HB 109 74.86 11.14 30.23
CA ALA HB 109 76.15 11.72 30.56
C ALA HB 109 76.62 11.34 31.95
N ARG HB 110 75.70 11.32 32.92
CA ARG HB 110 76.07 11.08 34.31
C ARG HB 110 76.12 9.59 34.67
N SER HB 111 75.75 8.70 33.75
CA SER HB 111 75.85 7.27 33.98
C SER HB 111 77.21 6.71 33.57
N GLY HB 112 78.25 7.53 33.59
CA GLY HB 112 79.59 7.06 33.26
C GLY HB 112 79.81 6.90 31.77
N MET HB 113 79.43 7.90 30.99
CA MET HB 113 79.52 7.84 29.54
C MET HB 113 80.15 9.13 29.04
N LYS HB 114 80.50 9.13 27.77
CA LYS HB 114 81.12 10.27 27.11
C LYS HB 114 80.19 10.80 26.02
N ILE HB 115 80.38 12.08 25.68
CA ILE HB 115 79.50 12.79 24.77
C ILE HB 115 80.31 13.36 23.62
N GLY HB 116 79.84 13.14 22.39
CA GLY HB 116 80.52 13.66 21.23
C GLY HB 116 79.81 14.86 20.63
N ARG HB 117 79.58 14.83 19.32
CA ARG HB 117 78.92 15.91 18.61
C ARG HB 117 77.41 15.70 18.66
N ILE HB 118 76.66 16.79 18.84
CA ILE HB 118 75.21 16.75 18.97
C ILE HB 118 74.60 17.53 17.82
N GLU HB 119 73.59 16.94 17.18
CA GLU HB 119 72.99 17.51 15.99
C GLU HB 119 71.49 17.30 16.05
N ASP HB 120 70.76 17.96 15.16
CA ASP HB 120 69.31 17.86 15.10
C ASP HB 120 68.90 17.21 13.79
N VAL HB 121 68.19 16.10 13.89
CA VAL HB 121 67.71 15.40 12.68
C VAL HB 121 66.20 15.52 12.60
N THR HB 122 65.66 16.63 13.12
CA THR HB 122 64.24 16.87 13.01
C THR HB 122 63.85 17.05 11.54
N PRO HB 123 62.84 16.32 11.04
CA PRO HB 123 62.38 16.54 9.67
C PRO HB 123 61.83 17.94 9.49
N ILE HB 124 62.45 18.70 8.60
CA ILE HB 124 62.08 20.08 8.34
C ILE HB 124 61.77 20.23 6.87
N PRO HB 125 60.48 20.29 6.50
CA PRO HB 125 60.12 20.40 5.09
C PRO HB 125 60.47 21.77 4.52
N SER HB 126 60.76 21.79 3.23
CA SER HB 126 60.71 23.06 2.50
C SER HB 126 59.29 23.59 2.50
N ASP HB 127 58.30 22.72 2.35
CA ASP HB 127 56.96 22.96 2.88
C ASP HB 127 56.21 21.64 2.88
N SER HB 128 55.49 21.37 3.96
CA SER HB 128 54.81 20.10 4.12
C SER HB 128 53.50 20.11 3.36
N THR HB 129 52.79 18.99 3.44
CA THR HB 129 51.44 18.89 2.91
C THR HB 129 50.47 19.52 3.89
N ARG HB 130 49.17 19.31 3.69
CA ARG HB 130 48.17 19.87 4.59
C ARG HB 130 48.31 19.24 5.97
N ARG HB 131 48.58 20.07 6.97
CA ARG HB 131 48.71 19.58 8.33
C ARG HB 131 47.37 19.10 8.86
N LYS HB 132 47.42 18.05 9.68
CA LYS HB 132 46.22 17.53 10.31
C LYS HB 132 45.73 18.49 11.39
N GLY HB 133 44.41 18.64 11.48
CA GLY HB 133 43.82 19.48 12.49
C GLY HB 133 42.65 20.31 11.99
N GLY HB 134 42.56 20.46 10.67
CA GLY HB 134 41.54 21.28 10.07
C GLY HB 134 41.89 22.75 10.14
N ARG HB 135 40.97 23.57 9.64
CA ARG HB 135 41.19 25.00 9.62
C ARG HB 135 41.09 25.66 10.99
N ARG HB 136 40.07 25.33 11.78
CA ARG HB 136 39.84 26.00 13.04
C ARG HB 136 40.65 25.44 14.19
N GLY HB 137 41.56 24.52 13.93
CA GLY HB 137 42.46 24.05 14.94
C GLY HB 137 41.85 23.02 15.88
N ARG HB 138 42.57 22.77 16.97
CA ARG HB 138 42.17 21.80 17.98
C ARG HB 138 41.36 22.52 19.05
N ARG HB 139 40.06 22.65 18.81
CA ARG HB 139 39.20 23.32 19.78
C ARG HB 139 39.08 22.48 21.04
N LEU HB 140 39.57 23.02 22.16
CA LEU HB 140 39.51 22.32 23.43
C LEU HB 140 38.45 22.93 24.36
N MET IB 1 26.97 99.91 15.42
CA MET IB 1 27.66 101.15 15.75
C MET IB 1 27.49 102.17 14.64
N GLN IB 2 27.52 103.45 15.03
CA GLN IB 2 27.49 104.58 14.10
C GLN IB 2 26.25 104.53 13.20
N ASN IB 3 25.09 104.71 13.85
CA ASN IB 3 23.86 104.83 13.11
C ASN IB 3 23.88 106.09 12.23
N ASP IB 4 22.87 106.21 11.37
CA ASP IB 4 22.80 107.38 10.50
C ASP IB 4 22.53 108.66 11.29
N ALA IB 5 22.06 108.55 12.53
CA ALA IB 5 21.88 109.74 13.36
C ALA IB 5 23.22 110.38 13.70
N GLY IB 6 24.23 109.58 14.01
CA GLY IB 6 25.55 110.10 14.30
C GLY IB 6 26.12 109.68 15.64
N GLU IB 7 25.56 108.62 16.22
CA GLU IB 7 26.01 108.12 17.51
C GLU IB 7 26.44 106.66 17.39
N PHE IB 8 27.44 106.30 18.18
CA PHE IB 8 27.96 104.93 18.20
C PHE IB 8 27.09 104.11 19.13
N VAL IB 9 26.17 103.33 18.56
CA VAL IB 9 25.25 102.50 19.35
C VAL IB 9 25.90 101.14 19.49
N ASP IB 10 26.86 101.05 20.43
CA ASP IB 10 27.61 99.82 20.64
C ASP IB 10 28.36 99.95 21.96
N LEU IB 11 28.66 98.80 22.57
CA LEU IB 11 29.31 98.81 23.87
C LEU IB 11 30.76 99.28 23.77
N TYR IB 12 31.51 98.73 22.83
CA TYR IB 12 32.91 99.07 22.68
C TYR IB 12 33.39 98.56 21.33
N VAL IB 13 34.61 98.94 20.96
CA VAL IB 13 35.27 98.46 19.75
C VAL IB 13 36.36 97.48 20.18
N PRO IB 14 36.19 96.19 19.93
CA PRO IB 14 37.23 95.22 20.31
C PRO IB 14 38.49 95.41 19.49
N ARG IB 15 39.61 94.98 20.09
CA ARG IB 15 40.88 95.03 19.39
C ARG IB 15 40.94 93.96 18.30
N LYS IB 16 41.55 94.31 17.19
CA LYS IB 16 41.92 93.37 16.16
C LYS IB 16 43.39 93.01 16.31
N CYS IB 17 43.70 91.74 16.09
CA CYS IB 17 45.06 91.27 16.24
C CYS IB 17 45.99 92.03 15.29
N SER IB 18 47.07 92.57 15.83
CA SER IB 18 48.00 93.34 15.01
C SER IB 18 48.83 92.47 14.08
N ALA IB 19 48.58 91.16 14.06
CA ALA IB 19 49.22 90.26 13.14
C ALA IB 19 48.24 89.64 12.15
N SER IB 20 47.18 89.00 12.66
CA SER IB 20 46.24 88.28 11.81
C SER IB 20 45.04 89.14 11.39
N ASN IB 21 44.93 90.36 11.92
CA ASN IB 21 43.79 91.24 11.66
C ASN IB 21 42.47 90.53 11.96
N ARG IB 22 42.45 89.77 13.05
CA ARG IB 22 41.28 89.02 13.47
C ARG IB 22 40.79 89.53 14.81
N ILE IB 23 39.48 89.42 15.03
CA ILE IB 23 38.89 89.98 16.23
C ILE IB 23 39.36 89.20 17.44
N ILE IB 24 39.82 89.92 18.46
CA ILE IB 24 40.15 89.34 19.75
C ILE IB 24 38.86 89.33 20.58
N GLY IB 25 38.32 88.14 20.82
CA GLY IB 25 37.06 88.03 21.54
C GLY IB 25 37.20 88.41 23.00
N ALA IB 26 36.04 88.50 23.66
CA ALA IB 26 36.03 88.81 25.08
C ALA IB 26 36.44 87.61 25.92
N LYS IB 27 36.33 86.40 25.36
CA LYS IB 27 36.67 85.18 26.07
C LYS IB 27 37.93 84.53 25.52
N ASP IB 28 38.75 85.28 24.78
CA ASP IB 28 40.02 84.77 24.27
C ASP IB 28 41.07 84.95 25.36
N HIS IB 29 41.09 83.98 26.28
CA HIS IB 29 41.99 84.04 27.42
C HIS IB 29 43.42 83.66 27.08
N ALA IB 30 43.74 83.50 25.79
CA ALA IB 30 45.10 83.27 25.36
C ALA IB 30 45.72 84.45 24.62
N SER IB 31 44.91 85.33 24.06
CA SER IB 31 45.42 86.49 23.34
C SER IB 31 46.17 87.41 24.28
N ILE IB 32 47.15 88.12 23.73
CA ILE IB 32 48.00 88.98 24.56
C ILE IB 32 48.19 90.33 23.87
N GLN IB 33 48.58 91.32 24.68
CA GLN IB 33 48.97 92.64 24.18
C GLN IB 33 50.18 93.08 25.00
N MET IB 34 51.36 92.84 24.44
CA MET IB 34 52.59 93.20 25.12
C MET IB 34 53.13 94.53 24.60
N ASN IB 35 54.17 95.02 25.24
CA ASN IB 35 54.84 96.25 24.84
C ASN IB 35 56.31 95.97 24.61
N VAL IB 36 56.90 96.63 23.62
CA VAL IB 36 58.33 96.56 23.34
C VAL IB 36 58.89 97.96 23.58
N ALA IB 37 59.86 98.05 24.47
CA ALA IB 37 60.41 99.33 24.89
C ALA IB 37 61.59 99.69 24.01
N GLU IB 38 61.35 100.56 23.03
CA GLU IB 38 62.44 101.14 22.27
C GLU IB 38 63.25 102.06 23.16
N VAL IB 39 64.51 102.24 22.82
CA VAL IB 39 65.41 103.11 23.56
C VAL IB 39 65.82 104.28 22.66
N ASP IB 40 66.39 105.31 23.28
CA ASP IB 40 66.80 106.49 22.53
C ASP IB 40 68.05 106.18 21.69
N LYS IB 41 68.41 107.13 20.84
CA LYS IB 41 69.44 106.90 19.84
C LYS IB 41 70.86 107.02 20.41
N VAL IB 42 71.11 107.99 21.28
CA VAL IB 42 72.48 108.33 21.63
C VAL IB 42 73.05 107.33 22.62
N THR IB 43 72.46 107.23 23.81
CA THR IB 43 73.07 106.51 24.91
C THR IB 43 72.50 105.12 25.16
N GLY IB 44 71.23 104.86 24.81
CA GLY IB 44 70.66 103.55 24.99
C GLY IB 44 69.77 103.38 26.21
N ARG IB 45 69.47 104.46 26.93
CA ARG IB 45 68.54 104.37 28.05
C ARG IB 45 67.11 104.27 27.54
N PHE IB 46 66.25 103.67 28.35
CA PHE IB 46 64.83 103.63 28.06
C PHE IB 46 64.27 105.05 28.06
N ASN IB 47 63.49 105.37 27.03
CA ASN IB 47 63.01 106.73 26.81
C ASN IB 47 61.50 106.82 26.88
N GLY IB 48 60.90 106.06 27.80
CA GLY IB 48 59.49 106.25 28.12
C GLY IB 48 58.51 105.53 27.23
N GLN IB 49 58.50 105.85 25.94
CA GLN IB 49 57.47 105.29 25.08
C GLN IB 49 57.83 103.86 24.65
N PHE IB 50 56.83 103.18 24.10
CA PHE IB 50 56.93 101.79 23.72
C PHE IB 50 55.95 101.53 22.59
N LYS IB 51 56.16 100.42 21.89
CA LYS IB 51 55.26 100.01 20.81
C LYS IB 51 54.54 98.74 21.23
N THR IB 52 53.22 98.77 21.21
CA THR IB 52 52.42 97.66 21.69
C THR IB 52 52.02 96.74 20.55
N TYR IB 53 51.84 95.46 20.87
CA TYR IB 53 51.48 94.45 19.89
C TYR IB 53 50.47 93.50 20.50
N ALA IB 54 49.43 93.19 19.74
CA ALA IB 54 48.37 92.29 20.17
C ALA IB 54 48.35 91.07 19.27
N ILE IB 55 48.29 89.89 19.87
CA ILE IB 55 48.31 88.63 19.14
C ILE IB 55 47.15 87.77 19.60
N CYS IB 56 46.45 87.17 18.64
CA CYS IB 56 45.30 86.32 18.92
C CYS IB 56 45.74 84.94 19.40
N GLY IB 57 44.87 84.31 20.19
CA GLY IB 57 45.21 83.03 20.80
C GLY IB 57 45.42 81.92 19.80
N ALA IB 58 44.67 81.90 18.70
CA ALA IB 58 44.80 80.82 17.73
C ALA IB 58 46.14 80.86 17.02
N ILE IB 59 46.53 82.03 16.51
CA ILE IB 59 47.83 82.16 15.88
C ILE IB 59 48.96 82.12 16.90
N ARG IB 60 48.65 82.33 18.18
CA ARG IB 60 49.63 82.03 19.22
C ARG IB 60 49.84 80.52 19.36
N ARG IB 61 48.74 79.76 19.45
CA ARG IB 61 48.84 78.34 19.76
C ARG IB 61 49.27 77.52 18.56
N MET IB 62 49.16 78.06 17.36
CA MET IB 62 49.76 77.37 16.22
C MET IB 62 51.24 77.71 16.06
N GLY IB 63 51.78 78.59 16.90
CA GLY IB 63 53.19 78.87 16.95
C GLY IB 63 53.65 80.02 16.08
N GLU IB 64 52.73 80.80 15.50
CA GLU IB 64 53.09 81.88 14.61
C GLU IB 64 53.20 83.24 15.30
N SER IB 65 52.92 83.30 16.60
CA SER IB 65 53.12 84.55 17.33
C SER IB 65 54.58 84.99 17.32
N ASP IB 66 55.51 84.04 17.27
CA ASP IB 66 56.93 84.38 17.23
C ASP IB 66 57.25 85.28 16.04
N ASP IB 67 57.07 84.76 14.83
CA ASP IB 67 57.40 85.57 13.67
C ASP IB 67 56.41 86.71 13.47
N SER IB 68 55.20 86.63 14.04
CA SER IB 68 54.32 87.78 14.00
C SER IB 68 54.95 88.97 14.72
N ILE IB 69 55.38 88.77 15.97
CA ILE IB 69 56.02 89.83 16.72
C ILE IB 69 57.32 90.26 16.05
N LEU IB 70 58.09 89.29 15.55
CA LEU IB 70 59.38 89.62 14.95
C LEU IB 70 59.22 90.47 13.69
N ARG IB 71 58.27 90.10 12.81
CA ARG IB 71 58.04 90.88 11.61
C ARG IB 71 57.48 92.25 11.92
N LEU IB 72 56.62 92.34 12.94
CA LEU IB 72 56.14 93.67 13.34
C LEU IB 72 57.28 94.54 13.85
N ALA IB 73 58.24 93.95 14.57
CA ALA IB 73 59.41 94.70 14.97
C ALA IB 73 60.22 95.16 13.77
N LYS IB 74 60.37 94.28 12.77
CA LYS IB 74 61.07 94.68 11.55
C LYS IB 74 60.37 95.84 10.86
N ALA IB 75 59.05 95.78 10.77
CA ALA IB 75 58.29 96.85 10.12
C ALA IB 75 58.42 98.16 10.89
N ASP IB 76 58.37 98.10 12.22
CA ASP IB 76 58.46 99.30 13.03
C ASP IB 76 59.89 99.74 13.29
N GLY IB 77 60.88 99.02 12.77
CA GLY IB 77 62.25 99.48 12.88
C GLY IB 77 62.88 99.26 14.23
N ILE IB 78 62.34 98.33 15.03
CA ILE IB 78 62.97 97.99 16.30
C ILE IB 78 64.27 97.23 16.05
N VAL IB 79 64.25 96.27 15.16
CA VAL IB 79 65.42 95.46 14.85
C VAL IB 79 66.05 95.95 13.56
N SER IB 80 67.30 95.55 13.35
CA SER IB 80 68.06 96.02 12.19
C SER IB 80 67.51 95.40 10.91
N LYS IB 81 67.67 96.15 9.81
CA LYS IB 81 67.18 95.69 8.52
C LYS IB 81 67.93 94.47 8.04
N ASN IB 82 69.22 94.38 8.34
CA ASN IB 82 70.06 93.26 7.91
C ASN IB 82 69.91 92.03 8.78
N PHE IB 83 68.84 91.95 9.58
CA PHE IB 83 68.57 90.79 10.42
C PHE IB 83 68.32 89.54 9.60
N VAL JB 1 38.68 65.93 -14.13
CA VAL JB 1 39.73 66.74 -13.51
C VAL JB 1 39.14 68.02 -12.95
N ARG JB 2 39.98 69.06 -12.84
CA ARG JB 2 39.50 70.38 -12.49
C ARG JB 2 38.49 70.85 -13.53
N MET JB 3 37.35 71.37 -13.06
CA MET JB 3 36.29 71.79 -13.96
C MET JB 3 35.79 73.20 -13.73
N ASN JB 4 36.26 73.90 -12.69
CA ASN JB 4 35.83 75.28 -12.46
C ASN JB 4 36.98 76.03 -11.79
N VAL JB 5 37.74 76.77 -12.61
CA VAL JB 5 38.91 77.48 -12.10
C VAL JB 5 38.49 78.56 -11.11
N LEU JB 6 37.36 79.21 -11.34
CA LEU JB 6 36.86 80.21 -10.39
C LEU JB 6 36.57 79.58 -9.04
N ALA JB 7 35.91 78.42 -9.04
CA ALA JB 7 35.61 77.73 -7.80
C ALA JB 7 36.88 77.33 -7.07
N ASP JB 8 37.85 76.77 -7.80
CA ASP JB 8 39.10 76.37 -7.17
C ASP JB 8 39.83 77.58 -6.59
N ALA JB 9 39.84 78.69 -7.32
CA ALA JB 9 40.53 79.88 -6.85
C ALA JB 9 39.90 80.42 -5.58
N LEU JB 10 38.56 80.53 -5.56
CA LEU JB 10 37.89 81.07 -4.39
C LEU JB 10 38.07 80.14 -3.18
N LYS JB 11 38.00 78.83 -3.40
CA LYS JB 11 38.21 77.90 -2.30
C LYS JB 11 39.62 77.98 -1.76
N SER JB 12 40.61 78.09 -2.66
CA SER JB 12 42.00 78.22 -2.20
C SER JB 12 42.21 79.51 -1.43
N ILE JB 13 41.61 80.60 -1.91
CA ILE JB 13 41.72 81.88 -1.20
C ILE JB 13 41.13 81.75 0.20
N ASN JB 14 39.96 81.12 0.31
CA ASN JB 14 39.35 80.95 1.62
C ASN JB 14 40.19 80.05 2.52
N ASN JB 15 40.79 79.00 1.97
CA ASN JB 15 41.63 78.10 2.76
C ASN JB 15 42.82 78.85 3.34
N ALA JB 16 43.53 79.60 2.50
CA ALA JB 16 44.67 80.35 3.02
C ALA JB 16 44.22 81.45 3.96
N GLU JB 17 43.08 82.08 3.70
CA GLU JB 17 42.54 83.10 4.60
C GLU JB 17 42.28 82.52 5.98
N LYS JB 18 41.65 81.35 6.04
CA LYS JB 18 41.36 80.71 7.31
C LYS JB 18 42.60 80.10 7.94
N ARG JB 19 43.66 79.88 7.17
CA ARG JB 19 44.96 79.59 7.75
C ARG JB 19 45.67 80.84 8.25
N GLY JB 20 45.19 82.02 7.86
CA GLY JB 20 45.81 83.25 8.29
C GLY JB 20 47.06 83.62 7.53
N LYS JB 21 47.33 82.97 6.41
CA LYS JB 21 48.50 83.28 5.60
C LYS JB 21 48.40 84.69 5.04
N ARG JB 22 49.50 85.14 4.44
CA ARG JB 22 49.58 86.50 3.94
C ARG JB 22 49.51 86.57 2.42
N GLN JB 23 50.12 85.61 1.72
CA GLN JB 23 50.08 85.55 0.27
C GLN JB 23 49.46 84.23 -0.17
N VAL JB 24 48.76 84.26 -1.30
CA VAL JB 24 48.10 83.08 -1.85
C VAL JB 24 48.54 82.93 -3.30
N LEU JB 25 48.93 81.71 -3.67
CA LEU JB 25 49.28 81.38 -5.05
C LEU JB 25 48.08 80.71 -5.70
N ILE JB 26 47.34 81.45 -6.51
CA ILE JB 26 46.26 80.91 -7.32
C ILE JB 26 46.88 80.27 -8.55
N ARG JB 27 46.90 78.94 -8.59
CA ARG JB 27 47.56 78.16 -9.62
C ARG JB 27 46.93 78.35 -10.99
N PRO JB 28 45.59 78.31 -11.14
CA PRO JB 28 45.02 78.69 -12.44
C PRO JB 28 44.56 80.14 -12.44
N CYS JB 29 44.76 80.80 -13.57
CA CYS JB 29 44.38 82.20 -13.73
C CYS JB 29 43.46 82.37 -14.91
N SER JB 30 42.45 83.20 -14.75
CA SER JB 30 41.52 83.52 -15.82
C SER JB 30 41.11 84.98 -15.70
N LYS JB 31 40.70 85.55 -16.84
CA LYS JB 31 40.16 86.91 -16.83
C LYS JB 31 38.93 87.02 -15.94
N VAL JB 32 38.11 85.97 -15.91
CA VAL JB 32 36.96 85.94 -15.01
C VAL JB 32 37.42 86.01 -13.56
N ILE JB 33 38.44 85.22 -13.22
CA ILE JB 33 38.96 85.22 -11.85
C ILE JB 33 39.53 86.59 -11.51
N VAL JB 34 40.21 87.22 -12.46
CA VAL JB 34 40.81 88.53 -12.21
C VAL JB 34 39.71 89.57 -11.97
N ARG JB 35 38.62 89.52 -12.74
CA ARG JB 35 37.53 90.47 -12.52
C ARG JB 35 36.86 90.23 -11.17
N PHE JB 36 36.62 88.97 -10.82
CA PHE JB 36 36.06 88.64 -9.51
C PHE JB 36 36.96 89.15 -8.39
N LEU JB 37 38.28 89.07 -8.59
CA LEU JB 37 39.21 89.55 -7.57
C LEU JB 37 39.23 91.06 -7.51
N THR JB 38 39.16 91.72 -8.66
CA THR JB 38 39.32 93.17 -8.66
C THR JB 38 38.08 93.88 -8.14
N VAL JB 39 36.90 93.27 -8.24
CA VAL JB 39 35.76 93.90 -7.56
C VAL JB 39 35.95 93.85 -6.04
N MET JB 40 36.50 92.75 -5.52
CA MET JB 40 36.78 92.67 -4.09
C MET JB 40 37.90 93.63 -3.70
N MET JB 41 38.89 93.80 -4.58
CA MET JB 41 39.99 94.70 -4.28
C MET JB 41 39.53 96.16 -4.28
N LYS JB 42 38.62 96.52 -5.19
CA LYS JB 42 38.00 97.84 -5.11
C LYS JB 42 37.20 97.98 -3.83
N HIS JB 43 36.51 96.93 -3.42
CA HIS JB 43 35.79 96.97 -2.15
C HIS JB 43 36.72 96.94 -0.94
N GLY JB 44 38.01 96.66 -1.13
CA GLY JB 44 38.95 96.62 -0.05
C GLY JB 44 39.07 95.29 0.66
N TYR JB 45 38.28 94.29 0.26
CA TYR JB 45 38.33 93.00 0.94
C TYR JB 45 39.64 92.26 0.71
N ILE JB 46 40.39 92.61 -0.32
CA ILE JB 46 41.71 92.05 -0.57
C ILE JB 46 42.67 93.18 -0.88
N GLY JB 47 43.93 92.84 -1.15
CA GLY JB 47 44.98 93.82 -1.31
C GLY JB 47 45.64 93.72 -2.66
N GLU JB 48 46.96 93.91 -2.65
CA GLU JB 48 47.75 93.87 -3.88
C GLU JB 48 47.75 92.46 -4.45
N PHE JB 49 47.41 92.33 -5.72
CA PHE JB 49 47.48 91.05 -6.39
C PHE JB 49 48.13 91.23 -7.74
N GLU JB 50 48.82 90.20 -8.20
CA GLU JB 50 49.59 90.30 -9.43
C GLU JB 50 49.51 88.98 -10.18
N ILE JB 51 49.88 89.02 -11.45
CA ILE JB 51 49.70 87.91 -12.37
C ILE JB 51 51.06 87.50 -12.92
N ILE JB 52 51.46 86.27 -12.67
CA ILE JB 52 52.65 85.68 -13.28
C ILE JB 52 52.28 85.25 -14.68
N ASP JB 53 52.94 85.84 -15.68
CA ASP JB 53 52.59 85.66 -17.09
C ASP JB 53 53.54 84.65 -17.72
N ASP JB 54 53.29 83.38 -17.46
CA ASP JB 54 53.92 82.36 -18.28
C ASP JB 54 53.19 82.27 -19.62
N HIS JB 55 53.80 81.57 -20.57
CA HIS JB 55 53.17 81.48 -21.88
C HIS JB 55 52.04 80.48 -21.93
N ARG JB 56 51.89 79.65 -20.91
CA ARG JB 56 50.66 78.88 -20.71
C ARG JB 56 49.68 79.76 -19.94
N ALA JB 57 48.63 79.15 -19.39
CA ALA JB 57 47.74 79.88 -18.50
C ALA JB 57 48.52 80.40 -17.30
N GLY JB 58 48.29 81.66 -16.96
CA GLY JB 58 49.09 82.35 -15.96
C GLY JB 58 48.77 81.91 -14.55
N LYS JB 59 49.41 82.57 -13.60
CA LYS JB 59 49.15 82.34 -12.18
C LYS JB 59 48.87 83.68 -11.51
N ILE JB 60 48.33 83.63 -10.30
CA ILE JB 60 48.05 84.84 -9.54
C ILE JB 60 48.68 84.71 -8.17
N VAL JB 61 49.14 85.82 -7.61
CA VAL JB 61 49.53 85.89 -6.20
C VAL JB 61 48.78 87.05 -5.58
N VAL JB 62 48.06 86.78 -4.51
CA VAL JB 62 47.17 87.74 -3.86
C VAL JB 62 47.64 87.96 -2.44
N ASN JB 63 47.72 89.23 -2.02
CA ASN JB 63 48.08 89.58 -0.65
C ASN JB 63 46.79 89.82 0.13
N LEU JB 64 46.51 88.93 1.08
CA LEU JB 64 45.26 89.01 1.83
C LEU JB 64 45.35 90.12 2.87
N THR JB 65 44.33 90.96 2.91
CA THR JB 65 44.23 91.99 3.94
C THR JB 65 43.82 91.43 5.30
N GLY JB 66 43.40 90.17 5.34
CA GLY JB 66 42.99 89.58 6.60
C GLY JB 66 41.65 90.04 7.11
N ARG JB 67 40.87 90.73 6.28
CA ARG JB 67 39.55 91.22 6.68
C ARG JB 67 38.42 90.48 5.98
N LEU JB 68 38.74 89.57 5.06
CA LEU JB 68 37.73 88.83 4.32
C LEU JB 68 37.22 87.67 5.17
N ASN JB 69 35.89 87.54 5.25
CA ASN JB 69 35.29 86.49 6.08
C ASN JB 69 35.06 85.22 5.28
N LYS JB 70 34.25 85.31 4.23
CA LYS JB 70 33.93 84.15 3.40
C LYS JB 70 33.89 84.61 1.95
N CYS JB 71 34.46 83.80 1.06
CA CYS JB 71 34.56 84.14 -0.35
C CYS JB 71 34.19 82.95 -1.22
N GLY JB 72 33.05 82.34 -0.91
CA GLY JB 72 32.62 81.17 -1.62
C GLY JB 72 32.16 81.47 -3.04
N VAL JB 73 31.79 80.39 -3.74
CA VAL JB 73 31.45 80.46 -5.16
C VAL JB 73 30.13 79.72 -5.37
N ILE JB 74 29.42 80.12 -6.42
CA ILE JB 74 28.23 79.41 -6.88
C ILE JB 74 28.56 78.79 -8.22
N SER JB 75 29.05 77.56 -8.21
CA SER JB 75 29.56 76.95 -9.44
C SER JB 75 28.50 76.76 -10.52
N PRO JB 76 27.31 76.20 -10.25
CA PRO JB 76 26.29 76.20 -11.31
C PRO JB 76 25.74 77.59 -11.53
N ARG JB 77 26.16 78.22 -12.62
CA ARG JB 77 25.86 79.63 -12.87
C ARG JB 77 24.39 79.78 -13.22
N PHE JB 78 23.60 80.20 -12.24
CA PHE JB 78 22.17 80.35 -12.41
C PHE JB 78 21.83 81.71 -12.99
N ASP JB 79 20.75 81.77 -13.75
CA ASP JB 79 20.26 83.04 -14.25
C ASP JB 79 19.59 83.80 -13.11
N VAL JB 80 19.96 85.07 -12.94
CA VAL JB 80 19.47 85.90 -11.86
C VAL JB 80 18.86 87.15 -12.47
N GLN JB 81 17.61 87.43 -12.09
CA GLN JB 81 16.88 88.61 -12.53
C GLN JB 81 16.63 89.53 -11.33
N LEU JB 82 16.25 90.77 -11.63
CA LEU JB 82 16.04 91.72 -10.56
C LEU JB 82 14.82 91.40 -9.70
N LYS JB 83 13.86 90.65 -10.25
CA LYS JB 83 12.68 90.33 -9.46
C LYS JB 83 12.95 89.29 -8.39
N ASP JB 84 14.02 88.48 -8.54
CA ASP JB 84 14.32 87.42 -7.59
C ASP JB 84 15.71 87.57 -6.97
N LEU JB 85 16.24 88.78 -6.96
CA LEU JB 85 17.57 88.98 -6.37
C LEU JB 85 17.53 88.95 -4.85
N GLU JB 86 16.44 89.40 -4.25
CA GLU JB 86 16.38 89.45 -2.79
C GLU JB 86 16.36 88.07 -2.15
N LYS JB 87 15.88 87.06 -2.88
CA LYS JB 87 15.93 85.70 -2.34
C LYS JB 87 17.37 85.24 -2.17
N TRP JB 88 18.20 85.45 -3.21
CA TRP JB 88 19.62 85.18 -3.08
C TRP JB 88 20.28 86.07 -2.05
N GLN JB 89 19.80 87.31 -1.90
CA GLN JB 89 20.34 88.21 -0.89
C GLN JB 89 20.13 87.65 0.51
N ASN JB 90 18.91 87.27 0.83
CA ASN JB 90 18.61 86.71 2.14
C ASN JB 90 19.18 85.32 2.33
N ASN JB 91 19.52 84.63 1.24
CA ASN JB 91 20.12 83.32 1.37
C ASN JB 91 21.62 83.42 1.66
N LEU JB 92 22.36 84.10 0.80
CA LEU JB 92 23.82 84.04 0.82
C LEU JB 92 24.45 85.07 1.74
N LEU JB 93 24.12 86.34 1.56
CA LEU JB 93 24.79 87.38 2.31
C LEU JB 93 24.35 87.37 3.78
N PRO JB 94 25.27 87.56 4.71
CA PRO JB 94 24.89 87.54 6.13
C PRO JB 94 23.93 88.65 6.53
N SER JB 95 23.98 89.79 5.85
CA SER JB 95 23.13 90.91 6.25
C SER JB 95 22.88 91.81 5.07
N ARG JB 96 21.84 92.63 5.18
CA ARG JB 96 21.57 93.66 4.19
C ARG JB 96 22.53 94.84 4.31
N GLN JB 97 23.18 95.00 5.46
CA GLN JB 97 24.07 96.14 5.65
C GLN JB 97 25.34 96.01 4.84
N PHE JB 98 25.91 94.81 4.77
CA PHE JB 98 27.18 94.61 4.08
C PHE JB 98 27.09 93.31 3.29
N GLY JB 99 28.25 92.85 2.82
CA GLY JB 99 28.30 91.68 1.95
C GLY JB 99 28.06 92.03 0.50
N PHE JB 100 28.47 91.12 -0.38
CA PHE JB 100 28.34 91.36 -1.81
C PHE JB 100 28.05 90.06 -2.54
N ILE JB 101 27.18 90.16 -3.54
CA ILE JB 101 26.88 89.09 -4.48
C ILE JB 101 27.47 89.48 -5.83
N VAL JB 102 28.26 88.59 -6.42
CA VAL JB 102 28.92 88.88 -7.69
C VAL JB 102 28.26 88.05 -8.78
N LEU JB 103 27.74 88.74 -9.79
CA LEU JB 103 27.13 88.12 -10.95
C LEU JB 103 27.51 88.91 -12.19
N THR JB 104 27.83 88.18 -13.26
CA THR JB 104 28.31 88.81 -14.48
C THR JB 104 27.14 89.18 -15.38
N THR JB 105 27.17 90.40 -15.91
CA THR JB 105 26.16 90.92 -16.80
C THR JB 105 26.79 91.28 -18.14
N SER JB 106 25.97 91.83 -19.03
CA SER JB 106 26.46 92.30 -20.31
C SER JB 106 27.45 93.44 -20.14
N ALA JB 107 27.27 94.27 -19.11
CA ALA JB 107 28.10 95.44 -18.88
C ALA JB 107 29.32 95.14 -18.03
N GLY JB 108 29.79 93.90 -18.02
CA GLY JB 108 30.93 93.52 -17.21
C GLY JB 108 30.51 92.96 -15.87
N ILE JB 109 31.44 92.23 -15.24
CA ILE JB 109 31.16 91.60 -13.97
C ILE JB 109 31.05 92.66 -12.88
N MET JB 110 29.96 92.62 -12.13
CA MET JB 110 29.67 93.67 -11.17
C MET JB 110 29.00 93.08 -9.94
N ASP JB 111 29.09 93.80 -8.84
CA ASP JB 111 28.39 93.42 -7.62
C ASP JB 111 26.89 93.63 -7.77
N HIS JB 112 26.14 93.11 -6.81
CA HIS JB 112 24.69 93.10 -6.92
C HIS JB 112 24.09 94.48 -6.72
N GLU JB 113 24.66 95.30 -5.84
CA GLU JB 113 24.15 96.66 -5.68
C GLU JB 113 24.39 97.49 -6.93
N GLU JB 114 25.57 97.37 -7.54
CA GLU JB 114 25.84 98.07 -8.78
C GLU JB 114 24.96 97.55 -9.90
N ALA JB 115 24.70 96.25 -9.93
CA ALA JB 115 23.79 95.69 -10.91
C ALA JB 115 22.39 96.24 -10.74
N ARG JB 116 21.95 96.40 -9.48
CA ARG JB 116 20.65 97.00 -9.23
C ARG JB 116 20.61 98.45 -9.69
N ARG JB 117 21.69 99.20 -9.47
CA ARG JB 117 21.73 100.58 -9.91
C ARG JB 117 21.70 100.68 -11.44
N LYS JB 118 22.42 99.79 -12.13
CA LYS JB 118 22.43 99.81 -13.58
C LYS JB 118 21.22 99.12 -14.20
N HIS JB 119 20.41 98.43 -13.38
CA HIS JB 119 19.19 97.76 -13.82
C HIS JB 119 19.48 96.67 -14.86
N THR JB 120 20.26 95.68 -14.45
CA THR JB 120 20.56 94.54 -15.30
C THR JB 120 20.93 93.33 -14.44
N GLY JB 121 20.61 92.15 -14.96
CA GLY JB 121 20.91 90.91 -14.28
C GLY JB 121 21.83 90.02 -15.08
N GLY JB 122 21.87 88.73 -14.79
CA GLY JB 122 22.70 87.84 -15.56
C GLY JB 122 23.06 86.58 -14.78
N LYS JB 123 24.09 85.90 -15.27
CA LYS JB 123 24.54 84.68 -14.62
C LYS JB 123 25.25 84.99 -13.31
N ILE JB 124 24.94 84.20 -12.29
CA ILE JB 124 25.56 84.35 -10.99
C ILE JB 124 26.98 83.80 -11.06
N LEU JB 125 27.86 84.33 -10.22
CA LEU JB 125 29.23 83.82 -10.13
C LEU JB 125 29.56 83.30 -8.75
N GLY JB 126 29.35 84.11 -7.72
CA GLY JB 126 29.68 83.71 -6.37
C GLY JB 126 29.25 84.73 -5.35
N PHE JB 127 29.98 84.80 -4.23
CA PHE JB 127 29.62 85.69 -3.14
C PHE JB 127 30.84 85.89 -2.26
N PHE JB 128 30.96 87.09 -1.70
CA PHE JB 128 32.04 87.36 -0.78
C PHE JB 128 31.59 88.40 0.24
N PHE JB 129 32.04 88.23 1.47
CA PHE JB 129 31.75 89.17 2.54
C PHE JB 129 32.79 89.02 3.65
N GLY KB 1 28.36 63.17 -4.52
CA GLY KB 1 27.07 63.57 -4.01
C GLY KB 1 26.05 63.82 -5.10
N LYS KB 2 25.17 64.80 -4.88
CA LYS KB 2 24.14 65.14 -5.84
C LYS KB 2 24.72 66.01 -6.95
N CYS KB 3 24.29 65.74 -8.17
CA CYS KB 3 24.71 66.57 -9.30
C CYS KB 3 23.98 67.91 -9.26
N ARG KB 4 24.73 68.98 -9.47
CA ARG KB 4 24.18 70.33 -9.46
C ARG KB 4 24.24 70.98 -10.84
N GLY KB 5 24.35 70.20 -11.90
CA GLY KB 5 24.39 70.76 -13.23
C GLY KB 5 23.07 71.37 -13.63
N LEU KB 6 23.13 72.29 -14.59
CA LEU KB 6 21.95 73.03 -14.99
C LEU KB 6 21.02 72.25 -15.89
N ARG KB 7 21.46 71.13 -16.46
CA ARG KB 7 20.61 70.32 -17.33
C ARG KB 7 20.24 68.99 -16.67
N THR KB 8 20.29 68.92 -15.34
CA THR KB 8 20.03 67.70 -14.61
C THR KB 8 18.67 67.70 -13.93
N ALA KB 9 17.78 68.61 -14.32
CA ALA KB 9 16.48 68.69 -13.68
C ALA KB 9 15.70 67.40 -13.84
N ARG KB 10 15.79 66.77 -15.01
CA ARG KB 10 15.08 65.53 -15.25
C ARG KB 10 15.54 64.44 -14.29
N LYS KB 11 16.86 64.29 -14.14
CA LYS KB 11 17.36 63.26 -13.25
C LYS KB 11 17.00 63.57 -11.80
N LEU KB 12 17.10 64.83 -11.39
CA LEU KB 12 16.77 65.16 -10.01
C LEU KB 12 15.30 64.89 -9.71
N ARG KB 13 14.41 65.26 -10.63
CA ARG KB 13 12.98 65.03 -10.41
C ARG KB 13 12.65 63.55 -10.41
N SER KB 14 13.22 62.80 -11.35
CA SER KB 14 12.97 61.36 -11.41
C SER KB 14 13.47 60.68 -10.15
N HIS KB 15 14.66 61.06 -9.68
CA HIS KB 15 15.19 60.48 -8.46
C HIS KB 15 14.33 60.84 -7.25
N ARG KB 16 13.82 62.07 -7.19
CA ARG KB 16 12.96 62.44 -6.08
C ARG KB 16 11.67 61.63 -6.07
N ARG KB 17 11.03 61.50 -7.22
CA ARG KB 17 9.76 60.76 -7.24
C ARG KB 17 9.99 59.26 -7.10
N ASP KB 18 11.19 58.77 -7.41
CA ASP KB 18 11.50 57.38 -7.14
C ASP KB 18 11.77 57.15 -5.67
N GLN KB 19 12.48 58.09 -5.03
CA GLN KB 19 12.82 57.96 -3.61
C GLN KB 19 11.66 58.28 -2.70
N LYS KB 20 10.62 58.96 -3.20
CA LYS KB 20 9.45 59.20 -2.37
C LYS KB 20 8.76 57.91 -1.97
N TRP KB 21 8.96 56.83 -2.72
CA TRP KB 21 8.31 55.56 -2.44
C TRP KB 21 8.93 54.82 -1.26
N HIS KB 22 9.92 55.40 -0.59
CA HIS KB 22 10.66 54.67 0.43
C HIS KB 22 10.34 55.11 1.85
N ASP KB 23 9.29 55.89 2.05
CA ASP KB 23 8.81 56.18 3.39
C ASP KB 23 7.38 55.68 3.54
N LYS KB 24 7.02 55.34 4.78
CA LYS KB 24 5.78 54.63 5.03
C LYS KB 24 4.55 55.44 4.63
N GLN KB 25 4.56 56.74 4.91
CA GLN KB 25 3.36 57.54 4.72
C GLN KB 25 3.03 57.70 3.24
N TYR KB 26 4.03 58.09 2.43
CA TYR KB 26 3.77 58.30 1.01
C TYR KB 26 3.38 57.00 0.32
N LYS KB 27 4.08 55.91 0.63
CA LYS KB 27 3.73 54.62 0.05
C LYS KB 27 2.34 54.18 0.47
N LYS KB 28 2.00 54.39 1.75
CA LYS KB 28 0.69 54.03 2.26
C LYS KB 28 -0.42 54.82 1.57
N ALA KB 29 -0.18 56.11 1.32
CA ALA KB 29 -1.20 56.92 0.66
C ALA KB 29 -1.30 56.61 -0.83
N HIS KB 30 -0.17 56.45 -1.51
CA HIS KB 30 -0.12 56.41 -2.95
C HIS KB 30 -0.01 55.00 -3.52
N LEU KB 31 -0.14 53.97 -2.69
CA LEU KB 31 -0.10 52.61 -3.20
C LEU KB 31 -1.49 52.01 -3.38
N GLY KB 32 -2.40 52.27 -2.45
CA GLY KB 32 -3.75 51.76 -2.52
C GLY KB 32 -3.97 50.41 -1.87
N THR KB 33 -2.91 49.68 -1.55
CA THR KB 33 -3.07 48.43 -0.81
C THR KB 33 -3.62 48.70 0.58
N ALA KB 34 -3.16 49.77 1.22
CA ALA KB 34 -3.75 50.18 2.49
C ALA KB 34 -5.20 50.59 2.32
N LEU KB 35 -5.55 51.17 1.18
CA LEU KB 35 -6.94 51.52 0.92
C LEU KB 35 -7.79 50.26 0.77
N LYS KB 36 -7.26 49.22 0.14
CA LYS KB 36 -8.00 47.96 0.03
C LYS KB 36 -8.10 47.26 1.38
N ALA KB 37 -7.04 47.29 2.17
CA ALA KB 37 -7.01 46.59 3.45
C ALA KB 37 -7.70 47.35 4.56
N ASN KB 38 -7.99 48.62 4.37
CA ASN KB 38 -8.65 49.41 5.39
C ASN KB 38 -10.10 48.98 5.52
N PRO KB 39 -10.55 48.53 6.69
CA PRO KB 39 -11.97 48.18 6.83
C PRO KB 39 -12.91 49.34 6.59
N PHE KB 40 -12.50 50.56 6.96
CA PHE KB 40 -13.32 51.73 6.66
C PHE KB 40 -13.33 52.07 5.18
N GLY KB 41 -12.30 51.69 4.44
CA GLY KB 41 -12.21 52.06 3.04
C GLY KB 41 -12.03 53.55 2.80
N GLY KB 42 -11.18 54.19 3.60
CA GLY KB 42 -10.97 55.62 3.44
C GLY KB 42 -12.07 56.48 4.00
N ALA KB 43 -12.79 56.00 5.02
CA ALA KB 43 -13.89 56.74 5.61
C ALA KB 43 -13.61 56.94 7.10
N SER KB 44 -14.05 58.09 7.62
CA SER KB 44 -13.81 58.40 9.03
C SER KB 44 -14.65 57.52 9.94
N HIS KB 45 -15.89 57.24 9.55
CA HIS KB 45 -16.82 56.49 10.39
C HIS KB 45 -17.49 55.40 9.57
N ALA KB 46 -18.14 54.48 10.28
CA ALA KB 46 -18.91 53.43 9.61
C ALA KB 46 -20.01 52.97 10.54
N LYS KB 47 -21.00 52.29 9.97
CA LYS KB 47 -22.09 51.69 10.72
C LYS KB 47 -21.94 50.18 10.72
N GLY KB 48 -22.22 49.56 11.86
CA GLY KB 48 -22.02 48.12 11.95
C GLY KB 48 -22.91 47.46 12.97
N ILE KB 49 -23.17 46.18 12.74
CA ILE KB 49 -24.08 45.40 13.57
C ILE KB 49 -23.27 44.68 14.65
N VAL KB 50 -23.74 44.75 15.88
CA VAL KB 50 -23.07 44.09 16.99
C VAL KB 50 -23.24 42.59 16.85
N LEU KB 51 -22.13 41.88 16.69
CA LEU KB 51 -22.12 40.42 16.56
C LEU KB 51 -22.08 39.72 17.91
N GLU KB 52 -21.10 40.07 18.74
CA GLU KB 52 -20.96 39.50 20.07
C GLU KB 52 -20.10 40.43 20.90
N LYS KB 53 -20.11 40.19 22.22
CA LYS KB 53 -19.41 41.02 23.18
C LYS KB 53 -18.18 40.27 23.68
N VAL KB 54 -17.01 40.88 23.55
CA VAL KB 54 -15.74 40.21 23.78
C VAL KB 54 -14.93 41.01 24.79
N GLY KB 55 -14.39 40.32 25.80
CA GLY KB 55 -13.45 40.91 26.74
C GLY KB 55 -12.04 40.47 26.40
N VAL KB 56 -11.17 41.45 26.17
CA VAL KB 56 -9.80 41.21 25.72
C VAL KB 56 -8.84 41.62 26.82
N GLU KB 57 -7.89 40.73 27.13
CA GLU KB 57 -6.92 40.99 28.19
C GLU KB 57 -5.97 42.12 27.79
N ALA KB 58 -5.47 42.82 28.80
CA ALA KB 58 -4.51 43.91 28.56
C ALA KB 58 -3.12 43.34 28.32
N LYS KB 59 -2.16 44.23 28.08
CA LYS KB 59 -0.80 43.83 27.77
C LYS KB 59 -0.08 43.37 29.02
N GLN KB 60 1.22 43.11 28.89
CA GLN KB 60 1.99 42.52 29.99
C GLN KB 60 2.09 43.41 31.23
N PRO KB 61 2.54 44.67 31.16
CA PRO KB 61 2.71 45.42 32.41
C PRO KB 61 1.40 45.69 33.13
N ASN KB 62 0.31 45.85 32.40
CA ASN KB 62 -1.00 46.00 33.00
C ASN KB 62 -1.62 44.63 33.26
N SER KB 63 -2.78 44.63 33.92
CA SER KB 63 -3.54 43.40 34.11
C SER KB 63 -5.00 43.81 34.28
N ALA KB 64 -5.77 43.67 33.22
CA ALA KB 64 -7.15 44.12 33.18
C ALA KB 64 -7.84 43.52 31.97
N ILE KB 65 -9.13 43.76 31.85
CA ILE KB 65 -9.94 43.23 30.75
C ILE KB 65 -10.64 44.41 30.08
N ARG KB 66 -10.13 44.82 28.93
CA ARG KB 66 -10.84 45.82 28.14
C ARG KB 66 -12.06 45.20 27.48
N LYS KB 67 -13.03 46.05 27.17
CA LYS KB 67 -14.32 45.59 26.64
C LYS KB 67 -14.47 46.05 25.19
N CYS KB 68 -14.83 45.11 24.32
CA CYS KB 68 -14.99 45.37 22.91
C CYS KB 68 -16.15 44.53 22.39
N VAL KB 69 -16.47 44.72 21.12
CA VAL KB 69 -17.46 43.90 20.45
C VAL KB 69 -16.95 43.53 19.06
N ARG KB 70 -17.39 42.36 18.59
CA ARG KB 70 -17.26 42.02 17.18
C ARG KB 70 -18.35 42.76 16.42
N VAL KB 71 -17.98 43.38 15.30
CA VAL KB 71 -18.91 44.22 14.55
C VAL KB 71 -18.69 43.98 13.06
N GLN KB 72 -19.79 43.82 12.35
CA GLN KB 72 -19.76 43.64 10.90
C GLN KB 72 -20.23 44.92 10.25
N LEU KB 73 -19.34 45.55 9.47
CA LEU KB 73 -19.69 46.77 8.77
C LEU KB 73 -20.77 46.48 7.73
N ILE KB 74 -21.84 47.27 7.76
CA ILE KB 74 -22.97 46.99 6.88
C ILE KB 74 -22.57 47.14 5.42
N LYS KB 75 -21.67 48.09 5.15
CA LYS KB 75 -21.00 48.11 3.86
C LYS KB 75 -19.89 47.07 3.87
N ASN KB 76 -19.80 46.32 2.77
CA ASN KB 76 -18.75 45.35 2.44
C ASN KB 76 -18.54 44.24 3.48
N GLY KB 77 -19.41 44.16 4.49
CA GLY KB 77 -19.48 43.02 5.38
C GLY KB 77 -18.20 42.67 6.13
N LYS KB 78 -17.31 43.65 6.35
CA LYS KB 78 -16.05 43.35 6.99
C LYS KB 78 -16.23 43.25 8.50
N LYS KB 79 -15.84 42.10 9.06
CA LYS KB 79 -15.90 41.87 10.49
C LYS KB 79 -14.63 42.39 11.14
N ILE KB 80 -14.78 43.26 12.14
CA ILE KB 80 -13.67 43.82 12.90
C ILE KB 80 -14.08 43.88 14.36
N THR KB 81 -13.18 44.39 15.19
CA THR KB 81 -13.41 44.51 16.63
C THR KB 81 -13.34 45.98 17.02
N ALA KB 82 -14.35 46.45 17.74
CA ALA KB 82 -14.45 47.83 18.13
C ALA KB 82 -14.45 47.94 19.65
N PHE KB 83 -13.60 48.82 20.17
CA PHE KB 83 -13.52 49.06 21.60
C PHE KB 83 -14.76 49.81 22.09
N VAL KB 84 -15.14 49.55 23.34
CA VAL KB 84 -16.27 50.27 23.94
C VAL KB 84 -15.72 51.23 24.97
N PRO KB 85 -15.59 52.51 24.64
CA PRO KB 85 -14.81 53.44 25.48
C PRO KB 85 -15.63 54.16 26.54
N ASN KB 86 -15.98 53.43 27.61
CA ASN KB 86 -16.54 54.05 28.81
C ASN KB 86 -16.43 53.09 29.98
N ASP KB 87 -17.13 53.40 31.07
CA ASP KB 87 -17.14 52.57 32.26
C ASP KB 87 -18.15 51.43 32.14
N GLY KB 88 -19.43 51.77 32.03
CA GLY KB 88 -20.47 50.77 31.99
C GLY KB 88 -21.36 50.88 30.78
N CYS KB 89 -20.77 51.18 29.63
CA CYS KB 89 -21.55 51.30 28.40
C CYS KB 89 -21.74 49.96 27.68
N LEU KB 90 -20.95 48.94 28.02
CA LEU KB 90 -21.20 47.61 27.46
C LEU KB 90 -22.54 47.06 27.94
N ASN KB 91 -22.96 47.41 29.15
CA ASN KB 91 -24.28 47.02 29.63
C ASN KB 91 -25.38 47.64 28.77
N PHE KB 92 -25.21 48.91 28.40
CA PHE KB 92 -26.12 49.53 27.46
C PHE KB 92 -26.08 48.82 26.11
N ILE KB 93 -24.89 48.41 25.66
CA ILE KB 93 -24.75 47.68 24.41
C ILE KB 93 -25.45 46.33 24.51
N GLU KB 94 -26.16 45.96 23.45
CA GLU KB 94 -26.80 44.65 23.35
C GLU KB 94 -26.56 44.09 21.96
N GLU KB 95 -26.81 42.78 21.83
CA GLU KB 95 -26.55 42.07 20.58
C GLU KB 95 -27.41 42.61 19.45
N ASN KB 96 -26.86 42.53 18.24
CA ASN KB 96 -27.57 42.88 17.01
C ASN KB 96 -28.08 44.31 17.04
N ASP KB 97 -27.27 45.22 17.59
CA ASP KB 97 -27.57 46.64 17.61
C ASP KB 97 -26.65 47.35 16.64
N GLU KB 98 -27.24 48.16 15.77
CA GLU KB 98 -26.42 48.97 14.86
C GLU KB 98 -25.75 50.09 15.64
N VAL KB 99 -24.44 50.24 15.45
CA VAL KB 99 -23.64 51.22 16.14
C VAL KB 99 -22.83 51.99 15.12
N LEU KB 100 -22.40 53.19 15.53
CA LEU KB 100 -21.49 54.00 14.74
C LEU KB 100 -20.09 53.85 15.34
N VAL KB 101 -19.13 53.50 14.50
CA VAL KB 101 -17.78 53.19 14.93
C VAL KB 101 -16.80 54.07 14.17
N ALA KB 102 -15.87 54.67 14.89
CA ALA KB 102 -14.83 55.50 14.32
C ALA KB 102 -13.46 54.97 14.73
N GLY KB 103 -12.42 55.64 14.26
CA GLY KB 103 -11.07 55.25 14.61
C GLY KB 103 -10.74 55.63 16.03
N PHE KB 104 -9.59 55.14 16.50
CA PHE KB 104 -9.20 55.47 17.86
C PHE KB 104 -8.48 56.80 17.94
N GLY KB 105 -7.70 57.15 16.93
CA GLY KB 105 -7.07 58.45 16.91
C GLY KB 105 -5.67 58.47 16.34
N ARG KB 106 -5.00 57.33 16.33
CA ARG KB 106 -3.67 57.23 15.77
C ARG KB 106 -3.66 56.46 14.45
N LYS KB 107 -4.70 56.69 13.65
CA LYS KB 107 -4.69 56.41 12.21
C LYS KB 107 -4.55 54.92 11.92
N GLY KB 108 -5.44 54.12 12.53
CA GLY KB 108 -5.39 52.70 12.32
C GLY KB 108 -4.12 52.10 12.89
N HIS KB 109 -4.01 52.08 14.21
CA HIS KB 109 -2.82 51.59 14.87
C HIS KB 109 -3.21 51.01 16.22
N ALA KB 110 -2.37 50.12 16.73
CA ALA KB 110 -2.58 49.60 18.07
C ALA KB 110 -2.44 50.72 19.08
N VAL KB 111 -3.37 50.76 20.04
CA VAL KB 111 -3.43 51.83 21.03
C VAL KB 111 -3.31 51.22 22.42
N GLY KB 112 -2.39 51.75 23.22
CA GLY KB 112 -2.31 51.40 24.63
C GLY KB 112 -2.05 49.93 24.87
N ASP KB 113 -2.75 49.37 25.84
CA ASP KB 113 -2.62 47.97 26.21
C ASP KB 113 -3.59 47.07 25.46
N ILE KB 114 -4.45 47.63 24.62
CA ILE KB 114 -5.42 46.83 23.88
C ILE KB 114 -4.69 46.22 22.69
N PRO KB 115 -4.67 44.89 22.55
CA PRO KB 115 -3.92 44.28 21.44
C PRO KB 115 -4.73 44.25 20.15
N GLY KB 116 -4.29 45.02 19.17
CA GLY KB 116 -4.77 44.91 17.81
C GLY KB 116 -6.04 45.65 17.47
N VAL KB 117 -6.68 46.31 18.43
CA VAL KB 117 -7.92 47.03 18.18
C VAL KB 117 -7.58 48.45 17.75
N ARG KB 118 -8.20 48.90 16.66
CA ARG KB 118 -7.94 50.22 16.09
C ARG KB 118 -9.21 51.05 15.94
N PHE KB 119 -10.25 50.75 16.71
CA PHE KB 119 -11.54 51.38 16.54
C PHE KB 119 -12.20 51.59 17.91
N LYS KB 120 -13.20 52.46 17.93
CA LYS KB 120 -14.01 52.69 19.11
C LYS KB 120 -15.41 53.08 18.70
N VAL KB 121 -16.37 52.77 19.58
CA VAL KB 121 -17.78 53.01 19.32
C VAL KB 121 -18.14 54.42 19.81
N VAL KB 122 -18.80 55.18 18.94
CA VAL KB 122 -19.22 56.53 19.25
C VAL KB 122 -20.72 56.59 19.54
N LYS KB 123 -21.52 55.97 18.68
CA LYS KB 123 -22.97 55.97 18.82
C LYS KB 123 -23.48 54.54 18.83
N VAL KB 124 -24.70 54.39 19.32
CA VAL KB 124 -25.38 53.10 19.37
C VAL KB 124 -26.87 53.35 19.32
N ALA KB 125 -27.56 52.64 18.42
CA ALA KB 125 -29.00 52.78 18.22
C ALA KB 125 -29.38 54.23 17.95
N ASN KB 126 -28.63 54.87 17.06
CA ASN KB 126 -28.90 56.23 16.58
C ASN KB 126 -28.78 57.27 17.68
N VAL KB 127 -28.14 56.94 18.80
CA VAL KB 127 -28.00 57.88 19.91
C VAL KB 127 -26.62 57.70 20.52
N SER KB 128 -26.08 58.79 21.08
CA SER KB 128 -24.67 58.84 21.43
C SER KB 128 -24.36 58.09 22.71
N LEU KB 129 -23.24 57.35 22.68
CA LEU KB 129 -22.77 56.65 23.86
C LEU KB 129 -22.47 57.60 25.00
N LEU KB 130 -21.86 58.74 24.69
CA LEU KB 130 -21.60 59.75 25.70
C LEU KB 130 -22.90 60.30 26.28
N ALA KB 131 -23.92 60.47 25.45
CA ALA KB 131 -25.23 60.91 25.94
C ALA KB 131 -25.83 59.89 26.90
N LEU KB 132 -25.71 58.60 26.58
CA LEU KB 132 -26.16 57.57 27.52
C LEU KB 132 -25.36 57.63 28.82
N TYR KB 133 -24.05 57.79 28.72
CA TYR KB 133 -23.19 57.78 29.89
C TYR KB 133 -23.51 58.95 30.82
N LYS KB 134 -23.77 60.12 30.25
CA LYS KB 134 -24.21 61.26 31.06
C LYS KB 134 -25.68 61.16 31.45
N GLY KB 135 -26.45 60.26 30.83
CA GLY KB 135 -27.84 60.09 31.19
C GLY KB 135 -28.78 61.09 30.56
N LYS KB 136 -28.31 61.87 29.59
CA LYS KB 136 -29.17 62.85 28.94
C LYS KB 136 -30.33 62.17 28.21
N LYS KB 137 -30.05 61.06 27.54
CA LYS KB 137 -31.06 60.32 26.79
C LYS KB 137 -30.94 58.84 27.12
N GLU KB 138 -31.94 58.08 26.70
CA GLU KB 138 -32.06 56.68 27.06
C GLU KB 138 -32.38 55.84 25.83
N ARG KB 139 -32.08 54.55 25.93
CA ARG KB 139 -32.31 53.61 24.84
C ARG KB 139 -33.81 53.46 24.58
N PRO KB 140 -34.20 53.15 23.34
CA PRO KB 140 -35.64 52.97 23.01
C PRO KB 140 -36.18 51.62 23.50
N ARG KB 141 -36.57 51.60 24.76
CA ARG KB 141 -37.12 50.40 25.38
C ARG KB 141 -38.57 50.63 25.80
N ASN LB 1 -41.69 114.17 14.71
CA ASN LB 1 -43.08 114.44 14.38
C ASN LB 1 -43.34 115.93 14.44
N ASP LB 2 -42.88 116.56 15.53
CA ASP LB 2 -43.02 118.01 15.68
C ASP LB 2 -42.23 118.78 14.63
N THR LB 3 -41.26 118.14 13.99
CA THR LB 3 -40.62 118.68 12.80
C THR LB 3 -40.19 117.51 11.93
N VAL LB 4 -40.68 117.47 10.70
CA VAL LB 4 -40.37 116.40 9.76
C VAL LB 4 -39.87 117.09 8.49
N THR LB 5 -38.56 117.30 8.41
CA THR LB 5 -38.00 118.01 7.27
C THR LB 5 -37.59 117.01 6.19
N ILE LB 6 -37.74 117.45 4.94
CA ILE LB 6 -37.57 116.61 3.77
C ILE LB 6 -36.47 117.22 2.91
N ARG LB 7 -35.54 116.39 2.47
CA ARG LB 7 -34.45 116.86 1.62
C ARG LB 7 -34.41 116.03 0.35
N THR LB 8 -34.13 116.70 -0.76
CA THR LB 8 -33.94 116.07 -2.07
C THR LB 8 -32.49 116.26 -2.49
N ARG LB 9 -31.94 115.24 -3.14
CA ARG LB 9 -30.53 115.24 -3.53
C ARG LB 9 -30.40 114.63 -4.91
N LYS LB 10 -29.34 115.04 -5.62
CA LYS LB 10 -29.04 114.54 -6.96
C LYS LB 10 -30.25 114.66 -7.89
N PHE LB 11 -30.97 115.76 -7.73
CA PHE LB 11 -32.17 116.01 -8.52
C PHE LB 11 -31.81 116.13 -10.00
N MET LB 12 -32.58 115.44 -10.85
CA MET LB 12 -32.35 115.56 -12.28
C MET LB 12 -33.65 115.31 -13.02
N THR LB 13 -33.96 116.19 -13.97
CA THR LB 13 -35.09 116.03 -14.87
C THR LB 13 -34.69 115.13 -16.03
N ASN LB 14 -35.61 114.26 -16.45
CA ASN LB 14 -35.45 113.48 -17.67
C ASN LB 14 -36.77 113.51 -18.42
N ARG LB 15 -36.76 114.17 -19.56
CA ARG LB 15 -37.94 114.21 -20.41
C ARG LB 15 -38.08 112.97 -21.27
N LEU LB 16 -37.12 112.05 -21.18
CA LEU LB 16 -37.23 110.78 -21.88
C LEU LB 16 -38.41 109.96 -21.37
N LEU LB 17 -38.64 109.98 -20.06
CA LEU LB 17 -39.87 109.48 -19.48
C LEU LB 17 -40.78 110.61 -18.99
N GLN LB 18 -40.39 111.86 -19.23
CA GLN LB 18 -41.17 113.03 -18.85
C GLN LB 18 -41.43 113.04 -17.34
N ARG LB 19 -40.36 113.12 -16.57
CA ARG LB 19 -40.45 113.17 -15.13
C ARG LB 19 -39.18 113.81 -14.56
N LYS LB 20 -39.15 113.92 -13.24
CA LYS LB 20 -37.96 114.34 -12.51
C LYS LB 20 -37.69 113.31 -11.41
N GLN LB 21 -36.42 112.92 -11.27
CA GLN LB 21 -36.00 111.93 -10.31
C GLN LB 21 -35.15 112.59 -9.22
N MET LB 22 -35.28 112.07 -8.00
CA MET LB 22 -34.56 112.62 -6.86
C MET LB 22 -34.25 111.52 -5.87
N VAL LB 23 -33.11 111.62 -5.22
CA VAL LB 23 -32.79 110.80 -4.06
C VAL LB 23 -33.29 111.60 -2.86
N ILE LB 24 -34.45 111.23 -2.35
CA ILE LB 24 -35.09 112.01 -1.31
C ILE LB 24 -34.89 111.31 0.02
N ASP LB 25 -35.07 112.07 1.10
CA ASP LB 25 -34.91 111.51 2.43
C ASP LB 25 -35.65 112.38 3.43
N VAL LB 26 -35.94 111.79 4.58
CA VAL LB 26 -36.76 112.39 5.62
C VAL LB 26 -36.01 112.35 6.94
N LEU LB 27 -36.09 113.44 7.70
CA LEU LB 27 -35.39 113.55 8.98
C LEU LB 27 -36.42 113.57 10.11
N HIS LB 28 -36.59 112.44 10.77
CA HIS LB 28 -37.44 112.36 11.95
C HIS LB 28 -36.55 112.28 13.20
N PRO LB 29 -36.64 113.25 14.11
CA PRO LB 29 -35.80 113.22 15.31
C PRO LB 29 -36.19 112.10 16.27
N GLY LB 30 -37.47 112.04 16.62
CA GLY LB 30 -37.95 111.05 17.56
C GLY LB 30 -39.17 110.33 17.07
N LYS LB 31 -39.70 110.78 15.93
CA LYS LB 31 -40.82 110.10 15.30
C LYS LB 31 -40.38 108.76 14.74
N ALA LB 32 -41.34 107.87 14.56
CA ALA LB 32 -41.12 106.68 13.75
C ALA LB 32 -40.91 107.09 12.30
N THR LB 33 -40.56 106.12 11.47
CA THR LB 33 -40.36 106.40 10.06
C THR LB 33 -41.66 106.84 9.41
N VAL LB 34 -41.53 107.67 8.37
CA VAL LB 34 -42.67 108.41 7.83
C VAL LB 34 -43.41 107.54 6.82
N PRO LB 35 -44.73 107.42 6.92
CA PRO LB 35 -45.48 106.65 5.93
C PRO LB 35 -45.45 107.27 4.55
N LYS LB 36 -45.64 106.40 3.55
CA LYS LB 36 -45.47 106.77 2.15
C LYS LB 36 -46.51 107.78 1.67
N THR LB 37 -47.76 107.67 2.12
CA THR LB 37 -48.77 108.65 1.73
C THR LB 37 -48.46 110.03 2.30
N GLU LB 38 -48.01 110.09 3.55
CA GLU LB 38 -47.68 111.38 4.15
C GLU LB 38 -46.48 112.02 3.46
N ILE LB 39 -45.42 111.24 3.19
CA ILE LB 39 -44.30 111.84 2.49
C ILE LB 39 -44.70 112.21 1.07
N ARG LB 40 -45.63 111.46 0.47
CA ARG LB 40 -46.16 111.78 -0.84
C ARG LB 40 -46.81 113.15 -0.86
N GLU LB 41 -47.74 113.40 0.07
CA GLU LB 41 -48.41 114.69 0.09
C GLU LB 41 -47.47 115.82 0.51
N LYS LB 42 -46.49 115.54 1.37
CA LYS LB 42 -45.56 116.60 1.77
C LYS LB 42 -44.67 117.02 0.60
N LEU LB 43 -44.15 116.05 -0.16
CA LEU LB 43 -43.38 116.41 -1.35
C LEU LB 43 -44.27 117.06 -2.41
N ALA LB 44 -45.54 116.66 -2.46
CA ALA LB 44 -46.48 117.31 -3.36
C ALA LB 44 -46.62 118.79 -3.03
N LYS LB 45 -46.76 119.10 -1.73
CA LYS LB 45 -46.77 120.50 -1.32
C LYS LB 45 -45.47 121.19 -1.69
N MET LB 46 -44.34 120.52 -1.45
CA MET LB 46 -43.03 121.13 -1.71
C MET LB 46 -42.83 121.46 -3.19
N TYR LB 47 -43.39 120.64 -4.08
CA TYR LB 47 -43.20 120.83 -5.51
C TYR LB 47 -44.47 121.33 -6.20
N LYS LB 48 -45.44 121.83 -5.44
CA LYS LB 48 -46.57 122.60 -5.97
C LYS LB 48 -47.40 121.80 -6.95
N THR LB 49 -47.77 120.59 -6.55
CA THR LB 49 -48.60 119.71 -7.36
C THR LB 49 -49.51 118.91 -6.43
N THR LB 50 -50.67 118.53 -6.94
CA THR LB 50 -51.54 117.65 -6.17
C THR LB 50 -50.88 116.29 -5.98
N PRO LB 51 -51.11 115.64 -4.83
CA PRO LB 51 -50.46 114.34 -4.55
C PRO LB 51 -51.09 113.16 -5.29
N ASP LB 52 -50.77 113.04 -6.57
CA ASP LB 52 -51.20 111.88 -7.35
C ASP LB 52 -50.05 111.26 -8.13
N VAL LB 53 -49.12 112.08 -8.61
CA VAL LB 53 -48.01 111.63 -9.43
C VAL LB 53 -46.69 111.62 -8.66
N ILE LB 54 -46.77 111.48 -7.34
CA ILE LB 54 -45.58 111.35 -6.51
C ILE LB 54 -45.34 109.87 -6.24
N PHE LB 55 -44.12 109.41 -6.49
CA PHE LB 55 -43.78 108.00 -6.40
C PHE LB 55 -42.58 107.85 -5.46
N VAL LB 56 -42.85 107.34 -4.26
CA VAL LB 56 -41.89 107.32 -3.16
C VAL LB 56 -41.78 105.90 -2.63
N PHE LB 57 -40.54 105.43 -2.45
CA PHE LB 57 -40.26 104.04 -2.13
C PHE LB 57 -38.81 103.94 -1.70
N GLY LB 58 -38.34 102.71 -1.51
CA GLY LB 58 -36.94 102.46 -1.22
C GLY LB 58 -36.45 103.11 0.06
N PHE LB 59 -37.34 103.33 1.02
CA PHE LB 59 -37.03 104.12 2.21
C PHE LB 59 -36.50 103.21 3.31
N ARG LB 60 -35.20 103.29 3.53
CA ARG LB 60 -34.54 102.60 4.63
C ARG LB 60 -34.13 103.63 5.66
N THR LB 61 -34.44 103.34 6.93
CA THR LB 61 -34.09 104.23 8.03
C THR LB 61 -32.67 103.93 8.50
N HIS LB 62 -31.88 104.97 8.70
CA HIS LB 62 -30.51 104.80 9.15
C HIS LB 62 -30.49 104.31 10.60
N PHE LB 63 -29.29 103.96 11.05
CA PHE LB 63 -29.11 103.37 12.36
C PHE LB 63 -29.37 104.40 13.45
N GLY LB 64 -30.42 104.16 14.24
CA GLY LB 64 -30.78 105.07 15.31
C GLY LB 64 -31.72 106.19 14.93
N GLY LB 65 -32.66 105.94 14.04
CA GLY LB 65 -33.66 106.95 13.70
C GLY LB 65 -33.07 108.07 12.87
N GLY LB 66 -33.79 109.20 12.85
CA GLY LB 66 -33.30 110.36 12.14
C GLY LB 66 -33.49 110.26 10.65
N LYS LB 67 -32.39 110.02 9.92
CA LYS LB 67 -32.45 109.98 8.47
C LYS LB 67 -33.14 108.72 7.98
N THR LB 68 -33.90 108.86 6.89
CA THR LB 68 -34.45 107.71 6.19
C THR LB 68 -34.44 108.06 4.71
N THR LB 69 -33.73 107.27 3.92
CA THR LB 69 -33.48 107.64 2.54
C THR LB 69 -34.21 106.71 1.57
N GLY LB 70 -34.55 107.27 0.42
CA GLY LB 70 -35.25 106.54 -0.62
C GLY LB 70 -35.31 107.37 -1.88
N PHE LB 71 -36.22 106.99 -2.76
CA PHE LB 71 -36.32 107.60 -4.09
C PHE LB 71 -37.63 108.36 -4.22
N GLY LB 72 -37.62 109.41 -5.04
CA GLY LB 72 -38.81 110.17 -5.32
C GLY LB 72 -38.88 110.57 -6.78
N MET LB 73 -40.02 110.28 -7.40
CA MET LB 73 -40.27 110.62 -8.80
C MET LB 73 -41.50 111.49 -8.90
N ILE LB 74 -41.39 112.58 -9.66
CA ILE LB 74 -42.52 113.45 -9.93
C ILE LB 74 -42.76 113.46 -11.44
N TYR LB 75 -43.99 113.16 -11.84
CA TYR LB 75 -44.34 113.03 -13.25
C TYR LB 75 -45.10 114.25 -13.73
N ASP LB 76 -44.84 114.63 -14.98
CA ASP LB 76 -45.47 115.81 -15.55
C ASP LB 76 -46.95 115.61 -15.82
N SER LB 77 -47.43 114.38 -15.87
CA SER LB 77 -48.84 114.12 -16.10
C SER LB 77 -49.21 112.75 -15.55
N LEU LB 78 -50.49 112.60 -15.20
CA LEU LB 78 -50.99 111.29 -14.76
C LEU LB 78 -51.06 110.31 -15.92
N ASP LB 79 -51.37 110.80 -17.12
CA ASP LB 79 -51.36 109.96 -18.31
C ASP LB 79 -49.99 109.32 -18.52
N TYR LB 80 -48.94 110.13 -18.50
CA TYR LB 80 -47.60 109.58 -18.58
C TYR LB 80 -47.27 108.73 -17.36
N ALA LB 81 -47.76 109.13 -16.18
CA ALA LB 81 -47.46 108.40 -14.96
C ALA LB 81 -47.97 106.96 -15.04
N LYS LB 82 -49.08 106.74 -15.73
CA LYS LB 82 -49.50 105.37 -15.98
C LYS LB 82 -48.91 104.79 -17.25
N LYS LB 83 -48.47 105.63 -18.18
CA LYS LB 83 -47.86 105.14 -19.41
C LYS LB 83 -46.54 104.43 -19.15
N ASN LB 84 -45.64 105.07 -18.40
CA ASN LB 84 -44.33 104.49 -18.11
C ASN LB 84 -44.09 104.43 -16.60
N GLU LB 85 -44.33 103.25 -16.03
CA GLU LB 85 -44.19 103.03 -14.60
C GLU LB 85 -44.23 101.53 -14.28
N PRO LB 86 -43.44 101.06 -13.32
CA PRO LB 86 -43.59 99.68 -12.86
C PRO LB 86 -44.96 99.45 -12.25
N LYS LB 87 -45.49 98.25 -12.46
CA LYS LB 87 -46.92 98.00 -12.28
C LYS LB 87 -47.32 97.99 -10.80
N HIS LB 88 -46.49 97.40 -9.94
CA HIS LB 88 -46.86 97.33 -8.53
C HIS LB 88 -46.84 98.71 -7.87
N ARG LB 89 -46.10 99.67 -8.43
CA ARG LB 89 -46.20 101.04 -7.94
C ARG LB 89 -47.60 101.61 -8.20
N LEU LB 90 -48.13 101.39 -9.41
CA LEU LB 90 -49.51 101.79 -9.66
C LEU LB 90 -50.47 101.00 -8.79
N ALA LB 91 -50.14 99.74 -8.49
CA ALA LB 91 -50.99 98.95 -7.60
C ALA LB 91 -51.01 99.53 -6.20
N ARG LB 92 -49.87 100.01 -5.73
CA ARG LB 92 -49.82 100.73 -4.46
C ARG LB 92 -50.65 102.00 -4.53
N HIS LB 93 -50.58 102.72 -5.65
CA HIS LB 93 -51.42 103.90 -5.86
C HIS LB 93 -52.89 103.56 -6.07
N GLY LB 94 -53.23 102.29 -6.29
CA GLY LB 94 -54.57 101.89 -6.59
C GLY LB 94 -54.91 101.82 -8.07
N LEU LB 95 -54.08 102.42 -8.92
CA LEU LB 95 -54.41 102.51 -10.35
C LEU LB 95 -54.29 101.17 -11.07
N TYR LB 96 -53.30 100.35 -10.71
CA TYR LB 96 -53.02 99.13 -11.45
C TYR LB 96 -54.04 98.05 -11.12
N GLU LB 97 -54.48 97.34 -12.14
CA GLU LB 97 -55.37 96.19 -12.01
C GLU LB 97 -54.61 94.96 -12.47
N LYS LB 98 -54.29 94.08 -11.53
CA LYS LB 98 -53.36 92.99 -11.79
C LYS LB 98 -54.09 91.70 -12.14
N LYS LB 99 -53.31 90.66 -12.42
CA LYS LB 99 -53.85 89.33 -12.67
C LYS LB 99 -54.43 88.76 -11.38
N LYS LB 100 -55.56 88.06 -11.51
CA LYS LB 100 -56.21 87.43 -10.37
C LYS LB 100 -55.93 85.93 -10.31
N THR LB 101 -55.09 85.43 -11.21
CA THR LB 101 -54.78 84.00 -11.29
C THR LB 101 -53.32 83.81 -10.90
N SER LB 102 -53.05 82.83 -10.04
CA SER LB 102 -51.68 82.62 -9.63
C SER LB 102 -51.00 81.58 -10.53
N ARG LB 103 -49.68 81.54 -10.41
CA ARG LB 103 -48.83 80.91 -11.43
C ARG LB 103 -49.13 79.43 -11.58
N LYS LB 104 -49.33 78.73 -10.46
CA LYS LB 104 -49.43 77.28 -10.52
C LYS LB 104 -50.65 76.84 -11.32
N GLN LB 105 -51.83 77.34 -10.98
CA GLN LB 105 -53.01 76.93 -11.72
C GLN LB 105 -53.06 77.56 -13.11
N ARG LB 106 -52.44 78.73 -13.31
CA ARG LB 106 -52.27 79.23 -14.68
C ARG LB 106 -51.54 78.21 -15.53
N LYS LB 107 -50.40 77.72 -15.02
CA LYS LB 107 -49.61 76.74 -15.75
C LYS LB 107 -50.40 75.44 -15.95
N GLU LB 108 -51.16 75.02 -14.94
CA GLU LB 108 -51.93 73.78 -15.07
C GLU LB 108 -52.96 73.89 -16.19
N ARG LB 109 -53.71 74.99 -16.21
CA ARG LB 109 -54.72 75.16 -17.26
C ARG LB 109 -54.08 75.25 -18.64
N LYS LB 110 -52.97 75.98 -18.76
CA LYS LB 110 -52.37 76.09 -20.08
C LYS LB 110 -51.69 74.79 -20.51
N ASN LB 111 -51.22 73.98 -19.56
CA ASN LB 111 -50.68 72.68 -19.91
C ASN LB 111 -51.79 71.75 -20.38
N ARG LB 112 -52.97 71.84 -19.77
CA ARG LB 112 -54.10 71.09 -20.30
C ARG LB 112 -54.51 71.59 -21.68
N MET LB 113 -54.30 72.88 -21.95
CA MET LB 113 -54.50 73.38 -23.31
C MET LB 113 -53.49 72.79 -24.27
N LYS LB 114 -52.25 72.58 -23.81
CA LYS LB 114 -51.29 71.84 -24.62
C LYS LB 114 -51.75 70.42 -24.86
N LYS LB 115 -52.40 69.82 -23.86
CA LYS LB 115 -52.94 68.46 -24.00
C LYS LB 115 -54.03 68.40 -25.06
N VAL LB 116 -54.95 69.36 -25.06
CA VAL LB 116 -56.12 69.34 -25.92
C VAL LB 116 -55.85 70.17 -27.16
N ARG LB 117 -55.94 69.55 -28.33
CA ARG LB 117 -55.61 70.20 -29.59
C ARG LB 117 -56.88 70.41 -30.42
N GLY LB 118 -57.03 71.62 -30.94
CA GLY LB 118 -58.05 71.90 -31.95
C GLY LB 118 -59.41 72.28 -31.41
N THR LB 119 -59.99 71.43 -30.57
CA THR LB 119 -61.37 71.59 -30.12
C THR LB 119 -61.46 72.76 -29.16
N ALA LB 120 -62.01 73.88 -29.64
CA ALA LB 120 -62.16 75.05 -28.78
C ALA LB 120 -63.14 74.79 -27.64
N LYS LB 121 -64.14 73.94 -27.87
CA LYS LB 121 -65.10 73.62 -26.82
C LYS LB 121 -64.42 72.95 -25.65
N ALA LB 122 -63.51 72.02 -25.91
CA ALA LB 122 -62.71 71.44 -24.85
C ALA LB 122 -61.63 72.39 -24.36
N ASN LB 123 -61.19 73.33 -25.20
CA ASN LB 123 -60.22 74.31 -24.75
C ASN LB 123 -60.79 75.19 -23.65
N VAL LB 124 -62.03 75.66 -23.82
CA VAL LB 124 -62.61 76.57 -22.83
C VAL LB 124 -62.97 75.89 -21.52
N GLY LB 125 -62.90 74.57 -21.44
CA GLY LB 125 -63.35 73.89 -20.23
C GLY LB 125 -62.58 72.67 -19.79
N ALA LB 126 -61.39 72.43 -20.35
CA ALA LB 126 -60.59 71.30 -19.93
C ALA LB 126 -59.80 71.57 -18.66
N GLY LB 127 -59.81 72.80 -18.15
CA GLY LB 127 -59.15 73.11 -16.90
C GLY LB 127 -59.94 72.75 -15.66
N LYS LB 128 -61.12 72.17 -15.81
CA LYS LB 128 -62.00 71.88 -14.68
C LYS LB 128 -62.10 70.40 -14.35
N LYS LB 129 -61.86 69.51 -15.33
CA LYS LB 129 -62.01 68.08 -15.05
C LYS LB 129 -61.00 67.57 -14.03
N PRO LB 130 -59.67 67.78 -14.19
CA PRO LB 130 -58.77 67.25 -13.13
C PRO LB 130 -58.60 68.21 -11.96
N LYS LB 131 -59.58 68.17 -11.06
CA LYS LB 131 -59.58 69.03 -9.89
C LYS LB 131 -58.93 68.34 -8.69
N THR MB 1 33.06 50.77 16.20
CA THR MB 1 34.15 50.75 17.16
C THR MB 1 35.34 49.98 16.62
N LYS MB 2 36.27 50.69 15.99
CA LYS MB 2 37.50 50.05 15.53
C LYS MB 2 38.45 49.91 16.70
N LYS MB 3 38.79 48.67 17.06
CA LYS MB 3 39.66 48.45 18.20
C LYS MB 3 41.10 48.84 17.88
N ARG MB 4 41.59 48.48 16.71
CA ARG MB 4 42.94 48.82 16.29
C ARG MB 4 42.91 49.39 14.88
N ARG MB 5 43.80 50.33 14.61
CA ARG MB 5 43.84 50.94 13.28
C ARG MB 5 44.25 49.93 12.23
N ASN MB 6 45.17 49.04 12.54
CA ASN MB 6 45.61 48.02 11.60
C ASN MB 6 44.73 46.78 11.64
N ASN MB 7 43.67 46.78 12.46
CA ASN MB 7 42.75 45.66 12.59
C ASN MB 7 43.45 44.40 13.05
N GLY MB 8 44.54 44.55 13.79
CA GLY MB 8 45.26 43.41 14.32
C GLY MB 8 46.19 42.73 13.34
N ARG MB 9 46.35 43.26 12.14
CA ARG MB 9 47.20 42.64 11.14
C ARG MB 9 48.06 43.70 10.47
N ALA MB 10 49.22 43.27 9.98
CA ALA MB 10 50.13 44.15 9.25
C ALA MB 10 49.93 43.99 7.74
N LYS MB 11 48.69 44.25 7.30
CA LYS MB 11 48.32 44.14 5.90
C LYS MB 11 47.86 45.52 5.43
N LYS MB 12 48.71 46.22 4.69
CA LYS MB 12 48.43 47.59 4.29
C LYS MB 12 48.24 47.74 2.79
N GLY MB 13 49.21 47.31 1.99
CA GLY MB 13 49.09 47.46 0.55
C GLY MB 13 48.55 46.21 -0.12
N ARG MB 14 48.51 45.12 0.63
CA ARG MB 14 48.14 43.82 0.09
C ARG MB 14 46.63 43.74 -0.14
N GLY MB 15 46.23 42.66 -0.82
CA GLY MB 15 44.83 42.30 -0.91
C GLY MB 15 44.65 40.93 -0.29
N HIS MB 16 45.72 40.15 -0.24
CA HIS MB 16 45.69 38.82 0.33
C HIS MB 16 47.10 38.45 0.78
N VAL MB 17 47.18 37.70 1.88
CA VAL MB 17 48.44 37.25 2.45
C VAL MB 17 48.39 35.74 2.59
N GLN MB 18 49.51 35.09 2.34
CA GLN MB 18 49.58 33.64 2.41
C GLN MB 18 49.26 33.16 3.83
N PRO MB 19 48.31 32.26 4.00
CA PRO MB 19 47.98 31.78 5.34
C PRO MB 19 48.97 30.74 5.84
N ILE MB 20 49.14 30.72 7.16
CA ILE MB 20 49.99 29.74 7.82
C ILE MB 20 49.14 28.96 8.82
N ARG MB 21 49.76 28.08 9.58
CA ARG MB 21 49.04 27.28 10.55
C ARG MB 21 49.68 27.44 11.92
N CYS MB 22 48.83 27.46 12.95
CA CYS MB 22 49.31 27.62 14.32
C CYS MB 22 50.16 26.43 14.71
N THR MB 23 51.24 26.69 15.43
CA THR MB 23 52.12 25.61 15.85
C THR MB 23 51.51 24.80 16.99
N ASN MB 24 50.74 25.44 17.85
CA ASN MB 24 50.19 24.77 19.01
C ASN MB 24 48.87 24.08 18.72
N CYS MB 25 47.98 24.71 17.95
CA CYS MB 25 46.68 24.15 17.66
C CYS MB 25 46.39 23.92 16.19
N ALA MB 26 47.27 24.36 15.29
CA ALA MB 26 47.13 24.18 13.84
C ALA MB 26 45.85 24.84 13.32
N ARG MB 27 45.84 26.16 13.42
CA ARG MB 27 44.73 26.99 12.96
C ARG MB 27 45.19 27.84 11.78
N CYS MB 28 44.36 27.90 10.74
CA CYS MB 28 44.67 28.69 9.56
C CYS MB 28 44.62 30.18 9.91
N VAL MB 29 45.77 30.83 9.90
CA VAL MB 29 45.87 32.22 10.34
C VAL MB 29 46.75 32.99 9.34
N PRO MB 30 46.36 34.20 8.95
CA PRO MB 30 47.22 34.99 8.05
C PRO MB 30 48.58 35.24 8.66
N LYS MB 31 49.61 35.19 7.82
CA LYS MB 31 50.99 35.23 8.30
C LYS MB 31 51.31 36.54 8.99
N ASP MB 32 50.83 37.65 8.44
CA ASP MB 32 51.04 38.95 9.09
C ASP MB 32 50.23 39.06 10.38
N LYS MB 33 49.06 38.45 10.43
CA LYS MB 33 48.23 38.53 11.63
C LYS MB 33 48.81 37.69 12.77
N ALA MB 34 49.54 36.63 12.44
CA ALA MB 34 50.00 35.69 13.45
C ALA MB 34 51.07 36.31 14.33
N ILE MB 35 51.17 35.79 15.56
CA ILE MB 35 52.22 36.18 16.48
C ILE MB 35 53.44 35.31 16.18
N LYS MB 36 54.50 35.92 15.68
CA LYS MB 36 55.73 35.23 15.36
C LYS MB 36 56.69 35.36 16.53
N LYS MB 37 57.24 34.24 16.98
CA LYS MB 37 58.17 34.24 18.10
C LYS MB 37 59.36 33.35 17.72
N PHE MB 38 60.48 33.96 17.36
CA PHE MB 38 61.67 33.22 16.99
C PHE MB 38 62.53 33.02 18.23
N VAL MB 39 62.80 31.77 18.60
CA VAL MB 39 63.47 31.47 19.85
C VAL MB 39 64.75 30.71 19.58
N ILE MB 40 65.79 31.03 20.33
CA ILE MB 40 67.07 30.34 20.26
C ILE MB 40 67.38 29.82 21.66
N ARG MB 41 67.44 28.50 21.80
CA ARG MB 41 67.61 27.86 23.09
C ARG MB 41 68.82 26.94 23.06
N ASN MB 42 69.27 26.55 24.25
CA ASN MB 42 70.32 25.56 24.35
C ASN MB 42 69.79 24.20 23.94
N ILE MB 43 70.65 23.38 23.34
CA ILE MB 43 70.31 21.97 23.21
C ILE MB 43 70.33 21.29 24.57
N VAL MB 44 71.29 21.65 25.40
CA VAL MB 44 71.45 21.10 26.74
C VAL MB 44 71.14 22.20 27.74
N GLU MB 45 70.12 21.99 28.57
CA GLU MB 45 69.68 23.01 29.49
C GLU MB 45 70.70 23.18 30.63
N ALA MB 46 70.35 24.05 31.58
CA ALA MB 46 71.29 24.42 32.63
C ALA MB 46 71.64 23.24 33.53
N ALA MB 47 70.64 22.43 33.89
CA ALA MB 47 70.86 21.33 34.82
C ALA MB 47 71.74 20.22 34.26
N ALA MB 48 72.02 20.24 32.96
CA ALA MB 48 72.80 19.19 32.33
C ALA MB 48 74.01 19.70 31.56
N VAL MB 49 74.13 21.01 31.36
CA VAL MB 49 75.21 21.54 30.55
C VAL MB 49 76.57 21.28 31.19
N ARG MB 50 76.68 21.44 32.51
CA ARG MB 50 77.94 21.17 33.18
C ARG MB 50 78.32 19.70 33.11
N ASP MB 51 77.36 18.81 33.30
CA ASP MB 51 77.65 17.38 33.21
C ASP MB 51 78.10 17.01 31.80
N ILE MB 52 77.43 17.57 30.79
CA ILE MB 52 77.82 17.30 29.40
C ILE MB 52 79.24 17.77 29.15
N SER MB 53 79.59 18.97 29.63
CA SER MB 53 80.95 19.47 29.43
C SER MB 53 81.97 18.61 30.19
N GLU MB 54 81.61 18.13 31.38
CA GLU MB 54 82.50 17.25 32.13
C GLU MB 54 82.76 15.95 31.38
N ALA MB 55 81.71 15.38 30.79
CA ALA MB 55 81.81 14.08 30.13
C ALA MB 55 82.15 14.20 28.64
N SER MB 56 82.37 15.41 28.14
CA SER MB 56 82.65 15.58 26.72
C SER MB 56 84.05 15.09 26.39
N VAL MB 57 84.16 14.39 25.24
CA VAL MB 57 85.47 13.92 24.81
C VAL MB 57 86.31 15.07 24.29
N PHE MB 58 85.69 16.07 23.66
CA PHE MB 58 86.44 17.17 23.08
C PHE MB 58 86.78 18.22 24.12
N ASP MB 59 87.94 18.85 23.93
CA ASP MB 59 88.44 19.82 24.90
C ASP MB 59 87.56 21.06 24.97
N ALA MB 60 87.14 21.60 23.82
CA ALA MB 60 86.36 22.83 23.78
C ALA MB 60 85.27 22.66 22.71
N TYR MB 61 84.12 22.16 23.14
CA TYR MB 61 82.99 21.92 22.25
C TYR MB 61 81.85 22.86 22.64
N VAL MB 62 81.62 23.88 21.81
CA VAL MB 62 80.51 24.79 22.02
C VAL MB 62 79.23 24.07 21.60
N LEU MB 63 78.30 23.93 22.54
CA LEU MB 63 77.07 23.20 22.26
C LEU MB 63 76.24 23.94 21.22
N PRO MB 64 75.63 23.21 20.28
CA PRO MB 64 74.77 23.86 19.29
C PRO MB 64 73.46 24.29 19.93
N LYS MB 65 72.75 25.17 19.21
CA LYS MB 65 71.53 25.78 19.70
C LYS MB 65 70.32 25.23 18.94
N LEU MB 66 69.16 25.79 19.24
CA LEU MB 66 67.94 25.57 18.46
C LEU MB 66 67.57 26.87 17.77
N TYR MB 67 67.05 26.77 16.55
CA TYR MB 67 66.60 27.94 15.79
C TYR MB 67 65.21 27.62 15.24
N VAL MB 68 64.19 27.85 16.05
CA VAL MB 68 62.82 27.53 15.69
C VAL MB 68 61.97 28.79 15.80
N LYS MB 69 61.19 29.06 14.76
CA LYS MB 69 60.30 30.21 14.70
C LYS MB 69 58.88 29.72 14.90
N LEU MB 70 58.30 30.03 16.06
CA LEU MB 70 56.95 29.65 16.39
C LEU MB 70 55.96 30.62 15.75
N HIS MB 71 54.84 30.08 15.30
CA HIS MB 71 53.71 30.87 14.82
C HIS MB 71 52.52 30.59 15.72
N TYR MB 72 51.88 31.65 16.21
CA TYR MB 72 50.79 31.52 17.15
C TYR MB 72 49.56 32.21 16.60
N CYS MB 73 48.45 31.49 16.55
CA CYS MB 73 47.16 32.16 16.52
C CYS MB 73 46.95 32.86 17.85
N VAL MB 74 46.27 34.00 17.82
CA VAL MB 74 46.11 34.82 19.01
C VAL MB 74 45.37 34.07 20.12
N SER MB 75 44.45 33.17 19.75
CA SER MB 75 43.77 32.35 20.74
C SER MB 75 44.76 31.55 21.56
N CYS MB 76 45.74 30.95 20.90
CA CYS MB 76 46.76 30.18 21.61
C CYS MB 76 47.76 31.09 22.31
N ALA MB 77 48.13 32.21 21.67
CA ALA MB 77 49.17 33.07 22.23
C ALA MB 77 48.73 33.69 23.54
N ILE MB 78 47.48 34.17 23.61
CA ILE MB 78 46.99 34.79 24.84
C ILE MB 78 46.94 33.77 25.97
N HIS MB 79 46.43 32.58 25.68
CA HIS MB 79 46.34 31.54 26.71
C HIS MB 79 47.72 31.06 27.14
N SER MB 80 48.70 31.08 26.23
CA SER MB 80 50.07 30.69 26.53
C SER MB 80 50.90 31.84 27.06
N LYS MB 81 50.30 33.02 27.22
CA LYS MB 81 50.94 34.19 27.84
C LYS MB 81 52.12 34.71 27.02
N VAL MB 82 52.15 34.40 25.72
CA VAL MB 82 53.11 35.05 24.83
C VAL MB 82 52.81 36.54 24.74
N VAL MB 83 51.54 36.87 24.52
CA VAL MB 83 51.08 38.24 24.48
C VAL MB 83 50.01 38.40 25.54
N ARG MB 84 49.78 39.66 25.93
CA ARG MB 84 48.82 39.97 26.97
C ARG MB 84 47.99 41.16 26.53
N ASN MB 85 46.80 41.26 27.13
CA ASN MB 85 45.97 42.44 26.94
C ASN MB 85 46.68 43.67 27.47
N ARG MB 86 46.39 44.82 26.87
CA ARG MB 86 46.98 46.07 27.28
C ARG MB 86 45.91 47.15 27.32
N SER MB 87 46.20 48.21 28.06
CA SER MB 87 45.30 49.35 28.13
C SER MB 87 45.25 50.07 26.78
N ARG MB 88 44.30 50.99 26.65
CA ARG MB 88 44.06 51.63 25.36
C ARG MB 88 45.27 52.43 24.90
N GLU MB 89 45.90 53.18 25.81
CA GLU MB 89 47.09 53.92 25.44
C GLU MB 89 48.30 53.01 25.29
N ALA MB 90 48.37 51.96 26.12
CA ALA MB 90 49.47 51.01 26.03
C ALA MB 90 49.48 50.29 24.69
N ARG MB 91 48.30 50.11 24.08
CA ARG MB 91 48.24 49.45 22.79
C ARG MB 91 48.94 50.26 21.70
N LYS MB 92 48.98 51.58 21.84
CA LYS MB 92 49.59 52.42 20.82
C LYS MB 92 51.11 52.29 20.79
N ASP MB 93 51.70 51.61 21.77
CA ASP MB 93 53.14 51.37 21.77
C ASP MB 93 53.43 50.11 20.98
N ARG MB 94 54.37 50.20 20.03
CA ARG MB 94 54.72 49.08 19.18
C ARG MB 94 56.13 48.55 19.39
N THR MB 95 56.96 49.26 20.14
CA THR MB 95 58.31 48.78 20.39
C THR MB 95 58.28 47.54 21.29
N PRO MB 96 59.19 46.60 21.09
CA PRO MB 96 59.15 45.34 21.85
C PRO MB 96 59.45 45.58 23.32
N PRO MB 97 59.01 44.66 24.20
CA PRO MB 97 59.36 44.80 25.61
C PRO MB 97 60.84 44.59 25.83
N PRO MB 98 61.41 45.20 26.86
CA PRO MB 98 62.84 45.00 27.14
C PRO MB 98 63.12 43.58 27.60
N ARG MB 99 64.37 43.15 27.42
CA ARG MB 99 64.75 41.76 27.64
C ARG MB 99 65.22 41.48 29.06
N PHE MB 100 65.52 42.51 29.85
CA PHE MB 100 66.20 42.36 31.13
C PHE MB 100 67.52 41.61 30.99
N ARG MB 101 68.23 41.88 29.89
CA ARG MB 101 69.50 41.23 29.64
C ARG MB 101 70.62 41.72 30.56
N PRO MB 102 70.71 43.03 30.90
CA PRO MB 102 71.81 43.29 31.83
C PRO MB 102 71.40 43.09 33.29
N PRO NB 1 55.42 79.99 9.18
CA PRO NB 1 55.64 80.74 7.94
C PRO NB 1 54.33 81.23 7.32
N LEU NB 2 53.65 82.15 8.00
CA LEU NB 2 52.42 82.71 7.45
C LEU NB 2 52.69 83.73 6.35
N ALA NB 3 53.80 84.45 6.43
CA ALA NB 3 54.11 85.53 5.51
C ALA NB 3 55.33 85.19 4.65
N LYS NB 4 55.37 83.95 4.17
CA LYS NB 4 56.43 83.57 3.24
C LYS NB 4 56.27 84.33 1.93
N ASP NB 5 57.39 84.80 1.38
CA ASP NB 5 57.38 85.63 0.17
C ASP NB 5 57.31 84.70 -1.04
N LEU NB 6 56.11 84.55 -1.59
CA LEU NB 6 55.94 83.75 -2.79
C LEU NB 6 56.29 84.52 -4.05
N LEU NB 7 56.35 85.84 -3.98
CA LEU NB 7 56.55 86.64 -5.19
C LEU NB 7 57.98 86.56 -5.72
N HIS NB 8 58.97 86.65 -4.83
CA HIS NB 8 60.37 86.61 -5.22
C HIS NB 8 61.10 85.58 -4.38
N PRO NB 9 60.91 84.30 -4.66
CA PRO NB 9 61.71 83.29 -3.97
C PRO NB 9 63.16 83.36 -4.41
N SER NB 10 64.06 83.03 -3.49
CA SER NB 10 65.47 83.03 -3.82
C SER NB 10 65.81 81.80 -4.67
N PRO NB 11 66.82 81.91 -5.55
CA PRO NB 11 67.04 80.86 -6.54
C PRO NB 11 67.39 79.50 -5.95
N GLU NB 12 67.92 79.44 -4.72
CA GLU NB 12 68.23 78.11 -4.17
C GLU NB 12 66.96 77.29 -3.95
N GLU NB 13 65.95 77.86 -3.30
CA GLU NB 13 64.67 77.16 -3.22
C GLU NB 13 64.00 77.05 -4.58
N GLU NB 14 64.14 78.06 -5.44
CA GLU NB 14 63.48 77.99 -6.75
C GLU NB 14 63.99 76.81 -7.56
N LYS NB 15 65.31 76.57 -7.54
CA LYS NB 15 65.86 75.40 -8.22
C LYS NB 15 65.58 74.13 -7.44
N ARG NB 16 65.49 74.22 -6.12
CA ARG NB 16 65.20 73.06 -5.29
C ARG NB 16 63.80 72.52 -5.57
N LYS NB 17 62.87 73.39 -5.94
CA LYS NB 17 61.51 72.99 -6.28
C LYS NB 17 61.50 72.03 -7.47
N HIS NB 18 60.39 71.32 -7.61
CA HIS NB 18 60.21 70.47 -8.78
C HIS NB 18 60.09 71.33 -10.03
N LYS NB 19 60.46 70.73 -11.16
CA LYS NB 19 60.57 71.47 -12.42
C LYS NB 19 59.27 72.15 -12.79
N LYS NB 20 58.15 71.45 -12.66
CA LYS NB 20 56.85 72.02 -13.00
C LYS NB 20 56.18 72.74 -11.82
N LYS NB 21 56.77 72.67 -10.63
CA LYS NB 21 56.20 73.31 -9.45
C LYS NB 21 56.79 74.69 -9.17
N ARG NB 22 57.64 75.18 -10.07
CA ARG NB 22 58.26 76.49 -9.87
C ARG NB 22 57.27 77.59 -10.25
N LEU NB 23 57.70 78.85 -10.07
CA LEU NB 23 56.88 79.97 -10.49
C LEU NB 23 56.70 79.97 -12.01
N VAL NB 24 57.77 79.69 -12.74
CA VAL NB 24 57.72 79.47 -14.18
C VAL NB 24 58.57 78.25 -14.49
N GLN NB 25 58.07 77.40 -15.39
CA GLN NB 25 58.70 76.12 -15.65
C GLN NB 25 60.05 76.32 -16.33
N SER NB 26 61.12 76.02 -15.61
CA SER NB 26 62.47 76.09 -16.15
C SER NB 26 62.94 74.69 -16.51
N PRO NB 27 63.22 74.42 -17.77
CA PRO NB 27 63.74 73.08 -18.13
C PRO NB 27 65.07 72.79 -17.44
N ASN NB 28 65.13 71.63 -16.79
CA ASN NB 28 66.34 71.21 -16.09
C ASN NB 28 67.42 70.71 -17.04
N SER NB 29 67.05 70.28 -18.24
CA SER NB 29 68.02 69.83 -19.21
C SER NB 29 68.63 71.01 -19.95
N TYR NB 30 69.64 70.71 -20.76
CA TYR NB 30 70.35 71.73 -21.52
C TYR NB 30 71.05 71.06 -22.69
N PHE NB 31 71.95 71.80 -23.32
CA PHE NB 31 72.75 71.29 -24.42
C PHE NB 31 74.23 71.48 -24.12
N MET NB 32 75.01 70.46 -24.44
CA MET NB 32 76.45 70.48 -24.28
C MET NB 32 77.11 70.34 -25.64
N ASP NB 33 78.15 71.14 -25.87
CA ASP NB 33 78.88 71.07 -27.14
C ASP NB 33 80.00 70.05 -26.97
N VAL NB 34 79.68 68.79 -27.23
CA VAL NB 34 80.61 67.69 -27.01
C VAL NB 34 81.70 67.73 -28.07
N LYS NB 35 82.95 67.65 -27.62
CA LYS NB 35 84.11 67.53 -28.49
C LYS NB 35 84.43 66.04 -28.64
N CYS NB 36 84.33 65.52 -29.86
CA CYS NB 36 84.73 64.15 -30.13
C CYS NB 36 86.25 64.05 -29.97
N PRO NB 37 86.76 63.18 -29.11
CA PRO NB 37 88.21 62.99 -29.03
C PRO NB 37 88.77 62.48 -30.34
N GLY NB 38 89.97 62.96 -30.69
CA GLY NB 38 90.54 62.68 -31.99
C GLY NB 38 89.79 63.31 -33.13
N CYS NB 39 89.26 64.52 -32.93
CA CYS NB 39 88.50 65.23 -33.94
C CYS NB 39 88.87 66.71 -33.88
N TYR NB 40 88.14 67.53 -34.62
CA TYR NB 40 88.34 68.98 -34.61
C TYR NB 40 87.05 69.76 -34.56
N LYS NB 41 85.91 69.15 -34.85
CA LYS NB 41 84.62 69.82 -34.84
C LYS NB 41 83.82 69.38 -33.61
N ILE NB 42 82.82 70.19 -33.28
CA ILE NB 42 82.06 70.04 -32.04
C ILE NB 42 80.60 69.78 -32.39
N THR NB 43 79.98 68.84 -31.68
CA THR NB 43 78.61 68.45 -31.96
C THR NB 43 77.71 68.70 -30.75
N THR NB 44 76.48 69.12 -31.02
CA THR NB 44 75.52 69.46 -29.98
C THR NB 44 74.85 68.20 -29.46
N VAL NB 45 74.79 68.05 -28.13
CA VAL NB 45 74.19 66.89 -27.50
C VAL NB 45 73.24 67.34 -26.40
N PHE NB 46 72.04 66.77 -26.39
CA PHE NB 46 71.09 66.97 -25.30
C PHE NB 46 71.63 66.37 -23.99
N SER NB 47 71.27 66.99 -22.87
CA SER NB 47 71.72 66.46 -21.58
C SER NB 47 71.09 65.12 -21.23
N HIS NB 48 69.91 64.83 -21.76
CA HIS NB 48 69.16 63.65 -21.37
C HIS NB 48 68.97 62.75 -22.57
N ALA NB 49 70.06 62.50 -23.30
CA ALA NB 49 69.99 61.86 -24.60
C ALA NB 49 69.33 60.49 -24.53
N GLN NB 50 68.29 60.31 -25.34
CA GLN NB 50 67.62 59.02 -25.44
C GLN NB 50 68.27 58.09 -26.45
N THR NB 51 69.01 58.64 -27.41
CA THR NB 51 69.58 57.87 -28.50
C THR NB 51 71.09 57.97 -28.47
N VAL NB 52 71.75 56.89 -28.87
CA VAL NB 52 73.20 56.90 -29.02
C VAL NB 52 73.57 57.80 -30.19
N VAL NB 53 74.45 58.76 -29.94
CA VAL NB 53 74.81 59.79 -30.91
C VAL NB 53 76.25 59.59 -31.33
N LEU NB 54 76.54 59.92 -32.59
CA LEU NB 54 77.88 59.76 -33.15
C LEU NB 54 78.14 60.92 -34.10
N CYS NB 55 79.16 61.72 -33.79
CA CYS NB 55 79.57 62.77 -34.71
C CYS NB 55 80.28 62.15 -35.91
N VAL NB 56 80.28 62.89 -37.03
CA VAL NB 56 80.79 62.34 -38.28
C VAL NB 56 82.28 62.01 -38.16
N GLY NB 57 83.05 62.93 -37.58
CA GLY NB 57 84.47 62.70 -37.41
C GLY NB 57 84.79 61.59 -36.44
N CYS NB 58 84.02 61.50 -35.36
CA CYS NB 58 84.23 60.48 -34.33
C CYS NB 58 83.38 59.27 -34.69
N SER NB 59 83.99 58.29 -35.35
CA SER NB 59 83.27 57.08 -35.74
C SER NB 59 82.75 56.31 -34.53
N THR NB 60 83.32 56.55 -33.34
CA THR NB 60 82.84 55.94 -32.11
C THR NB 60 81.63 56.70 -31.58
N VAL NB 61 80.98 56.11 -30.58
CA VAL NB 61 79.77 56.69 -30.00
C VAL NB 61 80.15 57.79 -29.02
N LEU NB 62 79.17 58.58 -28.60
CA LEU NB 62 79.42 59.68 -27.67
C LEU NB 62 78.66 59.50 -26.36
N CYS NB 63 77.35 59.31 -26.42
CA CYS NB 63 76.52 59.26 -25.22
C CYS NB 63 75.72 57.97 -25.22
N GLN NB 64 75.71 57.30 -24.07
CA GLN NB 64 74.94 56.08 -23.85
C GLN NB 64 73.65 56.42 -23.13
N PRO NB 65 72.51 55.94 -23.62
CA PRO NB 65 71.24 56.31 -22.98
C PRO NB 65 71.08 55.65 -21.63
N THR NB 66 70.56 56.42 -20.67
CA THR NB 66 70.35 55.96 -19.29
C THR NB 66 69.01 56.50 -18.82
N GLY NB 67 68.78 56.42 -17.51
CA GLY NB 67 67.54 56.89 -16.94
C GLY NB 67 67.32 58.39 -17.06
N GLY NB 68 68.15 59.18 -16.39
CA GLY NB 68 67.98 60.62 -16.47
C GLY NB 68 68.85 61.32 -17.50
N LYS NB 69 70.18 61.18 -17.37
CA LYS NB 69 71.11 61.93 -18.22
C LYS NB 69 72.13 60.97 -18.81
N ALA NB 70 72.28 61.01 -20.13
CA ALA NB 70 73.16 60.08 -20.83
C ALA NB 70 74.59 60.22 -20.36
N ARG NB 71 75.22 59.08 -20.10
CA ARG NB 71 76.58 59.05 -19.58
C ARG NB 71 77.57 59.22 -20.73
N LEU NB 72 78.41 60.25 -20.64
CA LEU NB 72 79.44 60.47 -21.63
C LEU NB 72 80.47 59.36 -21.57
N THR NB 73 81.02 59.02 -22.73
CA THR NB 73 82.20 58.16 -22.77
C THR NB 73 83.41 58.94 -22.28
N GLU NB 74 84.30 58.27 -21.55
CA GLU NB 74 85.42 58.95 -20.93
C GLU NB 74 86.34 59.57 -21.97
N GLY NB 75 86.84 60.76 -21.68
CA GLY NB 75 87.66 61.50 -22.60
C GLY NB 75 86.90 62.44 -23.51
N CYS NB 76 85.62 62.66 -23.27
CA CYS NB 76 84.82 63.57 -24.07
C CYS NB 76 84.65 64.87 -23.32
N SER NB 77 85.26 65.93 -23.83
CA SER NB 77 85.10 67.26 -23.27
C SER NB 77 83.72 67.80 -23.63
N PHE NB 78 83.11 68.51 -22.67
CA PHE NB 78 81.80 69.09 -22.89
C PHE NB 78 81.72 70.43 -22.19
N ARG NB 79 80.78 71.26 -22.64
CA ARG NB 79 80.60 72.60 -22.11
C ARG NB 79 79.16 73.02 -22.34
N ARG NB 80 78.63 73.79 -21.39
CA ARG NB 80 77.27 74.31 -21.47
C ARG NB 80 77.13 75.20 -22.70
N LYS NB 81 75.93 75.18 -23.30
CA LYS NB 81 75.66 75.98 -24.49
C LYS NB 81 74.62 77.05 -24.17
N GLN NB 82 75.11 78.26 -23.88
CA GLN NB 82 74.29 79.47 -23.76
C GLN NB 82 73.15 79.29 -22.75
N HIS NB 83 73.47 78.69 -21.61
CA HIS NB 83 72.52 78.45 -20.53
C HIS NB 83 71.30 77.64 -21.00
N VAL OB 1 -12.94 28.97 30.01
CA VAL OB 1 -13.10 30.41 29.85
C VAL OB 1 -13.13 31.10 31.21
N HIS OB 2 -13.33 32.42 31.21
CA HIS OB 2 -13.39 33.20 32.43
C HIS OB 2 -14.72 33.89 32.64
N GLY OB 3 -15.33 34.41 31.58
CA GLY OB 3 -16.57 35.14 31.73
C GLY OB 3 -16.41 36.42 32.54
N SER OB 4 -15.34 37.15 32.31
CA SER OB 4 -15.03 38.34 33.10
C SER OB 4 -15.84 39.56 32.68
N LEU OB 5 -16.79 39.41 31.75
CA LEU OB 5 -17.63 40.52 31.34
C LEU OB 5 -18.67 40.90 32.39
N ALA OB 6 -18.79 40.12 33.46
CA ALA OB 6 -19.85 40.33 34.44
C ALA OB 6 -19.68 41.62 35.24
N ARG OB 7 -18.47 42.15 35.36
CA ARG OB 7 -18.20 43.27 36.25
C ARG OB 7 -18.11 44.61 35.52
N ALA OB 8 -18.87 44.77 34.44
CA ALA OB 8 -18.91 46.06 33.76
C ALA OB 8 -19.67 47.07 34.61
N GLY OB 9 -19.09 48.26 34.79
CA GLY OB 9 -19.70 49.29 35.60
C GLY OB 9 -19.66 49.03 37.09
N LYS OB 10 -18.78 48.12 37.52
CA LYS OB 10 -18.75 47.71 38.92
C LYS OB 10 -18.42 48.88 39.85
N VAL OB 11 -17.32 49.58 39.57
CA VAL OB 11 -16.88 50.65 40.46
C VAL OB 11 -17.81 51.86 40.36
N ARG OB 12 -18.23 52.21 39.14
CA ARG OB 12 -19.15 53.34 38.97
C ARG OB 12 -20.45 53.09 39.72
N GLY OB 13 -20.96 51.87 39.68
CA GLY OB 13 -22.13 51.54 40.49
C GLY OB 13 -21.83 51.56 41.98
N GLN OB 14 -20.64 51.11 42.37
CA GLN OB 14 -20.32 50.98 43.78
C GLN OB 14 -20.09 52.32 44.47
N THR OB 15 -19.68 53.35 43.74
CA THR OB 15 -19.43 54.64 44.37
C THR OB 15 -20.74 55.23 44.88
N PRO OB 16 -20.83 55.58 46.16
CA PRO OB 16 -22.07 56.18 46.67
C PRO OB 16 -22.31 57.55 46.05
N LYS OB 17 -23.53 57.74 45.56
CA LYS OB 17 -23.89 58.96 44.86
C LYS OB 17 -23.98 60.14 45.82
N VAL OB 18 -23.54 61.30 45.35
CA VAL OB 18 -23.56 62.53 46.13
C VAL OB 18 -24.23 63.62 45.29
N ALA OB 19 -25.19 64.31 45.90
CA ALA OB 19 -25.84 65.42 45.22
C ALA OB 19 -24.91 66.63 45.16
N LYS OB 20 -25.01 67.38 44.06
CA LYS OB 20 -24.24 68.61 43.91
C LYS OB 20 -24.91 69.75 44.65
N GLN OB 21 -24.13 70.47 45.46
CA GLN OB 21 -24.66 71.58 46.23
C GLN OB 21 -25.01 72.75 45.31
N GLU OB 22 -25.78 73.69 45.85
CA GLU OB 22 -26.21 74.84 45.08
C GLU OB 22 -25.09 75.87 44.98
N LYS OB 23 -24.94 76.45 43.79
CA LYS OB 23 -23.94 77.48 43.54
C LYS OB 23 -24.61 78.65 42.82
N LYS OB 24 -24.19 79.86 43.15
CA LYS OB 24 -24.67 81.04 42.45
C LYS OB 24 -24.14 81.04 41.02
N LYS OB 25 -24.86 81.73 40.13
CA LYS OB 25 -24.46 81.81 38.72
C LYS OB 25 -23.12 82.50 38.58
N LYS OB 26 -22.30 81.99 37.68
CA LYS OB 26 -20.98 82.54 37.43
C LYS OB 26 -21.03 83.59 36.34
N LYS OB 27 -20.28 84.68 36.55
CA LYS OB 27 -20.15 85.69 35.52
C LYS OB 27 -19.48 85.11 34.28
N THR OB 28 -19.98 85.47 33.11
CA THR OB 28 -19.52 84.89 31.85
C THR OB 28 -19.25 86.01 30.85
N GLY OB 29 -18.13 85.88 30.15
CA GLY OB 29 -17.77 86.84 29.12
C GLY OB 29 -16.77 87.88 29.60
N ARG OB 30 -17.03 89.15 29.27
CA ARG OB 30 -16.16 90.21 29.74
C ARG OB 30 -16.14 90.28 31.25
N ALA OB 31 -17.24 89.92 31.91
CA ALA OB 31 -17.25 89.89 33.37
C ALA OB 31 -16.38 88.77 33.91
N LYS OB 32 -16.39 87.60 33.25
CA LYS OB 32 -15.52 86.50 33.68
C LYS OB 32 -14.05 86.86 33.52
N ARG OB 33 -13.71 87.45 32.38
CA ARG OB 33 -12.33 87.89 32.17
C ARG OB 33 -11.96 89.00 33.14
N ARG OB 34 -12.91 89.87 33.47
CA ARG OB 34 -12.70 90.89 34.49
C ARG OB 34 -12.37 90.25 35.83
N MET OB 35 -13.13 89.22 36.21
CA MET OB 35 -12.90 88.54 37.48
C MET OB 35 -11.52 87.88 37.52
N GLN OB 36 -11.13 87.20 36.44
CA GLN OB 36 -9.83 86.53 36.44
C GLN OB 36 -8.66 87.52 36.40
N TYR OB 37 -8.79 88.58 35.60
CA TYR OB 37 -7.77 89.63 35.56
C TYR OB 37 -7.62 90.28 36.92
N ASN OB 38 -8.75 90.55 37.58
CA ASN OB 38 -8.71 91.08 38.95
C ASN OB 38 -8.01 90.13 39.90
N ARG OB 39 -8.32 88.84 39.81
CA ARG OB 39 -7.76 87.88 40.74
C ARG OB 39 -6.24 87.75 40.58
N ARG OB 40 -5.76 87.75 39.33
CA ARG OB 40 -4.35 87.44 39.10
C ARG OB 40 -3.48 88.65 38.82
N PHE OB 41 -4.03 89.85 38.76
CA PHE OB 41 -3.11 90.96 38.50
C PHE OB 41 -3.21 92.09 39.50
N VAL OB 42 -4.42 92.45 39.94
CA VAL OB 42 -4.57 93.56 40.87
C VAL OB 42 -4.47 93.08 42.32
N ASN OB 43 -4.97 91.89 42.62
CA ASN OB 43 -4.93 91.34 43.97
C ASN OB 43 -3.62 90.61 44.26
N VAL OB 44 -2.57 90.91 43.52
CA VAL OB 44 -1.27 90.26 43.71
C VAL OB 44 -0.67 90.77 45.01
N VAL OB 45 -0.48 89.86 45.96
CA VAL OB 45 0.02 90.21 47.28
C VAL OB 45 1.44 89.68 47.46
N PRO OB 46 2.30 90.37 48.19
CA PRO OB 46 3.63 89.82 48.48
C PRO OB 46 3.55 88.76 49.58
N THR OB 47 4.32 87.70 49.40
CA THR OB 47 4.28 86.57 50.32
C THR OB 47 5.54 85.73 50.17
N PHE OB 48 5.76 84.87 51.16
CA PHE OB 48 6.86 83.91 51.15
C PHE OB 48 6.49 82.58 50.49
N GLY OB 49 5.27 82.48 49.97
CA GLY OB 49 4.76 81.22 49.42
C GLY OB 49 5.28 80.84 48.05
N LYS OB 50 6.21 81.62 47.49
CA LYS OB 50 6.83 81.30 46.19
C LYS OB 50 5.79 81.21 45.07
N LYS OB 51 4.76 82.04 45.17
CA LYS OB 51 3.70 82.17 44.16
C LYS OB 51 2.97 80.85 43.94
N LYS OB 52 2.28 80.41 44.98
CA LYS OB 52 1.46 79.20 44.90
C LYS OB 52 0.33 79.40 43.91
N GLY OB 53 -0.07 78.32 43.26
CA GLY OB 53 -1.00 78.39 42.16
C GLY OB 53 -2.40 78.77 42.56
N PRO OB 54 -3.26 79.04 41.58
CA PRO OB 54 -4.65 79.40 41.88
C PRO OB 54 -5.43 78.30 42.58
N ASN OB 55 -5.02 77.05 42.43
CA ASN OB 55 -5.61 75.94 43.17
C ASN OB 55 -4.72 75.53 44.32
N ALA OB 56 -4.17 76.51 45.03
CA ALA OB 56 -3.30 76.24 46.16
C ALA OB 56 -4.00 75.35 47.18
N ASN OB 57 -3.30 74.33 47.61
CA ASN OB 57 -3.87 73.25 48.41
C ASN OB 57 -3.17 73.05 49.74
N SER OB 58 -1.85 73.13 49.78
CA SER OB 58 -1.10 73.04 51.02
C SER OB 58 -1.24 74.33 51.83
P A2M PB 27 -20.45 67.49 6.27
OP1 A2M PB 27 -21.82 67.73 5.75
O5' A2M PB 27 -20.25 66.01 7.32
C5' A2M PB 27 -20.55 64.83 6.76
C4' A2M PB 27 -20.19 63.67 7.70
O4' A2M PB 27 -18.80 63.64 7.89
C3' A2M PB 27 -20.85 63.83 9.06
O3' A2M PB 27 -22.14 63.36 8.92
C2' A2M PB 27 -19.90 63.10 9.98
O2' A2M PB 27 -20.07 61.71 9.94
C1' A2M PB 27 -18.59 63.48 9.27
CM' A2M PB 27 -19.01 61.08 10.60
N9 A2M PB 27 -17.93 64.66 9.76
C8 A2M PB 27 -17.76 65.93 9.22
N7 A2M PB 27 -17.07 66.76 10.02
C5 A2M PB 27 -16.78 65.96 11.12
C6 A2M PB 27 -16.10 66.18 12.30
N6 A2M PB 27 -15.53 67.41 12.58
N1 A2M PB 27 -15.96 65.22 13.25
C2 A2M PB 27 -16.52 64.03 12.96
N3 A2M PB 27 -17.21 63.64 11.88
C4 A2M PB 27 -17.31 64.66 10.98
OP2 A2M PB 27 -19.91 68.39 7.34
N1 PSU PB 93 -31.41 75.56 -24.86
C2 PSU PB 93 -32.30 75.78 -23.84
N3 PSU PB 93 -32.43 77.05 -23.30
C4 PSU PB 93 -31.66 78.08 -23.78
C5 PSU PB 93 -30.75 77.85 -24.82
C6 PSU PB 93 -30.65 76.56 -25.34
O2 PSU PB 93 -32.99 74.86 -23.40
O4 PSU PB 93 -31.80 79.19 -23.28
C1' PSU PB 93 -29.87 78.93 -25.38
C2' PSU PB 93 -28.91 79.32 -24.26
O2' PSU PB 93 -28.54 80.68 -24.44
C3' PSU PB 93 -27.74 78.40 -24.55
C4' PSU PB 93 -27.68 78.43 -26.06
O3' PSU PB 93 -26.53 78.80 -23.92
O4' PSU PB 93 -29.08 78.44 -26.45
C5' PSU PB 93 -26.94 77.30 -26.72
O5' PSU PB 93 -27.38 76.03 -26.26
P PSU PB 93 -27.18 74.73 -27.17
OP1 PSU PB 93 -25.73 74.47 -27.13
OP2 PSU PB 93 -28.00 75.23 -26.04
P A2M PB 99 -16.57 61.15 -12.42
OP1 A2M PB 99 -16.57 61.19 -10.93
O5' A2M PB 99 -17.85 60.10 -13.18
C5' A2M PB 99 -17.68 58.78 -13.09
C4' A2M PB 99 -18.25 58.12 -14.34
O4' A2M PB 99 -19.31 58.90 -14.83
C3' A2M PB 99 -17.20 58.04 -15.44
O3' A2M PB 99 -16.36 56.99 -15.13
C2' A2M PB 99 -18.07 57.98 -16.68
O2' A2M PB 99 -18.70 56.74 -16.87
C1' A2M PB 99 -19.11 59.01 -16.21
CM' A2M PB 99 -18.92 56.49 -18.23
N9 A2M PB 99 -18.80 60.38 -16.52
C8 A2M PB 99 -18.56 61.50 -15.73
N7 A2M PB 99 -18.31 62.61 -16.45
C5 A2M PB 99 -18.40 62.17 -17.76
C6 A2M PB 99 -18.27 62.79 -18.99
N6 A2M PB 99 -17.96 64.12 -19.09
N1 A2M PB 99 -18.41 62.12 -20.15
C2 A2M PB 99 -18.71 60.80 -20.04
N3 A2M PB 99 -18.87 60.05 -18.95
C4 A2M PB 99 -18.72 60.79 -17.83
OP2 A2M PB 99 -15.46 60.44 -13.14
N1 PSU PB 105 -5.89 67.84 -23.64
C2 PSU PB 105 -5.41 68.31 -22.43
N3 PSU PB 105 -6.29 68.61 -21.41
C4 PSU PB 105 -7.64 68.44 -21.60
C5 PSU PB 105 -8.11 67.97 -22.81
C6 PSU PB 105 -7.22 67.67 -23.82
O2 PSU PB 105 -4.21 68.47 -22.27
O4 PSU PB 105 -8.41 68.71 -20.67
C1' PSU PB 105 -9.58 67.76 -23.05
C2' PSU PB 105 -10.31 69.09 -23.17
O2' PSU PB 105 -11.65 68.90 -22.76
C3' PSU PB 105 -10.24 69.32 -24.68
C4' PSU PB 105 -10.42 67.92 -25.23
O3' PSU PB 105 -11.20 70.24 -25.15
O4' PSU PB 105 -9.74 67.07 -24.27
C5' PSU PB 105 -9.85 67.68 -26.60
O5' PSU PB 105 -8.52 68.16 -26.68
P PSU PB 105 -7.58 67.79 -27.91
OP1 PSU PB 105 -8.20 68.33 -29.14
OP2 PSU PB 105 -6.24 68.22 -27.47
N1 PSU PB 109 -3.45 80.57 -27.52
C2 PSU PB 109 -3.56 79.44 -28.29
N3 PSU PB 109 -2.54 79.07 -29.14
C4 PSU PB 109 -1.40 79.84 -29.21
C5 PSU PB 109 -1.30 80.99 -28.44
C6 PSU PB 109 -2.34 81.34 -27.59
O2 PSU PB 109 -4.57 78.75 -28.24
O4 PSU PB 109 -0.48 79.51 -29.96
C1' PSU PB 109 -0.05 81.83 -28.48
C2' PSU PB 109 0.05 82.77 -29.68
O2' PSU PB 109 1.41 82.79 -30.10
C3' PSU PB 109 -0.33 84.11 -29.07
C4' PSU PB 109 0.21 84.01 -27.66
O3' PSU PB 109 0.19 85.22 -29.78
O4' PSU PB 109 0.03 82.61 -27.31
C5' PSU PB 109 -0.48 84.87 -26.63
O5' PSU PB 109 -1.88 84.75 -26.74
P PSU PB 109 -2.82 84.91 -25.46
OP1 PSU PB 109 -2.92 86.35 -25.13
OP2 PSU PB 109 -4.04 84.12 -25.67
N1 OMU PB 116 -17.98 78.58 -42.80
C2 OMU PB 116 -18.12 79.33 -41.49
N3 OMU PB 116 -17.15 80.42 -41.17
C4 OMU PB 116 -16.08 80.75 -42.09
C5 OMU PB 116 -15.95 80.01 -43.38
C6 OMU PB 116 -16.92 78.93 -43.70
O2 OMU PB 116 -19.01 79.07 -40.71
O4 OMU PB 116 -15.35 81.58 -41.83
C1' OMU PB 116 -18.94 77.51 -43.15
C2' OMU PB 116 -20.33 78.04 -43.46
O2' OMU PB 116 -21.28 77.04 -43.12
CM2 OMU PB 116 -21.49 76.89 -41.75
C3' OMU PB 116 -20.26 78.22 -44.97
C4' OMU PB 116 -19.40 77.04 -45.40
O3' OMU PB 116 -21.52 78.22 -45.59
O4' OMU PB 116 -18.46 76.84 -44.30
C5' OMU PB 116 -18.62 77.23 -46.67
O5' OMU PB 116 -17.70 78.32 -46.54
P OMU PB 116 -16.57 78.58 -47.63
OP1 OMU PB 116 -17.19 78.34 -48.97
OP2 OMU PB 116 -15.94 79.90 -47.29
N1 OMU PB 121 -25.62 95.33 -40.45
C2 OMU PB 121 -24.41 94.68 -41.08
N3 OMU PB 121 -24.57 93.38 -41.81
C4 OMU PB 121 -25.87 92.75 -41.91
C5 OMU PB 121 -27.06 93.41 -41.28
C6 OMU PB 121 -26.90 94.69 -40.56
O2 OMU PB 121 -23.32 95.20 -40.99
O4 OMU PB 121 -25.97 91.76 -42.46
C1' OMU PB 121 -25.45 96.61 -39.72
C2' OMU PB 121 -25.73 97.83 -40.59
O2' OMU PB 121 -24.93 98.91 -40.14
CM2 OMU PB 121 -23.55 98.69 -40.22
C3' OMU PB 121 -27.20 98.09 -40.27
C4' OMU PB 121 -27.28 97.74 -38.79
O3' OMU PB 121 -27.61 99.41 -40.55
O4' OMU PB 121 -26.35 96.64 -38.64
C5' OMU PB 121 -28.65 97.32 -38.33
O5' OMU PB 121 -29.27 96.50 -39.30
P OMU PB 121 -30.41 95.47 -38.89
OP1 OMU PB 121 -31.65 96.24 -38.58
OP2 OMU PB 121 -30.44 94.38 -39.94
P A2M PB 159 -61.21 54.46 -25.90
OP1 A2M PB 159 -61.71 55.80 -25.45
O5' A2M PB 159 -59.51 54.81 -25.31
C5' A2M PB 159 -59.39 55.30 -24.07
C4' A2M PB 159 -57.95 55.07 -23.57
O4' A2M PB 159 -57.66 53.70 -23.57
C3' A2M PB 159 -56.95 55.80 -24.44
O3' A2M PB 159 -56.87 57.06 -23.88
C2' A2M PB 159 -55.72 54.89 -24.38
O2' A2M PB 159 -54.90 55.12 -23.26
C1' A2M PB 159 -56.44 53.53 -24.24
CM' A2M PB 159 -54.30 53.94 -22.80
N9 A2M PB 159 -56.66 52.76 -25.45
C8 A2M PB 159 -57.68 52.74 -26.39
N7 A2M PB 159 -57.50 51.83 -27.36
C5 A2M PB 159 -56.28 51.24 -27.03
C6 A2M PB 159 -55.50 50.25 -27.59
N6 A2M PB 159 -55.88 49.61 -28.76
N1 A2M PB 159 -54.33 49.85 -27.06
C2 A2M PB 159 -53.96 50.48 -25.91
N3 A2M PB 159 -54.58 51.45 -25.23
C4 A2M PB 159 -55.74 51.80 -25.83
OP2 A2M PB 159 -61.33 54.09 -27.34
P A2M PB 166 -62.62 61.63 -48.54
OP1 A2M PB 166 -62.41 61.45 -50.01
O5' A2M PB 166 -64.09 62.65 -48.78
C5' A2M PB 166 -65.18 62.03 -49.26
C4' A2M PB 166 -66.43 62.84 -48.91
O4' A2M PB 166 -66.80 62.57 -47.57
C3' A2M PB 166 -66.18 64.33 -49.06
O3' A2M PB 166 -66.25 64.62 -50.42
C2' A2M PB 166 -67.23 64.90 -48.11
O2' A2M PB 166 -68.52 64.93 -48.65
C1' A2M PB 166 -67.12 63.82 -47.00
CM' A2M PB 166 -69.46 65.25 -47.66
N9 A2M PB 166 -66.18 64.09 -45.95
C8 A2M PB 166 -64.98 63.50 -45.57
N7 A2M PB 166 -64.39 64.10 -44.52
C5 A2M PB 166 -65.27 65.14 -44.22
C6 A2M PB 166 -65.28 66.15 -43.28
N6 A2M PB 166 -64.26 66.26 -42.35
N1 A2M PB 166 -66.28 67.07 -43.19
C2 A2M PB 166 -67.28 66.94 -44.10
N3 A2M PB 166 -67.44 66.05 -45.08
C4 A2M PB 166 -66.39 65.17 -45.10
OP2 A2M PB 166 -61.53 62.24 -47.73
N1 OMU PB 172 -45.53 87.65 -46.30
C2 OMU PB 172 -45.05 87.68 -44.87
N3 OMU PB 172 -45.22 88.91 -44.05
C4 OMU PB 172 -45.86 90.09 -44.64
C5 OMU PB 172 -46.34 90.04 -46.06
C6 OMU PB 172 -46.15 88.82 -46.87
O2 OMU PB 172 -44.51 86.69 -44.39
O4 OMU PB 172 -46.02 91.02 -44.01
C1' OMU PB 172 -45.34 86.45 -47.12
C2' OMU PB 172 -46.57 85.54 -47.17
O2' OMU PB 172 -46.63 84.67 -46.07
CM2 OMU PB 172 -47.93 84.21 -45.84
C3' OMU PB 172 -46.34 84.84 -48.51
C4' OMU PB 172 -45.80 85.97 -49.37
O3' OMU PB 172 -45.32 83.86 -48.35
O4' OMU PB 172 -45.11 86.86 -48.45
C5' OMU PB 172 -46.86 86.77 -50.11
O5' OMU PB 172 -48.14 86.15 -50.01
P OMU PB 172 -49.36 86.88 -49.31
OP1 OMU PB 172 -48.84 87.69 -48.15
OP2 OMU PB 172 -50.18 87.56 -50.38
N1 OMC PB 174 -47.49 77.32 -53.26
C2 OMC PB 174 -48.35 77.51 -54.37
N3 OMC PB 174 -48.84 78.74 -54.60
C4 OMC PB 174 -48.53 79.75 -53.82
C5 OMC PB 174 -47.67 79.61 -52.69
C6 OMC PB 174 -47.18 78.38 -52.47
O2 OMC PB 174 -48.63 76.56 -55.08
N4 OMC PB 174 -49.06 80.94 -54.12
C1' OMC PB 174 -46.91 76.00 -52.93
C2' OMC PB 174 -45.67 75.67 -53.76
O2' OMC PB 174 -45.71 74.30 -54.13
CM2 OMC PB 174 -46.71 73.97 -55.06
C3' OMC PB 174 -44.55 75.92 -52.77
C4' OMC PB 174 -45.18 75.49 -51.47
O4' OMC PB 174 -46.52 75.99 -51.57
O3' OMC PB 174 -43.36 75.22 -53.06
C5' OMC PB 174 -44.53 76.02 -50.21
O5' OMC PB 174 -44.22 77.39 -50.34
P OMC PB 174 -43.26 78.11 -49.28
OP1 OMC PB 174 -42.06 77.21 -49.07
OP2 OMC PB 174 -43.06 79.56 -49.72
N1 OMU PB 293 3.64 74.36 -26.18
C2 OMU PB 293 2.36 74.60 -25.41
N3 OMU PB 293 1.05 74.13 -25.97
C4 OMU PB 293 1.01 73.43 -27.25
C5 OMU PB 293 2.30 73.19 -27.99
C6 OMU PB 293 3.59 73.66 -27.44
O2 OMU PB 293 2.39 75.18 -24.35
O4 OMU PB 293 0.03 73.08 -27.67
C1' OMU PB 293 4.91 74.82 -25.60
C2' OMU PB 293 5.44 73.84 -24.56
O2' OMU PB 293 6.18 74.57 -23.59
CM2 OMU PB 293 5.43 75.53 -22.92
C3' OMU PB 293 6.38 73.01 -25.42
C4' OMU PB 293 7.00 74.06 -26.32
O3' OMU PB 293 7.33 72.28 -24.67
O4' OMU PB 293 5.88 74.94 -26.62
C5' OMU PB 293 7.61 73.56 -27.60
O5' OMU PB 293 6.72 72.74 -28.33
P OMU PB 293 7.09 72.21 -29.78
OP1 OMU PB 293 8.52 71.74 -29.75
OP2 OMU PB 293 5.99 71.30 -30.24
N1 PSU PB 345 -6.36 55.63 -15.26
C2 PSU PB 345 -5.87 56.64 -16.05
N3 PSU PB 345 -5.32 57.77 -15.47
C4 PSU PB 345 -5.26 57.88 -14.10
C5 PSU PB 345 -5.76 56.86 -13.31
C6 PSU PB 345 -6.30 55.73 -13.92
O2 PSU PB 345 -5.92 56.53 -17.27
O4 PSU PB 345 -4.77 58.88 -13.59
C1' PSU PB 345 -5.69 56.98 -11.82
C2' PSU PB 345 -6.89 57.77 -11.31
O2' PSU PB 345 -6.50 58.47 -10.14
C3' PSU PB 345 -7.86 56.64 -10.97
C4' PSU PB 345 -6.93 55.57 -10.42
O3' PSU PB 345 -8.86 57.01 -10.04
O4' PSU PB 345 -5.73 55.70 -11.24
C5' PSU PB 345 -7.46 54.16 -10.53
O5' PSU PB 345 -8.05 53.92 -11.78
P PSU PB 345 -8.19 52.45 -12.36
OP1 PSU PB 345 -9.15 51.71 -11.51
OP2 PSU PB 345 -8.40 52.53 -13.83
N1 OMU PB 367 -21.51 78.66 -8.03
C2 OMU PB 367 -22.52 77.73 -7.38
N3 OMU PB 367 -22.37 77.35 -5.94
C4 OMU PB 367 -21.25 77.87 -5.17
C5 OMU PB 367 -20.27 78.79 -5.83
C6 OMU PB 367 -20.41 79.17 -7.26
O2 OMU PB 367 -23.46 77.29 -8.02
O4 OMU PB 367 -21.13 77.60 -4.08
C1' OMU PB 367 -21.67 79.04 -9.44
C2' OMU PB 367 -20.54 79.88 -9.99
O2' OMU PB 367 -20.66 81.24 -9.63
CM2 OMU PB 367 -19.56 82.02 -10.00
C3' OMU PB 367 -20.66 79.61 -11.49
C4' OMU PB 367 -21.17 78.17 -11.54
O3' OMU PB 367 -21.65 80.48 -12.04
O4' OMU PB 367 -21.68 77.86 -10.21
C5' OMU PB 367 -20.15 77.13 -11.94
O5' OMU PB 367 -18.96 77.25 -11.18
P OMU PB 367 -18.00 76.00 -10.97
OP1 OMU PB 367 -17.74 75.40 -12.32
OP2 OMU PB 367 -16.85 76.40 -10.09
P OMG PB 375 -31.30 59.53 -19.78
OP1 OMG PB 375 -31.65 58.92 -21.14
OP2 OMG PB 375 -32.33 60.31 -18.98
O5' OMG PB 375 -30.77 58.36 -18.87
C5' OMG PB 375 -29.37 58.15 -18.68
C4' OMG PB 375 -29.06 56.75 -18.23
O4' OMG PB 375 -30.30 55.99 -18.07
C3' OMG PB 375 -28.25 55.92 -19.21
O3' OMG PB 375 -26.86 56.19 -19.15
C2' OMG PB 375 -28.62 54.50 -18.79
O2' OMG PB 375 -28.00 54.17 -17.56
CM2 OMG PB 375 -26.89 53.30 -17.68
C1' OMG PB 375 -30.11 54.67 -18.54
N9 OMG PB 375 -30.89 54.53 -19.78
C8 OMG PB 375 -31.74 55.47 -20.33
N7 OMG PB 375 -32.29 55.06 -21.43
C5 OMG PB 375 -31.79 53.80 -21.63
C6 OMG PB 375 -32.04 52.87 -22.67
O6 OMG PB 375 -32.77 52.99 -23.64
N1 OMG PB 375 -31.31 51.69 -22.47
C2 OMG PB 375 -30.48 51.43 -21.43
N2 OMG PB 375 -29.86 50.24 -21.42
N3 OMG PB 375 -30.25 52.29 -20.47
C4 OMG PB 375 -30.92 53.45 -20.61
N1 OMC PB 401 -50.45 49.55 -18.99
C2 OMC PB 401 -50.80 49.24 -20.32
N3 OMC PB 401 -49.96 48.47 -21.04
C4 OMC PB 401 -48.85 48.02 -20.53
C5 OMC PB 401 -48.45 48.30 -19.20
C6 OMC PB 401 -49.29 49.08 -18.49
O2 OMC PB 401 -51.83 49.65 -20.83
N4 OMC PB 401 -48.07 47.26 -21.30
C1' OMC PB 401 -51.25 50.40 -18.08
C2' OMC PB 401 -52.66 49.84 -17.84
O2' OMC PB 401 -53.58 50.93 -17.87
CM2 OMC PB 401 -53.59 51.66 -19.08
C3' OMC PB 401 -52.55 49.29 -16.42
C4' OMC PB 401 -51.56 50.24 -15.78
O4' OMC PB 401 -50.60 50.47 -16.83
O3' OMC PB 401 -53.79 49.24 -15.73
C5' OMC PB 401 -50.90 49.77 -14.52
O5' OMC PB 401 -49.82 48.88 -14.78
P OMC PB 401 -48.58 48.81 -13.78
OP1 OMC PB 401 -49.11 48.79 -12.35
OP2 OMC PB 401 -47.63 47.71 -14.24
P A2M PB 407 -48.93 49.47 -30.83
OP1 A2M PB 407 -48.75 50.53 -31.89
O5' A2M PB 407 -48.98 50.73 -29.52
C5' A2M PB 407 -49.89 51.71 -29.67
C4' A2M PB 407 -50.18 52.38 -28.35
O4' A2M PB 407 -50.58 51.41 -27.41
C3' A2M PB 407 -48.95 53.06 -27.79
O3' A2M PB 407 -48.74 54.19 -28.55
C2' A2M PB 407 -49.30 53.16 -26.32
O2' A2M PB 407 -50.26 54.13 -26.03
C1' A2M PB 407 -49.92 51.76 -26.21
CM' A2M PB 407 -50.85 53.89 -24.78
N9 A2M PB 407 -49.01 50.70 -25.88
C8 A2M PB 407 -48.48 49.63 -26.59
N7 A2M PB 407 -47.62 48.87 -25.87
C5 A2M PB 407 -47.62 49.51 -24.63
C6 A2M PB 407 -46.98 49.28 -23.43
N6 A2M PB 407 -46.12 48.22 -23.27
N1 A2M PB 407 -47.16 50.07 -22.34
C2 A2M PB 407 -48.01 51.12 -22.51
N3 A2M PB 407 -48.71 51.49 -23.59
C4 A2M PB 407 -48.48 50.65 -24.63
OP2 A2M PB 407 -47.89 48.41 -30.67
P A2M PB 423 -25.08 58.06 6.97
OP1 A2M PB 423 -26.32 58.69 7.49
O5' A2M PB 423 -24.56 59.59 6.12
C5' A2M PB 423 -24.90 60.75 6.71
C4' A2M PB 423 -24.13 61.90 6.08
O4' A2M PB 423 -22.78 61.50 5.97
C3' A2M PB 423 -24.68 62.29 4.72
O3' A2M PB 423 -25.61 63.31 4.96
C2' A2M PB 423 -23.42 62.64 3.91
O2' A2M PB 423 -23.09 64.01 3.99
C1' A2M PB 423 -22.35 61.80 4.67
CM' A2M PB 423 -22.36 64.42 2.87
N9 A2M PB 423 -21.87 60.57 4.06
C8 A2M PB 423 -22.04 59.23 4.40
N7 A2M PB 423 -21.40 58.38 3.57
C5 A2M PB 423 -20.79 59.23 2.66
C6 A2M PB 423 -19.99 59.02 1.56
N6 A2M PB 423 -19.64 57.74 1.16
N1 A2M PB 423 -19.50 60.03 0.81
C2 A2M PB 423 -19.85 61.26 1.22
N3 A2M PB 423 -20.61 61.66 2.24
C4 A2M PB 423 -21.06 60.60 2.95
OP2 A2M PB 423 -25.16 56.84 6.12
P OMG PB 448 -30.70 79.36 -11.55
OP1 OMG PB 448 -29.28 79.03 -11.12
OP2 OMG PB 448 -31.87 78.54 -11.01
O5' OMG PB 448 -30.97 80.89 -11.19
C5' OMG PB 448 -30.16 81.92 -11.70
C4' OMG PB 448 -30.89 83.23 -11.75
O4' OMG PB 448 -32.01 83.14 -12.66
C3' OMG PB 448 -31.51 83.67 -10.43
O3' OMG PB 448 -30.58 84.27 -9.57
C2' OMG PB 448 -32.63 84.59 -10.89
O2' OMG PB 448 -32.10 85.84 -11.28
CM2 OMG PB 448 -33.06 86.86 -11.30
C1' OMG PB 448 -33.11 83.85 -12.13
N9 OMG PB 448 -34.19 82.89 -11.83
C8 OMG PB 448 -34.14 81.53 -12.00
N7 OMG PB 448 -35.25 80.94 -11.65
C5 OMG PB 448 -36.05 81.94 -11.21
C6 OMG PB 448 -37.38 81.90 -10.69
O6 OMG PB 448 -38.09 80.93 -10.53
N1 OMG PB 448 -37.82 83.18 -10.36
C2 OMG PB 448 -37.11 84.33 -10.51
N2 OMG PB 448 -37.71 85.46 -10.13
N3 OMG PB 448 -35.90 84.37 -10.97
C4 OMG PB 448 -35.41 83.17 -11.31
N1 OMC PB 456 -21.37 75.08 5.84
C2 OMC PB 456 -20.73 76.04 5.01
N3 OMC PB 456 -21.37 77.20 4.79
C4 OMC PB 456 -22.54 77.47 5.29
C5 OMC PB 456 -23.23 76.54 6.14
C6 OMC PB 456 -22.59 75.37 6.36
O2 OMC PB 456 -19.64 75.81 4.53
N4 OMC PB 456 -23.09 78.65 5.03
C1' OMC PB 456 -20.78 73.77 6.17
C2' OMC PB 456 -19.52 73.90 7.01
O2' OMC PB 456 -18.70 72.77 6.76
CM2 OMC PB 456 -18.04 72.84 5.51
C3' OMC PB 456 -20.11 73.82 8.42
C4' OMC PB 456 -21.20 72.78 8.25
O4' OMC PB 456 -21.71 73.02 6.91
O3' OMC PB 456 -19.17 73.48 9.42
C5' OMC PB 456 -22.32 72.88 9.24
O5' OMC PB 456 -22.74 74.22 9.39
P OMC PB 456 -24.17 74.56 10.01
OP1 OMC PB 456 -24.59 75.93 9.50
OP2 OMC PB 456 -25.06 73.35 9.79
P A2M PB 515 -47.71 93.08 1.79
OP1 A2M PB 515 -48.28 92.10 2.75
O5' A2M PB 515 -46.03 92.34 1.86
C5' A2M PB 515 -45.57 92.02 3.07
C4' A2M PB 515 -45.78 90.52 3.32
O4' A2M PB 515 -45.51 89.81 2.12
C3' A2M PB 515 -44.88 90.02 4.42
O3' A2M PB 515 -45.63 90.12 5.60
C2' A2M PB 515 -44.44 88.64 3.93
O2' A2M PB 515 -45.33 87.62 4.27
C1' A2M PB 515 -44.50 88.90 2.41
CM' A2M PB 515 -44.87 86.39 3.76
N9 A2M PB 515 -43.28 89.38 1.83
C8 A2M PB 515 -42.97 90.53 1.11
N7 A2M PB 515 -41.69 90.60 0.75
C5 A2M PB 515 -41.14 89.44 1.27
C6 A2M PB 515 -39.88 88.89 1.28
N6 A2M PB 515 -38.81 89.52 0.66
N1 A2M PB 515 -39.59 87.70 1.88
C2 A2M PB 515 -40.66 87.09 2.48
N3 A2M PB 515 -41.93 87.48 2.58
C4 A2M PB 515 -42.12 88.66 1.95
OP2 A2M PB 515 -47.78 94.55 2.10
P OMG PB 540 1.11 68.41 35.74
OP1 OMG PB 540 1.43 69.80 36.26
OP2 OMG PB 540 -0.26 68.10 35.15
O5' OMG PB 540 2.22 68.05 34.66
C5' OMG PB 540 3.57 68.44 34.82
C4' OMG PB 540 4.48 67.59 33.97
O4' OMG PB 540 3.95 66.26 33.94
C3' OMG PB 540 4.56 68.01 32.51
O3' OMG PB 540 5.60 68.95 32.29
C2' OMG PB 540 4.80 66.69 31.76
O2' OMG PB 540 6.19 66.53 31.52
CM2 OMG PB 540 6.63 65.27 31.07
C1' OMG PB 540 4.34 65.63 32.76
N9 OMG PB 540 3.20 64.80 32.32
C8 OMG PB 540 2.07 64.62 33.08
N7 OMG PB 540 1.21 63.81 32.55
C5 OMG PB 540 1.79 63.42 31.38
C6 OMG PB 540 1.31 62.53 30.39
O6 OMG PB 540 0.24 61.94 30.36
N1 OMG PB 540 2.22 62.42 29.34
C2 OMG PB 540 3.43 63.04 29.27
N2 OMG PB 540 4.18 62.80 28.19
N3 OMG PB 540 3.87 63.85 30.19
C4 OMG PB 540 3.03 64.01 31.22
N1 OMU PB 566 -6.56 48.02 50.80
C2 OMU PB 566 -8.05 48.06 50.60
N3 OMU PB 566 -8.83 46.78 50.66
C4 OMU PB 566 -8.15 45.52 50.89
C5 OMU PB 566 -6.66 45.51 51.09
C6 OMU PB 566 -5.89 46.77 51.03
O2 OMU PB 566 -8.63 49.11 50.40
O4 OMU PB 566 -8.74 44.55 50.94
C1' OMU PB 566 -5.79 49.26 50.74
C2' OMU PB 566 -4.70 49.36 51.82
O2' OMU PB 566 -5.21 49.94 53.01
CM2 OMU PB 566 -4.72 49.35 54.18
C3' OMU PB 566 -3.64 50.19 51.12
C4' OMU PB 566 -3.73 49.70 49.68
O3' OMU PB 566 -4.00 51.57 51.18
O4' OMU PB 566 -5.10 49.27 49.50
C5' OMU PB 566 -2.80 48.57 49.34
O5' OMU PB 566 -3.25 47.84 48.20
P OMU PB 566 -2.49 46.53 47.71
OP1 OMU PB 566 -1.12 46.95 47.23
OP2 OMU PB 566 -2.63 45.49 48.77
P OMG PB 583 -19.19 81.21 18.10
OP1 OMG PB 583 -18.62 82.60 18.33
OP2 OMG PB 583 -19.75 80.86 16.72
O5' OMG PB 583 -18.05 80.15 18.43
C5' OMG PB 583 -17.05 80.43 19.41
C4' OMG PB 583 -17.06 79.43 20.53
O4' OMG PB 583 -18.40 78.92 20.75
C3' OMG PB 583 -16.25 78.16 20.32
O3' OMG PB 583 -14.86 78.37 20.50
C2' OMG PB 583 -16.86 77.20 21.32
O2' OMG PB 583 -16.35 77.46 22.63
CM2 OMG PB 583 -17.08 76.87 23.68
C1' OMG PB 583 -18.33 77.62 21.29
N9 OMG PB 583 -19.14 76.72 20.46
C8 OMG PB 583 -19.58 76.92 19.18
N7 OMG PB 583 -20.29 75.91 18.75
C5 OMG PB 583 -20.34 75.03 19.80
C6 OMG PB 583 -20.98 73.77 19.91
O6 OMG PB 583 -21.64 73.17 19.09
N1 OMG PB 583 -20.75 73.21 21.17
C2 OMG PB 583 -20.02 73.78 22.17
N2 OMG PB 583 -19.92 73.09 23.31
N3 OMG PB 583 -19.44 74.94 22.06
C4 OMG PB 583 -19.63 75.52 20.87
N1 PSU PB 588 -9.28 62.92 12.38
C2 PSU PB 588 -9.39 64.22 11.94
N3 PSU PB 588 -9.78 64.48 10.65
C4 PSU PB 588 -10.06 63.44 9.78
C5 PSU PB 588 -9.93 62.14 10.22
C6 PSU PB 588 -9.55 61.90 11.53
O2 PSU PB 588 -9.14 65.13 12.71
O4 PSU PB 588 -10.40 63.68 8.63
C1' PSU PB 588 -10.25 61.00 9.31
C2' PSU PB 588 -9.08 60.71 8.36
O2' PSU PB 588 -9.60 60.22 7.13
C3' PSU PB 588 -8.34 59.62 9.10
C4' PSU PB 588 -9.45 58.83 9.77
O3' PSU PB 588 -7.51 58.82 8.27
O4' PSU PB 588 -10.45 59.83 10.08
C5' PSU PB 588 -9.08 58.10 11.02
O5' PSU PB 588 -8.36 58.96 11.91
P PSU PB 588 -8.31 58.67 13.47
OP1 PSU PB 588 -7.55 57.43 13.70
OP2 PSU PB 588 -7.91 59.93 14.13
N1 PSU PB 590 -4.28 64.79 7.24
C2 PSU PB 590 -4.39 65.78 8.20
N3 PSU PB 590 -4.42 67.10 7.82
C4 PSU PB 590 -4.34 67.45 6.49
C5 PSU PB 590 -4.22 66.45 5.52
C6 PSU PB 590 -4.19 65.13 5.92
O2 PSU PB 590 -4.47 65.47 9.37
O4 PSU PB 590 -4.37 68.63 6.17
C1' PSU PB 590 -4.14 66.82 4.07
C2' PSU PB 590 -2.72 67.27 3.69
O2' PSU PB 590 -2.83 68.26 2.68
C3' PSU PB 590 -2.13 65.99 3.14
C4' PSU PB 590 -3.31 65.35 2.43
O3' PSU PB 590 -1.03 66.22 2.28
O4' PSU PB 590 -4.45 65.69 3.26
C5' PSU PB 590 -3.23 63.86 2.26
O5' PSU PB 590 -2.89 63.21 3.47
P PSU PB 590 -3.18 61.67 3.70
OP1 PSU PB 590 -2.41 60.89 2.72
OP2 PSU PB 590 -2.95 61.49 5.15
P A2M PB 607 26.54 49.31 12.28
OP1 A2M PB 607 26.35 47.82 12.16
O5' A2M PB 607 25.16 50.20 13.01
C5' A2M PB 607 25.24 51.53 13.02
C4' A2M PB 607 23.99 52.11 13.62
O4' A2M PB 607 24.25 53.42 13.98
C3' A2M PB 607 22.88 52.10 12.60
O3' A2M PB 607 22.32 50.83 12.70
C2' A2M PB 607 22.04 53.31 12.99
O2' A2M PB 607 20.94 53.00 13.79
C1' A2M PB 607 23.06 54.12 13.82
CM' A2M PB 607 20.11 54.13 13.93
N9 A2M PB 607 23.37 55.44 13.36
C8 A2M PB 607 23.35 56.05 12.11
N7 A2M PB 607 23.74 57.34 12.14
C5 A2M PB 607 24.00 57.56 13.50
C6 A2M PB 607 24.42 58.64 14.23
N6 A2M PB 607 24.68 59.86 13.64
N1 A2M PB 607 24.60 58.59 15.57
C2 A2M PB 607 24.35 57.39 16.15
N3 A2M PB 607 23.93 56.25 15.60
C4 A2M PB 607 23.78 56.38 14.26
OP2 A2M PB 607 26.52 50.14 11.04
N1 PSU PB 620 26.77 63.47 -20.03
C2 PSU PB 620 28.10 63.28 -19.71
N3 PSU PB 620 28.56 63.63 -18.47
C4 PSU PB 620 27.71 64.20 -17.55
C5 PSU PB 620 26.38 64.41 -17.88
C6 PSU PB 620 25.94 64.03 -19.14
O2 PSU PB 620 28.85 62.77 -20.53
O4 PSU PB 620 28.15 64.52 -16.44
C1' PSU PB 620 25.42 65.01 -16.90
C2' PSU PB 620 25.69 66.50 -16.69
O2' PSU PB 620 25.40 66.81 -15.34
C3' PSU PB 620 24.65 67.11 -17.61
C4' PSU PB 620 23.48 66.17 -17.48
O3' PSU PB 620 24.31 68.45 -17.25
O4' PSU PB 620 24.11 64.86 -17.37
C5' PSU PB 620 22.50 66.17 -18.61
O5' PSU PB 620 23.16 66.32 -19.86
P PSU PB 620 22.49 65.78 -21.20
OP1 PSU PB 620 21.49 66.75 -21.68
OP2 PSU PB 620 23.61 65.38 -22.08
P OMG PB 622 29.49 72.90 -17.18
OP1 OMG PB 622 28.73 74.11 -16.69
OP2 OMG PB 622 29.22 72.34 -18.57
O5' OMG PB 622 31.04 73.21 -17.08
C5' OMG PB 622 31.83 73.25 -18.25
C4' OMG PB 622 33.02 72.34 -18.15
O4' OMG PB 622 32.61 70.97 -18.38
C3' OMG PB 622 34.12 72.57 -19.17
O3' OMG PB 622 34.99 73.63 -18.79
C2' OMG PB 622 34.81 71.22 -19.26
O2' OMG PB 622 35.69 71.03 -18.16
CM2 OMG PB 622 36.27 69.75 -18.12
C1' OMG PB 622 33.61 70.27 -19.08
N9 OMG PB 622 33.05 69.83 -20.37
C8 OMG PB 622 31.74 69.96 -20.75
N7 OMG PB 622 31.52 69.48 -21.94
C5 OMG PB 622 32.73 68.99 -22.35
C6 OMG PB 622 33.09 68.35 -23.56
O6 OMG PB 622 32.40 68.08 -24.52
N1 OMG PB 622 34.45 68.02 -23.55
C2 OMG PB 622 35.33 68.27 -22.55
N2 OMG PB 622 36.59 67.87 -22.74
N3 OMG PB 622 34.99 68.86 -21.43
C4 OMG PB 622 33.70 69.20 -21.38
N1 PSU PB 625 40.22 79.80 -23.75
C2 PSU PB 625 39.98 79.21 -24.97
N3 PSU PB 625 40.74 79.56 -26.07
C4 PSU PB 625 41.73 80.49 -25.95
C5 PSU PB 625 41.96 81.10 -24.73
C6 PSU PB 625 41.19 80.74 -23.63
O2 PSU PB 625 39.10 78.37 -25.06
O4 PSU PB 625 42.39 80.81 -26.94
C1' PSU PB 625 43.03 82.13 -24.58
C2' PSU PB 625 42.60 83.51 -25.08
O2' PSU PB 625 43.74 84.15 -25.64
C3' PSU PB 625 42.17 84.20 -23.78
C4' PSU PB 625 43.14 83.61 -22.75
O3' PSU PB 625 42.24 85.60 -23.83
O4' PSU PB 625 43.35 82.24 -23.20
C5' PSU PB 625 42.64 83.62 -21.34
O5' PSU PB 625 41.28 83.21 -21.28
P PSU PB 625 40.67 82.61 -19.93
OP1 PSU PB 625 40.47 83.73 -18.99
OP2 PSU PB 625 39.53 81.75 -20.33
N1 OMU PB 670 27.45 83.59 -36.83
C2 OMU PB 670 27.39 82.17 -36.32
N3 OMU PB 670 28.11 81.80 -35.06
C4 OMU PB 670 28.86 82.81 -34.33
C5 OMU PB 670 28.91 84.21 -34.85
C6 OMU PB 670 28.21 84.58 -36.09
O2 OMU PB 670 26.76 81.33 -36.93
O4 OMU PB 670 29.40 82.53 -33.37
C1' OMU PB 670 26.77 83.99 -38.08
C2' OMU PB 670 25.25 84.01 -37.93
O2' OMU PB 670 24.67 83.67 -39.19
CM2 OMU PB 670 24.44 82.31 -39.35
C3' OMU PB 670 24.99 85.47 -37.61
C4' OMU PB 670 26.04 86.18 -38.46
O3' OMU PB 670 23.67 85.89 -37.92
O4' OMU PB 670 27.18 85.29 -38.42
C5' OMU PB 670 26.44 87.56 -37.99
O5' OMU PB 670 27.68 87.95 -38.56
P OMU PB 670 28.41 89.29 -38.09
OP1 OMU PB 670 27.56 90.46 -38.49
OP2 OMU PB 670 28.81 89.12 -36.65
N1 PSU PB 672 23.76 84.20 -29.63
C2 PSU PB 672 24.60 83.74 -28.63
N3 PSU PB 672 24.49 82.45 -28.17
C4 PSU PB 672 23.55 81.61 -28.71
C5 PSU PB 672 22.71 82.07 -29.71
C6 PSU PB 672 22.83 83.38 -30.17
O2 PSU PB 672 25.44 84.48 -28.13
O4 PSU PB 672 23.47 80.46 -28.29
C1' PSU PB 672 21.69 81.16 -30.32
C2' PSU PB 672 20.51 80.97 -29.37
O2' PSU PB 672 20.02 79.64 -29.51
C3' PSU PB 672 19.51 81.97 -29.93
C4' PSU PB 672 19.76 81.90 -31.42
O3' PSU PB 672 18.17 81.66 -29.58
O4' PSU PB 672 21.19 81.70 -31.52
C5' PSU PB 672 19.37 83.11 -32.21
O5' PSU PB 672 18.45 82.78 -33.25
P PSU PB 672 18.78 83.07 -34.78
OP1 PSU PB 672 17.55 82.88 -35.57
OP2 PSU PB 672 19.51 84.36 -34.84
N1 PSU PB 685 -9.13 88.30 -8.88
C2 PSU PB 685 -7.95 87.69 -9.31
N3 PSU PB 685 -7.63 86.43 -8.86
C4 PSU PB 685 -8.48 85.78 -7.99
C5 PSU PB 685 -9.65 86.40 -7.56
C6 PSU PB 685 -9.95 87.67 -8.03
O2 PSU PB 685 -7.20 88.27 -10.08
O4 PSU PB 685 -8.20 84.66 -7.60
C1' PSU PB 685 -10.56 85.68 -6.62
C2' PSU PB 685 -9.99 85.72 -5.21
O2' PSU PB 685 -10.31 84.51 -4.56
C3' PSU PB 685 -10.76 86.88 -4.59
C4' PSU PB 685 -12.13 86.71 -5.23
O3' PSU PB 685 -10.78 86.86 -3.18
O4' PSU PB 685 -11.84 86.29 -6.58
C5' PSU PB 685 -13.00 87.94 -5.24
O5' PSU PB 685 -12.29 89.07 -5.71
P PSU PB 685 -12.96 90.09 -6.73
OP1 PSU PB 685 -13.60 91.19 -5.98
OP2 PSU PB 685 -11.88 90.35 -7.70
N1 PSU PB 734 28.62 86.11 -21.87
C2 PSU PB 734 27.48 85.52 -22.37
N3 PSU PB 734 27.01 84.36 -21.80
C4 PSU PB 734 27.67 83.78 -20.73
C5 PSU PB 734 28.83 84.38 -20.26
C6 PSU PB 734 29.29 85.55 -20.84
O2 PSU PB 734 26.88 86.04 -23.31
O4 PSU PB 734 27.26 82.73 -20.25
C1' PSU PB 734 29.59 83.81 -19.10
C2' PSU PB 734 30.29 82.48 -19.39
O2' PSU PB 734 30.24 81.69 -18.22
C3' PSU PB 734 31.71 82.93 -19.68
C4' PSU PB 734 31.89 84.13 -18.77
O3' PSU PB 734 32.67 81.92 -19.42
O4' PSU PB 734 30.58 84.75 -18.72
C5' PSU PB 734 32.90 85.14 -19.23
O5' PSU PB 734 32.56 85.67 -20.50
P PSU PB 734 33.61 86.47 -21.37
OP1 PSU PB 734 34.94 85.94 -20.99
OP2 PSU PB 734 33.17 86.44 -22.78
N1 PSU PB 737 31.09 78.99 -30.02
C2 PSU PB 737 30.89 80.33 -30.26
N3 PSU PB 737 29.90 80.74 -31.12
C4 PSU PB 737 29.12 79.79 -31.76
C5 PSU PB 737 29.33 78.44 -31.51
C6 PSU PB 737 30.34 78.06 -30.63
O2 PSU PB 737 31.58 81.16 -29.69
O4 PSU PB 737 28.24 80.14 -32.54
C1' PSU PB 737 28.48 77.43 -32.21
C2' PSU PB 737 29.07 77.06 -33.57
O2' PSU PB 737 28.00 76.79 -34.46
C3' PSU PB 737 29.82 75.77 -33.24
C4' PSU PB 737 28.94 75.13 -32.17
O3' PSU PB 737 30.03 74.93 -34.35
O4' PSU PB 737 28.39 76.25 -31.44
C5' PSU PB 737 29.62 74.18 -31.22
O5' PSU PB 737 30.55 74.87 -30.39
P PSU PB 737 31.22 74.15 -29.13
OP1 PSU PB 737 31.40 72.71 -29.39
OP2 PSU PB 737 32.38 74.96 -28.70
P OMG PB 738 31.29 73.93 -34.40
OP1 OMG PB 738 30.78 72.50 -34.53
OP2 OMG PB 738 32.21 74.29 -33.25
O5' OMG PB 738 32.03 74.31 -35.75
C5' OMG PB 738 32.70 75.55 -35.89
C4' OMG PB 738 32.26 76.27 -37.14
O4' OMG PB 738 31.17 77.16 -36.82
C3' OMG PB 738 33.34 77.14 -37.79
O3' OMG PB 738 34.02 76.45 -38.82
C2' OMG PB 738 32.56 78.36 -38.30
O2' OMG PB 738 31.98 78.08 -39.56
CM2 OMG PB 738 31.25 79.17 -40.08
C1' OMG PB 738 31.44 78.46 -37.28
N9 OMG PB 738 31.77 79.30 -36.11
C8 OMG PB 738 32.12 78.90 -34.84
N7 OMG PB 738 32.29 79.90 -34.04
C5 OMG PB 738 32.04 81.01 -34.79
C6 OMG PB 738 32.10 82.39 -34.45
O6 OMG PB 738 32.36 82.90 -33.38
N1 OMG PB 738 31.76 83.17 -35.55
C2 OMG PB 738 31.43 82.73 -36.80
N2 OMG PB 738 31.14 83.66 -37.72
N3 OMG PB 738 31.40 81.46 -37.11
C4 OMG PB 738 31.71 80.66 -36.09
N1 PSU PB 837 43.55 0.32 19.37
C2 PSU PB 837 44.83 0.66 19.70
N3 PSU PB 837 45.72 1.07 18.75
C4 PSU PB 837 45.32 1.16 17.43
C5 PSU PB 837 44.01 0.81 17.09
C6 PSU PB 837 43.14 0.40 18.08
O2 PSU PB 837 45.19 0.57 20.89
O4 PSU PB 837 46.13 1.53 16.58
C1' PSU PB 837 43.51 0.89 15.67
C2' PSU PB 837 44.16 -0.13 14.75
O2' PSU PB 837 44.30 0.45 13.46
C3' PSU PB 837 43.13 -1.24 14.73
C4' PSU PB 837 41.82 -0.49 14.83
O3' PSU PB 837 43.18 -2.05 13.56
O4' PSU PB 837 42.13 0.65 15.67
C5' PSU PB 837 40.68 -1.27 15.44
O5' PSU PB 837 40.91 -1.54 16.82
P PSU PB 837 39.87 -2.36 17.68
OP1 PSU PB 837 39.25 -3.35 16.77
OP2 PSU PB 837 40.54 -2.82 18.91
N1 PSU PB 875 63.02 29.71 -13.52
C2 PSU PB 875 62.01 29.22 -14.30
N3 PSU PB 875 62.30 28.67 -15.53
C4 PSU PB 875 63.60 28.61 -15.97
C5 PSU PB 875 64.62 29.10 -15.17
C6 PSU PB 875 64.30 29.66 -13.94
O2 PSU PB 875 60.85 29.26 -13.92
O4 PSU PB 875 63.84 28.12 -17.07
C1' PSU PB 875 66.05 29.04 -15.62
C2' PSU PB 875 66.29 30.06 -16.74
O2' PSU PB 875 67.30 29.53 -17.60
C3' PSU PB 875 66.81 31.25 -15.97
C4' PSU PB 875 67.66 30.60 -14.88
O3' PSU PB 875 67.56 32.16 -16.77
O4' PSU PB 875 66.91 29.40 -14.56
C5' PSU PB 875 67.88 31.42 -13.64
O5' PSU PB 875 66.65 31.69 -12.98
P PSU PB 875 66.64 32.45 -11.59
OP1 PSU PB 875 67.81 33.35 -11.66
OP2 PSU PB 875 65.29 32.97 -11.33
P A2M PB 902 31.15 39.07 -20.95
OP1 A2M PB 902 30.99 37.72 -21.56
O5' A2M PB 902 32.81 39.49 -20.39
C5' A2M PB 902 33.76 39.53 -21.34
C4' A2M PB 902 35.08 39.86 -20.68
O4' A2M PB 902 35.09 41.24 -20.36
C3' A2M PB 902 35.26 39.11 -19.39
O3' A2M PB 902 35.56 37.79 -19.71
C2' A2M PB 902 36.27 39.98 -18.68
O2' A2M PB 902 37.54 39.94 -19.27
C1' A2M PB 902 35.59 41.31 -19.04
CM' A2M PB 902 38.25 41.13 -19.05
N9 A2M PB 902 34.55 41.75 -18.14
C8 A2M PB 902 33.16 41.80 -18.24
N7 A2M PB 902 32.57 42.28 -17.14
C5 A2M PB 902 33.63 42.56 -16.30
C6 A2M PB 902 33.73 43.05 -15.03
N6 A2M PB 902 32.62 43.43 -14.31
N1 A2M PB 902 34.92 43.23 -14.41
C2 A2M PB 902 36.01 42.87 -15.12
N3 A2M PB 902 36.10 42.36 -16.35
C4 A2M PB 902 34.87 42.23 -16.89
OP2 A2M PB 902 30.55 39.34 -19.60
N1 PSU PB 916 47.44 13.46 -3.23
C2 PSU PB 916 47.40 14.75 -2.77
N3 PSU PB 916 48.34 15.19 -1.85
C4 PSU PB 916 49.30 14.32 -1.40
C5 PSU PB 916 49.34 13.01 -1.88
C6 PSU PB 916 48.38 12.60 -2.80
O2 PSU PB 916 46.54 15.52 -3.18
O4 PSU PB 916 50.12 14.72 -0.58
C1' PSU PB 916 50.37 12.06 -1.38
C2' PSU PB 916 50.02 11.62 0.04
O2' PSU PB 916 51.21 11.34 0.73
C3' PSU PB 916 49.25 10.33 -0.23
C4' PSU PB 916 50.00 9.75 -1.41
O3' PSU PB 916 49.21 9.47 0.88
O4' PSU PB 916 50.40 10.91 -2.19
C5' PSU PB 916 49.24 8.80 -2.29
O5' PSU PB 916 48.08 8.31 -1.64
P PSU PB 916 46.73 8.11 -2.47
OP1 PSU PB 916 46.97 7.03 -3.44
OP2 PSU PB 916 45.55 8.03 -1.58
N1 PSU PB 917 46.04 13.42 0.05
C2 PSU PB 917 45.23 14.50 -0.20
N3 PSU PB 917 45.43 15.69 0.46
C4 PSU PB 917 46.46 15.82 1.37
C5 PSU PB 917 47.27 14.72 1.62
C6 PSU PB 917 47.04 13.54 0.94
O2 PSU PB 917 44.32 14.38 -1.01
O4 PSU PB 917 46.63 16.88 1.95
C1' PSU PB 917 48.41 14.79 2.58
C2' PSU PB 917 47.98 14.94 4.04
O2' PSU PB 917 48.96 15.72 4.71
C3' PSU PB 917 48.02 13.50 4.54
C4' PSU PB 917 49.19 12.91 3.76
O3' PSU PB 917 48.22 13.40 5.94
O4' PSU PB 917 49.14 13.58 2.48
C5' PSU PB 917 49.12 11.42 3.54
O5' PSU PB 917 48.17 11.09 2.54
P PSU PB 917 48.04 9.60 1.99
OP1 PSU PB 917 48.41 8.77 3.15
OP2 PSU PB 917 46.72 9.45 1.34
N1 PSU PB 927 31.90 9.82 25.76
C2 PSU PB 927 30.73 10.37 25.31
N3 PSU PB 927 30.45 11.69 25.56
C4 PSU PB 927 31.35 12.47 26.26
C5 PSU PB 927 32.53 11.89 26.73
C6 PSU PB 927 32.78 10.56 26.46
O2 PSU PB 927 29.93 9.68 24.67
O4 PSU PB 927 31.08 13.64 26.47
C1' PSU PB 927 33.55 12.69 27.49
C2' PSU PB 927 33.08 13.11 28.87
O2' PSU PB 927 33.71 14.34 29.20
C3' PSU PB 927 33.63 11.99 29.74
C4' PSU PB 927 34.96 11.67 29.07
O3' PSU PB 927 33.77 12.34 31.11
O4' PSU PB 927 34.69 11.87 27.65
C5' PSU PB 927 35.48 10.29 29.30
O5' PSU PB 927 34.41 9.37 29.48
P PSU PB 927 34.53 7.87 28.96
OP1 PSU PB 927 34.96 7.03 30.10
OP2 PSU PB 927 33.27 7.56 28.25
N1 PSU PB 952 31.09 36.01 -6.38
C2 PSU PB 952 32.15 35.31 -5.83
N3 PSU PB 952 31.94 34.41 -4.82
C4 PSU PB 952 30.66 34.20 -4.36
C5 PSU PB 952 29.60 34.91 -4.90
C6 PSU PB 952 29.84 35.81 -5.92
O2 PSU PB 952 33.29 35.50 -6.25
O4 PSU PB 952 30.49 33.38 -3.44
C1' PSU PB 952 28.20 34.69 -4.40
C2' PSU PB 952 27.95 35.25 -3.00
O2' PSU PB 952 27.17 34.31 -2.28
C3' PSU PB 952 27.12 36.49 -3.30
C4' PSU PB 952 26.30 36.06 -4.50
O3' PSU PB 952 26.32 36.91 -2.21
O4' PSU PB 952 27.23 35.24 -5.26
C5' PSU PB 952 25.75 37.16 -5.36
O5' PSU PB 952 26.77 38.00 -5.87
P PSU PB 952 27.03 38.07 -7.43
OP1 PSU PB 952 25.81 38.52 -8.11
OP2 PSU PB 952 28.29 38.81 -7.64
N1 PSU PB 1045 8.25 35.84 -5.83
C2 PSU PB 1045 8.80 37.07 -6.09
N3 PSU PB 1045 8.00 38.11 -6.49
C4 PSU PB 1045 6.64 37.92 -6.62
C5 PSU PB 1045 6.10 36.68 -6.35
C6 PSU PB 1045 6.92 35.65 -5.95
O2 PSU PB 1045 10.01 37.24 -5.97
O4 PSU PB 1045 5.91 38.84 -6.96
C1' PSU PB 1045 4.61 36.49 -6.50
C2' PSU PB 1045 4.29 36.06 -7.93
O2' PSU PB 1045 3.01 36.57 -8.28
C3' PSU PB 1045 4.24 34.56 -7.78
C4' PSU PB 1045 3.60 34.38 -6.43
O3' PSU PB 1045 3.54 33.89 -8.82
O4' PSU PB 1045 4.14 35.47 -5.64
C5' PSU PB 1045 3.89 33.07 -5.73
O5' PSU PB 1045 5.26 32.97 -5.41
P PSU PB 1045 5.80 31.80 -4.47
OP1 PSU PB 1045 4.97 30.61 -4.75
OP2 PSU PB 1045 7.27 31.72 -4.60
N1 PSU PB 1048 12.93 34.35 -14.56
C2 PSU PB 1048 13.59 34.39 -13.36
N3 PSU PB 1048 14.64 35.26 -13.18
C4 PSU PB 1048 15.03 36.08 -14.21
C5 PSU PB 1048 14.36 36.04 -15.42
C6 PSU PB 1048 13.30 35.15 -15.58
O2 PSU PB 1048 13.25 33.66 -12.43
O4 PSU PB 1048 15.97 36.86 -14.05
C1' PSU PB 1048 14.82 36.94 -16.53
C2' PSU PB 1048 15.89 36.23 -17.35
O2' PSU PB 1048 16.77 37.22 -17.87
C3' PSU PB 1048 15.06 35.63 -18.47
C4' PSU PB 1048 14.03 36.70 -18.72
O3' PSU PB 1048 15.80 35.29 -19.62
O4' PSU PB 1048 13.74 37.24 -17.41
C5' PSU PB 1048 12.74 36.23 -19.36
O5' PSU PB 1048 12.01 35.37 -18.50
P PSU PB 1048 10.48 35.05 -18.78
OP1 PSU PB 1048 10.28 34.97 -20.24
OP2 PSU PB 1048 10.07 33.91 -17.92
N1 PSU PB 1103 28.76 12.92 72.35
C2 PSU PB 1103 29.23 13.11 71.08
N3 PSU PB 1103 29.27 14.37 70.52
C4 PSU PB 1103 28.85 15.45 71.27
C5 PSU PB 1103 28.37 15.24 72.55
C6 PSU PB 1103 28.34 13.97 73.08
O2 PSU PB 1103 29.61 12.15 70.41
O4 PSU PB 1103 28.90 16.57 70.78
C1' PSU PB 1103 27.92 16.41 73.37
C2' PSU PB 1103 26.62 17.04 72.89
O2' PSU PB 1103 26.75 18.45 72.98
C3' PSU PB 1103 25.61 16.53 73.91
C4' PSU PB 1103 26.45 16.46 75.18
O3' PSU PB 1103 24.49 17.36 74.06
O4' PSU PB 1103 27.76 16.04 74.73
C5' PSU PB 1103 25.94 15.51 76.24
O5' PSU PB 1103 26.04 14.16 75.82
P PSU PB 1103 25.82 12.96 76.85
OP1 PSU PB 1103 24.75 13.39 77.77
OP2 PSU PB 1103 25.72 11.69 76.12
N1 PSU PB 1115 14.38 20.91 68.06
C2 PSU PB 1115 15.37 21.56 68.75
N3 PSU PB 1115 15.34 22.94 68.88
C4 PSU PB 1115 14.31 23.66 68.31
C5 PSU PB 1115 13.32 22.98 67.62
C6 PSU PB 1115 13.37 21.60 67.50
O2 PSU PB 1115 16.28 20.92 69.26
O4 PSU PB 1115 14.28 24.87 68.43
C1' PSU PB 1115 12.19 23.77 67.00
C2' PSU PB 1115 12.66 24.37 65.67
O2' PSU PB 1115 12.02 25.62 65.49
C3' PSU PB 1115 12.12 23.35 64.68
C4' PSU PB 1115 10.81 22.93 65.32
O3' PSU PB 1115 11.96 23.84 63.37
O4' PSU PB 1115 11.08 22.95 66.73
C5' PSU PB 1115 10.28 21.58 64.90
O5' PSU PB 1115 11.01 20.53 65.53
P PSU PB 1115 10.56 19.02 65.37
OP1 PSU PB 1115 9.89 18.90 64.06
OP2 PSU PB 1115 11.70 18.16 65.68
O5' B8N PB 1119 27.37 26.09 54.61
C5' B8N PB 1119 28.07 24.88 54.93
C4' B8N PB 1119 29.56 25.10 54.88
O4' B8N PB 1119 29.96 25.21 53.49
C3' B8N PB 1119 30.05 26.39 55.51
O3' B8N PB 1119 30.29 26.24 56.90
C2' B8N PB 1119 31.32 26.72 54.73
O2' B8N PB 1119 32.45 26.10 55.33
C1' B8N PB 1119 31.06 26.07 53.37
C5 B8N PB 1119 30.78 27.07 52.19
C6 B8N PB 1119 29.42 27.42 51.93
N1 B8N PB 1119 29.24 28.38 50.73
C2 B8N PB 1119 30.47 28.87 49.91
N3 B8N PB 1119 31.77 28.45 50.24
C4 B8N PB 1119 31.95 27.67 51.22
C34 B8N PB 1119 33.41 31.11 47.93
CN1 B8N PB 1119 27.89 28.84 50.35
N34 B8N PB 1119 33.57 29.75 45.92
O2 B8N PB 1119 30.27 29.62 49.00
O4 B8N PB 1119 33.07 27.36 51.45
OP1 B8N PB 1119 25.40 27.42 53.84
OP2 B8N PB 1119 26.37 25.46 52.40
P B8N PB 1119 26.04 26.06 53.75
C31 B8N PB 1119 32.97 28.91 49.51
C32 B8N PB 1119 32.99 28.63 48.00
C33 B8N PB 1119 33.81 29.74 47.36
O36 B8N PB 1119 32.24 31.55 47.77
O35 B8N PB 1119 34.25 31.80 48.57
N1 OMC PB 1143 -9.81 26.64 83.51
C2 OMC PB 1143 -8.95 27.21 82.55
N3 OMC PB 1143 -8.80 26.56 81.39
C4 OMC PB 1143 -9.43 25.44 81.12
C5 OMC PB 1143 -10.30 24.83 82.07
C6 OMC PB 1143 -10.44 25.48 83.24
O2 OMC PB 1143 -8.36 28.25 82.79
N4 OMC PB 1143 -9.23 24.84 79.96
C1' OMC PB 1143 -10.07 27.23 84.85
C2' OMC PB 1143 -10.84 28.55 84.80
O2' OMC PB 1143 -10.28 29.44 85.77
CM2 OMC PB 1143 -9.12 30.08 85.33
C3' OMC PB 1143 -12.25 28.12 85.21
C4' OMC PB 1143 -12.01 26.95 86.13
O4' OMC PB 1143 -10.83 26.31 85.58
O3' OMC PB 1143 -12.98 29.15 85.85
C5' OMC PB 1143 -13.14 25.96 86.22
O5' OMC PB 1143 -13.42 25.40 84.95
P OMC PB 1143 -13.79 23.86 84.81
OP1 OMC PB 1143 -15.15 23.65 85.46
OP2 OMC PB 1143 -13.56 23.45 83.37
N1 OMU PB 1159 -25.84 33.01 91.20
C2 OMU PB 1159 -25.45 33.01 92.66
N3 OMU PB 1159 -26.34 32.35 93.65
C4 OMU PB 1159 -27.58 31.72 93.23
C5 OMU PB 1159 -27.96 31.74 91.78
C6 OMU PB 1159 -27.07 32.40 90.80
O2 OMU PB 1159 -24.41 33.52 93.06
O4 OMU PB 1159 -28.26 31.21 93.99
C1' OMU PB 1159 -25.03 33.66 90.14
C2' OMU PB 1159 -23.58 33.15 90.07
O2' OMU PB 1159 -22.74 34.24 89.79
CM2 OMU PB 1159 -22.43 34.99 90.92
C3' OMU PB 1159 -23.64 32.18 88.91
C4' OMU PB 1159 -24.70 32.78 87.99
O3' OMU PB 1159 -22.40 32.02 88.25
O4' OMU PB 1159 -25.64 33.38 88.90
C5' OMU PB 1159 -25.41 31.82 87.08
O5' OMU PB 1159 -26.19 32.50 86.12
P OMU PB 1159 -27.75 32.22 85.97
OP1 OMU PB 1159 -27.97 31.53 84.65
OP2 OMU PB 1159 -28.22 31.57 87.26
N1 OMU PB 1197 9.02 30.38 73.28
C2 OMU PB 1197 10.28 29.56 73.37
N3 OMU PB 1197 11.45 30.07 74.13
C4 OMU PB 1197 11.36 31.36 74.80
C5 OMU PB 1197 10.10 32.17 74.71
C6 OMU PB 1197 8.95 31.65 73.94
O2 OMU PB 1197 10.33 28.49 72.80
O4 OMU PB 1197 12.24 31.76 75.38
C1' OMU PB 1197 7.87 29.88 72.52
C2' OMU PB 1197 6.59 29.80 73.35
O2' OMU PB 1197 6.51 28.59 74.07
CM2 OMU PB 1197 5.42 28.54 74.94
C3' OMU PB 1197 5.51 29.97 72.29
C4' OMU PB 1197 6.18 30.91 71.27
O3' OMU PB 1197 5.25 28.71 71.67
O4' OMU PB 1197 7.60 30.82 71.50
C5' OMU PB 1197 5.76 32.35 71.34
O5' OMU PB 1197 5.60 32.78 72.69
P OMU PB 1197 4.37 33.70 73.10
OP1 OMU PB 1197 4.39 33.85 74.61
OP2 OMU PB 1197 4.40 34.92 72.23
P OMG PB 1199 5.92 29.28 64.91
OP1 OMG PB 1199 6.97 28.22 64.62
OP2 OMG PB 1199 6.34 30.62 65.56
O5' OMG PB 1199 5.17 29.62 63.56
C5' OMG PB 1199 4.84 28.59 62.64
C4' OMG PB 1199 4.45 29.16 61.30
O4' OMG PB 1199 3.19 29.88 61.44
C3' OMG PB 1199 5.40 30.18 60.70
O3' OMG PB 1199 6.45 29.58 59.97
C2' OMG PB 1199 4.49 31.05 59.85
O2' OMG PB 1199 4.21 30.41 58.63
CM2 OMG PB 1199 3.28 31.11 57.83
C1' OMG PB 1199 3.22 31.06 60.69
N9 OMG PB 1199 3.18 32.21 61.62
C8 OMG PB 1199 3.41 32.20 62.98
N7 OMG PB 1199 3.27 33.39 63.49
C5 OMG PB 1199 2.94 34.20 62.45
C6 OMG PB 1199 2.67 35.60 62.39
O6 OMG PB 1199 2.67 36.40 63.30
N1 OMG PB 1199 2.38 35.99 61.09
C2 OMG PB 1199 2.35 35.19 60.00
N2 OMG PB 1199 2.05 35.75 58.82
N3 OMG PB 1199 2.60 33.90 60.05
C4 OMG PB 1199 2.88 33.47 61.27
P 4AC PB 1208 25.58 45.07 67.57
OP1 4AC PB 1208 26.62 45.60 68.55
OP2 4AC PB 1208 25.29 45.86 66.31
O5' 4AC PB 1208 25.98 43.59 67.15
C5' 4AC PB 1208 25.95 42.54 68.10
C4' 4AC PB 1208 25.87 41.20 67.43
O4' 4AC PB 1208 24.55 41.00 66.87
C3' 4AC PB 1208 26.79 41.01 66.24
O3' 4AC PB 1208 28.11 40.69 66.64
C2' 4AC PB 1208 26.10 39.90 65.46
O2' 4AC PB 1208 26.37 38.63 66.02
C1' 4AC PB 1208 24.62 40.24 65.69
N1 4AC PB 1208 24.05 41.02 64.58
C2 4AC PB 1208 23.54 40.32 63.48
O2 4AC PB 1208 23.58 39.08 63.48
N3 4AC PB 1208 23.01 41.02 62.44
C4 4AC PB 1208 23.00 42.34 62.49
N4 4AC PB 1208 22.41 42.92 61.33
C5 4AC PB 1208 23.50 43.07 63.58
C6 4AC PB 1208 24.03 42.38 64.60
C7 4AC PB 1208 22.25 44.22 61.01
O7 4AC PB 1208 22.64 45.16 61.70
CM7 4AC PB 1208 21.56 44.45 59.69
N1 PSU PB 1238 56.91 51.04 48.60
C2 PSU PB 1238 55.70 51.66 48.83
N3 PSU PB 1238 55.50 52.40 49.96
C4 PSU PB 1238 56.50 52.54 50.88
C5 PSU PB 1238 57.72 51.91 50.67
C6 PSU PB 1238 57.91 51.16 49.51
O2 PSU PB 1238 54.80 51.55 48.00
O4 PSU PB 1238 56.32 53.21 51.90
C1' PSU PB 1238 58.83 52.06 51.66
C2' PSU PB 1238 58.63 51.09 52.84
O2' PSU PB 1238 59.15 51.72 54.01
C3' PSU PB 1238 59.50 49.92 52.43
C4' PSU PB 1238 60.67 50.59 51.73
O3' PSU PB 1238 59.90 49.11 53.51
O4' PSU PB 1238 60.06 51.72 51.06
C5' PSU PB 1238 61.40 49.74 50.73
O5' PSU PB 1238 60.49 49.02 49.91
P PSU PB 1238 60.90 48.54 48.46
OP1 PSU PB 1238 61.87 47.42 48.56
OP2 PSU PB 1238 59.64 48.38 47.70
P A2M PB 1254 42.25 67.20 57.31
OP1 A2M PB 1254 42.58 67.59 58.72
O5' A2M PB 1254 40.68 66.34 57.11
C5' A2M PB 1254 39.58 67.09 57.31
C4' A2M PB 1254 38.34 66.26 57.09
O4' A2M PB 1254 38.00 66.29 55.73
C3' A2M PB 1254 38.56 64.80 57.46
O3' A2M PB 1254 38.57 64.69 58.84
C2' A2M PB 1254 37.46 64.14 56.66
O2' A2M PB 1254 36.17 64.42 57.14
C1' A2M PB 1254 37.75 64.95 55.38
CM' A2M PB 1254 35.23 64.38 56.10
N9 A2M PB 1254 38.84 64.47 54.58
C8 A2M PB 1254 40.13 64.95 54.33
N7 A2M PB 1254 40.83 64.16 53.50
C5 A2M PB 1254 39.94 63.11 53.23
C6 A2M PB 1254 40.02 61.96 52.47
N6 A2M PB 1254 41.15 61.64 51.75
N1 A2M PB 1254 38.99 61.08 52.37
C2 A2M PB 1254 37.87 61.40 53.07
N3 A2M PB 1254 37.63 62.46 53.85
C4 A2M PB 1254 38.71 63.29 53.90
OP2 A2M PB 1254 43.02 66.10 56.65
N1 OMC PB 1262 43.27 50.58 77.91
C2 OMC PB 1262 43.94 49.58 77.17
N3 OMC PB 1262 44.90 49.96 76.32
C4 OMC PB 1262 45.25 51.23 76.17
C5 OMC PB 1262 44.60 52.26 76.90
C6 OMC PB 1262 43.64 51.88 77.74
O2 OMC PB 1262 43.61 48.42 77.32
N4 OMC PB 1262 46.22 51.53 75.32
C1' OMC PB 1262 42.17 50.29 78.86
C2' OMC PB 1262 42.65 49.65 80.16
O2' OMC PB 1262 41.65 48.75 80.61
CM2 OMC PB 1262 41.48 47.63 79.76
C3' OMC PB 1262 42.75 50.85 81.09
C4' OMC PB 1262 41.60 51.73 80.62
O4' OMC PB 1262 41.54 51.51 79.19
O3' OMC PB 1262 42.65 50.50 82.45
C5' OMC PB 1262 41.77 53.21 80.89
O5' OMC PB 1262 42.90 53.72 80.21
P OMC PB 1262 43.11 55.29 80.05
OP1 OMC PB 1262 43.00 55.93 81.42
OP2 OMC PB 1262 44.37 55.49 79.21
N1 OMU PB 1313 60.74 49.25 100.83
C2 OMU PB 1313 60.68 47.98 101.67
N3 OMU PB 1313 60.21 48.06 103.08
C4 OMU PB 1313 59.82 49.34 103.65
C5 OMU PB 1313 59.90 50.58 102.82
C6 OMU PB 1313 60.37 50.51 101.41
O2 OMU PB 1313 61.01 46.91 101.19
O4 OMU PB 1313 59.47 49.41 104.73
C1' OMU PB 1313 61.22 49.22 99.43
C2' OMU PB 1313 60.22 48.61 98.45
O2' OMU PB 1313 60.95 47.88 97.46
CM2 OMU PB 1313 61.55 46.72 97.92
C3' OMU PB 1313 59.57 49.85 97.86
C4' OMU PB 1313 60.70 50.87 97.86
O3' OMU PB 1313 59.05 49.63 96.56
O4' OMU PB 1313 61.48 50.54 99.03
C5' OMU PB 1313 60.26 52.31 97.95
O5' OMU PB 1313 58.87 52.42 97.68
P OMU PB 1313 58.03 53.64 98.26
OP1 OMU PB 1313 58.96 54.82 98.35
OP2 OMU PB 1313 56.75 53.74 97.47
P OMG PB 1361 18.91 37.39 53.85
OP1 OMG PB 1361 18.13 36.09 53.88
OP2 OMG PB 1361 19.06 38.23 55.13
O5' OMG PB 1361 20.37 37.06 53.30
C5' OMG PB 1361 20.77 35.72 53.05
C4' OMG PB 1361 21.60 35.19 54.20
O4' OMG PB 1361 22.65 36.14 54.50
C3' OMG PB 1361 20.85 35.01 55.51
O3' OMG PB 1361 20.20 33.76 55.59
C2' OMG PB 1361 21.95 35.19 56.56
O2' OMG PB 1361 22.66 33.97 56.76
CM2 OMG PB 1361 23.64 34.05 57.76
C1' OMG PB 1361 22.88 36.19 55.88
N9 OMG PB 1361 22.67 37.57 56.34
C8 OMG PB 1361 22.33 38.63 55.53
N7 OMG PB 1361 22.24 39.74 56.20
C5 OMG PB 1361 22.53 39.40 57.49
C6 OMG PB 1361 22.59 40.21 58.65
O6 OMG PB 1361 22.38 41.40 58.76
N1 OMG PB 1361 22.94 39.45 59.76
C2 OMG PB 1361 23.20 38.11 59.76
N2 OMG PB 1361 23.53 37.57 60.95
N3 OMG PB 1361 23.16 37.37 58.70
C4 OMG PB 1361 22.82 38.05 57.59
P G7M PB 1510 48.03 8.25 59.50
OP1 G7M PB 1510 49.52 8.01 59.65
OP2 G7M PB 1510 47.46 9.58 59.92
O5' G7M PB 1510 47.66 7.96 57.99
C5' G7M PB 1510 48.17 6.80 57.34
C4' G7M PB 1510 47.28 6.37 56.20
O4' G7M PB 1510 46.13 5.66 56.70
C3' G7M PB 1510 46.67 7.48 55.36
O3' G7M PB 1510 47.59 8.06 54.46
C2' G7M PB 1510 45.50 6.76 54.69
O2' G7M PB 1510 45.93 6.03 53.56
C1' G7M PB 1510 45.06 5.78 55.78
N9 G7M PB 1510 43.85 6.23 56.47
C8 G7M PB 1510 44.31 6.63 57.67
N7 G7M PB 1510 43.25 7.06 58.38
CN7 G7M PB 1510 43.42 7.57 59.74
C5 G7M PB 1510 42.16 6.93 57.63
C6 G7M PB 1510 40.68 7.25 57.90
O6 G7M PB 1510 40.34 7.71 58.94
N1 G7M PB 1510 39.71 7.00 56.88
C2 G7M PB 1510 40.12 6.44 55.61
N2 G7M PB 1510 39.13 6.19 54.58
N3 G7M PB 1510 41.53 6.14 55.36
C4 G7M PB 1510 42.53 6.41 56.43
N1 OMC PB 1574 20.87 37.03 30.24
C2 OMC PB 1574 21.70 36.14 29.55
N3 OMC PB 1574 21.78 34.86 30.00
C4 OMC PB 1574 21.11 34.47 31.06
C5 OMC PB 1574 20.26 35.35 31.79
C6 OMC PB 1574 20.18 36.61 31.34
O2 OMC PB 1574 22.33 36.51 28.57
N4 OMC PB 1574 21.23 33.20 31.44
C1' OMC PB 1574 20.73 38.45 29.86
C2' OMC PB 1574 19.87 38.66 28.61
O2' OMC PB 1574 20.45 39.71 27.85
CM2 OMC PB 1574 21.65 39.35 27.23
C3' OMC PB 1574 18.54 39.08 29.20
C4' OMC PB 1574 18.93 39.82 30.47
O4' OMC PB 1574 20.12 39.14 30.92
O3' OMC PB 1574 17.78 39.91 28.33
C5' OMC PB 1574 17.90 39.81 31.57
O5' OMC PB 1574 17.78 38.52 32.13
P OMC PB 1574 17.04 38.29 33.53
OP1 OMC PB 1574 15.80 39.17 33.55
OP2 OMC PB 1574 16.92 36.79 33.76
C2 6MZ PB 1703 22.65 35.74 25.28
C4 6MZ PB 1703 23.71 34.08 24.05
C5 6MZ PB 1703 23.36 33.17 24.96
O1P 6MZ PB 1703 29.51 29.67 21.72
O2P 6MZ PB 1703 27.70 29.27 23.58
N9 6MZ PB 1703 24.40 33.44 23.10
N3 6MZ PB 1703 23.36 35.36 24.20
N1 6MZ PB 1703 22.30 34.82 26.22
C6 6MZ PB 1703 22.65 33.57 26.06
N6 6MZ PB 1703 22.23 32.63 27.13
C9 6MZ PB 1703 23.18 31.69 27.75
N7 6MZ PB 1703 23.84 31.98 24.57
C8 6MZ PB 1703 24.47 32.16 23.40
O5' 6MZ PB 1703 27.53 31.17 21.95
C5' 6MZ PB 1703 27.47 31.76 20.66
C4' 6MZ PB 1703 26.81 33.10 20.73
O4' 6MZ PB 1703 25.40 32.93 21.05
C1' 6MZ PB 1703 24.96 34.00 21.86
C2' 6MZ PB 1703 26.15 34.92 22.12
O2' 6MZ PB 1703 26.10 35.98 21.17
C3' 6MZ PB 1703 27.33 34.01 21.83
O3' 6MZ PB 1703 28.50 34.69 21.43
P 6MZ PB 1703 28.08 29.69 22.14
P 4AC PB 1713 26.90 35.13 10.26
OP1 4AC PB 1713 25.43 35.42 10.03
OP2 4AC PB 1713 27.36 33.73 10.55
O5' 4AC PB 1713 27.72 35.64 9.00
C5' 4AC PB 1713 27.58 36.96 8.50
C4' 4AC PB 1713 28.45 37.16 7.29
O4' 4AC PB 1713 29.85 36.97 7.65
C3' 4AC PB 1713 28.24 36.18 6.16
O3' 4AC PB 1713 27.13 36.52 5.34
C2' 4AC PB 1713 29.58 36.20 5.43
O2' 4AC PB 1713 29.69 37.36 4.62
C1' 4AC PB 1713 30.54 36.34 6.61
N1 4AC PB 1713 31.04 35.04 7.08
C2 4AC PB 1713 32.12 34.45 6.42
O2 4AC PB 1713 32.62 35.05 5.45
N3 4AC PB 1713 32.59 33.26 6.86
C4 4AC PB 1713 32.03 32.67 7.90
N4 4AC PB 1713 32.63 31.44 8.24
C5 4AC PB 1713 30.94 33.23 8.59
C6 4AC PB 1713 30.48 34.41 8.17
C7 4AC PB 1713 32.35 30.59 9.26
O7 4AC PB 1713 31.47 30.80 10.09
CM7 4AC PB 1713 33.23 29.39 9.34
C2 MA6 PB 1721 17.75 21.32 22.28
C4 MA6 PB 1721 17.56 21.07 19.96
C5 MA6 PB 1721 18.59 20.21 19.96
P MA6 PB 1721 17.68 19.34 14.16
OP1 MA6 PB 1721 17.60 19.68 12.68
OP2 MA6 PB 1721 19.00 18.88 14.75
O5' MA6 PB 1721 17.20 20.60 15.00
C5' MA6 PB 1721 15.99 21.28 14.74
C4' MA6 PB 1721 15.62 22.17 15.90
O4' MA6 PB 1721 15.47 21.36 17.09
C1' MA6 PB 1721 16.05 22.01 18.20
N9 MA6 PB 1721 17.16 21.19 18.71
N3 MA6 PB 1721 17.13 21.63 21.11
N1 MA6 PB 1721 18.80 20.44 22.28
C6 MA6 PB 1721 19.21 19.89 21.16
N6 MA6 PB 1721 20.30 19.05 21.61
C9 MA6 PB 1721 21.05 19.38 22.82
C10 MA6 PB 1721 20.66 17.83 20.82
N7 MA6 PB 1721 18.81 19.80 18.69
C8 MA6 PB 1721 17.92 20.41 17.90
C2' MA6 PB 1721 16.47 23.40 17.77
O2' MA6 PB 1721 15.40 24.28 18.04
C3' MA6 PB 1721 16.65 23.23 16.27
O3' MA6 PB 1721 16.48 24.44 15.56
C2 MA6 PB 1722 20.92 24.02 22.50
C4 MA6 PB 1722 20.40 24.36 20.25
C5 MA6 PB 1722 21.25 23.39 19.90
P MA6 PB 1722 17.50 24.85 14.39
OP1 MA6 PB 1722 16.72 24.86 13.09
OP2 MA6 PB 1722 18.73 23.98 14.51
O5' MA6 PB 1722 17.90 26.34 14.74
C5' MA6 PB 1722 19.09 26.63 15.47
C4' MA6 PB 1722 18.79 27.02 16.89
O4' MA6 PB 1722 18.37 25.85 17.65
C1' MA6 PB 1722 18.88 25.91 18.95
N9 MA6 PB 1722 19.86 24.83 19.12
N3 MA6 PB 1722 20.23 24.69 21.55
N1 MA6 PB 1722 21.79 23.03 22.15
C6 MA6 PB 1722 21.95 22.71 20.88
N6 MA6 PB 1722 22.92 21.65 20.97
C9 MA6 PB 1722 22.93 20.60 19.93
C10 MA6 PB 1722 23.92 21.62 22.06
N7 MA6 PB 1722 21.23 23.25 18.56
C8 MA6 PB 1722 20.37 24.15 18.06
C2' MA6 PB 1722 19.53 27.28 19.12
O2' MA6 PB 1722 18.52 28.18 19.53
C3' MA6 PB 1722 19.96 27.56 17.70
O3' MA6 PB 1722 20.24 28.92 17.42
N MET QB 1 59.86 46.56 61.56
CA MET QB 1 59.31 47.49 60.58
C MET QB 1 58.02 48.12 61.09
N GLY QB 2 57.60 49.21 60.44
CA GLY QB 2 56.38 49.89 60.84
C GLY QB 2 56.64 51.12 61.69
N ARG QB 3 57.56 51.97 61.25
CA ARG QB 3 57.90 53.21 61.96
C ARG QB 3 57.81 54.39 61.01
N VAL QB 4 56.72 54.46 60.26
CA VAL QB 4 56.46 55.56 59.33
C VAL QB 4 55.59 56.59 60.05
N ARG QB 5 55.99 57.85 59.98
CA ARG QB 5 55.25 58.93 60.63
C ARG QB 5 54.04 59.33 59.78
N THR QB 6 52.95 59.65 60.46
CA THR QB 6 51.69 59.99 59.81
C THR QB 6 51.76 61.41 59.24
N LYS QB 7 50.88 61.70 58.28
CA LYS QB 7 50.81 63.05 57.73
C LYS QB 7 50.47 64.07 58.81
N THR QB 8 49.71 63.68 59.83
CA THR QB 8 49.34 64.62 60.88
C THR QB 8 50.57 65.11 61.63
N VAL QB 9 51.35 64.18 62.18
CA VAL QB 9 52.56 64.54 62.91
C VAL QB 9 53.57 65.21 61.97
N LYS QB 10 53.67 64.74 60.73
CA LYS QB 10 54.62 65.31 59.80
C LYS QB 10 54.29 66.77 59.50
N LYS QB 11 53.02 67.07 59.22
CA LYS QB 11 52.62 68.42 58.88
C LYS QB 11 52.73 69.34 60.08
N ALA QB 12 52.36 68.85 61.27
CA ALA QB 12 52.53 69.67 62.46
C ALA QB 12 53.99 70.01 62.70
N ALA QB 13 54.87 69.02 62.53
CA ALA QB 13 56.29 69.27 62.72
C ALA QB 13 56.83 70.25 61.69
N ARG QB 14 56.40 70.13 60.43
CA ARG QB 14 56.84 71.06 59.40
C ARG QB 14 56.39 72.48 59.72
N VAL QB 15 55.13 72.63 60.13
CA VAL QB 15 54.58 73.94 60.45
C VAL QB 15 55.36 74.59 61.59
N ILE QB 16 55.63 73.81 62.64
CA ILE QB 16 56.30 74.41 63.79
C ILE QB 16 57.78 74.62 63.51
N ILE QB 17 58.40 73.82 62.64
CA ILE QB 17 59.77 74.08 62.26
C ILE QB 17 59.86 75.42 61.52
N GLU QB 18 58.91 75.68 60.62
CA GLU QB 18 58.92 76.96 59.92
C GLU QB 18 58.64 78.11 60.88
N LYS QB 19 57.64 77.98 61.74
CA LYS QB 19 57.21 79.11 62.56
C LYS QB 19 58.19 79.38 63.69
N TYR QB 20 58.56 78.36 64.45
CA TYR QB 20 59.51 78.47 65.56
C TYR QB 20 60.76 77.69 65.17
N TYR QB 21 61.66 78.35 64.43
CA TYR QB 21 62.90 77.72 64.02
C TYR QB 21 64.06 78.07 64.94
N THR QB 22 64.17 79.33 65.35
CA THR QB 22 65.25 79.73 66.25
C THR QB 22 65.12 79.04 67.59
N ARG QB 23 63.89 78.95 68.12
CA ARG QB 23 63.68 78.36 69.44
C ARG QB 23 63.96 76.87 69.47
N LEU QB 24 63.89 76.20 68.32
CA LEU QB 24 64.12 74.76 68.27
C LEU QB 24 65.61 74.46 68.38
N GLY QB 25 65.95 73.18 68.32
CA GLY QB 25 67.32 72.77 68.46
C GLY QB 25 67.53 71.37 67.95
N ASN QB 26 68.75 70.87 68.14
CA ASN QB 26 69.16 69.56 67.66
C ASN QB 26 68.92 68.47 68.69
N ASP QB 27 68.35 68.79 69.85
CA ASP QB 27 68.16 67.83 70.92
C ASP QB 27 66.68 67.46 71.04
N PHE QB 28 66.42 66.15 71.14
CA PHE QB 28 65.05 65.66 71.27
C PHE QB 28 64.36 66.25 72.50
N HIS QB 29 65.07 66.30 73.63
CA HIS QB 29 64.46 66.76 74.87
C HIS QB 29 64.14 68.25 74.82
N THR QB 30 65.05 69.05 74.29
CA THR QB 30 64.77 70.47 74.11
C THR QB 30 63.58 70.67 73.17
N ASN QB 31 63.53 69.90 72.09
CA ASN QB 31 62.45 70.04 71.12
C ASN QB 31 61.11 69.71 71.74
N LYS QB 32 61.02 68.59 72.48
CA LYS QB 32 59.75 68.25 73.10
C LYS QB 32 59.36 69.27 74.18
N ARG QB 33 60.34 69.78 74.91
CA ARG QB 33 60.01 70.77 75.94
C ARG QB 33 59.44 72.05 75.33
N VAL QB 34 60.00 72.51 74.20
CA VAL QB 34 59.43 73.72 73.61
C VAL QB 34 58.11 73.41 72.90
N CYS QB 35 57.96 72.19 72.37
CA CYS QB 35 56.72 71.79 71.73
C CYS QB 35 55.57 71.71 72.72
N GLU QB 36 55.87 71.45 73.99
CA GLU QB 36 54.82 71.39 75.00
C GLU QB 36 54.05 72.71 75.07
N GLU QB 37 54.76 73.83 75.03
CA GLU QB 37 54.12 75.12 75.24
C GLU QB 37 53.80 75.87 73.96
N ILE QB 38 54.55 75.68 72.88
CA ILE QB 38 54.26 76.46 71.67
C ILE QB 38 53.08 75.92 70.89
N ALA QB 39 52.45 74.85 71.36
CA ALA QB 39 51.32 74.27 70.66
C ALA QB 39 50.48 73.47 71.64
N ILE QB 40 49.28 73.10 71.20
CA ILE QB 40 48.34 72.34 72.01
C ILE QB 40 48.32 70.93 71.46
N ILE QB 41 49.03 70.02 72.12
CA ILE QB 41 48.94 68.60 71.82
C ILE QB 41 48.47 67.90 73.09
N PRO QB 42 47.21 67.49 73.17
CA PRO QB 42 46.70 66.88 74.41
C PRO QB 42 47.27 65.51 74.71
N SER QB 43 48.06 64.93 73.81
CA SER QB 43 48.62 63.61 73.99
C SER QB 43 50.14 63.71 74.12
N LYS QB 44 50.69 63.07 75.16
CA LYS QB 44 52.13 62.99 75.31
C LYS QB 44 52.76 62.19 74.17
N LYS QB 45 52.08 61.13 73.74
CA LYS QB 45 52.53 60.34 72.60
C LYS QB 45 52.60 61.17 71.34
N LEU QB 46 51.53 61.90 71.04
CA LEU QB 46 51.52 62.76 69.86
C LEU QB 46 52.44 63.95 70.02
N ARG QB 47 52.84 64.28 71.24
CA ARG QB 47 53.82 65.33 71.45
C ARG QB 47 55.21 64.84 71.08
N ASN QB 48 55.65 63.74 71.69
CA ASN QB 48 57.04 63.34 71.47
C ASN QB 48 57.26 62.69 70.11
N LYS QB 49 56.20 62.19 69.45
CA LYS QB 49 56.35 61.81 68.06
C LYS QB 49 56.70 63.01 67.19
N ILE QB 50 55.98 64.12 67.41
CA ILE QB 50 56.31 65.38 66.75
C ILE QB 50 57.73 65.79 67.07
N ALA QB 51 58.14 65.65 68.32
CA ALA QB 51 59.49 66.05 68.72
C ALA QB 51 60.55 65.23 67.99
N GLY QB 52 60.34 63.93 67.84
CA GLY QB 52 61.29 63.11 67.10
C GLY QB 52 61.39 63.52 65.64
N TYR QB 53 60.24 63.74 64.99
CA TYR QB 53 60.29 64.19 63.60
C TYR QB 53 60.99 65.55 63.48
N VAL QB 54 60.75 66.43 64.45
CA VAL QB 54 61.37 67.75 64.44
C VAL QB 54 62.88 67.63 64.53
N THR QB 55 63.37 66.77 65.43
CA THR QB 55 64.81 66.58 65.54
C THR QB 55 65.39 66.02 64.25
N HIS QB 56 64.68 65.05 63.65
CA HIS QB 56 65.17 64.45 62.41
C HIS QB 56 65.28 65.48 61.30
N LEU QB 57 64.29 66.38 61.20
CA LEU QB 57 64.35 67.41 60.16
C LEU QB 57 65.32 68.53 60.50
N MET QB 58 65.55 68.79 61.78
CA MET QB 58 66.56 69.77 62.17
C MET QB 58 67.93 69.33 61.71
N LYS QB 59 68.23 68.03 61.86
CA LYS QB 59 69.49 67.51 61.35
C LYS QB 59 69.63 67.72 59.85
N ARG QB 60 68.52 67.78 59.13
CA ARG QB 60 68.59 68.02 57.68
C ARG QB 60 68.77 69.49 57.38
N ILE QB 61 67.93 70.35 57.97
CA ILE QB 61 67.96 71.76 57.61
C ILE QB 61 69.19 72.47 58.16
N GLN QB 62 69.91 71.86 59.09
CA GLN QB 62 71.20 72.44 59.45
C GLN QB 62 72.23 72.29 58.34
N ARG QB 63 71.98 71.42 57.36
CA ARG QB 63 72.94 71.20 56.29
C ARG QB 63 72.30 71.06 54.92
N GLY QB 64 71.11 71.64 54.70
CA GLY QB 64 70.50 71.58 53.39
C GLY QB 64 69.05 72.02 53.39
N PRO QB 65 68.48 72.19 52.19
CA PRO QB 65 67.08 72.58 52.09
C PRO QB 65 66.16 71.37 52.14
N VAL QB 66 64.93 71.63 52.60
CA VAL QB 66 63.88 70.63 52.66
C VAL QB 66 62.60 71.23 52.08
N ARG QB 67 61.51 70.46 52.14
CA ARG QB 67 60.24 70.94 51.64
C ARG QB 67 59.72 72.09 52.51
N GLY QB 68 59.92 72.02 53.81
CA GLY QB 68 59.51 73.10 54.69
C GLY QB 68 60.49 74.24 54.70
N ILE QB 69 60.09 75.39 54.17
CA ILE QB 69 60.99 76.52 53.91
C ILE QB 69 60.79 77.58 54.99
N SER QB 70 61.90 78.04 55.56
CA SER QB 70 61.93 79.17 56.46
C SER QB 70 62.44 80.39 55.69
N ILE QB 71 61.82 81.55 55.92
CA ILE QB 71 62.18 82.74 55.18
C ILE QB 71 63.61 83.17 55.50
N LYS QB 72 63.98 83.18 56.79
CA LYS QB 72 65.33 83.58 57.17
C LYS QB 72 66.35 82.56 56.69
N LEU QB 73 65.99 81.28 56.72
CA LEU QB 73 66.86 80.25 56.16
C LEU QB 73 67.09 80.48 54.68
N GLN QB 74 66.03 80.82 53.95
CA GLN QB 74 66.15 81.10 52.52
C GLN QB 74 67.05 82.31 52.26
N GLU QB 75 66.86 83.37 53.04
CA GLU QB 75 67.70 84.56 52.87
C GLU QB 75 69.17 84.25 53.17
N GLU QB 76 69.42 83.50 54.25
CA GLU QB 76 70.79 83.13 54.56
C GLU QB 76 71.41 82.27 53.48
N GLU QB 77 70.63 81.32 52.94
CA GLU QB 77 71.18 80.42 51.93
C GLU QB 77 71.43 81.12 50.61
N ARG QB 78 70.59 82.09 50.25
CA ARG QB 78 70.85 82.82 48.99
C ARG QB 78 71.99 83.81 49.15
N GLU QB 79 72.11 84.44 50.33
CA GLU QB 79 73.26 85.32 50.57
C GLU QB 79 74.56 84.52 50.61
N ARG QB 80 74.54 83.36 51.24
CA ARG QB 80 75.66 82.43 51.20
C ARG QB 80 75.71 81.78 49.83
N ARG QB 81 76.85 81.14 49.53
CA ARG QB 81 77.06 80.42 48.28
C ARG QB 81 76.86 81.34 47.08
N ASP QB 82 77.43 82.54 47.17
CA ASP QB 82 77.35 83.48 46.05
C ASP QB 82 77.97 82.88 44.80
N ASN QB 83 79.19 82.36 44.93
CA ASN QB 83 79.88 81.76 43.81
C ASN QB 83 81.04 80.92 44.34
N TYR QB 84 81.51 80.01 43.48
CA TYR QB 84 82.82 79.42 43.68
C TYR QB 84 83.93 80.44 43.49
N VAL QB 85 83.60 81.62 42.96
CA VAL QB 85 84.48 82.73 42.61
C VAL QB 85 85.81 82.23 42.05
N PRO QB 86 85.82 81.65 40.85
CA PRO QB 86 87.10 81.27 40.23
C PRO QB 86 87.94 82.50 39.93
N GLU QB 87 89.25 82.30 39.87
CA GLU QB 87 90.17 83.38 39.58
C GLU QB 87 89.94 83.95 38.18
N VAL QB 88 89.62 83.08 37.23
CA VAL QB 88 89.20 83.51 35.89
C VAL QB 88 87.91 82.76 35.55
N SER QB 89 87.10 83.39 34.70
CA SER QB 89 85.89 82.73 34.24
C SER QB 89 86.22 81.52 33.40
N ALA QB 90 85.30 80.56 33.38
CA ALA QB 90 85.46 79.39 32.52
C ALA QB 90 85.27 79.72 31.05
N LEU QB 91 84.73 80.91 30.73
CA LEU QB 91 84.41 81.28 29.37
C LEU QB 91 85.20 82.50 28.93
N ASP QB 92 86.50 82.50 29.20
CA ASP QB 92 87.44 83.46 28.63
C ASP QB 92 88.64 82.72 28.07
N GLN QB 93 88.40 81.52 27.53
CA GLN QB 93 89.48 80.66 27.07
C GLN QB 93 90.26 81.32 25.94
N GLU QB 94 91.59 81.31 26.07
CA GLU QB 94 92.43 82.01 25.11
C GLU QB 94 92.43 81.33 23.74
N ILE QB 95 92.04 80.06 23.67
CA ILE QB 95 91.95 79.33 22.42
C ILE QB 95 90.57 78.71 22.32
N ILE QB 96 90.00 78.76 21.12
CA ILE QB 96 88.66 78.24 20.87
C ILE QB 96 88.66 77.47 19.55
N GLU QB 97 88.21 76.22 19.60
CA GLU QB 97 88.01 75.47 18.37
C GLU QB 97 86.82 76.04 17.61
N VAL QB 98 86.98 76.17 16.29
CA VAL QB 98 85.98 76.80 15.45
C VAL QB 98 85.73 75.91 14.23
N ASP QB 99 84.46 75.56 14.01
CA ASP QB 99 84.07 74.84 12.82
C ASP QB 99 84.21 75.77 11.61
N PRO QB 100 84.63 75.25 10.45
CA PRO QB 100 84.77 76.14 9.27
C PRO QB 100 83.47 76.79 8.85
N ASP QB 101 82.35 76.08 9.00
CA ASP QB 101 81.05 76.69 8.72
C ASP QB 101 80.80 77.89 9.61
N THR QB 102 81.05 77.75 10.92
CA THR QB 102 80.93 78.89 11.80
C THR QB 102 81.99 79.94 11.53
N LYS QB 103 83.15 79.55 10.98
CA LYS QB 103 84.17 80.54 10.65
C LYS QB 103 83.67 81.47 9.56
N GLU QB 104 83.16 80.90 8.47
CA GLU QB 104 82.60 81.75 7.42
C GLU QB 104 81.34 82.48 7.87
N MET QB 105 80.56 81.88 8.78
CA MET QB 105 79.41 82.57 9.34
C MET QB 105 79.83 83.81 10.12
N LEU QB 106 80.84 83.68 10.98
CA LEU QB 106 81.31 84.83 11.75
C LEU QB 106 81.98 85.85 10.86
N LYS QB 107 82.66 85.40 9.81
CA LYS QB 107 83.24 86.33 8.84
C LYS QB 107 82.13 87.14 8.16
N LEU QB 108 81.03 86.49 7.81
CA LEU QB 108 79.88 87.23 7.29
C LEU QB 108 79.29 88.16 8.35
N LEU QB 109 79.30 87.73 9.61
CA LEU QB 109 78.90 88.59 10.72
C LEU QB 109 79.86 89.76 10.92
N ASP QB 110 81.04 89.72 10.28
CA ASP QB 110 82.12 90.70 10.25
C ASP QB 110 82.85 90.81 11.58
N PHE QB 111 82.44 90.07 12.61
CA PHE QB 111 83.20 89.97 13.84
C PHE QB 111 84.12 88.76 13.84
N GLY QB 112 84.34 88.17 12.68
CA GLY QB 112 85.37 87.16 12.50
C GLY QB 112 86.72 87.82 12.38
N SER QB 113 87.67 87.07 11.82
CA SER QB 113 89.05 87.49 11.64
C SER QB 113 89.65 88.03 12.94
N LEU QB 114 89.74 87.13 13.91
CA LEU QB 114 90.33 87.43 15.20
C LEU QB 114 91.43 86.42 15.51
N SER QB 115 92.38 86.83 16.36
CA SER QB 115 93.41 85.91 16.79
C SER QB 115 92.89 84.88 17.78
N ASN QB 116 91.75 85.14 18.42
CA ASN QB 116 91.27 84.26 19.47
C ASN QB 116 90.71 82.95 18.92
N LEU QB 117 90.16 82.97 17.71
CA LEU QB 117 89.54 81.77 17.16
C LEU QB 117 90.50 81.10 16.17
N GLN QB 118 90.55 79.78 16.25
CA GLN QB 118 91.32 78.96 15.31
C GLN QB 118 90.40 77.90 14.74
N VAL QB 119 90.50 77.67 13.44
CA VAL QB 119 89.58 76.83 12.70
C VAL QB 119 90.22 75.47 12.46
N THR QB 120 89.45 74.41 12.70
CA THR QB 120 89.96 73.06 12.63
C THR QB 120 89.35 72.30 11.45
N GLN QB 121 89.90 71.11 11.21
CA GLN QB 121 89.44 70.27 10.11
C GLN QB 121 88.03 69.78 10.37
N PRO QB 122 87.14 69.83 9.37
CA PRO QB 122 85.82 69.23 9.54
C PRO QB 122 85.90 67.71 9.50
N THR QB 123 84.79 67.08 9.87
CA THR QB 123 84.74 65.63 9.92
C THR QB 123 84.69 65.04 8.51
N VAL QB 124 85.09 63.78 8.41
CA VAL QB 124 85.04 63.01 7.17
C VAL QB 124 84.24 61.75 7.44
N GLY QB 125 83.24 61.48 6.59
CA GLY QB 125 82.41 60.31 6.76
C GLY QB 125 80.94 60.66 6.84
N MET QB 126 80.62 61.80 7.45
CA MET QB 126 79.26 62.31 7.58
C MET QB 126 78.34 61.29 8.25
N ASN QB 127 78.90 60.41 9.06
CA ASN QB 127 78.14 59.37 9.75
C ASN QB 127 77.89 59.84 11.17
N PHE QB 128 76.66 60.28 11.42
CA PHE QB 128 76.26 60.75 12.74
C PHE QB 128 74.94 60.17 13.22
N LYS QB 129 74.09 59.70 12.32
CA LYS QB 129 72.79 59.18 12.71
C LYS QB 129 72.95 57.82 13.38
N THR QB 130 71.94 57.47 14.17
CA THR QB 130 71.92 56.16 14.80
C THR QB 130 71.52 55.11 13.78
N PRO QB 131 72.23 53.98 13.70
CA PRO QB 131 71.78 52.89 12.83
C PRO QB 131 70.38 52.43 13.20
N ARG QB 132 69.46 52.57 12.25
CA ARG QB 132 68.04 52.42 12.54
C ARG QB 132 67.69 50.98 12.86
N GLY QB 133 66.59 50.81 13.59
CA GLY QB 133 66.07 49.50 13.91
C GLY QB 133 66.69 48.92 15.15
N PRO QB 134 66.25 47.71 15.52
CA PRO QB 134 66.86 47.02 16.67
C PRO QB 134 68.33 46.71 16.42
N VAL QB 135 69.15 47.06 17.42
CA VAL QB 135 70.62 47.01 17.39
C VAL QB 135 71.21 47.38 16.03
N MET RB 1 26.83 45.16 106.99
CA MET RB 1 25.64 44.73 107.70
C MET RB 1 24.99 43.53 107.03
N ALA RB 2 24.31 42.70 107.82
CA ALA RB 2 23.52 41.62 107.24
C ALA RB 2 22.21 42.14 106.64
N VAL RB 3 21.66 43.22 107.20
CA VAL RB 3 20.49 43.85 106.60
C VAL RB 3 20.89 44.57 105.31
N GLN RB 4 22.00 45.28 105.33
CA GLN RB 4 22.49 45.96 104.14
C GLN RB 4 23.17 44.96 103.20
N ILE RB 5 23.30 45.36 101.94
CA ILE RB 5 23.86 44.50 100.92
C ILE RB 5 25.22 45.04 100.53
N SER RB 6 26.06 44.18 99.95
CA SER RB 6 27.40 44.57 99.57
C SER RB 6 27.38 45.68 98.53
N LYS RB 7 28.46 46.47 98.50
CA LYS RB 7 28.50 47.66 97.66
C LYS RB 7 28.40 47.32 96.18
N LYS RB 8 28.91 46.16 95.78
CA LYS RB 8 28.79 45.75 94.38
C LYS RB 8 27.32 45.62 93.98
N ARG RB 9 26.55 44.85 94.74
CA ARG RB 9 25.13 44.75 94.49
C ARG RB 9 24.41 46.08 94.69
N LYS RB 10 24.91 46.93 95.57
CA LYS RB 10 24.32 48.25 95.76
C LYS RB 10 24.44 49.09 94.50
N PHE RB 11 25.64 49.17 93.93
CA PHE RB 11 25.85 49.92 92.69
C PHE RB 11 25.08 49.29 91.54
N VAL RB 12 25.04 47.95 91.49
CA VAL RB 12 24.31 47.28 90.42
C VAL RB 12 22.83 47.61 90.50
N ALA RB 13 22.26 47.58 91.71
CA ALA RB 13 20.86 47.93 91.88
C ALA RB 13 20.61 49.40 91.57
N ASP RB 14 21.56 50.28 91.90
CA ASP RB 14 21.44 51.68 91.49
C ASP RB 14 21.35 51.79 89.98
N GLY RB 15 22.23 51.10 89.26
CA GLY RB 15 22.20 51.16 87.81
C GLY RB 15 20.90 50.62 87.23
N ILE RB 16 20.41 49.51 87.78
CA ILE RB 16 19.15 48.94 87.31
C ILE RB 16 18.00 49.91 87.58
N PHE RB 17 17.98 50.52 88.76
CA PHE RB 17 16.91 51.44 89.12
C PHE RB 17 16.92 52.66 88.20
N LYS RB 18 18.10 53.22 87.95
CA LYS RB 18 18.18 54.38 87.07
C LYS RB 18 17.76 54.02 85.64
N ALA RB 19 18.16 52.84 85.17
CA ALA RB 19 17.77 52.42 83.83
C ALA RB 19 16.26 52.26 83.70
N GLU RB 20 15.63 51.63 84.68
CA GLU RB 20 14.18 51.46 84.64
C GLU RB 20 13.47 52.80 84.72
N LEU RB 21 13.98 53.70 85.57
CA LEU RB 21 13.39 55.03 85.67
C LEU RB 21 13.46 55.76 84.34
N ASN RB 22 14.62 55.74 83.69
CA ASN RB 22 14.79 56.42 82.42
C ASN RB 22 13.87 55.83 81.35
N GLU RB 23 13.81 54.50 81.28
CA GLU RB 23 12.97 53.86 80.25
C GLU RB 23 11.50 54.17 80.47
N PHE RB 24 11.05 54.13 81.72
CA PHE RB 24 9.66 54.48 82.01
C PHE RB 24 9.39 55.93 81.63
N LEU RB 25 10.30 56.84 81.95
CA LEU RB 25 10.08 58.23 81.60
C LEU RB 25 10.05 58.42 80.09
N THR RB 26 10.88 57.69 79.37
CA THR RB 26 10.86 57.76 77.91
C THR RB 26 9.50 57.35 77.36
N ARG RB 27 8.98 56.22 77.84
CA ARG RB 27 7.67 55.77 77.38
C ARG RB 27 6.58 56.75 77.80
N GLU RB 28 6.71 57.32 79.00
CA GLU RB 28 5.67 58.18 79.54
C GLU RB 28 5.63 59.53 78.83
N LEU RB 29 6.79 60.05 78.43
CA LEU RB 29 6.91 61.40 77.92
C LEU RB 29 7.51 61.42 76.52
N ALA RB 30 7.30 60.36 75.74
CA ALA RB 30 7.85 60.32 74.38
C ALA RB 30 7.28 61.45 73.52
N GLU RB 31 5.97 61.65 73.55
CA GLU RB 31 5.38 62.77 72.84
C GLU RB 31 5.59 64.10 73.55
N ASP RB 32 6.07 64.07 74.79
CA ASP RB 32 6.31 65.26 75.58
C ASP RB 32 7.76 65.71 75.52
N GLY RB 33 8.46 65.38 74.44
CA GLY RB 33 9.82 65.82 74.22
C GLY RB 33 10.79 65.39 75.30
N TYR RB 34 10.75 64.13 75.68
CA TYR RB 34 11.65 63.64 76.71
C TYR RB 34 13.10 63.65 76.23
N SER RB 35 14.01 63.93 77.13
CA SER RB 35 15.43 63.98 76.79
C SER RB 35 16.29 63.14 77.71
N GLY RB 36 15.98 63.08 79.00
CA GLY RB 36 16.77 62.24 79.89
C GLY RB 36 16.39 62.46 81.34
N VAL RB 37 17.06 61.70 82.20
CA VAL RB 37 16.85 61.80 83.64
C VAL RB 37 18.20 61.68 84.33
N GLU RB 38 18.29 62.27 85.52
CA GLU RB 38 19.42 62.06 86.40
C GLU RB 38 18.94 62.07 87.84
N VAL RB 39 19.73 61.47 88.71
CA VAL RB 39 19.39 61.36 90.12
C VAL RB 39 20.60 61.75 90.95
N ARG RB 40 20.32 62.46 92.05
CA ARG RB 40 21.29 62.69 93.11
C ARG RB 40 20.85 61.86 94.31
N VAL RB 41 21.69 60.91 94.71
CA VAL RB 41 21.40 60.05 95.84
C VAL RB 41 22.24 60.50 97.02
N THR RB 42 21.56 60.83 98.12
CA THR RB 42 22.17 61.15 99.39
C THR RB 42 21.47 60.32 100.45
N PRO RB 43 22.10 60.08 101.60
CA PRO RB 43 21.42 59.33 102.66
C PRO RB 43 20.11 59.95 103.12
N THR RB 44 19.99 61.28 103.04
CA THR RB 44 18.75 61.93 103.43
C THR RB 44 17.63 61.65 102.43
N ARG RB 45 17.92 61.79 101.14
CA ARG RB 45 16.87 61.74 100.13
C ARG RB 45 17.49 61.55 98.76
N THR RB 46 16.64 61.26 97.78
CA THR RB 46 17.04 61.17 96.38
C THR RB 46 16.24 62.18 95.57
N GLU RB 47 16.95 62.99 94.80
CA GLU RB 47 16.35 64.01 93.95
C GLU RB 47 16.48 63.56 92.50
N ILE RB 48 15.41 63.70 91.73
CA ILE RB 48 15.33 63.19 90.38
C ILE RB 48 14.96 64.33 89.45
N ILE RB 49 15.85 64.64 88.51
CA ILE RB 49 15.67 65.78 87.61
C ILE RB 49 15.49 65.25 86.20
N ILE RB 50 14.45 65.73 85.53
CA ILE RB 50 14.08 65.27 84.20
C ILE RB 50 14.43 66.35 83.19
N LEU RB 51 15.39 66.05 82.31
CA LEU RB 51 15.69 66.88 81.16
C LEU RB 51 14.63 66.66 80.09
N ALA RB 52 13.95 67.74 79.71
CA ALA RB 52 12.86 67.67 78.73
C ALA RB 52 12.86 68.92 77.87
N THR RB 53 12.07 68.87 76.80
CA THR RB 53 11.94 70.04 75.93
C THR RB 53 10.79 70.94 76.35
N ARG RB 54 9.74 70.37 76.94
CA ARG RB 54 8.54 71.12 77.32
C ARG RB 54 8.24 70.83 78.78
N THR RB 55 8.88 71.59 79.67
CA THR RB 55 8.57 71.48 81.09
C THR RB 55 7.16 71.97 81.38
N GLN RB 56 6.68 72.95 80.61
CA GLN RB 56 5.31 73.45 80.80
C GLN RB 56 4.27 72.39 80.44
N ASN RB 57 4.63 71.41 79.63
CA ASN RB 57 3.71 70.30 79.31
C ASN RB 57 3.92 69.10 80.21
N VAL RB 58 5.17 68.87 80.65
CA VAL RB 58 5.41 67.83 81.64
C VAL RB 58 4.71 68.18 82.95
N LEU RB 59 4.79 69.45 83.36
CA LEU RB 59 4.03 69.93 84.50
C LEU RB 59 2.54 69.81 84.22
N GLY RB 60 1.78 69.43 85.23
CA GLY RB 60 0.34 69.37 85.14
C GLY RB 60 -0.31 70.68 85.51
N GLU RB 61 -1.63 70.63 85.68
CA GLU RB 61 -2.40 71.79 86.11
C GLU RB 61 -1.99 72.12 87.54
N LYS RB 62 -1.19 73.17 87.69
CA LYS RB 62 -0.57 73.54 88.97
C LYS RB 62 0.23 72.37 89.55
N GLY RB 63 0.93 71.65 88.67
CA GLY RB 63 1.79 70.57 89.11
C GLY RB 63 1.11 69.22 89.24
N ARG RB 64 -0.07 69.05 88.64
CA ARG RB 64 -0.81 67.81 88.80
C ARG RB 64 -0.06 66.62 88.22
N ARG RB 65 0.45 66.75 87.00
CA ARG RB 65 1.16 65.64 86.36
C ARG RB 65 2.48 65.34 87.06
N ILE RB 66 3.18 66.39 87.50
CA ILE RB 66 4.44 66.17 88.21
C ILE RB 66 4.20 65.42 89.51
N ARG RB 67 3.18 65.84 90.27
CA ARG RB 67 2.84 65.11 91.49
C ARG RB 67 2.40 63.69 91.19
N GLU RB 68 1.66 63.50 90.11
CA GLU RB 68 1.27 62.17 89.66
C GLU RB 68 2.49 61.28 89.45
N LEU RB 69 3.46 61.78 88.69
CA LEU RB 69 4.68 61.03 88.41
C LEU RB 69 5.45 60.72 89.69
N THR RB 70 5.63 61.73 90.55
CA THR RB 70 6.46 61.55 91.74
C THR RB 70 5.79 60.63 92.74
N ALA RB 71 4.45 60.53 92.70
CA ALA RB 71 3.78 59.55 93.53
C ALA RB 71 3.93 58.16 92.96
N VAL RB 72 3.78 58.01 91.63
CA VAL RB 72 3.69 56.68 91.07
C VAL RB 72 5.04 55.97 91.10
N VAL RB 73 6.13 56.68 90.80
CA VAL RB 73 7.43 56.01 90.84
C VAL RB 73 7.82 55.66 92.27
N GLN RB 74 7.45 56.52 93.22
CA GLN RB 74 7.64 56.21 94.63
C GLN RB 74 6.88 54.97 95.05
N LYS RB 75 5.63 54.86 94.62
CA LYS RB 75 4.85 53.68 94.99
C LYS RB 75 5.39 52.44 94.31
N ARG RB 76 6.02 52.59 93.15
CA ARG RB 76 6.67 51.46 92.51
C ARG RB 76 7.85 50.97 93.35
N PHE RB 77 8.74 51.87 93.75
CA PHE RB 77 10.01 51.46 94.34
C PHE RB 77 10.02 51.44 95.86
N GLY RB 78 8.93 51.79 96.51
CA GLY RB 78 8.90 51.81 97.96
C GLY RB 78 9.79 52.86 98.60
N PHE RB 79 9.70 54.11 98.13
CA PHE RB 79 10.47 55.19 98.71
C PHE RB 79 9.72 55.82 99.88
N PRO RB 80 10.45 56.46 100.79
CA PRO RB 80 9.79 57.30 101.81
C PRO RB 80 9.14 58.51 101.16
N GLU RB 81 8.18 59.09 101.89
CA GLU RB 81 7.33 60.13 101.31
C GLU RB 81 8.12 61.41 101.07
N GLY RB 82 8.85 61.87 102.07
CA GLY RB 82 9.63 63.08 101.89
C GLY RB 82 10.99 62.88 101.28
N SER RB 83 11.38 61.64 101.01
CA SER RB 83 12.73 61.31 100.61
C SER RB 83 12.88 61.17 99.09
N VAL RB 84 11.84 61.48 98.32
CA VAL RB 84 11.93 61.46 96.87
C VAL RB 84 11.49 62.82 96.34
N GLU RB 85 12.31 63.40 95.47
CA GLU RB 85 12.04 64.72 94.91
C GLU RB 85 11.99 64.61 93.40
N LEU RB 86 11.09 65.37 92.77
CA LEU RB 86 10.92 65.34 91.33
C LEU RB 86 11.00 66.75 90.78
N TYR RB 87 11.85 66.96 89.79
CA TYR RB 87 12.09 68.28 89.21
C TYR RB 87 12.08 68.18 87.70
N ALA RB 88 11.58 69.24 87.06
CA ALA RB 88 11.53 69.34 85.61
C ALA RB 88 12.49 70.45 85.16
N GLU RB 89 13.37 70.12 84.21
CA GLU RB 89 14.35 71.07 83.71
C GLU RB 89 14.40 70.97 82.20
N LYS RB 90 14.32 72.12 81.53
CA LYS RB 90 14.35 72.14 80.09
C LYS RB 90 15.79 71.97 79.61
N VAL RB 91 15.92 71.54 78.36
CA VAL RB 91 17.22 71.19 77.78
C VAL RB 91 17.75 72.38 76.99
N ALA RB 92 18.97 72.80 77.32
CA ALA RB 92 19.64 73.83 76.53
C ALA RB 92 20.00 73.27 75.15
N THR RB 93 19.94 74.16 74.15
CA THR RB 93 20.22 73.89 72.74
C THR RB 93 19.67 72.53 72.30
N ARG RB 94 18.35 72.40 72.31
CA ARG RB 94 17.70 71.12 72.04
C ARG RB 94 17.98 70.60 70.65
N GLY RB 95 18.45 71.45 69.74
CA GLY RB 95 18.87 70.96 68.43
C GLY RB 95 20.14 70.13 68.48
N LEU RB 96 20.94 70.27 69.52
CA LEU RB 96 22.15 69.50 69.71
C LEU RB 96 21.95 68.18 70.45
N CYS RB 97 20.73 67.90 70.91
CA CYS RB 97 20.45 66.66 71.62
C CYS RB 97 19.85 65.66 70.66
N ALA RB 98 20.46 64.47 70.60
CA ALA RB 98 20.00 63.46 69.67
C ALA RB 98 18.65 62.87 70.08
N ILE RB 99 18.41 62.76 71.39
CA ILE RB 99 17.19 62.12 71.87
C ILE RB 99 15.98 62.97 71.53
N ALA RB 100 16.04 64.26 71.85
CA ALA RB 100 14.91 65.15 71.58
C ALA RB 100 14.63 65.26 70.09
N GLN RB 101 15.69 65.40 69.29
CA GLN RB 101 15.51 65.47 67.84
C GLN RB 101 14.93 64.17 67.30
N ALA RB 102 15.37 63.04 67.84
CA ALA RB 102 14.81 61.76 67.42
C ALA RB 102 13.33 61.68 67.74
N GLU RB 103 12.92 62.14 68.92
CA GLU RB 103 11.50 62.11 69.26
C GLU RB 103 10.70 63.03 68.37
N SER RB 104 11.24 64.22 68.05
CA SER RB 104 10.52 65.13 67.18
C SER RB 104 10.38 64.56 65.77
N LEU RB 105 11.43 63.92 65.26
CA LEU RB 105 11.35 63.26 63.96
C LEU RB 105 10.34 62.13 63.99
N ARG RB 106 10.28 61.40 65.11
CA ARG RB 106 9.26 60.36 65.26
C ARG RB 106 7.87 60.96 65.17
N TYR RB 107 7.65 62.09 65.84
CA TYR RB 107 6.34 62.74 65.76
C TYR RB 107 6.00 63.14 64.34
N LYS RB 108 6.97 63.72 63.63
CA LYS RB 108 6.70 64.17 62.26
C LYS RB 108 6.33 62.99 61.37
N LEU RB 109 7.07 61.89 61.47
CA LEU RB 109 6.76 60.72 60.66
C LEU RB 109 5.42 60.10 61.06
N LEU RB 110 5.06 60.21 62.34
CA LEU RB 110 3.72 59.78 62.75
C LEU RB 110 2.65 60.64 62.07
N GLY RB 111 2.86 61.95 62.07
CA GLY RB 111 1.93 62.85 61.41
C GLY RB 111 1.80 62.62 59.93
N GLY RB 112 2.85 62.14 59.29
CA GLY RB 112 2.79 61.76 57.89
C GLY RB 112 3.68 62.57 56.96
N LEU RB 113 4.65 63.31 57.49
CA LEU RB 113 5.57 64.05 56.65
C LEU RB 113 6.40 63.11 55.82
N ALA RB 114 6.74 63.55 54.61
CA ALA RB 114 7.65 62.78 53.77
C ALA RB 114 8.98 62.61 54.46
N VAL RB 115 9.61 61.46 54.24
CA VAL RB 115 10.90 61.19 54.87
C VAL RB 115 11.92 62.24 54.49
N ARG RB 116 11.98 62.58 53.20
CA ARG RB 116 12.93 63.58 52.74
C ARG RB 116 12.65 64.93 53.39
N ARG RB 117 11.39 65.38 53.39
CA ARG RB 117 11.09 66.70 53.92
C ARG RB 117 11.36 66.79 55.41
N ALA RB 118 10.89 65.80 56.17
CA ALA RB 118 11.09 65.82 57.62
C ALA RB 118 12.56 65.72 57.97
N CYS RB 119 13.30 64.84 57.30
CA CYS RB 119 14.71 64.68 57.59
C CYS RB 119 15.50 65.92 57.23
N TYR RB 120 15.18 66.54 56.08
CA TYR RB 120 15.87 67.78 55.71
C TYR RB 120 15.60 68.87 56.74
N GLY RB 121 14.35 68.98 57.21
CA GLY RB 121 14.04 69.99 58.22
C GLY RB 121 14.77 69.76 59.52
N VAL RB 122 14.76 68.53 60.02
CA VAL RB 122 15.44 68.27 61.30
C VAL RB 122 16.95 68.40 61.13
N LEU RB 123 17.48 68.04 59.97
CA LEU RB 123 18.90 68.24 59.71
C LEU RB 123 19.25 69.71 59.70
N ARG RB 124 18.37 70.54 59.13
CA ARG RB 124 18.57 71.98 59.18
C ARG RB 124 18.59 72.47 60.62
N PHE RB 125 17.66 72.01 61.44
CA PHE RB 125 17.68 72.43 62.84
C PHE RB 125 18.98 72.02 63.52
N ILE RB 126 19.40 70.78 63.34
CA ILE RB 126 20.56 70.27 64.07
C ILE RB 126 21.84 70.97 63.62
N MET RB 127 22.01 71.13 62.30
CA MET RB 127 23.23 71.74 61.79
C MET RB 127 23.25 73.23 62.10
N GLU RB 128 22.16 73.94 61.83
CA GLU RB 128 22.12 75.38 62.07
C GLU RB 128 22.11 75.72 63.54
N SER RB 129 21.80 74.78 64.43
CA SER RB 129 21.99 75.04 65.85
C SER RB 129 23.46 75.07 66.24
N GLY RB 130 24.35 74.62 65.35
CA GLY RB 130 25.77 74.66 65.56
C GLY RB 130 26.32 73.31 65.98
N ALA RB 131 26.81 72.54 65.02
CA ALA RB 131 27.31 71.20 65.29
C ALA RB 131 28.29 70.84 64.20
N LYS RB 132 29.30 70.05 64.57
CA LYS RB 132 30.34 69.70 63.62
C LYS RB 132 29.82 68.79 62.52
N GLY RB 133 28.86 67.93 62.85
CA GLY RB 133 28.26 67.06 61.85
C GLY RB 133 27.09 66.31 62.43
N CYS RB 134 26.28 65.75 61.54
CA CYS RB 134 25.14 64.95 61.98
C CYS RB 134 24.68 64.04 60.85
N GLU RB 135 24.12 62.91 61.26
CA GLU RB 135 23.68 61.89 60.33
C GLU RB 135 22.37 61.30 60.84
N VAL RB 136 21.35 61.32 59.99
CA VAL RB 136 20.05 60.72 60.31
C VAL RB 136 19.77 59.62 59.29
N VAL RB 137 19.49 58.42 59.79
CA VAL RB 137 19.24 57.26 58.96
C VAL RB 137 17.88 56.70 59.34
N VAL RB 138 17.04 56.48 58.34
CA VAL RB 138 15.70 55.95 58.56
C VAL RB 138 15.55 54.68 57.73
N SER RB 139 15.26 53.57 58.40
CA SER RB 139 15.18 52.27 57.75
C SER RB 139 13.79 51.69 57.97
N GLY RB 140 13.24 51.07 56.92
CA GLY RB 140 11.98 50.38 57.08
C GLY RB 140 11.29 50.21 55.73
N LYS RB 141 10.03 49.79 55.82
CA LYS RB 141 9.20 49.56 54.65
C LYS RB 141 8.15 50.67 54.55
N LEU RB 142 8.14 51.37 53.41
CA LEU RB 142 7.25 52.51 53.22
C LEU RB 142 6.56 52.35 51.86
N ARG RB 143 5.31 51.91 51.90
CA ARG RB 143 4.50 51.70 50.69
C ARG RB 143 5.22 50.79 49.70
N GLY RB 144 5.81 49.72 50.23
CA GLY RB 144 6.52 48.75 49.43
C GLY RB 144 7.07 47.67 50.33
N GLN RB 145 6.91 46.40 49.93
CA GLN RB 145 7.33 45.30 50.80
C GLN RB 145 8.85 45.26 50.94
N ARG RB 146 9.59 45.44 49.85
CA ARG RB 146 11.03 45.44 49.95
C ARG RB 146 11.49 46.69 50.69
N ALA RB 147 12.04 46.48 51.89
CA ALA RB 147 12.40 47.59 52.76
C ALA RB 147 13.60 48.35 52.21
N LYS RB 148 13.77 49.57 52.70
CA LYS RB 148 14.82 50.46 52.21
C LYS RB 148 15.30 51.33 53.37
N SER RB 149 16.53 51.80 53.26
CA SER RB 149 17.14 52.67 54.26
C SER RB 149 17.63 53.94 53.58
N MET RB 150 17.19 55.08 54.11
CA MET RB 150 17.58 56.38 53.59
C MET RB 150 18.55 57.04 54.55
N LYS RB 151 19.60 57.65 54.00
CA LYS RB 151 20.64 58.31 54.76
C LYS RB 151 20.63 59.80 54.44
N PHE RB 152 20.86 60.61 55.46
CA PHE RB 152 21.00 62.06 55.28
C PHE RB 152 22.10 62.49 56.24
N VAL RB 153 23.30 62.72 55.70
CA VAL RB 153 24.50 62.93 56.50
C VAL RB 153 25.18 64.20 56.00
N ASP RB 154 25.70 64.99 56.93
CA ASP RB 154 26.47 66.17 56.56
C ASP RB 154 27.37 66.55 57.73
N GLY RB 155 28.19 67.57 57.49
CA GLY RB 155 29.17 67.95 58.50
C GLY RB 155 30.34 67.00 58.50
N LEU RB 156 30.73 66.56 59.69
CA LEU RB 156 31.83 65.62 59.86
C LEU RB 156 31.43 64.57 60.88
N MET RB 157 31.84 63.33 60.63
CA MET RB 157 31.50 62.21 61.49
C MET RB 157 32.73 61.38 61.79
N ILE RB 158 32.82 60.87 63.02
CA ILE RB 158 33.88 59.96 63.43
C ILE RB 158 33.24 58.73 64.06
N HIS RB 159 33.97 57.62 64.03
CA HIS RB 159 33.40 56.34 64.39
C HIS RB 159 34.25 55.50 65.32
N SER RB 160 35.55 55.75 65.42
CA SER RB 160 36.42 54.91 66.22
C SER RB 160 37.00 55.69 67.40
N GLY RB 161 37.52 54.95 68.37
CA GLY RB 161 38.28 55.52 69.44
C GLY RB 161 37.43 56.11 70.54
N ASP RB 162 38.11 56.51 71.62
CA ASP RB 162 37.44 57.13 72.76
C ASP RB 162 36.66 58.40 72.44
N PRO RB 163 37.16 59.38 71.65
CA PRO RB 163 36.46 60.67 71.57
C PRO RB 163 35.04 60.60 71.05
N VAL RB 164 34.66 59.56 70.31
CA VAL RB 164 33.29 59.44 69.85
C VAL RB 164 32.33 59.35 71.03
N ASN RB 165 32.80 58.82 72.16
CA ASN RB 165 31.92 58.62 73.31
C ASN RB 165 31.42 59.94 73.88
N TYR RB 166 32.31 60.93 74.00
CA TYR RB 166 31.92 62.23 74.53
C TYR RB 166 31.83 63.29 73.42
N TYR RB 167 31.81 62.87 72.17
CA TYR RB 167 31.49 63.78 71.08
C TYR RB 167 30.16 63.49 70.42
N VAL RB 168 29.91 62.25 70.03
CA VAL RB 168 28.73 61.91 69.25
C VAL RB 168 27.63 61.47 70.20
N ASP RB 169 26.48 62.14 70.10
CA ASP RB 169 25.28 61.76 70.81
C ASP RB 169 24.40 60.97 69.86
N THR RB 170 24.02 59.77 70.26
CA THR RB 170 23.25 58.87 69.42
C THR RB 170 21.83 58.73 69.97
N ALA RB 171 20.94 58.29 69.09
CA ALA RB 171 19.55 58.07 69.48
C ALA RB 171 18.92 57.09 68.50
N VAL RB 172 18.37 56.00 69.02
CA VAL RB 172 17.68 55.00 68.21
C VAL RB 172 16.23 54.95 68.67
N ARG RB 173 15.31 55.15 67.74
CA ARG RB 173 13.89 55.24 68.05
C ARG RB 173 13.08 54.36 67.12
N HIS RB 174 12.00 53.81 67.66
CA HIS RB 174 11.04 52.99 66.94
C HIS RB 174 9.78 53.80 66.71
N VAL RB 175 9.28 53.81 65.48
CA VAL RB 175 8.05 54.50 65.12
C VAL RB 175 7.06 53.48 64.59
N LEU RB 176 5.85 53.49 65.12
CA LEU RB 176 4.82 52.54 64.69
C LEU RB 176 3.98 53.15 63.59
N LEU RB 177 3.90 52.47 62.45
CA LEU RB 177 3.05 52.88 61.35
C LEU RB 177 2.08 51.74 61.03
N ARG RB 178 1.25 51.96 60.02
CA ARG RB 178 0.29 50.94 59.64
C ARG RB 178 0.97 49.69 59.10
N GLN RB 179 2.12 49.85 58.47
CA GLN RB 179 2.79 48.74 57.81
C GLN RB 179 3.90 48.11 58.65
N GLY RB 180 4.34 48.76 59.71
CA GLY RB 180 5.36 48.17 60.56
C GLY RB 180 6.12 49.24 61.34
N VAL RB 181 7.30 48.83 61.79
CA VAL RB 181 8.13 49.68 62.64
C VAL RB 181 9.21 50.32 61.79
N LEU RB 182 9.27 51.65 61.84
CA LEU RB 182 10.29 52.43 61.16
C LEU RB 182 11.38 52.76 62.17
N GLY RB 183 12.63 52.48 61.81
CA GLY RB 183 13.75 52.73 62.69
C GLY RB 183 14.46 54.02 62.35
N ILE RB 184 14.71 54.82 63.38
CA ILE RB 184 15.39 56.10 63.24
C ILE RB 184 16.68 56.06 64.05
N LYS RB 185 17.80 56.35 63.41
CA LYS RB 185 19.09 56.45 64.08
C LYS RB 185 19.65 57.83 63.82
N VAL RB 186 19.95 58.57 64.88
CA VAL RB 186 20.44 59.93 64.78
C VAL RB 186 21.76 60.04 65.52
N LYS RB 187 22.77 60.58 64.85
CA LYS RB 187 24.09 60.81 65.44
C LYS RB 187 24.45 62.28 65.27
N ILE RB 188 24.78 62.94 66.36
CA ILE RB 188 25.06 64.38 66.36
C ILE RB 188 26.41 64.61 67.04
N MET RB 189 27.37 65.17 66.30
CA MET RB 189 28.69 65.47 66.84
C MET RB 189 28.68 66.89 67.40
N LEU RB 190 28.84 67.01 68.71
CA LEU RB 190 28.80 68.30 69.36
C LEU RB 190 30.03 69.13 69.01
N PRO RB 191 29.87 70.45 68.92
CA PRO RB 191 31.04 71.30 68.65
C PRO RB 191 31.93 71.40 69.87
N TRP RB 192 33.20 71.69 69.61
CA TRP RB 192 34.18 71.80 70.69
C TRP RB 192 33.94 73.09 71.46
N ASP RB 193 33.31 72.98 72.61
CA ASP RB 193 33.04 74.14 73.45
C ASP RB 193 33.95 74.13 74.67
N PRO RB 194 34.90 75.06 74.78
CA PRO RB 194 35.79 75.08 75.94
C PRO RB 194 35.07 75.26 77.26
N THR RB 195 33.96 75.99 77.28
CA THR RB 195 33.27 76.30 78.52
C THR RB 195 32.39 75.16 79.01
N GLY RB 196 32.17 74.12 78.20
CA GLY RB 196 31.40 72.98 78.63
C GLY RB 196 29.90 73.17 78.65
N LYS RB 197 29.41 74.34 78.22
CA LYS RB 197 27.98 74.57 78.22
C LYS RB 197 27.25 73.69 77.22
N ILE RB 198 27.81 73.54 76.01
CA ILE RB 198 27.18 72.73 74.98
C ILE RB 198 28.06 71.59 74.49
N GLY RB 199 29.37 71.67 74.63
CA GLY RB 199 30.25 70.61 74.20
C GLY RB 199 31.39 70.42 75.17
N PRO RB 200 32.01 69.25 75.17
CA PRO RB 200 33.07 68.98 76.13
C PRO RB 200 34.27 69.87 75.90
N LYS RB 201 34.94 70.24 76.99
CA LYS RB 201 36.10 71.11 76.89
C LYS RB 201 37.32 70.39 76.34
N LYS RB 202 37.30 69.07 76.28
CA LYS RB 202 38.39 68.33 75.69
C LYS RB 202 38.42 68.53 74.17
N PRO RB 203 39.58 68.77 73.59
CA PRO RB 203 39.68 68.90 72.13
C PRO RB 203 40.00 67.57 71.47
N LEU RB 204 39.92 67.56 70.15
CA LEU RB 204 40.22 66.37 69.38
C LEU RB 204 41.68 65.97 69.56
N PRO RB 205 41.97 64.72 69.94
CA PRO RB 205 43.37 64.30 70.10
C PRO RB 205 44.20 64.44 68.83
N ASP RB 206 43.61 64.20 67.67
CA ASP RB 206 44.36 64.23 66.42
C ASP RB 206 44.44 65.62 65.80
N HIS RB 207 43.84 66.62 66.42
CA HIS RB 207 43.88 68.00 65.92
C HIS RB 207 44.84 68.81 66.77
N VAL RB 208 45.79 69.47 66.11
CA VAL RB 208 46.84 70.25 66.77
C VAL RB 208 46.68 71.70 66.35
N SER RB 209 46.46 72.56 67.34
CA SER RB 209 46.44 74.00 67.13
C SER RB 209 47.73 74.57 67.69
N ILE RB 210 48.48 75.29 66.86
CA ILE RB 210 49.80 75.79 67.20
C ILE RB 210 49.73 77.31 67.23
N VAL RB 211 50.25 77.89 68.31
CA VAL RB 211 50.13 79.34 68.49
C VAL RB 211 51.05 80.06 67.52
N GLU RB 212 50.68 81.30 67.19
CA GLU RB 212 51.39 82.16 66.26
C GLU RB 212 52.41 83.02 67.00
N PRO RB 213 53.60 83.17 66.44
CA PRO RB 213 54.56 84.12 67.02
C PRO RB 213 54.06 85.55 66.85
N LYS RB 214 54.49 86.42 67.77
CA LYS RB 214 54.03 87.80 67.75
C LYS RB 214 54.66 88.61 66.62
N ASP RB 215 55.74 88.12 66.03
CA ASP RB 215 56.45 88.75 64.91
C ASP RB 215 57.03 90.12 65.28
N GLU RB 216 56.94 90.50 66.55
CA GLU RB 216 57.62 91.70 67.05
C GLU RB 216 58.97 91.31 67.65
N ILE RB 217 59.83 90.77 66.78
CA ILE RB 217 61.10 90.22 67.22
C ILE RB 217 62.06 91.33 67.61
N LEU RB 218 62.27 92.30 66.72
CA LEU RB 218 63.08 93.50 66.91
C LEU RB 218 64.43 93.21 67.56
N PRO RB 219 65.34 92.49 66.90
CA PRO RB 219 66.67 92.24 67.49
C PRO RB 219 67.63 93.41 67.22
N THR RB 220 67.35 94.55 67.86
CA THR RB 220 68.08 95.77 67.58
C THR RB 220 69.34 95.84 68.43
N THR RB 221 69.95 97.02 68.48
CA THR RB 221 71.21 97.22 69.16
C THR RB 221 71.05 97.05 70.67
N PRO RB 222 72.11 96.62 71.36
CA PRO RB 222 72.03 96.53 72.83
C PRO RB 222 71.78 97.88 73.47
N ILE RB 223 71.03 97.86 74.57
CA ILE RB 223 70.75 99.07 75.35
C ILE RB 223 70.36 98.62 76.75
N SER RB 224 70.44 99.55 77.70
CA SER RB 224 70.06 99.30 79.09
C SER RB 224 68.96 100.26 79.51
N GLU RB 225 68.10 99.78 80.41
CA GLU RB 225 67.04 100.60 81.01
C GLU RB 225 67.03 100.33 82.50
N GLN RB 226 67.33 101.35 83.29
CA GLN RB 226 67.35 101.22 84.74
C GLN RB 226 65.94 101.33 85.31
N LYS RB 227 65.65 100.50 86.30
CA LYS RB 227 64.34 100.50 86.94
C LYS RB 227 64.45 100.90 88.41
N ASP SB 1 86.57 25.69 85.31
CA ASP SB 1 86.32 26.85 86.15
C ASP SB 1 84.83 27.14 86.26
N ILE SB 2 84.17 27.19 85.11
CA ILE SB 2 82.72 27.38 85.10
C ILE SB 2 82.03 26.15 85.72
N LYS SB 3 82.53 24.96 85.41
CA LYS SB 3 82.09 23.72 86.05
C LYS SB 3 80.59 23.49 85.82
N LEU SB 4 80.25 23.26 84.55
CA LEU SB 4 78.88 22.91 84.21
C LEU SB 4 78.52 21.58 84.86
N PHE SB 5 77.47 21.58 85.67
CA PHE SB 5 77.13 20.47 86.56
C PHE SB 5 78.29 20.14 87.50
N GLY SB 6 78.96 21.19 87.98
CA GLY SB 6 80.01 21.08 88.96
C GLY SB 6 81.35 20.61 88.42
N LYS SB 7 81.44 20.29 87.14
CA LYS SB 7 82.65 19.72 86.58
C LYS SB 7 82.64 20.00 85.08
N TRP SB 8 83.51 19.29 84.34
CA TRP SB 8 83.57 19.38 82.88
C TRP SB 8 83.85 20.82 82.42
N SER SB 9 85.06 21.26 82.76
CA SER SB 9 85.51 22.59 82.34
C SER SB 9 85.49 22.71 80.82
N THR SB 10 85.01 23.85 80.34
CA THR SB 10 84.88 24.11 78.92
C THR SB 10 86.14 24.66 78.29
N ASP SB 11 87.20 24.86 79.07
CA ASP SB 11 88.39 25.54 78.57
C ASP SB 11 89.14 24.75 77.50
N ASP SB 12 88.84 23.46 77.35
CA ASP SB 12 89.62 22.58 76.48
C ASP SB 12 88.93 22.24 75.16
N VAL SB 13 87.62 22.36 75.07
CA VAL SB 13 86.91 21.99 73.85
C VAL SB 13 87.26 22.95 72.73
N GLN SB 14 87.48 22.41 71.54
CA GLN SB 14 87.68 23.21 70.34
C GLN SB 14 86.80 22.65 69.24
N ILE SB 15 86.47 23.51 68.28
CA ILE SB 15 85.66 23.14 67.14
C ILE SB 15 86.57 23.11 65.93
N ASN SB 16 86.67 21.95 65.29
CA ASN SB 16 87.64 21.74 64.22
C ASN SB 16 87.29 22.48 62.94
N ASP SB 17 86.05 22.95 62.79
CA ASP SB 17 85.67 23.72 61.61
C ASP SB 17 85.06 25.06 62.01
N ILE SB 18 85.38 26.08 61.22
CA ILE SB 18 84.97 27.44 61.53
C ILE SB 18 83.54 27.73 61.11
N SER SB 19 82.95 26.88 60.27
CA SER SB 19 81.54 27.06 59.92
C SER SB 19 80.64 26.87 61.13
N LEU SB 20 81.00 25.94 62.01
CA LEU SB 20 80.29 25.73 63.26
C LEU SB 20 80.96 26.40 64.44
N GLN SB 21 82.23 26.78 64.32
CA GLN SB 21 82.93 27.42 65.42
C GLN SB 21 82.31 28.77 65.78
N ASP SB 22 81.76 29.49 64.80
CA ASP SB 22 81.16 30.79 65.04
C ASP SB 22 79.67 30.70 65.36
N TYR SB 23 79.12 29.50 65.48
CA TYR SB 23 77.71 29.34 65.84
C TYR SB 23 77.51 28.45 67.06
N ILE SB 24 78.52 27.71 67.49
CA ILE SB 24 78.46 26.93 68.72
C ILE SB 24 78.76 27.86 69.89
N ALA SB 25 78.02 27.71 70.98
CA ALA SB 25 78.16 28.60 72.13
C ALA SB 25 78.74 27.86 73.33
N VAL SB 26 79.80 27.09 73.09
CA VAL SB 26 80.47 26.34 74.15
C VAL SB 26 81.64 27.12 74.76
N LYS SB 27 81.96 28.29 74.21
CA LYS SB 27 83.15 29.03 74.64
C LYS SB 27 82.97 29.56 76.06
N GLU SB 28 84.04 30.16 76.58
CA GLU SB 28 84.07 30.53 78.00
C GLU SB 28 83.03 31.59 78.33
N LYS SB 29 82.83 32.58 77.44
CA LYS SB 29 81.86 33.62 77.75
C LYS SB 29 80.43 33.09 77.65
N TYR SB 30 80.21 32.06 76.84
CA TYR SB 30 78.92 31.41 76.76
C TYR SB 30 78.81 30.21 77.70
N ALA SB 31 79.84 29.96 78.49
CA ALA SB 31 79.83 28.84 79.42
C ALA SB 31 78.92 29.19 80.59
N LYS SB 32 78.03 28.27 80.95
CA LYS SB 32 77.00 28.52 81.94
C LYS SB 32 77.06 27.46 83.03
N TYR SB 33 76.76 27.87 84.27
CA TYR SB 33 76.75 26.90 85.36
C TYR SB 33 75.67 25.86 85.17
N LEU SB 34 74.52 26.25 84.62
CA LEU SB 34 73.40 25.34 84.46
C LEU SB 34 72.78 25.55 83.09
N PRO SB 35 72.21 24.49 82.50
CA PRO SB 35 71.49 24.64 81.22
C PRO SB 35 70.06 25.14 81.43
N HIS SB 36 69.93 26.27 82.11
CA HIS SB 36 68.62 26.84 82.41
C HIS SB 36 68.80 28.35 82.54
N SER SB 37 68.49 29.07 81.47
CA SER SB 37 68.63 30.53 81.47
C SER SB 37 67.56 31.12 80.58
N ALA SB 38 66.69 31.95 81.16
CA ALA SB 38 65.58 32.55 80.42
C ALA SB 38 66.02 33.88 79.81
N GLY SB 39 66.83 33.77 78.77
CA GLY SB 39 67.41 34.94 78.12
C GLY SB 39 66.69 35.44 76.89
N ARG SB 40 65.54 34.85 76.54
CA ARG SB 40 64.77 35.22 75.36
C ARG SB 40 65.63 35.13 74.09
N TYR SB 41 66.20 33.95 73.88
CA TYR SB 41 67.03 33.68 72.70
C TYR SB 41 66.20 33.33 71.48
N ALA SB 42 64.91 33.62 71.50
CA ALA SB 42 64.04 33.54 70.32
C ALA SB 42 63.39 34.88 70.05
N ALA SB 43 63.92 35.95 70.62
CA ALA SB 43 63.33 37.27 70.45
C ALA SB 43 63.40 37.72 69.00
N LYS SB 44 64.52 37.50 68.33
CA LYS SB 44 64.68 37.92 66.95
C LYS SB 44 65.57 36.91 66.23
N ARG SB 45 65.99 37.29 65.03
CA ARG SB 45 66.78 36.40 64.18
C ARG SB 45 68.18 36.21 64.74
N PHE SB 46 68.72 35.00 64.58
CA PHE SB 46 70.09 34.64 64.91
C PHE SB 46 70.40 34.78 66.39
N ARG SB 47 69.38 34.89 67.24
CA ARG SB 47 69.60 34.94 68.68
C ARG SB 47 70.14 33.61 69.20
N LYS SB 48 69.57 32.50 68.74
CA LYS SB 48 69.91 31.18 69.24
C LYS SB 48 71.34 30.78 68.93
N ALA SB 49 72.03 31.50 68.03
CA ALA SB 49 73.42 31.19 67.74
C ALA SB 49 74.29 31.35 68.98
N GLN SB 50 74.08 32.41 69.73
CA GLN SB 50 74.84 32.65 70.95
C GLN SB 50 74.25 31.94 72.15
N CYS SB 51 73.04 31.37 72.02
CA CYS SB 51 72.46 30.62 73.10
C CYS SB 51 73.28 29.35 73.36
N PRO SB 52 73.53 29.02 74.63
CA PRO SB 52 74.42 27.88 74.93
C PRO SB 52 73.91 26.58 74.32
N ILE SB 53 74.85 25.79 73.82
CA ILE SB 53 74.49 24.60 73.06
C ILE SB 53 73.82 23.57 73.96
N VAL SB 54 74.25 23.46 75.21
CA VAL SB 54 73.58 22.55 76.13
C VAL SB 54 72.16 23.03 76.41
N GLU SB 55 71.95 24.34 76.46
CA GLU SB 55 70.59 24.88 76.54
C GLU SB 55 69.79 24.47 75.31
N ARG SB 56 70.42 24.42 74.14
CA ARG SB 56 69.75 23.93 72.96
C ARG SB 56 69.36 22.46 73.12
N LEU SB 57 70.25 21.64 73.68
CA LEU SB 57 69.92 20.24 73.91
C LEU SB 57 68.71 20.10 74.83
N THR SB 58 68.70 20.85 75.94
CA THR SB 58 67.58 20.76 76.87
C THR SB 58 66.28 21.24 76.22
N ASN SB 59 66.35 22.30 75.41
CA ASN SB 59 65.16 22.78 74.71
C ASN SB 59 64.64 21.73 73.72
N SER SB 60 65.54 21.09 72.98
CA SER SB 60 65.11 20.10 72.00
C SER SB 60 64.64 18.82 72.66
N MET SB 61 65.02 18.57 73.90
CA MET SB 61 64.63 17.33 74.56
C MET SB 61 63.12 17.27 74.79
N MET SB 62 62.53 18.35 75.32
CA MET SB 62 61.11 18.34 75.66
C MET SB 62 60.28 18.36 74.38
N MET SB 63 59.65 17.24 74.06
CA MET SB 63 58.97 17.12 72.77
C MET SB 63 57.78 16.18 72.89
N HIS SB 64 56.85 16.34 71.95
CA HIS SB 64 55.73 15.42 71.72
C HIS SB 64 54.74 15.42 72.88
N GLY SB 65 54.35 16.62 73.32
CA GLY SB 65 53.13 16.81 74.07
C GLY SB 65 53.16 16.56 75.56
N ARG SB 66 53.38 15.31 75.96
CA ARG SB 66 53.27 14.92 77.36
C ARG SB 66 54.26 15.63 78.25
N ASN SB 67 55.36 16.11 77.68
CA ASN SB 67 56.43 16.78 78.43
C ASN SB 67 56.97 17.94 77.59
N ASN SB 68 56.31 19.09 77.71
CA ASN SB 68 56.66 20.25 76.90
C ASN SB 68 57.10 21.46 77.71
N GLY SB 69 57.01 21.41 79.03
CA GLY SB 69 57.51 22.52 79.83
C GLY SB 69 58.51 22.07 80.87
N LYS SB 70 58.85 20.79 80.84
CA LYS SB 70 59.62 20.15 81.92
C LYS SB 70 61.11 20.34 81.65
N LYS SB 71 61.53 21.60 81.71
CA LYS SB 71 62.94 21.95 81.55
C LYS SB 71 63.80 21.37 82.66
N LEU SB 72 63.25 21.24 83.87
CA LEU SB 72 64.03 20.63 84.94
C LEU SB 72 64.25 19.15 84.68
N MET SB 73 63.23 18.46 84.16
CA MET SB 73 63.42 17.06 83.77
C MET SB 73 64.47 16.94 82.68
N THR SB 74 64.41 17.83 81.68
CA THR SB 74 65.43 17.77 80.63
C THR SB 74 66.82 18.11 81.16
N VAL SB 75 66.92 19.01 82.14
CA VAL SB 75 68.21 19.34 82.74
C VAL SB 75 68.80 18.12 83.43
N ARG SB 76 68.01 17.44 84.26
CA ARG SB 76 68.57 16.26 84.92
C ARG SB 76 68.81 15.13 83.92
N ILE SB 77 68.05 15.08 82.82
CA ILE SB 77 68.29 14.07 81.80
C ILE SB 77 69.66 14.29 81.15
N VAL SB 78 69.95 15.54 80.76
CA VAL SB 78 71.24 15.80 80.16
C VAL SB 78 72.37 15.65 81.18
N LYS SB 79 72.10 15.92 82.45
CA LYS SB 79 73.11 15.69 83.49
C LYS SB 79 73.45 14.21 83.59
N HIS SB 80 72.43 13.35 83.68
CA HIS SB 80 72.66 11.92 83.76
C HIS SB 80 73.34 11.39 82.51
N ALA SB 81 72.94 11.88 81.33
CA ALA SB 81 73.54 11.43 80.09
C ALA SB 81 75.01 11.83 79.99
N PHE SB 82 75.33 13.06 80.40
CA PHE SB 82 76.73 13.47 80.41
C PHE SB 82 77.54 12.64 81.39
N GLU SB 83 76.95 12.27 82.53
CA GLU SB 83 77.65 11.39 83.46
C GLU SB 83 77.91 10.02 82.83
N ILE SB 84 76.92 9.48 82.12
CA ILE SB 84 77.10 8.17 81.51
C ILE SB 84 78.17 8.20 80.43
N ILE SB 85 78.15 9.24 79.58
CA ILE SB 85 79.17 9.33 78.54
C ILE SB 85 80.55 9.54 79.16
N HIS SB 86 80.63 10.28 80.28
CA HIS SB 86 81.93 10.44 80.91
C HIS SB 86 82.43 9.14 81.50
N LEU SB 87 81.55 8.34 82.10
CA LEU SB 87 81.99 7.05 82.61
C LEU SB 87 82.45 6.12 81.50
N LEU SB 88 81.75 6.08 80.37
CA LEU SB 88 82.10 5.08 79.38
C LEU SB 88 82.99 5.60 78.25
N THR SB 89 83.38 6.87 78.27
CA THR SB 89 84.41 7.35 77.35
C THR SB 89 85.58 8.02 78.05
N GLY SB 90 85.33 8.84 79.07
CA GLY SB 90 86.39 9.43 79.86
C GLY SB 90 86.81 10.82 79.45
N GLU SB 91 86.52 11.24 78.22
CA GLU SB 91 86.92 12.56 77.74
C GLU SB 91 85.84 13.57 78.12
N ASN SB 92 85.92 14.76 77.55
CA ASN SB 92 84.97 15.81 77.90
C ASN SB 92 83.60 15.52 77.30
N PRO SB 93 82.54 15.53 78.12
CA PRO SB 93 81.18 15.43 77.56
C PRO SB 93 80.89 16.51 76.54
N LEU SB 94 81.34 17.73 76.78
CA LEU SB 94 81.16 18.79 75.80
C LEU SB 94 81.92 18.50 74.51
N GLN SB 95 83.14 17.97 74.62
CA GLN SB 95 83.93 17.66 73.43
C GLN SB 95 83.25 16.60 72.58
N VAL SB 96 82.79 15.51 73.21
CA VAL SB 96 82.12 14.47 72.44
C VAL SB 96 80.78 14.97 71.89
N LEU SB 97 80.08 15.82 72.64
CA LEU SB 97 78.83 16.38 72.15
C LEU SB 97 79.03 17.22 70.89
N VAL SB 98 80.01 18.12 70.94
CA VAL SB 98 80.25 19.00 69.80
C VAL SB 98 80.75 18.20 68.60
N ASN SB 99 81.62 17.22 68.83
CA ASN SB 99 82.07 16.36 67.74
C ASN SB 99 80.91 15.56 67.15
N ALA SB 100 79.95 15.18 67.99
CA ALA SB 100 78.77 14.47 67.49
C ALA SB 100 77.95 15.37 66.58
N ILE SB 101 77.71 16.61 67.00
CA ILE SB 101 76.95 17.53 66.18
C ILE SB 101 77.67 17.79 64.86
N ILE SB 102 79.00 17.96 64.92
CA ILE SB 102 79.78 18.19 63.71
C ILE SB 102 79.66 16.99 62.77
N ASN SB 103 79.77 15.78 63.33
CA ASN SB 103 79.67 14.57 62.50
C ASN SB 103 78.28 14.43 61.89
N SER SB 104 77.25 14.90 62.58
CA SER SB 104 75.88 14.74 62.09
C SER SB 104 75.36 15.95 61.33
N GLY SB 105 76.17 16.98 61.14
CA GLY SB 105 75.74 18.15 60.38
C GLY SB 105 75.61 17.86 58.90
N PRO SB 106 74.37 17.97 58.37
CA PRO SB 106 74.13 17.68 56.94
C PRO SB 106 74.48 18.87 56.06
N ARG SB 107 75.59 18.75 55.34
CA ARG SB 107 76.09 19.85 54.53
C ARG SB 107 75.29 20.09 53.26
N GLU SB 108 74.37 19.20 52.90
CA GLU SB 108 73.55 19.36 51.71
C GLU SB 108 72.14 18.86 51.98
N ASP SB 109 71.20 19.34 51.18
CA ASP SB 109 69.81 18.91 51.25
C ASP SB 109 69.18 19.13 49.88
N SER SB 110 67.86 18.97 49.79
CA SER SB 110 67.12 19.21 48.57
C SER SB 110 65.90 20.06 48.89
N THR SB 111 65.58 21.01 48.02
CA THR SB 111 64.47 21.91 48.30
C THR SB 111 63.13 21.38 47.83
N ARG SB 112 63.12 20.30 47.05
CA ARG SB 112 61.93 19.56 46.60
C ARG SB 112 61.10 20.33 45.58
N ILE SB 113 61.44 21.60 45.33
CA ILE SB 113 60.69 22.42 44.39
C ILE SB 113 61.62 22.79 43.25
N GLY SB 114 62.52 21.87 42.89
CA GLY SB 114 63.39 22.08 41.75
C GLY SB 114 62.66 22.20 40.44
N ARG SB 115 61.38 21.81 40.41
CA ARG SB 115 60.52 22.01 39.25
C ARG SB 115 59.09 22.01 39.74
N ALA SB 116 58.35 23.08 39.42
CA ALA SB 116 56.97 23.17 39.88
C ALA SB 116 56.04 22.25 39.10
N GLY SB 117 56.38 21.95 37.84
CA GLY SB 117 55.57 21.03 37.06
C GLY SB 117 55.64 19.60 37.57
N THR SB 118 56.82 19.16 37.99
CA THR SB 118 57.04 17.78 38.41
C THR SB 118 58.14 17.77 39.47
N VAL SB 119 57.99 16.89 40.47
CA VAL SB 119 58.98 16.81 41.55
C VAL SB 119 60.36 16.53 40.98
N ARG SB 120 61.31 17.40 41.30
CA ARG SB 120 62.69 17.30 40.85
C ARG SB 120 63.69 17.32 41.99
N ARG SB 121 63.38 18.03 43.09
CA ARG SB 121 64.20 18.05 44.29
C ARG SB 121 65.61 18.57 44.00
N GLN SB 122 65.68 19.84 43.62
CA GLN SB 122 66.97 20.47 43.37
C GLN SB 122 67.83 20.46 44.62
N ALA SB 123 69.07 19.99 44.46
CA ALA SB 123 69.99 19.82 45.58
C ALA SB 123 70.68 21.15 45.88
N VAL SB 124 70.58 21.60 47.13
CA VAL SB 124 71.18 22.83 47.58
C VAL SB 124 72.06 22.53 48.78
N ASP SB 125 72.91 23.50 49.12
CA ASP SB 125 73.72 23.37 50.32
C ASP SB 125 72.93 23.83 51.54
N VAL SB 126 73.57 23.83 52.70
CA VAL SB 126 72.91 24.11 53.97
C VAL SB 126 73.72 25.17 54.72
N SER SB 127 73.03 26.19 55.23
CA SER SB 127 73.67 27.18 56.08
C SER SB 127 74.06 26.56 57.42
N PRO SB 128 75.16 27.03 58.03
CA PRO SB 128 75.64 26.39 59.27
C PRO SB 128 74.65 26.43 60.43
N LEU SB 129 73.85 27.49 60.57
CA LEU SB 129 72.83 27.50 61.60
C LEU SB 129 71.82 26.39 61.35
N ARG SB 130 71.41 26.20 60.10
CA ARG SB 130 70.55 25.07 59.78
C ARG SB 130 71.27 23.75 60.01
N ARG SB 131 72.58 23.70 59.79
CA ARG SB 131 73.36 22.49 60.07
C ARG SB 131 73.20 22.09 61.53
N VAL SB 132 73.47 23.04 62.44
CA VAL SB 132 73.44 22.69 63.86
C VAL SB 132 72.01 22.41 64.30
N ASN SB 133 71.02 23.15 63.77
CA ASN SB 133 69.63 22.92 64.15
C ASN SB 133 69.19 21.51 63.75
N GLN SB 134 69.44 21.14 62.49
CA GLN SB 134 69.03 19.81 62.03
C GLN SB 134 69.79 18.73 62.77
N ALA SB 135 71.08 18.95 63.06
CA ALA SB 135 71.86 17.94 63.77
C ALA SB 135 71.28 17.68 65.16
N ILE SB 136 71.01 18.74 65.92
CA ILE SB 136 70.50 18.55 67.28
C ILE SB 136 69.09 17.96 67.25
N TRP SB 137 68.26 18.38 66.29
CA TRP SB 137 66.93 17.81 66.17
C TRP SB 137 67.01 16.33 65.87
N LEU SB 138 67.88 15.94 64.94
CA LEU SB 138 68.05 14.54 64.59
C LEU SB 138 68.50 13.72 65.78
N LEU SB 139 69.48 14.22 66.53
CA LEU SB 139 70.01 13.46 67.67
C LEU SB 139 68.95 13.28 68.75
N CYS SB 140 68.25 14.35 69.10
CA CYS SB 140 67.24 14.26 70.15
C CYS SB 140 66.10 13.34 69.75
N THR SB 141 65.65 13.42 68.49
CA THR SB 141 64.58 12.51 68.09
C THR SB 141 65.07 11.07 67.92
N GLY SB 142 66.37 10.87 67.64
CA GLY SB 142 66.90 9.53 67.62
C GLY SB 142 66.87 8.89 69.00
N ALA SB 143 67.28 9.63 70.02
CA ALA SB 143 67.14 9.12 71.38
C ALA SB 143 65.67 8.93 71.75
N ARG SB 144 64.82 9.85 71.32
CA ARG SB 144 63.39 9.75 71.57
C ARG SB 144 62.81 8.45 71.05
N GLU SB 145 63.14 8.10 69.81
CA GLU SB 145 62.68 6.82 69.26
C GLU SB 145 63.43 5.63 69.84
N ALA SB 146 64.63 5.83 70.37
CA ALA SB 146 65.34 4.73 71.01
C ALA SB 146 64.65 4.29 72.30
N ALA SB 147 64.20 5.24 73.10
CA ALA SB 147 63.73 4.88 74.45
C ALA SB 147 62.21 4.80 74.56
N PHE SB 148 61.53 4.30 73.53
CA PHE SB 148 60.08 4.36 73.58
C PHE SB 148 59.46 3.15 74.28
N ARG SB 149 59.83 1.93 73.91
CA ARG SB 149 59.11 0.76 74.38
C ARG SB 149 60.06 -0.32 74.89
N ASN SB 150 60.98 0.03 75.78
CA ASN SB 150 61.84 -0.96 76.39
C ASN SB 150 62.27 -0.50 77.78
N ILE SB 151 63.06 -1.36 78.43
CA ILE SB 151 63.65 -1.04 79.72
C ILE SB 151 64.61 0.13 79.64
N LYS SB 152 65.12 0.42 78.44
CA LYS SB 152 66.17 1.41 78.26
C LYS SB 152 65.75 2.78 78.76
N THR SB 153 66.60 3.39 79.58
CA THR SB 153 66.33 4.72 80.10
C THR SB 153 66.68 5.76 79.05
N ILE SB 154 65.99 6.90 79.14
CA ILE SB 154 66.17 7.97 78.16
C ILE SB 154 67.59 8.50 78.21
N ALA SB 155 68.16 8.64 79.41
CA ALA SB 155 69.52 9.12 79.53
C ALA SB 155 70.52 8.16 78.89
N GLU SB 156 70.33 6.86 79.12
CA GLU SB 156 71.26 5.87 78.56
C GLU SB 156 71.17 5.83 77.05
N CYS SB 157 69.95 5.82 76.51
CA CYS SB 157 69.82 5.79 75.06
C CYS SB 157 70.36 7.07 74.43
N LEU SB 158 70.14 8.22 75.06
CA LEU SB 158 70.70 9.46 74.56
C LEU SB 158 72.22 9.41 74.58
N ALA SB 159 72.78 8.86 75.65
CA ALA SB 159 74.23 8.74 75.76
C ALA SB 159 74.80 7.89 74.62
N ASP SB 160 74.25 6.69 74.42
CA ASP SB 160 74.84 5.81 73.42
C ASP SB 160 74.60 6.34 72.01
N GLU SB 161 73.44 6.95 71.76
CA GLU SB 161 73.21 7.58 70.46
C GLU SB 161 74.20 8.71 70.20
N LEU SB 162 74.46 9.53 71.22
CA LEU SB 162 75.39 10.64 71.06
C LEU SB 162 76.79 10.13 70.76
N ILE SB 163 77.24 9.11 71.48
CA ILE SB 163 78.59 8.61 71.25
C ILE SB 163 78.71 7.96 69.88
N ASN SB 164 77.66 7.24 69.46
CA ASN SB 164 77.67 6.62 68.14
C ASN SB 164 77.75 7.68 67.04
N ALA SB 165 76.98 8.76 67.20
CA ALA SB 165 77.03 9.85 66.23
C ALA SB 165 78.39 10.52 66.22
N ALA SB 166 79.00 10.70 67.40
CA ALA SB 166 80.32 11.32 67.47
C ALA SB 166 81.37 10.45 66.77
N LYS SB 167 81.32 9.14 66.98
CA LYS SB 167 82.25 8.26 66.29
C LYS SB 167 81.99 8.18 64.79
N GLY SB 168 80.75 8.36 64.37
CA GLY SB 168 80.46 8.30 62.93
C GLY SB 168 80.63 6.92 62.35
N SER SB 169 80.14 5.90 63.04
CA SER SB 169 80.24 4.51 62.60
C SER SB 169 78.97 3.99 61.95
N SER SB 170 78.11 4.89 61.45
CA SER SB 170 76.90 4.62 60.67
C SER SB 170 75.80 3.96 61.49
N ASN SB 171 76.04 3.64 62.75
CA ASN SB 171 75.06 2.96 63.58
C ASN SB 171 74.22 3.92 64.42
N SER SB 172 74.43 5.22 64.26
CA SER SB 172 73.62 6.23 64.92
C SER SB 172 72.51 6.69 63.99
N TYR SB 173 71.31 6.88 64.55
CA TYR SB 173 70.14 7.22 63.75
C TYR SB 173 70.30 8.57 63.06
N ALA SB 174 70.87 9.55 63.76
CA ALA SB 174 71.12 10.85 63.14
C ALA SB 174 72.06 10.71 61.96
N ILE SB 175 73.09 9.86 62.08
CA ILE SB 175 73.99 9.62 60.95
C ILE SB 175 73.25 8.90 59.82
N LYS SB 176 72.37 7.97 60.17
CA LYS SB 176 71.60 7.25 59.16
C LYS SB 176 70.74 8.21 58.35
N LYS SB 177 70.24 9.27 58.97
CA LYS SB 177 69.47 10.23 58.18
C LYS SB 177 70.36 11.25 57.48
N LYS SB 178 71.46 11.67 58.11
CA LYS SB 178 72.36 12.63 57.47
C LYS SB 178 72.95 12.08 56.18
N ASP SB 179 73.41 10.82 56.23
CA ASP SB 179 74.00 10.20 55.05
C ASP SB 179 72.98 10.07 53.92
N GLU SB 180 71.73 9.71 54.25
CA GLU SB 180 70.76 9.52 53.18
C GLU SB 180 70.28 10.84 52.61
N LEU SB 181 70.16 11.88 53.43
CA LEU SB 181 69.86 13.20 52.88
C LEU SB 181 70.97 13.68 51.96
N GLU SB 182 72.23 13.50 52.37
CA GLU SB 182 73.33 13.78 51.46
C GLU SB 182 73.26 12.90 50.21
N ARG SB 183 72.78 11.66 50.37
CA ARG SB 183 72.70 10.75 49.24
C ARG SB 183 71.70 11.22 48.20
N VAL SB 184 70.53 11.67 48.65
CA VAL SB 184 69.54 12.19 47.70
C VAL SB 184 70.05 13.49 47.09
N ALA SB 185 70.81 14.28 47.84
CA ALA SB 185 71.42 15.47 47.26
C ALA SB 185 72.39 15.09 46.14
N LYS SB 186 73.21 14.06 46.35
CA LYS SB 186 74.08 13.56 45.30
C LYS SB 186 73.26 13.06 44.11
N SER SB 187 72.18 12.34 44.39
CA SER SB 187 71.42 11.68 43.33
C SER SB 187 70.76 12.69 42.41
N ASN SB 188 70.08 13.69 42.99
CA ASN SB 188 69.44 14.69 42.14
C ASN SB 188 70.16 16.02 42.26
N ARG SB 189 71.49 15.98 42.32
CA ARG SB 189 72.31 17.17 42.18
C ARG SB 189 72.15 17.77 40.79
N MET TB 1 -14.29 40.70 86.66
CA MET TB 1 -15.10 39.51 86.88
C MET TB 1 -15.53 39.38 88.34
N LEU TB 2 -15.80 38.15 88.78
CA LEU TB 2 -16.27 37.91 90.14
C LEU TB 2 -15.23 38.35 91.16
N MET TB 3 -15.48 39.46 91.83
CA MET TB 3 -14.61 39.96 92.88
C MET TB 3 -15.45 40.29 94.10
N PRO TB 4 -14.88 40.12 95.29
CA PRO TB 4 -15.60 40.55 96.50
C PRO TB 4 -15.79 42.06 96.50
N LYS TB 5 -16.94 42.47 97.05
CA LYS TB 5 -17.23 43.90 97.14
C LYS TB 5 -16.20 44.61 98.02
N LYS TB 6 -15.76 43.95 99.09
CA LYS TB 6 -14.74 44.53 99.95
C LYS TB 6 -13.43 44.76 99.17
N ASN TB 7 -13.04 43.77 98.37
CA ASN TB 7 -11.82 43.93 97.57
C ASN TB 7 -11.97 45.04 96.55
N ARG TB 8 -13.11 45.10 95.86
CA ARG TB 8 -13.31 46.12 94.84
C ARG TB 8 -13.30 47.51 95.46
N ILE TB 9 -13.98 47.69 96.59
CA ILE TB 9 -14.01 48.99 97.22
C ILE TB 9 -12.65 49.34 97.80
N ALA TB 10 -11.87 48.34 98.24
CA ALA TB 10 -10.52 48.61 98.70
C ALA TB 10 -9.65 49.13 97.56
N ILE TB 11 -9.76 48.48 96.39
CA ILE TB 11 -9.03 48.93 95.21
C ILE TB 11 -9.41 50.36 94.87
N TYR TB 12 -10.71 50.63 94.83
CA TYR TB 12 -11.19 51.94 94.39
C TYR TB 12 -10.81 53.02 95.40
N GLU TB 13 -10.91 52.72 96.70
CA GLU TB 13 -10.56 53.70 97.71
C GLU TB 13 -9.06 53.95 97.77
N LEU TB 14 -8.22 52.97 97.42
CA LEU TB 14 -6.80 53.28 97.32
C LEU TB 14 -6.52 54.17 96.11
N LEU TB 15 -7.16 53.88 94.98
CA LEU TB 15 -6.98 54.72 93.80
C LEU TB 15 -7.53 56.12 94.02
N PHE TB 16 -8.43 56.31 94.98
CA PHE TB 16 -8.83 57.66 95.32
C PHE TB 16 -8.01 58.26 96.44
N LYS TB 17 -7.35 57.45 97.26
CA LYS TB 17 -6.38 57.99 98.20
C LYS TB 17 -5.22 58.63 97.46
N GLU TB 18 -4.71 57.95 96.43
CA GLU TB 18 -3.79 58.57 95.50
C GLU TB 18 -4.19 58.18 94.08
N GLY TB 19 -4.16 59.16 93.18
CA GLY TB 19 -4.69 58.98 91.84
C GLY TB 19 -3.98 57.93 91.02
N VAL TB 20 -2.78 57.52 91.42
CA VAL TB 20 -2.01 56.54 90.69
C VAL TB 20 -2.12 55.20 91.39
N MET TB 21 -1.66 54.15 90.71
CA MET TB 21 -1.45 52.86 91.34
C MET TB 21 -0.46 52.03 90.54
N VAL TB 22 0.45 51.38 91.26
CA VAL TB 22 1.43 50.48 90.67
C VAL TB 22 1.04 49.05 91.00
N ALA TB 23 1.42 48.13 90.12
CA ALA TB 23 1.16 46.72 90.34
C ALA TB 23 2.12 45.94 89.46
N LYS TB 24 2.97 45.12 90.07
CA LYS TB 24 3.81 44.21 89.30
C LYS TB 24 2.92 43.11 88.72
N LYS TB 25 3.08 42.84 87.43
CA LYS TB 25 2.19 41.92 86.73
C LYS TB 25 2.44 40.51 87.22
N ASP TB 26 1.58 40.03 88.10
CA ASP TB 26 1.64 38.69 88.64
C ASP TB 26 0.22 38.23 88.90
N VAL TB 27 -0.26 37.28 88.10
CA VAL TB 27 -1.60 36.74 88.29
C VAL TB 27 -1.64 35.75 89.45
N HIS TB 28 -0.50 35.25 89.89
CA HIS TB 28 -0.44 34.33 91.02
C HIS TB 28 0.07 35.00 92.30
N MET TB 29 0.06 36.32 92.35
CA MET TB 29 0.48 37.02 93.57
C MET TB 29 -0.60 36.85 94.63
N PRO TB 30 -0.29 36.21 95.76
CA PRO TB 30 -1.35 35.88 96.73
C PRO TB 30 -2.04 37.09 97.33
N LYS TB 31 -1.28 38.16 97.62
CA LYS TB 31 -1.84 39.41 98.11
C LYS TB 31 -1.07 40.55 97.49
N HIS TB 32 -1.75 41.65 97.22
CA HIS TB 32 -1.08 42.82 96.70
C HIS TB 32 -0.14 43.39 97.78
N PRO TB 33 1.07 43.83 97.40
CA PRO TB 33 1.99 44.37 98.40
C PRO TB 33 1.42 45.55 99.16
N GLU TB 34 0.68 46.42 98.49
CA GLU TB 34 -0.10 47.42 99.20
C GLU TB 34 -1.43 46.81 99.64
N LEU TB 35 -1.88 47.23 100.83
CA LEU TB 35 -3.11 46.73 101.45
C LEU TB 35 -3.19 45.20 101.42
N ALA TB 36 -2.06 44.56 101.74
CA ALA TB 36 -2.07 43.11 101.92
C ALA TB 36 -2.91 42.69 103.12
N ASP TB 37 -3.22 43.63 104.01
CA ASP TB 37 -4.09 43.35 105.15
C ASP TB 37 -5.51 42.98 104.73
N LYS TB 38 -5.92 43.35 103.52
CA LYS TB 38 -7.21 42.92 103.00
C LYS TB 38 -7.18 41.51 102.42
N ASN TB 39 -5.99 40.93 102.27
CA ASN TB 39 -5.78 39.57 101.76
C ASN TB 39 -6.47 39.38 100.40
N VAL TB 40 -6.25 40.36 99.52
CA VAL TB 40 -6.76 40.36 98.16
C VAL TB 40 -5.60 40.13 97.22
N PRO TB 41 -5.67 39.17 96.30
CA PRO TB 41 -4.58 38.97 95.36
C PRO TB 41 -4.49 40.12 94.36
N ASN TB 42 -3.29 40.25 93.78
CA ASN TB 42 -3.04 41.32 92.81
C ASN TB 42 -3.89 41.15 91.55
N LEU TB 43 -4.37 39.95 91.28
CA LEU TB 43 -5.15 39.72 90.07
C LEU TB 43 -6.43 40.54 90.07
N HIS TB 44 -7.07 40.67 91.23
CA HIS TB 44 -8.29 41.46 91.29
C HIS TB 44 -8.02 42.93 91.03
N VAL TB 45 -6.87 43.43 91.49
CA VAL TB 45 -6.45 44.79 91.12
C VAL TB 45 -6.27 44.90 89.62
N MET TB 46 -5.58 43.93 89.03
CA MET TB 46 -5.37 43.91 87.58
C MET TB 46 -6.70 44.02 86.84
N LYS TB 47 -7.65 43.15 87.20
CA LYS TB 47 -8.90 43.08 86.45
C LYS TB 47 -9.83 44.26 86.73
N ALA TB 48 -9.86 44.77 87.96
CA ALA TB 48 -10.67 45.94 88.24
C ALA TB 48 -10.17 47.15 87.45
N MET TB 49 -8.86 47.37 87.42
CA MET TB 49 -8.41 48.52 86.68
C MET TB 49 -8.41 48.30 85.17
N GLN TB 50 -8.37 47.04 84.70
CA GLN TB 50 -8.56 46.86 83.26
C GLN TB 50 -10.00 47.14 82.87
N SER TB 51 -10.96 46.82 83.75
CA SER TB 51 -12.34 47.20 83.46
C SER TB 51 -12.53 48.71 83.51
N LEU TB 52 -11.84 49.39 84.43
CA LEU TB 52 -11.90 50.85 84.44
C LEU TB 52 -11.30 51.43 83.16
N LYS TB 53 -10.17 50.89 82.70
CA LYS TB 53 -9.56 51.37 81.46
C LYS TB 53 -10.48 51.12 80.27
N SER TB 54 -11.11 49.95 80.22
CA SER TB 54 -12.05 49.66 79.14
C SER TB 54 -13.26 50.57 79.19
N ARG TB 55 -13.68 50.95 80.39
CA ARG TB 55 -14.74 51.94 80.53
C ARG TB 55 -14.26 53.36 80.25
N GLY TB 56 -12.95 53.56 80.14
CA GLY TB 56 -12.44 54.85 79.72
C GLY TB 56 -12.31 55.87 80.84
N TYR TB 57 -11.80 55.46 81.99
CA TYR TB 57 -11.63 56.34 83.13
C TYR TB 57 -10.21 56.38 83.66
N VAL TB 58 -9.42 55.33 83.44
CA VAL TB 58 -8.04 55.28 83.90
C VAL TB 58 -7.14 55.04 82.69
N LYS TB 59 -6.02 55.77 82.64
CA LYS TB 59 -5.01 55.57 81.62
C LYS TB 59 -4.00 54.56 82.11
N GLU TB 60 -3.36 53.89 81.17
CA GLU TB 60 -2.44 52.79 81.48
C GLU TB 60 -1.05 53.11 80.97
N GLN TB 61 -0.05 52.82 81.79
CA GLN TB 61 1.35 52.86 81.40
C GLN TB 61 2.01 51.57 81.84
N PHE TB 62 2.81 50.97 80.97
CA PHE TB 62 3.53 49.76 81.30
C PHE TB 62 5.03 50.00 81.24
N ALA TB 63 5.70 49.83 82.37
CA ALA TB 63 7.15 49.86 82.44
C ALA TB 63 7.66 48.44 82.20
N TRP TB 64 8.91 48.17 82.60
CA TRP TB 64 9.51 46.84 82.49
C TRP TB 64 8.54 45.72 82.85
N ARG TB 65 8.03 45.72 84.09
CA ARG TB 65 7.07 44.69 84.46
C ARG TB 65 5.94 45.22 85.36
N HIS TB 66 5.73 46.53 85.38
CA HIS TB 66 4.77 47.13 86.30
C HIS TB 66 3.79 48.02 85.57
N PHE TB 67 2.59 48.11 86.12
CA PHE TB 67 1.55 49.02 85.64
C PHE TB 67 1.62 50.33 86.43
N TYR TB 68 1.23 51.41 85.77
CA TYR TB 68 1.37 52.76 86.30
C TYR TB 68 0.09 53.55 86.08
N TRP TB 69 -1.03 52.99 86.54
CA TRP TB 69 -2.33 53.52 86.16
C TRP TB 69 -2.52 54.97 86.63
N TYR TB 70 -3.16 55.77 85.80
CA TYR TB 70 -3.37 57.19 86.06
C TYR TB 70 -4.86 57.51 86.02
N LEU TB 71 -5.38 58.09 87.09
CA LEU TB 71 -6.78 58.44 87.13
C LEU TB 71 -7.04 59.75 86.40
N THR TB 72 -8.14 59.82 85.66
CA THR TB 72 -8.58 61.04 85.01
C THR TB 72 -9.76 61.62 85.78
N ASN TB 73 -10.22 62.81 85.35
CA ASN TB 73 -11.37 63.44 85.99
C ASN TB 73 -12.62 62.58 85.86
N GLU TB 74 -12.75 61.86 84.74
CA GLU TB 74 -13.86 60.94 84.60
C GLU TB 74 -13.76 59.80 85.62
N GLY TB 75 -12.55 59.30 85.86
CA GLY TB 75 -12.36 58.36 86.94
C GLY TB 75 -12.75 58.95 88.28
N ILE TB 76 -12.43 60.24 88.50
CA ILE TB 76 -12.76 60.89 89.75
C ILE TB 76 -14.27 60.93 89.97
N GLN TB 77 -15.01 61.41 88.95
CA GLN TB 77 -16.45 61.53 89.10
C GLN TB 77 -17.11 60.17 89.20
N TYR TB 78 -16.64 59.19 88.42
CA TYR TB 78 -17.21 57.85 88.51
C TYR TB 78 -16.95 57.22 89.87
N LEU TB 79 -15.76 57.43 90.44
CA LEU TB 79 -15.48 56.90 91.76
C LEU TB 79 -16.32 57.61 92.83
N ARG TB 80 -16.54 58.91 92.68
CA ARG TB 80 -17.40 59.62 93.62
C ARG TB 80 -18.82 59.06 93.59
N ASP TB 81 -19.36 58.84 92.40
CA ASP TB 81 -20.72 58.31 92.34
C ASP TB 81 -20.78 56.80 92.61
N TYR TB 82 -19.65 56.10 92.58
CA TYR TB 82 -19.64 54.69 92.92
C TYR TB 82 -19.42 54.43 94.40
N LEU TB 83 -18.78 55.34 95.13
CA LEU TB 83 -18.61 55.18 96.55
C LEU TB 83 -19.42 56.16 97.38
N HIS TB 84 -20.24 57.00 96.73
CA HIS TB 84 -21.18 57.90 97.40
C HIS TB 84 -20.45 58.90 98.30
N LEU TB 85 -19.51 59.61 97.69
CA LEU TB 85 -18.72 60.62 98.37
C LEU TB 85 -19.23 62.02 97.99
N PRO TB 86 -19.07 62.99 98.88
CA PRO TB 86 -19.42 64.37 98.52
C PRO TB 86 -18.46 64.91 97.48
N PRO TB 87 -18.87 65.90 96.67
CA PRO TB 87 -18.00 66.51 95.66
C PRO TB 87 -16.99 67.49 96.24
N GLU TB 88 -16.31 67.08 97.31
CA GLU TB 88 -15.25 67.87 97.93
C GLU TB 88 -14.01 67.00 98.07
N ILE TB 89 -14.21 65.69 98.16
CA ILE TB 89 -13.11 64.76 98.40
C ILE TB 89 -12.28 64.62 97.13
N VAL TB 90 -10.96 64.67 97.27
CA VAL TB 90 -10.05 64.60 96.12
C VAL TB 90 -8.85 63.74 96.49
N PRO TB 91 -8.24 63.12 95.49
CA PRO TB 91 -6.98 62.40 95.73
C PRO TB 91 -5.84 63.36 96.01
N ALA TB 92 -4.73 62.79 96.50
CA ALA TB 92 -3.60 63.60 96.93
C ALA TB 92 -2.93 64.31 95.76
N THR TB 93 -2.71 63.61 94.64
CA THR TB 93 -2.01 64.24 93.53
C THR TB 93 -2.84 65.32 92.87
N LEU TB 94 -4.17 65.21 92.91
CA LEU TB 94 -5.02 66.29 92.42
C LEU TB 94 -4.85 67.54 93.27
N ARG TB 95 -4.96 67.40 94.58
CA ARG TB 95 -4.78 68.50 95.51
C ARG TB 95 -4.21 67.96 96.81
N ARG TB 96 -3.18 68.62 97.34
CA ARG TB 96 -2.69 68.32 98.67
C ARG TB 96 -2.39 69.63 99.39
N SER TB 97 -2.87 69.73 100.63
CA SER TB 97 -2.69 70.88 101.52
C SER TB 97 -3.20 72.20 100.92
N ARG TB 98 -4.09 72.13 99.94
CA ARG TB 98 -4.73 73.32 99.39
C ARG TB 98 -6.21 73.05 99.11
N VAL UB 1 -48.52 59.59 106.92
CA VAL UB 1 -47.66 58.42 106.84
C VAL UB 1 -46.43 58.75 105.99
N MET UB 2 -46.49 59.86 105.26
CA MET UB 2 -45.36 60.25 104.43
C MET UB 2 -44.18 60.74 105.25
N ASP UB 3 -44.41 61.21 106.48
CA ASP UB 3 -43.30 61.50 107.38
C ASP UB 3 -42.53 60.23 107.71
N VAL UB 4 -43.25 59.14 108.01
CA VAL UB 4 -42.62 57.86 108.25
C VAL UB 4 -41.97 57.36 106.96
N ASN UB 5 -42.59 57.64 105.82
CA ASN UB 5 -42.01 57.25 104.52
C ASN UB 5 -40.68 57.93 104.28
N THR UB 6 -40.59 59.24 104.55
CA THR UB 6 -39.33 59.95 104.35
C THR UB 6 -38.29 59.52 105.38
N ALA UB 7 -38.72 59.24 106.62
CA ALA UB 7 -37.81 58.74 107.63
C ALA UB 7 -37.20 57.42 107.21
N LEU UB 8 -38.04 56.45 106.83
CA LEU UB 8 -37.51 55.18 106.34
C LEU UB 8 -36.75 55.36 105.05
N GLN UB 9 -37.08 56.38 104.25
CA GLN UB 9 -36.36 56.64 103.02
C GLN UB 9 -34.91 56.98 103.31
N GLU UB 10 -34.68 57.96 104.19
CA GLU UB 10 -33.30 58.26 104.55
C GLU UB 10 -32.65 57.11 105.31
N VAL UB 11 -33.45 56.32 106.04
CA VAL UB 11 -32.90 55.16 106.75
C VAL UB 11 -32.30 54.16 105.77
N LEU UB 12 -33.07 53.77 104.75
CA LEU UB 12 -32.50 52.80 103.81
C LEU UB 12 -31.51 53.46 102.85
N LYS UB 13 -31.55 54.78 102.70
CA LYS UB 13 -30.49 55.45 101.96
C LYS UB 13 -29.15 55.30 102.67
N THR UB 14 -29.12 55.57 103.98
CA THR UB 14 -27.89 55.32 104.72
C THR UB 14 -27.56 53.83 104.82
N ALA UB 15 -28.59 52.97 104.78
CA ALA UB 15 -28.33 51.54 104.70
C ALA UB 15 -27.62 51.19 103.40
N LEU UB 16 -28.00 51.84 102.30
CA LEU UB 16 -27.27 51.69 101.05
C LEU UB 16 -25.85 52.22 101.17
N ILE UB 17 -25.68 53.35 101.85
CA ILE UB 17 -24.36 53.92 102.05
C ILE UB 17 -23.47 52.93 102.79
N HIS UB 18 -24.00 52.29 103.82
CA HIS UB 18 -23.30 51.23 104.54
C HIS UB 18 -23.63 49.89 103.91
N ASP UB 19 -23.31 48.80 104.62
CA ASP UB 19 -23.59 47.45 104.14
C ASP UB 19 -24.64 46.72 105.00
N GLY UB 20 -25.43 47.45 105.77
CA GLY UB 20 -26.43 46.84 106.61
C GLY UB 20 -27.82 46.76 105.99
N LEU UB 21 -27.90 46.17 104.79
CA LEU UB 21 -29.09 46.23 103.95
C LEU UB 21 -29.85 44.92 103.89
N ALA UB 22 -29.19 43.82 103.47
CA ALA UB 22 -29.76 42.47 103.49
C ALA UB 22 -31.06 42.36 102.69
N ARG UB 23 -30.95 42.52 101.38
CA ARG UB 23 -32.07 42.35 100.47
C ARG UB 23 -32.19 40.89 100.06
N GLY UB 24 -33.41 40.36 100.12
CA GLY UB 24 -33.65 38.95 99.90
C GLY UB 24 -33.91 38.21 101.20
N ILE UB 25 -34.62 37.08 101.10
CA ILE UB 25 -35.04 36.37 102.32
C ILE UB 25 -33.84 35.82 103.07
N ARG UB 26 -32.87 35.27 102.33
CA ARG UB 26 -31.74 34.61 102.99
C ARG UB 26 -30.91 35.61 103.77
N GLU UB 27 -30.48 36.70 103.12
CA GLU UB 27 -29.75 37.74 103.82
C GLU UB 27 -30.59 38.40 104.90
N ALA UB 28 -31.90 38.50 104.68
CA ALA UB 28 -32.78 39.08 105.66
C ALA UB 28 -32.81 38.25 106.93
N ALA UB 29 -33.07 36.95 106.80
CA ALA UB 29 -33.22 36.09 107.96
C ALA UB 29 -31.90 35.88 108.68
N LYS UB 30 -30.80 35.80 107.92
CA LYS UB 30 -29.50 35.57 108.54
C LYS UB 30 -29.05 36.73 109.41
N ALA UB 31 -29.72 37.89 109.32
CA ALA UB 31 -29.44 39.02 110.18
C ALA UB 31 -30.21 38.94 111.50
N LEU UB 32 -31.53 38.81 111.44
CA LEU UB 32 -32.30 38.89 112.67
C LEU UB 32 -32.40 37.56 113.40
N ASP UB 33 -31.93 36.45 112.82
CA ASP UB 33 -31.71 35.30 113.69
C ASP UB 33 -30.34 35.31 114.33
N LYS UB 34 -29.44 36.17 113.85
CA LYS UB 34 -28.19 36.52 114.51
C LYS UB 34 -28.34 37.73 115.41
N ARG UB 35 -29.52 38.34 115.43
CA ARG UB 35 -29.93 39.46 116.28
C ARG UB 35 -29.26 40.76 115.87
N GLN UB 36 -28.37 40.75 114.87
CA GLN UB 36 -27.76 41.98 114.38
C GLN UB 36 -28.67 42.59 113.31
N ALA UB 37 -29.81 43.08 113.78
CA ALA UB 37 -30.81 43.69 112.93
C ALA UB 37 -31.49 44.81 113.69
N HIS UB 38 -32.08 45.74 112.96
CA HIS UB 38 -32.73 46.90 113.56
C HIS UB 38 -34.18 47.07 113.15
N LEU UB 39 -34.52 46.82 111.91
CA LEU UB 39 -35.91 47.03 111.48
C LEU UB 39 -36.17 46.21 110.23
N CYS UB 40 -37.41 45.77 110.04
CA CYS UB 40 -37.78 44.99 108.87
C CYS UB 40 -38.88 45.72 108.10
N VAL UB 41 -38.58 46.00 106.83
CA VAL UB 41 -39.53 46.59 105.90
C VAL UB 41 -40.02 45.48 104.98
N LEU UB 42 -41.29 45.14 105.09
CA LEU UB 42 -41.92 44.16 104.23
C LEU UB 42 -42.88 44.87 103.28
N ALA UB 43 -42.99 44.33 102.08
CA ALA UB 43 -43.93 44.84 101.09
C ALA UB 43 -45.22 44.05 101.20
N SER UB 44 -46.32 44.75 101.46
CA SER UB 44 -47.64 44.13 101.52
C SER UB 44 -48.09 43.62 100.16
N ASN UB 45 -47.40 43.99 99.08
CA ASN UB 45 -47.73 43.51 97.74
C ASN UB 45 -46.98 42.20 97.46
N CYS UB 46 -47.19 41.24 98.35
CA CYS UB 46 -46.68 39.88 98.20
C CYS UB 46 -47.87 38.95 97.96
N ASP UB 47 -47.79 38.16 96.89
CA ASP UB 47 -48.90 37.31 96.48
C ASP UB 47 -48.63 35.84 96.83
N GLU UB 48 -47.88 35.60 97.91
CA GLU UB 48 -47.66 34.25 98.41
C GLU UB 48 -47.93 34.25 99.91
N PRO UB 49 -48.78 33.35 100.41
CA PRO UB 49 -49.19 33.42 101.82
C PRO UB 49 -48.10 33.08 102.82
N MET UB 50 -47.45 31.92 102.64
CA MET UB 50 -46.49 31.44 103.63
C MET UB 50 -45.29 32.36 103.74
N TYR UB 51 -44.93 33.05 102.65
CA TYR UB 51 -43.91 34.10 102.71
C TYR UB 51 -44.24 35.10 103.81
N VAL UB 52 -45.40 35.76 103.69
CA VAL UB 52 -45.82 36.77 104.65
C VAL UB 52 -45.93 36.16 106.04
N LYS UB 53 -46.52 34.97 106.15
CA LYS UB 53 -46.77 34.40 107.46
C LYS UB 53 -45.47 34.09 108.20
N LEU UB 54 -44.52 33.44 107.53
CA LEU UB 54 -43.25 33.10 108.17
C LEU UB 54 -42.47 34.35 108.52
N VAL UB 55 -42.40 35.33 107.62
CA VAL UB 55 -41.63 36.53 107.88
C VAL UB 55 -42.21 37.28 109.09
N GLU UB 56 -43.53 37.49 109.08
CA GLU UB 56 -44.18 38.17 110.18
C GLU UB 56 -44.05 37.39 111.48
N ALA UB 57 -44.16 36.07 111.43
CA ALA UB 57 -44.07 35.25 112.64
C ALA UB 57 -42.71 35.38 113.30
N LEU UB 58 -41.63 35.22 112.53
CA LEU UB 58 -40.33 35.29 113.17
C LEU UB 58 -39.94 36.72 113.54
N CYS UB 59 -40.34 37.71 112.73
CA CYS UB 59 -40.03 39.09 113.07
C CYS UB 59 -40.86 39.60 114.24
N ALA UB 60 -41.97 38.93 114.56
CA ALA UB 60 -42.68 39.22 115.79
C ALA UB 60 -42.12 38.43 116.96
N GLU UB 61 -41.62 37.22 116.71
CA GLU UB 61 -40.97 36.43 117.75
C GLU UB 61 -39.73 37.15 118.27
N HIS UB 62 -39.01 37.81 117.38
CA HIS UB 62 -37.95 38.71 117.81
C HIS UB 62 -38.50 40.13 117.94
N GLN UB 63 -37.83 40.94 118.75
CA GLN UB 63 -38.31 42.28 119.09
C GLN UB 63 -37.83 43.30 118.05
N ILE UB 64 -38.37 43.17 116.84
CA ILE UB 64 -37.98 43.99 115.70
C ILE UB 64 -39.21 44.72 115.19
N ASN UB 65 -39.01 45.96 114.73
CA ASN UB 65 -40.09 46.74 114.14
C ASN UB 65 -40.47 46.19 112.76
N LEU UB 66 -41.77 46.22 112.49
CA LEU UB 66 -42.33 45.79 111.20
C LEU UB 66 -42.95 47.00 110.53
N ILE UB 67 -42.58 47.24 109.26
CA ILE UB 67 -43.16 48.35 108.50
C ILE UB 67 -43.56 47.85 107.12
N LYS UB 68 -44.80 48.14 106.72
CA LYS UB 68 -45.33 47.71 105.44
C LYS UB 68 -45.14 48.78 104.37
N VAL UB 69 -45.00 48.32 103.13
CA VAL UB 69 -44.94 49.20 101.96
C VAL UB 69 -45.91 48.68 100.91
N ASP UB 70 -46.67 49.58 100.29
CA ASP UB 70 -47.78 49.17 99.45
C ASP UB 70 -47.34 48.40 98.20
N ASP UB 71 -46.16 48.68 97.66
CA ASP UB 71 -45.71 48.06 96.42
C ASP UB 71 -44.36 47.39 96.65
N ASN UB 72 -44.20 46.19 96.06
CA ASN UB 72 -42.94 45.47 96.19
C ASN UB 72 -41.88 45.97 95.23
N LYS UB 73 -42.27 46.75 94.22
CA LYS UB 73 -41.30 47.33 93.31
C LYS UB 73 -40.91 48.76 93.71
N LYS UB 74 -41.77 49.44 94.48
CA LYS UB 74 -41.45 50.80 94.91
C LYS UB 74 -40.24 50.82 95.83
N LEU UB 75 -40.18 49.90 96.79
CA LEU UB 75 -38.96 49.84 97.59
C LEU UB 75 -37.80 49.26 96.80
N GLY UB 76 -38.05 48.55 95.71
CA GLY UB 76 -36.95 48.21 94.81
C GLY UB 76 -36.34 49.43 94.17
N GLU UB 77 -37.18 50.40 93.80
CA GLU UB 77 -36.67 51.70 93.38
C GLU UB 77 -35.92 52.38 94.52
N TRP UB 78 -36.47 52.28 95.74
CA TRP UB 78 -35.91 52.98 96.88
C TRP UB 78 -34.56 52.41 97.33
N VAL UB 79 -34.37 51.10 97.21
CA VAL UB 79 -33.23 50.40 97.81
C VAL UB 79 -32.07 50.30 96.82
N GLY UB 80 -32.15 51.00 95.69
CA GLY UB 80 -31.09 50.90 94.71
C GLY UB 80 -31.05 49.57 93.99
N LEU UB 81 -32.18 48.88 93.92
CA LEU UB 81 -32.27 47.63 93.17
C LEU UB 81 -32.88 47.92 91.81
N CYS UB 82 -32.05 48.50 90.94
CA CYS UB 82 -32.46 48.94 89.62
C CYS UB 82 -31.21 49.26 88.82
N LYS UB 83 -31.41 49.78 87.61
CA LYS UB 83 -30.28 50.25 86.81
C LYS UB 83 -29.66 51.51 87.40
N ILE UB 84 -30.36 52.18 88.31
CA ILE UB 84 -29.94 53.45 88.92
C ILE UB 84 -29.67 54.42 87.78
N ASP UB 85 -30.65 54.57 86.88
CA ASP UB 85 -30.45 55.30 85.64
C ASP UB 85 -31.67 56.16 85.35
N ARG UB 86 -32.12 56.92 86.36
CA ARG UB 86 -33.29 57.77 86.18
C ARG UB 86 -33.08 58.81 85.09
N GLU UB 87 -31.90 59.43 85.05
CA GLU UB 87 -31.65 60.56 84.16
C GLU UB 87 -31.43 60.13 82.71
N GLY UB 88 -31.08 58.87 82.45
CA GLY UB 88 -30.78 58.46 81.10
C GLY UB 88 -31.69 57.39 80.51
N LYS UB 89 -32.21 56.50 81.35
CA LYS UB 89 -32.98 55.34 80.94
C LYS UB 89 -34.24 55.21 81.78
N PRO UB 90 -35.19 54.37 81.34
CA PRO UB 90 -36.27 53.99 82.25
C PRO UB 90 -35.77 53.29 83.50
N ARG UB 91 -34.68 52.52 83.39
CA ARG UB 91 -34.00 51.88 84.53
C ARG UB 91 -34.95 50.96 85.30
N LYS UB 92 -35.38 49.91 84.60
CA LYS UB 92 -36.36 48.99 85.16
C LYS UB 92 -35.88 48.39 86.47
N VAL UB 93 -36.77 48.35 87.45
CA VAL UB 93 -36.47 47.80 88.77
C VAL UB 93 -36.88 46.33 88.79
N VAL UB 94 -36.23 45.56 89.63
CA VAL UB 94 -36.58 44.15 89.82
C VAL UB 94 -37.00 43.96 91.27
N GLY UB 95 -37.88 42.99 91.49
CA GLY UB 95 -38.58 42.84 92.76
C GLY UB 95 -37.73 42.62 94.00
N CYS UB 96 -37.98 43.42 95.02
CA CYS UB 96 -37.47 43.18 96.37
C CYS UB 96 -38.65 43.27 97.32
N SER UB 97 -38.88 42.20 98.08
CA SER UB 97 -40.04 42.11 98.95
C SER UB 97 -39.67 41.91 100.42
N CYS UB 98 -38.44 42.25 100.80
CA CYS UB 98 -38.01 42.19 102.19
C CYS UB 98 -36.72 42.96 102.33
N VAL UB 99 -36.66 43.84 103.33
CA VAL UB 99 -35.46 44.62 103.65
C VAL UB 99 -35.23 44.54 105.14
N VAL UB 100 -33.98 44.27 105.54
CA VAL UB 100 -33.61 44.25 106.95
C VAL UB 100 -32.57 45.35 107.15
N VAL UB 101 -33.01 46.51 107.62
CA VAL UB 101 -32.08 47.55 107.99
C VAL UB 101 -31.38 47.14 109.28
N LYS UB 102 -30.05 47.16 109.28
CA LYS UB 102 -29.31 46.76 110.46
C LYS UB 102 -28.09 47.63 110.74
N ASP UB 103 -27.83 48.68 109.97
CA ASP UB 103 -26.62 49.48 110.12
C ASP UB 103 -26.83 50.68 111.04
N TYR UB 104 -27.82 51.52 110.74
CA TYR UB 104 -28.05 52.78 111.43
C TYR UB 104 -26.78 53.63 111.46
N GLY UB 105 -26.09 53.68 110.32
CA GLY UB 105 -24.84 54.43 110.27
C GLY UB 105 -25.04 55.92 110.47
N LYS UB 106 -25.96 56.51 109.71
CA LYS UB 106 -26.29 57.91 109.84
C LYS UB 106 -27.72 58.06 110.34
N GLU UB 107 -27.95 59.08 111.16
CA GLU UB 107 -29.22 59.28 111.85
C GLU UB 107 -29.69 60.70 111.59
N SER UB 108 -30.64 60.85 110.66
CA SER UB 108 -31.29 62.14 110.41
C SER UB 108 -32.75 62.09 110.84
N GLN UB 109 -33.54 61.19 110.25
CA GLN UB 109 -34.92 60.97 110.65
C GLN UB 109 -35.10 59.60 111.28
N ALA UB 110 -34.00 58.96 111.69
CA ALA UB 110 -34.08 57.77 112.50
C ALA UB 110 -34.83 58.07 113.79
N LYS UB 111 -34.67 59.28 114.34
CA LYS UB 111 -35.48 59.69 115.47
C LYS UB 111 -36.96 59.77 115.11
N ASP UB 112 -37.29 60.25 113.91
CA ASP UB 112 -38.68 60.32 113.47
C ASP UB 112 -39.29 58.92 113.42
N VAL UB 113 -38.63 57.99 112.72
CA VAL UB 113 -39.20 56.66 112.59
C VAL UB 113 -39.20 55.92 113.93
N ILE UB 114 -38.22 56.20 114.79
CA ILE UB 114 -38.20 55.53 116.09
C ILE UB 114 -39.23 56.11 117.03
N GLU UB 115 -39.62 57.38 116.85
CA GLU UB 115 -40.75 57.90 117.60
C GLU UB 115 -42.05 57.29 117.12
N GLU UB 116 -42.16 57.05 115.81
CA GLU UB 116 -43.31 56.31 115.31
C GLU UB 116 -43.36 54.89 115.89
N TYR UB 117 -42.20 54.24 115.99
CA TYR UB 117 -42.12 52.93 116.60
C TYR UB 117 -42.42 52.96 118.10
N PHE UB 118 -42.05 54.04 118.80
CA PHE UB 118 -42.45 54.20 120.19
C PHE UB 118 -43.96 54.36 120.33
N LYS UB 119 -44.58 55.15 119.44
CA LYS UB 119 -46.02 55.33 119.48
C LYS UB 119 -46.76 54.03 119.23
N CYS UB 120 -46.28 53.23 118.26
CA CYS UB 120 -46.95 51.96 117.98
C CYS UB 120 -46.81 51.00 119.16
N LYS UB 121 -45.68 51.03 119.86
CA LYS UB 121 -45.40 50.03 120.89
C LYS UB 121 -45.93 50.41 122.27
N LYS UB 122 -46.13 51.70 122.55
CA LYS UB 122 -46.52 52.11 123.89
C LYS UB 122 -48.00 52.52 123.98
N THR VB 1 11.42 -13.67 99.72
CA THR VB 1 12.74 -13.45 100.29
C THR VB 1 13.43 -12.26 99.62
N TYR VB 2 13.78 -11.26 100.43
CA TYR VB 2 14.40 -10.03 99.92
C TYR VB 2 15.78 -9.80 100.49
N ARG VB 3 15.97 -9.92 101.80
CA ARG VB 3 17.29 -9.79 102.41
C ARG VB 3 17.46 -10.89 103.45
N GLY VB 4 17.07 -12.12 103.09
CA GLY VB 4 17.04 -13.20 104.03
C GLY VB 4 15.81 -13.25 104.90
N VAL VB 5 14.99 -12.20 104.88
CA VAL VB 5 13.67 -12.21 105.48
C VAL VB 5 12.65 -12.26 104.34
N ASP VB 6 11.64 -13.09 104.50
CA ASP VB 6 10.62 -13.21 103.47
C ASP VB 6 9.39 -12.39 103.85
N LEU VB 7 8.38 -12.43 102.99
CA LEU VB 7 7.17 -11.64 103.19
C LEU VB 7 6.44 -12.02 104.48
N ASP VB 8 6.64 -13.23 104.99
CA ASP VB 8 5.98 -13.66 106.21
C ASP VB 8 6.22 -12.73 107.38
N GLN VB 9 7.38 -12.06 107.41
CA GLN VB 9 7.63 -11.00 108.36
C GLN VB 9 7.72 -9.62 107.72
N LEU VB 10 8.01 -9.56 106.42
CA LEU VB 10 8.03 -8.25 105.76
C LEU VB 10 6.64 -7.61 105.72
N LEU VB 11 5.57 -8.40 105.87
CA LEU VB 11 4.23 -7.83 105.91
C LEU VB 11 3.99 -7.07 107.20
N ASP VB 12 4.32 -7.66 108.35
CA ASP VB 12 4.03 -7.02 109.63
C ASP VB 12 5.20 -6.19 110.16
N MET VB 13 6.33 -6.15 109.45
CA MET VB 13 7.36 -5.19 109.82
C MET VB 13 6.89 -3.77 109.52
N SER VB 14 7.49 -2.81 110.23
CA SER VB 14 7.12 -1.42 110.06
C SER VB 14 8.09 -0.72 109.10
N TYR VB 15 7.71 0.50 108.72
CA TYR VB 15 8.50 1.28 107.78
C TYR VB 15 9.89 1.56 108.30
N GLU VB 16 10.05 1.67 109.61
CA GLU VB 16 11.36 1.95 110.18
C GLU VB 16 12.30 0.76 110.03
N GLN VB 17 11.77 -0.47 110.19
CA GLN VB 17 12.57 -1.65 109.83
C GLN VB 17 12.82 -1.70 108.33
N LEU VB 18 11.83 -1.31 107.53
CA LEU VB 18 12.00 -1.29 106.09
C LEU VB 18 13.05 -0.29 105.64
N MET VB 19 13.32 0.74 106.44
CA MET VB 19 14.38 1.69 106.12
C MET VB 19 15.71 0.98 105.95
N GLN VB 20 16.08 0.18 106.95
CA GLN VB 20 17.34 -0.54 106.91
C GLN VB 20 17.25 -1.85 106.14
N LEU VB 21 16.05 -2.35 105.87
CA LEU VB 21 15.95 -3.48 104.95
C LEU VB 21 16.12 -3.06 103.50
N TYR VB 22 15.70 -1.84 103.17
CA TYR VB 22 15.79 -1.31 101.82
C TYR VB 22 17.20 -0.80 101.52
N SER VB 23 17.43 -0.48 100.25
CA SER VB 23 18.67 0.16 99.85
C SER VB 23 18.65 1.63 100.26
N ALA VB 24 19.73 2.34 99.93
CA ALA VB 24 19.89 3.72 100.40
C ALA VB 24 18.86 4.65 99.79
N ARG VB 25 18.62 4.54 98.48
CA ARG VB 25 17.68 5.42 97.81
C ARG VB 25 16.26 5.19 98.32
N GLN VB 26 15.86 3.92 98.43
CA GLN VB 26 14.55 3.58 98.97
C GLN VB 26 14.43 4.08 100.41
N ARG VB 27 15.51 3.95 101.17
CA ARG VB 27 15.51 4.39 102.56
C ARG VB 27 15.30 5.90 102.67
N ARG VB 28 15.98 6.67 101.83
CA ARG VB 28 15.77 8.12 101.85
C ARG VB 28 14.36 8.49 101.40
N ARG VB 29 13.83 7.79 100.41
CA ARG VB 29 12.46 8.05 99.97
C ARG VB 29 11.47 7.80 101.09
N LEU VB 30 11.67 6.72 101.84
CA LEU VB 30 10.80 6.45 102.98
C LEU VB 30 10.99 7.46 104.10
N ASN VB 31 12.24 7.85 104.37
CA ASN VB 31 12.52 8.72 105.51
C ASN VB 31 11.99 10.12 105.26
N ARG VB 32 12.01 10.59 104.02
CA ARG VB 32 11.30 11.82 103.73
C ARG VB 32 9.81 11.54 103.60
N GLY VB 33 9.01 12.59 103.81
CA GLY VB 33 7.57 12.40 103.96
C GLY VB 33 6.94 11.83 102.71
N LEU VB 34 5.99 10.92 102.91
CA LEU VB 34 5.21 10.33 101.82
C LEU VB 34 4.03 11.25 101.53
N ARG VB 35 3.83 11.58 100.27
CA ARG VB 35 2.81 12.56 99.93
C ARG VB 35 1.43 11.89 99.90
N ARG VB 36 0.40 12.74 100.02
CA ARG VB 36 -0.95 12.24 100.15
C ARG VB 36 -1.42 11.53 98.88
N LYS VB 37 -0.79 11.80 97.72
CA LYS VB 37 -1.13 11.05 96.53
C LYS VB 37 -0.68 9.59 96.65
N GLN VB 38 0.54 9.36 97.14
CA GLN VB 38 1.00 8.00 97.38
C GLN VB 38 0.16 7.32 98.45
N HIS VB 39 -0.21 8.07 99.49
CA HIS VB 39 -1.10 7.52 100.50
C HIS VB 39 -2.44 7.13 99.92
N SER VB 40 -2.99 7.96 99.03
CA SER VB 40 -4.25 7.64 98.37
C SER VB 40 -4.13 6.42 97.49
N LEU VB 41 -2.99 6.25 96.82
CA LEU VB 41 -2.75 5.04 96.05
C LEU VB 41 -2.75 3.81 96.95
N LEU VB 42 -2.11 3.92 98.12
CA LEU VB 42 -2.10 2.80 99.07
C LEU VB 42 -3.51 2.47 99.54
N LYS VB 43 -4.30 3.49 99.85
CA LYS VB 43 -5.67 3.26 100.28
C LYS VB 43 -6.49 2.59 99.18
N ARG VB 44 -6.32 3.05 97.94
CA ARG VB 44 -7.04 2.44 96.83
C ARG VB 44 -6.65 0.98 96.63
N LEU VB 45 -5.36 0.68 96.73
CA LEU VB 45 -4.91 -0.71 96.59
C LEU VB 45 -5.47 -1.59 97.69
N ARG VB 46 -5.45 -1.11 98.94
CA ARG VB 46 -6.00 -1.89 100.03
C ARG VB 46 -7.49 -2.12 99.85
N LYS VB 47 -8.23 -1.09 99.43
CA LYS VB 47 -9.66 -1.24 99.21
C LYS VB 47 -9.96 -2.23 98.10
N ALA VB 48 -9.20 -2.15 97.00
CA ALA VB 48 -9.41 -3.08 95.89
C ALA VB 48 -9.14 -4.51 96.32
N LYS VB 49 -8.07 -4.73 97.08
CA LYS VB 49 -7.78 -6.08 97.54
C LYS VB 49 -8.86 -6.59 98.49
N LYS VB 50 -9.38 -5.72 99.36
CA LYS VB 50 -10.40 -6.16 100.31
C LYS VB 50 -11.73 -6.45 99.62
N GLU VB 51 -12.02 -5.77 98.52
CA GLU VB 51 -13.25 -6.03 97.79
C GLU VB 51 -13.07 -7.04 96.67
N ALA VB 52 -11.84 -7.54 96.47
CA ALA VB 52 -11.59 -8.53 95.44
C ALA VB 52 -12.29 -9.86 95.77
N PRO VB 53 -12.73 -10.59 94.74
CA PRO VB 53 -13.24 -11.93 94.99
C PRO VB 53 -12.13 -12.85 95.44
N PRO VB 54 -12.44 -13.81 96.32
CA PRO VB 54 -11.39 -14.73 96.79
C PRO VB 54 -10.85 -15.60 95.67
N MET VB 55 -9.55 -15.91 95.78
CA MET VB 55 -8.83 -16.71 94.78
C MET VB 55 -8.97 -16.11 93.39
N GLU VB 56 -8.96 -14.77 93.32
CA GLU VB 56 -9.01 -14.04 92.06
C GLU VB 56 -8.34 -12.69 92.28
N LYS VB 57 -7.62 -12.22 91.26
CA LYS VB 57 -6.89 -10.97 91.38
C LYS VB 57 -7.87 -9.79 91.50
N PRO VB 58 -7.48 -8.74 92.22
CA PRO VB 58 -8.36 -7.57 92.38
C PRO VB 58 -8.46 -6.79 91.08
N GLU VB 59 -9.41 -5.86 91.07
CA GLU VB 59 -9.55 -4.97 89.92
C GLU VB 59 -8.32 -4.09 89.80
N VAL VB 60 -7.89 -3.86 88.56
CA VAL VB 60 -6.68 -3.07 88.33
C VAL VB 60 -6.93 -1.63 88.75
N VAL VB 61 -5.99 -1.07 89.50
CA VAL VB 61 -6.06 0.31 89.96
C VAL VB 61 -5.06 1.12 89.13
N LYS VB 62 -5.54 2.15 88.46
CA LYS VB 62 -4.69 2.97 87.60
C LYS VB 62 -3.98 4.04 88.42
N THR VB 63 -2.85 4.51 87.89
CA THR VB 63 -2.10 5.60 88.49
C THR VB 63 -1.23 6.26 87.44
N HIS VB 64 -1.02 7.55 87.64
CA HIS VB 64 -0.02 8.31 86.90
C HIS VB 64 1.35 8.28 87.56
N LEU VB 65 1.40 8.36 88.89
CA LEU VB 65 2.67 8.47 89.57
C LEU VB 65 3.43 7.14 89.48
N ARG VB 66 4.51 7.16 88.70
CA ARG VB 66 5.35 5.99 88.48
C ARG VB 66 6.61 6.02 89.33
N ASP VB 67 6.67 6.94 90.29
CA ASP VB 67 7.78 7.05 91.22
C ASP VB 67 7.52 6.30 92.52
N MET VB 68 6.41 5.58 92.63
CA MET VB 68 6.09 4.90 93.87
C MET VB 68 7.03 3.72 94.09
N ILE VB 69 7.60 3.64 95.28
CA ILE VB 69 8.34 2.45 95.68
C ILE VB 69 7.34 1.35 96.01
N ILE VB 70 7.65 0.13 95.60
CA ILE VB 70 6.71 -0.97 95.78
C ILE VB 70 6.83 -1.44 97.22
N LEU VB 71 5.88 -1.03 98.05
CA LEU VB 71 5.83 -1.47 99.43
C LEU VB 71 5.49 -2.96 99.48
N PRO VB 72 5.94 -3.69 100.50
CA PRO VB 72 5.66 -5.13 100.56
C PRO VB 72 4.17 -5.45 100.59
N GLU VB 73 3.36 -4.57 101.18
CA GLU VB 73 1.92 -4.82 101.20
C GLU VB 73 1.26 -4.66 99.84
N MET VB 74 1.96 -4.08 98.87
CA MET VB 74 1.44 -3.91 97.52
C MET VB 74 1.65 -5.14 96.64
N VAL VB 75 2.32 -6.16 97.15
CA VAL VB 75 2.58 -7.37 96.37
C VAL VB 75 1.27 -8.13 96.20
N GLY VB 76 0.99 -8.55 94.96
CA GLY VB 76 -0.19 -9.32 94.67
C GLY VB 76 -1.35 -8.55 94.10
N SER VB 77 -1.14 -7.31 93.67
CA SER VB 77 -2.20 -6.47 93.12
C SER VB 77 -1.96 -6.21 91.65
N MET VB 78 -3.00 -5.71 90.99
CA MET VB 78 -2.94 -5.31 89.58
C MET VB 78 -2.97 -3.80 89.51
N VAL VB 79 -1.88 -3.21 89.04
CA VAL VB 79 -1.76 -1.75 88.99
C VAL VB 79 -1.43 -1.32 87.57
N GLY VB 80 -2.15 -0.31 87.10
CA GLY VB 80 -1.94 0.23 85.77
C GLY VB 80 -1.12 1.50 85.80
N VAL VB 81 0.15 1.39 85.46
CA VAL VB 81 1.06 2.52 85.47
C VAL VB 81 0.91 3.28 84.16
N TYR VB 82 0.79 4.60 84.25
CA TYR VB 82 0.63 5.43 83.06
C TYR VB 82 1.99 5.77 82.47
N ASN VB 83 2.15 5.51 81.16
CA ASN VB 83 3.42 5.75 80.47
C ASN VB 83 3.36 6.93 79.52
N GLY VB 84 2.53 7.92 79.81
CA GLY VB 84 2.37 9.08 78.97
C GLY VB 84 1.26 8.97 77.96
N LYS VB 85 0.82 7.76 77.66
CA LYS VB 85 -0.23 7.53 76.68
C LYS VB 85 -1.32 6.61 77.17
N THR VB 86 -0.98 5.58 77.95
CA THR VB 86 -1.93 4.58 78.38
C THR VB 86 -1.41 3.90 79.63
N PHE VB 87 -2.26 3.07 80.23
CA PHE VB 87 -1.91 2.37 81.45
C PHE VB 87 -1.51 0.94 81.11
N ASN VB 88 -0.32 0.54 81.57
CA ASN VB 88 0.11 -0.84 81.53
C ASN VB 88 -0.30 -1.50 82.84
N GLN VB 89 -1.13 -2.54 82.75
CA GLN VB 89 -1.49 -3.29 83.93
C GLN VB 89 -0.40 -4.32 84.22
N VAL VB 90 0.07 -4.33 85.46
CA VAL VB 90 1.12 -5.25 85.89
C VAL VB 90 0.73 -5.87 87.22
N GLU VB 91 1.25 -7.06 87.45
CA GLU VB 91 1.11 -7.78 88.70
C GLU VB 91 2.43 -7.74 89.45
N ILE VB 92 2.34 -7.67 90.77
CA ILE VB 92 3.52 -7.55 91.62
C ILE VB 92 3.78 -8.88 92.30
N LYS VB 93 4.97 -9.37 92.15
CA LYS VB 93 5.62 -10.55 92.66
C LYS VB 93 6.41 -10.20 93.92
N PRO VB 94 6.58 -11.10 94.90
CA PRO VB 94 7.30 -10.73 96.12
C PRO VB 94 8.81 -10.50 95.94
N GLU VB 95 9.31 -10.52 94.71
CA GLU VB 95 10.71 -10.27 94.45
C GLU VB 95 10.98 -8.88 93.89
N MET VB 96 9.94 -8.11 93.56
CA MET VB 96 10.08 -6.77 93.02
C MET VB 96 9.64 -5.71 94.04
N ILE VB 97 9.93 -5.95 95.31
CA ILE VB 97 9.63 -4.97 96.34
C ILE VB 97 10.51 -3.73 96.17
N GLY VB 98 11.82 -3.95 96.03
CA GLY VB 98 12.75 -2.84 95.92
C GLY VB 98 12.86 -2.28 94.52
N HIS VB 99 11.81 -1.61 94.06
CA HIS VB 99 11.77 -1.06 92.71
C HIS VB 99 10.72 0.03 92.65
N TYR VB 100 10.74 0.77 91.55
CA TYR VB 100 9.76 1.81 91.27
C TYR VB 100 8.70 1.28 90.31
N LEU VB 101 7.81 2.16 89.87
CA LEU VB 101 6.77 1.80 88.92
C LEU VB 101 7.12 2.15 87.48
N GLY VB 102 8.25 2.83 87.24
CA GLY VB 102 8.60 3.22 85.89
C GLY VB 102 9.28 2.12 85.10
N GLU VB 103 9.94 1.19 85.79
CA GLU VB 103 10.67 0.15 85.08
C GLU VB 103 9.74 -0.91 84.52
N PHE VB 104 8.51 -1.01 85.04
CA PHE VB 104 7.52 -1.97 84.59
C PHE VB 104 6.48 -1.36 83.66
N SER VB 105 6.69 -0.13 83.23
CA SER VB 105 5.85 0.51 82.22
C SER VB 105 6.77 1.36 81.35
N ILE VB 106 7.20 0.79 80.22
CA ILE VB 106 8.13 1.50 79.36
C ILE VB 106 7.42 2.67 78.69
N THR VB 107 8.17 3.75 78.45
CA THR VB 107 7.63 4.96 77.87
C THR VB 107 7.79 5.02 76.36
N TYR VB 108 8.33 3.99 75.74
CA TYR VB 108 8.72 4.04 74.35
C TYR VB 108 8.81 2.62 73.80
N LYS VB 109 8.52 2.47 72.52
CA LYS VB 109 8.76 1.19 71.88
C LYS VB 109 10.26 1.00 71.67
N PRO VB 110 10.77 -0.22 71.78
CA PRO VB 110 12.12 -0.49 71.28
C PRO VB 110 12.18 -0.22 69.79
N VAL VB 111 13.31 0.33 69.34
CA VAL VB 111 13.41 0.79 67.97
C VAL VB 111 13.57 -0.40 67.04
N LYS VB 112 12.74 -0.44 66.00
CA LYS VB 112 12.91 -1.36 64.88
C LYS VB 112 13.49 -0.54 63.74
N HIS VB 113 14.79 -0.69 63.51
CA HIS VB 113 15.49 0.15 62.56
C HIS VB 113 15.24 -0.32 61.15
N GLY VB 114 14.61 0.53 60.34
CA GLY VB 114 14.36 0.25 58.95
C GLY VB 114 15.52 0.65 58.08
N ARG VB 115 15.27 0.68 56.78
CA ARG VB 115 16.30 1.09 55.82
C ARG VB 115 16.58 2.57 55.99
N PRO VB 116 17.82 2.97 56.24
CA PRO VB 116 18.15 4.40 56.30
C PRO VB 116 17.95 5.05 54.94
N GLY VB 117 17.40 6.25 54.94
CA GLY VB 117 17.18 6.97 53.71
C GLY VB 117 18.33 7.88 53.34
N ILE VB 118 18.73 8.73 54.28
CA ILE VB 118 19.83 9.66 54.09
C ILE VB 118 20.85 9.37 55.19
N GLY VB 119 22.07 9.87 55.01
CA GLY VB 119 23.15 9.58 55.94
C GLY VB 119 24.36 9.03 55.23
N ALA VB 120 24.49 9.38 53.96
CA ALA VB 120 25.64 9.01 53.14
C ALA VB 120 26.50 10.24 52.85
N THR VB 121 27.75 9.96 52.48
CA THR VB 121 28.74 10.98 52.13
C THR VB 121 28.91 12.04 53.21
N SER WB 1 82.70 47.92 111.34
CA SER WB 1 82.83 46.87 112.34
C SER WB 1 81.73 46.96 113.39
N LYS WB 2 81.20 48.16 113.60
CA LYS WB 2 80.09 48.34 114.54
C LYS WB 2 79.07 49.37 114.05
N GLY WB 3 79.02 49.64 112.76
CA GLY WB 3 78.10 50.62 112.22
C GLY WB 3 76.65 50.17 112.24
N PRO WB 4 75.80 50.94 112.93
CA PRO WB 4 74.37 50.62 112.95
C PRO WB 4 73.66 51.27 111.76
N LEU WB 5 72.44 50.79 111.52
CA LEU WB 5 71.55 51.30 110.48
C LEU WB 5 72.15 51.14 109.08
N GLN WB 6 73.17 50.31 108.93
CA GLN WB 6 73.81 50.06 107.65
C GLN WB 6 73.06 48.92 106.97
N SER WB 7 71.98 49.26 106.29
CA SER WB 7 71.08 48.26 105.73
C SER WB 7 70.32 48.83 104.55
N VAL WB 8 69.97 47.95 103.62
CA VAL WB 8 69.11 48.27 102.48
C VAL WB 8 68.06 47.18 102.36
N GLN WB 9 67.11 47.40 101.44
CA GLN WB 9 66.04 46.42 101.19
C GLN WB 9 65.67 46.55 99.70
N VAL WB 10 66.17 45.63 98.89
CA VAL WB 10 66.05 45.74 97.43
C VAL WB 10 65.35 44.51 96.91
N PHE WB 11 64.43 44.69 95.97
CA PHE WB 11 63.67 43.59 95.40
C PHE WB 11 64.12 43.28 93.98
N GLY WB 12 63.88 42.04 93.58
CA GLY WB 12 63.97 41.62 92.20
C GLY WB 12 62.91 40.57 91.95
N ARG WB 13 62.04 40.79 90.97
CA ARG WB 13 60.85 39.97 90.81
C ARG WB 13 60.70 39.49 89.37
N LYS WB 14 60.13 38.29 89.21
CA LYS WB 14 59.87 37.74 87.90
C LYS WB 14 58.53 37.02 87.92
N LYS WB 15 57.64 37.40 86.99
CA LYS WB 15 56.35 36.75 86.78
C LYS WB 15 55.52 36.70 88.06
N THR WB 16 55.17 37.89 88.54
CA THR WB 16 54.30 38.08 89.71
C THR WB 16 54.83 37.32 90.94
N ALA WB 17 56.15 37.27 91.06
CA ALA WB 17 56.81 36.62 92.18
C ALA WB 17 57.81 37.61 92.75
N THR WB 18 57.39 38.35 93.76
CA THR WB 18 58.25 39.38 94.34
C THR WB 18 59.22 38.77 95.35
N ALA WB 19 60.42 39.33 95.38
CA ALA WB 19 61.47 38.84 96.27
C ALA WB 19 62.26 40.05 96.77
N VAL WB 20 62.10 40.36 98.05
CA VAL WB 20 62.80 41.48 98.66
C VAL WB 20 63.91 40.92 99.53
N ALA WB 21 65.15 41.28 99.22
CA ALA WB 21 66.29 40.97 100.05
C ALA WB 21 66.51 42.13 101.01
N HIS WB 22 66.32 41.86 102.30
CA HIS WB 22 66.66 42.77 103.38
C HIS WB 22 68.13 42.54 103.72
N CYS WB 23 68.98 43.45 103.26
CA CYS WB 23 70.41 43.38 103.45
C CYS WB 23 70.83 44.28 104.61
N LYS WB 24 71.82 43.81 105.37
CA LYS WB 24 72.35 44.60 106.48
C LYS WB 24 73.78 44.17 106.73
N ARG WB 25 74.51 44.99 107.47
CA ARG WB 25 75.86 44.64 107.85
C ARG WB 25 75.85 43.48 108.84
N GLY WB 26 76.72 42.52 108.63
CA GLY WB 26 76.82 41.40 109.54
C GLY WB 26 77.80 40.37 109.02
N ASN WB 27 77.94 39.30 109.79
CA ASN WB 27 78.80 38.20 109.37
C ASN WB 27 78.23 37.52 108.14
N GLY WB 28 79.12 37.03 107.29
CA GLY WB 28 78.73 36.49 106.00
C GLY WB 28 77.84 35.27 106.07
N LEU WB 29 76.55 35.44 105.79
CA LEU WB 29 75.60 34.34 105.80
C LEU WB 29 74.41 34.71 104.94
N ILE WB 30 73.69 33.69 104.49
CA ILE WB 30 72.57 33.84 103.57
C ILE WB 30 71.40 33.02 104.09
N LYS WB 31 70.20 33.61 104.08
CA LYS WB 31 69.00 32.90 104.46
C LYS WB 31 67.82 33.44 103.68
N VAL WB 32 67.05 32.54 103.08
CA VAL WB 32 65.85 32.89 102.31
C VAL WB 32 64.66 32.18 102.96
N ASN WB 33 63.67 32.98 103.36
CA ASN WB 33 62.51 32.49 104.11
C ASN WB 33 62.92 31.70 105.35
N GLY WB 34 64.06 32.05 105.93
CA GLY WB 34 64.54 31.42 107.14
C GLY WB 34 65.42 30.20 106.96
N ARG WB 35 65.65 29.75 105.72
CA ARG WB 35 66.46 28.57 105.50
C ARG WB 35 67.60 28.88 104.53
N PRO WB 36 68.72 28.19 104.65
CA PRO WB 36 69.81 28.42 103.71
C PRO WB 36 69.44 28.02 102.29
N LEU WB 37 70.03 28.72 101.32
CA LEU WB 37 69.72 28.44 99.92
C LEU WB 37 70.18 27.06 99.49
N GLU WB 38 71.16 26.48 100.18
CA GLU WB 38 71.55 25.11 99.86
C GLU WB 38 70.38 24.16 100.08
N MET WB 39 69.57 24.42 101.11
CA MET WB 39 68.41 23.57 101.41
C MET WB 39 67.18 24.07 100.66
N ILE WB 40 67.35 24.21 99.34
CA ILE WB 40 66.27 24.63 98.48
C ILE WB 40 65.72 23.40 97.77
N GLU WB 41 64.45 23.52 97.33
CA GLU WB 41 63.73 22.35 96.83
C GLU WB 41 64.19 21.98 95.42
N PRO WB 42 64.31 22.92 94.46
CA PRO WB 42 64.97 22.52 93.19
C PRO WB 42 66.49 22.55 93.29
N ARG WB 43 67.04 21.46 93.83
CA ARG WB 43 68.49 21.31 93.87
C ARG WB 43 69.08 21.21 92.47
N THR WB 44 68.25 20.86 91.46
CA THR WB 44 68.67 20.96 90.08
C THR WB 44 68.94 22.40 89.66
N LEU WB 45 68.39 23.37 90.38
CA LEU WB 45 68.68 24.79 90.18
C LEU WB 45 69.46 25.42 91.32
N GLN WB 46 69.86 24.61 92.31
CA GLN WB 46 70.67 25.13 93.42
C GLN WB 46 71.97 25.77 92.93
N TYR WB 47 72.54 25.27 91.83
CA TYR WB 47 73.72 25.90 91.27
C TYR WB 47 73.44 27.33 90.86
N LYS WB 48 72.24 27.61 90.33
CA LYS WB 48 71.91 28.98 89.95
C LYS WB 48 71.77 29.88 91.17
N LEU WB 49 71.30 29.34 92.30
CA LEU WB 49 71.23 30.14 93.52
C LEU WB 49 72.62 30.46 94.04
N LEU WB 50 73.54 29.49 94.01
CA LEU WB 50 74.90 29.77 94.45
C LEU WB 50 75.73 30.47 93.38
N GLU WB 51 75.19 30.63 92.19
CA GLU WB 51 75.92 31.29 91.11
C GLU WB 51 76.30 32.74 91.41
N PRO WB 52 75.41 33.61 91.93
CA PRO WB 52 75.85 34.98 92.21
C PRO WB 52 76.99 35.07 93.21
N VAL WB 53 76.91 34.35 94.34
CA VAL WB 53 77.97 34.41 95.32
C VAL WB 53 79.28 33.87 94.79
N LEU WB 54 79.23 32.95 93.83
CA LEU WB 54 80.43 32.48 93.15
C LEU WB 54 80.99 33.46 92.14
N LEU WB 55 80.14 34.29 91.54
CA LEU WB 55 80.61 35.25 90.56
C LEU WB 55 81.59 36.25 91.17
N LEU WB 56 81.17 36.90 92.25
CA LEU WB 56 82.01 37.87 92.94
C LEU WB 56 82.61 37.32 94.23
N GLY WB 57 82.56 35.99 94.41
CA GLY WB 57 83.29 35.37 95.49
C GLY WB 57 82.60 35.51 96.84
N LYS WB 58 83.00 34.65 97.77
CA LYS WB 58 82.49 34.69 99.13
C LYS WB 58 83.10 35.81 99.95
N GLU WB 59 84.25 36.34 99.52
CA GLU WB 59 84.92 37.38 100.28
C GLU WB 59 84.06 38.64 100.35
N ARG WB 60 83.45 39.03 99.24
CA ARG WB 60 82.60 40.22 99.22
C ARG WB 60 81.30 40.02 99.98
N PHE WB 61 80.92 38.78 100.27
CA PHE WB 61 79.75 38.51 101.09
C PHE WB 61 80.08 38.36 102.56
N ALA WB 62 81.34 38.06 102.90
CA ALA WB 62 81.71 37.77 104.27
C ALA WB 62 81.50 38.95 105.22
N GLY WB 63 81.36 40.16 104.70
CA GLY WB 63 81.14 41.32 105.56
C GLY WB 63 79.70 41.79 105.59
N VAL WB 64 78.77 40.97 105.09
CA VAL WB 64 77.38 41.36 104.96
C VAL WB 64 76.49 40.22 105.44
N ASP WB 65 75.22 40.55 105.70
CA ASP WB 65 74.24 39.60 106.20
C ASP WB 65 72.89 39.94 105.59
N ILE WB 66 72.29 38.99 104.88
CA ILE WB 66 71.10 39.24 104.07
C ILE WB 66 70.05 38.18 104.36
N ARG WB 67 68.79 38.62 104.46
CA ARG WB 67 67.66 37.72 104.61
C ARG WB 67 66.57 38.11 103.63
N VAL WB 68 66.05 37.14 102.88
CA VAL WB 68 65.19 37.42 101.73
C VAL WB 68 63.80 36.87 102.00
N ARG WB 69 62.77 37.65 101.66
CA ARG WB 69 61.38 37.22 101.74
C ARG WB 69 60.80 37.20 100.33
N VAL WB 70 60.17 36.08 99.98
CA VAL WB 70 59.73 35.80 98.62
C VAL WB 70 58.27 35.36 98.65
N LYS WB 71 57.47 35.91 97.74
CA LYS WB 71 56.05 35.54 97.67
C LYS WB 71 55.57 35.66 96.23
N GLY WB 72 54.80 34.67 95.80
CA GLY WB 72 54.16 34.68 94.49
C GLY WB 72 54.85 33.77 93.50
N GLY WB 73 54.16 33.57 92.36
CA GLY WB 73 54.72 32.82 91.26
C GLY WB 73 54.86 31.33 91.56
N GLY WB 74 55.75 30.70 90.77
CA GLY WB 74 56.11 29.32 90.96
C GLY WB 74 57.53 29.15 91.45
N HIS WB 75 57.97 27.90 91.48
CA HIS WB 75 59.29 27.59 92.03
C HIS WB 75 60.40 28.21 91.18
N VAL WB 76 60.32 28.05 89.86
CA VAL WB 76 61.38 28.53 88.97
C VAL WB 76 61.45 30.05 88.99
N ALA WB 77 60.30 30.70 88.86
CA ALA WB 77 60.26 32.16 88.90
C ALA WB 77 60.72 32.68 90.26
N GLN WB 78 60.40 31.95 91.33
CA GLN WB 78 60.90 32.35 92.64
C GLN WB 78 62.42 32.25 92.70
N ILE WB 79 62.99 31.23 92.08
CA ILE WB 79 64.46 31.10 92.05
C ILE WB 79 65.08 32.29 91.32
N TYR WB 80 64.52 32.63 90.15
CA TYR WB 80 65.05 33.75 89.39
C TYR WB 80 64.89 35.06 90.14
N ALA WB 81 63.73 35.27 90.77
CA ALA WB 81 63.51 36.46 91.57
C ALA WB 81 64.51 36.54 92.72
N ILE WB 82 64.76 35.41 93.38
CA ILE WB 82 65.71 35.38 94.49
C ILE WB 82 67.10 35.80 94.03
N ARG WB 83 67.59 35.18 92.95
CA ARG WB 83 68.96 35.46 92.55
C ARG WB 83 69.14 36.88 92.06
N GLN WB 84 68.20 37.39 91.26
CA GLN WB 84 68.35 38.76 90.78
C GLN WB 84 68.14 39.77 91.90
N SER WB 85 67.27 39.45 92.87
CA SER WB 85 67.13 40.31 94.03
C SER WB 85 68.40 40.34 94.86
N ILE WB 86 69.07 39.20 95.00
CA ILE WB 86 70.33 39.14 95.74
C ILE WB 86 71.35 40.04 95.07
N SER WB 87 71.48 39.92 93.74
CA SER WB 87 72.45 40.74 93.02
C SER WB 87 72.15 42.22 93.18
N LYS WB 88 70.88 42.61 92.97
CA LYS WB 88 70.50 44.01 93.06
C LYS WB 88 70.72 44.55 94.47
N ALA WB 89 70.34 43.76 95.49
CA ALA WB 89 70.50 44.22 96.86
C ALA WB 89 71.96 44.43 97.21
N LEU WB 90 72.83 43.51 96.81
CA LEU WB 90 74.24 43.66 97.15
C LEU WB 90 74.85 44.86 96.45
N VAL WB 91 74.57 45.03 95.16
CA VAL WB 91 75.16 46.17 94.46
C VAL WB 91 74.60 47.48 94.99
N ALA WB 92 73.33 47.50 95.41
CA ALA WB 92 72.75 48.72 95.97
C ALA WB 92 73.35 49.06 97.31
N TYR WB 93 73.52 48.06 98.18
CA TYR WB 93 74.20 48.28 99.46
C TYR WB 93 75.61 48.79 99.24
N TYR WB 94 76.32 48.21 98.28
CA TYR WB 94 77.68 48.63 97.98
C TYR WB 94 77.72 50.09 97.55
N GLN WB 95 76.90 50.46 96.56
CA GLN WB 95 76.92 51.84 96.08
C GLN WB 95 76.40 52.81 97.13
N LYS WB 96 75.58 52.35 98.06
CA LYS WB 96 75.09 53.23 99.11
C LYS WB 96 76.16 53.52 100.14
N TYR WB 97 76.92 52.51 100.55
CA TYR WB 97 77.78 52.67 101.71
C TYR WB 97 79.26 52.82 101.41
N VAL WB 98 79.77 52.15 100.38
CA VAL WB 98 81.18 52.31 100.04
C VAL WB 98 81.28 52.92 98.65
N ASP WB 99 82.50 53.11 98.17
CA ASP WB 99 82.72 53.81 96.91
C ASP WB 99 82.14 53.01 95.74
N GLU WB 100 81.57 53.73 94.77
CA GLU WB 100 81.07 53.11 93.56
C GLU WB 100 82.17 52.81 92.55
N ALA WB 101 83.37 53.35 92.74
CA ALA WB 101 84.49 52.98 91.88
C ALA WB 101 84.79 51.49 91.98
N SER WB 102 84.80 50.97 93.21
CA SER WB 102 84.91 49.54 93.42
C SER WB 102 83.61 48.80 93.07
N LYS WB 103 82.50 49.52 92.96
CA LYS WB 103 81.25 48.87 92.57
C LYS WB 103 81.26 48.48 91.09
N LYS WB 104 81.90 49.29 90.25
CA LYS WB 104 81.86 49.05 88.81
C LYS WB 104 82.53 47.72 88.44
N GLU WB 105 83.63 47.37 89.11
CA GLU WB 105 84.36 46.17 88.77
C GLU WB 105 83.63 44.88 89.18
N ILE WB 106 82.52 44.99 89.91
CA ILE WB 106 81.65 43.85 90.13
C ILE WB 106 80.34 43.98 89.36
N LYS WB 107 79.86 45.20 89.12
CA LYS WB 107 78.63 45.37 88.34
C LYS WB 107 78.85 44.93 86.91
N ASP WB 108 80.03 45.21 86.34
CA ASP WB 108 80.31 44.73 84.99
C ASP WB 108 80.34 43.21 84.94
N ILE WB 109 80.86 42.55 85.98
CA ILE WB 109 80.86 41.09 86.02
C ILE WB 109 79.43 40.57 86.06
N LEU WB 110 78.59 41.18 86.89
CA LEU WB 110 77.19 40.75 86.99
C LEU WB 110 76.48 40.87 85.65
N ILE WB 111 76.57 42.04 85.01
CA ILE WB 111 75.84 42.25 83.77
C ILE WB 111 76.42 41.40 82.64
N GLN WB 112 77.75 41.23 82.61
CA GLN WB 112 78.33 40.44 81.53
C GLN WB 112 77.98 38.97 81.66
N TYR WB 113 77.89 38.45 82.89
CA TYR WB 113 77.47 37.07 83.03
C TYR WB 113 76.00 36.92 82.64
N ASP WB 114 75.14 37.80 83.14
CA ASP WB 114 73.72 37.67 82.81
C ASP WB 114 73.04 39.00 83.10
N ARG WB 115 72.44 39.60 82.07
CA ARG WB 115 71.70 40.84 82.29
C ARG WB 115 70.52 40.63 83.21
N THR WB 116 69.94 39.42 83.20
CA THR WB 116 68.77 39.15 84.05
C THR WB 116 69.12 39.20 85.53
N LEU WB 117 70.41 39.15 85.88
CA LEU WB 117 70.82 39.27 87.27
C LEU WB 117 70.44 40.62 87.85
N LEU WB 118 70.40 41.67 87.03
CA LEU WB 118 70.04 43.00 87.50
C LEU WB 118 68.87 43.61 86.74
N VAL WB 119 68.40 42.97 85.68
CA VAL WB 119 67.27 43.47 84.90
C VAL WB 119 66.18 42.40 84.91
N ALA WB 120 65.06 42.72 85.54
CA ALA WB 120 63.95 41.78 85.62
C ALA WB 120 63.32 41.56 84.25
N ASP WB 121 62.83 40.35 84.02
CA ASP WB 121 62.20 40.02 82.74
C ASP WB 121 60.92 40.82 82.59
N PRO WB 122 60.80 41.66 81.57
CA PRO WB 122 59.60 42.50 81.45
C PRO WB 122 58.38 41.71 80.98
N ARG WB 123 58.62 40.67 80.19
CA ARG WB 123 57.51 39.86 79.70
C ARG WB 123 56.82 39.15 80.86
N ARG WB 124 55.50 39.28 80.92
CA ARG WB 124 54.74 38.72 82.03
C ARG WB 124 53.77 37.63 81.59
N CYS WB 125 52.82 37.95 80.72
CA CYS WB 125 51.79 37.01 80.31
C CYS WB 125 51.02 37.65 79.15
N GLU WB 126 50.09 36.88 78.61
CA GLU WB 126 49.22 37.35 77.54
C GLU WB 126 47.79 36.96 77.86
N SER WB 127 46.86 37.81 77.45
CA SER WB 127 45.45 37.61 77.77
C SER WB 127 44.82 36.61 76.80
N LYS WB 128 43.85 35.85 77.30
CA LYS WB 128 43.12 34.90 76.48
C LYS WB 128 42.13 35.64 75.60
N LYS WB 129 41.89 35.09 74.42
CA LYS WB 129 40.91 35.62 73.48
C LYS WB 129 39.74 34.66 73.38
N PHE WB 130 38.57 35.19 73.04
CA PHE WB 130 37.35 34.40 73.02
C PHE WB 130 37.14 33.68 71.70
N GLY WB 131 38.19 33.44 70.94
CA GLY WB 131 38.06 32.70 69.70
C GLY WB 131 38.77 31.36 69.74
N GLY WB 132 39.57 31.13 70.77
CA GLY WB 132 40.34 29.91 70.88
C GLY WB 132 40.69 29.56 72.30
N PRO WB 133 41.39 28.44 72.49
CA PRO WB 133 41.77 28.04 73.85
C PRO WB 133 42.75 28.99 74.50
N GLY WB 134 43.75 29.44 73.77
CA GLY WB 134 44.79 30.27 74.35
C GLY WB 134 44.76 31.70 73.86
N ALA WB 135 45.87 32.41 74.08
CA ALA WB 135 45.95 33.79 73.63
C ALA WB 135 45.90 33.88 72.10
N ARG WB 136 46.58 32.97 71.42
CA ARG WB 136 46.66 33.04 69.97
C ARG WB 136 46.08 31.83 69.25
N ALA WB 137 46.17 30.65 69.83
CA ALA WB 137 45.65 29.46 69.17
C ALA WB 137 44.12 29.51 69.09
N ARG WB 138 43.58 29.06 67.98
CA ARG WB 138 42.14 29.08 67.71
C ARG WB 138 41.59 27.67 67.76
N TYR WB 139 40.26 27.58 67.77
CA TYR WB 139 39.58 26.31 67.84
C TYR WB 139 39.58 25.61 66.50
N GLN WB 140 39.46 24.28 66.53
CA GLN WB 140 39.33 23.51 65.30
C GLN WB 140 38.07 23.92 64.56
N LYS WB 141 38.23 24.36 63.32
CA LYS WB 141 37.11 24.70 62.47
C LYS WB 141 37.07 23.71 61.31
N SER WB 142 35.86 23.35 60.91
CA SER WB 142 35.66 22.33 59.89
C SER WB 142 34.67 22.81 58.84
N TYR WB 143 34.93 22.45 57.58
CA TYR WB 143 34.03 22.76 56.48
C TYR WB 143 33.13 21.58 56.13
N ARG WB 144 33.37 20.40 56.69
CA ARG WB 144 32.52 19.24 56.46
C ARG WB 144 31.92 18.74 57.77
N MET XB 1 68.65 -12.89 100.11
CA MET XB 1 69.52 -11.78 99.74
C MET XB 1 69.67 -11.69 98.23
N SER XB 2 68.51 -11.59 97.55
CA SER XB 2 68.45 -11.44 96.09
C SER XB 2 69.18 -12.60 95.39
N LEU XB 3 68.88 -13.82 95.83
CA LEU XB 3 69.56 -15.00 95.32
C LEU XB 3 68.78 -15.60 94.16
N VAL XB 4 69.15 -16.81 93.76
CA VAL XB 4 68.60 -17.49 92.59
C VAL XB 4 67.16 -17.90 92.85
N ILE XB 5 66.49 -18.36 91.79
CA ILE XB 5 65.16 -18.97 91.96
C ILE XB 5 65.26 -20.10 92.97
N PRO XB 6 64.48 -20.09 94.04
CA PRO XB 6 64.56 -21.15 95.04
C PRO XB 6 64.06 -22.48 94.47
N GLU XB 7 64.41 -23.56 95.18
CA GLU XB 7 63.97 -24.88 94.76
C GLU XB 7 62.48 -25.09 95.03
N LYS XB 8 61.91 -24.29 95.93
CA LYS XB 8 60.49 -24.36 96.24
C LYS XB 8 59.71 -23.38 95.35
N PHE XB 9 59.79 -23.63 94.05
CA PHE XB 9 59.30 -22.70 93.05
C PHE XB 9 58.32 -23.39 92.12
N GLN XB 10 57.15 -22.78 91.92
CA GLN XB 10 56.20 -23.19 90.90
C GLN XB 10 56.17 -22.12 89.82
N HIS XB 11 56.63 -22.47 88.62
CA HIS XB 11 56.54 -21.55 87.49
C HIS XB 11 55.09 -21.19 87.21
N ILE XB 12 54.22 -22.19 87.18
CA ILE XB 12 52.78 -22.00 87.06
C ILE XB 12 52.10 -22.93 88.05
N LEU XB 13 51.05 -22.43 88.70
CA LEU XB 13 50.40 -23.20 89.75
C LEU XB 13 48.92 -22.89 89.72
N ARG XB 14 48.12 -23.80 90.26
CA ARG XB 14 46.67 -23.68 90.22
C ARG XB 14 46.13 -23.31 91.60
N VAL XB 15 45.25 -22.32 91.63
CA VAL XB 15 44.58 -21.87 92.84
C VAL XB 15 43.08 -21.86 92.57
N LEU XB 16 42.32 -22.58 93.40
CA LEU XB 16 40.89 -22.78 93.19
C LEU XB 16 40.57 -23.28 91.79
N ASN XB 17 39.97 -22.42 90.97
CA ASN XB 17 39.50 -22.80 89.64
C ASN XB 17 40.23 -22.08 88.52
N THR XB 18 41.37 -21.45 88.80
CA THR XB 18 42.15 -20.83 87.74
C THR XB 18 43.61 -20.73 88.18
N ASN XB 19 44.50 -20.88 87.21
CA ASN XB 19 45.92 -20.74 87.47
C ASN XB 19 46.27 -19.28 87.77
N ILE XB 20 47.39 -19.09 88.46
CA ILE XB 20 47.88 -17.76 88.80
C ILE XB 20 49.37 -17.68 88.47
N ASP XB 21 49.85 -16.46 88.31
CA ASP XB 21 51.22 -16.24 87.88
C ASP XB 21 52.13 -16.12 89.10
N GLY XB 22 53.14 -16.98 89.16
CA GLY XB 22 54.11 -16.90 90.24
C GLY XB 22 55.15 -15.83 90.00
N ARG XB 23 55.37 -15.49 88.73
CA ARG XB 23 56.40 -14.52 88.39
C ARG XB 23 56.03 -13.11 88.87
N ARG XB 24 54.75 -12.79 88.92
CA ARG XB 24 54.32 -11.45 89.26
C ARG XB 24 54.44 -11.22 90.77
N LYS XB 25 54.23 -9.96 91.17
CA LYS XB 25 54.23 -9.61 92.57
C LYS XB 25 53.09 -10.33 93.29
N ILE XB 26 53.28 -10.57 94.59
CA ILE XB 26 52.32 -11.38 95.34
C ILE XB 26 50.93 -10.76 95.33
N ALA XB 27 50.83 -9.45 95.54
CA ALA XB 27 49.52 -8.81 95.56
C ALA XB 27 48.93 -8.71 94.16
N PHE XB 28 49.75 -8.32 93.18
CA PHE XB 28 49.27 -8.10 91.81
C PHE XB 28 49.01 -9.39 91.06
N ALA XB 29 49.47 -10.53 91.57
CA ALA XB 29 49.28 -11.81 90.91
C ALA XB 29 47.94 -12.46 91.28
N ILE XB 30 47.59 -12.43 92.56
CA ILE XB 30 46.36 -13.06 93.02
C ILE XB 30 45.12 -12.31 92.57
N THR XB 31 45.25 -11.08 92.08
CA THR XB 31 44.09 -10.34 91.59
C THR XB 31 43.50 -10.95 90.33
N ALA XB 32 44.20 -11.89 89.69
CA ALA XB 32 43.66 -12.58 88.54
C ALA XB 32 42.45 -13.43 88.88
N ILE XB 33 42.25 -13.75 90.15
CA ILE XB 33 41.01 -14.39 90.56
C ILE XB 33 39.86 -13.40 90.34
N LYS XB 34 38.76 -13.90 89.80
CA LYS XB 34 37.63 -13.07 89.38
C LYS XB 34 36.87 -12.60 90.60
N GLY XB 35 37.24 -11.44 91.12
CA GLY XB 35 36.54 -10.88 92.26
C GLY XB 35 37.42 -10.13 93.23
N VAL XB 36 38.73 -10.31 93.13
CA VAL XB 36 39.68 -9.66 94.01
C VAL XB 36 40.40 -8.55 93.25
N GLY XB 37 40.26 -7.33 93.73
CA GLY XB 37 41.01 -6.22 93.20
C GLY XB 37 42.31 -6.02 93.96
N ARG XB 38 43.10 -5.06 93.47
CA ARG XB 38 44.41 -4.81 94.08
C ARG XB 38 44.27 -4.31 95.52
N ARG XB 39 43.23 -3.53 95.81
CA ARG XB 39 42.98 -3.10 97.19
C ARG XB 39 42.69 -4.29 98.09
N TYR XB 40 41.85 -5.21 97.63
CA TYR XB 40 41.55 -6.41 98.41
C TYR XB 40 42.79 -7.25 98.60
N ALA XB 41 43.60 -7.40 97.55
CA ALA XB 41 44.85 -8.15 97.69
C ALA XB 41 45.78 -7.51 98.72
N HIS XB 42 45.92 -6.18 98.65
CA HIS XB 42 46.81 -5.48 99.57
C HIS XB 42 46.31 -5.51 101.00
N VAL XB 43 45.01 -5.67 101.21
CA VAL XB 43 44.53 -5.73 102.59
C VAL XB 43 44.58 -7.16 103.11
N VAL XB 44 44.32 -8.15 102.25
CA VAL XB 44 44.30 -9.53 102.74
C VAL XB 44 45.70 -10.10 102.89
N LEU XB 45 46.66 -9.67 102.08
CA LEU XB 45 48.03 -10.08 102.34
C LEU XB 45 48.55 -9.50 103.65
N ARG XB 46 48.17 -8.25 103.95
CA ARG XB 46 48.54 -7.66 105.23
C ARG XB 46 47.87 -8.39 106.38
N LYS XB 47 46.60 -8.80 106.21
CA LYS XB 47 45.96 -9.61 107.24
C LYS XB 47 46.63 -10.96 107.41
N ALA XB 48 47.07 -11.57 106.29
CA ALA XB 48 47.89 -12.77 106.36
C ALA XB 48 49.26 -12.51 106.96
N ASP XB 49 49.65 -11.23 107.07
CA ASP XB 49 50.82 -10.81 107.86
C ASP XB 49 52.11 -11.37 107.29
N ILE XB 50 52.18 -11.47 105.96
CA ILE XB 50 53.38 -12.00 105.33
C ILE XB 50 54.02 -10.92 104.45
N ASP XB 51 55.19 -11.22 103.90
CA ASP XB 51 55.96 -10.26 103.14
C ASP XB 51 55.24 -9.84 101.87
N LEU XB 52 55.62 -8.67 101.37
CA LEU XB 52 55.04 -8.12 100.16
C LEU XB 52 56.01 -8.06 98.99
N THR XB 53 57.31 -7.80 99.24
CA THR XB 53 58.27 -7.61 98.17
C THR XB 53 58.62 -8.89 97.43
N LYS XB 54 58.09 -10.04 97.84
CA LYS XB 54 58.39 -11.30 97.19
C LYS XB 54 57.30 -11.66 96.20
N ARG XB 55 57.67 -12.46 95.20
CA ARG XB 55 56.75 -12.86 94.16
C ARG XB 55 55.91 -14.04 94.61
N ALA XB 56 54.87 -14.35 93.82
CA ALA XB 56 53.98 -15.44 94.16
C ALA XB 56 54.65 -16.80 94.06
N GLY XB 57 55.72 -16.93 93.28
CA GLY XB 57 56.44 -18.19 93.23
C GLY XB 57 57.12 -18.52 94.54
N GLU XB 58 57.60 -17.50 95.25
CA GLU XB 58 58.21 -17.71 96.56
C GLU XB 58 57.21 -18.20 97.59
N LEU XB 59 55.92 -17.95 97.36
CA LEU XB 59 54.88 -18.20 98.37
C LEU XB 59 54.75 -19.69 98.64
N THR XB 60 55.17 -20.11 99.82
CA THR XB 60 55.11 -21.52 100.19
C THR XB 60 53.65 -21.95 100.39
N GLU XB 61 53.46 -23.27 100.46
CA GLU XB 61 52.12 -23.84 100.50
C GLU XB 61 51.35 -23.37 101.72
N ASP XB 62 52.02 -23.27 102.87
CA ASP XB 62 51.37 -22.78 104.08
C ASP XB 62 50.85 -21.36 103.90
N GLU XB 63 51.63 -20.50 103.27
CA GLU XB 63 51.18 -19.14 102.99
C GLU XB 63 49.99 -19.15 102.03
N VAL XB 64 50.01 -20.03 101.03
CA VAL XB 64 48.90 -20.11 100.08
C VAL XB 64 47.63 -20.54 100.78
N GLU XB 65 47.71 -21.55 101.64
CA GLU XB 65 46.51 -21.99 102.34
C GLU XB 65 46.07 -21.00 103.40
N ARG XB 66 46.97 -20.13 103.86
CA ARG XB 66 46.55 -19.01 104.69
C ARG XB 66 45.76 -17.99 103.88
N VAL XB 67 46.28 -17.61 102.71
CA VAL XB 67 45.63 -16.53 101.96
C VAL XB 67 44.31 -16.99 101.36
N ILE XB 68 44.18 -18.26 100.97
CA ILE XB 68 42.91 -18.69 100.38
C ILE XB 68 41.81 -18.66 101.44
N THR XB 69 42.12 -19.09 102.67
CA THR XB 69 41.12 -19.03 103.73
C THR XB 69 40.80 -17.60 104.10
N ILE XB 70 41.81 -16.72 104.11
CA ILE XB 70 41.55 -15.32 104.41
C ILE XB 70 40.62 -14.71 103.37
N MET XB 71 40.88 -14.99 102.09
CA MET XB 71 40.08 -14.39 101.02
C MET XB 71 38.73 -15.05 100.85
N GLN XB 72 38.51 -16.25 101.42
CA GLN XB 72 37.19 -16.85 101.40
C GLN XB 72 36.39 -16.61 102.67
N ASN XB 73 37.02 -16.12 103.74
CA ASN XB 73 36.32 -15.79 104.98
C ASN XB 73 36.64 -14.36 105.36
N PRO XB 74 36.09 -13.39 104.61
CA PRO XB 74 36.43 -11.98 104.88
C PRO XB 74 35.93 -11.50 106.24
N ARG XB 75 34.62 -11.60 106.47
CA ARG XB 75 34.03 -11.05 107.68
C ARG XB 75 34.46 -11.81 108.92
N GLN XB 76 34.94 -13.05 108.76
CA GLN XB 76 35.44 -13.81 109.89
C GLN XB 76 36.73 -13.21 110.44
N TYR XB 77 37.49 -12.50 109.63
CA TYR XB 77 38.80 -11.98 110.02
C TYR XB 77 38.82 -10.46 109.98
N LYS XB 78 37.71 -9.84 110.39
CA LYS XB 78 37.62 -8.39 110.54
C LYS XB 78 37.90 -7.64 109.24
N ILE XB 79 37.44 -8.20 108.12
CA ILE XB 79 37.36 -7.43 106.89
C ILE XB 79 36.13 -6.52 106.97
N PRO XB 80 36.27 -5.23 106.64
CA PRO XB 80 35.11 -4.34 106.69
C PRO XB 80 34.02 -4.78 105.72
N ASP XB 81 32.77 -4.61 106.15
CA ASP XB 81 31.64 -4.96 105.30
C ASP XB 81 31.61 -4.10 104.05
N TRP XB 82 31.97 -2.83 104.17
CA TRP XB 82 32.00 -1.91 103.05
C TRP XB 82 33.13 -2.19 102.07
N PHE XB 83 34.05 -3.07 102.42
CA PHE XB 83 35.10 -3.48 101.50
C PHE XB 83 34.67 -4.66 100.63
N LEU XB 84 33.43 -5.11 100.75
CA LEU XB 84 32.99 -6.34 100.13
C LEU XB 84 32.31 -6.10 98.78
N ASN XB 85 32.12 -7.19 98.04
CA ASN XB 85 31.39 -7.14 96.78
C ASN XB 85 29.88 -7.20 97.01
N ARG XB 86 29.41 -8.32 97.56
CA ARG XB 86 27.98 -8.56 97.75
C ARG XB 86 27.54 -8.09 99.13
N GLN XB 87 27.65 -6.79 99.33
CA GLN XB 87 27.20 -6.21 100.58
C GLN XB 87 25.68 -6.14 100.61
N LYS XB 88 25.08 -6.60 101.71
CA LYS XB 88 23.63 -6.56 101.91
C LYS XB 88 22.92 -7.24 100.74
N ASP XB 89 23.16 -8.54 100.63
CA ASP XB 89 22.78 -9.30 99.45
C ASP XB 89 21.26 -9.35 99.28
N VAL XB 90 20.83 -9.49 98.03
CA VAL XB 90 19.39 -9.42 97.71
C VAL XB 90 18.71 -10.77 97.85
N LYS XB 91 19.43 -11.81 98.28
CA LYS XB 91 18.82 -13.11 98.52
C LYS XB 91 18.80 -13.46 100.01
N ASP XB 92 19.97 -13.41 100.65
CA ASP XB 92 20.07 -13.75 102.07
C ASP XB 92 20.32 -12.55 102.97
N GLY XB 93 20.53 -11.36 102.41
CA GLY XB 93 20.83 -10.20 103.22
C GLY XB 93 22.12 -10.31 103.98
N LYS XB 94 23.12 -10.99 103.41
CA LYS XB 94 24.37 -11.27 104.09
C LYS XB 94 25.51 -10.64 103.31
N TYR XB 95 26.37 -9.92 104.03
CA TYR XB 95 27.58 -9.40 103.43
C TYR XB 95 28.50 -10.55 103.05
N SER XB 96 29.09 -10.47 101.87
CA SER XB 96 29.91 -11.56 101.37
C SER XB 96 30.83 -11.04 100.27
N GLN XB 97 31.69 -11.93 99.79
CA GLN XB 97 32.56 -11.68 98.66
C GLN XB 97 32.45 -12.84 97.69
N VAL XB 98 32.46 -12.54 96.40
CA VAL XB 98 32.28 -13.54 95.35
C VAL XB 98 33.58 -13.66 94.56
N LEU XB 99 34.04 -14.89 94.37
CA LEU XB 99 35.31 -15.15 93.70
C LEU XB 99 35.11 -16.20 92.61
N ALA XB 100 36.02 -16.16 91.64
CA ALA XB 100 36.16 -17.16 90.57
C ALA XB 100 34.83 -17.25 89.81
N ASN XB 101 34.29 -18.44 89.57
CA ASN XB 101 33.02 -18.59 88.87
C ASN XB 101 31.82 -18.26 89.75
N GLY XB 102 32.02 -18.15 91.07
CA GLY XB 102 30.93 -17.72 91.93
C GLY XB 102 30.47 -16.32 91.61
N LEU XB 103 31.41 -15.41 91.34
CA LEU XB 103 31.04 -14.06 90.92
C LEU XB 103 30.27 -14.11 89.61
N ASP XB 104 30.70 -14.94 88.67
CA ASP XB 104 30.01 -15.05 87.40
C ASP XB 104 28.58 -15.55 87.60
N ASN XB 105 28.42 -16.57 88.46
CA ASN XB 105 27.09 -17.11 88.72
C ASN XB 105 26.19 -16.08 89.39
N LYS XB 106 26.73 -15.33 90.36
CA LYS XB 106 25.91 -14.33 91.03
C LYS XB 106 25.53 -13.19 90.10
N LEU XB 107 26.46 -12.76 89.24
CA LEU XB 107 26.14 -11.69 88.30
C LEU XB 107 25.10 -12.14 87.28
N ARG XB 108 25.25 -13.35 86.75
CA ARG XB 108 24.22 -13.89 85.86
C ARG XB 108 22.90 -14.06 86.60
N GLU XB 109 22.96 -14.39 87.89
CA GLU XB 109 21.75 -14.52 88.69
C GLU XB 109 21.02 -13.20 88.80
N ASP XB 110 21.76 -12.12 89.04
CA ASP XB 110 21.15 -10.79 89.08
C ASP XB 110 20.55 -10.43 87.72
N LEU XB 111 21.27 -10.71 86.65
CA LEU XB 111 20.75 -10.39 85.32
C LEU XB 111 19.46 -11.17 85.03
N GLU XB 112 19.45 -12.47 85.33
CA GLU XB 112 18.29 -13.28 84.98
C GLU XB 112 17.13 -13.01 85.91
N ARG XB 113 17.38 -12.60 87.16
CA ARG XB 113 16.26 -12.18 88.00
C ARG XB 113 15.71 -10.84 87.54
N LEU XB 114 16.55 -9.96 86.99
CA LEU XB 114 16.02 -8.74 86.38
C LEU XB 114 15.15 -9.07 85.17
N LYS XB 115 15.59 -10.03 84.36
CA LYS XB 115 14.77 -10.49 83.24
C LYS XB 115 13.44 -11.07 83.74
N LYS XB 116 13.49 -11.86 84.81
CA LYS XB 116 12.29 -12.46 85.34
C LYS XB 116 11.31 -11.41 85.85
N ILE XB 117 11.81 -10.41 86.58
CA ILE XB 117 10.94 -9.37 87.11
C ILE XB 117 10.50 -8.37 86.06
N ARG XB 118 11.11 -8.40 84.87
CA ARG XB 118 10.70 -7.54 83.75
C ARG XB 118 10.86 -6.07 84.08
N ALA XB 119 12.01 -5.74 84.66
CA ALA XB 119 12.34 -4.34 84.92
C ALA XB 119 13.02 -3.74 83.70
N HIS XB 120 13.10 -2.40 83.70
CA HIS XB 120 13.71 -1.68 82.59
C HIS XB 120 15.16 -2.10 82.42
N ARG XB 121 15.90 -2.24 83.53
CA ARG XB 121 17.28 -2.66 83.44
C ARG XB 121 17.39 -4.08 82.88
N GLY XB 122 16.48 -4.97 83.29
CA GLY XB 122 16.50 -6.32 82.75
C GLY XB 122 16.25 -6.34 81.25
N LEU XB 123 15.28 -5.55 80.78
CA LEU XB 123 15.01 -5.49 79.35
C LEU XB 123 16.21 -4.93 78.59
N ARG XB 124 16.87 -3.91 79.15
CA ARG XB 124 18.05 -3.35 78.50
C ARG XB 124 19.17 -4.37 78.42
N HIS XB 125 19.39 -5.13 79.51
CA HIS XB 125 20.42 -6.17 79.50
C HIS XB 125 20.09 -7.24 78.48
N PHE XB 126 18.82 -7.67 78.43
CA PHE XB 126 18.43 -8.71 77.48
C PHE XB 126 18.49 -8.21 76.04
N TRP XB 127 18.35 -6.91 75.82
CA TRP XB 127 18.47 -6.33 74.49
C TRP XB 127 19.89 -5.92 74.15
N GLY XB 128 20.83 -6.06 75.10
CA GLY XB 128 22.20 -5.72 74.79
C GLY XB 128 22.46 -4.24 74.69
N LEU XB 129 21.64 -3.43 75.33
CA LEU XB 129 21.71 -1.98 75.29
C LEU XB 129 22.21 -1.45 76.64
N ARG XB 130 22.54 -0.16 76.65
CA ARG XB 130 23.08 0.45 77.85
C ARG XB 130 22.01 0.56 78.93
N VAL XB 131 22.45 0.43 80.18
CA VAL XB 131 21.53 0.40 81.32
C VAL XB 131 21.70 1.59 82.26
N ARG XB 132 22.84 2.28 82.25
CA ARG XB 132 23.07 3.41 83.14
C ARG XB 132 22.54 4.72 82.55
N GLY XB 133 21.71 4.66 81.52
CA GLY XB 133 21.08 5.83 80.96
C GLY XB 133 21.95 6.65 80.04
N GLN XB 134 23.15 6.19 79.71
CA GLN XB 134 24.01 6.93 78.80
C GLN XB 134 23.46 6.87 77.39
N HIS XB 135 23.83 7.86 76.59
CA HIS XB 135 23.32 7.98 75.23
C HIS XB 135 23.94 6.90 74.34
N THR XB 136 23.21 6.58 73.27
CA THR XB 136 23.65 5.58 72.30
C THR XB 136 23.45 6.04 70.86
N LYS XB 137 23.33 7.35 70.64
CA LYS XB 137 23.11 7.84 69.29
C LYS XB 137 24.35 7.67 68.43
N THR XB 138 25.52 7.99 68.98
CA THR XB 138 26.75 8.03 68.19
C THR XB 138 27.85 7.13 68.75
N THR XB 139 27.72 6.64 69.97
CA THR XB 139 28.75 5.81 70.58
C THR XB 139 28.25 4.38 70.73
N GLY XB 140 29.20 3.48 70.94
CA GLY XB 140 28.87 2.09 71.16
C GLY XB 140 28.43 1.32 69.94
N ARG XB 141 28.58 1.89 68.73
CA ARG XB 141 28.25 1.17 67.52
C ARG XB 141 29.19 -0.01 67.27
N ARG XB 142 30.37 0.01 67.89
CA ARG XB 142 31.30 -1.10 67.78
C ARG XB 142 30.71 -2.38 68.36
N GLY XB 143 30.03 -2.28 69.51
CA GLY XB 143 29.42 -3.45 70.12
C GLY XB 143 28.36 -4.11 69.27
N ARG XB 144 27.64 -3.33 68.46
CA ARG XB 144 26.64 -3.89 67.57
C ARG XB 144 27.24 -4.41 66.28
N THR XB 145 28.21 -3.71 65.71
CA THR XB 145 28.93 -4.23 64.55
C THR XB 145 30.43 -3.96 64.69
N PRO YB 1 76.33 24.75 117.96
CA PRO YB 1 75.44 25.32 116.95
C PRO YB 1 73.98 25.03 117.25
N GLY YB 2 73.12 26.05 117.14
CA GLY YB 2 71.71 25.88 117.35
C GLY YB 2 70.94 25.56 116.07
N VAL YB 3 70.63 24.29 115.88
CA VAL YB 3 70.02 23.81 114.65
C VAL YB 3 68.50 23.92 114.77
N THR YB 4 67.90 24.65 113.85
CA THR YB 4 66.46 24.70 113.69
C THR YB 4 66.04 23.66 112.65
N VAL YB 5 64.79 23.19 112.72
CA VAL YB 5 64.32 22.23 111.75
C VAL YB 5 64.31 22.80 110.35
N LYS YB 6 64.24 24.13 110.23
CA LYS YB 6 64.32 24.79 108.93
C LYS YB 6 65.71 24.75 108.33
N ASP YB 7 66.71 24.34 109.11
CA ASP YB 7 68.10 24.33 108.67
C ASP YB 7 68.56 22.96 108.18
N VAL YB 8 67.61 22.06 107.90
CA VAL YB 8 67.92 20.71 107.44
C VAL YB 8 67.05 20.41 106.23
N ASN YB 9 67.40 19.33 105.53
CA ASN YB 9 66.55 18.81 104.47
C ASN YB 9 65.30 18.19 105.10
N GLN YB 10 64.14 18.60 104.60
CA GLN YB 10 62.89 18.13 105.20
C GLN YB 10 62.65 16.65 104.97
N GLN YB 11 63.12 16.12 103.84
CA GLN YB 11 62.96 14.70 103.55
C GLN YB 11 63.56 13.85 104.65
N GLU YB 12 64.80 14.16 105.04
CA GLU YB 12 65.47 13.41 106.09
C GLU YB 12 64.88 13.68 107.46
N PHE YB 13 64.51 14.94 107.72
CA PHE YB 13 63.95 15.30 109.03
C PHE YB 13 62.68 14.52 109.31
N VAL YB 14 61.79 14.41 108.32
CA VAL YB 14 60.51 13.74 108.55
C VAL YB 14 60.72 12.25 108.83
N ARG YB 15 61.58 11.59 108.06
CA ARG YB 15 61.77 10.16 108.27
C ARG YB 15 62.49 9.86 109.59
N ALA YB 16 63.46 10.71 109.98
CA ALA YB 16 64.06 10.54 111.29
C ALA YB 16 63.03 10.73 112.41
N LEU YB 17 62.14 11.71 112.27
CA LEU YB 17 61.13 11.92 113.30
C LEU YB 17 60.16 10.75 113.35
N ALA YB 18 59.83 10.18 112.19
CA ALA YB 18 58.95 9.01 112.16
C ALA YB 18 59.60 7.82 112.86
N ALA YB 19 60.91 7.64 112.66
CA ALA YB 19 61.62 6.59 113.40
C ALA YB 19 61.58 6.87 114.90
N PHE YB 20 61.72 8.14 115.28
CA PHE YB 20 61.64 8.49 116.69
C PHE YB 20 60.28 8.15 117.27
N LEU YB 21 59.22 8.44 116.53
CA LEU YB 21 57.87 8.13 116.99
C LEU YB 21 57.56 6.64 116.96
N LYS YB 22 58.28 5.86 116.15
CA LYS YB 22 58.13 4.42 116.25
C LYS YB 22 58.84 3.88 117.49
N LYS YB 23 60.03 4.38 117.78
CA LYS YB 23 60.76 3.93 118.96
C LYS YB 23 60.02 4.33 120.24
N SER YB 24 59.49 5.54 120.28
CA SER YB 24 58.65 5.97 121.39
C SER YB 24 57.23 5.52 121.09
N GLY YB 25 56.83 4.39 121.68
CA GLY YB 25 55.49 3.86 121.50
C GLY YB 25 54.39 4.65 122.17
N LYS YB 26 54.71 5.85 122.67
CA LYS YB 26 53.72 6.72 123.28
C LYS YB 26 52.58 7.04 122.32
N LEU YB 27 52.89 7.14 121.03
CA LEU YB 27 51.89 7.50 120.03
C LEU YB 27 50.84 6.40 119.92
N LYS YB 28 49.57 6.75 120.08
CA LYS YB 28 48.48 5.81 119.92
C LYS YB 28 47.93 5.88 118.50
N VAL YB 29 47.67 4.73 117.92
CA VAL YB 29 47.22 4.64 116.53
C VAL YB 29 45.90 3.87 116.46
N PRO YB 30 45.04 4.15 115.50
CA PRO YB 30 43.83 3.35 115.32
C PRO YB 30 44.14 2.02 114.64
N GLU YB 31 43.15 1.14 114.68
CA GLU YB 31 43.30 -0.23 114.19
C GLU YB 31 43.08 -0.37 112.69
N TRP YB 32 42.54 0.64 112.03
CA TRP YB 32 42.26 0.59 110.60
C TRP YB 32 43.44 1.04 109.77
N VAL YB 33 44.65 1.07 110.34
CA VAL YB 33 45.80 1.60 109.62
C VAL YB 33 46.14 0.72 108.42
N ASP YB 34 45.97 -0.59 108.55
CA ASP YB 34 46.22 -1.49 107.43
C ASP YB 34 45.05 -1.58 106.46
N THR YB 35 44.02 -0.76 106.64
CA THR YB 35 42.77 -0.88 105.90
C THR YB 35 42.46 0.32 105.03
N VAL YB 36 42.52 1.53 105.57
CA VAL YB 36 41.93 2.68 104.91
C VAL YB 36 42.91 3.27 103.89
N LYS YB 37 42.35 4.09 103.00
CA LYS YB 37 43.13 4.95 102.13
C LYS YB 37 43.35 6.29 102.80
N LEU YB 38 44.43 6.96 102.40
CA LEU YB 38 44.78 8.24 102.99
C LEU YB 38 44.08 9.42 102.34
N ALA YB 39 43.49 9.22 101.17
CA ALA YB 39 42.84 10.32 100.46
C ALA YB 39 41.75 9.75 99.56
N LYS YB 40 40.81 10.63 99.20
CA LYS YB 40 39.74 10.21 98.31
C LYS YB 40 40.25 9.86 96.93
N HIS YB 41 41.26 10.59 96.45
CA HIS YB 41 41.77 10.40 95.10
C HIS YB 41 42.73 9.23 94.96
N LYS YB 42 43.22 8.67 96.07
CA LYS YB 42 44.22 7.62 96.00
C LYS YB 42 43.62 6.32 95.48
N GLU YB 43 44.40 5.62 94.65
CA GLU YB 43 44.01 4.34 94.08
C GLU YB 43 44.35 3.15 94.97
N LEU YB 44 45.09 3.36 96.06
CA LEU YB 44 45.61 2.25 96.84
C LEU YB 44 46.11 2.79 98.17
N ALA YB 45 46.08 1.93 99.19
CA ALA YB 45 46.66 2.26 100.48
C ALA YB 45 48.17 2.42 100.35
N PRO YB 46 48.78 3.25 101.20
CA PRO YB 46 50.23 3.48 101.08
C PRO YB 46 51.04 2.22 101.33
N TYR YB 47 52.23 2.18 100.72
CA TYR YB 47 53.06 0.99 100.74
C TYR YB 47 53.55 0.67 102.15
N ASP YB 48 54.15 1.65 102.82
CA ASP YB 48 54.67 1.41 104.16
C ASP YB 48 53.52 1.29 105.15
N GLU YB 49 53.60 0.28 106.02
CA GLU YB 49 52.60 0.13 107.06
C GLU YB 49 52.85 1.03 108.26
N ASN YB 50 54.04 1.65 108.35
CA ASN YB 50 54.30 2.69 109.33
C ASN YB 50 53.98 4.08 108.80
N TRP YB 51 53.08 4.15 107.82
CA TRP YB 51 52.67 5.43 107.27
C TRP YB 51 52.02 6.32 108.31
N PHE YB 52 51.49 5.74 109.40
CA PHE YB 52 50.90 6.59 110.43
C PHE YB 52 51.97 7.43 111.13
N TYR YB 53 53.10 6.81 111.46
CA TYR YB 53 54.21 7.59 111.99
C TYR YB 53 54.77 8.54 110.94
N THR YB 54 54.76 8.12 109.66
CA THR YB 54 55.15 9.04 108.59
C THR YB 54 54.28 10.30 108.60
N ARG YB 55 52.96 10.12 108.61
CA ARG YB 55 52.03 11.24 108.60
C ARG YB 55 52.11 12.06 109.89
N ALA YB 56 52.35 11.42 111.02
CA ALA YB 56 52.53 12.15 112.27
C ALA YB 56 53.76 13.04 112.21
N ALA YB 57 54.86 12.51 111.69
CA ALA YB 57 56.06 13.32 111.52
C ALA YB 57 55.82 14.47 110.55
N SER YB 58 55.00 14.24 109.52
CA SER YB 58 54.65 15.32 108.59
C SER YB 58 53.88 16.42 109.30
N THR YB 59 52.81 16.06 110.00
CA THR YB 59 51.94 17.07 110.60
C THR YB 59 52.61 17.80 111.75
N ALA YB 60 53.55 17.16 112.46
CA ALA YB 60 54.26 17.85 113.53
C ALA YB 60 55.00 19.07 112.99
N ARG YB 61 55.80 18.88 111.95
CA ARG YB 61 56.53 20.01 111.38
C ARG YB 61 55.62 20.96 110.63
N HIS YB 62 54.49 20.48 110.09
CA HIS YB 62 53.55 21.42 109.48
C HIS YB 62 52.99 22.39 110.52
N LEU YB 63 52.54 21.88 111.67
CA LEU YB 63 52.07 22.77 112.73
C LEU YB 63 53.21 23.58 113.33
N TYR YB 64 54.44 23.07 113.30
CA TYR YB 64 55.56 23.89 113.72
C TYR YB 64 55.70 25.11 112.81
N LEU YB 65 55.71 24.88 111.49
CA LEU YB 65 55.92 25.98 110.55
C LEU YB 65 54.79 26.99 110.61
N ARG YB 66 53.54 26.53 110.62
CA ARG YB 66 52.44 27.46 110.86
C ARG YB 66 51.35 26.78 111.67
N GLY YB 67 50.91 27.45 112.73
CA GLY YB 67 49.93 26.91 113.64
C GLY YB 67 48.50 27.31 113.27
N GLY YB 68 47.58 26.98 114.16
CA GLY YB 68 46.18 27.25 113.92
C GLY YB 68 45.54 26.37 112.87
N ALA YB 69 46.27 25.39 112.35
CA ALA YB 69 45.76 24.52 111.31
C ALA YB 69 44.75 23.55 111.91
N GLY YB 70 43.57 23.47 111.28
CA GLY YB 70 42.56 22.53 111.66
C GLY YB 70 42.52 21.33 110.75
N VAL YB 71 41.43 20.56 110.87
CA VAL YB 71 41.25 19.38 110.03
C VAL YB 71 41.16 19.79 108.57
N GLY YB 72 40.42 20.86 108.28
CA GLY YB 72 40.33 21.34 106.91
C GLY YB 72 41.68 21.78 106.37
N SER YB 73 42.47 22.45 107.20
CA SER YB 73 43.81 22.85 106.76
C SER YB 73 44.67 21.63 106.47
N MET YB 74 44.59 20.61 107.32
CA MET YB 74 45.38 19.40 107.09
C MET YB 74 44.96 18.69 105.81
N THR YB 75 43.66 18.62 105.54
CA THR YB 75 43.20 17.98 104.32
C THR YB 75 43.59 18.79 103.09
N LYS YB 76 43.58 20.11 103.18
CA LYS YB 76 44.05 20.92 102.07
C LYS YB 76 45.53 20.70 101.82
N ILE YB 77 46.33 20.59 102.89
CA ILE YB 77 47.75 20.36 102.73
C ILE YB 77 48.00 18.99 102.10
N TYR YB 78 47.30 17.97 102.58
CA TYR YB 78 47.52 16.60 102.12
C TYR YB 78 46.77 16.28 100.84
N GLY YB 79 45.97 17.20 100.31
CA GLY YB 79 45.23 16.92 99.10
C GLY YB 79 46.14 16.77 97.90
N GLY YB 80 45.65 16.05 96.91
CA GLY YB 80 46.45 15.78 95.73
C GLY YB 80 45.65 15.60 94.46
N ARG YB 81 46.32 15.17 93.41
CA ARG YB 81 45.68 15.00 92.11
C ARG YB 81 44.70 13.84 92.13
N GLN YB 82 43.55 14.04 91.49
CA GLN YB 82 42.60 12.97 91.23
C GLN YB 82 42.52 12.74 89.73
N ARG YB 83 42.80 11.52 89.29
CA ARG YB 83 42.75 11.23 87.86
C ARG YB 83 41.34 11.37 87.29
N ASN YB 84 40.33 11.06 88.11
CA ASN YB 84 38.92 11.20 87.76
C ASN YB 84 38.52 10.39 86.53
N GLY YB 85 39.26 9.34 86.23
CA GLY YB 85 38.91 8.46 85.13
C GLY YB 85 38.97 9.18 83.80
N VAL YB 86 37.88 9.11 83.05
CA VAL YB 86 37.83 9.73 81.73
C VAL YB 86 37.57 11.23 81.84
N MET YB 87 37.06 11.69 82.97
CA MET YB 87 36.95 13.12 83.20
C MET YB 87 38.35 13.72 83.35
N PRO YB 88 38.54 14.97 82.94
CA PRO YB 88 39.83 15.63 83.21
C PRO YB 88 40.07 15.78 84.71
N SER YB 89 41.34 15.75 85.07
CA SER YB 89 41.73 15.67 86.47
C SER YB 89 41.38 16.95 87.23
N HIS YB 90 41.33 16.82 88.55
CA HIS YB 90 41.01 17.93 89.44
C HIS YB 90 41.92 17.83 90.65
N PHE YB 91 41.61 18.63 91.67
CA PHE YB 91 42.30 18.59 92.96
C PHE YB 91 41.28 18.33 94.04
N SER YB 92 41.54 17.36 94.89
CA SER YB 92 40.63 16.96 95.94
C SER YB 92 41.32 16.96 97.29
N ARG YB 93 40.57 17.33 98.32
CA ARG YB 93 41.09 17.25 99.68
C ARG YB 93 41.07 15.81 100.16
N GLY YB 94 41.98 15.51 101.08
CA GLY YB 94 42.12 14.15 101.58
C GLY YB 94 41.07 13.81 102.61
N SER YB 95 41.20 12.61 103.16
CA SER YB 95 40.28 12.16 104.20
C SER YB 95 40.43 13.04 105.43
N LYS YB 96 39.30 13.38 106.05
CA LYS YB 96 39.30 14.25 107.21
C LYS YB 96 39.40 13.48 108.51
N SER YB 97 38.89 12.24 108.56
CA SER YB 97 38.95 11.46 109.78
C SER YB 97 40.38 11.06 110.10
N VAL YB 98 41.21 10.82 109.08
CA VAL YB 98 42.61 10.51 109.35
C VAL YB 98 43.33 11.72 109.93
N ALA YB 99 42.98 12.92 109.44
CA ALA YB 99 43.55 14.13 110.02
C ALA YB 99 43.11 14.32 111.46
N ARG YB 100 41.82 14.07 111.74
CA ARG YB 100 41.33 14.06 113.12
C ARG YB 100 42.13 13.09 113.96
N ARG YB 101 42.38 11.89 113.44
CA ARG YB 101 43.08 10.86 114.19
C ARG YB 101 44.51 11.27 114.51
N VAL YB 102 45.23 11.79 113.51
CA VAL YB 102 46.62 12.16 113.73
C VAL YB 102 46.70 13.34 114.69
N LEU YB 103 45.79 14.31 114.57
CA LEU YB 103 45.80 15.44 115.49
C LEU YB 103 45.50 15.00 116.92
N GLN YB 104 44.51 14.11 117.09
CA GLN YB 104 44.19 13.63 118.43
C GLN YB 104 45.31 12.80 119.00
N ALA YB 105 45.97 11.98 118.18
CA ALA YB 105 47.09 11.18 118.67
C ALA YB 105 48.26 12.06 119.07
N LEU YB 106 48.53 13.12 118.30
CA LEU YB 106 49.55 14.09 118.66
C LEU YB 106 49.20 14.78 119.97
N GLU YB 107 47.94 15.12 120.16
CA GLU YB 107 47.49 15.72 121.42
C GLU YB 107 47.68 14.75 122.58
N GLY YB 108 47.41 13.46 122.35
CA GLY YB 108 47.62 12.47 123.38
C GLY YB 108 49.08 12.29 123.73
N LEU YB 109 49.96 12.33 122.72
CA LEU YB 109 51.39 12.34 122.98
C LEU YB 109 51.83 13.62 123.68
N LYS YB 110 51.01 14.68 123.59
CA LYS YB 110 51.17 15.91 124.36
C LYS YB 110 52.46 16.65 123.98
N MET YB 111 52.57 16.94 122.68
CA MET YB 111 53.50 17.96 122.20
C MET YB 111 52.77 18.99 121.35
N VAL YB 112 51.45 19.04 121.46
CA VAL YB 112 50.62 19.99 120.72
C VAL YB 112 49.36 20.24 121.55
N GLU YB 113 48.84 21.46 121.48
CA GLU YB 113 47.69 21.85 122.28
C GLU YB 113 46.72 22.64 121.43
N LYS YB 114 45.46 22.63 121.85
CA LYS YB 114 44.44 23.43 121.21
C LYS YB 114 44.67 24.91 121.49
N ASP YB 115 44.33 25.75 120.51
CA ASP YB 115 44.56 27.18 120.62
C ASP YB 115 43.29 27.88 121.11
N GLN YB 116 43.45 29.15 121.49
CA GLN YB 116 42.30 29.96 121.87
C GLN YB 116 41.39 30.18 120.68
N ASP YB 117 41.95 30.24 119.48
CA ASP YB 117 41.20 30.21 118.24
C ASP YB 117 41.19 28.77 117.71
N GLY YB 118 40.75 28.61 116.46
CA GLY YB 118 40.73 27.29 115.87
C GLY YB 118 42.13 26.75 115.60
N GLY YB 119 42.18 25.44 115.35
CA GLY YB 119 43.43 24.77 115.07
C GLY YB 119 44.26 24.56 116.33
N ARG YB 120 45.42 23.95 116.13
CA ARG YB 120 46.31 23.61 117.23
C ARG YB 120 47.69 24.15 116.96
N LYS YB 121 48.50 24.22 118.03
CA LYS YB 121 49.86 24.72 117.94
C LYS YB 121 50.74 23.91 118.89
N LEU YB 122 52.04 23.96 118.65
CA LEU YB 122 52.97 23.14 119.40
C LEU YB 122 53.10 23.61 120.85
N THR YB 123 53.55 22.70 121.69
CA THR YB 123 53.99 22.99 123.05
C THR YB 123 55.49 23.31 123.03
N PRO YB 124 55.99 24.04 124.03
CA PRO YB 124 57.45 24.26 124.10
C PRO YB 124 58.24 22.99 124.15
N GLN YB 125 57.77 22.00 124.91
CA GLN YB 125 58.38 20.67 124.93
C GLN YB 125 58.38 20.05 123.54
N GLY YB 126 57.30 20.26 122.80
CA GLY YB 126 57.18 19.80 121.43
C GLY YB 126 58.34 20.22 120.55
N GLN YB 127 58.51 21.52 120.32
CA GLN YB 127 59.61 21.90 119.45
C GLN YB 127 60.96 21.77 120.14
N ARG YB 128 61.00 21.62 121.47
CA ARG YB 128 62.25 21.22 122.11
C ARG YB 128 62.73 19.88 121.58
N ASP YB 129 61.87 18.87 121.63
CA ASP YB 129 62.28 17.57 121.08
C ASP YB 129 62.37 17.59 119.57
N LEU YB 130 61.59 18.43 118.89
CA LEU YB 130 61.68 18.53 117.44
C LEU YB 130 63.04 19.09 117.01
N ASP YB 131 63.49 20.17 117.66
CA ASP YB 131 64.82 20.70 117.40
C ASP YB 131 65.89 19.73 117.83
N ARG YB 132 65.64 18.92 118.86
CA ARG YB 132 66.57 17.87 119.22
C ARG YB 132 66.75 16.87 118.08
N ILE YB 133 65.64 16.42 117.50
CA ILE YB 133 65.69 15.54 116.34
C ILE YB 133 66.43 16.20 115.19
N ALA YB 134 66.14 17.49 114.96
CA ALA YB 134 66.80 18.22 113.89
C ALA YB 134 68.30 18.29 114.11
N GLY YB 135 68.73 18.55 115.34
CA GLY YB 135 70.15 18.65 115.62
C GLY YB 135 70.87 17.33 115.41
N GLN YB 136 70.29 16.23 115.92
CA GLN YB 136 70.97 14.96 115.77
C GLN YB 136 71.00 14.50 114.31
N VAL YB 137 69.91 14.73 113.58
CA VAL YB 137 69.90 14.31 112.17
C VAL YB 137 70.83 15.21 111.36
N ALA YB 138 70.96 16.49 111.74
CA ALA YB 138 71.91 17.36 111.06
C ALA YB 138 73.34 16.91 111.29
N ALA YB 139 73.67 16.51 112.53
CA ALA YB 139 75.00 16.02 112.81
C ALA YB 139 75.31 14.75 112.02
N ALA YB 140 74.34 13.82 111.99
CA ALA YB 140 74.53 12.59 111.23
C ALA YB 140 74.70 12.87 109.74
N ASN YB 141 73.91 13.79 109.20
CA ASN YB 141 74.00 14.13 107.79
C ASN YB 141 75.30 14.84 107.44
N LYS YB 142 75.78 15.72 108.33
CA LYS YB 142 76.98 16.48 108.02
C LYS YB 142 78.24 15.63 108.14
N LYS YB 143 78.34 14.78 109.17
CA LYS YB 143 79.57 14.03 109.36
C LYS YB 143 79.31 12.52 109.29
CA ALA ZB 1 35.33 64.33 123.88
C ALA ZB 1 36.18 63.96 122.67
N ILE ZB 2 37.30 63.30 122.93
CA ILE ZB 2 38.21 62.86 121.87
C ILE ZB 2 37.45 61.89 120.97
N HIS ZB 3 37.17 62.31 119.75
CA HIS ZB 3 36.30 61.52 118.88
C HIS ZB 3 36.93 61.39 117.50
N ARG ZB 4 36.99 60.16 117.01
CA ARG ZB 4 37.63 59.84 115.73
C ARG ZB 4 36.66 59.06 114.88
N ILE ZB 5 36.67 59.34 113.57
CA ILE ZB 5 35.73 58.74 112.63
C ILE ZB 5 36.50 58.26 111.40
N ARG ZB 6 35.85 57.37 110.65
CA ARG ZB 6 36.38 56.87 109.37
C ARG ZB 6 35.30 57.07 108.31
N ILE ZB 7 35.34 58.20 107.61
CA ILE ZB 7 34.39 58.45 106.54
C ILE ZB 7 34.81 57.64 105.31
N THR ZB 8 33.87 56.87 104.79
CA THR ZB 8 34.12 55.96 103.69
C THR ZB 8 33.52 56.56 102.42
N LEU ZB 9 34.35 56.69 101.39
CA LEU ZB 9 33.97 57.22 100.10
C LEU ZB 9 33.91 56.06 99.11
N THR ZB 10 32.81 55.97 98.37
CA THR ZB 10 32.71 54.93 97.35
C THR ZB 10 32.14 55.55 96.09
N SER ZB 11 32.80 55.28 94.96
CA SER ZB 11 32.41 55.91 93.71
C SER ZB 11 32.73 55.01 92.53
N ARG ZB 12 32.31 55.46 91.35
CA ARG ZB 12 32.54 54.76 90.10
C ARG ZB 12 33.53 55.48 89.19
N ASN ZB 13 33.81 56.75 89.47
CA ASN ZB 13 34.70 57.56 88.64
C ASN ZB 13 35.84 58.13 89.49
N VAL ZB 14 37.06 57.85 89.05
CA VAL ZB 14 38.25 58.18 89.83
C VAL ZB 14 38.39 59.69 89.97
N LYS ZB 15 38.09 60.45 88.91
CA LYS ZB 15 38.30 61.89 88.97
C LYS ZB 15 37.36 62.55 89.99
N SER ZB 16 36.10 62.13 90.02
CA SER ZB 16 35.17 62.69 90.99
C SER ZB 16 35.50 62.22 92.40
N LEU ZB 17 35.89 60.94 92.56
CA LEU ZB 17 36.26 60.47 93.89
C LEU ZB 17 37.48 61.21 94.41
N GLU ZB 18 38.47 61.45 93.55
CA GLU ZB 18 39.64 62.21 93.96
C GLU ZB 18 39.31 63.66 94.25
N LYS ZB 19 38.37 64.25 93.51
CA LYS ZB 19 37.94 65.62 93.82
C LYS ZB 19 37.31 65.68 95.20
N VAL ZB 20 36.43 64.72 95.52
CA VAL ZB 20 35.81 64.70 96.83
C VAL ZB 20 36.85 64.50 97.92
N CYS ZB 21 37.81 63.60 97.69
CA CYS ZB 21 38.89 63.41 98.66
C CYS ZB 21 39.66 64.70 98.87
N ALA ZB 22 40.04 65.38 97.79
CA ALA ZB 22 40.87 66.58 97.89
C ALA ZB 22 40.16 67.69 98.65
N ASP ZB 23 38.92 68.01 98.26
CA ASP ZB 23 38.27 69.12 98.95
C ASP ZB 23 37.79 68.75 100.34
N LEU ZB 24 37.52 67.47 100.61
CA LEU ZB 24 37.22 67.07 101.98
C LEU ZB 24 38.44 67.23 102.88
N ILE ZB 25 39.61 66.83 102.41
CA ILE ZB 25 40.83 67.03 103.18
C ILE ZB 25 41.12 68.51 103.35
N ARG ZB 26 40.81 69.31 102.31
CA ARG ZB 26 40.97 70.75 102.43
C ARG ZB 26 40.07 71.32 103.53
N GLY ZB 27 38.83 70.87 103.59
CA GLY ZB 27 37.95 71.29 104.67
C GLY ZB 27 38.45 70.83 106.03
N ALA ZB 28 39.00 69.62 106.10
CA ALA ZB 28 39.56 69.12 107.35
C ALA ZB 28 40.72 69.98 107.82
N LYS ZB 29 41.60 70.36 106.91
CA LYS ZB 29 42.72 71.23 107.28
C LYS ZB 29 42.25 72.63 107.63
N GLU ZB 30 41.15 73.08 107.03
CA GLU ZB 30 40.53 74.32 107.48
C GLU ZB 30 40.05 74.20 108.91
N LYS ZB 31 39.43 73.08 109.25
CA LYS ZB 31 38.98 72.80 110.61
C LYS ZB 31 40.12 72.41 111.54
N ASN ZB 32 41.35 72.33 111.01
CA ASN ZB 32 42.57 71.95 111.74
C ASN ZB 32 42.35 70.69 112.60
N LEU ZB 33 41.59 69.75 112.05
CA LEU ZB 33 41.49 68.41 112.61
C LEU ZB 33 42.59 67.56 112.00
N LYS ZB 34 43.23 66.74 112.82
CA LYS ZB 34 44.30 65.91 112.26
C LYS ZB 34 43.65 64.80 111.46
N VAL ZB 35 44.23 64.45 110.32
CA VAL ZB 35 43.54 63.56 109.39
C VAL ZB 35 44.57 62.71 108.67
N LYS ZB 36 44.27 61.42 108.56
CA LYS ZB 36 45.08 60.53 107.75
C LYS ZB 36 44.72 60.69 106.28
N GLY ZB 37 45.68 60.36 105.41
CA GLY ZB 37 45.50 60.53 103.99
C GLY ZB 37 44.46 59.58 103.43
N PRO ZB 38 43.98 59.86 102.23
CA PRO ZB 38 42.99 58.99 101.60
C PRO ZB 38 43.59 57.65 101.23
N VAL ZB 39 43.21 56.59 101.94
CA VAL ZB 39 43.78 55.27 101.69
C VAL ZB 39 42.85 54.50 100.77
N ARG ZB 40 43.44 53.90 99.74
CA ARG ZB 40 42.68 53.32 98.63
C ARG ZB 40 42.52 51.82 98.85
N MET ZB 41 41.28 51.37 98.96
CA MET ZB 41 41.03 49.94 98.87
C MET ZB 41 41.29 49.49 97.44
N PRO ZB 42 41.78 48.27 97.25
CA PRO ZB 42 41.99 47.76 95.89
C PRO ZB 42 40.69 47.76 95.11
N THR ZB 43 40.75 48.21 93.87
CA THR ZB 43 39.56 48.50 93.10
C THR ZB 43 38.79 47.23 92.76
N LYS ZB 44 37.47 47.32 92.78
CA LYS ZB 44 36.63 46.24 92.31
C LYS ZB 44 36.42 46.38 90.81
N THR ZB 45 36.43 45.26 90.10
CA THR ZB 45 36.24 45.26 88.64
C THR ZB 45 35.20 44.20 88.30
N LEU ZB 46 33.94 44.60 88.27
CA LEU ZB 46 32.87 43.71 87.85
C LEU ZB 46 33.04 43.42 86.37
N ARG ZB 47 33.11 42.14 86.02
CA ARG ZB 47 33.24 41.69 84.65
C ARG ZB 47 32.00 40.90 84.26
N ILE ZB 48 31.46 41.20 83.08
CA ILE ZB 48 30.40 40.41 82.49
C ILE ZB 48 30.82 40.10 81.06
N THR ZB 49 31.17 38.85 80.79
CA THR ZB 49 31.58 38.44 79.45
C THR ZB 49 30.40 37.71 78.82
N THR ZB 50 29.58 38.48 78.12
CA THR ZB 50 28.41 37.92 77.46
C THR ZB 50 28.68 37.80 75.97
N ARG ZB 51 27.71 37.32 75.21
CA ARG ZB 51 27.87 37.17 73.78
C ARG ZB 51 27.15 38.29 73.05
N LYS ZB 52 27.82 38.85 72.04
CA LYS ZB 52 27.29 40.01 71.34
C LYS ZB 52 26.00 39.66 70.59
N THR ZB 53 25.95 38.49 69.98
CA THR ZB 53 24.77 38.11 69.22
C THR ZB 53 23.58 37.85 70.13
N PRO ZB 54 22.38 38.28 69.74
CA PRO ZB 54 21.16 37.88 70.47
C PRO ZB 54 20.62 36.53 70.06
N CYS ZB 55 21.23 35.88 69.08
CA CYS ZB 55 20.77 34.60 68.58
C CYS ZB 55 21.91 33.58 68.62
N GLY ZB 56 21.72 32.44 67.97
CA GLY ZB 56 22.77 31.45 67.91
C GLY ZB 56 23.70 31.65 66.73
N GLU ZB 57 23.23 32.37 65.73
CA GLU ZB 57 24.02 32.59 64.52
C GLU ZB 57 25.05 33.68 64.75
N GLY ZB 58 26.27 33.42 64.30
CA GLY ZB 58 27.35 34.38 64.44
C GLY ZB 58 28.68 33.67 64.44
N SER ZB 59 29.70 34.39 64.87
CA SER ZB 59 31.05 33.87 64.98
C SER ZB 59 31.50 33.80 66.44
N LYS ZB 60 30.55 33.64 67.36
CA LYS ZB 60 30.83 33.48 68.79
C LYS ZB 60 31.66 34.65 69.32
N THR ZB 61 31.24 35.87 69.01
CA THR ZB 61 31.96 37.06 69.43
C THR ZB 61 31.42 37.52 70.78
N TRP ZB 62 32.33 37.72 71.74
CA TRP ZB 62 31.95 38.05 73.10
C TRP ZB 62 32.24 39.52 73.40
N ASP ZB 63 31.58 40.00 74.46
CA ASP ZB 63 31.68 41.37 74.94
C ASP ZB 63 32.05 41.33 76.41
N ARG ZB 64 33.07 42.11 76.78
CA ARG ZB 64 33.62 42.15 78.13
C ARG ZB 64 33.22 43.46 78.77
N PHE ZB 65 32.08 43.48 79.44
CA PHE ZB 65 31.62 44.65 80.17
C PHE ZB 65 32.38 44.77 81.48
N GLN ZB 66 32.97 45.94 81.71
CA GLN ZB 66 33.72 46.22 82.92
C GLN ZB 66 33.08 47.37 83.68
N MET ZB 67 32.95 47.20 84.98
CA MET ZB 67 32.42 48.23 85.88
C MET ZB 67 33.42 48.37 87.02
N ARG ZB 68 33.99 49.56 87.18
CA ARG ZB 68 35.08 49.75 88.12
C ARG ZB 68 34.60 50.53 89.35
N ILE ZB 69 34.71 49.89 90.51
CA ILE ZB 69 34.30 50.48 91.77
C ILE ZB 69 35.55 50.88 92.54
N HIS ZB 70 35.58 52.14 93.00
CA HIS ZB 70 36.71 52.68 93.72
C HIS ZB 70 36.28 53.09 95.12
N LYS ZB 71 37.18 52.89 96.07
CA LYS ZB 71 36.86 52.98 97.49
C LYS ZB 71 38.01 53.65 98.22
N ARG ZB 72 37.70 54.69 98.99
CA ARG ZB 72 38.72 55.46 99.69
C ARG ZB 72 38.28 55.75 101.11
N LEU ZB 73 39.11 55.36 102.07
CA LEU ZB 73 38.86 55.65 103.48
C LEU ZB 73 39.59 56.92 103.86
N ILE ZB 74 38.91 57.79 104.60
CA ILE ZB 74 39.51 59.00 105.16
C ILE ZB 74 39.22 59.00 106.66
N ASP ZB 75 40.26 59.10 107.46
CA ASP ZB 75 40.10 58.99 108.91
C ASP ZB 75 40.39 60.34 109.57
N LEU ZB 76 39.38 60.86 110.26
CA LEU ZB 76 39.47 62.14 110.94
C LEU ZB 76 39.68 61.89 112.43
N HIS ZB 77 40.60 62.65 113.02
CA HIS ZB 77 40.95 62.54 114.41
C HIS ZB 77 40.89 63.94 115.03
N SER ZB 78 40.30 64.03 116.21
CA SER ZB 78 40.10 65.30 116.89
C SER ZB 78 40.02 65.09 118.39
N PRO ZB 79 40.75 65.89 119.17
CA PRO ZB 79 40.64 65.80 120.64
C PRO ZB 79 39.33 66.36 121.17
N SER ZB 80 38.68 67.24 120.42
CA SER ZB 80 37.38 67.76 120.80
C SER ZB 80 36.30 66.93 120.10
N GLU ZB 81 35.05 67.33 120.32
CA GLU ZB 81 33.94 66.65 119.65
C GLU ZB 81 34.00 66.92 118.16
N ILE ZB 82 33.65 65.90 117.37
CA ILE ZB 82 33.92 65.93 115.94
C ILE ZB 82 32.66 66.08 115.09
N VAL ZB 83 31.54 65.47 115.48
CA VAL ZB 83 30.36 65.43 114.62
C VAL ZB 83 29.72 66.79 114.53
N LYS ZB 84 29.63 67.49 115.65
CA LYS ZB 84 29.11 68.86 115.63
C LYS ZB 84 30.11 69.84 115.05
N GLN ZB 85 31.41 69.52 115.05
CA GLN ZB 85 32.37 70.39 114.40
C GLN ZB 85 32.23 70.34 112.89
N ILE ZB 86 32.16 69.14 112.32
CA ILE ZB 86 32.06 69.00 110.87
C ILE ZB 86 30.77 68.26 110.52
N THR ZB 87 29.94 68.88 109.69
CA THR ZB 87 28.71 68.28 109.20
C THR ZB 87 28.58 68.39 107.69
N SER ZB 88 29.60 68.94 107.01
CA SER ZB 88 29.52 69.21 105.59
C SER ZB 88 29.73 67.92 104.80
N ILE ZB 89 28.77 67.59 103.93
CA ILE ZB 89 28.92 66.41 103.10
C ILE ZB 89 29.74 66.72 101.85
N SER ZB 90 29.50 67.88 101.25
CA SER ZB 90 30.18 68.35 100.04
C SER ZB 90 30.23 67.25 98.97
N ILE ZB 91 29.05 66.85 98.51
CA ILE ZB 91 28.92 65.68 97.66
C ILE ZB 91 28.35 66.10 96.31
N GLU ZB 92 28.56 65.22 95.34
CA GLU ZB 92 27.96 65.27 94.00
C GLU ZB 92 27.36 63.90 93.73
N PRO ZB 93 26.42 63.81 92.79
CA PRO ZB 93 25.82 62.50 92.48
C PRO ZB 93 26.86 61.52 91.95
N GLY ZB 94 26.58 60.24 92.18
CA GLY ZB 94 27.42 59.16 91.70
C GLY ZB 94 28.47 58.69 92.69
N VAL ZB 95 28.71 59.46 93.75
CA VAL ZB 95 29.63 59.09 94.81
C VAL ZB 95 28.89 59.15 96.13
N GLU ZB 96 29.06 58.14 96.96
CA GLU ZB 96 28.34 58.03 98.21
C GLU ZB 96 29.31 57.91 99.38
N VAL ZB 97 28.81 58.25 100.57
CA VAL ZB 97 29.61 58.31 101.77
C VAL ZB 97 28.91 57.53 102.89
N GLU ZB 98 29.70 57.07 103.84
CA GLU ZB 98 29.14 56.54 105.07
C GLU ZB 98 30.14 56.76 106.21
N VAL ZB 99 29.64 57.22 107.35
CA VAL ZB 99 30.48 57.58 108.49
C VAL ZB 99 30.38 56.50 109.55
N THR ZB 100 31.53 56.06 110.06
CA THR ZB 100 31.56 55.07 111.12
C THR ZB 100 32.49 55.53 112.24
N ILE ZB 101 32.13 55.16 113.46
CA ILE ZB 101 32.98 55.40 114.61
C ILE ZB 101 34.25 54.58 114.48
N ALA ZB 102 35.38 55.18 114.84
CA ALA ZB 102 36.65 54.44 114.81
C ALA ZB 102 36.63 53.29 115.79
N ASP ZB 103 36.04 53.50 116.98
CA ASP ZB 103 36.02 52.44 117.99
C ASP ZB 103 35.01 51.36 117.64
N ALA ZB 104 33.84 51.74 117.14
CA ALA ZB 104 32.78 50.79 116.85
C ALA ZB 104 32.78 50.38 115.38
N ASN AC 6 61.66 -11.97 80.53
CA ASN AC 6 62.89 -11.95 81.31
C ASN AC 6 62.79 -12.86 82.52
N LEU AC 7 63.94 -13.29 83.03
CA LEU AC 7 64.01 -14.04 84.26
C LEU AC 7 63.74 -13.11 85.44
N VAL AC 8 62.64 -13.33 86.14
CA VAL AC 8 62.34 -12.49 87.30
C VAL AC 8 63.37 -12.71 88.40
N LEU AC 9 63.93 -13.90 88.49
CA LEU AC 9 64.95 -14.21 89.49
C LEU AC 9 66.07 -14.99 88.83
N PHE AC 10 67.20 -15.06 89.52
CA PHE AC 10 68.42 -15.65 88.98
C PHE AC 10 68.28 -17.15 88.80
N ASP AC 11 69.35 -17.77 88.31
CA ASP AC 11 69.49 -19.22 88.28
C ASP AC 11 70.98 -19.54 88.45
N LYS AC 12 71.34 -20.78 88.13
CA LYS AC 12 72.73 -21.19 88.30
C LYS AC 12 73.65 -20.41 87.37
N ALA AC 13 73.28 -20.30 86.09
CA ALA AC 13 74.19 -19.74 85.09
C ALA AC 13 74.31 -18.23 85.21
N THR AC 14 73.26 -17.54 85.65
CA THR AC 14 73.23 -16.09 85.60
C THR AC 14 73.84 -15.44 86.84
N TYR AC 15 73.60 -16.00 88.03
CA TYR AC 15 74.05 -15.34 89.25
C TYR AC 15 75.57 -15.27 89.33
N ASP AC 16 76.24 -16.40 89.14
CA ASP AC 16 77.70 -16.40 89.19
C ASP AC 16 78.31 -15.65 88.02
N LYS AC 17 77.64 -15.62 86.87
CA LYS AC 17 78.13 -14.80 85.75
C LYS AC 17 78.06 -13.31 86.11
N LEU AC 18 76.97 -12.89 86.74
CA LEU AC 18 76.87 -11.51 87.21
C LEU AC 18 77.95 -11.19 88.23
N CYS AC 19 78.19 -12.11 89.16
CA CYS AC 19 79.22 -11.88 90.16
C CYS AC 19 80.62 -11.91 89.56
N LYS AC 20 80.80 -12.57 88.42
CA LYS AC 20 82.12 -12.72 87.84
C LYS AC 20 82.47 -11.67 86.79
N GLU AC 21 81.48 -11.02 86.16
CA GLU AC 21 81.78 -10.14 85.05
C GLU AC 21 81.23 -8.73 85.16
N VAL AC 22 80.20 -8.48 85.98
CA VAL AC 22 79.59 -7.16 86.01
C VAL AC 22 80.57 -6.06 86.43
N PRO AC 23 81.38 -6.21 87.54
CA PRO AC 23 82.36 -5.18 87.88
C PRO AC 23 83.64 -5.27 87.03
N ASN AC 24 83.47 -5.52 85.74
CA ASN AC 24 84.57 -5.56 84.80
C ASN AC 24 84.35 -4.73 83.55
N TYR AC 25 83.19 -4.10 83.40
CA TYR AC 25 82.97 -3.15 82.31
C TYR AC 25 82.35 -1.87 82.87
N LYS AC 26 82.40 -0.82 82.05
CA LYS AC 26 82.21 0.54 82.54
C LYS AC 26 80.78 0.79 82.99
N LEU AC 27 79.84 0.70 82.07
CA LEU AC 27 78.47 1.17 82.33
C LEU AC 27 77.68 0.09 83.04
N ILE AC 28 77.24 0.39 84.26
CA ILE AC 28 76.45 -0.53 85.06
C ILE AC 28 75.19 0.23 85.48
N THR AC 29 74.13 0.09 84.68
CA THR AC 29 72.83 0.67 84.97
C THR AC 29 71.80 -0.44 84.98
N PRO AC 30 70.68 -0.26 85.70
CA PRO AC 30 69.66 -1.31 85.75
C PRO AC 30 69.13 -1.72 84.38
N ALA AC 31 68.91 -0.76 83.48
CA ALA AC 31 68.42 -1.11 82.15
C ALA AC 31 69.46 -1.90 81.36
N VAL AC 32 70.72 -1.46 81.40
CA VAL AC 32 71.77 -2.14 80.66
C VAL AC 32 71.96 -3.55 81.18
N VAL AC 33 72.01 -3.70 82.51
CA VAL AC 33 72.22 -5.03 83.07
C VAL AC 33 71.03 -5.94 82.82
N SER AC 34 69.81 -5.39 82.88
CA SER AC 34 68.63 -6.21 82.59
C SER AC 34 68.62 -6.68 81.15
N GLU AC 35 68.94 -5.80 80.22
CA GLU AC 35 69.00 -6.20 78.81
C GLU AC 35 70.13 -7.20 78.58
N ARG AC 36 71.29 -6.98 79.20
CA ARG AC 36 72.45 -7.81 78.92
C ARG AC 36 72.30 -9.20 79.53
N LEU AC 37 71.71 -9.29 80.72
CA LEU AC 37 71.64 -10.57 81.42
C LEU AC 37 70.26 -11.21 81.38
N LYS AC 38 69.31 -10.61 80.65
CA LYS AC 38 67.96 -11.14 80.51
C LYS AC 38 67.23 -11.27 81.84
N ILE AC 39 67.68 -10.53 82.85
CA ILE AC 39 67.01 -10.48 84.14
C ILE AC 39 65.88 -9.47 84.05
N ARG AC 40 65.03 -9.44 85.07
CA ARG AC 40 63.77 -8.71 85.01
C ARG AC 40 63.98 -7.22 84.82
N GLY AC 41 64.55 -6.56 85.83
CA GLY AC 41 64.57 -5.12 85.89
C GLY AC 41 64.30 -4.66 87.30
N SER AC 42 63.54 -5.48 88.03
CA SER AC 42 63.49 -5.35 89.48
C SER AC 42 64.59 -6.18 90.14
N LEU AC 43 64.81 -7.38 89.62
CA LEU AC 43 65.98 -8.15 90.01
C LEU AC 43 67.27 -7.42 89.67
N ALA AC 44 67.26 -6.63 88.59
CA ALA AC 44 68.41 -5.80 88.27
C ALA AC 44 68.75 -4.86 89.43
N ARG AC 45 67.75 -4.10 89.91
CA ARG AC 45 68.00 -3.18 91.00
C ARG AC 45 68.39 -3.91 92.28
N ALA AC 46 67.73 -5.03 92.59
CA ALA AC 46 68.06 -5.78 93.80
C ALA AC 46 69.51 -6.27 93.76
N ALA AC 47 69.89 -6.92 92.66
CA ALA AC 47 71.23 -7.47 92.56
C ALA AC 47 72.27 -6.36 92.50
N LEU AC 48 71.94 -5.22 91.90
CA LEU AC 48 72.91 -4.14 91.84
C LEU AC 48 73.15 -3.51 93.19
N GLN AC 49 72.09 -3.34 93.99
CA GLN AC 49 72.31 -2.83 95.34
C GLN AC 49 73.05 -3.86 96.19
N GLU AC 50 72.85 -5.16 95.93
CA GLU AC 50 73.64 -6.16 96.61
C GLU AC 50 75.11 -6.09 96.21
N LEU AC 51 75.38 -5.84 94.93
CA LEU AC 51 76.77 -5.67 94.48
C LEU AC 51 77.40 -4.44 95.12
N LEU AC 52 76.63 -3.35 95.22
CA LEU AC 52 77.13 -2.15 95.88
C LEU AC 52 77.49 -2.42 97.34
N SER AC 53 76.64 -3.18 98.04
CA SER AC 53 76.96 -3.51 99.43
C SER AC 53 78.15 -4.45 99.52
N LYS AC 54 78.28 -5.40 98.60
CA LYS AC 54 79.46 -6.26 98.56
C LYS AC 54 80.73 -5.49 98.26
N GLY AC 55 80.63 -4.30 97.66
CA GLY AC 55 81.80 -3.48 97.46
C GLY AC 55 82.58 -3.75 96.19
N LEU AC 56 81.93 -4.34 95.18
CA LEU AC 56 82.57 -4.59 93.91
C LEU AC 56 82.37 -3.46 92.90
N ILE AC 57 81.41 -2.58 93.14
CA ILE AC 57 81.13 -1.44 92.27
C ILE AC 57 80.97 -0.19 93.12
N LYS AC 58 81.03 0.95 92.47
CA LYS AC 58 80.83 2.23 93.13
C LYS AC 58 79.67 2.98 92.48
N LEU AC 59 78.87 3.62 93.33
CA LEU AC 59 77.72 4.40 92.93
C LEU AC 59 78.15 5.77 92.42
N VAL AC 60 77.30 6.36 91.57
CA VAL AC 60 77.55 7.66 90.95
C VAL AC 60 76.44 8.65 91.28
N SER AC 61 75.19 8.26 91.05
CA SER AC 61 74.08 9.20 91.07
C SER AC 61 73.15 9.01 92.26
N LYS AC 62 72.55 7.82 92.41
CA LYS AC 62 71.49 7.56 93.38
C LYS AC 62 70.38 8.60 93.25
N HIS AC 63 69.72 8.57 92.09
CA HIS AC 63 68.57 9.40 91.81
C HIS AC 63 67.33 8.52 91.65
N ARG AC 64 66.16 9.11 91.92
CA ARG AC 64 64.93 8.34 91.92
C ARG AC 64 64.65 7.74 90.54
N ALA AC 65 64.92 8.50 89.48
CA ALA AC 65 64.67 7.99 88.13
C ALA AC 65 65.68 6.90 87.76
N GLN AC 66 66.97 7.16 88.01
CA GLN AC 66 68.01 6.25 87.58
C GLN AC 66 69.14 6.23 88.60
N VAL AC 67 69.80 5.08 88.70
CA VAL AC 67 70.95 4.90 89.57
C VAL AC 67 72.10 4.35 88.73
N ILE AC 68 73.29 4.91 88.90
CA ILE AC 68 74.45 4.58 88.09
C ILE AC 68 75.50 3.94 88.99
N TYR AC 69 76.06 2.83 88.52
CA TYR AC 69 77.20 2.20 89.17
C TYR AC 69 78.29 1.96 88.12
N THR AC 70 79.49 1.70 88.61
CA THR AC 70 80.60 1.42 87.71
C THR AC 70 81.64 0.59 88.45
N ARG AC 71 82.50 -0.07 87.66
CA ARG AC 71 83.51 -0.95 88.22
C ARG AC 71 84.51 -0.14 89.05
N ASN AC 72 85.16 -0.82 89.98
CA ASN AC 72 86.13 -0.19 90.86
C ASN AC 72 87.36 0.27 90.07
N THR AC 73 87.94 1.38 90.51
CA THR AC 73 89.09 1.97 89.83
C THR AC 73 90.28 1.01 89.86
N LYS AC 74 91.01 0.97 88.74
CA LYS AC 74 92.17 0.09 88.62
C LYS AC 74 93.40 0.78 89.21
N GLY AC 75 94.12 0.07 90.07
CA GLY AC 75 95.30 0.60 90.71
C GLY AC 75 96.11 -0.45 91.44
N ARG BC 1 89.07 11.84 41.92
CA ARG BC 1 87.76 12.00 41.27
C ARG BC 1 86.82 12.76 42.18
N VAL BC 2 87.01 12.63 43.48
CA VAL BC 2 86.20 13.36 44.45
C VAL BC 2 86.84 14.72 44.70
N GLN BC 3 86.10 15.78 44.43
CA GLN BC 3 86.58 17.12 44.72
C GLN BC 3 86.66 17.32 46.23
N PRO BC 4 87.76 17.87 46.74
CA PRO BC 4 87.88 18.07 48.19
C PRO BC 4 86.82 19.03 48.72
N ILE BC 5 86.33 18.73 49.92
CA ILE BC 5 85.34 19.56 50.58
C ILE BC 5 86.06 20.76 51.21
N LYS BC 6 85.59 21.96 50.92
CA LYS BC 6 86.19 23.16 51.49
C LYS BC 6 85.08 24.09 51.93
N LEU BC 7 85.46 25.31 52.31
CA LEU BC 7 84.56 26.29 52.88
C LEU BC 7 84.51 27.53 51.98
N ALA BC 8 83.48 28.35 52.20
CA ALA BC 8 83.34 29.63 51.52
C ALA BC 8 82.84 30.65 52.52
N ARG BC 9 83.14 31.91 52.24
CA ARG BC 9 82.81 33.03 53.12
C ARG BC 9 81.75 33.90 52.45
N VAL BC 10 80.68 34.18 53.18
CA VAL BC 10 79.58 34.96 52.63
C VAL BC 10 80.01 36.41 52.47
N THR BC 11 79.83 36.95 51.26
CA THR BC 11 80.10 38.36 51.04
C THR BC 11 78.86 39.21 51.27
N LYS BC 12 77.72 38.76 50.73
CA LYS BC 12 76.44 39.46 50.88
C LYS BC 12 75.33 38.56 50.33
N VAL BC 13 74.16 38.68 50.92
CA VAL BC 13 72.99 37.92 50.50
C VAL BC 13 72.34 38.61 49.32
N LEU BC 14 72.07 37.84 48.26
CA LEU BC 14 71.48 38.40 47.05
C LEU BC 14 69.96 38.48 47.14
N GLY BC 15 69.33 37.56 47.84
CA GLY BC 15 67.89 37.63 48.02
C GLY BC 15 67.30 36.24 48.18
N ARG BC 16 65.99 36.21 48.40
CA ARG BC 16 65.25 34.97 48.54
C ARG BC 16 64.82 34.44 47.18
N THR BC 17 64.56 33.14 47.13
CA THR BC 17 64.12 32.48 45.90
C THR BC 17 63.56 31.11 46.29
N GLY BC 18 63.26 30.30 45.28
CA GLY BC 18 62.81 28.94 45.51
C GLY BC 18 61.33 28.72 45.40
N SER BC 19 60.58 29.68 44.86
CA SER BC 19 59.13 29.66 44.67
C SER BC 19 58.38 29.65 46.01
N GLN BC 20 59.09 29.72 47.13
CA GLN BC 20 58.46 29.93 48.43
C GLN BC 20 59.28 30.85 49.33
N GLY BC 21 60.40 31.39 48.85
CA GLY BC 21 61.29 32.14 49.71
C GLY BC 21 62.15 31.30 50.62
N GLN BC 22 62.13 29.98 50.44
CA GLN BC 22 62.86 29.07 51.33
C GLN BC 22 64.35 29.06 51.02
N CYS BC 23 64.73 29.28 49.77
CA CYS BC 23 66.13 29.34 49.42
C CYS BC 23 66.63 30.78 49.55
N THR BC 24 67.93 30.96 49.33
CA THR BC 24 68.54 32.28 49.41
C THR BC 24 69.77 32.30 48.53
N GLN BC 25 69.73 33.07 47.45
CA GLN BC 25 70.91 33.29 46.63
C GLN BC 25 71.95 34.08 47.43
N VAL BC 26 73.21 33.74 47.24
CA VAL BC 26 74.29 34.40 47.96
C VAL BC 26 75.55 34.36 47.10
N ARG BC 27 76.33 35.43 47.18
CA ARG BC 27 77.65 35.47 46.60
C ARG BC 27 78.66 35.12 47.69
N VAL BC 28 79.39 34.02 47.49
CA VAL BC 28 80.35 33.54 48.46
C VAL BC 28 81.66 33.28 47.75
N GLU BC 29 82.77 33.62 48.42
CA GLU BC 29 84.10 33.40 47.86
C GLU BC 29 84.90 32.49 48.78
N PHE BC 30 85.63 31.57 48.18
CA PHE BC 30 86.46 30.65 48.94
C PHE BC 30 87.60 31.40 49.62
N MET BC 31 87.91 31.01 50.86
CA MET BC 31 89.07 31.55 51.54
C MET BC 31 90.37 30.87 51.12
N ASP BC 32 90.27 29.72 50.45
CA ASP BC 32 91.46 29.11 49.86
C ASP BC 32 91.97 29.93 48.68
N ASP BC 33 91.05 30.38 47.83
CA ASP BC 33 91.36 31.32 46.76
C ASP BC 33 90.38 32.48 46.87
N THR BC 34 90.84 33.58 47.48
CA THR BC 34 89.97 34.72 47.75
C THR BC 34 89.60 35.51 46.51
N SER BC 35 90.24 35.25 45.37
CA SER BC 35 89.89 35.97 44.14
C SER BC 35 88.60 35.43 43.52
N ARG BC 36 88.40 34.12 43.56
CA ARG BC 36 87.27 33.48 42.88
C ARG BC 36 86.05 33.48 43.81
N SER BC 37 84.89 33.80 43.25
CA SER BC 37 83.65 33.89 44.01
C SER BC 37 82.49 33.41 43.15
N ILE BC 38 81.59 32.64 43.75
CA ILE BC 38 80.48 32.02 43.03
C ILE BC 38 79.18 32.39 43.71
N ILE BC 39 78.07 31.98 43.07
CA ILE BC 39 76.72 32.21 43.58
C ILE BC 39 76.12 30.86 43.95
N ARG BC 40 75.45 30.82 45.10
CA ARG BC 40 74.91 29.58 45.63
C ARG BC 40 73.58 29.86 46.32
N ASN BC 41 72.65 28.92 46.22
CA ASN BC 41 71.37 29.01 46.91
C ASN BC 41 71.41 28.14 48.16
N VAL BC 42 71.29 28.77 49.32
CA VAL BC 42 71.47 28.08 50.58
C VAL BC 42 70.11 27.73 51.16
N LYS BC 43 70.12 26.82 52.13
CA LYS BC 43 68.93 26.39 52.84
C LYS BC 43 69.15 26.71 54.32
N GLY BC 44 68.50 27.78 54.78
CA GLY BC 44 68.62 28.16 56.17
C GLY BC 44 69.02 29.62 56.35
N PRO BC 45 69.04 30.07 57.61
CA PRO BC 45 69.29 31.50 57.90
C PRO BC 45 70.77 31.81 57.74
N VAL BC 46 71.08 32.77 56.88
CA VAL BC 46 72.45 33.14 56.58
C VAL BC 46 72.58 34.66 56.62
N ARG BC 47 73.64 35.14 57.27
CA ARG BC 47 74.01 36.54 57.27
C ARG BC 47 75.31 36.69 56.49
N GLU BC 48 75.86 37.91 56.47
CA GLU BC 48 77.10 38.17 55.75
C GLU BC 48 78.27 38.20 56.71
N GLY BC 49 79.35 37.50 56.36
CA GLY BC 49 80.53 37.36 57.19
C GLY BC 49 80.77 35.93 57.64
N ASP BC 50 79.71 35.16 57.86
CA ASP BC 50 79.86 33.79 58.30
C ASP BC 50 80.34 32.91 57.14
N VAL BC 51 80.71 31.67 57.48
CA VAL BC 51 81.28 30.76 56.52
C VAL BC 51 80.47 29.47 56.49
N LEU BC 52 80.45 28.83 55.33
CA LEU BC 52 79.69 27.61 55.11
C LEU BC 52 80.43 26.71 54.15
N THR BC 53 80.32 25.40 54.39
CA THR BC 53 81.02 24.43 53.56
C THR BC 53 80.32 24.27 52.21
N LEU BC 54 81.11 23.83 51.22
CA LEU BC 54 80.61 23.60 49.86
C LEU BC 54 81.26 22.33 49.35
N LEU BC 55 80.47 21.27 49.19
CA LEU BC 55 81.02 19.99 48.78
C LEU BC 55 81.57 20.02 47.36
N GLU BC 56 81.12 20.97 46.54
CA GLU BC 56 81.66 21.13 45.19
C GLU BC 56 81.80 22.61 44.89
N SER BC 57 82.67 22.91 43.93
CA SER BC 57 83.03 24.28 43.57
C SER BC 57 82.58 24.68 42.18
N GLU BC 58 82.78 23.81 41.17
CA GLU BC 58 82.38 24.14 39.81
C GLU BC 58 80.88 24.33 39.70
N ARG BC 59 80.11 23.73 40.61
CA ARG BC 59 78.68 23.89 40.60
C ARG BC 59 78.28 25.33 40.90
N GLU BC 60 77.19 25.78 40.28
CA GLU BC 60 76.60 27.08 40.51
C GLU BC 60 75.13 26.92 40.82
N ALA BC 61 74.51 28.00 41.29
CA ALA BC 61 73.08 28.01 41.57
C ALA BC 61 72.38 28.93 40.61
N ARG BC 62 71.37 28.40 39.91
CA ARG BC 62 70.55 29.18 39.01
C ARG BC 62 69.45 29.86 39.81
N ARG BC 63 68.54 30.54 39.13
CA ARG BC 63 67.37 31.08 39.81
C ARG BC 63 66.45 29.96 40.26
N LEU BC 64 65.81 30.15 41.40
CA LEU BC 64 64.94 29.16 42.03
C LEU BC 64 65.67 27.85 42.26
N GLY CC 1 -7.75 27.52 87.97
CA GLY CC 1 -9.14 27.56 88.35
C GLY CC 1 -9.38 27.29 89.81
N HIS CC 2 -9.28 26.01 90.20
CA HIS CC 2 -9.40 25.62 91.59
C HIS CC 2 -8.07 25.84 92.31
N GLN CC 3 -8.14 26.44 93.50
CA GLN CC 3 -6.93 26.90 94.18
C GLN CC 3 -5.99 25.75 94.55
N GLN CC 4 -6.54 24.54 94.73
CA GLN CC 4 -5.71 23.42 95.16
C GLN CC 4 -4.64 23.09 94.12
N LEU CC 5 -5.00 23.12 92.85
CA LEU CC 5 -4.08 22.70 91.80
C LEU CC 5 -3.79 23.78 90.77
N TYR CC 6 -4.33 24.99 90.91
CA TYR CC 6 -4.00 26.04 89.95
C TYR CC 6 -2.54 26.48 90.10
N TRP CC 7 -1.99 26.40 91.30
CA TRP CC 7 -0.60 26.71 91.54
C TRP CC 7 0.03 25.65 92.43
N SER CC 8 -0.44 24.41 92.31
CA SER CC 8 0.03 23.34 93.18
C SER CC 8 1.50 23.06 92.97
N HIS CC 9 1.95 23.06 91.72
CA HIS CC 9 3.31 22.63 91.42
C HIS CC 9 4.30 23.61 92.02
N PRO CC 10 5.20 23.16 92.88
CA PRO CC 10 6.16 24.09 93.51
C PRO CC 10 7.31 24.40 92.58
N ARG CC 11 7.63 25.69 92.47
CA ARG CC 11 8.73 26.16 91.64
C ARG CC 11 9.68 27.01 92.48
N LYS CC 12 10.04 26.48 93.65
CA LYS CC 12 11.00 27.15 94.53
C LYS CC 12 12.42 27.09 94.01
N PHE CC 13 12.65 26.49 92.85
CA PHE CC 13 13.99 26.35 92.30
C PHE CC 13 13.88 26.14 90.79
N GLY CC 14 14.97 25.70 90.18
CA GLY CC 14 14.98 25.43 88.76
C GLY CC 14 14.99 26.71 87.95
N GLN CC 15 14.84 26.53 86.63
CA GLN CC 15 14.76 27.69 85.76
C GLN CC 15 13.41 28.37 85.84
N GLY CC 16 12.36 27.62 86.16
CA GLY CC 16 11.02 28.19 86.23
C GLY CC 16 10.86 29.22 87.34
N SER CC 17 11.73 29.18 88.35
CA SER CC 17 11.64 30.16 89.43
C SER CC 17 12.18 31.51 89.00
N ARG CC 18 13.08 31.54 88.02
CA ARG CC 18 13.85 32.73 87.70
C ARG CC 18 13.54 33.19 86.28
N SER CC 19 13.18 34.46 86.14
CA SER CC 19 12.86 35.04 84.84
C SER CC 19 13.57 36.37 84.71
N CYS CC 20 13.55 36.92 83.50
CA CYS CC 20 14.14 38.23 83.27
C CYS CC 20 13.29 39.30 83.93
N ARG CC 21 13.95 40.23 84.62
CA ARG CC 21 13.24 41.28 85.34
C ARG CC 21 12.65 42.33 84.41
N VAL CC 22 12.90 42.24 83.11
CA VAL CC 22 12.40 43.21 82.15
C VAL CC 22 11.43 42.57 81.17
N CYS CC 23 11.71 41.35 80.72
CA CYS CC 23 10.90 40.71 79.67
C CYS CC 23 10.43 39.31 80.06
N SER CC 24 10.69 38.87 81.28
CA SER CC 24 10.15 37.64 81.85
C SER CC 24 10.57 36.39 81.07
N ASN CC 25 11.67 36.47 80.33
CA ASN CC 25 12.17 35.30 79.63
C ASN CC 25 12.93 34.40 80.59
N ARG CC 26 12.96 33.11 80.26
CA ARG CC 26 13.69 32.13 81.04
C ARG CC 26 14.83 31.54 80.22
N HIS CC 27 15.54 32.39 79.48
CA HIS CC 27 16.69 31.95 78.70
C HIS CC 27 17.71 33.08 78.64
N GLY CC 28 18.98 32.71 78.78
CA GLY CC 28 20.04 33.69 78.82
C GLY CC 28 19.92 34.61 80.01
N LEU CC 29 19.85 34.05 81.21
CA LEU CC 29 19.60 34.81 82.43
C LEU CC 29 20.89 35.00 83.21
N ILE CC 30 21.14 36.23 83.63
CA ILE CC 30 22.35 36.58 84.37
C ILE CC 30 21.95 36.86 85.81
N ARG CC 31 22.29 35.94 86.70
CA ARG CC 31 22.08 36.16 88.12
C ARG CC 31 23.29 36.76 88.82
N LYS CC 32 24.41 36.89 88.11
CA LYS CC 32 25.63 37.39 88.73
C LYS CC 32 25.44 38.83 89.20
N TYR CC 33 26.00 39.12 90.38
CA TYR CC 33 25.82 40.41 91.06
C TYR CC 33 24.35 40.74 91.28
N GLY CC 34 23.53 39.70 91.45
CA GLY CC 34 22.11 39.89 91.67
C GLY CC 34 21.41 40.60 90.53
N LEU CC 35 21.87 40.39 89.30
CA LEU CC 35 21.38 41.19 88.18
C LEU CC 35 19.97 40.76 87.77
N ASN CC 36 19.72 39.45 87.76
CA ASN CC 36 18.39 38.88 87.47
C ASN CC 36 17.86 39.38 86.13
N MET CC 37 18.72 39.38 85.11
CA MET CC 37 18.43 40.07 83.85
C MET CC 37 18.70 39.17 82.66
N CYS CC 38 17.74 39.14 81.74
CA CYS CC 38 17.95 38.55 80.42
C CYS CC 38 19.08 39.26 79.68
N ARG CC 39 19.88 38.47 78.96
CA ARG CC 39 21.18 38.96 78.49
C ARG CC 39 21.06 39.88 77.29
N GLN CC 40 20.15 39.59 76.36
CA GLN CC 40 19.94 40.49 75.24
C GLN CC 40 19.36 41.81 75.73
N CYS CC 41 18.61 41.77 76.82
CA CYS CC 41 18.10 42.98 77.45
C CYS CC 41 19.24 43.75 78.11
N PHE CC 42 20.13 43.04 78.80
CA PHE CC 42 21.22 43.68 79.53
C PHE CC 42 22.22 44.33 78.58
N ARG CC 43 22.47 43.71 77.43
CA ARG CC 43 23.28 44.36 76.41
C ARG CC 43 22.68 45.69 75.99
N GLN CC 44 21.34 45.76 75.96
CA GLN CC 44 20.68 46.99 75.57
C GLN CC 44 20.76 48.04 76.67
N TYR CC 45 20.60 47.63 77.92
CA TYR CC 45 20.60 48.56 79.04
C TYR CC 45 21.99 48.76 79.65
N ALA CC 46 23.03 48.26 79.00
CA ALA CC 46 24.37 48.25 79.61
C ALA CC 46 24.87 49.66 79.90
N LYS CC 47 24.64 50.61 78.99
CA LYS CC 47 25.14 51.96 79.19
C LYS CC 47 24.48 52.63 80.40
N ASP CC 48 23.17 52.43 80.57
CA ASP CC 48 22.47 53.07 81.68
C ASP CC 48 22.85 52.46 83.01
N ILE CC 49 23.11 51.15 83.04
CA ILE CC 49 23.44 50.46 84.28
C ILE CC 49 24.80 50.91 84.78
N GLY CC 50 25.79 50.96 83.90
CA GLY CC 50 27.11 51.37 84.29
C GLY CC 50 28.19 50.40 83.87
N PHE CC 51 27.86 49.48 82.97
CA PHE CC 51 28.85 48.58 82.41
C PHE CC 51 29.33 49.12 81.07
N ILE CC 52 30.65 49.25 80.93
CA ILE CC 52 31.26 49.88 79.77
C ILE CC 52 32.25 48.91 79.17
N LYS CC 53 32.26 48.80 77.83
CA LYS CC 53 33.17 47.90 77.14
C LYS CC 53 34.53 48.58 76.99
N LEU CC 54 35.27 48.61 78.10
CA LEU CC 54 36.64 49.13 78.07
C LEU CC 54 37.53 48.27 77.18
N ASP CC 55 37.38 46.96 77.25
CA ASP CC 55 38.23 46.05 76.51
C ASP CC 55 37.49 44.76 76.15
N TYR DC 1 -6.89 16.86 66.07
CA TYR DC 1 -7.81 16.93 67.21
C TYR DC 1 -8.50 15.58 67.39
N THR DC 2 -9.72 15.50 66.87
CA THR DC 2 -10.57 14.30 66.83
C THR DC 2 -10.45 13.47 68.12
N THR DC 3 -10.79 14.12 69.22
CA THR DC 3 -10.70 13.48 70.53
C THR DC 3 -11.76 12.38 70.66
N PRO DC 4 -11.37 11.15 70.99
CA PRO DC 4 -12.36 10.09 71.17
C PRO DC 4 -13.33 10.34 72.32
N LYS DC 5 -12.95 11.16 73.30
CA LYS DC 5 -13.86 11.49 74.40
C LYS DC 5 -14.92 12.48 73.91
N LYS DC 6 -15.91 12.69 74.77
CA LYS DC 6 -17.01 13.58 74.45
C LYS DC 6 -16.94 14.84 75.29
N ASN DC 7 -17.48 15.93 74.73
CA ASN DC 7 -17.43 17.23 75.38
C ASN DC 7 -18.20 17.18 76.68
N LYS DC 8 -17.48 17.33 77.80
CA LYS DC 8 -18.07 17.14 79.11
C LYS DC 8 -19.00 18.29 79.45
N HIS DC 9 -20.20 17.96 79.89
CA HIS DC 9 -21.21 18.96 80.22
C HIS DC 9 -20.99 19.48 81.64
N LYS DC 10 -21.14 20.79 81.81
CA LYS DC 10 -20.94 21.39 83.13
C LYS DC 10 -22.24 21.38 83.92
N ARG DC 11 -22.11 21.38 85.24
CA ARG DC 11 -23.25 21.25 86.12
C ARG DC 11 -24.16 22.47 86.03
N LYS DC 12 -25.46 22.23 85.98
CA LYS DC 12 -26.47 23.28 86.02
C LYS DC 12 -27.14 23.24 87.39
N LYS DC 13 -27.29 24.39 88.02
CA LYS DC 13 -28.00 24.45 89.28
C LYS DC 13 -29.48 24.13 89.06
N VAL DC 14 -30.10 23.56 90.10
CA VAL DC 14 -31.52 23.21 90.02
C VAL DC 14 -32.41 24.43 90.00
N LYS DC 15 -31.87 25.62 90.26
CA LYS DC 15 -32.62 26.87 90.28
C LYS DC 15 -33.80 26.78 91.25
N LEU DC 16 -33.45 26.49 92.50
CA LEU DC 16 -34.43 26.22 93.53
C LEU DC 16 -35.23 27.47 93.88
N ALA DC 17 -36.42 27.25 94.43
CA ALA DC 17 -37.28 28.33 94.90
C ALA DC 17 -36.82 28.83 96.27
N VAL DC 18 -37.69 29.59 96.95
CA VAL DC 18 -37.37 30.07 98.28
C VAL DC 18 -37.08 28.87 99.20
N LEU DC 19 -36.27 29.13 100.24
CA LEU DC 19 -35.67 28.06 101.03
C LEU DC 19 -36.73 27.11 101.60
N LYS DC 20 -37.60 27.61 102.48
CA LYS DC 20 -38.75 26.86 103.01
C LYS DC 20 -38.33 25.53 103.65
N TYR DC 21 -37.59 25.61 104.75
CA TYR DC 21 -37.27 24.39 105.49
C TYR DC 21 -37.35 24.61 106.99
N TYR DC 22 -38.30 25.44 107.43
CA TYR DC 22 -38.69 25.53 108.84
C TYR DC 22 -40.04 26.22 108.88
N LYS DC 23 -40.91 25.77 109.79
CA LYS DC 23 -42.31 26.17 109.75
C LYS DC 23 -42.69 26.95 111.01
N VAL DC 24 -43.92 27.48 110.98
CA VAL DC 24 -44.54 28.13 112.12
C VAL DC 24 -45.91 27.50 112.33
N ASP DC 25 -46.25 27.24 113.59
CA ASP DC 25 -47.50 26.58 113.94
C ASP DC 25 -47.99 27.14 115.26
N GLU DC 26 -49.25 26.85 115.58
CA GLU DC 26 -49.92 27.33 116.80
C GLU DC 26 -49.83 28.85 116.90
N ASN DC 27 -50.48 29.50 115.92
CA ASN DC 27 -50.46 30.96 115.77
C ASN DC 27 -49.04 31.48 115.55
N GLY DC 28 -48.17 30.64 115.00
CA GLY DC 28 -46.81 31.06 114.71
C GLY DC 28 -45.81 30.66 115.78
N LYS DC 29 -44.99 29.66 115.49
CA LYS DC 29 -43.91 29.25 116.39
C LYS DC 29 -42.70 28.91 115.54
N ILE DC 30 -41.63 29.70 115.70
CA ILE DC 30 -40.40 29.42 114.97
C ILE DC 30 -39.85 28.08 115.43
N SER DC 31 -39.85 27.11 114.53
CA SER DC 31 -39.37 25.76 114.83
C SER DC 31 -38.62 25.25 113.63
N ARG DC 32 -37.43 24.72 113.86
CA ARG DC 32 -36.52 24.35 112.78
C ARG DC 32 -36.29 22.85 112.78
N LEU DC 33 -36.41 22.25 111.60
CA LEU DC 33 -36.03 20.86 111.39
C LEU DC 33 -34.62 20.73 110.79
N ARG DC 34 -33.90 21.84 110.67
CA ARG DC 34 -32.56 21.85 110.11
C ARG DC 34 -31.54 22.03 111.23
N ARG DC 35 -30.52 21.18 111.25
CA ARG DC 35 -29.45 21.30 112.23
C ARG DC 35 -28.65 22.57 111.98
N GLU DC 36 -28.13 23.14 113.06
CA GLU DC 36 -27.34 24.36 113.02
C GLU DC 36 -25.86 24.00 113.19
N CYS DC 37 -25.00 24.54 112.33
CA CYS DC 37 -23.57 24.43 112.57
C CYS DC 37 -23.17 25.52 113.55
N PRO DC 38 -22.58 25.16 114.69
CA PRO DC 38 -22.37 26.13 115.77
C PRO DC 38 -21.02 26.83 115.78
N SER DC 39 -20.21 26.66 114.74
CA SER DC 39 -18.88 27.27 114.72
C SER DC 39 -19.01 28.79 114.77
N ASP DC 40 -18.10 29.41 115.52
CA ASP DC 40 -18.20 30.85 115.77
C ASP DC 40 -18.04 31.66 114.48
N GLU DC 41 -17.09 31.29 113.63
CA GLU DC 41 -16.96 31.98 112.35
C GLU DC 41 -18.10 31.63 111.42
N CYS DC 42 -18.68 30.44 111.58
CA CYS DC 42 -19.83 30.05 110.76
C CYS DC 42 -21.02 30.96 111.02
N GLY DC 43 -21.25 31.30 112.29
CA GLY DC 43 -22.41 32.09 112.66
C GLY DC 43 -23.61 31.23 113.01
N ALA DC 44 -24.59 31.87 113.65
CA ALA DC 44 -25.81 31.20 114.06
C ALA DC 44 -26.98 31.44 113.11
N GLY DC 45 -26.72 32.06 111.95
CA GLY DC 45 -27.77 32.31 110.98
C GLY DC 45 -27.93 31.22 109.94
N VAL DC 46 -26.84 30.56 109.60
CA VAL DC 46 -26.85 29.56 108.55
C VAL DC 46 -27.37 28.23 109.09
N PHE DC 47 -27.70 27.32 108.18
CA PHE DC 47 -28.21 26.00 108.53
C PHE DC 47 -27.40 24.93 107.82
N MET DC 48 -27.11 23.85 108.53
CA MET DC 48 -26.44 22.71 107.92
C MET DC 48 -27.33 22.07 106.87
N ALA DC 49 -26.71 21.65 105.76
CA ALA DC 49 -27.39 20.78 104.82
C ALA DC 49 -27.76 19.48 105.50
N SER DC 50 -28.98 19.03 105.27
CA SER DC 50 -29.46 17.75 105.77
C SER DC 50 -29.19 16.68 104.72
N HIS DC 51 -28.71 15.52 105.14
CA HIS DC 51 -28.48 14.43 104.22
C HIS DC 51 -29.16 13.18 104.74
N PHE DC 52 -29.05 12.08 104.00
CA PHE DC 52 -29.67 10.84 104.41
C PHE DC 52 -29.02 10.27 105.68
N ASP DC 53 -27.70 10.46 105.84
CA ASP DC 53 -27.06 9.96 107.05
C ASP DC 53 -25.99 10.91 107.58
N ARG DC 54 -26.03 12.18 107.22
CA ARG DC 54 -24.97 13.10 107.64
C ARG DC 54 -25.46 14.53 107.58
N HIS DC 55 -24.62 15.43 108.09
CA HIS DC 55 -24.91 16.85 108.14
C HIS DC 55 -23.63 17.64 107.94
N TYR DC 56 -23.61 18.46 106.90
CA TYR DC 56 -22.48 19.35 106.61
C TYR DC 56 -23.00 20.77 106.54
N CYS DC 57 -22.44 21.65 107.37
CA CYS DC 57 -22.81 23.05 107.33
C CYS DC 57 -22.41 23.67 105.99
N GLY DC 58 -23.10 24.74 105.60
CA GLY DC 58 -22.77 25.40 104.34
C GLY DC 58 -21.34 25.90 104.32
N LYS DC 59 -20.88 26.48 105.42
CA LYS DC 59 -19.49 26.87 105.56
C LYS DC 59 -18.67 25.65 105.93
N CYS DC 60 -17.43 25.85 106.37
CA CYS DC 60 -16.62 24.75 106.87
C CYS DC 60 -16.90 24.52 108.36
N CYS DC 61 -18.19 24.32 108.66
CA CYS DC 61 -18.59 23.92 110.00
C CYS DC 61 -18.45 22.41 110.19
N LEU DC 62 -17.31 21.86 109.79
CA LEU DC 62 -17.02 20.42 109.80
C LEU DC 62 -18.13 19.60 109.15
N THR DC 63 -18.16 18.31 109.46
CA THR DC 63 -19.20 17.41 108.97
C THR DC 63 -19.31 16.28 110.00
N TYR DC 64 -20.37 16.31 110.80
CA TYR DC 64 -20.60 15.29 111.81
C TYR DC 64 -21.75 14.41 111.36
N CYS DC 65 -21.52 13.10 111.36
CA CYS DC 65 -22.54 12.11 111.05
C CYS DC 65 -22.65 11.14 112.21
N PHE DC 66 -23.77 10.41 112.23
CA PHE DC 66 -24.07 9.50 113.33
C PHE DC 66 -23.24 8.23 113.18
N ASN DC 67 -22.59 7.83 114.28
CA ASN DC 67 -21.76 6.63 114.28
C ASN DC 67 -22.21 5.67 115.38
N THR EC 1 101.81 82.47 76.79
CA THR EC 1 102.49 81.19 76.66
C THR EC 1 101.64 80.06 77.22
N GLU EC 2 100.74 80.40 78.14
CA GLU EC 2 99.90 79.40 78.78
C GLU EC 2 98.78 78.96 77.85
N GLN EC 3 98.48 77.66 77.87
CA GLN EC 3 97.38 77.10 77.11
C GLN EC 3 96.95 75.79 77.76
N MET EC 4 95.75 75.34 77.41
CA MET EC 4 95.19 74.13 78.02
C MET EC 4 95.89 72.89 77.51
N THR EC 5 95.82 71.82 78.32
CA THR EC 5 96.48 70.56 78.00
C THR EC 5 95.65 69.44 78.62
N LEU EC 6 95.24 68.48 77.82
CA LEU EC 6 94.34 67.43 78.29
C LEU EC 6 95.13 66.41 79.10
N ARG EC 7 94.93 66.41 80.41
CA ARG EC 7 95.56 65.42 81.28
C ARG EC 7 94.73 64.16 81.44
N GLY EC 8 93.40 64.29 81.49
CA GLY EC 8 92.59 63.12 81.73
C GLY EC 8 91.13 63.34 81.41
N THR EC 9 90.36 62.28 81.63
CA THR EC 9 88.93 62.27 81.31
C THR EC 9 88.19 61.44 82.34
N LEU EC 10 87.17 62.05 82.95
CA LEU EC 10 86.27 61.37 83.86
C LEU EC 10 85.21 60.64 83.06
N LYS EC 11 85.03 59.36 83.38
CA LYS EC 11 84.13 58.45 82.70
C LYS EC 11 83.32 57.67 83.73
N GLY EC 12 82.05 57.41 83.41
CA GLY EC 12 81.19 56.69 84.32
C GLY EC 12 79.74 57.13 84.29
N HIS EC 13 79.47 58.30 83.71
CA HIS EC 13 78.10 58.76 83.56
C HIS EC 13 77.39 57.99 82.44
N ASN EC 14 76.12 58.32 82.25
CA ASN EC 14 75.35 57.81 81.12
C ASN EC 14 74.57 58.89 80.40
N GLY EC 15 74.43 60.10 80.96
CA GLY EC 15 73.66 61.14 80.32
C GLY EC 15 74.50 62.40 80.12
N TRP EC 16 73.93 63.35 79.39
CA TRP EC 16 74.60 64.59 79.07
C TRP EC 16 74.99 65.31 80.35
N VAL EC 17 76.29 65.51 80.55
CA VAL EC 17 76.78 66.14 81.76
C VAL EC 17 76.39 67.61 81.73
N THR EC 18 75.37 67.97 82.52
CA THR EC 18 74.79 69.30 82.42
C THR EC 18 75.45 70.34 83.31
N GLN EC 19 75.99 69.93 84.47
CA GLN EC 19 76.54 70.88 85.41
C GLN EC 19 77.73 70.26 86.12
N ILE EC 20 78.73 71.09 86.39
CA ILE EC 20 79.89 70.70 87.19
C ILE EC 20 79.99 71.66 88.36
N ALA EC 21 79.93 71.12 89.57
CA ALA EC 21 80.01 71.91 90.79
C ALA EC 21 81.31 71.58 91.51
N THR EC 22 82.12 72.59 91.77
CA THR EC 22 83.38 72.46 92.47
C THR EC 22 83.40 73.43 93.64
N THR EC 23 84.27 73.14 94.61
CA THR EC 23 84.28 73.91 95.84
C THR EC 23 85.67 74.47 96.12
N PRO EC 24 85.74 75.65 96.75
CA PRO EC 24 87.05 76.24 97.05
C PRO EC 24 87.88 75.43 98.02
N GLN EC 25 87.32 75.14 99.20
CA GLN EC 25 88.11 74.58 100.29
C GLN EC 25 88.53 73.13 100.04
N PHE EC 26 87.84 72.41 99.15
CA PHE EC 26 88.17 71.02 98.84
C PHE EC 26 88.39 70.88 97.34
N PRO EC 27 89.53 71.35 96.83
CA PRO EC 27 89.81 71.20 95.40
C PRO EC 27 90.16 69.78 95.00
N ASP EC 28 90.39 68.88 95.95
CA ASP EC 28 90.73 67.51 95.62
C ASP EC 28 89.53 66.70 95.12
N MET EC 29 88.33 67.26 95.20
CA MET EC 29 87.14 66.58 94.72
C MET EC 29 86.25 67.58 94.01
N ILE EC 30 85.41 67.06 93.11
CA ILE EC 30 84.41 67.82 92.39
C ILE EC 30 83.12 67.00 92.37
N LEU EC 31 82.10 67.52 91.71
CA LEU EC 31 80.94 66.68 91.40
C LEU EC 31 80.26 67.21 90.16
N SER EC 32 79.36 66.41 89.61
CA SER EC 32 78.74 66.73 88.35
C SER EC 32 77.36 66.10 88.26
N ALA EC 33 76.42 66.86 87.72
CA ALA EC 33 75.11 66.39 87.33
C ALA EC 33 75.14 65.91 85.88
N SER EC 34 74.10 65.17 85.51
CA SER EC 34 73.99 64.67 84.14
C SER EC 34 72.52 64.42 83.85
N ARG EC 35 72.24 63.95 82.64
CA ARG EC 35 70.90 63.52 82.27
C ARG EC 35 70.65 62.08 82.62
N ASP EC 36 71.39 61.54 83.59
CA ASP EC 36 71.16 60.21 84.12
C ASP EC 36 70.30 60.23 85.37
N LYS EC 37 69.64 61.36 85.64
CA LYS EC 37 68.80 61.54 86.83
C LYS EC 37 69.60 61.35 88.12
N THR EC 38 70.89 61.68 88.07
CA THR EC 38 71.77 61.51 89.22
C THR EC 38 72.96 62.44 89.07
N ILE EC 39 73.55 62.81 90.20
CA ILE EC 39 74.81 63.55 90.25
C ILE EC 39 75.80 62.69 91.01
N ILE EC 40 77.05 62.71 90.59
CA ILE EC 40 78.09 61.93 91.25
C ILE EC 40 79.32 62.81 91.47
N MET EC 41 80.09 62.48 92.49
CA MET EC 41 81.25 63.26 92.88
C MET EC 41 82.52 62.48 92.60
N TRP EC 42 83.55 63.21 92.20
CA TRP EC 42 84.81 62.64 91.73
C TRP EC 42 85.94 63.02 92.67
N LYS EC 43 86.70 62.02 93.10
CA LYS EC 43 87.93 62.19 93.85
C LYS EC 43 89.10 62.24 92.88
N LEU EC 44 89.70 63.41 92.70
CA LEU EC 44 90.81 63.57 91.76
C LEU EC 44 92.05 62.94 92.36
N THR EC 45 92.37 61.71 91.94
CA THR EC 45 93.54 61.02 92.46
C THR EC 45 94.83 61.53 91.84
N ARG EC 46 94.77 62.05 90.62
CA ARG EC 46 95.93 62.57 89.89
C ARG EC 46 96.97 61.49 89.65
N ASP EC 47 96.54 60.38 89.06
CA ASP EC 47 97.43 59.34 88.58
C ASP EC 47 97.19 59.11 87.09
N GLU EC 48 98.08 58.33 86.48
CA GLU EC 48 98.02 58.16 85.04
C GLU EC 48 96.78 57.38 84.60
N THR EC 49 96.29 56.47 85.44
CA THR EC 49 95.16 55.63 85.04
C THR EC 49 93.90 56.46 84.84
N ASN EC 50 93.67 57.43 85.72
CA ASN EC 50 92.53 58.31 85.61
C ASN EC 50 92.78 59.58 86.41
N TYR EC 51 92.33 60.71 85.87
CA TYR EC 51 92.45 61.97 86.58
C TYR EC 51 91.66 61.94 87.88
N GLY EC 52 90.49 61.29 87.87
CA GLY EC 52 89.68 61.16 89.06
C GLY EC 52 88.84 59.90 89.00
N ILE EC 53 88.18 59.61 90.12
CA ILE EC 53 87.35 58.41 90.23
C ILE EC 53 86.04 58.77 90.90
N PRO EC 54 84.96 58.07 90.55
CA PRO EC 54 83.69 58.30 91.24
C PRO EC 54 83.71 57.67 92.63
N GLN EC 55 83.39 58.48 93.63
CA GLN EC 55 83.41 58.01 95.01
C GLN EC 55 82.04 57.91 95.64
N ARG EC 56 81.19 58.92 95.47
CA ARG EC 56 79.86 58.91 96.04
C ARG EC 56 78.85 59.30 94.96
N ALA EC 57 77.74 58.57 94.92
CA ALA EC 57 76.67 58.80 93.95
C ALA EC 57 75.42 59.27 94.67
N LEU EC 58 74.76 60.28 94.11
CA LEU EC 58 73.56 60.88 94.70
C LEU EC 58 72.40 60.64 93.75
N ARG EC 59 71.59 59.63 94.04
CA ARG EC 59 70.46 59.26 93.20
C ARG EC 59 69.15 59.54 93.93
N GLY EC 60 68.10 59.79 93.15
CA GLY EC 60 66.79 60.02 93.74
C GLY EC 60 65.96 61.03 92.99
N HIS EC 61 66.56 61.70 92.01
CA HIS EC 61 65.82 62.68 91.22
C HIS EC 61 64.96 61.99 90.17
N SER EC 62 63.73 62.48 90.00
CA SER EC 62 62.79 61.82 89.13
C SER EC 62 63.14 61.97 87.65
N HIS EC 63 63.75 63.08 87.26
CA HIS EC 63 64.00 63.31 85.84
C HIS EC 63 65.42 63.85 85.70
N PHE EC 64 65.77 64.41 84.55
CA PHE EC 64 67.12 64.91 84.32
C PHE EC 64 67.51 65.96 85.35
N VAL EC 65 68.47 65.65 86.21
CA VAL EC 65 68.96 66.65 87.14
C VAL EC 65 69.74 67.70 86.36
N SER EC 66 69.35 68.97 86.53
CA SER EC 66 69.84 70.04 85.69
C SER EC 66 70.94 70.85 86.35
N ASP EC 67 70.68 71.44 87.51
CA ASP EC 67 71.65 72.38 88.08
C ASP EC 67 71.96 72.00 89.52
N VAL EC 68 73.18 72.29 89.94
CA VAL EC 68 73.60 72.03 91.32
C VAL EC 68 74.70 73.03 91.69
N VAL EC 69 74.61 73.55 92.91
CA VAL EC 69 75.61 74.47 93.45
C VAL EC 69 76.06 73.96 94.81
N ILE EC 70 77.38 73.94 95.02
CA ILE EC 70 77.97 73.53 96.29
C ILE EC 70 77.95 74.70 97.27
N SER EC 71 77.61 74.42 98.52
CA SER EC 71 77.60 75.44 99.55
C SER EC 71 78.99 75.99 99.80
N SER EC 72 79.04 77.15 100.48
CA SER EC 72 80.32 77.78 100.75
C SER EC 72 81.20 76.90 101.63
N ASP EC 73 80.62 76.26 102.64
CA ASP EC 73 81.38 75.31 103.44
C ASP EC 73 81.49 73.94 102.77
N GLY EC 74 80.73 73.70 101.70
CA GLY EC 74 80.81 72.46 100.96
C GLY EC 74 80.11 71.28 101.58
N GLN EC 75 79.53 71.44 102.76
CA GLN EC 75 78.80 70.33 103.38
C GLN EC 75 77.53 70.00 102.59
N PHE EC 76 76.93 71.00 101.96
CA PHE EC 76 75.67 70.83 101.26
C PHE EC 76 75.83 71.10 99.77
N ALA EC 77 74.89 70.55 99.01
CA ALA EC 77 74.84 70.81 97.56
C ALA EC 77 73.37 70.86 97.17
N LEU EC 78 72.94 71.95 96.57
CA LEU EC 78 71.54 72.07 96.15
C LEU EC 78 71.43 71.80 94.67
N SER EC 79 70.56 70.87 94.30
CA SER EC 79 70.36 70.46 92.91
C SER EC 79 68.89 70.53 92.55
N GLY EC 80 68.58 71.24 91.48
CA GLY EC 80 67.25 71.27 90.91
C GLY EC 80 67.22 70.44 89.64
N SER EC 81 66.10 69.74 89.44
CA SER EC 81 65.97 68.77 88.37
C SER EC 81 64.81 69.13 87.46
N TRP EC 82 64.73 68.43 86.32
CA TRP EC 82 63.65 68.61 85.36
C TRP EC 82 62.30 68.23 85.92
N ASP EC 83 62.24 67.43 86.97
CA ASP EC 83 60.98 67.00 87.55
C ASP EC 83 60.25 68.12 88.31
N GLY EC 84 60.66 69.37 88.24
CA GLY EC 84 59.97 70.44 88.92
C GLY EC 84 60.26 70.56 90.40
N THR EC 85 61.31 69.93 90.90
CA THR EC 85 61.66 70.00 92.31
C THR EC 85 63.16 70.23 92.48
N LEU EC 86 63.53 70.39 93.76
CA LEU EC 86 64.90 70.64 94.18
C LEU EC 86 65.20 69.76 95.38
N ARG EC 87 66.46 69.37 95.51
CA ARG EC 87 66.94 68.59 96.62
C ARG EC 87 68.17 69.26 97.20
N LEU EC 88 68.38 69.08 98.51
CA LEU EC 88 69.56 69.62 99.18
C LEU EC 88 70.29 68.45 99.82
N TRP EC 89 71.33 67.98 99.14
CA TRP EC 89 72.09 66.84 99.60
C TRP EC 89 73.19 67.28 100.57
N ASP EC 90 73.63 66.32 101.39
CA ASP EC 90 74.81 66.49 102.22
C ASP EC 90 75.92 65.60 101.67
N LEU EC 91 77.16 66.05 101.86
CA LEU EC 91 78.31 65.31 101.38
C LEU EC 91 78.84 64.29 102.37
N THR EC 92 78.27 64.23 103.58
CA THR EC 92 78.66 63.20 104.53
C THR EC 92 77.90 61.91 104.28
N THR EC 93 76.59 62.00 104.11
CA THR EC 93 75.73 60.85 103.94
C THR EC 93 75.30 60.62 102.50
N GLY EC 94 75.12 61.68 101.73
CA GLY EC 94 74.62 61.54 100.37
C GLY EC 94 73.13 61.37 100.29
N THR EC 95 72.40 61.73 101.34
CA THR EC 95 70.96 61.60 101.39
C THR EC 95 70.33 62.98 101.41
N THR EC 96 69.27 63.15 100.62
CA THR EC 96 68.58 64.43 100.53
C THR EC 96 67.97 64.77 101.89
N THR EC 97 68.50 65.81 102.54
CA THR EC 97 67.93 66.26 103.80
C THR EC 97 66.61 66.97 103.58
N ARG EC 98 66.55 67.88 102.61
CA ARG EC 98 65.37 68.71 102.40
C ARG EC 98 65.07 68.80 100.92
N ARG EC 99 63.79 69.01 100.62
CA ARG EC 99 63.30 69.15 99.26
C ARG EC 99 62.59 70.48 99.10
N PHE EC 100 62.54 70.96 97.87
CA PHE EC 100 61.87 72.19 97.50
C PHE EC 100 60.90 71.85 96.38
N VAL EC 101 59.61 71.92 96.69
CA VAL EC 101 58.55 71.47 95.79
C VAL EC 101 57.58 72.62 95.58
N GLY EC 102 57.07 72.73 94.35
CA GLY EC 102 56.11 73.77 94.03
C GLY EC 102 56.27 74.30 92.63
N HIS EC 103 57.45 74.11 92.05
CA HIS EC 103 57.68 74.51 90.66
C HIS EC 103 56.84 73.63 89.75
N THR EC 104 55.75 74.19 89.23
CA THR EC 104 54.84 73.42 88.39
C THR EC 104 55.46 73.04 87.04
N LYS EC 105 56.59 73.64 86.67
CA LYS EC 105 57.30 73.23 85.47
C LYS EC 105 58.74 72.87 85.80
N ASP EC 106 59.54 72.63 84.77
CA ASP EC 106 60.85 71.99 84.94
C ASP EC 106 61.84 72.97 85.54
N VAL EC 107 62.39 72.61 86.70
CA VAL EC 107 63.44 73.42 87.31
C VAL EC 107 64.70 73.31 86.46
N LEU EC 108 65.20 74.45 85.99
CA LEU EC 108 66.32 74.46 85.06
C LEU EC 108 67.59 75.09 85.61
N SER EC 109 67.49 76.11 86.47
CA SER EC 109 68.68 76.75 86.99
C SER EC 109 68.52 76.97 88.50
N VAL EC 110 69.58 76.69 89.24
CA VAL EC 110 69.59 76.88 90.68
C VAL EC 110 70.67 77.88 91.04
N ALA EC 111 70.48 78.55 92.17
CA ALA EC 111 71.43 79.55 92.65
C ALA EC 111 71.48 79.49 94.16
N PHE EC 112 72.65 79.12 94.69
CA PHE EC 112 72.94 79.11 96.11
C PHE EC 112 73.47 80.48 96.51
N SER EC 113 73.13 80.92 97.72
CA SER EC 113 73.47 82.27 98.13
C SER EC 113 74.90 82.34 98.68
N SER EC 114 75.46 83.54 98.61
CA SER EC 114 76.79 83.77 99.18
C SER EC 114 76.76 83.64 100.71
N ASP EC 115 75.66 84.05 101.33
CA ASP EC 115 75.54 83.99 102.79
C ASP EC 115 75.01 82.66 103.30
N ASN EC 116 74.83 81.67 102.40
CA ASN EC 116 74.40 80.32 102.77
C ASN EC 116 73.04 80.35 103.48
N ARG EC 117 72.15 81.23 103.02
CA ARG EC 117 70.85 81.40 103.65
C ARG EC 117 69.73 81.29 102.62
N GLN EC 118 70.01 81.70 101.38
CA GLN EC 118 68.98 81.88 100.37
C GLN EC 118 69.27 81.05 99.13
N ILE EC 119 68.18 80.71 98.43
CA ILE EC 119 68.23 79.98 97.17
C ILE EC 119 67.32 80.69 96.19
N VAL EC 120 67.75 80.76 94.93
CA VAL EC 120 66.89 81.26 93.85
C VAL EC 120 66.82 80.19 92.77
N SER EC 121 65.60 79.80 92.42
CA SER EC 121 65.39 78.78 91.39
C SER EC 121 64.65 79.40 90.21
N GLY EC 122 65.18 79.14 89.02
CA GLY EC 122 64.53 79.49 87.76
C GLY EC 122 64.06 78.24 87.06
N SER EC 123 62.81 78.27 86.61
CA SER EC 123 62.15 77.11 86.04
C SER EC 123 61.40 77.55 84.79
N ARG EC 124 60.94 76.56 84.03
CA ARG EC 124 60.17 76.81 82.82
C ARG EC 124 58.80 77.41 83.08
N ASP EC 125 58.35 77.44 84.35
CA ASP EC 125 57.05 78.01 84.68
C ASP EC 125 57.05 79.53 84.70
N LYS EC 126 58.10 80.16 84.17
CA LYS EC 126 58.19 81.61 83.99
C LYS EC 126 58.15 82.38 85.31
N THR EC 127 58.38 81.70 86.43
CA THR EC 127 58.35 82.32 87.75
C THR EC 127 59.66 82.05 88.46
N ILE EC 128 60.18 83.06 89.16
CA ILE EC 128 61.42 82.90 89.93
C ILE EC 128 61.03 82.60 91.37
N LYS EC 129 61.62 81.56 91.96
CA LYS EC 129 61.22 81.18 93.31
C LYS EC 129 62.39 81.37 94.27
N LEU EC 130 62.16 82.22 95.29
CA LEU EC 130 63.16 82.58 96.29
C LEU EC 130 62.85 81.86 97.58
N TRP EC 131 63.84 81.11 98.10
CA TRP EC 131 63.68 80.18 99.20
C TRP EC 131 64.71 80.49 100.28
N ASN EC 132 64.39 80.09 101.50
CA ASN EC 132 65.34 80.13 102.61
C ASN EC 132 65.92 78.74 102.83
N THR EC 133 66.75 78.60 103.87
CA THR EC 133 67.44 77.33 104.12
C THR EC 133 66.46 76.24 104.55
N LEU EC 134 65.39 76.62 105.25
CA LEU EC 134 64.44 75.65 105.78
C LEU EC 134 63.68 74.89 104.69
N GLY EC 135 63.60 75.46 103.49
CA GLY EC 135 62.72 74.94 102.45
C GLY EC 135 61.48 75.77 102.23
N VAL EC 136 61.25 76.79 103.05
CA VAL EC 136 60.09 77.65 102.94
C VAL EC 136 60.31 78.61 101.77
N CYS EC 137 59.33 78.69 100.88
CA CYS EC 137 59.36 79.66 99.79
C CYS EC 137 59.13 81.05 100.37
N LYS EC 138 60.22 81.79 100.57
CA LYS EC 138 60.10 83.14 101.10
C LYS EC 138 59.31 84.04 100.15
N TYR EC 139 59.59 83.94 98.85
CA TYR EC 139 58.84 84.75 97.89
C TYR EC 139 58.92 84.11 96.52
N THR EC 140 58.11 84.63 95.60
CA THR EC 140 58.12 84.20 94.20
C THR EC 140 58.04 85.44 93.33
N VAL EC 141 59.16 85.77 92.69
CA VAL EC 141 59.23 86.86 91.72
C VAL EC 141 58.32 86.50 90.55
N GLN EC 142 57.24 87.26 90.40
CA GLN EC 142 56.29 87.14 89.29
C GLN EC 142 55.89 88.48 88.69
N ASP EC 143 56.00 89.57 89.43
CA ASP EC 143 55.65 90.89 88.89
C ASP EC 143 56.73 91.35 87.93
N GLU EC 144 56.32 91.61 86.68
CA GLU EC 144 57.25 91.89 85.58
C GLU EC 144 58.32 90.80 85.51
N SER EC 145 57.87 89.56 85.56
CA SER EC 145 58.79 88.44 85.64
C SER EC 145 59.47 88.22 84.29
N HIS EC 146 60.38 87.25 84.27
CA HIS EC 146 61.26 87.06 83.13
C HIS EC 146 60.49 86.68 81.87
N SER EC 147 59.50 85.79 82.00
CA SER EC 147 58.68 85.26 80.92
C SER EC 147 59.49 84.39 79.96
N GLU EC 148 58.82 83.40 79.38
CA GLU EC 148 59.42 82.49 78.39
C GLU EC 148 60.66 81.80 78.96
N TRP EC 149 60.42 81.04 80.04
CA TRP EC 149 61.40 80.15 80.69
C TRP EC 149 62.53 80.90 81.37
N VAL EC 150 63.05 80.33 82.45
CA VAL EC 150 64.23 80.84 83.15
C VAL EC 150 65.17 79.66 83.32
N SER EC 151 66.13 79.53 82.42
CA SER EC 151 67.10 78.44 82.46
C SER EC 151 68.45 78.93 82.95
N CYS EC 152 68.47 80.05 83.66
CA CYS EC 152 69.68 80.87 83.74
C CYS EC 152 69.56 81.83 84.90
N VAL EC 153 70.40 81.67 85.92
CA VAL EC 153 70.35 82.51 87.12
C VAL EC 153 71.69 82.40 87.83
N ARG EC 154 72.04 83.43 88.59
CA ARG EC 154 73.27 83.43 89.38
C ARG EC 154 73.20 84.52 90.45
N PHE EC 155 73.71 84.21 91.64
CA PHE EC 155 73.84 85.18 92.71
C PHE EC 155 75.06 86.07 92.52
N SER EC 156 75.14 87.11 93.35
CA SER EC 156 76.22 88.07 93.28
C SER EC 156 77.41 87.58 94.11
N PRO EC 157 78.61 87.49 93.54
CA PRO EC 157 79.78 87.12 94.35
C PRO EC 157 80.16 88.18 95.37
N ASN EC 158 79.72 89.42 95.19
CA ASN EC 158 80.06 90.50 96.12
C ASN EC 158 78.96 90.69 97.15
N SER EC 159 79.37 91.11 98.35
CA SER EC 159 78.43 91.31 99.44
C SER EC 159 77.72 92.64 99.38
N SER EC 160 78.41 93.70 98.94
CA SER EC 160 77.82 95.03 98.91
C SER EC 160 76.74 95.08 97.84
N ASN EC 161 75.49 95.29 98.27
CA ASN EC 161 74.32 95.35 97.41
C ASN EC 161 74.20 94.06 96.59
N PRO EC 162 73.85 92.94 97.24
CA PRO EC 162 73.75 91.68 96.49
C PRO EC 162 72.63 91.73 95.46
N ILE EC 163 72.88 91.08 94.32
CA ILE EC 163 71.97 91.09 93.19
C ILE EC 163 71.67 89.65 92.79
N ILE EC 164 70.69 89.51 91.89
CA ILE EC 164 70.37 88.24 91.25
C ILE EC 164 70.15 88.52 89.77
N VAL EC 165 70.78 87.73 88.91
CA VAL EC 165 70.84 88.01 87.48
C VAL EC 165 70.27 86.81 86.73
N SER EC 166 69.47 87.08 85.70
CA SER EC 166 68.92 86.05 84.84
C SER EC 166 69.01 86.51 83.39
N CYS EC 167 69.09 85.53 82.50
CA CYS EC 167 69.18 85.81 81.07
C CYS EC 167 68.04 85.15 80.31
N GLY EC 168 67.63 83.95 80.74
CA GLY EC 168 66.44 83.29 80.23
C GLY EC 168 66.36 83.12 78.73
N TRP EC 169 65.16 82.85 78.23
CA TRP EC 169 64.97 82.59 76.81
C TRP EC 169 64.18 83.68 76.09
N ASP EC 170 63.76 84.73 76.78
CA ASP EC 170 63.09 85.84 76.14
C ASP EC 170 64.06 86.92 75.65
N LYS EC 171 65.31 86.54 75.36
CA LYS EC 171 66.30 87.40 74.73
C LYS EC 171 66.55 88.68 75.52
N LEU EC 172 66.39 88.62 76.84
CA LEU EC 172 66.45 89.80 77.68
C LEU EC 172 67.09 89.44 79.01
N VAL EC 173 68.00 90.29 79.48
CA VAL EC 173 68.71 90.04 80.74
C VAL EC 173 68.11 90.92 81.82
N LYS EC 174 67.73 90.32 82.94
CA LYS EC 174 67.09 91.01 84.03
C LYS EC 174 67.91 90.87 85.31
N VAL EC 175 68.01 91.96 86.07
CA VAL EC 175 68.69 91.94 87.36
C VAL EC 175 67.73 92.45 88.42
N TRP EC 176 67.69 91.76 89.56
CA TRP EC 176 66.96 92.20 90.75
C TRP EC 176 67.88 92.21 91.95
N ASN EC 177 67.33 92.58 93.10
CA ASN EC 177 68.00 92.47 94.38
C ASN EC 177 67.12 91.68 95.33
N LEU EC 178 67.76 90.98 96.28
CA LEU EC 178 67.00 90.16 97.21
C LEU EC 178 66.29 90.98 98.27
N ALA EC 179 66.88 92.11 98.68
CA ALA EC 179 66.33 92.86 99.81
C ALA EC 179 65.09 93.65 99.42
N ASN EC 180 64.78 93.76 98.14
CA ASN EC 180 63.59 94.47 97.69
C ASN EC 180 62.74 93.70 96.69
N CYS EC 181 63.28 92.68 96.04
CA CYS EC 181 62.56 91.83 95.10
C CYS EC 181 61.89 92.67 94.02
N LYS EC 182 62.71 93.47 93.33
CA LYS EC 182 62.20 94.41 92.35
C LYS EC 182 63.20 94.53 91.20
N LEU EC 183 62.70 95.02 90.07
CA LEU EC 183 63.54 95.18 88.89
C LEU EC 183 64.60 96.26 89.13
N LYS EC 184 65.85 95.91 88.85
CA LYS EC 184 66.97 96.82 88.94
C LYS EC 184 67.45 97.31 87.58
N THR EC 185 67.67 96.39 86.64
CA THR EC 185 68.05 96.81 85.30
C THR EC 185 67.63 95.75 84.29
N ASN EC 186 67.27 96.23 83.11
CA ASN EC 186 66.85 95.44 81.97
C ASN EC 186 67.87 95.63 80.85
N HIS EC 187 68.08 94.58 80.06
CA HIS EC 187 69.06 94.65 78.97
C HIS EC 187 68.51 93.90 77.77
N ILE EC 188 68.12 94.65 76.75
CA ILE EC 188 67.75 94.11 75.44
C ILE EC 188 68.97 94.19 74.53
N GLY EC 189 68.94 93.41 73.45
CA GLY EC 189 70.03 93.44 72.49
C GLY EC 189 70.46 92.06 72.07
N HIS EC 190 69.72 91.05 72.51
CA HIS EC 190 70.05 89.65 72.25
C HIS EC 190 69.21 89.14 71.08
N THR EC 191 69.87 88.50 70.13
CA THR EC 191 69.25 88.01 68.89
C THR EC 191 68.89 86.53 68.98
N GLY EC 192 68.44 86.10 70.15
CA GLY EC 192 68.01 84.73 70.34
C GLY EC 192 67.86 84.46 71.81
N TYR EC 193 67.32 83.27 72.11
CA TYR EC 193 67.20 82.88 73.50
C TYR EC 193 68.57 82.68 74.11
N LEU EC 194 68.75 83.14 75.33
CA LEU EC 194 70.03 83.04 76.00
C LEU EC 194 70.11 81.77 76.83
N ASN EC 195 71.32 81.26 76.98
CA ASN EC 195 71.56 79.99 77.66
C ASN EC 195 72.16 80.13 79.04
N THR EC 196 73.09 81.05 79.25
CA THR EC 196 73.73 81.15 80.55
C THR EC 196 74.23 82.56 80.81
N VAL EC 197 74.16 82.97 82.08
CA VAL EC 197 74.76 84.21 82.54
C VAL EC 197 75.75 83.86 83.63
N THR EC 198 76.86 84.59 83.66
CA THR EC 198 77.87 84.43 84.69
C THR EC 198 78.28 85.79 85.19
N VAL EC 199 78.82 85.82 86.41
CA VAL EC 199 79.29 87.04 87.03
C VAL EC 199 80.76 86.85 87.40
N SER EC 200 81.54 87.91 87.20
CA SER EC 200 82.95 87.88 87.54
C SER EC 200 83.13 87.70 89.05
N PRO EC 201 84.25 87.12 89.48
CA PRO EC 201 84.44 86.85 90.92
C PRO EC 201 84.37 88.10 91.79
N ASP EC 202 84.81 89.24 91.28
CA ASP EC 202 84.76 90.48 92.06
C ASP EC 202 83.41 91.18 91.98
N GLY EC 203 82.44 90.60 91.28
CA GLY EC 203 81.15 91.23 91.11
C GLY EC 203 81.22 92.51 90.30
N SER EC 204 81.92 92.46 89.18
CA SER EC 204 82.11 93.63 88.33
C SER EC 204 81.54 93.45 86.92
N LEU EC 205 81.08 92.26 86.55
CA LEU EC 205 80.66 92.03 85.19
C LEU EC 205 79.71 90.85 85.13
N CYS EC 206 78.71 90.95 84.26
CA CYS EC 206 77.82 89.84 83.92
C CYS EC 206 77.91 89.57 82.43
N ALA EC 207 78.21 88.33 82.07
CA ALA EC 207 78.31 87.90 80.69
C ALA EC 207 77.19 86.93 80.40
N SER EC 208 76.38 87.23 79.38
CA SER EC 208 75.24 86.40 79.01
C SER EC 208 75.44 85.91 77.58
N GLY EC 209 75.31 84.60 77.38
CA GLY EC 209 75.49 84.02 76.07
C GLY EC 209 74.48 82.92 75.82
N GLY EC 210 74.08 82.80 74.56
CA GLY EC 210 73.08 81.82 74.19
C GLY EC 210 73.02 81.48 72.71
N LYS EC 211 71.80 81.26 72.22
CA LYS EC 211 71.57 80.87 70.83
C LYS EC 211 72.02 81.94 69.84
N ASP EC 212 72.14 83.19 70.30
CA ASP EC 212 72.49 84.30 69.42
C ASP EC 212 73.85 84.14 68.75
N GLY EC 213 74.71 83.27 69.27
CA GLY EC 213 76.03 83.10 68.72
C GLY EC 213 77.06 84.11 69.20
N GLN EC 214 76.70 84.97 70.13
CA GLN EC 214 77.65 85.93 70.71
C GLN EC 214 77.41 86.04 72.20
N ALA EC 215 78.46 86.46 72.91
CA ALA EC 215 78.40 86.72 74.34
C ALA EC 215 78.34 88.22 74.57
N MET EC 216 77.36 88.64 75.36
CA MET EC 216 77.09 90.05 75.64
C MET EC 216 77.50 90.33 77.08
N LEU EC 217 78.46 91.22 77.26
CA LEU EC 217 79.03 91.53 78.56
C LEU EC 217 78.53 92.90 78.98
N TRP EC 218 77.78 92.94 80.08
CA TRP EC 218 77.33 94.15 80.74
C TRP EC 218 77.98 94.23 82.11
N ASP EC 219 77.78 95.35 82.79
CA ASP EC 219 78.31 95.54 84.13
C ASP EC 219 77.18 95.81 85.11
N LEU EC 220 77.29 95.22 86.30
CA LEU EC 220 76.19 95.28 87.26
C LEU EC 220 76.11 96.62 87.98
N ASN EC 221 77.23 97.30 88.17
CA ASN EC 221 77.27 98.52 88.95
C ASN EC 221 77.23 99.79 88.11
N GLU EC 222 76.99 99.67 86.81
CA GLU EC 222 76.91 100.84 85.94
C GLU EC 222 75.64 100.92 85.11
N GLY EC 223 74.92 99.81 84.92
CA GLY EC 223 73.71 99.84 84.14
C GLY EC 223 73.91 100.22 82.69
N LYS EC 224 74.91 99.61 82.05
CA LYS EC 224 75.21 99.90 80.65
C LYS EC 224 75.74 98.63 79.99
N HIS EC 225 76.22 98.79 78.77
CA HIS EC 225 76.84 97.70 78.03
C HIS EC 225 78.34 97.86 78.03
N LEU EC 226 79.05 96.73 78.02
CA LEU EC 226 80.50 96.75 78.06
C LEU EC 226 81.11 96.22 76.77
N TYR EC 227 80.78 95.01 76.35
CA TYR EC 227 81.40 94.46 75.14
C TYR EC 227 80.58 93.29 74.60
N THR EC 228 81.05 92.77 73.47
CA THR EC 228 80.39 91.64 72.81
C THR EC 228 81.43 90.85 72.05
N LEU EC 229 81.51 89.55 72.33
CA LEU EC 229 82.42 88.66 71.62
C LEU EC 229 81.62 87.52 71.00
N ASP EC 230 81.59 87.47 69.68
CA ASP EC 230 80.87 86.39 69.01
C ASP EC 230 81.71 85.12 69.02
N GLY EC 231 81.05 83.99 69.27
CA GLY EC 231 81.68 82.69 69.23
C GLY EC 231 81.37 81.96 67.93
N GLY EC 232 81.96 80.76 67.85
CA GLY EC 232 81.72 79.92 66.69
C GLY EC 232 80.28 79.41 66.62
N ASP EC 233 79.68 79.12 67.77
CA ASP EC 233 78.36 78.52 67.85
C ASP EC 233 77.66 79.04 69.10
N ILE EC 234 76.60 78.34 69.51
CA ILE EC 234 75.78 78.76 70.63
C ILE EC 234 76.59 78.71 71.91
N ILE EC 235 76.63 79.82 72.65
CA ILE EC 235 77.34 79.89 73.91
C ILE EC 235 76.37 79.39 74.98
N ASN EC 236 76.47 78.10 75.29
CA ASN EC 236 75.60 77.49 76.29
C ASN EC 236 76.25 77.33 77.65
N ALA EC 237 77.53 77.66 77.78
CA ALA EC 237 78.21 77.57 79.08
C ALA EC 237 79.28 78.64 79.15
N LEU EC 238 79.36 79.31 80.30
CA LEU EC 238 80.36 80.35 80.55
C LEU EC 238 80.98 80.11 81.92
N CYS EC 239 82.18 80.64 82.10
CA CYS EC 239 82.83 80.59 83.41
C CYS EC 239 83.87 81.71 83.52
N PHE EC 240 84.27 81.98 84.77
CA PHE EC 240 85.17 83.08 85.10
C PHE EC 240 86.38 82.51 85.82
N SER EC 241 87.56 82.73 85.27
CA SER EC 241 88.79 82.27 85.92
C SER EC 241 89.00 83.07 87.21
N PRO EC 242 89.19 82.41 88.35
CA PRO EC 242 89.44 83.17 89.58
C PRO EC 242 90.72 83.99 89.55
N ASN EC 243 91.75 83.51 88.84
CA ASN EC 243 93.04 84.19 88.86
C ASN EC 243 93.03 85.46 88.04
N ARG EC 244 92.59 85.37 86.79
CA ARG EC 244 92.71 86.45 85.83
C ARG EC 244 91.33 86.81 85.27
N TYR EC 245 91.33 87.64 84.23
CA TYR EC 245 90.10 88.12 83.61
C TYR EC 245 89.66 87.26 82.44
N TRP EC 246 90.02 85.97 82.46
CA TRP EC 246 89.63 85.06 81.40
C TRP EC 246 88.14 84.77 81.45
N LEU EC 247 87.51 84.73 80.28
CA LEU EC 247 86.08 84.41 80.17
C LEU EC 247 85.89 83.23 79.24
N CYS EC 248 85.09 82.27 79.67
CA CYS EC 248 84.96 80.99 79.00
C CYS EC 248 84.00 81.11 77.81
N ALA EC 249 83.99 80.07 76.98
CA ALA EC 249 82.96 79.94 75.95
C ALA EC 249 82.82 78.49 75.49
N ALA EC 250 81.67 77.88 75.74
CA ALA EC 250 81.33 76.56 75.20
C ALA EC 250 80.50 76.80 73.94
N THR EC 251 81.17 77.16 72.86
CA THR EC 251 80.52 77.53 71.60
C THR EC 251 80.19 76.25 70.84
N GLY EC 252 79.01 75.70 71.14
CA GLY EC 252 78.62 74.43 70.60
C GLY EC 252 79.59 73.35 71.03
N PRO EC 253 80.24 72.70 70.06
CA PRO EC 253 81.25 71.70 70.42
C PRO EC 253 82.58 72.31 70.80
N SER EC 254 82.98 73.41 70.18
CA SER EC 254 84.30 74.00 70.36
C SER EC 254 84.37 74.77 71.68
N ILE EC 255 85.61 75.04 72.12
CA ILE EC 255 85.87 75.78 73.34
C ILE EC 255 86.71 77.00 73.02
N LYS EC 256 86.29 78.16 73.53
CA LYS EC 256 86.99 79.42 73.31
C LYS EC 256 87.33 80.07 74.64
N ILE EC 257 88.49 80.71 74.69
CA ILE EC 257 88.87 81.51 75.86
C ILE EC 257 89.43 82.84 75.37
N TRP EC 258 89.32 83.86 76.22
CA TRP EC 258 89.91 85.17 75.95
C TRP EC 258 89.99 85.94 77.25
N ASP EC 259 91.06 86.72 77.40
CA ASP EC 259 91.13 87.71 78.45
C ASP EC 259 90.48 89.00 77.96
N LEU EC 260 89.63 89.59 78.78
CA LEU EC 260 88.89 90.77 78.36
C LEU EC 260 89.62 92.07 78.64
N GLU EC 261 90.79 92.02 79.27
CA GLU EC 261 91.60 93.24 79.40
C GLU EC 261 92.16 93.67 78.05
N GLY EC 262 92.39 92.72 77.15
CA GLY EC 262 92.81 93.04 75.80
C GLY EC 262 91.76 92.67 74.77
N LYS EC 263 90.92 91.70 75.13
CA LYS EC 263 89.85 91.18 74.27
C LYS EC 263 90.41 90.56 72.99
N ILE EC 264 91.23 89.52 73.19
CA ILE EC 264 91.73 88.68 72.09
C ILE EC 264 91.57 87.22 72.49
N ILE EC 265 91.07 86.41 71.57
CA ILE EC 265 90.88 84.98 71.83
C ILE EC 265 92.24 84.33 71.98
N VAL EC 266 92.53 83.85 73.19
CA VAL EC 266 93.83 83.26 73.46
C VAL EC 266 93.89 81.83 72.94
N ASP EC 267 92.94 80.98 73.34
CA ASP EC 267 93.02 79.56 73.04
C ASP EC 267 91.67 79.04 72.60
N GLU EC 268 91.72 78.13 71.62
CA GLU EC 268 90.57 77.38 71.16
C GLU EC 268 90.88 75.89 71.27
N LEU EC 269 89.92 75.12 71.76
CA LEU EC 269 90.08 73.69 71.92
C LEU EC 269 89.01 72.97 71.09
N LYS EC 270 89.47 71.98 70.32
CA LYS EC 270 88.66 71.26 69.33
C LYS EC 270 88.41 69.81 69.72
N GLN EC 271 88.55 69.49 71.02
CA GLN EC 271 88.29 68.18 71.60
C GLN EC 271 89.27 67.10 71.14
N GLU EC 272 90.20 67.47 70.26
CA GLU EC 272 91.16 66.53 69.66
C GLU EC 272 90.44 65.32 69.06
N VAL EC 273 89.43 65.59 68.23
CA VAL EC 273 88.65 64.53 67.62
C VAL EC 273 89.52 63.73 66.65
N ILE EC 274 89.41 62.41 66.72
CA ILE EC 274 90.20 61.53 65.87
C ILE EC 274 89.27 60.67 65.02
N SER EC 275 88.04 60.45 65.52
CA SER EC 275 87.09 59.61 64.80
C SER EC 275 86.72 60.22 63.45
N THR EC 276 86.46 61.53 63.43
CA THR EC 276 86.12 62.34 62.24
C THR EC 276 85.25 61.58 61.24
N SER EC 277 84.17 60.99 61.77
CA SER EC 277 83.26 60.23 60.93
C SER EC 277 82.48 61.14 59.98
N SER EC 278 82.15 62.35 60.42
CA SER EC 278 81.40 63.39 59.70
C SER EC 278 79.94 63.01 59.48
N LYS EC 279 79.53 61.78 59.81
CA LYS EC 279 78.11 61.43 59.85
C LYS EC 279 77.46 61.86 61.15
N ALA EC 280 78.25 62.20 62.16
CA ALA EC 280 77.77 62.63 63.46
C ALA EC 280 78.52 63.88 63.87
N GLU EC 281 77.83 64.76 64.59
CA GLU EC 281 78.47 65.97 65.06
C GLU EC 281 79.39 65.67 66.24
N PRO EC 282 80.50 66.41 66.37
CA PRO EC 282 81.30 66.31 67.58
C PRO EC 282 80.47 66.72 68.79
N PRO EC 283 80.73 66.11 69.95
CA PRO EC 283 79.88 66.37 71.12
C PRO EC 283 79.91 67.85 71.52
N GLN EC 284 78.77 68.34 71.94
CA GLN EC 284 78.62 69.74 72.31
C GLN EC 284 78.98 69.91 73.78
N CYS EC 285 79.85 70.86 74.06
CA CYS EC 285 80.15 71.20 75.44
C CYS EC 285 78.99 71.96 76.04
N THR EC 286 78.44 71.45 77.14
CA THR EC 286 77.35 72.11 77.83
C THR EC 286 77.63 72.42 79.29
N SER EC 287 78.57 71.72 79.93
CA SER EC 287 78.96 72.04 81.30
C SER EC 287 80.43 72.44 81.30
N LEU EC 288 80.73 73.56 81.97
CA LEU EC 288 82.08 74.09 81.99
C LEU EC 288 82.30 74.80 83.31
N ALA EC 289 83.31 74.40 84.06
CA ALA EC 289 83.56 75.00 85.37
C ALA EC 289 85.04 75.00 85.70
N TRP EC 290 85.49 76.07 86.34
CA TRP EC 290 86.88 76.19 86.73
C TRP EC 290 87.14 75.40 88.01
N SER EC 291 88.30 75.65 88.61
CA SER EC 291 88.59 75.22 89.97
C SER EC 291 89.17 76.41 90.72
N ALA EC 292 89.05 76.37 92.05
CA ALA EC 292 89.67 77.39 92.87
C ALA EC 292 91.18 77.38 92.75
N ASP EC 293 91.75 76.24 92.35
CA ASP EC 293 93.18 76.19 92.05
C ASP EC 293 93.54 77.13 90.91
N GLY EC 294 92.69 77.19 89.89
CA GLY EC 294 92.88 78.13 88.81
C GLY EC 294 93.78 77.65 87.70
N GLN EC 295 94.41 76.49 87.84
CA GLN EC 295 95.21 75.92 86.77
C GLN EC 295 94.53 74.75 86.06
N THR EC 296 93.29 74.42 86.40
CA THR EC 296 92.59 73.31 85.78
C THR EC 296 91.14 73.69 85.51
N LEU EC 297 90.54 73.04 84.52
CA LEU EC 297 89.20 73.31 84.06
C LEU EC 297 88.49 72.00 83.75
N PHE EC 298 87.22 71.91 84.15
CA PHE EC 298 86.40 70.74 83.96
C PHE EC 298 85.35 71.02 82.89
N ALA EC 299 85.21 70.10 81.94
CA ALA EC 299 84.34 70.30 80.79
C ALA EC 299 83.58 69.00 80.53
N GLY EC 300 82.26 69.03 80.75
CA GLY EC 300 81.40 67.90 80.51
C GLY EC 300 80.51 68.16 79.30
N TYR EC 301 80.58 67.24 78.34
CA TYR EC 301 79.88 67.36 77.07
C TYR EC 301 78.64 66.47 77.08
N THR EC 302 78.01 66.34 75.92
CA THR EC 302 76.86 65.46 75.75
C THR EC 302 77.27 64.01 75.49
N ASP EC 303 78.56 63.72 75.39
CA ASP EC 303 79.05 62.36 75.24
C ASP EC 303 79.33 61.68 76.57
N ASN EC 304 78.65 62.15 77.63
CA ASN EC 304 78.79 61.68 79.02
C ASN EC 304 80.24 61.34 79.39
N LEU EC 305 81.12 62.27 79.07
CA LEU EC 305 82.53 62.22 79.43
C LEU EC 305 82.98 63.62 79.80
N VAL EC 306 83.94 63.72 80.72
CA VAL EC 306 84.44 65.02 81.15
C VAL EC 306 85.93 65.08 80.80
N ARG EC 307 86.30 66.00 79.92
CA ARG EC 307 87.70 66.19 79.55
C ARG EC 307 88.28 67.32 80.38
N VAL EC 308 89.25 67.01 81.24
CA VAL EC 308 89.78 67.99 82.17
C VAL EC 308 91.10 68.55 81.61
N TRP EC 309 91.21 69.88 81.61
CA TRP EC 309 92.32 70.57 80.97
C TRP EC 309 93.14 71.31 82.00
N GLN EC 310 94.43 71.01 82.07
CA GLN EC 310 95.38 71.67 82.95
C GLN EC 310 96.21 72.63 82.12
N VAL EC 311 96.44 73.84 82.66
CA VAL EC 311 97.23 74.82 81.92
C VAL EC 311 98.71 74.40 81.92
N THR EC 312 99.41 74.85 80.89
CA THR EC 312 100.83 74.55 80.75
C THR EC 312 101.63 75.84 80.90
N ILE EC 313 102.88 75.70 81.32
CA ILE EC 313 103.75 76.84 81.56
C ILE EC 313 104.32 77.32 80.24
N ASN FC 1 -70.25 56.33 -0.80
CA ASN FC 1 -69.19 56.87 -1.64
C ASN FC 1 -68.92 58.33 -1.31
N PHE FC 2 -69.04 58.67 -0.04
CA PHE FC 2 -68.90 60.05 0.39
C PHE FC 2 -67.43 60.42 0.59
N THR FC 3 -67.18 61.73 0.60
CA THR FC 3 -65.86 62.27 0.87
C THR FC 3 -65.66 62.35 2.38
N VAL FC 4 -64.51 62.92 2.80
CA VAL FC 4 -64.10 62.86 4.20
C VAL FC 4 -64.79 63.88 5.08
N ASP FC 5 -65.36 64.94 4.51
CA ASP FC 5 -65.89 66.03 5.32
C ASP FC 5 -67.13 65.59 6.10
N GLN FC 6 -68.11 64.98 5.42
CA GLN FC 6 -69.27 64.49 6.14
C GLN FC 6 -68.94 63.30 7.02
N ILE FC 7 -67.86 62.58 6.69
CA ILE FC 7 -67.38 61.54 7.58
C ILE FC 7 -66.99 62.13 8.93
N ARG FC 8 -66.25 63.24 8.89
CA ARG FC 8 -65.96 63.96 10.14
C ARG FC 8 -67.23 64.50 10.78
N ALA FC 9 -68.14 65.03 9.95
CA ALA FC 9 -69.34 65.67 10.46
C ALA FC 9 -70.22 64.71 11.24
N ILE FC 10 -70.23 63.44 10.86
CA ILE FC 10 -70.94 62.42 11.64
C ILE FC 10 -70.03 61.75 12.68
N MET FC 11 -68.72 61.78 12.48
CA MET FC 11 -67.81 61.21 13.46
C MET FC 11 -67.86 61.99 14.77
N ASP FC 12 -68.02 63.31 14.68
CA ASP FC 12 -68.07 64.12 15.89
C ASP FC 12 -69.33 63.83 16.73
N LYS FC 13 -70.31 63.15 16.16
CA LYS FC 13 -71.47 62.73 16.94
C LYS FC 13 -71.08 61.59 17.88
N LYS FC 14 -71.84 61.45 18.98
CA LYS FC 14 -71.55 60.45 19.98
C LYS FC 14 -72.73 59.53 20.29
N ALA FC 15 -73.94 59.88 19.85
CA ALA FC 15 -75.12 59.07 20.08
C ALA FC 15 -75.43 58.13 18.92
N ASN FC 16 -74.59 58.12 17.89
CA ASN FC 16 -74.84 57.31 16.71
C ASN FC 16 -73.64 56.43 16.36
N ILE FC 17 -72.61 56.41 17.18
CA ILE FC 17 -71.47 55.55 16.96
C ILE FC 17 -71.81 54.16 17.49
N ARG FC 18 -71.42 53.13 16.74
CA ARG FC 18 -71.70 51.75 17.11
C ARG FC 18 -70.42 50.94 16.90
N ASN FC 19 -69.58 50.89 17.92
CA ASN FC 19 -68.39 50.05 17.89
C ASN FC 19 -68.82 48.61 18.17
N MET FC 20 -68.77 47.77 17.15
CA MET FC 20 -69.17 46.38 17.30
C MET FC 20 -68.28 45.51 16.44
N SER FC 21 -68.09 44.28 16.88
CA SER FC 21 -67.26 43.34 16.14
C SER FC 21 -68.06 42.06 15.86
N VAL FC 22 -67.81 41.48 14.70
CA VAL FC 22 -68.40 40.19 14.35
C VAL FC 22 -67.48 39.10 14.87
N ILE FC 23 -68.05 38.18 15.65
CA ILE FC 23 -67.30 37.09 16.24
C ILE FC 23 -68.08 35.79 16.05
N ALA FC 24 -67.35 34.71 15.81
CA ALA FC 24 -67.94 33.40 15.58
C ALA FC 24 -66.83 32.35 15.61
N HIS FC 25 -67.25 31.09 15.63
CA HIS FC 25 -66.40 29.94 15.40
C HIS FC 25 -65.93 29.93 13.94
N VAL FC 26 -64.86 29.16 13.68
CA VAL FC 26 -64.31 29.09 12.33
C VAL FC 26 -65.39 28.62 11.36
N ASP FC 27 -65.43 29.26 10.19
CA ASP FC 27 -66.33 28.92 9.08
C ASP FC 27 -67.80 28.96 9.55
N HIS FC 28 -68.25 30.19 9.77
CA HIS FC 28 -69.65 30.47 10.05
C HIS FC 28 -70.20 31.61 9.20
N GLY FC 29 -69.46 32.06 8.20
CA GLY FC 29 -69.94 33.11 7.34
C GLY FC 29 -69.71 34.51 7.85
N LYS FC 30 -68.75 34.69 8.76
CA LYS FC 30 -68.41 36.04 9.20
C LYS FC 30 -67.92 36.89 8.03
N SER FC 31 -66.99 36.34 7.25
CA SER FC 31 -66.46 37.07 6.10
C SER FC 31 -67.57 37.37 5.11
N THR FC 32 -68.43 36.39 4.84
CA THR FC 32 -69.49 36.58 3.85
C THR FC 32 -70.51 37.61 4.31
N LEU FC 33 -70.87 37.57 5.60
CA LEU FC 33 -71.81 38.56 6.13
C LEU FC 33 -71.20 39.96 6.10
N THR FC 34 -69.94 40.08 6.49
CA THR FC 34 -69.29 41.39 6.45
C THR FC 34 -69.20 41.90 5.01
N ASP FC 35 -68.95 41.02 4.05
CA ASP FC 35 -68.92 41.44 2.66
C ASP FC 35 -70.29 41.84 2.15
N SER FC 36 -71.35 41.15 2.59
CA SER FC 36 -72.70 41.57 2.22
C SER FC 36 -73.03 42.94 2.81
N LEU FC 37 -72.61 43.19 4.05
CA LEU FC 37 -72.81 44.51 4.64
C LEU FC 37 -71.98 45.57 3.93
N VAL FC 38 -70.78 45.21 3.46
CA VAL FC 38 -69.97 46.13 2.67
C VAL FC 38 -70.68 46.47 1.36
N CYS FC 39 -71.30 45.47 0.73
CA CYS FC 39 -72.10 45.72 -0.46
C CYS FC 39 -73.25 46.67 -0.15
N LYS FC 40 -73.98 46.41 0.93
CA LYS FC 40 -75.17 47.21 1.22
C LYS FC 40 -74.81 48.63 1.62
N ALA FC 41 -74.06 48.78 2.72
CA ALA FC 41 -73.67 50.07 3.24
C ALA FC 41 -72.15 50.20 3.26
N GLY FC 42 -71.69 51.41 3.57
CA GLY FC 42 -70.27 51.71 3.57
C GLY FC 42 -70.02 53.18 3.35
N ILE FC 43 -69.00 53.73 4.01
CA ILE FC 43 -68.70 55.15 3.85
C ILE FC 43 -68.25 55.43 2.42
N ILE FC 44 -67.45 54.53 1.84
CA ILE FC 44 -67.09 54.61 0.44
C ILE FC 44 -67.25 53.27 -0.27
N ALA FC 45 -67.74 52.25 0.43
CA ALA FC 45 -67.79 50.90 -0.12
C ALA FC 45 -68.89 50.76 -1.17
N SER FC 46 -68.54 50.11 -2.27
CA SER FC 46 -69.46 49.85 -3.35
C SER FC 46 -70.26 48.57 -3.06
N ALA FC 47 -70.94 48.04 -4.07
CA ALA FC 47 -71.63 46.76 -3.99
C ALA FC 47 -70.82 45.65 -4.64
N ARG FC 48 -69.50 45.73 -4.55
CA ARG FC 48 -68.63 44.73 -5.18
C ARG FC 48 -68.69 43.41 -4.43
N ALA FC 49 -68.87 42.32 -5.16
CA ALA FC 49 -68.97 40.98 -4.60
C ALA FC 49 -67.94 40.04 -5.22
N GLY FC 50 -66.73 40.56 -5.45
CA GLY FC 50 -65.65 39.77 -6.03
C GLY FC 50 -64.99 38.88 -4.99
N GLU FC 51 -65.72 37.86 -4.55
CA GLU FC 51 -65.32 36.95 -3.47
C GLU FC 51 -65.16 37.81 -2.20
N THR FC 52 -64.00 37.81 -1.55
CA THR FC 52 -63.87 38.44 -0.24
C THR FC 52 -63.42 39.88 -0.39
N ARG FC 53 -64.09 40.79 0.31
CA ARG FC 53 -63.82 42.22 0.25
C ARG FC 53 -62.62 42.61 1.08
N PHE FC 54 -62.48 43.90 1.38
CA PHE FC 54 -61.31 44.46 2.07
C PHE FC 54 -60.99 43.77 3.39
N THR FC 55 -61.91 43.00 3.96
CA THR FC 55 -61.64 42.26 5.19
C THR FC 55 -60.53 41.23 5.01
N ASP FC 56 -60.30 40.75 3.79
CA ASP FC 56 -59.12 39.95 3.46
C ASP FC 56 -58.10 40.91 2.86
N THR FC 57 -57.38 41.62 3.71
CA THR FC 57 -56.41 42.61 3.25
C THR FC 57 -55.14 41.99 2.69
N ARG FC 58 -55.02 40.67 2.72
CA ARG FC 58 -53.79 40.00 2.34
C ARG FC 58 -53.99 38.97 1.23
N LYS FC 59 -52.96 38.85 0.40
CA LYS FC 59 -52.99 37.91 -0.72
C LYS FC 59 -53.08 36.48 -0.23
N ASP FC 60 -52.36 36.13 0.85
CA ASP FC 60 -52.49 34.79 1.40
C ASP FC 60 -53.84 34.59 2.08
N GLU FC 61 -54.46 35.67 2.58
CA GLU FC 61 -55.83 35.59 3.06
C GLU FC 61 -56.77 35.20 1.93
N GLN FC 62 -56.56 35.75 0.74
CA GLN FC 62 -57.34 35.30 -0.41
C GLN FC 62 -56.91 33.94 -0.93
N GLU FC 63 -55.65 33.55 -0.72
CA GLU FC 63 -55.17 32.23 -1.12
C GLU FC 63 -55.85 31.13 -0.33
N ARG FC 64 -55.97 31.32 0.98
CA ARG FC 64 -56.52 30.28 1.84
C ARG FC 64 -58.02 30.42 2.09
N CYS FC 65 -58.57 31.64 1.98
CA CYS FC 65 -59.93 31.97 2.41
C CYS FC 65 -60.13 31.74 3.91
N ILE FC 66 -59.06 31.89 4.67
CA ILE FC 66 -59.10 31.93 6.13
C ILE FC 66 -58.69 33.33 6.58
N THR FC 67 -59.50 33.95 7.44
CA THR FC 67 -59.18 35.26 7.97
C THR FC 67 -58.00 35.16 8.93
N ILE FC 68 -57.01 36.05 8.74
CA ILE FC 68 -55.77 36.02 9.52
C ILE FC 68 -55.67 37.24 10.44
N LYS FC 69 -55.63 38.43 9.87
CA LYS FC 69 -55.52 39.67 10.63
C LYS FC 69 -56.86 40.38 10.68
N SER FC 70 -57.25 40.83 11.87
CA SER FC 70 -58.53 41.49 12.07
C SER FC 70 -58.58 42.81 11.31
N THR FC 71 -59.72 43.09 10.69
CA THR FC 71 -59.87 44.22 9.79
C THR FC 71 -60.95 45.18 10.27
N ALA FC 72 -60.60 46.46 10.37
CA ALA FC 72 -61.52 47.49 10.87
C ALA FC 72 -62.03 48.32 9.69
N ILE FC 73 -63.27 48.09 9.30
CA ILE FC 73 -63.91 48.81 8.21
C ILE FC 73 -64.91 49.79 8.81
N SER FC 74 -65.39 50.71 7.97
CA SER FC 74 -66.32 51.73 8.39
C SER FC 74 -67.60 51.65 7.56
N LEU FC 75 -68.75 51.85 8.21
CA LEU FC 75 -70.03 51.84 7.52
C LEU FC 75 -70.83 53.09 7.88
N PHE FC 76 -71.52 53.63 6.88
CA PHE FC 76 -72.47 54.71 7.09
C PHE FC 76 -73.75 54.43 6.31
N TYR FC 77 -74.89 54.82 6.88
CA TYR FC 77 -76.20 54.58 6.30
C TYR FC 77 -77.22 55.40 7.08
N GLU FC 78 -78.48 55.27 6.69
CA GLU FC 78 -79.59 56.00 7.27
C GLU FC 78 -80.76 55.06 7.51
N LEU FC 79 -81.69 55.51 8.35
CA LEU FC 79 -82.89 54.73 8.63
C LEU FC 79 -84.03 55.70 8.93
N SER FC 80 -85.25 55.26 8.65
CA SER FC 80 -86.42 56.13 8.67
C SER FC 80 -86.74 56.59 10.09
N GLU FC 81 -87.73 57.49 10.19
CA GLU FC 81 -88.15 57.99 11.49
C GLU FC 81 -88.88 56.92 12.29
N ASN FC 82 -89.75 56.15 11.64
CA ASN FC 82 -90.36 55.02 12.34
C ASN FC 82 -89.33 53.94 12.68
N ASP FC 83 -88.20 53.92 11.99
CA ASP FC 83 -87.09 53.09 12.41
C ASP FC 83 -86.36 53.68 13.61
N LEU FC 84 -86.29 55.01 13.70
CA LEU FC 84 -85.79 55.68 14.89
C LEU FC 84 -86.70 55.44 16.09
N ASN FC 85 -87.98 55.18 15.84
CA ASN FC 85 -88.95 54.99 16.93
C ASN FC 85 -88.53 53.87 17.88
N PHE FC 86 -87.93 52.81 17.34
CA PHE FC 86 -87.51 51.70 18.20
C PHE FC 86 -86.28 52.03 19.02
N ILE FC 87 -85.52 53.06 18.64
CA ILE FC 87 -84.28 53.38 19.33
C ILE FC 87 -84.59 54.11 20.62
N LYS FC 88 -84.68 53.36 21.72
CA LYS FC 88 -84.93 53.95 23.03
C LYS FC 88 -83.70 54.64 23.60
N GLN FC 89 -82.53 54.45 22.99
CA GLN FC 89 -81.30 55.06 23.46
C GLN FC 89 -81.25 56.51 22.99
N SER FC 90 -80.08 57.14 23.11
CA SER FC 90 -79.90 58.49 22.62
C SER FC 90 -80.02 58.51 21.10
N LYS FC 91 -80.56 59.61 20.56
CA LYS FC 91 -80.88 59.72 19.15
C LYS FC 91 -80.42 61.06 18.61
N ASP FC 92 -79.73 61.05 17.47
CA ASP FC 92 -79.35 62.29 16.79
C ASP FC 92 -79.16 61.99 15.31
N GLY FC 93 -80.16 62.33 14.51
CA GLY FC 93 -80.08 62.18 13.07
C GLY FC 93 -80.39 60.76 12.62
N ALA FC 94 -80.72 60.65 11.34
CA ALA FC 94 -80.95 59.34 10.73
C ALA FC 94 -79.65 58.62 10.39
N GLY FC 95 -78.53 59.34 10.31
CA GLY FC 95 -77.27 58.73 9.94
C GLY FC 95 -76.63 57.97 11.09
N PHE FC 96 -76.00 56.85 10.74
CA PHE FC 96 -75.33 56.02 11.73
C PHE FC 96 -73.94 55.65 11.26
N LEU FC 97 -73.03 55.50 12.22
CA LEU FC 97 -71.66 55.09 11.95
C LEU FC 97 -71.40 53.74 12.61
N ILE FC 98 -70.84 52.81 11.85
CA ILE FC 98 -70.48 51.50 12.36
C ILE FC 98 -68.97 51.36 12.21
N ASN FC 99 -68.26 51.31 13.34
CA ASN FC 99 -66.84 50.95 13.38
C ASN FC 99 -66.78 49.45 13.43
N LEU FC 100 -66.91 48.83 12.26
CA LEU FC 100 -66.99 47.37 12.20
C LEU FC 100 -65.58 46.79 12.31
N ILE FC 101 -65.42 45.79 13.18
CA ILE FC 101 -64.18 45.06 13.27
C ILE FC 101 -64.47 43.59 12.99
N ASP FC 102 -63.87 43.05 11.93
CA ASP FC 102 -63.94 41.63 11.64
C ASP FC 102 -62.77 40.96 12.34
N SER FC 103 -63.07 40.21 13.38
CA SER FC 103 -62.14 39.49 14.21
C SER FC 103 -61.93 38.08 13.67
N PRO FC 104 -60.75 37.51 13.85
CA PRO FC 104 -60.55 36.10 13.49
C PRO FC 104 -61.32 35.19 14.43
N GLY FC 105 -61.69 34.02 13.90
CA GLY FC 105 -62.44 33.05 14.67
C GLY FC 105 -61.66 31.83 15.11
N HIS FC 106 -60.35 31.81 14.95
CA HIS FC 106 -59.56 30.65 15.31
C HIS FC 106 -59.14 30.73 16.78
N VAL FC 107 -58.92 29.55 17.37
CA VAL FC 107 -58.55 29.49 18.78
C VAL FC 107 -57.18 30.13 19.01
N ASP FC 108 -56.27 30.02 18.04
CA ASP FC 108 -54.93 30.57 18.21
C ASP FC 108 -54.92 32.10 18.16
N PHE FC 109 -55.96 32.72 17.61
CA PHE FC 109 -56.02 34.16 17.46
C PHE FC 109 -56.98 34.79 18.46
N SER FC 110 -57.19 34.13 19.60
CA SER FC 110 -58.03 34.70 20.64
C SER FC 110 -57.47 35.99 21.18
N SER FC 111 -56.15 36.19 21.08
CA SER FC 111 -55.56 37.47 21.45
C SER FC 111 -56.02 38.58 20.51
N GLU FC 112 -56.09 38.30 19.21
CA GLU FC 112 -56.65 39.27 18.28
C GLU FC 112 -58.12 39.51 18.56
N VAL FC 113 -58.84 38.47 18.98
CA VAL FC 113 -60.22 38.67 19.41
C VAL FC 113 -60.28 39.62 20.60
N THR FC 114 -59.38 39.44 21.56
CA THR FC 114 -59.33 40.32 22.73
C THR FC 114 -59.03 41.75 22.31
N ALA FC 115 -58.09 41.92 21.38
CA ALA FC 115 -57.75 43.25 20.90
C ALA FC 115 -58.94 43.92 20.24
N ALA FC 116 -59.72 43.15 19.49
CA ALA FC 116 -60.95 43.69 18.90
C ALA FC 116 -61.97 44.05 19.98
N LEU FC 117 -62.14 43.18 20.97
CA LEU FC 117 -63.20 43.36 21.95
C LEU FC 117 -62.92 44.54 22.87
N ARG FC 118 -61.65 44.79 23.20
CA ARG FC 118 -61.32 45.95 24.01
C ARG FC 118 -61.76 47.24 23.32
N VAL FC 119 -61.62 47.29 22.00
CA VAL FC 119 -62.08 48.45 21.24
C VAL FC 119 -63.60 48.49 21.21
N THR FC 120 -64.22 47.36 20.91
CA THR FC 120 -65.65 47.40 20.62
C THR FC 120 -66.49 47.53 21.89
N ASP FC 121 -67.75 47.91 21.69
CA ASP FC 121 -68.74 47.95 22.75
C ASP FC 121 -69.89 46.97 22.54
N GLY FC 122 -70.02 46.40 21.33
CA GLY FC 122 -71.02 45.40 21.07
C GLY FC 122 -70.47 44.32 20.17
N ALA FC 123 -71.10 43.15 20.23
CA ALA FC 123 -70.62 42.04 19.42
C ALA FC 123 -71.78 41.38 18.70
N LEU FC 124 -71.61 41.18 17.40
CA LEU FC 124 -72.52 40.38 16.59
C LEU FC 124 -71.92 38.98 16.54
N VAL FC 125 -72.55 38.07 17.28
CA VAL FC 125 -72.12 36.69 17.31
C VAL FC 125 -72.86 35.93 16.21
N VAL FC 126 -72.10 35.34 15.30
CA VAL FC 126 -72.66 34.56 14.20
C VAL FC 126 -72.64 33.09 14.58
N VAL FC 127 -73.76 32.41 14.39
CA VAL FC 127 -73.91 31.00 14.76
C VAL FC 127 -74.53 30.27 13.57
N ASP FC 128 -73.91 29.17 13.15
CA ASP FC 128 -74.51 28.36 12.10
C ASP FC 128 -75.77 27.69 12.66
N CYS FC 129 -76.87 27.80 11.92
CA CYS FC 129 -78.10 27.14 12.35
C CYS FC 129 -77.96 25.62 12.30
N VAL FC 130 -77.15 25.10 11.39
CA VAL FC 130 -76.96 23.65 11.30
C VAL FC 130 -76.16 23.15 12.48
N SER FC 131 -74.94 23.67 12.65
CA SER FC 131 -74.02 23.19 13.68
C SER FC 131 -74.38 23.70 15.07
N GLY FC 132 -75.20 24.73 15.19
CA GLY FC 132 -75.53 25.28 16.49
C GLY FC 132 -74.34 25.99 17.12
N VAL FC 133 -74.29 25.92 18.45
CA VAL FC 133 -73.23 26.57 19.21
C VAL FC 133 -71.98 25.70 19.16
N CYS FC 134 -70.87 26.28 18.71
CA CYS FC 134 -69.63 25.55 18.55
C CYS FC 134 -68.64 25.93 19.65
N VAL FC 135 -67.46 25.31 19.62
CA VAL FC 135 -66.48 25.50 20.68
C VAL FC 135 -66.01 26.95 20.73
N GLN FC 136 -65.67 27.51 19.57
CA GLN FC 136 -65.12 28.85 19.59
C GLN FC 136 -66.17 29.91 19.84
N THR FC 137 -67.44 29.67 19.46
CA THR FC 137 -68.48 30.59 19.89
C THR FC 137 -68.62 30.55 21.41
N GLU FC 138 -68.57 29.34 21.98
CA GLU FC 138 -68.61 29.21 23.44
C GLU FC 138 -67.44 29.94 24.09
N THR FC 139 -66.32 30.05 23.39
CA THR FC 139 -65.15 30.75 23.92
C THR FC 139 -65.29 32.27 23.82
N VAL FC 140 -65.57 32.76 22.60
CA VAL FC 140 -65.61 34.20 22.38
C VAL FC 140 -66.77 34.83 23.15
N LEU FC 141 -67.84 34.07 23.40
CA LEU FC 141 -68.92 34.60 24.21
C LEU FC 141 -68.46 34.86 25.63
N ARG FC 142 -67.68 33.92 26.20
CA ARG FC 142 -67.08 34.15 27.51
C ARG FC 142 -66.22 35.39 27.50
N GLN FC 143 -65.37 35.53 26.47
CA GLN FC 143 -64.49 36.69 26.40
C GLN FC 143 -65.28 38.00 26.37
N ALA FC 144 -66.32 38.05 25.53
CA ALA FC 144 -67.08 39.28 25.36
C ALA FC 144 -67.84 39.65 26.63
N ILE FC 145 -68.51 38.67 27.25
CA ILE FC 145 -69.26 38.99 28.45
C ILE FC 145 -68.34 39.28 29.63
N ALA FC 146 -67.10 38.79 29.60
CA ALA FC 146 -66.13 39.24 30.59
C ALA FC 146 -65.70 40.67 30.33
N GLU FC 147 -65.68 41.10 29.07
CA GLU FC 147 -65.33 42.47 28.72
C GLU FC 147 -66.55 43.38 28.65
N ARG FC 148 -67.71 42.91 29.14
CA ARG FC 148 -68.94 43.70 29.25
C ARG FC 148 -69.39 44.21 27.88
N ILE FC 149 -69.73 43.25 27.03
CA ILE FC 149 -70.11 43.49 25.66
C ILE FC 149 -71.53 42.97 25.45
N LYS FC 150 -72.40 43.80 24.90
CA LYS FC 150 -73.74 43.34 24.59
C LYS FC 150 -73.70 42.43 23.37
N PRO FC 151 -74.27 41.23 23.45
CA PRO FC 151 -74.34 40.35 22.28
C PRO FC 151 -75.63 40.51 21.51
N VAL FC 152 -75.49 40.52 20.19
CA VAL FC 152 -76.60 40.41 19.27
C VAL FC 152 -76.34 39.21 18.37
N LEU FC 153 -77.32 38.33 18.25
CA LEU FC 153 -77.10 37.01 17.69
C LEU FC 153 -77.66 36.89 16.28
N MET FC 154 -76.95 36.15 15.44
CA MET FC 154 -77.34 35.98 14.05
C MET FC 154 -77.10 34.53 13.64
N MET FC 155 -78.17 33.77 13.42
CA MET FC 155 -78.05 32.45 12.82
C MET FC 155 -77.84 32.59 11.32
N ASN FC 156 -76.85 31.88 10.80
CA ASN FC 156 -76.41 31.99 9.42
C ASN FC 156 -76.58 30.64 8.75
N LYS FC 157 -76.36 30.63 7.43
CA LYS FC 157 -76.39 29.40 6.61
C LYS FC 157 -77.73 28.69 6.72
N MET FC 158 -78.81 29.45 6.75
CA MET FC 158 -80.14 28.86 6.82
C MET FC 158 -80.50 28.11 5.55
N ASP FC 159 -79.87 28.44 4.43
CA ASP FC 159 -80.03 27.67 3.21
C ASP FC 159 -79.63 26.21 3.43
N ARG FC 160 -78.56 25.99 4.19
CA ARG FC 160 -78.12 24.63 4.46
C ARG FC 160 -79.17 23.86 5.25
N ALA FC 161 -79.80 24.51 6.23
CA ALA FC 161 -80.81 23.83 7.03
C ALA FC 161 -82.06 23.53 6.20
N LEU FC 162 -82.48 24.48 5.38
CA LEU FC 162 -83.75 24.34 4.70
C LEU FC 162 -83.66 23.61 3.36
N LEU FC 163 -82.46 23.41 2.83
CA LEU FC 163 -82.27 22.67 1.59
C LEU FC 163 -81.43 21.42 1.76
N GLU FC 164 -80.24 21.55 2.35
CA GLU FC 164 -79.37 20.39 2.50
C GLU FC 164 -79.88 19.46 3.60
N LEU FC 165 -80.29 20.02 4.73
CA LEU FC 165 -80.84 19.22 5.82
C LEU FC 165 -82.30 18.86 5.61
N GLN FC 166 -83.01 19.63 4.79
CA GLN FC 166 -84.44 19.42 4.54
C GLN FC 166 -85.23 19.42 5.85
N LEU FC 167 -84.85 20.32 6.76
CA LEU FC 167 -85.58 20.44 8.01
C LEU FC 167 -86.95 21.04 7.76
N GLU FC 168 -87.98 20.41 8.32
CA GLU FC 168 -89.32 20.97 8.29
C GLU FC 168 -89.43 22.08 9.34
N PRO FC 169 -90.40 22.98 9.19
CA PRO FC 169 -90.47 24.14 10.11
C PRO FC 169 -90.56 23.76 11.57
N GLU FC 170 -91.23 22.67 11.90
CA GLU FC 170 -91.40 22.29 13.30
C GLU FC 170 -90.06 22.01 13.97
N GLU FC 171 -89.22 21.20 13.34
CA GLU FC 171 -87.89 20.93 13.92
C GLU FC 171 -86.94 22.10 13.71
N LEU FC 172 -87.14 22.91 12.67
CA LEU FC 172 -86.31 24.09 12.49
C LEU FC 172 -86.47 25.06 13.66
N TYR FC 173 -87.71 25.27 14.11
CA TYR FC 173 -87.92 26.11 15.27
C TYR FC 173 -87.25 25.56 16.50
N GLN FC 174 -87.31 24.23 16.68
CA GLN FC 174 -86.66 23.62 17.83
C GLN FC 174 -85.16 23.81 17.78
N THR FC 175 -84.57 23.75 16.57
CA THR FC 175 -83.15 24.01 16.43
C THR FC 175 -82.81 25.44 16.84
N PHE FC 176 -83.60 26.41 16.37
CA PHE FC 176 -83.37 27.80 16.78
C PHE FC 176 -83.52 27.97 18.29
N GLN FC 177 -84.51 27.29 18.87
CA GLN FC 177 -84.73 27.38 20.31
C GLN FC 177 -83.56 26.79 21.09
N ARG FC 178 -83.00 25.68 20.62
CA ARG FC 178 -81.83 25.10 21.28
C ARG FC 178 -80.64 26.06 21.21
N ILE FC 179 -80.46 26.70 20.06
CA ILE FC 179 -79.38 27.67 19.94
C ILE FC 179 -79.56 28.81 20.94
N VAL FC 180 -80.79 29.33 21.04
CA VAL FC 180 -81.07 30.42 21.97
C VAL FC 180 -80.79 29.98 23.40
N GLU FC 181 -81.25 28.78 23.76
CA GLU FC 181 -81.03 28.27 25.10
C GLU FC 181 -79.55 28.14 25.42
N ASN FC 182 -78.77 27.60 24.48
CA ASN FC 182 -77.34 27.42 24.74
C ASN FC 182 -76.63 28.75 24.91
N VAL FC 183 -76.92 29.72 24.04
CA VAL FC 183 -76.24 31.00 24.17
C VAL FC 183 -76.62 31.69 25.48
N ASN FC 184 -77.91 31.64 25.83
CA ASN FC 184 -78.36 32.28 27.06
C ASN FC 184 -77.72 31.63 28.28
N VAL FC 185 -77.64 30.30 28.32
CA VAL FC 185 -77.05 29.66 29.48
C VAL FC 185 -75.55 29.90 29.54
N ILE FC 186 -74.87 30.02 28.40
CA ILE FC 186 -73.45 30.32 28.44
C ILE FC 186 -73.21 31.70 29.05
N ILE FC 187 -73.99 32.70 28.61
CA ILE FC 187 -73.79 34.03 29.19
C ILE FC 187 -74.22 34.07 30.64
N SER FC 188 -75.25 33.30 31.03
CA SER FC 188 -75.68 33.31 32.42
C SER FC 188 -74.64 32.67 33.34
N THR FC 189 -74.01 31.58 32.89
CA THR FC 189 -73.00 30.95 33.73
C THR FC 189 -71.72 31.77 33.76
N TYR FC 190 -71.31 32.33 32.64
CA TYR FC 190 -70.01 32.98 32.54
C TYR FC 190 -70.08 34.49 32.65
N GLY FC 191 -71.22 35.04 33.07
CA GLY FC 191 -71.35 36.47 33.26
C GLY FC 191 -72.08 36.78 34.55
N GLU FC 192 -72.23 38.09 34.79
CA GLU FC 192 -72.95 38.58 35.95
C GLU FC 192 -74.45 38.27 35.81
N GLY FC 193 -75.17 38.52 36.89
CA GLY FC 193 -76.62 38.40 36.87
C GLY FC 193 -77.27 39.59 36.20
N GLU FC 194 -78.60 39.58 36.21
CA GLU FC 194 -79.34 40.72 35.69
C GLU FC 194 -79.12 41.97 36.54
N SER FC 195 -78.79 41.78 37.82
CA SER FC 195 -78.58 42.87 38.76
C SER FC 195 -77.22 43.54 38.59
N GLY FC 196 -76.50 43.26 37.51
CA GLY FC 196 -75.23 43.91 37.27
C GLY FC 196 -75.40 45.33 36.80
N PRO FC 197 -74.30 46.07 36.81
CA PRO FC 197 -74.33 47.44 36.27
C PRO FC 197 -74.73 47.50 34.81
N MET FC 198 -74.35 46.50 34.02
CA MET FC 198 -74.85 46.41 32.66
C MET FC 198 -76.35 46.17 32.65
N GLY FC 199 -76.84 45.29 33.53
CA GLY FC 199 -78.26 45.05 33.65
C GLY FC 199 -78.70 43.73 33.03
N ASN FC 200 -79.92 43.70 32.49
CA ASN FC 200 -80.38 42.53 31.76
C ASN FC 200 -79.64 42.44 30.42
N ILE FC 201 -79.15 41.25 30.11
CA ILE FC 201 -78.34 41.05 28.91
C ILE FC 201 -78.77 39.85 28.09
N MET FC 202 -79.61 38.95 28.62
CA MET FC 202 -79.93 37.72 27.92
C MET FC 202 -80.64 38.00 26.61
N ILE FC 203 -80.17 37.36 25.53
CA ILE FC 203 -80.76 37.57 24.22
C ILE FC 203 -82.15 36.95 24.19
N ASP FC 204 -83.09 37.67 23.57
CA ASP FC 204 -84.46 37.23 23.49
C ASP FC 204 -84.93 37.31 22.04
N PRO FC 205 -85.64 36.30 21.54
CA PRO FC 205 -86.13 36.39 20.16
C PRO FC 205 -87.32 37.30 20.00
N VAL FC 206 -88.15 37.43 21.04
CA VAL FC 206 -89.26 38.37 20.98
C VAL FC 206 -88.73 39.80 20.95
N LEU FC 207 -87.63 40.07 21.63
CA LEU FC 207 -86.97 41.37 21.56
C LEU FC 207 -86.33 41.63 20.21
N GLY FC 208 -86.13 40.61 19.38
CA GLY FC 208 -85.47 40.77 18.11
C GLY FC 208 -83.97 40.80 18.16
N THR FC 209 -83.37 40.51 19.33
CA THR FC 209 -81.92 40.53 19.48
C THR FC 209 -81.24 39.38 18.76
N VAL FC 210 -81.98 38.37 18.32
CA VAL FC 210 -81.43 37.26 17.55
C VAL FC 210 -82.20 37.16 16.23
N GLY FC 211 -81.46 37.08 15.13
CA GLY FC 211 -82.03 37.08 13.80
C GLY FC 211 -81.61 35.86 12.99
N PHE FC 212 -82.18 35.77 11.80
CA PHE FC 212 -82.02 34.60 10.95
C PHE FC 212 -81.51 35.04 9.59
N GLY FC 213 -81.49 34.12 8.64
CA GLY FC 213 -81.06 34.40 7.29
C GLY FC 213 -79.68 33.83 6.99
N SER FC 214 -79.31 33.92 5.73
CA SER FC 214 -78.00 33.47 5.27
C SER FC 214 -77.35 34.58 4.46
N GLY FC 215 -76.23 35.10 4.95
CA GLY FC 215 -75.44 36.03 4.18
C GLY FC 215 -74.69 35.42 3.04
N LEU FC 216 -74.63 34.08 3.01
CA LEU FC 216 -74.05 33.38 1.86
C LEU FC 216 -74.87 33.62 0.60
N HIS FC 217 -76.13 34.02 0.75
CA HIS FC 217 -77.01 34.31 -0.37
C HIS FC 217 -77.53 35.73 -0.36
N GLY FC 218 -77.17 36.52 0.65
CA GLY FC 218 -77.51 37.93 0.65
C GLY FC 218 -78.87 38.26 1.23
N TRP FC 219 -79.55 37.33 1.87
CA TRP FC 219 -80.88 37.57 2.42
C TRP FC 219 -80.90 37.23 3.90
N ALA FC 220 -81.64 38.03 4.66
CA ALA FC 220 -81.79 37.78 6.08
C ALA FC 220 -83.04 38.51 6.57
N PHE FC 221 -83.48 38.15 7.77
CA PHE FC 221 -84.67 38.76 8.34
C PHE FC 221 -84.62 38.63 9.85
N THR FC 222 -85.29 39.56 10.51
CA THR FC 222 -85.57 39.49 11.93
C THR FC 222 -87.08 39.43 12.11
N LEU FC 223 -87.52 39.33 13.36
CA LEU FC 223 -88.95 39.37 13.64
C LEU FC 223 -89.56 40.72 13.32
N LYS FC 224 -88.72 41.77 13.28
CA LYS FC 224 -89.21 43.13 13.10
C LYS FC 224 -89.91 43.28 11.76
N GLN FC 225 -89.29 42.80 10.68
CA GLN FC 225 -89.86 42.97 9.35
C GLN FC 225 -91.20 42.26 9.21
N PHE FC 226 -91.26 41.00 9.66
CA PHE FC 226 -92.49 40.22 9.54
C PHE FC 226 -93.61 40.82 10.37
N ALA FC 227 -93.35 41.13 11.63
CA ALA FC 227 -94.39 41.74 12.46
C ALA FC 227 -94.82 43.08 11.90
N GLU FC 228 -93.88 43.88 11.41
CA GLU FC 228 -94.21 45.19 10.86
C GLU FC 228 -95.14 45.07 9.65
N MET FC 229 -94.81 44.17 8.72
CA MET FC 229 -95.65 44.05 7.53
C MET FC 229 -97.02 43.46 7.85
N TYR FC 230 -97.09 42.49 8.77
CA TYR FC 230 -98.40 41.94 9.12
C TYR FC 230 -99.28 42.96 9.83
N VAL FC 231 -98.69 43.74 10.74
CA VAL FC 231 -99.44 44.80 11.41
C VAL FC 231 -99.91 45.85 10.41
N ALA FC 232 -99.04 46.20 9.45
CA ALA FC 232 -99.42 47.19 8.44
C ALA FC 232 -100.59 46.69 7.59
N LYS FC 233 -100.59 45.41 7.23
CA LYS FC 233 -101.74 44.86 6.53
C LYS FC 233 -102.99 44.93 7.40
N PHE FC 234 -102.87 44.57 8.67
CA PHE FC 234 -104.01 44.50 9.59
C PHE FC 234 -104.72 45.84 9.75
N ALA FC 245 -94.19 56.31 18.10
CA ALA FC 245 -95.56 56.61 18.48
C ALA FC 245 -96.36 55.32 18.66
N GLU FC 246 -97.49 55.21 17.95
CA GLU FC 246 -98.32 54.02 18.09
C GLU FC 246 -97.74 52.85 17.30
N ARG FC 247 -97.12 53.12 16.15
CA ARG FC 247 -96.66 52.04 15.28
C ARG FC 247 -95.57 51.20 15.95
N ALA FC 248 -94.62 51.86 16.60
CA ALA FC 248 -93.54 51.14 17.26
C ALA FC 248 -94.08 50.21 18.33
N LYS FC 249 -94.98 50.72 19.18
CA LYS FC 249 -95.58 49.90 20.22
C LYS FC 249 -96.38 48.75 19.64
N LYS FC 250 -97.13 49.02 18.57
CA LYS FC 250 -97.96 47.99 17.95
C LYS FC 250 -97.11 46.84 17.43
N VAL FC 251 -96.06 47.14 16.66
CA VAL FC 251 -95.25 46.06 16.14
C VAL FC 251 -94.35 45.43 17.20
N GLU FC 252 -94.01 46.16 18.27
CA GLU FC 252 -93.20 45.58 19.33
C GLU FC 252 -94.01 44.57 20.14
N ASP FC 253 -95.22 44.95 20.57
CA ASP FC 253 -95.99 43.95 21.29
C ASP FC 253 -96.62 42.94 20.34
N MET FC 254 -96.53 43.16 19.02
CA MET FC 254 -96.76 42.07 18.09
C MET FC 254 -95.61 41.07 18.13
N MET FC 255 -94.36 41.57 18.10
CA MET FC 255 -93.20 40.70 18.23
C MET FC 255 -93.19 39.95 19.55
N LYS FC 256 -93.85 40.49 20.57
CA LYS FC 256 -94.05 39.73 21.80
C LYS FC 256 -94.83 38.46 21.52
N LYS FC 257 -95.88 38.54 20.70
CA LYS FC 257 -96.68 37.38 20.34
C LYS FC 257 -96.04 36.50 19.27
N LEU FC 258 -95.06 37.03 18.52
CA LEU FC 258 -94.47 36.22 17.44
C LEU FC 258 -93.81 34.96 17.98
N TRP FC 259 -92.74 35.09 18.76
CA TRP FC 259 -91.93 33.96 19.18
C TRP FC 259 -92.46 33.38 20.50
N GLY FC 260 -92.30 32.07 20.65
CA GLY FC 260 -92.68 31.38 21.87
C GLY FC 260 -93.55 30.17 21.57
N ASP FC 261 -94.11 29.61 22.63
CA ASP FC 261 -95.01 28.46 22.50
C ASP FC 261 -96.47 28.89 22.39
N ARG FC 262 -96.73 29.80 21.46
CA ARG FC 262 -98.09 30.21 21.13
C ARG FC 262 -98.51 29.52 19.84
N TYR FC 263 -99.82 29.41 19.66
CA TYR FC 263 -100.38 28.62 18.58
C TYR FC 263 -101.37 29.45 17.78
N PHE FC 264 -101.43 29.18 16.47
CA PHE FC 264 -102.35 29.89 15.60
C PHE FC 264 -103.10 28.90 14.74
N ASP FC 265 -104.42 29.08 14.65
CA ASP FC 265 -105.27 28.27 13.79
C ASP FC 265 -105.58 29.07 12.53
N PRO FC 266 -105.14 28.64 11.35
CA PRO FC 266 -105.43 29.42 10.13
C PRO FC 266 -106.91 29.58 9.85
N ALA FC 267 -107.73 28.60 10.25
CA ALA FC 267 -109.17 28.73 10.07
C ALA FC 267 -109.77 29.74 11.05
N ASN FC 268 -109.37 29.68 12.31
CA ASN FC 268 -109.95 30.57 13.31
C ASN FC 268 -109.49 32.02 13.14
N GLY FC 269 -108.25 32.21 12.68
CA GLY FC 269 -107.74 33.55 12.47
C GLY FC 269 -107.38 34.30 13.73
N LYS FC 270 -107.37 33.65 14.89
CA LYS FC 270 -107.11 34.30 16.16
C LYS FC 270 -105.94 33.64 16.86
N PHE FC 271 -105.20 34.45 17.64
CA PHE FC 271 -104.11 33.92 18.43
C PHE FC 271 -104.65 33.02 19.52
N SER FC 272 -103.96 31.90 19.76
CA SER FC 272 -104.43 30.86 20.66
C SER FC 272 -103.30 30.44 21.59
N LYS FC 273 -103.60 30.37 22.88
CA LYS FC 273 -102.72 29.75 23.84
C LYS FC 273 -103.00 28.27 24.01
N SER FC 274 -104.09 27.78 23.43
CA SER FC 274 -104.48 26.38 23.51
C SER FC 274 -103.85 25.60 22.36
N ALA FC 275 -103.16 24.51 22.70
CA ALA FC 275 -102.63 23.63 21.67
C ALA FC 275 -103.72 22.81 20.99
N THR FC 276 -104.93 22.82 21.52
CA THR FC 276 -106.05 22.08 20.97
C THR FC 276 -107.17 23.04 20.59
N SER FC 277 -107.63 22.94 19.34
CA SER FC 277 -108.67 23.81 18.82
C SER FC 277 -110.04 23.29 19.24
N PRO FC 278 -111.08 24.10 19.10
CA PRO FC 278 -112.44 23.60 19.36
C PRO FC 278 -112.85 22.44 18.45
N GLU FC 279 -112.20 22.27 17.30
CA GLU FC 279 -112.46 21.14 16.42
C GLU FC 279 -111.59 19.94 16.75
N GLY FC 280 -110.79 20.00 17.81
CA GLY FC 280 -109.92 18.90 18.18
C GLY FC 280 -108.63 18.83 17.40
N LYS FC 281 -108.38 19.79 16.51
CA LYS FC 281 -107.17 19.79 15.71
C LYS FC 281 -106.00 20.35 16.52
N LYS FC 282 -104.88 19.64 16.47
CA LYS FC 282 -103.65 20.13 17.10
C LYS FC 282 -103.14 21.37 16.38
N LEU FC 283 -102.62 22.33 17.15
CA LEU FC 283 -102.29 23.53 16.40
C LEU FC 283 -100.80 23.64 16.12
N PRO FC 284 -100.45 24.00 14.90
CA PRO FC 284 -99.07 24.45 14.63
C PRO FC 284 -98.78 25.72 15.40
N ARG FC 285 -97.53 25.87 15.82
CA ARG FC 285 -97.17 27.06 16.55
C ARG FC 285 -97.11 28.27 15.62
N THR FC 286 -97.25 29.45 16.22
CA THR FC 286 -97.47 30.68 15.47
C THR FC 286 -96.28 31.02 14.57
N PHE FC 287 -95.06 30.87 15.09
CA PHE FC 287 -93.89 31.25 14.33
C PHE FC 287 -93.75 30.42 13.05
N CYS FC 288 -93.79 29.09 13.18
CA CYS FC 288 -93.73 28.23 12.01
C CYS FC 288 -94.93 28.45 11.10
N GLN FC 289 -96.09 28.74 11.68
CA GLN FC 289 -97.31 28.84 10.89
C GLN FC 289 -97.29 30.07 9.98
N LEU FC 290 -96.85 31.22 10.49
CA LEU FC 290 -96.98 32.44 9.72
C LEU FC 290 -95.68 33.18 9.45
N ILE FC 291 -94.52 32.55 9.64
CA ILE FC 291 -93.25 33.07 9.15
C ILE FC 291 -92.51 32.03 8.35
N LEU FC 292 -92.31 30.85 8.91
CA LEU FC 292 -91.59 29.80 8.22
C LEU FC 292 -92.40 29.27 7.04
N ASP FC 293 -93.72 29.24 7.15
CA ASP FC 293 -94.54 28.67 6.07
C ASP FC 293 -94.45 29.45 4.77
N PRO FC 294 -94.55 30.80 4.73
CA PRO FC 294 -94.31 31.49 3.45
C PRO FC 294 -92.90 31.28 2.94
N ILE FC 295 -91.91 31.22 3.84
CA ILE FC 295 -90.54 30.95 3.42
C ILE FC 295 -90.45 29.59 2.76
N PHE FC 296 -91.12 28.59 3.34
CA PHE FC 296 -91.09 27.26 2.76
C PHE FC 296 -91.87 27.17 1.46
N LYS FC 297 -92.97 27.90 1.34
CA LYS FC 297 -93.71 27.93 0.08
C LYS FC 297 -92.86 28.54 -1.04
N VAL FC 298 -92.18 29.66 -0.76
CA VAL FC 298 -91.37 30.28 -1.79
C VAL FC 298 -90.09 29.48 -2.06
N PHE FC 299 -89.61 28.71 -1.08
CA PHE FC 299 -88.52 27.78 -1.40
C PHE FC 299 -89.01 26.64 -2.28
N ASP FC 300 -90.13 26.03 -1.92
CA ASP FC 300 -90.65 24.86 -2.62
C ASP FC 300 -90.96 25.19 -4.08
N ALA FC 301 -91.64 26.31 -4.32
CA ALA FC 301 -92.07 26.63 -5.69
C ALA FC 301 -90.87 26.82 -6.61
N ILE FC 302 -89.89 27.63 -6.20
CA ILE FC 302 -88.75 27.91 -7.07
C ILE FC 302 -87.86 26.68 -7.21
N MET FC 303 -87.60 25.96 -6.12
CA MET FC 303 -86.75 24.79 -6.25
C MET FC 303 -87.46 23.59 -6.86
N ASN FC 304 -88.76 23.70 -7.15
CA ASN FC 304 -89.48 22.66 -7.87
C ASN FC 304 -90.01 23.14 -9.22
N PHE FC 305 -89.68 24.38 -9.62
CA PHE FC 305 -90.00 24.91 -10.96
C PHE FC 305 -91.50 24.91 -11.24
N LYS FC 306 -92.26 25.57 -10.36
CA LYS FC 306 -93.70 25.74 -10.56
C LYS FC 306 -93.97 27.20 -10.87
N LYS FC 307 -94.01 27.52 -12.18
CA LYS FC 307 -93.95 28.89 -12.64
C LYS FC 307 -95.12 29.72 -12.13
N GLU FC 308 -96.34 29.18 -12.23
CA GLU FC 308 -97.50 29.94 -11.79
C GLU FC 308 -97.50 30.13 -10.28
N GLU FC 309 -97.04 29.14 -9.53
CA GLU FC 309 -96.94 29.29 -8.08
C GLU FC 309 -95.95 30.39 -7.71
N THR FC 310 -94.78 30.41 -8.37
CA THR FC 310 -93.82 31.46 -8.06
C THR FC 310 -94.38 32.83 -8.41
N ALA FC 311 -95.05 32.95 -9.56
CA ALA FC 311 -95.61 34.24 -9.94
C ALA FC 311 -96.66 34.71 -8.93
N LYS FC 312 -97.55 33.80 -8.52
CA LYS FC 312 -98.63 34.20 -7.63
C LYS FC 312 -98.11 34.50 -6.23
N LEU FC 313 -97.07 33.80 -5.78
CA LEU FC 313 -96.48 34.14 -4.50
C LEU FC 313 -95.74 35.48 -4.56
N ILE FC 314 -95.11 35.79 -5.69
CA ILE FC 314 -94.51 37.12 -5.86
C ILE FC 314 -95.59 38.20 -5.77
N GLU FC 315 -96.72 37.97 -6.44
CA GLU FC 315 -97.81 38.94 -6.40
C GLU FC 315 -98.39 39.08 -5.00
N LYS FC 316 -98.52 37.97 -4.27
CA LYS FC 316 -99.03 38.04 -2.90
C LYS FC 316 -98.06 38.76 -1.97
N LEU FC 317 -96.75 38.58 -2.19
CA LEU FC 317 -95.74 39.14 -1.30
C LEU FC 317 -95.15 40.44 -1.83
N ASP FC 318 -95.77 41.04 -2.85
CA ASP FC 318 -95.46 42.37 -3.40
C ASP FC 318 -93.98 42.59 -3.64
N ILE FC 319 -93.26 41.53 -4.01
CA ILE FC 319 -91.82 41.61 -4.19
C ILE FC 319 -91.50 42.38 -5.46
N LYS FC 320 -90.62 43.38 -5.34
CA LYS FC 320 -90.23 44.22 -6.48
C LYS FC 320 -88.96 43.65 -7.08
N LEU FC 321 -89.12 42.72 -8.01
CA LEU FC 321 -87.99 42.20 -8.76
C LEU FC 321 -87.69 43.11 -9.94
N ASP FC 322 -86.60 42.81 -10.64
CA ASP FC 322 -86.23 43.55 -11.84
C ASP FC 322 -85.84 42.58 -12.95
N SER FC 323 -85.71 43.14 -14.16
CA SER FC 323 -85.24 42.38 -15.30
C SER FC 323 -83.82 41.88 -15.05
N GLU FC 324 -83.46 40.82 -15.76
CA GLU FC 324 -82.25 40.01 -15.60
C GLU FC 324 -82.27 39.24 -14.28
N ASP FC 325 -83.27 39.48 -13.43
CA ASP FC 325 -83.60 38.60 -12.32
C ASP FC 325 -84.91 37.87 -12.53
N LYS FC 326 -85.82 38.45 -13.30
CA LYS FC 326 -87.07 37.77 -13.63
C LYS FC 326 -86.89 36.67 -14.67
N ASP FC 327 -85.71 36.57 -15.29
CA ASP FC 327 -85.52 35.58 -16.34
C ASP FC 327 -84.84 34.31 -15.82
N LYS FC 328 -84.13 34.39 -14.70
CA LYS FC 328 -83.40 33.24 -14.21
C LYS FC 328 -84.35 32.24 -13.55
N GLU FC 329 -83.79 31.07 -13.20
CA GLU FC 329 -84.56 30.01 -12.59
C GLU FC 329 -83.65 29.21 -11.67
N GLY FC 330 -84.26 28.54 -10.69
CA GLY FC 330 -83.49 27.76 -9.76
C GLY FC 330 -82.98 28.58 -8.60
N LYS FC 331 -81.88 28.10 -8.01
CA LYS FC 331 -81.30 28.78 -6.87
C LYS FC 331 -80.86 30.22 -7.13
N PRO FC 332 -80.35 30.61 -8.32
CA PRO FC 332 -80.17 32.06 -8.54
C PRO FC 332 -81.46 32.85 -8.46
N LEU FC 333 -82.56 32.28 -8.96
CA LEU FC 333 -83.85 32.94 -8.83
C LEU FC 333 -84.26 33.03 -7.37
N LEU FC 334 -83.98 31.98 -6.60
CA LEU FC 334 -84.25 32.00 -5.16
C LEU FC 334 -83.45 33.10 -4.48
N LYS FC 335 -82.17 33.24 -4.85
CA LYS FC 335 -81.35 34.30 -4.29
C LYS FC 335 -81.91 35.68 -4.64
N ALA FC 336 -82.32 35.87 -5.89
CA ALA FC 336 -82.84 37.16 -6.31
C ALA FC 336 -84.12 37.51 -5.56
N VAL FC 337 -85.06 36.55 -5.48
CA VAL FC 337 -86.33 36.80 -4.80
C VAL FC 337 -86.10 37.07 -3.31
N MET FC 338 -85.25 36.27 -2.67
CA MET FC 338 -84.99 36.46 -1.26
C MET FC 338 -84.29 37.79 -1.00
N ARG FC 339 -83.36 38.18 -1.87
CA ARG FC 339 -82.61 39.41 -1.66
C ARG FC 339 -83.51 40.63 -1.89
N ARG FC 340 -84.47 40.52 -2.81
CA ARG FC 340 -85.39 41.62 -3.04
C ARG FC 340 -86.44 41.72 -1.95
N TRP FC 341 -86.93 40.58 -1.46
CA TRP FC 341 -88.02 40.61 -0.49
C TRP FC 341 -87.51 40.89 0.92
N LEU FC 342 -86.41 40.26 1.32
CA LEU FC 342 -85.87 40.39 2.67
C LEU FC 342 -84.42 40.85 2.58
N PRO FC 343 -84.17 42.15 2.72
CA PRO FC 343 -82.81 42.67 2.58
C PRO FC 343 -81.98 42.41 3.83
N ALA FC 344 -80.91 41.62 3.65
CA ALA FC 344 -80.04 41.26 4.76
C ALA FC 344 -79.40 42.50 5.37
N GLY FC 345 -78.91 43.41 4.52
CA GLY FC 345 -78.26 44.60 5.03
C GLY FC 345 -79.17 45.45 5.88
N ASP FC 346 -80.38 45.72 5.37
CA ASP FC 346 -81.33 46.51 6.14
C ASP FC 346 -81.71 45.82 7.45
N ALA FC 347 -82.00 44.51 7.39
CA ALA FC 347 -82.39 43.80 8.60
C ALA FC 347 -81.30 43.86 9.66
N LEU FC 348 -80.07 43.50 9.29
CA LEU FC 348 -78.98 43.47 10.24
C LEU FC 348 -78.64 44.86 10.77
N LEU FC 349 -78.61 45.86 9.89
CA LEU FC 349 -78.19 47.19 10.31
C LEU FC 349 -79.22 47.82 11.24
N GLN FC 350 -80.51 47.65 10.95
CA GLN FC 350 -81.52 48.21 11.83
C GLN FC 350 -81.57 47.47 13.16
N MET FC 351 -81.39 46.14 13.12
CA MET FC 351 -81.15 45.38 14.34
C MET FC 351 -80.02 45.98 15.16
N ILE FC 352 -78.90 46.27 14.51
CA ILE FC 352 -77.72 46.80 15.18
C ILE FC 352 -78.01 48.15 15.82
N THR FC 353 -78.67 49.05 15.09
CA THR FC 353 -78.97 50.36 15.64
C THR FC 353 -79.89 50.27 16.84
N ILE FC 354 -80.91 49.40 16.76
CA ILE FC 354 -81.88 49.33 17.83
C ILE FC 354 -81.25 48.74 19.09
N HIS FC 355 -80.45 47.69 18.94
CA HIS FC 355 -80.03 46.92 20.12
C HIS FC 355 -78.62 47.20 20.58
N LEU FC 356 -77.64 47.26 19.69
CA LEU FC 356 -76.26 47.44 20.11
C LEU FC 356 -76.08 48.83 20.74
N PRO FC 357 -75.34 48.94 21.84
CA PRO FC 357 -75.31 50.19 22.60
C PRO FC 357 -74.27 51.19 22.12
N SER FC 358 -74.60 52.46 22.32
CA SER FC 358 -73.70 53.56 22.00
C SER FC 358 -72.55 53.62 23.02
N PRO FC 359 -71.41 54.20 22.63
CA PRO FC 359 -70.30 54.32 23.59
C PRO FC 359 -70.64 55.15 24.81
N VAL FC 360 -71.52 56.15 24.66
CA VAL FC 360 -71.85 57.04 25.77
C VAL FC 360 -72.53 56.25 26.90
N THR FC 361 -73.43 55.34 26.54
CA THR FC 361 -74.07 54.51 27.56
C THR FC 361 -73.26 53.28 27.93
N ALA FC 362 -72.43 52.78 27.01
CA ALA FC 362 -71.62 51.60 27.30
C ALA FC 362 -70.50 51.92 28.30
N GLN FC 363 -69.88 53.10 28.16
CA GLN FC 363 -68.81 53.49 29.06
C GLN FC 363 -69.32 53.74 30.47
N LYS FC 364 -70.63 53.88 30.66
CA LYS FC 364 -71.18 54.05 32.00
C LYS FC 364 -70.91 52.83 32.87
N TYR FC 365 -70.73 51.65 32.26
CA TYR FC 365 -70.42 50.45 33.00
C TYR FC 365 -69.18 49.72 32.50
N ARG FC 366 -68.58 50.15 31.40
CA ARG FC 366 -67.38 49.49 30.89
C ARG FC 366 -66.10 50.13 31.39
N CYS FC 367 -66.11 51.43 31.66
CA CYS FC 367 -64.88 52.14 31.99
C CYS FC 367 -64.28 51.69 33.32
N GLU FC 368 -65.09 51.08 34.19
CA GLU FC 368 -64.54 50.55 35.45
C GLU FC 368 -63.53 49.45 35.16
N LEU FC 369 -63.81 48.60 34.19
CA LEU FC 369 -62.87 47.56 33.77
C LEU FC 369 -61.67 48.13 33.03
N LEU FC 370 -61.72 49.40 32.62
CA LEU FC 370 -60.73 49.98 31.73
C LEU FC 370 -59.72 50.85 32.45
N TYR FC 371 -60.17 51.83 33.23
CA TYR FC 371 -59.27 52.73 33.93
C TYR FC 371 -58.71 52.02 35.16
N GLU FC 372 -57.39 52.01 35.31
CA GLU FC 372 -56.78 51.46 36.51
C GLU FC 372 -56.91 52.40 37.70
N GLY FC 373 -56.96 53.70 37.46
CA GLY FC 373 -57.04 54.66 38.54
C GLY FC 373 -58.41 54.69 39.17
N PRO FC 374 -58.51 55.45 40.27
CA PRO FC 374 -59.78 55.53 40.99
C PRO FC 374 -60.83 56.25 40.15
N PRO FC 375 -62.12 55.98 40.39
CA PRO FC 375 -63.16 56.67 39.62
C PRO FC 375 -63.20 58.17 39.84
N ASP FC 376 -62.67 58.65 40.95
CA ASP FC 376 -62.71 60.09 41.25
C ASP FC 376 -61.65 60.88 40.50
N ASP FC 377 -60.80 60.22 39.72
CA ASP FC 377 -59.90 60.96 38.83
C ASP FC 377 -60.71 61.75 37.82
N GLU FC 378 -60.19 62.91 37.44
CA GLU FC 378 -60.87 63.70 36.42
C GLU FC 378 -60.86 62.98 35.07
N ALA FC 379 -59.85 62.15 34.80
CA ALA FC 379 -59.88 61.33 33.59
C ALA FC 379 -61.01 60.31 33.65
N ALA FC 380 -61.20 59.65 34.79
CA ALA FC 380 -62.29 58.69 34.93
C ALA FC 380 -63.64 59.37 34.82
N MET FC 381 -63.78 60.55 35.42
CA MET FC 381 -65.02 61.31 35.29
C MET FC 381 -65.27 61.74 33.86
N GLY FC 382 -64.21 62.14 33.14
CA GLY FC 382 -64.38 62.55 31.76
C GLY FC 382 -64.78 61.40 30.85
N ILE FC 383 -64.13 60.24 30.99
CA ILE FC 383 -64.28 59.18 30.00
C ILE FC 383 -65.65 58.54 30.00
N LYS FC 384 -66.50 58.81 31.00
CA LYS FC 384 -67.80 58.15 31.06
C LYS FC 384 -68.69 58.53 29.88
N SER FC 385 -68.67 59.81 29.49
CA SER FC 385 -69.34 60.25 28.28
C SER FC 385 -68.39 60.88 27.27
N CYS FC 386 -67.15 61.16 27.67
CA CYS FC 386 -66.06 61.65 26.84
C CYS FC 386 -66.49 62.80 25.93
N ASP FC 387 -66.82 63.90 26.57
CA ASP FC 387 -67.11 65.13 25.85
C ASP FC 387 -65.90 65.54 25.02
N PRO FC 388 -66.11 66.09 23.82
CA PRO FC 388 -64.97 66.48 22.97
C PRO FC 388 -64.07 67.54 23.60
N LYS FC 389 -64.63 68.42 24.42
CA LYS FC 389 -63.83 69.43 25.10
C LYS FC 389 -63.02 68.84 26.26
N GLY FC 390 -63.28 67.60 26.65
CA GLY FC 390 -62.62 67.01 27.79
C GLY FC 390 -61.18 66.63 27.49
N PRO FC 391 -60.51 66.11 28.53
CA PRO FC 391 -59.10 65.74 28.37
C PRO FC 391 -58.95 64.52 27.47
N LEU FC 392 -57.76 64.39 26.89
CA LEU FC 392 -57.50 63.29 25.98
C LEU FC 392 -57.00 62.08 26.75
N MET FC 393 -57.69 60.96 26.57
CA MET FC 393 -57.31 59.69 27.18
C MET FC 393 -57.77 58.56 26.27
N MET FC 394 -56.83 57.80 25.71
CA MET FC 394 -57.17 56.83 24.68
C MET FC 394 -56.20 55.66 24.74
N TYR FC 395 -56.59 54.57 24.08
CA TYR FC 395 -55.94 53.28 24.17
C TYR FC 395 -55.40 52.87 22.81
N ILE FC 396 -54.48 51.92 22.80
CA ILE FC 396 -54.01 51.28 21.58
C ILE FC 396 -54.28 49.79 21.71
N SER FC 397 -54.88 49.20 20.68
CA SER FC 397 -55.10 47.77 20.64
C SER FC 397 -54.25 47.05 19.61
N LYS FC 398 -53.78 47.73 18.57
CA LYS FC 398 -53.01 47.00 17.56
C LYS FC 398 -52.02 47.94 16.90
N MET FC 399 -51.04 47.34 16.23
CA MET FC 399 -50.07 48.05 15.40
C MET FC 399 -50.09 47.38 14.04
N VAL FC 400 -50.98 47.86 13.17
CA VAL FC 400 -51.15 47.19 11.88
C VAL FC 400 -50.00 47.58 10.96
N PRO FC 401 -49.35 46.64 10.27
CA PRO FC 401 -48.27 47.01 9.36
C PRO FC 401 -48.79 47.77 8.17
N THR FC 402 -48.00 48.75 7.73
CA THR FC 402 -48.34 49.58 6.58
C THR FC 402 -47.71 48.95 5.33
N SER FC 403 -47.70 49.69 4.21
CA SER FC 403 -47.23 49.13 2.95
C SER FC 403 -45.74 48.79 3.00
N ASP FC 404 -44.92 49.72 3.48
CA ASP FC 404 -43.47 49.52 3.48
C ASP FC 404 -43.00 48.90 4.79
N LYS FC 405 -41.86 48.21 4.72
CA LYS FC 405 -41.30 47.59 5.91
C LYS FC 405 -40.73 48.64 6.85
N GLY FC 406 -40.61 48.26 8.12
CA GLY FC 406 -40.05 49.11 9.14
C GLY FC 406 -41.03 50.07 9.78
N ARG FC 407 -42.20 50.26 9.17
CA ARG FC 407 -43.18 51.23 9.63
C ARG FC 407 -44.49 50.53 9.95
N PHE FC 408 -45.20 51.08 10.95
CA PHE FC 408 -46.47 50.54 11.39
C PHE FC 408 -47.42 51.70 11.61
N TYR FC 409 -48.70 51.36 11.76
CA TYR FC 409 -49.74 52.32 12.08
C TYR FC 409 -50.34 51.90 13.41
N ALA FC 410 -50.21 52.76 14.43
CA ALA FC 410 -50.75 52.42 15.73
C ALA FC 410 -52.26 52.61 15.72
N PHE FC 411 -53.00 51.50 15.58
CA PHE FC 411 -54.45 51.57 15.53
C PHE FC 411 -55.01 51.40 16.94
N GLY FC 412 -55.86 52.35 17.34
CA GLY FC 412 -56.49 52.32 18.64
C GLY FC 412 -57.81 53.05 18.58
N ARG FC 413 -58.44 53.19 19.76
CA ARG FC 413 -59.71 53.89 19.89
C ARG FC 413 -59.54 55.04 20.86
N VAL FC 414 -60.14 56.18 20.51
CA VAL FC 414 -60.16 57.33 21.42
C VAL FC 414 -61.24 57.12 22.46
N PHE FC 415 -60.89 57.35 23.73
CA PHE FC 415 -61.82 57.16 24.83
C PHE FC 415 -62.14 58.44 25.59
N SER FC 416 -61.51 59.56 25.25
CA SER FC 416 -61.83 60.85 25.86
C SER FC 416 -61.17 61.96 25.06
N GLY FC 417 -61.84 63.10 25.01
CA GLY FC 417 -61.31 64.26 24.31
C GLY FC 417 -61.31 64.08 22.80
N LEU FC 418 -60.59 64.98 22.15
CA LEU FC 418 -60.41 64.95 20.70
C LEU FC 418 -58.93 64.90 20.38
N VAL FC 419 -58.58 64.14 19.35
CA VAL FC 419 -57.20 64.03 18.91
C VAL FC 419 -57.01 64.90 17.68
N SER FC 420 -55.95 65.71 17.69
CA SER FC 420 -55.58 66.53 16.55
C SER FC 420 -54.13 66.27 16.18
N THR FC 421 -53.84 66.37 14.89
CA THR FC 421 -52.50 66.10 14.39
C THR FC 421 -51.50 67.12 14.92
N GLY FC 422 -50.28 66.66 15.16
CA GLY FC 422 -49.24 67.52 15.70
C GLY FC 422 -49.50 68.00 17.11
N LEU FC 423 -50.00 67.13 17.98
CA LEU FC 423 -50.34 67.50 19.34
C LEU FC 423 -49.44 66.75 20.31
N LYS FC 424 -48.83 67.49 21.24
CA LYS FC 424 -47.97 66.88 22.24
C LYS FC 424 -48.81 66.06 23.22
N VAL FC 425 -48.44 64.78 23.37
CA VAL FC 425 -49.17 63.84 24.23
C VAL FC 425 -48.16 63.03 25.03
N ARG FC 426 -48.66 62.39 26.08
CA ARG FC 426 -47.89 61.48 26.91
C ARG FC 426 -48.27 60.06 26.52
N ILE FC 427 -47.30 59.31 25.99
CA ILE FC 427 -47.46 57.91 25.67
C ILE FC 427 -46.86 57.11 26.81
N MET FC 428 -47.62 56.16 27.36
CA MET FC 428 -47.15 55.40 28.51
C MET FC 428 -47.21 53.91 28.19
N GLY FC 429 -46.08 53.21 28.37
CA GLY FC 429 -46.01 51.81 28.11
C GLY FC 429 -46.69 51.00 29.19
N PRO FC 430 -46.71 49.67 29.02
CA PRO FC 430 -47.43 48.82 29.97
C PRO FC 430 -46.91 48.93 31.39
N ASN FC 431 -45.59 49.08 31.57
CA ASN FC 431 -45.00 49.13 32.89
C ASN FC 431 -45.12 50.50 33.53
N TYR FC 432 -45.93 51.40 32.97
CA TYR FC 432 -46.03 52.74 33.53
C TYR FC 432 -46.77 52.72 34.86
N THR FC 433 -46.33 53.60 35.76
CA THR FC 433 -46.98 53.86 37.03
C THR FC 433 -47.13 55.37 37.19
N PRO FC 434 -48.17 55.82 37.88
CA PRO FC 434 -48.30 57.27 38.13
C PRO FC 434 -47.15 57.86 38.92
N GLY FC 435 -46.52 57.07 39.80
CA GLY FC 435 -45.45 57.59 40.62
C GLY FC 435 -44.20 57.95 39.82
N LYS FC 436 -43.84 57.11 38.87
CA LYS FC 436 -42.57 57.23 38.15
C LYS FC 436 -42.80 57.55 36.68
N LYS FC 437 -41.84 58.22 36.07
CA LYS FC 437 -41.86 58.56 34.65
C LYS FC 437 -41.45 57.40 33.76
N GLU FC 438 -41.48 56.17 34.28
CA GLU FC 438 -41.03 55.01 33.51
C GLU FC 438 -41.96 54.74 32.32
N ASP FC 439 -41.34 54.49 31.16
CA ASP FC 439 -42.05 54.20 29.91
C ASP FC 439 -42.93 55.36 29.46
N LEU FC 440 -42.64 56.56 29.93
CA LEU FC 440 -43.40 57.75 29.60
C LEU FC 440 -42.63 58.56 28.56
N TYR FC 441 -43.32 58.98 27.50
CA TYR FC 441 -42.68 59.72 26.42
C TYR FC 441 -43.57 60.88 26.02
N LEU FC 442 -43.02 62.09 26.08
CA LEU FC 442 -43.71 63.31 25.66
C LEU FC 442 -43.41 63.50 24.17
N LYS FC 443 -44.36 63.13 23.31
CA LYS FC 443 -44.12 63.19 21.88
C LYS FC 443 -45.36 63.69 21.17
N PRO FC 444 -45.20 64.32 20.01
CA PRO FC 444 -46.37 64.69 19.20
C PRO FC 444 -46.75 63.60 18.22
N ILE FC 445 -47.88 63.77 17.55
CA ILE FC 445 -48.37 62.82 16.55
C ILE FC 445 -48.03 63.39 15.17
N GLN FC 446 -47.40 62.56 14.33
CA GLN FC 446 -47.14 63.00 12.96
C GLN FC 446 -48.45 63.26 12.22
N ARG FC 447 -49.26 62.22 12.04
CA ARG FC 447 -50.57 62.37 11.41
C ARG FC 447 -51.53 61.33 11.98
N THR FC 448 -52.81 61.61 11.81
CA THR FC 448 -53.89 60.70 12.14
C THR FC 448 -54.54 60.20 10.86
N ILE FC 449 -54.89 58.91 10.86
CA ILE FC 449 -55.45 58.29 9.67
C ILE FC 449 -56.65 57.45 10.09
N LEU FC 450 -57.60 57.26 9.17
CA LEU FC 450 -58.62 56.23 9.34
C LEU FC 450 -58.39 55.15 8.30
N MET FC 451 -58.87 53.95 8.61
CA MET FC 451 -58.53 52.75 7.89
C MET FC 451 -59.73 52.18 7.16
N MET FC 452 -59.53 51.80 5.91
CA MET FC 452 -60.50 51.04 5.14
C MET FC 452 -59.81 49.84 4.48
N GLY FC 453 -58.82 49.28 5.14
CA GLY FC 453 -58.15 48.08 4.68
C GLY FC 453 -57.10 48.39 3.61
N ARG FC 454 -57.34 47.92 2.39
CA ARG FC 454 -56.37 48.08 1.31
C ARG FC 454 -56.09 49.55 1.03
N TYR FC 455 -57.11 50.38 1.10
CA TYR FC 455 -56.99 51.82 0.90
C TYR FC 455 -57.31 52.52 2.21
N VAL FC 456 -56.49 53.50 2.59
CA VAL FC 456 -56.62 54.21 3.85
C VAL FC 456 -56.60 55.71 3.57
N GLU FC 457 -56.95 56.51 4.59
CA GLU FC 457 -57.03 57.94 4.31
C GLU FC 457 -56.68 58.78 5.54
N PRO FC 458 -55.73 59.70 5.44
CA PRO FC 458 -55.45 60.59 6.57
C PRO FC 458 -56.59 61.57 6.82
N ILE FC 459 -56.72 62.00 8.07
CA ILE FC 459 -57.79 62.87 8.51
C ILE FC 459 -57.19 63.96 9.39
N GLU FC 460 -57.93 65.06 9.53
CA GLU FC 460 -57.48 66.15 10.41
C GLU FC 460 -57.56 65.76 11.87
N ASP FC 461 -58.68 65.18 12.30
CA ASP FC 461 -58.94 65.00 13.72
C ASP FC 461 -59.91 63.84 13.94
N VAL FC 462 -59.89 63.31 15.16
CA VAL FC 462 -60.76 62.22 15.58
C VAL FC 462 -61.15 62.41 17.05
N PRO FC 463 -62.42 62.62 17.36
CA PRO FC 463 -62.84 62.73 18.77
C PRO FC 463 -63.01 61.36 19.43
N CYS FC 464 -63.53 61.35 20.65
CA CYS FC 464 -63.75 60.10 21.37
C CYS FC 464 -64.80 59.24 20.65
N GLY FC 465 -64.71 57.93 20.87
CA GLY FC 465 -65.66 57.00 20.32
C GLY FC 465 -65.31 56.52 18.94
N ASN FC 466 -64.15 56.92 18.42
CA ASN FC 466 -63.76 56.59 17.07
C ASN FC 466 -62.37 55.99 17.09
N ILE FC 467 -62.12 55.13 16.13
CA ILE FC 467 -60.83 54.48 15.99
C ILE FC 467 -59.97 55.31 15.07
N VAL FC 468 -58.67 55.29 15.32
CA VAL FC 468 -57.72 56.10 14.57
C VAL FC 468 -56.37 55.40 14.56
N GLY FC 469 -55.63 55.63 13.50
CA GLY FC 469 -54.25 55.20 13.41
C GLY FC 469 -53.32 56.37 13.56
N LEU FC 470 -52.52 56.35 14.62
CA LEU FC 470 -51.45 57.32 14.79
C LEU FC 470 -50.26 56.86 13.96
N VAL FC 471 -49.66 57.77 13.21
CA VAL FC 471 -48.46 57.44 12.45
C VAL FC 471 -47.27 58.15 13.09
N GLY FC 472 -46.13 57.48 13.08
CA GLY FC 472 -44.93 57.98 13.70
C GLY FC 472 -44.80 57.67 15.18
N VAL FC 473 -45.89 57.26 15.83
CA VAL FC 473 -45.86 56.90 17.24
C VAL FC 473 -45.33 55.50 17.46
N ASP FC 474 -45.16 54.73 16.39
CA ASP FC 474 -44.87 53.31 16.50
C ASP FC 474 -43.56 53.03 17.22
N GLN FC 475 -42.55 53.90 17.02
CA GLN FC 475 -41.22 53.61 17.54
C GLN FC 475 -41.13 53.82 19.06
N PHE FC 476 -42.11 54.46 19.67
CA PHE FC 476 -41.94 54.86 21.07
C PHE FC 476 -42.42 53.78 22.03
N LEU FC 477 -43.56 53.15 21.74
CA LEU FC 477 -44.08 52.07 22.56
C LEU FC 477 -44.09 50.78 21.75
N VAL FC 478 -44.11 49.66 22.47
CA VAL FC 478 -44.14 48.33 21.88
C VAL FC 478 -45.46 47.67 22.21
N LYS FC 479 -46.14 47.18 21.17
CA LYS FC 479 -47.36 46.38 21.26
C LYS FC 479 -48.56 47.18 21.75
N THR FC 480 -48.63 47.44 23.05
CA THR FC 480 -49.83 47.98 23.67
C THR FC 480 -49.48 49.14 24.59
N GLY FC 481 -50.39 50.12 24.67
CA GLY FC 481 -50.18 51.25 25.54
C GLY FC 481 -51.34 52.22 25.46
N THR FC 482 -51.18 53.34 26.16
CA THR FC 482 -52.20 54.37 26.18
C THR FC 482 -51.58 55.74 25.92
N ILE FC 483 -52.34 56.57 25.23
CA ILE FC 483 -51.97 57.94 24.89
C ILE FC 483 -52.93 58.88 25.61
N THR FC 484 -52.37 59.78 26.42
CA THR FC 484 -53.18 60.67 27.22
C THR FC 484 -52.54 62.06 27.20
N THR FC 485 -53.22 63.00 27.85
CA THR FC 485 -52.67 64.32 28.07
C THR FC 485 -52.67 64.73 29.53
N PHE FC 486 -53.65 64.29 30.31
CA PHE FC 486 -53.70 64.59 31.73
C PHE FC 486 -52.46 64.02 32.43
N GLU FC 487 -51.85 64.83 33.30
CA GLU FC 487 -50.60 64.43 33.94
C GLU FC 487 -50.81 63.23 34.84
N HIS FC 488 -51.80 63.29 35.71
CA HIS FC 488 -52.08 62.20 36.64
C HIS FC 488 -53.00 61.15 36.03
N ALA FC 489 -53.06 61.06 34.71
CA ALA FC 489 -53.79 59.98 34.07
C ALA FC 489 -53.07 58.66 34.28
N HIS FC 490 -53.85 57.58 34.28
CA HIS FC 490 -53.36 56.26 34.60
C HIS FC 490 -53.35 55.37 33.35
N ASN FC 491 -52.35 54.50 33.30
CA ASN FC 491 -52.33 53.45 32.29
C ASN FC 491 -53.57 52.59 32.43
N MET FC 492 -54.16 52.22 31.29
CA MET FC 492 -55.37 51.41 31.34
C MET FC 492 -55.02 49.96 31.67
N ARG FC 493 -56.04 49.17 31.99
CA ARG FC 493 -55.86 47.78 32.32
C ARG FC 493 -55.35 47.01 31.10
N VAL FC 494 -54.35 46.15 31.32
CA VAL FC 494 -53.83 45.37 30.22
C VAL FC 494 -54.83 44.29 29.83
N MET FC 495 -54.65 43.73 28.64
CA MET FC 495 -55.60 42.77 28.10
C MET FC 495 -55.45 41.43 28.78
N LYS FC 496 -56.57 40.90 29.27
CA LYS FC 496 -56.59 39.55 29.84
C LYS FC 496 -56.75 38.56 28.71
N PHE FC 497 -55.67 37.87 28.36
CA PHE FC 497 -55.68 36.94 27.24
C PHE FC 497 -56.21 35.58 27.68
N SER FC 498 -57.18 35.06 26.92
CA SER FC 498 -57.62 33.69 27.12
C SER FC 498 -56.52 32.71 26.77
N VAL FC 499 -55.91 32.86 25.60
CA VAL FC 499 -54.78 32.04 25.20
C VAL FC 499 -53.52 32.62 25.82
N SER FC 500 -52.44 31.85 25.77
CA SER FC 500 -51.15 32.28 26.29
C SER FC 500 -50.07 31.76 25.36
N PRO FC 501 -48.89 32.38 25.37
CA PRO FC 501 -47.78 31.89 24.53
C PRO FC 501 -47.12 30.63 25.10
N VAL FC 502 -47.71 29.49 24.78
CA VAL FC 502 -47.23 28.20 25.27
C VAL FC 502 -46.29 27.53 24.27
N VAL FC 503 -46.71 27.42 23.01
CA VAL FC 503 -45.92 26.70 22.03
C VAL FC 503 -44.72 27.56 21.63
N ARG FC 504 -43.52 27.05 21.89
CA ARG FC 504 -42.28 27.73 21.58
C ARG FC 504 -41.53 26.97 20.50
N VAL FC 505 -40.82 27.72 19.65
CA VAL FC 505 -40.00 27.12 18.60
C VAL FC 505 -38.74 27.96 18.45
N ALA FC 506 -37.65 27.31 18.04
CA ALA FC 506 -36.39 28.01 17.81
C ALA FC 506 -36.15 28.09 16.30
N VAL FC 507 -36.07 29.32 15.78
CA VAL FC 507 -35.82 29.53 14.37
C VAL FC 507 -34.38 29.99 14.20
N GLU FC 508 -33.91 29.93 12.96
CA GLU FC 508 -32.54 30.28 12.67
C GLU FC 508 -32.40 30.55 11.18
N ALA FC 509 -31.51 31.46 10.83
CA ALA FC 509 -31.27 31.78 9.43
C ALA FC 509 -30.57 30.62 8.74
N LYS FC 510 -31.05 30.24 7.56
CA LYS FC 510 -30.37 29.21 6.79
C LYS FC 510 -29.03 29.73 6.29
N ASN FC 511 -28.96 31.00 5.90
CA ASN FC 511 -27.70 31.66 5.64
C ASN FC 511 -27.41 32.61 6.79
N PRO FC 512 -26.40 32.35 7.62
CA PRO FC 512 -26.18 33.19 8.81
C PRO FC 512 -25.77 34.62 8.50
N ALA FC 513 -25.49 34.94 7.24
CA ALA FC 513 -25.14 36.30 6.85
C ALA FC 513 -26.37 37.18 6.60
N ASP FC 514 -27.53 36.80 7.13
CA ASP FC 514 -28.74 37.61 7.07
C ASP FC 514 -29.29 37.89 8.47
N LEU FC 515 -28.43 37.79 9.48
CA LEU FC 515 -28.86 37.99 10.86
C LEU FC 515 -29.46 39.36 11.17
N PRO FC 516 -28.99 40.50 10.64
CA PRO FC 516 -29.66 41.76 11.00
C PRO FC 516 -31.08 41.85 10.49
N LYS FC 517 -31.32 41.43 9.25
CA LYS FC 517 -32.68 41.34 8.74
C LYS FC 517 -33.50 40.36 9.56
N LEU FC 518 -32.91 39.24 9.97
CA LEU FC 518 -33.65 38.28 10.79
C LEU FC 518 -34.11 38.89 12.11
N VAL FC 519 -33.18 39.52 12.84
CA VAL FC 519 -33.55 40.02 14.16
C VAL FC 519 -34.51 41.20 14.04
N GLU FC 520 -34.32 42.05 13.03
CA GLU FC 520 -35.27 43.14 12.84
C GLU FC 520 -36.64 42.60 12.41
N GLY FC 521 -36.68 41.48 11.70
CA GLY FC 521 -37.95 40.87 11.37
C GLY FC 521 -38.65 40.31 12.59
N LEU FC 522 -37.88 39.74 13.51
CA LEU FC 522 -38.46 39.33 14.79
C LEU FC 522 -39.03 40.53 15.54
N LYS FC 523 -38.30 41.65 15.54
CA LYS FC 523 -38.80 42.86 16.18
C LYS FC 523 -40.11 43.32 15.56
N ARG FC 524 -40.17 43.35 14.22
CA ARG FC 524 -41.38 43.78 13.54
C ARG FC 524 -42.53 42.81 13.77
N LEU FC 525 -42.24 41.51 13.83
CA LEU FC 525 -43.26 40.52 14.12
C LEU FC 525 -43.86 40.72 15.50
N ALA FC 526 -43.00 40.96 16.50
CA ALA FC 526 -43.50 41.24 17.84
C ALA FC 526 -44.28 42.54 17.86
N LYS FC 527 -43.84 43.54 17.10
CA LYS FC 527 -44.47 44.85 17.11
C LYS FC 527 -45.83 44.83 16.41
N SER FC 528 -46.02 43.89 15.48
CA SER FC 528 -47.28 43.81 14.74
C SER FC 528 -48.23 42.74 15.28
N ASP FC 529 -47.73 41.78 16.05
CA ASP FC 529 -48.68 40.79 16.55
C ASP FC 529 -48.98 41.04 18.03
N PRO FC 530 -50.22 40.85 18.48
CA PRO FC 530 -50.56 41.16 19.88
C PRO FC 530 -50.25 40.07 20.89
N MET FC 531 -49.77 38.91 20.46
CA MET FC 531 -49.54 37.81 21.39
C MET FC 531 -48.21 37.12 21.23
N VAL FC 532 -47.56 37.20 20.07
CA VAL FC 532 -46.31 36.50 19.87
C VAL FC 532 -45.25 37.04 20.82
N GLN FC 533 -44.40 36.14 21.32
CA GLN FC 533 -43.34 36.49 22.25
C GLN FC 533 -42.00 36.09 21.65
N CYS FC 534 -41.05 37.00 21.64
CA CYS FC 534 -39.71 36.74 21.12
C CYS FC 534 -38.72 36.87 22.26
N ILE FC 535 -37.85 35.87 22.41
CA ILE FC 535 -36.86 35.87 23.48
C ILE FC 535 -35.53 35.34 22.96
N ILE FC 536 -34.47 35.66 23.71
CA ILE FC 536 -33.18 34.98 23.63
C ILE FC 536 -33.03 34.11 24.85
N GLU FC 537 -32.64 32.85 24.64
CA GLU FC 537 -32.52 31.92 25.75
C GLU FC 537 -31.09 32.05 26.32
N GLU FC 538 -30.79 31.26 27.36
CA GLU FC 538 -29.42 31.15 27.85
C GLU FC 538 -28.48 30.64 26.77
N SER FC 539 -29.00 29.84 25.85
CA SER FC 539 -28.22 29.30 24.73
C SER FC 539 -27.87 30.38 23.71
N GLY FC 540 -28.43 31.57 23.82
CA GLY FC 540 -28.25 32.59 22.82
C GLY FC 540 -29.15 32.45 21.61
N GLU FC 541 -30.08 31.49 21.64
CA GLU FC 541 -30.98 31.24 20.53
C GLU FC 541 -32.22 32.10 20.62
N HIS FC 542 -32.81 32.36 19.46
CA HIS FC 542 -34.09 33.04 19.38
C HIS FC 542 -35.22 32.03 19.52
N ILE FC 543 -36.18 32.36 20.37
CA ILE FC 543 -37.35 31.52 20.63
C ILE FC 543 -38.59 32.36 20.37
N ILE FC 544 -39.55 31.77 19.65
CA ILE FC 544 -40.81 32.41 19.30
C ILE FC 544 -41.93 31.61 19.94
N ALA FC 545 -42.79 32.30 20.68
CA ALA FC 545 -43.83 31.66 21.46
C ALA FC 545 -45.19 32.20 21.05
N GLY FC 546 -46.14 31.28 20.85
CA GLY FC 546 -47.51 31.63 20.53
C GLY FC 546 -48.47 30.67 21.20
N ALA FC 547 -49.75 30.85 20.90
CA ALA FC 547 -50.78 30.01 21.50
C ALA FC 547 -50.69 28.59 20.98
N GLY FC 548 -50.61 28.43 19.66
CA GLY FC 548 -50.68 27.12 19.04
C GLY FC 548 -49.78 27.01 17.83
N GLU FC 549 -49.67 25.77 17.35
CA GLU FC 549 -48.82 25.48 16.21
C GLU FC 549 -49.31 26.18 14.96
N LEU FC 550 -50.62 26.35 14.81
CA LEU FC 550 -51.15 27.06 13.66
C LEU FC 550 -50.71 28.52 13.66
N HIS FC 551 -50.77 29.17 14.82
CA HIS FC 551 -50.29 30.55 14.90
C HIS FC 551 -48.79 30.61 14.67
N LEU FC 552 -48.05 29.61 15.15
CA LEU FC 552 -46.62 29.57 14.87
C LEU FC 552 -46.35 29.45 13.38
N GLU FC 553 -47.11 28.60 12.69
CA GLU FC 553 -46.92 28.44 11.25
C GLU FC 553 -47.29 29.70 10.49
N ILE FC 554 -48.35 30.38 10.92
CA ILE FC 554 -48.73 31.64 10.29
C ILE FC 554 -47.63 32.68 10.48
N CYS FC 555 -47.09 32.77 11.70
CA CYS FC 555 -46.00 33.70 11.96
C CYS FC 555 -44.76 33.35 11.15
N LEU FC 556 -44.46 32.05 11.03
CA LEU FC 556 -43.29 31.62 10.27
C LEU FC 556 -43.44 31.97 8.80
N LYS FC 557 -44.62 31.73 8.23
CA LYS FC 557 -44.85 32.12 6.84
C LYS FC 557 -44.75 33.62 6.66
N ASP FC 558 -45.39 34.39 7.56
CA ASP FC 558 -45.36 35.83 7.46
C ASP FC 558 -43.96 36.39 7.60
N LEU FC 559 -43.12 35.78 8.44
CA LEU FC 559 -41.74 36.21 8.56
C LEU FC 559 -40.92 35.83 7.33
N GLU FC 560 -40.94 34.55 6.95
CA GLU FC 560 -40.08 34.08 5.87
C GLU FC 560 -40.44 34.72 4.54
N GLU FC 561 -41.69 35.13 4.35
CA GLU FC 561 -42.08 35.69 3.07
C GLU FC 561 -42.33 37.19 3.11
N ASP FC 562 -42.60 37.76 4.29
CA ASP FC 562 -42.89 39.18 4.40
C ASP FC 562 -41.90 39.93 5.30
N HIS FC 563 -41.76 39.51 6.56
CA HIS FC 563 -41.05 40.33 7.53
C HIS FC 563 -39.55 40.31 7.29
N ALA FC 564 -39.02 39.18 6.81
CA ALA FC 564 -37.58 39.03 6.61
C ALA FC 564 -37.23 38.78 5.15
N CYS FC 565 -37.90 37.83 4.51
CA CYS FC 565 -37.50 37.29 3.21
C CYS FC 565 -36.10 36.68 3.27
N ILE FC 566 -35.90 35.81 4.25
CA ILE FC 566 -34.70 34.97 4.32
C ILE FC 566 -35.16 33.54 4.54
N PRO FC 567 -34.51 32.55 3.92
CA PRO FC 567 -34.78 31.16 4.30
C PRO FC 567 -34.48 30.91 5.77
N ILE FC 568 -35.39 30.20 6.42
CA ILE FC 568 -35.28 29.94 7.85
C ILE FC 568 -35.40 28.44 8.10
N LYS FC 569 -34.92 28.04 9.27
CA LYS FC 569 -34.97 26.66 9.72
C LYS FC 569 -35.52 26.63 11.13
N LYS FC 570 -36.23 25.54 11.46
CA LYS FC 570 -36.95 25.44 12.72
C LYS FC 570 -36.48 24.22 13.50
N SER FC 571 -36.60 24.32 14.83
CA SER FC 571 -36.28 23.20 15.70
C SER FC 571 -37.01 23.37 17.02
N ASP FC 572 -37.07 22.28 17.77
CA ASP FC 572 -37.54 22.34 19.14
C ASP FC 572 -36.59 23.19 19.98
N PRO FC 573 -37.11 24.06 20.84
CA PRO FC 573 -36.23 24.91 21.66
C PRO FC 573 -35.32 24.07 22.54
N VAL FC 574 -34.09 24.56 22.70
CA VAL FC 574 -33.09 23.84 23.47
C VAL FC 574 -33.48 23.88 24.94
N VAL FC 575 -33.48 22.73 25.59
CA VAL FC 575 -33.72 22.66 27.02
C VAL FC 575 -32.39 22.81 27.74
N SER FC 576 -32.38 23.60 28.81
CA SER FC 576 -31.21 23.76 29.65
C SER FC 576 -31.35 22.89 30.89
N TYR FC 577 -30.24 22.33 31.35
CA TYR FC 577 -30.23 21.45 32.50
C TYR FC 577 -29.18 21.90 33.49
N ARG FC 578 -29.21 21.31 34.68
CA ARG FC 578 -28.27 21.63 35.73
C ARG FC 578 -27.63 20.35 36.27
N GLU FC 579 -26.49 20.50 36.92
CA GLU FC 579 -25.73 19.37 37.43
C GLU FC 579 -25.67 19.44 38.96
N THR FC 580 -25.99 18.32 39.60
CA THR FC 580 -26.00 18.23 41.05
C THR FC 580 -25.36 16.92 41.47
N VAL FC 581 -25.19 16.74 42.78
CA VAL FC 581 -24.69 15.50 43.35
C VAL FC 581 -25.79 14.91 44.23
N SER FC 582 -26.08 13.63 44.03
CA SER FC 582 -27.14 12.99 44.78
C SER FC 582 -26.74 12.70 46.22
N GLU FC 583 -25.46 12.48 46.48
CA GLU FC 583 -24.97 12.20 47.82
C GLU FC 583 -23.56 12.76 47.96
N GLU FC 584 -23.01 12.68 49.17
CA GLU FC 584 -21.68 13.18 49.42
C GLU FC 584 -20.63 12.28 48.77
N SER FC 585 -19.49 12.88 48.44
CA SER FC 585 -18.39 12.14 47.83
C SER FC 585 -17.90 11.06 48.77
N ASN FC 586 -17.52 9.92 48.19
CA ASN FC 586 -17.08 8.79 49.02
C ASN FC 586 -15.67 9.01 49.55
N VAL FC 587 -14.80 9.69 48.79
CA VAL FC 587 -13.41 9.88 49.18
C VAL FC 587 -13.03 11.34 48.99
N LEU FC 588 -12.05 11.78 49.79
CA LEU FC 588 -11.55 13.15 49.72
C LEU FC 588 -10.73 13.31 48.44
N CYS FC 589 -10.98 14.40 47.71
CA CYS FC 589 -10.34 14.60 46.42
C CYS FC 589 -9.10 15.46 46.60
N LEU FC 590 -7.95 14.90 46.24
CA LEU FC 590 -6.68 15.61 46.30
C LEU FC 590 -6.23 15.92 44.88
N SER FC 591 -6.03 17.20 44.60
CA SER FC 591 -5.58 17.64 43.29
C SER FC 591 -4.32 18.47 43.42
N LYS FC 592 -3.40 18.28 42.48
CA LYS FC 592 -2.11 18.94 42.50
C LYS FC 592 -2.11 20.09 41.51
N SER FC 593 -1.33 21.13 41.84
CA SER FC 593 -1.15 22.26 40.96
C SER FC 593 -0.33 21.84 39.74
N PRO FC 594 -0.38 22.61 38.65
CA PRO FC 594 0.46 22.29 37.48
C PRO FC 594 1.95 22.21 37.79
N ASN FC 595 2.43 22.92 38.80
CA ASN FC 595 3.82 22.79 39.20
C ASN FC 595 4.06 21.61 40.13
N LYS FC 596 3.00 20.88 40.48
CA LYS FC 596 3.06 19.71 41.35
C LYS FC 596 3.58 20.07 42.74
N HIS FC 597 3.38 21.31 43.15
CA HIS FC 597 3.78 21.78 44.47
C HIS FC 597 2.60 21.93 45.40
N ASN FC 598 1.60 22.71 45.02
CA ASN FC 598 0.41 22.88 45.83
C ASN FC 598 -0.50 21.67 45.72
N ARG FC 599 -1.15 21.33 46.83
CA ARG FC 599 -2.07 20.20 46.87
C ARG FC 599 -3.32 20.61 47.63
N LEU FC 600 -4.48 20.40 47.02
CA LEU FC 600 -5.76 20.82 47.58
C LEU FC 600 -6.64 19.60 47.82
N TYR FC 601 -7.42 19.65 48.90
CA TYR FC 601 -8.35 18.60 49.27
C TYR FC 601 -9.76 19.18 49.31
N MET FC 602 -10.69 18.54 48.61
CA MET FC 602 -12.05 19.02 48.56
C MET FC 602 -13.03 17.84 48.63
N LYS FC 603 -14.25 18.15 49.05
CA LYS FC 603 -15.36 17.22 48.97
C LYS FC 603 -16.63 18.01 48.66
N ALA FC 604 -17.68 17.29 48.27
CA ALA FC 604 -18.94 17.92 47.88
C ALA FC 604 -20.11 17.16 48.48
N ARG FC 605 -21.19 17.88 48.75
CA ARG FC 605 -22.38 17.30 49.34
C ARG FC 605 -23.62 17.99 48.79
N PRO FC 606 -24.76 17.29 48.75
CA PRO FC 606 -26.00 17.93 48.29
C PRO FC 606 -26.52 18.94 49.31
N PHE FC 607 -27.25 19.91 48.79
CA PHE FC 607 -27.88 20.89 49.66
C PHE FC 607 -28.99 20.26 50.48
N PRO FC 608 -29.31 20.83 51.65
CA PRO FC 608 -30.61 20.57 52.25
C PRO FC 608 -31.71 21.11 51.34
N ASP FC 609 -32.84 20.41 51.35
CA ASP FC 609 -33.89 20.70 50.39
C ASP FC 609 -34.47 22.10 50.62
N GLY FC 610 -34.67 22.83 49.53
CA GLY FC 610 -35.19 24.17 49.58
C GLY FC 610 -34.16 25.27 49.71
N LEU FC 611 -32.90 24.91 50.02
CA LEU FC 611 -31.86 25.92 50.15
C LEU FC 611 -31.59 26.60 48.82
N ALA FC 612 -31.56 25.83 47.73
CA ALA FC 612 -31.36 26.42 46.41
C ALA FC 612 -32.48 27.38 46.06
N GLU FC 613 -33.71 27.02 46.41
CA GLU FC 613 -34.84 27.92 46.14
C GLU FC 613 -34.77 29.17 47.00
N ASP FC 614 -34.29 29.06 48.24
CA ASP FC 614 -34.08 30.25 49.06
C ASP FC 614 -33.03 31.15 48.42
N ILE FC 615 -31.96 30.55 47.90
CA ILE FC 615 -30.94 31.32 47.19
C ILE FC 615 -31.56 32.02 45.97
N ASP FC 616 -32.45 31.32 45.27
CA ASP FC 616 -33.11 31.91 44.10
C ASP FC 616 -33.97 33.10 44.49
N LYS FC 617 -34.79 32.97 45.53
CA LYS FC 617 -35.72 34.01 45.90
C LYS FC 617 -35.12 35.05 46.85
N GLY FC 618 -33.83 34.93 47.16
CA GLY FC 618 -33.13 35.98 47.87
C GLY FC 618 -33.10 35.85 49.37
N GLU FC 619 -33.77 34.85 49.94
CA GLU FC 619 -33.70 34.63 51.38
C GLU FC 619 -32.27 34.38 51.84
N VAL FC 620 -31.45 33.78 50.98
CA VAL FC 620 -30.02 33.64 51.20
C VAL FC 620 -29.31 34.29 50.01
N SER FC 621 -28.35 35.16 50.32
CA SER FC 621 -27.63 35.87 49.26
C SER FC 621 -26.18 36.09 49.67
N ALA FC 622 -25.32 36.19 48.67
CA ALA FC 622 -23.90 36.46 48.92
C ALA FC 622 -23.69 37.86 49.47
N ARG FC 623 -24.52 38.82 49.06
CA ARG FC 623 -24.37 40.18 49.54
C ARG FC 623 -24.86 40.34 50.98
N GLN FC 624 -25.70 39.43 51.44
CA GLN FC 624 -26.09 39.41 52.85
C GLN FC 624 -24.86 39.21 53.71
N GLU FC 625 -24.72 40.04 54.74
CA GLU FC 625 -23.48 40.05 55.52
C GLU FC 625 -23.28 38.73 56.25
N LEU FC 626 -22.01 38.38 56.45
CA LEU FC 626 -21.65 37.00 56.76
C LEU FC 626 -22.21 36.56 58.12
N LYS FC 627 -22.29 37.47 59.09
CA LYS FC 627 -22.80 37.06 60.41
C LYS FC 627 -24.28 36.72 60.36
N GLN FC 628 -25.08 37.58 59.71
CA GLN FC 628 -26.50 37.28 59.55
C GLN FC 628 -26.71 36.04 58.68
N ARG FC 629 -25.89 35.88 57.65
CA ARG FC 629 -25.96 34.69 56.83
C ARG FC 629 -25.68 33.44 57.66
N ALA FC 630 -24.67 33.51 58.52
CA ALA FC 630 -24.33 32.39 59.38
C ALA FC 630 -25.46 32.06 60.34
N ARG FC 631 -26.03 33.09 60.99
CA ARG FC 631 -27.10 32.81 61.95
C ARG FC 631 -28.34 32.27 61.27
N TYR FC 632 -28.67 32.78 60.07
CA TYR FC 632 -29.82 32.24 59.34
C TYR FC 632 -29.57 30.79 58.92
N LEU FC 633 -28.37 30.49 58.43
CA LEU FC 633 -28.06 29.13 58.00
C LEU FC 633 -28.13 28.17 59.18
N ALA FC 634 -27.57 28.57 60.32
CA ALA FC 634 -27.63 27.75 61.51
C ALA FC 634 -29.06 27.53 61.97
N GLU FC 635 -29.87 28.60 61.97
CA GLU FC 635 -31.22 28.49 62.47
C GLU FC 635 -32.16 27.76 61.51
N LYS FC 636 -31.80 27.66 60.23
CA LYS FC 636 -32.71 27.09 59.25
C LYS FC 636 -32.31 25.70 58.78
N TYR FC 637 -31.07 25.52 58.34
CA TYR FC 637 -30.67 24.26 57.73
C TYR FC 637 -29.57 23.57 58.53
N GLU FC 638 -29.52 23.82 59.84
CA GLU FC 638 -28.66 23.08 60.77
C GLU FC 638 -27.19 23.22 60.37
N TRP FC 639 -26.78 24.41 60.00
CA TRP FC 639 -25.42 24.65 59.52
C TRP FC 639 -24.52 25.04 60.68
N ASP FC 640 -23.27 24.54 60.63
CA ASP FC 640 -22.27 24.91 61.62
C ASP FC 640 -22.02 26.42 61.56
N VAL FC 641 -21.92 27.04 62.73
CA VAL FC 641 -21.73 28.49 62.79
C VAL FC 641 -20.37 28.87 62.22
N ALA FC 642 -19.34 28.08 62.52
CA ALA FC 642 -18.00 28.39 62.02
C ALA FC 642 -17.95 28.35 60.50
N GLU FC 643 -18.42 27.25 59.90
CA GLU FC 643 -18.41 27.15 58.45
C GLU FC 643 -19.34 28.18 57.82
N ALA FC 644 -20.46 28.46 58.48
CA ALA FC 644 -21.41 29.43 57.95
C ALA FC 644 -20.85 30.84 57.98
N ARG FC 645 -19.97 31.15 58.93
CA ARG FC 645 -19.20 32.38 58.87
C ARG FC 645 -18.06 32.29 57.85
N LYS FC 646 -17.55 31.09 57.60
CA LYS FC 646 -16.53 30.84 56.60
C LYS FC 646 -17.11 30.68 55.19
N ILE FC 647 -18.39 30.97 55.01
CA ILE FC 647 -19.00 30.92 53.69
C ILE FC 647 -18.31 31.93 52.77
N TRP FC 648 -17.83 31.45 51.63
CA TRP FC 648 -17.04 32.29 50.74
C TRP FC 648 -17.87 32.93 49.63
N CYS FC 649 -18.49 32.12 48.78
CA CYS FC 649 -19.13 32.65 47.58
C CYS FC 649 -20.33 31.79 47.19
N PHE FC 650 -21.03 32.23 46.14
CA PHE FC 650 -22.35 31.68 45.79
C PHE FC 650 -22.41 31.39 44.31
N GLY FC 651 -22.13 30.14 43.93
CA GLY FC 651 -22.47 29.60 42.63
C GLY FC 651 -22.01 30.38 41.42
N PRO FC 652 -22.63 30.12 40.28
CA PRO FC 652 -22.30 30.90 39.07
C PRO FC 652 -22.75 32.34 39.22
N ASP FC 653 -22.02 33.23 38.55
CA ASP FC 653 -22.33 34.66 38.49
C ASP FC 653 -22.36 35.32 39.86
N GLY FC 654 -21.77 34.69 40.87
CA GLY FC 654 -21.67 35.26 42.19
C GLY FC 654 -22.92 35.17 43.03
N THR FC 655 -24.03 34.67 42.49
CA THR FC 655 -25.25 34.51 43.27
C THR FC 655 -25.93 33.16 43.04
N GLY FC 656 -25.27 32.20 42.38
CA GLY FC 656 -25.87 30.93 42.08
C GLY FC 656 -26.09 30.07 43.29
N PRO FC 657 -26.88 29.01 43.15
CA PRO FC 657 -27.21 28.13 44.29
C PRO FC 657 -26.15 27.04 44.51
N ASN FC 658 -24.90 27.47 44.70
CA ASN FC 658 -23.84 26.56 45.10
C ASN FC 658 -23.01 27.26 46.18
N ILE FC 659 -22.53 26.48 47.13
CA ILE FC 659 -21.78 27.02 48.25
C ILE FC 659 -20.34 26.55 48.15
N LEU FC 660 -19.41 27.49 48.30
CA LEU FC 660 -18.01 27.17 48.54
C LEU FC 660 -17.68 27.56 49.98
N THR FC 661 -17.25 26.61 50.78
CA THR FC 661 -16.86 26.87 52.15
C THR FC 661 -15.59 26.12 52.47
N ASP FC 662 -14.87 26.61 53.48
CA ASP FC 662 -13.60 26.03 53.90
C ASP FC 662 -13.73 25.48 55.30
N ILE FC 663 -13.30 24.24 55.50
CA ILE FC 663 -13.27 23.63 56.82
C ILE FC 663 -11.82 23.35 57.18
N THR FC 664 -10.92 24.16 56.62
CA THR FC 664 -9.50 24.08 56.94
C THR FC 664 -9.23 24.68 58.31
N LYS FC 665 -8.14 24.22 58.92
CA LYS FC 665 -7.70 24.77 60.20
C LYS FC 665 -6.19 24.61 60.30
N GLY FC 666 -5.51 25.68 60.70
CA GLY FC 666 -4.06 25.70 60.74
C GLY FC 666 -3.40 26.12 59.46
N VAL FC 667 -4.16 26.37 58.40
CA VAL FC 667 -3.61 26.73 57.10
C VAL FC 667 -3.19 28.19 57.12
N GLN FC 668 -2.19 28.53 56.29
CA GLN FC 668 -1.57 29.83 56.34
C GLN FC 668 -1.81 30.68 55.09
N TYR FC 669 -1.46 30.17 53.91
CA TYR FC 669 -1.54 30.93 52.68
C TYR FC 669 -2.94 30.89 52.07
N LEU FC 670 -3.93 30.43 52.83
CA LEU FC 670 -5.30 30.37 52.35
C LEU FC 670 -5.82 31.76 51.99
N ASN FC 671 -5.54 32.75 52.83
CA ASN FC 671 -5.97 34.11 52.53
C ASN FC 671 -5.27 34.65 51.29
N GLU FC 672 -4.09 34.13 50.96
CA GLU FC 672 -3.40 34.55 49.75
C GLU FC 672 -4.05 33.94 48.51
N ILE FC 673 -4.40 32.66 48.56
CA ILE FC 673 -4.90 31.97 47.38
C ILE FC 673 -6.43 31.97 47.30
N LYS FC 674 -7.10 32.66 48.23
CA LYS FC 674 -8.55 32.64 48.29
C LYS FC 674 -9.19 33.19 47.03
N ASP FC 675 -8.64 34.28 46.48
CA ASP FC 675 -9.24 34.89 45.29
C ASP FC 675 -9.18 33.95 44.09
N SER FC 676 -8.03 33.30 43.87
CA SER FC 676 -7.92 32.35 42.78
C SER FC 676 -8.82 31.14 43.02
N VAL FC 677 -8.97 30.73 44.27
CA VAL FC 677 -9.87 29.62 44.57
C VAL FC 677 -11.31 29.99 44.19
N VAL FC 678 -11.71 31.22 44.51
CA VAL FC 678 -13.05 31.68 44.16
C VAL FC 678 -13.21 31.75 42.65
N ALA FC 679 -12.17 32.19 41.94
CA ALA FC 679 -12.23 32.24 40.49
C ALA FC 679 -12.40 30.85 39.90
N GLY FC 680 -11.64 29.87 40.39
CA GLY FC 680 -11.83 28.49 39.95
C GLY FC 680 -13.20 27.94 40.29
N PHE FC 681 -13.76 28.34 41.43
CA PHE FC 681 -15.11 27.94 41.79
C PHE FC 681 -16.16 28.49 40.83
N GLN FC 682 -16.03 29.76 40.46
CA GLN FC 682 -16.95 30.33 39.47
C GLN FC 682 -16.78 29.66 38.12
N TRP FC 683 -15.55 29.35 37.74
CA TRP FC 683 -15.33 28.63 36.49
C TRP FC 683 -15.99 27.25 36.52
N ALA FC 684 -15.90 26.54 37.64
CA ALA FC 684 -16.50 25.22 37.72
C ALA FC 684 -18.02 25.28 37.82
N THR FC 685 -18.58 26.33 38.40
CA THR FC 685 -20.03 26.44 38.44
C THR FC 685 -20.61 26.95 37.12
N LYS FC 686 -19.80 27.59 36.29
CA LYS FC 686 -20.23 27.94 34.94
C LYS FC 686 -19.96 26.82 33.94
N GLU FC 687 -18.97 25.97 34.21
CA GLU FC 687 -18.57 24.88 33.33
C GLU FC 687 -18.73 23.57 34.09
N GLY FC 688 -19.74 22.79 33.75
CA GLY FC 688 -19.96 21.52 34.41
C GLY FC 688 -18.93 20.48 34.02
N ALA FC 689 -18.87 19.43 34.84
CA ALA FC 689 -17.99 18.30 34.58
C ALA FC 689 -18.63 17.24 33.70
N LEU FC 690 -19.97 17.16 33.66
CA LEU FC 690 -20.63 16.23 32.77
C LEU FC 690 -20.64 16.76 31.34
N CYS FC 691 -21.32 17.90 31.14
CA CYS FC 691 -21.54 18.42 29.80
C CYS FC 691 -21.45 19.95 29.77
N GLU FC 692 -20.61 20.53 30.63
CA GLU FC 692 -20.37 21.97 30.66
C GLU FC 692 -21.66 22.75 30.91
N GLU FC 693 -22.28 22.48 32.06
CA GLU FC 693 -23.51 23.16 32.44
C GLU FC 693 -23.40 23.77 33.82
N ASN FC 694 -24.31 24.70 34.09
CA ASN FC 694 -24.39 25.36 35.38
C ASN FC 694 -24.66 24.34 36.48
N MET FC 695 -23.91 24.44 37.57
CA MET FC 695 -24.14 23.58 38.72
C MET FC 695 -25.26 24.15 39.57
N ARG FC 696 -25.91 23.28 40.34
CA ARG FC 696 -26.97 23.69 41.24
C ARG FC 696 -27.05 22.72 42.40
N GLY FC 697 -27.29 23.25 43.58
CA GLY FC 697 -27.50 22.43 44.76
C GLY FC 697 -26.29 21.63 45.20
N VAL FC 698 -25.11 22.24 45.18
CA VAL FC 698 -23.88 21.58 45.60
C VAL FC 698 -23.17 22.46 46.62
N ARG FC 699 -22.74 21.84 47.72
CA ARG FC 699 -21.93 22.51 48.74
C ARG FC 699 -20.56 21.87 48.76
N PHE FC 700 -19.53 22.68 48.58
CA PHE FC 700 -18.15 22.22 48.51
C PHE FC 700 -17.42 22.60 49.78
N ASP FC 701 -16.71 21.64 50.34
CA ASP FC 701 -15.90 21.83 51.53
C ASP FC 701 -14.44 21.71 51.13
N VAL FC 702 -13.66 22.75 51.41
CA VAL FC 702 -12.22 22.75 51.23
C VAL FC 702 -11.64 22.22 52.53
N HIS FC 703 -11.16 20.98 52.51
CA HIS FC 703 -10.79 20.32 53.75
C HIS FC 703 -9.38 20.70 54.21
N ASP FC 704 -8.42 20.70 53.27
CA ASP FC 704 -7.04 20.99 53.63
C ASP FC 704 -6.30 21.48 52.40
N VAL FC 705 -5.31 22.33 52.63
CA VAL FC 705 -4.43 22.81 51.57
C VAL FC 705 -2.99 22.71 52.05
N THR FC 706 -2.10 22.33 51.14
CA THR FC 706 -0.66 22.38 51.38
C THR FC 706 -0.07 23.23 50.26
N LEU FC 707 0.48 24.38 50.62
CA LEU FC 707 0.81 25.41 49.64
C LEU FC 707 2.29 25.76 49.71
N HIS FC 708 2.88 25.95 48.53
CA HIS FC 708 4.24 26.43 48.42
C HIS FC 708 4.35 27.82 49.03
N ALA FC 709 5.45 28.06 49.75
CA ALA FC 709 5.63 29.35 50.41
C ALA FC 709 5.75 30.48 49.38
N ASP FC 710 6.43 30.22 48.27
CA ASP FC 710 6.65 31.24 47.26
C ASP FC 710 5.33 31.66 46.63
N ALA FC 711 4.98 32.94 46.80
CA ALA FC 711 3.75 33.47 46.21
C ALA FC 711 3.76 33.33 44.70
N ILE FC 712 4.93 33.41 44.07
CA ILE FC 712 5.01 33.20 42.62
C ILE FC 712 4.67 31.77 42.26
N HIS FC 713 5.11 30.81 43.07
CA HIS FC 713 4.80 29.41 42.82
C HIS FC 713 3.36 29.05 43.16
N ARG FC 714 2.71 29.81 44.02
CA ARG FC 714 1.30 29.58 44.33
C ARG FC 714 0.42 30.71 43.78
N GLY FC 715 0.87 31.37 42.72
CA GLY FC 715 0.14 32.48 42.15
C GLY FC 715 -1.13 32.05 41.43
N GLY FC 716 -1.77 33.06 40.84
CA GLY FC 716 -3.07 32.83 40.21
C GLY FC 716 -3.04 31.91 39.02
N GLY FC 717 -1.94 31.91 38.26
CA GLY FC 717 -1.85 31.07 37.09
C GLY FC 717 -1.81 29.59 37.38
N GLN FC 718 -1.64 29.20 38.65
CA GLN FC 718 -1.56 27.81 39.06
C GLN FC 718 -2.76 27.35 39.87
N ILE FC 719 -3.28 28.21 40.74
CA ILE FC 719 -4.30 27.79 41.71
C ILE FC 719 -5.62 27.53 41.00
N ILE FC 720 -6.04 28.42 40.10
CA ILE FC 720 -7.35 28.26 39.45
C ILE FC 720 -7.49 26.95 38.71
N PRO FC 721 -6.50 26.50 37.88
CA PRO FC 721 -6.65 25.20 37.20
C PRO FC 721 -6.88 24.05 38.15
N THR FC 722 -5.99 23.87 39.13
CA THR FC 722 -6.14 22.75 40.07
C THR FC 722 -7.39 22.90 40.93
N ALA FC 723 -7.84 24.14 41.18
CA ALA FC 723 -9.09 24.33 41.90
C ALA FC 723 -10.26 23.76 41.12
N ARG FC 724 -10.37 24.12 39.83
CA ARG FC 724 -11.45 23.56 39.03
C ARG FC 724 -11.29 22.06 38.85
N ARG FC 725 -10.05 21.58 38.74
CA ARG FC 725 -9.81 20.14 38.61
C ARG FC 725 -10.27 19.38 39.84
N CYS FC 726 -10.00 19.92 41.03
CA CYS FC 726 -10.47 19.29 42.25
C CYS FC 726 -11.99 19.39 42.39
N LEU FC 727 -12.60 20.48 41.91
CA LEU FC 727 -14.05 20.58 41.93
C LEU FC 727 -14.68 19.52 41.03
N TYR FC 728 -14.12 19.33 39.84
CA TYR FC 728 -14.61 18.26 38.97
C TYR FC 728 -14.39 16.89 39.60
N ALA FC 729 -13.24 16.71 40.27
CA ALA FC 729 -12.97 15.44 40.92
C ALA FC 729 -13.98 15.16 42.02
N SER FC 730 -14.35 16.18 42.80
CA SER FC 730 -15.31 15.98 43.87
C SER FC 730 -16.69 15.66 43.33
N VAL FC 731 -17.13 16.38 42.29
CA VAL FC 731 -18.44 16.08 41.73
C VAL FC 731 -18.44 14.78 40.93
N LEU FC 732 -17.27 14.22 40.63
CA LEU FC 732 -17.25 12.88 40.06
C LEU FC 732 -17.24 11.80 41.12
N THR FC 733 -16.48 11.99 42.20
CA THR FC 733 -16.50 11.02 43.30
C THR FC 733 -17.88 10.91 43.92
N ALA FC 734 -18.51 12.06 44.18
CA ALA FC 734 -19.94 12.03 44.44
C ALA FC 734 -20.67 11.71 43.15
N GLN FC 735 -21.78 11.00 43.27
CA GLN FC 735 -22.49 10.55 42.08
C GLN FC 735 -23.15 11.74 41.38
N PRO FC 736 -22.77 12.04 40.15
CA PRO FC 736 -23.39 13.17 39.45
C PRO FC 736 -24.79 12.85 38.97
N ARG FC 737 -25.61 13.89 38.89
CA ARG FC 737 -27.02 13.76 38.53
C ARG FC 737 -27.43 14.98 37.72
N LEU FC 738 -28.34 14.77 36.78
CA LEU FC 738 -28.90 15.85 36.00
C LEU FC 738 -30.11 16.45 36.71
N MET FC 739 -30.51 17.64 36.26
CA MET FC 739 -31.69 18.31 36.79
C MET FC 739 -32.36 19.05 35.65
N GLU FC 740 -33.60 18.66 35.35
CA GLU FC 740 -34.42 19.24 34.30
C GLU FC 740 -35.31 20.35 34.87
N PRO FC 741 -35.68 21.33 34.06
CA PRO FC 741 -36.53 22.44 34.56
C PRO FC 741 -38.01 22.07 34.60
N ILE FC 742 -38.41 21.43 35.70
CA ILE FC 742 -39.82 21.10 35.89
C ILE FC 742 -40.60 22.41 36.04
N TYR FC 743 -41.59 22.60 35.17
CA TYR FC 743 -42.24 23.89 35.05
C TYR FC 743 -43.76 23.72 35.23
N LEU FC 744 -44.38 24.75 35.78
CA LEU FC 744 -45.78 24.70 36.14
C LEU FC 744 -46.67 25.02 34.95
N VAL FC 745 -47.77 24.26 34.85
CA VAL FC 745 -48.83 24.52 33.90
C VAL FC 745 -50.12 24.71 34.66
N GLU FC 746 -50.92 25.68 34.22
CA GLU FC 746 -52.24 25.96 34.78
C GLU FC 746 -53.24 25.83 33.64
N ILE FC 747 -54.02 24.75 33.65
CA ILE FC 747 -54.94 24.45 32.57
C ILE FC 747 -56.36 24.72 33.03
N GLN FC 748 -57.07 25.54 32.27
CA GLN FC 748 -58.49 25.78 32.48
C GLN FC 748 -59.25 25.03 31.41
N CYS FC 749 -60.20 24.17 31.83
CA CYS FC 749 -60.85 23.27 30.90
C CYS FC 749 -62.19 22.86 31.48
N PRO FC 750 -63.23 22.72 30.66
CA PRO FC 750 -64.53 22.31 31.19
C PRO FC 750 -64.51 20.87 31.69
N GLU FC 751 -65.48 20.57 32.55
CA GLU FC 751 -65.52 19.27 33.21
C GLU FC 751 -65.83 18.14 32.24
N GLN FC 752 -66.63 18.40 31.20
CA GLN FC 752 -67.02 17.32 30.30
C GLN FC 752 -65.85 16.79 29.48
N VAL FC 753 -64.78 17.56 29.33
CA VAL FC 753 -63.61 17.08 28.59
C VAL FC 753 -62.37 17.18 29.47
N VAL FC 754 -62.56 17.20 30.79
CA VAL FC 754 -61.41 17.29 31.68
C VAL FC 754 -60.70 15.95 31.82
N GLY FC 755 -61.31 14.86 31.33
CA GLY FC 755 -60.70 13.55 31.44
C GLY FC 755 -59.44 13.37 30.63
N GLY FC 756 -59.37 13.95 29.43
CA GLY FC 756 -58.21 13.73 28.57
C GLY FC 756 -56.93 14.35 29.08
N ILE FC 757 -57.04 15.34 29.95
CA ILE FC 757 -55.86 16.02 30.48
C ILE FC 757 -54.97 15.06 31.24
N TYR FC 758 -55.58 14.20 32.07
CA TYR FC 758 -54.79 13.27 32.87
C TYR FC 758 -54.15 12.17 32.04
N GLY FC 759 -54.81 11.71 30.98
CA GLY FC 759 -54.13 10.81 30.06
C GLY FC 759 -52.94 11.46 29.39
N VAL FC 760 -53.11 12.72 28.96
CA VAL FC 760 -52.00 13.47 28.38
C VAL FC 760 -50.85 13.57 29.37
N LEU FC 761 -51.15 13.93 30.62
CA LEU FC 761 -50.11 14.12 31.61
C LEU FC 761 -49.42 12.80 31.97
N ASN FC 762 -50.19 11.72 32.08
CA ASN FC 762 -49.60 10.42 32.37
C ASN FC 762 -48.65 9.99 31.26
N ARG FC 763 -49.01 10.26 30.01
CA ARG FC 763 -48.08 9.99 28.93
C ARG FC 763 -46.90 10.96 28.94
N LYS FC 764 -47.11 12.18 29.40
CA LYS FC 764 -46.10 13.24 29.33
C LYS FC 764 -45.29 13.37 30.60
N ARG FC 765 -45.39 12.40 31.52
CA ARG FC 765 -44.59 12.34 32.74
C ARG FC 765 -44.93 13.48 33.71
N GLY FC 766 -46.10 14.08 33.55
CA GLY FC 766 -46.50 15.16 34.42
C GLY FC 766 -47.20 14.70 35.68
N HIS FC 767 -47.16 15.56 36.70
CA HIS FC 767 -47.81 15.31 37.98
C HIS FC 767 -48.74 16.47 38.27
N VAL FC 768 -50.05 16.23 38.16
CA VAL FC 768 -51.03 17.23 38.55
C VAL FC 768 -51.16 17.22 40.07
N PHE FC 769 -51.21 18.42 40.66
CA PHE FC 769 -51.30 18.55 42.10
C PHE FC 769 -52.50 19.35 42.54
N GLU FC 770 -53.21 20.03 41.63
CA GLU FC 770 -54.38 20.78 42.04
C GLU FC 770 -55.48 20.60 40.99
N GLU FC 771 -56.72 20.52 41.46
CA GLU FC 771 -57.86 20.37 40.55
C GLU FC 771 -59.11 20.85 41.28
N SER FC 772 -59.69 21.96 40.82
CA SER FC 772 -60.88 22.49 41.47
C SER FC 772 -61.76 23.15 40.42
N GLN FC 773 -62.93 23.58 40.86
CA GLN FC 773 -63.83 24.32 40.00
C GLN FC 773 -63.62 25.83 40.17
N VAL FC 774 -64.08 26.58 39.18
CA VAL FC 774 -63.92 28.04 39.19
C VAL FC 774 -65.28 28.62 39.58
N ALA FC 775 -65.46 28.88 40.88
CA ALA FC 775 -66.64 29.59 41.42
C ALA FC 775 -67.89 28.82 40.99
N GLY FC 776 -68.86 29.45 40.33
CA GLY FC 776 -70.01 28.75 39.80
C GLY FC 776 -69.91 28.29 38.37
N THR FC 777 -68.92 28.78 37.63
CA THR FC 777 -68.75 28.34 36.25
C THR FC 777 -68.27 26.90 36.23
N PRO FC 778 -68.72 26.10 35.26
CA PRO FC 778 -68.35 24.67 35.25
C PRO FC 778 -66.91 24.40 34.85
N MET FC 779 -66.11 25.44 34.59
CA MET FC 779 -64.71 25.24 34.26
C MET FC 779 -63.92 24.73 35.46
N PHE FC 780 -63.03 23.78 35.21
CA PHE FC 780 -62.09 23.29 36.19
C PHE FC 780 -60.72 23.90 35.90
N VAL FC 781 -60.07 24.38 36.95
CA VAL FC 781 -58.67 24.76 36.89
C VAL FC 781 -57.87 23.63 37.51
N VAL FC 782 -56.93 23.09 36.75
CA VAL FC 782 -55.98 22.09 37.23
C VAL FC 782 -54.59 22.70 37.13
N LYS FC 783 -53.79 22.43 38.15
CA LYS FC 783 -52.42 22.91 38.22
C LYS FC 783 -51.49 21.71 38.31
N ALA FC 784 -50.50 21.65 37.42
CA ALA FC 784 -49.66 20.48 37.26
C ALA FC 784 -48.22 20.89 37.06
N TYR FC 785 -47.31 19.94 37.30
CA TYR FC 785 -45.90 20.09 37.01
C TYR FC 785 -45.58 19.26 35.78
N LEU FC 786 -44.81 19.84 34.85
CA LEU FC 786 -44.51 19.16 33.61
C LEU FC 786 -43.03 19.29 33.29
N PRO FC 787 -42.43 18.26 32.68
CA PRO FC 787 -41.04 18.41 32.21
C PRO FC 787 -40.99 19.17 30.90
N VAL FC 788 -40.01 20.08 30.80
CA VAL FC 788 -39.88 20.91 29.60
C VAL FC 788 -39.56 20.06 28.38
N ASN FC 789 -38.67 19.09 28.53
CA ASN FC 789 -38.39 18.19 27.42
C ASN FC 789 -39.57 17.29 27.07
N GLU FC 790 -40.58 17.21 27.93
CA GLU FC 790 -41.83 16.53 27.62
C GLU FC 790 -42.92 17.52 27.22
N SER FC 791 -42.64 18.81 27.20
CA SER FC 791 -43.64 19.82 26.89
C SER FC 791 -43.69 20.20 25.42
N PHE FC 792 -42.89 19.57 24.56
CA PHE FC 792 -42.92 19.88 23.14
C PHE FC 792 -44.06 19.10 22.48
N GLY FC 793 -44.95 19.82 21.80
CA GLY FC 793 -46.17 19.22 21.31
C GLY FC 793 -47.25 19.08 22.36
N PHE FC 794 -47.05 19.69 23.53
CA PHE FC 794 -47.99 19.54 24.64
C PHE FC 794 -49.34 20.16 24.31
N THR FC 795 -49.34 21.39 23.80
CA THR FC 795 -50.61 22.04 23.48
C THR FC 795 -51.35 21.30 22.37
N ALA FC 796 -50.61 20.85 21.35
CA ALA FC 796 -51.24 20.10 20.27
C ALA FC 796 -51.88 18.81 20.79
N ASP FC 797 -51.16 18.06 21.61
CA ASP FC 797 -51.71 16.82 22.15
C ASP FC 797 -52.88 17.10 23.08
N LEU FC 798 -52.78 18.14 23.90
CA LEU FC 798 -53.84 18.46 24.84
C LEU FC 798 -55.12 18.87 24.13
N ARG FC 799 -54.99 19.69 23.09
CA ARG FC 799 -56.15 20.04 22.29
C ARG FC 799 -56.72 18.82 21.60
N SER FC 800 -55.86 17.95 21.05
CA SER FC 800 -56.33 16.75 20.38
C SER FC 800 -56.99 15.76 21.33
N ASN FC 801 -56.73 15.85 22.63
CA ASN FC 801 -57.37 14.99 23.59
C ASN FC 801 -58.54 15.63 24.33
N THR FC 802 -58.68 16.95 24.26
CA THR FC 802 -59.80 17.63 24.89
C THR FC 802 -60.78 18.25 23.89
N GLY FC 803 -60.59 18.00 22.60
CA GLY FC 803 -61.46 18.61 21.61
C GLY FC 803 -61.21 20.09 21.42
N GLY FC 804 -60.00 20.55 21.71
CA GLY FC 804 -59.67 21.94 21.55
C GLY FC 804 -60.33 22.85 22.57
N GLN FC 805 -60.75 22.31 23.70
CA GLN FC 805 -61.48 23.06 24.71
C GLN FC 805 -60.66 23.28 25.97
N ALA FC 806 -59.37 22.97 25.94
CA ALA FC 806 -58.48 23.16 27.08
C ALA FC 806 -57.54 24.32 26.80
N PHE FC 807 -57.24 25.09 27.85
CA PHE FC 807 -56.44 26.31 27.73
C PHE FC 807 -55.36 26.30 28.81
N PRO FC 808 -54.14 25.92 28.44
CA PRO FC 808 -53.05 25.91 29.41
C PRO FC 808 -52.19 27.16 29.40
N GLN FC 809 -51.66 27.50 30.57
CA GLN FC 809 -50.67 28.56 30.74
C GLN FC 809 -49.39 27.95 31.27
N CYS FC 810 -48.26 28.43 30.76
CA CYS FC 810 -46.96 27.86 31.06
C CYS FC 810 -46.11 28.86 31.85
N VAL FC 811 -45.37 28.36 32.82
CA VAL FC 811 -44.41 29.19 33.55
C VAL FC 811 -43.34 28.26 34.11
N PHE FC 812 -42.12 28.77 34.23
CA PHE FC 812 -41.05 27.98 34.84
C PHE FC 812 -41.27 27.90 36.35
N ASP FC 813 -41.03 26.72 36.92
CA ASP FC 813 -41.28 26.49 38.34
C ASP FC 813 -40.01 26.26 39.14
N HIS FC 814 -39.25 25.23 38.80
CA HIS FC 814 -38.10 24.81 39.61
C HIS FC 814 -37.32 23.77 38.83
N TRP FC 815 -36.40 23.10 39.51
CA TRP FC 815 -35.62 22.02 38.92
C TRP FC 815 -35.82 20.75 39.73
N GLN FC 816 -35.61 19.61 39.07
CA GLN FC 816 -35.78 18.32 39.71
C GLN FC 816 -34.80 17.33 39.08
N ILE FC 817 -34.27 16.43 39.89
CA ILE FC 817 -33.21 15.52 39.44
C ILE FC 817 -33.80 14.51 38.45
N LEU FC 818 -33.12 14.36 37.31
CA LEU FC 818 -33.48 13.30 36.38
C LEU FC 818 -33.29 11.95 37.06
N PRO FC 819 -34.25 11.03 36.94
CA PRO FC 819 -34.29 9.87 37.84
C PRO FC 819 -33.08 8.96 37.74
N GLY FC 820 -32.36 8.95 36.62
CA GLY FC 820 -31.28 8.02 36.40
C GLY FC 820 -29.92 8.58 36.77
N ASP FC 821 -28.90 7.77 36.54
CA ASP FC 821 -27.51 8.13 36.74
C ASP FC 821 -26.79 8.13 35.40
N PRO FC 822 -26.06 9.20 35.06
CA PRO FC 822 -25.52 9.32 33.70
C PRO FC 822 -24.51 8.24 33.32
N PHE FC 823 -23.85 7.61 34.29
CA PHE FC 823 -22.81 6.64 33.96
C PHE FC 823 -23.39 5.43 33.22
N ASP FC 824 -24.55 4.95 33.66
CA ASP FC 824 -25.18 3.82 32.99
C ASP FC 824 -25.67 4.24 31.62
N ASN FC 825 -25.32 3.46 30.59
CA ASN FC 825 -25.62 3.84 29.22
C ASN FC 825 -27.09 3.64 28.87
N SER FC 826 -27.85 2.92 29.70
CA SER FC 826 -29.26 2.66 29.45
C SER FC 826 -30.13 3.38 30.46
N SER FC 827 -29.78 4.61 30.78
CA SER FC 827 -30.57 5.45 31.66
C SER FC 827 -30.91 6.75 30.95
N ARG FC 828 -31.98 7.39 31.41
CA ARG FC 828 -32.48 8.60 30.75
C ARG FC 828 -31.45 9.72 30.67
N PRO FC 829 -30.75 10.12 31.75
CA PRO FC 829 -29.86 11.28 31.62
C PRO FC 829 -28.62 11.03 30.77
N SER FC 830 -28.23 9.78 30.54
CA SER FC 830 -27.03 9.53 29.75
C SER FC 830 -27.19 10.00 28.31
N GLN FC 831 -28.35 9.70 27.71
CA GLN FC 831 -28.63 10.19 26.36
C GLN FC 831 -28.64 11.70 26.31
N VAL FC 832 -29.24 12.33 27.32
CA VAL FC 832 -29.31 13.79 27.36
C VAL FC 832 -27.92 14.39 27.41
N VAL FC 833 -27.05 13.83 28.27
CA VAL FC 833 -25.69 14.34 28.40
C VAL FC 833 -24.94 14.17 27.09
N ALA FC 834 -25.07 13.00 26.45
CA ALA FC 834 -24.36 12.78 25.19
C ALA FC 834 -24.82 13.75 24.12
N GLU FC 835 -26.14 13.96 24.00
CA GLU FC 835 -26.66 14.89 22.99
C GLU FC 835 -26.22 16.31 23.28
N THR FC 836 -26.23 16.71 24.55
CA THR FC 836 -25.82 18.08 24.89
C THR FC 836 -24.34 18.31 24.62
N ARG FC 837 -23.49 17.31 24.90
CA ARG FC 837 -22.08 17.43 24.57
C ARG FC 837 -21.87 17.49 23.07
N LYS FC 838 -22.66 16.72 22.30
CA LYS FC 838 -22.57 16.81 20.86
C LYS FC 838 -22.96 18.19 20.37
N ARG FC 839 -24.03 18.75 20.92
CA ARG FC 839 -24.49 20.07 20.50
C ARG FC 839 -23.46 21.14 20.84
N LYS FC 840 -22.88 21.09 22.03
CA LYS FC 840 -21.86 22.05 22.41
C LYS FC 840 -20.51 21.77 21.77
N GLY FC 841 -20.35 20.62 21.11
CA GLY FC 841 -19.12 20.32 20.41
C GLY FC 841 -17.97 19.96 21.34
N LEU FC 842 -18.20 18.97 22.19
CA LEU FC 842 -17.19 18.51 23.14
C LEU FC 842 -16.84 17.06 22.85
N LYS FC 843 -16.06 16.46 23.74
CA LYS FC 843 -15.67 15.07 23.58
C LYS FC 843 -16.88 14.16 23.65
N GLU FC 844 -16.82 13.06 22.90
CA GLU FC 844 -17.96 12.17 22.80
C GLU FC 844 -18.27 11.49 24.13
N GLY FC 845 -17.25 11.20 24.93
CA GLY FC 845 -17.44 10.47 26.15
C GLY FC 845 -17.38 11.30 27.41
N ILE FC 846 -17.93 10.79 28.50
CA ILE FC 846 -17.84 11.45 29.80
C ILE FC 846 -16.39 11.48 30.26
N PRO FC 847 -15.88 12.60 30.76
CA PRO FC 847 -14.49 12.65 31.20
C PRO FC 847 -14.23 11.70 32.35
N ALA FC 848 -13.02 11.13 32.36
CA ALA FC 848 -12.66 10.15 33.37
C ALA FC 848 -12.14 10.84 34.63
N LEU FC 849 -12.23 10.11 35.75
CA LEU FC 849 -11.86 10.68 37.04
C LEU FC 849 -10.36 10.76 37.25
N ASP FC 850 -9.59 9.98 36.49
CA ASP FC 850 -8.14 9.98 36.68
C ASP FC 850 -7.50 11.31 36.24
N ASN FC 851 -8.14 12.05 35.33
CA ASN FC 851 -7.58 13.33 34.91
C ASN FC 851 -7.81 14.42 35.94
N PHE FC 852 -8.96 14.42 36.61
CA PHE FC 852 -9.27 15.46 37.59
C PHE FC 852 -8.82 15.11 39.00
N LEU FC 853 -8.63 13.84 39.31
CA LEU FC 853 -8.17 13.40 40.62
C LEU FC 853 -6.72 12.96 40.52
N ASP FC 854 -5.89 13.49 41.41
CA ASP FC 854 -4.44 13.26 41.37
C ASP FC 854 -4.03 12.50 42.63
N LYS FC 855 -3.48 11.31 42.43
CA LYS FC 855 -3.01 10.50 43.54
C LYS FC 855 -1.63 10.96 43.99
N LEU FC 856 -1.35 10.76 45.27
CA LEU FC 856 -0.07 11.17 45.86
C LEU FC 856 1.08 10.39 45.25
N GLN GC 1 -25.57 -36.75 -110.87
CA GLN GC 1 -26.72 -36.02 -111.40
C GLN GC 1 -26.32 -35.14 -112.57
N GLN GC 2 -25.22 -34.42 -112.42
CA GLN GC 2 -24.79 -33.41 -113.39
C GLN GC 2 -23.95 -33.98 -114.52
N GLU GC 3 -23.43 -35.20 -114.38
CA GLU GC 3 -22.54 -35.74 -115.40
C GLU GC 3 -23.33 -36.21 -116.62
N GLN GC 4 -22.61 -36.45 -117.71
CA GLN GC 4 -23.19 -36.91 -118.95
C GLN GC 4 -22.84 -38.37 -119.21
N THR GC 5 -23.59 -38.99 -120.11
CA THR GC 5 -23.48 -40.42 -120.31
C THR GC 5 -23.65 -40.73 -121.79
N ILE GC 6 -23.86 -42.01 -122.12
CA ILE GC 6 -23.87 -42.48 -123.51
C ILE GC 6 -25.12 -42.08 -124.27
N ALA GC 7 -26.07 -41.39 -123.63
CA ALA GC 7 -27.23 -40.89 -124.34
C ALA GC 7 -26.89 -39.81 -125.37
N GLU GC 8 -25.61 -39.49 -125.56
CA GLU GC 8 -25.15 -38.57 -126.58
C GLU GC 8 -24.39 -39.34 -127.65
N ASP GC 9 -24.86 -39.21 -128.90
CA ASP GC 9 -24.20 -39.87 -130.02
C ASP GC 9 -22.79 -39.31 -130.24
N LEU GC 10 -22.58 -38.03 -129.92
CA LEU GC 10 -21.22 -37.50 -129.95
C LEU GC 10 -20.34 -38.18 -128.92
N VAL GC 11 -20.88 -38.47 -127.74
CA VAL GC 11 -20.15 -39.26 -126.75
C VAL GC 11 -19.84 -40.65 -127.32
N VAL GC 12 -20.79 -41.24 -128.03
CA VAL GC 12 -20.57 -42.57 -128.64
C VAL GC 12 -19.43 -42.51 -129.65
N THR GC 13 -19.46 -41.50 -130.53
CA THR GC 13 -18.46 -41.41 -131.60
C THR GC 13 -17.08 -41.11 -131.03
N LYS GC 14 -17.00 -40.19 -130.06
CA LYS GC 14 -15.72 -39.93 -129.42
C LYS GC 14 -15.23 -41.12 -128.62
N TYR GC 15 -16.14 -41.94 -128.08
CA TYR GC 15 -15.74 -43.19 -127.46
C TYR GC 15 -15.12 -44.14 -128.48
N LYS GC 16 -15.74 -44.24 -129.66
CA LYS GC 16 -15.21 -45.11 -130.70
C LYS GC 16 -13.83 -44.66 -131.15
N MET GC 17 -13.62 -43.36 -131.30
CA MET GC 17 -12.29 -42.90 -131.72
C MET GC 17 -11.26 -42.97 -130.59
N GLY GC 18 -11.67 -42.73 -129.34
CA GLY GC 18 -10.75 -42.91 -128.23
C GLY GC 18 -10.34 -44.36 -128.06
N GLY GC 19 -11.30 -45.28 -128.22
CA GLY GC 19 -10.97 -46.69 -128.26
C GLY GC 19 -10.11 -47.06 -129.44
N ASP GC 20 -10.31 -46.39 -130.59
CA ASP GC 20 -9.42 -46.59 -131.72
C ASP GC 20 -7.99 -46.22 -131.36
N ILE GC 21 -7.80 -45.07 -130.72
CA ILE GC 21 -6.47 -44.62 -130.32
C ILE GC 21 -5.84 -45.60 -129.32
N ALA GC 22 -6.61 -45.97 -128.29
CA ALA GC 22 -6.11 -46.87 -127.26
C ALA GC 22 -5.79 -48.24 -127.82
N ASN GC 23 -6.59 -48.74 -128.76
CA ASN GC 23 -6.30 -50.06 -129.32
C ASN GC 23 -5.12 -50.01 -130.28
N ARG GC 24 -5.00 -48.93 -131.07
CA ARG GC 24 -3.90 -48.83 -132.02
C ARG GC 24 -2.55 -48.68 -131.32
N VAL GC 25 -2.50 -48.00 -130.18
CA VAL GC 25 -1.21 -47.92 -129.49
C VAL GC 25 -0.83 -49.27 -128.88
N LEU GC 26 -1.80 -50.05 -128.38
CA LEU GC 26 -1.46 -51.41 -127.94
C LEU GC 26 -1.02 -52.29 -129.10
N ARG GC 27 -1.62 -52.14 -130.28
CA ARG GC 27 -1.17 -52.93 -131.42
C ARG GC 27 0.27 -52.56 -131.81
N SER GC 28 0.60 -51.27 -131.83
CA SER GC 28 1.99 -50.89 -132.07
C SER GC 28 2.90 -51.38 -130.95
N LEU GC 29 2.42 -51.42 -129.71
CA LEU GC 29 3.23 -51.90 -128.59
C LEU GC 29 3.55 -53.39 -128.72
N VAL GC 30 2.55 -54.21 -129.07
CA VAL GC 30 2.84 -55.63 -129.28
C VAL GC 30 3.65 -55.85 -130.54
N GLU GC 31 3.60 -54.93 -131.50
CA GLU GC 31 4.46 -55.06 -132.67
C GLU GC 31 5.92 -54.70 -132.35
N ALA GC 32 6.13 -53.78 -131.41
CA ALA GC 32 7.48 -53.31 -131.09
C ALA GC 32 8.07 -53.94 -129.84
N SER GC 33 7.34 -54.81 -129.15
CA SER GC 33 7.83 -55.43 -127.91
C SER GC 33 8.57 -56.71 -128.24
N SER GC 34 9.89 -56.59 -128.44
CA SER GC 34 10.76 -57.72 -128.79
C SER GC 34 11.92 -57.80 -127.79
N SER GC 35 12.88 -58.65 -128.09
CA SER GC 35 14.01 -58.86 -127.19
C SER GC 35 15.00 -57.72 -127.28
N GLY GC 36 15.67 -57.44 -126.16
CA GLY GC 36 16.66 -56.40 -126.09
C GLY GC 36 16.12 -55.00 -125.93
N VAL GC 37 14.81 -54.84 -125.80
CA VAL GC 37 14.20 -53.51 -125.74
C VAL GC 37 14.02 -53.12 -124.27
N SER GC 38 13.81 -51.83 -124.04
CA SER GC 38 13.68 -51.30 -122.69
C SER GC 38 12.22 -51.01 -122.38
N VAL GC 39 11.77 -51.49 -121.21
CA VAL GC 39 10.42 -51.20 -120.74
C VAL GC 39 10.22 -49.70 -120.59
N LEU GC 40 11.24 -49.00 -120.08
CA LEU GC 40 11.17 -47.55 -119.98
C LEU GC 40 10.98 -46.90 -121.34
N SER GC 41 11.75 -47.33 -122.34
CA SER GC 41 11.63 -46.76 -123.68
C SER GC 41 10.26 -47.02 -124.28
N LEU GC 42 9.73 -48.23 -124.06
CA LEU GC 42 8.38 -48.53 -124.55
C LEU GC 42 7.33 -47.66 -123.87
N CYS GC 43 7.44 -47.48 -122.54
CA CYS GC 43 6.46 -46.66 -121.84
C CYS GC 43 6.50 -45.21 -122.32
N GLU GC 44 7.70 -44.65 -122.46
CA GLU GC 44 7.80 -43.25 -122.88
C GLU GC 44 7.40 -43.08 -124.34
N LYS GC 45 7.70 -44.04 -125.22
CA LYS GC 45 7.26 -43.91 -126.61
C LYS GC 45 5.75 -44.09 -126.74
N GLY GC 46 5.14 -44.94 -125.91
CA GLY GC 46 3.70 -45.04 -125.90
C GLY GC 46 3.03 -43.75 -125.44
N ASP GC 47 3.58 -43.14 -124.38
CA ASP GC 47 3.04 -41.85 -123.95
C ASP GC 47 3.24 -40.78 -125.02
N ALA GC 48 4.37 -40.81 -125.73
CA ALA GC 48 4.59 -39.86 -126.82
C ALA GC 48 3.57 -40.04 -127.93
N MET GC 49 3.28 -41.30 -128.30
CA MET GC 49 2.27 -41.57 -129.33
C MET GC 49 0.90 -41.06 -128.90
N ILE GC 50 0.52 -41.34 -127.65
CA ILE GC 50 -0.78 -40.89 -127.16
C ILE GC 50 -0.85 -39.37 -127.15
N MET GC 51 0.23 -38.71 -126.70
CA MET GC 51 0.24 -37.25 -126.65
C MET GC 51 0.07 -36.64 -128.04
N GLU GC 52 0.84 -37.12 -129.02
CA GLU GC 52 0.73 -36.54 -130.35
C GLU GC 52 -0.63 -36.82 -130.99
N GLU GC 53 -1.17 -38.04 -130.82
CA GLU GC 53 -2.45 -38.35 -131.44
C GLU GC 53 -3.58 -37.53 -130.81
N THR GC 54 -3.63 -37.43 -129.47
CA THR GC 54 -4.67 -36.65 -128.83
C THR GC 54 -4.51 -35.16 -129.14
N GLY GC 55 -3.28 -34.67 -129.28
CA GLY GC 55 -3.09 -33.28 -129.64
C GLY GC 55 -3.57 -32.97 -131.06
N LYS GC 56 -3.30 -33.88 -131.99
CA LYS GC 56 -3.70 -33.61 -133.37
C LYS GC 56 -5.20 -33.84 -133.60
N ILE GC 57 -5.84 -34.71 -132.83
CA ILE GC 57 -7.29 -34.86 -132.97
C ILE GC 57 -7.99 -33.75 -132.18
N PHE GC 58 -9.24 -33.45 -132.58
CA PHE GC 58 -10.07 -32.44 -131.94
C PHE GC 58 -9.36 -31.08 -131.89
N LYS GC 59 -8.84 -30.66 -133.04
CA LYS GC 59 -8.23 -29.34 -133.13
C LYS GC 59 -9.25 -28.22 -133.27
N LYS GC 60 -10.48 -28.53 -133.66
CA LYS GC 60 -11.52 -27.52 -133.78
C LYS GC 60 -12.27 -27.27 -132.49
N GLU GC 61 -12.02 -28.07 -131.45
CA GLU GC 61 -12.55 -27.83 -130.11
C GLU GC 61 -11.38 -27.80 -129.15
N LYS GC 62 -11.02 -26.61 -128.66
CA LYS GC 62 -9.83 -26.42 -127.86
C LYS GC 62 -10.12 -26.09 -126.40
N GLU GC 63 -11.37 -25.82 -126.04
CA GLU GC 63 -11.68 -25.49 -124.64
C GLU GC 63 -11.44 -26.68 -123.72
N MET GC 64 -11.72 -27.88 -124.21
CA MET GC 64 -11.54 -29.11 -123.44
C MET GC 64 -10.08 -29.53 -123.47
N LYS GC 65 -9.78 -30.75 -123.02
CA LYS GC 65 -8.42 -31.26 -122.98
C LYS GC 65 -8.42 -32.74 -123.31
N LYS GC 66 -7.34 -33.18 -123.94
CA LYS GC 66 -7.15 -34.57 -124.32
C LYS GC 66 -5.79 -35.05 -123.85
N GLY GC 67 -5.57 -36.35 -123.95
CA GLY GC 67 -4.28 -36.91 -123.58
C GLY GC 67 -4.45 -38.23 -122.86
N ILE GC 68 -3.43 -38.55 -122.06
CA ILE GC 68 -3.41 -39.81 -121.31
C ILE GC 68 -4.44 -39.76 -120.19
N ALA GC 69 -5.20 -40.85 -120.06
CA ALA GC 69 -6.10 -41.02 -118.93
C ALA GC 69 -5.57 -41.97 -117.87
N PHE GC 70 -4.65 -42.86 -118.24
CA PHE GC 70 -4.06 -43.82 -117.34
C PHE GC 70 -2.65 -44.08 -117.87
N PRO GC 71 -1.62 -43.90 -117.05
CA PRO GC 71 -0.24 -44.05 -117.55
C PRO GC 71 0.03 -45.48 -117.98
N THR GC 72 0.91 -45.60 -118.98
CA THR GC 72 1.31 -46.89 -119.52
C THR GC 72 1.94 -47.75 -118.44
N SER GC 73 1.27 -48.84 -118.07
CA SER GC 73 1.69 -49.70 -116.97
C SER GC 73 2.09 -51.07 -117.53
N ILE GC 74 3.36 -51.42 -117.41
CA ILE GC 74 3.88 -52.68 -117.93
C ILE GC 74 4.42 -53.48 -116.76
N SER GC 75 3.79 -54.62 -116.48
CA SER GC 75 4.21 -55.50 -115.40
C SER GC 75 4.70 -56.82 -115.99
N VAL GC 76 5.81 -57.34 -115.46
CA VAL GC 76 6.53 -58.45 -116.08
C VAL GC 76 7.04 -59.43 -115.02
N ASN GC 77 6.34 -60.56 -114.87
CA ASN GC 77 6.84 -61.83 -114.33
C ASN GC 77 7.06 -61.85 -112.82
N ASN GC 78 7.01 -60.70 -112.16
CA ASN GC 78 7.00 -60.67 -110.70
C ASN GC 78 6.12 -59.57 -110.14
N CYS GC 79 5.53 -58.71 -110.97
CA CYS GC 79 4.74 -57.57 -110.52
C CYS GC 79 3.28 -57.78 -110.88
N VAL GC 80 2.40 -57.36 -109.98
CA VAL GC 80 0.96 -57.51 -110.21
C VAL GC 80 0.44 -56.40 -111.11
N CYS GC 81 0.65 -55.14 -110.72
CA CYS GC 81 0.11 -54.04 -111.51
C CYS GC 81 0.82 -52.74 -111.14
N HIS GC 82 0.56 -51.71 -111.95
CA HIS GC 82 1.00 -50.35 -111.70
C HIS GC 82 2.52 -50.25 -111.60
N PHE GC 83 3.18 -50.53 -112.72
CA PHE GC 83 4.62 -50.42 -112.86
C PHE GC 83 4.94 -49.34 -113.87
N SER GC 84 5.74 -48.37 -113.48
CA SER GC 84 6.16 -47.28 -114.37
C SER GC 84 7.57 -46.88 -113.99
N PRO GC 85 8.58 -47.33 -114.74
CA PRO GC 85 9.96 -47.06 -114.36
C PRO GC 85 10.30 -45.58 -114.49
N LEU GC 86 11.21 -45.13 -113.63
CA LEU GC 86 11.76 -43.79 -113.72
C LEU GC 86 13.17 -43.85 -114.29
N LYS GC 87 13.63 -42.70 -114.80
CA LYS GC 87 14.91 -42.67 -115.51
C LYS GC 87 16.09 -42.85 -114.55
N SER GC 88 16.07 -42.15 -113.41
CA SER GC 88 17.16 -42.29 -112.45
C SER GC 88 17.16 -43.65 -111.78
N ASP GC 89 15.99 -44.23 -111.56
CA ASP GC 89 15.89 -45.53 -110.92
C ASP GC 89 16.22 -46.65 -111.91
N GLN GC 90 16.21 -47.88 -111.40
CA GLN GC 90 16.58 -49.05 -112.19
C GLN GC 90 15.55 -49.28 -113.30
N ASP GC 91 16.01 -49.88 -114.40
CA ASP GC 91 15.15 -50.22 -115.52
C ASP GC 91 15.17 -51.72 -115.76
N TYR GC 92 14.20 -52.18 -116.54
CA TYR GC 92 14.06 -53.58 -116.88
C TYR GC 92 14.13 -53.74 -118.39
N ILE GC 93 14.99 -54.65 -118.84
CA ILE GC 93 15.12 -54.96 -120.25
C ILE GC 93 14.34 -56.24 -120.53
N LEU GC 94 14.05 -56.45 -121.80
CA LEU GC 94 13.18 -57.54 -122.22
C LEU GC 94 14.00 -58.63 -122.90
N LYS GC 95 13.55 -59.87 -122.78
CA LYS GC 95 14.29 -61.03 -123.26
C LYS GC 95 13.37 -61.95 -124.04
N GLU GC 96 13.97 -62.96 -124.67
CA GLU GC 96 13.22 -63.99 -125.38
C GLU GC 96 12.36 -64.79 -124.41
N GLY GC 97 11.10 -64.99 -124.75
CA GLY GC 97 10.22 -65.88 -124.01
C GLY GC 97 9.80 -65.44 -122.62
N ASP GC 98 9.36 -64.19 -122.49
CA ASP GC 98 8.80 -63.69 -121.24
C ASP GC 98 7.50 -62.96 -121.53
N LEU GC 99 6.60 -62.92 -120.55
CA LEU GC 99 5.31 -62.27 -120.71
C LEU GC 99 5.31 -60.90 -120.04
N VAL GC 100 4.73 -59.91 -120.73
CA VAL GC 100 4.55 -58.58 -120.16
C VAL GC 100 3.09 -58.18 -120.34
N LYS GC 101 2.67 -57.24 -119.50
CA LYS GC 101 1.29 -56.80 -119.46
C LYS GC 101 1.27 -55.28 -119.54
N ILE GC 102 0.61 -54.76 -120.58
CA ILE GC 102 0.63 -53.33 -120.92
C ILE GC 102 -0.78 -52.77 -120.72
N ASP GC 103 -0.89 -51.70 -119.93
CA ASP GC 103 -2.14 -51.06 -119.57
C ASP GC 103 -2.11 -49.62 -120.04
N LEU GC 104 -3.21 -49.14 -120.62
CA LEU GC 104 -3.24 -47.78 -121.13
C LEU GC 104 -4.67 -47.25 -121.14
N GLY GC 105 -4.78 -45.93 -121.11
CA GLY GC 105 -6.08 -45.27 -121.22
C GLY GC 105 -5.95 -43.93 -121.89
N VAL GC 106 -7.01 -43.51 -122.56
CA VAL GC 106 -7.09 -42.22 -123.24
C VAL GC 106 -8.31 -41.50 -122.70
N HIS GC 107 -8.29 -40.16 -122.69
CA HIS GC 107 -9.47 -39.43 -122.26
C HIS GC 107 -9.85 -38.37 -123.27
N VAL GC 108 -11.16 -38.25 -123.50
CA VAL GC 108 -11.76 -37.18 -124.28
C VAL GC 108 -12.91 -36.61 -123.46
N ASP GC 109 -12.89 -35.29 -123.27
CA ASP GC 109 -13.92 -34.58 -122.48
C ASP GC 109 -14.06 -35.13 -121.06
N GLY GC 110 -12.97 -35.70 -120.52
CA GLY GC 110 -13.03 -36.31 -119.22
C GLY GC 110 -13.40 -37.77 -119.26
N PHE GC 111 -14.28 -38.13 -120.19
CA PHE GC 111 -14.66 -39.53 -120.36
C PHE GC 111 -13.50 -40.31 -120.96
N ILE GC 112 -13.19 -41.47 -120.38
CA ILE GC 112 -11.98 -42.19 -120.73
C ILE GC 112 -12.34 -43.51 -121.39
N ALA GC 113 -11.48 -43.94 -122.31
CA ALA GC 113 -11.49 -45.27 -122.90
C ALA GC 113 -10.24 -46.00 -122.44
N ASN GC 114 -10.44 -47.16 -121.82
CA ASN GC 114 -9.38 -47.86 -121.11
C ASN GC 114 -9.23 -49.26 -121.70
N VAL GC 115 -7.98 -49.70 -121.88
CA VAL GC 115 -7.72 -51.01 -122.47
C VAL GC 115 -6.34 -51.48 -122.05
N ALA GC 116 -6.15 -52.80 -121.99
CA ALA GC 116 -4.87 -53.40 -121.64
C ALA GC 116 -4.74 -54.71 -122.39
N HIS GC 117 -3.55 -55.31 -122.26
CA HIS GC 117 -3.29 -56.60 -122.89
C HIS GC 117 -2.16 -57.31 -122.17
N THR GC 118 -2.37 -58.60 -121.90
CA THR GC 118 -1.34 -59.49 -121.37
C THR GC 118 -0.85 -60.38 -122.49
N PHE GC 119 0.47 -60.40 -122.71
CA PHE GC 119 0.96 -61.16 -123.84
C PHE GC 119 2.43 -61.51 -123.64
N VAL GC 120 2.82 -62.67 -124.15
CA VAL GC 120 4.22 -63.06 -124.18
C VAL GC 120 4.88 -62.39 -125.38
N VAL GC 121 6.11 -61.94 -125.19
CA VAL GC 121 6.86 -61.27 -126.23
C VAL GC 121 7.81 -62.25 -126.88
N ASP GC 122 8.33 -61.86 -128.05
CA ASP GC 122 9.27 -62.69 -128.81
C ASP GC 122 8.69 -64.06 -129.12
N VAL GC 123 7.40 -64.08 -129.43
CA VAL GC 123 6.71 -65.34 -129.74
C VAL GC 123 7.21 -65.86 -131.09
N ALA GC 124 7.57 -67.14 -131.12
CA ALA GC 124 7.98 -67.76 -132.36
C ALA GC 124 6.79 -67.92 -133.30
N GLN GC 125 7.10 -68.02 -134.59
CA GLN GC 125 6.08 -67.96 -135.64
C GLN GC 125 5.22 -69.23 -135.61
N GLY GC 126 3.96 -69.09 -135.21
CA GLY GC 126 3.01 -70.18 -135.26
C GLY GC 126 3.24 -71.29 -134.26
N THR GC 127 3.87 -71.00 -133.14
CA THR GC 127 4.22 -72.01 -132.14
C THR GC 127 3.19 -72.06 -131.03
N GLN GC 128 3.29 -73.09 -130.21
CA GLN GC 128 2.41 -73.29 -129.06
C GLN GC 128 3.24 -73.29 -127.79
N VAL GC 129 2.83 -72.47 -126.82
CA VAL GC 129 3.52 -72.35 -125.54
C VAL GC 129 2.58 -72.82 -124.45
N THR GC 130 3.07 -73.71 -123.60
CA THR GC 130 2.27 -74.39 -122.59
C THR GC 130 2.80 -74.06 -121.19
N GLY GC 131 2.30 -74.78 -120.19
CA GLY GC 131 2.75 -74.66 -118.83
C GLY GC 131 1.73 -73.94 -117.97
N ARG GC 132 2.09 -73.78 -116.69
CA ARG GC 132 1.29 -73.01 -115.77
C ARG GC 132 1.39 -71.50 -116.02
N LYS GC 133 2.29 -71.08 -116.91
CA LYS GC 133 2.28 -69.73 -117.42
C LYS GC 133 1.27 -69.52 -118.54
N ALA GC 134 0.67 -70.61 -119.03
CA ALA GC 134 -0.24 -70.55 -120.16
C ALA GC 134 -1.70 -70.80 -119.80
N ASP GC 135 -1.99 -71.31 -118.60
CA ASP GC 135 -3.39 -71.44 -118.20
C ASP GC 135 -3.93 -70.18 -117.54
N VAL GC 136 -3.07 -69.40 -116.89
CA VAL GC 136 -3.52 -68.19 -116.20
C VAL GC 136 -4.00 -67.15 -117.20
N ILE GC 137 -3.29 -66.98 -118.31
CA ILE GC 137 -3.68 -65.98 -119.30
C ILE GC 137 -4.99 -66.38 -119.99
N LYS GC 138 -5.16 -67.66 -120.28
CA LYS GC 138 -6.41 -68.12 -120.90
C LYS GC 138 -7.57 -68.07 -119.91
N ALA GC 139 -7.31 -68.31 -118.62
CA ALA GC 139 -8.34 -68.14 -117.61
C ALA GC 139 -8.79 -66.69 -117.53
N ALA GC 140 -7.84 -65.75 -117.59
CA ALA GC 140 -8.21 -64.34 -117.64
C ALA GC 140 -8.95 -64.00 -118.94
N HIS GC 141 -8.61 -64.66 -120.04
CA HIS GC 141 -9.33 -64.44 -121.29
C HIS GC 141 -10.79 -64.90 -121.20
N LEU GC 142 -11.02 -66.08 -120.63
CA LEU GC 142 -12.38 -66.52 -120.41
C LEU GC 142 -13.10 -65.65 -119.38
N CYS GC 143 -12.36 -65.08 -118.43
CA CYS GC 143 -12.95 -64.07 -117.55
C CYS GC 143 -13.42 -62.85 -118.34
N ALA GC 144 -12.60 -62.40 -119.30
CA ALA GC 144 -12.99 -61.26 -120.12
C ALA GC 144 -14.22 -61.57 -120.97
N GLU GC 145 -14.27 -62.77 -121.57
CA GLU GC 145 -15.45 -63.18 -122.32
C GLU GC 145 -16.68 -63.24 -121.42
N ALA GC 146 -16.52 -63.80 -120.22
CA ALA GC 146 -17.62 -63.89 -119.28
C ALA GC 146 -18.12 -62.50 -118.90
N ALA GC 147 -17.21 -61.57 -118.64
CA ALA GC 147 -17.60 -60.21 -118.29
C ALA GC 147 -18.33 -59.52 -119.43
N LEU GC 148 -17.84 -59.70 -120.67
CA LEU GC 148 -18.51 -59.12 -121.82
C LEU GC 148 -19.93 -59.66 -121.98
N ARG GC 149 -20.14 -60.95 -121.69
CA ARG GC 149 -21.49 -61.48 -121.76
C ARG GC 149 -22.36 -61.00 -120.59
N LEU GC 150 -21.83 -61.03 -119.37
CA LEU GC 150 -22.64 -60.81 -118.17
C LEU GC 150 -22.90 -59.34 -117.89
N VAL GC 151 -22.19 -58.41 -118.53
CA VAL GC 151 -22.41 -56.99 -118.28
C VAL GC 151 -23.78 -56.62 -118.86
N LYS GC 152 -24.77 -56.49 -117.96
CA LYS GC 152 -26.17 -56.26 -118.33
C LYS GC 152 -26.98 -55.92 -117.10
N PRO GC 153 -27.89 -54.94 -117.17
CA PRO GC 153 -28.74 -54.63 -116.02
C PRO GC 153 -29.63 -55.81 -115.66
N GLY GC 154 -29.89 -55.95 -114.36
CA GLY GC 154 -30.59 -57.10 -113.81
C GLY GC 154 -29.70 -58.03 -113.03
N ASN GC 155 -28.38 -57.90 -113.16
CA ASN GC 155 -27.42 -58.74 -112.45
C ASN GC 155 -26.69 -57.92 -111.40
N GLN GC 156 -26.41 -58.54 -110.26
CA GLN GC 156 -25.60 -57.90 -109.23
C GLN GC 156 -24.13 -57.91 -109.63
N ASN GC 157 -23.31 -57.26 -108.81
CA ASN GC 157 -21.86 -57.40 -108.93
C ASN GC 157 -21.33 -58.63 -108.22
N THR GC 158 -22.15 -59.28 -107.39
CA THR GC 158 -21.72 -60.50 -106.72
C THR GC 158 -21.61 -61.67 -107.69
N GLN GC 159 -22.47 -61.71 -108.72
CA GLN GC 159 -22.36 -62.77 -109.71
C GLN GC 159 -21.02 -62.69 -110.43
N VAL GC 160 -20.48 -61.49 -110.60
CA VAL GC 160 -19.17 -61.32 -111.22
C VAL GC 160 -18.11 -62.06 -110.42
N THR GC 161 -18.05 -61.80 -109.12
CA THR GC 161 -17.01 -62.41 -108.31
C THR GC 161 -17.28 -63.88 -108.05
N GLU GC 162 -18.55 -64.31 -108.02
CA GLU GC 162 -18.83 -65.74 -107.87
C GLU GC 162 -18.37 -66.52 -109.09
N ALA GC 163 -18.69 -66.02 -110.29
CA ALA GC 163 -18.25 -66.68 -111.51
C ALA GC 163 -16.73 -66.64 -111.64
N TRP GC 164 -16.11 -65.54 -111.22
CA TRP GC 164 -14.65 -65.45 -111.27
C TRP GC 164 -13.98 -66.39 -110.28
N ASN GC 165 -14.55 -66.54 -109.07
CA ASN GC 165 -14.06 -67.55 -108.14
C ASN GC 165 -14.23 -68.95 -108.71
N LYS GC 166 -15.35 -69.20 -109.38
CA LYS GC 166 -15.61 -70.51 -109.98
C LYS GC 166 -14.57 -70.86 -111.03
N VAL GC 167 -14.34 -69.94 -111.98
CA VAL GC 167 -13.36 -70.19 -113.02
C VAL GC 167 -11.95 -70.25 -112.46
N ALA GC 168 -11.66 -69.50 -111.39
CA ALA GC 168 -10.37 -69.59 -110.73
C ALA GC 168 -10.16 -70.99 -110.14
N HIS GC 169 -11.17 -71.51 -109.44
CA HIS GC 169 -11.05 -72.85 -108.88
C HIS GC 169 -10.88 -73.90 -109.97
N SER GC 170 -11.61 -73.76 -111.08
CA SER GC 170 -11.49 -74.73 -112.16
C SER GC 170 -10.14 -74.63 -112.87
N PHE GC 171 -9.53 -73.45 -112.92
CA PHE GC 171 -8.25 -73.25 -113.59
C PHE GC 171 -7.08 -73.19 -112.62
N ASN GC 172 -7.27 -73.66 -111.38
CA ASN GC 172 -6.21 -73.83 -110.38
C ASN GC 172 -5.63 -72.50 -109.92
N CYS GC 173 -6.28 -71.40 -110.24
CA CYS GC 173 -5.77 -70.06 -109.98
C CYS GC 173 -6.67 -69.36 -108.95
N THR GC 174 -6.39 -68.08 -108.71
CA THR GC 174 -7.17 -67.29 -107.77
C THR GC 174 -7.12 -65.81 -108.15
N PRO GC 175 -8.22 -65.08 -108.00
CA PRO GC 175 -8.19 -63.63 -108.26
C PRO GC 175 -7.33 -62.92 -107.23
N ILE GC 176 -6.75 -61.79 -107.65
CA ILE GC 176 -5.91 -61.02 -106.74
C ILE GC 176 -6.78 -60.38 -105.67
N GLU GC 177 -6.31 -60.43 -104.43
CA GLU GC 177 -7.07 -59.96 -103.29
C GLU GC 177 -7.31 -58.46 -103.39
N GLY GC 178 -8.58 -58.06 -103.40
CA GLY GC 178 -8.95 -56.66 -103.36
C GLY GC 178 -8.56 -55.80 -104.54
N MET GC 179 -8.77 -56.28 -105.76
CA MET GC 179 -8.64 -55.46 -106.96
C MET GC 179 -10.02 -54.98 -107.36
N LEU GC 180 -10.14 -53.68 -107.65
CA LEU GC 180 -11.43 -53.05 -107.82
C LEU GC 180 -11.50 -52.40 -109.21
N SER GC 181 -12.58 -52.68 -109.94
CA SER GC 181 -12.93 -51.97 -111.15
C SER GC 181 -13.84 -50.79 -110.80
N HIS GC 182 -14.22 -50.02 -111.81
CA HIS GC 182 -14.97 -48.80 -111.54
C HIS GC 182 -15.94 -48.49 -112.66
N GLN GC 183 -16.95 -47.68 -112.32
CA GLN GC 183 -17.82 -47.01 -113.28
C GLN GC 183 -17.12 -45.78 -113.83
N LEU GC 184 -17.57 -45.32 -114.99
CA LEU GC 184 -16.91 -44.23 -115.72
C LEU GC 184 -17.89 -43.09 -115.94
N LYS GC 185 -17.44 -41.86 -115.67
CA LYS GC 185 -18.26 -40.68 -115.89
C LYS GC 185 -17.34 -39.48 -116.11
N GLN GC 186 -17.91 -38.28 -116.03
CA GLN GC 186 -17.22 -37.06 -116.41
C GLN GC 186 -16.06 -36.77 -115.46
N HIS GC 187 -14.84 -36.95 -115.96
CA HIS GC 187 -13.61 -36.61 -115.24
C HIS GC 187 -13.49 -37.38 -113.93
N VAL GC 188 -14.10 -38.55 -113.85
CA VAL GC 188 -14.09 -39.36 -112.63
C VAL GC 188 -13.76 -40.80 -113.00
N ILE GC 189 -12.75 -41.35 -112.34
CA ILE GC 189 -12.41 -42.77 -112.42
C ILE GC 189 -12.69 -43.48 -111.11
N ASP GC 190 -13.06 -42.74 -110.07
CA ASP GC 190 -13.35 -43.29 -108.75
C ASP GC 190 -14.86 -43.43 -108.51
N GLY GC 191 -15.60 -43.79 -109.55
CA GLY GC 191 -17.04 -43.96 -109.39
C GLY GC 191 -17.36 -45.03 -108.35
N GLU GC 192 -18.40 -44.77 -107.55
CA GLU GC 192 -18.72 -45.62 -106.41
C GLU GC 192 -19.14 -47.02 -106.85
N LYS GC 193 -19.71 -47.17 -108.05
CA LYS GC 193 -20.03 -48.49 -108.57
C LYS GC 193 -18.72 -49.21 -108.88
N THR GC 194 -18.38 -50.20 -108.07
CA THR GC 194 -17.09 -50.84 -108.13
C THR GC 194 -17.25 -52.36 -108.05
N ILE GC 195 -16.40 -53.05 -108.80
CA ILE GC 195 -16.47 -54.51 -108.97
C ILE GC 195 -15.27 -55.14 -108.28
N ILE GC 196 -15.51 -56.22 -107.56
CA ILE GC 196 -14.48 -56.83 -106.72
C ILE GC 196 -14.23 -58.27 -107.15
N GLN GC 197 -13.01 -58.75 -106.90
CA GLN GC 197 -12.64 -60.14 -107.12
C GLN GC 197 -11.82 -60.61 -105.93
N ASN GC 198 -12.17 -61.78 -105.39
CA ASN GC 198 -11.57 -62.39 -104.20
C ASN GC 198 -11.59 -61.46 -103.00
N PRO GC 199 -12.75 -61.17 -102.41
CA PRO GC 199 -12.79 -60.33 -101.21
C PRO GC 199 -12.50 -61.16 -99.96
N THR GC 200 -12.34 -60.45 -98.85
CA THR GC 200 -12.19 -61.04 -97.53
C THR GC 200 -13.26 -60.49 -96.60
N ASP GC 201 -13.11 -60.80 -95.31
CA ASP GC 201 -14.03 -60.27 -94.30
C ASP GC 201 -14.01 -58.75 -94.25
N GLN GC 202 -12.90 -58.13 -94.66
CA GLN GC 202 -12.80 -56.67 -94.62
C GLN GC 202 -13.33 -56.03 -95.89
N GLN GC 203 -12.90 -56.54 -97.05
CA GLN GC 203 -13.34 -55.94 -98.31
C GLN GC 203 -14.81 -56.22 -98.60
N LYS GC 204 -15.32 -57.39 -98.18
CA LYS GC 204 -16.74 -57.66 -98.33
C LYS GC 204 -17.57 -56.73 -97.46
N LYS GC 205 -17.12 -56.46 -96.23
CA LYS GC 205 -17.88 -55.59 -95.35
C LYS GC 205 -17.77 -54.13 -95.74
N ASP GC 206 -16.68 -53.74 -96.40
CA ASP GC 206 -16.60 -52.40 -96.98
C ASP GC 206 -17.25 -52.30 -98.35
N HIS GC 207 -17.56 -53.43 -98.98
CA HIS GC 207 -18.12 -53.43 -100.32
C HIS GC 207 -19.55 -52.91 -100.31
N GLU GC 208 -19.96 -52.32 -101.43
CA GLU GC 208 -21.32 -51.85 -101.61
C GLU GC 208 -22.06 -52.80 -102.55
N LYS GC 209 -23.18 -53.33 -102.10
CA LYS GC 209 -24.02 -54.17 -102.96
C LYS GC 209 -24.66 -53.28 -104.02
N ALA GC 210 -24.28 -53.48 -105.27
CA ALA GC 210 -24.72 -52.61 -106.35
C ALA GC 210 -25.23 -53.45 -107.52
N GLU GC 211 -26.15 -52.85 -108.27
CA GLU GC 211 -26.76 -53.46 -109.45
C GLU GC 211 -26.47 -52.57 -110.64
N PHE GC 212 -26.17 -53.18 -111.78
CA PHE GC 212 -25.81 -52.43 -112.98
C PHE GC 212 -26.99 -51.57 -113.45
N GLU GC 213 -26.71 -50.29 -113.68
CA GLU GC 213 -27.71 -49.34 -114.14
C GLU GC 213 -27.57 -49.15 -115.65
N VAL GC 214 -28.69 -48.89 -116.31
CA VAL GC 214 -28.70 -48.80 -117.76
C VAL GC 214 -27.89 -47.59 -118.23
N HIS GC 215 -27.26 -47.74 -119.40
CA HIS GC 215 -26.58 -46.64 -120.10
C HIS GC 215 -25.47 -46.03 -119.24
N GLU GC 216 -24.46 -46.85 -118.97
CA GLU GC 216 -23.26 -46.34 -118.33
C GLU GC 216 -22.07 -47.17 -118.75
N VAL GC 217 -20.88 -46.60 -118.53
CA VAL GC 217 -19.64 -47.15 -119.06
C VAL GC 217 -18.95 -47.91 -117.95
N TYR GC 218 -18.49 -49.12 -118.25
CA TYR GC 218 -17.76 -49.92 -117.28
C TYR GC 218 -16.37 -50.24 -117.81
N ALA GC 219 -15.41 -50.38 -116.89
CA ALA GC 219 -14.06 -50.80 -117.23
C ALA GC 219 -13.85 -52.14 -116.54
N VAL GC 220 -14.21 -53.22 -117.23
CA VAL GC 220 -14.06 -54.53 -116.63
C VAL GC 220 -12.58 -54.87 -116.54
N ASP GC 221 -12.14 -55.24 -115.34
CA ASP GC 221 -10.74 -55.48 -115.05
C ASP GC 221 -10.61 -56.77 -114.25
N VAL GC 222 -9.85 -57.72 -114.79
CA VAL GC 222 -9.64 -59.00 -114.13
C VAL GC 222 -8.14 -59.24 -114.00
N LEU GC 223 -7.70 -59.55 -112.78
CA LEU GC 223 -6.31 -59.83 -112.45
C LEU GC 223 -6.30 -61.13 -111.66
N VAL GC 224 -5.84 -62.21 -112.29
CA VAL GC 224 -5.86 -63.54 -111.70
C VAL GC 224 -4.43 -64.07 -111.69
N SER GC 225 -4.05 -64.68 -110.58
CA SER GC 225 -2.72 -65.25 -110.42
C SER GC 225 -2.81 -66.76 -110.32
N SER GC 226 -1.85 -67.44 -110.94
CA SER GC 226 -1.76 -68.89 -110.93
C SER GC 226 -1.14 -69.45 -109.65
N GLY GC 227 -0.62 -68.60 -108.78
CA GLY GC 227 -0.01 -69.06 -107.55
C GLY GC 227 -0.94 -69.04 -106.35
N GLU GC 228 -0.62 -68.22 -105.35
CA GLU GC 228 -1.43 -68.11 -104.15
C GLU GC 228 -2.37 -66.92 -104.15
N GLY GC 229 -2.06 -65.86 -104.88
CA GLY GC 229 -2.89 -64.68 -104.88
C GLY GC 229 -2.59 -63.72 -103.76
N LYS GC 230 -1.30 -63.54 -103.44
CA LYS GC 230 -0.89 -62.69 -102.32
C LYS GC 230 -0.33 -61.39 -102.86
N ALA GC 231 -0.80 -60.27 -102.31
CA ALA GC 231 -0.40 -58.94 -102.75
C ALA GC 231 0.38 -58.27 -101.63
N LYS GC 232 1.62 -57.87 -101.93
CA LYS GC 232 2.44 -57.10 -101.01
C LYS GC 232 3.47 -56.35 -101.84
N ASP GC 233 4.43 -55.71 -101.17
CA ASP GC 233 5.44 -54.92 -101.86
C ASP GC 233 6.82 -55.27 -101.33
N ALA GC 234 7.83 -55.04 -102.16
CA ALA GC 234 9.21 -55.25 -101.77
C ALA GC 234 9.99 -53.94 -101.86
N GLY GC 235 9.41 -52.87 -101.34
CA GLY GC 235 10.09 -51.59 -101.26
C GLY GC 235 10.39 -50.91 -102.58
N GLN GC 236 9.42 -50.90 -103.49
CA GLN GC 236 9.56 -50.17 -104.75
C GLN GC 236 8.82 -48.85 -104.66
N ARG GC 237 9.48 -47.77 -105.08
CA ARG GC 237 8.87 -46.44 -105.06
C ARG GC 237 7.63 -46.41 -105.95
N THR GC 238 6.53 -45.89 -105.41
CA THR GC 238 5.32 -45.74 -106.19
C THR GC 238 5.49 -44.62 -107.20
N THR GC 239 5.13 -44.87 -108.45
CA THR GC 239 5.29 -43.90 -109.53
C THR GC 239 3.98 -43.24 -109.92
N ILE GC 240 2.88 -43.99 -109.88
CA ILE GC 240 1.59 -43.49 -110.36
C ILE GC 240 0.81 -42.91 -109.19
N TYR GC 241 0.29 -41.69 -109.37
CA TYR GC 241 -0.52 -41.02 -108.36
C TYR GC 241 -1.75 -40.43 -109.01
N LYS GC 242 -2.80 -40.21 -108.20
CA LYS GC 242 -4.02 -39.60 -108.67
C LYS GC 242 -4.40 -38.43 -107.77
N ARG GC 243 -4.87 -37.33 -108.37
CA ARG GC 243 -5.36 -36.21 -107.59
C ARG GC 243 -6.57 -36.65 -106.79
N ASP GC 244 -6.72 -36.12 -105.57
CA ASP GC 244 -7.92 -36.42 -104.80
C ASP GC 244 -8.86 -35.22 -104.87
N PRO GC 245 -9.92 -35.25 -105.67
CA PRO GC 245 -10.77 -34.06 -105.84
C PRO GC 245 -11.56 -33.71 -104.60
N SER GC 246 -11.72 -34.63 -103.66
CA SER GC 246 -12.48 -34.37 -102.45
C SER GC 246 -11.62 -33.89 -101.29
N LYS GC 247 -10.30 -33.81 -101.46
CA LYS GC 247 -9.41 -33.47 -100.36
C LYS GC 247 -8.49 -32.32 -100.75
N GLN GC 248 -8.08 -31.56 -99.73
CA GLN GC 248 -7.15 -30.46 -99.90
C GLN GC 248 -6.55 -30.13 -98.55
N TYR GC 249 -5.47 -29.33 -98.59
CA TYR GC 249 -4.71 -28.97 -97.41
C TYR GC 249 -3.70 -27.90 -97.82
N GLY GC 250 -3.24 -27.13 -96.84
CA GLY GC 250 -2.26 -26.09 -97.10
C GLY GC 250 -0.88 -26.62 -97.44
N LEU GC 251 -0.50 -26.49 -98.71
CA LEU GC 251 0.84 -26.88 -99.16
C LEU GC 251 1.83 -25.81 -98.74
N LYS GC 252 2.70 -26.13 -97.79
CA LYS GC 252 3.64 -25.18 -97.23
C LYS GC 252 4.98 -25.16 -97.96
N MET GC 253 5.15 -25.96 -99.01
CA MET GC 253 6.39 -26.06 -99.75
C MET GC 253 6.22 -25.41 -101.11
N LYS GC 254 7.19 -24.56 -101.49
CA LYS GC 254 7.15 -23.95 -102.82
C LYS GC 254 7.26 -24.99 -103.91
N THR GC 255 8.14 -25.98 -103.72
CA THR GC 255 8.28 -27.03 -104.72
C THR GC 255 7.02 -27.88 -104.83
N SER GC 256 6.38 -28.19 -103.70
CA SER GC 256 5.14 -28.96 -103.74
C SER GC 256 4.01 -28.15 -104.35
N ARG GC 257 4.00 -26.84 -104.13
CA ARG GC 257 2.97 -26.00 -104.74
C ARG GC 257 3.13 -25.91 -106.26
N ALA GC 258 4.37 -25.77 -106.73
CA ALA GC 258 4.60 -25.82 -108.17
C ALA GC 258 4.23 -27.18 -108.75
N PHE GC 259 4.54 -28.25 -108.03
CA PHE GC 259 4.17 -29.59 -108.44
C PHE GC 259 2.65 -29.74 -108.54
N PHE GC 260 1.93 -29.21 -107.55
CA PHE GC 260 0.47 -29.27 -107.57
C PHE GC 260 -0.11 -28.42 -108.70
N SER GC 261 0.53 -27.29 -109.00
CA SER GC 261 0.11 -26.48 -110.13
C SER GC 261 0.25 -27.24 -111.45
N GLU GC 262 1.38 -27.94 -111.63
CA GLU GC 262 1.56 -28.75 -112.82
C GLU GC 262 0.56 -29.90 -112.86
N VAL GC 263 0.28 -30.51 -111.70
CA VAL GC 263 -0.73 -31.56 -111.63
C VAL GC 263 -2.07 -31.03 -112.14
N GLU GC 264 -2.47 -29.85 -111.67
CA GLU GC 264 -3.73 -29.27 -112.13
C GLU GC 264 -3.68 -28.92 -113.61
N ARG GC 265 -2.53 -28.47 -114.11
CA ARG GC 265 -2.46 -28.06 -115.51
C ARG GC 265 -2.46 -29.24 -116.47
N ARG GC 266 -2.02 -30.42 -116.04
CA ARG GC 266 -1.90 -31.50 -117.00
C ARG GC 266 -2.74 -32.73 -116.68
N PHE GC 267 -2.82 -33.16 -115.43
CA PHE GC 267 -3.50 -34.39 -115.03
C PHE GC 267 -4.40 -34.18 -113.84
N ASP GC 268 -5.25 -33.14 -113.93
CA ASP GC 268 -6.00 -32.68 -112.75
C ASP GC 268 -7.04 -33.68 -112.26
N ALA GC 269 -7.47 -34.64 -113.10
CA ALA GC 269 -8.54 -35.51 -112.69
C ALA GC 269 -8.27 -36.99 -112.99
N MET GC 270 -7.07 -37.34 -113.42
CA MET GC 270 -6.74 -38.70 -113.83
C MET GC 270 -5.39 -39.08 -113.26
N PRO GC 271 -5.15 -40.38 -113.08
CA PRO GC 271 -3.82 -40.83 -112.67
C PRO GC 271 -2.78 -40.52 -113.74
N PHE GC 272 -1.55 -40.29 -113.28
CA PHE GC 272 -0.43 -40.02 -114.18
C PHE GC 272 0.81 -40.78 -113.73
N THR GC 273 1.95 -40.48 -114.33
CA THR GC 273 3.22 -41.08 -113.92
C THR GC 273 4.21 -39.96 -113.68
N LEU GC 274 5.17 -40.21 -112.77
CA LEU GC 274 6.15 -39.19 -112.43
C LEU GC 274 7.12 -38.91 -113.58
N ARG GC 275 7.12 -39.73 -114.62
CA ARG GC 275 7.94 -39.44 -115.79
C ARG GC 275 7.55 -38.14 -116.46
N ALA GC 276 6.29 -37.71 -116.28
CA ALA GC 276 5.80 -36.52 -116.95
C ALA GC 276 6.52 -35.26 -116.50
N PHE GC 277 7.22 -35.31 -115.37
CA PHE GC 277 7.95 -34.15 -114.87
C PHE GC 277 9.43 -34.27 -115.20
N GLU GC 280 11.81 -33.71 -113.28
CA GLU GC 280 11.60 -34.96 -112.54
C GLU GC 280 12.47 -34.97 -111.29
N LYS GC 281 13.51 -34.14 -111.30
CA LYS GC 281 14.38 -34.04 -110.14
C LYS GC 281 13.61 -33.49 -108.93
N LYS GC 282 12.75 -32.50 -109.16
CA LYS GC 282 11.94 -31.93 -108.08
C LYS GC 282 10.63 -32.67 -107.86
N ALA GC 283 10.24 -33.57 -108.77
CA ALA GC 283 8.95 -34.25 -108.64
C ALA GC 283 8.94 -35.20 -107.45
N ARG GC 284 10.01 -35.96 -107.28
CA ARG GC 284 10.12 -36.87 -106.14
C ARG GC 284 10.16 -36.12 -104.82
N MET GC 285 10.70 -34.89 -104.85
CA MET GC 285 10.65 -34.02 -103.69
C MET GC 285 9.23 -33.55 -103.40
N GLY GC 286 8.52 -33.08 -104.44
CA GLY GC 286 7.22 -32.48 -104.25
C GLY GC 286 6.12 -33.46 -103.96
N VAL GC 287 6.28 -34.73 -104.35
CA VAL GC 287 5.20 -35.68 -104.15
C VAL GC 287 5.08 -36.13 -102.69
N VAL GC 288 6.17 -36.06 -101.93
CA VAL GC 288 6.21 -36.74 -100.64
C VAL GC 288 5.36 -36.01 -99.60
N GLU GC 289 5.11 -34.72 -99.79
CA GLU GC 289 4.28 -34.00 -98.85
C GLU GC 289 2.80 -34.14 -99.19
N CYS GC 290 2.49 -34.07 -100.49
CA CYS GC 290 1.10 -34.21 -100.95
C CYS GC 290 0.56 -35.60 -100.63
N ALA GC 291 1.35 -36.64 -100.90
CA ALA GC 291 0.90 -37.99 -100.60
C ALA GC 291 0.73 -38.19 -99.11
N LYS GC 292 1.61 -37.59 -98.29
CA LYS GC 292 1.49 -37.72 -96.84
C LYS GC 292 0.20 -37.10 -96.33
N HIS GC 293 -0.15 -35.91 -96.83
CA HIS GC 293 -1.41 -35.29 -96.45
C HIS GC 293 -2.58 -35.69 -97.35
N GLU GC 294 -2.43 -36.75 -98.13
CA GLU GC 294 -3.56 -37.46 -98.74
C GLU GC 294 -4.28 -36.63 -99.79
N LEU GC 295 -3.57 -35.68 -100.40
CA LEU GC 295 -4.08 -35.03 -101.60
C LEU GC 295 -3.85 -35.86 -102.84
N LEU GC 296 -3.01 -36.89 -102.76
CA LEU GC 296 -2.80 -37.82 -103.84
C LEU GC 296 -3.10 -39.23 -103.33
N GLN GC 297 -3.78 -40.01 -104.16
CA GLN GC 297 -3.97 -41.42 -103.90
C GLN GC 297 -3.03 -42.20 -104.80
N PRO GC 298 -2.03 -42.88 -104.25
CA PRO GC 298 -1.04 -43.55 -105.11
C PRO GC 298 -1.51 -44.91 -105.55
N PHE GC 299 -1.22 -45.22 -106.82
CA PHE GC 299 -1.48 -46.53 -107.40
C PHE GC 299 -0.21 -47.36 -107.17
N ASN GC 300 -0.22 -48.11 -106.07
CA ASN GC 300 0.99 -48.79 -105.63
C ASN GC 300 1.32 -49.98 -106.52
N VAL GC 301 2.61 -50.21 -106.69
CA VAL GC 301 3.09 -51.40 -107.34
C VAL GC 301 2.98 -52.58 -106.39
N LEU GC 302 2.52 -53.71 -106.89
CA LEU GC 302 2.37 -54.92 -106.10
C LEU GC 302 3.22 -56.02 -106.70
N TYR GC 303 3.44 -57.08 -105.93
CA TYR GC 303 4.26 -58.21 -106.34
C TYR GC 303 3.50 -59.50 -106.10
N GLU GC 304 4.09 -60.61 -106.54
CA GLU GC 304 3.62 -61.94 -106.20
C GLU GC 304 4.81 -62.77 -105.73
N LYS GC 305 4.53 -64.01 -105.31
CA LYS GC 305 5.59 -64.91 -104.89
C LYS GC 305 6.55 -65.16 -106.04
N GLU GC 306 7.83 -65.31 -105.72
CA GLU GC 306 8.88 -65.37 -106.72
C GLU GC 306 8.66 -66.55 -107.68
N GLY GC 307 8.58 -66.23 -108.96
CA GLY GC 307 8.39 -67.23 -109.99
C GLY GC 307 6.96 -67.43 -110.43
N GLU GC 308 5.98 -66.94 -109.67
CA GLU GC 308 4.59 -67.10 -110.04
C GLU GC 308 4.24 -66.14 -111.19
N PHE GC 309 3.01 -66.24 -111.68
CA PHE GC 309 2.61 -65.51 -112.87
C PHE GC 309 1.27 -64.81 -112.65
N VAL GC 310 1.14 -63.62 -113.24
CA VAL GC 310 -0.04 -62.79 -113.11
C VAL GC 310 -0.56 -62.46 -114.50
N ALA GC 311 -1.88 -62.46 -114.65
CA ALA GC 311 -2.53 -62.14 -115.91
C ALA GC 311 -3.60 -61.10 -115.70
N GLN GC 312 -3.76 -60.21 -116.67
CA GLN GC 312 -4.80 -59.19 -116.62
C GLN GC 312 -5.53 -59.10 -117.95
N PHE GC 313 -6.82 -58.80 -117.87
CA PHE GC 313 -7.57 -58.39 -119.04
C PHE GC 313 -8.55 -57.31 -118.59
N LYS GC 314 -8.37 -56.09 -119.11
CA LYS GC 314 -9.21 -54.98 -118.70
C LYS GC 314 -9.45 -54.04 -119.86
N PHE GC 315 -10.71 -53.66 -120.02
CA PHE GC 315 -11.13 -52.82 -121.14
C PHE GC 315 -12.51 -52.23 -120.83
N THR GC 316 -12.85 -51.19 -121.58
CA THR GC 316 -14.11 -50.48 -121.39
C THR GC 316 -15.20 -51.06 -122.29
N VAL GC 317 -16.40 -51.22 -121.73
CA VAL GC 317 -17.57 -51.72 -122.43
C VAL GC 317 -18.78 -50.93 -121.96
N LEU GC 318 -19.72 -50.70 -122.87
CA LEU GC 318 -20.89 -49.91 -122.58
C LEU GC 318 -21.96 -50.72 -121.87
N LEU GC 319 -23.03 -50.03 -121.47
CA LEU GC 319 -24.28 -50.67 -121.08
C LEU GC 319 -25.40 -50.08 -121.93
N MET GC 320 -26.33 -50.94 -122.36
CA MET GC 320 -27.39 -50.51 -123.25
C MET GC 320 -28.43 -51.62 -123.36
N PRO GC 321 -29.73 -51.30 -123.48
CA PRO GC 321 -30.73 -52.36 -123.59
C PRO GC 321 -30.57 -53.28 -124.79
N ASN GC 322 -30.16 -52.75 -125.95
CA ASN GC 322 -30.02 -53.59 -127.14
C ASN GC 322 -28.62 -54.19 -127.23
N GLY GC 323 -28.18 -54.81 -126.13
CA GLY GC 323 -26.88 -55.42 -126.06
C GLY GC 323 -25.79 -54.40 -125.80
N PRO GC 324 -24.90 -54.70 -124.87
CA PRO GC 324 -23.74 -53.84 -124.65
C PRO GC 324 -22.68 -54.07 -125.71
N MET GC 325 -22.06 -52.98 -126.16
CA MET GC 325 -21.03 -53.04 -127.19
C MET GC 325 -19.66 -52.76 -126.58
N ARG GC 326 -18.67 -53.49 -127.05
CA ARG GC 326 -17.30 -53.36 -126.60
C ARG GC 326 -16.56 -52.40 -127.53
N ILE GC 327 -16.05 -51.31 -126.98
CA ILE GC 327 -15.37 -50.29 -127.78
C ILE GC 327 -13.85 -50.46 -127.78
N THR GC 328 -13.28 -51.17 -126.81
CA THR GC 328 -11.84 -51.38 -126.72
C THR GC 328 -11.57 -52.87 -126.56
N SER GC 329 -10.57 -53.38 -127.29
CA SER GC 329 -10.27 -54.81 -127.26
C SER GC 329 -8.80 -55.03 -127.56
N GLY GC 330 -8.25 -56.08 -126.95
CA GLY GC 330 -6.87 -56.44 -127.16
C GLY GC 330 -6.72 -57.60 -128.12
N PRO GC 331 -5.71 -57.53 -129.01
CA PRO GC 331 -5.52 -58.53 -130.08
C PRO GC 331 -4.90 -59.83 -129.60
N PHE GC 332 -5.75 -60.69 -129.04
CA PHE GC 332 -5.34 -61.97 -128.46
C PHE GC 332 -5.84 -63.11 -129.32
N GLU GC 333 -4.91 -63.98 -129.74
CA GLU GC 333 -5.26 -65.16 -130.52
C GLU GC 333 -5.12 -66.40 -129.66
N PRO GC 334 -6.22 -67.00 -129.18
CA PRO GC 334 -6.13 -68.29 -128.48
C PRO GC 334 -5.84 -69.46 -129.41
N ASP GC 335 -5.62 -69.20 -130.71
CA ASP GC 335 -5.20 -70.26 -131.62
C ASP GC 335 -3.84 -70.81 -131.21
N LEU GC 336 -2.93 -69.96 -130.76
CA LEU GC 336 -1.62 -70.38 -130.29
C LEU GC 336 -1.50 -70.32 -128.77
N TYR GC 337 -2.61 -70.24 -128.05
CA TYR GC 337 -2.61 -70.33 -126.60
C TYR GC 337 -3.66 -71.34 -126.17
N LYS GC 338 -3.23 -72.45 -125.59
CA LYS GC 338 -4.14 -73.48 -125.12
C LYS GC 338 -3.88 -73.71 -123.64
N SER GC 339 -4.90 -74.20 -122.95
CA SER GC 339 -4.81 -74.52 -121.53
C SER GC 339 -4.83 -76.03 -121.34
N GLU GC 340 -4.02 -76.50 -120.37
CA GLU GC 340 -3.98 -77.92 -120.07
C GLU GC 340 -5.21 -78.39 -119.30
N MET GC 341 -6.03 -77.47 -118.81
CA MET GC 341 -7.27 -77.80 -118.13
C MET GC 341 -8.43 -77.12 -118.83
N GLU GC 342 -9.60 -77.74 -118.77
CA GLU GC 342 -10.79 -77.24 -119.45
C GLU GC 342 -11.85 -76.82 -118.42
N VAL GC 343 -12.88 -76.14 -118.91
CA VAL GC 343 -13.98 -75.67 -118.09
C VAL GC 343 -15.04 -76.75 -118.02
N GLN GC 344 -15.40 -77.16 -116.80
CA GLN GC 344 -16.35 -78.24 -116.58
C GLN GC 344 -17.73 -77.74 -116.17
N ASP GC 345 -18.00 -76.43 -116.26
CA ASP GC 345 -19.24 -75.87 -115.77
C ASP GC 345 -20.20 -75.55 -116.91
N ALA GC 346 -21.44 -76.00 -116.75
CA ALA GC 346 -22.44 -75.87 -117.81
C ALA GC 346 -22.78 -74.41 -118.09
N GLU GC 347 -23.01 -73.62 -117.04
CA GLU GC 347 -23.36 -72.22 -117.24
C GLU GC 347 -22.20 -71.47 -117.88
N LEU GC 348 -20.97 -71.79 -117.48
CA LEU GC 348 -19.80 -71.15 -118.08
C LEU GC 348 -19.70 -71.46 -119.57
N LYS GC 349 -19.84 -72.74 -119.94
CA LYS GC 349 -19.72 -73.13 -121.33
C LYS GC 349 -20.96 -72.80 -122.15
N ALA GC 350 -22.03 -72.35 -121.51
CA ALA GC 350 -23.16 -71.77 -122.24
C ALA GC 350 -23.05 -70.26 -122.38
N LEU GC 351 -22.41 -69.57 -121.43
CA LEU GC 351 -22.27 -68.13 -121.54
C LEU GC 351 -21.12 -67.72 -122.45
N LEU GC 352 -20.06 -68.53 -122.52
CA LEU GC 352 -18.91 -68.11 -123.33
C LEU GC 352 -19.24 -68.08 -124.81
N GLN GC 353 -20.08 -69.00 -125.28
CA GLN GC 353 -20.37 -69.06 -126.71
C GLN GC 353 -21.31 -67.94 -127.16
N SER GC 354 -22.36 -67.66 -126.39
CA SER GC 354 -23.38 -66.71 -126.81
C SER GC 354 -22.86 -65.28 -126.73
N SER GC 355 -23.58 -64.38 -127.39
CA SER GC 355 -23.20 -62.99 -127.52
C SER GC 355 -24.30 -62.08 -127.01
N ALA GC 356 -23.90 -61.02 -126.32
CA ALA GC 356 -24.86 -60.06 -125.77
C ALA GC 356 -25.42 -59.16 -126.86
MG MG IC . 7.19 -18.66 -18.53
MG MG JC . -18.82 -61.61 -26.20
MG MG KC . -21.21 -21.69 -27.15
MG MG LC . -11.19 -53.99 2.53
MG MG MC . 56.65 -48.85 -63.19
MG MG NC . 11.38 -46.71 -13.24
MG MG OC . -28.73 -24.04 -24.54
MG MG PC . -19.40 -41.28 -6.00
MG MG QC . -26.86 -76.23 -5.47
MG MG RC . 66.55 -75.69 -40.41
MG MG SC . 27.12 -62.46 -16.68
MG MG TC . 22.02 -84.41 -10.56
MG MG UC . -9.74 -40.56 -18.97
MG MG VC . -30.25 -41.16 -14.89
MG MG WC . -26.10 -53.59 -18.41
MG MG XC . 1.48 -62.97 -42.36
MG MG YC . -18.79 -64.37 -62.17
MG MG ZC . -1.63 -15.43 -17.35
MG MG AD . 1.11 -58.55 -25.52
MG MG BD . -20.98 -32.61 -25.05
MG MG CD . -25.68 -29.90 -22.84
MG MG DD . 37.55 -55.48 -47.79
MG MG ED . 44.01 -71.12 -38.78
MG MG FD . -0.51 -61.52 -49.02
MG MG GD . 10.32 -14.74 -20.05
MG MG HD . -26.26 -57.77 -11.70
MG MG ID . 6.79 -53.04 -11.84
MG MG JD . 6.04 -94.86 -72.26
MG MG KD . -3.81 -86.28 -64.86
MG MG LD . -9.99 -55.38 -6.59
MG MG MD . -5.94 -37.94 -21.02
MG MG ND . 26.42 -55.92 -33.99
MG MG OD . -19.58 -46.99 -8.42
MG MG PD . -28.24 -76.44 -11.73
MG MG QD . -18.81 -69.33 -15.67
MG MG RD . 14.88 -44.34 -16.35
MG MG SD . 19.08 -32.62 -11.88
MG MG TD . 22.53 -51.24 -12.05
MG MG UD . 29.26 -95.97 -12.35
MG MG VD . 46.40 -71.78 0.95
MG MG WD . 3.69 -51.85 -26.14
MG MG XD . 47.42 -70.58 -35.21
MG MG YD . 3.87 -32.79 -51.16
MG MG ZD . -27.23 -22.17 -14.59
MG MG AE . -21.06 -38.78 -21.11
MG MG BE . -19.81 -58.00 -8.03
MG MG CE . -11.61 -50.71 -11.78
MG MG DE . -26.08 -68.31 -2.06
MG MG EE . 12.49 -51.82 -11.44
MG MG FE . -1.25 -90.43 -64.08
MG MG GE . -12.19 0.93 -66.16
MG MG HE . -14.38 -46.58 -18.76
MG MG IE . -55.07 -33.82 7.70
MG MG JE . -29.65 -27.56 -52.42
MG MG KE . 0.28 -15.33 -32.12
MG MG LE . -3.96 -28.25 -47.91
MG MG ME . -31.81 -25.72 -47.14
MG MG NE . -39.40 -64.54 4.32
MG MG OE . 72.13 -69.75 -38.50
MG MG PE . -17.66 -54.45 31.00
MG MG QE . -35.99 12.34 -48.81
MG MG RE . 27.96 -12.36 -64.08
MG MG SE . -4.79 -6.67 -28.69
MG MG TE . -20.08 -60.86 23.59
MG MG UE . -2.17 -10.57 -32.15
MG MG VE . 1.13 -48.51 -3.55
MG MG WE . 34.68 -22.35 -60.56
MG MG XE . -43.83 -59.03 -8.06
MG MG YE . -28.15 -49.05 33.87
MG MG ZE . 10.82 7.90 -39.87
MG MG AF . -20.93 -44.88 -30.09
MG MG BF . -22.69 -73.24 -66.75
MG MG CF . -62.07 -73.88 -3.25
MG MG DF . 1.30 -28.98 -58.14
MG MG EF . 8.36 -17.83 -79.65
MG MG FF . 5.64 7.84 -40.20
MG MG GF . 4.75 -52.61 9.18
MG MG HF . -15.41 1.43 -70.54
MG MG IF . 8.24 1.48 -25.91
MG MG JF . 20.62 -4.93 -22.05
MG MG KF . -18.73 -12.23 -31.86
MG MG LF . 13.91 -12.84 -1.88
MG MG MF . -18.13 -32.14 -65.89
MG MG NF . -14.13 2.36 -33.71
MG MG OF . -6.78 -68.70 -33.15
MG MG PF . 7.92 -25.90 -36.73
MG MG QF . -14.79 -65.64 -38.44
MG MG RF . -50.81 -75.93 -11.66
MG MG SF . 12.08 -19.47 -74.53
MG MG TF . -12.39 -0.47 -60.51
MG MG UF . -1.26 -25.85 -77.14
MG MG VF . -20.47 -11.49 -60.06
MG MG WF . -16.77 -59.34 26.45
MG MG XF . -47.04 -48.69 -3.21
MG MG YF . -20.14 -17.64 -65.85
MG MG ZF . -0.85 -36.47 -72.92
MG MG AG . 24.63 -25.75 -79.50
MG MG BG . -37.30 -79.98 -31.82
MG MG CG . -18.09 -60.08 -36.77
MG MG DG . -32.29 10.17 -35.55
MG MG EG . 18.86 7.25 -16.15
MG MG FG . -49.96 -98.67 -20.88
MG MG GG . 1.63 -76.11 -6.73
MG MG HG . -13.34 -13.71 -34.54
MG MG IG . -52.30 -16.98 0.40
MG MG JG . -0.35 -103.24 16.62
MG MG KG . -55.53 -55.32 -6.82
MG MG LG . -63.90 -59.73 -12.23
MG MG MG . -66.89 -115.35 32.69
MG MG NG . 17.69 -21.06 -45.44
MG MG OG . -18.53 5.65 -16.34
MG MG PG . -22.82 -42.21 46.11
MG MG QG . 20.12 -23.52 -14.11
MG MG RG . -25.64 -21.32 -53.54
MG MG SG . -64.41 -22.70 -25.08
MG MG TG . 0.09 3.16 0.87
MG MG UG . 24.23 -32.62 -1.35
MG MG VG . 8.48 -66.03 60.51
MG MG WG . -47.45 3.59 -33.13
MG MG XG . -19.86 -44.85 1.83
MG MG YG . -19.87 -41.61 -74.54
MG MG ZG . 7.32 -61.78 38.82
MG MG AH . -41.46 -11.03 -10.39
MG MG BH . -50.77 8.35 -50.99
MG MG CH . 38.92 -91.53 -32.24
MG MG DH . 21.74 1.17 -1.90
MG MG EH . -77.18 -15.88 -4.03
MG MG FH . 17.80 -94.86 -64.70
MG MG GH . -47.80 -2.68 32.09
MG MG HH . 9.06 -93.51 17.71
MG MG IH . 1.89 -13.52 -68.82
MG MG JH . 16.52 -74.71 39.38
MG MG KH . -24.21 4.11 -18.91
MG MG LH . 47.51 -26.84 4.64
MG MG MH . 11.09 6.58 4.97
MG MG NH . -5.23 9.15 -5.69
MG MG OH . -52.52 -12.30 -20.16
MG MG PH . -27.47 0.34 -18.15
MG MG QH . -41.66 -37.73 -19.09
MG MG RH . -33.38 -21.94 11.67
MG MG SH . -36.07 -33.96 -44.42
MG MG TH . -72.20 -18.16 5.18
MG MG UH . -77.31 -84.98 15.69
MG MG VH . -10.42 -20.57 -61.85
MG MG WH . -59.61 6.45 6.80
MG MG XH . -31.27 14.96 -35.15
MG MG YH . -1.88 18.11 -27.41
MG MG ZH . 6.82 -59.61 56.09
MG MG AI . -11.36 -11.30 -19.45
MG MG BI . 12.44 -38.95 -13.15
MG MG CI . -2.90 -19.78 -57.34
MG MG DI . 8.81 -52.56 4.12
MG MG EI . -35.06 -64.92 -4.53
MG MG FI . -5.19 -0.46 -6.96
MG MG GI . 20.67 6.72 -92.21
MG MG HI . -38.22 -79.45 -6.49
N1 SPM II . -13.76 -55.12 42.29
C2 SPM II . -14.73 -55.01 41.22
C3 SPM II . -16.11 -54.75 41.81
C4 SPM II . -17.15 -55.30 40.86
N5 SPM II . -18.15 -54.29 40.57
C6 SPM II . -18.85 -54.68 39.36
C7 SPM II . -20.09 -53.81 39.20
C8 SPM II . -19.97 -53.03 37.88
C9 SPM II . -21.37 -52.76 37.35
N10 SPM II . -21.30 -51.81 36.25
C11 SPM II . -22.62 -51.63 35.70
C12 SPM II . -22.54 -50.86 34.40
C13 SPM II . -22.44 -49.36 34.67
N14 SPM II . -22.02 -48.69 33.46
MG MG JI . -23.45 -47.70 6.76
MG MG KI . -10.08 -66.79 -52.59
N1 SPD LI . 12.48 -53.38 -2.43
C2 SPD LI . 13.90 -53.23 -2.21
C3 SPD LI . 14.31 -54.10 -1.03
C4 SPD LI . 15.46 -55.01 -1.47
C5 SPD LI . 15.62 -56.13 -0.44
N6 SPD LI . 17.03 -56.29 -0.12
C7 SPD LI . 17.13 -57.09 1.09
C8 SPD LI . 18.47 -57.82 1.11
C9 SPD LI . 18.62 -58.54 2.44
N10 SPD LI . 19.67 -59.54 2.32
MG MG MI . -50.58 6.77 -70.33
N1 SPM NI . -5.85 -56.70 1.89
C2 SPM NI . -5.63 -55.27 1.78
C3 SPM NI . -4.92 -54.77 3.03
C4 SPM NI . -4.26 -53.42 2.76
N5 SPM NI . -3.97 -52.78 4.03
C6 SPM NI . -5.18 -52.18 4.54
C7 SPM NI . -4.88 -51.42 5.82
C8 SPM NI . -6.08 -50.57 6.20
C9 SPM NI . -5.68 -49.55 7.25
N10 SPM NI . -6.66 -48.48 7.28
C11 SPM NI . -6.32 -47.53 8.32
C12 SPM NI . -6.58 -48.17 9.68
C13 SPM NI . -7.52 -47.28 10.49
N14 SPM NI . -8.55 -46.76 9.61
N1 SPM OI . 33.99 -59.87 -5.82
C2 SPM OI . 33.77 -59.65 -7.24
C3 SPM OI . 32.52 -58.81 -7.46
C4 SPM OI . 32.09 -58.88 -8.92
N5 SPM OI . 30.88 -58.10 -9.09
C6 SPM OI . 30.35 -58.29 -10.43
C7 SPM OI . 30.91 -57.22 -11.36
C8 SPM OI . 30.51 -57.56 -12.80
C9 SPM OI . 29.16 -56.93 -13.12
N10 SPM OI . 29.21 -56.35 -14.44
C11 SPM OI . 28.71 -57.30 -15.41
C12 SPM OI . 28.75 -56.67 -16.80
C13 SPM OI . 28.34 -57.71 -17.83
N14 SPM OI . 28.50 -57.15 -19.16
MG MG PI . 22.22 7.04 -82.44
MG MG QI . 24.24 -2.93 -20.10
N1 SPM RI . 24.26 -38.89 -26.84
C2 SPM RI . 22.83 -38.96 -27.09
C3 SPM RI . 22.08 -38.30 -25.94
C4 SPM RI . 20.59 -38.57 -26.08
N5 SPM RI . 19.93 -38.32 -24.81
C6 SPM RI . 20.05 -36.92 -24.46
C7 SPM RI . 19.65 -36.74 -23.00
C8 SPM RI . 18.28 -37.38 -22.79
C9 SPM RI . 18.05 -37.54 -21.29
N10 SPM RI . 18.42 -36.30 -20.63
C11 SPM RI . 17.71 -36.20 -19.37
C12 SPM RI . 18.05 -34.87 -18.72
C13 SPM RI . 17.39 -34.76 -17.35
N14 SPM RI . 17.46 -33.38 -16.90
MG MG SI . 6.45 -11.12 -36.83
MG MG TI . -19.04 15.19 -67.08
MG MG UI . -17.55 32.59 -56.56
MG MG VI . -17.22 -50.81 -18.17
MG MG WI . -87.64 -17.99 18.43
MG MG XI . -14.63 -50.58 -33.73
MG MG YI . 21.06 -25.15 -47.65
MG MG ZI . 30.83 -1.18 2.73
MG MG AJ . -24.25 18.06 -74.06
MG MG BJ . 17.66 -94.52 -34.46
MG MG CJ . 41.50 33.04 -65.48
MG MG DJ . 11.50 6.01 -16.78
MG MG EJ . 10.22 1.01 -98.52
MG MG FJ . 57.79 -78.55 -26.92
N1 SPD GJ . 4.92 -14.35 -38.94
C2 SPD GJ . 4.01 -14.13 -40.05
C3 SPD GJ . 2.57 -14.13 -39.54
C4 SPD GJ . 1.66 -13.44 -40.55
C5 SPD GJ . 0.52 -12.72 -39.83
N6 SPD GJ . -0.54 -12.45 -40.77
C7 SPD GJ . -1.69 -11.88 -40.08
C8 SPD GJ . -2.67 -11.33 -41.10
C9 SPD GJ . -3.93 -10.84 -40.39
N10 SPD GJ . -4.75 -10.10 -41.33
N1 SPD HJ . 58.38 -71.24 -26.07
C2 SPD HJ . 57.39 -72.07 -26.73
C3 SPD HJ . 56.17 -71.23 -27.10
C4 SPD HJ . 55.31 -72.03 -28.08
C5 SPD HJ . 53.95 -71.35 -28.24
N6 SPD HJ . 53.60 -71.27 -29.64
C7 SPD HJ . 52.34 -70.57 -29.78
C8 SPD HJ . 52.11 -70.19 -31.24
C9 SPD HJ . 50.93 -69.22 -31.31
N10 SPD HJ . 49.80 -69.90 -31.93
N1 SPD IJ . 1.05 -0.11 -45.99
C2 SPD IJ . -0.06 0.80 -45.91
C3 SPD IJ . -0.85 0.55 -44.63
C4 SPD IJ . -1.52 1.86 -44.21
C5 SPD IJ . -1.62 1.94 -42.69
N6 SPD IJ . -1.74 3.33 -42.28
C7 SPD IJ . -2.92 3.93 -42.89
C8 SPD IJ . -3.36 5.15 -42.08
C9 SPD IJ . -4.43 5.90 -42.88
N10 SPD IJ . -5.29 6.63 -41.96
N1 SPD JJ . -35.67 -44.97 -0.44
C2 SPD JJ . -36.57 -43.90 -0.09
C3 SPD JJ . -36.82 -43.03 -1.33
C4 SPD JJ . -37.94 -42.04 -1.05
C5 SPD JJ . -38.10 -41.10 -2.24
N6 SPD JJ . -37.88 -41.86 -3.47
C7 SPD JJ . -37.58 -40.94 -4.56
C8 SPD JJ . -36.99 -41.71 -5.74
C9 SPD JJ . -36.73 -40.75 -6.88
N10 SPD JJ . -37.83 -40.82 -7.82
N1 SPD KJ . -40.32 -61.53 -38.83
C2 SPD KJ . -41.16 -62.53 -38.20
C3 SPD KJ . -42.39 -61.84 -37.62
C4 SPD KJ . -42.92 -60.83 -38.63
C5 SPD KJ . -43.67 -59.73 -37.89
N6 SPD KJ . -44.61 -60.31 -36.95
C7 SPD KJ . -45.25 -59.24 -36.20
C8 SPD KJ . -46.27 -58.53 -37.10
C9 SPD KJ . -46.52 -57.12 -36.59
N10 SPD KJ . -47.57 -56.51 -37.38
N1 SPM LJ . -53.98 -16.45 -18.88
C2 SPM LJ . -54.30 -17.69 -18.20
C3 SPM LJ . -55.75 -18.10 -18.52
C4 SPM LJ . -56.14 -19.29 -17.66
N5 SPM LJ . -55.12 -20.32 -17.79
C6 SPM LJ . -55.18 -21.20 -16.65
C7 SPM LJ . -53.77 -21.48 -16.13
C8 SPM LJ . -53.10 -20.18 -15.69
C9 SPM LJ . -52.24 -20.45 -14.46
N10 SPM LJ . -53.08 -20.61 -13.29
C11 SPM LJ . -52.29 -20.40 -12.09
C12 SPM LJ . -53.21 -20.23 -10.88
C13 SPM LJ . -52.38 -20.11 -9.60
N14 SPM LJ . -52.71 -21.20 -8.70
N1 SPD MJ . -64.15 -8.99 -15.29
C2 SPD MJ . -62.76 -8.59 -15.40
C3 SPD MJ . -61.90 -9.83 -15.67
C4 SPD MJ . -60.99 -9.54 -16.86
C5 SPD MJ . -59.68 -10.33 -16.70
N6 SPD MJ . -59.97 -11.74 -16.71
C7 SPD MJ . -58.73 -12.47 -16.92
C8 SPD MJ . -58.98 -13.96 -16.74
C9 SPD MJ . -57.73 -14.72 -17.17
N10 SPD MJ . -57.96 -16.14 -16.96
N1 SPD NJ . 8.59 -51.85 -32.95
C2 SPD NJ . 9.80 -51.22 -33.45
C3 SPD NJ . 10.58 -52.22 -34.27
C4 SPD NJ . 9.61 -53.06 -35.09
C5 SPD NJ . 10.33 -53.74 -36.25
N6 SPD NJ . 11.23 -54.77 -35.77
C7 SPD NJ . 12.34 -54.91 -36.70
C8 SPD NJ . 12.26 -56.24 -37.43
C9 SPD NJ . 13.12 -57.28 -36.70
N10 SPD NJ . 12.67 -57.43 -35.33
N1 SPM OJ . 0.53 13.08 -9.26
C2 SPM OJ . 0.71 11.67 -8.98
C3 SPM OJ . 2.20 11.34 -9.01
C4 SPM OJ . 2.40 9.89 -8.59
N5 SPM OJ . 3.55 9.33 -9.27
C6 SPM OJ . 4.13 8.28 -8.45
C7 SPM OJ . 4.23 6.99 -9.27
C8 SPM OJ . 5.43 7.09 -10.20
C9 SPM OJ . 6.64 6.45 -9.53
N10 SPM OJ . 6.81 5.08 -9.97
C11 SPM OJ . 7.78 5.03 -11.06
C12 SPM OJ . 7.94 3.60 -11.53
C13 SPM OJ . 8.02 2.65 -10.34
N14 SPM OJ . 8.62 1.40 -10.76
N1 SPM PJ . -46.91 -38.88 -31.39
C2 SPM PJ . -46.82 -40.31 -31.65
C3 SPM PJ . -47.31 -41.07 -30.43
C4 SPM PJ . -47.01 -42.57 -30.55
N5 SPM PJ . -47.31 -43.23 -29.29
C6 SPM PJ . -48.74 -43.11 -29.03
C7 SPM PJ . -49.02 -42.92 -27.54
C8 SPM PJ . -48.76 -44.22 -26.77
C9 SPM PJ . -49.84 -44.41 -25.71
N10 SPM PJ . -49.60 -45.64 -24.96
C11 SPM PJ . -50.21 -46.77 -25.65
C12 SPM PJ . -49.83 -48.09 -24.98
C13 SPM PJ . -50.67 -49.22 -25.54
N14 SPM PJ . -50.69 -50.33 -24.61
MG MG QJ . -36.55 -58.13 -53.10
MG MG RJ . -24.78 -41.59 19.74
MG MG SJ . -14.26 -27.36 -50.93
MG MG TJ . -40.84 -62.02 9.24
MG MG UJ . -29.29 -56.65 65.17
MG MG VJ . -43.28 -61.98 28.60
MG MG WJ . 31.09 -25.38 -62.07
N1 SPD XJ . 56.62 -42.22 -50.39
C2 SPD XJ . 55.67 -41.53 -51.25
C3 SPD XJ . 56.26 -40.16 -51.62
C4 SPD XJ . 55.22 -39.34 -52.38
C5 SPD XJ . 54.99 -39.96 -53.77
N6 SPD XJ . 54.03 -39.15 -54.49
C7 SPD XJ . 53.48 -39.92 -55.58
C8 SPD XJ . 53.96 -39.35 -56.91
C9 SPD XJ . 53.57 -37.88 -57.01
N10 SPD XJ . 53.68 -37.43 -58.38
MG MG YJ . -29.27 -61.13 -54.05
MG MG ZJ . -12.87 -78.94 -47.88
MG MG AK . 80.39 -34.94 -47.46
MG MG BK . 26.91 -68.22 -82.38
MG MG CK . 16.40 -15.45 -11.85
N1 SPD DK . 44.08 -36.77 -20.70
C2 SPD DK . 43.79 -37.66 -21.79
C3 SPD DK . 44.64 -38.93 -21.65
C4 SPD DK . 44.52 -39.76 -22.92
C5 SPD DK . 45.90 -40.31 -23.27
N6 SPD DK . 45.76 -41.56 -23.98
C7 SPD DK . 46.06 -41.36 -25.38
C8 SPD DK . 46.46 -42.68 -26.02
C9 SPD DK . 45.31 -43.67 -25.91
N10 SPD DK . 44.08 -42.98 -26.26
MG MG EK . -32.25 -2.03 -20.01
MG MG FK . 57.56 -22.60 -54.13
MG MG GK . -31.05 -64.33 -37.30
ZN ZN HK . 51.30 13.80 -59.87
ZN ZN IK . 24.82 -41.77 -53.15
ZN ZN JK . -62.66 -16.95 14.23
ZN ZN KK . 36.67 -68.32 36.29
ZN ZN LK . 46.91 21.40 -47.35
ZN ZN MK . 46.50 28.05 18.00
MG MG NK . 4.21 17.30 3.74
MG MG OK . 33.80 44.25 20.66
MG MG PK . 17.24 61.95 7.65
MG MG QK . -11.11 64.70 39.43
MG MG RK . 30.28 58.48 -22.34
MG MG SK . 35.86 77.77 -20.28
MG MG TK . 31.30 64.53 -8.97
MG MG UK . -13.41 59.48 -13.28
MG MG VK . -25.58 65.56 -26.32
MG MG WK . -33.83 78.13 -40.49
MG MG XK . 46.97 1.14 20.36
MG MG YK . 25.24 49.44 9.71
MG MG ZK . 12.96 50.53 7.10
MG MG AL . 42.74 52.93 66.20
MG MG BL . 34.78 -1.93 89.52
MG MG CL . 40.07 28.35 23.04
MG MG DL . -53.33 91.45 -48.68
MG MG EL . 35.29 15.54 -11.09
MG MG FL . 31.35 29.80 22.30
MG MG GL . -13.30 72.36 -12.30
MG MG HL . 29.81 28.42 19.69
MG MG IL . -29.12 61.72 -28.65
MG MG JL . 44.49 12.28 8.47
MG MG KL . 4.07 68.15 7.63
MG MG LL . 37.39 28.74 -7.12
MG MG ML . 40.60 40.01 -0.14
MG MG NL . -19.79 74.63 -17.00
MG MG OL . -25.77 84.01 28.27
#